data_6U9D
#
_entry.id   6U9D
#
_cell.length_a   368.647
_cell.length_b   230.307
_cell.length_c   183.532
_cell.angle_alpha   90.000
_cell.angle_beta   94.570
_cell.angle_gamma   90.000
#
_symmetry.space_group_name_H-M   'C 1 2 1'
#
loop_
_entity.id
_entity.type
_entity.pdbx_description
1 polymer 'Acetolactate synthase catalytic subunit, mitochondrial'
2 polymer 'Acetolactate synthase small subunit, mitochondrial'
3 non-polymer 'THIAMINE DIPHOSPHATE'
4 non-polymer 'MAGNESIUM ION'
5 non-polymer 'FLAVIN-ADENINE DINUCLEOTIDE'
6 non-polymer 'methyl 2-[(4,6-dimethoxypyrimidin-2-yl)carbamoylsulfamoylmethyl]benzoate'
7 non-polymer "ADENOSINE-5'-TRIPHOSPHATE"
8 water water
#
loop_
_entity_poly.entity_id
_entity_poly.type
_entity_poly.pdbx_seq_one_letter_code
_entity_poly.pdbx_strand_id
1 'polypeptide(L)'
;MHHHHHHENLYFQGAPSFNVDPLEQPAEPSKLAKKLRAEPDMDTSFVGLTGGQIFNEMMSRQNVDTVFGYPGGAILPVYD
AIHNSDKFNFVLPKHEQGAGHMAEGYARASGKPGVVLVTSGPGATNVVTPMADAFADGIPMVVFTGQVPTSAIGTDAFQE
ADVVGISRSCTKWNVMVKSVEELPLRINEAFEIATSGRPGPVLVDLPKDVTAAILRNPIPTKTTLPSNALNQLTSRAQDE
FVMQSINKAADLINLAKKPVLYVGAGILNHADGPRLLKELSDRAQIPVTTTLQGLGSFDQEDPKSLDMLGMHGCATANLA
VQNADLIIAVGARFDDRVTGNISKFAPEARRAAAEGRGGIIHFEVSPKNINKVVQTQIAVEGDATTNLGKMMSKIFPVKE
RSEWFAQINKWKKEYPYAYMEETPGSKIKPQTVIKKLSKVANDTGRHVIVTTGVGQHQMWAAQHWTWRNPHTFITSGGLG
TMGYGLPAAIGAQVAKPESLVIDIDGDASFNMTLTELSSAVQAGTPVKILILNNEEQGMVTQWQSLFYEHRYSHTHQLNP
DFIKLAEAMGLKGLRVKKQEELDAKLKEFVSTKGPVLLEVEVDKKVPVLPMVAGGSGLDEFINFDPEVERQQTELRHKRT
GGKH
;
A,B,E,F,I,J,M,N,Q,R,U,V
2 'polypeptide(L)'
;MGSSHHHHHHSSGLVPRGSHMENLYFQGATRPPLPTLDTPSWNANSAVSSIIYETPAPSRQPRKQHVLNCLVQNEPGVLS
RVSGTLAARGFNIDSLVVCNTEVKDLSRMTIVLQGQDGVIEQARRQIEDLVPVYAVLDYTNSEIIKRELVMARISLLGTE
YFEDLLLHHHTSTNAGAADSQELVAEIREKQFHPANLPASEVLRLKHEHLNDITNLTNNFGGRVVDISETSCIVELSAKP
TRISAFLKLVEPFGVLECARSGMMALPRTPLKTSTEEAADEDEKISEIVDISQLPPG
;
C,D,G,H,K,L,O,P,S,T,W,X
#
loop_
_chem_comp.id
_chem_comp.type
_chem_comp.name
_chem_comp.formula
60G non-polymer 'methyl 2-[(4,6-dimethoxypyrimidin-2-yl)carbamoylsulfamoylmethyl]benzoate' 'C16 H18 N4 O7 S'
ATP non-polymer ADENOSINE-5'-TRIPHOSPHATE 'C10 H16 N5 O13 P3'
FAD non-polymer 'FLAVIN-ADENINE DINUCLEOTIDE' 'C27 H33 N9 O15 P2'
MG non-polymer 'MAGNESIUM ION' 'Mg 2'
TPP non-polymer 'THIAMINE DIPHOSPHATE' 'C12 H19 N4 O7 P2 S 1'
#
# COMPACT_ATOMS: atom_id res chain seq x y z
N ASP A 41 -8.45 -30.77 -1.13
CA ASP A 41 -8.51 -31.89 -0.19
C ASP A 41 -9.87 -31.95 0.50
N MET A 42 -10.92 -32.08 -0.30
CA MET A 42 -12.28 -32.14 0.21
C MET A 42 -12.94 -33.48 -0.12
N ASP A 43 -13.50 -34.13 0.89
CA ASP A 43 -14.20 -35.39 0.69
C ASP A 43 -15.55 -35.13 0.02
N THR A 44 -15.98 -36.06 -0.82
CA THR A 44 -17.23 -35.90 -1.56
C THR A 44 -17.92 -37.25 -1.79
N SER A 45 -17.62 -38.22 -0.93
CA SER A 45 -18.18 -39.55 -1.05
C SER A 45 -19.44 -39.73 -0.22
N PHE A 46 -19.84 -38.65 0.46
CA PHE A 46 -21.03 -38.69 1.30
C PHE A 46 -22.15 -37.81 0.74
N VAL A 47 -21.87 -37.14 -0.37
CA VAL A 47 -22.84 -36.25 -0.99
C VAL A 47 -24.08 -37.01 -1.45
N GLY A 48 -25.24 -36.62 -0.92
CA GLY A 48 -26.48 -37.27 -1.26
C GLY A 48 -27.00 -38.12 -0.11
N LEU A 49 -26.12 -38.44 0.83
CA LEU A 49 -26.50 -39.23 1.99
C LEU A 49 -27.08 -38.36 3.10
N THR A 50 -27.96 -38.95 3.91
CA THR A 50 -28.49 -38.27 5.08
C THR A 50 -27.49 -38.42 6.23
N GLY A 51 -27.64 -37.58 7.25
CA GLY A 51 -26.76 -37.62 8.41
C GLY A 51 -26.73 -38.99 9.06
N GLY A 52 -27.88 -39.64 9.11
CA GLY A 52 -27.98 -40.98 9.67
C GLY A 52 -27.26 -41.99 8.80
N GLN A 53 -27.38 -41.82 7.49
CA GLN A 53 -26.72 -42.72 6.54
C GLN A 53 -25.21 -42.53 6.57
N ILE A 54 -24.78 -41.29 6.78
CA ILE A 54 -23.36 -40.99 6.94
C ILE A 54 -22.83 -41.66 8.21
N PHE A 55 -23.62 -41.59 9.28
CA PHE A 55 -23.29 -42.24 10.53
C PHE A 55 -23.05 -43.74 10.32
N ASN A 56 -23.92 -44.35 9.52
CA ASN A 56 -23.82 -45.77 9.24
C ASN A 56 -22.53 -46.12 8.50
N GLU A 57 -22.10 -45.22 7.62
CA GLU A 57 -20.89 -45.42 6.84
C GLU A 57 -19.64 -45.18 7.70
N MET A 58 -19.76 -44.29 8.68
CA MET A 58 -18.64 -43.95 9.54
C MET A 58 -18.28 -45.10 10.48
N MET A 59 -19.27 -45.92 10.79
CA MET A 59 -19.07 -47.05 11.70
C MET A 59 -18.17 -48.10 11.06
N SER A 60 -18.37 -48.36 9.78
CA SER A 60 -17.55 -49.30 9.05
C SER A 60 -16.14 -48.75 8.85
N ARG A 61 -16.04 -47.43 8.71
CA ARG A 61 -14.75 -46.76 8.56
C ARG A 61 -13.95 -46.81 9.86
N GLN A 62 -14.65 -46.83 10.99
CA GLN A 62 -14.00 -46.89 12.30
C GLN A 62 -13.88 -48.33 12.77
N ASN A 63 -14.06 -49.28 11.85
CA ASN A 63 -13.98 -50.71 12.14
C ASN A 63 -14.88 -51.14 13.28
N VAL A 64 -16.03 -50.49 13.42
CA VAL A 64 -17.00 -50.84 14.44
C VAL A 64 -17.84 -52.02 13.99
N ASP A 65 -17.92 -53.05 14.83
CA ASP A 65 -18.68 -54.25 14.49
C ASP A 65 -19.82 -54.50 15.46
N THR A 66 -19.92 -53.68 16.49
CA THR A 66 -20.98 -53.82 17.49
C THR A 66 -21.41 -52.46 18.06
N VAL A 67 -22.72 -52.25 18.13
CA VAL A 67 -23.27 -51.02 18.69
C VAL A 67 -24.33 -51.32 19.75
N PHE A 68 -24.18 -50.71 20.92
CA PHE A 68 -25.13 -50.87 22.01
C PHE A 68 -25.99 -49.61 22.14
N GLY A 69 -27.30 -49.74 21.95
CA GLY A 69 -28.16 -48.58 21.99
C GLY A 69 -29.65 -48.82 22.20
N TYR A 70 -30.38 -47.72 22.36
CA TYR A 70 -31.82 -47.76 22.58
C TYR A 70 -32.50 -46.62 21.82
N PRO A 71 -33.51 -46.93 21.00
CA PRO A 71 -34.19 -45.97 20.12
C PRO A 71 -34.87 -44.81 20.84
N GLY A 72 -35.31 -43.83 20.07
CA GLY A 72 -35.98 -42.66 20.59
C GLY A 72 -36.46 -41.76 19.47
N GLY A 73 -37.30 -40.78 19.80
CA GLY A 73 -37.93 -39.94 18.80
C GLY A 73 -37.03 -38.86 18.21
N ALA A 74 -35.79 -38.79 18.66
CA ALA A 74 -34.85 -37.79 18.14
C ALA A 74 -33.68 -38.46 17.44
N ILE A 75 -33.53 -39.76 17.65
CA ILE A 75 -32.45 -40.53 17.05
C ILE A 75 -33.02 -41.43 15.95
N LEU A 76 -34.28 -41.21 15.63
CA LEU A 76 -34.97 -41.95 14.57
C LEU A 76 -34.29 -41.90 13.18
N PRO A 77 -33.79 -40.73 12.76
CA PRO A 77 -33.12 -40.73 11.45
C PRO A 77 -31.90 -41.63 11.39
N VAL A 78 -31.23 -41.81 12.53
CA VAL A 78 -30.06 -42.68 12.59
C VAL A 78 -30.47 -44.14 12.60
N TYR A 79 -31.49 -44.47 13.39
CA TYR A 79 -31.95 -45.85 13.50
C TYR A 79 -32.58 -46.35 12.19
N ASP A 80 -33.18 -45.44 11.44
CA ASP A 80 -33.77 -45.79 10.16
C ASP A 80 -32.68 -46.10 9.13
N ALA A 81 -31.49 -45.55 9.36
CA ALA A 81 -30.37 -45.75 8.45
C ALA A 81 -29.60 -47.02 8.77
N ILE A 82 -29.53 -47.36 10.06
CA ILE A 82 -28.80 -48.55 10.48
C ILE A 82 -29.72 -49.77 10.53
N HIS A 83 -30.94 -49.61 10.02
CA HIS A 83 -31.90 -50.70 9.98
C HIS A 83 -31.38 -51.85 9.13
N ASN A 84 -31.22 -53.01 9.77
CA ASN A 84 -30.68 -54.21 9.12
C ASN A 84 -29.32 -53.96 8.49
N SER A 85 -28.53 -53.10 9.11
CA SER A 85 -27.19 -52.79 8.61
C SER A 85 -26.27 -53.99 8.78
N ASP A 86 -25.65 -54.42 7.68
CA ASP A 86 -24.77 -55.58 7.71
C ASP A 86 -23.33 -55.17 8.02
N LYS A 87 -23.14 -53.90 8.36
CA LYS A 87 -21.81 -53.38 8.66
C LYS A 87 -21.41 -53.63 10.11
N PHE A 88 -22.40 -53.83 10.97
CA PHE A 88 -22.16 -54.04 12.39
C PHE A 88 -23.38 -54.66 13.08
N ASN A 89 -23.14 -55.36 14.18
CA ASN A 89 -24.21 -55.97 14.96
C ASN A 89 -24.78 -55.00 15.99
N PHE A 90 -26.03 -55.22 16.37
CA PHE A 90 -26.68 -54.35 17.35
C PHE A 90 -27.11 -55.13 18.58
N VAL A 91 -26.90 -54.53 19.75
CA VAL A 91 -27.31 -55.14 21.00
C VAL A 91 -28.30 -54.23 21.72
N LEU A 92 -29.52 -54.72 21.90
CA LEU A 92 -30.58 -53.93 22.54
C LEU A 92 -30.75 -54.28 24.01
N PRO A 93 -30.40 -53.33 24.90
CA PRO A 93 -30.60 -53.50 26.34
C PRO A 93 -32.02 -53.15 26.75
N LYS A 94 -32.30 -53.19 28.04
CA LYS A 94 -33.60 -52.80 28.57
C LYS A 94 -33.52 -51.43 29.20
N HIS A 95 -32.29 -50.98 29.42
CA HIS A 95 -32.03 -49.67 30.01
C HIS A 95 -30.74 -49.10 29.41
N GLU A 96 -30.70 -47.78 29.21
CA GLU A 96 -29.55 -47.15 28.57
C GLU A 96 -28.28 -47.33 29.39
N GLN A 97 -28.42 -47.35 30.72
CA GLN A 97 -27.29 -47.59 31.60
C GLN A 97 -26.68 -48.95 31.31
N GLY A 98 -27.54 -49.91 30.95
CA GLY A 98 -27.09 -51.23 30.55
C GLY A 98 -26.22 -51.14 29.31
N ALA A 99 -26.68 -50.38 28.32
CA ALA A 99 -25.94 -50.18 27.07
C ALA A 99 -24.55 -49.61 27.34
N GLY A 100 -24.48 -48.65 28.26
CA GLY A 100 -23.22 -48.04 28.62
C GLY A 100 -22.28 -49.02 29.31
N HIS A 101 -22.84 -49.85 30.17
CA HIS A 101 -22.05 -50.84 30.89
C HIS A 101 -21.67 -52.01 29.99
N MET A 102 -22.54 -52.32 29.02
CA MET A 102 -22.24 -53.34 28.03
C MET A 102 -21.11 -52.89 27.13
N ALA A 103 -21.11 -51.59 26.81
CA ALA A 103 -20.08 -51.02 25.94
C ALA A 103 -18.72 -51.04 26.62
N GLU A 104 -18.71 -50.96 27.95
CA GLU A 104 -17.47 -50.99 28.72
C GLU A 104 -16.91 -52.40 28.78
N GLY A 105 -17.80 -53.37 29.01
CA GLY A 105 -17.40 -54.77 29.02
C GLY A 105 -16.88 -55.17 27.65
N TYR A 106 -17.47 -54.60 26.61
CA TYR A 106 -17.02 -54.83 25.24
C TYR A 106 -15.65 -54.21 25.02
N ALA A 107 -15.48 -52.98 25.51
CA ALA A 107 -14.25 -52.24 25.30
C ALA A 107 -13.06 -52.88 26.00
N ARG A 108 -13.24 -53.21 27.27
CA ARG A 108 -12.14 -53.74 28.09
C ARG A 108 -11.73 -55.15 27.68
N ALA A 109 -12.64 -55.87 27.03
CA ALA A 109 -12.37 -57.25 26.65
C ALA A 109 -11.82 -57.35 25.24
N SER A 110 -12.05 -56.31 24.42
CA SER A 110 -11.65 -56.34 23.02
C SER A 110 -10.53 -55.34 22.71
N GLY A 111 -10.52 -54.23 23.44
CA GLY A 111 -9.55 -53.18 23.19
C GLY A 111 -10.10 -52.16 22.20
N LYS A 112 -11.28 -52.46 21.66
CA LYS A 112 -11.96 -51.57 20.73
C LYS A 112 -12.88 -50.62 21.48
N PRO A 113 -13.17 -49.45 20.89
CA PRO A 113 -14.07 -48.49 21.55
C PRO A 113 -15.49 -49.04 21.68
N GLY A 114 -16.15 -48.74 22.80
CA GLY A 114 -17.54 -49.11 22.97
C GLY A 114 -18.44 -48.02 22.43
N VAL A 115 -19.27 -48.37 21.44
CA VAL A 115 -20.15 -47.39 20.81
C VAL A 115 -21.55 -47.44 21.40
N VAL A 116 -22.06 -46.29 21.80
CA VAL A 116 -23.39 -46.20 22.39
C VAL A 116 -24.28 -45.27 21.57
N LEU A 117 -25.43 -45.78 21.14
CA LEU A 117 -26.38 -45.01 20.35
C LEU A 117 -27.72 -44.88 21.05
N VAL A 118 -27.86 -43.85 21.87
CA VAL A 118 -29.10 -43.62 22.60
C VAL A 118 -29.78 -42.33 22.13
N THR A 119 -30.97 -42.08 22.65
CA THR A 119 -31.73 -40.89 22.26
C THR A 119 -31.43 -39.71 23.18
N SER A 120 -32.22 -38.65 23.04
CA SER A 120 -32.05 -37.46 23.86
C SER A 120 -32.78 -37.59 25.19
N GLY A 121 -32.86 -36.49 25.92
CA GLY A 121 -33.58 -36.45 27.18
C GLY A 121 -33.13 -37.49 28.19
N PRO A 122 -34.05 -38.38 28.59
CA PRO A 122 -33.77 -39.42 29.57
C PRO A 122 -32.84 -40.50 29.01
N GLY A 123 -32.85 -40.67 27.69
CA GLY A 123 -32.00 -41.64 27.04
C GLY A 123 -30.53 -41.27 27.16
N ALA A 124 -30.26 -39.98 27.30
CA ALA A 124 -28.89 -39.51 27.41
C ALA A 124 -28.43 -39.46 28.87
N THR A 125 -29.33 -39.04 29.75
CA THR A 125 -29.01 -38.90 31.17
C THR A 125 -28.87 -40.27 31.85
N ASN A 126 -29.34 -41.32 31.19
CA ASN A 126 -29.23 -42.66 31.72
C ASN A 126 -27.88 -43.30 31.42
N VAL A 127 -27.09 -42.65 30.57
CA VAL A 127 -25.77 -43.15 30.21
C VAL A 127 -24.68 -42.33 30.92
N VAL A 128 -25.10 -41.44 31.81
CA VAL A 128 -24.17 -40.59 32.54
C VAL A 128 -23.29 -41.41 33.49
N THR A 129 -23.91 -42.33 34.23
CA THR A 129 -23.17 -43.17 35.18
C THR A 129 -22.12 -44.06 34.50
N PRO A 130 -22.47 -44.77 33.41
CA PRO A 130 -21.40 -45.54 32.78
C PRO A 130 -20.34 -44.66 32.12
N MET A 131 -20.70 -43.43 31.75
CA MET A 131 -19.72 -42.49 31.21
C MET A 131 -18.76 -42.05 32.30
N ALA A 132 -19.30 -41.75 33.48
CA ALA A 132 -18.48 -41.36 34.62
C ALA A 132 -17.63 -42.54 35.09
N ASP A 133 -18.14 -43.75 34.89
CA ASP A 133 -17.43 -44.96 35.26
C ASP A 133 -16.27 -45.20 34.30
N ALA A 134 -16.51 -44.97 33.01
CA ALA A 134 -15.49 -45.15 31.99
C ALA A 134 -14.45 -44.04 32.07
N PHE A 135 -14.88 -42.88 32.57
CA PHE A 135 -13.99 -41.73 32.69
C PHE A 135 -12.99 -41.92 33.83
N ALA A 136 -13.37 -42.76 34.79
CA ALA A 136 -12.50 -43.04 35.93
C ALA A 136 -11.53 -44.19 35.64
N ASP A 137 -12.05 -45.23 34.99
CA ASP A 137 -11.25 -46.41 34.68
C ASP A 137 -10.50 -46.24 33.37
N GLY A 138 -10.71 -45.12 32.69
CA GLY A 138 -10.06 -44.85 31.42
C GLY A 138 -10.44 -45.86 30.35
N ILE A 139 -11.73 -45.91 30.03
CA ILE A 139 -12.25 -46.90 29.08
C ILE A 139 -12.67 -46.24 27.78
N PRO A 140 -12.12 -46.73 26.66
CA PRO A 140 -12.43 -46.16 25.33
C PRO A 140 -13.90 -46.33 24.98
N MET A 141 -14.61 -45.21 24.82
CA MET A 141 -16.04 -45.24 24.56
C MET A 141 -16.50 -44.01 23.78
N VAL A 142 -17.30 -44.23 22.75
CA VAL A 142 -17.85 -43.13 21.97
C VAL A 142 -19.38 -43.15 22.04
N VAL A 143 -19.94 -42.26 22.84
CA VAL A 143 -21.38 -42.25 23.07
C VAL A 143 -22.10 -41.25 22.18
N PHE A 144 -22.93 -41.75 21.27
CA PHE A 144 -23.74 -40.90 20.41
C PHE A 144 -25.14 -40.75 20.98
N THR A 145 -25.44 -39.57 21.50
CA THR A 145 -26.77 -39.30 22.05
C THR A 145 -27.58 -38.45 21.09
N GLY A 146 -28.86 -38.75 20.98
CA GLY A 146 -29.76 -37.98 20.14
C GLY A 146 -29.99 -36.59 20.71
N GLN A 147 -30.65 -35.73 19.93
CA GLN A 147 -30.92 -34.36 20.37
C GLN A 147 -32.09 -33.76 19.59
N VAL A 148 -32.85 -32.90 20.26
CA VAL A 148 -33.92 -32.15 19.62
C VAL A 148 -33.37 -31.32 18.48
N PRO A 149 -34.23 -30.98 17.49
CA PRO A 149 -33.80 -30.15 16.36
C PRO A 149 -33.13 -28.84 16.80
N THR A 150 -32.24 -28.32 15.97
CA THR A 150 -31.53 -27.09 16.28
C THR A 150 -32.47 -25.89 16.35
N SER A 151 -33.66 -26.05 15.79
CA SER A 151 -34.66 -25.00 15.80
C SER A 151 -35.39 -24.91 17.14
N ALA A 152 -35.25 -25.94 17.95
CA ALA A 152 -35.95 -26.02 19.23
C ALA A 152 -35.00 -25.91 20.42
N ILE A 153 -33.70 -25.88 20.14
CA ILE A 153 -32.70 -25.81 21.19
C ILE A 153 -32.73 -24.46 21.90
N GLY A 154 -33.01 -24.50 23.20
CA GLY A 154 -33.08 -23.29 24.01
C GLY A 154 -34.51 -22.83 24.26
N THR A 155 -35.45 -23.74 24.08
CA THR A 155 -36.87 -23.43 24.27
C THR A 155 -37.52 -24.39 25.26
N ASP A 156 -36.70 -25.04 26.08
CA ASP A 156 -37.17 -26.07 27.01
C ASP A 156 -37.97 -27.12 26.24
N ALA A 157 -37.41 -27.59 25.14
CA ALA A 157 -38.10 -28.50 24.22
C ALA A 157 -38.44 -29.83 24.85
N PHE A 158 -39.24 -30.63 24.14
CA PHE A 158 -39.61 -31.96 24.59
C PHE A 158 -38.43 -32.91 24.52
N GLN A 159 -38.13 -33.57 25.64
CA GLN A 159 -36.99 -34.46 25.75
C GLN A 159 -35.67 -33.77 25.41
N GLU A 160 -35.52 -32.52 25.86
CA GLU A 160 -34.27 -31.80 25.67
C GLU A 160 -33.51 -31.67 26.99
N ALA A 161 -32.27 -32.13 27.00
CA ALA A 161 -31.40 -31.97 28.14
C ALA A 161 -30.05 -31.43 27.69
N ASP A 162 -29.42 -30.60 28.53
CA ASP A 162 -28.09 -30.10 28.20
C ASP A 162 -27.07 -31.20 28.37
N VAL A 163 -27.07 -32.15 27.44
CA VAL A 163 -26.22 -33.33 27.52
C VAL A 163 -24.75 -32.96 27.44
N VAL A 164 -24.44 -31.91 26.69
CA VAL A 164 -23.07 -31.41 26.58
C VAL A 164 -22.62 -30.83 27.92
N GLY A 165 -23.51 -30.05 28.54
CA GLY A 165 -23.19 -29.41 29.80
C GLY A 165 -23.15 -30.38 30.98
N ILE A 166 -23.86 -31.48 30.85
CA ILE A 166 -23.89 -32.51 31.90
C ILE A 166 -22.70 -33.45 31.79
N SER A 167 -22.49 -33.99 30.59
CA SER A 167 -21.44 -34.99 30.36
C SER A 167 -20.06 -34.37 30.28
N ARG A 168 -19.98 -33.04 30.36
CA ARG A 168 -18.71 -32.33 30.26
C ARG A 168 -17.75 -32.72 31.37
N SER A 169 -18.28 -32.94 32.57
CA SER A 169 -17.46 -33.24 33.73
C SER A 169 -17.03 -34.70 33.78
N CYS A 170 -17.62 -35.53 32.93
CA CYS A 170 -17.34 -36.97 32.95
C CYS A 170 -16.98 -37.53 31.58
N THR A 171 -16.50 -36.67 30.69
CA THR A 171 -16.01 -37.12 29.38
C THR A 171 -14.72 -36.39 29.04
N LYS A 172 -13.87 -37.05 28.24
CA LYS A 172 -12.63 -36.43 27.78
C LYS A 172 -12.92 -35.23 26.88
N TRP A 173 -13.98 -35.36 26.09
CA TRP A 173 -14.37 -34.31 25.14
C TRP A 173 -15.75 -34.59 24.58
N ASN A 174 -16.60 -33.57 24.54
CA ASN A 174 -17.91 -33.71 23.91
C ASN A 174 -18.16 -32.62 22.89
N VAL A 175 -19.20 -32.79 22.08
CA VAL A 175 -19.52 -31.84 21.02
C VAL A 175 -20.96 -32.02 20.55
N MET A 176 -21.58 -30.92 20.15
CA MET A 176 -22.89 -30.98 19.51
C MET A 176 -22.75 -30.64 18.03
N VAL A 177 -22.96 -31.65 17.19
CA VAL A 177 -22.83 -31.49 15.75
C VAL A 177 -23.79 -30.43 15.22
N LYS A 178 -23.25 -29.31 14.75
CA LYS A 178 -24.05 -28.18 14.32
C LYS A 178 -24.68 -28.39 12.95
N SER A 179 -23.98 -29.11 12.07
CA SER A 179 -24.49 -29.36 10.72
C SER A 179 -24.00 -30.71 10.19
N VAL A 180 -24.68 -31.22 9.17
CA VAL A 180 -24.34 -32.51 8.59
C VAL A 180 -22.94 -32.47 7.94
N GLU A 181 -22.51 -31.27 7.57
CA GLU A 181 -21.18 -31.09 6.98
C GLU A 181 -20.07 -31.40 7.99
N GLU A 182 -20.36 -31.18 9.27
CA GLU A 182 -19.37 -31.37 10.31
C GLU A 182 -19.42 -32.78 10.91
N LEU A 183 -20.44 -33.54 10.54
CA LEU A 183 -20.68 -34.85 11.15
C LEU A 183 -19.54 -35.86 10.93
N PRO A 184 -19.06 -36.03 9.69
CA PRO A 184 -17.95 -36.98 9.54
C PRO A 184 -16.68 -36.54 10.26
N LEU A 185 -16.50 -35.23 10.40
CA LEU A 185 -15.33 -34.70 11.09
C LEU A 185 -15.41 -34.94 12.60
N ARG A 186 -16.59 -34.70 13.18
CA ARG A 186 -16.77 -34.84 14.61
C ARG A 186 -16.64 -36.30 15.06
N ILE A 187 -17.18 -37.22 14.27
CA ILE A 187 -17.08 -38.64 14.56
C ILE A 187 -15.63 -39.08 14.54
N ASN A 188 -14.88 -38.60 13.55
CA ASN A 188 -13.45 -38.88 13.47
C ASN A 188 -12.68 -38.34 14.66
N GLU A 189 -13.06 -37.15 15.13
CA GLU A 189 -12.43 -36.56 16.29
C GLU A 189 -12.77 -37.34 17.55
N ALA A 190 -14.00 -37.85 17.62
CA ALA A 190 -14.47 -38.58 18.79
C ALA A 190 -13.67 -39.86 19.02
N PHE A 191 -13.58 -40.69 17.99
CA PHE A 191 -12.86 -41.96 18.08
C PHE A 191 -11.37 -41.77 18.37
N GLU A 192 -10.80 -40.72 17.79
CA GLU A 192 -9.38 -40.44 17.99
C GLU A 192 -9.09 -40.05 19.44
N ILE A 193 -9.90 -39.14 19.97
CA ILE A 193 -9.73 -38.67 21.34
C ILE A 193 -10.00 -39.78 22.35
N ALA A 194 -10.99 -40.60 22.06
CA ALA A 194 -11.37 -41.69 22.97
C ALA A 194 -10.30 -42.75 23.09
N THR A 195 -9.37 -42.79 22.13
CA THR A 195 -8.36 -43.84 22.08
C THR A 195 -6.93 -43.30 22.16
N SER A 196 -6.78 -41.98 22.18
CA SER A 196 -5.45 -41.38 22.26
C SER A 196 -5.05 -41.11 23.71
N GLY A 197 -3.75 -41.17 23.99
CA GLY A 197 -3.24 -40.99 25.33
C GLY A 197 -3.82 -42.03 26.27
N ARG A 198 -4.49 -41.57 27.33
CA ARG A 198 -5.26 -42.46 28.17
C ARG A 198 -6.69 -42.52 27.66
N PRO A 199 -7.14 -43.72 27.28
CA PRO A 199 -8.49 -43.94 26.74
C PRO A 199 -9.58 -43.39 27.65
N GLY A 200 -10.75 -43.10 27.08
CA GLY A 200 -11.85 -42.54 27.85
C GLY A 200 -13.08 -42.29 27.00
N PRO A 201 -14.17 -41.85 27.64
CA PRO A 201 -15.44 -41.60 26.96
C PRO A 201 -15.51 -40.24 26.27
N VAL A 202 -16.17 -40.22 25.11
CA VAL A 202 -16.49 -38.98 24.42
C VAL A 202 -17.96 -38.98 24.04
N LEU A 203 -18.59 -37.81 24.02
CA LEU A 203 -20.01 -37.72 23.69
C LEU A 203 -20.24 -36.88 22.44
N VAL A 204 -21.02 -37.40 21.52
CA VAL A 204 -21.37 -36.67 20.31
C VAL A 204 -22.88 -36.50 20.21
N ASP A 205 -23.34 -35.27 20.38
CA ASP A 205 -24.77 -34.96 20.35
C ASP A 205 -25.26 -34.82 18.91
N LEU A 206 -26.31 -35.54 18.56
CA LEU A 206 -26.84 -35.53 17.21
C LEU A 206 -28.25 -34.94 17.14
N PRO A 207 -28.36 -33.66 16.74
CA PRO A 207 -29.66 -33.02 16.56
C PRO A 207 -30.53 -33.72 15.52
N LYS A 208 -31.84 -33.65 15.70
CA LYS A 208 -32.79 -34.33 14.82
C LYS A 208 -32.66 -33.86 13.37
N ASP A 209 -32.58 -32.54 13.19
CA ASP A 209 -32.53 -31.96 11.85
C ASP A 209 -31.20 -32.25 11.16
N VAL A 210 -30.16 -32.48 11.94
CA VAL A 210 -28.82 -32.72 11.40
C VAL A 210 -28.72 -34.12 10.77
N THR A 211 -29.20 -35.12 11.49
CA THR A 211 -29.14 -36.50 11.03
C THR A 211 -30.12 -36.75 9.88
N ALA A 212 -31.14 -35.90 9.79
CA ALA A 212 -32.14 -36.03 8.73
C ALA A 212 -31.71 -35.28 7.48
N ALA A 213 -30.81 -34.32 7.65
CA ALA A 213 -30.36 -33.48 6.54
C ALA A 213 -29.54 -34.26 5.52
N ILE A 214 -29.71 -33.91 4.24
CA ILE A 214 -28.94 -34.53 3.17
C ILE A 214 -27.75 -33.66 2.80
N LEU A 215 -26.56 -34.26 2.83
CA LEU A 215 -25.33 -33.54 2.51
C LEU A 215 -25.27 -33.13 1.04
N ARG A 216 -25.02 -31.85 0.79
CA ARG A 216 -24.96 -31.33 -0.57
C ARG A 216 -23.72 -30.49 -0.82
N ASN A 217 -22.70 -30.67 0.00
CA ASN A 217 -21.45 -29.93 -0.17
C ASN A 217 -20.23 -30.78 0.18
N PRO A 218 -19.10 -30.53 -0.50
CA PRO A 218 -17.84 -31.17 -0.12
C PRO A 218 -17.46 -30.81 1.31
N ILE A 219 -16.84 -31.74 2.02
CA ILE A 219 -16.59 -31.57 3.45
C ILE A 219 -15.17 -31.93 3.86
N PRO A 220 -14.66 -31.25 4.91
CA PRO A 220 -13.39 -31.65 5.53
C PRO A 220 -13.59 -32.76 6.55
N THR A 221 -12.73 -33.78 6.51
CA THR A 221 -12.82 -34.88 7.47
C THR A 221 -11.53 -34.96 8.28
N LYS A 222 -10.53 -34.18 7.89
CA LYS A 222 -9.26 -34.15 8.59
C LYS A 222 -9.36 -33.41 9.91
N THR A 223 -8.94 -34.08 10.99
CA THR A 223 -9.02 -33.51 12.32
C THR A 223 -7.96 -32.44 12.54
N THR A 224 -8.32 -31.40 13.30
CA THR A 224 -7.38 -30.32 13.60
C THR A 224 -7.26 -30.12 15.11
N LEU A 225 -6.75 -31.14 15.79
CA LEU A 225 -6.59 -31.08 17.25
C LEU A 225 -5.46 -30.13 17.65
N PRO A 226 -5.76 -29.20 18.57
CA PRO A 226 -4.81 -28.21 19.07
C PRO A 226 -3.59 -28.82 19.76
N SER A 227 -3.84 -29.78 20.65
CA SER A 227 -2.77 -30.43 21.38
C SER A 227 -1.88 -31.25 20.46
N ASN A 228 -2.41 -31.62 19.29
CA ASN A 228 -1.65 -32.36 18.30
C ASN A 228 -0.91 -31.42 17.35
N ALA A 229 -1.38 -30.18 17.27
CA ALA A 229 -0.77 -29.18 16.41
C ALA A 229 0.45 -28.54 17.08
N LEU A 230 0.65 -28.88 18.36
CA LEU A 230 1.81 -28.39 19.11
C LEU A 230 3.09 -29.05 18.60
N ASN A 231 2.94 -30.20 17.97
CA ASN A 231 4.08 -30.97 17.49
C ASN A 231 4.60 -30.50 16.13
N GLN A 232 5.28 -29.37 16.12
CA GLN A 232 5.89 -28.85 14.90
C GLN A 232 7.38 -29.21 14.86
N LEU A 233 8.10 -28.82 15.89
CA LEU A 233 9.50 -29.18 16.06
C LEU A 233 9.78 -29.52 17.52
N THR A 234 8.73 -29.44 18.33
CA THR A 234 8.81 -29.73 19.75
C THR A 234 8.91 -31.24 19.98
N SER A 235 8.53 -32.01 18.97
CA SER A 235 8.58 -33.47 19.04
C SER A 235 10.00 -33.97 19.28
N ARG A 236 10.96 -33.29 18.67
CA ARG A 236 12.38 -33.66 18.82
C ARG A 236 12.86 -33.45 20.24
N ALA A 237 12.71 -32.23 20.75
CA ALA A 237 13.18 -31.88 22.08
C ALA A 237 12.50 -32.72 23.16
N GLN A 238 11.25 -33.11 22.91
CA GLN A 238 10.51 -33.93 23.85
C GLN A 238 10.94 -35.39 23.76
N ASP A 239 11.27 -35.84 22.55
CA ASP A 239 11.72 -37.22 22.34
C ASP A 239 13.08 -37.44 22.96
N GLU A 240 13.86 -36.36 23.10
CA GLU A 240 15.15 -36.44 23.75
C GLU A 240 14.97 -36.46 25.27
N PHE A 241 13.97 -35.72 25.74
CA PHE A 241 13.68 -35.63 27.17
C PHE A 241 13.25 -36.97 27.74
N VAL A 242 12.40 -37.68 27.01
CA VAL A 242 11.90 -38.98 27.48
C VAL A 242 13.01 -40.03 27.42
N MET A 243 13.91 -39.89 26.45
CA MET A 243 15.02 -40.83 26.30
C MET A 243 16.04 -40.65 27.41
N GLN A 244 16.29 -39.39 27.79
CA GLN A 244 17.21 -39.11 28.89
C GLN A 244 16.56 -39.50 30.21
N SER A 245 15.24 -39.48 30.26
CA SER A 245 14.50 -39.92 31.43
C SER A 245 14.63 -41.43 31.58
N ILE A 246 14.71 -42.12 30.45
CA ILE A 246 14.92 -43.57 30.42
C ILE A 246 16.32 -43.90 30.95
N ASN A 247 17.31 -43.12 30.54
CA ASN A 247 18.68 -43.31 30.99
C ASN A 247 18.81 -43.20 32.50
N LYS A 248 18.22 -42.15 33.07
CA LYS A 248 18.25 -41.94 34.52
C LYS A 248 17.49 -43.04 35.24
N ALA A 249 16.42 -43.52 34.61
CA ALA A 249 15.60 -44.58 35.19
C ALA A 249 16.36 -45.90 35.21
N ALA A 250 16.98 -46.23 34.09
CA ALA A 250 17.74 -47.48 33.95
C ALA A 250 18.90 -47.52 34.94
N ASP A 251 19.50 -46.37 35.21
CA ASP A 251 20.61 -46.28 36.15
C ASP A 251 20.13 -46.52 37.57
N LEU A 252 18.98 -45.96 37.91
CA LEU A 252 18.44 -46.08 39.27
C LEU A 252 17.94 -47.49 39.55
N ILE A 253 17.45 -48.16 38.51
CA ILE A 253 16.98 -49.53 38.64
C ILE A 253 18.14 -50.47 38.95
N ASN A 254 19.23 -50.30 38.21
CA ASN A 254 20.44 -51.11 38.43
C ASN A 254 21.06 -50.87 39.79
N LEU A 255 20.80 -49.69 40.36
CA LEU A 255 21.35 -49.32 41.66
C LEU A 255 20.48 -49.84 42.80
N ALA A 256 19.20 -50.10 42.50
CA ALA A 256 18.26 -50.57 43.50
C ALA A 256 18.61 -51.96 44.02
N LYS A 257 18.28 -52.22 45.28
CA LYS A 257 18.55 -53.52 45.89
C LYS A 257 17.27 -54.19 46.36
N LYS A 258 16.25 -53.37 46.63
CA LYS A 258 14.93 -53.90 46.98
C LYS A 258 13.83 -53.24 46.14
N PRO A 259 13.86 -53.47 44.82
CA PRO A 259 12.90 -52.80 43.94
C PRO A 259 11.54 -53.50 43.92
N VAL A 260 10.50 -52.74 43.58
CA VAL A 260 9.15 -53.29 43.47
C VAL A 260 8.43 -52.71 42.26
N LEU A 261 7.93 -53.59 41.40
CA LEU A 261 7.16 -53.16 40.23
C LEU A 261 5.71 -52.90 40.61
N TYR A 262 5.33 -51.63 40.61
CA TYR A 262 3.97 -51.20 40.92
C TYR A 262 3.17 -51.04 39.62
N VAL A 263 2.39 -52.05 39.27
CA VAL A 263 1.77 -52.14 37.96
C VAL A 263 0.26 -51.92 37.99
N GLY A 264 -0.25 -51.15 37.03
CA GLY A 264 -1.67 -50.88 36.93
C GLY A 264 -2.26 -51.26 35.58
N ALA A 265 -3.34 -50.58 35.21
CA ALA A 265 -4.07 -50.92 33.98
C ALA A 265 -3.42 -50.34 32.74
N GLY A 266 -2.43 -49.47 32.93
CA GLY A 266 -1.78 -48.82 31.81
C GLY A 266 -0.91 -49.76 30.99
N ILE A 267 -0.54 -50.89 31.58
CA ILE A 267 0.28 -51.87 30.90
C ILE A 267 -0.58 -52.80 30.04
N LEU A 268 -1.89 -52.73 30.24
CA LEU A 268 -2.82 -53.58 29.50
C LEU A 268 -3.32 -52.91 28.22
N ASN A 269 -3.13 -51.61 28.11
CA ASN A 269 -3.59 -50.86 26.94
C ASN A 269 -2.66 -51.04 25.73
N HIS A 270 -1.74 -52.00 25.84
CA HIS A 270 -0.87 -52.35 24.72
C HIS A 270 -0.72 -53.86 24.65
N ALA A 271 -0.69 -54.39 23.43
CA ALA A 271 -0.66 -55.84 23.23
C ALA A 271 0.60 -56.49 23.80
N ASP A 272 1.73 -55.81 23.69
CA ASP A 272 2.99 -56.33 24.18
C ASP A 272 3.25 -55.90 25.62
N GLY A 273 2.21 -55.41 26.28
CA GLY A 273 2.31 -54.95 27.66
C GLY A 273 2.75 -56.02 28.64
N PRO A 274 1.89 -57.03 28.88
CA PRO A 274 2.20 -58.15 29.78
C PRO A 274 3.46 -58.90 29.37
N ARG A 275 3.76 -58.90 28.07
CA ARG A 275 4.93 -59.59 27.54
C ARG A 275 6.23 -58.91 27.97
N LEU A 276 6.27 -57.58 27.87
CA LEU A 276 7.47 -56.83 28.21
C LEU A 276 7.64 -56.71 29.73
N LEU A 277 6.53 -56.75 30.46
CA LEU A 277 6.58 -56.69 31.91
C LEU A 277 7.28 -57.91 32.47
N LYS A 278 7.03 -59.06 31.86
CA LYS A 278 7.65 -60.31 32.28
C LYS A 278 9.13 -60.33 31.91
N GLU A 279 9.45 -59.77 30.75
CA GLU A 279 10.83 -59.73 30.27
C GLU A 279 11.72 -58.93 31.22
N LEU A 280 11.19 -57.85 31.75
CA LEU A 280 11.94 -57.02 32.70
C LEU A 280 11.97 -57.66 34.07
N SER A 281 10.86 -58.28 34.46
CA SER A 281 10.77 -58.92 35.78
C SER A 281 11.70 -60.12 35.88
N ASP A 282 11.97 -60.76 34.75
CA ASP A 282 12.89 -61.88 34.71
C ASP A 282 14.33 -61.40 34.62
N ARG A 283 14.54 -60.30 33.90
CA ARG A 283 15.86 -59.77 33.66
C ARG A 283 16.51 -59.22 34.93
N ALA A 284 15.75 -58.42 35.67
CA ALA A 284 16.29 -57.76 36.86
C ALA A 284 15.78 -58.39 38.16
N GLN A 285 15.00 -59.46 38.03
CA GLN A 285 14.44 -60.17 39.18
C GLN A 285 13.65 -59.24 40.10
N ILE A 286 12.76 -58.46 39.51
CA ILE A 286 11.95 -57.51 40.27
C ILE A 286 10.54 -58.05 40.50
N PRO A 287 10.11 -58.11 41.76
CA PRO A 287 8.77 -58.59 42.13
C PRO A 287 7.67 -57.66 41.61
N VAL A 288 6.53 -58.25 41.25
CA VAL A 288 5.44 -57.48 40.64
C VAL A 288 4.17 -57.50 41.47
N THR A 289 3.72 -56.31 41.88
CA THR A 289 2.42 -56.16 42.52
C THR A 289 1.50 -55.37 41.60
N THR A 290 0.23 -55.76 41.54
CA THR A 290 -0.71 -55.13 40.63
C THR A 290 -1.89 -54.51 41.38
N THR A 291 -2.50 -53.50 40.76
CA THR A 291 -3.71 -52.90 41.29
C THR A 291 -4.92 -53.76 40.93
N LEU A 292 -6.10 -53.33 41.34
CA LEU A 292 -7.33 -54.06 41.03
C LEU A 292 -7.53 -54.15 39.53
N GLN A 293 -7.19 -53.07 38.83
CA GLN A 293 -7.35 -53.00 37.38
C GLN A 293 -6.08 -53.45 36.67
N GLY A 294 -5.06 -53.80 37.45
CA GLY A 294 -3.81 -54.28 36.89
C GLY A 294 -3.76 -55.80 36.89
N LEU A 295 -4.74 -56.42 37.52
CA LEU A 295 -4.81 -57.88 37.60
C LEU A 295 -4.92 -58.50 36.22
N GLY A 296 -4.17 -59.58 36.00
CA GLY A 296 -4.16 -60.26 34.72
C GLY A 296 -2.92 -59.93 33.91
N SER A 297 -2.25 -58.84 34.29
CA SER A 297 -1.06 -58.39 33.57
C SER A 297 0.17 -59.23 33.92
N PHE A 298 0.13 -59.90 35.06
CA PHE A 298 1.25 -60.70 35.51
C PHE A 298 0.80 -62.06 36.03
N ASP A 299 1.58 -63.09 35.72
CA ASP A 299 1.28 -64.45 36.16
C ASP A 299 1.40 -64.55 37.67
N GLN A 300 0.31 -64.91 38.33
CA GLN A 300 0.31 -65.05 39.78
C GLN A 300 0.82 -66.43 40.20
N GLU A 301 1.09 -67.28 39.22
CA GLU A 301 1.72 -68.57 39.49
C GLU A 301 3.22 -68.43 39.28
N ASP A 302 3.70 -67.19 39.27
CA ASP A 302 5.12 -66.88 39.19
C ASP A 302 5.63 -66.57 40.60
N PRO A 303 6.82 -67.09 40.94
CA PRO A 303 7.42 -66.88 42.26
C PRO A 303 7.65 -65.41 42.62
N LYS A 304 7.69 -64.54 41.61
CA LYS A 304 7.94 -63.12 41.84
C LYS A 304 6.65 -62.31 41.96
N SER A 305 5.51 -63.00 41.92
CA SER A 305 4.22 -62.33 42.06
C SER A 305 4.00 -61.88 43.52
N LEU A 306 3.50 -60.67 43.68
CA LEU A 306 3.23 -60.12 45.01
C LEU A 306 1.73 -59.99 45.27
N ASP A 307 0.93 -60.41 44.30
CA ASP A 307 -0.53 -60.29 44.34
C ASP A 307 -0.95 -58.82 44.41
N MET A 308 -2.13 -58.56 44.96
CA MET A 308 -2.73 -57.22 44.87
C MET A 308 -2.24 -56.26 45.96
N LEU A 309 -2.17 -54.98 45.59
CA LEU A 309 -1.78 -53.90 46.50
C LEU A 309 -3.02 -53.20 47.04
N GLY A 310 -2.83 -52.37 48.07
CA GLY A 310 -3.87 -51.43 48.49
C GLY A 310 -4.64 -51.74 49.76
N MET A 311 -5.88 -51.24 49.80
CA MET A 311 -6.74 -51.34 50.97
C MET A 311 -7.05 -52.79 51.35
N HIS A 312 -7.47 -53.58 50.37
CA HIS A 312 -7.77 -54.99 50.62
C HIS A 312 -6.75 -55.89 49.92
N GLY A 313 -5.55 -55.37 49.71
CA GLY A 313 -4.47 -56.15 49.14
C GLY A 313 -3.77 -56.95 50.22
N CYS A 314 -3.07 -58.01 49.81
CA CYS A 314 -2.37 -58.86 50.76
C CYS A 314 -1.23 -58.10 51.45
N ALA A 315 -0.86 -58.56 52.64
CA ALA A 315 0.18 -57.90 53.42
C ALA A 315 1.55 -58.01 52.75
N THR A 316 1.74 -59.08 51.98
CA THR A 316 3.02 -59.31 51.30
C THR A 316 3.34 -58.18 50.33
N ALA A 317 2.33 -57.74 49.57
CA ALA A 317 2.51 -56.66 48.61
C ALA A 317 2.66 -55.32 49.30
N ASN A 318 1.82 -55.08 50.31
CA ASN A 318 1.84 -53.83 51.05
C ASN A 318 3.17 -53.62 51.77
N LEU A 319 3.65 -54.67 52.44
CA LEU A 319 4.93 -54.59 53.15
C LEU A 319 6.10 -54.46 52.19
N ALA A 320 5.98 -55.07 51.02
CA ALA A 320 7.02 -54.98 50.00
C ALA A 320 7.16 -53.54 49.53
N VAL A 321 6.03 -52.86 49.36
CA VAL A 321 6.01 -51.47 48.94
C VAL A 321 6.56 -50.55 50.03
N GLN A 322 6.12 -50.79 51.26
CA GLN A 322 6.54 -49.96 52.39
C GLN A 322 8.02 -50.12 52.71
N ASN A 323 8.61 -51.24 52.29
CA ASN A 323 10.01 -51.51 52.59
C ASN A 323 10.89 -51.55 51.33
N ALA A 324 10.39 -51.00 50.23
CA ALA A 324 11.16 -50.96 48.99
C ALA A 324 11.97 -49.68 48.91
N ASP A 325 13.19 -49.77 48.37
CA ASP A 325 14.04 -48.60 48.20
C ASP A 325 13.76 -47.92 46.86
N LEU A 326 13.15 -48.67 45.94
CA LEU A 326 12.77 -48.12 44.64
C LEU A 326 11.43 -48.69 44.16
N ILE A 327 10.52 -47.80 43.80
CA ILE A 327 9.22 -48.21 43.28
C ILE A 327 9.07 -47.84 41.81
N ILE A 328 8.88 -48.85 40.97
CA ILE A 328 8.72 -48.62 39.54
C ILE A 328 7.25 -48.68 39.15
N ALA A 329 6.62 -47.51 39.08
CA ALA A 329 5.20 -47.42 38.75
C ALA A 329 4.99 -47.51 37.23
N VAL A 330 4.36 -48.60 36.80
CA VAL A 330 4.09 -48.81 35.37
C VAL A 330 2.60 -48.90 35.09
N GLY A 331 2.03 -47.78 34.63
CA GLY A 331 0.62 -47.74 34.26
C GLY A 331 -0.34 -47.63 35.42
N ALA A 332 0.12 -47.01 36.51
CA ALA A 332 -0.73 -46.81 37.68
C ALA A 332 -0.71 -45.34 38.10
N ARG A 333 -1.76 -44.91 38.78
CA ARG A 333 -1.91 -43.49 39.10
C ARG A 333 -1.96 -43.21 40.60
N PHE A 334 -1.50 -44.16 41.41
CA PHE A 334 -1.43 -44.01 42.87
C PHE A 334 -2.76 -43.60 43.48
N ASP A 335 -3.80 -44.40 43.25
CA ASP A 335 -5.13 -44.12 43.78
C ASP A 335 -5.12 -44.13 45.30
N ASP A 336 -6.11 -43.49 45.91
CA ASP A 336 -6.21 -43.43 47.37
C ASP A 336 -6.59 -44.77 47.97
N ARG A 337 -7.14 -45.66 47.13
CA ARG A 337 -7.45 -47.01 47.56
C ARG A 337 -6.19 -47.87 47.58
N VAL A 338 -5.16 -47.38 46.89
CA VAL A 338 -3.90 -48.13 46.74
C VAL A 338 -2.83 -47.63 47.71
N THR A 339 -2.64 -46.31 47.74
CA THR A 339 -1.57 -45.72 48.55
C THR A 339 -1.91 -45.70 50.05
N GLY A 340 -3.16 -45.95 50.38
CA GLY A 340 -3.62 -45.88 51.75
C GLY A 340 -3.39 -44.49 52.31
N ASN A 341 -2.76 -44.41 53.48
CA ASN A 341 -2.36 -43.12 54.01
C ASN A 341 -1.20 -42.58 53.18
N ILE A 342 -1.44 -41.46 52.51
CA ILE A 342 -0.44 -40.88 51.61
C ILE A 342 0.79 -40.40 52.38
N SER A 343 0.61 -40.09 53.66
CA SER A 343 1.70 -39.61 54.49
C SER A 343 2.71 -40.72 54.76
N LYS A 344 2.23 -41.95 54.78
CA LYS A 344 3.06 -43.10 55.14
C LYS A 344 3.43 -43.96 53.94
N PHE A 345 3.04 -43.53 52.75
CA PHE A 345 3.27 -44.34 51.55
C PHE A 345 4.74 -44.50 51.21
N ALA A 346 5.26 -45.71 51.40
CA ALA A 346 6.63 -46.06 51.06
C ALA A 346 7.66 -45.13 51.69
N PRO A 347 7.91 -45.31 53.00
CA PRO A 347 8.92 -44.49 53.70
C PRO A 347 10.33 -44.84 53.22
N GLU A 348 10.56 -46.12 52.92
CA GLU A 348 11.87 -46.57 52.48
C GLU A 348 12.21 -46.05 51.09
N ALA A 349 11.19 -45.82 50.28
CA ALA A 349 11.40 -45.28 48.94
C ALA A 349 11.80 -43.81 49.02
N ARG A 350 11.13 -43.06 49.89
CA ARG A 350 11.41 -41.64 50.07
C ARG A 350 12.77 -41.43 50.72
N ARG A 351 13.11 -42.30 51.67
CA ARG A 351 14.38 -42.22 52.36
C ARG A 351 15.54 -42.53 51.42
N ALA A 352 15.32 -43.48 50.52
CA ALA A 352 16.32 -43.85 49.52
C ALA A 352 16.47 -42.75 48.48
N ALA A 353 15.38 -42.02 48.24
CA ALA A 353 15.39 -40.92 47.28
C ALA A 353 16.21 -39.75 47.80
N ALA A 354 16.14 -39.54 49.12
CA ALA A 354 16.89 -38.45 49.76
C ALA A 354 18.37 -38.78 49.86
N GLU A 355 18.71 -40.05 49.64
CA GLU A 355 20.10 -40.48 49.70
C GLU A 355 20.63 -40.80 48.30
N GLY A 356 19.80 -40.57 47.28
CA GLY A 356 20.18 -40.78 45.90
C GLY A 356 20.52 -42.22 45.57
N ARG A 357 19.64 -43.14 45.97
CA ARG A 357 19.85 -44.55 45.74
C ARG A 357 18.55 -45.26 45.40
N GLY A 358 17.48 -44.49 45.24
CA GLY A 358 16.17 -45.03 44.93
C GLY A 358 15.09 -43.97 44.82
N GLY A 359 13.86 -44.36 45.13
CA GLY A 359 12.74 -43.45 45.07
C GLY A 359 11.56 -44.01 44.32
N ILE A 360 10.91 -43.18 43.50
CA ILE A 360 9.75 -43.61 42.72
C ILE A 360 9.90 -43.25 41.25
N ILE A 361 9.84 -44.25 40.39
CA ILE A 361 9.84 -44.03 38.95
C ILE A 361 8.43 -44.20 38.41
N HIS A 362 8.00 -43.30 37.55
CA HIS A 362 6.62 -43.31 37.07
C HIS A 362 6.52 -43.34 35.55
N PHE A 363 5.96 -44.43 35.02
CA PHE A 363 5.68 -44.55 33.60
C PHE A 363 4.23 -44.19 33.32
N GLU A 364 4.01 -42.99 32.79
CA GLU A 364 2.66 -42.47 32.61
C GLU A 364 2.47 -41.86 31.22
N VAL A 365 1.29 -42.09 30.64
CA VAL A 365 1.01 -41.64 29.29
C VAL A 365 0.58 -40.16 29.25
N SER A 366 0.00 -39.68 30.36
CA SER A 366 -0.46 -38.31 30.43
C SER A 366 0.12 -37.60 31.65
N PRO A 367 0.88 -36.52 31.42
CA PRO A 367 1.58 -35.74 32.46
C PRO A 367 0.65 -35.24 33.56
N LYS A 368 -0.65 -35.27 33.31
CA LYS A 368 -1.66 -34.87 34.27
C LYS A 368 -1.57 -35.66 35.57
N ASN A 369 -1.30 -36.97 35.44
CA ASN A 369 -1.26 -37.85 36.60
C ASN A 369 0.15 -38.02 37.16
N ILE A 370 1.12 -37.33 36.58
CA ILE A 370 2.47 -37.32 37.12
C ILE A 370 2.62 -36.22 38.15
N ASN A 371 3.18 -36.56 39.31
CA ASN A 371 3.32 -35.63 40.42
C ASN A 371 1.99 -35.03 40.86
N LYS A 372 0.94 -35.85 40.83
CA LYS A 372 -0.38 -35.42 41.27
C LYS A 372 -0.66 -35.90 42.70
N VAL A 373 -0.27 -37.13 42.97
CA VAL A 373 -0.48 -37.73 44.29
C VAL A 373 0.82 -37.79 45.08
N VAL A 374 1.80 -38.52 44.56
CA VAL A 374 3.10 -38.63 45.21
C VAL A 374 4.20 -38.02 44.35
N GLN A 375 5.21 -37.46 45.02
CA GLN A 375 6.31 -36.81 44.30
C GLN A 375 7.27 -37.83 43.73
N THR A 376 7.19 -38.02 42.41
CA THR A 376 8.06 -38.97 41.73
C THR A 376 9.47 -38.40 41.60
N GLN A 377 10.44 -39.27 41.39
CA GLN A 377 11.83 -38.85 41.23
C GLN A 377 12.21 -38.81 39.76
N ILE A 378 11.72 -39.79 39.00
CA ILE A 378 11.96 -39.88 37.57
C ILE A 378 10.65 -40.08 36.82
N ALA A 379 10.37 -39.21 35.87
CA ALA A 379 9.13 -39.27 35.10
C ALA A 379 9.36 -39.69 33.66
N VAL A 380 8.71 -40.77 33.25
CA VAL A 380 8.82 -41.25 31.88
C VAL A 380 7.49 -41.08 31.14
N GLU A 381 7.32 -39.91 30.52
CA GLU A 381 6.08 -39.60 29.81
C GLU A 381 5.93 -40.45 28.56
N GLY A 382 4.70 -40.88 28.30
CA GLY A 382 4.40 -41.67 27.12
C GLY A 382 3.89 -43.05 27.44
N ASP A 383 3.71 -43.87 26.40
CA ASP A 383 3.23 -45.24 26.57
C ASP A 383 4.21 -46.06 27.40
N ALA A 384 3.70 -46.69 28.46
CA ALA A 384 4.53 -47.46 29.38
C ALA A 384 5.19 -48.64 28.67
N THR A 385 4.41 -49.37 27.87
CA THR A 385 4.91 -50.52 27.15
C THR A 385 6.01 -50.14 26.17
N THR A 386 5.77 -49.09 25.40
CA THR A 386 6.74 -48.62 24.40
C THR A 386 8.07 -48.24 25.04
N ASN A 387 8.00 -47.56 26.19
CA ASN A 387 9.21 -47.10 26.87
C ASN A 387 9.94 -48.22 27.59
N LEU A 388 9.21 -49.27 27.98
CA LEU A 388 9.82 -50.42 28.63
C LEU A 388 10.74 -51.17 27.67
N GLY A 389 10.43 -51.10 26.38
CA GLY A 389 11.24 -51.74 25.37
C GLY A 389 12.52 -50.97 25.11
N LYS A 390 12.44 -49.65 25.19
CA LYS A 390 13.60 -48.78 24.96
C LYS A 390 14.55 -48.81 26.14
N MET A 391 14.04 -49.18 27.31
CA MET A 391 14.83 -49.23 28.52
C MET A 391 15.43 -50.62 28.75
N MET A 392 14.79 -51.61 28.15
CA MET A 392 15.16 -53.02 28.34
C MET A 392 16.62 -53.31 28.00
N SER A 393 17.17 -52.53 27.06
CA SER A 393 18.55 -52.73 26.64
C SER A 393 19.54 -52.19 27.67
N LYS A 394 19.11 -51.22 28.46
CA LYS A 394 20.00 -50.55 29.41
C LYS A 394 19.86 -51.11 30.82
N ILE A 395 19.25 -52.28 30.95
CA ILE A 395 19.06 -52.90 32.25
C ILE A 395 20.05 -54.04 32.49
N PHE A 396 20.80 -53.94 33.58
CA PHE A 396 21.77 -54.97 33.94
C PHE A 396 21.07 -56.20 34.50
N PRO A 397 21.26 -57.36 33.84
CA PRO A 397 20.64 -58.62 34.27
C PRO A 397 21.08 -59.04 35.67
N VAL A 398 20.12 -59.35 36.53
CA VAL A 398 20.40 -59.77 37.89
C VAL A 398 20.14 -61.26 38.05
N LYS A 399 21.13 -61.98 38.58
CA LYS A 399 21.00 -63.42 38.79
C LYS A 399 19.95 -63.73 39.85
N GLU A 400 20.10 -63.11 41.02
CA GLU A 400 19.21 -63.40 42.13
C GLU A 400 19.23 -62.30 43.19
N ARG A 401 18.08 -62.04 43.80
CA ARG A 401 17.97 -61.14 44.93
C ARG A 401 17.68 -61.95 46.19
N SER A 402 18.73 -62.48 46.80
CA SER A 402 18.61 -63.45 47.89
C SER A 402 17.83 -62.92 49.10
N GLU A 403 18.44 -61.99 49.82
CA GLU A 403 17.88 -61.51 51.09
C GLU A 403 16.57 -60.75 50.90
N TRP A 404 16.32 -60.25 49.70
CA TRP A 404 15.11 -59.50 49.42
C TRP A 404 13.91 -60.44 49.24
N PHE A 405 14.08 -61.45 48.41
CA PHE A 405 13.02 -62.44 48.19
C PHE A 405 12.85 -63.33 49.42
N ALA A 406 13.91 -63.46 50.21
CA ALA A 406 13.84 -64.23 51.44
C ALA A 406 12.91 -63.56 52.44
N GLN A 407 12.91 -62.23 52.42
CA GLN A 407 12.04 -61.45 53.28
C GLN A 407 10.63 -61.41 52.70
N ILE A 408 10.54 -61.43 51.38
CA ILE A 408 9.27 -61.44 50.69
C ILE A 408 8.54 -62.77 50.90
N ASN A 409 9.25 -63.87 50.65
CA ASN A 409 8.69 -65.20 50.87
C ASN A 409 8.37 -65.46 52.33
N LYS A 410 9.06 -64.73 53.21
CA LYS A 410 8.76 -64.80 54.63
C LYS A 410 7.38 -64.21 54.89
N TRP A 411 7.15 -63.00 54.38
CA TRP A 411 5.85 -62.35 54.46
C TRP A 411 4.78 -63.17 53.76
N LYS A 412 5.13 -63.70 52.59
CA LYS A 412 4.21 -64.46 51.76
C LYS A 412 3.76 -65.75 52.46
N LYS A 413 4.65 -66.32 53.26
CA LYS A 413 4.33 -67.54 53.99
C LYS A 413 4.01 -67.25 55.45
N GLU A 414 3.62 -66.02 55.73
CA GLU A 414 3.25 -65.62 57.09
C GLU A 414 1.94 -64.84 57.07
N TYR A 415 1.65 -64.19 55.94
CA TYR A 415 0.41 -63.44 55.78
C TYR A 415 -0.35 -63.85 54.53
N PRO A 416 -0.98 -65.04 54.54
CA PRO A 416 -1.82 -65.44 53.40
C PRO A 416 -3.18 -64.75 53.44
N TYR A 417 -4.06 -65.07 52.51
CA TYR A 417 -5.42 -64.57 52.55
C TYR A 417 -6.25 -65.42 53.50
N ALA A 418 -5.88 -65.39 54.77
CA ALA A 418 -6.53 -66.22 55.79
C ALA A 418 -7.97 -65.77 56.04
N TYR A 419 -8.86 -66.74 56.22
CA TYR A 419 -10.25 -66.47 56.52
C TYR A 419 -10.87 -67.66 57.25
N MET A 420 -11.99 -67.43 57.93
CA MET A 420 -12.65 -68.48 58.68
C MET A 420 -13.28 -69.51 57.73
N GLU A 421 -12.59 -70.62 57.53
CA GLU A 421 -13.06 -71.67 56.63
C GLU A 421 -14.27 -72.39 57.19
N GLU A 422 -14.92 -73.19 56.35
CA GLU A 422 -16.12 -73.92 56.75
C GLU A 422 -15.83 -74.95 57.84
N THR A 423 -16.84 -75.19 58.68
CA THR A 423 -16.77 -76.23 59.69
C THR A 423 -17.94 -77.19 59.48
N PRO A 424 -17.83 -78.43 59.98
CA PRO A 424 -18.93 -79.38 59.87
C PRO A 424 -20.25 -78.83 60.42
N GLY A 425 -21.20 -78.54 59.53
CA GLY A 425 -22.49 -78.02 59.92
C GLY A 425 -22.56 -76.51 59.89
N SER A 426 -21.63 -75.89 59.18
CA SER A 426 -21.59 -74.43 59.07
C SER A 426 -22.15 -73.95 57.74
N LYS A 427 -22.23 -72.63 57.58
CA LYS A 427 -22.74 -72.03 56.36
C LYS A 427 -21.63 -71.94 55.33
N ILE A 428 -22.00 -71.82 54.06
CA ILE A 428 -21.02 -71.75 52.97
C ILE A 428 -20.26 -70.43 53.02
N LYS A 429 -18.92 -70.51 53.01
CA LYS A 429 -18.09 -69.32 53.04
C LYS A 429 -17.91 -68.74 51.65
N PRO A 430 -17.98 -67.40 51.53
CA PRO A 430 -17.88 -66.71 50.24
C PRO A 430 -16.50 -66.85 49.59
N GLN A 431 -15.45 -66.82 50.41
CA GLN A 431 -14.09 -66.94 49.89
C GLN A 431 -13.85 -68.31 49.28
N THR A 432 -14.49 -69.32 49.85
CA THR A 432 -14.35 -70.70 49.39
C THR A 432 -14.98 -70.89 48.02
N VAL A 433 -16.10 -70.20 47.78
CA VAL A 433 -16.78 -70.28 46.50
C VAL A 433 -15.89 -69.77 45.37
N ILE A 434 -15.18 -68.67 45.64
CA ILE A 434 -14.24 -68.12 44.68
C ILE A 434 -13.10 -69.10 44.40
N LYS A 435 -12.64 -69.75 45.46
CA LYS A 435 -11.57 -70.75 45.37
C LYS A 435 -11.94 -71.88 44.41
N LYS A 436 -13.05 -72.54 44.71
CA LYS A 436 -13.48 -73.71 43.93
C LYS A 436 -13.76 -73.36 42.47
N LEU A 437 -14.47 -72.24 42.24
CA LEU A 437 -14.82 -71.82 40.90
C LEU A 437 -13.59 -71.46 40.08
N SER A 438 -12.56 -70.95 40.76
CA SER A 438 -11.32 -70.58 40.09
C SER A 438 -10.63 -71.80 39.50
N LYS A 439 -10.92 -72.97 40.06
CA LYS A 439 -10.33 -74.22 39.58
C LYS A 439 -11.27 -74.91 38.59
N VAL A 440 -12.57 -74.86 38.88
CA VAL A 440 -13.57 -75.45 37.99
C VAL A 440 -13.53 -74.79 36.62
N ALA A 441 -13.45 -73.46 36.60
CA ALA A 441 -13.37 -72.71 35.36
C ALA A 441 -12.03 -72.95 34.66
N ASN A 442 -10.99 -73.16 35.46
CA ASN A 442 -9.66 -73.44 34.91
C ASN A 442 -9.59 -74.83 34.30
N ASP A 443 -10.40 -75.75 34.81
CA ASP A 443 -10.42 -77.12 34.32
C ASP A 443 -11.23 -77.26 33.03
N THR A 444 -11.90 -76.19 32.64
CA THR A 444 -12.71 -76.19 31.42
C THR A 444 -11.82 -76.12 30.19
N GLY A 445 -10.66 -75.49 30.34
CA GLY A 445 -9.75 -75.32 29.23
C GLY A 445 -10.17 -74.16 28.34
N ARG A 446 -11.22 -73.48 28.74
CA ARG A 446 -11.74 -72.34 27.98
C ARG A 446 -11.14 -71.04 28.48
N HIS A 447 -11.07 -70.05 27.60
CA HIS A 447 -10.63 -68.71 28.00
C HIS A 447 -11.68 -68.08 28.89
N VAL A 448 -11.31 -67.80 30.14
CA VAL A 448 -12.28 -67.30 31.12
C VAL A 448 -12.17 -65.80 31.33
N ILE A 449 -13.29 -65.11 31.17
CA ILE A 449 -13.38 -63.68 31.49
C ILE A 449 -14.29 -63.50 32.69
N VAL A 450 -13.81 -62.77 33.69
CA VAL A 450 -14.56 -62.58 34.93
C VAL A 450 -14.94 -61.12 35.17
N THR A 451 -16.24 -60.87 35.32
CA THR A 451 -16.73 -59.55 35.66
C THR A 451 -17.38 -59.58 37.04
N THR A 452 -17.28 -58.48 37.77
CA THR A 452 -17.84 -58.40 39.11
C THR A 452 -18.69 -57.15 39.32
N GLY A 453 -19.44 -57.14 40.42
CA GLY A 453 -20.16 -55.95 40.82
C GLY A 453 -19.28 -55.10 41.71
N VAL A 454 -19.84 -54.60 42.81
CA VAL A 454 -19.07 -53.81 43.77
C VAL A 454 -19.38 -54.24 45.20
N GLY A 455 -18.33 -54.48 45.97
CA GLY A 455 -18.49 -54.86 47.37
C GLY A 455 -17.51 -55.92 47.82
N GLN A 456 -17.92 -56.71 48.80
CA GLN A 456 -17.07 -57.77 49.35
C GLN A 456 -16.81 -58.86 48.32
N HIS A 457 -17.84 -59.20 47.55
CA HIS A 457 -17.73 -60.23 46.53
C HIS A 457 -16.73 -59.82 45.45
N GLN A 458 -16.61 -58.52 45.23
CA GLN A 458 -15.68 -57.99 44.25
C GLN A 458 -14.24 -58.21 44.69
N MET A 459 -13.96 -57.92 45.96
CA MET A 459 -12.61 -58.05 46.50
C MET A 459 -12.20 -59.51 46.62
N TRP A 460 -13.12 -60.35 47.08
CA TRP A 460 -12.85 -61.78 47.23
C TRP A 460 -12.62 -62.45 45.88
N ALA A 461 -13.24 -61.91 44.84
CA ALA A 461 -13.05 -62.41 43.49
C ALA A 461 -11.74 -61.91 42.89
N ALA A 462 -11.10 -60.98 43.58
CA ALA A 462 -9.84 -60.42 43.13
C ALA A 462 -8.67 -60.98 43.93
N GLN A 463 -8.94 -61.40 45.16
CA GLN A 463 -7.92 -61.93 46.04
C GLN A 463 -7.69 -63.43 45.81
N HIS A 464 -8.76 -64.20 45.88
CA HIS A 464 -8.66 -65.66 45.90
C HIS A 464 -8.69 -66.28 44.50
N TRP A 465 -9.05 -65.48 43.50
CA TRP A 465 -8.97 -65.92 42.11
C TRP A 465 -7.54 -65.76 41.62
N THR A 466 -7.02 -66.78 40.93
CA THR A 466 -5.66 -66.74 40.43
C THR A 466 -5.62 -66.19 39.01
N TRP A 467 -4.97 -65.05 38.83
CA TRP A 467 -4.93 -64.36 37.54
C TRP A 467 -3.63 -64.61 36.79
N ARG A 468 -3.75 -65.02 35.53
CA ARG A 468 -2.59 -65.32 34.71
C ARG A 468 -2.70 -64.68 33.33
N ASN A 469 -3.93 -64.46 32.88
CA ASN A 469 -4.18 -63.92 31.54
C ASN A 469 -4.64 -62.47 31.56
N PRO A 470 -4.14 -61.67 30.60
CA PRO A 470 -4.54 -60.26 30.47
C PRO A 470 -5.96 -60.10 29.95
N HIS A 471 -6.61 -59.00 30.32
CA HIS A 471 -7.97 -58.69 29.87
C HIS A 471 -8.98 -59.78 30.20
N THR A 472 -8.86 -60.35 31.39
CA THR A 472 -9.77 -61.40 31.84
C THR A 472 -10.50 -61.01 33.12
N PHE A 473 -10.14 -59.86 33.67
CA PHE A 473 -10.81 -59.35 34.86
C PHE A 473 -11.35 -57.94 34.62
N ILE A 474 -12.67 -57.84 34.48
CA ILE A 474 -13.32 -56.57 34.18
C ILE A 474 -14.21 -56.13 35.33
N THR A 475 -13.72 -55.16 36.12
CA THR A 475 -14.45 -54.70 37.29
C THR A 475 -14.46 -53.17 37.36
N SER A 476 -15.45 -52.62 38.06
CA SER A 476 -15.56 -51.19 38.24
C SER A 476 -14.80 -50.75 39.48
N GLY A 477 -13.61 -50.17 39.28
CA GLY A 477 -12.76 -49.80 40.39
C GLY A 477 -12.72 -48.31 40.67
N GLY A 478 -12.53 -47.51 39.63
CA GLY A 478 -12.41 -46.08 39.77
C GLY A 478 -13.62 -45.42 40.39
N LEU A 479 -14.80 -45.73 39.86
CA LEU A 479 -16.04 -45.16 40.37
C LEU A 479 -16.82 -46.16 41.21
N GLY A 480 -16.61 -47.45 40.92
CA GLY A 480 -17.26 -48.52 41.65
C GLY A 480 -18.77 -48.46 41.56
N THR A 481 -19.29 -48.70 40.35
CA THR A 481 -20.72 -48.68 40.12
C THR A 481 -21.35 -50.04 40.33
N MET A 482 -22.36 -50.11 41.19
CA MET A 482 -23.10 -51.34 41.40
C MET A 482 -23.98 -51.64 40.19
N GLY A 483 -24.20 -52.91 39.90
CA GLY A 483 -24.97 -53.31 38.74
C GLY A 483 -24.12 -53.27 37.49
N TYR A 484 -22.81 -53.37 37.69
CA TYR A 484 -21.85 -53.33 36.59
C TYR A 484 -21.55 -54.73 36.06
N GLY A 485 -21.66 -55.72 36.95
CA GLY A 485 -21.29 -57.09 36.64
C GLY A 485 -22.03 -57.72 35.47
N LEU A 486 -23.36 -57.76 35.56
CA LEU A 486 -24.18 -58.39 34.53
C LEU A 486 -24.05 -57.75 33.14
N PRO A 487 -24.14 -56.40 33.04
CA PRO A 487 -24.06 -55.85 31.69
C PRO A 487 -22.65 -55.94 31.10
N ALA A 488 -21.62 -55.78 31.92
CA ALA A 488 -20.24 -55.89 31.44
C ALA A 488 -19.95 -57.33 31.01
N ALA A 489 -20.62 -58.28 31.64
CA ALA A 489 -20.48 -59.68 31.27
C ALA A 489 -21.10 -59.93 29.89
N ILE A 490 -22.25 -59.33 29.66
CA ILE A 490 -22.93 -59.44 28.37
C ILE A 490 -22.10 -58.79 27.27
N GLY A 491 -21.57 -57.61 27.56
CA GLY A 491 -20.75 -56.88 26.60
C GLY A 491 -19.48 -57.62 26.25
N ALA A 492 -18.80 -58.14 27.27
CA ALA A 492 -17.57 -58.88 27.07
C ALA A 492 -17.83 -60.17 26.30
N GLN A 493 -19.01 -60.76 26.51
CA GLN A 493 -19.39 -61.97 25.80
C GLN A 493 -19.59 -61.70 24.32
N VAL A 494 -20.02 -60.48 23.99
CA VAL A 494 -20.16 -60.06 22.60
C VAL A 494 -18.78 -59.88 21.96
N ALA A 495 -17.85 -59.30 22.72
CA ALA A 495 -16.49 -59.10 22.24
C ALA A 495 -15.78 -60.44 22.03
N LYS A 496 -15.93 -61.35 22.98
CA LYS A 496 -15.30 -62.66 22.90
C LYS A 496 -16.34 -63.77 23.03
N PRO A 497 -16.99 -64.11 21.90
CA PRO A 497 -18.09 -65.09 21.88
C PRO A 497 -17.65 -66.51 22.22
N GLU A 498 -16.34 -66.78 22.19
CA GLU A 498 -15.83 -68.10 22.51
C GLU A 498 -15.54 -68.23 24.00
N SER A 499 -15.24 -67.11 24.63
CA SER A 499 -14.80 -67.11 26.03
C SER A 499 -15.91 -67.52 27.00
N LEU A 500 -15.49 -68.01 28.16
CA LEU A 500 -16.42 -68.32 29.24
C LEU A 500 -16.53 -67.12 30.17
N VAL A 501 -17.55 -66.30 29.95
CA VAL A 501 -17.74 -65.08 30.73
C VAL A 501 -18.51 -65.37 32.01
N ILE A 502 -17.83 -65.22 33.15
CA ILE A 502 -18.45 -65.47 34.44
C ILE A 502 -18.64 -64.18 35.23
N ASP A 503 -19.88 -63.93 35.66
CA ASP A 503 -20.18 -62.73 36.43
C ASP A 503 -20.23 -63.05 37.93
N ILE A 504 -19.16 -62.71 38.64
CA ILE A 504 -19.12 -62.88 40.08
C ILE A 504 -19.75 -61.64 40.73
N ASP A 505 -21.07 -61.73 40.96
CA ASP A 505 -21.84 -60.57 41.40
C ASP A 505 -22.32 -60.72 42.85
N GLY A 506 -22.76 -59.60 43.43
CA GLY A 506 -23.33 -59.61 44.75
C GLY A 506 -24.84 -59.45 44.69
N ASP A 507 -25.52 -59.76 45.79
CA ASP A 507 -26.98 -59.72 45.82
C ASP A 507 -27.52 -58.30 45.69
N ALA A 508 -26.87 -57.35 46.35
CA ALA A 508 -27.31 -55.96 46.29
C ALA A 508 -26.98 -55.33 44.95
N SER A 509 -25.80 -55.66 44.42
CA SER A 509 -25.37 -55.14 43.13
C SER A 509 -26.22 -55.68 41.99
N PHE A 510 -26.57 -56.96 42.07
CA PHE A 510 -27.37 -57.61 41.03
C PHE A 510 -28.75 -56.96 40.92
N ASN A 511 -29.28 -56.52 42.05
CA ASN A 511 -30.60 -55.87 42.07
C ASN A 511 -30.61 -54.53 41.35
N MET A 512 -29.43 -53.94 41.17
CA MET A 512 -29.32 -52.65 40.50
C MET A 512 -29.74 -52.74 39.04
N THR A 513 -29.20 -53.73 38.33
CA THR A 513 -29.47 -53.89 36.90
C THR A 513 -29.70 -55.33 36.50
N LEU A 514 -30.70 -55.95 37.09
CA LEU A 514 -31.01 -57.31 36.77
C LEU A 514 -31.98 -57.34 35.63
N THR A 515 -32.38 -56.19 35.16
CA THR A 515 -33.31 -56.07 34.04
C THR A 515 -32.64 -56.56 32.75
N GLU A 516 -31.32 -56.47 32.72
CA GLU A 516 -30.55 -56.87 31.54
C GLU A 516 -30.37 -58.38 31.48
N LEU A 517 -30.99 -59.09 32.41
CA LEU A 517 -30.96 -60.55 32.41
C LEU A 517 -31.71 -61.06 31.19
N SER A 518 -32.71 -60.31 30.76
CA SER A 518 -33.48 -60.65 29.57
C SER A 518 -32.74 -60.22 28.31
N SER A 519 -31.88 -59.22 28.45
CA SER A 519 -31.07 -58.75 27.34
C SER A 519 -30.06 -59.79 26.91
N ALA A 520 -29.60 -60.59 27.88
CA ALA A 520 -28.63 -61.64 27.62
C ALA A 520 -29.22 -62.73 26.73
N VAL A 521 -30.50 -62.98 26.89
CA VAL A 521 -31.20 -63.99 26.10
C VAL A 521 -31.34 -63.52 24.66
N GLN A 522 -31.72 -62.26 24.49
CA GLN A 522 -31.95 -61.69 23.17
C GLN A 522 -30.65 -61.45 22.42
N ALA A 523 -29.57 -61.21 23.16
CA ALA A 523 -28.26 -60.97 22.56
C ALA A 523 -27.56 -62.28 22.24
N GLY A 524 -28.10 -63.38 22.75
CA GLY A 524 -27.52 -64.69 22.53
C GLY A 524 -26.22 -64.88 23.29
N THR A 525 -26.10 -64.21 24.43
CA THR A 525 -24.91 -64.30 25.25
C THR A 525 -25.08 -65.30 26.39
N PRO A 526 -24.36 -66.44 26.32
CA PRO A 526 -24.43 -67.49 27.33
C PRO A 526 -23.60 -67.15 28.57
N VAL A 527 -23.85 -65.98 29.16
CA VAL A 527 -23.10 -65.53 30.33
C VAL A 527 -23.43 -66.36 31.56
N LYS A 528 -22.47 -66.43 32.48
CA LYS A 528 -22.64 -67.20 33.71
C LYS A 528 -22.70 -66.27 34.91
N ILE A 529 -23.90 -66.10 35.49
CA ILE A 529 -24.07 -65.19 36.62
C ILE A 529 -23.96 -65.91 37.96
N LEU A 530 -22.96 -65.54 38.74
CA LEU A 530 -22.77 -66.07 40.08
C LEU A 530 -23.11 -65.03 41.14
N ILE A 531 -24.10 -65.32 41.97
CA ILE A 531 -24.51 -64.39 43.01
C ILE A 531 -24.11 -64.90 44.40
N LEU A 532 -23.21 -64.17 45.06
CA LEU A 532 -22.84 -64.48 46.43
C LEU A 532 -23.83 -63.84 47.40
N ASN A 533 -25.00 -64.45 47.51
CA ASN A 533 -26.10 -63.88 48.29
C ASN A 533 -25.86 -63.99 49.80
N ASN A 534 -25.47 -62.87 50.40
CA ASN A 534 -25.36 -62.79 51.85
C ASN A 534 -26.55 -62.04 52.44
N GLU A 535 -27.52 -61.75 51.57
CA GLU A 535 -28.75 -61.05 51.94
C GLU A 535 -28.48 -59.72 52.66
N GLU A 536 -27.44 -59.03 52.20
CA GLU A 536 -27.04 -57.77 52.82
C GLU A 536 -26.15 -56.95 51.89
N GLN A 537 -25.83 -55.74 52.31
CA GLN A 537 -24.86 -54.91 51.62
C GLN A 537 -23.53 -55.00 52.34
N GLY A 538 -22.87 -56.14 52.19
CA GLY A 538 -21.69 -56.49 52.96
C GLY A 538 -20.61 -55.43 53.12
N MET A 539 -20.30 -54.72 52.04
CA MET A 539 -19.22 -53.74 52.06
C MET A 539 -19.56 -52.56 52.96
N VAL A 540 -20.85 -52.23 53.06
CA VAL A 540 -21.29 -51.13 53.90
C VAL A 540 -21.47 -51.60 55.35
N THR A 541 -22.01 -52.80 55.51
CA THR A 541 -22.23 -53.38 56.83
C THR A 541 -20.90 -53.59 57.55
N GLN A 542 -19.86 -53.95 56.79
CA GLN A 542 -18.52 -54.14 57.34
C GLN A 542 -18.00 -52.84 57.95
N TRP A 543 -18.19 -51.74 57.24
CA TRP A 543 -17.76 -50.43 57.72
C TRP A 543 -18.61 -49.96 58.88
N GLN A 544 -19.84 -50.45 58.95
CA GLN A 544 -20.75 -50.11 60.05
C GLN A 544 -20.46 -50.97 61.28
N SER A 545 -19.95 -52.17 61.05
CA SER A 545 -19.61 -53.08 62.14
C SER A 545 -18.28 -52.71 62.76
N LEU A 546 -17.43 -52.04 61.97
CA LEU A 546 -16.09 -51.70 62.41
C LEU A 546 -15.99 -50.29 62.98
N PHE A 547 -16.75 -49.37 62.40
CA PHE A 547 -16.58 -47.95 62.73
C PHE A 547 -17.83 -47.30 63.32
N TYR A 548 -18.96 -48.00 63.28
CA TYR A 548 -20.21 -47.43 63.77
C TYR A 548 -20.95 -48.35 64.73
N GLU A 549 -20.19 -49.11 65.51
CA GLU A 549 -20.72 -49.96 66.58
C GLU A 549 -21.84 -50.89 66.12
N HIS A 550 -21.65 -51.51 64.96
CA HIS A 550 -22.61 -52.47 64.42
C HIS A 550 -24.00 -51.88 64.22
N ARG A 551 -24.07 -50.59 63.89
CA ARG A 551 -25.34 -49.95 63.60
C ARG A 551 -25.65 -50.03 62.09
N TYR A 552 -26.46 -51.02 61.73
CA TYR A 552 -26.78 -51.25 60.32
C TYR A 552 -27.95 -50.39 59.87
N SER A 553 -27.64 -49.27 59.23
CA SER A 553 -28.65 -48.31 58.82
C SER A 553 -29.08 -48.52 57.37
N HIS A 554 -30.21 -49.19 57.19
CA HIS A 554 -30.82 -49.41 55.87
C HIS A 554 -29.85 -50.07 54.89
N THR A 555 -29.09 -51.03 55.37
CA THR A 555 -28.12 -51.73 54.52
C THR A 555 -28.55 -53.17 54.26
N HIS A 556 -29.83 -53.45 54.44
CA HIS A 556 -30.38 -54.77 54.18
C HIS A 556 -31.60 -54.69 53.27
N GLN A 557 -31.38 -54.89 51.98
CA GLN A 557 -32.47 -54.83 51.01
C GLN A 557 -33.17 -56.17 50.88
N LEU A 558 -34.41 -56.15 50.41
CA LEU A 558 -35.18 -57.38 50.25
C LEU A 558 -34.94 -58.00 48.88
N ASN A 559 -34.13 -59.05 48.84
CA ASN A 559 -33.82 -59.76 47.60
C ASN A 559 -34.99 -60.59 47.10
N PRO A 560 -35.15 -60.69 45.78
CA PRO A 560 -36.20 -61.50 45.17
C PRO A 560 -35.80 -62.98 45.12
N ASP A 561 -36.64 -63.81 44.52
CA ASP A 561 -36.31 -65.21 44.29
C ASP A 561 -35.46 -65.30 43.02
N PHE A 562 -34.14 -65.25 43.22
CA PHE A 562 -33.19 -65.19 42.11
C PHE A 562 -33.32 -66.34 41.12
N ILE A 563 -33.82 -67.47 41.58
CA ILE A 563 -33.97 -68.65 40.72
C ILE A 563 -35.27 -68.56 39.92
N LYS A 564 -36.34 -68.13 40.58
CA LYS A 564 -37.59 -67.86 39.88
C LYS A 564 -37.42 -66.67 38.93
N LEU A 565 -36.63 -65.71 39.35
CA LEU A 565 -36.34 -64.51 38.56
C LEU A 565 -35.60 -64.86 37.28
N ALA A 566 -34.59 -65.70 37.40
CA ALA A 566 -33.75 -66.08 36.27
C ALA A 566 -34.55 -66.80 35.19
N GLU A 567 -35.46 -67.68 35.61
CA GLU A 567 -36.25 -68.46 34.66
C GLU A 567 -37.38 -67.62 34.08
N ALA A 568 -37.74 -66.55 34.77
CA ALA A 568 -38.75 -65.62 34.26
C ALA A 568 -38.15 -64.77 33.15
N MET A 569 -36.84 -64.56 33.22
CA MET A 569 -36.14 -63.78 32.21
C MET A 569 -35.78 -64.65 31.00
N GLY A 570 -35.76 -65.95 31.21
CA GLY A 570 -35.48 -66.89 30.12
C GLY A 570 -34.22 -67.70 30.33
N LEU A 571 -33.69 -67.66 31.55
CA LEU A 571 -32.47 -68.38 31.89
C LEU A 571 -32.77 -69.64 32.68
N LYS A 572 -31.71 -70.33 33.10
CA LYS A 572 -31.86 -71.44 34.03
C LYS A 572 -31.36 -71.00 35.40
N GLY A 573 -32.17 -71.27 36.42
CA GLY A 573 -31.81 -70.88 37.77
C GLY A 573 -31.28 -72.04 38.60
N LEU A 574 -30.13 -71.83 39.23
CA LEU A 574 -29.53 -72.83 40.10
C LEU A 574 -29.28 -72.23 41.49
N ARG A 575 -29.53 -73.02 42.53
CA ARG A 575 -29.33 -72.54 43.89
C ARG A 575 -28.62 -73.59 44.75
N VAL A 576 -27.67 -73.14 45.55
CA VAL A 576 -26.95 -74.03 46.47
C VAL A 576 -26.84 -73.39 47.85
N LYS A 577 -27.24 -74.14 48.88
CA LYS A 577 -27.19 -73.66 50.25
C LYS A 577 -26.59 -74.71 51.17
N LYS A 578 -25.96 -75.72 50.59
CA LYS A 578 -25.32 -76.78 51.34
C LYS A 578 -23.90 -77.05 50.81
N GLN A 579 -22.97 -77.31 51.71
CA GLN A 579 -21.56 -77.47 51.36
C GLN A 579 -21.32 -78.63 50.39
N GLU A 580 -21.94 -79.77 50.67
CA GLU A 580 -21.76 -80.96 49.85
C GLU A 580 -22.54 -80.88 48.55
N GLU A 581 -23.13 -79.72 48.28
CA GLU A 581 -23.94 -79.51 47.09
C GLU A 581 -23.25 -78.51 46.16
N LEU A 582 -22.25 -77.81 46.68
CA LEU A 582 -21.62 -76.70 45.97
C LEU A 582 -20.82 -77.14 44.75
N ASP A 583 -19.92 -78.10 44.92
CA ASP A 583 -19.03 -78.52 43.84
C ASP A 583 -19.80 -79.06 42.63
N ALA A 584 -20.88 -79.79 42.90
CA ALA A 584 -21.71 -80.33 41.82
C ALA A 584 -22.47 -79.20 41.12
N LYS A 585 -22.88 -78.20 41.89
CA LYS A 585 -23.60 -77.07 41.33
C LYS A 585 -22.69 -76.17 40.51
N LEU A 586 -21.45 -75.99 40.98
CA LEU A 586 -20.48 -75.15 40.27
C LEU A 586 -20.12 -75.74 38.92
N LYS A 587 -20.25 -77.05 38.78
CA LYS A 587 -19.95 -77.72 37.52
C LYS A 587 -21.16 -77.69 36.59
N GLU A 588 -22.35 -77.85 37.15
CA GLU A 588 -23.58 -77.73 36.36
C GLU A 588 -23.75 -76.29 35.88
N PHE A 589 -23.35 -75.36 36.75
CA PHE A 589 -23.39 -73.93 36.46
C PHE A 589 -22.55 -73.59 35.22
N VAL A 590 -21.27 -73.96 35.27
CA VAL A 590 -20.35 -73.68 34.18
C VAL A 590 -20.69 -74.47 32.92
N SER A 591 -20.99 -75.76 33.08
CA SER A 591 -21.24 -76.63 31.94
C SER A 591 -22.65 -76.46 31.37
N THR A 592 -23.36 -75.43 31.83
CA THR A 592 -24.67 -75.12 31.27
C THR A 592 -24.50 -74.45 29.91
N LYS A 593 -25.13 -75.04 28.89
CA LYS A 593 -24.99 -74.54 27.53
C LYS A 593 -25.96 -73.40 27.25
N GLY A 594 -25.65 -72.22 27.75
CA GLY A 594 -26.50 -71.05 27.59
C GLY A 594 -26.43 -70.15 28.80
N PRO A 595 -27.26 -69.09 28.82
CA PRO A 595 -27.34 -68.19 29.98
C PRO A 595 -27.84 -68.92 31.21
N VAL A 596 -27.23 -68.66 32.36
CA VAL A 596 -27.58 -69.38 33.58
C VAL A 596 -27.23 -68.54 34.82
N LEU A 597 -28.03 -68.71 35.88
CA LEU A 597 -27.80 -68.00 37.14
C LEU A 597 -27.64 -68.99 38.29
N LEU A 598 -26.57 -68.82 39.07
CA LEU A 598 -26.33 -69.65 40.25
C LEU A 598 -26.25 -68.80 41.51
N GLU A 599 -27.23 -68.96 42.39
CA GLU A 599 -27.21 -68.27 43.67
C GLU A 599 -26.58 -69.14 44.76
N VAL A 600 -25.48 -68.67 45.32
CA VAL A 600 -24.82 -69.37 46.42
C VAL A 600 -25.07 -68.66 47.74
N GLU A 601 -25.85 -69.27 48.61
CA GLU A 601 -26.09 -68.72 49.94
C GLU A 601 -24.80 -68.75 50.73
N VAL A 602 -24.27 -67.57 51.04
CA VAL A 602 -23.00 -67.46 51.75
C VAL A 602 -23.19 -66.96 53.18
N ASP A 603 -22.15 -67.10 53.99
CA ASP A 603 -22.18 -66.64 55.37
C ASP A 603 -22.26 -65.12 55.44
N LYS A 604 -22.99 -64.61 56.43
CA LYS A 604 -23.20 -63.18 56.55
C LYS A 604 -22.24 -62.52 57.54
N LYS A 605 -22.08 -61.21 57.40
CA LYS A 605 -21.23 -60.42 58.30
C LYS A 605 -19.79 -60.93 58.34
N VAL A 606 -19.20 -61.13 57.17
CA VAL A 606 -17.81 -61.56 57.07
C VAL A 606 -16.98 -60.46 56.41
N PRO A 607 -16.09 -59.83 57.19
CA PRO A 607 -15.28 -58.70 56.73
C PRO A 607 -14.16 -59.10 55.78
N VAL A 608 -13.92 -58.27 54.76
CA VAL A 608 -12.81 -58.50 53.84
C VAL A 608 -11.49 -58.11 54.50
N LEU A 609 -10.54 -59.04 54.52
CA LEU A 609 -9.26 -58.81 55.18
C LEU A 609 -8.10 -59.23 54.26
N PRO A 610 -6.93 -58.58 54.39
CA PRO A 610 -6.63 -57.46 55.30
C PRO A 610 -7.32 -56.16 54.89
N MET A 611 -7.28 -55.16 55.77
CA MET A 611 -7.95 -53.90 55.50
C MET A 611 -7.13 -52.70 55.98
N VAL A 612 -6.75 -51.85 55.03
CA VAL A 612 -6.01 -50.64 55.34
C VAL A 612 -6.94 -49.43 55.22
N ALA A 613 -7.51 -49.01 56.36
CA ALA A 613 -8.44 -47.89 56.38
C ALA A 613 -8.01 -46.82 57.37
N GLY A 614 -8.67 -45.67 57.33
CA GLY A 614 -8.35 -44.57 58.21
C GLY A 614 -7.00 -43.97 57.93
N GLY A 615 -6.28 -43.58 58.98
CA GLY A 615 -4.97 -42.99 58.83
C GLY A 615 -3.86 -44.03 58.89
N SER A 616 -4.22 -45.28 58.62
CA SER A 616 -3.26 -46.38 58.66
C SER A 616 -2.51 -46.50 57.34
N GLY A 617 -1.20 -46.71 57.41
CA GLY A 617 -0.39 -46.92 56.23
C GLY A 617 -0.55 -48.34 55.73
N LEU A 618 0.07 -48.64 54.60
CA LEU A 618 -0.03 -49.98 54.00
C LEU A 618 0.57 -51.05 54.91
N ASP A 619 1.52 -50.64 55.74
CA ASP A 619 2.16 -51.57 56.68
C ASP A 619 1.36 -51.66 57.99
N GLU A 620 0.37 -50.80 58.13
CA GLU A 620 -0.48 -50.80 59.32
C GLU A 620 -1.84 -51.43 59.03
N PHE A 621 -1.82 -52.56 58.35
CA PHE A 621 -3.03 -53.28 57.96
C PHE A 621 -3.70 -53.96 59.15
N ILE A 622 -4.90 -54.46 58.91
CA ILE A 622 -5.63 -55.24 59.92
C ILE A 622 -5.84 -56.66 59.41
N ASN A 623 -5.05 -57.60 59.93
CA ASN A 623 -5.07 -58.97 59.44
C ASN A 623 -6.13 -59.83 60.12
N PHE A 624 -6.44 -60.97 59.53
CA PHE A 624 -7.46 -61.88 60.04
C PHE A 624 -6.98 -62.66 61.26
N ASP A 625 -7.89 -62.83 62.22
CA ASP A 625 -7.62 -63.62 63.41
C ASP A 625 -8.90 -64.31 63.87
N PRO A 626 -8.86 -65.65 63.98
CA PRO A 626 -10.01 -66.50 64.30
C PRO A 626 -10.74 -66.07 65.58
N GLU A 627 -9.99 -65.60 66.57
CA GLU A 627 -10.58 -65.19 67.83
C GLU A 627 -11.28 -63.84 67.73
N VAL A 628 -10.71 -62.93 66.95
CA VAL A 628 -11.28 -61.60 66.77
C VAL A 628 -12.66 -61.67 66.09
N GLU A 629 -12.75 -62.49 65.05
CA GLU A 629 -14.02 -62.68 64.35
C GLU A 629 -15.04 -63.38 65.25
N ARG A 630 -14.56 -64.33 66.04
CA ARG A 630 -15.43 -65.12 66.91
C ARG A 630 -16.00 -64.25 68.03
N GLN A 631 -15.25 -63.22 68.42
CA GLN A 631 -15.68 -62.31 69.48
C GLN A 631 -16.73 -61.32 68.97
N GLN A 632 -16.47 -60.72 67.82
CA GLN A 632 -17.38 -59.75 67.24
C GLN A 632 -18.67 -60.42 66.76
N THR A 633 -18.60 -61.72 66.52
CA THR A 633 -19.79 -62.49 66.18
C THR A 633 -20.72 -62.54 67.39
N GLU A 634 -20.12 -62.56 68.57
CA GLU A 634 -20.87 -62.57 69.82
C GLU A 634 -21.28 -61.15 70.22
N LEU A 635 -20.44 -60.18 69.86
CA LEU A 635 -20.71 -58.78 70.16
C LEU A 635 -21.83 -58.22 69.29
N ARG A 636 -21.89 -58.68 68.05
CA ARG A 636 -22.91 -58.22 67.11
C ARG A 636 -24.30 -58.71 67.51
N HIS A 637 -24.39 -59.97 67.93
CA HIS A 637 -25.67 -60.57 68.32
C HIS A 637 -26.30 -59.84 69.50
N LYS A 638 -25.47 -59.30 70.39
CA LYS A 638 -25.96 -58.56 71.54
C LYS A 638 -26.43 -57.17 71.15
N ARG A 639 -25.65 -56.51 70.29
CA ARG A 639 -25.94 -55.16 69.87
C ARG A 639 -27.11 -55.09 68.89
N THR A 640 -27.31 -56.17 68.15
CA THR A 640 -28.41 -56.23 67.18
C THR A 640 -29.61 -56.99 67.74
N GLY A 641 -29.47 -57.47 68.97
CA GLY A 641 -30.54 -58.20 69.63
C GLY A 641 -30.78 -59.55 68.99
N GLY A 642 -29.72 -60.16 68.48
CA GLY A 642 -29.81 -61.48 67.86
C GLY A 642 -30.31 -61.43 66.43
N LYS A 643 -30.64 -60.24 65.96
CA LYS A 643 -31.15 -60.07 64.60
C LYS A 643 -30.04 -60.30 63.57
N HIS A 644 -28.89 -59.71 63.80
CA HIS A 644 -27.74 -59.89 62.91
C HIS A 644 -26.53 -60.43 63.67
N ALA B 38 -20.53 -10.71 63.14
CA ALA B 38 -21.75 -10.87 62.35
C ALA B 38 -22.96 -10.38 63.14
N GLU B 39 -23.94 -9.85 62.42
CA GLU B 39 -25.15 -9.31 63.04
C GLU B 39 -26.43 -10.18 62.97
N PRO B 40 -26.49 -11.20 62.09
CA PRO B 40 -27.75 -11.97 62.16
C PRO B 40 -27.86 -12.86 63.41
N ASP B 41 -28.97 -13.59 63.50
CA ASP B 41 -29.24 -14.45 64.65
C ASP B 41 -28.29 -15.64 64.69
N MET B 42 -27.95 -16.09 65.89
CA MET B 42 -27.07 -17.23 66.07
C MET B 42 -27.76 -18.33 66.87
N ASP B 43 -27.74 -19.55 66.33
CA ASP B 43 -28.38 -20.69 66.97
C ASP B 43 -27.36 -21.61 67.63
N THR B 44 -27.70 -22.12 68.81
CA THR B 44 -26.79 -22.97 69.57
C THR B 44 -27.38 -24.36 69.80
N SER B 45 -28.48 -24.65 69.11
CA SER B 45 -29.16 -25.93 69.29
C SER B 45 -28.39 -27.09 68.68
N PHE B 46 -27.49 -26.77 67.75
CA PHE B 46 -26.74 -27.79 67.03
C PHE B 46 -25.32 -27.97 67.55
N VAL B 47 -24.98 -27.25 68.61
CA VAL B 47 -23.64 -27.34 69.19
C VAL B 47 -23.44 -28.67 69.89
N GLY B 48 -22.46 -29.44 69.41
CA GLY B 48 -22.18 -30.76 69.98
C GLY B 48 -22.60 -31.88 69.06
N LEU B 49 -23.46 -31.55 68.09
CA LEU B 49 -23.93 -32.54 67.13
C LEU B 49 -23.01 -32.65 65.93
N THR B 50 -22.92 -33.85 65.37
CA THR B 50 -22.17 -34.05 64.13
C THR B 50 -22.99 -33.58 62.95
N GLY B 51 -22.36 -33.48 61.78
CA GLY B 51 -23.05 -33.04 60.58
C GLY B 51 -24.21 -33.93 60.22
N GLY B 52 -24.05 -35.23 60.44
CA GLY B 52 -25.11 -36.19 60.19
C GLY B 52 -26.26 -36.00 61.17
N GLN B 53 -25.93 -35.76 62.43
CA GLN B 53 -26.94 -35.57 63.47
C GLN B 53 -27.68 -34.26 63.29
N ILE B 54 -27.04 -33.30 62.66
CA ILE B 54 -27.70 -32.05 62.29
C ILE B 54 -28.72 -32.32 61.19
N PHE B 55 -28.32 -33.11 60.22
CA PHE B 55 -29.19 -33.49 59.10
C PHE B 55 -30.47 -34.14 59.59
N ASN B 56 -30.36 -34.98 60.61
CA ASN B 56 -31.52 -35.66 61.18
C ASN B 56 -32.50 -34.65 61.76
N GLU B 57 -31.98 -33.65 62.45
CA GLU B 57 -32.80 -32.61 63.04
C GLU B 57 -33.43 -31.73 61.96
N MET B 58 -32.66 -31.40 60.93
CA MET B 58 -33.12 -30.53 59.87
C MET B 58 -34.30 -31.10 59.10
N MET B 59 -34.42 -32.42 59.10
CA MET B 59 -35.54 -33.09 58.44
C MET B 59 -36.84 -32.87 59.22
N SER B 60 -36.72 -32.83 60.54
CA SER B 60 -37.87 -32.58 61.40
C SER B 60 -38.19 -31.09 61.43
N ARG B 61 -37.18 -30.26 61.23
CA ARG B 61 -37.35 -28.81 61.21
C ARG B 61 -37.97 -28.37 59.88
N GLN B 62 -37.85 -29.22 58.87
CA GLN B 62 -38.41 -28.94 57.55
C GLN B 62 -39.67 -29.75 57.30
N ASN B 63 -40.14 -30.44 58.33
CA ASN B 63 -41.34 -31.28 58.26
C ASN B 63 -41.24 -32.34 57.16
N VAL B 64 -40.31 -33.27 57.32
CA VAL B 64 -40.14 -34.36 56.36
C VAL B 64 -40.72 -35.66 56.92
N ASP B 65 -41.59 -36.29 56.14
CA ASP B 65 -42.22 -37.54 56.55
C ASP B 65 -41.43 -38.76 56.10
N THR B 66 -40.83 -38.65 54.91
CA THR B 66 -40.18 -39.80 54.29
C THR B 66 -38.91 -39.40 53.53
N VAL B 67 -37.87 -40.23 53.64
CA VAL B 67 -36.63 -40.02 52.91
C VAL B 67 -36.28 -41.24 52.08
N PHE B 68 -36.22 -41.05 50.76
CA PHE B 68 -35.88 -42.12 49.83
C PHE B 68 -34.38 -42.12 49.55
N GLY B 69 -33.69 -43.21 49.83
CA GLY B 69 -32.26 -43.25 49.63
C GLY B 69 -31.59 -44.61 49.62
N TYR B 70 -30.30 -44.60 49.31
CA TYR B 70 -29.50 -45.82 49.29
C TYR B 70 -28.15 -45.53 49.95
N PRO B 71 -27.77 -46.33 50.95
CA PRO B 71 -26.55 -46.10 51.72
C PRO B 71 -25.27 -46.26 50.89
N GLY B 72 -24.21 -45.59 51.33
CA GLY B 72 -22.92 -45.66 50.65
C GLY B 72 -21.79 -45.20 51.54
N GLY B 73 -20.56 -45.31 51.05
CA GLY B 73 -19.39 -45.00 51.84
C GLY B 73 -19.26 -43.55 52.27
N ALA B 74 -19.34 -42.63 51.31
CA ALA B 74 -19.11 -41.21 51.58
C ALA B 74 -20.25 -40.58 52.38
N ILE B 75 -21.38 -41.27 52.44
CA ILE B 75 -22.56 -40.73 53.11
C ILE B 75 -22.82 -41.47 54.42
N LEU B 76 -21.87 -42.32 54.81
CA LEU B 76 -21.99 -43.12 56.04
C LEU B 76 -22.24 -42.33 57.33
N PRO B 77 -21.56 -41.17 57.53
CA PRO B 77 -21.84 -40.44 58.77
C PRO B 77 -23.29 -39.99 58.90
N VAL B 78 -23.95 -39.68 57.78
CA VAL B 78 -25.34 -39.26 57.79
C VAL B 78 -26.26 -40.43 58.13
N TYR B 79 -26.03 -41.57 57.47
CA TYR B 79 -26.85 -42.75 57.68
C TYR B 79 -26.71 -43.28 59.11
N ASP B 80 -25.54 -43.10 59.70
CA ASP B 80 -25.31 -43.52 61.07
C ASP B 80 -26.16 -42.71 62.05
N ALA B 81 -26.45 -41.47 61.67
CA ALA B 81 -27.19 -40.56 62.54
C ALA B 81 -28.70 -40.72 62.40
N ILE B 82 -29.14 -41.18 61.23
CA ILE B 82 -30.56 -41.37 60.99
C ILE B 82 -30.97 -42.82 61.28
N HIS B 83 -30.08 -43.54 61.95
CA HIS B 83 -30.32 -44.95 62.28
C HIS B 83 -31.53 -45.10 63.20
N ASN B 84 -32.56 -45.78 62.69
CA ASN B 84 -33.82 -45.97 63.41
C ASN B 84 -34.43 -44.66 63.90
N SER B 85 -34.25 -43.60 63.10
CA SER B 85 -34.76 -42.28 63.46
C SER B 85 -36.28 -42.26 63.50
N ASP B 86 -36.82 -41.59 64.51
CA ASP B 86 -38.27 -41.52 64.69
C ASP B 86 -38.82 -40.19 64.18
N LYS B 87 -38.06 -39.52 63.32
CA LYS B 87 -38.48 -38.24 62.77
C LYS B 87 -39.09 -38.40 61.38
N PHE B 88 -38.73 -39.48 60.70
CA PHE B 88 -39.25 -39.77 59.38
C PHE B 88 -39.05 -41.23 58.99
N ASN B 89 -39.90 -41.74 58.12
CA ASN B 89 -39.76 -43.09 57.59
C ASN B 89 -38.71 -43.14 56.48
N PHE B 90 -38.35 -44.35 56.07
CA PHE B 90 -37.33 -44.52 55.04
C PHE B 90 -37.75 -45.58 54.02
N VAL B 91 -37.59 -45.24 52.74
CA VAL B 91 -37.89 -46.18 51.67
C VAL B 91 -36.61 -46.55 50.93
N LEU B 92 -36.30 -47.84 50.90
CA LEU B 92 -35.07 -48.31 50.26
C LEU B 92 -35.35 -48.97 48.92
N PRO B 93 -34.88 -48.33 47.83
CA PRO B 93 -34.99 -48.88 46.48
C PRO B 93 -33.86 -49.85 46.19
N LYS B 94 -33.89 -50.47 45.01
CA LYS B 94 -32.80 -51.33 44.59
C LYS B 94 -31.85 -50.56 43.67
N HIS B 95 -32.26 -49.36 43.30
CA HIS B 95 -31.48 -48.48 42.44
C HIS B 95 -31.78 -47.03 42.76
N GLU B 96 -30.77 -46.18 42.70
CA GLU B 96 -30.91 -44.77 43.08
C GLU B 96 -31.89 -44.02 42.17
N GLN B 97 -32.00 -44.45 40.93
CA GLN B 97 -32.94 -43.86 40.00
C GLN B 97 -34.37 -44.07 40.50
N GLY B 98 -34.59 -45.21 41.15
CA GLY B 98 -35.86 -45.49 41.78
C GLY B 98 -36.15 -44.49 42.89
N ALA B 99 -35.14 -44.27 43.74
CA ALA B 99 -35.26 -43.33 44.85
C ALA B 99 -35.70 -41.94 44.38
N GLY B 100 -35.12 -41.49 43.28
CA GLY B 100 -35.48 -40.21 42.70
C GLY B 100 -36.91 -40.18 42.20
N HIS B 101 -37.27 -41.18 41.42
CA HIS B 101 -38.61 -41.28 40.87
C HIS B 101 -39.66 -41.51 41.94
N MET B 102 -39.31 -42.27 42.97
CA MET B 102 -40.20 -42.47 44.11
C MET B 102 -40.44 -41.15 44.83
N ALA B 103 -39.38 -40.35 44.94
CA ALA B 103 -39.48 -39.05 45.60
C ALA B 103 -40.36 -38.10 44.79
N GLU B 104 -40.30 -38.21 43.47
CA GLU B 104 -41.13 -37.40 42.58
C GLU B 104 -42.61 -37.74 42.77
N GLY B 105 -42.90 -39.04 42.85
CA GLY B 105 -44.27 -39.49 43.08
C GLY B 105 -44.79 -39.03 44.41
N TYR B 106 -43.91 -38.93 45.39
CA TYR B 106 -44.27 -38.44 46.72
C TYR B 106 -44.62 -36.96 46.67
N ALA B 107 -43.89 -36.20 45.85
CA ALA B 107 -44.07 -34.77 45.76
C ALA B 107 -45.31 -34.41 44.94
N ARG B 108 -45.58 -35.19 43.90
CA ARG B 108 -46.73 -34.95 43.04
C ARG B 108 -48.04 -35.27 43.75
N ALA B 109 -47.96 -36.12 44.77
CA ALA B 109 -49.16 -36.59 45.47
C ALA B 109 -49.39 -35.87 46.79
N SER B 110 -48.31 -35.61 47.52
CA SER B 110 -48.41 -35.01 48.85
C SER B 110 -48.28 -33.49 48.82
N GLY B 111 -47.59 -32.99 47.81
CA GLY B 111 -47.34 -31.56 47.70
C GLY B 111 -46.15 -31.13 48.54
N LYS B 112 -45.45 -32.11 49.10
CA LYS B 112 -44.28 -31.87 49.93
C LYS B 112 -43.01 -32.17 49.15
N PRO B 113 -41.91 -31.48 49.49
CA PRO B 113 -40.62 -31.71 48.83
C PRO B 113 -40.13 -33.15 48.98
N GLY B 114 -39.76 -33.78 47.87
CA GLY B 114 -39.24 -35.14 47.90
C GLY B 114 -37.77 -35.17 48.21
N VAL B 115 -37.41 -35.83 49.31
CA VAL B 115 -36.02 -35.87 49.76
C VAL B 115 -35.32 -37.14 49.32
N VAL B 116 -34.15 -36.98 48.71
CA VAL B 116 -33.34 -38.12 48.28
C VAL B 116 -31.98 -38.10 48.97
N LEU B 117 -31.62 -39.21 49.60
CA LEU B 117 -30.35 -39.31 50.32
C LEU B 117 -29.47 -40.44 49.79
N VAL B 118 -28.59 -40.10 48.86
CA VAL B 118 -27.71 -41.10 48.25
C VAL B 118 -26.23 -40.80 48.53
N THR B 119 -25.35 -41.65 48.02
CA THR B 119 -23.92 -41.51 48.26
C THR B 119 -23.21 -40.80 47.11
N SER B 120 -21.89 -40.75 47.18
CA SER B 120 -21.09 -40.09 46.15
C SER B 120 -20.93 -40.97 44.91
N GLY B 121 -20.35 -40.39 43.86
CA GLY B 121 -20.03 -41.13 42.65
C GLY B 121 -21.22 -41.74 41.94
N PRO B 122 -21.27 -43.08 41.87
CA PRO B 122 -22.31 -43.83 41.17
C PRO B 122 -23.70 -43.58 41.73
N GLY B 123 -23.78 -43.29 43.03
CA GLY B 123 -25.06 -43.02 43.66
C GLY B 123 -25.60 -41.65 43.28
N ALA B 124 -24.68 -40.74 42.96
CA ALA B 124 -25.06 -39.37 42.63
C ALA B 124 -25.30 -39.19 41.14
N THR B 125 -24.72 -40.08 40.34
CA THR B 125 -24.89 -40.03 38.89
C THR B 125 -26.13 -40.80 38.45
N ASN B 126 -26.71 -41.55 39.37
CA ASN B 126 -27.90 -42.34 39.08
C ASN B 126 -29.19 -41.57 39.33
N VAL B 127 -29.07 -40.43 40.00
CA VAL B 127 -30.24 -39.60 40.30
C VAL B 127 -30.32 -38.41 39.34
N VAL B 128 -29.47 -38.42 38.32
CA VAL B 128 -29.46 -37.33 37.34
C VAL B 128 -30.74 -37.32 36.51
N THR B 129 -31.18 -38.50 36.08
CA THR B 129 -32.41 -38.60 35.29
C THR B 129 -33.66 -38.18 36.06
N PRO B 130 -33.82 -38.61 37.32
CA PRO B 130 -34.95 -38.05 38.06
C PRO B 130 -34.86 -36.54 38.25
N MET B 131 -33.65 -36.03 38.48
CA MET B 131 -33.45 -34.60 38.63
C MET B 131 -33.80 -33.86 37.34
N ALA B 132 -33.31 -34.36 36.21
CA ALA B 132 -33.60 -33.78 34.92
C ALA B 132 -35.09 -33.85 34.60
N ASP B 133 -35.74 -34.90 35.10
CA ASP B 133 -37.17 -35.09 34.90
C ASP B 133 -37.98 -34.11 35.76
N ALA B 134 -37.57 -33.96 37.01
CA ALA B 134 -38.25 -33.08 37.94
C ALA B 134 -37.95 -31.61 37.64
N PHE B 135 -36.89 -31.38 36.87
CA PHE B 135 -36.50 -30.04 36.49
C PHE B 135 -37.39 -29.50 35.37
N ALA B 136 -37.95 -30.41 34.57
CA ALA B 136 -38.77 -30.03 33.44
C ALA B 136 -40.26 -30.02 33.79
N ASP B 137 -40.66 -30.91 34.69
CA ASP B 137 -42.05 -31.00 35.10
C ASP B 137 -42.34 -30.17 36.35
N GLY B 138 -41.30 -29.51 36.86
CA GLY B 138 -41.44 -28.64 38.02
C GLY B 138 -41.84 -29.38 39.28
N ILE B 139 -41.03 -30.34 39.69
CA ILE B 139 -41.31 -31.14 40.88
C ILE B 139 -40.30 -30.86 41.99
N PRO B 140 -40.80 -30.47 43.17
CA PRO B 140 -39.95 -30.09 44.30
C PRO B 140 -39.12 -31.25 44.86
N MET B 141 -37.82 -31.19 44.63
CA MET B 141 -36.90 -32.22 45.14
C MET B 141 -35.69 -31.60 45.83
N VAL B 142 -35.25 -32.23 46.91
CA VAL B 142 -34.01 -31.84 47.57
C VAL B 142 -33.09 -33.06 47.63
N VAL B 143 -32.19 -33.16 46.65
CA VAL B 143 -31.31 -34.30 46.53
C VAL B 143 -30.06 -34.15 47.39
N PHE B 144 -29.87 -35.08 48.32
CA PHE B 144 -28.69 -35.08 49.17
C PHE B 144 -27.71 -36.16 48.73
N THR B 145 -26.65 -35.75 48.05
CA THR B 145 -25.62 -36.67 47.61
C THR B 145 -24.41 -36.60 48.52
N GLY B 146 -23.83 -37.76 48.82
CA GLY B 146 -22.61 -37.82 49.60
C GLY B 146 -21.44 -37.35 48.74
N GLN B 147 -20.29 -37.15 49.38
CA GLN B 147 -19.10 -36.73 48.67
C GLN B 147 -17.85 -37.12 49.44
N VAL B 148 -16.78 -37.40 48.71
CA VAL B 148 -15.49 -37.68 49.31
C VAL B 148 -15.05 -36.50 50.17
N PRO B 149 -14.20 -36.75 51.18
CA PRO B 149 -13.70 -35.67 52.04
C PRO B 149 -13.18 -34.46 51.26
N THR B 150 -13.30 -33.28 51.83
CA THR B 150 -12.92 -32.04 51.15
C THR B 150 -11.42 -32.02 50.81
N SER B 151 -10.65 -32.82 51.53
CA SER B 151 -9.21 -32.90 51.31
C SER B 151 -8.86 -33.84 50.16
N ALA B 152 -9.87 -34.27 49.41
CA ALA B 152 -9.66 -35.19 48.29
C ALA B 152 -10.34 -34.68 47.02
N ILE B 153 -10.98 -33.52 47.11
CA ILE B 153 -11.67 -32.92 45.98
C ILE B 153 -10.71 -32.57 44.85
N GLY B 154 -10.95 -33.14 43.68
CA GLY B 154 -10.12 -32.87 42.52
C GLY B 154 -8.83 -33.66 42.52
N THR B 155 -8.87 -34.84 43.13
CA THR B 155 -7.71 -35.73 43.18
C THR B 155 -8.03 -37.05 42.50
N ASP B 156 -9.09 -37.06 41.69
CA ASP B 156 -9.58 -38.26 41.03
C ASP B 156 -9.82 -39.36 42.05
N ALA B 157 -10.37 -38.99 43.20
CA ALA B 157 -10.52 -39.90 44.33
C ALA B 157 -11.53 -40.99 44.07
N PHE B 158 -11.55 -41.98 44.96
CA PHE B 158 -12.46 -43.11 44.88
C PHE B 158 -13.91 -42.66 45.02
N GLN B 159 -14.74 -43.03 44.05
CA GLN B 159 -16.14 -42.65 44.01
C GLN B 159 -16.34 -41.13 44.05
N GLU B 160 -15.44 -40.40 43.41
CA GLU B 160 -15.58 -38.96 43.33
C GLU B 160 -16.10 -38.54 41.96
N ALA B 161 -17.09 -37.65 41.96
CA ALA B 161 -17.64 -37.11 40.73
C ALA B 161 -18.00 -35.64 40.92
N ASP B 162 -17.90 -34.86 39.85
CA ASP B 162 -18.29 -33.45 39.90
C ASP B 162 -19.80 -33.34 39.87
N VAL B 163 -20.44 -33.81 40.95
CA VAL B 163 -21.89 -33.88 41.03
C VAL B 163 -22.54 -32.50 40.88
N VAL B 164 -21.90 -31.48 41.44
CA VAL B 164 -22.40 -30.11 41.33
C VAL B 164 -22.37 -29.65 39.87
N GLY B 165 -21.27 -29.94 39.18
CA GLY B 165 -21.14 -29.57 37.78
C GLY B 165 -22.06 -30.37 36.89
N ILE B 166 -22.16 -31.67 37.17
CA ILE B 166 -23.02 -32.56 36.39
C ILE B 166 -24.49 -32.14 36.49
N SER B 167 -24.93 -31.84 37.71
CA SER B 167 -26.34 -31.54 37.96
C SER B 167 -26.65 -30.05 37.83
N ARG B 168 -25.65 -29.25 37.47
CA ARG B 168 -25.81 -27.80 37.41
C ARG B 168 -26.91 -27.36 36.44
N SER B 169 -27.02 -28.05 35.31
CA SER B 169 -27.99 -27.66 34.28
C SER B 169 -29.37 -28.26 34.51
N CYS B 170 -29.41 -29.37 35.24
CA CYS B 170 -30.69 -30.07 35.48
C CYS B 170 -31.18 -29.89 36.91
N THR B 171 -30.72 -28.83 37.58
CA THR B 171 -31.22 -28.49 38.91
C THR B 171 -31.51 -27.00 39.00
N LYS B 172 -32.41 -26.62 39.90
CA LYS B 172 -32.76 -25.23 40.10
C LYS B 172 -31.60 -24.49 40.76
N TRP B 173 -30.86 -25.21 41.61
CA TRP B 173 -29.67 -24.70 42.28
C TRP B 173 -28.97 -25.82 43.03
N ASN B 174 -27.65 -25.78 43.08
CA ASN B 174 -26.90 -26.76 43.86
C ASN B 174 -25.70 -26.14 44.56
N VAL B 175 -25.20 -26.83 45.58
CA VAL B 175 -24.08 -26.33 46.37
C VAL B 175 -23.36 -27.48 47.06
N MET B 176 -22.06 -27.32 47.31
CA MET B 176 -21.30 -28.27 48.10
C MET B 176 -20.97 -27.66 49.46
N VAL B 177 -21.49 -28.28 50.52
CA VAL B 177 -21.30 -27.77 51.88
C VAL B 177 -19.83 -27.86 52.29
N LYS B 178 -19.17 -26.71 52.38
CA LYS B 178 -17.74 -26.67 52.66
C LYS B 178 -17.40 -26.88 54.13
N SER B 179 -18.36 -26.61 55.01
CA SER B 179 -18.12 -26.74 56.45
C SER B 179 -19.41 -27.01 57.21
N VAL B 180 -19.28 -27.59 58.41
CA VAL B 180 -20.42 -27.94 59.24
C VAL B 180 -21.26 -26.72 59.61
N GLU B 181 -20.60 -25.56 59.68
CA GLU B 181 -21.26 -24.32 60.05
C GLU B 181 -22.31 -23.90 59.02
N GLU B 182 -22.05 -24.23 57.76
CA GLU B 182 -22.95 -23.82 56.68
C GLU B 182 -24.06 -24.84 56.43
N LEU B 183 -23.94 -26.01 57.05
CA LEU B 183 -24.84 -27.13 56.76
C LEU B 183 -26.33 -26.81 56.98
N PRO B 184 -26.71 -26.27 58.15
CA PRO B 184 -28.15 -26.01 58.28
C PRO B 184 -28.61 -24.85 57.40
N LEU B 185 -27.70 -23.94 57.09
CA LEU B 185 -28.02 -22.80 56.23
C LEU B 185 -28.33 -23.26 54.80
N ARG B 186 -27.48 -24.13 54.27
CA ARG B 186 -27.64 -24.62 52.90
C ARG B 186 -28.91 -25.45 52.74
N ILE B 187 -29.22 -26.25 53.76
CA ILE B 187 -30.41 -27.09 53.75
C ILE B 187 -31.68 -26.25 53.65
N ASN B 188 -31.74 -25.19 54.46
CA ASN B 188 -32.87 -24.27 54.42
C ASN B 188 -32.95 -23.54 53.10
N GLU B 189 -31.80 -23.19 52.53
CA GLU B 189 -31.75 -22.58 51.21
C GLU B 189 -32.25 -23.55 50.16
N ALA B 190 -31.90 -24.83 50.32
CA ALA B 190 -32.30 -25.86 49.39
C ALA B 190 -33.81 -26.06 49.36
N PHE B 191 -34.41 -26.16 50.54
CA PHE B 191 -35.84 -26.40 50.65
C PHE B 191 -36.66 -25.19 50.22
N GLU B 192 -36.13 -23.99 50.46
CA GLU B 192 -36.83 -22.77 50.06
C GLU B 192 -36.84 -22.61 48.55
N ILE B 193 -35.69 -22.80 47.93
CA ILE B 193 -35.55 -22.70 46.48
C ILE B 193 -36.40 -23.76 45.77
N ALA B 194 -36.42 -24.96 46.32
CA ALA B 194 -37.15 -26.07 45.72
C ALA B 194 -38.67 -25.88 45.78
N THR B 195 -39.12 -24.90 46.57
CA THR B 195 -40.55 -24.65 46.73
C THR B 195 -40.96 -23.24 46.33
N SER B 196 -39.98 -22.35 46.16
CA SER B 196 -40.26 -20.98 45.74
C SER B 196 -40.52 -20.91 44.24
N GLY B 197 -41.36 -19.96 43.83
CA GLY B 197 -41.72 -19.79 42.43
C GLY B 197 -42.24 -21.08 41.83
N ARG B 198 -41.65 -21.49 40.72
CA ARG B 198 -41.94 -22.80 40.16
C ARG B 198 -41.08 -23.85 40.87
N PRO B 199 -41.73 -24.81 41.52
CA PRO B 199 -41.03 -25.88 42.25
C PRO B 199 -40.03 -26.62 41.37
N GLY B 200 -38.96 -27.14 41.98
CA GLY B 200 -37.94 -27.85 41.23
C GLY B 200 -36.98 -28.60 42.11
N PRO B 201 -36.00 -29.28 41.51
CA PRO B 201 -35.01 -30.06 42.24
C PRO B 201 -33.75 -29.28 42.59
N VAL B 202 -33.24 -29.47 43.80
CA VAL B 202 -31.98 -28.86 44.21
C VAL B 202 -31.05 -29.94 44.76
N LEU B 203 -29.75 -29.74 44.59
CA LEU B 203 -28.77 -30.73 45.04
C LEU B 203 -27.85 -30.17 46.10
N VAL B 204 -27.70 -30.92 47.19
CA VAL B 204 -26.80 -30.53 48.26
C VAL B 204 -25.68 -31.57 48.41
N ASP B 205 -24.49 -31.21 47.94
CA ASP B 205 -23.35 -32.12 48.02
C ASP B 205 -22.78 -32.13 49.43
N LEU B 206 -22.75 -33.31 50.04
CA LEU B 206 -22.32 -33.45 51.43
C LEU B 206 -21.02 -34.24 51.55
N PRO B 207 -19.89 -33.55 51.71
CA PRO B 207 -18.59 -34.21 51.95
C PRO B 207 -18.61 -35.03 53.23
N LYS B 208 -17.89 -36.14 53.25
CA LYS B 208 -17.91 -37.05 54.39
C LYS B 208 -17.37 -36.38 55.67
N ASP B 209 -16.27 -35.64 55.52
CA ASP B 209 -15.63 -35.00 56.66
C ASP B 209 -16.48 -33.87 57.22
N VAL B 210 -17.40 -33.37 56.43
CA VAL B 210 -18.31 -32.31 56.85
C VAL B 210 -19.44 -32.87 57.69
N THR B 211 -19.97 -34.02 57.27
CA THR B 211 -21.07 -34.66 57.98
C THR B 211 -20.59 -35.46 59.18
N ALA B 212 -19.29 -35.68 59.27
CA ALA B 212 -18.71 -36.45 60.37
C ALA B 212 -18.16 -35.55 61.46
N ALA B 213 -17.78 -34.33 61.08
CA ALA B 213 -17.21 -33.38 62.03
C ALA B 213 -18.28 -32.86 62.99
N ILE B 214 -17.84 -32.42 64.17
CA ILE B 214 -18.76 -31.92 65.19
C ILE B 214 -18.79 -30.41 65.23
N LEU B 215 -19.97 -29.83 65.18
CA LEU B 215 -20.15 -28.38 65.28
C LEU B 215 -19.79 -27.89 66.67
N ARG B 216 -19.05 -26.78 66.74
CA ARG B 216 -18.57 -26.28 68.02
C ARG B 216 -18.87 -24.79 68.22
N ASN B 217 -19.40 -24.14 67.19
CA ASN B 217 -19.68 -22.70 67.26
C ASN B 217 -21.09 -22.36 66.81
N PRO B 218 -21.66 -21.28 67.40
CA PRO B 218 -22.96 -20.75 66.97
C PRO B 218 -22.96 -20.37 65.50
N ILE B 219 -24.09 -20.57 64.83
CA ILE B 219 -24.15 -20.37 63.38
C ILE B 219 -25.42 -19.64 62.93
N PRO B 220 -25.33 -18.90 61.82
CA PRO B 220 -26.51 -18.30 61.20
C PRO B 220 -27.37 -19.36 60.52
N THR B 221 -28.68 -19.16 60.49
CA THR B 221 -29.59 -20.17 59.97
C THR B 221 -30.60 -19.58 59.00
N LYS B 222 -31.05 -18.36 59.27
CA LYS B 222 -32.04 -17.69 58.43
C LYS B 222 -31.47 -17.36 57.05
N THR B 223 -32.20 -17.73 56.00
CA THR B 223 -31.72 -17.56 54.63
C THR B 223 -31.85 -16.13 54.13
N THR B 224 -30.92 -15.75 53.26
CA THR B 224 -30.96 -14.43 52.61
C THR B 224 -30.68 -14.57 51.13
N LEU B 225 -31.68 -15.05 50.38
CA LEU B 225 -31.54 -15.24 48.94
C LEU B 225 -31.44 -13.90 48.21
N PRO B 226 -30.57 -13.85 47.19
CA PRO B 226 -30.40 -12.64 46.36
C PRO B 226 -31.67 -12.25 45.63
N SER B 227 -32.49 -13.23 45.30
CA SER B 227 -33.75 -12.97 44.60
C SER B 227 -34.74 -12.24 45.49
N ASN B 228 -34.62 -12.45 46.80
CA ASN B 228 -35.51 -11.80 47.77
C ASN B 228 -35.11 -10.36 48.03
N ALA B 229 -33.85 -10.04 47.75
CA ALA B 229 -33.35 -8.68 47.91
C ALA B 229 -33.89 -7.78 46.82
N LEU B 230 -34.18 -8.38 45.66
CA LEU B 230 -34.76 -7.65 44.54
C LEU B 230 -36.25 -7.41 44.75
N ASN B 231 -36.93 -8.42 45.30
CA ASN B 231 -38.36 -8.34 45.56
C ASN B 231 -38.68 -7.38 46.70
N GLN B 232 -37.76 -7.27 47.66
CA GLN B 232 -37.94 -6.39 48.81
C GLN B 232 -37.78 -4.93 48.41
N LEU B 233 -36.89 -4.67 47.45
CA LEU B 233 -36.64 -3.32 46.99
C LEU B 233 -37.74 -2.84 46.04
N THR B 234 -38.28 -3.78 45.27
CA THR B 234 -39.31 -3.45 44.28
C THR B 234 -40.63 -4.12 44.64
N SER B 235 -40.99 -4.07 45.92
CA SER B 235 -42.22 -4.71 46.39
C SER B 235 -43.46 -3.93 45.95
N ARG B 236 -43.52 -2.66 46.33
CA ARG B 236 -44.68 -1.82 46.03
C ARG B 236 -44.88 -1.63 44.53
N ALA B 237 -43.78 -1.48 43.80
CA ALA B 237 -43.85 -1.24 42.36
C ALA B 237 -44.34 -2.47 41.60
N GLN B 238 -43.89 -3.65 42.02
CA GLN B 238 -44.27 -4.89 41.35
C GLN B 238 -45.71 -5.27 41.68
N ASP B 239 -46.10 -5.12 42.95
CA ASP B 239 -47.43 -5.49 43.40
C ASP B 239 -48.52 -4.63 42.77
N GLU B 240 -48.14 -3.44 42.31
CA GLU B 240 -49.08 -2.56 41.63
C GLU B 240 -49.09 -2.87 40.13
N PHE B 241 -47.93 -3.26 39.61
CA PHE B 241 -47.79 -3.61 38.20
C PHE B 241 -48.65 -4.82 37.84
N VAL B 242 -48.70 -5.80 38.75
CA VAL B 242 -49.47 -7.01 38.51
C VAL B 242 -50.97 -6.74 38.64
N MET B 243 -51.32 -5.78 39.50
CA MET B 243 -52.71 -5.40 39.67
C MET B 243 -53.23 -4.68 38.43
N GLN B 244 -52.36 -3.87 37.84
CA GLN B 244 -52.69 -3.14 36.62
C GLN B 244 -52.94 -4.12 35.47
N SER B 245 -52.18 -5.20 35.46
CA SER B 245 -52.33 -6.24 34.44
C SER B 245 -53.61 -7.04 34.66
N ILE B 246 -53.99 -7.19 35.93
CA ILE B 246 -55.23 -7.88 36.29
C ILE B 246 -56.43 -7.08 35.79
N ASN B 247 -56.37 -5.76 35.96
CA ASN B 247 -57.42 -4.87 35.47
C ASN B 247 -57.60 -4.98 33.96
N LYS B 248 -56.50 -4.95 33.23
CA LYS B 248 -56.52 -5.06 31.79
C LYS B 248 -56.97 -6.45 31.34
N ALA B 249 -56.65 -7.45 32.17
CA ALA B 249 -57.02 -8.83 31.86
C ALA B 249 -58.54 -9.00 31.93
N ALA B 250 -59.13 -8.54 33.03
CA ALA B 250 -60.56 -8.67 33.24
C ALA B 250 -61.35 -7.94 32.15
N ASP B 251 -60.82 -6.81 31.69
CA ASP B 251 -61.46 -6.04 30.63
C ASP B 251 -61.48 -6.82 29.32
N LEU B 252 -60.39 -7.53 29.04
CA LEU B 252 -60.27 -8.31 27.82
C LEU B 252 -61.09 -9.60 27.91
N ILE B 253 -61.19 -10.14 29.12
CA ILE B 253 -61.98 -11.35 29.35
C ILE B 253 -63.47 -11.06 29.17
N ASN B 254 -63.94 -9.97 29.75
CA ASN B 254 -65.34 -9.56 29.62
C ASN B 254 -65.68 -9.19 28.18
N LEU B 255 -64.67 -8.82 27.41
CA LEU B 255 -64.85 -8.41 26.02
C LEU B 255 -64.93 -9.63 25.10
N ALA B 256 -64.30 -10.73 25.52
CA ALA B 256 -64.24 -11.95 24.72
C ALA B 256 -65.61 -12.54 24.48
N LYS B 257 -65.78 -13.18 23.32
CA LYS B 257 -67.04 -13.79 22.96
C LYS B 257 -66.86 -15.28 22.67
N LYS B 258 -65.61 -15.68 22.41
CA LYS B 258 -65.27 -17.09 22.20
C LYS B 258 -64.02 -17.48 22.98
N PRO B 259 -64.09 -17.38 24.33
CA PRO B 259 -62.89 -17.58 25.15
C PRO B 259 -62.58 -19.05 25.42
N VAL B 260 -61.32 -19.34 25.71
CA VAL B 260 -60.89 -20.69 26.06
C VAL B 260 -59.86 -20.67 27.18
N LEU B 261 -60.14 -21.38 28.27
CA LEU B 261 -59.21 -21.48 29.38
C LEU B 261 -58.16 -22.56 29.13
N TYR B 262 -56.94 -22.12 28.79
CA TYR B 262 -55.82 -23.02 28.57
C TYR B 262 -55.10 -23.26 29.90
N VAL B 263 -55.46 -24.34 30.57
CA VAL B 263 -55.00 -24.60 31.94
C VAL B 263 -53.87 -25.63 32.00
N GLY B 264 -52.82 -25.28 32.74
CA GLY B 264 -51.67 -26.17 32.87
C GLY B 264 -51.46 -26.68 34.29
N ALA B 265 -50.23 -27.08 34.58
CA ALA B 265 -49.91 -27.69 35.87
C ALA B 265 -49.72 -26.65 36.97
N GLY B 266 -49.74 -25.37 36.59
CA GLY B 266 -49.51 -24.30 37.54
C GLY B 266 -50.64 -24.12 38.53
N ILE B 267 -51.86 -24.44 38.09
CA ILE B 267 -53.04 -24.29 38.93
C ILE B 267 -53.10 -25.38 40.00
N LEU B 268 -52.28 -26.40 39.83
CA LEU B 268 -52.26 -27.52 40.77
C LEU B 268 -51.26 -27.30 41.90
N ASN B 269 -50.45 -26.25 41.78
CA ASN B 269 -49.46 -25.94 42.81
C ASN B 269 -50.03 -25.08 43.93
N HIS B 270 -51.36 -25.10 44.07
CA HIS B 270 -52.05 -24.40 45.14
C HIS B 270 -53.28 -25.18 45.54
N ALA B 271 -53.57 -25.20 46.84
CA ALA B 271 -54.70 -25.97 47.37
C ALA B 271 -56.03 -25.47 46.82
N ASP B 272 -56.18 -24.15 46.77
CA ASP B 272 -57.41 -23.54 46.28
C ASP B 272 -57.37 -23.31 44.78
N GLY B 273 -56.46 -24.02 44.10
CA GLY B 273 -56.30 -23.89 42.67
C GLY B 273 -57.53 -24.31 41.86
N PRO B 274 -57.83 -25.61 41.82
CA PRO B 274 -58.94 -26.17 41.04
C PRO B 274 -60.29 -25.51 41.32
N ARG B 275 -60.56 -25.17 42.58
CA ARG B 275 -61.86 -24.61 42.94
C ARG B 275 -62.06 -23.21 42.37
N LEU B 276 -60.99 -22.43 42.29
CA LEU B 276 -61.08 -21.10 41.70
C LEU B 276 -61.17 -21.19 40.19
N LEU B 277 -60.66 -22.29 39.64
CA LEU B 277 -60.79 -22.55 38.21
C LEU B 277 -62.25 -22.85 37.87
N LYS B 278 -62.90 -23.63 38.73
CA LYS B 278 -64.33 -23.92 38.58
C LYS B 278 -65.13 -22.63 38.68
N GLU B 279 -64.76 -21.79 39.65
CA GLU B 279 -65.46 -20.54 39.90
C GLU B 279 -65.36 -19.60 38.70
N LEU B 280 -64.16 -19.48 38.13
CA LEU B 280 -63.95 -18.63 36.96
C LEU B 280 -64.66 -19.19 35.74
N SER B 281 -64.68 -20.52 35.64
CA SER B 281 -65.29 -21.18 34.49
C SER B 281 -66.82 -21.14 34.56
N ASP B 282 -67.36 -21.13 35.78
CA ASP B 282 -68.81 -21.07 35.96
C ASP B 282 -69.32 -19.64 35.88
N ARG B 283 -68.52 -18.69 36.36
CA ARG B 283 -68.93 -17.29 36.42
C ARG B 283 -69.07 -16.67 35.03
N ALA B 284 -68.10 -16.94 34.16
CA ALA B 284 -68.09 -16.34 32.83
C ALA B 284 -68.41 -17.35 31.73
N GLN B 285 -68.75 -18.57 32.14
CA GLN B 285 -69.05 -19.67 31.21
C GLN B 285 -67.93 -19.89 30.20
N ILE B 286 -66.72 -20.09 30.71
CA ILE B 286 -65.55 -20.31 29.86
C ILE B 286 -65.18 -21.79 29.84
N PRO B 287 -65.08 -22.37 28.63
CA PRO B 287 -64.66 -23.76 28.48
C PRO B 287 -63.22 -23.98 28.93
N VAL B 288 -62.94 -25.16 29.49
CA VAL B 288 -61.62 -25.43 30.06
C VAL B 288 -60.92 -26.61 29.41
N THR B 289 -59.78 -26.34 28.80
CA THR B 289 -58.91 -27.39 28.29
C THR B 289 -57.68 -27.49 29.17
N THR B 290 -57.11 -28.69 29.26
CA THR B 290 -55.95 -28.91 30.12
C THR B 290 -54.80 -29.57 29.38
N THR B 291 -53.58 -29.34 29.87
CA THR B 291 -52.41 -30.04 29.36
C THR B 291 -52.34 -31.43 29.98
N LEU B 292 -51.32 -32.20 29.61
CA LEU B 292 -51.13 -33.54 30.16
C LEU B 292 -50.92 -33.47 31.67
N GLN B 293 -50.15 -32.48 32.12
CA GLN B 293 -49.87 -32.32 33.53
C GLN B 293 -50.91 -31.43 34.20
N GLY B 294 -51.90 -31.00 33.42
CA GLY B 294 -52.98 -30.18 33.94
C GLY B 294 -54.22 -31.01 34.21
N LEU B 295 -54.17 -32.28 33.81
CA LEU B 295 -55.28 -33.20 34.01
C LEU B 295 -55.56 -33.42 35.50
N GLY B 296 -56.82 -33.34 35.88
CA GLY B 296 -57.23 -33.50 37.26
C GLY B 296 -57.62 -32.17 37.88
N SER B 297 -57.19 -31.08 37.25
CA SER B 297 -57.48 -29.73 37.75
C SER B 297 -58.90 -29.29 37.41
N PHE B 298 -59.57 -30.06 36.56
CA PHE B 298 -60.92 -29.72 36.14
C PHE B 298 -61.79 -30.97 36.00
N ASP B 299 -63.01 -30.90 36.52
CA ASP B 299 -63.95 -32.01 36.41
C ASP B 299 -64.36 -32.22 34.96
N GLN B 300 -64.00 -33.37 34.40
CA GLN B 300 -64.28 -33.66 33.00
C GLN B 300 -65.71 -34.14 32.78
N GLU B 301 -66.48 -34.19 33.86
CA GLU B 301 -67.91 -34.48 33.77
C GLU B 301 -68.67 -33.21 33.45
N ASP B 302 -67.98 -32.08 33.59
CA ASP B 302 -68.56 -30.76 33.33
C ASP B 302 -68.75 -30.54 31.83
N PRO B 303 -69.89 -29.96 31.44
CA PRO B 303 -70.19 -29.68 30.03
C PRO B 303 -69.22 -28.68 29.40
N LYS B 304 -68.50 -27.93 30.24
CA LYS B 304 -67.53 -26.94 29.73
C LYS B 304 -66.13 -27.53 29.64
N SER B 305 -66.01 -28.84 29.84
CA SER B 305 -64.71 -29.49 29.77
C SER B 305 -64.31 -29.79 28.33
N LEU B 306 -63.20 -29.22 27.89
CA LEU B 306 -62.68 -29.45 26.55
C LEU B 306 -61.70 -30.62 26.52
N ASP B 307 -61.40 -31.15 27.71
CA ASP B 307 -60.43 -32.23 27.87
C ASP B 307 -59.04 -31.84 27.36
N MET B 308 -58.18 -32.83 27.14
CA MET B 308 -56.79 -32.58 26.79
C MET B 308 -56.62 -32.06 25.36
N LEU B 309 -55.67 -31.15 25.18
CA LEU B 309 -55.33 -30.62 23.87
C LEU B 309 -53.85 -30.83 23.60
N GLY B 310 -53.44 -30.68 22.35
CA GLY B 310 -52.04 -30.83 21.98
C GLY B 310 -51.82 -31.84 20.87
N MET B 311 -50.69 -32.53 20.92
CA MET B 311 -50.32 -33.50 19.90
C MET B 311 -51.33 -34.64 19.80
N HIS B 312 -51.56 -35.32 20.92
CA HIS B 312 -52.54 -36.39 20.96
C HIS B 312 -53.79 -35.97 21.72
N GLY B 313 -54.05 -34.67 21.74
CA GLY B 313 -55.25 -34.14 22.36
C GLY B 313 -56.45 -34.31 21.45
N CYS B 314 -57.65 -34.20 22.02
CA CYS B 314 -58.87 -34.35 21.23
C CYS B 314 -59.02 -33.19 20.25
N ALA B 315 -59.75 -33.45 19.16
CA ALA B 315 -59.94 -32.44 18.13
C ALA B 315 -60.78 -31.28 18.62
N THR B 316 -61.69 -31.55 19.55
CA THR B 316 -62.58 -30.54 20.09
C THR B 316 -61.79 -29.43 20.78
N ALA B 317 -60.82 -29.83 21.62
CA ALA B 317 -59.99 -28.86 22.33
C ALA B 317 -59.03 -28.15 21.39
N ASN B 318 -58.46 -28.91 20.46
CA ASN B 318 -57.53 -28.36 19.48
C ASN B 318 -58.19 -27.32 18.59
N LEU B 319 -59.37 -27.63 18.08
CA LEU B 319 -60.11 -26.72 17.22
C LEU B 319 -60.61 -25.50 18.00
N ALA B 320 -60.94 -25.71 19.27
CA ALA B 320 -61.39 -24.63 20.13
C ALA B 320 -60.28 -23.60 20.32
N VAL B 321 -59.07 -24.09 20.56
CA VAL B 321 -57.91 -23.22 20.73
C VAL B 321 -57.63 -22.42 19.45
N GLN B 322 -57.76 -23.08 18.32
CA GLN B 322 -57.49 -22.46 17.02
C GLN B 322 -58.55 -21.42 16.65
N ASN B 323 -59.79 -21.63 17.11
CA ASN B 323 -60.89 -20.75 16.75
C ASN B 323 -61.24 -19.73 17.82
N ALA B 324 -60.64 -19.86 18.99
CA ALA B 324 -60.88 -18.92 20.08
C ALA B 324 -60.29 -17.55 19.75
N ASP B 325 -60.96 -16.49 20.22
CA ASP B 325 -60.47 -15.14 20.02
C ASP B 325 -59.63 -14.69 21.21
N LEU B 326 -59.76 -15.42 22.31
CA LEU B 326 -58.98 -15.14 23.51
C LEU B 326 -58.55 -16.42 24.21
N ILE B 327 -57.24 -16.59 24.38
CA ILE B 327 -56.70 -17.73 25.11
C ILE B 327 -56.18 -17.29 26.47
N ILE B 328 -56.75 -17.86 27.52
CA ILE B 328 -56.32 -17.55 28.89
C ILE B 328 -55.44 -18.66 29.43
N ALA B 329 -54.14 -18.54 29.19
CA ALA B 329 -53.17 -19.53 29.65
C ALA B 329 -52.98 -19.45 31.15
N VAL B 330 -53.42 -20.47 31.86
CA VAL B 330 -53.31 -20.52 33.31
C VAL B 330 -52.38 -21.63 33.76
N GLY B 331 -51.15 -21.27 34.13
CA GLY B 331 -50.20 -22.23 34.65
C GLY B 331 -49.63 -23.18 33.60
N ALA B 332 -49.54 -22.72 32.36
CA ALA B 332 -48.96 -23.51 31.29
C ALA B 332 -47.80 -22.77 30.63
N ARG B 333 -46.99 -23.49 29.87
CA ARG B 333 -45.79 -22.90 29.28
C ARG B 333 -45.69 -23.08 27.78
N PHE B 334 -46.82 -23.40 27.14
CA PHE B 334 -46.90 -23.56 25.69
C PHE B 334 -45.85 -24.54 25.16
N ASP B 335 -45.88 -25.77 25.65
CA ASP B 335 -44.94 -26.80 25.22
C ASP B 335 -45.12 -27.09 23.73
N ASP B 336 -44.07 -27.60 23.10
CA ASP B 336 -44.10 -27.88 21.67
C ASP B 336 -44.95 -29.12 21.35
N ARG B 337 -45.27 -29.90 22.38
CA ARG B 337 -46.19 -31.03 22.24
C ARG B 337 -47.63 -30.55 22.35
N VAL B 338 -47.80 -29.27 22.68
CA VAL B 338 -49.11 -28.70 22.95
C VAL B 338 -49.54 -27.74 21.84
N THR B 339 -48.64 -26.84 21.47
CA THR B 339 -48.96 -25.82 20.47
C THR B 339 -48.83 -26.36 19.04
N GLY B 340 -48.14 -27.49 18.89
CA GLY B 340 -47.88 -28.05 17.58
C GLY B 340 -47.02 -27.10 16.77
N ASN B 341 -47.50 -26.75 15.57
CA ASN B 341 -46.82 -25.74 14.76
C ASN B 341 -47.03 -24.36 15.38
N ILE B 342 -45.95 -23.75 15.84
CA ILE B 342 -46.00 -22.45 16.51
C ILE B 342 -46.50 -21.37 15.57
N SER B 343 -46.14 -21.48 14.29
CA SER B 343 -46.53 -20.50 13.29
C SER B 343 -48.05 -20.51 13.05
N LYS B 344 -48.65 -21.69 13.15
CA LYS B 344 -50.07 -21.84 12.88
C LYS B 344 -50.91 -21.86 14.17
N PHE B 345 -50.25 -21.64 15.30
CA PHE B 345 -50.93 -21.71 16.59
C PHE B 345 -51.84 -20.52 16.85
N ALA B 346 -53.12 -20.82 17.11
CA ALA B 346 -54.11 -19.82 17.47
C ALA B 346 -54.17 -18.64 16.49
N PRO B 347 -54.69 -18.87 15.28
CA PRO B 347 -54.78 -17.81 14.28
C PRO B 347 -55.83 -16.76 14.64
N GLU B 348 -56.96 -17.20 15.15
CA GLU B 348 -58.06 -16.30 15.49
C GLU B 348 -57.76 -15.45 16.72
N ALA B 349 -57.14 -16.07 17.72
CA ALA B 349 -56.77 -15.35 18.93
C ALA B 349 -55.69 -14.32 18.65
N ARG B 350 -54.86 -14.60 17.65
CA ARG B 350 -53.76 -13.72 17.30
C ARG B 350 -54.23 -12.49 16.53
N ARG B 351 -55.20 -12.69 15.63
CA ARG B 351 -55.72 -11.58 14.83
C ARG B 351 -56.69 -10.74 15.65
N ALA B 352 -57.26 -11.34 16.69
CA ALA B 352 -58.15 -10.62 17.58
C ALA B 352 -57.36 -9.64 18.44
N ALA B 353 -56.07 -9.93 18.62
CA ALA B 353 -55.18 -9.05 19.35
C ALA B 353 -54.82 -7.83 18.51
N ALA B 354 -54.81 -8.01 17.20
CA ALA B 354 -54.50 -6.92 16.29
C ALA B 354 -55.71 -6.03 16.06
N GLU B 355 -56.84 -6.41 16.65
CA GLU B 355 -58.06 -5.63 16.55
C GLU B 355 -58.49 -5.10 17.91
N GLY B 356 -57.74 -5.45 18.94
CA GLY B 356 -58.00 -4.99 20.29
C GLY B 356 -59.26 -5.58 20.90
N ARG B 357 -59.61 -6.79 20.46
CA ARG B 357 -60.81 -7.45 20.95
C ARG B 357 -60.49 -8.80 21.58
N GLY B 358 -59.24 -9.23 21.46
CA GLY B 358 -58.81 -10.50 22.01
C GLY B 358 -57.30 -10.60 22.15
N GLY B 359 -56.79 -11.82 22.12
CA GLY B 359 -55.37 -12.06 22.26
C GLY B 359 -55.05 -13.25 23.14
N ILE B 360 -53.93 -13.17 23.85
CA ILE B 360 -53.52 -14.22 24.78
C ILE B 360 -53.18 -13.64 26.15
N ILE B 361 -53.75 -14.21 27.19
CA ILE B 361 -53.44 -13.80 28.56
C ILE B 361 -52.69 -14.92 29.27
N HIS B 362 -51.54 -14.59 29.86
CA HIS B 362 -50.69 -15.60 30.47
C HIS B 362 -50.50 -15.39 31.96
N PHE B 363 -50.96 -16.35 32.76
CA PHE B 363 -50.76 -16.32 34.21
C PHE B 363 -49.55 -17.19 34.58
N GLU B 364 -48.40 -16.54 34.76
CA GLU B 364 -47.16 -17.25 35.06
C GLU B 364 -46.57 -16.86 36.40
N VAL B 365 -45.77 -17.76 36.97
CA VAL B 365 -45.08 -17.48 38.22
C VAL B 365 -43.64 -17.07 37.93
N SER B 366 -43.15 -17.43 36.75
CA SER B 366 -41.79 -17.10 36.33
C SER B 366 -41.79 -16.34 35.01
N PRO B 367 -41.20 -15.14 34.99
CA PRO B 367 -41.09 -14.31 33.79
C PRO B 367 -40.31 -15.00 32.68
N LYS B 368 -39.51 -16.00 33.05
CA LYS B 368 -38.75 -16.80 32.10
C LYS B 368 -39.64 -17.40 31.01
N ASN B 369 -40.83 -17.82 31.39
CA ASN B 369 -41.75 -18.48 30.47
C ASN B 369 -42.81 -17.55 29.89
N ILE B 370 -42.60 -16.24 30.04
CA ILE B 370 -43.49 -15.25 29.44
C ILE B 370 -42.85 -14.68 28.18
N ASN B 371 -43.62 -14.70 27.08
CA ASN B 371 -43.13 -14.27 25.77
C ASN B 371 -41.92 -15.07 25.31
N LYS B 372 -41.93 -16.37 25.61
CA LYS B 372 -40.83 -17.26 25.21
C LYS B 372 -41.20 -18.06 23.98
N VAL B 373 -42.39 -18.64 23.98
CA VAL B 373 -42.86 -19.45 22.86
C VAL B 373 -43.82 -18.65 21.99
N VAL B 374 -44.81 -18.02 22.63
CA VAL B 374 -45.77 -17.20 21.92
C VAL B 374 -45.84 -15.80 22.53
N GLN B 375 -46.19 -14.82 21.70
CA GLN B 375 -46.29 -13.44 22.16
C GLN B 375 -47.56 -13.24 22.98
N THR B 376 -47.41 -12.61 24.14
CA THR B 376 -48.53 -12.42 25.07
C THR B 376 -48.95 -10.96 25.15
N GLN B 377 -50.25 -10.70 25.08
CA GLN B 377 -50.77 -9.34 25.15
C GLN B 377 -50.91 -8.87 26.59
N ILE B 378 -51.23 -9.80 27.49
CA ILE B 378 -51.39 -9.48 28.90
C ILE B 378 -50.71 -10.50 29.79
N ALA B 379 -49.68 -10.07 30.52
CA ALA B 379 -48.94 -10.96 31.39
C ALA B 379 -49.24 -10.68 32.87
N VAL B 380 -49.66 -11.71 33.59
CA VAL B 380 -49.94 -11.59 35.02
C VAL B 380 -48.95 -12.45 35.81
N GLU B 381 -47.97 -11.80 36.42
CA GLU B 381 -46.91 -12.50 37.14
C GLU B 381 -47.31 -12.87 38.55
N GLY B 382 -46.87 -14.04 39.00
CA GLY B 382 -47.16 -14.51 40.34
C GLY B 382 -47.93 -15.82 40.35
N ASP B 383 -48.36 -16.23 41.54
CA ASP B 383 -49.16 -17.45 41.68
C ASP B 383 -50.50 -17.29 40.98
N ALA B 384 -50.81 -18.22 40.07
CA ALA B 384 -52.02 -18.13 39.25
C ALA B 384 -53.28 -18.14 40.10
N THR B 385 -53.31 -19.02 41.10
CA THR B 385 -54.47 -19.14 41.98
C THR B 385 -54.71 -17.85 42.75
N THR B 386 -53.64 -17.24 43.23
CA THR B 386 -53.73 -15.98 43.97
C THR B 386 -54.32 -14.87 43.09
N ASN B 387 -53.82 -14.78 41.86
CA ASN B 387 -54.27 -13.76 40.93
C ASN B 387 -55.72 -13.98 40.45
N LEU B 388 -56.10 -15.24 40.31
CA LEU B 388 -57.47 -15.58 39.91
C LEU B 388 -58.47 -15.18 41.00
N GLY B 389 -58.08 -15.40 42.26
CA GLY B 389 -58.91 -15.02 43.38
C GLY B 389 -58.85 -13.53 43.65
N LYS B 390 -58.02 -12.84 42.87
CA LYS B 390 -57.87 -11.40 42.99
C LYS B 390 -58.47 -10.70 41.76
N MET B 391 -59.16 -11.49 40.93
CA MET B 391 -59.74 -10.99 39.70
C MET B 391 -61.23 -11.32 39.62
N MET B 392 -61.70 -12.14 40.56
CA MET B 392 -63.10 -12.57 40.59
C MET B 392 -64.06 -11.38 40.71
N SER B 393 -63.63 -10.34 41.40
CA SER B 393 -64.47 -9.16 41.62
C SER B 393 -64.44 -8.21 40.43
N LYS B 394 -63.91 -8.68 39.31
CA LYS B 394 -63.78 -7.84 38.12
C LYS B 394 -64.29 -8.55 36.86
N ILE B 395 -64.73 -9.78 37.02
CA ILE B 395 -65.24 -10.57 35.89
C ILE B 395 -66.76 -10.51 35.81
N PHE B 396 -67.27 -10.01 34.69
CA PHE B 396 -68.72 -9.89 34.49
C PHE B 396 -69.36 -11.26 34.28
N PRO B 397 -70.36 -11.58 35.12
CA PRO B 397 -71.08 -12.86 35.06
C PRO B 397 -71.74 -13.11 33.71
N VAL B 398 -71.55 -14.32 33.18
CA VAL B 398 -72.18 -14.73 31.93
C VAL B 398 -72.95 -16.03 32.16
N LYS B 399 -74.09 -16.17 31.49
CA LYS B 399 -74.93 -17.35 31.68
C LYS B 399 -75.02 -18.20 30.42
N GLU B 400 -74.90 -17.57 29.26
CA GLU B 400 -75.10 -18.27 28.00
C GLU B 400 -74.17 -17.82 26.88
N ARG B 401 -73.54 -18.79 26.24
CA ARG B 401 -72.79 -18.56 25.01
C ARG B 401 -73.24 -19.58 23.96
N SER B 402 -74.41 -19.36 23.38
CA SER B 402 -75.02 -20.31 22.47
C SER B 402 -74.19 -20.53 21.20
N GLU B 403 -73.69 -19.43 20.62
CA GLU B 403 -72.93 -19.51 19.38
C GLU B 403 -71.61 -20.27 19.57
N TRP B 404 -70.93 -20.00 20.68
CA TRP B 404 -69.61 -20.56 20.93
C TRP B 404 -69.69 -22.02 21.37
N PHE B 405 -70.68 -22.33 22.21
CA PHE B 405 -70.86 -23.71 22.69
C PHE B 405 -71.58 -24.57 21.65
N ALA B 406 -72.01 -23.95 20.56
CA ALA B 406 -72.62 -24.68 19.45
C ALA B 406 -71.55 -25.49 18.73
N GLN B 407 -70.44 -24.85 18.42
CA GLN B 407 -69.33 -25.49 17.73
C GLN B 407 -68.64 -26.51 18.63
N ILE B 408 -68.55 -26.19 19.91
CA ILE B 408 -67.90 -27.07 20.88
C ILE B 408 -68.65 -28.39 21.01
N ASN B 409 -69.97 -28.32 21.19
CA ASN B 409 -70.78 -29.51 21.31
C ASN B 409 -70.95 -30.23 19.98
N LYS B 410 -70.77 -29.50 18.88
CA LYS B 410 -70.78 -30.11 17.55
C LYS B 410 -69.50 -30.92 17.34
N TRP B 411 -68.38 -30.35 17.76
CA TRP B 411 -67.09 -31.02 17.66
C TRP B 411 -67.02 -32.24 18.56
N LYS B 412 -67.66 -32.17 19.71
CA LYS B 412 -67.67 -33.28 20.66
C LYS B 412 -68.39 -34.50 20.09
N LYS B 413 -69.38 -34.25 19.24
CA LYS B 413 -70.15 -35.33 18.63
C LYS B 413 -69.56 -35.76 17.29
N GLU B 414 -68.88 -34.82 16.63
CA GLU B 414 -68.30 -35.08 15.32
C GLU B 414 -66.88 -35.63 15.42
N TYR B 415 -66.16 -35.20 16.46
CA TYR B 415 -64.78 -35.64 16.65
C TYR B 415 -64.52 -36.19 18.06
N PRO B 416 -64.99 -37.42 18.33
CA PRO B 416 -64.70 -38.06 19.63
C PRO B 416 -63.41 -38.87 19.60
N TYR B 417 -63.03 -39.41 20.76
CA TYR B 417 -61.87 -40.30 20.84
C TYR B 417 -62.18 -41.65 20.21
N ALA B 418 -62.13 -41.72 18.88
CA ALA B 418 -62.49 -42.92 18.15
C ALA B 418 -61.30 -43.87 17.97
N TYR B 419 -61.59 -45.17 17.94
CA TYR B 419 -60.57 -46.18 17.70
C TYR B 419 -61.22 -47.49 17.24
N MET B 420 -60.42 -48.38 16.66
CA MET B 420 -60.91 -49.68 16.24
C MET B 420 -61.29 -50.53 17.44
N GLU B 421 -62.58 -50.51 17.80
CA GLU B 421 -63.07 -51.26 18.95
C GLU B 421 -63.04 -52.76 18.69
N GLU B 422 -63.22 -53.55 19.75
CA GLU B 422 -63.12 -55.00 19.67
C GLU B 422 -64.16 -55.63 18.73
N THR B 423 -63.78 -56.75 18.14
CA THR B 423 -64.68 -57.52 17.29
C THR B 423 -64.70 -58.96 17.79
N PRO B 424 -65.77 -59.71 17.51
CA PRO B 424 -65.85 -61.11 17.95
C PRO B 424 -64.70 -61.96 17.43
N GLY B 425 -63.84 -62.41 18.35
CA GLY B 425 -62.68 -63.20 17.99
C GLY B 425 -61.49 -62.34 17.63
N SER B 426 -61.21 -61.35 18.48
CA SER B 426 -60.12 -60.42 18.24
C SER B 426 -59.29 -60.16 19.49
N LYS B 427 -58.09 -59.62 19.29
CA LYS B 427 -57.19 -59.31 20.39
C LYS B 427 -57.72 -58.12 21.18
N ILE B 428 -57.41 -58.08 22.48
CA ILE B 428 -57.89 -57.01 23.34
C ILE B 428 -57.33 -55.65 22.92
N LYS B 429 -58.21 -54.64 22.85
CA LYS B 429 -57.80 -53.30 22.48
C LYS B 429 -57.34 -52.50 23.70
N PRO B 430 -56.26 -51.72 23.55
CA PRO B 430 -55.67 -50.95 24.64
C PRO B 430 -56.57 -49.84 25.18
N GLN B 431 -57.23 -49.11 24.28
CA GLN B 431 -58.10 -48.01 24.69
C GLN B 431 -59.27 -48.50 25.54
N THR B 432 -59.76 -49.70 25.23
CA THR B 432 -60.89 -50.29 25.93
C THR B 432 -60.54 -50.59 27.38
N VAL B 433 -59.32 -51.08 27.61
CA VAL B 433 -58.87 -51.42 28.94
C VAL B 433 -58.89 -50.22 29.88
N ILE B 434 -58.45 -49.07 29.36
CA ILE B 434 -58.44 -47.84 30.14
C ILE B 434 -59.86 -47.40 30.50
N LYS B 435 -60.76 -47.48 29.52
CA LYS B 435 -62.16 -47.10 29.74
C LYS B 435 -62.82 -47.98 30.79
N LYS B 436 -62.52 -49.27 30.75
CA LYS B 436 -63.09 -50.22 31.69
C LYS B 436 -62.50 -50.06 33.09
N LEU B 437 -61.19 -49.86 33.16
CA LEU B 437 -60.51 -49.68 34.45
C LEU B 437 -60.94 -48.37 35.09
N SER B 438 -61.29 -47.39 34.26
CA SER B 438 -61.71 -46.07 34.74
C SER B 438 -62.97 -46.16 35.59
N LYS B 439 -63.93 -46.96 35.14
CA LYS B 439 -65.20 -47.09 35.86
C LYS B 439 -65.11 -48.13 36.97
N VAL B 440 -64.22 -49.10 36.81
CA VAL B 440 -64.01 -50.12 37.83
C VAL B 440 -63.36 -49.51 39.08
N ALA B 441 -62.31 -48.73 38.87
CA ALA B 441 -61.62 -48.06 39.97
C ALA B 441 -62.51 -47.02 40.62
N ASN B 442 -63.38 -46.41 39.82
CA ASN B 442 -64.29 -45.39 40.31
C ASN B 442 -65.43 -45.98 41.14
N ASP B 443 -65.79 -47.23 40.84
CA ASP B 443 -66.88 -47.90 41.55
C ASP B 443 -66.40 -48.62 42.80
N THR B 444 -65.28 -48.17 43.35
CA THR B 444 -64.76 -48.72 44.60
C THR B 444 -65.00 -47.74 45.74
N GLY B 445 -65.04 -46.46 45.41
CA GLY B 445 -65.23 -45.42 46.40
C GLY B 445 -63.91 -44.97 47.00
N ARG B 446 -62.82 -45.43 46.39
CA ARG B 446 -61.48 -45.11 46.89
C ARG B 446 -60.92 -43.87 46.20
N HIS B 447 -59.91 -43.27 46.83
CA HIS B 447 -59.16 -42.19 46.19
C HIS B 447 -58.10 -42.80 45.28
N VAL B 448 -58.32 -42.68 43.98
CA VAL B 448 -57.46 -43.33 43.00
C VAL B 448 -56.37 -42.40 42.48
N ILE B 449 -55.12 -42.87 42.53
CA ILE B 449 -53.99 -42.14 41.97
C ILE B 449 -53.37 -42.94 40.83
N VAL B 450 -53.26 -42.31 39.66
CA VAL B 450 -52.79 -43.01 38.48
C VAL B 450 -51.42 -42.52 38.00
N THR B 451 -50.46 -43.44 37.94
CA THR B 451 -49.15 -43.14 37.38
C THR B 451 -48.95 -43.95 36.11
N THR B 452 -48.21 -43.39 35.16
CA THR B 452 -47.99 -44.07 33.89
C THR B 452 -46.52 -44.08 33.50
N GLY B 453 -46.19 -44.85 32.46
CA GLY B 453 -44.87 -44.83 31.89
C GLY B 453 -44.80 -43.81 30.77
N VAL B 454 -44.10 -44.14 29.70
CA VAL B 454 -44.01 -43.26 28.54
C VAL B 454 -44.21 -44.03 27.25
N GLY B 455 -45.21 -43.63 26.46
CA GLY B 455 -45.51 -44.29 25.22
C GLY B 455 -46.97 -44.18 24.84
N GLN B 456 -47.45 -45.13 24.03
CA GLN B 456 -48.83 -45.12 23.58
C GLN B 456 -49.81 -45.29 24.74
N HIS B 457 -49.42 -46.12 25.70
CA HIS B 457 -50.26 -46.37 26.87
C HIS B 457 -50.43 -45.11 27.71
N GLN B 458 -49.42 -44.24 27.68
CA GLN B 458 -49.44 -42.99 28.44
C GLN B 458 -50.53 -42.05 27.92
N MET B 459 -50.66 -41.97 26.61
CA MET B 459 -51.64 -41.10 25.99
C MET B 459 -53.05 -41.64 26.13
N TRP B 460 -53.21 -42.96 25.91
CA TRP B 460 -54.50 -43.60 26.02
C TRP B 460 -55.05 -43.56 27.44
N ALA B 461 -54.14 -43.55 28.43
CA ALA B 461 -54.53 -43.44 29.81
C ALA B 461 -54.94 -42.00 30.15
N ALA B 462 -54.51 -41.06 29.32
CA ALA B 462 -54.84 -39.66 29.51
C ALA B 462 -56.11 -39.30 28.75
N GLN B 463 -56.35 -40.00 27.65
CA GLN B 463 -57.51 -39.74 26.82
C GLN B 463 -58.78 -40.38 27.37
N HIS B 464 -58.72 -41.68 27.65
CA HIS B 464 -59.91 -42.45 27.97
C HIS B 464 -60.13 -42.65 29.48
N TRP B 465 -59.46 -41.84 30.28
CA TRP B 465 -59.70 -41.86 31.72
C TRP B 465 -60.36 -40.55 32.14
N THR B 466 -61.42 -40.64 32.92
CA THR B 466 -62.16 -39.47 33.36
C THR B 466 -61.55 -38.84 34.60
N TRP B 467 -60.95 -37.66 34.42
CA TRP B 467 -60.27 -36.98 35.51
C TRP B 467 -61.16 -35.94 36.18
N ARG B 468 -61.29 -36.04 37.49
CA ARG B 468 -62.13 -35.11 38.25
C ARG B 468 -61.37 -34.51 39.43
N ASN B 469 -60.51 -35.32 40.04
CA ASN B 469 -59.81 -34.91 41.26
C ASN B 469 -58.37 -34.46 40.98
N PRO B 470 -57.93 -33.40 41.69
CA PRO B 470 -56.57 -32.88 41.54
C PRO B 470 -55.51 -33.80 42.15
N HIS B 471 -54.31 -33.76 41.60
CA HIS B 471 -53.18 -34.57 42.07
C HIS B 471 -53.48 -36.07 42.06
N THR B 472 -54.17 -36.51 41.01
CA THR B 472 -54.49 -37.93 40.86
C THR B 472 -53.82 -38.52 39.63
N PHE B 473 -53.28 -37.66 38.78
CA PHE B 473 -52.57 -38.12 37.59
C PHE B 473 -51.11 -37.69 37.64
N ILE B 474 -50.23 -38.67 37.77
CA ILE B 474 -48.80 -38.41 37.89
C ILE B 474 -48.02 -39.08 36.76
N THR B 475 -47.54 -38.29 35.81
CA THR B 475 -46.82 -38.83 34.66
C THR B 475 -45.63 -37.96 34.28
N SER B 476 -44.69 -38.57 33.55
CA SER B 476 -43.51 -37.86 33.08
C SER B 476 -43.76 -37.28 31.68
N GLY B 477 -44.00 -35.97 31.62
CA GLY B 477 -44.34 -35.33 30.37
C GLY B 477 -43.24 -34.45 29.81
N GLY B 478 -42.61 -33.68 30.69
CA GLY B 478 -41.56 -32.76 30.29
C GLY B 478 -40.37 -33.45 29.67
N LEU B 479 -39.86 -34.48 30.36
CA LEU B 479 -38.70 -35.21 29.87
C LEU B 479 -39.10 -36.56 29.28
N GLY B 480 -40.25 -37.07 29.72
CA GLY B 480 -40.75 -38.34 29.23
C GLY B 480 -39.82 -39.50 29.53
N THR B 481 -39.71 -39.84 30.82
CA THR B 481 -38.78 -40.87 31.26
C THR B 481 -39.45 -42.25 31.37
N MET B 482 -38.90 -43.23 30.65
CA MET B 482 -39.38 -44.60 30.75
C MET B 482 -38.92 -45.22 32.07
N GLY B 483 -39.77 -46.08 32.63
CA GLY B 483 -39.48 -46.68 33.93
C GLY B 483 -39.86 -45.75 35.05
N TYR B 484 -40.79 -44.83 34.75
CA TYR B 484 -41.26 -43.86 35.72
C TYR B 484 -42.49 -44.38 36.46
N GLY B 485 -43.24 -45.25 35.79
CA GLY B 485 -44.51 -45.73 36.31
C GLY B 485 -44.48 -46.39 37.68
N LEU B 486 -43.73 -47.48 37.80
CA LEU B 486 -43.66 -48.23 39.06
C LEU B 486 -43.07 -47.44 40.23
N PRO B 487 -41.90 -46.81 40.06
CA PRO B 487 -41.35 -46.11 41.23
C PRO B 487 -42.20 -44.91 41.67
N ALA B 488 -42.78 -44.17 40.72
CA ALA B 488 -43.65 -43.05 41.07
C ALA B 488 -44.88 -43.54 41.82
N ALA B 489 -45.36 -44.71 41.42
CA ALA B 489 -46.52 -45.31 42.07
C ALA B 489 -46.21 -45.67 43.51
N ILE B 490 -45.00 -46.18 43.74
CA ILE B 490 -44.56 -46.55 45.07
C ILE B 490 -44.45 -45.31 45.97
N GLY B 491 -43.79 -44.28 45.46
CA GLY B 491 -43.61 -43.05 46.19
C GLY B 491 -44.92 -42.33 46.48
N ALA B 492 -45.84 -42.37 45.52
CA ALA B 492 -47.15 -41.77 45.70
C ALA B 492 -47.95 -42.56 46.72
N GLN B 493 -47.72 -43.87 46.77
CA GLN B 493 -48.41 -44.73 47.72
C GLN B 493 -47.97 -44.42 49.15
N VAL B 494 -46.71 -44.05 49.30
CA VAL B 494 -46.17 -43.66 50.60
C VAL B 494 -46.84 -42.39 51.09
N ALA B 495 -47.06 -41.45 50.19
CA ALA B 495 -47.72 -40.19 50.51
C ALA B 495 -49.19 -40.41 50.85
N LYS B 496 -49.83 -41.35 50.15
CA LYS B 496 -51.23 -41.67 50.39
C LYS B 496 -51.42 -43.18 50.57
N PRO B 497 -51.15 -43.67 51.79
CA PRO B 497 -51.17 -45.11 52.12
C PRO B 497 -52.50 -45.80 51.83
N GLU B 498 -53.60 -45.15 52.14
CA GLU B 498 -54.92 -45.76 51.96
C GLU B 498 -55.57 -45.40 50.62
N SER B 499 -54.76 -44.92 49.68
CA SER B 499 -55.27 -44.57 48.36
C SER B 499 -54.96 -45.66 47.34
N LEU B 500 -55.86 -45.80 46.36
CA LEU B 500 -55.68 -46.78 45.30
C LEU B 500 -54.72 -46.26 44.25
N VAL B 501 -53.48 -46.73 44.29
CA VAL B 501 -52.46 -46.28 43.35
C VAL B 501 -52.27 -47.27 42.22
N ILE B 502 -52.68 -46.87 41.02
CA ILE B 502 -52.58 -47.72 39.84
C ILE B 502 -51.48 -47.24 38.90
N ASP B 503 -50.60 -48.16 38.52
CA ASP B 503 -49.55 -47.85 37.55
C ASP B 503 -49.91 -48.41 36.18
N ILE B 504 -50.37 -47.55 35.29
CA ILE B 504 -50.64 -47.94 33.91
C ILE B 504 -49.35 -47.85 33.11
N ASP B 505 -48.61 -48.95 33.06
CA ASP B 505 -47.28 -48.97 32.47
C ASP B 505 -47.27 -49.70 31.13
N GLY B 506 -46.22 -49.45 30.34
CA GLY B 506 -46.01 -50.17 29.11
C GLY B 506 -44.97 -51.26 29.31
N ASP B 507 -44.94 -52.23 28.41
CA ASP B 507 -44.03 -53.37 28.54
C ASP B 507 -42.57 -52.94 28.44
N ALA B 508 -42.30 -51.96 27.58
CA ALA B 508 -40.94 -51.47 27.39
C ALA B 508 -40.54 -50.54 28.54
N SER B 509 -41.49 -49.72 28.98
CA SER B 509 -41.26 -48.82 30.10
C SER B 509 -41.03 -49.59 31.39
N PHE B 510 -41.84 -50.63 31.60
CA PHE B 510 -41.73 -51.46 32.79
C PHE B 510 -40.37 -52.17 32.84
N ASN B 511 -39.83 -52.47 31.66
CA ASN B 511 -38.52 -53.10 31.58
C ASN B 511 -37.36 -52.12 31.72
N MET B 512 -37.60 -51.04 32.45
CA MET B 512 -36.54 -50.05 32.73
C MET B 512 -36.19 -50.08 34.21
N THR B 513 -37.22 -50.12 35.05
CA THR B 513 -37.02 -50.18 36.49
C THR B 513 -38.00 -51.15 37.15
N LEU B 514 -38.01 -52.39 36.65
CA LEU B 514 -38.88 -53.42 37.22
C LEU B 514 -38.25 -54.00 38.49
N THR B 515 -37.02 -53.59 38.77
CA THR B 515 -36.30 -54.04 39.95
C THR B 515 -36.96 -53.51 41.22
N GLU B 516 -37.77 -52.47 41.07
CA GLU B 516 -38.40 -51.81 42.20
C GLU B 516 -39.67 -52.54 42.66
N LEU B 517 -39.98 -53.65 42.00
CA LEU B 517 -41.11 -54.48 42.41
C LEU B 517 -40.88 -55.03 43.80
N SER B 518 -39.69 -55.54 44.04
CA SER B 518 -39.31 -56.06 45.35
C SER B 518 -39.24 -54.93 46.37
N SER B 519 -38.85 -53.75 45.89
CA SER B 519 -38.78 -52.56 46.74
C SER B 519 -40.16 -52.17 47.25
N ALA B 520 -41.17 -52.41 46.42
CA ALA B 520 -42.56 -52.12 46.80
C ALA B 520 -42.99 -53.02 47.95
N VAL B 521 -42.56 -54.27 47.91
CA VAL B 521 -42.88 -55.23 48.96
C VAL B 521 -42.22 -54.84 50.27
N GLN B 522 -40.95 -54.47 50.20
CA GLN B 522 -40.18 -54.07 51.38
C GLN B 522 -40.73 -52.77 51.96
N ALA B 523 -41.24 -51.90 51.09
CA ALA B 523 -41.78 -50.61 51.53
C ALA B 523 -43.22 -50.76 52.01
N GLY B 524 -43.82 -51.91 51.75
CA GLY B 524 -45.19 -52.18 52.17
C GLY B 524 -46.20 -51.36 51.40
N THR B 525 -45.94 -51.14 50.12
CA THR B 525 -46.83 -50.37 49.27
C THR B 525 -47.66 -51.28 48.37
N PRO B 526 -48.98 -51.33 48.62
CA PRO B 526 -49.92 -52.17 47.85
C PRO B 526 -50.25 -51.57 46.49
N VAL B 527 -49.23 -51.27 45.70
CA VAL B 527 -49.42 -50.65 44.39
C VAL B 527 -50.10 -51.59 43.41
N LYS B 528 -50.82 -51.01 42.47
CA LYS B 528 -51.51 -51.78 41.45
C LYS B 528 -50.85 -51.59 40.09
N ILE B 529 -50.18 -52.62 39.60
CA ILE B 529 -49.44 -52.52 38.34
C ILE B 529 -50.21 -53.10 37.17
N LEU B 530 -50.48 -52.25 36.18
CA LEU B 530 -51.11 -52.70 34.94
C LEU B 530 -50.16 -52.52 33.76
N ILE B 531 -49.80 -53.62 33.12
CA ILE B 531 -48.88 -53.58 31.99
C ILE B 531 -49.59 -53.87 30.68
N LEU B 532 -49.84 -52.83 29.89
CA LEU B 532 -50.44 -53.00 28.57
C LEU B 532 -49.40 -53.56 27.61
N ASN B 533 -49.23 -54.87 27.63
CA ASN B 533 -48.19 -55.53 26.86
C ASN B 533 -48.53 -55.70 25.38
N ASN B 534 -47.89 -54.90 24.53
CA ASN B 534 -48.05 -55.04 23.09
C ASN B 534 -46.79 -55.64 22.48
N GLU B 535 -45.88 -56.08 23.34
CA GLU B 535 -44.62 -56.71 22.93
C GLU B 535 -43.82 -55.83 21.96
N GLU B 536 -43.93 -54.52 22.13
CA GLU B 536 -43.27 -53.59 21.23
C GLU B 536 -43.09 -52.21 21.88
N GLN B 537 -42.19 -51.43 21.31
CA GLN B 537 -42.05 -50.03 21.69
C GLN B 537 -43.04 -49.21 20.89
N GLY B 538 -44.31 -49.26 21.30
CA GLY B 538 -45.42 -48.72 20.54
C GLY B 538 -45.28 -47.32 19.98
N MET B 539 -44.87 -46.38 20.83
CA MET B 539 -44.79 -44.98 20.44
C MET B 539 -43.74 -44.76 19.34
N VAL B 540 -42.68 -45.56 19.36
CA VAL B 540 -41.63 -45.45 18.35
C VAL B 540 -42.03 -46.16 17.07
N THR B 541 -42.73 -47.28 17.21
CA THR B 541 -43.21 -48.02 16.04
C THR B 541 -44.27 -47.23 15.29
N GLN B 542 -45.03 -46.41 16.01
CA GLN B 542 -46.05 -45.57 15.40
C GLN B 542 -45.43 -44.53 14.47
N TRP B 543 -44.31 -43.97 14.91
CA TRP B 543 -43.60 -42.99 14.09
C TRP B 543 -42.87 -43.68 12.94
N GLN B 544 -42.47 -44.92 13.15
CA GLN B 544 -41.82 -45.70 12.09
C GLN B 544 -42.84 -46.17 11.06
N SER B 545 -44.05 -46.48 11.52
CA SER B 545 -45.12 -46.93 10.65
C SER B 545 -45.66 -45.79 9.79
N LEU B 546 -45.56 -44.58 10.32
CA LEU B 546 -46.14 -43.41 9.65
C LEU B 546 -45.12 -42.59 8.88
N PHE B 547 -43.89 -42.53 9.36
CA PHE B 547 -42.90 -41.63 8.80
C PHE B 547 -41.66 -42.34 8.25
N TYR B 548 -41.56 -43.64 8.48
CA TYR B 548 -40.38 -44.37 8.03
C TYR B 548 -40.75 -45.67 7.32
N GLU B 549 -41.92 -45.69 6.70
CA GLU B 549 -42.38 -46.79 5.85
C GLU B 549 -42.30 -48.16 6.55
N HIS B 550 -42.73 -48.19 7.81
CA HIS B 550 -42.81 -49.42 8.59
C HIS B 550 -41.46 -50.13 8.72
N ARG B 551 -40.38 -49.36 8.70
CA ARG B 551 -39.04 -49.90 8.94
C ARG B 551 -38.75 -49.92 10.43
N TYR B 552 -39.12 -51.01 11.09
CA TYR B 552 -38.99 -51.12 12.53
C TYR B 552 -37.56 -51.48 12.93
N SER B 553 -36.84 -50.50 13.47
CA SER B 553 -35.45 -50.69 13.84
C SER B 553 -35.28 -50.77 15.35
N HIS B 554 -35.06 -51.99 15.84
CA HIS B 554 -34.76 -52.24 17.25
C HIS B 554 -35.82 -51.72 18.20
N THR B 555 -37.08 -51.80 17.79
CA THR B 555 -38.19 -51.31 18.60
C THR B 555 -39.00 -52.46 19.20
N HIS B 556 -38.45 -53.67 19.12
CA HIS B 556 -39.10 -54.83 19.71
C HIS B 556 -38.16 -55.55 20.67
N GLN B 557 -38.30 -55.23 21.96
CA GLN B 557 -37.46 -55.82 22.98
C GLN B 557 -38.03 -57.16 23.45
N LEU B 558 -37.18 -57.99 24.04
CA LEU B 558 -37.60 -59.30 24.54
C LEU B 558 -38.15 -59.19 25.95
N ASN B 559 -39.46 -59.17 26.08
CA ASN B 559 -40.12 -59.10 27.37
C ASN B 559 -40.00 -60.42 28.13
N PRO B 560 -39.89 -60.35 29.46
CA PRO B 560 -39.88 -61.55 30.30
C PRO B 560 -41.29 -61.92 30.75
N ASP B 561 -41.43 -63.08 31.39
CA ASP B 561 -42.74 -63.48 31.92
C ASP B 561 -43.07 -62.63 33.13
N PHE B 562 -43.92 -61.62 32.92
CA PHE B 562 -44.26 -60.67 33.97
C PHE B 562 -44.94 -61.34 35.16
N ILE B 563 -45.71 -62.38 34.90
CA ILE B 563 -46.41 -63.11 35.94
C ILE B 563 -45.41 -63.84 36.83
N LYS B 564 -44.48 -64.55 36.21
CA LYS B 564 -43.42 -65.23 36.94
C LYS B 564 -42.48 -64.21 37.56
N LEU B 565 -42.37 -63.05 36.93
CA LEU B 565 -41.55 -61.96 37.47
C LEU B 565 -42.13 -61.41 38.76
N ALA B 566 -43.44 -61.14 38.74
CA ALA B 566 -44.12 -60.59 39.90
C ALA B 566 -44.05 -61.53 41.09
N GLU B 567 -44.19 -62.82 40.82
CA GLU B 567 -44.14 -63.84 41.88
C GLU B 567 -42.72 -64.03 42.39
N ALA B 568 -41.74 -63.83 41.50
CA ALA B 568 -40.34 -63.91 41.89
C ALA B 568 -39.96 -62.72 42.76
N MET B 569 -40.65 -61.60 42.55
CA MET B 569 -40.42 -60.40 43.34
C MET B 569 -41.24 -60.42 44.62
N GLY B 570 -42.24 -61.28 44.66
CA GLY B 570 -43.07 -61.44 45.85
C GLY B 570 -44.44 -60.79 45.74
N LEU B 571 -44.89 -60.60 44.49
CA LEU B 571 -46.19 -59.98 44.25
C LEU B 571 -47.17 -60.99 43.66
N LYS B 572 -48.40 -60.54 43.44
CA LYS B 572 -49.41 -61.37 42.80
C LYS B 572 -49.46 -61.05 41.31
N GLY B 573 -49.46 -62.10 40.49
CA GLY B 573 -49.46 -61.92 39.05
C GLY B 573 -50.73 -62.40 38.37
N LEU B 574 -51.30 -61.55 37.53
CA LEU B 574 -52.51 -61.89 36.79
C LEU B 574 -52.35 -61.56 35.31
N ARG B 575 -52.68 -62.50 34.44
CA ARG B 575 -52.54 -62.30 33.00
C ARG B 575 -53.88 -62.47 32.27
N VAL B 576 -54.16 -61.53 31.37
CA VAL B 576 -55.37 -61.60 30.55
C VAL B 576 -55.02 -61.73 29.08
N LYS B 577 -55.34 -62.87 28.48
CA LYS B 577 -55.10 -63.09 27.06
C LYS B 577 -56.36 -62.87 26.24
N LYS B 578 -57.41 -63.65 26.55
CA LYS B 578 -58.66 -63.56 25.82
C LYS B 578 -59.47 -62.34 26.22
N GLN B 579 -60.33 -61.89 25.32
CA GLN B 579 -61.13 -60.68 25.52
C GLN B 579 -62.19 -60.86 26.61
N GLU B 580 -62.66 -62.10 26.77
CA GLU B 580 -63.74 -62.38 27.72
C GLU B 580 -63.29 -62.23 29.17
N GLU B 581 -62.03 -62.56 29.44
CA GLU B 581 -61.50 -62.54 30.80
C GLU B 581 -61.10 -61.14 31.26
N LEU B 582 -61.35 -60.13 30.42
CA LEU B 582 -60.92 -58.77 30.72
C LEU B 582 -61.64 -58.18 31.94
N ASP B 583 -62.96 -58.27 31.95
CA ASP B 583 -63.76 -57.69 33.02
C ASP B 583 -63.54 -58.38 34.36
N ALA B 584 -63.53 -59.71 34.33
CA ALA B 584 -63.41 -60.52 35.55
C ALA B 584 -62.06 -60.34 36.23
N LYS B 585 -61.02 -60.10 35.44
CA LYS B 585 -59.68 -59.93 35.98
C LYS B 585 -59.44 -58.52 36.49
N LEU B 586 -60.05 -57.53 35.84
CA LEU B 586 -59.92 -56.15 36.27
C LEU B 586 -60.51 -55.94 37.66
N LYS B 587 -61.60 -56.64 37.95
CA LYS B 587 -62.24 -56.55 39.26
C LYS B 587 -61.35 -57.20 40.31
N GLU B 588 -60.73 -58.32 39.96
CA GLU B 588 -59.81 -59.02 40.86
C GLU B 588 -58.55 -58.19 41.09
N PHE B 589 -58.13 -57.48 40.04
CA PHE B 589 -56.92 -56.67 40.09
C PHE B 589 -57.04 -55.52 41.09
N VAL B 590 -58.24 -54.95 41.20
CA VAL B 590 -58.48 -53.83 42.09
C VAL B 590 -58.86 -54.30 43.49
N SER B 591 -59.62 -55.39 43.56
CA SER B 591 -60.09 -55.92 44.83
C SER B 591 -58.98 -56.54 45.67
N THR B 592 -57.88 -56.89 45.00
CA THR B 592 -56.76 -57.56 45.65
C THR B 592 -56.09 -56.68 46.71
N LYS B 593 -56.02 -57.18 47.93
CA LYS B 593 -55.31 -56.49 49.00
C LYS B 593 -53.81 -56.75 48.89
N GLY B 594 -53.04 -55.68 48.75
CA GLY B 594 -51.60 -55.81 48.59
C GLY B 594 -51.17 -55.58 47.14
N PRO B 595 -49.86 -55.55 46.90
CA PRO B 595 -49.31 -55.30 45.57
C PRO B 595 -49.64 -56.42 44.58
N VAL B 596 -50.08 -56.04 43.38
CA VAL B 596 -50.47 -57.01 42.37
C VAL B 596 -50.12 -56.50 40.97
N LEU B 597 -49.65 -57.41 40.11
CA LEU B 597 -49.32 -57.07 38.73
C LEU B 597 -50.31 -57.70 37.77
N LEU B 598 -50.84 -56.89 36.86
CA LEU B 598 -51.79 -57.38 35.86
C LEU B 598 -51.29 -57.12 34.45
N GLU B 599 -51.03 -58.20 33.71
CA GLU B 599 -50.60 -58.09 32.32
C GLU B 599 -51.79 -58.28 31.38
N VAL B 600 -51.98 -57.32 30.48
CA VAL B 600 -53.03 -57.41 29.48
C VAL B 600 -52.45 -57.42 28.07
N GLU B 601 -52.52 -58.57 27.41
CA GLU B 601 -52.03 -58.67 26.05
C GLU B 601 -52.91 -57.88 25.10
N VAL B 602 -52.44 -56.71 24.69
CA VAL B 602 -53.21 -55.84 23.82
C VAL B 602 -52.79 -55.99 22.35
N ASP B 603 -53.60 -55.45 21.46
CA ASP B 603 -53.33 -55.51 20.03
C ASP B 603 -52.11 -54.66 19.69
N LYS B 604 -51.37 -55.08 18.67
CA LYS B 604 -50.11 -54.41 18.31
C LYS B 604 -50.27 -53.48 17.12
N LYS B 605 -49.30 -52.58 16.96
CA LYS B 605 -49.24 -51.66 15.83
C LYS B 605 -50.49 -50.79 15.70
N VAL B 606 -50.98 -50.29 16.82
CA VAL B 606 -52.13 -49.39 16.82
C VAL B 606 -51.68 -47.97 17.15
N PRO B 607 -51.81 -47.05 16.18
CA PRO B 607 -51.36 -45.66 16.36
C PRO B 607 -52.30 -44.85 17.26
N VAL B 608 -51.71 -43.99 18.09
CA VAL B 608 -52.49 -43.12 18.95
C VAL B 608 -53.06 -41.95 18.15
N LEU B 609 -54.39 -41.86 18.10
CA LEU B 609 -55.06 -40.81 17.35
C LEU B 609 -56.05 -40.06 18.25
N PRO B 610 -56.26 -38.76 17.98
CA PRO B 610 -55.69 -37.93 16.91
C PRO B 610 -54.21 -37.63 17.09
N MET B 611 -53.58 -37.09 16.07
CA MET B 611 -52.15 -36.79 16.12
C MET B 611 -51.80 -35.52 15.35
N VAL B 612 -51.15 -34.59 16.05
CA VAL B 612 -50.66 -33.37 15.42
C VAL B 612 -49.13 -33.40 15.39
N ALA B 613 -48.55 -33.70 14.23
CA ALA B 613 -47.11 -33.82 14.10
C ALA B 613 -46.59 -33.13 12.83
N GLY B 614 -45.29 -32.91 12.79
CA GLY B 614 -44.66 -32.25 11.66
C GLY B 614 -44.97 -30.76 11.64
N GLY B 615 -45.29 -30.24 10.47
CA GLY B 615 -45.64 -28.84 10.33
C GLY B 615 -47.13 -28.61 10.45
N SER B 616 -47.85 -29.63 10.91
CA SER B 616 -49.30 -29.55 11.05
C SER B 616 -49.69 -28.70 12.23
N GLY B 617 -50.69 -27.83 12.03
CA GLY B 617 -51.26 -27.05 13.11
C GLY B 617 -52.22 -27.90 13.92
N LEU B 618 -52.76 -27.33 14.99
CA LEU B 618 -53.68 -28.07 15.86
C LEU B 618 -54.98 -28.40 15.12
N ASP B 619 -55.33 -27.59 14.13
CA ASP B 619 -56.54 -27.81 13.35
C ASP B 619 -56.26 -28.72 12.15
N GLU B 620 -55.02 -29.19 12.05
CA GLU B 620 -54.63 -30.09 10.96
C GLU B 620 -54.29 -31.48 11.50
N PHE B 621 -54.99 -31.87 12.55
CA PHE B 621 -54.80 -33.17 13.18
C PHE B 621 -55.09 -34.33 12.23
N ILE B 622 -54.55 -35.50 12.54
CA ILE B 622 -54.85 -36.71 11.79
C ILE B 622 -55.79 -37.59 12.61
N ASN B 623 -57.05 -37.65 12.20
CA ASN B 623 -58.07 -38.37 12.97
C ASN B 623 -58.14 -39.84 12.60
N PHE B 624 -58.94 -40.60 13.36
CA PHE B 624 -59.08 -42.03 13.15
C PHE B 624 -59.92 -42.35 11.93
N ASP B 625 -59.53 -43.42 11.22
CA ASP B 625 -60.25 -43.87 10.04
C ASP B 625 -60.20 -45.40 9.98
N PRO B 626 -61.37 -46.05 10.10
CA PRO B 626 -61.47 -47.50 10.16
C PRO B 626 -60.94 -48.19 8.90
N GLU B 627 -61.04 -47.53 7.76
CA GLU B 627 -60.57 -48.09 6.50
C GLU B 627 -59.04 -47.97 6.39
N VAL B 628 -58.51 -46.83 6.80
CA VAL B 628 -57.08 -46.58 6.72
C VAL B 628 -56.28 -47.57 7.56
N GLU B 629 -56.77 -47.86 8.77
CA GLU B 629 -56.10 -48.79 9.66
C GLU B 629 -56.04 -50.19 9.04
N ARG B 630 -57.10 -50.57 8.34
CA ARG B 630 -57.14 -51.85 7.65
C ARG B 630 -56.17 -51.85 6.48
N GLN B 631 -56.06 -50.70 5.80
CA GLN B 631 -55.13 -50.53 4.70
C GLN B 631 -53.68 -50.59 5.19
N GLN B 632 -53.41 -49.90 6.28
CA GLN B 632 -52.07 -49.88 6.87
C GLN B 632 -51.67 -51.25 7.41
N THR B 633 -52.67 -52.02 7.81
CA THR B 633 -52.44 -53.35 8.35
C THR B 633 -51.90 -54.29 7.28
N GLU B 634 -52.54 -54.27 6.11
CA GLU B 634 -52.14 -55.15 5.02
C GLU B 634 -50.82 -54.69 4.40
N LEU B 635 -50.57 -53.39 4.43
CA LEU B 635 -49.32 -52.83 3.92
C LEU B 635 -48.16 -53.18 4.85
N ARG B 636 -48.44 -53.22 6.14
CA ARG B 636 -47.43 -53.55 7.13
C ARG B 636 -46.97 -55.01 7.00
N HIS B 637 -47.95 -55.89 6.74
CA HIS B 637 -47.65 -57.31 6.55
C HIS B 637 -46.82 -57.52 5.28
N LYS B 638 -47.01 -56.66 4.30
CA LYS B 638 -46.33 -56.79 3.02
C LYS B 638 -44.86 -56.38 3.12
N ARG B 639 -44.58 -55.30 3.83
CA ARG B 639 -43.23 -54.77 3.94
C ARG B 639 -42.42 -55.54 5.00
N THR B 640 -43.07 -55.96 6.07
CA THR B 640 -42.41 -56.68 7.14
C THR B 640 -42.36 -58.18 6.86
N GLY B 641 -42.94 -58.58 5.74
CA GLY B 641 -42.94 -59.98 5.34
C GLY B 641 -43.81 -60.85 6.23
N GLY B 642 -44.83 -60.25 6.82
CA GLY B 642 -45.75 -60.98 7.70
C GLY B 642 -45.30 -61.01 9.14
N LYS B 643 -44.11 -60.48 9.41
CA LYS B 643 -43.58 -60.45 10.76
C LYS B 643 -44.36 -59.45 11.63
N HIS B 644 -44.85 -58.39 10.99
CA HIS B 644 -45.67 -57.41 11.68
C HIS B 644 -46.84 -56.97 10.81
N THR C 30 8.43 50.27 63.51
CA THR C 30 7.94 48.92 63.81
C THR C 30 8.36 47.97 62.69
N ARG C 31 8.02 46.69 62.84
CA ARG C 31 8.37 45.66 61.86
C ARG C 31 7.20 44.70 61.63
N PRO C 32 7.04 44.23 60.39
CA PRO C 32 5.98 43.27 60.04
C PRO C 32 6.17 41.92 60.72
N PRO C 33 5.17 41.49 61.51
CA PRO C 33 5.24 40.26 62.31
C PRO C 33 4.94 38.99 61.51
N LEU C 34 5.44 37.86 62.00
CA LEU C 34 5.18 36.56 61.41
C LEU C 34 4.86 35.55 62.52
N PRO C 35 3.88 34.66 62.27
CA PRO C 35 3.31 33.78 63.30
C PRO C 35 4.26 32.76 63.91
N THR C 36 5.33 32.40 63.20
CA THR C 36 6.26 31.41 63.72
C THR C 36 7.71 31.79 63.44
N LEU C 37 8.62 31.18 64.20
CA LEU C 37 10.04 31.47 64.06
C LEU C 37 10.73 30.51 63.10
N ASP C 38 10.71 29.22 63.45
CA ASP C 38 11.38 28.21 62.62
C ASP C 38 10.78 26.82 62.85
N THR C 39 10.86 25.98 61.82
CA THR C 39 10.37 24.61 61.91
C THR C 39 11.39 23.72 62.61
N PRO C 40 10.90 22.77 63.44
CA PRO C 40 11.79 21.87 64.19
C PRO C 40 12.56 20.92 63.29
N SER C 41 13.67 20.38 63.80
CA SER C 41 14.54 19.52 63.01
C SER C 41 14.79 18.17 63.68
N TRP C 42 15.34 17.24 62.91
CA TRP C 42 15.69 15.92 63.43
C TRP C 42 17.08 15.92 64.05
N ASN C 43 17.35 14.91 64.88
CA ASN C 43 18.70 14.64 65.35
C ASN C 43 19.07 13.21 64.98
N ALA C 44 20.36 12.92 64.92
CA ALA C 44 20.85 11.62 64.47
C ALA C 44 20.25 10.45 65.25
N ASN C 45 19.94 10.68 66.52
CA ASN C 45 19.39 9.63 67.37
C ASN C 45 17.90 9.43 67.14
N SER C 46 17.17 10.52 66.95
CA SER C 46 15.72 10.45 66.75
C SER C 46 15.37 10.09 65.32
N ALA C 47 16.27 10.41 64.40
CA ALA C 47 16.04 10.13 62.98
C ALA C 47 16.10 8.64 62.70
N VAL C 48 17.15 7.98 63.20
CA VAL C 48 17.30 6.55 63.02
C VAL C 48 16.22 5.80 63.80
N SER C 49 15.70 6.46 64.83
CA SER C 49 14.65 5.85 65.66
C SER C 49 13.35 5.72 64.88
N SER C 50 13.07 6.70 64.02
CA SER C 50 11.85 6.67 63.21
C SER C 50 11.99 5.69 62.04
N ILE C 51 13.17 5.68 61.42
CA ILE C 51 13.42 4.83 60.27
C ILE C 51 13.33 3.35 60.63
N ILE C 52 13.93 2.98 61.75
CA ILE C 52 13.87 1.61 62.25
C ILE C 52 12.43 1.24 62.63
N TYR C 53 11.71 2.22 63.16
CA TYR C 53 10.34 2.01 63.63
C TYR C 53 9.34 1.90 62.49
N GLU C 54 9.50 2.71 61.46
CA GLU C 54 8.55 2.75 60.35
C GLU C 54 8.87 1.72 59.26
N THR C 55 10.06 1.12 59.34
CA THR C 55 10.46 0.10 58.38
C THR C 55 9.57 -1.13 58.49
N PRO C 56 8.91 -1.49 57.39
CA PRO C 56 7.93 -2.59 57.31
C PRO C 56 8.46 -3.92 57.86
N ALA C 57 7.60 -4.66 58.55
CA ALA C 57 7.97 -5.97 59.08
C ALA C 57 7.95 -7.02 57.97
N PRO C 58 9.03 -7.80 57.85
CA PRO C 58 9.16 -8.82 56.80
C PRO C 58 8.30 -10.05 57.06
N SER C 59 6.98 -9.88 56.97
CA SER C 59 6.05 -10.98 57.19
C SER C 59 5.82 -11.79 55.92
N ARG C 60 5.55 -11.10 54.82
CA ARG C 60 5.26 -11.75 53.55
C ARG C 60 6.50 -12.00 52.73
N GLN C 61 7.39 -12.86 53.24
CA GLN C 61 8.59 -13.25 52.50
C GLN C 61 8.25 -14.29 51.41
N PRO C 62 7.46 -15.32 51.74
CA PRO C 62 7.03 -16.18 50.63
C PRO C 62 5.65 -15.79 50.10
N ARG C 63 4.83 -16.79 49.80
CA ARG C 63 3.45 -16.59 49.34
C ARG C 63 3.37 -15.69 48.11
N LYS C 64 3.90 -16.17 46.99
CA LYS C 64 3.83 -15.45 45.73
C LYS C 64 2.68 -15.97 44.89
N GLN C 65 2.18 -15.13 43.98
CA GLN C 65 1.09 -15.54 43.10
C GLN C 65 1.62 -16.05 41.77
N HIS C 66 0.83 -16.88 41.10
CA HIS C 66 1.24 -17.49 39.84
C HIS C 66 0.33 -17.06 38.69
N VAL C 67 0.95 -16.76 37.55
CA VAL C 67 0.21 -16.32 36.38
C VAL C 67 0.33 -17.31 35.23
N LEU C 68 -0.82 -17.77 34.73
CA LEU C 68 -0.85 -18.72 33.62
C LEU C 68 -1.50 -18.09 32.39
N ASN C 69 -1.09 -18.54 31.21
CA ASN C 69 -1.67 -18.05 29.96
C ASN C 69 -2.04 -19.20 29.03
N CYS C 70 -3.34 -19.39 28.83
CA CYS C 70 -3.83 -20.51 28.04
C CYS C 70 -4.16 -20.10 26.61
N LEU C 71 -3.43 -20.66 25.65
CA LEU C 71 -3.76 -20.45 24.24
C LEU C 71 -4.85 -21.43 23.81
N VAL C 72 -6.07 -20.92 23.64
CA VAL C 72 -7.22 -21.78 23.45
C VAL C 72 -7.93 -21.55 22.10
N GLN C 73 -8.42 -22.64 21.50
CA GLN C 73 -9.25 -22.56 20.31
C GLN C 73 -10.69 -22.25 20.71
N ASN C 74 -11.35 -21.40 19.92
CA ASN C 74 -12.73 -20.99 20.23
C ASN C 74 -13.76 -22.05 19.87
N GLU C 75 -14.03 -22.95 20.80
CA GLU C 75 -15.08 -23.95 20.64
C GLU C 75 -16.32 -23.51 21.40
N PRO C 76 -17.51 -23.99 20.96
CA PRO C 76 -18.76 -23.66 21.67
C PRO C 76 -18.74 -24.11 23.13
N GLY C 77 -18.79 -23.15 24.05
CA GLY C 77 -18.80 -23.45 25.47
C GLY C 77 -17.45 -23.88 26.00
N VAL C 78 -16.39 -23.24 25.52
CA VAL C 78 -15.04 -23.58 25.93
C VAL C 78 -14.68 -22.88 27.25
N LEU C 79 -15.31 -21.73 27.50
CA LEU C 79 -15.07 -20.99 28.74
C LEU C 79 -15.60 -21.75 29.93
N SER C 80 -16.81 -22.29 29.79
CA SER C 80 -17.43 -23.07 30.86
C SER C 80 -16.76 -24.42 31.02
N ARG C 81 -15.92 -24.78 30.05
CA ARG C 81 -15.19 -26.04 30.10
C ARG C 81 -13.93 -25.90 30.95
N VAL C 82 -13.20 -24.81 30.74
CA VAL C 82 -11.98 -24.55 31.50
C VAL C 82 -12.30 -24.12 32.92
N SER C 83 -13.16 -23.11 33.04
CA SER C 83 -13.57 -22.60 34.35
C SER C 83 -14.22 -23.69 35.20
N GLY C 84 -14.91 -24.61 34.54
CA GLY C 84 -15.52 -25.72 35.22
C GLY C 84 -14.48 -26.68 35.75
N THR C 85 -13.36 -26.80 35.04
CA THR C 85 -12.28 -27.69 35.44
C THR C 85 -11.58 -27.17 36.69
N LEU C 86 -11.32 -25.87 36.73
CA LEU C 86 -10.65 -25.25 37.87
C LEU C 86 -11.51 -25.34 39.13
N ALA C 87 -12.82 -25.21 38.96
CA ALA C 87 -13.74 -25.23 40.09
C ALA C 87 -13.96 -26.64 40.61
N ALA C 88 -14.05 -27.59 39.69
CA ALA C 88 -14.34 -28.98 40.06
C ALA C 88 -13.18 -29.63 40.79
N ARG C 89 -12.00 -29.03 40.71
CA ARG C 89 -10.80 -29.60 41.31
C ARG C 89 -10.28 -28.76 42.47
N GLY C 90 -11.12 -27.83 42.93
CA GLY C 90 -10.82 -27.05 44.11
C GLY C 90 -9.58 -26.18 44.04
N PHE C 91 -9.31 -25.62 42.85
CA PHE C 91 -8.20 -24.70 42.70
C PHE C 91 -8.61 -23.30 43.13
N ASN C 92 -7.72 -22.62 43.84
CA ASN C 92 -8.00 -21.27 44.32
C ASN C 92 -7.56 -20.21 43.31
N ILE C 93 -8.42 -19.95 42.33
CA ILE C 93 -8.15 -18.93 41.33
C ILE C 93 -8.64 -17.57 41.78
N ASP C 94 -7.93 -16.52 41.39
CA ASP C 94 -8.28 -15.17 41.78
C ASP C 94 -8.97 -14.41 40.64
N SER C 95 -8.58 -14.75 39.41
CA SER C 95 -9.15 -14.11 38.23
C SER C 95 -8.91 -14.94 36.97
N LEU C 96 -9.93 -15.01 36.12
CA LEU C 96 -9.83 -15.69 34.84
C LEU C 96 -10.48 -14.83 33.76
N VAL C 97 -9.66 -14.28 32.88
CA VAL C 97 -10.14 -13.37 31.84
C VAL C 97 -9.82 -13.89 30.44
N VAL C 98 -10.85 -13.93 29.59
CA VAL C 98 -10.68 -14.39 28.21
C VAL C 98 -10.38 -13.22 27.28
N CYS C 99 -9.18 -13.21 26.72
CA CYS C 99 -8.76 -12.15 25.81
C CYS C 99 -8.85 -12.61 24.37
N ASN C 100 -9.37 -11.73 23.51
CA ASN C 100 -9.50 -12.05 22.09
C ASN C 100 -8.32 -11.57 21.27
N THR C 101 -7.58 -12.50 20.69
CA THR C 101 -6.53 -12.15 19.74
C THR C 101 -7.16 -11.80 18.41
N GLU C 102 -6.42 -11.10 17.56
CA GLU C 102 -6.92 -10.75 16.23
C GLU C 102 -6.67 -11.89 15.25
N VAL C 103 -6.87 -13.11 15.71
CA VAL C 103 -6.68 -14.31 14.89
C VAL C 103 -7.95 -15.16 14.92
N LYS C 104 -8.31 -15.73 13.76
CA LYS C 104 -9.51 -16.54 13.61
C LYS C 104 -9.56 -17.70 14.60
N ASP C 105 -10.62 -17.72 15.41
CA ASP C 105 -10.88 -18.82 16.35
C ASP C 105 -9.73 -19.07 17.31
N LEU C 106 -9.05 -18.01 17.74
CA LEU C 106 -7.97 -18.13 18.71
C LEU C 106 -8.12 -17.11 19.83
N SER C 107 -8.23 -17.61 21.06
CA SER C 107 -8.35 -16.74 22.22
C SER C 107 -7.40 -17.18 23.32
N ARG C 108 -6.81 -16.20 24.01
CA ARG C 108 -5.92 -16.50 25.13
C ARG C 108 -6.58 -16.13 26.45
N MET C 109 -6.37 -16.95 27.47
CA MET C 109 -6.95 -16.72 28.78
C MET C 109 -5.87 -16.56 29.84
N THR C 110 -5.92 -15.45 30.58
CA THR C 110 -4.96 -15.21 31.64
C THR C 110 -5.52 -15.66 32.99
N ILE C 111 -4.97 -16.74 33.52
CA ILE C 111 -5.43 -17.27 34.80
C ILE C 111 -4.47 -16.91 35.93
N VAL C 112 -4.98 -16.23 36.95
CA VAL C 112 -4.18 -15.87 38.10
C VAL C 112 -4.64 -16.65 39.33
N LEU C 113 -3.71 -17.37 39.95
CA LEU C 113 -4.04 -18.22 41.09
C LEU C 113 -2.87 -18.33 42.06
N GLN C 114 -3.17 -18.46 43.34
CA GLN C 114 -2.13 -18.56 44.36
C GLN C 114 -1.98 -19.99 44.85
N GLY C 115 -0.75 -20.35 45.23
CA GLY C 115 -0.44 -21.69 45.67
C GLY C 115 1.05 -21.96 45.52
N GLN C 116 1.47 -23.19 45.83
CA GLN C 116 2.87 -23.56 45.70
C GLN C 116 3.16 -24.15 44.33
N ASP C 117 4.44 -24.16 43.95
CA ASP C 117 4.87 -24.56 42.62
C ASP C 117 4.38 -25.94 42.19
N GLY C 118 4.22 -26.84 43.15
CA GLY C 118 3.75 -28.18 42.87
C GLY C 118 2.31 -28.23 42.41
N VAL C 119 1.45 -27.46 43.07
CA VAL C 119 0.03 -27.43 42.76
C VAL C 119 -0.25 -26.68 41.46
N ILE C 120 0.47 -25.58 41.25
CA ILE C 120 0.28 -24.75 40.08
C ILE C 120 0.58 -25.51 38.79
N GLU C 121 1.67 -26.27 38.80
CA GLU C 121 2.05 -27.09 37.66
C GLU C 121 0.98 -28.15 37.37
N GLN C 122 0.38 -28.67 38.44
CA GLN C 122 -0.71 -29.63 38.31
C GLN C 122 -1.92 -28.97 37.68
N ALA C 123 -2.18 -27.71 38.06
CA ALA C 123 -3.27 -26.94 37.47
C ALA C 123 -2.99 -26.67 36.00
N ARG C 124 -1.74 -26.37 35.68
CA ARG C 124 -1.32 -26.08 34.32
C ARG C 124 -1.49 -27.31 33.42
N ARG C 125 -0.97 -28.44 33.88
CA ARG C 125 -1.04 -29.69 33.13
C ARG C 125 -2.49 -30.17 32.97
N GLN C 126 -3.30 -29.89 33.98
CA GLN C 126 -4.70 -30.29 33.97
C GLN C 126 -5.47 -29.54 32.89
N ILE C 127 -5.21 -28.22 32.81
CA ILE C 127 -5.85 -27.38 31.81
C ILE C 127 -5.34 -27.71 30.41
N GLU C 128 -4.03 -27.85 30.29
CA GLU C 128 -3.40 -28.09 28.99
C GLU C 128 -3.84 -29.42 28.38
N ASP C 129 -4.25 -30.35 29.24
CA ASP C 129 -4.67 -31.67 28.77
C ASP C 129 -6.02 -31.61 28.06
N LEU C 130 -6.74 -30.52 28.27
CA LEU C 130 -8.01 -30.29 27.59
C LEU C 130 -7.81 -30.27 26.08
N VAL C 131 -8.82 -30.71 25.35
CA VAL C 131 -8.75 -30.75 23.89
C VAL C 131 -8.69 -29.37 23.22
N PRO C 132 -9.59 -28.43 23.61
CA PRO C 132 -9.60 -27.19 22.82
C PRO C 132 -8.42 -26.25 23.09
N VAL C 133 -7.55 -26.59 24.04
CA VAL C 133 -6.41 -25.73 24.34
C VAL C 133 -5.15 -26.21 23.62
N TYR C 134 -4.32 -25.26 23.19
CA TYR C 134 -3.07 -25.58 22.51
C TYR C 134 -1.97 -25.84 23.53
N ALA C 135 -1.72 -24.85 24.38
CA ALA C 135 -0.70 -24.95 25.42
C ALA C 135 -0.95 -23.92 26.51
N VAL C 136 -0.45 -24.20 27.71
CA VAL C 136 -0.57 -23.26 28.83
C VAL C 136 0.80 -22.83 29.32
N LEU C 137 1.09 -21.54 29.19
CA LEU C 137 2.39 -21.00 29.56
C LEU C 137 2.39 -20.53 31.01
N ASP C 138 3.55 -20.58 31.65
CA ASP C 138 3.69 -20.13 33.02
C ASP C 138 4.46 -18.80 33.07
N TYR C 139 3.74 -17.71 33.25
CA TYR C 139 4.35 -16.38 33.26
C TYR C 139 4.93 -16.01 34.61
N THR C 140 4.84 -16.93 35.56
CA THR C 140 5.47 -16.73 36.86
C THR C 140 6.98 -16.74 36.68
N ASN C 141 7.68 -15.95 37.50
CA ASN C 141 9.13 -15.80 37.40
C ASN C 141 9.56 -15.28 36.03
N SER C 142 8.68 -14.54 35.37
CA SER C 142 8.95 -13.96 34.06
C SER C 142 8.49 -12.52 34.00
N GLU C 143 9.29 -11.67 33.37
CA GLU C 143 8.98 -10.25 33.25
C GLU C 143 7.80 -10.04 32.31
N ILE C 144 6.63 -9.78 32.88
CA ILE C 144 5.42 -9.56 32.09
C ILE C 144 4.77 -8.23 32.46
N ILE C 145 3.87 -7.76 31.61
CA ILE C 145 3.14 -6.52 31.88
C ILE C 145 1.75 -6.82 32.41
N LYS C 146 1.61 -6.77 33.73
CA LYS C 146 0.33 -7.00 34.38
C LYS C 146 -0.56 -5.77 34.24
N ARG C 147 -1.81 -5.97 33.83
CA ARG C 147 -2.73 -4.86 33.60
C ARG C 147 -4.18 -5.19 33.97
N GLU C 148 -4.70 -4.48 34.95
CA GLU C 148 -6.13 -4.52 35.27
C GLU C 148 -6.80 -3.23 34.80
N LEU C 149 -8.11 -3.28 34.57
CA LEU C 149 -8.86 -2.09 34.22
C LEU C 149 -9.99 -1.86 35.22
N VAL C 150 -10.02 -0.68 35.82
CA VAL C 150 -11.03 -0.37 36.83
C VAL C 150 -11.81 0.90 36.47
N MET C 151 -13.12 0.83 36.63
CA MET C 151 -13.98 2.00 36.48
C MET C 151 -14.80 2.20 37.75
N ALA C 152 -14.60 3.33 38.42
CA ALA C 152 -15.25 3.57 39.69
C ALA C 152 -16.00 4.90 39.71
N ARG C 153 -17.17 4.91 40.36
CA ARG C 153 -17.92 6.13 40.57
C ARG C 153 -17.69 6.63 41.98
N ILE C 154 -17.23 7.87 42.10
CA ILE C 154 -16.85 8.43 43.40
C ILE C 154 -17.67 9.67 43.76
N SER C 155 -18.22 9.68 44.97
CA SER C 155 -19.01 10.80 45.44
C SER C 155 -18.16 12.04 45.70
N LEU C 156 -18.75 13.22 45.47
CA LEU C 156 -18.06 14.48 45.71
C LEU C 156 -18.66 15.22 46.90
N LEU C 157 -19.68 14.63 47.50
CA LEU C 157 -20.40 15.28 48.59
C LEU C 157 -19.72 15.11 49.94
N GLY C 158 -18.61 14.40 49.98
CA GLY C 158 -17.83 14.26 51.19
C GLY C 158 -18.05 12.96 51.94
N THR C 159 -17.42 12.85 53.10
CA THR C 159 -17.45 11.62 53.89
C THR C 159 -18.78 11.44 54.62
N GLU C 160 -19.28 12.51 55.22
CA GLU C 160 -20.51 12.45 56.01
C GLU C 160 -21.70 11.97 55.19
N TYR C 161 -21.82 12.47 53.96
CA TYR C 161 -22.92 12.09 53.08
C TYR C 161 -22.81 10.62 52.68
N PHE C 162 -21.58 10.13 52.55
CA PHE C 162 -21.36 8.78 52.08
C PHE C 162 -21.82 7.73 53.08
N GLU C 163 -21.58 7.97 54.36
CA GLU C 163 -22.01 7.04 55.40
C GLU C 163 -23.48 7.25 55.73
N ASP C 164 -24.07 8.31 55.18
CA ASP C 164 -25.50 8.54 55.27
C ASP C 164 -26.21 7.75 54.17
N LEU C 165 -25.66 7.84 52.96
CA LEU C 165 -26.20 7.11 51.82
C LEU C 165 -26.04 5.61 52.02
N LEU C 166 -24.97 5.22 52.69
CA LEU C 166 -24.68 3.80 52.94
C LEU C 166 -25.66 3.22 53.95
N LEU C 167 -25.94 3.97 55.01
CA LEU C 167 -26.85 3.53 56.06
C LEU C 167 -28.29 3.57 55.56
N HIS C 168 -28.52 4.33 54.49
CA HIS C 168 -29.84 4.41 53.89
C HIS C 168 -30.23 3.09 53.25
N HIS C 169 -29.33 2.53 52.44
CA HIS C 169 -29.58 1.26 51.77
C HIS C 169 -29.23 0.08 52.66
N HIS C 170 -28.78 0.38 53.88
CA HIS C 170 -28.48 -0.67 54.86
C HIS C 170 -29.72 -0.97 55.69
N THR C 171 -30.84 -0.35 55.31
CA THR C 171 -32.10 -0.53 56.02
C THR C 171 -32.77 -1.85 55.64
N SER C 172 -32.09 -2.62 54.80
CA SER C 172 -32.58 -3.94 54.41
C SER C 172 -32.58 -4.89 55.61
N THR C 173 -31.69 -4.61 56.57
CA THR C 173 -31.60 -5.40 57.78
C THR C 173 -31.87 -4.53 59.01
N ASN C 174 -32.55 -5.09 59.99
CA ASN C 174 -32.89 -4.41 61.24
C ASN C 174 -33.70 -3.14 61.01
N ALA C 175 -34.82 -3.28 60.34
CA ALA C 175 -35.72 -2.14 60.09
C ALA C 175 -36.79 -2.06 61.17
N GLY C 176 -36.66 -2.91 62.18
CA GLY C 176 -37.62 -2.96 63.27
C GLY C 176 -37.56 -1.74 64.17
N ALA C 177 -38.69 -1.05 64.28
CA ALA C 177 -38.84 0.13 65.14
C ALA C 177 -37.88 1.26 64.78
N ALA C 178 -37.33 1.20 63.57
CA ALA C 178 -36.40 2.22 63.07
C ALA C 178 -35.26 2.50 64.05
N ASP C 179 -34.46 1.49 64.32
CA ASP C 179 -33.38 1.61 65.30
C ASP C 179 -32.18 2.37 64.73
N SER C 180 -32.19 2.61 63.42
CA SER C 180 -31.09 3.28 62.76
C SER C 180 -31.17 4.80 62.91
N GLN C 181 -32.22 5.28 63.55
CA GLN C 181 -32.44 6.71 63.72
C GLN C 181 -31.34 7.37 64.54
N GLU C 182 -30.99 6.77 65.66
CA GLU C 182 -29.95 7.32 66.53
C GLU C 182 -28.58 7.21 65.88
N LEU C 183 -28.41 6.25 64.99
CA LEU C 183 -27.17 6.10 64.24
C LEU C 183 -27.11 7.14 63.13
N VAL C 184 -28.27 7.50 62.60
CA VAL C 184 -28.37 8.49 61.55
C VAL C 184 -28.23 9.91 62.10
N ALA C 185 -28.82 10.13 63.28
CA ALA C 185 -28.87 11.46 63.90
C ALA C 185 -27.49 12.10 64.05
N GLU C 186 -26.53 11.34 64.54
CA GLU C 186 -25.18 11.87 64.77
C GLU C 186 -24.42 12.10 63.47
N ILE C 187 -24.86 11.44 62.39
CA ILE C 187 -24.23 11.61 61.09
C ILE C 187 -24.60 12.95 60.47
N ARG C 188 -25.88 13.26 60.47
CA ARG C 188 -26.39 14.48 59.84
C ARG C 188 -26.18 15.72 60.72
N GLU C 189 -25.66 15.50 61.93
CA GLU C 189 -25.38 16.60 62.83
C GLU C 189 -23.89 16.90 62.93
N LYS C 190 -23.13 16.38 61.97
CA LYS C 190 -21.69 16.67 61.91
C LYS C 190 -21.43 17.89 61.04
N GLN C 191 -20.34 18.58 61.33
CA GLN C 191 -20.05 19.90 60.76
C GLN C 191 -20.09 19.96 59.24
N PHE C 192 -19.35 19.08 58.57
CA PHE C 192 -19.20 19.17 57.13
C PHE C 192 -20.22 18.33 56.35
N HIS C 193 -21.28 17.91 57.02
CA HIS C 193 -22.39 17.29 56.32
C HIS C 193 -23.13 18.37 55.54
N PRO C 194 -23.41 18.11 54.26
CA PRO C 194 -24.02 19.11 53.35
C PRO C 194 -25.31 19.73 53.90
N ALA C 195 -26.04 18.98 54.71
CA ALA C 195 -27.30 19.46 55.28
C ALA C 195 -27.08 20.59 56.29
N ASN C 196 -25.83 20.78 56.70
CA ASN C 196 -25.48 21.82 57.65
C ASN C 196 -24.61 22.90 57.04
N LEU C 197 -24.38 22.79 55.73
CA LEU C 197 -23.53 23.74 55.02
C LEU C 197 -24.33 24.58 54.04
N PRO C 198 -23.89 25.82 53.79
CA PRO C 198 -24.51 26.63 52.74
C PRO C 198 -24.24 26.02 51.37
N ALA C 199 -25.18 26.15 50.44
CA ALA C 199 -25.06 25.54 49.13
C ALA C 199 -23.88 26.10 48.34
N SER C 200 -23.42 27.27 48.73
CA SER C 200 -22.26 27.89 48.10
C SER C 200 -20.98 27.14 48.45
N GLU C 201 -20.94 26.59 49.66
CA GLU C 201 -19.74 25.90 50.15
C GLU C 201 -19.69 24.46 49.67
N VAL C 202 -20.85 23.81 49.57
CA VAL C 202 -20.92 22.43 49.12
C VAL C 202 -20.54 22.34 47.63
N LEU C 203 -20.67 23.46 46.93
CA LEU C 203 -20.26 23.54 45.53
C LEU C 203 -18.74 23.49 45.43
N ARG C 204 -18.09 24.33 46.22
CA ARG C 204 -16.64 24.38 46.26
C ARG C 204 -16.06 23.08 46.84
N LEU C 205 -16.82 22.46 47.74
CA LEU C 205 -16.41 21.19 48.32
C LEU C 205 -16.49 20.06 47.28
N LYS C 206 -17.46 20.14 46.39
CA LYS C 206 -17.59 19.17 45.30
C LYS C 206 -16.38 19.20 44.40
N HIS C 207 -15.99 20.41 43.99
CA HIS C 207 -14.89 20.58 43.04
C HIS C 207 -13.53 20.39 43.71
N GLU C 208 -13.41 20.76 44.97
CA GLU C 208 -12.17 20.53 45.71
C GLU C 208 -11.93 19.03 45.83
N HIS C 209 -12.98 18.30 46.17
CA HIS C 209 -12.93 16.85 46.20
C HIS C 209 -12.63 16.31 44.80
N LEU C 210 -13.26 16.92 43.80
CA LEU C 210 -13.09 16.50 42.41
C LEU C 210 -11.64 16.67 41.95
N ASN C 211 -11.04 17.79 42.35
CA ASN C 211 -9.65 18.05 41.98
C ASN C 211 -8.68 17.19 42.77
N ASP C 212 -9.07 16.81 43.98
CA ASP C 212 -8.27 15.89 44.78
C ASP C 212 -8.27 14.51 44.12
N ILE C 213 -9.41 14.12 43.55
CA ILE C 213 -9.53 12.86 42.85
C ILE C 213 -8.84 12.92 41.49
N THR C 214 -9.01 14.05 40.80
CA THR C 214 -8.41 14.24 39.49
C THR C 214 -6.89 14.25 39.54
N ASN C 215 -6.33 15.01 40.46
CA ASN C 215 -4.88 15.07 40.62
C ASN C 215 -4.32 13.77 41.18
N LEU C 216 -5.21 12.92 41.70
CA LEU C 216 -4.84 11.61 42.21
C LEU C 216 -4.81 10.59 41.08
N THR C 217 -5.85 10.60 40.25
CA THR C 217 -5.95 9.64 39.15
C THR C 217 -5.01 10.03 38.01
N ASN C 218 -4.61 11.29 37.96
CA ASN C 218 -3.62 11.74 36.99
C ASN C 218 -2.23 11.19 37.33
N ASN C 219 -1.97 11.07 38.63
CA ASN C 219 -0.70 10.54 39.12
C ASN C 219 -0.54 9.07 38.79
N PHE C 220 -1.63 8.31 38.89
CA PHE C 220 -1.60 6.88 38.62
C PHE C 220 -1.68 6.58 37.13
N GLY C 221 -1.94 7.60 36.33
CA GLY C 221 -2.03 7.44 34.89
C GLY C 221 -3.46 7.18 34.44
N GLY C 222 -4.41 7.40 35.33
CA GLY C 222 -5.82 7.23 35.01
C GLY C 222 -6.42 8.50 34.45
N ARG C 223 -7.75 8.56 34.41
CA ARG C 223 -8.45 9.70 33.85
C ARG C 223 -9.89 9.77 34.31
N VAL C 224 -10.41 10.98 34.47
CA VAL C 224 -11.81 11.18 34.80
C VAL C 224 -12.62 11.32 33.52
N VAL C 225 -13.55 10.39 33.30
CA VAL C 225 -14.29 10.34 32.04
C VAL C 225 -15.71 10.88 32.18
N ASP C 226 -16.16 11.09 33.41
CA ASP C 226 -17.51 11.59 33.65
C ASP C 226 -17.57 12.48 34.88
N ILE C 227 -18.27 13.60 34.75
CA ILE C 227 -18.50 14.52 35.87
C ILE C 227 -19.97 14.89 35.96
N SER C 228 -20.57 14.71 37.12
CA SER C 228 -21.99 15.00 37.30
C SER C 228 -22.23 15.98 38.45
N GLU C 229 -23.51 16.13 38.81
CA GLU C 229 -23.90 17.06 39.87
C GLU C 229 -23.41 16.61 41.24
N THR C 230 -23.24 15.29 41.39
CA THR C 230 -22.93 14.72 42.69
C THR C 230 -21.64 13.91 42.67
N SER C 231 -21.43 13.15 41.60
CA SER C 231 -20.30 12.22 41.54
C SER C 231 -19.46 12.37 40.28
N CYS C 232 -18.49 11.47 40.12
CA CYS C 232 -17.63 11.44 38.95
C CYS C 232 -17.13 10.02 38.70
N ILE C 233 -16.78 9.71 37.46
CA ILE C 233 -16.30 8.37 37.12
C ILE C 233 -14.84 8.39 36.69
N VAL C 234 -14.03 7.58 37.36
CA VAL C 234 -12.61 7.48 37.04
C VAL C 234 -12.30 6.18 36.31
N GLU C 235 -11.29 6.24 35.43
CA GLU C 235 -10.85 5.06 34.71
C GLU C 235 -9.34 4.90 34.84
N LEU C 236 -8.90 3.76 35.35
CA LEU C 236 -7.47 3.51 35.54
C LEU C 236 -7.07 2.12 35.09
N SER C 237 -6.02 2.04 34.28
CA SER C 237 -5.47 0.76 33.85
C SER C 237 -4.02 0.63 34.32
N ALA C 238 -3.79 -0.31 35.23
CA ALA C 238 -2.46 -0.57 35.75
C ALA C 238 -2.37 -1.99 36.30
N LYS C 239 -1.19 -2.36 36.80
CA LYS C 239 -1.03 -3.66 37.43
C LYS C 239 -1.85 -3.70 38.72
N PRO C 240 -2.36 -4.89 39.08
CA PRO C 240 -3.26 -5.09 40.23
C PRO C 240 -2.81 -4.41 41.52
N THR C 241 -1.51 -4.21 41.69
CA THR C 241 -0.99 -3.54 42.87
C THR C 241 -1.38 -2.07 42.91
N ARG C 242 -1.13 -1.37 41.80
CA ARG C 242 -1.46 0.05 41.71
C ARG C 242 -2.97 0.28 41.74
N ILE C 243 -3.71 -0.63 41.11
CA ILE C 243 -5.17 -0.54 41.09
C ILE C 243 -5.73 -0.60 42.51
N SER C 244 -5.24 -1.54 43.30
CA SER C 244 -5.68 -1.69 44.69
C SER C 244 -5.24 -0.49 45.53
N ALA C 245 -4.03 0.00 45.28
CA ALA C 245 -3.51 1.15 46.01
C ALA C 245 -4.32 2.40 45.70
N PHE C 246 -4.76 2.53 44.46
CA PHE C 246 -5.56 3.66 44.03
C PHE C 246 -6.94 3.62 44.66
N LEU C 247 -7.55 2.44 44.69
CA LEU C 247 -8.87 2.26 45.28
C LEU C 247 -8.86 2.48 46.78
N LYS C 248 -7.68 2.33 47.39
CA LYS C 248 -7.52 2.55 48.82
C LYS C 248 -7.40 4.04 49.12
N LEU C 249 -6.97 4.81 48.11
CA LEU C 249 -6.78 6.25 48.27
C LEU C 249 -8.05 7.04 47.97
N VAL C 250 -8.87 6.52 47.07
CA VAL C 250 -10.13 7.17 46.73
C VAL C 250 -11.27 6.68 47.61
N GLU C 251 -11.00 5.62 48.37
CA GLU C 251 -11.97 5.05 49.30
C GLU C 251 -12.56 6.06 50.30
N PRO C 252 -11.72 6.92 50.92
CA PRO C 252 -12.29 7.88 51.87
C PRO C 252 -13.31 8.84 51.25
N PHE C 253 -13.16 9.15 49.97
CA PHE C 253 -14.09 10.06 49.30
C PHE C 253 -15.47 9.44 49.14
N GLY C 254 -15.52 8.11 49.11
CA GLY C 254 -16.77 7.40 48.98
C GLY C 254 -17.00 6.85 47.59
N VAL C 255 -16.72 5.56 47.41
CA VAL C 255 -16.92 4.90 46.12
C VAL C 255 -18.34 4.38 45.99
N LEU C 256 -19.08 4.91 45.03
CA LEU C 256 -20.48 4.55 44.83
C LEU C 256 -20.60 3.26 44.03
N GLU C 257 -19.90 3.21 42.90
CA GLU C 257 -19.84 1.99 42.08
C GLU C 257 -18.40 1.66 41.73
N CYS C 258 -18.13 0.39 41.49
CA CYS C 258 -16.79 -0.04 41.11
C CYS C 258 -16.82 -1.29 40.24
N ALA C 259 -15.83 -1.41 39.37
CA ALA C 259 -15.73 -2.56 38.48
C ALA C 259 -14.30 -2.74 38.00
N ARG C 260 -13.60 -3.71 38.57
CA ARG C 260 -12.21 -3.99 38.19
C ARG C 260 -12.07 -5.38 37.59
N SER C 261 -11.57 -5.43 36.36
CA SER C 261 -11.39 -6.69 35.65
C SER C 261 -10.16 -7.44 36.16
N GLY C 262 -10.07 -8.71 35.80
CA GLY C 262 -8.89 -9.50 36.11
C GLY C 262 -7.70 -8.98 35.32
N MET C 263 -6.49 -9.37 35.73
CA MET C 263 -5.30 -8.87 35.06
C MET C 263 -5.10 -9.53 33.70
N MET C 264 -4.51 -8.79 32.78
CA MET C 264 -4.08 -9.35 31.50
C MET C 264 -2.57 -9.48 31.51
N ALA C 265 -2.04 -10.48 30.81
CA ALA C 265 -0.61 -10.72 30.82
C ALA C 265 -0.01 -10.73 29.42
N LEU C 266 1.05 -9.96 29.23
CA LEU C 266 1.77 -9.92 27.98
C LEU C 266 3.25 -9.71 28.26
N PRO C 267 4.05 -10.78 28.10
CA PRO C 267 5.48 -10.77 28.47
C PRO C 267 6.30 -9.76 27.69
N ARG C 268 7.34 -9.24 28.33
CA ARG C 268 8.22 -8.27 27.68
C ARG C 268 9.62 -8.86 27.53
N THR C 269 10.57 -8.04 27.09
CA THR C 269 11.94 -8.48 26.92
C THR C 269 12.91 -7.58 27.70
N PRO C 270 13.33 -8.04 28.88
CA PRO C 270 14.25 -7.28 29.73
C PRO C 270 15.62 -7.09 29.08
N LEU C 271 15.85 -5.91 28.53
CA LEU C 271 17.11 -5.62 27.84
C LEU C 271 18.21 -5.20 28.81
N LYS C 272 19.45 -5.40 28.40
CA LYS C 272 20.61 -5.01 29.18
C LYS C 272 21.77 -4.65 28.26
N THR C 273 22.61 -3.72 28.71
CA THR C 273 23.65 -3.14 27.85
C THR C 273 24.68 -4.16 27.38
N SER C 274 25.56 -3.72 26.49
CA SER C 274 26.57 -4.58 25.89
C SER C 274 27.59 -5.10 26.90
N THR C 275 27.74 -4.39 28.01
CA THR C 275 28.64 -4.82 29.07
C THR C 275 27.87 -5.52 30.19
N GLU C 276 26.55 -5.37 30.16
CA GLU C 276 25.67 -6.07 31.09
C GLU C 276 25.43 -7.49 30.60
N GLU C 277 25.27 -7.64 29.29
CA GLU C 277 25.05 -8.94 28.68
C GLU C 277 26.34 -9.75 28.63
N ALA C 278 27.46 -9.09 28.89
CA ALA C 278 28.77 -9.72 28.84
C ALA C 278 29.07 -10.51 30.12
N ALA C 279 28.02 -10.85 30.86
CA ALA C 279 28.17 -11.69 32.05
C ALA C 279 28.11 -13.16 31.64
N ASP C 280 29.07 -13.58 30.82
CA ASP C 280 29.11 -14.93 30.29
C ASP C 280 29.96 -15.85 31.15
N GLU C 281 30.08 -15.50 32.43
CA GLU C 281 30.97 -16.22 33.34
C GLU C 281 30.57 -17.69 33.50
N ASP C 282 31.58 -18.55 33.49
CA ASP C 282 31.35 -19.99 33.48
C ASP C 282 31.53 -20.58 34.88
N ARG D 31 16.76 36.33 -9.23
CA ARG D 31 15.93 35.88 -8.12
C ARG D 31 15.94 34.35 -8.03
N PRO D 32 16.05 33.81 -6.80
CA PRO D 32 15.99 32.36 -6.56
C PRO D 32 14.75 31.71 -7.20
N PRO D 33 14.94 30.53 -7.81
CA PRO D 33 13.89 29.82 -8.55
C PRO D 33 12.65 29.52 -7.70
N LEU D 34 12.73 28.49 -6.86
CA LEU D 34 11.62 28.05 -6.02
C LEU D 34 10.41 27.67 -6.86
N PRO D 35 10.28 26.38 -7.22
CA PRO D 35 9.17 25.89 -8.03
C PRO D 35 7.83 26.09 -7.33
N THR D 36 6.77 26.28 -8.13
CA THR D 36 5.45 26.55 -7.57
C THR D 36 4.71 25.27 -7.20
N LEU D 37 3.75 25.39 -6.30
CA LEU D 37 2.93 24.26 -5.88
C LEU D 37 1.47 24.48 -6.28
N ASP D 38 1.25 24.60 -7.58
CA ASP D 38 -0.10 24.85 -8.11
C ASP D 38 -1.02 23.66 -7.89
N THR D 39 -1.41 23.43 -6.64
CA THR D 39 -2.36 22.37 -6.32
C THR D 39 -3.76 22.77 -6.79
N PRO D 40 -4.38 21.91 -7.60
CA PRO D 40 -5.71 22.15 -8.18
C PRO D 40 -6.76 22.50 -7.14
N SER D 41 -7.68 23.40 -7.51
CA SER D 41 -8.74 23.81 -6.61
C SER D 41 -10.07 23.20 -7.04
N TRP D 42 -10.85 22.74 -6.06
CA TRP D 42 -12.18 22.20 -6.34
C TRP D 42 -13.08 23.26 -6.96
N ASN D 43 -13.92 22.85 -7.90
CA ASN D 43 -14.97 23.72 -8.39
C ASN D 43 -16.31 23.21 -7.88
N ALA D 44 -17.36 24.01 -8.04
CA ALA D 44 -18.68 23.69 -7.51
C ALA D 44 -19.18 22.32 -7.97
N ASN D 45 -18.91 21.99 -9.23
CA ASN D 45 -19.37 20.73 -9.81
C ASN D 45 -18.61 19.52 -9.27
N SER D 46 -17.29 19.56 -9.33
CA SER D 46 -16.47 18.43 -8.90
C SER D 46 -16.54 18.20 -7.39
N ALA D 47 -16.72 19.29 -6.65
CA ALA D 47 -16.79 19.20 -5.19
C ALA D 47 -18.00 18.41 -4.73
N VAL D 48 -19.18 18.81 -5.20
CA VAL D 48 -20.42 18.15 -4.81
C VAL D 48 -20.47 16.74 -5.39
N SER D 49 -19.74 16.51 -6.47
CA SER D 49 -19.69 15.20 -7.10
C SER D 49 -18.92 14.22 -6.23
N SER D 50 -17.89 14.71 -5.56
CA SER D 50 -17.07 13.87 -4.69
C SER D 50 -17.79 13.59 -3.37
N ILE D 51 -18.40 14.63 -2.79
CA ILE D 51 -19.10 14.49 -1.52
C ILE D 51 -20.25 13.50 -1.62
N ILE D 52 -20.99 13.57 -2.73
CA ILE D 52 -22.08 12.63 -3.00
C ILE D 52 -21.53 11.21 -3.18
N TYR D 53 -20.38 11.11 -3.83
CA TYR D 53 -19.75 9.81 -4.09
C TYR D 53 -19.35 9.08 -2.81
N GLU D 54 -19.11 9.82 -1.74
CA GLU D 54 -18.66 9.23 -0.49
C GLU D 54 -19.80 8.95 0.48
N THR D 55 -20.99 8.68 -0.06
CA THR D 55 -22.15 8.39 0.76
C THR D 55 -22.46 6.89 0.79
N PRO D 56 -22.78 6.35 1.98
CA PRO D 56 -23.04 4.92 2.18
C PRO D 56 -24.37 4.45 1.57
N ALA D 57 -24.81 3.27 1.97
CA ALA D 57 -26.05 2.69 1.46
C ALA D 57 -27.32 3.35 2.04
N PRO D 58 -27.40 3.50 3.37
CA PRO D 58 -26.57 3.08 4.51
C PRO D 58 -27.18 1.92 5.29
N SER D 59 -26.44 1.43 6.28
CA SER D 59 -26.93 0.42 7.22
C SER D 59 -27.46 -0.84 6.54
N ARG D 60 -26.55 -1.73 6.14
CA ARG D 60 -26.94 -3.01 5.57
C ARG D 60 -26.59 -4.15 6.53
N GLN D 61 -25.46 -4.00 7.21
CA GLN D 61 -24.97 -5.00 8.15
C GLN D 61 -23.87 -4.40 9.03
N PRO D 62 -23.77 -4.85 10.30
CA PRO D 62 -24.65 -5.82 10.94
C PRO D 62 -25.85 -5.17 11.64
N ARG D 63 -26.20 -5.68 12.81
CA ARG D 63 -27.34 -5.18 13.56
C ARG D 63 -26.91 -4.54 14.88
N LYS D 64 -27.88 -4.01 15.62
CA LYS D 64 -27.63 -3.36 16.90
C LYS D 64 -27.18 -4.36 17.96
N GLN D 65 -26.20 -3.96 18.77
CA GLN D 65 -25.72 -4.81 19.86
C GLN D 65 -26.41 -4.46 21.17
N HIS D 66 -26.70 -5.48 21.97
CA HIS D 66 -27.30 -5.29 23.28
C HIS D 66 -26.29 -5.53 24.38
N VAL D 67 -26.30 -4.69 25.41
CA VAL D 67 -25.39 -4.84 26.54
C VAL D 67 -26.16 -5.09 27.83
N LEU D 68 -25.83 -6.18 28.51
CA LEU D 68 -26.48 -6.54 29.77
C LEU D 68 -25.49 -6.49 30.92
N ASN D 69 -25.98 -6.15 32.11
CA ASN D 69 -25.12 -6.06 33.28
C ASN D 69 -25.70 -6.83 34.46
N CYS D 70 -25.02 -7.91 34.85
CA CYS D 70 -25.52 -8.78 35.91
C CYS D 70 -24.89 -8.46 37.26
N LEU D 71 -25.72 -8.48 38.31
CA LEU D 71 -25.24 -8.32 39.67
C LEU D 71 -25.38 -9.65 40.40
N VAL D 72 -24.28 -10.36 40.56
CA VAL D 72 -24.32 -11.73 41.07
C VAL D 72 -23.58 -11.90 42.41
N GLN D 73 -23.99 -12.93 43.16
CA GLN D 73 -23.25 -13.35 44.35
C GLN D 73 -22.02 -14.13 43.90
N ASN D 74 -20.90 -13.90 44.58
CA ASN D 74 -19.66 -14.57 44.21
C ASN D 74 -19.58 -15.99 44.77
N GLU D 75 -20.58 -16.81 44.43
CA GLU D 75 -20.62 -18.20 44.87
C GLU D 75 -19.77 -19.06 43.93
N PRO D 76 -19.22 -20.17 44.45
CA PRO D 76 -18.41 -21.08 43.63
C PRO D 76 -19.20 -21.66 42.45
N GLY D 77 -18.78 -21.33 41.24
CA GLY D 77 -19.37 -21.90 40.04
C GLY D 77 -20.40 -21.03 39.35
N VAL D 78 -20.47 -19.76 39.74
CA VAL D 78 -21.41 -18.82 39.14
C VAL D 78 -21.09 -18.61 37.66
N LEU D 79 -19.80 -18.43 37.36
CA LEU D 79 -19.34 -18.24 35.99
C LEU D 79 -19.77 -19.39 35.10
N SER D 80 -19.74 -20.60 35.65
CA SER D 80 -20.14 -21.79 34.91
C SER D 80 -21.65 -21.82 34.69
N ARG D 81 -22.39 -21.24 35.63
CA ARG D 81 -23.85 -21.20 35.54
C ARG D 81 -24.32 -20.26 34.43
N VAL D 82 -23.88 -19.02 34.51
CA VAL D 82 -24.34 -17.98 33.58
C VAL D 82 -23.88 -18.24 32.14
N SER D 83 -22.58 -18.51 31.97
CA SER D 83 -22.05 -18.81 30.65
C SER D 83 -22.65 -20.10 30.11
N GLY D 84 -22.87 -21.05 31.00
CA GLY D 84 -23.45 -22.33 30.63
C GLY D 84 -24.92 -22.22 30.24
N THR D 85 -25.62 -21.28 30.89
CA THR D 85 -27.03 -21.04 30.58
C THR D 85 -27.18 -20.44 29.20
N LEU D 86 -26.38 -19.41 28.92
CA LEU D 86 -26.43 -18.73 27.63
C LEU D 86 -25.94 -19.62 26.50
N ALA D 87 -25.14 -20.62 26.84
CA ALA D 87 -24.62 -21.57 25.86
C ALA D 87 -25.65 -22.65 25.56
N ALA D 88 -26.33 -23.13 26.60
CA ALA D 88 -27.34 -24.16 26.46
C ALA D 88 -28.49 -23.65 25.59
N ARG D 89 -28.86 -22.39 25.80
CA ARG D 89 -29.88 -21.75 24.97
C ARG D 89 -29.29 -21.34 23.63
N GLY D 90 -30.14 -20.92 22.71
CA GLY D 90 -29.68 -20.49 21.40
C GLY D 90 -29.29 -19.02 21.39
N PHE D 91 -28.29 -18.67 22.19
CA PHE D 91 -27.85 -17.29 22.32
C PHE D 91 -26.43 -17.08 21.79
N ASN D 92 -26.26 -16.05 20.97
CA ASN D 92 -24.94 -15.70 20.45
C ASN D 92 -24.36 -14.52 21.20
N ILE D 93 -23.64 -14.80 22.28
CA ILE D 93 -23.00 -13.76 23.08
C ILE D 93 -21.67 -13.34 22.46
N ASP D 94 -21.40 -12.04 22.44
CA ASP D 94 -20.16 -11.53 21.89
C ASP D 94 -19.06 -11.54 22.94
N SER D 95 -19.40 -11.11 24.15
CA SER D 95 -18.43 -11.09 25.25
C SER D 95 -19.11 -11.29 26.59
N LEU D 96 -18.32 -11.65 27.60
CA LEU D 96 -18.81 -11.85 28.95
C LEU D 96 -17.66 -11.62 29.94
N VAL D 97 -17.74 -10.54 30.70
CA VAL D 97 -16.63 -10.13 31.56
C VAL D 97 -16.98 -10.12 33.04
N VAL D 98 -16.38 -11.02 33.80
CA VAL D 98 -16.52 -11.01 35.26
C VAL D 98 -15.54 -10.00 35.84
N CYS D 99 -16.00 -9.23 36.82
CA CYS D 99 -15.15 -8.23 37.45
C CYS D 99 -15.62 -7.90 38.86
N ASN D 100 -14.67 -7.76 39.78
CA ASN D 100 -14.98 -7.45 41.18
C ASN D 100 -15.53 -6.04 41.33
N THR D 101 -16.07 -5.75 42.51
CA THR D 101 -16.67 -4.45 42.77
C THR D 101 -16.32 -3.93 44.16
N GLU D 102 -15.24 -4.48 44.73
CA GLU D 102 -14.76 -4.10 46.06
C GLU D 102 -15.81 -4.30 47.14
N VAL D 103 -16.71 -5.25 46.90
CA VAL D 103 -17.72 -5.63 47.88
C VAL D 103 -17.67 -7.14 48.10
N LYS D 104 -17.71 -7.55 49.36
CA LYS D 104 -17.61 -8.97 49.71
C LYS D 104 -18.68 -9.82 49.04
N ASP D 105 -18.24 -10.89 48.38
CA ASP D 105 -19.11 -11.87 47.74
C ASP D 105 -20.04 -11.24 46.70
N LEU D 106 -19.61 -10.15 46.08
CA LEU D 106 -20.38 -9.51 45.04
C LEU D 106 -19.56 -9.34 43.75
N SER D 107 -20.11 -9.82 42.65
CA SER D 107 -19.43 -9.71 41.36
C SER D 107 -20.34 -9.08 40.33
N ARG D 108 -19.74 -8.47 39.31
CA ARG D 108 -20.49 -7.79 38.26
C ARG D 108 -20.07 -8.28 36.89
N MET D 109 -21.04 -8.64 36.05
CA MET D 109 -20.75 -9.18 34.73
C MET D 109 -21.39 -8.38 33.61
N THR D 110 -20.63 -8.14 32.56
CA THR D 110 -21.12 -7.39 31.41
C THR D 110 -21.20 -8.27 30.16
N ILE D 111 -22.41 -8.50 29.68
CA ILE D 111 -22.62 -9.41 28.55
C ILE D 111 -23.13 -8.67 27.32
N VAL D 112 -22.51 -8.93 26.18
CA VAL D 112 -22.93 -8.30 24.92
C VAL D 112 -23.69 -9.31 24.05
N LEU D 113 -24.93 -8.96 23.70
CA LEU D 113 -25.82 -9.87 22.99
C LEU D 113 -26.00 -9.53 21.52
N GLN D 114 -26.58 -10.48 20.78
CA GLN D 114 -26.88 -10.31 19.36
C GLN D 114 -28.26 -10.88 19.04
N GLY D 115 -29.16 -10.02 18.59
CA GLY D 115 -30.50 -10.47 18.22
C GLY D 115 -31.59 -9.44 18.46
N GLN D 116 -32.83 -9.83 18.16
CA GLN D 116 -33.98 -8.94 18.33
C GLN D 116 -34.28 -8.68 19.81
N ASP D 117 -34.96 -7.58 20.08
CA ASP D 117 -35.25 -7.14 21.44
C ASP D 117 -35.98 -8.19 22.27
N GLY D 118 -36.84 -8.96 21.61
CA GLY D 118 -37.59 -10.01 22.27
C GLY D 118 -36.69 -11.13 22.78
N VAL D 119 -35.74 -11.53 21.94
CA VAL D 119 -34.79 -12.58 22.29
C VAL D 119 -33.86 -12.15 23.41
N ILE D 120 -33.44 -10.89 23.37
CA ILE D 120 -32.54 -10.34 24.37
C ILE D 120 -33.19 -10.32 25.76
N GLU D 121 -34.45 -9.88 25.81
CA GLU D 121 -35.19 -9.84 27.05
C GLU D 121 -35.41 -11.25 27.59
N GLN D 122 -35.60 -12.21 26.69
CA GLN D 122 -35.76 -13.61 27.06
C GLN D 122 -34.47 -14.11 27.70
N ALA D 123 -33.34 -13.65 27.17
CA ALA D 123 -32.04 -14.01 27.71
C ALA D 123 -31.84 -13.41 29.09
N ARG D 124 -32.22 -12.14 29.23
CA ARG D 124 -32.07 -11.42 30.48
C ARG D 124 -32.84 -12.09 31.62
N ARG D 125 -34.07 -12.51 31.32
CA ARG D 125 -34.93 -13.11 32.33
C ARG D 125 -34.43 -14.48 32.78
N GLN D 126 -33.85 -15.23 31.86
CA GLN D 126 -33.33 -16.56 32.18
C GLN D 126 -32.06 -16.48 33.02
N ILE D 127 -31.30 -15.40 32.84
CA ILE D 127 -30.12 -15.16 33.65
C ILE D 127 -30.55 -14.73 35.05
N GLU D 128 -31.48 -13.79 35.11
CA GLU D 128 -31.95 -13.24 36.38
C GLU D 128 -32.69 -14.30 37.21
N ASP D 129 -33.27 -15.28 36.53
CA ASP D 129 -34.02 -16.33 37.20
C ASP D 129 -33.11 -17.21 38.06
N LEU D 130 -31.82 -17.24 37.72
CA LEU D 130 -30.83 -17.94 38.52
C LEU D 130 -30.79 -17.31 39.92
N VAL D 131 -30.58 -18.13 40.94
CA VAL D 131 -30.59 -17.63 42.31
C VAL D 131 -29.27 -16.98 42.80
N PRO D 132 -28.13 -17.23 42.13
CA PRO D 132 -26.99 -16.49 42.69
C PRO D 132 -26.91 -15.03 42.22
N VAL D 133 -27.81 -14.63 41.33
CA VAL D 133 -27.78 -13.28 40.79
C VAL D 133 -28.97 -12.45 41.29
N TYR D 134 -28.65 -11.28 41.84
CA TYR D 134 -29.67 -10.36 42.36
C TYR D 134 -30.60 -9.87 41.25
N ALA D 135 -30.01 -9.23 40.25
CA ALA D 135 -30.78 -8.68 39.13
C ALA D 135 -29.90 -8.51 37.89
N VAL D 136 -30.55 -8.41 36.74
CA VAL D 136 -29.83 -8.19 35.49
C VAL D 136 -30.38 -6.95 34.78
N LEU D 137 -29.52 -5.96 34.58
CA LEU D 137 -29.94 -4.70 33.97
C LEU D 137 -29.65 -4.66 32.48
N ASP D 138 -30.42 -3.86 31.75
CA ASP D 138 -30.22 -3.69 30.32
C ASP D 138 -29.72 -2.28 30.01
N TYR D 139 -28.44 -2.18 29.65
CA TYR D 139 -27.82 -0.89 29.39
C TYR D 139 -27.89 -0.51 27.91
N THR D 140 -28.74 -1.18 27.16
CA THR D 140 -28.86 -0.96 25.72
C THR D 140 -29.30 0.46 25.40
N ASN D 141 -30.49 0.82 25.87
CA ASN D 141 -31.06 2.14 25.58
C ASN D 141 -30.60 3.20 26.58
N SER D 142 -29.50 2.91 27.28
CA SER D 142 -28.99 3.83 28.30
C SER D 142 -27.65 4.43 27.89
N GLU D 143 -27.34 5.61 28.41
CA GLU D 143 -26.06 6.25 28.18
C GLU D 143 -25.01 5.67 29.12
N ILE D 144 -24.13 4.83 28.59
CA ILE D 144 -23.11 4.17 29.41
C ILE D 144 -21.71 4.42 28.87
N ILE D 145 -20.71 4.07 29.68
CA ILE D 145 -19.33 4.19 29.28
C ILE D 145 -18.73 2.82 28.99
N LYS D 146 -18.54 2.54 27.70
CA LYS D 146 -18.00 1.25 27.27
C LYS D 146 -16.47 1.31 27.22
N ARG D 147 -15.83 0.37 27.91
CA ARG D 147 -14.38 0.32 27.95
C ARG D 147 -13.84 -1.10 27.70
N GLU D 148 -12.72 -1.18 27.00
CA GLU D 148 -12.10 -2.44 26.65
C GLU D 148 -10.58 -2.27 26.59
N LEU D 149 -9.85 -3.19 27.20
CA LEU D 149 -8.40 -3.09 27.25
C LEU D 149 -7.75 -3.90 26.14
N VAL D 150 -6.67 -3.37 25.56
CA VAL D 150 -5.92 -4.10 24.55
C VAL D 150 -4.42 -3.94 24.77
N MET D 151 -3.67 -5.01 24.53
CA MET D 151 -2.22 -4.97 24.59
C MET D 151 -1.64 -5.72 23.40
N ALA D 152 -0.88 -5.02 22.57
CA ALA D 152 -0.36 -5.61 21.35
C ALA D 152 1.12 -5.29 21.13
N ARG D 153 1.89 -6.32 20.82
CA ARG D 153 3.29 -6.13 20.46
C ARG D 153 3.41 -5.89 18.96
N ILE D 154 3.94 -4.72 18.60
CA ILE D 154 3.98 -4.30 17.21
C ILE D 154 5.42 -4.20 16.70
N SER D 155 5.67 -4.80 15.53
CA SER D 155 7.00 -4.79 14.94
C SER D 155 7.40 -3.39 14.48
N LEU D 156 8.70 -3.17 14.35
CA LEU D 156 9.22 -1.89 13.92
C LEU D 156 10.10 -2.03 12.69
N LEU D 157 10.13 -3.24 12.13
CA LEU D 157 10.99 -3.55 10.99
C LEU D 157 10.27 -3.40 9.66
N GLY D 158 9.04 -2.92 9.70
CA GLY D 158 8.29 -2.65 8.48
C GLY D 158 7.43 -3.81 8.03
N THR D 159 6.76 -3.63 6.89
CA THR D 159 5.84 -4.62 6.35
C THR D 159 6.57 -5.83 5.77
N GLU D 160 7.71 -5.59 5.12
CA GLU D 160 8.47 -6.64 4.48
C GLU D 160 8.90 -7.73 5.45
N TYR D 161 9.42 -7.34 6.60
CA TYR D 161 9.87 -8.29 7.61
C TYR D 161 8.69 -9.05 8.20
N PHE D 162 7.59 -8.35 8.43
CA PHE D 162 6.39 -8.96 8.99
C PHE D 162 5.79 -9.96 8.01
N GLU D 163 5.85 -9.61 6.73
CA GLU D 163 5.39 -10.52 5.68
C GLU D 163 6.30 -11.74 5.61
N ASP D 164 7.56 -11.54 5.96
CA ASP D 164 8.54 -12.62 6.03
C ASP D 164 8.31 -13.47 7.27
N LEU D 165 8.03 -12.79 8.39
CA LEU D 165 7.87 -13.45 9.68
C LEU D 165 6.69 -14.42 9.68
N LEU D 166 5.59 -14.01 9.05
CA LEU D 166 4.39 -14.84 9.00
C LEU D 166 4.60 -16.08 8.16
N LEU D 167 5.35 -15.95 7.08
CA LEU D 167 5.59 -17.06 6.17
C LEU D 167 6.46 -18.13 6.81
N HIS D 168 7.37 -17.70 7.68
CA HIS D 168 8.27 -18.63 8.38
C HIS D 168 7.51 -19.50 9.36
N HIS D 169 6.56 -18.89 10.08
CA HIS D 169 5.79 -19.62 11.07
C HIS D 169 4.62 -20.37 10.45
N HIS D 170 4.33 -20.08 9.19
CA HIS D 170 3.24 -20.76 8.49
C HIS D 170 3.75 -22.04 7.84
N THR D 171 5.01 -22.05 7.44
CA THR D 171 5.62 -23.22 6.82
C THR D 171 6.21 -24.15 7.87
N SER D 172 6.02 -23.80 9.14
CA SER D 172 6.50 -24.64 10.24
C SER D 172 5.37 -25.50 10.78
N THR D 173 4.15 -25.25 10.30
CA THR D 173 2.98 -26.00 10.73
C THR D 173 2.27 -26.64 9.55
N ASN D 174 2.48 -26.09 8.35
CA ASN D 174 1.86 -26.61 7.14
C ASN D 174 2.53 -27.88 6.64
N ALA D 175 3.77 -27.73 6.17
CA ALA D 175 4.53 -28.88 5.65
C ALA D 175 6.01 -28.72 5.94
N GLY D 176 6.71 -29.84 6.04
CA GLY D 176 8.14 -29.83 6.29
C GLY D 176 8.95 -29.70 5.02
N ALA D 177 8.27 -29.74 3.88
CA ALA D 177 8.93 -29.62 2.59
C ALA D 177 9.30 -28.16 2.30
N ALA D 178 10.23 -27.96 1.39
CA ALA D 178 10.68 -26.62 1.03
C ALA D 178 9.77 -26.00 -0.02
N ASP D 179 8.51 -25.75 0.37
CA ASP D 179 7.55 -25.14 -0.53
C ASP D 179 7.61 -23.62 -0.39
N SER D 180 6.89 -22.92 -1.27
CA SER D 180 6.84 -21.45 -1.27
C SER D 180 8.22 -20.83 -1.39
N GLN D 181 9.00 -21.33 -2.34
CA GLN D 181 10.35 -20.84 -2.57
C GLN D 181 10.34 -19.45 -3.20
N GLU D 182 9.40 -19.24 -4.11
CA GLU D 182 9.29 -17.96 -4.82
C GLU D 182 8.49 -16.94 -4.03
N LEU D 183 8.27 -17.23 -2.75
CA LEU D 183 7.60 -16.28 -1.87
C LEU D 183 8.61 -15.67 -0.90
N VAL D 184 9.42 -16.52 -0.26
CA VAL D 184 10.48 -16.06 0.61
C VAL D 184 11.53 -15.28 -0.17
N ALA D 185 11.71 -15.66 -1.43
CA ALA D 185 12.68 -14.99 -2.29
C ALA D 185 12.10 -13.70 -2.85
N GLU D 186 10.78 -13.61 -2.87
CA GLU D 186 10.10 -12.42 -3.37
C GLU D 186 9.90 -11.38 -2.26
N ILE D 187 9.53 -11.86 -1.08
CA ILE D 187 9.39 -10.98 0.08
C ILE D 187 10.75 -10.37 0.42
N ARG D 188 11.78 -11.22 0.45
CA ARG D 188 13.14 -10.74 0.56
C ARG D 188 13.56 -10.14 -0.78
N GLU D 189 14.68 -9.43 -0.78
CA GLU D 189 15.12 -8.65 -1.95
C GLU D 189 14.07 -7.62 -2.35
N LYS D 190 13.21 -7.25 -1.41
CA LYS D 190 12.29 -6.14 -1.61
C LYS D 190 13.01 -4.87 -1.19
N GLN D 191 12.55 -3.72 -1.69
CA GLN D 191 13.29 -2.48 -1.52
C GLN D 191 13.49 -2.09 -0.05
N PHE D 192 12.45 -2.27 0.76
CA PHE D 192 12.53 -1.85 2.16
C PHE D 192 12.53 -3.01 3.14
N HIS D 193 13.09 -4.14 2.71
CA HIS D 193 13.35 -5.24 3.62
C HIS D 193 14.68 -4.99 4.30
N PRO D 194 14.74 -5.20 5.63
CA PRO D 194 15.93 -4.94 6.44
C PRO D 194 17.23 -5.51 5.87
N ALA D 195 17.14 -6.70 5.28
CA ALA D 195 18.31 -7.38 4.74
C ALA D 195 18.93 -6.65 3.55
N ASN D 196 18.19 -5.69 2.98
CA ASN D 196 18.67 -4.94 1.84
C ASN D 196 19.03 -3.50 2.20
N LEU D 197 18.88 -3.16 3.47
CA LEU D 197 19.22 -1.83 3.96
C LEU D 197 20.44 -1.87 4.87
N PRO D 198 21.25 -0.80 4.85
CA PRO D 198 22.32 -0.67 5.83
C PRO D 198 21.72 -0.53 7.23
N ALA D 199 22.46 -0.95 8.25
CA ALA D 199 21.95 -0.95 9.61
C ALA D 199 21.59 0.46 10.10
N SER D 200 22.16 1.47 9.45
CA SER D 200 21.87 2.86 9.80
C SER D 200 20.43 3.22 9.48
N GLU D 201 19.98 2.86 8.28
CA GLU D 201 18.61 3.13 7.85
C GLU D 201 17.60 2.34 8.66
N VAL D 202 17.90 1.06 8.88
CA VAL D 202 17.02 0.20 9.66
C VAL D 202 16.83 0.76 11.06
N LEU D 203 17.90 1.30 11.62
CA LEU D 203 17.86 1.92 12.94
C LEU D 203 16.88 3.11 12.95
N ARG D 204 16.96 3.94 11.93
CA ARG D 204 16.07 5.09 11.81
C ARG D 204 14.64 4.67 11.49
N LEU D 205 14.51 3.62 10.68
CA LEU D 205 13.20 3.11 10.31
C LEU D 205 12.47 2.54 11.52
N LYS D 206 13.23 1.96 12.44
CA LYS D 206 12.66 1.45 13.69
C LYS D 206 12.00 2.57 14.49
N HIS D 207 12.71 3.68 14.62
CA HIS D 207 12.22 4.81 15.40
C HIS D 207 11.22 5.65 14.60
N GLU D 208 11.32 5.59 13.28
CA GLU D 208 10.34 6.26 12.43
C GLU D 208 8.99 5.58 12.57
N HIS D 209 9.01 4.25 12.50
CA HIS D 209 7.82 3.45 12.71
C HIS D 209 7.33 3.61 14.15
N LEU D 210 8.28 3.68 15.08
CA LEU D 210 7.96 3.84 16.50
C LEU D 210 7.22 5.14 16.76
N ASN D 211 7.70 6.22 16.14
CA ASN D 211 7.08 7.52 16.30
C ASN D 211 5.67 7.55 15.71
N ASP D 212 5.50 6.88 14.58
CA ASP D 212 4.19 6.81 13.93
C ASP D 212 3.19 6.06 14.81
N ILE D 213 3.63 4.94 15.38
CA ILE D 213 2.80 4.15 16.28
C ILE D 213 2.48 4.92 17.56
N THR D 214 3.50 5.59 18.10
CA THR D 214 3.35 6.36 19.32
C THR D 214 2.32 7.49 19.14
N ASN D 215 2.33 8.11 17.96
CA ASN D 215 1.37 9.17 17.65
C ASN D 215 -0.06 8.65 17.61
N LEU D 216 -0.23 7.43 17.11
CA LEU D 216 -1.55 6.79 17.09
C LEU D 216 -2.05 6.54 18.50
N THR D 217 -1.17 5.98 19.34
CA THR D 217 -1.52 5.68 20.73
C THR D 217 -1.83 6.94 21.52
N ASN D 218 -1.00 7.97 21.35
CA ASN D 218 -1.19 9.23 22.03
C ASN D 218 -2.48 9.93 21.62
N ASN D 219 -2.83 9.78 20.34
CA ASN D 219 -4.06 10.36 19.83
C ASN D 219 -5.29 9.59 20.30
N PHE D 220 -5.18 8.27 20.32
CA PHE D 220 -6.29 7.41 20.73
C PHE D 220 -6.45 7.34 22.25
N GLY D 221 -5.48 7.91 22.97
CA GLY D 221 -5.53 7.94 24.42
C GLY D 221 -4.81 6.75 25.05
N GLY D 222 -3.95 6.10 24.27
CA GLY D 222 -3.18 4.97 24.77
C GLY D 222 -1.76 5.38 25.12
N ARG D 223 -0.90 4.39 25.33
CA ARG D 223 0.48 4.66 25.68
C ARG D 223 1.39 3.48 25.36
N VAL D 224 2.67 3.75 25.16
CA VAL D 224 3.65 2.71 24.93
C VAL D 224 4.25 2.27 26.27
N VAL D 225 4.12 0.98 26.59
CA VAL D 225 4.55 0.47 27.89
C VAL D 225 5.85 -0.33 27.80
N ASP D 226 6.30 -0.60 26.58
CA ASP D 226 7.53 -1.36 26.38
C ASP D 226 8.18 -1.05 25.04
N ILE D 227 9.50 -0.90 25.05
CA ILE D 227 10.25 -0.66 23.83
C ILE D 227 11.44 -1.62 23.74
N SER D 228 11.39 -2.55 22.79
CA SER D 228 12.50 -3.47 22.57
C SER D 228 13.33 -3.02 21.38
N GLU D 229 14.19 -3.91 20.88
CA GLU D 229 15.06 -3.58 19.77
C GLU D 229 14.33 -3.64 18.43
N THR D 230 13.40 -4.58 18.30
CA THR D 230 12.71 -4.78 17.03
C THR D 230 11.19 -4.75 17.18
N SER D 231 10.70 -4.31 18.34
CA SER D 231 9.26 -4.25 18.58
C SER D 231 8.92 -3.32 19.74
N CYS D 232 7.63 -3.19 20.03
CA CYS D 232 7.15 -2.39 21.14
C CYS D 232 5.76 -2.85 21.57
N ILE D 233 5.43 -2.64 22.84
CA ILE D 233 4.11 -3.00 23.35
C ILE D 233 3.33 -1.75 23.73
N VAL D 234 2.11 -1.64 23.21
CA VAL D 234 1.25 -0.51 23.51
C VAL D 234 -0.04 -0.98 24.18
N GLU D 235 -0.60 -0.14 25.05
CA GLU D 235 -1.86 -0.46 25.69
C GLU D 235 -2.88 0.65 25.42
N LEU D 236 -4.15 0.27 25.35
CA LEU D 236 -5.22 1.21 25.05
C LEU D 236 -6.54 0.76 25.63
N SER D 237 -7.19 1.64 26.38
CA SER D 237 -8.50 1.37 26.93
C SER D 237 -9.54 2.33 26.34
N ALA D 238 -10.43 1.79 25.52
CA ALA D 238 -11.47 2.60 24.88
C ALA D 238 -12.67 1.74 24.51
N LYS D 239 -13.70 2.36 23.95
CA LYS D 239 -14.88 1.63 23.51
C LYS D 239 -14.55 0.73 22.33
N PRO D 240 -15.20 -0.44 22.24
CA PRO D 240 -14.97 -1.47 21.23
C PRO D 240 -14.85 -0.95 19.80
N THR D 241 -15.68 0.03 19.44
CA THR D 241 -15.64 0.61 18.11
C THR D 241 -14.34 1.38 17.89
N ARG D 242 -13.91 2.09 18.93
CA ARG D 242 -12.70 2.90 18.86
C ARG D 242 -11.45 2.03 18.96
N ILE D 243 -11.55 0.93 19.68
CA ILE D 243 -10.41 0.06 19.92
C ILE D 243 -10.11 -0.82 18.71
N SER D 244 -11.10 -0.96 17.83
CA SER D 244 -10.95 -1.77 16.63
C SER D 244 -10.38 -0.93 15.49
N ALA D 245 -10.76 0.33 15.45
CA ALA D 245 -10.25 1.26 14.44
C ALA D 245 -8.76 1.48 14.64
N PHE D 246 -8.32 1.42 15.89
CA PHE D 246 -6.91 1.58 16.22
C PHE D 246 -6.07 0.44 15.65
N LEU D 247 -6.53 -0.79 15.89
CA LEU D 247 -5.81 -1.97 15.46
C LEU D 247 -5.73 -2.08 13.94
N LYS D 248 -6.67 -1.43 13.25
CA LYS D 248 -6.66 -1.42 11.80
C LYS D 248 -5.62 -0.42 11.29
N LEU D 249 -5.40 0.64 12.05
CA LEU D 249 -4.43 1.66 11.69
C LEU D 249 -3.01 1.21 11.98
N VAL D 250 -2.86 0.34 12.98
CA VAL D 250 -1.54 -0.14 13.37
C VAL D 250 -1.27 -1.52 12.79
N GLU D 251 -2.27 -2.07 12.12
CA GLU D 251 -2.12 -3.35 11.42
C GLU D 251 -0.98 -3.42 10.40
N PRO D 252 -0.84 -2.40 9.52
CA PRO D 252 0.22 -2.52 8.51
C PRO D 252 1.64 -2.56 9.08
N PHE D 253 1.81 -2.08 10.30
CA PHE D 253 3.13 -2.13 10.93
C PHE D 253 3.48 -3.55 11.34
N GLY D 254 2.45 -4.37 11.53
CA GLY D 254 2.65 -5.77 11.88
C GLY D 254 2.46 -6.07 13.35
N VAL D 255 1.30 -6.61 13.70
CA VAL D 255 1.00 -6.97 15.07
C VAL D 255 1.43 -8.40 15.39
N LEU D 256 2.48 -8.52 16.21
CA LEU D 256 3.00 -9.83 16.60
C LEU D 256 2.03 -10.56 17.52
N GLU D 257 1.81 -9.97 18.70
CA GLU D 257 0.83 -10.50 19.64
C GLU D 257 -0.28 -9.49 19.90
N CYS D 258 -1.45 -9.98 20.28
CA CYS D 258 -2.58 -9.10 20.58
C CYS D 258 -3.43 -9.71 21.69
N ALA D 259 -4.10 -8.85 22.46
CA ALA D 259 -4.93 -9.32 23.57
C ALA D 259 -6.04 -8.33 23.88
N ARG D 260 -7.15 -8.43 23.14
CA ARG D 260 -8.31 -7.58 23.38
C ARG D 260 -9.15 -8.11 24.54
N SER D 261 -9.39 -7.26 25.53
CA SER D 261 -10.26 -7.63 26.63
C SER D 261 -11.71 -7.68 26.16
N GLY D 262 -12.60 -8.13 27.04
CA GLY D 262 -14.02 -8.05 26.76
C GLY D 262 -14.50 -6.65 27.12
N MET D 263 -15.75 -6.35 26.82
CA MET D 263 -16.26 -5.00 27.08
C MET D 263 -16.77 -4.85 28.50
N MET D 264 -16.33 -3.77 29.15
CA MET D 264 -16.86 -3.39 30.46
C MET D 264 -17.78 -2.19 30.27
N ALA D 265 -18.80 -2.09 31.12
CA ALA D 265 -19.79 -1.02 30.98
C ALA D 265 -20.18 -0.42 32.33
N LEU D 266 -20.22 0.91 32.37
CA LEU D 266 -20.67 1.62 33.56
C LEU D 266 -21.56 2.78 33.15
N PRO D 267 -22.81 2.80 33.66
CA PRO D 267 -23.78 3.83 33.28
C PRO D 267 -23.41 5.20 33.82
N ARG D 268 -23.44 6.21 32.95
CA ARG D 268 -23.14 7.57 33.34
C ARG D 268 -24.43 8.35 33.59
N THR D 269 -24.30 9.55 34.14
CA THR D 269 -25.46 10.40 34.39
C THR D 269 -25.49 11.55 33.39
N PRO D 270 -26.29 11.41 32.33
CA PRO D 270 -26.40 12.45 31.30
C PRO D 270 -27.04 13.73 31.84
N LEU D 271 -26.50 14.87 31.45
CA LEU D 271 -26.98 16.15 31.96
C LEU D 271 -27.44 17.09 30.85
N LYS D 272 -28.72 17.03 30.51
CA LYS D 272 -29.29 17.98 29.56
C LYS D 272 -29.40 19.35 30.21
N THR D 273 -29.39 20.41 29.40
CA THR D 273 -29.44 21.77 29.90
C THR D 273 -30.72 22.05 30.68
N SER D 274 -30.73 23.15 31.42
CA SER D 274 -31.85 23.48 32.30
C SER D 274 -32.98 24.19 31.57
N THR D 275 -32.83 24.39 30.27
CA THR D 275 -33.84 25.08 29.47
C THR D 275 -34.49 24.13 28.46
N GLU D 276 -34.75 22.90 28.88
CA GLU D 276 -35.36 21.91 28.01
C GLU D 276 -36.89 21.97 28.10
N GLU D 277 -37.39 22.39 29.26
CA GLU D 277 -38.82 22.50 29.52
C GLU D 277 -39.56 21.20 29.21
N ALA D 278 -40.54 21.29 28.32
CA ALA D 278 -41.33 20.13 27.91
C ALA D 278 -42.05 20.41 26.60
N ALA D 279 -42.12 19.40 25.74
CA ALA D 279 -42.79 19.53 24.45
C ALA D 279 -44.30 19.42 24.60
N ASP D 280 -44.74 18.43 25.38
CA ASP D 280 -46.16 18.22 25.61
C ASP D 280 -46.41 17.56 26.97
N MET E 42 -20.29 32.59 -25.95
CA MET E 42 -19.85 33.73 -26.74
C MET E 42 -21.00 34.32 -27.53
N ASP E 43 -21.33 35.58 -27.26
CA ASP E 43 -22.36 36.29 -27.99
C ASP E 43 -22.03 37.77 -28.08
N THR E 44 -21.92 38.28 -29.30
CA THR E 44 -21.52 39.66 -29.53
C THR E 44 -22.65 40.44 -30.22
N SER E 45 -23.77 39.78 -30.43
CA SER E 45 -24.90 40.38 -31.13
C SER E 45 -25.59 41.46 -30.29
N PHE E 46 -25.58 41.29 -28.99
CA PHE E 46 -26.25 42.22 -28.08
C PHE E 46 -25.38 43.42 -27.75
N VAL E 47 -24.13 43.39 -28.20
CA VAL E 47 -23.21 44.49 -27.95
C VAL E 47 -23.63 45.74 -28.71
N GLY E 48 -24.01 46.78 -27.95
CA GLY E 48 -24.47 48.03 -28.54
C GLY E 48 -25.90 48.33 -28.18
N LEU E 49 -26.67 47.29 -27.87
CA LEU E 49 -28.07 47.44 -27.51
C LEU E 49 -28.24 47.87 -26.06
N THR E 50 -29.32 48.59 -25.78
CA THR E 50 -29.64 48.97 -24.41
C THR E 50 -30.30 47.79 -23.69
N GLY E 51 -30.55 47.95 -22.39
CA GLY E 51 -31.19 46.91 -21.60
C GLY E 51 -32.56 46.54 -22.15
N GLY E 52 -33.35 47.56 -22.48
CA GLY E 52 -34.67 47.32 -23.04
C GLY E 52 -34.58 46.70 -24.42
N GLN E 53 -33.63 47.16 -25.22
CA GLN E 53 -33.46 46.66 -26.58
C GLN E 53 -33.03 45.19 -26.58
N ILE E 54 -32.27 44.80 -25.55
CA ILE E 54 -31.91 43.40 -25.37
C ILE E 54 -33.16 42.58 -25.05
N PHE E 55 -33.99 43.12 -24.17
CA PHE E 55 -35.25 42.48 -23.81
C PHE E 55 -36.13 42.26 -25.03
N ASN E 56 -36.13 43.23 -25.94
CA ASN E 56 -36.92 43.15 -27.16
C ASN E 56 -36.46 42.02 -28.06
N GLU E 57 -35.17 41.73 -28.05
CA GLU E 57 -34.60 40.69 -28.89
C GLU E 57 -34.69 39.32 -28.22
N MET E 58 -34.73 39.32 -26.89
CA MET E 58 -34.82 38.08 -26.13
C MET E 58 -36.21 37.45 -26.25
N MET E 59 -37.23 38.28 -26.45
CA MET E 59 -38.59 37.79 -26.60
C MET E 59 -38.75 36.99 -27.88
N SER E 60 -38.03 37.38 -28.92
CA SER E 60 -38.08 36.67 -30.19
C SER E 60 -37.31 35.35 -30.12
N ARG E 61 -36.21 35.35 -29.39
CA ARG E 61 -35.38 34.16 -29.24
C ARG E 61 -36.04 33.13 -28.33
N GLN E 62 -36.95 33.59 -27.49
CA GLN E 62 -37.72 32.70 -26.63
C GLN E 62 -39.06 32.35 -27.27
N ASN E 63 -39.22 32.79 -28.51
CA ASN E 63 -40.44 32.55 -29.28
C ASN E 63 -41.69 33.04 -28.55
N VAL E 64 -41.74 34.35 -28.29
CA VAL E 64 -42.89 34.96 -27.64
C VAL E 64 -43.69 35.79 -28.64
N ASP E 65 -45.00 35.58 -28.67
CA ASP E 65 -45.85 36.27 -29.64
C ASP E 65 -46.85 37.20 -28.95
N THR E 66 -46.85 37.22 -27.62
CA THR E 66 -47.78 38.06 -26.88
C THR E 66 -47.25 38.41 -25.49
N VAL E 67 -47.32 39.69 -25.14
CA VAL E 67 -46.90 40.16 -23.83
C VAL E 67 -48.00 40.97 -23.14
N PHE E 68 -48.37 40.54 -21.94
CA PHE E 68 -49.41 41.21 -21.16
C PHE E 68 -48.79 42.11 -20.10
N GLY E 69 -48.91 43.42 -20.27
CA GLY E 69 -48.31 44.35 -19.32
C GLY E 69 -48.93 45.72 -19.23
N TYR E 70 -48.46 46.50 -18.25
CA TYR E 70 -48.95 47.86 -18.02
C TYR E 70 -47.77 48.78 -17.70
N PRO E 71 -47.64 49.89 -18.44
CA PRO E 71 -46.51 50.82 -18.34
C PRO E 71 -46.29 51.39 -16.93
N GLY E 72 -45.13 52.00 -16.73
CA GLY E 72 -44.79 52.62 -15.47
C GLY E 72 -43.53 53.46 -15.59
N GLY E 73 -43.02 53.93 -14.45
CA GLY E 73 -41.86 54.81 -14.45
C GLY E 73 -40.53 54.09 -14.55
N ALA E 74 -40.36 53.03 -13.77
CA ALA E 74 -39.09 52.32 -13.72
C ALA E 74 -38.92 51.36 -14.89
N ILE E 75 -40.01 51.13 -15.62
CA ILE E 75 -40.00 50.17 -16.72
C ILE E 75 -40.00 50.92 -18.06
N LEU E 76 -39.84 52.24 -17.99
CA LEU E 76 -39.82 53.10 -19.18
C LEU E 76 -38.80 52.70 -20.27
N PRO E 77 -37.54 52.38 -19.89
CA PRO E 77 -36.58 52.02 -20.95
C PRO E 77 -36.97 50.77 -21.72
N VAL E 78 -37.67 49.84 -21.06
CA VAL E 78 -38.10 48.62 -21.71
C VAL E 78 -39.26 48.90 -22.68
N TYR E 79 -40.23 49.67 -22.23
CA TYR E 79 -41.38 50.01 -23.06
C TYR E 79 -40.98 50.89 -24.25
N ASP E 80 -39.96 51.72 -24.05
CA ASP E 80 -39.46 52.58 -25.11
C ASP E 80 -38.82 51.76 -26.23
N ALA E 81 -38.21 50.65 -25.85
CA ALA E 81 -37.52 49.79 -26.81
C ALA E 81 -38.49 48.88 -27.55
N ILE E 82 -39.53 48.43 -26.87
CA ILE E 82 -40.52 47.54 -27.46
C ILE E 82 -41.66 48.31 -28.11
N HIS E 83 -41.50 49.63 -28.20
CA HIS E 83 -42.51 50.49 -28.80
C HIS E 83 -42.76 50.12 -30.25
N ASN E 84 -43.98 49.70 -30.55
CA ASN E 84 -44.39 49.24 -31.88
C ASN E 84 -43.48 48.13 -32.41
N SER E 85 -43.16 47.17 -31.54
CA SER E 85 -42.31 46.06 -31.92
C SER E 85 -43.03 45.09 -32.84
N ASP E 86 -42.30 44.52 -33.80
CA ASP E 86 -42.88 43.56 -34.73
C ASP E 86 -42.51 42.13 -34.32
N LYS E 87 -41.95 42.00 -33.13
CA LYS E 87 -41.53 40.69 -32.62
C LYS E 87 -42.65 40.00 -31.86
N PHE E 88 -43.56 40.79 -31.30
CA PHE E 88 -44.67 40.25 -30.52
C PHE E 88 -45.82 41.26 -30.39
N ASN E 89 -47.01 40.75 -30.11
CA ASN E 89 -48.16 41.61 -29.85
C ASN E 89 -48.23 42.00 -28.38
N PHE E 90 -48.98 43.06 -28.09
CA PHE E 90 -49.11 43.54 -26.72
C PHE E 90 -50.57 43.69 -26.34
N VAL E 91 -50.92 43.20 -25.15
CA VAL E 91 -52.27 43.32 -24.63
C VAL E 91 -52.29 44.22 -23.40
N LEU E 92 -52.84 45.42 -23.57
CA LEU E 92 -52.91 46.39 -22.49
C LEU E 92 -54.21 46.26 -21.69
N PRO E 93 -54.10 45.80 -20.43
CA PRO E 93 -55.27 45.68 -19.56
C PRO E 93 -55.57 46.98 -18.83
N LYS E 94 -56.39 46.90 -17.79
CA LYS E 94 -56.70 48.07 -16.98
C LYS E 94 -56.20 47.84 -15.55
N HIS E 95 -55.60 46.68 -15.33
CA HIS E 95 -55.11 46.30 -14.02
C HIS E 95 -54.05 45.21 -14.18
N GLU E 96 -52.96 45.33 -13.43
CA GLU E 96 -51.87 44.35 -13.50
C GLU E 96 -52.36 42.95 -13.15
N GLN E 97 -53.35 42.88 -12.26
CA GLN E 97 -53.94 41.59 -11.89
C GLN E 97 -54.56 40.93 -13.11
N GLY E 98 -55.09 41.75 -14.02
CA GLY E 98 -55.64 41.25 -15.26
C GLY E 98 -54.57 40.65 -16.15
N ALA E 99 -53.50 41.42 -16.36
CA ALA E 99 -52.39 40.99 -17.21
C ALA E 99 -51.80 39.66 -16.74
N GLY E 100 -51.76 39.49 -15.42
CA GLY E 100 -51.27 38.25 -14.84
C GLY E 100 -52.23 37.10 -15.14
N HIS E 101 -53.53 37.38 -14.99
CA HIS E 101 -54.55 36.38 -15.25
C HIS E 101 -54.71 36.12 -16.74
N MET E 102 -54.44 37.14 -17.55
CA MET E 102 -54.47 36.99 -19.01
C MET E 102 -53.34 36.10 -19.48
N ALA E 103 -52.18 36.23 -18.84
CA ALA E 103 -51.02 35.41 -19.17
C ALA E 103 -51.28 33.95 -18.80
N GLU E 104 -51.99 33.74 -17.70
CA GLU E 104 -52.34 32.41 -17.25
C GLU E 104 -53.25 31.70 -18.25
N GLY E 105 -54.30 32.42 -18.67
CA GLY E 105 -55.24 31.88 -19.64
C GLY E 105 -54.59 31.67 -21.00
N TYR E 106 -53.57 32.46 -21.29
CA TYR E 106 -52.83 32.33 -22.54
C TYR E 106 -51.94 31.09 -22.51
N ALA E 107 -51.36 30.81 -21.35
CA ALA E 107 -50.44 29.69 -21.20
C ALA E 107 -51.17 28.35 -21.23
N ARG E 108 -52.31 28.29 -20.55
CA ARG E 108 -53.08 27.05 -20.45
C ARG E 108 -53.76 26.69 -21.76
N ALA E 109 -54.00 27.70 -22.60
CA ALA E 109 -54.67 27.50 -23.87
C ALA E 109 -53.69 27.06 -24.96
N SER E 110 -52.56 27.75 -25.05
CA SER E 110 -51.57 27.48 -26.08
C SER E 110 -50.56 26.43 -25.65
N GLY E 111 -49.93 26.65 -24.50
CA GLY E 111 -48.89 25.78 -24.02
C GLY E 111 -47.57 26.52 -23.91
N LYS E 112 -47.60 27.79 -24.30
CA LYS E 112 -46.43 28.65 -24.26
C LYS E 112 -46.44 29.50 -22.99
N PRO E 113 -45.25 29.81 -22.46
CA PRO E 113 -45.15 30.63 -21.24
C PRO E 113 -45.77 32.02 -21.39
N GLY E 114 -46.57 32.42 -20.41
CA GLY E 114 -47.19 33.73 -20.43
C GLY E 114 -46.24 34.80 -19.91
N VAL E 115 -46.05 35.85 -20.69
CA VAL E 115 -45.11 36.91 -20.32
C VAL E 115 -45.82 38.13 -19.76
N VAL E 116 -45.37 38.60 -18.60
CA VAL E 116 -45.93 39.78 -17.98
C VAL E 116 -44.87 40.87 -17.82
N LEU E 117 -45.17 42.06 -18.32
CA LEU E 117 -44.23 43.18 -18.24
C LEU E 117 -44.85 44.39 -17.55
N VAL E 118 -44.66 44.49 -16.24
CA VAL E 118 -45.21 45.60 -15.47
C VAL E 118 -44.10 46.47 -14.89
N THR E 119 -44.47 47.39 -14.01
CA THR E 119 -43.50 48.30 -13.41
C THR E 119 -43.21 47.95 -11.96
N SER E 120 -42.50 48.84 -11.28
CA SER E 120 -42.13 48.63 -9.88
C SER E 120 -43.27 49.03 -8.94
N GLY E 121 -43.01 48.89 -7.64
CA GLY E 121 -43.96 49.30 -6.62
C GLY E 121 -45.30 48.61 -6.71
N PRO E 122 -46.36 49.40 -6.95
CA PRO E 122 -47.74 48.89 -7.01
C PRO E 122 -47.97 48.00 -8.24
N GLY E 123 -47.22 48.24 -9.31
CA GLY E 123 -47.35 47.44 -10.51
C GLY E 123 -46.87 46.02 -10.28
N ALA E 124 -45.93 45.86 -9.36
CA ALA E 124 -45.38 44.55 -9.04
C ALA E 124 -46.20 43.83 -7.98
N THR E 125 -46.81 44.60 -7.08
CA THR E 125 -47.60 44.02 -6.00
C THR E 125 -48.99 43.61 -6.49
N ASN E 126 -49.44 44.22 -7.57
CA ASN E 126 -50.74 43.89 -8.14
C ASN E 126 -50.71 42.62 -8.98
N VAL E 127 -49.52 42.08 -9.18
CA VAL E 127 -49.36 40.86 -9.97
C VAL E 127 -48.98 39.68 -9.06
N VAL E 128 -48.98 39.93 -7.75
CA VAL E 128 -48.67 38.89 -6.77
C VAL E 128 -49.72 37.79 -6.77
N THR E 129 -51.00 38.19 -6.77
CA THR E 129 -52.10 37.23 -6.75
C THR E 129 -52.12 36.31 -7.98
N PRO E 130 -51.97 36.87 -9.20
CA PRO E 130 -51.94 35.93 -10.33
C PRO E 130 -50.65 35.11 -10.40
N MET E 131 -49.64 35.44 -9.60
CA MET E 131 -48.44 34.63 -9.52
C MET E 131 -48.63 33.48 -8.55
N ALA E 132 -49.28 33.76 -7.42
CA ALA E 132 -49.58 32.73 -6.43
C ALA E 132 -50.60 31.74 -6.98
N ASP E 133 -51.44 32.22 -7.90
CA ASP E 133 -52.43 31.37 -8.54
C ASP E 133 -51.77 30.43 -9.53
N ALA E 134 -50.80 30.94 -10.27
CA ALA E 134 -50.06 30.13 -11.24
C ALA E 134 -49.12 29.17 -10.52
N PHE E 135 -48.72 29.53 -9.31
CA PHE E 135 -47.82 28.71 -8.51
C PHE E 135 -48.53 27.47 -7.97
N ALA E 136 -49.83 27.61 -7.71
CA ALA E 136 -50.62 26.53 -7.15
C ALA E 136 -51.19 25.61 -8.22
N ASP E 137 -51.35 26.14 -9.44
CA ASP E 137 -51.89 25.36 -10.55
C ASP E 137 -50.81 24.94 -11.52
N GLY E 138 -49.58 25.40 -11.27
CA GLY E 138 -48.45 25.04 -12.12
C GLY E 138 -48.57 25.60 -13.52
N ILE E 139 -48.59 26.91 -13.63
CA ILE E 139 -48.75 27.57 -14.92
C ILE E 139 -47.47 28.28 -15.36
N PRO E 140 -46.99 27.95 -16.57
CA PRO E 140 -45.75 28.55 -17.08
C PRO E 140 -45.88 30.05 -17.32
N MET E 141 -45.26 30.85 -16.48
CA MET E 141 -45.36 32.30 -16.57
C MET E 141 -44.05 32.99 -16.19
N VAL E 142 -43.65 33.96 -16.99
CA VAL E 142 -42.44 34.74 -16.70
C VAL E 142 -42.82 36.20 -16.47
N VAL E 143 -42.74 36.64 -15.21
CA VAL E 143 -43.17 37.99 -14.85
C VAL E 143 -42.00 38.96 -14.77
N PHE E 144 -42.00 39.97 -15.63
CA PHE E 144 -40.99 41.01 -15.62
C PHE E 144 -41.50 42.25 -14.90
N THR E 145 -41.05 42.45 -13.67
CA THR E 145 -41.43 43.62 -12.90
C THR E 145 -40.32 44.66 -12.90
N GLY E 146 -40.68 45.92 -13.14
CA GLY E 146 -39.73 47.00 -13.11
C GLY E 146 -39.17 47.21 -11.72
N GLN E 147 -38.11 48.01 -11.60
CA GLN E 147 -37.50 48.28 -10.31
C GLN E 147 -36.73 49.58 -10.32
N VAL E 148 -36.71 50.26 -9.17
CA VAL E 148 -35.94 51.48 -8.99
C VAL E 148 -34.47 51.23 -9.27
N PRO E 149 -33.73 52.27 -9.71
CA PRO E 149 -32.28 52.15 -9.96
C PRO E 149 -31.53 51.57 -8.78
N THR E 150 -30.47 50.81 -9.06
CA THR E 150 -29.70 50.13 -8.02
C THR E 150 -29.05 51.13 -7.06
N SER E 151 -28.89 52.36 -7.53
CA SER E 151 -28.33 53.42 -6.70
C SER E 151 -29.35 53.94 -5.69
N ALA E 152 -30.61 53.55 -5.88
CA ALA E 152 -31.69 53.98 -5.00
C ALA E 152 -32.31 52.82 -4.25
N ILE E 153 -31.74 51.63 -4.41
CA ILE E 153 -32.24 50.44 -3.73
C ILE E 153 -31.76 50.37 -2.29
N GLY E 154 -32.71 50.24 -1.36
CA GLY E 154 -32.38 50.14 0.05
C GLY E 154 -32.46 51.48 0.75
N THR E 155 -33.13 52.43 0.11
CA THR E 155 -33.27 53.78 0.67
C THR E 155 -34.73 54.17 0.78
N ASP E 156 -35.62 53.17 0.79
CA ASP E 156 -37.06 53.38 0.81
C ASP E 156 -37.47 54.29 -0.34
N ALA E 157 -36.99 53.97 -1.54
CA ALA E 157 -37.16 54.82 -2.71
C ALA E 157 -38.62 54.93 -3.15
N PHE E 158 -38.87 55.86 -4.06
CA PHE E 158 -40.20 56.06 -4.62
C PHE E 158 -40.63 54.84 -5.44
N GLN E 159 -41.78 54.27 -5.09
CA GLN E 159 -42.29 53.05 -5.72
C GLN E 159 -41.31 51.89 -5.61
N GLU E 160 -40.63 51.79 -4.47
CA GLU E 160 -39.71 50.69 -4.23
C GLU E 160 -40.35 49.62 -3.35
N ALA E 161 -40.15 48.36 -3.71
CA ALA E 161 -40.65 47.25 -2.93
C ALA E 161 -39.74 46.04 -3.07
N ASP E 162 -39.61 45.25 -2.01
CA ASP E 162 -38.81 44.04 -2.06
C ASP E 162 -39.53 42.97 -2.88
N VAL E 163 -39.57 43.19 -4.20
CA VAL E 163 -40.32 42.33 -5.11
C VAL E 163 -39.85 40.88 -5.07
N VAL E 164 -38.52 40.71 -5.06
CA VAL E 164 -37.94 39.38 -4.98
C VAL E 164 -38.32 38.70 -3.66
N GLY E 165 -38.36 39.49 -2.59
CA GLY E 165 -38.74 38.99 -1.28
C GLY E 165 -40.22 38.67 -1.17
N ILE E 166 -41.05 39.56 -1.71
CA ILE E 166 -42.49 39.37 -1.69
C ILE E 166 -42.91 38.20 -2.56
N SER E 167 -42.35 38.13 -3.76
CA SER E 167 -42.69 37.09 -4.72
C SER E 167 -41.73 35.91 -4.65
N ARG E 168 -41.34 35.51 -3.44
CA ARG E 168 -40.42 34.40 -3.27
C ARG E 168 -41.16 33.10 -2.99
N SER E 169 -42.21 33.17 -2.18
CA SER E 169 -42.96 31.97 -1.80
C SER E 169 -44.12 31.69 -2.75
N CYS E 170 -44.16 32.42 -3.86
CA CYS E 170 -45.20 32.21 -4.86
C CYS E 170 -44.61 32.12 -6.26
N THR E 171 -43.30 31.92 -6.32
CA THR E 171 -42.61 31.71 -7.59
C THR E 171 -41.60 30.57 -7.46
N LYS E 172 -41.37 29.84 -8.54
CA LYS E 172 -40.36 28.78 -8.56
C LYS E 172 -38.98 29.36 -8.32
N TRP E 173 -38.71 30.51 -8.92
CA TRP E 173 -37.42 31.17 -8.83
C TRP E 173 -37.51 32.61 -9.31
N ASN E 174 -36.86 33.52 -8.60
CA ASN E 174 -36.80 34.92 -9.01
C ASN E 174 -35.39 35.48 -8.87
N VAL E 175 -35.13 36.60 -9.54
CA VAL E 175 -33.81 37.20 -9.51
C VAL E 175 -33.89 38.70 -9.83
N MET E 176 -32.98 39.46 -9.26
CA MET E 176 -32.85 40.88 -9.57
C MET E 176 -31.56 41.13 -10.34
N VAL E 177 -31.69 41.38 -11.65
CA VAL E 177 -30.54 41.57 -12.51
C VAL E 177 -29.74 42.80 -12.10
N LYS E 178 -28.49 42.59 -11.68
CA LYS E 178 -27.68 43.67 -11.14
C LYS E 178 -26.96 44.47 -12.22
N SER E 179 -26.84 43.89 -13.41
CA SER E 179 -26.14 44.54 -14.52
C SER E 179 -26.65 44.07 -15.87
N VAL E 180 -26.37 44.86 -16.91
CA VAL E 180 -26.87 44.56 -18.25
C VAL E 180 -26.20 43.31 -18.83
N GLU E 181 -25.07 42.92 -18.25
CA GLU E 181 -24.34 41.74 -18.73
C GLU E 181 -25.03 40.45 -18.31
N GLU E 182 -25.83 40.52 -17.25
CA GLU E 182 -26.52 39.34 -16.73
C GLU E 182 -27.92 39.18 -17.32
N LEU E 183 -28.39 40.20 -18.04
CA LEU E 183 -29.77 40.23 -18.51
C LEU E 183 -30.14 39.04 -19.43
N PRO E 184 -29.34 38.74 -20.46
CA PRO E 184 -29.75 37.60 -21.28
C PRO E 184 -29.62 36.27 -20.54
N LEU E 185 -28.72 36.20 -19.57
CA LEU E 185 -28.51 34.98 -18.81
C LEU E 185 -29.68 34.71 -17.87
N ARG E 186 -30.18 35.76 -17.22
CA ARG E 186 -31.27 35.61 -16.26
C ARG E 186 -32.61 35.38 -16.98
N ILE E 187 -32.73 35.89 -18.19
CA ILE E 187 -33.94 35.68 -18.99
C ILE E 187 -34.01 34.24 -19.47
N ASN E 188 -32.90 33.73 -19.98
CA ASN E 188 -32.82 32.34 -20.42
C ASN E 188 -33.06 31.38 -19.26
N GLU E 189 -32.53 31.73 -18.10
CA GLU E 189 -32.75 30.93 -16.89
C GLU E 189 -34.22 30.98 -16.47
N ALA E 190 -34.83 32.15 -16.64
CA ALA E 190 -36.22 32.34 -16.23
C ALA E 190 -37.18 31.44 -17.01
N PHE E 191 -37.08 31.48 -18.34
CA PHE E 191 -37.95 30.68 -19.19
C PHE E 191 -37.71 29.18 -19.03
N GLU E 192 -36.46 28.80 -18.84
CA GLU E 192 -36.12 27.39 -18.66
C GLU E 192 -36.73 26.86 -17.37
N ILE E 193 -36.54 27.58 -16.28
CA ILE E 193 -37.07 27.18 -14.98
C ILE E 193 -38.60 27.21 -14.99
N ALA E 194 -39.16 28.16 -15.74
CA ALA E 194 -40.61 28.28 -15.84
C ALA E 194 -41.23 27.14 -16.63
N THR E 195 -40.40 26.38 -17.36
CA THR E 195 -40.89 25.31 -18.22
C THR E 195 -40.40 23.94 -17.76
N SER E 196 -39.15 23.88 -17.29
CA SER E 196 -38.55 22.62 -16.85
C SER E 196 -39.32 22.01 -15.69
N GLY E 197 -39.39 20.68 -15.66
CA GLY E 197 -40.11 19.97 -14.63
C GLY E 197 -41.58 20.35 -14.65
N ARG E 198 -42.13 20.63 -13.47
CA ARG E 198 -43.49 21.16 -13.39
C ARG E 198 -43.48 22.65 -13.66
N PRO E 199 -44.24 23.09 -14.68
CA PRO E 199 -44.34 24.50 -15.05
C PRO E 199 -44.74 25.39 -13.88
N GLY E 200 -44.32 26.65 -13.91
CA GLY E 200 -44.61 27.57 -12.82
C GLY E 200 -44.18 28.99 -13.11
N PRO E 201 -44.53 29.93 -12.22
CA PRO E 201 -44.22 31.35 -12.37
C PRO E 201 -42.80 31.70 -11.91
N VAL E 202 -42.12 32.53 -12.70
CA VAL E 202 -40.82 33.06 -12.33
C VAL E 202 -40.83 34.57 -12.46
N LEU E 203 -40.07 35.26 -11.61
CA LEU E 203 -40.07 36.72 -11.60
C LEU E 203 -38.69 37.29 -11.89
N VAL E 204 -38.62 38.22 -12.84
CA VAL E 204 -37.37 38.88 -13.18
C VAL E 204 -37.45 40.37 -12.87
N ASP E 205 -36.79 40.77 -11.78
CA ASP E 205 -36.79 42.17 -11.37
C ASP E 205 -35.82 42.97 -12.25
N LEU E 206 -36.34 44.01 -12.90
CA LEU E 206 -35.54 44.79 -13.84
C LEU E 206 -35.35 46.24 -13.38
N PRO E 207 -34.20 46.52 -12.75
CA PRO E 207 -33.84 47.88 -12.33
C PRO E 207 -33.76 48.83 -13.53
N LYS E 208 -34.09 50.09 -13.31
CA LYS E 208 -34.11 51.07 -14.39
C LYS E 208 -32.72 51.30 -14.99
N ASP E 209 -31.72 51.42 -14.12
CA ASP E 209 -30.35 51.68 -14.57
C ASP E 209 -29.79 50.53 -15.40
N VAL E 210 -30.32 49.34 -15.17
CA VAL E 210 -29.89 48.16 -15.92
C VAL E 210 -30.55 48.12 -17.29
N THR E 211 -31.84 48.42 -17.33
CA THR E 211 -32.60 48.40 -18.58
C THR E 211 -32.28 49.61 -19.45
N ALA E 212 -31.59 50.59 -18.88
CA ALA E 212 -31.19 51.78 -19.61
C ALA E 212 -29.72 51.71 -20.02
N ALA E 213 -28.97 50.83 -19.37
CA ALA E 213 -27.55 50.68 -19.65
C ALA E 213 -27.33 50.02 -21.01
N ILE E 214 -26.16 50.28 -21.60
CA ILE E 214 -25.80 49.71 -22.89
C ILE E 214 -24.69 48.67 -22.76
N LEU E 215 -24.96 47.46 -23.21
CA LEU E 215 -23.97 46.38 -23.17
C LEU E 215 -22.80 46.66 -24.08
N ARG E 216 -21.59 46.51 -23.56
CA ARG E 216 -20.37 46.80 -24.32
C ARG E 216 -19.37 45.65 -24.28
N ASN E 217 -19.73 44.57 -23.59
CA ASN E 217 -18.83 43.44 -23.42
C ASN E 217 -19.50 42.10 -23.74
N PRO E 218 -18.73 41.19 -24.37
CA PRO E 218 -19.20 39.82 -24.62
C PRO E 218 -19.57 39.11 -23.32
N ILE E 219 -20.60 38.27 -23.36
CA ILE E 219 -21.12 37.66 -22.15
C ILE E 219 -21.45 36.18 -22.31
N PRO E 220 -21.37 35.41 -21.21
CA PRO E 220 -21.86 34.03 -21.18
C PRO E 220 -23.39 34.01 -21.10
N THR E 221 -24.03 33.37 -22.07
CA THR E 221 -25.49 33.39 -22.13
C THR E 221 -26.11 32.01 -21.89
N LYS E 222 -25.28 30.97 -21.91
CA LYS E 222 -25.75 29.61 -21.72
C LYS E 222 -25.90 29.30 -20.24
N THR E 223 -26.99 28.60 -19.91
CA THR E 223 -27.40 28.43 -18.51
C THR E 223 -26.82 27.20 -17.82
N THR E 224 -26.41 27.38 -16.57
CA THR E 224 -25.95 26.28 -15.73
C THR E 224 -26.79 26.22 -14.46
N LEU E 225 -27.50 25.12 -14.27
CA LEU E 225 -28.43 25.00 -13.15
C LEU E 225 -28.08 23.88 -12.18
N PRO E 226 -28.07 24.21 -10.87
CA PRO E 226 -28.01 23.20 -9.80
C PRO E 226 -29.37 22.51 -9.64
N SER E 227 -29.48 21.61 -8.67
CA SER E 227 -30.70 20.80 -8.48
C SER E 227 -31.07 20.11 -9.79
N ASN E 228 -30.04 19.72 -10.54
CA ASN E 228 -30.21 19.20 -11.88
C ASN E 228 -30.24 17.68 -11.90
N ALA E 229 -30.71 17.11 -13.00
CA ALA E 229 -30.54 15.68 -13.24
C ALA E 229 -29.04 15.45 -13.35
N LEU E 230 -28.41 15.19 -12.21
CA LEU E 230 -26.96 15.25 -12.05
C LEU E 230 -26.17 14.58 -13.17
N ASN E 231 -25.05 15.19 -13.52
CA ASN E 231 -24.28 14.83 -14.71
C ASN E 231 -23.63 13.45 -14.65
N GLN E 232 -23.00 13.08 -15.77
CA GLN E 232 -22.19 11.87 -15.87
C GLN E 232 -22.94 10.59 -15.55
N LEU E 233 -22.45 9.84 -14.57
CA LEU E 233 -22.95 8.50 -14.29
C LEU E 233 -24.17 8.50 -13.37
N THR E 234 -24.72 9.68 -13.10
CA THR E 234 -25.94 9.77 -12.31
C THR E 234 -27.14 9.62 -13.25
N SER E 235 -26.88 9.78 -14.55
CA SER E 235 -27.91 9.63 -15.58
C SER E 235 -28.46 8.21 -15.59
N ARG E 236 -27.58 7.23 -15.77
CA ARG E 236 -27.97 5.83 -15.83
C ARG E 236 -28.56 5.35 -14.51
N ALA E 237 -28.14 5.97 -13.42
CA ALA E 237 -28.64 5.61 -12.09
C ALA E 237 -30.13 5.88 -11.97
N GLN E 238 -30.58 7.01 -12.53
CA GLN E 238 -31.98 7.35 -12.53
C GLN E 238 -32.74 6.62 -13.63
N ASP E 239 -32.15 6.58 -14.82
CA ASP E 239 -32.79 5.98 -15.99
C ASP E 239 -33.06 4.49 -15.80
N GLU E 240 -32.20 3.82 -15.03
CA GLU E 240 -32.39 2.40 -14.73
C GLU E 240 -33.52 2.20 -13.72
N PHE E 241 -33.60 3.10 -12.74
CA PHE E 241 -34.65 3.03 -11.73
C PHE E 241 -36.01 3.35 -12.33
N VAL E 242 -36.05 4.32 -13.24
CA VAL E 242 -37.29 4.71 -13.90
C VAL E 242 -37.83 3.56 -14.75
N MET E 243 -36.96 2.99 -15.58
CA MET E 243 -37.35 1.88 -16.45
C MET E 243 -37.78 0.65 -15.63
N GLN E 244 -37.14 0.47 -14.48
CA GLN E 244 -37.46 -0.66 -13.61
C GLN E 244 -38.78 -0.42 -12.88
N SER E 245 -39.05 0.83 -12.52
CA SER E 245 -40.30 1.19 -11.87
C SER E 245 -41.45 1.11 -12.86
N ILE E 246 -41.14 1.33 -14.14
CA ILE E 246 -42.12 1.18 -15.21
C ILE E 246 -42.54 -0.28 -15.35
N ASN E 247 -41.56 -1.17 -15.33
CA ASN E 247 -41.81 -2.61 -15.43
C ASN E 247 -42.66 -3.12 -14.28
N LYS E 248 -42.33 -2.71 -13.07
CA LYS E 248 -43.08 -3.13 -11.88
C LYS E 248 -44.48 -2.54 -11.90
N ALA E 249 -44.63 -1.38 -12.52
CA ALA E 249 -45.94 -0.75 -12.65
C ALA E 249 -46.83 -1.55 -13.59
N ALA E 250 -46.26 -2.00 -14.70
CA ALA E 250 -47.00 -2.78 -15.69
C ALA E 250 -47.38 -4.15 -15.14
N ASP E 251 -46.50 -4.72 -14.32
CA ASP E 251 -46.76 -6.03 -13.72
C ASP E 251 -47.91 -5.97 -12.74
N LEU E 252 -48.08 -4.81 -12.10
CA LEU E 252 -49.15 -4.62 -11.14
C LEU E 252 -50.48 -4.31 -11.83
N ILE E 253 -50.38 -3.68 -12.99
CA ILE E 253 -51.56 -3.37 -13.81
C ILE E 253 -52.19 -4.64 -14.36
N ASN E 254 -51.36 -5.51 -14.92
CA ASN E 254 -51.81 -6.77 -15.50
C ASN E 254 -52.27 -7.76 -14.44
N LEU E 255 -52.10 -7.40 -13.18
CA LEU E 255 -52.48 -8.27 -12.06
C LEU E 255 -53.78 -7.80 -11.41
N ALA E 256 -54.05 -6.50 -11.51
CA ALA E 256 -55.25 -5.92 -10.91
C ALA E 256 -56.52 -6.38 -11.59
N LYS E 257 -57.62 -6.38 -10.85
CA LYS E 257 -58.91 -6.80 -11.38
C LYS E 257 -59.94 -5.68 -11.28
N LYS E 258 -59.65 -4.68 -10.46
CA LYS E 258 -60.53 -3.52 -10.32
C LYS E 258 -59.73 -2.22 -10.39
N PRO E 259 -59.12 -1.92 -11.55
CA PRO E 259 -58.22 -0.77 -11.66
C PRO E 259 -58.94 0.54 -11.94
N VAL E 260 -58.32 1.65 -11.56
CA VAL E 260 -58.87 2.98 -11.81
C VAL E 260 -57.76 3.95 -12.19
N LEU E 261 -57.91 4.62 -13.33
CA LEU E 261 -56.95 5.63 -13.77
C LEU E 261 -57.27 6.98 -13.12
N TYR E 262 -56.39 7.41 -12.23
CA TYR E 262 -56.54 8.69 -11.54
C TYR E 262 -55.75 9.78 -12.26
N VAL E 263 -56.39 10.40 -13.25
CA VAL E 263 -55.72 11.32 -14.16
C VAL E 263 -55.82 12.77 -13.69
N GLY E 264 -54.69 13.47 -13.70
CA GLY E 264 -54.66 14.86 -13.32
C GLY E 264 -54.26 15.78 -14.47
N ALA E 265 -53.70 16.94 -14.12
CA ALA E 265 -53.35 17.94 -15.12
C ALA E 265 -51.99 17.68 -15.75
N GLY E 266 -51.24 16.73 -15.19
CA GLY E 266 -49.92 16.42 -15.68
C GLY E 266 -49.91 15.84 -17.07
N ILE E 267 -51.00 15.17 -17.42
CA ILE E 267 -51.13 14.54 -18.73
C ILE E 267 -51.40 15.58 -19.82
N LEU E 268 -51.86 16.75 -19.40
CA LEU E 268 -52.21 17.81 -20.34
C LEU E 268 -51.01 18.66 -20.73
N ASN E 269 -49.87 18.41 -20.09
CA ASN E 269 -48.66 19.16 -20.39
C ASN E 269 -47.83 18.53 -21.49
N HIS E 270 -48.52 17.84 -22.40
CA HIS E 270 -47.88 17.23 -23.56
C HIS E 270 -48.93 16.92 -24.63
N ALA E 271 -48.54 17.03 -25.89
CA ALA E 271 -49.46 16.84 -27.01
C ALA E 271 -50.01 15.43 -27.08
N ASP E 272 -49.13 14.44 -26.89
CA ASP E 272 -49.51 13.04 -26.95
C ASP E 272 -50.05 12.54 -25.62
N GLY E 273 -50.39 13.47 -24.73
CA GLY E 273 -50.92 13.13 -23.43
C GLY E 273 -52.21 12.34 -23.49
N PRO E 274 -53.32 13.01 -23.83
CA PRO E 274 -54.64 12.37 -23.98
C PRO E 274 -54.61 11.24 -25.01
N ARG E 275 -53.72 11.34 -25.99
CA ARG E 275 -53.59 10.31 -27.02
C ARG E 275 -53.10 8.99 -26.42
N LEU E 276 -52.02 9.06 -25.65
CA LEU E 276 -51.45 7.87 -25.03
C LEU E 276 -52.26 7.44 -23.81
N LEU E 277 -53.12 8.32 -23.33
CA LEU E 277 -53.97 8.01 -22.18
C LEU E 277 -55.06 7.01 -22.57
N LYS E 278 -55.70 7.26 -23.71
CA LYS E 278 -56.77 6.40 -24.16
C LYS E 278 -56.24 5.04 -24.63
N GLU E 279 -54.98 5.02 -25.08
CA GLU E 279 -54.36 3.78 -25.51
C GLU E 279 -54.17 2.83 -24.32
N LEU E 280 -53.98 3.41 -23.14
CA LEU E 280 -53.88 2.63 -21.92
C LEU E 280 -55.27 2.20 -21.45
N SER E 281 -56.25 3.07 -21.66
CA SER E 281 -57.61 2.81 -21.23
C SER E 281 -58.33 1.85 -22.16
N ASP E 282 -57.92 1.82 -23.42
CA ASP E 282 -58.54 0.92 -24.40
C ASP E 282 -57.93 -0.47 -24.36
N ARG E 283 -56.62 -0.55 -24.17
CA ARG E 283 -55.93 -1.83 -24.14
C ARG E 283 -56.20 -2.58 -22.84
N ALA E 284 -56.03 -1.91 -21.71
CA ALA E 284 -56.16 -2.55 -20.41
C ALA E 284 -57.58 -2.46 -19.86
N GLN E 285 -58.46 -1.79 -20.61
CA GLN E 285 -59.86 -1.60 -20.21
C GLN E 285 -59.97 -1.02 -18.80
N ILE E 286 -59.32 0.11 -18.59
CA ILE E 286 -59.31 0.77 -17.29
C ILE E 286 -60.17 2.02 -17.28
N PRO E 287 -61.15 2.08 -16.36
CA PRO E 287 -61.98 3.27 -16.20
C PRO E 287 -61.17 4.43 -15.63
N VAL E 288 -61.28 5.61 -16.23
CA VAL E 288 -60.48 6.74 -15.80
C VAL E 288 -61.33 7.80 -15.10
N THR E 289 -60.71 8.50 -14.16
CA THR E 289 -61.34 9.62 -13.47
C THR E 289 -60.39 10.81 -13.48
N THR E 290 -60.94 12.01 -13.54
CA THR E 290 -60.12 13.21 -13.66
C THR E 290 -60.34 14.21 -12.54
N THR E 291 -59.29 14.94 -12.19
CA THR E 291 -59.41 16.05 -11.26
C THR E 291 -60.01 17.25 -11.97
N LEU E 292 -60.17 18.36 -11.26
CA LEU E 292 -60.73 19.57 -11.86
C LEU E 292 -59.85 20.09 -13.00
N GLN E 293 -58.53 19.96 -12.82
CA GLN E 293 -57.59 20.47 -13.80
C GLN E 293 -57.24 19.41 -14.85
N GLY E 294 -57.89 18.26 -14.75
CA GLY E 294 -57.68 17.17 -15.69
C GLY E 294 -58.82 17.03 -16.68
N LEU E 295 -59.78 17.95 -16.59
CA LEU E 295 -60.93 17.94 -17.50
C LEU E 295 -60.53 18.21 -18.94
N GLY E 296 -61.01 17.38 -19.85
CA GLY E 296 -60.69 17.52 -21.26
C GLY E 296 -59.63 16.54 -21.72
N SER E 297 -58.95 15.92 -20.76
CA SER E 297 -57.90 14.96 -21.07
C SER E 297 -58.46 13.62 -21.52
N PHE E 298 -59.74 13.37 -21.20
CA PHE E 298 -60.39 12.13 -21.58
C PHE E 298 -61.81 12.39 -22.07
N ASP E 299 -62.23 11.62 -23.08
CA ASP E 299 -63.56 11.76 -23.65
C ASP E 299 -64.63 11.30 -22.67
N GLN E 300 -65.51 12.21 -22.27
CA GLN E 300 -66.55 11.90 -21.29
C GLN E 300 -67.75 11.21 -21.93
N GLU E 301 -67.67 10.97 -23.23
CA GLU E 301 -68.71 10.22 -23.94
C GLU E 301 -68.33 8.75 -24.03
N ASP E 302 -67.09 8.44 -23.67
CA ASP E 302 -66.60 7.07 -23.64
C ASP E 302 -67.10 6.37 -22.38
N PRO E 303 -67.57 5.12 -22.52
CA PRO E 303 -68.12 4.33 -21.41
C PRO E 303 -67.17 4.16 -20.23
N LYS E 304 -65.86 4.28 -20.47
CA LYS E 304 -64.87 4.10 -19.42
C LYS E 304 -64.55 5.41 -18.69
N SER E 305 -65.40 6.41 -18.88
CA SER E 305 -65.20 7.70 -18.22
C SER E 305 -65.96 7.74 -16.88
N LEU E 306 -65.23 7.98 -15.80
CA LEU E 306 -65.83 8.07 -14.49
C LEU E 306 -66.09 9.51 -14.08
N ASP E 307 -65.71 10.44 -14.96
CA ASP E 307 -65.85 11.88 -14.73
C ASP E 307 -65.10 12.34 -13.48
N MET E 308 -65.43 13.54 -13.01
CA MET E 308 -64.68 14.18 -11.92
C MET E 308 -64.90 13.50 -10.57
N LEU E 309 -63.84 13.44 -9.77
CA LEU E 309 -63.91 12.92 -8.41
C LEU E 309 -63.56 14.03 -7.42
N GLY E 310 -63.73 13.74 -6.13
CA GLY E 310 -63.33 14.68 -5.10
C GLY E 310 -64.48 15.19 -4.26
N MET E 311 -64.33 16.40 -3.74
CA MET E 311 -65.33 17.00 -2.86
C MET E 311 -66.67 17.17 -3.57
N HIS E 312 -66.64 17.70 -4.79
CA HIS E 312 -67.87 17.91 -5.55
C HIS E 312 -67.92 17.03 -6.79
N GLY E 313 -67.24 15.89 -6.75
CA GLY E 313 -67.27 14.95 -7.86
C GLY E 313 -68.43 13.99 -7.75
N CYS E 314 -68.77 13.34 -8.85
CA CYS E 314 -69.88 12.38 -8.85
C CYS E 314 -69.54 11.17 -8.00
N ALA E 315 -70.57 10.48 -7.51
CA ALA E 315 -70.39 9.36 -6.61
C ALA E 315 -69.75 8.16 -7.29
N THR E 316 -69.95 8.04 -8.60
CA THR E 316 -69.39 6.93 -9.36
C THR E 316 -67.87 6.97 -9.34
N ALA E 317 -67.30 8.15 -9.56
CA ALA E 317 -65.85 8.33 -9.54
C ALA E 317 -65.30 8.10 -8.14
N ASN E 318 -66.02 8.61 -7.14
CA ASN E 318 -65.60 8.46 -5.75
C ASN E 318 -65.63 7.00 -5.30
N LEU E 319 -66.73 6.32 -5.57
CA LEU E 319 -66.88 4.92 -5.18
C LEU E 319 -65.89 4.03 -5.93
N ALA E 320 -65.56 4.41 -7.17
CA ALA E 320 -64.62 3.66 -7.98
C ALA E 320 -63.23 3.67 -7.35
N VAL E 321 -62.80 4.84 -6.87
CA VAL E 321 -61.50 4.97 -6.24
C VAL E 321 -61.47 4.28 -4.88
N GLN E 322 -62.54 4.42 -4.12
CA GLN E 322 -62.64 3.82 -2.79
C GLN E 322 -62.66 2.31 -2.83
N ASN E 323 -63.14 1.74 -3.94
CA ASN E 323 -63.28 0.29 -4.06
C ASN E 323 -62.20 -0.34 -4.95
N ALA E 324 -61.40 0.49 -5.60
CA ALA E 324 -60.36 -0.01 -6.50
C ALA E 324 -59.23 -0.68 -5.74
N ASP E 325 -58.67 -1.73 -6.32
CA ASP E 325 -57.54 -2.43 -5.74
C ASP E 325 -56.22 -1.86 -6.26
N LEU E 326 -56.32 -1.01 -7.27
CA LEU E 326 -55.15 -0.37 -7.86
C LEU E 326 -55.48 1.01 -8.40
N ILE E 327 -54.81 2.03 -7.87
CA ILE E 327 -54.98 3.39 -8.34
C ILE E 327 -53.77 3.82 -9.15
N ILE E 328 -54.00 4.30 -10.37
CA ILE E 328 -52.93 4.78 -11.23
C ILE E 328 -52.96 6.29 -11.34
N ALA E 329 -52.14 6.96 -10.52
CA ALA E 329 -52.08 8.41 -10.51
C ALA E 329 -51.20 8.94 -11.64
N VAL E 330 -51.83 9.60 -12.61
CA VAL E 330 -51.09 10.15 -13.74
C VAL E 330 -51.14 11.67 -13.73
N GLY E 331 -50.13 12.29 -13.14
CA GLY E 331 -50.02 13.74 -13.12
C GLY E 331 -51.01 14.42 -12.18
N ALA E 332 -51.12 13.88 -10.97
CA ALA E 332 -51.99 14.47 -9.96
C ALA E 332 -51.28 14.53 -8.60
N ARG E 333 -51.56 15.58 -7.84
CA ARG E 333 -50.83 15.82 -6.60
C ARG E 333 -51.64 15.47 -5.34
N PHE E 334 -52.72 14.72 -5.53
CA PHE E 334 -53.56 14.25 -4.42
C PHE E 334 -54.02 15.38 -3.52
N ASP E 335 -54.71 16.36 -4.10
CA ASP E 335 -55.19 17.51 -3.33
C ASP E 335 -56.21 17.09 -2.28
N ASP E 336 -56.34 17.89 -1.23
CA ASP E 336 -57.31 17.61 -0.17
C ASP E 336 -58.74 17.78 -0.68
N ARG E 337 -58.90 18.53 -1.76
CA ARG E 337 -60.19 18.69 -2.40
C ARG E 337 -60.57 17.42 -3.18
N VAL E 338 -59.57 16.58 -3.43
CA VAL E 338 -59.76 15.36 -4.20
C VAL E 338 -59.84 14.13 -3.31
N THR E 339 -58.91 14.02 -2.36
CA THR E 339 -58.81 12.86 -1.51
C THR E 339 -59.85 12.85 -0.39
N GLY E 340 -60.31 14.03 0.01
CA GLY E 340 -61.22 14.15 1.12
C GLY E 340 -60.53 13.76 2.42
N ASN E 341 -61.14 12.86 3.17
CA ASN E 341 -60.52 12.35 4.39
C ASN E 341 -59.40 11.37 4.03
N ILE E 342 -58.17 11.75 4.34
CA ILE E 342 -56.99 10.99 3.96
C ILE E 342 -56.95 9.61 4.64
N SER E 343 -57.48 9.55 5.86
CA SER E 343 -57.50 8.29 6.61
C SER E 343 -58.48 7.29 6.00
N LYS E 344 -59.50 7.80 5.32
CA LYS E 344 -60.52 6.95 4.71
C LYS E 344 -60.36 6.88 3.20
N PHE E 345 -59.26 7.42 2.69
CA PHE E 345 -59.04 7.47 1.25
C PHE E 345 -58.56 6.13 0.68
N ALA E 346 -59.41 5.53 -0.15
CA ALA E 346 -59.12 4.27 -0.83
C ALA E 346 -58.67 3.16 0.12
N PRO E 347 -59.61 2.58 0.86
CA PRO E 347 -59.30 1.48 1.79
C PRO E 347 -58.91 0.21 1.05
N GLU E 348 -59.56 -0.04 -0.08
CA GLU E 348 -59.28 -1.24 -0.88
C GLU E 348 -57.90 -1.18 -1.50
N ALA E 349 -57.42 0.03 -1.78
CA ALA E 349 -56.09 0.22 -2.35
C ALA E 349 -55.01 -0.07 -1.32
N ARG E 350 -55.29 0.26 -0.06
CA ARG E 350 -54.36 0.01 1.03
C ARG E 350 -54.36 -1.48 1.41
N ARG E 351 -55.53 -2.10 1.31
CA ARG E 351 -55.67 -3.52 1.62
C ARG E 351 -54.95 -4.37 0.59
N ALA E 352 -55.08 -3.98 -0.68
CA ALA E 352 -54.42 -4.70 -1.77
C ALA E 352 -52.91 -4.49 -1.74
N ALA E 353 -52.50 -3.37 -1.15
CA ALA E 353 -51.08 -3.04 -1.03
C ALA E 353 -50.42 -3.87 0.06
N ALA E 354 -51.19 -4.19 1.10
CA ALA E 354 -50.69 -5.00 2.21
C ALA E 354 -50.59 -6.47 1.79
N GLU E 355 -51.33 -6.83 0.75
CA GLU E 355 -51.32 -8.20 0.25
C GLU E 355 -50.44 -8.33 -0.99
N GLY E 356 -49.86 -7.21 -1.42
CA GLY E 356 -48.94 -7.20 -2.54
C GLY E 356 -49.59 -7.55 -3.87
N ARG E 357 -50.86 -7.20 -4.02
CA ARG E 357 -51.61 -7.49 -5.24
C ARG E 357 -52.05 -6.21 -5.94
N GLY E 358 -51.83 -5.07 -5.28
CA GLY E 358 -52.21 -3.78 -5.84
C GLY E 358 -51.62 -2.63 -5.07
N GLY E 359 -52.32 -1.50 -5.07
CA GLY E 359 -51.86 -0.31 -4.38
C GLY E 359 -52.00 0.95 -5.21
N ILE E 360 -51.00 1.81 -5.15
CA ILE E 360 -51.02 3.07 -5.89
C ILE E 360 -49.77 3.24 -6.74
N ILE E 361 -49.97 3.52 -8.02
CA ILE E 361 -48.87 3.82 -8.92
C ILE E 361 -48.90 5.30 -9.29
N HIS E 362 -47.85 6.03 -8.96
CA HIS E 362 -47.84 7.47 -9.14
C HIS E 362 -46.85 7.92 -10.21
N PHE E 363 -47.38 8.39 -11.34
CA PHE E 363 -46.56 8.98 -12.38
C PHE E 363 -46.40 10.47 -12.11
N GLU E 364 -45.20 10.88 -11.69
CA GLU E 364 -44.96 12.24 -11.25
C GLU E 364 -43.65 12.79 -11.81
N VAL E 365 -43.60 14.10 -12.04
CA VAL E 365 -42.41 14.74 -12.59
C VAL E 365 -41.54 15.33 -11.48
N SER E 366 -42.15 15.60 -10.32
CA SER E 366 -41.41 16.21 -9.21
C SER E 366 -41.56 15.39 -7.93
N PRO E 367 -40.42 14.98 -7.35
CA PRO E 367 -40.38 14.18 -6.11
C PRO E 367 -41.07 14.86 -4.93
N LYS E 368 -41.35 16.15 -5.05
CA LYS E 368 -42.07 16.89 -4.02
C LYS E 368 -43.40 16.24 -3.66
N ASN E 369 -44.21 15.99 -4.68
CA ASN E 369 -45.56 15.47 -4.48
C ASN E 369 -45.60 13.96 -4.31
N ILE E 370 -44.48 13.30 -4.59
CA ILE E 370 -44.39 11.85 -4.42
C ILE E 370 -44.29 11.51 -2.94
N ASN E 371 -45.21 10.69 -2.46
CA ASN E 371 -45.32 10.33 -1.05
C ASN E 371 -45.43 11.56 -0.15
N LYS E 372 -46.22 12.54 -0.58
CA LYS E 372 -46.43 13.75 0.20
C LYS E 372 -47.68 13.64 1.06
N VAL E 373 -48.77 13.18 0.45
CA VAL E 373 -50.03 13.01 1.16
C VAL E 373 -50.24 11.55 1.56
N VAL E 374 -50.20 10.66 0.56
CA VAL E 374 -50.33 9.23 0.80
C VAL E 374 -49.12 8.48 0.27
N GLN E 375 -48.75 7.39 0.92
CA GLN E 375 -47.58 6.62 0.51
C GLN E 375 -47.84 5.86 -0.79
N THR E 376 -46.88 5.92 -1.70
CA THR E 376 -47.01 5.29 -3.01
C THR E 376 -46.15 4.04 -3.11
N GLN E 377 -46.77 2.94 -3.54
CA GLN E 377 -46.04 1.68 -3.70
C GLN E 377 -45.05 1.73 -4.85
N ILE E 378 -45.51 2.20 -6.01
CA ILE E 378 -44.65 2.30 -7.18
C ILE E 378 -44.61 3.73 -7.73
N ALA E 379 -43.45 4.36 -7.64
CA ALA E 379 -43.29 5.73 -8.11
C ALA E 379 -42.49 5.78 -9.41
N VAL E 380 -43.02 6.49 -10.40
CA VAL E 380 -42.36 6.63 -11.69
C VAL E 380 -42.02 8.09 -11.95
N GLU E 381 -40.76 8.46 -11.71
CA GLU E 381 -40.32 9.83 -11.85
C GLU E 381 -40.06 10.20 -13.31
N GLY E 382 -40.62 11.33 -13.73
CA GLY E 382 -40.46 11.80 -15.10
C GLY E 382 -41.75 12.31 -15.69
N ASP E 383 -41.76 12.54 -17.00
CA ASP E 383 -42.96 12.99 -17.68
C ASP E 383 -44.00 11.88 -17.71
N ALA E 384 -45.24 12.22 -17.34
CA ALA E 384 -46.31 11.24 -17.26
C ALA E 384 -46.64 10.64 -18.62
N THR E 385 -46.52 11.46 -19.66
CA THR E 385 -46.85 11.03 -21.01
C THR E 385 -45.72 10.23 -21.64
N THR E 386 -44.49 10.55 -21.27
CA THR E 386 -43.32 9.85 -21.80
C THR E 386 -43.21 8.46 -21.21
N ASN E 387 -43.37 8.35 -19.89
CA ASN E 387 -43.29 7.08 -19.20
C ASN E 387 -44.41 6.14 -19.61
N LEU E 388 -45.62 6.69 -19.78
CA LEU E 388 -46.75 5.91 -20.27
C LEU E 388 -46.51 5.44 -21.70
N GLY E 389 -45.71 6.19 -22.42
CA GLY E 389 -45.40 5.89 -23.80
C GLY E 389 -44.63 4.59 -23.97
N LYS E 390 -43.56 4.43 -23.19
CA LYS E 390 -42.74 3.23 -23.26
C LYS E 390 -43.14 2.20 -22.22
N MET E 391 -44.43 2.16 -21.91
CA MET E 391 -44.98 1.16 -21.01
C MET E 391 -46.05 0.33 -21.73
N MET E 392 -46.53 0.87 -22.85
CA MET E 392 -47.59 0.23 -23.64
C MET E 392 -47.26 -1.19 -24.04
N SER E 393 -46.02 -1.42 -24.42
CA SER E 393 -45.58 -2.75 -24.84
C SER E 393 -45.61 -3.73 -23.68
N LYS E 394 -45.44 -3.22 -22.46
CA LYS E 394 -45.41 -4.06 -21.27
C LYS E 394 -46.81 -4.33 -20.72
N ILE E 395 -47.81 -3.72 -21.34
CA ILE E 395 -49.19 -3.88 -20.90
C ILE E 395 -49.91 -4.98 -21.69
N PHE E 396 -50.50 -5.92 -20.96
CA PHE E 396 -51.27 -6.99 -21.59
C PHE E 396 -52.68 -6.51 -21.93
N PRO E 397 -53.18 -6.91 -23.10
CA PRO E 397 -54.53 -6.53 -23.53
C PRO E 397 -55.62 -7.25 -22.75
N VAL E 398 -56.61 -6.50 -22.29
CA VAL E 398 -57.73 -7.08 -21.55
C VAL E 398 -58.93 -7.31 -22.46
N LYS E 399 -59.40 -8.56 -22.48
CA LYS E 399 -60.57 -8.93 -23.26
C LYS E 399 -61.77 -8.09 -22.86
N GLU E 400 -62.22 -8.25 -21.62
CA GLU E 400 -63.30 -7.46 -21.07
C GLU E 400 -63.35 -7.62 -19.55
N ARG E 401 -63.83 -6.57 -18.88
CA ARG E 401 -64.09 -6.64 -17.44
C ARG E 401 -65.58 -6.52 -17.19
N SER E 402 -66.24 -7.67 -16.98
CA SER E 402 -67.68 -7.69 -16.82
C SER E 402 -68.11 -7.41 -15.39
N GLU E 403 -67.34 -7.94 -14.43
CA GLU E 403 -67.70 -7.81 -13.02
C GLU E 403 -67.45 -6.40 -12.50
N TRP E 404 -66.34 -5.80 -12.94
CA TRP E 404 -65.95 -4.48 -12.44
C TRP E 404 -66.73 -3.36 -13.12
N PHE E 405 -66.99 -3.51 -14.41
CA PHE E 405 -67.73 -2.49 -15.15
C PHE E 405 -69.22 -2.48 -14.78
N ALA E 406 -69.74 -3.65 -14.43
CA ALA E 406 -71.14 -3.76 -14.03
C ALA E 406 -71.39 -3.00 -12.73
N GLN E 407 -70.48 -3.19 -11.77
CA GLN E 407 -70.56 -2.51 -10.48
C GLN E 407 -70.36 -1.00 -10.67
N ILE E 408 -69.68 -0.65 -11.75
CA ILE E 408 -69.47 0.76 -12.10
C ILE E 408 -70.68 1.33 -12.83
N ASN E 409 -71.19 0.58 -13.80
CA ASN E 409 -72.34 1.03 -14.57
C ASN E 409 -73.60 1.20 -13.73
N LYS E 410 -73.74 0.39 -12.68
CA LYS E 410 -74.90 0.51 -11.80
C LYS E 410 -74.79 1.77 -10.95
N TRP E 411 -73.55 2.24 -10.74
CA TRP E 411 -73.32 3.48 -10.01
C TRP E 411 -73.68 4.68 -10.87
N LYS E 412 -73.49 4.54 -12.18
CA LYS E 412 -73.84 5.60 -13.13
C LYS E 412 -75.35 5.70 -13.29
N LYS E 413 -76.06 4.64 -12.93
CA LYS E 413 -77.51 4.62 -13.02
C LYS E 413 -78.14 4.96 -11.67
N GLU E 414 -77.41 4.70 -10.59
CA GLU E 414 -77.92 4.94 -9.24
C GLU E 414 -77.53 6.33 -8.73
N TYR E 415 -76.34 6.79 -9.11
CA TYR E 415 -75.84 8.08 -8.64
C TYR E 415 -75.41 8.99 -9.78
N PRO E 416 -76.38 9.55 -10.53
CA PRO E 416 -76.05 10.53 -11.56
C PRO E 416 -76.02 11.95 -10.99
N TYR E 417 -75.56 12.92 -11.78
CA TYR E 417 -75.61 14.32 -11.37
C TYR E 417 -77.06 14.77 -11.29
N ALA E 418 -77.68 14.61 -10.12
CA ALA E 418 -79.08 14.94 -9.95
C ALA E 418 -79.28 16.26 -9.19
N TYR E 419 -80.37 16.94 -9.51
CA TYR E 419 -80.71 18.20 -8.86
C TYR E 419 -82.20 18.48 -9.00
N MET E 420 -82.65 19.61 -8.44
CA MET E 420 -84.05 20.00 -8.52
C MET E 420 -84.37 20.55 -9.91
N GLU E 421 -85.07 19.75 -10.71
CA GLU E 421 -85.46 20.17 -12.06
C GLU E 421 -86.47 21.31 -11.99
N GLU E 422 -86.40 22.23 -12.94
CA GLU E 422 -87.29 23.39 -12.96
C GLU E 422 -88.70 23.02 -13.41
N THR E 423 -89.68 23.78 -12.91
CA THR E 423 -91.08 23.59 -13.25
C THR E 423 -91.68 24.92 -13.68
N PRO E 424 -92.87 24.91 -14.32
CA PRO E 424 -93.56 26.16 -14.63
C PRO E 424 -93.75 27.05 -13.40
N GLY E 425 -93.04 28.17 -13.37
CA GLY E 425 -93.08 29.08 -12.24
C GLY E 425 -91.75 29.17 -11.52
N SER E 426 -90.98 28.09 -11.60
CA SER E 426 -89.67 28.03 -10.96
C SER E 426 -88.68 28.93 -11.68
N LYS E 427 -87.66 29.39 -10.95
CA LYS E 427 -86.59 30.18 -11.54
C LYS E 427 -85.60 29.23 -12.22
N ILE E 428 -84.90 29.74 -13.24
CA ILE E 428 -84.01 28.91 -14.05
C ILE E 428 -82.91 28.27 -13.20
N LYS E 429 -82.75 26.95 -13.34
CA LYS E 429 -81.71 26.23 -12.62
C LYS E 429 -80.36 26.41 -13.29
N PRO E 430 -79.34 26.79 -12.51
CA PRO E 430 -78.00 27.12 -13.02
C PRO E 430 -77.31 25.92 -13.68
N GLN E 431 -77.59 24.72 -13.19
CA GLN E 431 -76.97 23.52 -13.72
C GLN E 431 -77.62 23.09 -15.03
N THR E 432 -78.84 23.58 -15.27
CA THR E 432 -79.52 23.33 -16.53
C THR E 432 -78.96 24.26 -17.61
N VAL E 433 -78.52 25.44 -17.18
CA VAL E 433 -77.89 26.41 -18.08
C VAL E 433 -76.62 25.83 -18.68
N ILE E 434 -75.88 25.07 -17.87
CA ILE E 434 -74.63 24.46 -18.30
C ILE E 434 -74.87 23.40 -19.38
N LYS E 435 -75.84 22.54 -19.15
CA LYS E 435 -76.17 21.46 -20.10
C LYS E 435 -76.65 22.03 -21.43
N LYS E 436 -77.45 23.09 -21.36
CA LYS E 436 -78.00 23.72 -22.55
C LYS E 436 -76.91 24.48 -23.32
N LEU E 437 -76.05 25.18 -22.60
CA LEU E 437 -74.98 25.96 -23.22
C LEU E 437 -73.97 25.06 -23.91
N SER E 438 -73.65 23.93 -23.28
CA SER E 438 -72.72 22.97 -23.85
C SER E 438 -73.27 22.39 -25.16
N LYS E 439 -74.58 22.20 -25.19
CA LYS E 439 -75.25 21.71 -26.39
C LYS E 439 -75.23 22.76 -27.51
N VAL E 440 -75.44 24.01 -27.12
CA VAL E 440 -75.43 25.12 -28.07
C VAL E 440 -74.04 25.36 -28.62
N ALA E 441 -73.05 25.40 -27.73
CA ALA E 441 -71.66 25.64 -28.13
C ALA E 441 -71.14 24.51 -29.02
N ASN E 442 -71.63 23.30 -28.80
CA ASN E 442 -71.21 22.14 -29.59
C ASN E 442 -71.80 22.17 -30.99
N ASP E 443 -72.99 22.75 -31.13
CA ASP E 443 -73.68 22.82 -32.41
C ASP E 443 -73.08 23.88 -33.33
N THR E 444 -72.14 24.66 -32.81
CA THR E 444 -71.51 25.71 -33.59
C THR E 444 -70.49 25.15 -34.57
N GLY E 445 -69.88 24.04 -34.20
CA GLY E 445 -68.85 23.43 -35.03
C GLY E 445 -67.53 24.16 -34.87
N ARG E 446 -67.37 24.84 -33.74
CA ARG E 446 -66.15 25.58 -33.45
C ARG E 446 -65.38 24.96 -32.29
N HIS E 447 -64.14 25.40 -32.09
CA HIS E 447 -63.35 24.95 -30.95
C HIS E 447 -63.70 25.77 -29.72
N VAL E 448 -64.41 25.17 -28.78
CA VAL E 448 -64.89 25.88 -27.60
C VAL E 448 -63.91 25.76 -26.43
N ILE E 449 -63.41 26.90 -25.97
CA ILE E 449 -62.54 26.96 -24.81
C ILE E 449 -63.18 27.79 -23.71
N VAL E 450 -63.70 27.12 -22.68
CA VAL E 450 -64.42 27.83 -21.64
C VAL E 450 -63.54 28.16 -20.43
N THR E 451 -63.91 29.21 -19.72
CA THR E 451 -63.24 29.59 -18.48
C THR E 451 -64.29 29.92 -17.43
N THR E 452 -63.97 29.67 -16.15
CA THR E 452 -64.92 29.93 -15.08
C THR E 452 -64.30 30.75 -13.97
N GLY E 453 -65.15 31.32 -13.13
CA GLY E 453 -64.70 32.01 -11.93
C GLY E 453 -64.52 31.02 -10.80
N VAL E 454 -64.85 31.43 -9.59
CA VAL E 454 -64.74 30.53 -8.43
C VAL E 454 -66.02 30.54 -7.61
N GLY E 455 -66.64 29.36 -7.49
CA GLY E 455 -67.87 29.21 -6.73
C GLY E 455 -68.67 27.99 -7.17
N GLN E 456 -69.97 28.03 -6.93
CA GLN E 456 -70.85 26.94 -7.32
C GLN E 456 -70.95 26.83 -8.84
N HIS E 457 -70.88 27.97 -9.51
CA HIS E 457 -70.96 28.02 -10.97
C HIS E 457 -69.75 27.35 -11.59
N GLN E 458 -68.63 27.37 -10.86
CA GLN E 458 -67.40 26.74 -11.30
C GLN E 458 -67.55 25.21 -11.28
N MET E 459 -68.17 24.71 -10.22
CA MET E 459 -68.36 23.27 -10.07
C MET E 459 -69.40 22.73 -11.05
N TRP E 460 -70.51 23.45 -11.18
CA TRP E 460 -71.59 23.04 -12.06
C TRP E 460 -71.14 23.00 -13.52
N ALA E 461 -70.22 23.89 -13.88
CA ALA E 461 -69.66 23.92 -15.22
C ALA E 461 -68.71 22.74 -15.44
N ALA E 462 -68.16 22.24 -14.34
CA ALA E 462 -67.25 21.10 -14.42
C ALA E 462 -68.01 19.78 -14.47
N GLN E 463 -69.22 19.78 -13.92
CA GLN E 463 -70.03 18.58 -13.84
C GLN E 463 -70.86 18.33 -15.09
N HIS E 464 -71.66 19.32 -15.46
CA HIS E 464 -72.69 19.13 -16.50
C HIS E 464 -72.22 19.50 -17.90
N TRP E 465 -70.92 19.74 -18.06
CA TRP E 465 -70.35 20.01 -19.37
C TRP E 465 -69.58 18.79 -19.86
N THR E 466 -69.94 18.30 -21.04
CA THR E 466 -69.27 17.14 -21.60
C THR E 466 -67.90 17.51 -22.17
N TRP E 467 -66.85 17.05 -21.49
CA TRP E 467 -65.48 17.37 -21.88
C TRP E 467 -64.90 16.27 -22.77
N ARG E 468 -64.44 16.66 -23.95
CA ARG E 468 -63.89 15.70 -24.91
C ARG E 468 -62.52 16.11 -25.42
N ASN E 469 -62.35 17.41 -25.68
CA ASN E 469 -61.09 17.93 -26.19
C ASN E 469 -60.24 18.58 -25.10
N PRO E 470 -58.91 18.39 -25.19
CA PRO E 470 -57.97 18.92 -24.19
C PRO E 470 -57.82 20.44 -24.23
N HIS E 471 -57.42 21.01 -23.10
CA HIS E 471 -57.20 22.46 -22.96
C HIS E 471 -58.43 23.28 -23.34
N THR E 472 -59.60 22.80 -22.95
CA THR E 472 -60.85 23.50 -23.23
C THR E 472 -61.56 23.92 -21.96
N PHE E 473 -60.86 23.78 -20.83
CA PHE E 473 -61.40 24.19 -19.54
C PHE E 473 -60.32 24.85 -18.68
N ILE E 474 -60.29 26.17 -18.70
CA ILE E 474 -59.28 26.93 -17.98
C ILE E 474 -59.88 27.61 -16.74
N THR E 475 -59.57 27.07 -15.56
CA THR E 475 -60.10 27.60 -14.32
C THR E 475 -59.04 27.66 -13.23
N SER E 476 -59.41 28.23 -12.07
CA SER E 476 -58.51 28.31 -10.92
C SER E 476 -58.98 27.38 -9.81
N GLY E 477 -58.16 26.38 -9.51
CA GLY E 477 -58.50 25.41 -8.49
C GLY E 477 -57.54 25.37 -7.32
N GLY E 478 -56.26 25.57 -7.61
CA GLY E 478 -55.23 25.55 -6.59
C GLY E 478 -55.40 26.67 -5.58
N LEU E 479 -55.48 27.89 -6.08
CA LEU E 479 -55.65 29.06 -5.22
C LEU E 479 -57.10 29.50 -5.19
N GLY E 480 -57.83 29.22 -6.27
CA GLY E 480 -59.23 29.60 -6.38
C GLY E 480 -59.43 31.10 -6.29
N THR E 481 -59.00 31.81 -7.33
CA THR E 481 -59.05 33.27 -7.33
C THR E 481 -60.28 33.80 -8.06
N MET E 482 -61.02 34.68 -7.39
CA MET E 482 -62.18 35.32 -8.01
C MET E 482 -61.73 36.44 -8.94
N GLY E 483 -62.48 36.65 -10.01
CA GLY E 483 -62.10 37.62 -11.02
C GLY E 483 -61.09 37.02 -11.98
N TYR E 484 -61.11 35.69 -12.06
CA TYR E 484 -60.19 34.95 -12.91
C TYR E 484 -60.82 34.64 -14.26
N GLY E 485 -62.14 34.48 -14.26
CA GLY E 485 -62.88 34.08 -15.45
C GLY E 485 -62.70 34.97 -16.66
N LEU E 486 -63.06 36.24 -16.52
CA LEU E 486 -62.99 37.19 -17.63
C LEU E 486 -61.56 37.43 -18.17
N PRO E 487 -60.58 37.71 -17.28
CA PRO E 487 -59.25 37.98 -17.84
C PRO E 487 -58.60 36.75 -18.50
N ALA E 488 -58.79 35.59 -17.90
CA ALA E 488 -58.22 34.36 -18.45
C ALA E 488 -58.89 34.01 -19.78
N ALA E 489 -60.15 34.42 -19.93
CA ALA E 489 -60.87 34.21 -21.17
C ALA E 489 -60.28 35.04 -22.30
N ILE E 490 -59.93 36.29 -21.96
CA ILE E 490 -59.32 37.19 -22.92
C ILE E 490 -57.96 36.67 -23.37
N GLY E 491 -57.14 36.27 -22.40
CA GLY E 491 -55.82 35.74 -22.69
C GLY E 491 -55.86 34.44 -23.46
N ALA E 492 -56.91 33.66 -23.23
CA ALA E 492 -57.07 32.38 -23.92
C ALA E 492 -57.40 32.59 -25.40
N GLN E 493 -58.16 33.64 -25.69
CA GLN E 493 -58.57 33.92 -27.07
C GLN E 493 -57.44 34.58 -27.85
N VAL E 494 -56.47 35.15 -27.15
CA VAL E 494 -55.29 35.69 -27.80
C VAL E 494 -54.46 34.54 -28.36
N ALA E 495 -54.42 33.45 -27.60
CA ALA E 495 -53.72 32.23 -28.04
C ALA E 495 -54.48 31.57 -29.18
N LYS E 496 -55.80 31.51 -29.05
CA LYS E 496 -56.65 30.89 -30.07
C LYS E 496 -57.71 31.88 -30.55
N PRO E 497 -57.35 32.74 -31.51
CA PRO E 497 -58.21 33.81 -32.04
C PRO E 497 -59.51 33.31 -32.65
N GLU E 498 -59.50 32.13 -33.25
CA GLU E 498 -60.67 31.62 -33.96
C GLU E 498 -61.50 30.68 -33.08
N SER E 499 -61.08 30.48 -31.84
CA SER E 499 -61.79 29.59 -30.93
C SER E 499 -62.86 30.33 -30.14
N LEU E 500 -64.01 29.68 -29.98
CA LEU E 500 -65.11 30.24 -29.22
C LEU E 500 -64.81 30.18 -27.73
N VAL E 501 -64.44 31.32 -27.15
CA VAL E 501 -64.11 31.38 -25.73
C VAL E 501 -65.28 31.89 -24.90
N ILE E 502 -65.79 31.03 -24.04
CA ILE E 502 -66.95 31.37 -23.21
C ILE E 502 -66.58 31.45 -21.73
N ASP E 503 -66.90 32.56 -21.09
CA ASP E 503 -66.61 32.73 -19.68
C ASP E 503 -67.84 32.46 -18.82
N ILE E 504 -67.92 31.24 -18.29
CA ILE E 504 -68.99 30.89 -17.36
C ILE E 504 -68.64 31.42 -15.99
N ASP E 505 -68.95 32.69 -15.74
CA ASP E 505 -68.54 33.38 -14.53
C ASP E 505 -69.70 33.56 -13.56
N GLY E 506 -69.37 33.83 -12.30
CA GLY E 506 -70.38 34.10 -11.29
C GLY E 506 -70.47 35.58 -10.96
N ASP E 507 -71.62 36.01 -10.47
CA ASP E 507 -71.88 37.43 -10.23
C ASP E 507 -70.88 38.04 -9.26
N ALA E 508 -70.51 37.30 -8.22
CA ALA E 508 -69.56 37.79 -7.23
C ALA E 508 -68.13 37.73 -7.75
N SER E 509 -67.80 36.63 -8.41
CA SER E 509 -66.46 36.43 -8.97
C SER E 509 -66.19 37.44 -10.08
N PHE E 510 -67.17 37.63 -10.96
CA PHE E 510 -67.03 38.57 -12.06
C PHE E 510 -66.96 40.01 -11.56
N ASN E 511 -67.50 40.24 -10.37
CA ASN E 511 -67.52 41.57 -9.77
C ASN E 511 -66.18 42.02 -9.20
N MET E 512 -65.11 41.31 -9.53
CA MET E 512 -63.79 41.70 -9.08
C MET E 512 -62.98 42.36 -10.20
N THR E 513 -63.27 41.97 -11.44
CA THR E 513 -62.56 42.51 -12.58
C THR E 513 -63.51 42.97 -13.67
N LEU E 514 -64.37 43.94 -13.36
CA LEU E 514 -65.27 44.53 -14.34
C LEU E 514 -64.50 45.31 -15.39
N THR E 515 -63.39 45.89 -14.96
CA THR E 515 -62.63 46.82 -15.80
C THR E 515 -61.96 46.14 -16.99
N GLU E 516 -61.85 44.82 -16.94
CA GLU E 516 -61.20 44.08 -18.00
C GLU E 516 -62.10 43.89 -19.21
N LEU E 517 -63.38 44.28 -19.07
CA LEU E 517 -64.32 44.24 -20.18
C LEU E 517 -63.89 45.22 -21.27
N SER E 518 -63.47 46.41 -20.87
CA SER E 518 -63.02 47.43 -21.80
C SER E 518 -61.69 47.06 -22.44
N SER E 519 -60.97 46.14 -21.81
CA SER E 519 -59.71 45.65 -22.36
C SER E 519 -59.97 44.64 -23.47
N ALA E 520 -61.13 43.98 -23.40
CA ALA E 520 -61.51 42.98 -24.38
C ALA E 520 -61.82 43.60 -25.74
N VAL E 521 -62.46 44.77 -25.71
CA VAL E 521 -62.83 45.46 -26.94
C VAL E 521 -61.65 46.26 -27.49
N GLN E 522 -60.61 46.41 -26.69
CA GLN E 522 -59.40 47.11 -27.13
C GLN E 522 -58.38 46.12 -27.68
N ALA E 523 -58.36 44.92 -27.10
CA ALA E 523 -57.45 43.88 -27.55
C ALA E 523 -58.03 43.11 -28.72
N GLY E 524 -59.31 43.35 -29.01
CA GLY E 524 -59.99 42.70 -30.10
C GLY E 524 -60.27 41.24 -29.84
N THR E 525 -60.89 40.95 -28.70
CA THR E 525 -61.22 39.58 -28.32
C THR E 525 -62.72 39.40 -28.14
N PRO E 526 -63.37 38.76 -29.12
CA PRO E 526 -64.81 38.48 -29.05
C PRO E 526 -65.14 37.45 -27.98
N VAL E 527 -64.93 37.80 -26.73
CA VAL E 527 -65.18 36.90 -25.61
C VAL E 527 -66.66 36.83 -25.27
N LYS E 528 -67.10 35.65 -24.84
CA LYS E 528 -68.51 35.44 -24.49
C LYS E 528 -68.67 35.26 -22.99
N ILE E 529 -69.13 36.30 -22.31
CA ILE E 529 -69.26 36.27 -20.86
C ILE E 529 -70.66 35.84 -20.41
N LEU E 530 -70.73 34.74 -19.68
CA LEU E 530 -71.98 34.29 -19.09
C LEU E 530 -71.95 34.49 -17.57
N ILE E 531 -72.98 35.14 -17.04
CA ILE E 531 -73.06 35.40 -15.61
C ILE E 531 -74.26 34.71 -14.98
N LEU E 532 -74.00 33.63 -14.25
CA LEU E 532 -75.05 32.96 -13.49
C LEU E 532 -75.36 33.78 -12.24
N ASN E 533 -76.09 34.87 -12.43
CA ASN E 533 -76.39 35.80 -11.35
C ASN E 533 -77.45 35.28 -10.39
N ASN E 534 -77.01 34.85 -9.22
CA ASN E 534 -77.92 34.43 -8.16
C ASN E 534 -77.92 35.44 -7.02
N GLU E 535 -77.39 36.63 -7.30
CA GLU E 535 -77.41 37.76 -6.37
C GLU E 535 -76.78 37.41 -5.02
N GLU E 536 -75.78 36.53 -5.03
CA GLU E 536 -75.18 36.07 -3.79
C GLU E 536 -73.81 35.44 -4.00
N GLN E 537 -73.17 35.09 -2.89
CA GLN E 537 -71.92 34.35 -2.93
C GLN E 537 -72.19 32.86 -2.70
N GLY E 538 -72.54 32.16 -3.78
CA GLY E 538 -73.04 30.80 -3.72
C GLY E 538 -72.27 29.80 -2.87
N MET E 539 -70.98 29.64 -3.16
CA MET E 539 -70.17 28.64 -2.48
C MET E 539 -70.05 28.91 -0.99
N VAL E 540 -70.04 30.18 -0.61
CA VAL E 540 -69.94 30.56 0.79
C VAL E 540 -71.27 30.40 1.51
N THR E 541 -72.35 30.79 0.84
CA THR E 541 -73.69 30.68 1.41
C THR E 541 -74.08 29.23 1.63
N GLN E 542 -73.55 28.34 0.81
CA GLN E 542 -73.81 26.91 0.95
C GLN E 542 -73.18 26.39 2.23
N TRP E 543 -71.94 26.78 2.48
CA TRP E 543 -71.23 26.38 3.69
C TRP E 543 -71.87 27.00 4.94
N GLN E 544 -72.50 28.15 4.77
CA GLN E 544 -73.19 28.82 5.87
C GLN E 544 -74.56 28.22 6.11
N SER E 545 -75.10 27.55 5.09
CA SER E 545 -76.40 26.90 5.19
C SER E 545 -76.26 25.46 5.70
N LEU E 546 -75.07 24.90 5.54
CA LEU E 546 -74.82 23.51 5.91
C LEU E 546 -74.08 23.38 7.24
N PHE E 547 -73.22 24.35 7.55
CA PHE E 547 -72.35 24.23 8.71
C PHE E 547 -72.49 25.39 9.70
N TYR E 548 -73.29 26.39 9.35
CA TYR E 548 -73.42 27.56 10.20
C TYR E 548 -74.86 28.03 10.39
N GLU E 549 -75.79 27.07 10.27
CA GLU E 549 -77.20 27.30 10.60
C GLU E 549 -77.84 28.47 9.85
N HIS E 550 -77.61 28.54 8.54
CA HIS E 550 -78.23 29.54 7.68
C HIS E 550 -78.00 30.98 8.15
N ARG E 551 -76.80 31.23 8.68
CA ARG E 551 -76.45 32.58 9.13
C ARG E 551 -75.52 33.24 8.11
N TYR E 552 -76.12 33.95 7.15
CA TYR E 552 -75.38 34.54 6.05
C TYR E 552 -74.75 35.87 6.45
N SER E 553 -73.46 35.84 6.72
CA SER E 553 -72.74 37.03 7.18
C SER E 553 -71.97 37.70 6.04
N HIS E 554 -72.55 38.79 5.52
CA HIS E 554 -71.91 39.63 4.51
C HIS E 554 -71.52 38.85 3.26
N THR E 555 -72.38 37.92 2.84
CA THR E 555 -72.12 37.11 1.65
C THR E 555 -73.04 37.51 0.50
N HIS E 556 -73.62 38.71 0.61
CA HIS E 556 -74.48 39.22 -0.45
C HIS E 556 -74.03 40.62 -0.87
N GLN E 557 -73.31 40.70 -1.98
CA GLN E 557 -72.81 41.97 -2.48
C GLN E 557 -73.84 42.64 -3.38
N LEU E 558 -73.69 43.96 -3.57
CA LEU E 558 -74.62 44.71 -4.40
C LEU E 558 -74.17 44.68 -5.86
N ASN E 559 -74.78 43.79 -6.64
CA ASN E 559 -74.45 43.67 -8.05
C ASN E 559 -75.01 44.82 -8.88
N PRO E 560 -74.23 45.30 -9.85
CA PRO E 560 -74.65 46.38 -10.74
C PRO E 560 -75.42 45.84 -11.94
N ASP E 561 -76.04 46.72 -12.71
CA ASP E 561 -76.72 46.33 -13.93
C ASP E 561 -75.69 45.86 -14.95
N PHE E 562 -75.52 44.55 -15.06
CA PHE E 562 -74.49 43.97 -15.91
C PHE E 562 -74.73 44.26 -17.39
N ILE E 563 -75.99 44.47 -17.75
CA ILE E 563 -76.34 44.74 -19.15
C ILE E 563 -75.96 46.17 -19.52
N LYS E 564 -76.31 47.13 -18.67
CA LYS E 564 -75.94 48.52 -18.89
C LYS E 564 -74.43 48.71 -18.73
N LEU E 565 -73.83 47.85 -17.90
CA LEU E 565 -72.38 47.86 -17.71
C LEU E 565 -71.68 47.43 -18.98
N ALA E 566 -72.20 46.39 -19.62
CA ALA E 566 -71.65 45.89 -20.87
C ALA E 566 -71.76 46.93 -21.97
N GLU E 567 -72.84 47.70 -21.95
CA GLU E 567 -73.04 48.77 -22.91
C GLU E 567 -72.04 49.90 -22.68
N ALA E 568 -71.77 50.18 -21.41
CA ALA E 568 -70.83 51.23 -21.04
C ALA E 568 -69.41 50.87 -21.47
N MET E 569 -69.06 49.59 -21.34
CA MET E 569 -67.74 49.11 -21.70
C MET E 569 -67.58 49.00 -23.22
N GLY E 570 -68.72 48.86 -23.92
CA GLY E 570 -68.70 48.74 -25.36
C GLY E 570 -69.02 47.35 -25.85
N LEU E 571 -69.80 46.61 -25.06
CA LEU E 571 -70.19 45.25 -25.42
C LEU E 571 -71.69 45.18 -25.72
N LYS E 572 -72.20 43.95 -25.82
CA LYS E 572 -73.62 43.73 -26.06
C LYS E 572 -74.26 43.04 -24.86
N GLY E 573 -75.27 43.68 -24.28
CA GLY E 573 -75.92 43.16 -23.10
C GLY E 573 -77.13 42.29 -23.38
N LEU E 574 -77.09 41.07 -22.86
CA LEU E 574 -78.21 40.15 -22.99
C LEU E 574 -78.63 39.62 -21.62
N ARG E 575 -79.93 39.51 -21.40
CA ARG E 575 -80.45 39.05 -20.11
C ARG E 575 -81.71 38.20 -20.26
N VAL E 576 -81.73 37.07 -19.56
CA VAL E 576 -82.93 36.25 -19.48
C VAL E 576 -83.43 36.24 -18.03
N LYS E 577 -84.73 36.02 -17.86
CA LYS E 577 -85.31 35.99 -16.52
C LYS E 577 -86.21 34.76 -16.36
N LYS E 578 -86.88 34.38 -17.43
CA LYS E 578 -87.78 33.22 -17.41
C LYS E 578 -87.24 32.09 -18.27
N GLN E 579 -87.81 30.90 -18.10
CA GLN E 579 -87.31 29.70 -18.76
C GLN E 579 -87.48 29.74 -20.28
N GLU E 580 -88.62 30.25 -20.73
CA GLU E 580 -88.95 30.27 -22.16
C GLU E 580 -88.20 31.38 -22.91
N GLU E 581 -87.25 32.01 -22.23
CA GLU E 581 -86.46 33.08 -22.83
C GLU E 581 -85.00 32.65 -22.96
N LEU E 582 -84.68 31.49 -22.38
CA LEU E 582 -83.30 31.04 -22.28
C LEU E 582 -82.71 30.54 -23.60
N ASP E 583 -83.28 29.47 -24.14
CA ASP E 583 -82.73 28.82 -25.34
C ASP E 583 -82.64 29.76 -26.54
N ALA E 584 -83.56 30.71 -26.62
CA ALA E 584 -83.57 31.68 -27.71
C ALA E 584 -82.38 32.63 -27.58
N LYS E 585 -82.06 32.99 -26.34
CA LYS E 585 -80.97 33.94 -26.08
C LYS E 585 -79.64 33.23 -25.86
N LEU E 586 -79.67 31.91 -25.71
CA LEU E 586 -78.44 31.13 -25.63
C LEU E 586 -77.78 31.07 -27.00
N LYS E 587 -78.58 30.86 -28.03
CA LYS E 587 -78.09 30.83 -29.40
C LYS E 587 -77.66 32.23 -29.85
N GLU E 588 -78.36 33.25 -29.36
CA GLU E 588 -78.01 34.63 -29.67
C GLU E 588 -76.69 34.98 -29.01
N PHE E 589 -76.53 34.58 -27.75
CA PHE E 589 -75.32 34.86 -26.99
C PHE E 589 -74.08 34.18 -27.58
N VAL E 590 -74.28 33.01 -28.16
CA VAL E 590 -73.16 32.22 -28.67
C VAL E 590 -72.83 32.56 -30.12
N SER E 591 -73.85 32.66 -30.96
CA SER E 591 -73.63 32.88 -32.39
C SER E 591 -73.38 34.34 -32.76
N THR E 592 -73.37 35.22 -31.77
CA THR E 592 -73.13 36.64 -32.02
C THR E 592 -71.64 36.91 -32.20
N LYS E 593 -71.29 37.55 -33.30
CA LYS E 593 -69.91 37.95 -33.56
C LYS E 593 -69.52 39.16 -32.72
N GLY E 594 -68.40 39.06 -32.01
CA GLY E 594 -67.95 40.14 -31.16
C GLY E 594 -68.17 39.85 -29.69
N PRO E 595 -67.58 40.67 -28.82
CA PRO E 595 -67.71 40.53 -27.36
C PRO E 595 -69.14 40.77 -26.88
N VAL E 596 -69.71 39.79 -26.18
CA VAL E 596 -71.05 39.92 -25.63
C VAL E 596 -71.10 39.51 -24.16
N LEU E 597 -72.20 39.83 -23.49
CA LEU E 597 -72.36 39.49 -22.07
C LEU E 597 -73.78 39.07 -21.77
N LEU E 598 -73.96 37.78 -21.45
CA LEU E 598 -75.29 37.25 -21.14
C LEU E 598 -75.46 37.02 -19.64
N GLU E 599 -76.46 37.67 -19.06
CA GLU E 599 -76.80 37.45 -17.67
C GLU E 599 -78.01 36.54 -17.55
N VAL E 600 -77.89 35.49 -16.74
CA VAL E 600 -79.00 34.57 -16.52
C VAL E 600 -79.40 34.55 -15.05
N GLU E 601 -80.60 35.04 -14.77
CA GLU E 601 -81.12 35.02 -13.41
C GLU E 601 -81.47 33.60 -12.99
N VAL E 602 -80.64 33.02 -12.13
CA VAL E 602 -80.83 31.64 -11.70
C VAL E 602 -81.39 31.57 -10.28
N ASP E 603 -81.85 30.38 -9.89
CA ASP E 603 -82.40 30.18 -8.56
C ASP E 603 -81.30 30.34 -7.51
N LYS E 604 -81.69 30.72 -6.30
CA LYS E 604 -80.73 31.04 -5.26
C LYS E 604 -80.68 29.96 -4.17
N LYS E 605 -79.59 29.99 -3.40
CA LYS E 605 -79.38 29.06 -2.29
C LYS E 605 -79.40 27.59 -2.72
N VAL E 606 -78.93 27.33 -3.94
CA VAL E 606 -78.86 25.96 -4.45
C VAL E 606 -77.47 25.37 -4.23
N PRO E 607 -77.38 24.33 -3.40
CA PRO E 607 -76.11 23.69 -3.06
C PRO E 607 -75.57 22.78 -4.17
N VAL E 608 -74.26 22.59 -4.19
CA VAL E 608 -73.63 21.71 -5.17
C VAL E 608 -73.57 20.28 -4.65
N LEU E 609 -74.08 19.34 -5.42
CA LEU E 609 -74.14 17.95 -5.01
C LEU E 609 -73.61 17.01 -6.11
N PRO E 610 -72.99 15.89 -5.73
CA PRO E 610 -72.73 15.44 -4.35
C PRO E 610 -71.63 16.23 -3.66
N MET E 611 -71.51 16.07 -2.35
CA MET E 611 -70.49 16.78 -1.58
C MET E 611 -69.81 15.89 -0.56
N VAL E 612 -68.49 16.04 -0.44
CA VAL E 612 -67.71 15.32 0.57
C VAL E 612 -66.98 16.33 1.46
N ALA E 613 -67.51 16.55 2.65
CA ALA E 613 -66.94 17.56 3.56
C ALA E 613 -66.72 16.99 4.96
N GLY E 614 -65.94 17.71 5.76
CA GLY E 614 -65.64 17.29 7.12
C GLY E 614 -64.71 16.10 7.17
N GLY E 615 -64.90 15.25 8.18
CA GLY E 615 -64.10 14.05 8.32
C GLY E 615 -64.76 12.86 7.64
N SER E 616 -65.16 13.05 6.39
CA SER E 616 -65.84 12.02 5.63
C SER E 616 -65.01 11.57 4.43
N GLY E 617 -65.05 10.26 4.15
CA GLY E 617 -64.35 9.72 3.00
C GLY E 617 -65.11 9.97 1.72
N LEU E 618 -64.50 9.60 0.59
CA LEU E 618 -65.12 9.82 -0.71
C LEU E 618 -66.39 8.99 -0.88
N ASP E 619 -66.45 7.86 -0.19
CA ASP E 619 -67.63 7.01 -0.22
C ASP E 619 -68.68 7.49 0.78
N GLU E 620 -68.27 8.39 1.67
CA GLU E 620 -69.18 8.96 2.65
C GLU E 620 -69.67 10.33 2.21
N PHE E 621 -70.34 10.35 1.06
CA PHE E 621 -70.82 11.60 0.46
C PHE E 621 -72.26 11.90 0.85
N ILE E 622 -72.73 13.08 0.49
CA ILE E 622 -74.13 13.45 0.65
C ILE E 622 -74.72 13.84 -0.69
N ASN E 623 -75.78 13.16 -1.10
CA ASN E 623 -76.34 13.34 -2.44
C ASN E 623 -77.67 14.08 -2.43
N PHE E 624 -78.24 14.26 -3.62
CA PHE E 624 -79.49 15.02 -3.78
C PHE E 624 -80.72 14.21 -3.40
N ASP E 625 -81.37 14.62 -2.31
CA ASP E 625 -82.62 14.02 -1.89
C ASP E 625 -83.71 15.08 -1.90
N PRO E 626 -84.45 15.19 -3.02
CA PRO E 626 -85.43 16.22 -3.37
C PRO E 626 -86.21 16.82 -2.20
N GLU E 627 -86.52 16.00 -1.19
CA GLU E 627 -87.31 16.46 -0.06
C GLU E 627 -86.49 17.26 0.95
N VAL E 628 -85.21 16.95 1.07
CA VAL E 628 -84.36 17.65 2.03
C VAL E 628 -84.06 19.06 1.55
N GLU E 629 -84.22 19.30 0.26
CA GLU E 629 -84.02 20.65 -0.28
C GLU E 629 -85.24 21.51 0.02
N ARG E 630 -86.41 20.90 -0.01
CA ARG E 630 -87.65 21.60 0.32
C ARG E 630 -87.73 21.89 1.81
N GLN E 631 -87.16 20.99 2.61
CA GLN E 631 -87.12 21.16 4.06
C GLN E 631 -86.14 22.27 4.45
N GLN E 632 -84.98 22.29 3.81
CA GLN E 632 -83.98 23.31 4.06
C GLN E 632 -84.45 24.67 3.56
N THR E 633 -85.32 24.66 2.56
CA THR E 633 -85.87 25.89 2.00
C THR E 633 -86.80 26.57 3.02
N GLU E 634 -87.69 25.79 3.62
CA GLU E 634 -88.62 26.32 4.59
C GLU E 634 -87.91 26.62 5.91
N LEU E 635 -86.84 25.88 6.18
CA LEU E 635 -86.04 26.10 7.38
C LEU E 635 -85.24 27.40 7.26
N ARG E 636 -84.84 27.73 6.04
CA ARG E 636 -84.09 28.96 5.79
C ARG E 636 -84.95 30.20 5.98
N HIS E 637 -86.19 30.12 5.50
CA HIS E 637 -87.12 31.24 5.59
C HIS E 637 -87.44 31.61 7.03
N LYS E 638 -87.55 30.59 7.88
CA LYS E 638 -87.88 30.80 9.29
C LYS E 638 -86.73 31.44 10.06
N ARG E 639 -85.51 31.07 9.71
CA ARG E 639 -84.33 31.56 10.40
C ARG E 639 -83.87 32.91 9.86
N THR E 640 -84.20 33.19 8.61
CA THR E 640 -83.81 34.45 7.98
C THR E 640 -84.94 35.48 8.05
N GLY E 641 -86.08 35.06 8.59
CA GLY E 641 -87.22 35.95 8.71
C GLY E 641 -87.93 36.15 7.39
N GLY E 642 -87.68 35.27 6.43
CA GLY E 642 -88.32 35.34 5.14
C GLY E 642 -87.49 36.11 4.12
N LYS E 643 -86.30 36.53 4.52
CA LYS E 643 -85.42 37.27 3.62
C LYS E 643 -84.80 36.35 2.58
N HIS E 644 -84.34 35.19 3.03
CA HIS E 644 -83.75 34.20 2.12
C HIS E 644 -84.42 32.83 2.30
N ASP F 41 -52.63 36.56 37.19
CA ASP F 41 -53.87 37.20 36.77
C ASP F 41 -54.11 37.04 35.28
N MET F 42 -55.19 36.36 34.92
CA MET F 42 -55.54 36.15 33.52
C MET F 42 -57.04 36.39 33.30
N ASP F 43 -57.40 36.67 32.05
CA ASP F 43 -58.80 36.93 31.70
C ASP F 43 -59.59 35.63 31.67
N THR F 44 -60.79 35.65 32.24
CA THR F 44 -61.64 34.47 32.29
C THR F 44 -62.93 34.68 31.49
N SER F 45 -62.96 35.72 30.67
CA SER F 45 -64.15 36.05 29.90
C SER F 45 -64.20 35.27 28.57
N PHE F 46 -63.03 35.03 27.99
CA PHE F 46 -62.95 34.36 26.69
C PHE F 46 -62.98 32.85 26.82
N VAL F 47 -63.12 32.35 28.04
CA VAL F 47 -63.15 30.91 28.28
C VAL F 47 -64.45 30.28 27.78
N GLY F 48 -65.51 31.09 27.73
CA GLY F 48 -66.79 30.60 27.25
C GLY F 48 -67.05 30.93 25.79
N LEU F 49 -66.02 31.42 25.11
CA LEU F 49 -66.17 31.86 23.73
C LEU F 49 -65.28 31.07 22.77
N THR F 50 -65.64 31.08 21.49
CA THR F 50 -64.83 30.45 20.46
C THR F 50 -63.80 31.44 19.92
N GLY F 51 -62.91 30.97 19.07
CA GLY F 51 -61.88 31.81 18.49
C GLY F 51 -62.48 32.97 17.70
N GLY F 52 -63.55 32.69 16.96
CA GLY F 52 -64.23 33.73 16.21
C GLY F 52 -64.93 34.72 17.10
N GLN F 53 -65.49 34.22 18.21
CA GLN F 53 -66.22 35.06 19.14
C GLN F 53 -65.28 35.95 19.95
N ILE F 54 -64.04 35.49 20.12
CA ILE F 54 -63.02 36.29 20.80
C ILE F 54 -62.69 37.51 19.94
N PHE F 55 -62.59 37.29 18.63
CA PHE F 55 -62.30 38.35 17.68
C PHE F 55 -63.35 39.46 17.75
N ASN F 56 -64.61 39.07 17.84
CA ASN F 56 -65.71 40.03 17.92
C ASN F 56 -65.65 40.88 19.18
N GLU F 57 -65.16 40.30 20.26
CA GLU F 57 -65.04 41.01 21.53
C GLU F 57 -63.78 41.87 21.58
N MET F 58 -62.73 41.44 20.89
CA MET F 58 -61.47 42.16 20.88
C MET F 58 -61.56 43.44 20.05
N MET F 59 -62.46 43.45 19.07
CA MET F 59 -62.66 44.63 18.23
C MET F 59 -63.21 45.79 19.07
N SER F 60 -64.17 45.49 19.93
CA SER F 60 -64.78 46.51 20.77
C SER F 60 -63.81 47.03 21.83
N ARG F 61 -62.89 46.17 22.25
CA ARG F 61 -61.90 46.55 23.25
C ARG F 61 -60.84 47.47 22.65
N GLN F 62 -60.62 47.36 21.34
CA GLN F 62 -59.67 48.22 20.65
C GLN F 62 -60.37 49.42 20.02
N ASN F 63 -61.62 49.65 20.45
CA ASN F 63 -62.44 50.75 19.95
C ASN F 63 -62.60 50.75 18.44
N VAL F 64 -62.65 49.56 17.86
CA VAL F 64 -62.86 49.41 16.42
C VAL F 64 -64.34 49.56 16.09
N ASP F 65 -64.67 50.53 15.25
CA ASP F 65 -66.06 50.80 14.89
C ASP F 65 -66.37 50.36 13.46
N THR F 66 -65.35 50.32 12.61
CA THR F 66 -65.54 49.93 11.22
C THR F 66 -64.55 48.86 10.78
N VAL F 67 -65.06 47.84 10.10
CA VAL F 67 -64.22 46.75 9.61
C VAL F 67 -64.45 46.52 8.11
N PHE F 68 -63.41 46.69 7.33
CA PHE F 68 -63.47 46.47 5.89
C PHE F 68 -62.92 45.09 5.53
N GLY F 69 -63.73 44.27 4.87
CA GLY F 69 -63.28 42.94 4.52
C GLY F 69 -64.17 42.18 3.56
N TYR F 70 -63.67 41.04 3.08
CA TYR F 70 -64.40 40.18 2.16
C TYR F 70 -64.37 38.75 2.67
N PRO F 71 -65.53 38.11 2.77
CA PRO F 71 -65.66 36.78 3.37
C PRO F 71 -64.99 35.66 2.57
N GLY F 72 -64.84 34.50 3.20
CA GLY F 72 -64.21 33.36 2.57
C GLY F 72 -64.41 32.10 3.39
N GLY F 73 -64.05 30.96 2.81
CA GLY F 73 -64.27 29.67 3.45
C GLY F 73 -63.37 29.39 4.65
N ALA F 74 -62.12 29.82 4.56
CA ALA F 74 -61.14 29.53 5.61
C ALA F 74 -61.25 30.49 6.79
N ILE F 75 -62.15 31.46 6.68
CA ILE F 75 -62.31 32.46 7.73
C ILE F 75 -63.77 32.53 8.17
N LEU F 76 -64.54 31.52 7.76
CA LEU F 76 -65.95 31.40 8.15
C LEU F 76 -66.22 31.45 9.66
N PRO F 77 -65.39 30.79 10.50
CA PRO F 77 -65.66 30.90 11.93
C PRO F 77 -65.60 32.34 12.47
N VAL F 78 -64.73 33.16 11.89
CA VAL F 78 -64.62 34.54 12.29
C VAL F 78 -65.86 35.33 11.85
N TYR F 79 -66.27 35.12 10.61
CA TYR F 79 -67.43 35.81 10.05
C TYR F 79 -68.73 35.33 10.68
N ASP F 80 -68.73 34.11 11.19
CA ASP F 80 -69.94 33.55 11.80
C ASP F 80 -70.25 34.23 13.12
N ALA F 81 -69.21 34.74 13.79
CA ALA F 81 -69.38 35.39 15.09
C ALA F 81 -69.73 36.86 14.93
N ILE F 82 -69.23 37.48 13.86
CA ILE F 82 -69.48 38.90 13.62
C ILE F 82 -70.80 39.09 12.87
N HIS F 83 -71.55 38.00 12.72
CA HIS F 83 -72.85 38.05 12.05
C HIS F 83 -73.82 38.93 12.83
N ASN F 84 -74.22 40.04 12.20
CA ASN F 84 -75.07 41.04 12.84
C ASN F 84 -74.51 41.56 14.15
N SER F 85 -73.19 41.77 14.18
CA SER F 85 -72.52 42.26 15.37
C SER F 85 -72.77 43.75 15.56
N ASP F 86 -73.19 44.12 16.77
CA ASP F 86 -73.46 45.53 17.09
C ASP F 86 -72.23 46.19 17.71
N LYS F 87 -71.08 45.55 17.58
CA LYS F 87 -69.83 46.06 18.13
C LYS F 87 -69.12 46.98 17.14
N PHE F 88 -69.40 46.78 15.85
CA PHE F 88 -68.74 47.54 14.80
C PHE F 88 -69.52 47.49 13.48
N ASN F 89 -69.23 48.46 12.60
CA ASN F 89 -69.83 48.49 11.28
C ASN F 89 -68.96 47.73 10.28
N PHE F 90 -69.58 47.22 9.22
CA PHE F 90 -68.87 46.43 8.22
C PHE F 90 -69.14 46.91 6.81
N VAL F 91 -68.08 47.29 6.11
CA VAL F 91 -68.20 47.70 4.71
C VAL F 91 -67.76 46.55 3.80
N LEU F 92 -68.64 46.16 2.89
CA LEU F 92 -68.36 45.03 2.01
C LEU F 92 -68.05 45.51 0.59
N PRO F 93 -66.77 45.44 0.20
CA PRO F 93 -66.33 45.81 -1.15
C PRO F 93 -66.59 44.68 -2.14
N LYS F 94 -66.11 44.84 -3.37
CA LYS F 94 -66.23 43.79 -4.36
C LYS F 94 -64.88 43.14 -4.62
N HIS F 95 -63.83 43.80 -4.15
CA HIS F 95 -62.47 43.28 -4.27
C HIS F 95 -61.69 43.57 -2.99
N GLU F 96 -60.79 42.66 -2.62
CA GLU F 96 -60.05 42.79 -1.37
C GLU F 96 -59.08 43.97 -1.38
N GLN F 97 -58.57 44.30 -2.57
CA GLN F 97 -57.67 45.44 -2.71
C GLN F 97 -58.37 46.73 -2.31
N GLY F 98 -59.63 46.84 -2.68
CA GLY F 98 -60.46 47.97 -2.30
C GLY F 98 -60.61 48.07 -0.79
N ALA F 99 -60.84 46.91 -0.16
CA ALA F 99 -60.99 46.84 1.29
C ALA F 99 -59.76 47.39 2.01
N GLY F 100 -58.58 47.12 1.43
CA GLY F 100 -57.34 47.61 1.98
C GLY F 100 -57.22 49.11 1.84
N HIS F 101 -57.53 49.62 0.65
CA HIS F 101 -57.47 51.05 0.38
C HIS F 101 -58.54 51.81 1.16
N MET F 102 -59.70 51.20 1.32
CA MET F 102 -60.79 51.78 2.11
C MET F 102 -60.34 51.98 3.56
N ALA F 103 -59.58 51.01 4.07
CA ALA F 103 -59.09 51.06 5.44
C ALA F 103 -58.04 52.16 5.60
N GLU F 104 -57.25 52.38 4.56
CA GLU F 104 -56.23 53.42 4.59
C GLU F 104 -56.86 54.80 4.67
N GLY F 105 -57.83 55.06 3.81
CA GLY F 105 -58.55 56.32 3.80
C GLY F 105 -59.25 56.59 5.13
N TYR F 106 -59.78 55.52 5.73
CA TYR F 106 -60.41 55.61 7.05
C TYR F 106 -59.39 55.99 8.11
N ALA F 107 -58.17 55.48 7.95
CA ALA F 107 -57.09 55.74 8.90
C ALA F 107 -56.41 57.07 8.61
N ARG F 108 -56.69 57.65 7.45
CA ARG F 108 -56.14 58.94 7.08
C ARG F 108 -57.07 60.07 7.51
N ALA F 109 -58.36 59.77 7.55
CA ALA F 109 -59.37 60.74 7.96
C ALA F 109 -59.40 60.87 9.48
N SER F 110 -59.44 59.73 10.17
CA SER F 110 -59.39 59.71 11.63
C SER F 110 -58.02 59.26 12.10
N GLY F 111 -57.82 59.23 13.41
CA GLY F 111 -56.59 58.74 13.98
C GLY F 111 -56.66 57.26 14.25
N LYS F 112 -57.84 56.70 14.02
CA LYS F 112 -58.10 55.29 14.28
C LYS F 112 -57.52 54.41 13.18
N PRO F 113 -56.95 53.26 13.57
CA PRO F 113 -56.39 52.31 12.59
C PRO F 113 -57.48 51.61 11.78
N GLY F 114 -57.16 51.25 10.55
CA GLY F 114 -58.11 50.56 9.69
C GLY F 114 -57.97 49.06 9.78
N VAL F 115 -59.06 48.40 10.16
CA VAL F 115 -59.05 46.95 10.32
C VAL F 115 -59.52 46.24 9.05
N VAL F 116 -58.73 45.28 8.59
CA VAL F 116 -59.06 44.51 7.39
C VAL F 116 -59.31 43.04 7.74
N LEU F 117 -60.39 42.49 7.21
CA LEU F 117 -60.76 41.10 7.49
C LEU F 117 -61.01 40.31 6.21
N VAL F 118 -59.94 39.75 5.65
CA VAL F 118 -60.05 38.98 4.41
C VAL F 118 -59.72 37.51 4.63
N THR F 119 -60.08 36.68 3.66
CA THR F 119 -59.85 35.23 3.76
C THR F 119 -58.43 34.85 3.39
N SER F 120 -58.17 33.55 3.32
CA SER F 120 -56.85 33.04 2.95
C SER F 120 -56.68 33.01 1.44
N GLY F 121 -55.53 32.51 1.00
CA GLY F 121 -55.25 32.34 -0.41
C GLY F 121 -55.25 33.65 -1.19
N PRO F 122 -56.14 33.76 -2.18
CA PRO F 122 -56.23 34.92 -3.07
C PRO F 122 -56.71 36.18 -2.36
N GLY F 123 -57.53 36.00 -1.31
CA GLY F 123 -58.03 37.12 -0.55
C GLY F 123 -56.95 37.80 0.26
N ALA F 124 -55.91 37.04 0.60
CA ALA F 124 -54.80 37.56 1.40
C ALA F 124 -53.70 38.14 0.52
N THR F 125 -53.68 37.73 -0.75
CA THR F 125 -52.68 38.23 -1.70
C THR F 125 -53.18 39.47 -2.43
N ASN F 126 -54.48 39.73 -2.35
CA ASN F 126 -55.07 40.90 -2.96
C ASN F 126 -54.87 42.16 -2.11
N VAL F 127 -54.59 41.96 -0.82
CA VAL F 127 -54.39 43.08 0.09
C VAL F 127 -52.91 43.40 0.28
N VAL F 128 -52.07 42.81 -0.58
CA VAL F 128 -50.63 43.06 -0.52
C VAL F 128 -50.30 44.49 -0.94
N THR F 129 -50.89 44.94 -2.03
CA THR F 129 -50.67 46.29 -2.53
C THR F 129 -51.11 47.39 -1.56
N PRO F 130 -52.30 47.26 -0.94
CA PRO F 130 -52.63 48.28 0.06
C PRO F 130 -51.70 48.27 1.27
N MET F 131 -51.21 47.09 1.66
CA MET F 131 -50.28 46.98 2.77
C MET F 131 -48.93 47.61 2.43
N ALA F 132 -48.47 47.37 1.20
CA ALA F 132 -47.23 47.95 0.72
C ALA F 132 -47.38 49.47 0.58
N ASP F 133 -48.61 49.90 0.34
CA ASP F 133 -48.92 51.32 0.22
C ASP F 133 -48.84 51.99 1.59
N ALA F 134 -49.45 51.36 2.59
CA ALA F 134 -49.44 51.89 3.95
C ALA F 134 -48.05 51.77 4.58
N PHE F 135 -47.24 50.86 4.06
CA PHE F 135 -45.90 50.64 4.58
C PHE F 135 -44.96 51.77 4.18
N ALA F 136 -45.30 52.46 3.10
CA ALA F 136 -44.46 53.55 2.60
C ALA F 136 -44.99 54.91 3.07
N ASP F 137 -46.31 55.00 3.20
CA ASP F 137 -46.94 56.26 3.62
C ASP F 137 -47.12 56.33 5.13
N GLY F 138 -46.83 55.23 5.82
CA GLY F 138 -46.94 55.18 7.27
C GLY F 138 -48.36 55.27 7.75
N ILE F 139 -49.24 54.47 7.14
CA ILE F 139 -50.66 54.48 7.50
C ILE F 139 -50.99 53.32 8.43
N PRO F 140 -51.56 53.64 9.60
CA PRO F 140 -51.89 52.62 10.60
C PRO F 140 -53.07 51.73 10.19
N MET F 141 -52.79 50.46 9.94
CA MET F 141 -53.85 49.51 9.60
C MET F 141 -53.51 48.10 10.11
N VAL F 142 -54.54 47.37 10.51
CA VAL F 142 -54.37 46.01 11.00
C VAL F 142 -55.11 45.02 10.11
N VAL F 143 -54.35 44.19 9.41
CA VAL F 143 -54.93 43.25 8.46
C VAL F 143 -55.08 41.85 9.04
N PHE F 144 -56.32 41.37 9.10
CA PHE F 144 -56.59 40.01 9.57
C PHE F 144 -56.88 39.08 8.39
N THR F 145 -55.93 38.19 8.09
CA THR F 145 -56.10 37.25 7.00
C THR F 145 -56.39 35.85 7.53
N GLY F 146 -57.37 35.18 6.91
CA GLY F 146 -57.68 33.81 7.26
C GLY F 146 -56.59 32.87 6.81
N GLN F 147 -56.67 31.62 7.23
CA GLN F 147 -55.66 30.62 6.87
C GLN F 147 -56.22 29.21 7.00
N VAL F 148 -55.73 28.31 6.17
CA VAL F 148 -56.07 26.90 6.25
C VAL F 148 -55.73 26.36 7.63
N PRO F 149 -56.42 25.28 8.08
CA PRO F 149 -56.13 24.67 9.37
C PRO F 149 -54.64 24.35 9.54
N THR F 150 -54.13 24.52 10.75
CA THR F 150 -52.71 24.31 11.04
C THR F 150 -52.26 22.89 10.68
N SER F 151 -53.20 21.96 10.68
CA SER F 151 -52.91 20.57 10.33
C SER F 151 -52.68 20.40 8.84
N ALA F 152 -53.03 21.43 8.06
CA ALA F 152 -52.92 21.35 6.61
C ALA F 152 -51.82 22.27 6.07
N ILE F 153 -51.26 23.10 6.95
CA ILE F 153 -50.22 24.04 6.55
C ILE F 153 -48.93 23.33 6.20
N GLY F 154 -48.51 23.47 4.95
CA GLY F 154 -47.28 22.85 4.49
C GLY F 154 -47.51 21.64 3.61
N THR F 155 -48.72 21.55 3.05
CA THR F 155 -49.07 20.44 2.18
C THR F 155 -49.61 20.92 0.84
N ASP F 156 -49.34 22.20 0.53
CA ASP F 156 -49.86 22.85 -0.66
C ASP F 156 -51.39 22.74 -0.69
N ALA F 157 -52.01 23.06 0.44
CA ALA F 157 -53.45 22.88 0.62
C ALA F 157 -54.27 23.83 -0.24
N PHE F 158 -55.59 23.65 -0.20
CA PHE F 158 -56.52 24.48 -0.95
C PHE F 158 -56.55 25.90 -0.40
N GLN F 159 -56.35 26.87 -1.28
CA GLN F 159 -56.29 28.28 -0.91
C GLN F 159 -55.25 28.54 0.18
N GLU F 160 -54.03 28.08 -0.06
CA GLU F 160 -52.94 28.29 0.88
C GLU F 160 -51.82 29.11 0.26
N ALA F 161 -51.35 30.10 1.00
CA ALA F 161 -50.22 30.92 0.57
C ALA F 161 -49.41 31.38 1.79
N ASP F 162 -48.10 31.47 1.62
CA ASP F 162 -47.23 31.91 2.70
C ASP F 162 -47.40 33.42 2.90
N VAL F 163 -48.53 33.81 3.48
CA VAL F 163 -48.86 35.22 3.68
C VAL F 163 -47.86 35.91 4.59
N VAL F 164 -47.38 35.18 5.60
CA VAL F 164 -46.39 35.71 6.52
C VAL F 164 -45.09 36.06 5.81
N GLY F 165 -44.64 35.17 4.92
CA GLY F 165 -43.42 35.39 4.16
C GLY F 165 -43.59 36.45 3.08
N ILE F 166 -44.77 36.48 2.47
CA ILE F 166 -45.06 37.43 1.40
C ILE F 166 -45.12 38.87 1.94
N SER F 167 -45.90 39.06 3.01
CA SER F 167 -46.11 40.39 3.56
C SER F 167 -45.06 40.77 4.60
N ARG F 168 -43.95 40.05 4.62
CA ARG F 168 -42.92 40.27 5.62
C ARG F 168 -42.12 41.55 5.35
N SER F 169 -41.99 41.92 4.08
CA SER F 169 -41.18 43.07 3.71
C SER F 169 -42.02 44.32 3.45
N CYS F 170 -43.34 44.18 3.53
CA CYS F 170 -44.23 45.32 3.31
C CYS F 170 -45.15 45.55 4.51
N THR F 171 -44.74 45.02 5.66
CA THR F 171 -45.44 45.27 6.92
C THR F 171 -44.43 45.48 8.04
N LYS F 172 -44.85 46.16 9.10
CA LYS F 172 -43.98 46.37 10.26
C LYS F 172 -43.78 45.06 11.00
N TRP F 173 -44.83 44.26 11.08
CA TRP F 173 -44.78 42.97 11.77
C TRP F 173 -45.99 42.10 11.43
N ASN F 174 -45.73 40.82 11.18
CA ASN F 174 -46.81 39.86 10.95
C ASN F 174 -46.64 38.62 11.81
N VAL F 175 -47.73 37.90 12.03
CA VAL F 175 -47.70 36.73 12.89
C VAL F 175 -48.82 35.75 12.55
N MET F 176 -48.54 34.46 12.71
CA MET F 176 -49.56 33.43 12.56
C MET F 176 -49.95 32.86 13.91
N VAL F 177 -51.22 33.03 14.28
CA VAL F 177 -51.72 32.57 15.56
C VAL F 177 -51.74 31.04 15.62
N LYS F 178 -50.99 30.47 16.56
CA LYS F 178 -50.82 29.02 16.63
C LYS F 178 -51.97 28.34 17.38
N SER F 179 -52.64 29.09 18.25
CA SER F 179 -53.74 28.53 19.03
C SER F 179 -54.66 29.64 19.55
N VAL F 180 -55.87 29.26 19.94
CA VAL F 180 -56.87 30.20 20.41
C VAL F 180 -56.40 30.93 21.68
N GLU F 181 -55.43 30.34 22.38
CA GLU F 181 -54.89 30.93 23.59
C GLU F 181 -54.15 32.25 23.30
N GLU F 182 -53.33 32.24 22.26
CA GLU F 182 -52.52 33.41 21.93
C GLU F 182 -53.28 34.44 21.10
N LEU F 183 -54.53 34.13 20.78
CA LEU F 183 -55.32 35.01 19.92
C LEU F 183 -55.53 36.43 20.48
N PRO F 184 -55.96 36.57 21.75
CA PRO F 184 -56.14 37.95 22.21
C PRO F 184 -54.82 38.67 22.45
N LEU F 185 -53.74 37.90 22.60
CA LEU F 185 -52.42 38.48 22.83
C LEU F 185 -51.85 39.08 21.55
N ARG F 186 -51.98 38.35 20.44
CA ARG F 186 -51.43 38.79 19.17
C ARG F 186 -52.19 39.97 18.58
N ILE F 187 -53.47 40.08 18.93
CA ILE F 187 -54.30 41.19 18.46
C ILE F 187 -53.87 42.49 19.12
N ASN F 188 -53.67 42.45 20.43
CA ASN F 188 -53.20 43.61 21.17
C ASN F 188 -51.81 44.05 20.72
N GLU F 189 -50.97 43.07 20.37
CA GLU F 189 -49.65 43.36 19.85
C GLU F 189 -49.72 43.99 18.47
N ALA F 190 -50.70 43.56 17.67
CA ALA F 190 -50.87 44.06 16.32
C ALA F 190 -51.24 45.55 16.31
N PHE F 191 -52.25 45.89 17.09
CA PHE F 191 -52.73 47.27 17.16
C PHE F 191 -51.69 48.22 17.76
N GLU F 192 -50.94 47.72 18.74
CA GLU F 192 -49.94 48.54 19.41
C GLU F 192 -48.80 48.91 18.48
N ILE F 193 -48.26 47.92 17.77
CA ILE F 193 -47.17 48.13 16.83
C ILE F 193 -47.61 49.01 15.66
N ALA F 194 -48.85 48.83 15.23
CA ALA F 194 -49.39 49.55 14.09
C ALA F 194 -49.55 51.05 14.37
N THR F 195 -49.58 51.42 15.63
CA THR F 195 -49.79 52.82 16.01
C THR F 195 -48.64 53.40 16.83
N SER F 196 -47.62 52.58 17.08
CA SER F 196 -46.45 53.03 17.83
C SER F 196 -45.39 53.63 16.92
N GLY F 197 -44.72 54.67 17.41
CA GLY F 197 -43.69 55.35 16.63
C GLY F 197 -44.28 55.89 15.34
N ARG F 198 -43.68 55.50 14.22
CA ARG F 198 -44.28 55.78 12.93
C ARG F 198 -45.29 54.67 12.60
N PRO F 199 -46.57 55.05 12.46
CA PRO F 199 -47.65 54.11 12.15
C PRO F 199 -47.37 53.26 10.91
N GLY F 200 -47.98 52.09 10.84
CA GLY F 200 -47.78 51.20 9.71
C GLY F 200 -48.67 49.98 9.75
N PRO F 201 -48.69 49.22 8.64
CA PRO F 201 -49.53 48.02 8.50
C PRO F 201 -48.98 46.80 9.24
N VAL F 202 -49.88 46.08 9.91
CA VAL F 202 -49.53 44.81 10.54
C VAL F 202 -50.49 43.73 10.07
N LEU F 203 -50.05 42.47 10.11
CA LEU F 203 -50.86 41.37 9.62
C LEU F 203 -50.97 40.25 10.65
N VAL F 204 -52.20 39.78 10.89
CA VAL F 204 -52.42 38.65 11.79
C VAL F 204 -53.09 37.51 11.04
N ASP F 205 -52.34 36.43 10.84
CA ASP F 205 -52.86 35.27 10.11
C ASP F 205 -53.67 34.38 11.04
N LEU F 206 -54.91 34.10 10.64
CA LEU F 206 -55.84 33.34 11.48
C LEU F 206 -56.21 32.00 10.85
N PRO F 207 -55.59 30.91 11.32
CA PRO F 207 -55.95 29.56 10.89
C PRO F 207 -57.39 29.22 11.26
N LYS F 208 -58.04 28.37 10.46
CA LYS F 208 -59.44 28.05 10.70
C LYS F 208 -59.65 27.28 11.99
N ASP F 209 -58.77 26.33 12.27
CA ASP F 209 -58.88 25.50 13.47
C ASP F 209 -58.72 26.34 14.73
N VAL F 210 -57.93 27.40 14.64
CA VAL F 210 -57.71 28.30 15.77
C VAL F 210 -58.96 29.12 16.07
N THR F 211 -59.57 29.65 15.02
CA THR F 211 -60.73 30.52 15.17
C THR F 211 -62.01 29.74 15.47
N ALA F 212 -61.97 28.42 15.24
CA ALA F 212 -63.13 27.59 15.49
C ALA F 212 -63.04 26.89 16.84
N ALA F 213 -61.82 26.80 17.37
CA ALA F 213 -61.60 26.14 18.65
C ALA F 213 -62.08 27.00 19.81
N ILE F 214 -62.77 26.36 20.75
CA ILE F 214 -63.25 27.05 21.95
C ILE F 214 -62.15 27.10 23.00
N LEU F 215 -61.86 28.31 23.50
CA LEU F 215 -60.87 28.47 24.56
C LEU F 215 -61.32 27.74 25.81
N ARG F 216 -60.39 27.08 26.50
CA ARG F 216 -60.73 26.28 27.66
C ARG F 216 -59.99 26.71 28.92
N ASN F 217 -58.92 27.47 28.74
CA ASN F 217 -58.10 27.90 29.87
C ASN F 217 -57.85 29.41 29.86
N PRO F 218 -57.68 30.01 31.05
CA PRO F 218 -57.34 31.43 31.18
C PRO F 218 -56.09 31.80 30.38
N ILE F 219 -56.01 33.06 29.93
CA ILE F 219 -54.94 33.47 29.04
C ILE F 219 -54.41 34.87 29.36
N PRO F 220 -53.13 35.13 29.04
CA PRO F 220 -52.58 36.48 29.17
C PRO F 220 -53.07 37.42 28.07
N THR F 221 -53.32 38.67 28.43
CA THR F 221 -53.80 39.65 27.47
C THR F 221 -52.82 40.82 27.33
N LYS F 222 -52.26 41.26 28.45
CA LYS F 222 -51.27 42.32 28.45
C LYS F 222 -49.98 41.83 27.78
N THR F 223 -49.23 42.76 27.20
CA THR F 223 -48.02 42.39 26.47
C THR F 223 -46.92 43.42 26.59
N THR F 224 -45.69 43.01 26.30
CA THR F 224 -44.53 43.90 26.30
C THR F 224 -43.61 43.57 25.14
N LEU F 225 -43.31 44.58 24.32
CA LEU F 225 -42.47 44.38 23.14
C LEU F 225 -40.99 44.37 23.49
N PRO F 226 -40.21 43.53 22.81
CA PRO F 226 -38.76 43.43 23.00
C PRO F 226 -38.05 44.77 22.80
N SER F 227 -38.47 45.53 21.79
CA SER F 227 -37.88 46.84 21.53
C SER F 227 -38.24 47.83 22.63
N ASN F 228 -39.37 47.58 23.30
CA ASN F 228 -39.82 48.43 24.39
C ASN F 228 -39.11 48.11 25.69
N ALA F 229 -38.43 46.96 25.73
CA ALA F 229 -37.66 46.56 26.90
C ALA F 229 -36.40 47.41 27.03
N LEU F 230 -35.79 47.71 25.89
CA LEU F 230 -34.63 48.60 25.85
C LEU F 230 -35.04 50.02 26.24
N ASN F 231 -36.23 50.42 25.82
CA ASN F 231 -36.76 51.74 26.13
C ASN F 231 -37.03 51.90 27.63
N GLN F 232 -37.34 50.79 28.29
CA GLN F 232 -37.64 50.81 29.72
C GLN F 232 -36.39 50.54 30.55
N LEU F 233 -35.40 49.88 29.94
CA LEU F 233 -34.15 49.56 30.62
C LEU F 233 -33.40 50.83 30.99
N THR F 234 -33.42 51.80 30.09
CA THR F 234 -32.80 53.10 30.33
C THR F 234 -33.49 54.19 29.50
N SER F 235 -34.30 54.99 30.18
CA SER F 235 -35.04 56.06 29.51
C SER F 235 -34.52 57.42 29.93
N ARG F 236 -33.89 57.49 31.09
CA ARG F 236 -33.36 58.74 31.62
C ARG F 236 -32.25 59.31 30.73
N ALA F 237 -31.37 58.43 30.27
CA ALA F 237 -30.26 58.84 29.40
C ALA F 237 -30.78 59.27 28.03
N GLN F 238 -31.92 58.72 27.64
CA GLN F 238 -32.54 59.06 26.36
C GLN F 238 -33.31 60.37 26.46
N ASP F 239 -34.03 60.55 27.57
CA ASP F 239 -34.83 61.74 27.80
C ASP F 239 -33.97 62.98 28.01
N GLU F 240 -32.71 62.76 28.40
CA GLU F 240 -31.76 63.84 28.58
C GLU F 240 -31.04 64.17 27.27
N PHE F 241 -30.78 63.12 26.49
CA PHE F 241 -30.13 63.30 25.19
C PHE F 241 -31.02 64.06 24.22
N VAL F 242 -32.31 63.78 24.25
CA VAL F 242 -33.26 64.47 23.38
C VAL F 242 -33.43 65.91 23.87
N MET F 243 -33.32 66.11 25.17
CA MET F 243 -33.44 67.44 25.75
C MET F 243 -32.19 68.26 25.45
N GLN F 244 -31.04 67.59 25.45
CA GLN F 244 -29.77 68.23 25.14
C GLN F 244 -29.70 68.56 23.65
N SER F 245 -30.29 67.70 22.84
CA SER F 245 -30.33 67.92 21.40
C SER F 245 -31.41 68.96 21.04
N ILE F 246 -32.31 69.19 21.98
CA ILE F 246 -33.34 70.23 21.80
C ILE F 246 -32.74 71.59 22.13
N ASN F 247 -31.97 71.65 23.22
CA ASN F 247 -31.34 72.89 23.65
C ASN F 247 -30.45 73.51 22.59
N LYS F 248 -29.62 72.69 21.96
CA LYS F 248 -28.69 73.17 20.95
C LYS F 248 -29.38 73.36 19.60
N ALA F 249 -30.53 72.73 19.42
CA ALA F 249 -31.32 72.92 18.22
C ALA F 249 -31.94 74.31 18.21
N ALA F 250 -32.49 74.71 19.36
CA ALA F 250 -33.08 76.02 19.51
C ALA F 250 -32.00 77.10 19.44
N ASP F 251 -30.81 76.78 19.92
CA ASP F 251 -29.67 77.69 19.85
C ASP F 251 -29.27 77.96 18.41
N LEU F 252 -29.52 77.00 17.53
CA LEU F 252 -29.21 77.15 16.12
C LEU F 252 -30.27 78.00 15.42
N ILE F 253 -31.53 77.79 15.79
CA ILE F 253 -32.64 78.53 15.20
C ILE F 253 -32.62 79.99 15.64
N ASN F 254 -32.23 80.23 16.87
CA ASN F 254 -32.20 81.58 17.45
C ASN F 254 -31.27 82.53 16.72
N LEU F 255 -30.23 81.99 16.09
CA LEU F 255 -29.28 82.81 15.35
C LEU F 255 -29.28 82.46 13.86
N ALA F 256 -30.40 81.94 13.38
CA ALA F 256 -30.55 81.63 11.95
C ALA F 256 -30.97 82.86 11.18
N LYS F 257 -30.33 83.09 10.04
CA LYS F 257 -30.62 84.26 9.22
C LYS F 257 -31.70 83.97 8.18
N LYS F 258 -31.54 82.88 7.44
CA LYS F 258 -32.49 82.50 6.41
C LYS F 258 -32.98 81.07 6.59
N PRO F 259 -33.80 80.83 7.62
CA PRO F 259 -34.28 79.47 7.90
C PRO F 259 -35.55 79.11 7.11
N VAL F 260 -35.86 77.83 7.04
CA VAL F 260 -37.08 77.36 6.41
C VAL F 260 -37.62 76.14 7.16
N LEU F 261 -38.93 76.09 7.34
CA LEU F 261 -39.55 74.97 8.03
C LEU F 261 -39.99 73.90 7.04
N TYR F 262 -39.33 72.75 7.11
CA TYR F 262 -39.57 71.65 6.19
C TYR F 262 -40.47 70.60 6.85
N VAL F 263 -41.73 70.55 6.41
CA VAL F 263 -42.76 69.79 7.11
C VAL F 263 -43.28 68.60 6.29
N GLY F 264 -43.56 67.49 6.98
CA GLY F 264 -44.11 66.30 6.34
C GLY F 264 -45.36 65.79 7.03
N ALA F 265 -45.67 64.51 6.82
CA ALA F 265 -46.88 63.92 7.37
C ALA F 265 -46.77 63.62 8.86
N GLY F 266 -45.55 63.70 9.39
CA GLY F 266 -45.31 63.38 10.78
C GLY F 266 -46.01 64.31 11.75
N ILE F 267 -46.20 65.56 11.35
CA ILE F 267 -46.83 66.56 12.20
C ILE F 267 -48.34 66.33 12.26
N LEU F 268 -48.87 65.57 11.30
CA LEU F 268 -50.29 65.30 11.24
C LEU F 268 -50.68 64.10 12.11
N ASN F 269 -49.70 63.47 12.73
CA ASN F 269 -49.94 62.33 13.59
C ASN F 269 -50.18 62.73 15.03
N HIS F 270 -50.64 63.97 15.23
CA HIS F 270 -51.00 64.48 16.53
C HIS F 270 -51.95 65.65 16.39
N ALA F 271 -52.98 65.70 17.23
CA ALA F 271 -54.01 66.73 17.13
C ALA F 271 -53.45 68.13 17.34
N ASP F 272 -52.46 68.25 18.21
CA ASP F 272 -51.84 69.54 18.49
C ASP F 272 -50.64 69.78 17.58
N GLY F 273 -50.62 69.08 16.45
CA GLY F 273 -49.53 69.20 15.49
C GLY F 273 -49.50 70.53 14.76
N PRO F 274 -50.47 70.74 13.85
CA PRO F 274 -50.56 71.97 13.05
C PRO F 274 -50.63 73.23 13.90
N ARG F 275 -51.14 73.12 15.12
CA ARG F 275 -51.25 74.26 16.03
C ARG F 275 -49.87 74.77 16.41
N LEU F 276 -49.00 73.87 16.84
CA LEU F 276 -47.64 74.23 17.26
C LEU F 276 -46.79 74.65 16.07
N LEU F 277 -47.12 74.11 14.90
CA LEU F 277 -46.42 74.46 13.67
C LEU F 277 -46.61 75.93 13.35
N LYS F 278 -47.83 76.42 13.59
CA LYS F 278 -48.16 77.82 13.36
C LYS F 278 -47.54 78.70 14.43
N GLU F 279 -47.53 78.22 15.67
CA GLU F 279 -46.97 78.98 16.78
C GLU F 279 -45.46 79.17 16.61
N LEU F 280 -44.79 78.14 16.12
CA LEU F 280 -43.35 78.24 15.85
C LEU F 280 -43.09 79.15 14.65
N SER F 281 -44.01 79.11 13.69
CA SER F 281 -43.88 79.92 12.48
C SER F 281 -44.17 81.39 12.76
N ASP F 282 -44.93 81.67 13.81
CA ASP F 282 -45.28 83.04 14.16
C ASP F 282 -44.32 83.61 15.22
N ARG F 283 -43.73 82.73 16.02
CA ARG F 283 -42.79 83.15 17.05
C ARG F 283 -41.46 83.55 16.43
N ALA F 284 -40.82 82.60 15.76
CA ALA F 284 -39.53 82.83 15.13
C ALA F 284 -39.68 83.54 13.78
N GLN F 285 -40.92 83.72 13.35
CA GLN F 285 -41.24 84.36 12.08
C GLN F 285 -40.51 83.70 10.92
N ILE F 286 -40.86 82.44 10.65
CA ILE F 286 -40.14 81.64 9.68
C ILE F 286 -41.06 81.03 8.61
N PRO F 287 -40.57 80.92 7.37
CA PRO F 287 -41.36 80.36 6.28
C PRO F 287 -41.58 78.85 6.41
N VAL F 288 -42.71 78.37 5.89
CA VAL F 288 -43.06 76.96 6.03
C VAL F 288 -43.38 76.31 4.68
N THR F 289 -42.68 75.22 4.36
CA THR F 289 -42.98 74.44 3.18
C THR F 289 -43.36 73.02 3.59
N THR F 290 -44.23 72.40 2.80
CA THR F 290 -44.71 71.05 3.11
C THR F 290 -44.52 70.09 1.94
N THR F 291 -44.47 68.80 2.26
CA THR F 291 -44.42 67.76 1.23
C THR F 291 -45.82 67.44 0.74
N LEU F 292 -45.93 66.46 -0.16
CA LEU F 292 -47.23 66.06 -0.69
C LEU F 292 -48.13 65.52 0.42
N GLN F 293 -47.54 64.77 1.34
CA GLN F 293 -48.29 64.19 2.44
C GLN F 293 -48.32 65.13 3.65
N GLY F 294 -47.71 66.30 3.47
CA GLY F 294 -47.67 67.31 4.52
C GLY F 294 -48.64 68.44 4.25
N LEU F 295 -49.32 68.37 3.12
CA LEU F 295 -50.30 69.39 2.73
C LEU F 295 -51.51 69.39 3.65
N GLY F 296 -51.88 70.56 4.14
CA GLY F 296 -53.01 70.69 5.05
C GLY F 296 -52.57 70.92 6.48
N SER F 297 -51.28 70.73 6.73
CA SER F 297 -50.72 70.92 8.06
C SER F 297 -50.42 72.38 8.34
N PHE F 298 -50.47 73.20 7.31
CA PHE F 298 -50.19 74.63 7.45
C PHE F 298 -51.11 75.43 6.54
N ASP F 299 -51.61 76.55 7.04
CA ASP F 299 -52.50 77.41 6.27
C ASP F 299 -51.74 78.09 5.13
N GLN F 300 -52.17 77.83 3.89
CA GLN F 300 -51.50 78.39 2.72
C GLN F 300 -51.95 79.82 2.44
N GLU F 301 -52.88 80.32 3.25
CA GLU F 301 -53.31 81.71 3.13
C GLU F 301 -52.44 82.61 4.01
N ASP F 302 -51.61 81.98 4.83
CA ASP F 302 -50.63 82.70 5.64
C ASP F 302 -49.48 83.17 4.77
N PRO F 303 -49.04 84.42 4.93
CA PRO F 303 -47.98 85.03 4.12
C PRO F 303 -46.67 84.23 4.15
N LYS F 304 -46.37 83.59 5.27
CA LYS F 304 -45.13 82.86 5.42
C LYS F 304 -45.20 81.45 4.85
N SER F 305 -46.31 81.13 4.18
CA SER F 305 -46.51 79.78 3.66
C SER F 305 -45.92 79.60 2.27
N LEU F 306 -44.97 78.68 2.14
CA LEU F 306 -44.50 78.22 0.85
C LEU F 306 -45.32 77.00 0.47
N ASP F 307 -45.60 76.83 -0.83
CA ASP F 307 -46.40 75.70 -1.28
C ASP F 307 -45.60 74.41 -1.25
N MET F 308 -45.98 73.46 -2.11
CA MET F 308 -45.36 72.14 -2.10
C MET F 308 -43.90 72.18 -2.55
N LEU F 309 -43.11 71.25 -2.02
CA LEU F 309 -41.70 71.14 -2.36
C LEU F 309 -41.49 70.09 -3.45
N GLY F 310 -40.23 69.90 -3.84
CA GLY F 310 -39.85 68.72 -4.62
C GLY F 310 -39.92 68.80 -6.13
N MET F 311 -40.10 67.63 -6.74
CA MET F 311 -40.10 67.47 -8.20
C MET F 311 -41.13 68.35 -8.89
N HIS F 312 -42.39 68.23 -8.48
CA HIS F 312 -43.45 69.04 -9.06
C HIS F 312 -43.95 70.08 -8.07
N GLY F 313 -43.05 70.58 -7.24
CA GLY F 313 -43.39 71.64 -6.30
C GLY F 313 -43.07 73.00 -6.88
N CYS F 314 -43.65 74.04 -6.30
CA CYS F 314 -43.44 75.40 -6.79
C CYS F 314 -41.99 75.81 -6.66
N ALA F 315 -41.55 76.72 -7.54
CA ALA F 315 -40.16 77.16 -7.54
C ALA F 315 -39.85 78.02 -6.32
N THR F 316 -40.87 78.63 -5.74
CA THR F 316 -40.70 79.48 -4.58
C THR F 316 -40.26 78.68 -3.35
N ALA F 317 -40.78 77.46 -3.24
CA ALA F 317 -40.44 76.59 -2.11
C ALA F 317 -39.10 75.91 -2.33
N ASN F 318 -38.83 75.52 -3.58
CA ASN F 318 -37.58 74.87 -3.92
C ASN F 318 -36.38 75.81 -3.74
N LEU F 319 -36.52 77.04 -4.23
CA LEU F 319 -35.47 78.03 -4.11
C LEU F 319 -35.22 78.41 -2.64
N ALA F 320 -36.29 78.40 -1.85
CA ALA F 320 -36.19 78.71 -0.43
C ALA F 320 -35.30 77.71 0.29
N VAL F 321 -35.46 76.43 -0.07
CA VAL F 321 -34.64 75.36 0.49
C VAL F 321 -33.20 75.47 0.03
N GLN F 322 -33.01 75.78 -1.25
CA GLN F 322 -31.68 75.87 -1.84
C GLN F 322 -30.89 77.08 -1.34
N ASN F 323 -31.59 78.08 -0.83
CA ASN F 323 -30.94 79.29 -0.33
C ASN F 323 -30.91 79.37 1.19
N ALA F 324 -31.61 78.45 1.84
CA ALA F 324 -31.71 78.46 3.30
C ALA F 324 -30.40 78.04 3.96
N ASP F 325 -30.07 78.70 5.06
CA ASP F 325 -28.88 78.36 5.84
C ASP F 325 -29.22 77.30 6.89
N LEU F 326 -30.49 77.25 7.28
CA LEU F 326 -30.95 76.28 8.26
C LEU F 326 -32.26 75.63 7.82
N ILE F 327 -32.24 74.30 7.68
CA ILE F 327 -33.43 73.55 7.33
C ILE F 327 -33.94 72.77 8.53
N ILE F 328 -35.18 73.06 8.94
CA ILE F 328 -35.79 72.39 10.08
C ILE F 328 -36.76 71.32 9.62
N ALA F 329 -36.26 70.11 9.43
CA ALA F 329 -37.09 68.99 8.98
C ALA F 329 -37.97 68.46 10.10
N VAL F 330 -39.28 68.60 9.94
CA VAL F 330 -40.22 68.11 10.94
C VAL F 330 -41.25 67.16 10.32
N GLY F 331 -41.08 65.86 10.59
CA GLY F 331 -42.01 64.87 10.12
C GLY F 331 -41.81 64.45 8.67
N ALA F 332 -40.59 64.64 8.16
CA ALA F 332 -40.27 64.27 6.79
C ALA F 332 -39.09 63.31 6.75
N ARG F 333 -38.83 62.74 5.58
CA ARG F 333 -37.75 61.76 5.45
C ARG F 333 -36.90 61.96 4.19
N PHE F 334 -37.03 63.12 3.57
CA PHE F 334 -36.24 63.48 2.39
C PHE F 334 -36.38 62.45 1.26
N ASP F 335 -37.56 62.39 0.67
CA ASP F 335 -37.84 61.42 -0.40
C ASP F 335 -37.09 61.80 -1.68
N ASP F 336 -37.04 60.87 -2.63
CA ASP F 336 -36.39 61.11 -3.92
C ASP F 336 -37.14 62.20 -4.69
N ARG F 337 -38.45 62.20 -4.55
CA ARG F 337 -39.30 63.13 -5.29
C ARG F 337 -39.41 64.48 -4.57
N VAL F 338 -38.54 64.70 -3.60
CA VAL F 338 -38.55 65.95 -2.84
C VAL F 338 -37.20 66.65 -2.91
N THR F 339 -36.13 65.87 -2.77
CA THR F 339 -34.79 66.42 -2.72
C THR F 339 -34.18 66.63 -4.11
N GLY F 340 -34.72 65.96 -5.11
CA GLY F 340 -34.16 66.00 -6.44
C GLY F 340 -32.76 65.41 -6.46
N ASN F 341 -31.82 66.12 -7.04
CA ASN F 341 -30.42 65.68 -7.01
C ASN F 341 -29.88 65.79 -5.59
N ILE F 342 -29.43 64.66 -5.05
CA ILE F 342 -29.00 64.59 -3.66
C ILE F 342 -27.74 65.42 -3.39
N SER F 343 -26.80 65.39 -4.33
CA SER F 343 -25.54 66.11 -4.15
C SER F 343 -25.71 67.61 -4.35
N LYS F 344 -26.84 68.01 -4.92
CA LYS F 344 -27.10 69.42 -5.18
C LYS F 344 -28.18 69.96 -4.23
N PHE F 345 -28.70 69.10 -3.36
CA PHE F 345 -29.76 69.48 -2.44
C PHE F 345 -29.23 70.35 -1.31
N ALA F 346 -29.80 71.55 -1.18
CA ALA F 346 -29.46 72.49 -0.11
C ALA F 346 -27.96 72.81 -0.05
N PRO F 347 -27.48 73.65 -0.97
CA PRO F 347 -26.07 74.06 -0.99
C PRO F 347 -25.73 74.99 0.17
N GLU F 348 -26.64 75.92 0.47
CA GLU F 348 -26.42 76.90 1.52
C GLU F 348 -26.52 76.29 2.91
N ALA F 349 -27.36 75.26 3.05
CA ALA F 349 -27.54 74.58 4.32
C ALA F 349 -26.26 73.85 4.74
N ARG F 350 -25.57 73.28 3.76
CA ARG F 350 -24.31 72.58 4.02
C ARG F 350 -23.19 73.57 4.33
N ARG F 351 -23.15 74.66 3.59
CA ARG F 351 -22.12 75.69 3.78
C ARG F 351 -22.27 76.35 5.15
N ALA F 352 -23.51 76.56 5.56
CA ALA F 352 -23.78 77.17 6.86
C ALA F 352 -23.48 76.19 7.99
N ALA F 353 -23.54 74.90 7.68
CA ALA F 353 -23.23 73.85 8.65
C ALA F 353 -21.73 73.72 8.85
N ALA F 354 -20.97 74.00 7.79
CA ALA F 354 -19.52 73.90 7.84
C ALA F 354 -18.90 75.13 8.48
N GLU F 355 -19.74 76.09 8.86
CA GLU F 355 -19.28 77.32 9.49
C GLU F 355 -19.95 77.54 10.84
N GLY F 356 -20.92 76.69 11.16
CA GLY F 356 -21.60 76.75 12.44
C GLY F 356 -22.71 77.78 12.51
N ARG F 357 -23.05 78.36 11.36
CA ARG F 357 -24.09 79.37 11.29
C ARG F 357 -25.42 78.79 10.85
N GLY F 358 -25.45 77.48 10.62
CA GLY F 358 -26.67 76.81 10.20
C GLY F 358 -26.51 75.30 10.11
N GLY F 359 -27.35 74.68 9.29
CA GLY F 359 -27.31 73.24 9.12
C GLY F 359 -28.69 72.65 8.90
N ILE F 360 -28.84 71.37 9.20
CA ILE F 360 -30.13 70.70 9.06
C ILE F 360 -30.56 70.06 10.39
N ILE F 361 -31.78 70.35 10.81
CA ILE F 361 -32.34 69.77 12.02
C ILE F 361 -33.48 68.81 11.67
N HIS F 362 -33.47 67.62 12.24
CA HIS F 362 -34.46 66.61 11.92
C HIS F 362 -35.23 66.15 13.16
N PHE F 363 -36.55 66.21 13.08
CA PHE F 363 -37.42 65.72 14.15
C PHE F 363 -38.02 64.38 13.77
N GLU F 364 -37.40 63.31 14.24
CA GLU F 364 -37.77 61.96 13.84
C GLU F 364 -38.35 61.14 14.99
N VAL F 365 -39.37 60.33 14.69
CA VAL F 365 -39.91 59.39 15.65
C VAL F 365 -39.17 58.07 15.51
N SER F 366 -38.46 57.93 14.39
CA SER F 366 -37.67 56.73 14.14
C SER F 366 -36.25 57.10 13.74
N PRO F 367 -35.27 56.69 14.55
CA PRO F 367 -33.84 56.96 14.28
C PRO F 367 -33.36 56.37 12.97
N LYS F 368 -34.11 55.40 12.44
CA LYS F 368 -33.80 54.76 11.18
C LYS F 368 -33.69 55.77 10.04
N ASN F 369 -34.62 56.71 10.00
CA ASN F 369 -34.66 57.71 8.94
C ASN F 369 -33.79 58.92 9.24
N ILE F 370 -32.96 58.81 10.26
CA ILE F 370 -31.99 59.86 10.56
C ILE F 370 -30.66 59.54 9.88
N ASN F 371 -30.10 60.52 9.18
CA ASN F 371 -28.85 60.36 8.44
C ASN F 371 -28.92 59.23 7.41
N LYS F 372 -30.11 59.00 6.88
CA LYS F 372 -30.30 57.96 5.87
C LYS F 372 -30.02 58.51 4.47
N VAL F 373 -30.64 59.65 4.15
CA VAL F 373 -30.44 60.30 2.87
C VAL F 373 -29.45 61.45 3.01
N VAL F 374 -29.82 62.42 3.84
CA VAL F 374 -28.93 63.54 4.16
C VAL F 374 -28.50 63.44 5.61
N GLN F 375 -27.30 63.94 5.91
CA GLN F 375 -26.78 63.88 7.27
C GLN F 375 -27.29 65.06 8.10
N THR F 376 -27.92 64.75 9.22
CA THR F 376 -28.50 65.76 10.10
C THR F 376 -27.48 66.25 11.12
N GLN F 377 -27.33 67.57 11.22
CA GLN F 377 -26.40 68.17 12.18
C GLN F 377 -26.92 68.02 13.60
N ILE F 378 -28.19 68.33 13.81
CA ILE F 378 -28.81 68.17 15.12
C ILE F 378 -30.08 67.33 15.01
N ALA F 379 -29.97 66.06 15.42
CA ALA F 379 -31.10 65.14 15.33
C ALA F 379 -31.90 65.11 16.62
N VAL F 380 -33.22 65.25 16.50
CA VAL F 380 -34.11 65.17 17.64
C VAL F 380 -35.04 63.97 17.51
N GLU F 381 -34.89 63.01 18.43
CA GLU F 381 -35.65 61.77 18.37
C GLU F 381 -36.92 61.83 19.21
N GLY F 382 -38.00 61.28 18.68
CA GLY F 382 -39.27 61.26 19.39
C GLY F 382 -40.39 61.88 18.57
N ASP F 383 -41.55 62.06 19.19
CA ASP F 383 -42.69 62.68 18.52
C ASP F 383 -42.40 64.13 18.14
N ALA F 384 -42.78 64.51 16.93
CA ALA F 384 -42.52 65.84 16.42
C ALA F 384 -43.28 66.90 17.22
N THR F 385 -44.59 66.68 17.37
CA THR F 385 -45.45 67.60 18.10
C THR F 385 -45.01 67.81 19.54
N THR F 386 -44.70 66.69 20.22
CA THR F 386 -44.30 66.73 21.61
C THR F 386 -42.97 67.48 21.79
N ASN F 387 -42.01 67.19 20.93
CA ASN F 387 -40.69 67.79 21.03
C ASN F 387 -40.65 69.24 20.51
N LEU F 388 -41.68 69.63 19.79
CA LEU F 388 -41.79 71.02 19.32
C LEU F 388 -42.27 71.92 20.45
N GLY F 389 -43.14 71.39 21.31
CA GLY F 389 -43.65 72.13 22.43
C GLY F 389 -42.72 72.11 23.63
N LYS F 390 -41.52 71.58 23.42
CA LYS F 390 -40.51 71.52 24.48
C LYS F 390 -39.35 72.45 24.20
N MET F 391 -39.43 73.20 23.10
CA MET F 391 -38.40 74.18 22.79
C MET F 391 -39.02 75.53 22.44
N MET F 392 -40.33 75.65 22.66
CA MET F 392 -41.04 76.90 22.42
C MET F 392 -40.51 78.02 23.31
N SER F 393 -40.24 77.69 24.56
CA SER F 393 -39.73 78.68 25.51
C SER F 393 -38.24 78.93 25.30
N LYS F 394 -37.63 78.17 24.40
CA LYS F 394 -36.21 78.29 24.10
C LYS F 394 -35.98 79.10 22.82
N ILE F 395 -37.06 79.35 22.09
CA ILE F 395 -36.98 80.09 20.83
C ILE F 395 -37.21 81.58 21.03
N PHE F 396 -36.26 82.39 20.57
CA PHE F 396 -36.37 83.85 20.66
C PHE F 396 -37.38 84.36 19.63
N PRO F 397 -38.39 85.11 20.10
CA PRO F 397 -39.41 85.70 19.22
C PRO F 397 -38.79 86.68 18.21
N VAL F 398 -39.35 86.72 17.01
CA VAL F 398 -38.84 87.60 15.95
C VAL F 398 -39.96 88.42 15.33
N LYS F 399 -39.73 89.73 15.21
CA LYS F 399 -40.71 90.63 14.60
C LYS F 399 -40.89 90.31 13.11
N GLU F 400 -39.84 90.56 12.33
CA GLU F 400 -39.88 90.28 10.89
C GLU F 400 -38.48 90.13 10.30
N ARG F 401 -38.39 89.37 9.21
CA ARG F 401 -37.15 89.20 8.47
C ARG F 401 -37.28 89.85 7.10
N SER F 402 -36.79 91.08 6.97
CA SER F 402 -37.00 91.88 5.77
C SER F 402 -36.44 91.24 4.50
N GLU F 403 -35.11 91.25 4.37
CA GLU F 403 -34.43 90.80 3.15
C GLU F 403 -34.79 89.37 2.76
N TRP F 404 -34.96 88.50 3.76
CA TRP F 404 -35.26 87.10 3.49
C TRP F 404 -36.69 86.91 2.99
N PHE F 405 -37.65 87.52 3.67
CA PHE F 405 -39.05 87.38 3.28
C PHE F 405 -39.36 88.17 2.02
N ALA F 406 -38.55 89.19 1.74
CA ALA F 406 -38.69 89.97 0.52
C ALA F 406 -38.24 89.15 -0.68
N GLN F 407 -37.20 88.34 -0.46
CA GLN F 407 -36.68 87.46 -1.50
C GLN F 407 -37.69 86.37 -1.84
N ILE F 408 -38.41 85.90 -0.82
CA ILE F 408 -39.44 84.90 -0.99
C ILE F 408 -40.60 85.44 -1.83
N ASN F 409 -41.01 86.67 -1.53
CA ASN F 409 -42.09 87.31 -2.27
C ASN F 409 -41.66 87.74 -3.66
N LYS F 410 -40.35 87.89 -3.86
CA LYS F 410 -39.78 88.15 -5.18
C LYS F 410 -39.98 86.91 -6.05
N TRP F 411 -39.83 85.74 -5.44
CA TRP F 411 -40.05 84.48 -6.11
C TRP F 411 -41.53 84.22 -6.35
N LYS F 412 -42.36 84.58 -5.38
CA LYS F 412 -43.80 84.35 -5.47
C LYS F 412 -44.43 85.16 -6.59
N LYS F 413 -43.83 86.29 -6.93
CA LYS F 413 -44.33 87.15 -8.00
C LYS F 413 -43.65 86.82 -9.32
N GLU F 414 -42.81 85.79 -9.32
CA GLU F 414 -42.07 85.41 -10.53
C GLU F 414 -42.39 83.98 -10.94
N TYR F 415 -42.61 83.10 -9.96
CA TYR F 415 -42.97 81.71 -10.23
C TYR F 415 -44.23 81.29 -9.47
N PRO F 416 -45.41 81.73 -9.96
CA PRO F 416 -46.67 81.44 -9.27
C PRO F 416 -47.48 80.32 -9.93
N TYR F 417 -46.88 79.15 -10.13
CA TYR F 417 -47.55 78.04 -10.79
C TYR F 417 -48.11 78.45 -12.15
N ALA F 418 -47.21 78.71 -13.10
CA ALA F 418 -47.62 79.18 -14.42
C ALA F 418 -48.03 78.04 -15.35
N TYR F 419 -49.07 78.29 -16.13
CA TYR F 419 -49.53 77.34 -17.14
C TYR F 419 -50.36 78.08 -18.19
N MET F 420 -50.49 77.47 -19.37
CA MET F 420 -51.26 78.10 -20.45
C MET F 420 -52.75 77.91 -20.22
N GLU F 421 -53.42 78.97 -19.79
CA GLU F 421 -54.83 78.89 -19.41
C GLU F 421 -55.75 78.76 -20.63
N GLU F 422 -57.05 78.84 -20.39
CA GLU F 422 -58.06 78.60 -21.42
C GLU F 422 -58.04 79.63 -22.54
N THR F 423 -58.92 79.40 -23.52
CA THR F 423 -59.08 80.27 -24.67
C THR F 423 -60.47 80.05 -25.26
N PRO F 424 -61.21 81.13 -25.50
CA PRO F 424 -62.58 81.05 -26.04
C PRO F 424 -62.71 80.12 -27.25
N GLY F 425 -62.91 78.84 -26.98
CA GLY F 425 -63.02 77.84 -28.03
C GLY F 425 -62.10 76.66 -27.81
N SER F 426 -61.11 76.83 -26.94
CA SER F 426 -60.13 75.79 -26.68
C SER F 426 -60.63 74.76 -25.67
N LYS F 427 -59.89 73.67 -25.52
CA LYS F 427 -60.24 72.63 -24.56
C LYS F 427 -60.00 73.10 -23.14
N ILE F 428 -60.74 72.52 -22.19
CA ILE F 428 -60.62 72.90 -20.79
C ILE F 428 -59.26 72.49 -20.22
N LYS F 429 -58.61 73.43 -19.54
CA LYS F 429 -57.34 73.13 -18.89
C LYS F 429 -57.56 72.45 -17.53
N PRO F 430 -56.87 71.34 -17.30
CA PRO F 430 -57.02 70.54 -16.07
C PRO F 430 -56.66 71.31 -14.82
N GLN F 431 -55.76 72.28 -14.93
CA GLN F 431 -55.38 73.10 -13.78
C GLN F 431 -56.53 74.00 -13.35
N THR F 432 -57.26 74.53 -14.33
CA THR F 432 -58.38 75.43 -14.07
C THR F 432 -59.51 74.71 -13.34
N VAL F 433 -59.71 73.44 -13.69
CA VAL F 433 -60.74 72.63 -13.03
C VAL F 433 -60.46 72.52 -11.55
N ILE F 434 -59.18 72.38 -11.20
CA ILE F 434 -58.77 72.30 -9.80
C ILE F 434 -58.97 73.64 -9.10
N LYS F 435 -58.58 74.72 -9.78
CA LYS F 435 -58.70 76.07 -9.23
C LYS F 435 -60.15 76.43 -8.93
N LYS F 436 -61.04 76.11 -9.86
CA LYS F 436 -62.45 76.45 -9.71
C LYS F 436 -63.12 75.61 -8.64
N LEU F 437 -62.92 74.30 -8.70
CA LEU F 437 -63.55 73.38 -7.76
C LEU F 437 -63.05 73.62 -6.32
N SER F 438 -61.86 74.18 -6.21
CA SER F 438 -61.26 74.45 -4.90
C SER F 438 -62.10 75.42 -4.07
N LYS F 439 -62.73 76.38 -4.74
CA LYS F 439 -63.52 77.39 -4.07
C LYS F 439 -65.01 77.03 -4.07
N VAL F 440 -65.42 76.26 -5.06
CA VAL F 440 -66.82 75.83 -5.16
C VAL F 440 -67.21 74.95 -3.98
N ALA F 441 -66.35 73.99 -3.66
CA ALA F 441 -66.58 73.11 -2.52
C ALA F 441 -66.53 73.89 -1.21
N ASN F 442 -65.76 74.97 -1.20
CA ASN F 442 -65.64 75.83 -0.03
C ASN F 442 -66.89 76.68 0.17
N ASP F 443 -67.54 77.06 -0.93
CA ASP F 443 -68.73 77.89 -0.88
C ASP F 443 -69.90 77.16 -0.21
N THR F 444 -69.85 75.83 -0.21
CA THR F 444 -70.89 75.03 0.42
C THR F 444 -70.76 75.08 1.94
N GLY F 445 -69.56 75.38 2.42
CA GLY F 445 -69.30 75.53 3.84
C GLY F 445 -69.08 74.20 4.55
N ARG F 446 -69.19 73.10 3.81
CA ARG F 446 -68.99 71.77 4.38
C ARG F 446 -67.52 71.46 4.58
N HIS F 447 -67.25 70.45 5.39
CA HIS F 447 -65.89 69.96 5.59
C HIS F 447 -65.45 69.15 4.38
N VAL F 448 -64.41 69.61 3.70
CA VAL F 448 -63.99 68.99 2.45
C VAL F 448 -62.78 68.06 2.62
N ILE F 449 -62.93 66.82 2.17
CA ILE F 449 -61.85 65.85 2.16
C ILE F 449 -61.48 65.48 0.72
N VAL F 450 -60.21 65.66 0.37
CA VAL F 450 -59.76 65.42 -0.99
C VAL F 450 -58.90 64.18 -1.12
N THR F 451 -59.33 63.25 -1.98
CA THR F 451 -58.55 62.06 -2.30
C THR F 451 -58.27 62.03 -3.79
N THR F 452 -57.04 61.64 -4.15
CA THR F 452 -56.65 61.62 -5.56
C THR F 452 -56.04 60.27 -5.96
N GLY F 453 -55.93 60.05 -7.27
CA GLY F 453 -55.27 58.87 -7.80
C GLY F 453 -53.79 59.14 -7.94
N VAL F 454 -53.19 58.63 -9.01
CA VAL F 454 -51.77 58.85 -9.26
C VAL F 454 -51.53 59.28 -10.71
N GLY F 455 -50.85 60.40 -10.89
CA GLY F 455 -50.55 60.91 -12.21
C GLY F 455 -50.47 62.43 -12.23
N GLN F 456 -50.75 63.01 -13.40
CA GLN F 456 -50.72 64.46 -13.56
C GLN F 456 -51.81 65.13 -12.75
N HIS F 457 -52.98 64.49 -12.69
CA HIS F 457 -54.12 65.03 -11.96
C HIS F 457 -53.83 65.10 -10.46
N GLN F 458 -52.98 64.19 -9.98
CA GLN F 458 -52.62 64.15 -8.57
C GLN F 458 -51.80 65.36 -8.17
N MET F 459 -50.86 65.75 -9.04
CA MET F 459 -50.00 66.90 -8.78
C MET F 459 -50.77 68.21 -8.88
N TRP F 460 -51.62 68.32 -9.90
CA TRP F 460 -52.42 69.51 -10.13
C TRP F 460 -53.41 69.73 -8.99
N ALA F 461 -53.92 68.64 -8.43
CA ALA F 461 -54.84 68.72 -7.30
C ALA F 461 -54.11 69.17 -6.04
N ALA F 462 -52.79 69.02 -6.06
CA ALA F 462 -51.95 69.43 -4.94
C ALA F 462 -51.45 70.85 -5.12
N GLN F 463 -51.19 71.23 -6.37
CA GLN F 463 -50.69 72.55 -6.69
C GLN F 463 -51.75 73.63 -6.58
N HIS F 464 -52.82 73.49 -7.36
CA HIS F 464 -53.83 74.53 -7.49
C HIS F 464 -54.98 74.36 -6.50
N TRP F 465 -54.65 73.97 -5.27
CA TRP F 465 -55.65 73.85 -4.21
C TRP F 465 -55.12 74.48 -2.93
N THR F 466 -55.89 75.40 -2.36
CA THR F 466 -55.49 76.07 -1.12
C THR F 466 -55.79 75.20 0.09
N TRP F 467 -54.76 74.62 0.68
CA TRP F 467 -54.91 73.74 1.83
C TRP F 467 -54.82 74.51 3.14
N ARG F 468 -55.81 74.32 3.99
CA ARG F 468 -55.87 75.07 5.25
C ARG F 468 -56.14 74.15 6.45
N ASN F 469 -56.92 73.10 6.23
CA ASN F 469 -57.31 72.19 7.30
C ASN F 469 -56.53 70.87 7.28
N PRO F 470 -56.23 70.33 8.47
CA PRO F 470 -55.48 69.08 8.60
C PRO F 470 -56.31 67.85 8.25
N HIS F 471 -55.63 66.80 7.77
CA HIS F 471 -56.28 65.54 7.38
C HIS F 471 -57.37 65.75 6.34
N THR F 472 -57.07 66.55 5.32
CA THR F 472 -58.03 66.82 4.26
C THR F 472 -57.52 66.34 2.91
N PHE F 473 -56.23 66.00 2.85
CA PHE F 473 -55.63 65.50 1.62
C PHE F 473 -55.11 64.08 1.79
N ILE F 474 -55.80 63.14 1.15
CA ILE F 474 -55.43 61.72 1.24
C ILE F 474 -54.99 61.20 -0.12
N THR F 475 -53.68 61.21 -0.36
CA THR F 475 -53.14 60.73 -1.63
C THR F 475 -52.03 59.72 -1.40
N SER F 476 -51.79 58.87 -2.41
CA SER F 476 -50.75 57.86 -2.33
C SER F 476 -49.45 58.35 -2.94
N GLY F 477 -48.56 58.85 -2.09
CA GLY F 477 -47.29 59.38 -2.54
C GLY F 477 -46.14 58.39 -2.38
N GLY F 478 -46.20 57.58 -1.34
CA GLY F 478 -45.17 56.60 -1.06
C GLY F 478 -45.07 55.54 -2.15
N LEU F 479 -46.04 54.63 -2.18
CA LEU F 479 -46.04 53.57 -3.17
C LEU F 479 -46.57 54.08 -4.52
N GLY F 480 -47.41 55.09 -4.47
CA GLY F 480 -47.98 55.67 -5.68
C GLY F 480 -48.86 54.68 -6.43
N THR F 481 -49.89 54.19 -5.76
CA THR F 481 -50.77 53.19 -6.35
C THR F 481 -51.95 53.83 -7.09
N MET F 482 -52.14 53.44 -8.35
CA MET F 482 -53.30 53.87 -9.11
C MET F 482 -54.55 53.16 -8.59
N GLY F 483 -55.69 53.84 -8.68
CA GLY F 483 -56.93 53.30 -8.18
C GLY F 483 -57.00 53.42 -6.67
N TYR F 484 -56.21 54.35 -6.12
CA TYR F 484 -56.20 54.60 -4.69
C TYR F 484 -57.26 55.63 -4.32
N GLY F 485 -57.66 56.44 -5.30
CA GLY F 485 -58.59 57.53 -5.06
C GLY F 485 -59.98 57.09 -4.61
N LEU F 486 -60.65 56.29 -5.43
CA LEU F 486 -62.03 55.89 -5.16
C LEU F 486 -62.22 55.10 -3.86
N PRO F 487 -61.42 54.05 -3.62
CA PRO F 487 -61.68 53.31 -2.37
C PRO F 487 -61.32 54.11 -1.12
N ALA F 488 -60.26 54.91 -1.18
CA ALA F 488 -59.87 55.73 -0.03
C ALA F 488 -60.90 56.83 0.19
N ALA F 489 -61.60 57.22 -0.87
CA ALA F 489 -62.67 58.20 -0.77
C ALA F 489 -63.85 57.62 -0.02
N ILE F 490 -64.17 56.37 -0.32
CA ILE F 490 -65.26 55.66 0.35
C ILE F 490 -64.93 55.48 1.84
N GLY F 491 -63.70 55.07 2.12
CA GLY F 491 -63.26 54.86 3.49
C GLY F 491 -63.25 56.15 4.29
N ALA F 492 -62.93 57.25 3.63
CA ALA F 492 -62.91 58.55 4.28
C ALA F 492 -64.32 59.02 4.61
N GLN F 493 -65.27 58.66 3.75
CA GLN F 493 -66.66 59.02 3.95
C GLN F 493 -67.25 58.24 5.13
N VAL F 494 -66.73 57.04 5.36
CA VAL F 494 -67.17 56.22 6.48
C VAL F 494 -66.68 56.81 7.80
N ALA F 495 -65.43 57.26 7.81
CA ALA F 495 -64.86 57.90 8.99
C ALA F 495 -65.56 59.22 9.30
N LYS F 496 -65.83 59.99 8.25
CA LYS F 496 -66.51 61.27 8.40
C LYS F 496 -67.78 61.30 7.56
N PRO F 497 -68.89 60.79 8.12
CA PRO F 497 -70.18 60.69 7.44
C PRO F 497 -70.73 62.04 6.99
N GLU F 498 -70.56 63.07 7.81
CA GLU F 498 -71.09 64.39 7.51
C GLU F 498 -70.04 65.29 6.87
N SER F 499 -69.24 64.74 5.96
CA SER F 499 -68.22 65.51 5.28
C SER F 499 -68.34 65.37 3.76
N LEU F 500 -67.84 66.37 3.05
CA LEU F 500 -67.87 66.38 1.59
C LEU F 500 -66.60 65.74 1.02
N VAL F 501 -66.70 64.46 0.68
CA VAL F 501 -65.55 63.72 0.16
C VAL F 501 -65.48 63.79 -1.37
N ILE F 502 -64.42 64.41 -1.87
CA ILE F 502 -64.23 64.55 -3.31
C ILE F 502 -63.04 63.72 -3.79
N ASP F 503 -63.27 62.93 -4.84
CA ASP F 503 -62.22 62.10 -5.41
C ASP F 503 -61.75 62.66 -6.76
N ILE F 504 -60.61 63.34 -6.75
CA ILE F 504 -60.03 63.86 -7.97
C ILE F 504 -59.13 62.80 -8.60
N ASP F 505 -59.74 61.95 -9.43
CA ASP F 505 -59.03 60.81 -9.99
C ASP F 505 -58.77 61.00 -11.49
N GLY F 506 -57.81 60.23 -12.02
CA GLY F 506 -57.49 60.28 -13.44
C GLY F 506 -58.24 59.22 -14.21
N ASP F 507 -58.28 59.35 -15.53
CA ASP F 507 -59.05 58.44 -16.37
C ASP F 507 -58.47 57.02 -16.35
N ALA F 508 -57.16 56.91 -16.18
CA ALA F 508 -56.51 55.60 -16.15
C ALA F 508 -56.43 55.06 -14.73
N SER F 509 -56.23 55.96 -13.77
CA SER F 509 -56.18 55.56 -12.37
C SER F 509 -57.54 55.05 -11.91
N PHE F 510 -58.60 55.72 -12.34
CA PHE F 510 -59.96 55.32 -12.01
C PHE F 510 -60.30 54.00 -12.71
N ASN F 511 -59.61 53.73 -13.80
CA ASN F 511 -59.80 52.49 -14.55
C ASN F 511 -59.06 51.30 -13.93
N MET F 512 -58.94 51.29 -12.62
CA MET F 512 -58.28 50.20 -11.93
C MET F 512 -59.12 49.69 -10.76
N THR F 513 -59.88 50.59 -10.15
CA THR F 513 -60.73 50.23 -9.02
C THR F 513 -62.14 50.80 -9.16
N LEU F 514 -62.57 51.04 -10.40
CA LEU F 514 -63.92 51.55 -10.65
C LEU F 514 -64.97 50.51 -10.26
N THR F 515 -64.49 49.29 -10.02
CA THR F 515 -65.31 48.21 -9.48
C THR F 515 -66.04 48.64 -8.21
N GLU F 516 -65.36 49.41 -7.38
CA GLU F 516 -65.89 49.80 -6.07
C GLU F 516 -66.91 50.94 -6.15
N LEU F 517 -67.38 51.26 -7.34
CA LEU F 517 -68.43 52.26 -7.51
C LEU F 517 -69.73 51.76 -6.90
N SER F 518 -70.06 50.50 -7.17
CA SER F 518 -71.25 49.88 -6.62
C SER F 518 -71.10 49.66 -5.12
N SER F 519 -69.86 49.57 -4.66
CA SER F 519 -69.57 49.41 -3.24
C SER F 519 -69.89 50.68 -2.48
N ALA F 520 -69.75 51.82 -3.16
CA ALA F 520 -70.06 53.12 -2.56
C ALA F 520 -71.55 53.26 -2.33
N VAL F 521 -72.34 52.54 -3.13
CA VAL F 521 -73.79 52.57 -3.02
C VAL F 521 -74.25 51.69 -1.85
N GLN F 522 -73.69 50.49 -1.77
CA GLN F 522 -74.06 49.52 -0.75
C GLN F 522 -73.61 49.97 0.63
N ALA F 523 -72.51 50.70 0.70
CA ALA F 523 -71.98 51.18 1.97
C ALA F 523 -72.65 52.48 2.40
N GLY F 524 -73.32 53.13 1.46
CA GLY F 524 -73.99 54.39 1.74
C GLY F 524 -73.01 55.53 1.90
N THR F 525 -72.14 55.70 0.91
CA THR F 525 -71.14 56.76 0.94
C THR F 525 -71.32 57.72 -0.23
N PRO F 526 -71.86 58.91 0.04
CA PRO F 526 -72.07 59.94 -1.00
C PRO F 526 -70.77 60.61 -1.42
N VAL F 527 -69.88 59.83 -2.02
CA VAL F 527 -68.59 60.34 -2.46
C VAL F 527 -68.71 61.11 -3.76
N LYS F 528 -67.90 62.17 -3.91
CA LYS F 528 -67.92 62.99 -5.10
C LYS F 528 -66.79 62.59 -6.03
N ILE F 529 -67.12 61.83 -7.07
CA ILE F 529 -66.10 61.29 -7.98
C ILE F 529 -65.86 62.21 -9.18
N LEU F 530 -64.64 62.71 -9.29
CA LEU F 530 -64.24 63.54 -10.41
C LEU F 530 -63.20 62.82 -11.27
N ILE F 531 -63.43 62.82 -12.58
CA ILE F 531 -62.51 62.16 -13.50
C ILE F 531 -61.98 63.13 -14.54
N LEU F 532 -60.74 63.58 -14.35
CA LEU F 532 -60.08 64.44 -15.34
C LEU F 532 -59.65 63.59 -16.53
N ASN F 533 -60.59 63.36 -17.45
CA ASN F 533 -60.37 62.48 -18.58
C ASN F 533 -59.68 63.18 -19.76
N ASN F 534 -58.40 62.87 -19.95
CA ASN F 534 -57.67 63.33 -21.13
C ASN F 534 -57.38 62.16 -22.07
N GLU F 535 -58.02 61.03 -21.78
CA GLU F 535 -57.90 59.82 -22.59
C GLU F 535 -56.44 59.38 -22.76
N GLU F 536 -55.67 59.43 -21.67
CA GLU F 536 -54.26 59.07 -21.71
C GLU F 536 -53.69 58.83 -20.32
N GLN F 537 -52.53 58.20 -20.27
CA GLN F 537 -51.78 58.08 -19.03
C GLN F 537 -50.81 59.25 -18.95
N GLY F 538 -51.33 60.41 -18.58
CA GLY F 538 -50.62 61.68 -18.64
C GLY F 538 -49.21 61.71 -18.05
N MET F 539 -49.05 61.16 -16.86
CA MET F 539 -47.76 61.22 -16.17
C MET F 539 -46.68 60.45 -16.92
N VAL F 540 -47.06 59.35 -17.56
CA VAL F 540 -46.11 58.54 -18.32
C VAL F 540 -45.85 59.16 -19.69
N THR F 541 -46.90 59.66 -20.32
CA THR F 541 -46.78 60.30 -21.63
C THR F 541 -45.91 61.55 -21.54
N GLN F 542 -45.96 62.22 -20.40
CA GLN F 542 -45.12 63.39 -20.15
C GLN F 542 -43.65 63.01 -20.14
N TRP F 543 -43.34 61.88 -19.50
CA TRP F 543 -41.98 61.37 -19.45
C TRP F 543 -41.52 60.84 -20.81
N GLN F 544 -42.47 60.38 -21.61
CA GLN F 544 -42.17 59.85 -22.93
C GLN F 544 -42.00 60.96 -23.96
N SER F 545 -42.43 62.16 -23.59
CA SER F 545 -42.30 63.33 -24.47
C SER F 545 -41.01 64.09 -24.19
N LEU F 546 -40.68 64.20 -22.92
CA LEU F 546 -39.51 64.98 -22.49
C LEU F 546 -38.21 64.18 -22.56
N PHE F 547 -38.30 62.87 -22.37
CA PHE F 547 -37.10 62.04 -22.26
C PHE F 547 -37.04 60.92 -23.29
N TYR F 548 -38.06 60.80 -24.13
CA TYR F 548 -38.11 59.71 -25.10
C TYR F 548 -38.56 60.14 -26.49
N GLU F 549 -38.56 61.45 -26.74
CA GLU F 549 -38.83 61.99 -28.07
C GLU F 549 -40.21 61.62 -28.62
N HIS F 550 -41.23 61.70 -27.77
CA HIS F 550 -42.63 61.56 -28.18
C HIS F 550 -42.97 60.23 -28.85
N ARG F 551 -42.49 59.12 -28.31
CA ARG F 551 -42.93 57.81 -28.78
C ARG F 551 -43.68 57.08 -27.67
N TYR F 552 -44.97 57.34 -27.59
CA TYR F 552 -45.82 56.79 -26.54
C TYR F 552 -46.06 55.30 -26.75
N SER F 553 -45.62 54.50 -25.78
CA SER F 553 -45.75 53.05 -25.88
C SER F 553 -46.78 52.50 -24.89
N HIS F 554 -47.94 52.12 -25.43
CA HIS F 554 -48.99 51.46 -24.66
C HIS F 554 -49.50 52.30 -23.48
N THR F 555 -49.36 53.61 -23.58
CA THR F 555 -49.81 54.51 -22.52
C THR F 555 -51.15 55.14 -22.85
N HIS F 556 -51.89 54.49 -23.73
CA HIS F 556 -53.23 54.95 -24.10
C HIS F 556 -54.24 53.80 -24.01
N GLN F 557 -54.97 53.76 -22.90
CA GLN F 557 -55.97 52.71 -22.68
C GLN F 557 -57.32 53.14 -23.22
N LEU F 558 -58.23 52.18 -23.37
CA LEU F 558 -59.56 52.46 -23.89
C LEU F 558 -60.57 52.63 -22.76
N ASN F 559 -60.88 53.88 -22.43
CA ASN F 559 -61.83 54.19 -21.37
C ASN F 559 -63.27 53.93 -21.80
N PRO F 560 -64.09 53.42 -20.87
CA PRO F 560 -65.52 53.20 -21.13
C PRO F 560 -66.34 54.47 -20.93
N ASP F 561 -67.63 54.42 -21.25
CA ASP F 561 -68.52 55.54 -21.00
C ASP F 561 -68.70 55.74 -19.50
N PHE F 562 -67.98 56.72 -18.95
CA PHE F 562 -67.98 56.95 -17.51
C PHE F 562 -69.35 57.34 -16.96
N ILE F 563 -70.19 57.91 -17.83
CA ILE F 563 -71.54 58.29 -17.43
C ILE F 563 -72.42 57.06 -17.31
N LYS F 564 -72.44 56.23 -18.34
CA LYS F 564 -73.23 55.01 -18.35
C LYS F 564 -72.68 54.01 -17.33
N LEU F 565 -71.39 54.08 -17.07
CA LEU F 565 -70.77 53.24 -16.05
C LEU F 565 -71.30 53.60 -14.67
N ALA F 566 -71.44 54.90 -14.42
CA ALA F 566 -71.92 55.39 -13.14
C ALA F 566 -73.37 54.98 -12.90
N GLU F 567 -74.18 55.07 -13.94
CA GLU F 567 -75.60 54.75 -13.85
C GLU F 567 -75.82 53.24 -13.75
N ALA F 568 -74.92 52.47 -14.34
CA ALA F 568 -75.01 51.02 -14.30
C ALA F 568 -74.74 50.50 -12.88
N MET F 569 -73.84 51.17 -12.18
CA MET F 569 -73.48 50.78 -10.82
C MET F 569 -74.58 51.11 -9.83
N GLY F 570 -75.06 52.35 -9.88
CA GLY F 570 -76.11 52.81 -8.98
C GLY F 570 -75.98 54.28 -8.67
N LEU F 571 -75.26 54.99 -9.55
CA LEU F 571 -75.05 56.43 -9.38
C LEU F 571 -75.68 57.19 -10.53
N LYS F 572 -75.32 58.47 -10.65
CA LYS F 572 -75.73 59.28 -11.80
C LYS F 572 -74.55 60.13 -12.26
N GLY F 573 -74.16 59.95 -13.52
CA GLY F 573 -72.99 60.62 -14.06
C GLY F 573 -73.25 61.97 -14.66
N LEU F 574 -72.34 62.91 -14.40
CA LEU F 574 -72.39 64.23 -15.03
C LEU F 574 -71.17 64.38 -15.94
N ARG F 575 -71.34 65.07 -17.07
CA ARG F 575 -70.25 65.20 -18.03
C ARG F 575 -70.09 66.63 -18.52
N VAL F 576 -68.83 67.09 -18.56
CA VAL F 576 -68.50 68.40 -19.11
C VAL F 576 -67.57 68.23 -20.31
N LYS F 577 -68.10 68.48 -21.50
CA LYS F 577 -67.33 68.28 -22.73
C LYS F 577 -66.50 69.50 -23.10
N LYS F 578 -67.07 70.69 -22.91
CA LYS F 578 -66.34 71.92 -23.24
C LYS F 578 -66.46 72.99 -22.17
N GLN F 579 -65.85 74.14 -22.44
CA GLN F 579 -65.55 75.15 -21.42
C GLN F 579 -66.75 75.75 -20.70
N GLU F 580 -67.71 76.26 -21.45
CA GLU F 580 -68.82 77.02 -20.85
C GLU F 580 -69.85 76.12 -20.14
N GLU F 581 -69.52 74.85 -19.98
CA GLU F 581 -70.42 73.91 -19.32
C GLU F 581 -69.88 73.53 -17.93
N LEU F 582 -68.63 73.89 -17.68
CA LEU F 582 -67.95 73.49 -16.46
C LEU F 582 -68.51 74.13 -15.20
N ASP F 583 -68.68 75.46 -15.24
CA ASP F 583 -69.09 76.22 -14.06
C ASP F 583 -70.42 75.76 -13.47
N ALA F 584 -71.38 75.47 -14.35
CA ALA F 584 -72.70 75.06 -13.90
C ALA F 584 -72.70 73.66 -13.31
N LYS F 585 -71.98 72.75 -13.96
CA LYS F 585 -71.95 71.35 -13.54
C LYS F 585 -71.19 71.15 -12.23
N LEU F 586 -70.15 71.94 -12.02
CA LEU F 586 -69.34 71.83 -10.80
C LEU F 586 -70.17 72.14 -9.56
N LYS F 587 -71.10 73.08 -9.68
CA LYS F 587 -71.99 73.42 -8.58
C LYS F 587 -73.05 72.34 -8.37
N GLU F 588 -73.41 71.67 -9.47
CA GLU F 588 -74.37 70.57 -9.40
C GLU F 588 -73.70 69.31 -8.87
N PHE F 589 -72.45 69.09 -9.30
CA PHE F 589 -71.67 67.92 -8.90
C PHE F 589 -71.40 67.90 -7.40
N VAL F 590 -71.20 69.07 -6.81
CA VAL F 590 -70.93 69.17 -5.38
C VAL F 590 -72.22 69.13 -4.57
N SER F 591 -73.23 69.87 -5.02
CA SER F 591 -74.49 69.97 -4.30
C SER F 591 -75.36 68.73 -4.46
N THR F 592 -74.96 67.83 -5.34
CA THR F 592 -75.70 66.59 -5.55
C THR F 592 -75.63 65.70 -4.31
N LYS F 593 -76.77 65.55 -3.63
CA LYS F 593 -76.83 64.72 -2.43
C LYS F 593 -76.83 63.25 -2.81
N GLY F 594 -75.69 62.59 -2.62
CA GLY F 594 -75.52 61.19 -2.97
C GLY F 594 -74.28 60.99 -3.83
N PRO F 595 -73.91 59.72 -4.05
CA PRO F 595 -72.74 59.38 -4.87
C PRO F 595 -72.91 59.81 -6.33
N VAL F 596 -72.02 60.67 -6.80
CA VAL F 596 -72.13 61.22 -8.15
C VAL F 596 -70.76 61.23 -8.85
N LEU F 597 -70.76 60.88 -10.14
CA LEU F 597 -69.54 60.87 -10.93
C LEU F 597 -69.54 62.00 -11.95
N LEU F 598 -68.42 62.72 -12.05
CA LEU F 598 -68.29 63.81 -13.00
C LEU F 598 -67.10 63.63 -13.93
N GLU F 599 -67.37 63.56 -15.22
CA GLU F 599 -66.32 63.44 -16.22
C GLU F 599 -66.08 64.78 -16.91
N VAL F 600 -64.88 65.34 -16.71
CA VAL F 600 -64.51 66.59 -17.35
C VAL F 600 -63.43 66.36 -18.40
N GLU F 601 -63.82 66.43 -19.67
CA GLU F 601 -62.88 66.24 -20.77
C GLU F 601 -61.87 67.39 -20.82
N VAL F 602 -60.69 67.15 -20.25
CA VAL F 602 -59.66 68.17 -20.18
C VAL F 602 -58.70 68.08 -21.35
N ASP F 603 -57.83 69.08 -21.49
CA ASP F 603 -56.86 69.13 -22.57
C ASP F 603 -55.87 67.97 -22.44
N LYS F 604 -55.22 67.63 -23.55
CA LYS F 604 -54.33 66.48 -23.59
C LYS F 604 -52.86 66.89 -23.76
N LYS F 605 -51.97 66.01 -23.32
CA LYS F 605 -50.53 66.20 -23.45
C LYS F 605 -50.05 67.50 -22.80
N VAL F 606 -50.61 67.82 -21.64
CA VAL F 606 -50.20 68.99 -20.88
C VAL F 606 -49.31 68.57 -19.72
N PRO F 607 -48.01 68.86 -19.83
CA PRO F 607 -47.03 68.46 -18.81
C PRO F 607 -47.18 69.23 -17.50
N VAL F 608 -46.94 68.54 -16.38
CA VAL F 608 -46.98 69.19 -15.08
C VAL F 608 -45.69 69.96 -14.82
N LEU F 609 -45.82 71.26 -14.60
CA LEU F 609 -44.67 72.12 -14.38
C LEU F 609 -44.87 72.96 -13.11
N PRO F 610 -43.78 73.33 -12.43
CA PRO F 610 -42.36 73.04 -12.73
C PRO F 610 -41.99 71.57 -12.53
N MET F 611 -40.82 71.19 -13.03
CA MET F 611 -40.38 69.80 -12.93
C MET F 611 -38.87 69.69 -12.70
N VAL F 612 -38.49 68.98 -11.65
CA VAL F 612 -37.09 68.70 -11.38
C VAL F 612 -36.80 67.22 -11.62
N ALA F 613 -36.11 66.92 -12.72
CA ALA F 613 -35.83 65.55 -13.08
C ALA F 613 -34.38 65.36 -13.51
N GLY F 614 -33.93 64.11 -13.57
CA GLY F 614 -32.57 63.80 -13.96
C GLY F 614 -31.58 64.20 -12.88
N GLY F 615 -30.40 64.65 -13.30
CA GLY F 615 -29.37 65.08 -12.37
C GLY F 615 -29.49 66.55 -12.01
N SER F 616 -30.69 67.09 -12.14
CA SER F 616 -30.95 68.49 -11.85
C SER F 616 -31.34 68.70 -10.39
N GLY F 617 -30.87 69.80 -9.81
CA GLY F 617 -31.22 70.14 -8.44
C GLY F 617 -32.55 70.85 -8.37
N LEU F 618 -32.97 71.20 -7.16
CA LEU F 618 -34.26 71.88 -6.95
C LEU F 618 -34.28 73.26 -7.57
N ASP F 619 -33.11 73.90 -7.67
CA ASP F 619 -33.01 75.22 -8.27
C ASP F 619 -32.69 75.14 -9.76
N GLU F 620 -32.56 73.92 -10.26
CA GLU F 620 -32.35 73.69 -11.69
C GLU F 620 -33.60 73.11 -12.33
N PHE F 621 -34.74 73.71 -12.02
CA PHE F 621 -36.04 73.22 -12.47
C PHE F 621 -36.34 73.62 -13.92
N ILE F 622 -37.43 73.07 -14.45
CA ILE F 622 -37.90 73.43 -15.78
C ILE F 622 -39.26 74.12 -15.68
N ASN F 623 -39.26 75.44 -15.82
CA ASN F 623 -40.47 76.23 -15.65
C ASN F 623 -41.33 76.27 -16.92
N PHE F 624 -42.55 76.74 -16.79
CA PHE F 624 -43.49 76.81 -17.90
C PHE F 624 -43.13 77.93 -18.87
N ASP F 625 -43.32 77.65 -20.16
CA ASP F 625 -43.13 78.64 -21.21
C ASP F 625 -44.19 78.41 -22.30
N PRO F 626 -45.04 79.42 -22.53
CA PRO F 626 -46.12 79.30 -23.52
C PRO F 626 -45.61 79.06 -24.93
N GLU F 627 -44.36 79.46 -25.18
CA GLU F 627 -43.76 79.28 -26.50
C GLU F 627 -43.30 77.86 -26.73
N VAL F 628 -42.61 77.28 -25.74
CA VAL F 628 -42.04 75.95 -25.88
C VAL F 628 -43.11 74.86 -25.89
N GLU F 629 -44.32 75.20 -25.46
CA GLU F 629 -45.40 74.23 -25.43
C GLU F 629 -45.98 74.01 -26.83
N ARG F 630 -46.31 75.10 -27.51
CA ARG F 630 -46.91 75.03 -28.83
C ARG F 630 -45.87 74.90 -29.94
N GLN F 631 -44.59 74.93 -29.57
CA GLN F 631 -43.53 74.75 -30.56
C GLN F 631 -43.20 73.27 -30.71
N GLN F 632 -43.50 72.49 -29.68
CA GLN F 632 -43.32 71.05 -29.73
C GLN F 632 -44.67 70.35 -29.82
N THR F 633 -45.73 71.15 -29.80
CA THR F 633 -47.07 70.62 -30.04
C THR F 633 -47.18 70.21 -31.50
N GLU F 634 -46.61 71.02 -32.38
CA GLU F 634 -46.57 70.72 -33.80
C GLU F 634 -45.51 69.65 -34.08
N LEU F 635 -44.50 69.59 -33.22
CA LEU F 635 -43.48 68.54 -33.30
C LEU F 635 -44.08 67.20 -32.92
N ARG F 636 -44.87 67.20 -31.86
CA ARG F 636 -45.56 65.99 -31.41
C ARG F 636 -46.48 65.44 -32.50
N HIS F 637 -47.14 66.35 -33.21
CA HIS F 637 -48.00 65.97 -34.33
C HIS F 637 -47.17 65.36 -35.46
N LYS F 638 -45.95 65.88 -35.64
CA LYS F 638 -45.04 65.39 -36.66
C LYS F 638 -44.50 64.01 -36.30
N ARG F 639 -44.18 63.83 -35.03
CA ARG F 639 -43.63 62.57 -34.53
C ARG F 639 -44.68 61.45 -34.56
N THR F 640 -45.87 61.76 -34.09
CA THR F 640 -46.94 60.76 -33.97
C THR F 640 -47.75 60.65 -35.26
N GLY F 641 -47.42 61.47 -36.25
CA GLY F 641 -48.11 61.43 -37.53
C GLY F 641 -49.52 62.00 -37.45
N GLY F 642 -49.70 63.01 -36.61
CA GLY F 642 -50.99 63.68 -36.50
C GLY F 642 -51.98 62.96 -35.62
N LYS F 643 -51.57 61.82 -35.08
CA LYS F 643 -52.45 61.02 -34.23
C LYS F 643 -52.53 61.62 -32.82
N HIS F 644 -51.47 62.29 -32.41
CA HIS F 644 -51.42 62.91 -31.08
C HIS F 644 -50.86 64.32 -31.16
N ARG G 31 2.05 7.68 71.43
CA ARG G 31 2.16 7.95 70.01
C ARG G 31 1.21 9.08 69.59
N PRO G 32 1.67 9.93 68.65
CA PRO G 32 0.87 11.03 68.10
C PRO G 32 -0.47 10.54 67.55
N PRO G 33 -1.59 11.03 68.13
CA PRO G 33 -2.93 10.56 67.78
C PRO G 33 -3.52 11.22 66.54
N LEU G 34 -4.33 10.46 65.82
CA LEU G 34 -5.10 11.00 64.70
C LEU G 34 -6.41 10.22 64.58
N PRO G 35 -7.53 10.93 64.41
CA PRO G 35 -8.85 10.30 64.39
C PRO G 35 -9.09 9.44 63.16
N THR G 36 -9.51 8.20 63.37
CA THR G 36 -9.86 7.32 62.28
C THR G 36 -11.14 7.81 61.61
N LEU G 37 -11.07 8.05 60.30
CA LEU G 37 -12.24 8.51 59.57
C LEU G 37 -13.22 7.37 59.35
N ASP G 38 -12.73 6.14 59.51
CA ASP G 38 -13.54 4.92 59.49
C ASP G 38 -14.52 4.86 58.34
N THR G 39 -14.00 4.83 57.11
CA THR G 39 -14.84 4.75 55.93
C THR G 39 -15.55 3.40 55.87
N PRO G 40 -16.89 3.42 56.00
CA PRO G 40 -17.69 2.18 55.99
C PRO G 40 -17.73 1.55 54.60
N SER G 41 -17.91 0.24 54.55
CA SER G 41 -17.95 -0.47 53.27
C SER G 41 -19.37 -0.92 52.92
N TRP G 42 -19.59 -1.20 51.65
CA TRP G 42 -20.90 -1.65 51.18
C TRP G 42 -21.21 -3.07 51.62
N ASN G 43 -22.49 -3.37 51.77
CA ASN G 43 -22.94 -4.75 51.92
C ASN G 43 -23.41 -5.23 50.55
N ALA G 44 -23.38 -6.54 50.33
CA ALA G 44 -23.77 -7.12 49.05
C ALA G 44 -25.18 -6.73 48.66
N ASN G 45 -26.05 -6.57 49.66
CA ASN G 45 -27.44 -6.19 49.42
C ASN G 45 -27.60 -4.67 49.31
N SER G 46 -26.87 -3.94 50.15
CA SER G 46 -26.95 -2.48 50.15
C SER G 46 -26.34 -1.90 48.88
N ALA G 47 -25.31 -2.57 48.36
CA ALA G 47 -24.67 -2.13 47.13
C ALA G 47 -25.59 -2.35 45.93
N VAL G 48 -26.20 -3.53 45.87
CA VAL G 48 -27.17 -3.84 44.82
C VAL G 48 -28.36 -2.90 44.89
N SER G 49 -28.80 -2.60 46.11
CA SER G 49 -29.94 -1.71 46.32
C SER G 49 -29.69 -0.32 45.74
N SER G 50 -28.46 0.17 45.85
CA SER G 50 -28.11 1.49 45.36
C SER G 50 -28.00 1.52 43.84
N ILE G 51 -27.41 0.47 43.27
CA ILE G 51 -27.26 0.38 41.83
C ILE G 51 -28.61 0.34 41.14
N ILE G 52 -29.56 -0.40 41.73
CA ILE G 52 -30.90 -0.51 41.19
C ILE G 52 -31.70 0.78 41.41
N TYR G 53 -31.52 1.39 42.58
CA TYR G 53 -32.20 2.64 42.89
C TYR G 53 -31.70 3.77 41.99
N GLU G 54 -30.41 3.72 41.65
CA GLU G 54 -29.83 4.69 40.72
C GLU G 54 -29.98 4.18 39.29
N THR G 55 -31.16 3.66 38.98
CA THR G 55 -31.43 3.00 37.72
C THR G 55 -32.93 2.98 37.45
N PRO G 56 -33.34 3.33 36.22
CA PRO G 56 -32.47 3.78 35.14
C PRO G 56 -32.67 5.25 34.77
N ALA G 57 -31.90 5.69 33.77
CA ALA G 57 -32.15 6.96 33.09
C ALA G 57 -32.26 6.67 31.60
N PRO G 58 -33.32 5.96 31.19
CA PRO G 58 -33.43 5.39 29.85
C PRO G 58 -33.66 6.43 28.76
N SER G 59 -33.16 6.14 27.57
CA SER G 59 -33.37 7.02 26.42
C SER G 59 -33.99 6.25 25.27
N ARG G 60 -35.20 5.76 25.47
CA ARG G 60 -35.96 5.10 24.41
C ARG G 60 -36.80 6.13 23.67
N GLN G 61 -36.12 7.08 23.03
CA GLN G 61 -36.79 8.19 22.36
C GLN G 61 -37.70 7.73 21.23
N PRO G 62 -38.78 8.49 20.98
CA PRO G 62 -39.69 8.20 19.86
C PRO G 62 -38.97 8.24 18.51
N ARG G 63 -38.03 9.17 18.38
CA ARG G 63 -37.24 9.31 17.16
C ARG G 63 -35.97 10.10 17.42
N LYS G 64 -34.91 9.77 16.67
CA LYS G 64 -33.63 10.47 16.80
C LYS G 64 -33.71 11.87 16.23
N GLN G 65 -32.60 12.59 16.29
CA GLN G 65 -32.50 13.90 15.63
C GLN G 65 -31.98 13.71 14.21
N HIS G 66 -32.84 13.97 13.23
CA HIS G 66 -32.47 13.79 11.84
C HIS G 66 -31.58 14.93 11.37
N VAL G 67 -30.51 14.59 10.66
CA VAL G 67 -29.56 15.59 10.18
C VAL G 67 -29.52 15.61 8.66
N LEU G 68 -29.74 16.80 8.09
CA LEU G 68 -29.67 16.98 6.64
C LEU G 68 -28.51 17.91 6.29
N ASN G 69 -27.90 17.68 5.13
CA ASN G 69 -26.79 18.50 4.67
C ASN G 69 -27.01 19.00 3.25
N CYS G 70 -27.34 20.27 3.12
CA CYS G 70 -27.65 20.85 1.82
C CYS G 70 -26.40 21.42 1.14
N LEU G 71 -26.08 20.90 -0.04
CA LEU G 71 -25.02 21.46 -0.86
C LEU G 71 -25.59 22.60 -1.68
N VAL G 72 -25.22 23.83 -1.34
CA VAL G 72 -25.89 25.01 -1.87
C VAL G 72 -24.96 25.94 -2.66
N GLN G 73 -25.44 26.41 -3.81
CA GLN G 73 -24.74 27.41 -4.59
C GLN G 73 -24.91 28.79 -3.96
N ASN G 74 -23.85 29.59 -3.95
CA ASN G 74 -23.89 30.91 -3.36
C ASN G 74 -24.53 31.95 -4.27
N GLU G 75 -25.75 32.37 -3.91
CA GLU G 75 -26.46 33.42 -4.63
C GLU G 75 -27.18 34.32 -3.62
N PRO G 76 -27.44 35.58 -4.00
CA PRO G 76 -28.13 36.53 -3.12
C PRO G 76 -29.48 36.02 -2.61
N GLY G 77 -29.70 36.11 -1.30
CA GLY G 77 -30.95 35.70 -0.70
C GLY G 77 -31.21 34.22 -0.81
N VAL G 78 -30.19 33.42 -0.56
CA VAL G 78 -30.32 31.97 -0.65
C VAL G 78 -30.60 31.36 0.72
N LEU G 79 -30.12 32.03 1.77
CA LEU G 79 -30.39 31.58 3.13
C LEU G 79 -31.85 31.85 3.49
N SER G 80 -32.40 32.91 2.93
CA SER G 80 -33.79 33.26 3.15
C SER G 80 -34.72 32.26 2.46
N ARG G 81 -34.25 31.70 1.35
CA ARG G 81 -35.04 30.72 0.60
C ARG G 81 -35.18 29.41 1.37
N VAL G 82 -34.05 28.85 1.79
CA VAL G 82 -34.05 27.58 2.50
C VAL G 82 -34.77 27.68 3.83
N SER G 83 -34.47 28.73 4.59
CA SER G 83 -35.10 28.97 5.88
C SER G 83 -36.58 29.31 5.72
N GLY G 84 -36.89 30.06 4.68
CA GLY G 84 -38.26 30.47 4.40
C GLY G 84 -39.14 29.31 3.99
N THR G 85 -38.58 28.40 3.22
CA THR G 85 -39.32 27.23 2.76
C THR G 85 -39.65 26.32 3.95
N LEU G 86 -38.71 26.21 4.87
CA LEU G 86 -38.91 25.41 6.08
C LEU G 86 -39.88 26.09 7.03
N ALA G 87 -40.00 27.40 6.91
CA ALA G 87 -40.89 28.17 7.76
C ALA G 87 -42.30 28.19 7.21
N ALA G 88 -42.41 28.09 5.89
CA ALA G 88 -43.70 28.08 5.21
C ALA G 88 -44.48 26.81 5.55
N ARG G 89 -43.74 25.73 5.81
CA ARG G 89 -44.36 24.46 6.16
C ARG G 89 -44.21 24.17 7.65
N GLY G 90 -44.94 23.17 8.13
CA GLY G 90 -44.94 22.84 9.54
C GLY G 90 -43.75 22.01 9.97
N PHE G 91 -42.55 22.41 9.55
CA PHE G 91 -41.33 21.70 9.90
C PHE G 91 -40.71 22.28 11.17
N ASN G 92 -40.65 21.46 12.21
CA ASN G 92 -40.07 21.89 13.48
C ASN G 92 -38.56 21.70 13.48
N ILE G 93 -37.84 22.68 12.95
CA ILE G 93 -36.38 22.62 12.88
C ILE G 93 -35.75 23.07 14.19
N ASP G 94 -34.59 22.50 14.52
CA ASP G 94 -33.89 22.83 15.74
C ASP G 94 -32.67 23.70 15.47
N SER G 95 -31.93 23.37 14.41
CA SER G 95 -30.72 24.10 14.07
C SER G 95 -30.55 24.26 12.56
N LEU G 96 -30.12 25.44 12.15
CA LEU G 96 -29.84 25.73 10.76
C LEU G 96 -28.67 26.70 10.66
N VAL G 97 -27.50 26.17 10.30
CA VAL G 97 -26.30 26.98 10.20
C VAL G 97 -25.59 26.76 8.86
N VAL G 98 -25.27 27.85 8.18
CA VAL G 98 -24.59 27.78 6.89
C VAL G 98 -23.08 27.75 7.06
N CYS G 99 -22.45 26.68 6.56
CA CYS G 99 -21.01 26.54 6.64
C CYS G 99 -20.37 26.75 5.28
N ASN G 100 -19.24 27.44 5.26
CA ASN G 100 -18.53 27.73 4.01
C ASN G 100 -17.45 26.70 3.71
N THR G 101 -17.43 26.21 2.47
CA THR G 101 -16.34 25.37 2.01
C THR G 101 -15.26 26.25 1.41
N GLU G 102 -14.09 25.68 1.16
CA GLU G 102 -13.02 26.42 0.52
C GLU G 102 -13.15 26.35 -1.00
N VAL G 103 -14.37 26.03 -1.45
CA VAL G 103 -14.69 26.02 -2.87
C VAL G 103 -15.48 27.28 -3.22
N LYS G 104 -15.12 27.91 -4.33
CA LYS G 104 -15.78 29.15 -4.75
C LYS G 104 -17.24 28.91 -5.09
N ASP G 105 -18.10 29.78 -4.55
CA ASP G 105 -19.55 29.73 -4.79
C ASP G 105 -20.16 28.39 -4.38
N LEU G 106 -19.77 27.90 -3.20
CA LEU G 106 -20.33 26.65 -2.67
C LEU G 106 -20.39 26.70 -1.15
N SER G 107 -21.54 26.32 -0.61
CA SER G 107 -21.75 26.34 0.84
C SER G 107 -22.45 25.09 1.32
N ARG G 108 -22.45 24.87 2.63
CA ARG G 108 -23.13 23.75 3.24
C ARG G 108 -24.12 24.23 4.30
N MET G 109 -25.28 23.59 4.36
CA MET G 109 -26.28 23.93 5.36
C MET G 109 -26.70 22.70 6.16
N THR G 110 -26.10 22.55 7.34
CA THR G 110 -26.45 21.44 8.23
C THR G 110 -27.74 21.73 8.98
N ILE G 111 -28.76 20.91 8.73
CA ILE G 111 -30.07 21.13 9.33
C ILE G 111 -30.45 20.01 10.29
N VAL G 112 -30.95 20.38 11.46
CA VAL G 112 -31.43 19.42 12.44
C VAL G 112 -32.88 19.69 12.79
N LEU G 113 -33.73 18.69 12.64
CA LEU G 113 -35.17 18.87 12.86
C LEU G 113 -35.82 17.64 13.48
N GLN G 114 -37.05 17.82 13.95
CA GLN G 114 -37.83 16.74 14.55
C GLN G 114 -38.85 16.18 13.57
N GLY G 115 -39.45 15.04 13.92
CA GLY G 115 -40.47 14.44 13.09
C GLY G 115 -40.19 12.99 12.74
N GLN G 116 -41.00 12.42 11.86
CA GLN G 116 -40.83 11.03 11.43
C GLN G 116 -40.08 10.95 10.10
N ASP G 117 -39.80 9.73 9.68
CA ASP G 117 -39.04 9.49 8.46
C ASP G 117 -39.78 10.00 7.22
N GLY G 118 -41.09 9.82 7.20
CA GLY G 118 -41.90 10.24 6.07
C GLY G 118 -41.99 11.75 5.92
N VAL G 119 -42.04 12.45 7.05
CA VAL G 119 -42.17 13.90 7.06
C VAL G 119 -40.88 14.58 6.62
N ILE G 120 -39.76 14.12 7.16
CA ILE G 120 -38.47 14.77 6.94
C ILE G 120 -37.88 14.44 5.57
N GLU G 121 -38.14 13.24 5.08
CA GLU G 121 -37.74 12.87 3.72
C GLU G 121 -38.45 13.77 2.71
N GLN G 122 -39.70 14.11 3.02
CA GLN G 122 -40.47 15.03 2.20
C GLN G 122 -39.88 16.42 2.30
N ALA G 123 -39.37 16.76 3.49
CA ALA G 123 -38.70 18.04 3.72
C ALA G 123 -37.39 18.10 2.94
N ARG G 124 -36.73 16.95 2.80
CA ARG G 124 -35.48 16.85 2.07
C ARG G 124 -35.70 17.12 0.59
N ARG G 125 -36.79 16.58 0.05
CA ARG G 125 -37.11 16.75 -1.36
C ARG G 125 -37.62 18.15 -1.66
N GLN G 126 -38.20 18.79 -0.65
CA GLN G 126 -38.68 20.16 -0.78
C GLN G 126 -37.52 21.13 -1.02
N ILE G 127 -36.47 20.96 -0.24
CA ILE G 127 -35.28 21.81 -0.36
C ILE G 127 -34.49 21.46 -1.62
N GLU G 128 -34.42 20.18 -1.94
CA GLU G 128 -33.61 19.71 -3.07
C GLU G 128 -34.17 20.18 -4.42
N ASP G 129 -35.46 20.49 -4.45
CA ASP G 129 -36.09 20.96 -5.69
C ASP G 129 -35.78 22.42 -5.95
N LEU G 130 -35.35 23.14 -4.91
CA LEU G 130 -34.99 24.54 -5.05
C LEU G 130 -33.82 24.71 -6.00
N VAL G 131 -33.88 25.75 -6.83
CA VAL G 131 -32.85 26.01 -7.84
C VAL G 131 -31.42 26.15 -7.30
N PRO G 132 -31.21 26.91 -6.19
CA PRO G 132 -29.82 27.13 -5.79
C PRO G 132 -29.09 25.88 -5.30
N VAL G 133 -29.78 24.95 -4.65
CA VAL G 133 -29.10 23.79 -4.07
C VAL G 133 -28.72 22.76 -5.13
N TYR G 134 -27.66 22.00 -4.85
CA TYR G 134 -27.21 20.93 -5.73
C TYR G 134 -27.84 19.61 -5.34
N ALA G 135 -27.71 19.27 -4.05
CA ALA G 135 -28.28 18.04 -3.51
C ALA G 135 -28.40 18.15 -2.00
N VAL G 136 -29.35 17.41 -1.43
CA VAL G 136 -29.54 17.40 0.01
C VAL G 136 -29.33 16.01 0.58
N LEU G 137 -28.22 15.81 1.28
CA LEU G 137 -27.88 14.51 1.84
C LEU G 137 -28.56 14.29 3.19
N ASP G 138 -28.68 13.02 3.58
CA ASP G 138 -29.27 12.67 4.87
C ASP G 138 -28.25 11.99 5.77
N TYR G 139 -27.93 12.62 6.89
CA TYR G 139 -26.94 12.09 7.82
C TYR G 139 -27.60 11.41 9.02
N THR G 140 -28.90 11.15 8.92
CA THR G 140 -29.65 10.56 10.02
C THR G 140 -29.14 9.16 10.37
N ASN G 141 -28.99 8.32 9.34
CA ASN G 141 -28.54 6.95 9.54
C ASN G 141 -27.10 6.75 9.10
N SER G 142 -26.25 7.73 9.40
CA SER G 142 -24.83 7.66 9.07
C SER G 142 -23.99 8.19 10.23
N GLU G 143 -22.79 7.63 10.38
CA GLU G 143 -21.89 8.06 11.44
C GLU G 143 -21.22 9.39 11.09
N ILE G 144 -21.58 10.43 11.83
CA ILE G 144 -21.04 11.76 11.60
C ILE G 144 -20.38 12.32 12.85
N ILE G 145 -19.70 13.45 12.71
CA ILE G 145 -19.08 14.11 13.85
C ILE G 145 -19.84 15.37 14.24
N LYS G 146 -20.79 15.22 15.13
CA LYS G 146 -21.60 16.33 15.61
C LYS G 146 -20.77 17.27 16.47
N ARG G 147 -20.88 18.57 16.22
CA ARG G 147 -20.09 19.55 16.96
C ARG G 147 -20.67 20.96 16.86
N GLU G 148 -20.55 21.71 17.95
CA GLU G 148 -20.99 23.09 17.98
C GLU G 148 -20.12 23.90 18.96
N LEU G 149 -19.79 25.13 18.57
CA LEU G 149 -18.95 25.99 19.40
C LEU G 149 -19.79 26.73 20.44
N VAL G 150 -19.24 26.90 21.64
CA VAL G 150 -19.92 27.63 22.69
C VAL G 150 -18.97 28.51 23.49
N MET G 151 -19.36 29.77 23.68
CA MET G 151 -18.60 30.70 24.51
C MET G 151 -19.45 31.22 25.65
N ALA G 152 -18.94 31.12 26.87
CA ALA G 152 -19.71 31.50 28.05
C ALA G 152 -18.91 32.40 28.99
N ARG G 153 -19.57 33.41 29.52
CA ARG G 153 -18.97 34.28 30.54
C ARG G 153 -19.49 33.89 31.92
N ILE G 154 -18.58 33.50 32.80
CA ILE G 154 -18.97 33.03 34.13
C ILE G 154 -18.32 33.89 35.22
N SER G 155 -19.12 34.27 36.21
CA SER G 155 -18.63 35.09 37.32
C SER G 155 -17.75 34.29 38.28
N LEU G 156 -16.71 34.93 38.79
CA LEU G 156 -15.80 34.28 39.73
C LEU G 156 -16.25 34.48 41.17
N LEU G 157 -17.22 35.38 41.37
CA LEU G 157 -17.76 35.64 42.70
C LEU G 157 -18.72 34.54 43.11
N GLY G 158 -19.22 34.61 44.34
CA GLY G 158 -20.07 33.58 44.90
C GLY G 158 -21.38 33.37 44.15
N THR G 159 -22.03 32.25 44.41
CA THR G 159 -23.32 31.95 43.78
C THR G 159 -24.42 32.83 44.36
N GLU G 160 -24.18 33.36 45.56
CA GLU G 160 -25.12 34.28 46.19
C GLU G 160 -25.01 35.66 45.57
N TYR G 161 -23.82 36.00 45.06
CA TYR G 161 -23.64 37.25 44.33
C TYR G 161 -24.40 37.17 43.02
N PHE G 162 -24.36 36.01 42.37
CA PHE G 162 -25.08 35.79 41.13
C PHE G 162 -26.59 35.84 41.39
N GLU G 163 -27.00 35.34 42.54
CA GLU G 163 -28.40 35.38 42.95
C GLU G 163 -28.82 36.82 43.22
N ASP G 164 -27.84 37.66 43.57
CA ASP G 164 -28.09 39.08 43.78
C ASP G 164 -28.09 39.83 42.46
N LEU G 165 -27.15 39.50 41.59
CA LEU G 165 -27.05 40.13 40.28
C LEU G 165 -28.23 39.76 39.38
N LEU G 166 -28.73 38.54 39.56
CA LEU G 166 -29.89 38.07 38.81
C LEU G 166 -31.12 38.89 39.16
N LEU G 167 -31.31 39.12 40.46
CA LEU G 167 -32.48 39.85 40.96
C LEU G 167 -32.43 41.32 40.56
N HIS G 168 -31.22 41.87 40.51
CA HIS G 168 -31.03 43.30 40.22
C HIS G 168 -31.51 43.67 38.82
N HIS G 169 -31.23 42.82 37.85
CA HIS G 169 -31.60 43.09 36.47
C HIS G 169 -33.07 42.72 36.21
N HIS G 170 -33.63 41.89 37.07
CA HIS G 170 -35.05 41.57 36.99
C HIS G 170 -35.88 42.68 37.58
N THR G 171 -35.31 43.36 38.59
CA THR G 171 -35.94 44.52 39.19
C THR G 171 -35.93 45.67 38.19
N SER G 172 -34.94 45.67 37.31
CA SER G 172 -34.83 46.67 36.26
C SER G 172 -35.74 46.32 35.07
N THR G 173 -36.56 45.29 35.25
CA THR G 173 -37.51 44.87 34.23
C THR G 173 -38.95 44.95 34.75
N ASN G 174 -39.23 44.17 35.79
CA ASN G 174 -40.56 44.17 36.40
C ASN G 174 -40.82 45.50 37.12
N ALA G 175 -42.01 46.06 36.90
CA ALA G 175 -42.36 47.37 37.44
C ALA G 175 -42.35 47.39 38.96
N GLY G 176 -41.65 48.38 39.53
CA GLY G 176 -41.60 48.55 40.96
C GLY G 176 -40.68 47.57 41.67
N ALA G 177 -40.06 48.02 42.76
CA ALA G 177 -39.19 47.16 43.55
C ALA G 177 -40.02 46.14 44.33
N ALA G 178 -40.82 46.62 45.27
CA ALA G 178 -41.72 45.79 46.06
C ALA G 178 -41.00 44.66 46.79
N ASP G 179 -41.14 43.45 46.28
CA ASP G 179 -40.55 42.26 46.91
C ASP G 179 -39.04 42.22 46.73
N SER G 180 -38.52 43.09 45.87
CA SER G 180 -37.09 43.16 45.59
C SER G 180 -36.29 43.51 46.84
N GLN G 181 -36.77 44.51 47.58
CA GLN G 181 -36.07 44.96 48.78
C GLN G 181 -36.22 43.97 49.93
N GLU G 182 -37.17 43.05 49.81
CA GLU G 182 -37.42 42.07 50.86
C GLU G 182 -36.55 40.83 50.69
N LEU G 183 -36.13 40.57 49.45
CA LEU G 183 -35.34 39.38 49.15
C LEU G 183 -33.86 39.72 49.03
N VAL G 184 -33.55 40.94 48.60
CA VAL G 184 -32.17 41.36 48.46
C VAL G 184 -31.51 41.51 49.83
N ALA G 185 -32.33 41.70 50.86
CA ALA G 185 -31.83 41.79 52.22
C ALA G 185 -31.47 40.40 52.72
N GLU G 186 -32.25 39.41 52.29
CA GLU G 186 -32.01 38.02 52.67
C GLU G 186 -30.76 37.47 52.00
N ILE G 187 -30.52 37.90 50.76
CA ILE G 187 -29.37 37.43 49.99
C ILE G 187 -28.07 38.07 50.47
N ARG G 188 -28.09 39.39 50.67
CA ARG G 188 -26.89 40.13 51.02
C ARG G 188 -26.44 39.92 52.47
N GLU G 189 -27.15 39.07 53.20
CA GLU G 189 -26.75 38.77 54.58
C GLU G 189 -26.28 37.34 54.71
N LYS G 190 -26.15 36.64 53.59
CA LYS G 190 -25.63 35.28 53.58
C LYS G 190 -24.15 35.28 53.93
N GLN G 191 -23.65 34.12 54.36
CA GLN G 191 -22.29 34.00 54.86
C GLN G 191 -21.24 34.26 53.79
N PHE G 192 -21.40 33.65 52.62
CA PHE G 192 -20.38 33.72 51.58
C PHE G 192 -20.70 34.76 50.51
N HIS G 193 -21.39 35.82 50.88
CA HIS G 193 -21.59 36.96 49.98
C HIS G 193 -20.39 37.90 50.10
N PRO G 194 -19.86 38.35 48.96
CA PRO G 194 -18.65 39.20 48.91
C PRO G 194 -18.78 40.52 49.67
N ALA G 195 -19.97 40.81 50.20
CA ALA G 195 -20.18 42.01 51.01
C ALA G 195 -20.04 41.68 52.50
N ASN G 196 -19.79 40.41 52.80
CA ASN G 196 -19.63 39.97 54.19
C ASN G 196 -18.29 39.28 54.42
N LEU G 197 -17.37 39.46 53.48
CA LEU G 197 -16.06 38.82 53.56
C LEU G 197 -14.94 39.84 53.34
N PRO G 198 -13.78 39.63 54.01
CA PRO G 198 -12.64 40.51 53.81
C PRO G 198 -12.08 40.44 52.39
N ALA G 199 -11.28 41.41 52.01
CA ALA G 199 -10.78 41.53 50.63
C ALA G 199 -9.91 40.35 50.23
N SER G 200 -9.19 39.77 51.18
CA SER G 200 -8.31 38.64 50.90
C SER G 200 -9.11 37.35 50.74
N GLU G 201 -10.27 37.29 51.38
CA GLU G 201 -11.11 36.10 51.33
C GLU G 201 -11.81 35.95 49.99
N VAL G 202 -12.40 37.05 49.51
CA VAL G 202 -13.08 37.04 48.22
C VAL G 202 -12.08 36.80 47.08
N LEU G 203 -10.89 37.36 47.22
CA LEU G 203 -9.82 37.15 46.25
C LEU G 203 -9.47 35.67 46.13
N ARG G 204 -9.29 35.01 47.27
CA ARG G 204 -8.98 33.58 47.29
C ARG G 204 -10.18 32.75 46.84
N LEU G 205 -11.36 33.36 46.89
CA LEU G 205 -12.58 32.67 46.46
C LEU G 205 -12.80 32.84 44.96
N LYS G 206 -12.32 33.95 44.41
CA LYS G 206 -12.43 34.18 42.97
C LYS G 206 -11.51 33.25 42.20
N HIS G 207 -10.30 33.05 42.71
CA HIS G 207 -9.33 32.18 42.05
C HIS G 207 -9.65 30.71 42.28
N GLU G 208 -10.29 30.41 43.41
CA GLU G 208 -10.74 29.04 43.67
C GLU G 208 -11.87 28.68 42.71
N HIS G 209 -12.80 29.62 42.53
CA HIS G 209 -13.87 29.45 41.57
C HIS G 209 -13.33 29.40 40.15
N LEU G 210 -12.30 30.21 39.89
CA LEU G 210 -11.65 30.22 38.59
C LEU G 210 -11.00 28.87 38.30
N ASN G 211 -10.31 28.34 39.31
CA ASN G 211 -9.65 27.04 39.16
C ASN G 211 -10.66 25.92 38.93
N ASP G 212 -11.77 25.96 39.67
CA ASP G 212 -12.81 24.95 39.54
C ASP G 212 -13.45 24.96 38.15
N ILE G 213 -13.45 26.14 37.52
CA ILE G 213 -14.01 26.29 36.18
C ILE G 213 -12.98 25.85 35.13
N THR G 214 -11.73 26.25 35.32
CA THR G 214 -10.66 25.90 34.38
C THR G 214 -10.46 24.40 34.31
N ASN G 215 -10.64 23.71 35.44
CA ASN G 215 -10.50 22.26 35.46
C ASN G 215 -11.71 21.57 34.85
N LEU G 216 -12.85 22.25 34.87
CA LEU G 216 -14.04 21.73 34.21
C LEU G 216 -13.90 21.83 32.70
N THR G 217 -13.39 22.97 32.23
CA THR G 217 -13.20 23.18 30.80
C THR G 217 -11.91 22.52 30.31
N ASN G 218 -11.18 21.88 31.22
CA ASN G 218 -10.02 21.09 30.85
C ASN G 218 -10.40 19.62 30.64
N ASN G 219 -11.29 19.13 31.49
CA ASN G 219 -11.82 17.78 31.35
C ASN G 219 -12.55 17.65 30.02
N PHE G 220 -13.35 18.67 29.69
CA PHE G 220 -13.91 18.81 28.36
C PHE G 220 -12.83 19.41 27.46
N GLY G 221 -12.95 19.23 26.16
CA GLY G 221 -11.96 19.77 25.23
C GLY G 221 -12.04 21.27 25.07
N GLY G 222 -12.06 21.98 26.20
CA GLY G 222 -12.29 23.42 26.19
C GLY G 222 -11.04 24.24 26.40
N ARG G 223 -11.25 25.52 26.68
CA ARG G 223 -10.15 26.49 26.76
C ARG G 223 -10.62 27.82 27.34
N VAL G 224 -9.90 28.33 28.34
CA VAL G 224 -10.20 29.64 28.91
C VAL G 224 -9.47 30.74 28.14
N VAL G 225 -10.24 31.65 27.55
CA VAL G 225 -9.67 32.67 26.66
C VAL G 225 -9.60 34.05 27.30
N ASP G 226 -10.42 34.29 28.31
CA ASP G 226 -10.43 35.59 28.97
C ASP G 226 -10.58 35.47 30.48
N ILE G 227 -9.82 36.28 31.21
CA ILE G 227 -9.92 36.33 32.67
C ILE G 227 -10.03 37.77 33.15
N SER G 228 -11.18 38.11 33.75
CA SER G 228 -11.39 39.45 34.26
C SER G 228 -11.25 39.50 35.78
N GLU G 229 -11.63 40.62 36.37
CA GLU G 229 -11.52 40.81 37.81
C GLU G 229 -12.64 40.10 38.56
N THR G 230 -13.78 39.92 37.89
CA THR G 230 -14.94 39.30 38.51
C THR G 230 -15.60 38.26 37.61
N SER G 231 -14.96 37.94 36.49
CA SER G 231 -15.51 36.97 35.55
C SER G 231 -14.44 36.36 34.66
N CYS G 232 -14.84 35.38 33.86
CA CYS G 232 -13.95 34.73 32.90
C CYS G 232 -14.74 34.16 31.73
N ILE G 233 -14.08 34.04 30.59
CA ILE G 233 -14.73 33.50 29.39
C ILE G 233 -14.13 32.16 28.98
N VAL G 234 -14.97 31.14 28.90
CA VAL G 234 -14.52 29.81 28.48
C VAL G 234 -14.92 29.54 27.03
N GLU G 235 -14.18 28.66 26.38
CA GLU G 235 -14.46 28.27 25.00
C GLU G 235 -14.46 26.76 24.86
N LEU G 236 -15.50 26.21 24.25
CA LEU G 236 -15.63 24.77 24.11
C LEU G 236 -16.25 24.37 22.77
N SER G 237 -15.72 23.31 22.16
CA SER G 237 -16.28 22.78 20.93
C SER G 237 -16.39 21.26 20.99
N ALA G 238 -17.61 20.76 21.06
CA ALA G 238 -17.86 19.33 21.12
C ALA G 238 -19.28 19.02 20.67
N LYS G 239 -19.67 17.75 20.77
CA LYS G 239 -21.02 17.34 20.42
C LYS G 239 -22.02 17.99 21.38
N PRO G 240 -23.23 18.30 20.89
CA PRO G 240 -24.28 18.96 21.69
C PRO G 240 -24.57 18.26 23.03
N THR G 241 -24.25 16.98 23.12
CA THR G 241 -24.42 16.24 24.36
C THR G 241 -23.47 16.75 25.44
N ARG G 242 -22.20 16.90 25.09
CA ARG G 242 -21.19 17.40 26.03
C ARG G 242 -21.39 18.89 26.32
N ILE G 243 -21.78 19.63 25.30
CA ILE G 243 -22.03 21.07 25.44
C ILE G 243 -23.13 21.33 26.45
N SER G 244 -24.23 20.59 26.33
CA SER G 244 -25.35 20.71 27.26
C SER G 244 -24.94 20.26 28.66
N ALA G 245 -24.07 19.26 28.72
CA ALA G 245 -23.60 18.73 30.00
C ALA G 245 -22.63 19.70 30.67
N PHE G 246 -21.79 20.34 29.86
CA PHE G 246 -20.79 21.28 30.37
C PHE G 246 -21.45 22.51 30.98
N LEU G 247 -22.43 23.06 30.27
CA LEU G 247 -23.12 24.25 30.73
C LEU G 247 -23.93 23.98 32.00
N LYS G 248 -24.36 22.73 32.16
CA LYS G 248 -25.11 22.32 33.34
C LYS G 248 -24.19 22.26 34.56
N LEU G 249 -22.90 22.03 34.31
CA LEU G 249 -21.92 21.91 35.38
C LEU G 249 -21.37 23.25 35.83
N VAL G 250 -21.29 24.20 34.90
CA VAL G 250 -20.80 25.54 35.23
C VAL G 250 -21.95 26.46 35.62
N GLU G 251 -23.17 25.93 35.53
CA GLU G 251 -24.38 26.67 35.89
C GLU G 251 -24.40 27.17 37.35
N PRO G 252 -24.00 26.32 38.34
CA PRO G 252 -24.04 26.82 39.72
C PRO G 252 -23.19 28.06 39.97
N PHE G 253 -22.10 28.21 39.21
CA PHE G 253 -21.21 29.35 39.38
C PHE G 253 -21.85 30.64 38.90
N GLY G 254 -22.78 30.51 37.95
CA GLY G 254 -23.48 31.66 37.42
C GLY G 254 -23.02 32.05 36.04
N VAL G 255 -23.80 31.67 35.03
CA VAL G 255 -23.47 32.00 33.65
C VAL G 255 -24.00 33.38 33.27
N LEU G 256 -23.09 34.33 33.11
CA LEU G 256 -23.46 35.71 32.80
C LEU G 256 -23.89 35.86 31.34
N GLU G 257 -23.11 35.27 30.44
CA GLU G 257 -23.44 35.25 29.01
C GLU G 257 -23.19 33.88 28.42
N CYS G 258 -23.89 33.57 27.34
CA CYS G 258 -23.68 32.30 26.63
C CYS G 258 -23.99 32.46 25.14
N ALA G 259 -23.32 31.64 24.32
CA ALA G 259 -23.51 31.69 22.89
C ALA G 259 -23.19 30.34 22.26
N ARG G 260 -24.23 29.58 21.92
CA ARG G 260 -24.05 28.26 21.34
C ARG G 260 -24.25 28.28 19.83
N SER G 261 -23.37 27.59 19.10
CA SER G 261 -23.52 27.46 17.66
C SER G 261 -24.71 26.57 17.33
N GLY G 262 -25.03 26.45 16.05
CA GLY G 262 -26.08 25.54 15.61
C GLY G 262 -25.60 24.11 15.77
N MET G 263 -25.23 23.50 14.65
CA MET G 263 -24.57 22.20 14.67
C MET G 263 -23.89 21.93 13.34
N MET G 264 -22.61 21.58 13.40
CA MET G 264 -21.87 21.21 12.20
C MET G 264 -21.69 19.70 12.16
N ALA G 265 -21.39 19.17 10.98
CA ALA G 265 -21.28 17.72 10.83
C ALA G 265 -20.34 17.32 9.70
N LEU G 266 -19.50 16.32 9.99
CA LEU G 266 -18.69 15.67 8.96
C LEU G 266 -18.82 14.16 9.10
N PRO G 267 -19.14 13.48 7.99
CA PRO G 267 -19.31 12.02 8.01
C PRO G 267 -18.00 11.28 8.26
N ARG G 268 -18.07 10.22 9.05
CA ARG G 268 -16.91 9.37 9.29
C ARG G 268 -17.28 7.91 9.06
N THR G 269 -16.36 7.15 8.48
CA THR G 269 -16.60 5.74 8.20
C THR G 269 -16.03 4.85 9.30
N PRO G 270 -16.90 4.06 9.95
CA PRO G 270 -16.50 3.12 11.01
C PRO G 270 -15.42 2.15 10.54
N LEU G 271 -14.22 2.29 11.10
CA LEU G 271 -13.09 1.46 10.71
C LEU G 271 -13.07 0.14 11.48
N LYS G 272 -13.29 -0.96 10.77
CA LYS G 272 -13.32 -2.28 11.39
C LYS G 272 -12.09 -3.09 11.01
N THR G 273 -11.67 -3.99 11.90
CA THR G 273 -10.46 -4.77 11.69
C THR G 273 -10.62 -5.80 10.57
N SER G 274 -9.51 -6.46 10.24
CA SER G 274 -9.51 -7.48 9.19
C SER G 274 -10.13 -8.78 9.70
N THR G 275 -10.00 -9.03 10.99
CA THR G 275 -10.60 -10.20 11.61
C THR G 275 -12.10 -10.02 11.69
N GLU G 276 -12.53 -8.75 11.76
CA GLU G 276 -13.95 -8.42 11.81
C GLU G 276 -14.56 -8.38 10.41
N GLU G 277 -13.89 -9.03 9.45
CA GLU G 277 -14.44 -9.24 8.13
C GLU G 277 -15.20 -10.56 8.11
N ALA G 278 -15.39 -11.13 9.28
CA ALA G 278 -16.22 -12.32 9.43
C ALA G 278 -17.69 -11.93 9.28
N ALA G 279 -17.95 -10.64 9.43
CA ALA G 279 -19.27 -10.10 9.16
C ALA G 279 -19.57 -10.19 7.66
N ASP G 280 -18.52 -10.20 6.87
CA ASP G 280 -18.63 -10.41 5.43
C ASP G 280 -18.77 -11.90 5.14
N GLU G 281 -18.25 -12.72 6.06
CA GLU G 281 -18.33 -14.17 5.93
C GLU G 281 -19.71 -14.65 6.36
N ASP G 282 -20.49 -13.75 6.95
CA ASP G 282 -21.86 -14.05 7.37
C ASP G 282 -22.70 -14.46 6.16
N GLU G 283 -22.55 -13.71 5.07
CA GLU G 283 -23.20 -13.96 3.77
C GLU G 283 -24.62 -14.53 3.88
N THR H 30 44.47 10.56 10.76
CA THR H 30 43.31 11.14 10.10
C THR H 30 42.08 11.08 11.00
N ARG H 31 41.69 12.23 11.54
CA ARG H 31 40.52 12.33 12.41
C ARG H 31 39.23 12.10 11.60
N PRO H 32 38.18 11.61 12.28
CA PRO H 32 36.87 11.41 11.66
C PRO H 32 36.35 12.67 10.95
N PRO H 33 36.27 12.62 9.61
CA PRO H 33 35.92 13.78 8.78
C PRO H 33 34.43 14.08 8.75
N LEU H 34 34.09 15.36 8.66
CA LEU H 34 32.71 15.79 8.52
C LEU H 34 32.65 17.15 7.82
N PRO H 35 31.86 17.23 6.73
CA PRO H 35 31.76 18.43 5.90
C PRO H 35 31.22 19.65 6.64
N THR H 36 31.98 20.75 6.61
CA THR H 36 31.53 22.00 7.19
C THR H 36 30.39 22.58 6.37
N LEU H 37 29.25 22.81 7.01
CA LEU H 37 28.06 23.30 6.32
C LEU H 37 28.31 24.70 5.78
N ASP H 38 29.12 25.48 6.48
CA ASP H 38 29.50 26.83 6.08
C ASP H 38 28.29 27.71 5.81
N THR H 39 27.55 28.04 6.88
CA THR H 39 26.39 28.90 6.76
C THR H 39 26.81 30.34 6.47
N PRO H 40 26.36 30.88 5.34
CA PRO H 40 26.67 32.27 4.98
C PRO H 40 26.03 33.26 5.95
N SER H 41 26.70 34.38 6.20
CA SER H 41 26.19 35.38 7.13
C SER H 41 25.96 36.72 6.43
N TRP H 42 24.92 37.42 6.87
CA TRP H 42 24.58 38.72 6.30
C TRP H 42 25.62 39.79 6.67
N ASN H 43 25.64 40.86 5.90
CA ASN H 43 26.27 42.10 6.34
C ASN H 43 25.15 43.12 6.56
N ALA H 44 25.48 44.25 7.16
CA ALA H 44 24.47 45.25 7.49
C ALA H 44 23.72 45.72 6.24
N ASN H 45 24.40 45.71 5.11
CA ASN H 45 23.81 46.14 3.85
C ASN H 45 22.76 45.18 3.31
N SER H 46 23.16 43.91 3.15
CA SER H 46 22.26 42.91 2.59
C SER H 46 21.11 42.59 3.54
N ALA H 47 21.38 42.67 4.84
CA ALA H 47 20.36 42.40 5.85
C ALA H 47 19.25 43.44 5.80
N VAL H 48 19.62 44.69 5.59
CA VAL H 48 18.65 45.77 5.44
C VAL H 48 17.82 45.58 4.17
N SER H 49 18.50 45.34 3.05
CA SER H 49 17.84 45.14 1.77
C SER H 49 16.88 43.96 1.80
N SER H 50 17.20 42.97 2.65
CA SER H 50 16.33 41.82 2.82
C SER H 50 15.07 42.20 3.60
N ILE H 51 15.25 42.94 4.70
CA ILE H 51 14.13 43.38 5.51
C ILE H 51 13.28 44.39 4.75
N ILE H 52 13.94 45.29 4.02
CA ILE H 52 13.25 46.28 3.20
C ILE H 52 12.36 45.61 2.14
N TYR H 53 12.94 44.65 1.42
CA TYR H 53 12.24 43.98 0.33
C TYR H 53 11.10 43.08 0.83
N GLU H 54 11.35 42.33 1.89
CA GLU H 54 10.39 41.34 2.35
C GLU H 54 9.26 41.96 3.18
N THR H 55 9.49 43.16 3.70
CA THR H 55 8.45 43.86 4.46
C THR H 55 7.34 44.33 3.54
N PRO H 56 6.09 43.94 3.85
CA PRO H 56 4.93 44.36 3.07
C PRO H 56 4.74 45.88 3.10
N ALA H 57 5.50 46.58 2.27
CA ALA H 57 5.47 48.04 2.24
C ALA H 57 4.11 48.62 1.85
N PRO H 58 3.47 48.10 0.78
CA PRO H 58 2.15 48.67 0.49
C PRO H 58 1.07 48.16 1.44
N SER H 59 1.39 47.10 2.19
CA SER H 59 0.43 46.44 3.07
C SER H 59 -0.82 46.02 2.31
N ARG H 60 -1.97 46.54 2.73
CA ARG H 60 -3.24 46.25 2.08
C ARG H 60 -4.09 47.51 1.94
N GLN H 61 -5.09 47.45 1.07
CA GLN H 61 -6.11 48.50 1.01
C GLN H 61 -7.01 48.34 2.23
N PRO H 62 -7.73 49.43 2.62
CA PRO H 62 -8.64 49.38 3.77
C PRO H 62 -9.54 48.16 3.79
N ARG H 63 -9.23 47.23 4.69
CA ARG H 63 -9.92 45.94 4.77
C ARG H 63 -10.95 45.94 5.90
N LYS H 64 -10.81 46.90 6.82
CA LYS H 64 -11.59 46.95 8.06
C LYS H 64 -13.06 46.58 7.91
N GLN H 65 -13.48 45.56 8.65
CA GLN H 65 -14.86 45.10 8.65
C GLN H 65 -15.56 45.48 9.94
N HIS H 66 -16.88 45.62 9.88
CA HIS H 66 -17.66 45.95 11.06
C HIS H 66 -18.45 44.74 11.55
N VAL H 67 -18.53 44.58 12.86
CA VAL H 67 -19.30 43.47 13.44
C VAL H 67 -20.45 44.00 14.29
N LEU H 68 -21.57 43.27 14.26
CA LEU H 68 -22.75 43.65 15.02
C LEU H 68 -23.25 42.49 15.86
N ASN H 69 -23.94 42.79 16.95
CA ASN H 69 -24.47 41.76 17.83
C ASN H 69 -25.95 41.96 18.09
N CYS H 70 -26.79 41.29 17.30
CA CYS H 70 -28.23 41.44 17.39
C CYS H 70 -28.84 40.53 18.45
N LEU H 71 -29.55 41.11 19.40
CA LEU H 71 -30.25 40.35 20.43
C LEU H 71 -31.74 40.26 20.09
N VAL H 72 -32.14 39.14 19.50
CA VAL H 72 -33.51 38.99 19.02
C VAL H 72 -34.32 38.00 19.85
N GLN H 73 -35.63 38.08 19.73
CA GLN H 73 -36.53 37.12 20.37
C GLN H 73 -36.81 35.97 19.42
N ASN H 74 -36.76 34.74 19.93
CA ASN H 74 -36.97 33.57 19.10
C ASN H 74 -38.46 33.36 18.76
N GLU H 75 -38.88 33.90 17.62
CA GLU H 75 -40.25 33.76 17.15
C GLU H 75 -40.26 32.93 15.86
N PRO H 76 -41.39 32.27 15.55
CA PRO H 76 -41.56 31.39 14.39
C PRO H 76 -40.93 31.90 13.08
N GLY H 77 -40.81 33.22 12.93
CA GLY H 77 -40.17 33.78 11.75
C GLY H 77 -39.33 34.99 12.09
N VAL H 78 -38.11 34.76 12.57
CA VAL H 78 -37.24 35.84 12.99
C VAL H 78 -35.97 35.91 12.15
N LEU H 79 -35.43 34.74 11.80
CA LEU H 79 -34.21 34.67 10.99
C LEU H 79 -34.42 35.26 9.61
N SER H 80 -35.57 34.97 9.01
CA SER H 80 -35.89 35.44 7.68
C SER H 80 -36.07 36.95 7.63
N ARG H 81 -36.43 37.55 8.76
CA ARG H 81 -36.63 38.99 8.84
C ARG H 81 -35.33 39.76 8.68
N VAL H 82 -34.46 39.63 9.66
CA VAL H 82 -33.19 40.35 9.69
C VAL H 82 -32.31 40.02 8.48
N SER H 83 -32.21 38.74 8.14
CA SER H 83 -31.42 38.30 7.01
C SER H 83 -32.03 38.82 5.70
N GLY H 84 -33.36 38.88 5.66
CA GLY H 84 -34.07 39.35 4.48
C GLY H 84 -34.06 40.87 4.38
N THR H 85 -34.10 41.54 5.54
CA THR H 85 -34.05 42.99 5.59
C THR H 85 -32.73 43.51 5.06
N LEU H 86 -31.63 42.90 5.50
CA LEU H 86 -30.29 43.26 5.05
C LEU H 86 -30.14 43.03 3.54
N ALA H 87 -30.83 42.02 3.03
CA ALA H 87 -30.78 41.71 1.61
C ALA H 87 -31.65 42.67 0.82
N ALA H 88 -32.72 43.16 1.45
CA ALA H 88 -33.61 44.13 0.82
C ALA H 88 -32.87 45.43 0.53
N ARG H 89 -31.89 45.75 1.37
CA ARG H 89 -31.05 46.91 1.16
C ARG H 89 -29.79 46.50 0.40
N GLY H 90 -28.90 47.45 0.14
CA GLY H 90 -27.68 47.17 -0.57
C GLY H 90 -26.52 46.85 0.37
N PHE H 91 -26.75 45.93 1.29
CA PHE H 91 -25.75 45.57 2.28
C PHE H 91 -24.99 44.30 1.93
N ASN H 92 -23.67 44.38 1.95
CA ASN H 92 -22.83 43.20 1.74
C ASN H 92 -22.53 42.50 3.06
N ILE H 93 -23.13 41.32 3.24
CA ILE H 93 -22.96 40.57 4.47
C ILE H 93 -21.96 39.43 4.30
N ASP H 94 -20.89 39.45 5.09
CA ASP H 94 -19.87 38.42 5.02
C ASP H 94 -20.30 37.16 5.73
N SER H 95 -20.86 37.32 6.94
CA SER H 95 -21.36 36.17 7.70
C SER H 95 -22.49 36.56 8.63
N LEU H 96 -23.32 35.59 8.98
CA LEU H 96 -24.45 35.81 9.88
C LEU H 96 -24.82 34.51 10.56
N VAL H 97 -24.56 34.42 11.87
CA VAL H 97 -24.83 33.19 12.61
C VAL H 97 -25.73 33.45 13.82
N VAL H 98 -26.69 32.55 14.03
CA VAL H 98 -27.60 32.65 15.17
C VAL H 98 -27.10 31.80 16.33
N CYS H 99 -26.89 32.44 17.47
CA CYS H 99 -26.38 31.74 18.64
C CYS H 99 -27.39 31.71 19.78
N ASN H 100 -27.72 30.51 20.25
CA ASN H 100 -28.58 30.35 21.42
C ASN H 100 -27.82 30.74 22.68
N THR H 101 -28.51 31.42 23.59
CA THR H 101 -27.85 31.96 24.79
C THR H 101 -28.34 31.29 26.08
N GLU H 102 -28.86 30.07 25.95
CA GLU H 102 -29.36 29.31 27.10
C GLU H 102 -30.46 30.04 27.87
N VAL H 103 -31.11 30.98 27.19
CA VAL H 103 -32.24 31.70 27.76
C VAL H 103 -33.47 31.48 26.89
N LYS H 104 -34.60 31.21 27.53
CA LYS H 104 -35.83 30.88 26.81
C LYS H 104 -36.26 32.00 25.86
N ASP H 105 -36.40 31.66 24.58
CA ASP H 105 -36.84 32.60 23.55
C ASP H 105 -35.93 33.82 23.44
N LEU H 106 -34.62 33.58 23.42
CA LEU H 106 -33.65 34.65 23.21
C LEU H 106 -32.47 34.14 22.39
N SER H 107 -32.09 34.91 21.37
CA SER H 107 -31.01 34.52 20.48
C SER H 107 -30.06 35.67 20.19
N ARG H 108 -28.76 35.37 20.12
CA ARG H 108 -27.75 36.36 19.79
C ARG H 108 -27.25 36.14 18.37
N MET H 109 -27.38 37.17 17.54
CA MET H 109 -26.94 37.08 16.15
C MET H 109 -25.70 37.93 15.90
N THR H 110 -24.69 37.33 15.29
CA THR H 110 -23.44 38.03 14.98
C THR H 110 -23.34 38.31 13.48
N ILE H 111 -23.40 39.58 13.11
CA ILE H 111 -23.36 39.98 11.71
C ILE H 111 -22.04 40.65 11.34
N VAL H 112 -21.43 40.18 10.26
CA VAL H 112 -20.17 40.76 9.77
C VAL H 112 -20.39 41.41 8.41
N LEU H 113 -20.10 42.70 8.32
CA LEU H 113 -20.29 43.46 7.08
C LEU H 113 -19.21 44.51 6.88
N GLN H 114 -19.04 44.94 5.63
CA GLN H 114 -18.06 45.96 5.29
C GLN H 114 -18.72 47.28 4.94
N GLY H 115 -17.91 48.29 4.63
CA GLY H 115 -18.40 49.61 4.30
C GLY H 115 -17.80 50.66 5.21
N GLN H 116 -18.47 51.80 5.32
CA GLN H 116 -18.01 52.87 6.20
C GLN H 116 -19.01 53.13 7.31
N ASP H 117 -18.56 53.85 8.35
CA ASP H 117 -19.34 54.05 9.58
C ASP H 117 -20.75 54.57 9.33
N GLY H 118 -20.91 55.40 8.30
CA GLY H 118 -22.21 55.96 7.98
C GLY H 118 -23.18 54.91 7.48
N VAL H 119 -22.68 53.98 6.67
CA VAL H 119 -23.51 52.93 6.10
C VAL H 119 -23.81 51.84 7.12
N ILE H 120 -22.81 51.51 7.92
CA ILE H 120 -22.94 50.47 8.94
C ILE H 120 -23.93 50.88 10.02
N GLU H 121 -23.84 52.13 10.47
CA GLU H 121 -24.74 52.65 11.49
C GLU H 121 -26.18 52.64 10.99
N GLN H 122 -26.36 52.88 9.70
CA GLN H 122 -27.68 52.80 9.08
C GLN H 122 -28.23 51.38 9.18
N ALA H 123 -27.38 50.40 8.93
CA ALA H 123 -27.76 49.00 9.05
C ALA H 123 -28.00 48.65 10.51
N ARG H 124 -27.24 49.28 11.40
CA ARG H 124 -27.39 49.06 12.84
C ARG H 124 -28.66 49.75 13.34
N ARG H 125 -28.97 50.91 12.76
CA ARG H 125 -30.18 51.63 13.11
C ARG H 125 -31.39 50.87 12.58
N GLN H 126 -31.19 50.20 11.46
CA GLN H 126 -32.17 49.23 10.96
C GLN H 126 -32.09 48.00 11.86
N ILE H 127 -32.88 46.98 11.55
CA ILE H 127 -32.91 45.74 12.34
C ILE H 127 -33.34 45.97 13.80
N GLU H 128 -32.74 46.96 14.45
CA GLU H 128 -33.10 47.32 15.82
C GLU H 128 -34.56 47.78 15.87
N ASP H 129 -35.02 48.41 14.79
CA ASP H 129 -36.39 48.90 14.72
C ASP H 129 -37.38 47.75 14.60
N LEU H 130 -36.90 46.60 14.13
CA LEU H 130 -37.73 45.40 14.07
C LEU H 130 -38.19 45.02 15.47
N VAL H 131 -39.47 44.70 15.62
CA VAL H 131 -40.04 44.42 16.93
C VAL H 131 -39.60 43.10 17.59
N PRO H 132 -39.16 42.08 16.83
CA PRO H 132 -38.77 40.92 17.64
C PRO H 132 -37.34 41.01 18.19
N VAL H 133 -36.67 42.12 17.95
CA VAL H 133 -35.31 42.30 18.46
C VAL H 133 -35.31 43.21 19.68
N TYR H 134 -34.27 43.08 20.51
CA TYR H 134 -34.14 43.91 21.70
C TYR H 134 -33.16 45.04 21.47
N ALA H 135 -31.97 44.70 20.99
CA ALA H 135 -30.93 45.68 20.76
C ALA H 135 -29.91 45.18 19.73
N VAL H 136 -29.25 46.11 19.06
CA VAL H 136 -28.19 45.77 18.12
C VAL H 136 -26.91 46.52 18.51
N LEU H 137 -26.00 45.81 19.18
CA LEU H 137 -24.78 46.42 19.67
C LEU H 137 -23.67 46.41 18.62
N ASP H 138 -22.80 47.42 18.68
CA ASP H 138 -21.70 47.53 17.73
C ASP H 138 -20.37 47.21 18.42
N TYR H 139 -19.74 46.11 17.99
CA TYR H 139 -18.48 45.67 18.59
C TYR H 139 -17.28 46.00 17.72
N THR H 140 -17.50 46.81 16.69
CA THR H 140 -16.44 47.14 15.73
C THR H 140 -15.26 47.84 16.40
N ASN H 141 -15.56 48.81 17.26
CA ASN H 141 -14.51 49.53 17.97
C ASN H 141 -14.37 49.04 19.41
N SER H 142 -14.75 47.79 19.65
CA SER H 142 -14.63 47.19 20.96
C SER H 142 -13.69 46.00 20.93
N GLU H 143 -13.10 45.68 22.08
CA GLU H 143 -12.16 44.56 22.20
C GLU H 143 -12.94 43.25 22.40
N ILE H 144 -13.02 42.45 21.34
CA ILE H 144 -13.82 41.24 21.37
C ILE H 144 -13.01 39.98 21.08
N ILE H 145 -13.67 38.83 21.17
CA ILE H 145 -13.04 37.56 20.88
C ILE H 145 -13.72 36.89 19.69
N LYS H 146 -13.06 36.93 18.54
CA LYS H 146 -13.61 36.33 17.32
C LYS H 146 -13.29 34.84 17.26
N ARG H 147 -14.32 34.02 17.07
CA ARG H 147 -14.11 32.57 17.02
C ARG H 147 -14.97 31.90 15.93
N GLU H 148 -14.29 31.25 14.99
CA GLU H 148 -14.96 30.41 14.00
C GLU H 148 -14.66 28.94 14.32
N LEU H 149 -15.43 28.04 13.72
CA LEU H 149 -15.18 26.62 13.88
C LEU H 149 -15.04 25.95 12.51
N VAL H 150 -13.90 25.30 12.28
CA VAL H 150 -13.67 24.61 11.02
C VAL H 150 -13.42 23.12 11.23
N MET H 151 -13.99 22.31 10.35
CA MET H 151 -13.76 20.87 10.35
C MET H 151 -13.43 20.44 8.92
N ALA H 152 -12.31 19.75 8.75
CA ALA H 152 -11.87 19.39 7.41
C ALA H 152 -11.24 18.00 7.35
N ARG H 153 -11.57 17.25 6.30
CA ARG H 153 -10.93 15.97 6.05
C ARG H 153 -9.78 16.15 5.09
N ILE H 154 -8.58 15.74 5.51
CA ILE H 154 -7.38 15.99 4.73
C ILE H 154 -6.71 14.69 4.30
N SER H 155 -6.32 14.62 3.04
CA SER H 155 -5.70 13.42 2.49
C SER H 155 -4.28 13.22 3.01
N LEU H 156 -3.92 11.97 3.26
CA LEU H 156 -2.58 11.64 3.74
C LEU H 156 -1.73 11.03 2.62
N LEU H 157 -2.30 10.94 1.42
CA LEU H 157 -1.64 10.25 0.31
C LEU H 157 -0.74 11.18 -0.50
N GLY H 158 -0.66 12.44 -0.09
CA GLY H 158 0.26 13.38 -0.73
C GLY H 158 -0.36 14.30 -1.76
N THR H 159 0.49 15.02 -2.48
CA THR H 159 0.05 15.99 -3.48
C THR H 159 -0.34 15.33 -4.78
N GLU H 160 0.45 14.35 -5.21
CA GLU H 160 0.22 13.66 -6.48
C GLU H 160 -1.15 12.99 -6.54
N TYR H 161 -1.54 12.35 -5.44
CA TYR H 161 -2.84 11.69 -5.37
C TYR H 161 -3.97 12.71 -5.39
N PHE H 162 -3.69 13.90 -4.87
CA PHE H 162 -4.70 14.96 -4.81
C PHE H 162 -5.01 15.49 -6.21
N GLU H 163 -3.97 15.65 -7.03
CA GLU H 163 -4.16 16.05 -8.42
C GLU H 163 -4.95 14.99 -9.18
N ASP H 164 -4.62 13.73 -8.90
CA ASP H 164 -5.29 12.60 -9.53
C ASP H 164 -6.78 12.59 -9.19
N LEU H 165 -7.08 12.81 -7.92
CA LEU H 165 -8.46 12.78 -7.43
C LEU H 165 -9.24 13.99 -7.93
N LEU H 166 -8.58 15.15 -7.99
CA LEU H 166 -9.23 16.38 -8.44
C LEU H 166 -9.60 16.30 -9.92
N LEU H 167 -8.66 15.83 -10.73
CA LEU H 167 -8.87 15.73 -12.17
C LEU H 167 -9.93 14.67 -12.49
N HIS H 168 -10.05 13.69 -11.62
CA HIS H 168 -11.00 12.60 -11.80
C HIS H 168 -12.45 13.08 -11.72
N HIS H 169 -12.74 13.93 -10.72
CA HIS H 169 -14.09 14.41 -10.51
C HIS H 169 -14.46 15.54 -11.48
N HIS H 170 -13.52 15.91 -12.35
CA HIS H 170 -13.77 16.96 -13.32
C HIS H 170 -13.81 16.39 -14.73
N THR H 171 -13.03 15.35 -14.98
CA THR H 171 -12.94 14.75 -16.32
C THR H 171 -14.13 13.85 -16.61
N SER H 172 -14.98 13.64 -15.61
CA SER H 172 -16.18 12.83 -15.79
C SER H 172 -17.14 13.48 -16.78
N THR H 173 -17.25 14.81 -16.69
CA THR H 173 -18.08 15.57 -17.61
C THR H 173 -17.66 17.05 -17.61
N ASN H 174 -17.46 17.59 -18.80
CA ASN H 174 -17.08 19.00 -18.99
C ASN H 174 -15.79 19.39 -18.28
N ALA H 175 -14.67 18.87 -18.79
CA ALA H 175 -13.35 19.30 -18.33
C ALA H 175 -12.62 19.98 -19.49
N GLY H 176 -13.41 20.55 -20.41
CA GLY H 176 -12.88 21.15 -21.61
C GLY H 176 -13.76 20.81 -22.80
N ALA H 177 -13.14 20.39 -23.89
CA ALA H 177 -13.87 19.98 -25.08
C ALA H 177 -13.59 18.53 -25.42
N ALA H 178 -12.71 17.91 -24.63
CA ALA H 178 -12.33 16.51 -24.83
C ALA H 178 -11.90 15.87 -23.52
N ASP H 179 -11.23 14.73 -23.62
CA ASP H 179 -10.74 14.02 -22.44
C ASP H 179 -9.47 14.66 -21.89
N SER H 180 -8.96 14.10 -20.80
CA SER H 180 -7.74 14.61 -20.18
C SER H 180 -6.80 13.48 -19.81
N GLN H 181 -6.79 12.43 -20.63
CA GLN H 181 -5.96 11.25 -20.38
C GLN H 181 -4.47 11.58 -20.46
N GLU H 182 -4.15 12.63 -21.22
CA GLU H 182 -2.76 13.06 -21.34
C GLU H 182 -2.29 13.71 -20.04
N LEU H 183 -3.22 14.36 -19.34
CA LEU H 183 -2.93 14.99 -18.06
C LEU H 183 -2.90 13.97 -16.94
N VAL H 184 -3.81 12.99 -17.01
CA VAL H 184 -3.88 11.94 -16.00
C VAL H 184 -2.60 11.11 -15.99
N ALA H 185 -2.11 10.76 -17.19
CA ALA H 185 -0.91 9.94 -17.32
C ALA H 185 0.32 10.64 -16.74
N GLU H 186 0.33 11.97 -16.79
CA GLU H 186 1.44 12.75 -16.28
C GLU H 186 1.48 12.72 -14.76
N ILE H 187 0.31 12.85 -14.14
CA ILE H 187 0.20 12.85 -12.68
C ILE H 187 0.62 11.49 -12.11
N ARG H 188 0.24 10.42 -12.80
CA ARG H 188 0.56 9.07 -12.35
C ARG H 188 1.98 8.68 -12.76
N GLU H 189 2.65 9.56 -13.48
CA GLU H 189 4.03 9.33 -13.90
C GLU H 189 4.99 9.94 -12.90
N LYS H 190 4.45 10.68 -11.94
CA LYS H 190 5.26 11.35 -10.92
C LYS H 190 5.99 10.34 -10.03
N GLN H 191 7.02 10.82 -9.33
CA GLN H 191 7.84 9.95 -8.50
C GLN H 191 7.15 9.57 -7.19
N PHE H 192 6.56 10.56 -6.52
CA PHE H 192 5.95 10.34 -5.22
C PHE H 192 4.45 10.08 -5.31
N HIS H 193 4.03 9.45 -6.41
CA HIS H 193 2.67 8.98 -6.53
C HIS H 193 2.60 7.54 -6.02
N PRO H 194 1.59 7.24 -5.18
CA PRO H 194 1.43 5.93 -4.53
C PRO H 194 1.55 4.74 -5.48
N ALA H 195 1.17 4.93 -6.74
CA ALA H 195 1.24 3.85 -7.72
C ALA H 195 2.67 3.51 -8.12
N ASN H 196 3.61 4.38 -7.76
CA ASN H 196 5.02 4.17 -8.08
C ASN H 196 5.85 3.88 -6.82
N LEU H 197 5.17 3.83 -5.68
CA LEU H 197 5.85 3.61 -4.40
C LEU H 197 5.42 2.30 -3.76
N PRO H 198 6.36 1.63 -3.06
CA PRO H 198 6.05 0.39 -2.35
C PRO H 198 5.02 0.62 -1.25
N ALA H 199 4.37 -0.46 -0.80
CA ALA H 199 3.34 -0.36 0.23
C ALA H 199 3.92 0.15 1.55
N SER H 200 5.20 -0.16 1.78
CA SER H 200 5.86 0.25 3.01
C SER H 200 6.26 1.72 2.97
N GLU H 201 6.60 2.21 1.78
CA GLU H 201 7.01 3.60 1.62
C GLU H 201 5.82 4.55 1.66
N VAL H 202 4.72 4.14 1.05
CA VAL H 202 3.52 4.97 1.05
C VAL H 202 2.90 5.01 2.45
N LEU H 203 3.15 3.96 3.24
CA LEU H 203 2.67 3.91 4.61
C LEU H 203 3.38 4.94 5.48
N ARG H 204 4.70 5.04 5.32
CA ARG H 204 5.49 5.96 6.12
C ARG H 204 5.24 7.41 5.71
N LEU H 205 5.06 7.64 4.42
CA LEU H 205 4.73 8.98 3.93
C LEU H 205 3.33 9.39 4.40
N LYS H 206 2.48 8.39 4.57
CA LYS H 206 1.12 8.61 5.06
C LYS H 206 1.14 9.09 6.50
N HIS H 207 1.98 8.48 7.31
CA HIS H 207 2.11 8.86 8.72
C HIS H 207 3.03 10.06 8.89
N GLU H 208 3.90 10.28 7.91
CA GLU H 208 4.74 11.48 7.91
C GLU H 208 3.86 12.69 7.67
N HIS H 209 2.96 12.59 6.70
CA HIS H 209 2.00 13.65 6.42
C HIS H 209 1.04 13.85 7.57
N LEU H 210 0.60 12.74 8.16
CA LEU H 210 -0.34 12.78 9.28
C LEU H 210 0.25 13.55 10.47
N ASN H 211 1.55 13.39 10.66
CA ASN H 211 2.24 14.09 11.74
C ASN H 211 2.44 15.57 11.41
N ASP H 212 2.72 15.86 10.14
CA ASP H 212 2.90 17.23 9.69
C ASP H 212 1.62 18.05 9.85
N ILE H 213 0.50 17.42 9.55
CA ILE H 213 -0.81 18.05 9.73
C ILE H 213 -1.11 18.21 11.21
N THR H 214 -0.78 17.17 11.98
CA THR H 214 -1.00 17.16 13.42
C THR H 214 -0.26 18.29 14.11
N ASN H 215 0.98 18.52 13.69
CA ASN H 215 1.81 19.57 14.29
C ASN H 215 1.32 20.97 13.92
N LEU H 216 0.79 21.12 12.71
CA LEU H 216 0.18 22.38 12.30
C LEU H 216 -1.08 22.63 13.11
N THR H 217 -1.86 21.57 13.29
CA THR H 217 -3.11 21.66 14.03
C THR H 217 -2.85 21.96 15.52
N ASN H 218 -1.76 21.41 16.04
CA ASN H 218 -1.39 21.61 17.44
C ASN H 218 -0.97 23.04 17.72
N ASN H 219 -0.11 23.60 16.85
CA ASN H 219 0.37 24.97 17.01
C ASN H 219 -0.76 25.97 16.95
N PHE H 220 -1.75 25.70 16.09
CA PHE H 220 -2.91 26.57 15.96
C PHE H 220 -3.92 26.31 17.07
N GLY H 221 -3.64 25.31 17.90
CA GLY H 221 -4.49 24.99 19.04
C GLY H 221 -5.73 24.20 18.66
N GLY H 222 -5.59 23.32 17.67
CA GLY H 222 -6.69 22.49 17.23
C GLY H 222 -6.54 21.04 17.66
N ARG H 223 -7.38 20.17 17.10
CA ARG H 223 -7.35 18.75 17.43
C ARG H 223 -7.49 17.88 16.19
N VAL H 224 -6.99 16.66 16.28
CA VAL H 224 -7.22 15.65 15.25
C VAL H 224 -8.22 14.63 15.81
N VAL H 225 -9.45 14.69 15.31
CA VAL H 225 -10.54 13.91 15.89
C VAL H 225 -10.79 12.58 15.17
N ASP H 226 -10.17 12.40 14.01
CA ASP H 226 -10.35 11.19 13.24
C ASP H 226 -9.12 10.83 12.42
N ILE H 227 -8.76 9.56 12.41
CA ILE H 227 -7.65 9.06 11.60
C ILE H 227 -8.09 7.81 10.85
N SER H 228 -8.16 7.91 9.52
CA SER H 228 -8.56 6.77 8.69
C SER H 228 -7.41 6.25 7.86
N GLU H 229 -7.68 5.26 7.01
CA GLU H 229 -6.65 4.59 6.24
C GLU H 229 -5.95 5.49 5.23
N THR H 230 -6.64 6.53 4.77
CA THR H 230 -6.07 7.42 3.75
C THR H 230 -6.29 8.89 4.07
N SER H 231 -6.96 9.19 5.17
CA SER H 231 -7.26 10.58 5.52
C SER H 231 -7.40 10.80 7.02
N CYS H 232 -7.60 12.06 7.40
CA CYS H 232 -7.82 12.42 8.79
C CYS H 232 -8.68 13.67 8.88
N ILE H 233 -9.43 13.80 9.97
CA ILE H 233 -10.30 14.96 10.15
C ILE H 233 -9.77 15.87 11.26
N VAL H 234 -9.59 17.15 10.93
CA VAL H 234 -9.09 18.12 11.90
C VAL H 234 -10.20 19.04 12.39
N GLU H 235 -9.99 19.62 13.57
CA GLU H 235 -10.95 20.55 14.16
C GLU H 235 -10.21 21.73 14.76
N LEU H 236 -10.64 22.94 14.42
CA LEU H 236 -9.96 24.14 14.88
C LEU H 236 -10.92 25.28 15.19
N SER H 237 -10.73 25.93 16.33
CA SER H 237 -11.50 27.10 16.71
C SER H 237 -10.61 28.31 16.91
N ALA H 238 -10.69 29.26 15.99
CA ALA H 238 -9.88 30.48 16.06
C ALA H 238 -10.55 31.62 15.31
N LYS H 239 -9.95 32.80 15.39
CA LYS H 239 -10.44 33.96 14.66
C LYS H 239 -10.27 33.74 13.16
N PRO H 240 -11.16 34.35 12.35
CA PRO H 240 -11.12 34.23 10.88
C PRO H 240 -9.74 34.51 10.28
N THR H 241 -9.01 35.44 10.88
CA THR H 241 -7.65 35.75 10.45
C THR H 241 -6.75 34.54 10.54
N ARG H 242 -6.85 33.82 11.65
CA ARG H 242 -5.98 32.68 11.92
C ARG H 242 -6.54 31.38 11.34
N ILE H 243 -7.86 31.22 11.38
CA ILE H 243 -8.49 29.98 10.98
C ILE H 243 -8.42 29.74 9.48
N SER H 244 -8.15 30.80 8.72
CA SER H 244 -8.00 30.69 7.27
C SER H 244 -6.52 30.57 6.92
N ALA H 245 -5.66 31.04 7.82
CA ALA H 245 -4.23 30.90 7.65
C ALA H 245 -3.82 29.44 7.80
N PHE H 246 -4.55 28.72 8.65
CA PHE H 246 -4.34 27.29 8.85
C PHE H 246 -4.72 26.52 7.59
N LEU H 247 -5.83 26.91 6.98
CA LEU H 247 -6.33 26.24 5.78
C LEU H 247 -5.39 26.45 4.59
N LYS H 248 -4.62 27.54 4.63
CA LYS H 248 -3.65 27.83 3.58
C LYS H 248 -2.39 26.99 3.77
N LEU H 249 -2.00 26.81 5.02
CA LEU H 249 -0.82 26.01 5.35
C LEU H 249 -1.06 24.52 5.16
N VAL H 250 -2.32 24.11 5.31
CA VAL H 250 -2.67 22.70 5.24
C VAL H 250 -3.21 22.34 3.86
N GLU H 251 -3.38 23.34 3.01
CA GLU H 251 -3.85 23.17 1.64
C GLU H 251 -2.99 22.23 0.77
N PRO H 252 -1.64 22.36 0.81
CA PRO H 252 -0.83 21.49 -0.06
C PRO H 252 -1.01 20.00 0.18
N PHE H 253 -1.40 19.62 1.40
CA PHE H 253 -1.64 18.21 1.71
C PHE H 253 -2.89 17.70 0.98
N GLY H 254 -3.84 18.61 0.75
CA GLY H 254 -5.04 18.28 0.01
C GLY H 254 -6.27 18.16 0.88
N VAL H 255 -7.15 19.15 0.80
CA VAL H 255 -8.39 19.15 1.55
C VAL H 255 -9.49 18.43 0.77
N LEU H 256 -9.93 17.29 1.28
CA LEU H 256 -10.93 16.47 0.61
C LEU H 256 -12.34 17.02 0.84
N GLU H 257 -12.57 17.59 2.01
CA GLU H 257 -13.87 18.14 2.37
C GLU H 257 -13.72 19.11 3.54
N CYS H 258 -14.27 20.31 3.39
CA CYS H 258 -14.14 21.34 4.41
C CYS H 258 -15.48 21.91 4.85
N ALA H 259 -15.52 22.43 6.07
CA ALA H 259 -16.72 23.05 6.62
C ALA H 259 -16.33 24.14 7.62
N ARG H 260 -16.50 25.39 7.22
CA ARG H 260 -16.12 26.51 8.07
C ARG H 260 -17.34 27.33 8.52
N SER H 261 -17.51 27.44 9.82
CA SER H 261 -18.61 28.19 10.40
C SER H 261 -18.42 29.69 10.25
N GLY H 262 -19.49 30.45 10.48
CA GLY H 262 -19.40 31.90 10.49
C GLY H 262 -18.72 32.37 11.76
N MET H 263 -18.47 33.68 11.84
CA MET H 263 -17.76 34.21 13.00
C MET H 263 -18.68 34.44 14.19
N MET H 264 -18.30 33.85 15.33
CA MET H 264 -18.99 34.12 16.58
C MET H 264 -18.24 35.20 17.35
N ALA H 265 -18.97 36.03 18.08
CA ALA H 265 -18.34 37.13 18.81
C ALA H 265 -18.85 37.23 20.24
N LEU H 266 -17.91 37.46 21.16
CA LEU H 266 -18.24 37.71 22.55
C LEU H 266 -17.25 38.70 23.13
N PRO H 267 -17.73 39.89 23.50
CA PRO H 267 -16.86 40.96 23.99
C PRO H 267 -16.18 40.61 25.31
N ARG H 268 -14.85 40.72 25.33
CA ARG H 268 -14.09 40.44 26.53
C ARG H 268 -14.00 41.68 27.41
N THR H 269 -13.53 41.51 28.63
CA THR H 269 -13.34 42.62 29.55
C THR H 269 -11.87 43.06 29.55
N PRO H 270 -11.57 44.17 28.85
CA PRO H 270 -10.20 44.65 28.73
C PRO H 270 -9.66 45.21 30.04
N LEU H 271 -8.46 44.78 30.41
CA LEU H 271 -7.85 45.21 31.66
C LEU H 271 -6.53 45.93 31.43
N LYS H 272 -6.28 46.95 32.23
CA LYS H 272 -5.01 47.67 32.20
C LYS H 272 -4.52 47.89 33.63
N THR H 273 -3.20 47.89 33.82
CA THR H 273 -2.61 48.03 35.14
C THR H 273 -2.98 49.35 35.80
N SER H 274 -2.84 49.42 37.11
CA SER H 274 -3.23 50.59 37.88
C SER H 274 -2.45 51.84 37.50
N THR H 275 -1.22 51.65 37.04
CA THR H 275 -0.38 52.76 36.62
C THR H 275 -0.84 53.31 35.27
N GLU H 276 -1.12 52.42 34.33
CA GLU H 276 -1.63 52.83 33.03
C GLU H 276 -3.07 53.30 33.13
N GLU H 277 -3.76 52.84 34.17
CA GLU H 277 -5.10 53.35 34.47
C GLU H 277 -4.97 54.71 35.14
N ALA H 278 -6.10 55.28 35.53
CA ALA H 278 -6.14 56.63 36.10
C ALA H 278 -5.47 57.63 35.16
N ALA H 279 -5.70 57.45 33.87
CA ALA H 279 -5.14 58.33 32.84
C ALA H 279 -6.05 59.54 32.63
N ASP H 280 -6.62 60.04 33.72
CA ASP H 280 -7.50 61.20 33.66
C ASP H 280 -6.72 62.44 33.24
N GLU H 281 -7.02 62.92 32.03
CA GLU H 281 -6.28 64.05 31.45
C GLU H 281 -7.18 64.89 30.56
N ASP I 41 40.01 49.87 -2.41
CA ASP I 41 39.55 50.27 -1.09
C ASP I 41 40.61 51.07 -0.33
N MET I 42 41.76 50.45 -0.11
CA MET I 42 42.82 51.06 0.70
C MET I 42 43.55 52.18 -0.02
N ASP I 43 44.36 52.92 0.74
CA ASP I 43 45.18 53.99 0.21
C ASP I 43 46.55 53.95 0.89
N THR I 44 47.62 54.03 0.09
CA THR I 44 48.97 53.97 0.62
C THR I 44 49.69 55.31 0.50
N SER I 45 48.92 56.39 0.57
CA SER I 45 49.48 57.73 0.43
C SER I 45 49.81 58.35 1.79
N PHE I 46 49.03 58.00 2.81
CA PHE I 46 49.19 58.60 4.14
C PHE I 46 50.07 57.74 5.05
N VAL I 47 50.83 56.83 4.45
CA VAL I 47 51.73 55.97 5.22
C VAL I 47 53.00 56.72 5.59
N GLY I 48 53.21 56.89 6.90
CA GLY I 48 54.38 57.61 7.39
C GLY I 48 54.04 59.00 7.89
N LEU I 49 52.83 59.47 7.55
CA LEU I 49 52.38 60.79 7.97
C LEU I 49 51.66 60.74 9.31
N THR I 50 51.77 61.81 10.09
CA THR I 50 51.07 61.93 11.35
C THR I 50 49.63 62.36 11.10
N GLY I 51 48.83 62.42 12.17
CA GLY I 51 47.45 62.86 12.06
C GLY I 51 47.35 64.30 11.59
N GLY I 52 48.35 65.11 11.95
CA GLY I 52 48.39 66.49 11.52
C GLY I 52 48.73 66.59 10.04
N GLN I 53 49.75 65.85 9.61
CA GLN I 53 50.20 65.88 8.23
C GLN I 53 49.11 65.38 7.28
N ILE I 54 48.31 64.42 7.76
CA ILE I 54 47.19 63.91 6.98
C ILE I 54 46.12 64.98 6.81
N PHE I 55 45.80 65.67 7.91
CA PHE I 55 44.81 66.73 7.90
C PHE I 55 45.19 67.85 6.94
N ASN I 56 46.49 68.16 6.88
CA ASN I 56 46.99 69.16 5.97
C ASN I 56 46.80 68.77 4.51
N GLU I 57 46.92 67.48 4.24
CA GLU I 57 46.78 66.96 2.89
C GLU I 57 45.31 66.75 2.51
N MET I 58 44.50 66.42 3.50
CA MET I 58 43.08 66.15 3.27
C MET I 58 42.31 67.41 2.87
N MET I 59 42.77 68.56 3.33
CA MET I 59 42.11 69.83 3.01
C MET I 59 42.24 70.17 1.53
N SER I 60 43.41 69.90 0.95
CA SER I 60 43.64 70.16 -0.46
C SER I 60 42.91 69.15 -1.33
N ARG I 61 42.67 67.96 -0.78
CA ARG I 61 41.96 66.90 -1.49
C ARG I 61 40.46 67.08 -1.39
N GLN I 62 40.04 68.02 -0.56
CA GLN I 62 38.62 68.38 -0.44
C GLN I 62 38.36 69.76 -1.02
N ASN I 63 39.36 70.28 -1.75
CA ASN I 63 39.27 71.58 -2.40
C ASN I 63 38.95 72.71 -1.43
N VAL I 64 39.82 72.89 -0.43
CA VAL I 64 39.67 73.96 0.54
C VAL I 64 40.87 74.90 0.48
N ASP I 65 40.58 76.20 0.37
CA ASP I 65 41.65 77.20 0.23
C ASP I 65 41.60 78.26 1.34
N THR I 66 40.65 78.11 2.26
CA THR I 66 40.51 79.08 3.35
C THR I 66 40.11 78.39 4.65
N VAL I 67 40.91 78.60 5.69
CA VAL I 67 40.65 78.00 6.99
C VAL I 67 40.59 79.05 8.11
N PHE I 68 39.48 79.06 8.84
CA PHE I 68 39.32 79.93 9.99
C PHE I 68 39.51 79.13 11.27
N GLY I 69 40.22 79.69 12.25
CA GLY I 69 40.43 78.99 13.50
C GLY I 69 41.30 79.69 14.53
N TYR I 70 41.39 79.09 15.71
CA TYR I 70 42.18 79.62 16.81
C TYR I 70 42.94 78.48 17.50
N PRO I 71 44.27 78.62 17.63
CA PRO I 71 45.14 77.56 18.14
C PRO I 71 44.89 77.21 19.61
N GLY I 72 45.47 76.10 20.05
CA GLY I 72 45.32 75.64 21.41
C GLY I 72 46.21 74.44 21.70
N GLY I 73 46.15 73.95 22.94
CA GLY I 73 47.02 72.87 23.37
C GLY I 73 46.71 71.52 22.75
N ALA I 74 45.43 71.14 22.76
CA ALA I 74 45.02 69.82 22.29
C ALA I 74 44.96 69.74 20.77
N ILE I 75 45.27 70.86 20.11
CA ILE I 75 45.20 70.93 18.65
C ILE I 75 46.58 71.27 18.08
N LEU I 76 47.59 71.26 18.95
CA LEU I 76 48.97 71.57 18.54
C LEU I 76 49.54 70.69 17.42
N PRO I 77 49.34 69.36 17.47
CA PRO I 77 49.92 68.54 16.40
C PRO I 77 49.34 68.85 15.02
N VAL I 78 48.13 69.41 14.98
CA VAL I 78 47.50 69.77 13.73
C VAL I 78 48.06 71.10 13.21
N TYR I 79 48.20 72.06 14.10
CA TYR I 79 48.71 73.39 13.73
C TYR I 79 50.19 73.34 13.33
N ASP I 80 50.91 72.35 13.83
CA ASP I 80 52.32 72.19 13.51
C ASP I 80 52.51 71.74 12.06
N ALA I 81 51.48 71.10 11.52
CA ALA I 81 51.53 70.58 10.16
C ALA I 81 51.05 71.60 9.14
N ILE I 82 50.15 72.49 9.57
CA ILE I 82 49.63 73.53 8.68
C ILE I 82 50.48 74.79 8.76
N HIS I 83 51.61 74.70 9.46
CA HIS I 83 52.53 75.81 9.60
C HIS I 83 53.14 76.18 8.25
N ASN I 84 52.83 77.38 7.77
CA ASN I 84 53.34 77.88 6.49
C ASN I 84 53.02 76.95 5.33
N SER I 85 51.77 76.51 5.25
CA SER I 85 51.34 75.64 4.17
C SER I 85 50.99 76.44 2.92
N ASP I 86 51.20 75.85 1.75
CA ASP I 86 50.95 76.52 0.49
C ASP I 86 49.59 76.14 -0.09
N LYS I 87 48.71 75.62 0.77
CA LYS I 87 47.43 75.09 0.31
C LYS I 87 46.26 76.04 0.59
N PHE I 88 46.22 76.59 1.80
CA PHE I 88 45.10 77.44 2.19
C PHE I 88 45.55 78.71 2.92
N ASN I 89 44.71 79.74 2.83
CA ASN I 89 44.97 81.01 3.50
C ASN I 89 44.29 81.07 4.85
N PHE I 90 45.08 80.95 5.92
CA PHE I 90 44.55 80.90 7.28
C PHE I 90 44.14 82.29 7.77
N VAL I 91 43.01 82.36 8.46
CA VAL I 91 42.53 83.60 9.03
C VAL I 91 42.45 83.49 10.55
N LEU I 92 43.08 84.43 11.26
CA LEU I 92 43.12 84.38 12.71
C LEU I 92 42.24 85.46 13.34
N PRO I 93 41.10 85.04 13.91
CA PRO I 93 40.21 85.96 14.64
C PRO I 93 40.69 86.20 16.07
N LYS I 94 39.89 86.94 16.83
CA LYS I 94 40.22 87.20 18.23
C LYS I 94 39.36 86.33 19.15
N HIS I 95 38.30 85.74 18.57
CA HIS I 95 37.41 84.87 19.31
C HIS I 95 36.95 83.73 18.40
N GLU I 96 36.75 82.55 18.98
CA GLU I 96 36.37 81.37 18.21
C GLU I 96 35.02 81.54 17.51
N GLN I 97 34.11 82.27 18.16
CA GLN I 97 32.80 82.55 17.59
C GLN I 97 32.95 83.29 16.27
N GLY I 98 33.96 84.16 16.20
CA GLY I 98 34.27 84.88 15.00
C GLY I 98 34.70 83.94 13.89
N ALA I 99 35.51 82.95 14.25
CA ALA I 99 36.02 81.97 13.30
C ALA I 99 34.88 81.19 12.65
N GLY I 100 33.86 80.87 13.43
CA GLY I 100 32.71 80.14 12.94
C GLY I 100 31.83 80.97 12.03
N HIS I 101 31.60 82.22 12.42
CA HIS I 101 30.77 83.12 11.62
C HIS I 101 31.46 83.51 10.32
N MET I 102 32.78 83.65 10.36
CA MET I 102 33.56 83.96 9.16
C MET I 102 33.50 82.78 8.19
N ALA I 103 33.32 81.58 8.73
CA ALA I 103 33.17 80.39 7.92
C ALA I 103 31.79 80.35 7.28
N GLU I 104 30.80 80.89 8.00
CA GLU I 104 29.44 80.98 7.47
C GLU I 104 29.40 81.96 6.31
N GLY I 105 29.99 83.15 6.51
CA GLY I 105 30.04 84.17 5.49
C GLY I 105 30.81 83.71 4.27
N TYR I 106 31.84 82.91 4.50
CA TYR I 106 32.64 82.36 3.40
C TYR I 106 31.85 81.34 2.59
N ALA I 107 30.92 80.67 3.26
CA ALA I 107 30.11 79.65 2.61
C ALA I 107 28.92 80.26 1.89
N ARG I 108 28.37 81.34 2.46
CA ARG I 108 27.23 82.02 1.88
C ARG I 108 27.64 82.81 0.62
N ALA I 109 28.91 83.19 0.56
CA ALA I 109 29.40 83.98 -0.56
C ALA I 109 29.99 83.12 -1.67
N SER I 110 30.95 82.26 -1.31
CA SER I 110 31.64 81.43 -2.28
C SER I 110 30.83 80.19 -2.65
N GLY I 111 30.23 79.55 -1.64
CA GLY I 111 29.48 78.33 -1.86
C GLY I 111 30.23 77.13 -1.30
N LYS I 112 31.55 77.25 -1.19
CA LYS I 112 32.37 76.19 -0.63
C LYS I 112 32.25 76.16 0.89
N PRO I 113 32.34 74.95 1.47
CA PRO I 113 32.24 74.75 2.92
C PRO I 113 33.24 75.58 3.72
N GLY I 114 32.80 76.11 4.86
CA GLY I 114 33.67 76.89 5.72
C GLY I 114 34.30 76.03 6.80
N VAL I 115 35.62 75.88 6.73
CA VAL I 115 36.34 75.03 7.66
C VAL I 115 36.73 75.77 8.94
N VAL I 116 36.38 75.19 10.09
CA VAL I 116 36.74 75.76 11.38
C VAL I 116 37.67 74.83 12.14
N LEU I 117 38.84 75.34 12.52
CA LEU I 117 39.83 74.56 13.24
C LEU I 117 40.17 75.19 14.58
N VAL I 118 39.52 74.73 15.64
CA VAL I 118 39.76 75.25 16.98
C VAL I 118 40.29 74.16 17.91
N THR I 119 40.49 74.51 19.18
CA THR I 119 41.02 73.57 20.16
C THR I 119 39.92 72.93 20.98
N SER I 120 40.31 72.18 22.01
CA SER I 120 39.37 71.50 22.87
C SER I 120 38.78 72.43 23.93
N GLY I 121 37.88 71.89 24.74
CA GLY I 121 37.30 72.64 25.85
C GLY I 121 36.60 73.92 25.45
N PRO I 122 37.11 75.06 25.95
CA PRO I 122 36.51 76.38 25.72
C PRO I 122 36.54 76.79 24.26
N GLY I 123 37.56 76.35 23.52
CA GLY I 123 37.67 76.65 22.12
C GLY I 123 36.60 75.97 21.30
N ALA I 124 36.09 74.85 21.83
CA ALA I 124 35.06 74.08 21.14
C ALA I 124 33.66 74.54 21.55
N THR I 125 33.56 75.11 22.75
CA THR I 125 32.27 75.56 23.27
C THR I 125 31.91 76.96 22.78
N ASN I 126 32.87 77.62 22.13
CA ASN I 126 32.64 78.97 21.61
C ASN I 126 32.12 78.95 20.18
N VAL I 127 32.34 77.84 19.47
CA VAL I 127 31.86 77.71 18.11
C VAL I 127 30.49 77.04 18.07
N VAL I 128 29.84 76.96 19.22
CA VAL I 128 28.51 76.36 19.32
C VAL I 128 27.45 77.23 18.67
N THR I 129 27.50 78.53 18.95
CA THR I 129 26.56 79.48 18.37
C THR I 129 26.67 79.57 16.84
N PRO I 130 27.90 79.63 16.28
CA PRO I 130 27.97 79.59 14.82
C PRO I 130 27.42 78.30 14.21
N MET I 131 27.62 77.18 14.89
CA MET I 131 27.11 75.90 14.40
C MET I 131 25.59 75.86 14.44
N ALA I 132 25.02 76.31 15.55
CA ALA I 132 23.57 76.34 15.71
C ALA I 132 22.95 77.30 14.70
N ASP I 133 23.70 78.34 14.33
CA ASP I 133 23.24 79.32 13.36
C ASP I 133 23.22 78.69 11.97
N ALA I 134 24.29 77.99 11.62
CA ALA I 134 24.41 77.35 10.32
C ALA I 134 23.48 76.14 10.21
N PHE I 135 23.09 75.59 11.36
CA PHE I 135 22.20 74.44 11.40
C PHE I 135 20.75 74.88 11.23
N ALA I 136 20.48 76.15 11.53
CA ALA I 136 19.14 76.69 11.42
C ALA I 136 18.88 77.27 10.03
N ASP I 137 19.92 77.83 9.42
CA ASP I 137 19.80 78.43 8.10
C ASP I 137 20.27 77.50 6.99
N GLY I 138 20.90 76.39 7.38
CA GLY I 138 21.38 75.42 6.42
C GLY I 138 22.63 75.89 5.70
N ILE I 139 23.67 76.17 6.46
CA ILE I 139 24.93 76.65 5.89
C ILE I 139 26.03 75.59 5.98
N PRO I 140 26.63 75.24 4.82
CA PRO I 140 27.66 74.20 4.75
C PRO I 140 28.97 74.61 5.40
N MET I 141 29.31 73.97 6.52
CA MET I 141 30.58 74.23 7.19
C MET I 141 31.06 73.01 7.95
N VAL I 142 32.37 72.82 8.01
CA VAL I 142 32.96 71.69 8.72
C VAL I 142 33.80 72.19 9.89
N VAL I 143 33.41 71.80 11.10
CA VAL I 143 34.08 72.28 12.31
C VAL I 143 35.00 71.23 12.92
N PHE I 144 36.31 71.50 12.86
CA PHE I 144 37.29 70.63 13.49
C PHE I 144 37.66 71.16 14.87
N THR I 145 37.36 70.38 15.90
CA THR I 145 37.70 70.77 17.27
C THR I 145 38.74 69.82 17.86
N GLY I 146 39.68 70.38 18.61
CA GLY I 146 40.68 69.58 19.28
C GLY I 146 40.07 68.78 20.42
N GLN I 147 40.84 67.86 20.98
CA GLN I 147 40.36 67.04 22.08
C GLN I 147 41.52 66.46 22.88
N VAL I 148 41.30 66.24 24.17
CA VAL I 148 42.27 65.58 25.03
C VAL I 148 42.59 64.19 24.47
N PRO I 149 43.79 63.66 24.79
CA PRO I 149 44.15 62.30 24.37
C PRO I 149 43.09 61.27 24.76
N THR I 150 42.93 60.25 23.92
CA THR I 150 41.90 59.23 24.14
C THR I 150 42.02 58.55 25.50
N SER I 151 43.25 58.50 26.01
CA SER I 151 43.51 57.92 27.32
C SER I 151 42.94 58.76 28.45
N ALA I 152 42.83 60.07 28.21
CA ALA I 152 42.38 61.00 29.23
C ALA I 152 40.88 61.27 29.16
N ILE I 153 40.24 60.77 28.10
CA ILE I 153 38.81 60.99 27.90
C ILE I 153 37.98 60.25 28.95
N GLY I 154 37.21 61.02 29.71
CA GLY I 154 36.35 60.45 30.74
C GLY I 154 36.91 60.59 32.14
N THR I 155 37.92 61.44 32.28
CA THR I 155 38.56 61.66 33.57
C THR I 155 38.43 63.11 34.04
N ASP I 156 37.50 63.83 33.42
CA ASP I 156 37.32 65.26 33.68
C ASP I 156 38.63 66.00 33.51
N ALA I 157 39.32 65.70 32.41
CA ALA I 157 40.66 66.21 32.18
C ALA I 157 40.68 67.70 31.87
N PHE I 158 41.89 68.25 31.79
CA PHE I 158 42.10 69.66 31.49
C PHE I 158 41.65 70.01 30.08
N GLN I 159 40.84 71.06 29.97
CA GLN I 159 40.27 71.51 28.70
C GLN I 159 39.50 70.40 28.00
N GLU I 160 38.79 69.59 28.77
CA GLU I 160 37.97 68.52 28.21
C GLU I 160 36.48 68.85 28.31
N ALA I 161 35.76 68.59 27.24
CA ALA I 161 34.32 68.77 27.21
C ALA I 161 33.68 67.76 26.26
N ASP I 162 32.45 67.35 26.57
CA ASP I 162 31.72 66.43 25.70
C ASP I 162 31.22 67.16 24.47
N VAL I 163 32.16 67.52 23.59
CA VAL I 163 31.87 68.33 22.41
C VAL I 163 30.87 67.64 21.48
N VAL I 164 30.99 66.33 21.36
CA VAL I 164 30.09 65.56 20.52
C VAL I 164 28.67 65.59 21.09
N GLY I 165 28.55 65.38 22.39
CA GLY I 165 27.26 65.39 23.05
C GLY I 165 26.61 66.75 23.07
N ILE I 166 27.43 67.81 23.05
CA ILE I 166 26.94 69.18 23.04
C ILE I 166 26.45 69.58 21.66
N SER I 167 27.29 69.36 20.65
CA SER I 167 26.98 69.77 19.28
C SER I 167 26.05 68.80 18.58
N ARG I 168 25.60 67.77 19.29
CA ARG I 168 24.73 66.75 18.72
C ARG I 168 23.40 67.32 18.27
N SER I 169 22.92 68.34 19.00
CA SER I 169 21.61 68.93 18.72
C SER I 169 21.68 70.04 17.67
N CYS I 170 22.86 70.63 17.51
CA CYS I 170 23.01 71.78 16.63
C CYS I 170 23.97 71.51 15.46
N THR I 171 24.16 70.24 15.12
CA THR I 171 24.94 69.88 13.94
C THR I 171 24.22 68.81 13.13
N LYS I 172 24.53 68.74 11.84
CA LYS I 172 23.92 67.74 10.97
C LYS I 172 24.40 66.35 11.36
N TRP I 173 25.67 66.25 11.75
CA TRP I 173 26.26 65.01 12.24
C TRP I 173 27.65 65.25 12.81
N ASN I 174 27.95 64.65 13.95
CA ASN I 174 29.26 64.78 14.57
C ASN I 174 29.94 63.43 14.78
N VAL I 175 31.26 63.45 14.95
CA VAL I 175 32.04 62.22 15.11
C VAL I 175 33.38 62.50 15.77
N MET I 176 33.82 61.57 16.61
CA MET I 176 35.15 61.64 17.23
C MET I 176 36.08 60.60 16.61
N VAL I 177 37.14 61.07 15.98
CA VAL I 177 38.10 60.18 15.32
C VAL I 177 38.89 59.38 16.36
N LYS I 178 38.64 58.08 16.42
CA LYS I 178 39.23 57.24 17.45
C LYS I 178 40.65 56.78 17.13
N SER I 179 41.03 56.85 15.85
CA SER I 179 42.36 56.43 15.43
C SER I 179 42.79 57.11 14.14
N VAL I 180 44.09 57.11 13.87
CA VAL I 180 44.64 57.72 12.67
C VAL I 180 44.14 57.01 11.42
N GLU I 181 43.76 55.74 11.57
CA GLU I 181 43.25 54.94 10.47
C GLU I 181 41.92 55.46 9.93
N GLU I 182 41.14 56.11 10.80
CA GLU I 182 39.82 56.60 10.41
C GLU I 182 39.84 58.05 9.95
N LEU I 183 40.94 58.76 10.22
CA LEU I 183 41.03 60.19 9.95
C LEU I 183 40.77 60.59 8.49
N PRO I 184 41.38 59.89 7.51
CA PRO I 184 41.06 60.29 6.14
C PRO I 184 39.63 59.98 5.74
N LEU I 185 39.01 59.03 6.43
CA LEU I 185 37.65 58.62 6.13
C LEU I 185 36.61 59.55 6.77
N ARG I 186 36.85 59.91 8.03
CA ARG I 186 35.91 60.75 8.77
C ARG I 186 35.79 62.14 8.15
N ILE I 187 36.90 62.65 7.64
CA ILE I 187 36.91 63.96 7.00
C ILE I 187 36.07 63.95 5.72
N ASN I 188 36.24 62.91 4.91
CA ASN I 188 35.45 62.75 3.70
C ASN I 188 33.97 62.60 4.01
N GLU I 189 33.65 61.89 5.09
CA GLU I 189 32.27 61.72 5.51
C GLU I 189 31.68 63.04 5.99
N ALA I 190 32.52 63.86 6.60
CA ALA I 190 32.08 65.14 7.14
C ALA I 190 31.70 66.12 6.03
N PHE I 191 32.58 66.25 5.04
CA PHE I 191 32.37 67.20 3.95
C PHE I 191 31.22 66.79 3.04
N GLU I 192 30.95 65.49 2.95
CA GLU I 192 29.85 65.01 2.13
C GLU I 192 28.51 65.35 2.74
N ILE I 193 28.34 65.03 4.02
CA ILE I 193 27.11 65.31 4.73
C ILE I 193 26.84 66.81 4.83
N ALA I 194 27.90 67.59 5.00
CA ALA I 194 27.79 69.03 5.14
C ALA I 194 27.30 69.71 3.86
N THR I 195 27.35 68.98 2.75
CA THR I 195 26.94 69.53 1.46
C THR I 195 25.88 68.69 0.77
N SER I 196 25.42 67.63 1.44
CA SER I 196 24.41 66.74 0.87
C SER I 196 23.01 67.20 1.26
N GLY I 197 22.08 67.13 0.30
CA GLY I 197 20.72 67.57 0.52
C GLY I 197 20.68 69.04 0.89
N ARG I 198 20.12 69.35 2.06
CA ARG I 198 20.23 70.69 2.61
C ARG I 198 21.52 70.79 3.40
N PRO I 199 22.45 71.63 2.91
CA PRO I 199 23.76 71.81 3.54
C PRO I 199 23.67 72.16 5.03
N GLY I 200 24.68 71.78 5.79
CA GLY I 200 24.68 72.03 7.23
C GLY I 200 26.04 71.86 7.85
N PRO I 201 26.14 72.07 9.18
CA PRO I 201 27.39 71.96 9.91
C PRO I 201 27.67 70.55 10.42
N VAL I 202 28.94 70.16 10.38
CA VAL I 202 29.38 68.88 10.94
C VAL I 202 30.55 69.09 11.88
N LEU I 203 30.64 68.26 12.91
CA LEU I 203 31.71 68.39 13.90
C LEU I 203 32.65 67.20 13.85
N VAL I 204 33.95 67.48 13.80
CA VAL I 204 34.96 66.43 13.83
C VAL I 204 35.90 66.63 15.01
N ASP I 205 35.69 65.84 16.07
CA ASP I 205 36.49 65.96 17.28
C ASP I 205 37.82 65.24 17.12
N LEU I 206 38.92 65.95 17.32
CA LEU I 206 40.25 65.40 17.10
C LEU I 206 41.07 65.33 18.38
N PRO I 207 41.27 64.12 18.91
CA PRO I 207 42.12 63.88 20.08
C PRO I 207 43.60 64.15 19.77
N LYS I 208 44.40 64.42 20.79
CA LYS I 208 45.80 64.72 20.60
C LYS I 208 46.60 63.50 20.13
N ASP I 209 46.39 62.37 20.80
CA ASP I 209 47.13 61.16 20.48
C ASP I 209 46.80 60.64 19.09
N VAL I 210 45.65 61.04 18.55
CA VAL I 210 45.24 60.63 17.21
C VAL I 210 45.92 61.49 16.15
N THR I 211 46.00 62.79 16.41
CA THR I 211 46.57 63.73 15.46
C THR I 211 48.10 63.79 15.54
N ALA I 212 48.67 63.04 16.47
CA ALA I 212 50.12 63.05 16.67
C ALA I 212 50.75 61.72 16.26
N ALA I 213 49.97 60.65 16.35
CA ALA I 213 50.46 59.32 16.02
C ALA I 213 50.72 59.19 14.51
N ILE I 214 51.64 58.31 14.15
CA ILE I 214 52.01 58.11 12.76
C ILE I 214 51.26 56.94 12.13
N LEU I 215 50.54 57.19 11.05
CA LEU I 215 49.83 56.15 10.32
C LEU I 215 50.82 55.26 9.57
N ARG I 216 50.71 53.94 9.80
CA ARG I 216 51.64 53.00 9.20
C ARG I 216 50.91 51.86 8.49
N ASN I 217 49.60 52.01 8.30
CA ASN I 217 48.81 50.99 7.64
C ASN I 217 47.90 51.57 6.56
N PRO I 218 47.80 50.88 5.42
CA PRO I 218 46.89 51.26 4.34
C PRO I 218 45.44 51.26 4.82
N ILE I 219 44.70 52.31 4.48
CA ILE I 219 43.34 52.45 4.99
C ILE I 219 42.36 52.99 3.94
N PRO I 220 41.08 52.58 4.04
CA PRO I 220 40.02 53.08 3.16
C PRO I 220 39.77 54.57 3.34
N THR I 221 39.40 55.25 2.25
CA THR I 221 39.11 56.67 2.31
C THR I 221 37.68 56.95 1.85
N LYS I 222 36.90 55.88 1.69
CA LYS I 222 35.52 56.01 1.24
C LYS I 222 34.64 54.85 1.71
N THR I 223 33.59 55.18 2.44
CA THR I 223 32.59 54.19 2.87
C THR I 223 31.19 54.72 2.61
N THR I 224 30.27 53.82 2.31
CA THR I 224 28.90 54.21 1.98
C THR I 224 28.13 54.70 3.21
N LEU I 225 27.43 55.82 3.04
CA LEU I 225 26.55 56.33 4.08
C LEU I 225 25.30 55.47 4.18
N PRO I 226 25.10 54.83 5.33
CA PRO I 226 24.00 53.88 5.55
C PRO I 226 22.60 54.49 5.38
N SER I 227 22.50 55.81 5.49
CA SER I 227 21.20 56.46 5.44
C SER I 227 20.75 56.78 4.01
N ASN I 228 21.66 57.28 3.20
CA ASN I 228 21.30 57.76 1.86
C ASN I 228 22.04 57.08 0.72
N ALA I 229 23.34 56.85 0.90
CA ALA I 229 24.21 56.37 -0.18
C ALA I 229 23.73 55.06 -0.80
N LEU I 230 23.63 54.01 0.00
CA LEU I 230 23.26 52.70 -0.53
C LEU I 230 21.75 52.52 -0.59
N ASN I 231 21.02 53.36 0.13
CA ASN I 231 19.56 53.32 0.09
C ASN I 231 19.03 53.89 -1.22
N GLN I 232 19.73 54.86 -1.78
CA GLN I 232 19.32 55.51 -3.02
C GLN I 232 19.57 54.62 -4.24
N LEU I 233 20.13 53.43 -4.01
CA LEU I 233 20.36 52.49 -5.10
C LEU I 233 19.04 51.93 -5.63
N THR I 234 17.99 52.04 -4.82
CA THR I 234 16.64 51.72 -5.27
C THR I 234 16.05 52.97 -5.93
N SER I 235 16.63 53.33 -7.06
CA SER I 235 16.31 54.61 -7.72
C SER I 235 15.06 54.53 -8.57
N ARG I 236 14.75 53.34 -9.08
CA ARG I 236 13.60 53.15 -9.96
C ARG I 236 12.28 53.48 -9.25
N ALA I 237 12.23 53.20 -7.95
CA ALA I 237 11.03 53.47 -7.16
C ALA I 237 11.03 54.91 -6.63
N GLN I 238 12.03 55.69 -7.03
CA GLN I 238 12.14 57.07 -6.59
C GLN I 238 12.22 58.03 -7.77
N ASP I 239 13.07 57.71 -8.74
CA ASP I 239 13.23 58.56 -9.92
C ASP I 239 11.97 58.58 -10.77
N GLU I 240 11.26 57.45 -10.81
CA GLU I 240 10.05 57.34 -11.59
C GLU I 240 8.83 57.74 -10.76
N PHE I 241 8.98 57.72 -9.45
CA PHE I 241 7.90 58.12 -8.54
C PHE I 241 7.78 59.64 -8.50
N VAL I 242 8.92 60.33 -8.42
CA VAL I 242 8.93 61.79 -8.37
C VAL I 242 8.49 62.35 -9.72
N MET I 243 8.67 61.56 -10.78
CA MET I 243 8.27 61.96 -12.12
C MET I 243 6.74 62.08 -12.21
N GLN I 244 6.05 61.25 -11.46
CA GLN I 244 4.59 61.30 -11.39
C GLN I 244 4.12 62.55 -10.67
N SER I 245 4.89 62.96 -9.67
CA SER I 245 4.58 64.18 -8.91
C SER I 245 4.90 65.42 -9.73
N ILE I 246 5.92 65.33 -10.57
CA ILE I 246 6.31 66.43 -11.45
C ILE I 246 5.22 66.72 -12.46
N ASN I 247 4.71 65.68 -13.10
CA ASN I 247 3.66 65.82 -14.10
C ASN I 247 2.35 66.35 -13.50
N LYS I 248 2.03 65.88 -12.29
CA LYS I 248 0.82 66.32 -11.62
C LYS I 248 0.96 67.75 -11.11
N ALA I 249 2.20 68.18 -10.88
CA ALA I 249 2.46 69.54 -10.43
C ALA I 249 2.30 70.54 -11.56
N ALA I 250 2.81 70.17 -12.74
CA ALA I 250 2.74 71.04 -13.90
C ALA I 250 1.31 71.23 -14.38
N ASP I 251 0.51 70.17 -14.27
CA ASP I 251 -0.89 70.22 -14.67
C ASP I 251 -1.68 71.16 -13.78
N LEU I 252 -1.28 71.26 -12.52
CA LEU I 252 -1.96 72.12 -11.55
C LEU I 252 -1.55 73.58 -11.75
N ILE I 253 -0.34 73.79 -12.25
CA ILE I 253 0.15 75.13 -12.56
C ILE I 253 -0.59 75.70 -13.75
N ASN I 254 -0.78 74.88 -14.78
CA ASN I 254 -1.51 75.28 -15.96
C ASN I 254 -3.01 75.45 -15.68
N LEU I 255 -3.46 74.87 -14.58
CA LEU I 255 -4.86 74.97 -14.18
C LEU I 255 -5.06 76.13 -13.21
N ALA I 256 -3.96 76.65 -12.69
CA ALA I 256 -4.00 77.74 -11.72
C ALA I 256 -4.45 79.05 -12.34
N LYS I 257 -5.30 79.78 -11.62
CA LYS I 257 -5.77 81.08 -12.07
C LYS I 257 -5.03 82.20 -11.34
N LYS I 258 -4.71 81.95 -10.07
CA LYS I 258 -3.98 82.91 -9.25
C LYS I 258 -2.79 82.26 -8.56
N PRO I 259 -1.74 81.92 -9.34
CA PRO I 259 -0.58 81.20 -8.78
C PRO I 259 0.49 82.12 -8.19
N VAL I 260 0.98 81.77 -7.02
CA VAL I 260 2.05 82.52 -6.37
C VAL I 260 3.29 81.65 -6.19
N LEU I 261 4.42 82.12 -6.72
CA LEU I 261 5.67 81.38 -6.62
C LEU I 261 6.36 81.68 -5.28
N TYR I 262 6.30 80.72 -4.37
CA TYR I 262 6.91 80.86 -3.05
C TYR I 262 8.35 80.36 -3.07
N VAL I 263 9.29 81.30 -3.04
CA VAL I 263 10.71 80.97 -3.19
C VAL I 263 11.50 81.21 -1.89
N GLY I 264 12.35 80.25 -1.55
CA GLY I 264 13.18 80.37 -0.36
C GLY I 264 14.67 80.37 -0.69
N ALA I 265 15.48 79.90 0.25
CA ALA I 265 16.93 79.90 0.08
C ALA I 265 17.40 78.65 -0.67
N GLY I 266 16.49 77.70 -0.86
CA GLY I 266 16.82 76.44 -1.51
C GLY I 266 17.19 76.58 -2.97
N ILE I 267 16.71 77.62 -3.61
CA ILE I 267 16.96 77.84 -5.02
C ILE I 267 18.36 78.44 -5.23
N LEU I 268 18.94 78.95 -4.15
CA LEU I 268 20.26 79.57 -4.22
C LEU I 268 21.37 78.53 -4.09
N ASN I 269 20.99 77.31 -3.72
CA ASN I 269 21.96 76.23 -3.57
C ASN I 269 22.25 75.52 -4.89
N HIS I 270 22.22 76.28 -5.98
CA HIS I 270 22.55 75.75 -7.31
C HIS I 270 22.94 76.89 -8.24
N ALA I 271 23.84 76.60 -9.18
CA ALA I 271 24.31 77.60 -10.12
C ALA I 271 23.20 78.10 -11.04
N ASP I 272 22.47 77.16 -11.64
CA ASP I 272 21.40 77.50 -12.56
C ASP I 272 20.07 77.71 -11.81
N GLY I 273 20.17 77.99 -10.52
CA GLY I 273 19.00 78.19 -9.68
C GLY I 273 18.14 79.37 -10.09
N PRO I 274 18.63 80.60 -9.85
CA PRO I 274 17.89 81.83 -10.17
C PRO I 274 17.50 81.95 -11.65
N ARG I 275 18.24 81.29 -12.53
CA ARG I 275 17.95 81.37 -13.96
C ARG I 275 16.66 80.62 -14.31
N LEU I 276 16.56 79.38 -13.83
CA LEU I 276 15.37 78.58 -14.08
C LEU I 276 14.15 79.15 -13.37
N LEU I 277 14.39 79.88 -12.28
CA LEU I 277 13.32 80.55 -11.56
C LEU I 277 12.76 81.69 -12.41
N LYS I 278 13.66 82.44 -13.04
CA LYS I 278 13.26 83.53 -13.91
C LYS I 278 12.59 83.00 -15.18
N GLU I 279 13.07 81.88 -15.67
CA GLU I 279 12.51 81.25 -16.86
C GLU I 279 11.07 80.80 -16.61
N LEU I 280 10.82 80.21 -15.45
CA LEU I 280 9.48 79.81 -15.06
C LEU I 280 8.57 81.03 -14.93
N SER I 281 9.15 82.12 -14.42
CA SER I 281 8.39 83.36 -14.23
C SER I 281 8.00 83.99 -15.56
N ASP I 282 8.65 83.55 -16.64
CA ASP I 282 8.37 84.07 -17.97
C ASP I 282 7.52 83.09 -18.78
N ARG I 283 7.56 81.82 -18.39
CA ARG I 283 6.81 80.78 -19.08
C ARG I 283 5.34 80.77 -18.68
N ALA I 284 5.08 80.91 -17.38
CA ALA I 284 3.71 80.86 -16.87
C ALA I 284 3.25 82.23 -16.38
N GLN I 285 4.14 83.22 -16.46
CA GLN I 285 3.84 84.60 -16.08
C GLN I 285 3.33 84.71 -14.64
N ILE I 286 3.93 83.96 -13.73
CA ILE I 286 3.51 83.98 -12.33
C ILE I 286 4.41 84.92 -11.52
N PRO I 287 3.82 85.60 -10.52
CA PRO I 287 4.58 86.50 -9.65
C PRO I 287 5.47 85.73 -8.67
N VAL I 288 6.60 86.33 -8.29
CA VAL I 288 7.56 85.66 -7.43
C VAL I 288 7.78 86.41 -6.11
N THR I 289 7.57 85.72 -4.99
CA THR I 289 7.86 86.27 -3.68
C THR I 289 8.93 85.43 -2.99
N THR I 290 9.84 86.11 -2.28
CA THR I 290 10.94 85.41 -1.62
C THR I 290 10.98 85.69 -0.12
N THR I 291 11.65 84.82 0.62
CA THR I 291 11.81 85.00 2.06
C THR I 291 13.02 85.88 2.35
N LEU I 292 13.39 85.98 3.63
CA LEU I 292 14.55 86.77 4.03
C LEU I 292 15.83 86.20 3.44
N GLN I 293 15.92 84.88 3.41
CA GLN I 293 17.10 84.20 2.89
C GLN I 293 16.95 83.91 1.40
N GLY I 294 15.80 84.26 0.84
CA GLY I 294 15.53 84.04 -0.56
C GLY I 294 15.76 85.30 -1.39
N LEU I 295 16.14 86.38 -0.72
CA LEU I 295 16.40 87.65 -1.40
C LEU I 295 17.65 87.55 -2.27
N GLY I 296 17.55 88.07 -3.49
CA GLY I 296 18.64 88.02 -4.44
C GLY I 296 18.45 86.95 -5.49
N SER I 297 17.54 86.02 -5.22
CA SER I 297 17.25 84.93 -6.14
C SER I 297 16.40 85.38 -7.31
N PHE I 298 15.70 86.51 -7.14
CA PHE I 298 14.84 87.03 -8.19
C PHE I 298 14.93 88.55 -8.27
N ASP I 299 14.83 89.07 -9.49
CA ASP I 299 14.90 90.51 -9.73
C ASP I 299 13.72 91.23 -9.05
N GLN I 300 14.03 92.25 -8.26
CA GLN I 300 13.00 92.94 -7.49
C GLN I 300 12.40 94.15 -8.20
N GLU I 301 13.08 94.64 -9.23
CA GLU I 301 12.54 95.76 -10.01
C GLU I 301 11.76 95.23 -11.21
N ASP I 302 11.43 93.94 -11.15
CA ASP I 302 10.60 93.30 -12.18
C ASP I 302 9.13 93.39 -11.78
N PRO I 303 8.25 93.63 -12.76
CA PRO I 303 6.81 93.72 -12.51
C PRO I 303 6.22 92.44 -11.89
N LYS I 304 6.95 91.34 -11.96
CA LYS I 304 6.48 90.07 -11.41
C LYS I 304 7.04 89.83 -10.02
N SER I 305 7.69 90.85 -9.45
CA SER I 305 8.29 90.72 -8.12
C SER I 305 7.34 91.17 -7.03
N LEU I 306 7.08 90.28 -6.08
CA LEU I 306 6.22 90.60 -4.94
C LEU I 306 7.05 90.95 -3.72
N ASP I 307 8.34 91.21 -3.93
CA ASP I 307 9.28 91.55 -2.86
C ASP I 307 9.33 90.45 -1.80
N MET I 308 9.51 90.83 -0.54
CA MET I 308 9.59 89.88 0.55
C MET I 308 8.23 89.71 1.24
N LEU I 309 7.88 88.48 1.56
CA LEU I 309 6.66 88.19 2.31
C LEU I 309 7.00 87.82 3.75
N GLY I 310 5.99 87.69 4.58
CA GLY I 310 6.19 87.25 5.96
C GLY I 310 5.71 88.23 7.00
N MET I 311 6.37 88.22 8.16
CA MET I 311 5.99 89.06 9.28
C MET I 311 6.17 90.54 8.96
N HIS I 312 7.37 90.91 8.57
CA HIS I 312 7.66 92.30 8.20
C HIS I 312 7.75 92.45 6.69
N GLY I 313 7.03 91.61 5.95
CA GLY I 313 7.00 91.68 4.51
C GLY I 313 5.96 92.68 4.02
N CYS I 314 5.98 92.98 2.73
CA CYS I 314 5.03 93.91 2.15
C CYS I 314 3.64 93.31 2.13
N ALA I 315 2.63 94.18 2.13
CA ALA I 315 1.24 93.75 2.14
C ALA I 315 0.84 93.13 0.80
N THR I 316 1.58 93.49 -0.25
CA THR I 316 1.31 92.98 -1.59
C THR I 316 1.50 91.46 -1.64
N ALA I 317 2.65 90.99 -1.15
CA ALA I 317 2.95 89.57 -1.16
C ALA I 317 2.05 88.79 -0.20
N ASN I 318 1.79 89.39 0.95
CA ASN I 318 0.94 88.74 1.96
C ASN I 318 -0.49 88.55 1.47
N LEU I 319 -1.02 89.57 0.80
CA LEU I 319 -2.37 89.50 0.26
C LEU I 319 -2.43 88.63 -0.99
N ALA I 320 -1.29 88.47 -1.65
CA ALA I 320 -1.19 87.61 -2.83
C ALA I 320 -1.26 86.15 -2.43
N VAL I 321 -0.66 85.82 -1.29
CA VAL I 321 -0.64 84.46 -0.77
C VAL I 321 -2.02 84.07 -0.23
N GLN I 322 -2.64 84.96 0.52
CA GLN I 322 -3.94 84.70 1.12
C GLN I 322 -5.05 84.57 0.08
N ASN I 323 -4.83 85.14 -1.10
CA ASN I 323 -5.83 85.12 -2.15
C ASN I 323 -5.46 84.24 -3.34
N ALA I 324 -4.36 83.51 -3.21
CA ALA I 324 -3.91 82.60 -4.25
C ALA I 324 -4.65 81.27 -4.19
N ASP I 325 -4.80 80.62 -5.32
CA ASP I 325 -5.43 79.31 -5.38
C ASP I 325 -4.38 78.21 -5.50
N LEU I 326 -3.16 78.62 -5.85
CA LEU I 326 -2.03 77.69 -5.94
C LEU I 326 -0.73 78.37 -5.52
N ILE I 327 0.00 77.73 -4.62
CA ILE I 327 1.28 78.25 -4.15
C ILE I 327 2.40 77.27 -4.44
N ILE I 328 3.33 77.69 -5.30
CA ILE I 328 4.47 76.85 -5.64
C ILE I 328 5.64 77.13 -4.70
N ALA I 329 5.78 76.29 -3.68
CA ALA I 329 6.85 76.46 -2.70
C ALA I 329 8.17 75.89 -3.21
N VAL I 330 9.13 76.77 -3.49
CA VAL I 330 10.42 76.36 -4.01
C VAL I 330 11.55 76.72 -3.05
N GLY I 331 12.05 75.72 -2.34
CA GLY I 331 13.20 75.90 -1.47
C GLY I 331 12.92 76.67 -0.19
N ALA I 332 11.68 76.60 0.29
CA ALA I 332 11.30 77.26 1.53
C ALA I 332 10.68 76.27 2.51
N ARG I 333 10.73 76.59 3.80
CA ARG I 333 10.29 75.65 4.83
C ARG I 333 9.11 76.17 5.66
N PHE I 334 8.43 77.19 5.15
CA PHE I 334 7.25 77.76 5.79
C PHE I 334 7.49 78.13 7.25
N ASP I 335 8.43 79.03 7.49
CA ASP I 335 8.81 79.43 8.84
C ASP I 335 7.68 80.19 9.55
N ASP I 336 7.76 80.24 10.87
CA ASP I 336 6.77 80.95 11.68
C ASP I 336 6.78 82.45 11.37
N ARG I 337 7.94 82.97 10.99
CA ARG I 337 8.08 84.39 10.68
C ARG I 337 7.53 84.71 9.29
N VAL I 338 7.15 83.69 8.55
CA VAL I 338 6.63 83.86 7.20
C VAL I 338 5.13 83.58 7.13
N THR I 339 4.73 82.41 7.62
CA THR I 339 3.34 81.99 7.54
C THR I 339 2.44 82.75 8.50
N GLY I 340 3.01 83.24 9.60
CA GLY I 340 2.23 83.91 10.64
C GLY I 340 1.30 82.92 11.31
N ASN I 341 0.01 83.21 11.29
CA ASN I 341 -0.99 82.30 11.82
C ASN I 341 -1.21 81.14 10.85
N ILE I 342 -0.79 79.94 11.26
CA ILE I 342 -0.89 78.76 10.41
C ILE I 342 -2.34 78.41 10.10
N SER I 343 -3.22 78.71 11.06
CA SER I 343 -4.65 78.47 10.88
C SER I 343 -5.28 79.46 9.91
N LYS I 344 -4.54 80.52 9.59
CA LYS I 344 -5.03 81.55 8.69
C LYS I 344 -4.14 81.69 7.45
N PHE I 345 -3.17 80.81 7.31
CA PHE I 345 -2.23 80.87 6.20
C PHE I 345 -2.83 80.30 4.92
N ALA I 346 -2.96 81.17 3.91
CA ALA I 346 -3.48 80.79 2.60
C ALA I 346 -4.83 80.08 2.68
N PRO I 347 -5.90 80.83 3.00
CA PRO I 347 -7.24 80.24 3.08
C PRO I 347 -7.82 79.93 1.71
N GLU I 348 -7.44 80.71 0.71
CA GLU I 348 -7.95 80.54 -0.65
C GLU I 348 -7.28 79.35 -1.34
N ALA I 349 -6.01 79.14 -1.03
CA ALA I 349 -5.26 78.02 -1.60
C ALA I 349 -5.76 76.70 -1.02
N ARG I 350 -6.12 76.72 0.27
CA ARG I 350 -6.65 75.55 0.94
C ARG I 350 -8.04 75.22 0.42
N ARG I 351 -8.80 76.26 0.06
CA ARG I 351 -10.14 76.08 -0.48
C ARG I 351 -10.07 75.52 -1.90
N ALA I 352 -9.06 75.93 -2.65
CA ALA I 352 -8.86 75.46 -4.02
C ALA I 352 -8.46 73.99 -4.02
N ALA I 353 -7.75 73.57 -2.98
CA ALA I 353 -7.33 72.18 -2.86
C ALA I 353 -8.52 71.28 -2.57
N ALA I 354 -9.48 71.81 -1.81
CA ALA I 354 -10.68 71.05 -1.46
C ALA I 354 -11.59 70.91 -2.68
N GLU I 355 -11.51 71.88 -3.60
CA GLU I 355 -12.31 71.84 -4.81
C GLU I 355 -11.54 71.17 -5.95
N GLY I 356 -10.28 70.81 -5.67
CA GLY I 356 -9.43 70.17 -6.66
C GLY I 356 -9.00 71.12 -7.76
N ARG I 357 -9.06 72.42 -7.48
CA ARG I 357 -8.70 73.43 -8.46
C ARG I 357 -7.28 73.94 -8.26
N GLY I 358 -6.75 73.75 -7.06
CA GLY I 358 -5.40 74.20 -6.74
C GLY I 358 -4.83 73.52 -5.51
N GLY I 359 -4.06 74.27 -4.74
CA GLY I 359 -3.46 73.76 -3.53
C GLY I 359 -2.06 74.29 -3.29
N ILE I 360 -1.17 73.42 -2.81
CA ILE I 360 0.21 73.81 -2.54
C ILE I 360 1.19 72.80 -3.13
N ILE I 361 2.13 73.28 -3.92
CA ILE I 361 3.19 72.45 -4.47
C ILE I 361 4.51 72.77 -3.76
N HIS I 362 5.21 71.75 -3.29
CA HIS I 362 6.41 71.95 -2.50
C HIS I 362 7.63 71.26 -3.12
N PHE I 363 8.71 72.02 -3.28
CA PHE I 363 9.96 71.48 -3.80
C PHE I 363 11.01 71.41 -2.70
N GLU I 364 11.15 70.22 -2.10
CA GLU I 364 12.08 70.04 -0.99
C GLU I 364 13.13 68.98 -1.31
N VAL I 365 14.34 69.20 -0.77
CA VAL I 365 15.41 68.22 -0.90
C VAL I 365 15.42 67.33 0.35
N SER I 366 14.75 67.81 1.40
CA SER I 366 14.61 67.04 2.63
C SER I 366 13.14 66.77 2.93
N PRO I 367 12.74 65.49 2.83
CA PRO I 367 11.36 65.05 3.05
C PRO I 367 10.86 65.37 4.47
N LYS I 368 11.79 65.59 5.39
CA LYS I 368 11.44 65.90 6.77
C LYS I 368 10.72 67.24 6.90
N ASN I 369 10.98 68.15 5.96
CA ASN I 369 10.35 69.47 5.98
C ASN I 369 9.09 69.52 5.13
N ILE I 370 8.68 68.36 4.61
CA ILE I 370 7.44 68.27 3.84
C ILE I 370 6.28 67.86 4.76
N ASN I 371 5.17 68.58 4.65
CA ASN I 371 4.00 68.38 5.49
C ASN I 371 4.31 68.52 6.97
N LYS I 372 5.19 69.47 7.30
CA LYS I 372 5.57 69.72 8.69
C LYS I 372 4.75 70.85 9.28
N VAL I 373 4.57 71.91 8.50
CA VAL I 373 3.79 73.07 8.95
C VAL I 373 2.48 73.17 8.17
N VAL I 374 2.56 72.98 6.85
CA VAL I 374 1.38 73.02 6.01
C VAL I 374 1.21 71.72 5.22
N GLN I 375 -0.03 71.33 4.99
CA GLN I 375 -0.32 70.11 4.24
C GLN I 375 -0.12 70.31 2.75
N THR I 376 0.80 69.54 2.17
CA THR I 376 1.10 69.63 0.75
C THR I 376 0.34 68.59 -0.05
N GLN I 377 -0.37 69.04 -1.09
CA GLN I 377 -1.13 68.14 -1.93
C GLN I 377 -0.20 67.30 -2.82
N ILE I 378 0.79 67.96 -3.42
CA ILE I 378 1.76 67.27 -4.26
C ILE I 378 3.17 67.79 -3.99
N ALA I 379 4.05 66.89 -3.55
CA ALA I 379 5.43 67.25 -3.24
C ALA I 379 6.40 66.70 -4.27
N VAL I 380 7.42 67.49 -4.59
CA VAL I 380 8.44 67.07 -5.53
C VAL I 380 9.80 66.98 -4.83
N GLU I 381 10.14 65.80 -4.36
CA GLU I 381 11.37 65.59 -3.59
C GLU I 381 12.61 65.69 -4.47
N GLY I 382 13.69 66.21 -3.90
CA GLY I 382 14.94 66.38 -4.62
C GLY I 382 15.35 67.84 -4.73
N ASP I 383 16.36 68.10 -5.55
CA ASP I 383 16.83 69.48 -5.76
C ASP I 383 15.77 70.29 -6.49
N ALA I 384 15.48 71.48 -5.96
CA ALA I 384 14.46 72.35 -6.54
C ALA I 384 14.82 72.78 -7.96
N THR I 385 16.07 73.19 -8.15
CA THR I 385 16.55 73.63 -9.45
C THR I 385 16.48 72.51 -10.47
N THR I 386 16.87 71.31 -10.05
CA THR I 386 16.87 70.14 -10.92
C THR I 386 15.44 69.75 -11.33
N ASN I 387 14.51 69.89 -10.39
CA ASN I 387 13.12 69.54 -10.64
C ASN I 387 12.39 70.60 -11.48
N LEU I 388 12.83 71.85 -11.38
CA LEU I 388 12.25 72.93 -12.16
C LEU I 388 12.65 72.80 -13.63
N GLY I 389 13.86 72.33 -13.87
CA GLY I 389 14.38 72.19 -15.21
C GLY I 389 13.72 71.07 -16.00
N LYS I 390 13.22 70.07 -15.29
CA LYS I 390 12.59 68.92 -15.94
C LYS I 390 11.07 69.03 -15.87
N MET I 391 10.57 70.26 -15.80
CA MET I 391 9.13 70.50 -15.71
C MET I 391 8.67 71.51 -16.75
N MET I 392 9.63 72.22 -17.34
CA MET I 392 9.33 73.27 -18.31
C MET I 392 8.55 72.76 -19.51
N SER I 393 8.84 71.51 -19.91
CA SER I 393 8.19 70.92 -21.07
C SER I 393 6.73 70.59 -20.80
N LYS I 394 6.38 70.43 -19.53
CA LYS I 394 5.02 70.06 -19.15
C LYS I 394 4.20 71.28 -18.71
N ILE I 395 4.78 72.46 -18.85
CA ILE I 395 4.08 73.70 -18.47
C ILE I 395 3.67 74.50 -19.69
N PHE I 396 2.36 74.79 -19.78
CA PHE I 396 1.81 75.56 -20.88
C PHE I 396 2.30 77.01 -20.84
N PRO I 397 2.64 77.57 -22.01
CA PRO I 397 3.07 78.97 -22.12
C PRO I 397 1.91 79.93 -21.91
N VAL I 398 2.15 81.00 -21.14
CA VAL I 398 1.14 82.02 -20.89
C VAL I 398 1.61 83.36 -21.43
N LYS I 399 0.70 84.06 -22.11
CA LYS I 399 1.02 85.36 -22.69
C LYS I 399 0.95 86.48 -21.64
N GLU I 400 -0.22 86.62 -21.03
CA GLU I 400 -0.42 87.66 -20.03
C GLU I 400 -1.62 87.37 -19.11
N ARG I 401 -1.42 87.57 -17.81
CA ARG I 401 -2.49 87.45 -16.84
C ARG I 401 -3.13 88.81 -16.62
N SER I 402 -4.46 88.85 -16.59
CA SER I 402 -5.18 90.12 -16.57
C SER I 402 -5.75 90.48 -15.20
N GLU I 403 -6.86 89.85 -14.84
CA GLU I 403 -7.62 90.21 -13.65
C GLU I 403 -6.81 90.24 -12.37
N TRP I 404 -6.20 89.10 -12.02
CA TRP I 404 -5.50 88.96 -10.76
C TRP I 404 -4.14 89.66 -10.76
N PHE I 405 -3.50 89.74 -11.92
CA PHE I 405 -2.20 90.37 -12.02
C PHE I 405 -2.32 91.89 -11.97
N ALA I 406 -3.54 92.39 -12.17
CA ALA I 406 -3.80 93.82 -12.08
C ALA I 406 -4.27 94.19 -10.69
N GLN I 407 -4.77 93.20 -9.95
CA GLN I 407 -5.23 93.42 -8.59
C GLN I 407 -4.07 93.59 -7.63
N ILE I 408 -2.97 92.89 -7.89
CA ILE I 408 -1.79 92.99 -7.05
C ILE I 408 -1.09 94.33 -7.27
N ASN I 409 -1.37 94.94 -8.43
CA ASN I 409 -0.83 96.26 -8.73
C ASN I 409 -1.57 97.34 -7.95
N LYS I 410 -2.83 97.05 -7.61
CA LYS I 410 -3.62 97.93 -6.76
C LYS I 410 -3.11 97.90 -5.33
N TRP I 411 -2.60 96.73 -4.92
CA TRP I 411 -2.06 96.55 -3.58
C TRP I 411 -0.69 97.21 -3.46
N LYS I 412 0.03 97.31 -4.57
CA LYS I 412 1.34 97.95 -4.57
C LYS I 412 1.21 99.45 -4.38
N LYS I 413 0.08 100.00 -4.82
CA LYS I 413 -0.16 101.44 -4.72
C LYS I 413 -0.83 101.80 -3.39
N GLU I 414 -1.84 101.01 -3.02
CA GLU I 414 -2.58 101.26 -1.78
C GLU I 414 -1.77 100.89 -0.55
N TYR I 415 -1.03 99.79 -0.64
CA TYR I 415 -0.23 99.32 0.48
C TYR I 415 1.25 99.10 0.13
N PRO I 416 2.00 100.20 -0.06
CA PRO I 416 3.44 100.07 -0.34
C PRO I 416 4.27 100.20 0.93
N TYR I 417 5.58 100.07 0.81
CA TYR I 417 6.49 100.30 1.93
C TYR I 417 6.45 101.75 2.35
N ALA I 418 5.79 102.03 3.47
CA ALA I 418 5.63 103.40 3.94
C ALA I 418 6.26 103.61 5.32
N TYR I 419 6.69 104.84 5.58
CA TYR I 419 7.30 105.19 6.84
C TYR I 419 7.29 106.71 7.04
N MET I 420 7.54 107.16 8.26
CA MET I 420 7.59 108.58 8.55
C MET I 420 8.80 109.21 7.88
N GLU I 421 8.57 109.97 6.83
CA GLU I 421 9.67 110.59 6.07
C GLU I 421 10.30 111.74 6.84
N GLU I 422 11.50 112.13 6.39
CA GLU I 422 12.27 113.16 7.08
C GLU I 422 11.71 114.55 6.88
N THR I 423 11.83 115.39 7.91
CA THR I 423 11.41 116.78 7.84
C THR I 423 12.48 117.69 8.43
N PRO I 424 12.61 118.91 7.89
CA PRO I 424 13.58 119.89 8.39
C PRO I 424 13.41 120.16 9.89
N GLY I 425 14.40 119.75 10.68
CA GLY I 425 14.35 119.89 12.12
C GLY I 425 14.44 118.55 12.81
N SER I 426 14.12 117.48 12.08
CA SER I 426 14.19 116.13 12.62
C SER I 426 15.51 115.46 12.25
N LYS I 427 15.96 114.55 13.10
CA LYS I 427 17.21 113.83 12.85
C LYS I 427 16.99 112.70 11.84
N ILE I 428 18.08 112.04 11.46
CA ILE I 428 18.04 110.99 10.44
C ILE I 428 17.22 109.79 10.89
N LYS I 429 16.83 108.95 9.93
CA LYS I 429 16.05 107.75 10.22
C LYS I 429 16.45 106.62 9.26
N PRO I 430 16.48 105.38 9.77
CA PRO I 430 17.06 104.21 9.09
C PRO I 430 16.48 103.89 7.72
N GLN I 431 15.17 104.07 7.53
CA GLN I 431 14.54 103.74 6.26
C GLN I 431 15.15 104.51 5.09
N THR I 432 15.37 105.81 5.30
CA THR I 432 15.93 106.66 4.25
C THR I 432 17.43 106.45 4.10
N VAL I 433 18.06 105.90 5.13
CA VAL I 433 19.50 105.63 5.11
C VAL I 433 19.82 104.46 4.18
N ILE I 434 19.08 103.37 4.33
CA ILE I 434 19.27 102.20 3.49
C ILE I 434 18.85 102.52 2.05
N LYS I 435 17.80 103.33 1.91
CA LYS I 435 17.35 103.79 0.60
C LYS I 435 18.47 104.46 -0.18
N LYS I 436 19.16 105.39 0.46
CA LYS I 436 20.24 106.12 -0.19
C LYS I 436 21.50 105.27 -0.36
N LEU I 437 21.74 104.37 0.60
CA LEU I 437 22.91 103.50 0.53
C LEU I 437 22.81 102.52 -0.63
N SER I 438 21.58 102.11 -0.94
CA SER I 438 21.34 101.20 -2.05
C SER I 438 21.60 101.89 -3.39
N LYS I 439 21.48 103.21 -3.41
CA LYS I 439 21.67 103.98 -4.63
C LYS I 439 23.15 104.28 -4.88
N VAL I 440 23.90 104.53 -3.82
CA VAL I 440 25.32 104.83 -3.93
C VAL I 440 26.14 103.56 -4.07
N ALA I 441 25.49 102.41 -3.88
CA ALA I 441 26.15 101.12 -4.05
C ALA I 441 26.13 100.69 -5.50
N ASN I 442 25.02 101.00 -6.18
CA ASN I 442 24.91 100.72 -7.61
C ASN I 442 25.72 101.71 -8.44
N ASP I 443 25.98 102.88 -7.86
CA ASP I 443 26.74 103.93 -8.55
C ASP I 443 28.21 103.56 -8.68
N THR I 444 28.65 102.62 -7.85
CA THR I 444 30.04 102.18 -7.85
C THR I 444 30.37 101.36 -9.10
N GLY I 445 29.58 100.32 -9.34
CA GLY I 445 29.81 99.44 -10.48
C GLY I 445 30.43 98.14 -10.04
N ARG I 446 30.73 98.04 -8.75
CA ARG I 446 31.31 96.83 -8.17
C ARG I 446 30.27 95.74 -7.97
N HIS I 447 30.72 94.59 -7.49
CA HIS I 447 29.82 93.53 -7.05
C HIS I 447 29.52 93.73 -5.57
N VAL I 448 28.26 93.99 -5.25
CA VAL I 448 27.88 94.36 -3.90
C VAL I 448 27.35 93.18 -3.08
N ILE I 449 28.07 92.85 -2.01
CA ILE I 449 27.63 91.82 -1.07
C ILE I 449 27.25 92.47 0.26
N VAL I 450 26.04 92.20 0.73
CA VAL I 450 25.53 92.86 1.93
C VAL I 450 25.24 91.88 3.06
N THR I 451 25.83 92.15 4.22
CA THR I 451 25.55 91.37 5.42
C THR I 451 24.94 92.27 6.48
N THR I 452 24.11 91.70 7.35
CA THR I 452 23.44 92.47 8.40
C THR I 452 23.51 91.78 9.75
N GLY I 453 23.19 92.54 10.79
CA GLY I 453 23.04 91.98 12.13
C GLY I 453 21.63 91.47 12.31
N VAL I 454 21.11 91.58 13.53
CA VAL I 454 19.74 91.12 13.80
C VAL I 454 18.97 92.16 14.61
N GLY I 455 17.85 92.61 14.05
CA GLY I 455 17.01 93.60 14.70
C GLY I 455 16.14 94.34 13.71
N GLN I 456 15.81 95.59 14.03
CA GLN I 456 15.01 96.43 13.15
C GLN I 456 15.79 96.80 11.89
N HIS I 457 17.08 97.05 12.06
CA HIS I 457 17.94 97.44 10.94
C HIS I 457 18.06 96.32 9.92
N GLN I 458 17.92 95.08 10.39
CA GLN I 458 17.97 93.91 9.53
C GLN I 458 16.79 93.89 8.57
N MET I 459 15.61 94.25 9.08
CA MET I 459 14.39 94.22 8.30
C MET I 459 14.36 95.33 7.25
N TRP I 460 14.75 96.53 7.63
CA TRP I 460 14.78 97.66 6.71
C TRP I 460 15.79 97.47 5.60
N ALA I 461 16.94 96.88 5.94
CA ALA I 461 17.97 96.60 4.96
C ALA I 461 17.54 95.49 4.00
N ALA I 462 16.55 94.71 4.42
CA ALA I 462 16.07 93.59 3.64
C ALA I 462 15.00 94.01 2.63
N GLN I 463 14.18 94.98 3.01
CA GLN I 463 13.04 95.36 2.19
C GLN I 463 13.30 96.59 1.32
N HIS I 464 14.08 97.54 1.84
CA HIS I 464 14.30 98.81 1.14
C HIS I 464 15.52 98.76 0.22
N TRP I 465 16.28 97.68 0.29
CA TRP I 465 17.37 97.46 -0.66
C TRP I 465 16.84 96.68 -1.85
N THR I 466 17.24 97.09 -3.05
CA THR I 466 16.81 96.40 -4.27
C THR I 466 17.75 95.25 -4.59
N TRP I 467 17.28 94.02 -4.36
CA TRP I 467 18.08 92.83 -4.61
C TRP I 467 17.83 92.30 -6.02
N ARG I 468 18.90 91.99 -6.74
CA ARG I 468 18.80 91.56 -8.13
C ARG I 468 19.75 90.42 -8.45
N ASN I 469 20.86 90.34 -7.71
CA ASN I 469 21.84 89.28 -7.92
C ASN I 469 21.88 88.29 -6.77
N PRO I 470 22.11 87.00 -7.08
CA PRO I 470 22.15 85.93 -6.07
C PRO I 470 23.38 86.02 -5.18
N HIS I 471 23.29 85.42 -3.99
CA HIS I 471 24.39 85.37 -3.03
C HIS I 471 24.92 86.75 -2.66
N THR I 472 24.03 87.73 -2.63
CA THR I 472 24.41 89.10 -2.28
C THR I 472 23.98 89.47 -0.86
N PHE I 473 22.90 88.84 -0.40
CA PHE I 473 22.39 89.08 0.95
C PHE I 473 22.77 87.93 1.88
N ILE I 474 23.51 88.25 2.94
CA ILE I 474 23.94 87.26 3.90
C ILE I 474 23.51 87.67 5.31
N THR I 475 22.44 87.07 5.81
CA THR I 475 21.90 87.42 7.12
C THR I 475 21.50 86.20 7.93
N SER I 476 21.40 86.37 9.25
CA SER I 476 20.99 85.29 10.14
C SER I 476 19.48 85.33 10.37
N GLY I 477 18.76 84.40 9.75
CA GLY I 477 17.32 84.37 9.82
C GLY I 477 16.76 83.33 10.78
N GLY I 478 17.20 82.09 10.62
CA GLY I 478 16.73 80.99 11.44
C GLY I 478 17.01 81.15 12.91
N LEU I 479 18.27 81.45 13.25
CA LEU I 479 18.65 81.62 14.64
C LEU I 479 18.68 83.09 15.04
N GLY I 480 18.95 83.97 14.08
CA GLY I 480 18.98 85.39 14.33
C GLY I 480 20.02 85.79 15.38
N THR I 481 21.28 85.54 15.07
CA THR I 481 22.36 85.83 16.02
C THR I 481 22.87 87.27 15.85
N MET I 482 22.96 88.00 16.95
CA MET I 482 23.53 89.33 16.94
C MET I 482 25.05 89.25 16.90
N GLY I 483 25.69 90.22 16.24
CA GLY I 483 27.12 90.21 16.09
C GLY I 483 27.54 89.29 14.95
N TYR I 484 26.58 88.91 14.13
CA TYR I 484 26.83 88.03 13.00
C TYR I 484 27.35 88.81 11.80
N GLY I 485 26.95 90.08 11.71
CA GLY I 485 27.26 90.91 10.57
C GLY I 485 28.75 91.10 10.28
N LEU I 486 29.49 91.60 11.26
CA LEU I 486 30.90 91.91 11.08
C LEU I 486 31.77 90.71 10.67
N PRO I 487 31.67 89.57 11.38
CA PRO I 487 32.53 88.46 10.95
C PRO I 487 32.07 87.82 9.64
N ALA I 488 30.77 87.78 9.40
CA ALA I 488 30.25 87.24 8.15
C ALA I 488 30.71 88.09 6.97
N ALA I 489 30.88 89.39 7.23
CA ALA I 489 31.38 90.31 6.23
C ALA I 489 32.83 90.01 5.89
N ILE I 490 33.62 89.74 6.92
CA ILE I 490 35.03 89.41 6.74
C ILE I 490 35.19 88.12 5.94
N GLY I 491 34.45 87.09 6.33
CA GLY I 491 34.50 85.82 5.64
C GLY I 491 34.04 85.91 4.20
N ALA I 492 33.07 86.79 3.96
CA ALA I 492 32.55 86.99 2.61
C ALA I 492 33.56 87.75 1.76
N GLN I 493 34.35 88.61 2.40
CA GLN I 493 35.37 89.39 1.71
C GLN I 493 36.52 88.50 1.28
N VAL I 494 36.81 87.48 2.09
CA VAL I 494 37.87 86.52 1.78
C VAL I 494 37.47 85.71 0.55
N ALA I 495 36.20 85.34 0.48
CA ALA I 495 35.67 84.60 -0.66
C ALA I 495 35.69 85.44 -1.93
N LYS I 496 35.30 86.70 -1.80
CA LYS I 496 35.28 87.63 -2.93
C LYS I 496 36.03 88.91 -2.61
N PRO I 497 37.35 88.91 -2.79
CA PRO I 497 38.21 90.05 -2.50
C PRO I 497 37.88 91.29 -3.32
N GLU I 498 37.46 91.10 -4.57
CA GLU I 498 37.14 92.20 -5.45
C GLU I 498 35.66 92.55 -5.43
N SER I 499 35.03 92.36 -4.28
CA SER I 499 33.61 92.68 -4.12
C SER I 499 33.39 93.66 -2.98
N LEU I 500 32.41 94.54 -3.15
CA LEU I 500 32.07 95.52 -2.13
C LEU I 500 31.24 94.89 -1.03
N VAL I 501 31.88 94.52 0.06
CA VAL I 501 31.21 93.88 1.18
C VAL I 501 30.74 94.91 2.21
N ILE I 502 29.42 95.10 2.30
CA ILE I 502 28.85 96.07 3.21
C ILE I 502 28.16 95.39 4.40
N ASP I 503 28.49 95.85 5.60
CA ASP I 503 27.89 95.32 6.82
C ASP I 503 26.93 96.34 7.44
N ILE I 504 25.63 96.07 7.32
CA ILE I 504 24.63 96.94 7.92
C ILE I 504 24.26 96.41 9.31
N ASP I 505 24.94 96.94 10.32
CA ASP I 505 24.77 96.47 11.70
C ASP I 505 23.97 97.45 12.54
N GLY I 506 23.46 96.97 13.66
CA GLY I 506 22.82 97.82 14.65
C GLY I 506 23.82 98.15 15.74
N ASP I 507 23.44 99.04 16.66
CA ASP I 507 24.33 99.40 17.75
C ASP I 507 24.43 98.29 18.78
N ALA I 508 23.42 97.43 18.80
CA ALA I 508 23.39 96.32 19.75
C ALA I 508 23.96 95.05 19.12
N SER I 509 23.68 94.83 17.84
CA SER I 509 24.23 93.69 17.11
C SER I 509 25.75 93.84 17.03
N PHE I 510 26.21 94.95 16.46
CA PHE I 510 27.60 95.37 16.60
C PHE I 510 27.83 95.64 18.08
N ASN I 511 29.09 95.73 18.50
CA ASN I 511 29.44 95.93 19.91
C ASN I 511 29.04 94.68 20.71
N MET I 512 28.97 93.56 20.01
CA MET I 512 28.82 92.25 20.64
C MET I 512 29.99 91.37 20.21
N THR I 513 30.20 91.28 18.91
CA THR I 513 31.41 90.69 18.36
C THR I 513 32.32 91.82 17.92
N LEU I 514 32.57 92.74 18.84
CA LEU I 514 33.25 94.00 18.57
C LEU I 514 34.73 93.84 18.23
N THR I 515 35.36 92.84 18.84
CA THR I 515 36.81 92.68 18.75
C THR I 515 37.31 92.27 17.37
N GLU I 516 36.40 91.84 16.49
CA GLU I 516 36.80 91.28 15.20
C GLU I 516 37.20 92.33 14.18
N LEU I 517 37.19 93.60 14.57
CA LEU I 517 37.69 94.67 13.73
C LEU I 517 39.20 94.57 13.59
N SER I 518 39.85 94.05 14.63
CA SER I 518 41.28 93.83 14.61
C SER I 518 41.65 92.65 13.71
N SER I 519 40.63 91.85 13.39
CA SER I 519 40.83 90.71 12.49
C SER I 519 40.67 91.14 11.05
N ALA I 520 39.79 92.10 10.80
CA ALA I 520 39.56 92.63 9.46
C ALA I 520 40.80 93.36 8.96
N VAL I 521 41.51 94.00 9.88
CA VAL I 521 42.75 94.70 9.56
C VAL I 521 43.88 93.70 9.36
N GLN I 522 43.95 92.71 10.25
CA GLN I 522 45.00 91.70 10.21
C GLN I 522 44.91 90.85 8.94
N ALA I 523 43.68 90.48 8.57
CA ALA I 523 43.46 89.69 7.37
C ALA I 523 43.54 90.55 6.11
N GLY I 524 43.42 91.86 6.30
CA GLY I 524 43.47 92.79 5.20
C GLY I 524 42.22 92.73 4.33
N THR I 525 41.06 92.91 4.96
CA THR I 525 39.80 92.85 4.25
C THR I 525 39.12 94.22 4.21
N PRO I 526 38.97 94.79 3.02
CA PRO I 526 38.33 96.09 2.82
C PRO I 526 36.82 96.03 3.01
N VAL I 527 36.37 95.80 4.25
CA VAL I 527 34.95 95.70 4.54
C VAL I 527 34.36 97.07 4.87
N LYS I 528 33.06 97.22 4.66
CA LYS I 528 32.36 98.47 4.92
C LYS I 528 31.39 98.30 6.08
N ILE I 529 31.76 98.83 7.25
CA ILE I 529 30.95 98.66 8.45
C ILE I 529 30.05 99.86 8.70
N LEU I 530 28.74 99.65 8.60
CA LEU I 530 27.77 100.70 8.84
C LEU I 530 26.95 100.40 10.09
N ILE I 531 26.77 101.42 10.93
CA ILE I 531 26.00 101.26 12.17
C ILE I 531 24.82 102.22 12.23
N LEU I 532 23.61 101.68 12.21
CA LEU I 532 22.41 102.48 12.42
C LEU I 532 22.20 102.68 13.91
N ASN I 533 22.80 103.74 14.45
CA ASN I 533 22.78 103.99 15.88
C ASN I 533 21.50 104.68 16.34
N ASN I 534 20.57 103.89 16.87
CA ASN I 534 19.38 104.44 17.52
C ASN I 534 19.52 104.36 19.03
N GLU I 535 20.73 104.01 19.48
CA GLU I 535 21.08 103.97 20.90
C GLU I 535 20.12 103.07 21.70
N GLU I 536 19.74 101.94 21.11
CA GLU I 536 18.75 101.07 21.72
C GLU I 536 18.74 99.68 21.11
N GLN I 537 18.04 98.77 21.77
CA GLN I 537 17.76 97.45 21.20
C GLN I 537 16.41 97.52 20.49
N GLY I 538 16.40 98.22 19.36
CA GLY I 538 15.18 98.59 18.66
C GLY I 538 14.11 97.55 18.46
N MET I 539 14.51 96.35 18.03
CA MET I 539 13.57 95.28 17.75
C MET I 539 12.80 94.85 18.99
N VAL I 540 13.47 94.91 20.14
CA VAL I 540 12.85 94.54 21.41
C VAL I 540 11.99 95.68 21.96
N THR I 541 12.46 96.91 21.76
CA THR I 541 11.72 98.09 22.20
C THR I 541 10.40 98.21 21.45
N GLN I 542 10.36 97.71 20.22
CA GLN I 542 9.15 97.71 19.41
C GLN I 542 8.11 96.77 20.01
N TRP I 543 8.55 95.58 20.41
CA TRP I 543 7.67 94.60 21.03
C TRP I 543 7.20 95.07 22.40
N GLN I 544 8.02 95.88 23.07
CA GLN I 544 7.67 96.42 24.37
C GLN I 544 6.73 97.61 24.25
N SER I 545 6.79 98.28 23.10
CA SER I 545 5.93 99.44 22.84
C SER I 545 4.56 99.01 22.34
N LEU I 546 4.50 97.82 21.74
CA LEU I 546 3.27 97.33 21.13
C LEU I 546 2.54 96.33 22.02
N PHE I 547 3.29 95.49 22.72
CA PHE I 547 2.70 94.39 23.47
C PHE I 547 2.98 94.46 24.97
N TYR I 548 3.72 95.48 25.40
CA TYR I 548 4.06 95.61 26.81
C TYR I 548 3.97 97.06 27.30
N GLU I 549 3.20 97.86 26.58
CA GLU I 549 2.86 99.23 27.00
C GLU I 549 4.08 100.13 27.25
N HIS I 550 4.98 100.17 26.27
CA HIS I 550 6.14 101.07 26.32
C HIS I 550 6.96 100.92 27.60
N ARG I 551 7.00 99.70 28.13
CA ARG I 551 7.71 99.42 29.37
C ARG I 551 9.04 98.73 29.08
N TYR I 552 10.05 99.54 28.80
CA TYR I 552 11.36 99.03 28.39
C TYR I 552 12.22 98.63 29.58
N SER I 553 12.51 97.34 29.69
CA SER I 553 13.30 96.82 30.80
C SER I 553 14.67 96.34 30.34
N HIS I 554 15.71 97.09 30.72
CA HIS I 554 17.10 96.76 30.39
C HIS I 554 17.30 96.59 28.89
N THR I 555 16.61 97.40 28.11
CA THR I 555 16.65 97.29 26.65
C THR I 555 17.56 98.36 26.05
N HIS I 556 18.35 99.00 26.90
CA HIS I 556 19.26 100.05 26.45
C HIS I 556 20.66 99.84 27.02
N GLN I 557 21.56 99.29 26.20
CA GLN I 557 22.95 99.11 26.61
C GLN I 557 23.70 100.42 26.49
N LEU I 558 24.88 100.49 27.11
CA LEU I 558 25.69 101.69 27.06
C LEU I 558 26.71 101.62 25.93
N ASN I 559 26.38 102.21 24.79
CA ASN I 559 27.25 102.19 23.63
C ASN I 559 28.50 103.04 23.82
N PRO I 560 29.65 102.53 23.35
CA PRO I 560 30.92 103.28 23.38
C PRO I 560 31.03 104.26 22.21
N ASP I 561 32.21 104.83 22.03
CA ASP I 561 32.44 105.73 20.90
C ASP I 561 32.97 104.93 19.71
N PHE I 562 32.16 104.81 18.68
CA PHE I 562 32.45 103.90 17.57
C PHE I 562 33.53 104.41 16.61
N ILE I 563 33.82 105.71 16.65
CA ILE I 563 34.83 106.26 15.76
C ILE I 563 36.19 106.34 16.44
N LYS I 564 36.18 106.29 17.77
CA LYS I 564 37.42 106.17 18.53
C LYS I 564 37.76 104.70 18.70
N LEU I 565 36.73 103.86 18.65
CA LEU I 565 36.89 102.42 18.67
C LEU I 565 37.59 101.93 17.41
N ALA I 566 37.15 102.45 16.27
CA ALA I 566 37.73 102.10 14.98
C ALA I 566 39.20 102.48 14.91
N GLU I 567 39.52 103.67 15.43
CA GLU I 567 40.89 104.16 15.46
C GLU I 567 41.79 103.23 16.26
N ALA I 568 41.26 102.71 17.36
CA ALA I 568 42.01 101.79 18.21
C ALA I 568 42.19 100.44 17.53
N MET I 569 41.21 100.04 16.74
CA MET I 569 41.26 98.75 16.05
C MET I 569 42.15 98.80 14.83
N GLY I 570 42.43 100.00 14.32
CA GLY I 570 43.35 100.17 13.22
C GLY I 570 42.70 100.47 11.88
N LEU I 571 41.52 101.08 11.91
CA LEU I 571 40.84 101.47 10.69
C LEU I 571 40.08 102.78 10.89
N LYS I 572 40.06 103.62 9.85
CA LYS I 572 39.41 104.92 9.95
C LYS I 572 37.90 104.78 10.15
N GLY I 573 37.35 105.59 11.06
CA GLY I 573 35.94 105.54 11.37
C GLY I 573 35.23 106.86 11.17
N LEU I 574 34.25 106.87 10.27
CA LEU I 574 33.48 108.07 9.98
C LEU I 574 32.21 108.11 10.82
N ARG I 575 31.52 109.25 10.82
CA ARG I 575 30.27 109.38 11.56
C ARG I 575 29.37 110.47 10.97
N VAL I 576 28.11 110.12 10.76
CA VAL I 576 27.12 111.07 10.26
C VAL I 576 26.10 111.38 11.36
N LYS I 577 25.95 112.66 11.66
CA LYS I 577 25.02 113.08 12.71
C LYS I 577 23.92 113.97 12.16
N LYS I 578 24.29 114.89 11.27
CA LYS I 578 23.33 115.80 10.67
C LYS I 578 22.67 115.18 9.44
N GLN I 579 21.48 115.67 9.10
CA GLN I 579 20.70 115.11 8.01
C GLN I 579 21.32 115.40 6.65
N GLU I 580 21.85 116.61 6.48
CA GLU I 580 22.46 117.01 5.22
C GLU I 580 23.89 116.50 5.10
N GLU I 581 24.37 115.86 6.15
CA GLU I 581 25.73 115.32 6.18
C GLU I 581 25.73 113.86 5.74
N LEU I 582 24.54 113.33 5.44
CA LEU I 582 24.38 111.92 5.11
C LEU I 582 24.91 111.59 3.71
N ASP I 583 24.27 112.17 2.69
CA ASP I 583 24.60 111.86 1.30
C ASP I 583 26.05 112.18 0.94
N ALA I 584 26.55 113.29 1.46
CA ALA I 584 27.90 113.75 1.13
C ALA I 584 28.97 112.87 1.80
N LYS I 585 28.59 112.16 2.85
CA LYS I 585 29.52 111.32 3.58
C LYS I 585 29.22 109.84 3.34
N LEU I 586 28.19 109.58 2.52
CA LEU I 586 27.80 108.21 2.22
C LEU I 586 28.63 107.64 1.07
N LYS I 587 29.15 108.52 0.23
CA LYS I 587 30.01 108.11 -0.87
C LYS I 587 31.44 107.87 -0.39
N GLU I 588 31.86 108.67 0.59
CA GLU I 588 33.18 108.54 1.18
C GLU I 588 33.32 107.20 1.90
N PHE I 589 32.25 106.77 2.55
CA PHE I 589 32.22 105.52 3.29
C PHE I 589 32.36 104.32 2.35
N VAL I 590 31.86 104.46 1.13
CA VAL I 590 31.92 103.38 0.15
C VAL I 590 33.20 103.44 -0.68
N SER I 591 33.61 104.65 -1.05
CA SER I 591 34.79 104.84 -1.89
C SER I 591 36.09 104.63 -1.11
N THR I 592 35.97 104.49 0.20
CA THR I 592 37.14 104.27 1.06
C THR I 592 37.83 102.95 0.72
N LYS I 593 39.12 103.01 0.46
CA LYS I 593 39.88 101.83 0.09
C LYS I 593 40.46 101.13 1.32
N GLY I 594 39.71 100.15 1.83
CA GLY I 594 40.13 99.42 3.02
C GLY I 594 39.01 99.37 4.04
N PRO I 595 39.31 98.82 5.24
CA PRO I 595 38.32 98.73 6.32
C PRO I 595 37.90 100.10 6.84
N VAL I 596 36.59 100.34 6.91
CA VAL I 596 36.08 101.65 7.32
C VAL I 596 34.80 101.51 8.15
N LEU I 597 34.66 102.36 9.15
CA LEU I 597 33.48 102.34 10.02
C LEU I 597 32.67 103.62 9.85
N LEU I 598 31.34 103.48 9.88
CA LEU I 598 30.46 104.64 9.77
C LEU I 598 29.31 104.55 10.78
N GLU I 599 29.22 105.54 11.67
CA GLU I 599 28.13 105.59 12.63
C GLU I 599 27.09 106.63 12.21
N VAL I 600 25.88 106.16 11.92
CA VAL I 600 24.81 107.05 11.52
C VAL I 600 23.70 107.07 12.58
N GLU I 601 23.62 108.16 13.33
CA GLU I 601 22.59 108.32 14.34
C GLU I 601 21.22 108.43 13.68
N VAL I 602 20.28 107.60 14.14
CA VAL I 602 18.95 107.56 13.55
C VAL I 602 17.86 107.78 14.60
N ASP I 603 16.61 107.87 14.13
CA ASP I 603 15.48 108.09 15.02
C ASP I 603 15.25 106.87 15.91
N LYS I 604 14.56 107.07 17.03
CA LYS I 604 14.40 106.02 18.02
C LYS I 604 12.95 105.55 18.13
N LYS I 605 12.79 104.29 18.54
CA LYS I 605 11.48 103.65 18.73
C LYS I 605 10.60 103.74 17.48
N VAL I 606 11.23 103.64 16.31
CA VAL I 606 10.49 103.58 15.06
C VAL I 606 10.18 102.13 14.73
N PRO I 607 8.89 101.75 14.77
CA PRO I 607 8.47 100.37 14.53
C PRO I 607 8.64 99.94 13.08
N VAL I 608 9.02 98.69 12.87
CA VAL I 608 9.12 98.13 11.52
C VAL I 608 7.75 97.73 11.01
N LEU I 609 7.30 98.41 9.97
CA LEU I 609 5.98 98.17 9.40
C LEU I 609 6.08 97.83 7.92
N PRO I 610 5.18 96.96 7.41
CA PRO I 610 4.07 96.29 8.12
C PRO I 610 4.54 95.21 9.09
N MET I 611 3.62 94.73 9.93
CA MET I 611 3.96 93.72 10.92
C MET I 611 2.82 92.73 11.14
N VAL I 612 3.15 91.45 11.17
CA VAL I 612 2.16 90.39 11.42
C VAL I 612 2.52 89.62 12.68
N ALA I 613 1.84 89.95 13.78
CA ALA I 613 2.10 89.30 15.06
C ALA I 613 0.80 88.84 15.72
N GLY I 614 0.94 88.10 16.82
CA GLY I 614 -0.21 87.59 17.53
C GLY I 614 -0.90 86.48 16.74
N GLY I 615 -2.22 86.40 16.87
CA GLY I 615 -2.99 85.41 16.15
C GLY I 615 -3.46 85.93 14.80
N SER I 616 -2.84 87.02 14.35
CA SER I 616 -3.22 87.65 13.09
C SER I 616 -2.62 86.92 11.90
N GLY I 617 -3.41 86.76 10.85
CA GLY I 617 -2.96 86.14 9.62
C GLY I 617 -2.19 87.11 8.75
N LEU I 618 -1.82 86.68 7.55
CA LEU I 618 -1.06 87.52 6.64
C LEU I 618 -1.89 88.66 6.07
N ASP I 619 -3.21 88.51 6.11
CA ASP I 619 -4.11 89.55 5.62
C ASP I 619 -4.58 90.45 6.76
N GLU I 620 -4.16 90.13 7.98
CA GLU I 620 -4.51 90.91 9.16
C GLU I 620 -3.28 91.65 9.68
N PHE I 621 -2.59 92.35 8.78
CA PHE I 621 -1.36 93.05 9.12
C PHE I 621 -1.61 94.42 9.72
N ILE I 622 -0.53 95.11 10.07
CA ILE I 622 -0.60 96.48 10.57
C ILE I 622 0.37 97.37 9.81
N ASN I 623 -0.17 98.23 8.95
CA ASN I 623 0.65 99.08 8.09
C ASN I 623 1.02 100.40 8.76
N PHE I 624 1.70 101.27 8.02
CA PHE I 624 2.15 102.55 8.55
C PHE I 624 1.02 103.58 8.58
N ASP I 625 1.00 104.38 9.64
CA ASP I 625 0.05 105.46 9.79
C ASP I 625 0.68 106.63 10.53
N PRO I 626 0.79 107.79 9.86
CA PRO I 626 1.47 108.97 10.42
C PRO I 626 0.78 109.52 11.66
N GLU I 627 -0.53 109.32 11.76
CA GLU I 627 -1.30 109.81 12.90
C GLU I 627 -1.08 108.94 14.13
N VAL I 628 -1.01 107.63 13.92
CA VAL I 628 -0.80 106.68 15.02
C VAL I 628 0.56 106.87 15.67
N GLU I 629 1.59 107.00 14.84
CA GLU I 629 2.95 107.20 15.32
C GLU I 629 3.06 108.52 16.08
N ARG I 630 2.31 109.51 15.62
CA ARG I 630 2.29 110.81 16.28
C ARG I 630 1.71 110.70 17.68
N GLN I 631 0.73 109.82 17.84
CA GLN I 631 0.14 109.56 19.15
C GLN I 631 1.07 108.68 19.98
N GLN I 632 1.70 107.71 19.32
CA GLN I 632 2.63 106.80 19.99
C GLN I 632 3.87 107.55 20.45
N THR I 633 4.19 108.65 19.77
CA THR I 633 5.32 109.49 20.13
C THR I 633 5.05 110.23 21.43
N GLU I 634 3.81 110.68 21.59
CA GLU I 634 3.40 111.40 22.80
C GLU I 634 3.08 110.44 23.94
N LEU I 635 2.53 109.29 23.60
CA LEU I 635 2.19 108.27 24.59
C LEU I 635 3.44 107.68 25.23
N ARG I 636 4.48 107.50 24.42
CA ARG I 636 5.74 106.97 24.90
C ARG I 636 6.42 107.94 25.86
N HIS I 637 6.39 109.22 25.52
CA HIS I 637 6.95 110.26 26.37
C HIS I 637 6.18 110.36 27.68
N LYS I 638 4.90 110.00 27.64
CA LYS I 638 4.04 110.10 28.81
C LYS I 638 4.26 108.93 29.78
N ARG I 639 4.32 107.72 29.23
CA ARG I 639 4.49 106.53 30.06
C ARG I 639 5.90 106.40 30.59
N THR I 640 6.89 106.69 29.76
CA THR I 640 8.29 106.61 30.16
C THR I 640 8.68 107.83 30.99
N GLY I 641 7.91 108.90 30.88
CA GLY I 641 8.19 110.12 31.62
C GLY I 641 9.16 111.04 30.89
N GLY I 642 9.24 110.90 29.58
CA GLY I 642 10.13 111.71 28.77
C GLY I 642 11.54 111.16 28.75
N LYS I 643 11.72 109.96 29.27
CA LYS I 643 13.03 109.33 29.32
C LYS I 643 13.47 108.89 27.92
N HIS I 644 12.51 108.48 27.10
CA HIS I 644 12.79 108.04 25.74
C HIS I 644 11.79 108.64 24.76
N ASP J 41 1.60 69.34 51.05
CA ASP J 41 1.68 70.76 51.35
C ASP J 41 1.88 71.58 50.07
N MET J 42 1.00 72.55 49.86
CA MET J 42 1.06 73.39 48.68
C MET J 42 0.97 74.87 49.04
N ASP J 43 1.50 75.72 48.16
CA ASP J 43 1.47 77.17 48.38
C ASP J 43 0.32 77.79 47.60
N THR J 44 0.00 79.04 47.92
CA THR J 44 -1.10 79.75 47.25
C THR J 44 -0.83 81.25 47.18
N SER J 45 0.44 81.62 47.27
CA SER J 45 0.82 83.03 47.27
C SER J 45 1.19 83.53 45.88
N PHE J 46 1.06 82.67 44.89
CA PHE J 46 1.41 83.03 43.52
C PHE J 46 0.17 83.05 42.61
N VAL J 47 -1.01 82.89 43.22
CA VAL J 47 -2.26 82.89 42.46
C VAL J 47 -2.58 84.26 41.90
N GLY J 48 -2.71 84.35 40.58
CA GLY J 48 -3.03 85.61 39.93
C GLY J 48 -1.84 86.21 39.22
N LEU J 49 -0.64 85.81 39.64
CA LEU J 49 0.59 86.31 39.04
C LEU J 49 0.96 85.51 37.79
N THR J 50 1.57 86.16 36.82
CA THR J 50 2.06 85.47 35.63
C THR J 50 3.36 84.76 35.94
N GLY J 51 3.82 83.94 35.01
CA GLY J 51 5.07 83.20 35.19
C GLY J 51 6.25 84.11 35.44
N GLY J 52 6.28 85.24 34.74
CA GLY J 52 7.34 86.21 34.93
C GLY J 52 7.28 86.85 36.30
N GLN J 53 6.07 87.16 36.77
CA GLN J 53 5.89 87.76 38.09
C GLN J 53 6.32 86.79 39.19
N ILE J 54 6.10 85.49 38.95
CA ILE J 54 6.53 84.46 39.89
C ILE J 54 8.05 84.42 39.96
N PHE J 55 8.70 84.51 38.80
CA PHE J 55 10.15 84.51 38.71
C PHE J 55 10.77 85.63 39.55
N ASN J 56 10.13 86.80 39.51
CA ASN J 56 10.61 87.96 40.25
C ASN J 56 10.56 87.72 41.76
N GLU J 57 9.51 87.07 42.22
CA GLU J 57 9.33 86.79 43.64
C GLU J 57 10.27 85.69 44.10
N MET J 58 10.57 84.75 43.21
CA MET J 58 11.45 83.63 43.54
C MET J 58 12.88 84.10 43.82
N MET J 59 13.24 85.25 43.26
CA MET J 59 14.57 85.81 43.47
C MET J 59 14.74 86.27 44.91
N SER J 60 13.70 86.87 45.46
CA SER J 60 13.72 87.33 46.84
C SER J 60 13.62 86.16 47.81
N ARG J 61 12.90 85.13 47.40
CA ARG J 61 12.74 83.93 48.22
C ARG J 61 14.03 83.12 48.27
N GLN J 62 14.90 83.34 47.30
CA GLN J 62 16.17 82.60 47.23
C GLN J 62 17.35 83.51 47.53
N ASN J 63 17.07 84.68 48.10
CA ASN J 63 18.09 85.65 48.49
C ASN J 63 19.02 86.05 47.34
N VAL J 64 18.44 86.36 46.19
CA VAL J 64 19.21 86.83 45.05
C VAL J 64 19.17 88.35 44.97
N ASP J 65 20.33 88.98 45.00
CA ASP J 65 20.42 90.43 44.99
C ASP J 65 21.06 90.96 43.71
N THR J 66 21.42 90.06 42.81
CA THR J 66 22.03 90.44 41.55
C THR J 66 21.73 89.42 40.45
N VAL J 67 21.21 89.91 39.32
CA VAL J 67 20.90 89.05 38.19
C VAL J 67 21.52 89.56 36.90
N PHE J 68 22.36 88.74 36.28
CA PHE J 68 22.98 89.07 35.01
C PHE J 68 22.12 88.53 33.87
N GLY J 69 22.27 89.10 32.68
CA GLY J 69 21.52 88.60 31.54
C GLY J 69 21.32 89.59 30.40
N TYR J 70 20.65 89.14 29.35
CA TYR J 70 20.42 89.94 28.16
C TYR J 70 19.05 89.64 27.57
N PRO J 71 18.23 90.70 27.38
CA PRO J 71 16.84 90.57 26.90
C PRO J 71 16.71 89.90 25.53
N GLY J 72 15.48 89.56 25.17
CA GLY J 72 15.20 88.90 23.91
C GLY J 72 13.71 88.67 23.73
N GLY J 73 13.33 88.18 22.55
CA GLY J 73 11.92 88.01 22.23
C GLY J 73 11.18 86.99 23.07
N ALA J 74 11.77 85.82 23.25
CA ALA J 74 11.11 84.72 23.95
C ALA J 74 11.19 84.89 25.48
N ILE J 75 12.01 85.82 25.92
CA ILE J 75 12.18 86.05 27.36
C ILE J 75 11.51 87.35 27.79
N LEU J 76 10.76 87.94 26.86
CA LEU J 76 10.03 89.18 27.13
C LEU J 76 9.06 89.15 28.32
N PRO J 77 8.25 88.09 28.47
CA PRO J 77 7.32 88.09 29.61
C PRO J 77 8.02 88.14 30.97
N VAL J 78 9.26 87.67 31.02
CA VAL J 78 10.03 87.69 32.26
C VAL J 78 10.58 89.09 32.54
N TYR J 79 11.12 89.73 31.50
CA TYR J 79 11.70 91.05 31.63
C TYR J 79 10.64 92.12 31.90
N ASP J 80 9.42 91.88 31.44
CA ASP J 80 8.33 92.80 31.66
C ASP J 80 7.94 92.84 33.14
N ALA J 81 8.23 91.75 33.84
CA ALA J 81 7.89 91.65 35.25
C ALA J 81 9.01 92.16 36.16
N ILE J 82 10.25 91.99 35.71
CA ILE J 82 11.40 92.44 36.50
C ILE J 82 11.76 93.89 36.17
N HIS J 83 10.90 94.53 35.39
CA HIS J 83 11.11 95.93 35.03
C HIS J 83 11.15 96.82 36.28
N ASN J 84 12.31 97.45 36.50
CA ASN J 84 12.54 98.29 37.67
C ASN J 84 12.23 97.52 38.97
N SER J 85 12.70 96.28 39.03
CA SER J 85 12.42 95.42 40.16
C SER J 85 13.06 95.93 41.45
N ASP J 86 12.42 95.64 42.58
CA ASP J 86 12.90 96.05 43.89
C ASP J 86 13.43 94.85 44.66
N LYS J 87 13.71 93.77 43.95
CA LYS J 87 14.15 92.53 44.57
C LYS J 87 15.65 92.31 44.39
N PHE J 88 16.19 92.81 43.29
CA PHE J 88 17.59 92.55 42.94
C PHE J 88 18.16 93.58 41.99
N ASN J 89 19.46 93.49 41.73
CA ASN J 89 20.14 94.33 40.76
C ASN J 89 20.27 93.63 39.42
N PHE J 90 20.49 94.40 38.36
CA PHE J 90 20.64 93.83 37.03
C PHE J 90 21.85 94.41 36.31
N VAL J 91 22.89 93.60 36.16
CA VAL J 91 24.06 94.00 35.39
C VAL J 91 23.86 93.62 33.94
N LEU J 92 23.79 94.62 33.06
CA LEU J 92 23.51 94.37 31.64
C LEU J 92 24.77 94.47 30.80
N PRO J 93 25.24 93.32 30.29
CA PRO J 93 26.40 93.27 29.39
C PRO J 93 26.01 93.59 27.95
N LYS J 94 26.77 93.05 27.00
CA LYS J 94 26.46 93.20 25.58
C LYS J 94 26.74 91.90 24.84
N HIS J 95 27.08 90.87 25.62
CA HIS J 95 27.28 89.53 25.09
C HIS J 95 26.94 88.53 26.19
N GLU J 96 26.14 87.53 25.86
CA GLU J 96 25.64 86.59 26.86
C GLU J 96 26.77 85.80 27.53
N GLN J 97 27.88 85.62 26.81
CA GLN J 97 29.05 84.93 27.35
C GLN J 97 29.60 85.71 28.54
N GLY J 98 29.56 87.04 28.44
CA GLY J 98 30.03 87.89 29.51
C GLY J 98 29.20 87.73 30.78
N ALA J 99 27.88 87.73 30.61
CA ALA J 99 26.96 87.60 31.73
C ALA J 99 27.17 86.30 32.49
N GLY J 100 27.54 85.25 31.76
CA GLY J 100 27.81 83.96 32.36
C GLY J 100 29.08 83.99 33.20
N HIS J 101 30.11 84.63 32.66
CA HIS J 101 31.38 84.77 33.35
C HIS J 101 31.27 85.74 34.52
N MET J 102 30.37 86.71 34.40
CA MET J 102 30.12 87.66 35.47
C MET J 102 29.46 86.98 36.65
N ALA J 103 28.68 85.94 36.38
CA ALA J 103 27.98 85.19 37.41
C ALA J 103 28.95 84.27 38.16
N GLU J 104 30.00 83.84 37.47
CA GLU J 104 31.02 82.98 38.08
C GLU J 104 31.84 83.77 39.09
N GLY J 105 32.27 84.96 38.70
CA GLY J 105 33.03 85.83 39.58
C GLY J 105 32.19 86.31 40.75
N TYR J 106 30.91 86.55 40.49
CA TYR J 106 29.98 86.96 41.53
C TYR J 106 29.79 85.84 42.56
N ALA J 107 29.95 84.60 42.10
CA ALA J 107 29.78 83.43 42.96
C ALA J 107 31.04 83.15 43.78
N ARG J 108 32.19 83.25 43.13
CA ARG J 108 33.47 82.96 43.77
C ARG J 108 33.82 84.02 44.81
N ALA J 109 33.36 85.24 44.59
CA ALA J 109 33.65 86.34 45.50
C ALA J 109 32.82 86.27 46.77
N SER J 110 31.49 86.17 46.60
CA SER J 110 30.58 86.15 47.74
C SER J 110 30.38 84.73 48.28
N GLY J 111 29.84 83.86 47.44
CA GLY J 111 29.52 82.51 47.84
C GLY J 111 28.08 82.18 47.50
N LYS J 112 27.44 83.10 46.80
CA LYS J 112 26.05 82.93 46.38
C LYS J 112 25.96 82.54 44.91
N PRO J 113 24.94 81.76 44.53
CA PRO J 113 24.74 81.34 43.15
C PRO J 113 24.58 82.50 42.19
N GLY J 114 25.33 82.48 41.09
CA GLY J 114 25.21 83.50 40.06
C GLY J 114 24.00 83.26 39.18
N VAL J 115 23.21 84.30 38.95
CA VAL J 115 21.99 84.17 38.18
C VAL J 115 22.14 84.78 36.78
N VAL J 116 21.80 83.98 35.76
CA VAL J 116 21.86 84.44 34.38
C VAL J 116 20.49 84.35 33.72
N LEU J 117 20.00 85.47 33.21
CA LEU J 117 18.70 85.53 32.56
C LEU J 117 18.80 86.00 31.12
N VAL J 118 18.97 85.07 30.20
CA VAL J 118 19.09 85.41 28.78
C VAL J 118 17.91 84.85 27.98
N THR J 119 17.92 85.09 26.68
CA THR J 119 16.84 84.63 25.81
C THR J 119 17.16 83.29 25.15
N SER J 120 16.29 82.87 24.24
CA SER J 120 16.48 81.60 23.53
C SER J 120 17.39 81.76 22.32
N GLY J 121 17.46 80.72 21.51
CA GLY J 121 18.25 80.75 20.29
C GLY J 121 19.73 80.94 20.54
N PRO J 122 20.30 82.01 19.95
CA PRO J 122 21.73 82.32 20.08
C PRO J 122 22.06 82.90 21.45
N GLY J 123 21.08 83.49 22.11
CA GLY J 123 21.27 84.05 23.43
C GLY J 123 21.56 83.01 24.48
N ALA J 124 21.07 81.80 24.25
CA ALA J 124 21.28 80.69 25.18
C ALA J 124 22.56 79.93 24.86
N THR J 125 22.86 79.80 23.57
CA THR J 125 24.03 79.06 23.13
C THR J 125 25.32 79.82 23.44
N ASN J 126 25.20 81.11 23.73
CA ASN J 126 26.36 81.91 24.11
C ASN J 126 26.70 81.74 25.59
N VAL J 127 25.87 81.00 26.30
CA VAL J 127 26.08 80.75 27.72
C VAL J 127 26.62 79.35 27.96
N VAL J 128 26.90 78.64 26.87
CA VAL J 128 27.43 77.28 26.96
C VAL J 128 28.82 77.26 27.58
N THR J 129 29.71 78.11 27.08
CA THR J 129 31.09 78.18 27.56
C THR J 129 31.22 78.51 29.05
N PRO J 130 30.50 79.53 29.55
CA PRO J 130 30.62 79.76 30.99
C PRO J 130 30.01 78.64 31.84
N MET J 131 29.05 77.91 31.29
CA MET J 131 28.47 76.78 31.99
C MET J 131 29.45 75.61 32.03
N ALA J 132 30.22 75.45 30.96
CA ALA J 132 31.25 74.43 30.90
C ALA J 132 32.38 74.77 31.87
N ASP J 133 32.67 76.07 31.99
CA ASP J 133 33.68 76.55 32.92
C ASP J 133 33.22 76.32 34.35
N ALA J 134 31.94 76.59 34.60
CA ALA J 134 31.36 76.42 35.93
C ALA J 134 31.19 74.95 36.28
N PHE J 135 31.13 74.10 35.26
CA PHE J 135 30.95 72.67 35.46
C PHE J 135 32.28 72.00 35.83
N ALA J 136 33.37 72.57 35.35
CA ALA J 136 34.70 72.03 35.61
C ALA J 136 35.25 72.52 36.95
N ASP J 137 35.27 73.83 37.12
CA ASP J 137 35.79 74.44 38.35
C ASP J 137 34.79 74.33 39.50
N GLY J 138 33.57 73.91 39.18
CA GLY J 138 32.54 73.74 40.19
C GLY J 138 32.04 75.05 40.75
N ILE J 139 31.42 75.85 39.87
CA ILE J 139 30.91 77.16 40.26
C ILE J 139 29.38 77.15 40.34
N PRO J 140 28.83 77.56 41.49
CA PRO J 140 27.38 77.56 41.70
C PRO J 140 26.68 78.67 40.91
N MET J 141 25.82 78.28 39.97
CA MET J 141 25.07 79.26 39.20
C MET J 141 23.80 78.65 38.60
N VAL J 142 22.76 79.47 38.48
CA VAL J 142 21.50 79.02 37.92
C VAL J 142 21.16 79.82 36.66
N VAL J 143 21.27 79.18 35.51
CA VAL J 143 21.07 79.85 34.24
C VAL J 143 19.64 79.73 33.72
N PHE J 144 18.95 80.85 33.63
CA PHE J 144 17.59 80.88 33.10
C PHE J 144 17.59 81.35 31.64
N THR J 145 17.37 80.41 30.73
CA THR J 145 17.32 80.73 29.30
C THR J 145 15.88 80.70 28.80
N GLY J 146 15.56 81.62 27.89
CA GLY J 146 14.24 81.67 27.30
C GLY J 146 14.01 80.52 26.34
N GLN J 147 12.79 80.42 25.82
CA GLN J 147 12.45 79.36 24.88
C GLN J 147 11.18 79.72 24.12
N VAL J 148 11.08 79.21 22.88
CA VAL J 148 9.87 79.35 22.09
C VAL J 148 8.69 78.71 22.81
N PRO J 149 7.46 79.17 22.50
CA PRO J 149 6.26 78.55 23.10
C PRO J 149 6.22 77.04 22.92
N THR J 150 5.62 76.34 23.88
CA THR J 150 5.60 74.88 23.87
C THR J 150 4.91 74.30 22.65
N SER J 151 4.02 75.08 22.04
CA SER J 151 3.30 74.65 20.86
C SER J 151 4.16 74.78 19.60
N ALA J 152 5.36 75.34 19.76
CA ALA J 152 6.25 75.56 18.63
C ALA J 152 7.55 74.76 18.77
N ILE J 153 7.70 74.09 19.90
CA ILE J 153 8.90 73.30 20.16
C ILE J 153 8.93 72.03 19.32
N GLY J 154 9.98 71.88 18.51
CA GLY J 154 10.11 70.72 17.65
C GLY J 154 9.61 70.99 16.25
N THR J 155 9.53 72.26 15.89
CA THR J 155 9.07 72.67 14.57
C THR J 155 10.10 73.53 13.88
N ASP J 156 11.34 73.48 14.38
CA ASP J 156 12.43 74.33 13.90
C ASP J 156 12.01 75.80 13.98
N ALA J 157 11.39 76.16 15.10
CA ALA J 157 10.82 77.49 15.29
C ALA J 157 11.89 78.58 15.32
N PHE J 158 11.44 79.83 15.23
CA PHE J 158 12.34 80.98 15.24
C PHE J 158 13.09 81.07 16.57
N GLN J 159 14.42 81.04 16.48
CA GLN J 159 15.30 81.07 17.65
C GLN J 159 15.00 79.92 18.62
N GLU J 160 14.66 78.76 18.06
CA GLU J 160 14.50 77.55 18.87
C GLU J 160 15.79 76.75 18.85
N ALA J 161 16.21 76.31 20.02
CA ALA J 161 17.41 75.49 20.15
C ALA J 161 17.25 74.47 21.27
N ASP J 162 17.73 73.25 21.06
CA ASP J 162 17.65 72.22 22.07
C ASP J 162 18.64 72.51 23.20
N VAL J 163 18.35 73.56 23.96
CA VAL J 163 19.24 74.01 25.04
C VAL J 163 19.38 72.94 26.12
N VAL J 164 18.29 72.23 26.38
CA VAL J 164 18.31 71.14 27.37
C VAL J 164 19.27 70.04 26.94
N GLY J 165 19.25 69.70 25.66
CA GLY J 165 20.13 68.67 25.13
C GLY J 165 21.56 69.13 24.97
N ILE J 166 21.73 70.38 24.56
CA ILE J 166 23.07 70.96 24.38
C ILE J 166 23.79 71.11 25.72
N SER J 167 23.09 71.65 26.70
CA SER J 167 23.69 71.93 28.01
C SER J 167 23.56 70.77 28.98
N ARG J 168 23.22 69.60 28.46
CA ARG J 168 23.02 68.42 29.31
C ARG J 168 24.33 67.91 29.90
N SER J 169 25.37 67.85 29.08
CA SER J 169 26.64 67.28 29.50
C SER J 169 27.53 68.26 30.26
N CYS J 170 27.12 69.52 30.30
CA CYS J 170 27.91 70.54 30.98
C CYS J 170 27.14 71.21 32.11
N THR J 171 26.12 70.53 32.62
CA THR J 171 25.37 70.99 33.77
C THR J 171 25.07 69.84 34.72
N LYS J 172 25.00 70.14 36.01
CA LYS J 172 24.65 69.13 37.00
C LYS J 172 23.22 68.65 36.79
N TRP J 173 22.35 69.57 36.40
CA TRP J 173 20.95 69.26 36.16
C TRP J 173 20.28 70.35 35.34
N ASN J 174 19.33 69.96 34.49
CA ASN J 174 18.55 70.93 33.73
C ASN J 174 17.11 70.49 33.55
N VAL J 175 16.24 71.43 33.21
CA VAL J 175 14.82 71.14 33.06
C VAL J 175 14.13 72.21 32.22
N MET J 176 13.13 71.80 31.45
CA MET J 176 12.32 72.75 30.70
C MET J 176 10.94 72.86 31.34
N VAL J 177 10.64 74.04 31.88
CA VAL J 177 9.38 74.28 32.57
C VAL J 177 8.19 74.17 31.62
N LYS J 178 7.42 73.09 31.75
CA LYS J 178 6.29 72.84 30.86
C LYS J 178 5.08 73.70 31.20
N SER J 179 4.76 73.79 32.49
CA SER J 179 3.61 74.58 32.94
C SER J 179 4.01 75.56 34.03
N VAL J 180 3.21 76.61 34.19
CA VAL J 180 3.49 77.65 35.18
C VAL J 180 3.41 77.10 36.60
N GLU J 181 2.77 75.94 36.74
CA GLU J 181 2.66 75.28 38.03
C GLU J 181 4.00 74.75 38.52
N GLU J 182 4.85 74.35 37.57
CA GLU J 182 6.14 73.76 37.89
C GLU J 182 7.21 74.80 38.19
N LEU J 183 7.01 76.01 37.70
CA LEU J 183 8.02 77.07 37.78
C LEU J 183 8.52 77.38 39.20
N PRO J 184 7.61 77.51 40.18
CA PRO J 184 8.15 77.74 41.53
C PRO J 184 8.90 76.54 42.08
N LEU J 185 8.59 75.35 41.59
CA LEU J 185 9.22 74.13 42.06
C LEU J 185 10.59 73.90 41.42
N ARG J 186 10.67 74.12 40.11
CA ARG J 186 11.90 73.87 39.37
C ARG J 186 13.00 74.84 39.75
N ILE J 187 12.62 76.06 40.11
CA ILE J 187 13.58 77.06 40.56
C ILE J 187 14.22 76.64 41.88
N ASN J 188 13.39 76.21 42.82
CA ASN J 188 13.89 75.72 44.10
C ASN J 188 14.77 74.48 43.95
N GLU J 189 14.43 73.64 42.97
CA GLU J 189 15.22 72.45 42.69
C GLU J 189 16.56 72.82 42.08
N ALA J 190 16.54 73.81 41.18
CA ALA J 190 17.75 74.25 40.51
C ALA J 190 18.75 74.84 41.50
N PHE J 191 18.28 75.75 42.34
CA PHE J 191 19.15 76.42 43.31
C PHE J 191 19.71 75.45 44.34
N GLU J 192 18.92 74.45 44.72
CA GLU J 192 19.35 73.48 45.71
C GLU J 192 20.48 72.60 45.16
N ILE J 193 20.28 72.10 43.94
CA ILE J 193 21.27 71.25 43.29
C ILE J 193 22.56 72.03 43.02
N ALA J 194 22.42 73.31 42.68
CA ALA J 194 23.56 74.16 42.40
C ALA J 194 24.40 74.44 43.64
N THR J 195 23.82 74.20 44.82
CA THR J 195 24.50 74.48 46.08
C THR J 195 24.81 73.21 46.88
N SER J 196 24.13 72.12 46.55
CA SER J 196 24.33 70.85 47.25
C SER J 196 25.58 70.14 46.77
N GLY J 197 26.24 69.43 47.67
CA GLY J 197 27.47 68.70 47.36
C GLY J 197 28.52 69.61 46.79
N ARG J 198 29.05 69.26 45.61
CA ARG J 198 29.95 70.14 44.89
C ARG J 198 29.13 71.11 44.06
N PRO J 199 29.28 72.41 44.33
CA PRO J 199 28.56 73.47 43.60
C PRO J 199 28.76 73.36 42.09
N GLY J 200 27.72 73.67 41.32
CA GLY J 200 27.80 73.58 39.89
C GLY J 200 26.65 74.28 39.18
N PRO J 201 26.75 74.43 37.86
CA PRO J 201 25.76 75.13 37.04
C PRO J 201 24.51 74.30 36.78
N VAL J 202 23.36 74.96 36.80
CA VAL J 202 22.09 74.33 36.43
C VAL J 202 21.33 75.24 35.49
N LEU J 203 20.64 74.66 34.50
CA LEU J 203 19.91 75.45 33.52
C LEU J 203 18.42 75.19 33.60
N VAL J 204 17.64 76.26 33.48
CA VAL J 204 16.18 76.15 33.49
C VAL J 204 15.58 76.88 32.30
N ASP J 205 14.99 76.13 31.38
CA ASP J 205 14.37 76.71 30.20
C ASP J 205 13.00 77.30 30.53
N LEU J 206 12.75 78.51 30.06
CA LEU J 206 11.50 79.21 30.32
C LEU J 206 10.80 79.60 29.01
N PRO J 207 9.93 78.69 28.51
CA PRO J 207 9.14 78.98 27.31
C PRO J 207 8.26 80.22 27.49
N LYS J 208 8.00 80.94 26.41
CA LYS J 208 7.24 82.19 26.47
C LYS J 208 5.82 81.97 26.98
N ASP J 209 5.17 80.91 26.49
CA ASP J 209 3.78 80.63 26.85
C ASP J 209 3.64 80.22 28.30
N VAL J 210 4.74 79.80 28.91
CA VAL J 210 4.73 79.38 30.31
C VAL J 210 4.89 80.58 31.23
N THR J 211 5.75 81.52 30.82
CA THR J 211 6.00 82.72 31.62
C THR J 211 4.91 83.76 31.43
N ALA J 212 4.13 83.63 30.36
CA ALA J 212 3.05 84.57 30.07
C ALA J 212 1.74 84.10 30.70
N ALA J 213 1.62 82.79 30.90
CA ALA J 213 0.42 82.21 31.48
C ALA J 213 0.25 82.63 32.93
N ILE J 214 -0.99 82.60 33.42
CA ILE J 214 -1.29 83.01 34.78
C ILE J 214 -1.66 81.82 35.66
N LEU J 215 -1.01 81.71 36.82
CA LEU J 215 -1.30 80.66 37.77
C LEU J 215 -2.64 80.90 38.46
N ARG J 216 -3.54 79.92 38.39
CA ARG J 216 -4.87 80.07 38.95
C ARG J 216 -5.19 78.98 39.97
N ASN J 217 -4.18 78.24 40.38
CA ASN J 217 -4.36 77.13 41.31
C ASN J 217 -3.12 76.85 42.15
N PRO J 218 -3.33 76.40 43.40
CA PRO J 218 -2.24 76.08 44.35
C PRO J 218 -1.19 75.13 43.76
N ILE J 219 0.05 75.25 44.23
CA ILE J 219 1.16 74.46 43.70
C ILE J 219 2.09 73.97 44.80
N PRO J 220 2.75 72.81 44.58
CA PRO J 220 3.79 72.33 45.48
C PRO J 220 5.03 73.21 45.40
N THR J 221 5.59 73.59 46.54
CA THR J 221 6.71 74.54 46.57
C THR J 221 8.05 73.90 46.91
N LYS J 222 8.04 72.91 47.80
CA LYS J 222 9.27 72.28 48.25
C LYS J 222 9.73 71.18 47.31
N THR J 223 11.05 71.04 47.18
CA THR J 223 11.66 70.16 46.18
C THR J 223 11.37 68.68 46.40
N THR J 224 11.59 67.89 45.36
CA THR J 224 11.43 66.44 45.43
C THR J 224 12.66 65.74 44.88
N LEU J 225 13.73 65.74 45.68
CA LEU J 225 14.99 65.13 45.25
C LEU J 225 15.08 63.68 45.70
N PRO J 226 15.35 62.77 44.73
CA PRO J 226 15.48 61.33 45.00
C PRO J 226 16.75 61.01 45.79
N SER J 227 17.70 61.94 45.81
CA SER J 227 18.93 61.76 46.56
C SER J 227 18.66 61.82 48.05
N ASN J 228 17.62 62.54 48.43
CA ASN J 228 17.24 62.68 49.83
C ASN J 228 16.56 61.41 50.36
N ALA J 229 15.88 60.70 49.47
CA ALA J 229 15.18 59.47 49.83
C ALA J 229 16.17 58.37 50.20
N LEU J 230 17.30 58.34 49.50
CA LEU J 230 18.33 57.35 49.75
C LEU J 230 19.14 57.69 51.00
N ASN J 231 19.53 58.96 51.12
CA ASN J 231 20.37 59.40 52.22
C ASN J 231 19.64 59.42 53.56
N GLN J 232 18.32 59.41 53.52
CA GLN J 232 17.53 59.41 54.75
C GLN J 232 17.47 58.00 55.34
N LEU J 233 17.21 57.03 54.49
CA LEU J 233 17.16 55.63 54.91
C LEU J 233 18.54 55.10 55.23
N THR J 234 19.53 55.56 54.46
CA THR J 234 20.91 55.12 54.65
C THR J 234 21.72 56.19 55.38
N SER J 235 21.08 56.84 56.35
CA SER J 235 21.74 57.90 57.10
C SER J 235 22.74 57.34 58.11
N ARG J 236 22.25 56.46 58.98
CA ARG J 236 23.08 55.88 60.04
C ARG J 236 24.21 55.03 59.46
N ALA J 237 23.95 54.36 58.35
CA ALA J 237 24.96 53.54 57.69
C ALA J 237 26.09 54.40 57.15
N GLN J 238 25.75 55.56 56.60
CA GLN J 238 26.74 56.50 56.11
C GLN J 238 27.38 57.25 57.26
N ASP J 239 26.58 57.56 58.27
CA ASP J 239 27.06 58.28 59.45
C ASP J 239 28.13 57.47 60.20
N GLU J 240 27.94 56.17 60.26
CA GLU J 240 28.88 55.29 60.94
C GLU J 240 30.08 55.02 60.04
N PHE J 241 29.85 55.03 58.73
CA PHE J 241 30.93 54.80 57.77
C PHE J 241 31.97 55.89 57.79
N VAL J 242 31.50 57.15 57.86
CA VAL J 242 32.40 58.29 57.81
C VAL J 242 33.12 58.51 59.14
N MET J 243 32.49 58.10 60.23
CA MET J 243 33.07 58.26 61.56
C MET J 243 34.14 57.21 61.82
N GLN J 244 33.85 55.97 61.42
CA GLN J 244 34.78 54.87 61.61
C GLN J 244 35.98 55.02 60.68
N SER J 245 35.79 55.70 59.57
CA SER J 245 36.87 55.96 58.63
C SER J 245 37.71 57.15 59.08
N ILE J 246 37.09 58.06 59.82
CA ILE J 246 37.78 59.20 60.40
C ILE J 246 38.75 58.72 61.48
N ASN J 247 38.30 57.76 62.29
CA ASN J 247 39.15 57.16 63.32
C ASN J 247 40.39 56.52 62.69
N LYS J 248 40.19 55.83 61.58
CA LYS J 248 41.30 55.22 60.86
C LYS J 248 42.15 56.27 60.18
N ALA J 249 41.52 57.37 59.80
CA ALA J 249 42.24 58.49 59.17
C ALA J 249 43.15 59.16 60.18
N ALA J 250 42.68 59.27 61.42
CA ALA J 250 43.46 59.89 62.48
C ALA J 250 44.56 58.95 62.98
N ASP J 251 44.41 57.66 62.69
CA ASP J 251 45.41 56.68 63.08
C ASP J 251 46.66 56.77 62.22
N LEU J 252 46.48 56.78 60.90
CA LEU J 252 47.60 56.87 59.98
C LEU J 252 48.27 58.23 60.03
N ILE J 253 47.53 59.23 60.47
CA ILE J 253 48.08 60.57 60.69
C ILE J 253 49.19 60.52 61.75
N ASN J 254 48.92 59.81 62.83
CA ASN J 254 49.86 59.68 63.93
C ASN J 254 51.03 58.75 63.59
N LEU J 255 50.95 58.10 62.43
CA LEU J 255 52.00 57.21 61.98
C LEU J 255 52.86 57.88 60.91
N ALA J 256 52.43 59.06 60.46
CA ALA J 256 53.13 59.78 59.40
C ALA J 256 54.46 60.36 59.89
N LYS J 257 55.51 60.12 59.13
CA LYS J 257 56.83 60.66 59.44
C LYS J 257 57.09 61.94 58.67
N LYS J 258 56.60 61.97 57.43
CA LYS J 258 56.73 63.17 56.58
C LYS J 258 55.44 63.43 55.81
N PRO J 259 54.40 63.91 56.52
CA PRO J 259 53.09 64.15 55.91
C PRO J 259 53.01 65.46 55.14
N VAL J 260 52.08 65.54 54.20
CA VAL J 260 51.87 66.76 53.42
C VAL J 260 50.38 67.05 53.25
N LEU J 261 49.97 68.25 53.63
CA LEU J 261 48.57 68.65 53.51
C LEU J 261 48.28 69.13 52.10
N TYR J 262 47.71 68.24 51.29
CA TYR J 262 47.39 68.53 49.89
C TYR J 262 45.98 69.08 49.75
N VAL J 263 45.87 70.38 49.57
CA VAL J 263 44.59 71.08 49.61
C VAL J 263 44.13 71.58 48.25
N GLY J 264 42.84 71.51 48.01
CA GLY J 264 42.25 72.02 46.78
C GLY J 264 41.23 73.12 47.05
N ALA J 265 40.30 73.31 46.12
CA ALA J 265 39.30 74.37 46.24
C ALA J 265 38.10 73.91 47.06
N GLY J 266 38.14 72.66 47.52
CA GLY J 266 37.03 72.10 48.28
C GLY J 266 36.90 72.71 49.66
N ILE J 267 38.01 73.23 50.19
CA ILE J 267 38.02 73.81 51.52
C ILE J 267 37.48 75.24 51.48
N LEU J 268 37.35 75.79 50.27
CA LEU J 268 36.86 77.16 50.10
C LEU J 268 35.34 77.21 50.03
N ASN J 269 34.70 76.05 49.99
CA ASN J 269 33.25 75.97 49.95
C ASN J 269 32.63 75.94 51.35
N HIS J 270 33.32 76.56 52.30
CA HIS J 270 32.83 76.68 53.67
C HIS J 270 33.47 77.89 54.34
N ALA J 271 32.71 78.55 55.21
CA ALA J 271 33.18 79.75 55.88
C ALA J 271 34.37 79.47 56.79
N ASP J 272 34.24 78.41 57.60
CA ASP J 272 35.29 78.02 58.53
C ASP J 272 36.28 77.06 57.88
N GLY J 273 36.31 77.06 56.55
CA GLY J 273 37.19 76.18 55.79
C GLY J 273 38.66 76.38 56.09
N PRO J 274 39.24 77.49 55.62
CA PRO J 274 40.65 77.83 55.85
C PRO J 274 40.98 77.96 57.34
N ARG J 275 39.98 78.28 58.14
CA ARG J 275 40.15 78.41 59.58
C ARG J 275 40.54 77.08 60.21
N LEU J 276 39.86 76.01 59.81
CA LEU J 276 40.17 74.67 60.31
C LEU J 276 41.38 74.08 59.58
N LEU J 277 41.71 74.65 58.43
CA LEU J 277 42.84 74.17 57.65
C LEU J 277 44.15 74.53 58.33
N LYS J 278 44.27 75.78 58.76
CA LYS J 278 45.49 76.25 59.41
C LYS J 278 45.64 75.65 60.82
N GLU J 279 44.52 75.32 61.43
CA GLU J 279 44.53 74.78 62.79
C GLU J 279 44.88 73.30 62.80
N LEU J 280 44.93 72.69 61.62
CA LEU J 280 45.39 71.32 61.49
C LEU J 280 46.88 71.33 61.16
N SER J 281 47.31 72.33 60.40
CA SER J 281 48.72 72.51 60.07
C SER J 281 49.49 72.97 61.30
N ASP J 282 48.80 73.65 62.21
CA ASP J 282 49.40 74.10 63.46
C ASP J 282 49.49 72.96 64.47
N ARG J 283 48.43 72.17 64.55
CA ARG J 283 48.35 71.09 65.52
C ARG J 283 49.34 69.97 65.20
N ALA J 284 49.18 69.35 64.04
CA ALA J 284 49.99 68.20 63.67
C ALA J 284 51.29 68.59 62.98
N GLN J 285 51.52 69.90 62.85
CA GLN J 285 52.71 70.44 62.18
C GLN J 285 52.90 69.83 60.80
N ILE J 286 51.96 70.11 59.90
CA ILE J 286 51.98 69.55 58.55
C ILE J 286 52.17 70.65 57.51
N PRO J 287 53.16 70.47 56.61
CA PRO J 287 53.37 71.41 55.50
C PRO J 287 52.19 71.40 54.54
N VAL J 288 51.84 72.56 54.01
CA VAL J 288 50.64 72.69 53.19
C VAL J 288 50.94 73.10 51.76
N THR J 289 50.54 72.25 50.81
CA THR J 289 50.60 72.59 49.39
C THR J 289 49.18 72.74 48.87
N THR J 290 49.01 73.51 47.81
CA THR J 290 47.66 73.80 47.32
C THR J 290 47.59 73.81 45.80
N THR J 291 46.38 73.66 45.27
CA THR J 291 46.15 73.72 43.83
C THR J 291 45.78 75.15 43.42
N LEU J 292 45.71 75.37 42.11
CA LEU J 292 45.47 76.70 41.56
C LEU J 292 44.15 77.30 42.06
N GLN J 293 43.11 76.48 42.15
CA GLN J 293 41.80 76.95 42.57
C GLN J 293 41.67 77.01 44.08
N GLY J 294 42.60 76.36 44.78
CA GLY J 294 42.60 76.36 46.23
C GLY J 294 43.48 77.46 46.81
N LEU J 295 44.15 78.19 45.94
CA LEU J 295 45.05 79.26 46.37
C LEU J 295 44.31 80.35 47.14
N GLY J 296 44.86 80.72 48.30
CA GLY J 296 44.22 81.70 49.16
C GLY J 296 43.69 81.06 50.43
N SER J 297 43.56 79.74 50.40
CA SER J 297 43.04 78.99 51.54
C SER J 297 44.09 78.90 52.66
N PHE J 298 45.34 79.15 52.31
CA PHE J 298 46.44 79.09 53.27
C PHE J 298 47.43 80.21 53.04
N ASP J 299 47.52 81.12 54.01
CA ASP J 299 48.46 82.23 53.94
C ASP J 299 49.89 81.70 53.89
N GLN J 300 50.55 81.88 52.75
CA GLN J 300 51.89 81.33 52.56
C GLN J 300 52.96 82.12 53.30
N GLU J 301 52.54 83.11 54.09
CA GLU J 301 53.44 83.78 55.01
C GLU J 301 53.77 82.84 56.15
N ASP J 302 52.88 81.87 56.37
CA ASP J 302 53.12 80.81 57.34
C ASP J 302 54.32 79.98 56.93
N PRO J 303 55.21 79.67 57.88
CA PRO J 303 56.46 78.95 57.60
C PRO J 303 56.25 77.52 57.11
N LYS J 304 55.02 77.02 57.20
CA LYS J 304 54.73 75.64 56.83
C LYS J 304 54.20 75.52 55.41
N SER J 305 54.09 76.63 54.70
CA SER J 305 53.47 76.62 53.38
C SER J 305 54.41 76.17 52.26
N LEU J 306 53.87 75.39 51.33
CA LEU J 306 54.60 74.94 50.15
C LEU J 306 53.99 75.58 48.91
N ASP J 307 52.87 76.29 49.12
CA ASP J 307 52.00 76.83 48.07
C ASP J 307 51.82 75.88 46.87
N MET J 308 51.64 76.45 45.68
CA MET J 308 51.15 75.69 44.52
C MET J 308 52.09 74.59 44.04
N LEU J 309 51.49 73.47 43.63
CA LEU J 309 52.20 72.36 43.00
C LEU J 309 51.78 72.22 41.54
N GLY J 310 52.08 71.07 40.94
CA GLY J 310 51.59 70.76 39.62
C GLY J 310 52.56 71.03 38.48
N MET J 311 52.01 71.19 37.28
CA MET J 311 52.80 71.41 36.07
C MET J 311 53.65 72.67 36.16
N HIS J 312 53.06 73.75 36.66
CA HIS J 312 53.79 75.01 36.80
C HIS J 312 53.89 75.44 38.26
N GLY J 313 53.77 74.46 39.17
CA GLY J 313 53.94 74.73 40.58
C GLY J 313 55.41 74.72 40.95
N CYS J 314 55.74 75.32 42.09
CA CYS J 314 57.13 75.40 42.53
C CYS J 314 57.72 74.02 42.78
N ALA J 315 59.03 73.89 42.60
CA ALA J 315 59.71 72.62 42.76
C ALA J 315 59.70 72.15 44.22
N THR J 316 59.55 73.11 45.13
CA THR J 316 59.50 72.82 46.55
C THR J 316 58.28 71.96 46.90
N ALA J 317 57.14 72.31 46.31
CA ALA J 317 55.88 71.60 46.58
C ALA J 317 55.85 70.24 45.89
N ASN J 318 56.34 70.18 44.66
CA ASN J 318 56.34 68.95 43.88
C ASN J 318 57.22 67.88 44.50
N LEU J 319 58.37 68.29 45.04
CA LEU J 319 59.28 67.36 45.69
C LEU J 319 58.76 66.93 47.06
N ALA J 320 58.07 67.83 47.73
CA ALA J 320 57.50 67.55 49.04
C ALA J 320 56.42 66.48 48.95
N VAL J 321 55.65 66.54 47.87
CA VAL J 321 54.61 65.55 47.62
C VAL J 321 55.22 64.19 47.26
N GLN J 322 56.27 64.23 46.46
CA GLN J 322 56.94 63.01 46.00
C GLN J 322 57.63 62.26 47.13
N ASN J 323 58.15 63.00 48.11
CA ASN J 323 58.87 62.39 49.22
C ASN J 323 57.99 62.19 50.45
N ALA J 324 56.71 62.49 50.32
CA ALA J 324 55.76 62.33 51.42
C ALA J 324 55.36 60.87 51.58
N ASP J 325 55.10 60.46 52.81
CA ASP J 325 54.69 59.09 53.09
C ASP J 325 53.18 59.04 53.33
N LEU J 326 52.59 60.17 53.65
CA LEU J 326 51.15 60.28 53.85
C LEU J 326 50.61 61.57 53.29
N ILE J 327 49.79 61.47 52.24
CA ILE J 327 49.20 62.64 51.60
C ILE J 327 47.73 62.78 51.96
N ILE J 328 47.38 63.88 52.61
CA ILE J 328 46.00 64.14 53.00
C ILE J 328 45.34 65.07 51.99
N ALA J 329 44.52 64.51 51.11
CA ALA J 329 43.84 65.29 50.09
C ALA J 329 42.60 65.99 50.67
N VAL J 330 42.66 67.32 50.72
CA VAL J 330 41.54 68.10 51.25
C VAL J 330 40.86 68.89 50.13
N GLY J 331 39.83 68.31 49.54
CA GLY J 331 39.03 68.98 48.53
C GLY J 331 39.72 69.13 47.18
N ALA J 332 40.40 68.08 46.74
CA ALA J 332 41.07 68.08 45.45
C ALA J 332 40.69 66.85 44.63
N ARG J 333 40.81 66.95 43.32
CA ARG J 333 40.37 65.88 42.44
C ARG J 333 41.50 65.26 41.64
N PHE J 334 42.74 65.59 42.00
CA PHE J 334 43.93 65.04 41.36
C PHE J 334 43.92 65.25 39.84
N ASP J 335 43.91 66.50 39.42
CA ASP J 335 43.93 66.84 38.00
C ASP J 335 45.25 66.43 37.36
N ASP J 336 45.23 66.25 36.04
CA ASP J 336 46.45 65.87 35.31
C ASP J 336 47.46 67.02 35.28
N ARG J 337 46.98 68.24 35.46
CA ARG J 337 47.85 69.40 35.56
C ARG J 337 48.52 69.44 36.92
N VAL J 338 48.00 68.65 37.85
CA VAL J 338 48.51 68.59 39.21
C VAL J 338 49.47 67.42 39.41
N THR J 339 49.07 66.25 38.92
CA THR J 339 49.83 65.02 39.15
C THR J 339 51.03 64.87 38.23
N GLY J 340 50.97 65.51 37.07
CA GLY J 340 52.04 65.40 36.09
C GLY J 340 52.01 64.05 35.38
N ASN J 341 52.44 63.01 36.09
CA ASN J 341 52.38 61.65 35.57
C ASN J 341 51.82 60.70 36.63
N ILE J 342 50.70 60.07 36.31
CA ILE J 342 50.02 59.16 37.24
C ILE J 342 50.91 57.95 37.55
N SER J 343 51.62 57.47 36.53
CA SER J 343 52.50 56.30 36.67
C SER J 343 53.52 56.49 37.78
N LYS J 344 54.07 57.70 37.89
CA LYS J 344 55.04 58.01 38.93
C LYS J 344 54.64 59.25 39.72
N PHE J 345 53.53 59.15 40.44
CA PHE J 345 53.07 60.23 41.30
C PHE J 345 53.07 59.79 42.75
N ALA J 346 53.81 60.54 43.58
CA ALA J 346 53.95 60.23 45.01
C ALA J 346 54.43 58.79 45.24
N PRO J 347 55.70 58.51 44.90
CA PRO J 347 56.24 57.14 45.01
C PRO J 347 56.45 56.71 46.45
N GLU J 348 56.83 57.64 47.32
CA GLU J 348 57.09 57.31 48.71
C GLU J 348 55.79 57.09 49.48
N ALA J 349 54.72 57.76 49.05
CA ALA J 349 53.42 57.58 49.65
C ALA J 349 52.84 56.22 49.29
N ARG J 350 53.18 55.76 48.09
CA ARG J 350 52.74 54.44 47.63
C ARG J 350 53.57 53.34 48.27
N ARG J 351 54.79 53.66 48.65
CA ARG J 351 55.65 52.73 49.38
C ARG J 351 55.13 52.53 50.80
N ALA J 352 54.82 53.64 51.46
CA ALA J 352 54.33 53.61 52.84
C ALA J 352 52.96 52.95 52.93
N ALA J 353 52.24 52.95 51.81
CA ALA J 353 50.93 52.32 51.75
C ALA J 353 51.04 50.80 51.79
N ALA J 354 52.01 50.27 51.05
CA ALA J 354 52.24 48.83 51.00
C ALA J 354 52.90 48.33 52.28
N GLU J 355 53.50 49.25 53.02
CA GLU J 355 54.17 48.91 54.27
C GLU J 355 53.28 49.17 55.48
N GLY J 356 52.17 49.87 55.25
CA GLY J 356 51.26 50.22 56.32
C GLY J 356 51.79 51.38 57.14
N ARG J 357 52.70 52.16 56.54
CA ARG J 357 53.31 53.29 57.21
C ARG J 357 52.52 54.57 56.96
N GLY J 358 51.96 54.69 55.76
CA GLY J 358 51.17 55.85 55.40
C GLY J 358 50.18 55.56 54.29
N GLY J 359 50.22 56.37 53.24
CA GLY J 359 49.33 56.22 52.11
C GLY J 359 48.71 57.53 51.68
N ILE J 360 47.45 57.47 51.25
CA ILE J 360 46.75 58.68 50.83
C ILE J 360 45.36 58.76 51.47
N ILE J 361 45.10 59.85 52.18
CA ILE J 361 43.79 60.10 52.75
C ILE J 361 43.06 61.14 51.90
N HIS J 362 41.82 60.83 51.50
CA HIS J 362 41.08 61.69 50.61
C HIS J 362 39.76 62.17 51.22
N PHE J 363 39.68 63.46 51.51
CA PHE J 363 38.45 64.08 51.98
C PHE J 363 37.66 64.57 50.78
N GLU J 364 36.53 63.94 50.53
CA GLU J 364 35.78 64.12 49.29
C GLU J 364 34.28 64.26 49.54
N VAL J 365 33.64 65.20 48.83
CA VAL J 365 32.21 65.41 49.02
C VAL J 365 31.39 64.60 48.03
N SER J 366 32.00 64.29 46.87
CA SER J 366 31.31 63.54 45.83
C SER J 366 32.09 62.27 45.48
N PRO J 367 31.57 61.11 45.90
CA PRO J 367 32.20 59.79 45.73
C PRO J 367 32.59 59.45 44.29
N LYS J 368 32.18 60.26 43.32
CA LYS J 368 32.55 60.03 41.93
C LYS J 368 34.02 60.33 41.68
N ASN J 369 34.59 61.21 42.50
CA ASN J 369 35.98 61.63 42.34
C ASN J 369 36.94 60.85 43.22
N ILE J 370 36.44 59.78 43.83
CA ILE J 370 37.28 58.90 44.63
C ILE J 370 37.77 57.74 43.78
N ASN J 371 39.09 57.56 43.72
CA ASN J 371 39.73 56.47 42.98
C ASN J 371 39.40 56.50 41.49
N LYS J 372 39.29 57.69 40.91
CA LYS J 372 39.08 57.81 39.47
C LYS J 372 40.38 58.21 38.78
N VAL J 373 41.32 58.71 39.58
CA VAL J 373 42.63 59.08 39.06
C VAL J 373 43.71 58.25 39.75
N VAL J 374 43.84 58.44 41.06
CA VAL J 374 44.76 57.64 41.86
C VAL J 374 43.99 56.93 42.96
N GLN J 375 44.50 55.77 43.40
CA GLN J 375 43.82 54.97 44.41
C GLN J 375 44.23 55.40 45.82
N THR J 376 43.24 55.70 46.65
CA THR J 376 43.49 56.12 48.03
C THR J 376 43.47 54.93 48.97
N GLN J 377 43.82 55.18 50.24
CA GLN J 377 43.83 54.13 51.25
C GLN J 377 42.71 54.35 52.26
N ILE J 378 42.31 55.61 52.43
CA ILE J 378 41.22 55.96 53.33
C ILE J 378 40.29 56.97 52.69
N ALA J 379 39.00 56.68 52.68
CA ALA J 379 38.01 57.55 52.07
C ALA J 379 37.06 58.16 53.11
N VAL J 380 37.07 59.48 53.20
CA VAL J 380 36.17 60.19 54.12
C VAL J 380 35.18 61.04 53.32
N GLU J 381 33.97 60.51 53.14
CA GLU J 381 32.97 61.16 52.30
C GLU J 381 32.21 62.25 53.06
N GLY J 382 32.12 63.43 52.46
CA GLY J 382 31.41 64.55 53.07
C GLY J 382 32.18 65.85 52.94
N ASP J 383 31.65 66.90 53.56
CA ASP J 383 32.29 68.21 53.55
C ASP J 383 33.63 68.14 54.27
N ALA J 384 34.68 68.54 53.57
CA ALA J 384 36.04 68.48 54.12
C ALA J 384 36.18 69.26 55.41
N THR J 385 35.52 70.41 55.48
CA THR J 385 35.58 71.25 56.67
C THR J 385 34.96 70.57 57.88
N THR J 386 33.72 70.10 57.71
CA THR J 386 33.00 69.46 58.81
C THR J 386 33.64 68.12 59.19
N ASN J 387 34.30 67.49 58.23
CA ASN J 387 34.98 66.22 58.50
C ASN J 387 36.25 66.42 59.31
N LEU J 388 37.00 67.47 59.00
CA LEU J 388 38.21 67.80 59.74
C LEU J 388 37.89 68.19 61.17
N GLY J 389 36.75 68.84 61.36
CA GLY J 389 36.31 69.27 62.67
C GLY J 389 35.99 68.10 63.58
N LYS J 390 35.63 66.97 62.99
CA LYS J 390 35.31 65.78 63.77
C LYS J 390 36.52 64.88 63.92
N MET J 391 37.48 65.00 62.99
CA MET J 391 38.73 64.26 63.08
C MET J 391 39.69 64.98 64.01
N MET J 392 39.46 66.28 64.19
CA MET J 392 40.27 67.09 65.08
C MET J 392 40.15 66.57 66.51
N SER J 393 41.17 66.87 67.32
CA SER J 393 41.25 66.45 68.73
C SER J 393 41.38 64.93 68.90
N LYS J 394 41.21 64.19 67.80
CA LYS J 394 41.54 62.76 67.79
C LYS J 394 42.95 62.59 67.23
N ILE J 395 43.59 63.73 66.99
CA ILE J 395 44.95 63.77 66.44
C ILE J 395 45.93 64.23 67.52
N PHE J 396 47.15 63.71 67.47
CA PHE J 396 48.18 64.10 68.43
C PHE J 396 48.93 65.34 67.95
N PRO J 397 48.81 66.45 68.71
CA PRO J 397 49.59 67.67 68.44
C PRO J 397 51.09 67.40 68.40
N VAL J 398 51.78 68.08 67.49
CA VAL J 398 53.22 67.88 67.32
C VAL J 398 53.98 69.15 67.70
N LYS J 399 55.13 68.98 68.35
CA LYS J 399 55.98 70.10 68.69
C LYS J 399 56.70 70.63 67.44
N GLU J 400 57.50 69.77 66.83
CA GLU J 400 58.24 70.13 65.63
C GLU J 400 58.81 68.91 64.90
N ARG J 401 58.69 68.91 63.58
CA ARG J 401 59.35 67.89 62.76
C ARG J 401 60.66 68.45 62.21
N SER J 402 61.75 68.17 62.92
CA SER J 402 63.04 68.77 62.63
C SER J 402 63.56 68.45 61.22
N GLU J 403 63.67 67.17 60.92
CA GLU J 403 64.28 66.73 59.67
C GLU J 403 63.43 67.04 58.44
N TRP J 404 62.11 66.90 58.59
CA TRP J 404 61.20 67.05 57.45
C TRP J 404 61.08 68.51 57.01
N PHE J 405 60.93 69.42 57.97
CA PHE J 405 60.81 70.83 57.64
C PHE J 405 62.15 71.44 57.21
N ALA J 406 63.25 70.82 57.65
CA ALA J 406 64.58 71.31 57.30
C ALA J 406 64.86 71.15 55.81
N GLN J 407 64.58 69.96 55.28
CA GLN J 407 64.78 69.68 53.87
C GLN J 407 63.80 70.48 53.02
N ILE J 408 62.63 70.77 53.59
CA ILE J 408 61.64 71.59 52.93
C ILE J 408 62.11 73.03 52.79
N ASN J 409 62.60 73.60 53.89
CA ASN J 409 63.15 74.95 53.86
C ASN J 409 64.45 75.00 53.07
N LYS J 410 65.11 73.86 52.96
CA LYS J 410 66.31 73.76 52.14
C LYS J 410 65.92 73.73 50.67
N TRP J 411 64.74 73.20 50.38
CA TRP J 411 64.22 73.14 49.02
C TRP J 411 63.82 74.53 48.53
N LYS J 412 63.35 75.37 49.44
CA LYS J 412 63.03 76.76 49.11
C LYS J 412 64.30 77.51 48.76
N LYS J 413 65.40 77.15 49.43
CA LYS J 413 66.68 77.82 49.24
C LYS J 413 67.30 77.50 47.88
N GLU J 414 67.12 76.27 47.41
CA GLU J 414 67.75 75.85 46.16
C GLU J 414 66.75 75.78 45.01
N TYR J 415 65.46 75.69 45.33
CA TYR J 415 64.43 75.63 44.29
C TYR J 415 63.27 76.61 44.51
N PRO J 416 63.54 77.93 44.41
CA PRO J 416 62.45 78.89 44.48
C PRO J 416 61.92 79.20 43.08
N TYR J 417 61.04 80.19 42.97
CA TYR J 417 60.56 80.63 41.65
C TYR J 417 61.66 81.40 40.93
N ALA J 418 62.67 80.67 40.46
CA ALA J 418 63.80 81.29 39.78
C ALA J 418 63.46 81.66 38.34
N TYR J 419 63.77 82.89 37.96
CA TYR J 419 63.53 83.36 36.60
C TYR J 419 64.57 84.41 36.21
N MET J 420 64.57 84.80 34.94
CA MET J 420 65.50 85.80 34.45
C MET J 420 65.06 87.20 34.85
N GLU J 421 65.57 87.70 35.97
CA GLU J 421 65.22 89.03 36.45
C GLU J 421 65.76 90.09 35.49
N GLU J 422 64.96 91.14 35.28
CA GLU J 422 65.29 92.17 34.31
C GLU J 422 66.52 92.99 34.70
N THR J 423 67.32 93.34 33.71
CA THR J 423 68.47 94.21 33.89
C THR J 423 68.11 95.62 33.43
N PRO J 424 68.78 96.65 33.99
CA PRO J 424 68.54 98.05 33.61
C PRO J 424 68.60 98.30 32.11
N GLY J 425 69.41 97.50 31.39
CA GLY J 425 69.50 97.62 29.96
C GLY J 425 68.72 96.53 29.24
N SER J 426 67.44 96.38 29.60
CA SER J 426 66.59 95.36 29.00
C SER J 426 65.12 95.73 29.10
N LYS J 427 64.27 94.96 28.44
CA LYS J 427 62.84 95.18 28.47
C LYS J 427 62.23 94.60 29.74
N ILE J 428 61.06 95.12 30.13
CA ILE J 428 60.39 94.69 31.36
C ILE J 428 60.07 93.20 31.38
N LYS J 429 60.50 92.53 32.44
CA LYS J 429 60.16 91.12 32.65
C LYS J 429 58.79 91.00 33.29
N PRO J 430 57.95 90.10 32.75
CA PRO J 430 56.56 89.94 33.19
C PRO J 430 56.40 89.42 34.63
N GLN J 431 57.31 88.54 35.06
CA GLN J 431 57.19 87.92 36.39
C GLN J 431 57.25 88.95 37.51
N THR J 432 58.15 89.91 37.38
CA THR J 432 58.38 90.89 38.43
C THR J 432 57.23 91.88 38.53
N VAL J 433 56.47 92.02 37.45
CA VAL J 433 55.33 92.93 37.42
C VAL J 433 54.26 92.49 38.44
N ILE J 434 54.03 91.19 38.52
CA ILE J 434 53.09 90.64 39.49
C ILE J 434 53.61 90.84 40.91
N LYS J 435 54.89 90.52 41.11
CA LYS J 435 55.52 90.64 42.42
C LYS J 435 55.54 92.08 42.91
N LYS J 436 55.66 93.01 41.96
CA LYS J 436 55.60 94.44 42.30
C LYS J 436 54.18 94.84 42.67
N LEU J 437 53.22 94.44 41.85
CA LEU J 437 51.80 94.76 42.07
C LEU J 437 51.27 94.07 43.33
N SER J 438 51.92 92.96 43.71
CA SER J 438 51.50 92.19 44.87
C SER J 438 51.55 93.00 46.16
N LYS J 439 52.60 93.80 46.32
CA LYS J 439 52.78 94.60 47.53
C LYS J 439 52.08 95.95 47.39
N VAL J 440 52.05 96.48 46.17
CA VAL J 440 51.43 97.78 45.91
C VAL J 440 49.94 97.76 46.22
N ALA J 441 49.25 96.74 45.72
CA ALA J 441 47.81 96.62 45.93
C ALA J 441 47.46 96.24 47.36
N ASN J 442 48.34 95.47 48.00
CA ASN J 442 48.09 94.98 49.35
C ASN J 442 48.27 96.06 50.41
N ASP J 443 49.18 97.00 50.15
CA ASP J 443 49.49 98.05 51.11
C ASP J 443 48.52 99.24 51.02
N THR J 444 47.45 99.07 50.27
CA THR J 444 46.43 100.10 50.15
C THR J 444 45.46 100.05 51.33
N GLY J 445 45.54 98.97 52.09
CA GLY J 445 44.68 98.78 53.23
C GLY J 445 43.27 98.38 52.83
N ARG J 446 43.14 97.80 51.64
CA ARG J 446 41.84 97.40 51.12
C ARG J 446 41.76 95.88 50.94
N HIS J 447 40.55 95.38 50.71
CA HIS J 447 40.35 93.98 50.41
C HIS J 447 40.57 93.75 48.91
N VAL J 448 41.60 92.99 48.57
CA VAL J 448 41.99 92.81 47.18
C VAL J 448 41.55 91.47 46.61
N ILE J 449 40.79 91.52 45.51
CA ILE J 449 40.38 90.32 44.80
C ILE J 449 41.04 90.25 43.44
N VAL J 450 41.79 89.19 43.19
CA VAL J 450 42.55 89.07 41.94
C VAL J 450 41.88 88.12 40.96
N THR J 451 41.70 88.59 39.73
CA THR J 451 41.12 87.78 38.66
C THR J 451 42.03 87.78 37.44
N THR J 452 42.29 86.59 36.89
CA THR J 452 43.19 86.47 35.74
C THR J 452 42.51 85.80 34.56
N GLY J 453 43.19 85.81 33.41
CA GLY J 453 42.72 85.10 32.24
C GLY J 453 43.34 83.71 32.19
N VAL J 454 43.74 83.28 31.01
CA VAL J 454 44.40 81.98 30.85
C VAL J 454 45.65 82.11 29.97
N GLY J 455 46.79 81.75 30.53
CA GLY J 455 48.06 81.83 29.82
C GLY J 455 49.24 81.87 30.78
N GLN J 456 50.37 82.38 30.29
CA GLN J 456 51.56 82.53 31.12
C GLN J 456 51.33 83.53 32.26
N HIS J 457 50.55 84.57 31.97
CA HIS J 457 50.23 85.59 32.95
C HIS J 457 49.42 85.00 34.09
N GLN J 458 48.60 84.00 33.77
CA GLN J 458 47.77 83.34 34.76
C GLN J 458 48.63 82.59 35.77
N MET J 459 49.65 81.91 35.29
CA MET J 459 50.55 81.15 36.15
C MET J 459 51.42 82.08 36.98
N TRP J 460 52.00 83.10 36.32
CA TRP J 460 52.87 84.06 37.00
C TRP J 460 52.13 84.84 38.08
N ALA J 461 50.84 85.05 37.88
CA ALA J 461 50.03 85.78 38.85
C ALA J 461 49.73 84.93 40.08
N ALA J 462 49.90 83.62 39.94
CA ALA J 462 49.62 82.70 41.03
C ALA J 462 50.89 82.31 41.77
N GLN J 463 52.03 82.43 41.09
CA GLN J 463 53.32 82.04 41.66
C GLN J 463 53.88 83.08 42.62
N HIS J 464 53.98 84.32 42.15
CA HIS J 464 54.68 85.36 42.89
C HIS J 464 53.78 86.10 43.88
N TRP J 465 52.50 86.24 43.55
CA TRP J 465 51.55 86.94 44.41
C TRP J 465 51.35 86.19 45.73
N THR J 466 51.42 86.91 46.84
CA THR J 466 51.21 86.32 48.15
C THR J 466 49.72 86.31 48.49
N TRP J 467 49.17 85.13 48.74
CA TRP J 467 47.74 84.97 48.91
C TRP J 467 47.29 84.93 50.36
N ARG J 468 47.11 86.11 50.95
CA ARG J 468 46.52 86.22 52.28
C ARG J 468 45.01 86.36 52.13
N ASN J 469 44.27 85.80 53.08
CA ASN J 469 42.81 85.80 53.08
C ASN J 469 42.20 84.99 51.92
N PRO J 470 41.19 84.16 52.23
CA PRO J 470 40.55 83.27 51.24
C PRO J 470 39.64 84.01 50.27
N HIS J 471 39.22 83.31 49.22
CA HIS J 471 38.32 83.85 48.20
C HIS J 471 38.84 85.14 47.57
N THR J 472 40.16 85.22 47.41
CA THR J 472 40.78 86.40 46.82
C THR J 472 41.37 86.08 45.44
N PHE J 473 41.35 84.80 45.07
CA PHE J 473 41.86 84.38 43.77
C PHE J 473 40.74 83.73 42.95
N ILE J 474 40.39 84.37 41.85
CA ILE J 474 39.34 83.85 40.97
C ILE J 474 39.86 83.68 39.55
N THR J 475 40.01 82.43 39.13
CA THR J 475 40.51 82.13 37.78
C THR J 475 39.87 80.87 37.23
N SER J 476 40.15 80.58 35.96
CA SER J 476 39.62 79.39 35.32
C SER J 476 40.72 78.35 35.12
N GLY J 477 40.53 77.16 35.71
CA GLY J 477 41.53 76.11 35.63
C GLY J 477 41.02 74.86 34.95
N GLY J 478 39.88 74.35 35.41
CA GLY J 478 39.29 73.13 34.89
C GLY J 478 39.06 73.16 33.40
N LEU J 479 38.51 74.27 32.91
CA LEU J 479 38.25 74.43 31.48
C LEU J 479 39.31 75.31 30.83
N GLY J 480 39.77 76.31 31.58
CA GLY J 480 40.77 77.24 31.08
C GLY J 480 40.25 78.10 29.95
N THR J 481 39.28 78.95 30.28
CA THR J 481 38.65 79.80 29.27
C THR J 481 39.33 81.16 29.16
N MET J 482 39.69 81.54 27.94
CA MET J 482 40.24 82.87 27.69
C MET J 482 39.12 83.89 27.68
N GLY J 483 39.43 85.14 28.02
CA GLY J 483 38.43 86.17 28.11
C GLY J 483 37.60 86.03 29.37
N TYR J 484 38.13 85.29 30.34
CA TYR J 484 37.46 85.05 31.60
C TYR J 484 37.86 86.09 32.63
N GLY J 485 38.96 86.78 32.37
CA GLY J 485 39.50 87.77 33.30
C GLY J 485 38.60 88.96 33.54
N LEU J 486 38.27 89.68 32.47
CA LEU J 486 37.50 90.92 32.59
C LEU J 486 36.07 90.72 33.13
N PRO J 487 35.28 89.79 32.53
CA PRO J 487 33.90 89.70 33.01
C PRO J 487 33.80 89.23 34.46
N ALA J 488 34.65 88.28 34.84
CA ALA J 488 34.64 87.77 36.22
C ALA J 488 35.07 88.86 37.20
N ALA J 489 35.98 89.72 36.76
CA ALA J 489 36.45 90.82 37.59
C ALA J 489 35.32 91.82 37.85
N ILE J 490 34.50 92.04 36.83
CA ILE J 490 33.36 92.95 36.94
C ILE J 490 32.32 92.41 37.92
N GLY J 491 31.93 91.15 37.72
CA GLY J 491 30.93 90.52 38.56
C GLY J 491 31.37 90.32 40.00
N ALA J 492 32.68 90.19 40.20
CA ALA J 492 33.22 89.99 41.53
C ALA J 492 33.11 91.26 42.37
N GLN J 493 33.15 92.41 41.71
CA GLN J 493 33.04 93.69 42.39
C GLN J 493 31.59 94.04 42.68
N VAL J 494 30.67 93.38 41.96
CA VAL J 494 29.25 93.55 42.22
C VAL J 494 28.90 92.92 43.57
N ALA J 495 29.54 91.79 43.86
CA ALA J 495 29.34 91.11 45.14
C ALA J 495 30.09 91.84 46.25
N LYS J 496 31.26 92.36 45.92
CA LYS J 496 32.09 93.08 46.89
C LYS J 496 32.46 94.48 46.37
N PRO J 497 31.53 95.44 46.50
CA PRO J 497 31.72 96.80 46.00
C PRO J 497 32.82 97.57 46.72
N GLU J 498 32.99 97.28 48.02
CA GLU J 498 33.99 97.96 48.82
C GLU J 498 35.39 97.42 48.51
N SER J 499 35.46 96.15 48.14
CA SER J 499 36.73 95.49 47.86
C SER J 499 37.37 95.97 46.56
N LEU J 500 38.69 95.87 46.50
CA LEU J 500 39.44 96.28 45.31
C LEU J 500 39.69 95.10 44.38
N VAL J 501 39.02 95.09 43.24
CA VAL J 501 39.20 94.02 42.27
C VAL J 501 40.28 94.40 41.26
N ILE J 502 41.14 93.43 40.94
CA ILE J 502 42.22 93.66 39.99
C ILE J 502 42.28 92.54 38.95
N ASP J 503 42.24 92.93 37.67
CA ASP J 503 42.23 91.95 36.59
C ASP J 503 43.60 91.86 35.90
N ILE J 504 44.34 90.81 36.23
CA ILE J 504 45.63 90.54 35.59
C ILE J 504 45.40 89.67 34.36
N ASP J 505 45.15 90.31 33.22
CA ASP J 505 44.79 89.59 32.00
C ASP J 505 45.90 89.66 30.94
N GLY J 506 45.83 88.75 29.97
CA GLY J 506 46.78 88.73 28.88
C GLY J 506 46.17 89.33 27.62
N ASP J 507 47.02 89.72 26.67
CA ASP J 507 46.54 90.41 25.47
C ASP J 507 45.65 89.52 24.60
N ALA J 508 46.01 88.25 24.47
CA ALA J 508 45.22 87.33 23.65
C ALA J 508 43.90 87.00 24.33
N SER J 509 43.93 86.85 25.65
CA SER J 509 42.73 86.55 26.41
C SER J 509 41.80 87.75 26.47
N PHE J 510 42.38 88.93 26.70
CA PHE J 510 41.62 90.17 26.78
C PHE J 510 40.91 90.47 25.46
N ASN J 511 41.50 90.01 24.36
CA ASN J 511 40.93 90.25 23.03
C ASN J 511 39.64 89.49 22.78
N MET J 512 39.33 88.51 23.63
CA MET J 512 38.12 87.72 23.47
C MET J 512 36.89 88.42 24.08
N THR J 513 37.11 89.12 25.18
CA THR J 513 36.01 89.81 25.86
C THR J 513 36.35 91.26 26.21
N LEU J 514 37.06 91.95 25.31
CA LEU J 514 37.33 93.37 25.51
C LEU J 514 36.07 94.18 25.19
N THR J 515 35.05 93.48 24.69
CA THR J 515 33.78 94.10 24.38
C THR J 515 33.08 94.56 25.67
N GLU J 516 33.33 93.83 26.75
CA GLU J 516 32.67 94.08 28.03
C GLU J 516 33.33 95.20 28.84
N LEU J 517 33.90 96.18 28.15
CA LEU J 517 34.53 97.31 28.83
C LEU J 517 33.50 98.36 29.22
N SER J 518 32.56 98.65 28.32
CA SER J 518 31.57 99.69 28.56
C SER J 518 30.44 99.18 29.45
N SER J 519 30.48 97.90 29.81
CA SER J 519 29.53 97.34 30.75
C SER J 519 29.96 97.62 32.19
N ALA J 520 31.28 97.79 32.36
CA ALA J 520 31.83 98.10 33.69
C ALA J 520 31.53 99.54 34.06
N VAL J 521 31.45 100.42 33.06
CA VAL J 521 31.15 101.82 33.30
C VAL J 521 29.65 102.06 33.28
N GLN J 522 28.89 101.01 33.04
CA GLN J 522 27.43 101.09 33.08
C GLN J 522 26.90 100.48 34.38
N ALA J 523 27.59 99.47 34.88
CA ALA J 523 27.21 98.81 36.11
C ALA J 523 27.84 99.50 37.32
N GLY J 524 28.68 100.49 37.06
CA GLY J 524 29.33 101.24 38.11
C GLY J 524 30.35 100.42 38.87
N THR J 525 31.15 99.64 38.13
CA THR J 525 32.16 98.80 38.74
C THR J 525 33.57 99.33 38.43
N PRO J 526 34.19 99.99 39.42
CA PRO J 526 35.55 100.52 39.27
C PRO J 526 36.60 99.40 39.24
N VAL J 527 36.59 98.62 38.16
CA VAL J 527 37.51 97.50 38.02
C VAL J 527 38.90 97.97 37.59
N LYS J 528 39.92 97.28 38.08
CA LYS J 528 41.30 97.59 37.70
C LYS J 528 41.81 96.55 36.72
N ILE J 529 42.06 96.96 35.49
CA ILE J 529 42.44 96.04 34.43
C ILE J 529 43.91 96.16 34.06
N LEU J 530 44.63 95.04 34.19
CA LEU J 530 46.04 95.00 33.82
C LEU J 530 46.27 94.09 32.62
N ILE J 531 47.05 94.57 31.66
CA ILE J 531 47.34 93.79 30.46
C ILE J 531 48.83 93.58 30.28
N LEU J 532 49.29 92.37 30.59
CA LEU J 532 50.70 92.01 30.39
C LEU J 532 50.94 91.68 28.92
N ASN J 533 50.90 92.72 28.07
CA ASN J 533 50.99 92.54 26.63
C ASN J 533 52.38 92.10 26.17
N ASN J 534 52.47 90.86 25.69
CA ASN J 534 53.68 90.35 25.08
C ASN J 534 53.51 90.26 23.57
N GLU J 535 52.38 90.76 23.09
CA GLU J 535 52.05 90.82 21.66
C GLU J 535 52.07 89.42 21.03
N GLU J 536 51.74 88.42 21.83
CA GLU J 536 51.73 87.04 21.35
C GLU J 536 50.97 86.12 22.31
N GLN J 537 50.79 84.87 21.89
CA GLN J 537 50.17 83.84 22.72
C GLN J 537 51.24 83.04 23.45
N GLY J 538 51.72 83.60 24.56
CA GLY J 538 52.85 83.04 25.31
C GLY J 538 52.75 81.58 25.71
N MET J 539 51.59 81.18 26.21
CA MET J 539 51.41 79.81 26.69
C MET J 539 51.52 78.80 25.56
N VAL J 540 51.13 79.21 24.36
CA VAL J 540 51.20 78.34 23.20
C VAL J 540 52.60 78.36 22.58
N THR J 541 53.16 79.56 22.47
CA THR J 541 54.49 79.74 21.91
C THR J 541 55.55 79.01 22.74
N GLN J 542 55.29 78.88 24.04
CA GLN J 542 56.18 78.16 24.93
C GLN J 542 56.24 76.68 24.56
N TRP J 543 55.06 76.09 24.36
CA TRP J 543 54.96 74.69 23.95
C TRP J 543 55.53 74.48 22.56
N GLN J 544 55.33 75.47 21.69
CA GLN J 544 55.81 75.38 20.30
C GLN J 544 57.33 75.52 20.23
N SER J 545 57.93 76.07 21.27
CA SER J 545 59.37 76.27 21.31
C SER J 545 60.09 75.06 21.90
N LEU J 546 59.39 74.32 22.76
CA LEU J 546 59.99 73.18 23.44
C LEU J 546 59.70 71.86 22.74
N PHE J 547 58.54 71.76 22.12
CA PHE J 547 58.11 70.49 21.54
C PHE J 547 57.90 70.56 20.02
N TYR J 548 57.98 71.76 19.45
CA TYR J 548 57.70 71.93 18.02
C TYR J 548 58.74 72.78 17.30
N GLU J 549 59.96 72.81 17.85
CA GLU J 549 61.11 73.45 17.22
C GLU J 549 60.85 74.91 16.84
N HIS J 550 60.27 75.66 17.77
CA HIS J 550 60.05 77.11 17.61
C HIS J 550 59.22 77.46 16.38
N ARG J 551 58.34 76.56 15.96
CA ARG J 551 57.44 76.83 14.84
C ARG J 551 56.14 77.44 15.34
N TYR J 552 56.07 78.77 15.28
CA TYR J 552 54.91 79.49 15.81
C TYR J 552 53.82 79.64 14.75
N SER J 553 52.91 78.67 14.72
CA SER J 553 51.85 78.65 13.72
C SER J 553 50.63 79.44 14.18
N HIS J 554 50.50 80.66 13.67
CA HIS J 554 49.34 81.52 13.94
C HIS J 554 49.11 81.74 15.43
N THR J 555 50.13 82.20 16.12
CA THR J 555 50.02 82.48 17.55
C THR J 555 50.29 83.97 17.82
N HIS J 556 50.39 84.75 16.75
CA HIS J 556 50.60 86.18 16.87
C HIS J 556 49.42 86.95 16.30
N GLN J 557 48.56 87.47 17.17
CA GLN J 557 47.40 88.23 16.75
C GLN J 557 47.70 89.72 16.78
N LEU J 558 46.98 90.48 15.96
CA LEU J 558 47.17 91.92 15.89
C LEU J 558 46.37 92.63 16.98
N ASN J 559 47.05 92.99 18.07
CA ASN J 559 46.41 93.67 19.18
C ASN J 559 46.09 95.12 18.83
N PRO J 560 44.88 95.58 19.20
CA PRO J 560 44.47 96.97 18.97
C PRO J 560 45.14 97.92 19.95
N ASP J 561 44.98 99.23 19.73
CA ASP J 561 45.52 100.21 20.66
C ASP J 561 44.65 100.25 21.92
N PHE J 562 45.09 99.53 22.95
CA PHE J 562 44.32 99.36 24.18
C PHE J 562 43.98 100.67 24.86
N ILE J 563 44.94 101.60 24.88
CA ILE J 563 44.74 102.87 25.57
C ILE J 563 43.65 103.71 24.91
N LYS J 564 43.57 103.64 23.58
CA LYS J 564 42.52 104.35 22.85
C LYS J 564 41.22 103.57 22.85
N LEU J 565 41.33 102.26 23.06
CA LEU J 565 40.15 101.41 23.17
C LEU J 565 39.39 101.73 24.46
N ALA J 566 40.13 101.92 25.55
CA ALA J 566 39.54 102.26 26.83
C ALA J 566 38.87 103.63 26.77
N GLU J 567 39.54 104.58 26.12
CA GLU J 567 38.99 105.92 25.94
C GLU J 567 37.73 105.90 25.10
N ALA J 568 37.68 104.97 24.15
CA ALA J 568 36.49 104.78 23.32
C ALA J 568 35.36 104.18 24.14
N MET J 569 35.73 103.38 25.14
CA MET J 569 34.75 102.74 26.02
C MET J 569 34.44 103.61 27.23
N GLY J 570 34.96 104.83 27.23
CA GLY J 570 34.76 105.75 28.34
C GLY J 570 35.46 105.25 29.58
N LEU J 571 36.74 104.90 29.43
CA LEU J 571 37.51 104.32 30.52
C LEU J 571 38.94 104.86 30.51
N LYS J 572 39.51 105.04 31.70
CA LYS J 572 40.84 105.61 31.83
C LYS J 572 41.92 104.61 31.40
N GLY J 573 42.66 104.96 30.36
CA GLY J 573 43.69 104.08 29.83
C GLY J 573 45.09 104.55 30.11
N LEU J 574 45.97 103.62 30.51
CA LEU J 574 47.36 103.94 30.80
C LEU J 574 48.30 102.88 30.20
N ARG J 575 49.49 103.31 29.82
CA ARG J 575 50.49 102.39 29.28
C ARG J 575 51.85 102.61 29.94
N VAL J 576 52.78 101.69 29.69
CA VAL J 576 54.15 101.81 30.18
C VAL J 576 55.10 101.03 29.27
N LYS J 577 56.06 101.74 28.69
CA LYS J 577 56.99 101.16 27.73
C LYS J 577 58.32 100.77 28.39
N LYS J 578 58.92 101.72 29.10
CA LYS J 578 60.21 101.50 29.74
C LYS J 578 60.04 100.95 31.15
N GLN J 579 61.15 100.55 31.76
CA GLN J 579 61.12 99.90 33.07
C GLN J 579 60.87 100.90 34.21
N GLU J 580 61.45 102.08 34.12
CA GLU J 580 61.37 103.06 35.21
C GLU J 580 59.98 103.69 35.33
N GLU J 581 59.15 103.48 34.32
CA GLU J 581 57.81 104.06 34.31
C GLU J 581 56.80 103.16 35.03
N LEU J 582 57.17 101.91 35.24
CA LEU J 582 56.27 100.92 35.84
C LEU J 582 55.91 101.24 37.29
N ASP J 583 56.90 101.66 38.06
CA ASP J 583 56.71 101.91 39.49
C ASP J 583 55.77 103.08 39.76
N ALA J 584 55.56 103.93 38.76
CA ALA J 584 54.68 105.08 38.90
C ALA J 584 53.28 104.78 38.39
N LYS J 585 53.20 103.88 37.41
CA LYS J 585 51.92 103.53 36.79
C LYS J 585 51.13 102.56 37.66
N LEU J 586 51.83 101.68 38.36
CA LEU J 586 51.18 100.70 39.23
C LEU J 586 50.50 101.37 40.42
N LYS J 587 51.13 102.41 40.94
CA LYS J 587 50.57 103.16 42.07
C LYS J 587 49.47 104.10 41.59
N GLU J 588 49.53 104.46 40.31
CA GLU J 588 48.53 105.36 39.72
C GLU J 588 47.23 104.62 39.42
N PHE J 589 47.34 103.34 39.11
CA PHE J 589 46.19 102.53 38.73
C PHE J 589 45.40 102.05 39.94
N VAL J 590 46.10 101.53 40.95
CA VAL J 590 45.46 100.98 42.14
C VAL J 590 44.80 102.05 42.98
N SER J 591 45.18 103.30 42.76
CA SER J 591 44.62 104.43 43.52
C SER J 591 43.63 105.21 42.67
N THR J 592 43.45 104.80 41.43
CA THR J 592 42.54 105.47 40.51
C THR J 592 41.08 105.19 40.88
N LYS J 593 40.31 106.25 41.04
CA LYS J 593 38.88 106.11 41.33
C LYS J 593 38.11 105.89 40.04
N GLY J 594 37.42 104.76 39.95
CA GLY J 594 36.69 104.39 38.75
C GLY J 594 37.46 103.39 37.91
N PRO J 595 36.83 102.89 36.85
CA PRO J 595 37.45 101.90 35.94
C PRO J 595 38.72 102.44 35.29
N VAL J 596 39.79 101.64 35.30
CA VAL J 596 41.06 102.05 34.72
C VAL J 596 41.74 100.88 34.00
N LEU J 597 42.50 101.19 32.97
CA LEU J 597 43.22 100.18 32.19
C LEU J 597 44.72 100.36 32.32
N LEU J 598 45.44 99.25 32.44
CA LEU J 598 46.90 99.27 32.56
C LEU J 598 47.54 98.28 31.59
N GLU J 599 48.37 98.79 30.68
CA GLU J 599 49.05 97.95 29.71
C GLU J 599 50.57 97.96 29.94
N VAL J 600 51.12 96.78 30.19
CA VAL J 600 52.56 96.65 30.39
C VAL J 600 53.20 95.83 29.27
N GLU J 601 54.07 96.45 28.50
CA GLU J 601 54.80 95.75 27.45
C GLU J 601 55.93 94.93 28.05
N VAL J 602 55.81 93.61 27.95
CA VAL J 602 56.79 92.70 28.54
C VAL J 602 57.66 92.02 27.48
N ASP J 603 58.58 91.19 27.94
CA ASP J 603 59.56 90.55 27.05
C ASP J 603 58.90 89.49 26.17
N LYS J 604 59.64 89.02 25.17
CA LYS J 604 59.14 88.03 24.22
C LYS J 604 59.61 86.63 24.56
N LYS J 605 58.73 85.65 24.36
CA LYS J 605 59.07 84.23 24.51
C LYS J 605 59.66 83.89 25.86
N VAL J 606 58.90 84.09 26.93
CA VAL J 606 59.36 83.76 28.27
C VAL J 606 58.61 82.56 28.82
N PRO J 607 59.29 81.40 28.88
CA PRO J 607 58.68 80.14 29.32
C PRO J 607 58.41 80.10 30.84
N VAL J 608 57.22 79.65 31.21
CA VAL J 608 56.87 79.51 32.62
C VAL J 608 57.62 78.34 33.24
N LEU J 609 58.36 78.62 34.31
CA LEU J 609 59.19 77.61 34.96
C LEU J 609 58.99 77.61 36.48
N PRO J 610 59.15 76.45 37.13
CA PRO J 610 59.52 75.15 36.53
C PRO J 610 58.33 74.46 35.85
N MET J 611 58.62 73.58 34.90
CA MET J 611 57.57 72.94 34.12
C MET J 611 57.65 71.41 34.19
N VAL J 612 56.50 70.79 34.49
CA VAL J 612 56.39 69.34 34.48
C VAL J 612 55.47 68.91 33.35
N ALA J 613 56.07 68.51 32.22
CA ALA J 613 55.29 68.14 31.04
C ALA J 613 55.75 66.80 30.47
N GLY J 614 55.03 66.33 29.45
CA GLY J 614 55.32 65.05 28.83
C GLY J 614 55.08 63.90 29.79
N GLY J 615 55.87 62.84 29.65
CA GLY J 615 55.75 61.69 30.52
C GLY J 615 56.67 61.79 31.71
N SER J 616 56.86 63.01 32.21
CA SER J 616 57.74 63.26 33.34
C SER J 616 56.96 63.33 34.66
N GLY J 617 57.62 62.96 35.75
CA GLY J 617 57.01 63.05 37.07
C GLY J 617 57.18 64.44 37.65
N LEU J 618 56.53 64.69 38.78
CA LEU J 618 56.60 66.00 39.42
C LEU J 618 58.01 66.30 39.92
N ASP J 619 58.78 65.26 40.20
CA ASP J 619 60.17 65.44 40.63
C ASP J 619 61.09 65.59 39.43
N GLU J 620 60.56 65.27 38.24
CA GLU J 620 61.32 65.40 37.01
C GLU J 620 60.93 66.68 36.27
N PHE J 621 61.08 67.81 36.96
CA PHE J 621 60.69 69.10 36.43
C PHE J 621 61.80 69.76 35.61
N ILE J 622 61.41 70.69 34.74
CA ILE J 622 62.38 71.46 33.97
C ILE J 622 62.74 72.74 34.72
N ASN J 623 63.89 72.72 35.38
CA ASN J 623 64.33 73.85 36.20
C ASN J 623 64.84 75.01 35.34
N PHE J 624 64.81 76.21 35.90
CA PHE J 624 65.26 77.40 35.18
C PHE J 624 66.80 77.46 35.14
N ASP J 625 67.32 77.96 34.03
CA ASP J 625 68.76 78.13 33.85
C ASP J 625 69.01 79.26 32.85
N PRO J 626 69.61 80.36 33.32
CA PRO J 626 69.85 81.55 32.50
C PRO J 626 70.74 81.29 31.29
N GLU J 627 71.54 80.23 31.34
CA GLU J 627 72.42 79.89 30.24
C GLU J 627 71.68 79.14 29.14
N VAL J 628 70.84 78.18 29.53
CA VAL J 628 70.05 77.44 28.57
C VAL J 628 68.88 78.28 28.09
N GLU J 629 68.61 79.37 28.81
CA GLU J 629 67.61 80.34 28.40
C GLU J 629 68.22 81.29 27.38
N ARG J 630 69.53 81.46 27.48
CA ARG J 630 70.26 82.29 26.52
C ARG J 630 70.43 81.55 25.20
N GLN J 631 70.76 80.25 25.29
CA GLN J 631 70.90 79.42 24.10
C GLN J 631 69.57 79.31 23.37
N GLN J 632 68.48 79.15 24.14
CA GLN J 632 67.15 79.05 23.57
C GLN J 632 66.73 80.38 22.94
N THR J 633 67.34 81.47 23.39
CA THR J 633 67.05 82.80 22.86
C THR J 633 67.77 83.03 21.54
N GLU J 634 69.04 82.65 21.49
CA GLU J 634 69.85 82.86 20.30
C GLU J 634 69.47 81.92 19.16
N LEU J 635 69.20 80.66 19.51
CA LEU J 635 68.85 79.65 18.52
C LEU J 635 67.44 79.85 18.00
N ARG J 636 66.63 80.60 18.74
CA ARG J 636 65.28 80.93 18.30
C ARG J 636 65.32 81.91 17.14
N HIS J 637 66.23 82.88 17.24
CA HIS J 637 66.39 83.89 16.20
C HIS J 637 66.90 83.29 14.90
N LYS J 638 67.75 82.27 15.01
CA LYS J 638 68.32 81.63 13.83
C LYS J 638 67.27 80.82 13.07
N ARG J 639 66.33 80.23 13.80
CA ARG J 639 65.26 79.45 13.18
C ARG J 639 64.12 80.36 12.73
N THR J 640 64.14 81.62 13.16
CA THR J 640 63.12 82.58 12.78
C THR J 640 63.66 83.61 11.80
N GLY J 641 64.59 84.43 12.27
CA GLY J 641 65.17 85.47 11.44
C GLY J 641 64.57 86.83 11.71
N GLY J 642 63.52 86.85 12.52
CA GLY J 642 62.84 88.08 12.86
C GLY J 642 62.36 88.09 14.31
N THR K 30 -36.17 6.55 53.75
CA THR K 30 -36.00 7.85 54.37
C THR K 30 -35.42 8.86 53.39
N ARG K 31 -34.99 10.02 53.91
CA ARG K 31 -34.45 11.07 53.08
C ARG K 31 -33.00 11.39 53.41
N PRO K 32 -32.08 11.10 52.47
CA PRO K 32 -30.71 11.59 52.58
C PRO K 32 -30.66 13.09 52.25
N PRO K 33 -30.46 13.93 53.27
CA PRO K 33 -30.59 15.38 53.14
C PRO K 33 -29.53 16.00 52.21
N LEU K 34 -29.98 16.91 51.35
CA LEU K 34 -29.08 17.61 50.43
C LEU K 34 -29.63 19.00 50.17
N PRO K 35 -28.84 20.03 50.49
CA PRO K 35 -29.26 21.43 50.32
C PRO K 35 -29.48 21.81 48.85
N THR K 36 -30.67 22.29 48.53
CA THR K 36 -30.98 22.70 47.18
C THR K 36 -30.44 24.11 46.91
N LEU K 37 -29.45 24.19 46.03
CA LEU K 37 -28.87 25.47 45.65
C LEU K 37 -29.92 26.34 44.94
N ASP K 38 -30.74 25.69 44.12
CA ASP K 38 -31.82 26.35 43.39
C ASP K 38 -31.31 27.54 42.59
N THR K 39 -30.42 27.26 41.64
CA THR K 39 -29.83 28.30 40.81
C THR K 39 -30.87 28.99 39.94
N PRO K 40 -30.99 30.31 40.09
CA PRO K 40 -31.96 31.10 39.32
C PRO K 40 -31.60 31.18 37.84
N SER K 41 -32.60 31.47 37.00
CA SER K 41 -32.37 31.55 35.57
C SER K 41 -32.79 32.92 35.03
N TRP K 42 -32.19 33.31 33.91
CA TRP K 42 -32.53 34.58 33.27
C TRP K 42 -33.86 34.49 32.53
N ASN K 43 -34.40 35.64 32.17
CA ASN K 43 -35.44 35.71 31.16
C ASN K 43 -34.92 36.54 29.99
N ALA K 44 -35.71 36.65 28.93
CA ALA K 44 -35.27 37.34 27.73
C ALA K 44 -34.95 38.82 28.00
N ASN K 45 -35.58 39.39 29.02
CA ASN K 45 -35.41 40.81 29.33
C ASN K 45 -34.18 41.09 30.18
N SER K 46 -34.08 40.42 31.33
CA SER K 46 -32.99 40.67 32.26
C SER K 46 -31.63 40.28 31.67
N ALA K 47 -31.64 39.28 30.78
CA ALA K 47 -30.42 38.85 30.11
C ALA K 47 -29.87 39.97 29.24
N VAL K 48 -30.77 40.63 28.50
CA VAL K 48 -30.40 41.77 27.68
C VAL K 48 -29.95 42.93 28.55
N SER K 49 -30.65 43.15 29.65
CA SER K 49 -30.35 44.23 30.57
C SER K 49 -28.95 44.10 31.16
N SER K 50 -28.45 42.88 31.25
CA SER K 50 -27.11 42.63 31.77
C SER K 50 -26.05 42.94 30.71
N ILE K 51 -26.32 42.52 29.47
CA ILE K 51 -25.40 42.73 28.37
C ILE K 51 -25.25 44.22 28.05
N ILE K 52 -26.37 44.93 28.03
CA ILE K 52 -26.36 46.37 27.80
C ILE K 52 -25.57 47.11 28.88
N TYR K 53 -25.70 46.63 30.12
CA TYR K 53 -25.08 47.28 31.26
C TYR K 53 -23.56 47.09 31.32
N GLU K 54 -23.09 45.93 30.88
CA GLU K 54 -21.69 45.57 31.08
C GLU K 54 -20.79 45.89 29.89
N THR K 55 -21.36 45.91 28.69
CA THR K 55 -20.56 46.08 27.46
C THR K 55 -19.73 47.36 27.48
N PRO K 56 -18.44 47.25 27.10
CA PRO K 56 -17.45 48.32 27.18
C PRO K 56 -17.84 49.59 26.41
N ALA K 57 -17.17 50.69 26.72
CA ALA K 57 -17.47 51.98 26.11
C ALA K 57 -16.21 52.85 26.05
N PRO K 58 -16.14 53.78 25.09
CA PRO K 58 -14.98 54.66 24.97
C PRO K 58 -15.02 55.81 25.98
N SER K 59 -14.20 56.84 25.75
CA SER K 59 -14.16 58.01 26.61
C SER K 59 -13.74 59.25 25.83
N ARG K 60 -13.75 60.41 26.48
CA ARG K 60 -13.42 61.67 25.84
C ARG K 60 -11.95 61.71 25.41
N GLN K 61 -11.70 62.34 24.25
CA GLN K 61 -10.36 62.47 23.69
C GLN K 61 -9.68 61.12 23.50
N PRO K 62 -10.00 60.42 22.39
CA PRO K 62 -9.46 59.10 22.07
C PRO K 62 -7.96 59.11 21.79
N ARG K 63 -7.38 57.92 21.64
CA ARG K 63 -5.95 57.78 21.34
C ARG K 63 -5.65 56.41 20.75
N LYS K 64 -4.80 56.38 19.73
CA LYS K 64 -4.43 55.13 19.06
C LYS K 64 -2.92 54.93 19.04
N GLN K 65 -2.47 53.69 18.89
CA GLN K 65 -1.06 53.37 18.95
C GLN K 65 -0.41 53.23 17.56
N HIS K 66 0.78 53.80 17.42
CA HIS K 66 1.57 53.65 16.20
C HIS K 66 2.91 53.00 16.51
N VAL K 67 3.39 52.16 15.61
CA VAL K 67 4.63 51.43 15.82
C VAL K 67 5.63 51.67 14.69
N LEU K 68 6.85 52.04 15.05
CA LEU K 68 7.92 52.26 14.08
C LEU K 68 9.07 51.28 14.28
N ASN K 69 9.77 50.96 13.21
CA ASN K 69 10.92 50.07 13.28
C ASN K 69 12.14 50.66 12.60
N CYS K 70 13.16 50.97 13.38
CA CYS K 70 14.35 51.65 12.87
C CYS K 70 15.51 50.68 12.63
N LEU K 71 16.12 50.79 11.46
CA LEU K 71 17.32 50.03 11.14
C LEU K 71 18.52 50.96 11.17
N VAL K 72 19.33 50.87 12.21
CA VAL K 72 20.43 51.81 12.40
C VAL K 72 21.80 51.13 12.39
N GLN K 73 22.84 51.93 12.12
CA GLN K 73 24.21 51.45 12.17
C GLN K 73 24.73 51.60 13.60
N ASN K 74 25.46 50.60 14.08
CA ASN K 74 25.91 50.59 15.47
C ASN K 74 27.20 51.38 15.68
N GLU K 75 27.15 52.68 15.42
CA GLU K 75 28.28 53.56 15.65
C GLU K 75 28.20 54.13 17.07
N PRO K 76 29.31 54.69 17.58
CA PRO K 76 29.27 55.34 18.89
C PRO K 76 28.21 56.43 18.98
N GLY K 77 27.31 56.32 19.96
CA GLY K 77 26.21 57.25 20.11
C GLY K 77 24.89 56.59 19.78
N VAL K 78 24.30 56.98 18.65
CA VAL K 78 23.05 56.40 18.15
C VAL K 78 21.91 56.46 19.16
N LEU K 79 22.02 55.68 20.23
CA LEU K 79 21.00 55.60 21.26
C LEU K 79 20.66 56.98 21.83
N SER K 80 21.68 57.81 21.99
CA SER K 80 21.50 59.17 22.49
C SER K 80 20.98 60.09 21.38
N ARG K 81 21.27 59.73 20.14
CA ARG K 81 20.87 60.54 18.99
C ARG K 81 19.37 60.44 18.71
N VAL K 82 18.87 59.21 18.59
CA VAL K 82 17.47 58.99 18.29
C VAL K 82 16.57 59.44 19.44
N SER K 83 16.96 59.11 20.67
CA SER K 83 16.20 59.49 21.84
C SER K 83 16.18 61.00 22.02
N GLY K 84 17.31 61.63 21.74
CA GLY K 84 17.45 63.07 21.85
C GLY K 84 16.62 63.80 20.81
N THR K 85 16.62 63.28 19.58
CA THR K 85 15.89 63.89 18.48
C THR K 85 14.38 63.83 18.72
N LEU K 86 13.94 62.75 19.36
CA LEU K 86 12.52 62.55 19.64
C LEU K 86 12.08 63.32 20.88
N ALA K 87 13.03 63.63 21.75
CA ALA K 87 12.72 64.36 22.98
C ALA K 87 12.84 65.86 22.76
N ALA K 88 13.65 66.26 21.79
CA ALA K 88 13.84 67.67 21.47
C ALA K 88 12.68 68.20 20.61
N ARG K 89 11.75 67.31 20.29
CA ARG K 89 10.60 67.70 19.47
C ARG K 89 9.28 67.36 20.17
N GLY K 90 9.38 66.94 21.43
CA GLY K 90 8.22 66.71 22.27
C GLY K 90 7.27 65.64 21.79
N PHE K 91 7.81 64.57 21.23
CA PHE K 91 6.98 63.44 20.82
C PHE K 91 6.52 62.66 22.04
N ASN K 92 5.52 61.80 21.86
CA ASN K 92 4.97 61.03 22.97
C ASN K 92 5.96 60.00 23.49
N ILE K 93 6.32 59.05 22.63
CA ILE K 93 7.31 58.01 22.93
C ILE K 93 6.93 57.16 24.14
N ASP K 94 6.40 55.98 23.87
CA ASP K 94 6.00 55.06 24.95
C ASP K 94 7.11 54.06 25.26
N SER K 95 7.92 53.75 24.25
CA SER K 95 9.06 52.86 24.43
C SER K 95 10.05 53.00 23.27
N LEU K 96 11.28 52.54 23.48
CA LEU K 96 12.31 52.62 22.45
C LEU K 96 12.83 51.22 22.10
N VAL K 97 13.44 50.57 23.08
CA VAL K 97 13.90 49.18 22.97
C VAL K 97 14.86 48.94 21.80
N VAL K 98 16.15 48.94 22.09
CA VAL K 98 17.17 48.65 21.08
C VAL K 98 17.42 47.15 20.99
N CYS K 99 17.13 46.57 19.83
CA CYS K 99 17.31 45.14 19.63
C CYS K 99 18.52 44.84 18.76
N ASN K 100 19.26 43.80 19.12
CA ASN K 100 20.44 43.39 18.37
C ASN K 100 20.13 42.36 17.30
N THR K 101 20.37 42.71 16.05
CA THR K 101 20.33 41.72 14.98
C THR K 101 21.61 40.89 15.08
N GLU K 102 21.57 39.66 14.58
CA GLU K 102 22.75 38.81 14.60
C GLU K 102 23.65 39.13 13.41
N VAL K 103 23.69 40.41 13.04
CA VAL K 103 24.48 40.89 11.92
C VAL K 103 25.49 41.92 12.43
N LYS K 104 26.71 41.87 11.88
CA LYS K 104 27.78 42.78 12.28
C LYS K 104 27.42 44.24 12.04
N ASP K 105 27.52 45.05 13.09
CA ASP K 105 27.30 46.48 13.03
C ASP K 105 25.92 46.87 12.50
N LEU K 106 24.89 46.21 13.02
CA LEU K 106 23.51 46.54 12.64
C LEU K 106 22.56 46.37 13.83
N SER K 107 21.92 47.45 14.23
CA SER K 107 20.97 47.42 15.34
C SER K 107 19.55 47.61 14.83
N ARG K 108 18.57 47.50 15.74
CA ARG K 108 17.17 47.62 15.38
C ARG K 108 16.37 48.16 16.56
N MET K 109 15.55 49.16 16.30
CA MET K 109 14.77 49.81 17.37
C MET K 109 13.28 49.79 17.08
N THR K 110 12.48 49.62 18.13
CA THR K 110 11.03 49.56 18.00
C THR K 110 10.36 50.67 18.80
N ILE K 111 10.02 51.76 18.12
CA ILE K 111 9.44 52.92 18.78
C ILE K 111 7.92 52.89 18.77
N VAL K 112 7.32 53.01 19.96
CA VAL K 112 5.87 53.03 20.09
C VAL K 112 5.38 54.46 20.28
N LEU K 113 4.45 54.88 19.41
CA LEU K 113 3.96 56.25 19.42
C LEU K 113 2.44 56.33 19.45
N GLN K 114 1.93 57.55 19.65
CA GLN K 114 0.50 57.81 19.59
C GLN K 114 0.26 59.24 19.13
N GLY K 115 -0.76 59.42 18.30
CA GLY K 115 -1.07 60.72 17.72
C GLY K 115 -1.65 60.55 16.33
N GLN K 116 -1.93 61.67 15.67
CA GLN K 116 -2.51 61.65 14.34
C GLN K 116 -1.50 61.07 13.34
N ASP K 117 -2.01 60.45 12.28
CA ASP K 117 -1.17 59.74 11.32
C ASP K 117 -0.15 60.63 10.63
N GLY K 118 -0.47 61.91 10.48
CA GLY K 118 0.44 62.85 9.86
C GLY K 118 1.49 63.36 10.81
N VAL K 119 1.20 63.25 12.11
CA VAL K 119 2.13 63.70 13.15
C VAL K 119 3.25 62.71 13.36
N ILE K 120 2.91 61.42 13.43
CA ILE K 120 3.90 60.37 13.64
C ILE K 120 4.70 60.11 12.38
N GLU K 121 4.17 60.54 11.23
CA GLU K 121 4.88 60.44 9.97
C GLU K 121 6.03 61.43 9.94
N GLN K 122 5.84 62.57 10.58
CA GLN K 122 6.89 63.56 10.73
C GLN K 122 8.05 62.99 11.55
N ALA K 123 7.71 62.20 12.56
CA ALA K 123 8.70 61.56 13.41
C ALA K 123 9.53 60.54 12.62
N ARG K 124 8.86 59.83 11.71
CA ARG K 124 9.52 58.80 10.90
C ARG K 124 10.58 59.42 9.99
N ARG K 125 10.21 60.51 9.32
CA ARG K 125 11.12 61.19 8.41
C ARG K 125 12.20 61.96 9.18
N GLN K 126 11.93 62.23 10.44
CA GLN K 126 12.86 62.96 11.29
C GLN K 126 14.03 62.06 11.71
N ILE K 127 13.75 60.78 11.91
CA ILE K 127 14.74 59.81 12.33
C ILE K 127 15.52 59.24 11.15
N GLU K 128 14.81 59.04 10.04
CA GLU K 128 15.43 58.45 8.85
C GLU K 128 16.49 59.37 8.27
N ASP K 129 16.37 60.67 8.54
CA ASP K 129 17.32 61.66 8.04
C ASP K 129 18.68 61.52 8.72
N LEU K 130 18.67 60.98 9.94
CA LEU K 130 19.91 60.75 10.67
C LEU K 130 20.81 59.80 9.89
N VAL K 131 22.10 60.11 9.84
CA VAL K 131 23.03 59.40 8.97
C VAL K 131 23.32 57.93 9.35
N PRO K 132 23.16 57.53 10.63
CA PRO K 132 23.43 56.09 10.82
C PRO K 132 22.19 55.22 10.63
N VAL K 133 21.05 55.86 10.35
CA VAL K 133 19.79 55.12 10.20
C VAL K 133 19.55 54.70 8.76
N TYR K 134 19.58 53.40 8.51
CA TYR K 134 19.33 52.86 7.18
C TYR K 134 17.93 53.20 6.69
N ALA K 135 16.93 52.91 7.53
CA ALA K 135 15.54 53.21 7.20
C ALA K 135 14.66 53.10 8.44
N VAL K 136 13.49 53.72 8.37
CA VAL K 136 12.50 53.62 9.45
C VAL K 136 11.18 53.11 8.89
N LEU K 137 10.78 51.91 9.31
CA LEU K 137 9.59 51.27 8.76
C LEU K 137 8.38 51.44 9.67
N ASP K 138 7.20 51.59 9.06
CA ASP K 138 5.97 51.78 9.82
C ASP K 138 5.19 50.47 9.91
N TYR K 139 5.09 49.93 11.12
CA TYR K 139 4.42 48.65 11.33
C TYR K 139 3.02 48.81 11.92
N THR K 140 2.51 50.04 11.93
CA THR K 140 1.23 50.31 12.57
C THR K 140 0.04 49.81 11.75
N ASN K 141 0.25 49.63 10.45
CA ASN K 141 -0.81 49.15 9.56
C ASN K 141 -0.47 47.80 8.95
N SER K 142 0.18 46.95 9.73
CA SER K 142 0.56 45.62 9.27
C SER K 142 0.47 44.59 10.40
N GLU K 143 0.16 43.36 10.04
CA GLU K 143 0.06 42.28 11.03
C GLU K 143 1.43 41.96 11.60
N ILE K 144 1.66 42.34 12.85
CA ILE K 144 2.95 42.13 13.49
C ILE K 144 2.83 41.38 14.82
N ILE K 145 3.98 40.95 15.34
CA ILE K 145 4.03 40.26 16.62
C ILE K 145 4.74 41.12 17.66
N LYS K 146 3.96 41.77 18.52
CA LYS K 146 4.52 42.64 19.55
C LYS K 146 4.61 41.92 20.88
N ARG K 147 5.84 41.78 21.39
CA ARG K 147 6.08 41.06 22.63
C ARG K 147 6.77 41.94 23.68
N GLU K 148 6.44 41.70 24.94
CA GLU K 148 7.04 42.45 26.04
C GLU K 148 7.37 41.53 27.22
N LEU K 149 8.58 41.63 27.73
CA LEU K 149 9.01 40.80 28.85
C LEU K 149 8.72 41.49 30.17
N VAL K 150 8.17 40.73 31.12
CA VAL K 150 7.88 41.25 32.46
C VAL K 150 8.30 40.25 33.54
N MET K 151 9.02 40.74 34.54
CA MET K 151 9.45 39.90 35.66
C MET K 151 9.01 40.51 36.99
N ALA K 152 8.09 39.84 37.67
CA ALA K 152 7.57 40.33 38.93
C ALA K 152 7.92 39.40 40.08
N ARG K 153 8.04 39.95 41.28
CA ARG K 153 8.39 39.16 42.46
C ARG K 153 7.14 38.59 43.13
N ILE K 154 6.18 39.47 43.41
CA ILE K 154 4.84 39.09 43.90
C ILE K 154 4.85 38.32 45.23
N SER K 155 4.31 38.95 46.27
CA SER K 155 4.25 38.33 47.60
C SER K 155 3.28 37.15 47.64
N LEU K 156 3.46 36.28 48.63
CA LEU K 156 2.57 35.15 48.83
C LEU K 156 1.76 35.31 50.11
N LEU K 157 2.07 36.35 50.88
CA LEU K 157 1.48 36.52 52.20
C LEU K 157 0.13 37.22 52.18
N GLY K 158 -0.29 37.68 51.01
CA GLY K 158 -1.62 38.24 50.85
C GLY K 158 -1.72 39.75 50.93
N THR K 159 -2.95 40.25 50.88
CA THR K 159 -3.22 41.69 50.87
C THR K 159 -2.86 42.36 52.19
N GLU K 160 -3.22 41.71 53.29
CA GLU K 160 -3.01 42.28 54.62
C GLU K 160 -1.54 42.55 54.91
N TYR K 161 -0.68 41.61 54.57
CA TYR K 161 0.75 41.77 54.79
C TYR K 161 1.32 42.81 53.82
N PHE K 162 0.75 42.88 52.62
CA PHE K 162 1.21 43.82 51.61
C PHE K 162 0.91 45.25 52.01
N GLU K 163 -0.24 45.46 52.65
CA GLU K 163 -0.61 46.77 53.16
C GLU K 163 0.34 47.17 54.30
N ASP K 164 0.79 46.17 55.06
CA ASP K 164 1.72 46.39 56.15
C ASP K 164 3.10 46.76 55.62
N LEU K 165 3.51 46.06 54.56
CA LEU K 165 4.84 46.23 54.00
C LEU K 165 5.00 47.58 53.30
N LEU K 166 3.95 48.03 52.62
CA LEU K 166 3.97 49.31 51.93
C LEU K 166 4.02 50.47 52.92
N LEU K 167 3.20 50.38 53.95
CA LEU K 167 3.12 51.42 54.98
C LEU K 167 4.40 51.46 55.81
N HIS K 168 5.08 50.32 55.89
CA HIS K 168 6.33 50.23 56.62
C HIS K 168 7.44 51.01 55.91
N HIS K 169 7.47 50.91 54.59
CA HIS K 169 8.49 51.58 53.79
C HIS K 169 8.07 53.00 53.42
N HIS K 170 6.83 53.35 53.73
CA HIS K 170 6.33 54.70 53.46
C HIS K 170 6.91 55.69 54.45
N THR K 171 8.21 55.95 54.34
CA THR K 171 8.91 56.85 55.24
C THR K 171 10.21 57.35 54.63
N GLN K 181 1.26 54.55 63.41
CA GLN K 181 -0.02 55.24 63.62
C GLN K 181 -1.14 54.26 63.97
N GLU K 182 -2.37 54.73 63.85
CA GLU K 182 -3.54 53.94 64.21
C GLU K 182 -3.88 52.88 63.17
N LEU K 183 -3.74 53.24 61.90
CA LEU K 183 -4.11 52.34 60.82
C LEU K 183 -3.20 51.12 60.74
N VAL K 184 -2.03 51.22 61.36
CA VAL K 184 -1.09 50.10 61.41
C VAL K 184 -1.68 48.98 62.28
N ALA K 185 -2.31 49.37 63.38
CA ALA K 185 -2.89 48.42 64.31
C ALA K 185 -4.10 47.70 63.69
N GLU K 186 -4.88 48.44 62.91
CA GLU K 186 -6.08 47.88 62.29
C GLU K 186 -5.72 46.87 61.20
N ILE K 187 -4.63 47.14 60.49
CA ILE K 187 -4.16 46.22 59.46
C ILE K 187 -3.72 44.90 60.08
N ARG K 188 -2.98 44.99 61.19
CA ARG K 188 -2.48 43.81 61.88
C ARG K 188 -3.55 43.17 62.77
N GLU K 189 -4.75 43.73 62.74
CA GLU K 189 -5.88 43.15 63.47
C GLU K 189 -6.88 42.52 62.50
N LYS K 190 -6.55 42.55 61.21
CA LYS K 190 -7.37 41.90 60.21
C LYS K 190 -7.24 40.38 60.33
N GLN K 191 -8.25 39.65 59.88
CA GLN K 191 -8.34 38.22 60.11
C GLN K 191 -7.25 37.42 59.39
N PHE K 192 -6.95 37.79 58.15
CA PHE K 192 -6.02 37.00 57.34
C PHE K 192 -4.64 37.63 57.17
N HIS K 193 -4.24 38.42 58.17
CA HIS K 193 -2.85 38.84 58.25
C HIS K 193 -2.04 37.65 58.76
N PRO K 194 -0.74 37.58 58.43
CA PRO K 194 0.11 36.52 58.98
C PRO K 194 0.08 36.47 60.50
N ALA K 195 -0.06 37.63 61.15
CA ALA K 195 -0.25 37.69 62.59
C ALA K 195 -1.65 37.21 62.95
N ASN K 196 -1.87 36.93 64.24
CA ASN K 196 -3.11 36.34 64.75
C ASN K 196 -3.70 35.27 63.82
N LEU K 197 -2.81 34.40 63.33
CA LEU K 197 -3.18 33.34 62.41
C LEU K 197 -2.18 32.20 62.53
N PRO K 198 -2.67 30.96 62.70
CA PRO K 198 -1.84 29.77 62.87
C PRO K 198 -0.77 29.61 61.79
N ALA K 199 0.37 29.04 62.15
CA ALA K 199 1.48 28.86 61.21
C ALA K 199 1.13 27.88 60.11
N SER K 200 0.21 26.97 60.39
CA SER K 200 -0.21 25.97 59.42
C SER K 200 -1.06 26.58 58.32
N GLU K 201 -1.96 27.49 58.69
CA GLU K 201 -2.84 28.12 57.72
C GLU K 201 -2.07 29.14 56.88
N VAL K 202 -1.05 29.75 57.48
CA VAL K 202 -0.17 30.65 56.74
C VAL K 202 0.59 29.86 55.68
N LEU K 203 1.06 28.68 56.07
CA LEU K 203 1.78 27.79 55.16
C LEU K 203 0.92 27.40 53.97
N ARG K 204 -0.34 27.08 54.22
CA ARG K 204 -1.26 26.68 53.16
C ARG K 204 -1.68 27.89 52.31
N LEU K 205 -1.88 29.03 52.95
CA LEU K 205 -2.25 30.25 52.25
C LEU K 205 -1.11 30.72 51.34
N LYS K 206 0.12 30.41 51.74
CA LYS K 206 1.28 30.70 50.91
C LYS K 206 1.20 29.92 49.60
N HIS K 207 0.96 28.62 49.72
CA HIS K 207 0.90 27.74 48.55
C HIS K 207 -0.40 27.90 47.79
N GLU K 208 -1.46 28.33 48.50
CA GLU K 208 -2.73 28.61 47.85
C GLU K 208 -2.57 29.79 46.91
N HIS K 209 -1.92 30.84 47.41
CA HIS K 209 -1.61 32.00 46.59
C HIS K 209 -0.64 31.61 45.49
N LEU K 210 0.33 30.76 45.84
CA LEU K 210 1.33 30.29 44.88
C LEU K 210 0.68 29.57 43.70
N ASN K 211 -0.35 28.78 43.99
CA ASN K 211 -1.10 28.09 42.95
C ASN K 211 -1.92 29.04 42.11
N ASP K 212 -2.62 29.97 42.76
CA ASP K 212 -3.47 30.93 42.08
C ASP K 212 -2.65 31.82 41.14
N ILE K 213 -1.43 32.16 41.56
CA ILE K 213 -0.52 32.92 40.73
C ILE K 213 -0.02 32.07 39.58
N THR K 214 0.30 30.82 39.88
CA THR K 214 0.79 29.88 38.88
C THR K 214 -0.23 29.66 37.77
N ASN K 215 -1.50 29.52 38.15
CA ASN K 215 -2.57 29.32 37.19
C ASN K 215 -2.76 30.53 36.27
N LEU K 216 -2.53 31.72 36.81
CA LEU K 216 -2.60 32.94 36.03
C LEU K 216 -1.48 33.00 35.01
N THR K 217 -0.26 32.72 35.46
CA THR K 217 0.90 32.73 34.58
C THR K 217 0.77 31.67 33.49
N ASN K 218 0.21 30.52 33.85
CA ASN K 218 -0.01 29.44 32.89
C ASN K 218 -1.00 29.84 31.80
N ASN K 219 -2.09 30.46 32.21
CA ASN K 219 -3.13 30.89 31.27
C ASN K 219 -2.62 31.94 30.30
N PHE K 220 -1.73 32.80 30.77
CA PHE K 220 -1.16 33.85 29.94
C PHE K 220 0.08 33.36 29.19
N GLY K 221 0.43 32.10 29.40
CA GLY K 221 1.57 31.50 28.73
C GLY K 221 2.90 31.92 29.34
N GLY K 222 2.91 32.11 30.65
CA GLY K 222 4.12 32.47 31.36
C GLY K 222 4.67 31.29 32.15
N ARG K 223 5.47 31.59 33.16
CA ARG K 223 6.08 30.56 33.99
C ARG K 223 6.64 31.13 35.29
N VAL K 224 6.64 30.30 36.34
CA VAL K 224 7.25 30.68 37.61
C VAL K 224 8.69 30.18 37.63
N VAL K 225 9.64 31.10 37.65
CA VAL K 225 11.06 30.75 37.54
C VAL K 225 11.75 30.65 38.89
N ASP K 226 11.12 31.20 39.92
CA ASP K 226 11.71 31.18 41.27
C ASP K 226 10.64 31.11 42.34
N ILE K 227 10.91 30.31 43.38
CA ILE K 227 10.00 30.19 44.51
C ILE K 227 10.75 30.30 45.83
N SER K 228 10.42 31.31 46.61
CA SER K 228 11.02 31.49 47.93
C SER K 228 10.03 31.14 49.03
N GLU K 229 10.34 31.53 50.26
CA GLU K 229 9.48 31.24 51.39
C GLU K 229 8.39 32.29 51.56
N THR K 230 8.53 33.40 50.84
CA THR K 230 7.58 34.51 50.96
C THR K 230 7.13 35.08 49.62
N SER K 231 7.80 34.70 48.54
CA SER K 231 7.48 35.24 47.22
C SER K 231 7.77 34.24 46.10
N CYS K 232 7.45 34.63 44.87
CA CYS K 232 7.69 33.78 43.70
C CYS K 232 7.85 34.60 42.41
N ILE K 233 9.08 34.64 41.91
CA ILE K 233 9.36 35.39 40.68
C ILE K 233 8.71 34.74 39.46
N VAL K 234 7.93 35.52 38.72
CA VAL K 234 7.26 35.02 37.53
C VAL K 234 7.82 35.67 36.27
N GLU K 235 7.62 35.01 35.13
CA GLU K 235 8.10 35.50 33.85
C GLU K 235 7.02 35.41 32.78
N LEU K 236 6.91 36.43 31.95
CA LEU K 236 5.89 36.46 30.91
C LEU K 236 6.32 37.31 29.71
N SER K 237 6.15 36.75 28.51
CA SER K 237 6.42 37.49 27.29
C SER K 237 5.17 37.51 26.41
N ALA K 238 4.52 38.66 26.35
CA ALA K 238 3.29 38.81 25.58
C ALA K 238 3.07 40.25 25.13
N LYS K 239 1.92 40.50 24.53
CA LYS K 239 1.55 41.85 24.11
C LYS K 239 1.41 42.77 25.31
N PRO K 240 1.80 44.04 25.15
CA PRO K 240 1.69 45.04 26.22
C PRO K 240 0.26 45.17 26.75
N THR K 241 -0.72 45.00 25.86
CA THR K 241 -2.12 45.03 26.25
C THR K 241 -2.48 43.79 27.06
N ARG K 242 -1.66 42.74 26.93
CA ARG K 242 -1.87 41.51 27.68
C ARG K 242 -1.00 41.48 28.93
N ILE K 243 0.18 42.11 28.83
CA ILE K 243 1.08 42.22 29.97
C ILE K 243 0.42 42.99 31.10
N SER K 244 -0.17 44.14 30.77
CA SER K 244 -0.85 44.96 31.73
C SER K 244 -2.08 44.26 32.31
N ALA K 245 -2.69 43.39 31.50
CA ALA K 245 -3.84 42.62 31.94
C ALA K 245 -3.43 41.61 33.00
N PHE K 246 -2.29 40.97 32.78
CA PHE K 246 -1.77 40.01 33.74
C PHE K 246 -1.33 40.70 35.03
N LEU K 247 -0.69 41.86 34.88
CA LEU K 247 -0.20 42.61 36.03
C LEU K 247 -1.35 43.17 36.87
N LYS K 248 -2.51 43.34 36.24
CA LYS K 248 -3.69 43.83 36.94
C LYS K 248 -4.36 42.70 37.70
N LEU K 249 -4.31 41.50 37.14
CA LEU K 249 -4.94 40.33 37.75
C LEU K 249 -4.14 39.81 38.93
N VAL K 250 -2.82 39.90 38.85
CA VAL K 250 -1.95 39.41 39.91
C VAL K 250 -1.65 40.52 40.92
N GLU K 251 -2.13 41.73 40.60
CA GLU K 251 -1.96 42.90 41.45
C GLU K 251 -2.46 42.72 42.90
N PRO K 252 -3.65 42.12 43.10
CA PRO K 252 -4.11 41.97 44.50
C PRO K 252 -3.19 41.12 45.37
N PHE K 253 -2.41 40.24 44.77
CA PHE K 253 -1.50 39.40 45.54
C PHE K 253 -0.34 40.19 46.12
N GLY K 254 -0.14 41.40 45.58
CA GLY K 254 0.91 42.28 46.06
C GLY K 254 2.22 42.09 45.30
N VAL K 255 2.50 43.01 44.40
CA VAL K 255 3.71 42.96 43.59
C VAL K 255 4.86 43.67 44.27
N LEU K 256 5.90 42.91 44.63
CA LEU K 256 7.07 43.49 45.31
C LEU K 256 7.96 44.23 44.32
N GLU K 257 8.50 43.51 43.35
CA GLU K 257 9.31 44.12 42.29
C GLU K 257 8.70 43.85 40.93
N CYS K 258 9.04 44.68 39.95
CA CYS K 258 8.52 44.52 38.59
C CYS K 258 9.45 45.16 37.57
N ALA K 259 9.44 44.65 36.35
CA ALA K 259 10.28 45.17 35.28
C ALA K 259 9.75 44.80 33.91
N ARG K 260 9.26 45.80 33.18
CA ARG K 260 8.72 45.58 31.84
C ARG K 260 9.72 46.05 30.78
N SER K 261 10.07 45.14 29.86
CA SER K 261 11.09 45.41 28.86
C SER K 261 10.74 46.57 27.93
N GLY K 262 9.52 46.54 27.39
CA GLY K 262 9.08 47.57 26.46
C GLY K 262 8.18 46.99 25.39
N MET K 263 8.70 46.88 24.17
CA MET K 263 7.98 46.22 23.09
C MET K 263 8.91 45.87 21.93
N MET K 264 8.94 44.58 21.59
CA MET K 264 9.69 44.11 20.43
C MET K 264 8.72 43.69 19.33
N ALA K 265 8.96 44.14 18.11
CA ALA K 265 8.04 43.88 17.02
C ALA K 265 8.69 43.16 15.85
N LEU K 266 8.03 42.12 15.37
CA LEU K 266 8.45 41.41 14.17
C LEU K 266 7.22 41.02 13.35
N PRO K 267 7.16 41.48 12.09
CA PRO K 267 5.97 41.28 11.26
C PRO K 267 5.75 39.81 10.90
N ARG K 268 4.49 39.36 10.96
CA ARG K 268 4.15 38.00 10.52
C ARG K 268 4.45 37.87 9.04
N THR K 269 4.94 36.69 8.64
CA THR K 269 5.18 36.42 7.23
C THR K 269 3.84 36.43 6.48
N PRO K 270 3.67 37.39 5.55
CA PRO K 270 2.43 37.71 4.84
C PRO K 270 1.63 36.48 4.38
N LEU K 271 0.59 36.15 5.15
CA LEU K 271 -0.26 35.00 4.88
C LEU K 271 -1.49 35.01 5.78
N LYS K 272 -2.67 35.05 5.18
CA LYS K 272 -3.91 35.07 5.96
C LYS K 272 -5.03 34.23 5.34
N THR K 273 -5.25 34.38 4.04
CA THR K 273 -6.36 33.68 3.38
C THR K 273 -5.87 32.76 2.26
N SER K 274 -6.65 31.72 1.98
CA SER K 274 -6.30 30.74 0.97
C SER K 274 -7.15 30.87 -0.28
N THR K 275 -8.45 31.10 -0.10
CA THR K 275 -9.38 31.17 -1.23
C THR K 275 -9.50 32.57 -1.82
N GLU K 276 -9.07 33.58 -1.05
CA GLU K 276 -9.19 34.96 -1.49
C GLU K 276 -7.86 35.48 -2.03
N GLU K 277 -6.92 34.57 -2.26
CA GLU K 277 -5.60 34.93 -2.75
C GLU K 277 -5.68 35.44 -4.20
N ALA K 278 -6.42 34.73 -5.03
CA ALA K 278 -6.57 35.10 -6.44
C ALA K 278 -8.02 35.36 -6.81
N ALA K 279 -8.93 35.02 -5.89
CA ALA K 279 -10.35 35.23 -6.13
C ALA K 279 -10.85 36.50 -5.46
N ASP K 280 -9.97 37.50 -5.38
CA ASP K 280 -10.34 38.79 -4.81
C ASP K 280 -11.13 39.62 -5.81
N GLU K 281 -10.68 39.62 -7.06
CA GLU K 281 -11.33 40.34 -8.16
C GLU K 281 -11.54 41.81 -7.84
N ASP K 282 -10.58 42.41 -7.12
CA ASP K 282 -10.68 43.80 -6.71
C ASP K 282 -10.27 44.73 -7.85
N GLU K 283 -9.52 44.21 -8.80
CA GLU K 283 -9.05 45.01 -9.93
C GLU K 283 -10.19 45.30 -10.90
N ALA L 29 13.62 -24.52 6.78
CA ALA L 29 13.44 -23.11 6.50
C ALA L 29 14.23 -22.24 7.47
N THR L 30 14.71 -21.11 6.99
CA THR L 30 15.51 -20.21 7.81
C THR L 30 14.69 -19.03 8.34
N ARG L 31 15.09 -18.52 9.49
CA ARG L 31 14.46 -17.35 10.08
C ARG L 31 14.79 -16.11 9.26
N PRO L 32 13.82 -15.19 9.07
CA PRO L 32 14.03 -13.94 8.34
C PRO L 32 15.28 -13.20 8.79
N PRO L 33 16.23 -12.98 7.86
CA PRO L 33 17.55 -12.43 8.12
C PRO L 33 17.53 -10.96 8.55
N LEU L 34 18.51 -10.58 9.36
CA LEU L 34 18.67 -9.20 9.81
C LEU L 34 20.15 -8.80 9.82
N PRO L 35 20.50 -7.74 9.10
CA PRO L 35 21.89 -7.26 9.08
C PRO L 35 22.31 -6.72 10.45
N THR L 36 23.07 -7.51 11.19
CA THR L 36 23.47 -7.14 12.54
C THR L 36 24.42 -5.94 12.52
N LEU L 37 24.04 -4.88 13.22
CA LEU L 37 24.85 -3.67 13.29
C LEU L 37 26.14 -3.90 14.08
N ASP L 38 26.00 -4.52 15.25
CA ASP L 38 27.12 -4.76 16.15
C ASP L 38 27.88 -3.47 16.46
N THR L 39 27.23 -2.59 17.21
CA THR L 39 27.83 -1.33 17.61
C THR L 39 29.08 -1.58 18.45
N PRO L 40 30.23 -1.07 17.99
CA PRO L 40 31.51 -1.26 18.69
C PRO L 40 31.51 -0.68 20.10
N SER L 41 32.28 -1.29 20.99
CA SER L 41 32.33 -0.86 22.38
C SER L 41 33.64 -0.18 22.70
N TRP L 42 33.62 0.73 23.65
CA TRP L 42 34.84 1.36 24.16
C TRP L 42 35.64 0.37 24.99
N ASN L 43 36.95 0.57 25.04
CA ASN L 43 37.76 -0.06 26.06
C ASN L 43 38.26 1.02 27.00
N ALA L 44 38.87 0.63 28.12
CA ALA L 44 39.28 1.56 29.16
C ALA L 44 40.21 2.66 28.63
N ASN L 45 41.04 2.32 27.66
CA ASN L 45 42.04 3.26 27.16
C ASN L 45 41.50 4.27 26.15
N SER L 46 40.78 3.79 25.14
CA SER L 46 40.24 4.67 24.11
C SER L 46 39.14 5.57 24.66
N ALA L 47 38.46 5.10 25.70
CA ALA L 47 37.42 5.87 26.36
C ALA L 47 38.02 7.08 27.06
N VAL L 48 39.03 6.83 27.88
CA VAL L 48 39.76 7.89 28.57
C VAL L 48 40.43 8.82 27.56
N SER L 49 40.97 8.23 26.50
CA SER L 49 41.59 8.99 25.43
C SER L 49 40.59 9.92 24.75
N SER L 50 39.32 9.52 24.74
CA SER L 50 38.26 10.33 24.14
C SER L 50 37.87 11.48 25.06
N ILE L 51 37.70 11.19 26.34
CA ILE L 51 37.28 12.19 27.32
C ILE L 51 38.33 13.29 27.48
N ILE L 52 39.59 12.89 27.57
CA ILE L 52 40.69 13.83 27.71
C ILE L 52 40.81 14.73 26.47
N TYR L 53 40.62 14.13 25.30
CA TYR L 53 40.68 14.86 24.05
C TYR L 53 39.56 15.89 23.92
N GLU L 54 38.40 15.56 24.48
CA GLU L 54 37.22 16.41 24.37
C GLU L 54 37.13 17.43 25.50
N THR L 55 38.25 17.68 26.17
CA THR L 55 38.30 18.69 27.23
C THR L 55 38.46 20.08 26.65
N PRO L 56 37.67 21.04 27.15
CA PRO L 56 37.74 22.43 26.67
C PRO L 56 38.97 23.17 27.16
N ALA L 57 38.79 24.43 27.59
CA ALA L 57 39.90 25.24 28.07
C ALA L 57 39.43 26.20 29.17
N PRO L 58 40.12 26.19 30.32
CA PRO L 58 39.77 27.04 31.45
C PRO L 58 40.16 28.51 31.22
N SER L 59 39.32 29.42 31.70
CA SER L 59 39.56 30.86 31.60
C SER L 59 39.81 31.31 30.16
N ARG L 60 39.03 30.78 29.23
CA ARG L 60 39.13 31.20 27.83
C ARG L 60 38.55 32.60 27.68
N GLN L 61 37.71 32.98 28.64
CA GLN L 61 37.17 34.33 28.70
C GLN L 61 37.73 35.02 29.94
N PRO L 62 37.95 36.34 29.87
CA PRO L 62 38.49 37.12 30.99
C PRO L 62 37.54 37.21 32.19
N ARG L 63 37.65 38.30 32.94
CA ARG L 63 36.81 38.50 34.12
C ARG L 63 35.34 38.58 33.73
N LYS L 64 34.49 37.92 34.51
CA LYS L 64 33.05 37.89 34.24
C LYS L 64 32.45 39.28 34.18
N GLN L 65 31.55 39.49 33.22
CA GLN L 65 30.92 40.79 33.02
C GLN L 65 30.15 41.26 34.24
N HIS L 66 30.06 42.57 34.41
CA HIS L 66 29.38 43.14 35.57
C HIS L 66 28.00 43.68 35.18
N VAL L 67 27.02 43.47 36.05
CA VAL L 67 25.66 43.91 35.81
C VAL L 67 25.22 44.95 36.82
N LEU L 68 24.84 46.13 36.33
CA LEU L 68 24.38 47.21 37.20
C LEU L 68 22.88 47.46 37.03
N ASN L 69 22.23 47.88 38.11
CA ASN L 69 20.81 48.13 38.09
C ASN L 69 20.48 49.53 38.62
N CYS L 70 20.01 50.40 37.72
CA CYS L 70 19.73 51.78 38.09
C CYS L 70 18.25 51.99 38.44
N LEU L 71 18.02 52.71 39.53
CA LEU L 71 16.66 53.10 39.91
C LEU L 71 16.47 54.58 39.61
N VAL L 72 15.86 54.88 38.47
CA VAL L 72 15.81 56.23 37.95
C VAL L 72 14.41 56.84 38.01
N GLN L 73 14.33 58.08 38.47
CA GLN L 73 13.07 58.84 38.44
C GLN L 73 12.69 59.16 37.00
N ASN L 74 11.48 58.77 36.61
CA ASN L 74 11.04 58.94 35.23
C ASN L 74 10.72 60.38 34.87
N GLU L 75 11.75 61.14 34.50
CA GLU L 75 11.57 62.50 34.01
C GLU L 75 12.18 62.62 32.61
N PRO L 76 11.59 63.46 31.76
CA PRO L 76 12.02 63.62 30.36
C PRO L 76 13.52 63.89 30.20
N GLY L 77 14.22 62.98 29.53
CA GLY L 77 15.62 63.18 29.22
C GLY L 77 16.57 62.29 30.01
N VAL L 78 16.02 61.33 30.75
CA VAL L 78 16.84 60.44 31.57
C VAL L 78 17.63 59.45 30.74
N LEU L 79 17.02 58.95 29.67
CA LEU L 79 17.66 57.98 28.80
C LEU L 79 18.85 58.61 28.07
N SER L 80 18.70 59.88 27.71
CA SER L 80 19.76 60.61 27.03
C SER L 80 20.85 61.02 28.01
N ARG L 81 20.46 61.23 29.27
CA ARG L 81 21.39 61.68 30.30
C ARG L 81 22.28 60.55 30.79
N VAL L 82 21.69 59.38 31.01
CA VAL L 82 22.44 58.22 31.48
C VAL L 82 23.35 57.69 30.38
N SER L 83 22.76 57.26 29.27
CA SER L 83 23.51 56.70 28.15
C SER L 83 24.53 57.69 27.59
N GLY L 84 24.21 58.97 27.71
CA GLY L 84 25.11 60.02 27.23
C GLY L 84 26.34 60.14 28.10
N THR L 85 26.20 59.81 29.39
CA THR L 85 27.30 59.89 30.32
C THR L 85 28.32 58.78 30.06
N LEU L 86 27.82 57.57 29.84
CA LEU L 86 28.69 56.42 29.57
C LEU L 86 29.47 56.61 28.26
N ALA L 87 28.85 57.27 27.29
CA ALA L 87 29.48 57.53 26.01
C ALA L 87 30.49 58.66 26.10
N ALA L 88 30.27 59.56 27.06
CA ALA L 88 31.15 60.71 27.25
C ALA L 88 32.38 60.34 28.07
N ARG L 89 32.39 59.13 28.62
CA ARG L 89 33.51 58.67 29.44
C ARG L 89 34.11 57.38 28.89
N GLY L 90 33.65 56.97 27.72
CA GLY L 90 34.22 55.83 27.02
C GLY L 90 34.11 54.50 27.74
N PHE L 91 32.99 54.31 28.44
CA PHE L 91 32.74 53.03 29.10
C PHE L 91 32.21 52.00 28.11
N ASN L 92 32.89 50.87 28.03
CA ASN L 92 32.50 49.81 27.11
C ASN L 92 31.21 49.12 27.55
N ILE L 93 30.08 49.74 27.22
CA ILE L 93 28.78 49.20 27.59
C ILE L 93 28.31 48.16 26.58
N ASP L 94 28.07 46.94 27.05
CA ASP L 94 27.59 45.86 26.19
C ASP L 94 26.10 46.01 25.90
N SER L 95 25.33 46.33 26.93
CA SER L 95 23.88 46.49 26.76
C SER L 95 23.29 47.41 27.82
N LEU L 96 22.23 48.12 27.44
CA LEU L 96 21.52 49.02 28.35
C LEU L 96 20.03 49.01 28.01
N VAL L 97 19.21 48.56 28.95
CA VAL L 97 17.77 48.53 28.74
C VAL L 97 17.03 49.19 29.89
N VAL L 98 16.05 50.04 29.56
CA VAL L 98 15.25 50.71 30.57
C VAL L 98 13.91 50.00 30.74
N CYS L 99 13.60 49.62 31.97
CA CYS L 99 12.37 48.89 32.25
C CYS L 99 11.41 49.70 33.11
N ASN L 100 10.13 49.69 32.72
CA ASN L 100 9.11 50.44 33.44
C ASN L 100 8.44 49.60 34.52
N THR L 101 8.75 49.90 35.78
CA THR L 101 8.11 49.22 36.91
C THR L 101 6.66 49.66 37.02
N GLU L 102 5.92 49.03 37.93
CA GLU L 102 4.54 49.41 38.16
C GLU L 102 4.42 50.47 39.25
N VAL L 103 5.36 51.40 39.24
CA VAL L 103 5.36 52.52 40.17
C VAL L 103 5.41 53.83 39.39
N LYS L 104 4.57 54.79 39.79
CA LYS L 104 4.50 56.07 39.08
C LYS L 104 5.82 56.83 39.18
N ASP L 105 6.29 57.32 38.03
CA ASP L 105 7.54 58.08 37.93
C ASP L 105 8.73 57.30 38.48
N LEU L 106 8.82 56.02 38.11
CA LEU L 106 9.95 55.19 38.52
C LEU L 106 10.30 54.18 37.44
N SER L 107 11.54 54.24 36.96
CA SER L 107 12.01 53.30 35.95
C SER L 107 13.25 52.55 36.42
N ARG L 108 13.50 51.39 35.83
CA ARG L 108 14.65 50.58 36.17
C ARG L 108 15.51 50.29 34.96
N MET L 109 16.80 50.58 35.07
CA MET L 109 17.74 50.38 33.96
C MET L 109 18.77 49.31 34.29
N THR L 110 18.94 48.35 33.39
CA THR L 110 19.92 47.28 33.58
C THR L 110 21.10 47.44 32.62
N ILE L 111 22.29 47.65 33.17
CA ILE L 111 23.48 47.90 32.37
C ILE L 111 24.52 46.80 32.51
N VAL L 112 25.16 46.43 31.40
CA VAL L 112 26.21 45.44 31.41
C VAL L 112 27.53 46.04 30.94
N LEU L 113 28.57 45.92 31.76
CA LEU L 113 29.87 46.52 31.47
C LEU L 113 30.98 45.49 31.37
N GLN L 114 32.14 45.93 30.89
CA GLN L 114 33.35 45.11 30.89
C GLN L 114 34.54 45.93 31.36
N GLY L 115 35.43 45.28 32.12
CA GLY L 115 36.60 45.94 32.66
C GLY L 115 36.88 45.52 34.08
N GLN L 116 37.90 46.13 34.68
CA GLN L 116 38.27 45.82 36.06
C GLN L 116 37.25 46.37 37.04
N ASP L 117 37.29 45.90 38.27
CA ASP L 117 36.34 46.34 39.30
C ASP L 117 36.48 47.82 39.61
N GLY L 118 37.71 48.33 39.56
CA GLY L 118 37.98 49.72 39.86
C GLY L 118 37.40 50.68 38.84
N VAL L 119 37.34 50.25 37.59
CA VAL L 119 36.80 51.08 36.51
C VAL L 119 35.27 51.05 36.52
N ILE L 120 34.70 49.88 36.76
CA ILE L 120 33.26 49.69 36.72
C ILE L 120 32.58 50.28 37.96
N GLU L 121 33.23 50.16 39.11
CA GLU L 121 32.71 50.77 40.33
C GLU L 121 32.62 52.29 40.17
N GLN L 122 33.62 52.87 39.52
CA GLN L 122 33.63 54.29 39.23
C GLN L 122 32.44 54.68 38.35
N ALA L 123 32.15 53.82 37.38
CA ALA L 123 31.01 54.03 36.50
C ALA L 123 29.71 54.03 37.29
N ARG L 124 29.64 53.19 38.30
CA ARG L 124 28.47 53.12 39.16
C ARG L 124 28.32 54.41 39.97
N ARG L 125 29.44 54.89 40.52
CA ARG L 125 29.43 56.11 41.32
C ARG L 125 29.20 57.35 40.46
N GLN L 126 29.48 57.22 39.17
CA GLN L 126 29.32 58.33 38.24
C GLN L 126 27.87 58.50 37.83
N ILE L 127 27.16 57.38 37.71
CA ILE L 127 25.75 57.39 37.34
C ILE L 127 24.87 57.69 38.55
N GLU L 128 25.23 57.13 39.71
CA GLU L 128 24.45 57.29 40.93
C GLU L 128 24.43 58.74 41.40
N ASP L 129 25.47 59.50 41.04
CA ASP L 129 25.59 60.88 41.46
C ASP L 129 24.64 61.79 40.69
N LEU L 130 24.15 61.29 39.55
CA LEU L 130 23.20 62.05 38.75
C LEU L 130 21.95 62.40 39.55
N VAL L 131 21.29 63.50 39.17
CA VAL L 131 20.12 63.97 39.89
C VAL L 131 18.89 63.06 39.75
N PRO L 132 18.50 62.69 38.50
CA PRO L 132 17.23 61.96 38.43
C PRO L 132 17.31 60.48 38.82
N VAL L 133 18.41 60.05 39.42
CA VAL L 133 18.52 58.65 39.84
C VAL L 133 18.46 58.52 41.36
N TYR L 134 17.89 57.42 41.82
CA TYR L 134 17.79 57.16 43.26
C TYR L 134 19.04 56.45 43.76
N ALA L 135 19.31 55.27 43.20
CA ALA L 135 20.48 54.49 43.58
C ALA L 135 20.84 53.49 42.50
N VAL L 136 22.14 53.31 42.26
CA VAL L 136 22.61 52.34 41.28
C VAL L 136 23.21 51.13 41.99
N LEU L 137 22.54 49.98 41.88
CA LEU L 137 22.97 48.78 42.57
C LEU L 137 23.93 47.95 41.71
N ASP L 138 24.84 47.23 42.37
CA ASP L 138 25.76 46.35 41.68
C ASP L 138 25.29 44.90 41.83
N TYR L 139 24.92 44.29 40.71
CA TYR L 139 24.39 42.93 40.74
C TYR L 139 25.43 41.87 40.43
N THR L 140 26.66 42.29 40.15
CA THR L 140 27.74 41.33 39.96
C THR L 140 28.04 40.68 41.31
N ASN L 141 28.59 39.48 41.29
CA ASN L 141 28.85 38.69 42.49
C ASN L 141 27.57 38.47 43.31
N SER L 142 26.43 38.53 42.64
CA SER L 142 25.14 38.36 43.29
C SER L 142 24.25 37.42 42.48
N GLU L 143 23.44 36.64 43.19
CA GLU L 143 22.55 35.67 42.55
C GLU L 143 21.36 36.38 41.90
N ILE L 144 21.38 36.48 40.58
CA ILE L 144 20.30 37.15 39.86
C ILE L 144 19.75 36.28 38.73
N ILE L 145 18.57 36.63 38.25
CA ILE L 145 17.97 35.93 37.13
C ILE L 145 18.11 36.76 35.86
N LYS L 146 19.16 36.50 35.09
CA LYS L 146 19.40 37.22 33.85
C LYS L 146 18.41 36.75 32.79
N ARG L 147 17.81 37.71 32.08
CA ARG L 147 16.86 37.37 31.03
C ARG L 147 17.10 38.19 29.76
N GLU L 148 16.69 37.62 28.64
CA GLU L 148 16.85 38.25 27.34
C GLU L 148 15.77 37.71 26.40
N LEU L 149 15.34 38.53 25.45
CA LEU L 149 14.27 38.11 24.54
C LEU L 149 14.74 38.13 23.09
N VAL L 150 14.41 37.07 22.35
CA VAL L 150 14.76 36.99 20.94
C VAL L 150 13.57 36.54 20.10
N MET L 151 13.40 37.16 18.94
CA MET L 151 12.41 36.74 17.96
C MET L 151 13.06 36.62 16.60
N ALA L 152 13.07 35.42 16.04
CA ALA L 152 13.78 35.17 14.79
C ALA L 152 12.91 34.48 13.73
N ARG L 153 13.03 34.95 12.50
CA ARG L 153 12.35 34.33 11.37
C ARG L 153 13.28 33.32 10.71
N ILE L 154 12.85 32.06 10.66
CA ILE L 154 13.72 30.99 10.18
C ILE L 154 13.21 30.38 8.88
N SER L 155 14.11 30.18 7.93
CA SER L 155 13.75 29.62 6.63
C SER L 155 13.45 28.12 6.73
N LEU L 156 12.50 27.67 5.92
CA LEU L 156 12.09 26.27 5.93
C LEU L 156 12.53 25.56 4.64
N LEU L 157 13.10 26.33 3.71
CA LEU L 157 13.49 25.78 2.42
C LEU L 157 14.82 25.04 2.48
N GLY L 158 15.58 25.27 3.55
CA GLY L 158 16.81 24.54 3.78
C GLY L 158 18.09 25.33 3.62
N THR L 159 19.20 24.61 3.52
CA THR L 159 20.53 25.22 3.45
C THR L 159 20.81 25.82 2.08
N GLU L 160 20.55 25.04 1.03
CA GLU L 160 20.84 25.46 -0.34
C GLU L 160 20.10 26.74 -0.70
N TYR L 161 18.82 26.81 -0.34
CA TYR L 161 18.02 27.99 -0.65
C TYR L 161 18.52 29.22 0.11
N PHE L 162 19.02 29.00 1.32
CA PHE L 162 19.51 30.11 2.13
C PHE L 162 20.78 30.71 1.55
N GLU L 163 21.60 29.85 0.92
CA GLU L 163 22.79 30.33 0.22
C GLU L 163 22.39 31.14 -1.00
N ASP L 164 21.32 30.72 -1.67
CA ASP L 164 20.82 31.42 -2.85
C ASP L 164 20.19 32.75 -2.45
N LEU L 165 19.38 32.73 -1.39
CA LEU L 165 18.66 33.91 -0.93
C LEU L 165 19.61 34.97 -0.40
N LEU L 166 20.64 34.55 0.31
CA LEU L 166 21.57 35.48 0.94
C LEU L 166 22.52 36.09 -0.09
N LEU L 167 22.98 35.27 -1.03
CA LEU L 167 23.90 35.74 -2.07
C LEU L 167 23.19 36.67 -3.05
N HIS L 168 21.87 36.50 -3.17
CA HIS L 168 21.06 37.33 -4.06
C HIS L 168 21.04 38.78 -3.59
N HIS L 169 20.93 38.97 -2.27
CA HIS L 169 20.89 40.31 -1.71
C HIS L 169 22.27 40.93 -1.62
N HIS L 170 23.30 40.10 -1.73
CA HIS L 170 24.68 40.57 -1.68
C HIS L 170 25.10 41.21 -2.99
N THR L 171 24.46 40.79 -4.08
CA THR L 171 24.75 41.34 -5.40
C THR L 171 24.17 42.75 -5.54
N SER L 172 23.32 43.13 -4.59
CA SER L 172 22.76 44.48 -4.55
C SER L 172 23.73 45.44 -3.89
N THR L 173 24.91 44.93 -3.53
CA THR L 173 25.94 45.74 -2.89
C THR L 173 27.29 45.49 -3.55
N ASN L 174 27.52 44.25 -3.97
CA ASN L 174 28.78 43.85 -4.58
C ASN L 174 28.94 44.38 -6.01
N ALA L 175 27.80 44.60 -6.68
CA ALA L 175 27.77 45.08 -8.05
C ALA L 175 28.55 44.17 -9.00
N GLY L 176 28.42 42.87 -8.79
CA GLY L 176 29.06 41.88 -9.64
C GLY L 176 28.05 40.95 -10.29
N ALA L 177 28.38 40.43 -11.46
CA ALA L 177 27.45 39.59 -12.20
C ALA L 177 28.12 38.33 -12.75
N ALA L 178 29.02 38.51 -13.70
CA ALA L 178 29.66 37.39 -14.40
C ALA L 178 30.50 36.50 -13.47
N ASP L 179 31.01 37.10 -12.40
CA ASP L 179 31.84 36.35 -11.46
C ASP L 179 31.02 35.59 -10.44
N SER L 180 29.83 36.10 -10.14
CA SER L 180 28.95 35.48 -9.15
C SER L 180 28.18 34.31 -9.75
N GLN L 181 28.24 34.16 -11.07
CA GLN L 181 27.53 33.08 -11.75
C GLN L 181 28.13 31.73 -11.41
N GLU L 182 29.41 31.72 -11.06
CA GLU L 182 30.09 30.50 -10.65
C GLU L 182 29.52 29.98 -9.33
N LEU L 183 29.06 30.89 -8.50
CA LEU L 183 28.53 30.55 -7.18
C LEU L 183 27.06 30.13 -7.24
N VAL L 184 26.21 30.97 -7.81
CA VAL L 184 24.77 30.73 -7.82
C VAL L 184 24.39 29.49 -8.63
N ALA L 185 25.15 29.20 -9.69
CA ALA L 185 24.89 28.01 -10.49
C ALA L 185 25.33 26.76 -9.72
N GLU L 186 26.40 26.90 -8.96
CA GLU L 186 26.89 25.80 -8.12
C GLU L 186 25.89 25.47 -7.02
N ILE L 187 25.24 26.51 -6.49
CA ILE L 187 24.27 26.35 -5.43
C ILE L 187 22.98 25.71 -5.92
N ARG L 188 22.47 26.20 -7.04
CA ARG L 188 21.19 25.74 -7.57
C ARG L 188 21.26 24.36 -8.21
N GLU L 189 22.49 23.86 -8.39
CA GLU L 189 22.67 22.52 -8.95
C GLU L 189 22.98 21.50 -7.85
N LYS L 190 22.80 21.92 -6.60
CA LYS L 190 22.97 21.01 -5.47
C LYS L 190 21.75 20.10 -5.35
N GLN L 191 21.93 18.96 -4.67
CA GLN L 191 20.91 17.91 -4.63
C GLN L 191 19.60 18.36 -3.98
N PHE L 192 19.69 18.94 -2.78
CA PHE L 192 18.49 19.26 -2.02
C PHE L 192 18.03 20.71 -2.19
N HIS L 193 18.41 21.34 -3.29
CA HIS L 193 17.89 22.65 -3.62
C HIS L 193 16.48 22.49 -4.18
N PRO L 194 15.53 23.31 -3.70
CA PRO L 194 14.11 23.24 -4.09
C PRO L 194 13.87 23.17 -5.59
N ALA L 195 14.75 23.79 -6.38
CA ALA L 195 14.62 23.79 -7.83
C ALA L 195 14.80 22.39 -8.42
N ASN L 196 15.58 21.57 -7.73
CA ASN L 196 15.86 20.21 -8.20
C ASN L 196 15.00 19.15 -7.53
N LEU L 197 14.11 19.60 -6.64
CA LEU L 197 13.25 18.69 -5.91
C LEU L 197 11.79 18.82 -6.36
N PRO L 198 11.06 17.69 -6.40
CA PRO L 198 9.64 17.71 -6.73
C PRO L 198 8.83 18.49 -5.71
N ALA L 199 7.69 19.03 -6.12
CA ALA L 199 6.87 19.88 -5.27
C ALA L 199 6.40 19.18 -4.00
N SER L 200 6.29 17.85 -4.08
CA SER L 200 5.82 17.07 -2.94
C SER L 200 6.91 16.87 -1.89
N GLU L 201 8.15 16.78 -2.33
CA GLU L 201 9.27 16.54 -1.42
C GLU L 201 9.69 17.83 -0.72
N VAL L 202 9.52 18.95 -1.39
CA VAL L 202 9.82 20.24 -0.79
C VAL L 202 8.85 20.51 0.35
N LEU L 203 7.60 20.10 0.17
CA LEU L 203 6.57 20.25 1.19
C LEU L 203 6.92 19.49 2.46
N ARG L 204 7.40 18.25 2.30
CA ARG L 204 7.79 17.43 3.44
C ARG L 204 9.00 18.01 4.15
N LEU L 205 9.95 18.49 3.35
CA LEU L 205 11.19 19.06 3.89
C LEU L 205 10.92 20.35 4.65
N LYS L 206 9.86 21.06 4.25
CA LYS L 206 9.44 22.26 4.97
C LYS L 206 8.96 21.92 6.37
N HIS L 207 8.13 20.89 6.47
CA HIS L 207 7.56 20.47 7.74
C HIS L 207 8.56 19.66 8.56
N GLU L 208 9.49 18.99 7.89
CA GLU L 208 10.55 18.28 8.59
C GLU L 208 11.47 19.28 9.28
N HIS L 209 11.82 20.34 8.56
CA HIS L 209 12.59 21.44 9.11
C HIS L 209 11.79 22.13 10.21
N LEU L 210 10.48 22.26 9.98
CA LEU L 210 9.60 22.89 10.96
C LEU L 210 9.54 22.09 12.25
N ASN L 211 9.44 20.78 12.12
CA ASN L 211 9.40 19.90 13.28
C ASN L 211 10.71 19.88 14.04
N ASP L 212 11.82 20.03 13.31
CA ASP L 212 13.14 20.10 13.92
C ASP L 212 13.28 21.38 14.74
N ILE L 213 12.90 22.50 14.13
CA ILE L 213 12.98 23.80 14.79
C ILE L 213 12.02 23.87 15.98
N THR L 214 10.82 23.32 15.81
CA THR L 214 9.82 23.30 16.87
C THR L 214 10.29 22.47 18.06
N ASN L 215 10.87 21.31 17.79
CA ASN L 215 11.45 20.48 18.84
C ASN L 215 12.65 21.16 19.49
N LEU L 216 13.36 21.95 18.70
CA LEU L 216 14.55 22.64 19.18
C LEU L 216 14.19 23.80 20.09
N THR L 217 13.13 24.53 19.74
CA THR L 217 12.73 25.68 20.55
C THR L 217 11.92 25.25 21.78
N ASN L 218 11.27 24.09 21.69
CA ASN L 218 10.51 23.57 22.82
C ASN L 218 11.42 23.12 23.95
N ASN L 219 12.56 22.53 23.58
CA ASN L 219 13.56 22.12 24.56
C ASN L 219 14.16 23.32 25.28
N PHE L 220 14.24 24.44 24.57
CA PHE L 220 14.75 25.68 25.15
C PHE L 220 13.66 26.45 25.86
N GLY L 221 12.42 25.95 25.78
CA GLY L 221 11.29 26.58 26.43
C GLY L 221 10.78 27.77 25.66
N GLY L 222 10.84 27.68 24.33
CA GLY L 222 10.37 28.75 23.47
C GLY L 222 9.07 28.42 22.78
N ARG L 223 8.65 29.29 21.86
CA ARG L 223 7.39 29.10 21.15
C ARG L 223 7.54 29.34 19.66
N VAL L 224 6.67 28.72 18.88
CA VAL L 224 6.55 29.03 17.46
C VAL L 224 5.30 29.87 17.26
N VAL L 225 5.49 31.17 17.05
CA VAL L 225 4.37 32.12 17.02
C VAL L 225 3.82 32.37 15.62
N ASP L 226 4.60 32.03 14.60
CA ASP L 226 4.18 32.25 13.22
C ASP L 226 4.67 31.12 12.30
N ILE L 227 3.78 30.66 11.42
CA ILE L 227 4.13 29.65 10.43
C ILE L 227 3.66 30.09 9.05
N SER L 228 4.55 30.01 8.06
CA SER L 228 4.21 30.41 6.70
C SER L 228 4.63 29.33 5.69
N GLU L 229 4.43 29.63 4.42
CA GLU L 229 4.77 28.69 3.34
C GLU L 229 6.27 28.49 3.24
N THR L 230 7.02 29.53 3.59
CA THR L 230 8.47 29.53 3.37
C THR L 230 9.29 29.74 4.63
N SER L 231 8.64 30.13 5.72
CA SER L 231 9.36 30.45 6.95
C SER L 231 8.51 30.33 8.22
N CYS L 232 9.16 30.48 9.36
CA CYS L 232 8.48 30.47 10.66
C CYS L 232 9.19 31.40 11.64
N ILE L 233 8.43 31.93 12.60
CA ILE L 233 9.00 32.82 13.60
C ILE L 233 9.00 32.17 14.98
N VAL L 234 10.18 32.09 15.59
CA VAL L 234 10.32 31.51 16.92
C VAL L 234 10.50 32.60 17.98
N GLU L 235 9.99 32.35 19.18
CA GLU L 235 10.11 33.28 20.28
C GLU L 235 10.70 32.59 21.51
N LEU L 236 11.77 33.16 22.06
CA LEU L 236 12.44 32.57 23.20
C LEU L 236 12.90 33.62 24.21
N SER L 237 12.70 33.33 25.49
CA SER L 237 13.17 34.21 26.56
C SER L 237 13.98 33.44 27.58
N ALA L 238 15.28 33.73 27.63
CA ALA L 238 16.19 33.09 28.58
C ALA L 238 17.43 33.94 28.80
N LYS L 239 18.38 33.41 29.56
CA LYS L 239 19.64 34.10 29.81
C LYS L 239 20.48 34.13 28.52
N PRO L 240 21.32 35.17 28.36
CA PRO L 240 22.12 35.38 27.15
C PRO L 240 22.94 34.16 26.70
N THR L 241 23.51 33.43 27.66
CA THR L 241 24.30 32.26 27.34
C THR L 241 23.42 31.11 26.82
N ARG L 242 22.12 31.19 27.09
CA ARG L 242 21.18 30.19 26.62
C ARG L 242 20.69 30.52 25.21
N ILE L 243 20.43 31.80 24.97
CA ILE L 243 19.90 32.26 23.70
C ILE L 243 20.94 32.16 22.58
N SER L 244 22.18 32.52 22.90
CA SER L 244 23.27 32.44 21.93
C SER L 244 23.47 31.02 21.45
N ALA L 245 23.34 30.06 22.36
CA ALA L 245 23.42 28.64 22.01
C ALA L 245 22.24 28.26 21.13
N PHE L 246 21.08 28.82 21.42
CA PHE L 246 19.87 28.57 20.65
C PHE L 246 20.04 29.08 19.23
N LEU L 247 20.50 30.31 19.09
CA LEU L 247 20.66 30.93 17.78
C LEU L 247 21.77 30.27 16.96
N LYS L 248 22.63 29.52 17.64
CA LYS L 248 23.70 28.79 16.95
C LYS L 248 23.18 27.45 16.42
N LEU L 249 22.22 26.87 17.15
CA LEU L 249 21.61 25.61 16.74
C LEU L 249 20.58 25.80 15.63
N VAL L 250 19.95 26.97 15.62
CA VAL L 250 18.94 27.29 14.60
C VAL L 250 19.61 27.87 13.35
N GLU L 251 20.82 28.38 13.53
CA GLU L 251 21.58 29.00 12.43
C GLU L 251 21.68 28.20 11.12
N PRO L 252 21.95 26.87 11.20
CA PRO L 252 22.07 26.13 9.92
C PRO L 252 20.82 26.15 9.06
N PHE L 253 19.65 26.32 9.66
CA PHE L 253 18.41 26.37 8.90
C PHE L 253 18.29 27.67 8.13
N GLY L 254 18.95 28.71 8.63
CA GLY L 254 18.95 30.00 7.97
C GLY L 254 18.06 31.02 8.66
N VAL L 255 18.68 31.92 9.42
CA VAL L 255 17.95 32.98 10.09
C VAL L 255 17.76 34.17 9.16
N LEU L 256 16.51 34.38 8.73
CA LEU L 256 16.19 35.42 7.77
C LEU L 256 16.10 36.80 8.41
N GLU L 257 15.70 36.84 9.67
CA GLU L 257 15.45 38.08 10.37
C GLU L 257 15.46 37.86 11.88
N CYS L 258 16.20 38.69 12.61
CA CYS L 258 16.37 38.48 14.04
C CYS L 258 16.24 39.76 14.87
N ALA L 259 15.59 39.65 16.02
CA ALA L 259 15.48 40.75 16.96
C ALA L 259 15.81 40.26 18.37
N ARG L 260 16.98 40.65 18.88
CA ARG L 260 17.46 40.18 20.18
C ARG L 260 17.64 41.34 21.14
N SER L 261 16.96 41.28 22.28
CA SER L 261 16.97 42.37 23.25
C SER L 261 18.32 42.50 23.96
N GLY L 262 18.41 43.49 24.84
CA GLY L 262 19.61 43.69 25.64
C GLY L 262 19.73 42.64 26.73
N MET L 263 19.55 43.06 27.97
CA MET L 263 19.54 42.13 29.10
C MET L 263 18.98 42.79 30.35
N MET L 264 17.90 42.21 30.88
CA MET L 264 17.33 42.67 32.14
C MET L 264 17.52 41.59 33.21
N ALA L 265 17.44 41.98 34.48
CA ALA L 265 17.70 41.05 35.57
C ALA L 265 16.82 41.31 36.78
N LEU L 266 16.61 40.26 37.57
CA LEU L 266 15.87 40.35 38.82
C LEU L 266 16.56 39.49 39.87
N PRO L 267 16.94 40.10 41.00
CA PRO L 267 17.74 39.43 42.03
C PRO L 267 17.07 38.20 42.63
N ARG L 268 17.85 37.14 42.80
CA ARG L 268 17.36 35.89 43.39
C ARG L 268 18.02 35.66 44.74
N THR L 269 17.30 34.99 45.64
CA THR L 269 17.87 34.64 46.94
C THR L 269 18.12 33.13 47.01
N PRO L 270 19.41 32.74 47.08
CA PRO L 270 19.80 31.32 47.12
C PRO L 270 19.35 30.63 48.41
N LEU L 271 18.32 29.79 48.30
CA LEU L 271 17.81 29.05 49.45
C LEU L 271 18.73 27.91 49.85
N LYS L 272 18.93 27.75 51.15
CA LYS L 272 19.71 26.65 51.69
C LYS L 272 18.95 25.99 52.83
N THR L 273 19.12 24.67 52.96
CA THR L 273 18.42 23.91 54.00
C THR L 273 18.86 24.35 55.39
N SER L 274 17.99 24.16 56.36
CA SER L 274 18.26 24.56 57.74
C SER L 274 19.47 23.85 58.33
N THR L 275 19.84 22.72 57.73
CA THR L 275 21.01 21.97 58.15
C THR L 275 22.28 22.58 57.54
N GLU L 276 22.14 23.15 56.36
CA GLU L 276 23.27 23.75 55.66
C GLU L 276 23.60 25.14 56.20
N GLU L 277 22.57 25.87 56.62
CA GLU L 277 22.78 27.21 57.17
C GLU L 277 23.13 27.14 58.65
N ALA L 278 22.94 25.98 59.25
CA ALA L 278 23.31 25.77 60.64
C ALA L 278 24.82 25.63 60.77
N ALA L 279 25.48 25.38 59.65
CA ALA L 279 26.93 25.28 59.62
C ALA L 279 27.57 26.67 59.72
N ASP L 280 27.45 27.27 60.90
CA ASP L 280 28.02 28.59 61.13
C ASP L 280 29.38 28.48 61.81
N GLU L 281 30.27 27.68 61.22
CA GLU L 281 31.61 27.50 61.75
C GLU L 281 32.48 28.73 61.50
N ASP L 282 32.15 29.83 62.18
CA ASP L 282 32.90 31.07 62.06
C ASP L 282 33.86 31.21 63.23
N GLU L 283 34.44 30.09 63.66
CA GLU L 283 35.37 30.08 64.78
C GLU L 283 36.76 30.54 64.34
N PRO M 40 46.50 -9.12 21.76
CA PRO M 40 47.77 -9.11 22.49
C PRO M 40 48.60 -10.37 22.22
N ASP M 41 49.72 -10.51 22.93
CA ASP M 41 50.56 -11.69 22.79
C ASP M 41 50.73 -12.36 24.16
N MET M 42 50.77 -13.70 24.15
CA MET M 42 50.78 -14.47 25.39
C MET M 42 52.11 -15.17 25.63
N ASP M 43 52.46 -15.35 26.90
CA ASP M 43 53.64 -16.12 27.28
C ASP M 43 53.22 -17.53 27.67
N THR M 44 54.06 -18.51 27.34
CA THR M 44 53.77 -19.90 27.63
C THR M 44 54.92 -20.60 28.33
N SER M 45 55.93 -19.83 28.71
CA SER M 45 57.14 -20.38 29.33
C SER M 45 56.88 -20.96 30.73
N PHE M 46 55.79 -20.55 31.34
CA PHE M 46 55.50 -20.94 32.71
C PHE M 46 54.43 -22.03 32.82
N VAL M 47 53.88 -22.43 31.67
CA VAL M 47 52.82 -23.44 31.66
C VAL M 47 53.34 -24.80 32.13
N GLY M 48 52.89 -25.21 33.31
CA GLY M 48 53.32 -26.45 33.91
C GLY M 48 53.96 -26.24 35.27
N LEU M 49 54.40 -25.01 35.51
CA LEU M 49 55.03 -24.65 36.77
C LEU M 49 53.98 -24.23 37.81
N THR M 50 54.34 -24.37 39.09
CA THR M 50 53.48 -23.91 40.16
C THR M 50 53.71 -22.42 40.40
N GLY M 51 52.84 -21.80 41.19
CA GLY M 51 52.96 -20.38 41.49
C GLY M 51 54.30 -20.04 42.11
N GLY M 52 54.77 -20.90 43.01
CA GLY M 52 56.05 -20.72 43.64
C GLY M 52 57.19 -20.84 42.65
N GLN M 53 57.08 -21.81 41.75
CA GLN M 53 58.10 -22.03 40.73
C GLN M 53 58.10 -20.90 39.72
N ILE M 54 56.93 -20.32 39.47
CA ILE M 54 56.82 -19.14 38.62
C ILE M 54 57.51 -17.96 39.29
N PHE M 55 57.30 -17.81 40.60
CA PHE M 55 57.94 -16.77 41.38
C PHE M 55 59.46 -16.89 41.29
N ASN M 56 59.97 -18.12 41.37
CA ASN M 56 61.40 -18.37 41.33
C ASN M 56 62.00 -17.95 40.00
N GLU M 57 61.24 -18.11 38.92
CA GLU M 57 61.69 -17.71 37.60
C GLU M 57 61.64 -16.19 37.43
N MET M 58 60.56 -15.59 37.92
CA MET M 58 60.35 -14.15 37.80
C MET M 58 61.44 -13.33 38.48
N MET M 59 62.08 -13.91 39.49
CA MET M 59 63.16 -13.23 40.19
C MET M 59 64.38 -13.11 39.29
N SER M 60 64.62 -14.12 38.48
CA SER M 60 65.74 -14.10 37.54
C SER M 60 65.44 -13.21 36.35
N ARG M 61 64.16 -13.12 35.99
CA ARG M 61 63.75 -12.27 34.88
C ARG M 61 63.76 -10.80 35.31
N GLN M 62 63.75 -10.57 36.61
CA GLN M 62 63.82 -9.22 37.16
C GLN M 62 65.21 -8.91 37.70
N ASN M 63 66.17 -9.78 37.37
CA ASN M 63 67.56 -9.62 37.78
C ASN M 63 67.75 -9.50 39.29
N VAL M 64 66.92 -10.20 40.05
CA VAL M 64 67.01 -10.18 41.51
C VAL M 64 68.21 -11.00 41.97
N ASP M 65 69.12 -10.36 42.71
CA ASP M 65 70.33 -11.01 43.18
C ASP M 65 70.15 -11.59 44.58
N THR M 66 69.41 -10.88 45.42
CA THR M 66 69.26 -11.27 46.82
C THR M 66 67.81 -11.16 47.31
N VAL M 67 67.38 -12.13 48.09
CA VAL M 67 66.05 -12.11 48.69
C VAL M 67 66.12 -12.23 50.21
N PHE M 68 65.60 -11.22 50.90
CA PHE M 68 65.56 -11.22 52.37
C PHE M 68 64.19 -11.69 52.84
N GLY M 69 64.17 -12.69 53.72
CA GLY M 69 62.88 -13.20 54.17
C GLY M 69 62.88 -14.21 55.31
N TYR M 70 61.68 -14.53 55.76
CA TYR M 70 61.46 -15.47 56.86
C TYR M 70 60.26 -16.35 56.52
N PRO M 71 60.45 -17.68 56.57
CA PRO M 71 59.40 -18.61 56.13
C PRO M 71 58.18 -18.65 57.04
N GLY M 72 57.13 -19.30 56.57
CA GLY M 72 55.89 -19.44 57.32
C GLY M 72 54.92 -20.35 56.59
N GLY M 73 53.79 -20.64 57.23
CA GLY M 73 52.83 -21.60 56.70
C GLY M 73 52.16 -21.20 55.40
N ALA M 74 51.85 -19.92 55.25
CA ALA M 74 51.12 -19.44 54.08
C ALA M 74 52.04 -19.26 52.87
N ILE M 75 53.34 -19.16 53.12
CA ILE M 75 54.30 -18.89 52.07
C ILE M 75 55.15 -20.15 51.79
N LEU M 76 54.69 -21.28 52.32
CA LEU M 76 55.38 -22.56 52.13
C LEU M 76 55.59 -22.99 50.67
N PRO M 77 54.56 -22.86 49.80
CA PRO M 77 54.80 -23.29 48.41
C PRO M 77 55.88 -22.49 47.70
N VAL M 78 56.00 -21.21 48.04
CA VAL M 78 57.02 -20.36 47.42
C VAL M 78 58.41 -20.72 47.92
N TYR M 79 58.54 -20.90 49.23
CA TYR M 79 59.82 -21.26 49.84
C TYR M 79 60.29 -22.65 49.40
N ASP M 80 59.34 -23.53 49.10
CA ASP M 80 59.67 -24.86 48.62
C ASP M 80 60.29 -24.82 47.24
N ALA M 81 59.90 -23.82 46.45
CA ALA M 81 60.38 -23.69 45.08
C ALA M 81 61.75 -23.00 45.03
N ILE M 82 61.97 -22.07 45.95
CA ILE M 82 63.23 -21.34 46.00
C ILE M 82 64.29 -22.10 46.80
N HIS M 83 63.97 -23.33 47.18
CA HIS M 83 64.90 -24.17 47.93
C HIS M 83 66.15 -24.47 47.12
N ASN M 84 67.30 -24.07 47.65
CA ASN M 84 68.59 -24.25 46.99
C ASN M 84 68.63 -23.62 45.60
N SER M 85 67.86 -22.55 45.41
CA SER M 85 67.79 -21.86 44.14
C SER M 85 69.10 -21.15 43.82
N ASP M 86 69.61 -21.36 42.61
CA ASP M 86 70.85 -20.72 42.18
C ASP M 86 70.55 -19.39 41.48
N LYS M 87 69.27 -19.06 41.37
CA LYS M 87 68.84 -17.84 40.71
C LYS M 87 69.18 -16.61 41.55
N PHE M 88 69.22 -16.79 42.86
CA PHE M 88 69.51 -15.69 43.78
C PHE M 88 69.98 -16.18 45.14
N ASN M 89 70.57 -15.29 45.92
CA ASN M 89 70.98 -15.61 47.29
C ASN M 89 69.89 -15.20 48.29
N PHE M 90 69.86 -15.88 49.43
CA PHE M 90 68.84 -15.62 50.44
C PHE M 90 69.46 -15.25 51.78
N VAL M 91 68.95 -14.18 52.38
CA VAL M 91 69.44 -13.74 53.69
C VAL M 91 68.34 -13.88 54.74
N LEU M 92 68.64 -14.66 55.78
CA LEU M 92 67.65 -14.95 56.82
C LEU M 92 67.90 -14.13 58.08
N PRO M 93 66.95 -13.25 58.44
CA PRO M 93 67.01 -12.47 59.67
C PRO M 93 66.45 -13.23 60.86
N LYS M 94 66.30 -12.55 61.99
CA LYS M 94 65.65 -13.13 63.16
C LYS M 94 64.27 -12.51 63.35
N HIS M 95 64.05 -11.38 62.68
CA HIS M 95 62.78 -10.68 62.72
C HIS M 95 62.48 -10.08 61.35
N GLU M 96 61.21 -10.12 60.94
CA GLU M 96 60.82 -9.66 59.61
C GLU M 96 61.14 -8.18 59.39
N GLN M 97 61.14 -7.40 60.48
CA GLN M 97 61.51 -5.99 60.41
C GLN M 97 62.94 -5.87 59.92
N GLY M 98 63.79 -6.80 60.35
CA GLY M 98 65.16 -6.87 59.89
C GLY M 98 65.19 -7.10 58.40
N ALA M 99 64.42 -8.08 57.94
CA ALA M 99 64.34 -8.42 56.52
C ALA M 99 63.97 -7.21 55.67
N GLY M 100 63.06 -6.39 56.18
CA GLY M 100 62.64 -5.20 55.47
C GLY M 100 63.72 -4.14 55.45
N HIS M 101 64.36 -3.92 56.60
CA HIS M 101 65.40 -2.91 56.70
C HIS M 101 66.67 -3.32 55.97
N MET M 102 66.98 -4.61 55.98
CA MET M 102 68.14 -5.13 55.25
C MET M 102 67.93 -4.91 53.76
N ALA M 103 66.69 -5.06 53.31
CA ALA M 103 66.36 -4.85 51.91
C ALA M 103 66.49 -3.39 51.54
N GLU M 104 66.24 -2.51 52.50
CA GLU M 104 66.38 -1.08 52.28
C GLU M 104 67.85 -0.71 52.08
N GLY M 105 68.69 -1.12 53.02
CA GLY M 105 70.12 -0.89 52.94
C GLY M 105 70.71 -1.49 51.68
N TYR M 106 70.16 -2.61 51.24
CA TYR M 106 70.56 -3.23 50.00
C TYR M 106 70.16 -2.35 48.81
N ALA M 107 68.96 -1.80 48.89
CA ALA M 107 68.41 -0.97 47.82
C ALA M 107 69.09 0.39 47.76
N ARG M 108 69.64 0.82 48.88
CA ARG M 108 70.31 2.11 48.96
C ARG M 108 71.77 2.00 48.54
N ALA M 109 72.38 0.87 48.88
CA ALA M 109 73.78 0.62 48.53
C ALA M 109 73.91 0.31 47.04
N SER M 110 73.02 -0.52 46.53
CA SER M 110 72.96 -0.81 45.10
C SER M 110 71.91 0.08 44.44
N GLY M 111 71.64 -0.15 43.17
CA GLY M 111 70.61 0.58 42.47
C GLY M 111 69.42 -0.31 42.17
N LYS M 112 69.33 -1.41 42.91
CA LYS M 112 68.33 -2.44 42.65
C LYS M 112 67.28 -2.48 43.77
N PRO M 113 66.05 -2.87 43.43
CA PRO M 113 64.98 -2.99 44.43
C PRO M 113 65.28 -4.07 45.46
N GLY M 114 64.89 -3.84 46.71
CA GLY M 114 65.04 -4.83 47.75
C GLY M 114 63.86 -5.77 47.78
N VAL M 115 64.12 -7.07 47.70
CA VAL M 115 63.06 -8.06 47.66
C VAL M 115 62.84 -8.71 49.03
N VAL M 116 61.62 -8.63 49.53
CA VAL M 116 61.26 -9.21 50.81
C VAL M 116 60.22 -10.32 50.65
N LEU M 117 60.50 -11.49 51.24
CA LEU M 117 59.61 -12.64 51.12
C LEU M 117 59.25 -13.22 52.48
N VAL M 118 58.06 -12.88 52.97
CA VAL M 118 57.63 -13.34 54.29
C VAL M 118 56.26 -14.03 54.24
N THR M 119 55.78 -14.48 55.40
CA THR M 119 54.51 -15.19 55.48
C THR M 119 53.36 -14.23 55.72
N SER M 120 52.17 -14.79 55.91
CA SER M 120 50.98 -13.99 56.18
C SER M 120 50.93 -13.53 57.63
N GLY M 121 49.86 -12.83 57.99
CA GLY M 121 49.60 -12.41 59.36
C GLY M 121 50.73 -11.65 60.02
N PRO M 122 51.34 -12.25 61.06
CA PRO M 122 52.40 -11.63 61.86
C PRO M 122 53.63 -11.28 61.04
N GLY M 123 53.94 -12.09 60.04
CA GLY M 123 55.10 -11.84 59.20
C GLY M 123 54.90 -10.64 58.30
N ALA M 124 53.66 -10.39 57.91
CA ALA M 124 53.33 -9.28 57.03
C ALA M 124 53.15 -7.98 57.79
N THR M 125 52.78 -8.09 59.07
CA THR M 125 52.59 -6.91 59.91
C THR M 125 53.92 -6.44 60.51
N ASN M 126 54.93 -7.30 60.46
CA ASN M 126 56.25 -6.96 60.98
C ASN M 126 57.09 -6.19 59.97
N VAL M 127 56.69 -6.25 58.70
CA VAL M 127 57.41 -5.52 57.66
C VAL M 127 56.71 -4.20 57.34
N VAL M 128 55.76 -3.81 58.18
CA VAL M 128 55.03 -2.57 57.99
C VAL M 128 55.93 -1.36 58.21
N THR M 129 56.71 -1.40 59.29
CA THR M 129 57.63 -0.30 59.61
C THR M 129 58.70 -0.10 58.53
N PRO M 130 59.33 -1.19 58.03
CA PRO M 130 60.25 -0.97 56.91
C PRO M 130 59.56 -0.38 55.68
N MET M 131 58.35 -0.85 55.36
CA MET M 131 57.61 -0.32 54.23
C MET M 131 57.29 1.16 54.43
N ALA M 132 56.91 1.51 55.65
CA ALA M 132 56.63 2.90 55.99
C ALA M 132 57.90 3.73 55.92
N ASP M 133 59.02 3.12 56.29
CA ASP M 133 60.31 3.80 56.26
C ASP M 133 60.76 4.05 54.82
N ALA M 134 60.54 3.06 53.97
CA ALA M 134 60.92 3.17 52.56
C ALA M 134 59.99 4.12 51.82
N PHE M 135 58.72 4.13 52.20
CA PHE M 135 57.72 4.99 51.58
C PHE M 135 58.03 6.46 51.85
N ALA M 136 58.70 6.72 52.97
CA ALA M 136 59.03 8.09 53.36
C ALA M 136 60.32 8.58 52.69
N ASP M 137 61.32 7.70 52.60
CA ASP M 137 62.60 8.05 52.01
C ASP M 137 62.65 7.74 50.51
N GLY M 138 61.57 7.17 49.99
CA GLY M 138 61.50 6.82 48.59
C GLY M 138 62.49 5.74 48.21
N ILE M 139 62.40 4.60 48.89
CA ILE M 139 63.32 3.50 48.66
C ILE M 139 62.62 2.36 47.90
N PRO M 140 63.20 1.97 46.76
CA PRO M 140 62.60 0.92 45.92
C PRO M 140 62.70 -0.46 46.54
N MET M 141 61.55 -1.07 46.82
CA MET M 141 61.52 -2.43 47.34
C MET M 141 60.19 -3.12 47.06
N VAL M 142 60.23 -4.42 46.83
CA VAL M 142 59.04 -5.20 46.58
C VAL M 142 58.83 -6.23 47.68
N VAL M 143 57.69 -6.17 48.35
CA VAL M 143 57.41 -7.05 49.48
C VAL M 143 56.42 -8.14 49.10
N PHE M 144 56.87 -9.39 49.20
CA PHE M 144 56.01 -10.54 48.92
C PHE M 144 55.55 -11.18 50.22
N THR M 145 54.27 -11.02 50.53
CA THR M 145 53.71 -11.63 51.74
C THR M 145 52.78 -12.77 51.38
N GLY M 146 52.89 -13.87 52.12
CA GLY M 146 51.98 -14.99 51.95
C GLY M 146 50.58 -14.60 52.42
N GLN M 147 49.61 -15.47 52.18
CA GLN M 147 48.24 -15.22 52.62
C GLN M 147 47.46 -16.51 52.68
N VAL M 148 46.48 -16.56 53.58
CA VAL M 148 45.58 -17.70 53.68
C VAL M 148 44.91 -17.96 52.33
N PRO M 149 44.56 -19.23 52.05
CA PRO M 149 43.88 -19.57 50.79
C PRO M 149 42.68 -18.69 50.52
N THR M 150 42.38 -18.45 49.23
CA THR M 150 41.29 -17.57 48.84
C THR M 150 39.94 -18.07 49.33
N SER M 151 39.87 -19.35 49.68
CA SER M 151 38.64 -19.96 50.18
C SER M 151 38.45 -19.72 51.67
N ALA M 152 39.41 -19.02 52.29
CA ALA M 152 39.36 -18.75 53.72
C ALA M 152 39.44 -17.26 54.01
N ILE M 153 39.63 -16.46 52.96
CA ILE M 153 39.78 -15.02 53.12
C ILE M 153 38.46 -14.36 53.51
N GLY M 154 38.43 -13.77 54.70
CA GLY M 154 37.25 -13.07 55.19
C GLY M 154 36.48 -13.86 56.22
N THR M 155 37.15 -14.80 56.87
CA THR M 155 36.54 -15.62 57.90
C THR M 155 37.35 -15.61 59.18
N ASP M 156 38.21 -14.61 59.32
CA ASP M 156 39.14 -14.49 60.45
C ASP M 156 39.97 -15.77 60.59
N ALA M 157 40.55 -16.20 59.48
CA ALA M 157 41.30 -17.46 59.44
C ALA M 157 42.61 -17.38 60.22
N PHE M 158 43.33 -18.50 60.26
CA PHE M 158 44.59 -18.58 60.97
C PHE M 158 45.67 -17.75 60.29
N GLN M 159 46.22 -16.79 61.03
CA GLN M 159 47.26 -15.88 60.54
C GLN M 159 46.79 -15.08 59.32
N GLU M 160 45.51 -14.71 59.32
CA GLU M 160 44.97 -13.86 58.26
C GLU M 160 44.98 -12.40 58.70
N ALA M 161 45.37 -11.51 57.80
CA ALA M 161 45.36 -10.08 58.06
C ALA M 161 45.16 -9.31 56.77
N ASP M 162 44.42 -8.20 56.84
CA ASP M 162 44.19 -7.37 55.67
C ASP M 162 45.46 -6.59 55.32
N VAL M 163 46.46 -7.31 54.82
CA VAL M 163 47.77 -6.73 54.53
C VAL M 163 47.66 -5.62 53.48
N VAL M 164 46.81 -5.82 52.49
CA VAL M 164 46.58 -4.82 51.46
C VAL M 164 46.01 -3.54 52.06
N GLY M 165 44.99 -3.69 52.90
CA GLY M 165 44.37 -2.55 53.56
C GLY M 165 45.32 -1.85 54.53
N ILE M 166 46.14 -2.64 55.21
CA ILE M 166 47.11 -2.09 56.16
C ILE M 166 48.22 -1.31 55.46
N SER M 167 48.85 -1.95 54.48
CA SER M 167 49.99 -1.37 53.79
C SER M 167 49.57 -0.41 52.68
N ARG M 168 48.27 -0.19 52.55
CA ARG M 168 47.73 0.69 51.51
C ARG M 168 48.26 2.12 51.65
N SER M 169 48.44 2.56 52.89
CA SER M 169 48.84 3.94 53.15
C SER M 169 50.36 4.13 53.05
N CYS M 170 51.11 3.06 53.28
CA CYS M 170 52.56 3.15 53.30
C CYS M 170 53.22 2.39 52.14
N THR M 171 52.47 2.20 51.05
CA THR M 171 53.04 1.62 49.84
C THR M 171 52.61 2.41 48.61
N LYS M 172 53.43 2.36 47.57
CA LYS M 172 53.15 3.04 46.31
C LYS M 172 51.98 2.37 45.62
N TRP M 173 51.87 1.05 45.80
CA TRP M 173 50.78 0.25 45.25
C TRP M 173 50.85 -1.18 45.80
N ASN M 174 49.69 -1.79 46.01
CA ASN M 174 49.63 -3.17 46.44
C ASN M 174 48.54 -3.96 45.72
N VAL M 175 48.64 -5.29 45.76
CA VAL M 175 47.69 -6.15 45.07
C VAL M 175 47.66 -7.55 45.67
N MET M 176 46.51 -8.21 45.56
CA MET M 176 46.40 -9.61 45.97
C MET M 176 46.18 -10.50 44.76
N VAL M 177 47.20 -11.29 44.41
CA VAL M 177 47.13 -12.19 43.28
C VAL M 177 46.11 -13.30 43.53
N LYS M 178 44.96 -13.22 42.88
CA LYS M 178 43.88 -14.18 43.11
C LYS M 178 43.91 -15.34 42.13
N SER M 179 44.86 -15.34 41.21
CA SER M 179 45.00 -16.43 40.25
C SER M 179 46.42 -16.50 39.70
N VAL M 180 46.86 -17.72 39.41
CA VAL M 180 48.21 -17.96 38.90
C VAL M 180 48.42 -17.28 37.54
N GLU M 181 47.32 -17.07 36.83
CA GLU M 181 47.36 -16.43 35.52
C GLU M 181 47.86 -14.98 35.61
N GLU M 182 47.62 -14.36 36.76
CA GLU M 182 47.97 -12.96 36.96
C GLU M 182 49.31 -12.77 37.65
N LEU M 183 49.88 -13.87 38.15
CA LEU M 183 51.10 -13.80 38.96
C LEU M 183 52.30 -13.14 38.26
N PRO M 184 52.62 -13.54 37.02
CA PRO M 184 53.75 -12.84 36.39
C PRO M 184 53.42 -11.40 36.05
N LEU M 185 52.14 -11.10 35.84
CA LEU M 185 51.70 -9.75 35.53
C LEU M 185 51.84 -8.83 36.74
N ARG M 186 51.45 -9.33 37.91
CA ARG M 186 51.49 -8.52 39.13
C ARG M 186 52.92 -8.31 39.62
N ILE M 187 53.79 -9.29 39.38
CA ILE M 187 55.20 -9.16 39.74
C ILE M 187 55.87 -8.13 38.85
N ASN M 188 55.58 -8.18 37.56
CA ASN M 188 56.08 -7.18 36.61
C ASN M 188 55.57 -5.79 36.95
N GLU M 189 54.29 -5.70 37.29
CA GLU M 189 53.69 -4.43 37.68
C GLU M 189 54.33 -3.89 38.95
N ALA M 190 54.66 -4.79 39.87
CA ALA M 190 55.24 -4.40 41.15
C ALA M 190 56.60 -3.75 40.98
N PHE M 191 57.49 -4.44 40.25
CA PHE M 191 58.86 -3.96 40.06
C PHE M 191 58.92 -2.69 39.24
N GLU M 192 58.02 -2.56 38.26
CA GLU M 192 57.96 -1.35 37.44
C GLU M 192 57.57 -0.15 38.27
N ILE M 193 56.46 -0.27 39.00
CA ILE M 193 55.96 0.80 39.85
C ILE M 193 56.97 1.16 40.95
N ALA M 194 57.65 0.15 41.48
CA ALA M 194 58.61 0.36 42.55
C ALA M 194 59.83 1.15 42.10
N THR M 195 60.05 1.22 40.79
CA THR M 195 61.20 1.93 40.24
C THR M 195 60.79 3.08 39.31
N SER M 196 59.49 3.19 39.04
CA SER M 196 59.00 4.25 38.17
C SER M 196 58.86 5.57 38.92
N GLY M 197 59.24 6.66 38.27
CA GLY M 197 59.19 7.97 38.88
C GLY M 197 60.04 8.03 40.13
N ARG M 198 59.42 8.46 41.23
CA ARG M 198 60.08 8.40 42.53
C ARG M 198 59.96 6.99 43.09
N PRO M 199 61.10 6.30 43.28
CA PRO M 199 61.13 4.93 43.77
C PRO M 199 60.39 4.77 45.10
N GLY M 200 59.84 3.59 45.35
CA GLY M 200 59.10 3.35 46.57
C GLY M 200 58.81 1.88 46.79
N PRO M 201 58.08 1.55 47.86
CA PRO M 201 57.74 0.17 48.22
C PRO M 201 56.40 -0.28 47.66
N VAL M 202 56.35 -1.52 47.16
CA VAL M 202 55.10 -2.12 46.73
C VAL M 202 54.93 -3.48 47.38
N LEU M 203 53.69 -3.90 47.59
CA LEU M 203 53.42 -5.17 48.25
C LEU M 203 52.57 -6.09 47.40
N VAL M 204 53.06 -7.31 47.19
CA VAL M 204 52.31 -8.32 46.45
C VAL M 204 51.86 -9.44 47.38
N ASP M 205 50.56 -9.48 47.66
CA ASP M 205 50.01 -10.49 48.55
C ASP M 205 49.80 -11.80 47.79
N LEU M 206 50.34 -12.89 48.34
CA LEU M 206 50.30 -14.18 47.67
C LEU M 206 49.57 -15.24 48.49
N PRO M 207 48.30 -15.51 48.15
CA PRO M 207 47.54 -16.60 48.76
C PRO M 207 48.22 -17.96 48.56
N LYS M 208 48.05 -18.86 49.52
CA LYS M 208 48.71 -20.17 49.46
C LYS M 208 48.24 -20.99 48.26
N ASP M 209 46.94 -21.02 48.03
CA ASP M 209 46.36 -21.83 46.97
C ASP M 209 46.81 -21.35 45.59
N VAL M 210 47.09 -20.05 45.47
CA VAL M 210 47.55 -19.47 44.22
C VAL M 210 48.97 -19.91 43.91
N THR M 211 49.85 -19.82 44.91
CA THR M 211 51.26 -20.18 44.73
C THR M 211 51.46 -21.69 44.65
N ALA M 212 50.45 -22.45 45.08
CA ALA M 212 50.53 -23.90 45.06
C ALA M 212 49.90 -24.49 43.81
N ALA M 213 49.01 -23.73 43.19
CA ALA M 213 48.33 -24.18 41.97
C ALA M 213 49.28 -24.18 40.78
N ILE M 214 48.89 -24.88 39.72
CA ILE M 214 49.74 -25.00 38.54
C ILE M 214 49.13 -24.27 37.34
N LEU M 215 49.94 -23.46 36.67
CA LEU M 215 49.51 -22.74 35.48
C LEU M 215 49.33 -23.69 34.30
N ARG M 216 48.21 -23.57 33.61
CA ARG M 216 47.89 -24.48 32.50
C ARG M 216 47.48 -23.72 31.24
N ASN M 217 47.59 -22.40 31.27
CA ASN M 217 47.14 -21.57 30.15
C ASN M 217 48.15 -20.48 29.79
N PRO M 218 48.12 -20.02 28.54
CA PRO M 218 48.90 -18.84 28.12
C PRO M 218 48.54 -17.61 28.96
N ILE M 219 49.50 -16.71 29.15
CA ILE M 219 49.32 -15.60 30.06
C ILE M 219 49.82 -14.26 29.51
N PRO M 220 49.19 -13.15 29.93
CA PRO M 220 49.69 -11.81 29.63
C PRO M 220 50.80 -11.39 30.59
N THR M 221 51.74 -10.57 30.12
CA THR M 221 52.85 -10.13 30.95
C THR M 221 53.05 -8.61 30.88
N LYS M 222 52.50 -7.99 29.84
CA LYS M 222 52.59 -6.54 29.69
C LYS M 222 51.73 -5.84 30.73
N THR M 223 52.26 -4.77 31.31
CA THR M 223 51.66 -4.15 32.49
C THR M 223 50.47 -3.22 32.18
N THR M 224 50.53 -2.55 31.03
CA THR M 224 49.53 -1.57 30.57
C THR M 224 48.82 -0.79 31.69
N LEU M 225 49.61 -0.19 32.58
CA LEU M 225 49.07 0.57 33.70
C LEU M 225 48.65 1.98 33.26
N PRO M 226 47.56 2.50 33.85
CA PRO M 226 46.92 3.78 33.50
C PRO M 226 47.84 4.99 33.35
N SER M 227 48.88 5.06 34.18
CA SER M 227 49.78 6.21 34.15
C SER M 227 50.54 6.31 32.83
N ASN M 228 50.78 5.17 32.20
CA ASN M 228 51.50 5.14 30.93
C ASN M 228 50.58 5.37 29.73
N ALA M 229 49.28 5.43 29.99
CA ALA M 229 48.30 5.63 28.93
C ALA M 229 48.34 7.06 28.40
N LEU M 230 48.97 7.96 29.15
CA LEU M 230 49.14 9.34 28.73
C LEU M 230 50.37 9.45 27.82
N ASN M 231 50.24 8.95 26.60
CA ASN M 231 51.35 8.93 25.66
C ASN M 231 50.99 9.56 24.32
N GLN M 232 51.82 9.30 23.31
CA GLN M 232 51.61 9.78 21.94
C GLN M 232 51.45 11.29 21.88
N LEU M 233 50.25 11.75 21.56
CA LEU M 233 49.96 13.18 21.44
C LEU M 233 50.11 13.90 22.78
N THR M 234 49.68 13.24 23.86
CA THR M 234 49.74 13.82 25.18
C THR M 234 51.15 13.76 25.76
N SER M 235 52.03 13.03 25.09
CA SER M 235 53.42 12.89 25.53
C SER M 235 54.23 14.13 25.19
N ARG M 236 54.37 14.42 23.90
CA ARG M 236 55.17 15.56 23.46
C ARG M 236 54.45 16.88 23.70
N ALA M 237 53.20 16.80 24.14
CA ALA M 237 52.46 18.00 24.54
C ALA M 237 53.05 18.55 25.83
N GLN M 238 53.62 17.65 26.63
CA GLN M 238 54.27 18.04 27.88
C GLN M 238 55.74 18.37 27.64
N ASP M 239 56.32 17.77 26.60
CA ASP M 239 57.72 17.98 26.26
C ASP M 239 57.99 19.43 25.89
N GLU M 240 56.99 20.09 25.30
CA GLU M 240 57.12 21.51 24.97
C GLU M 240 56.73 22.39 26.16
N PHE M 241 56.48 21.74 27.29
CA PHE M 241 56.22 22.46 28.53
C PHE M 241 57.42 22.38 29.46
N VAL M 242 58.07 21.22 29.47
CA VAL M 242 59.25 21.02 30.30
C VAL M 242 60.47 21.69 29.67
N MET M 243 60.53 21.70 28.34
CA MET M 243 61.63 22.31 27.62
C MET M 243 61.60 23.82 27.76
N GLN M 244 60.38 24.37 27.79
CA GLN M 244 60.21 25.81 28.00
C GLN M 244 60.56 26.20 29.42
N SER M 245 60.27 25.30 30.37
CA SER M 245 60.60 25.55 31.76
C SER M 245 62.11 25.49 31.96
N ILE M 246 62.79 24.70 31.13
CA ILE M 246 64.25 24.62 31.16
C ILE M 246 64.85 25.93 30.65
N ASN M 247 64.29 26.45 29.57
CA ASN M 247 64.73 27.72 29.01
C ASN M 247 64.55 28.86 30.01
N LYS M 248 63.39 28.91 30.65
CA LYS M 248 63.09 29.94 31.63
C LYS M 248 63.98 29.81 32.86
N ALA M 249 64.34 28.56 33.19
CA ALA M 249 65.21 28.30 34.33
C ALA M 249 66.63 28.77 34.06
N ALA M 250 67.12 28.48 32.85
CA ALA M 250 68.47 28.87 32.46
C ALA M 250 68.59 30.40 32.39
N ASP M 251 67.52 31.06 31.99
CA ASP M 251 67.50 32.51 31.90
C ASP M 251 67.39 33.15 33.28
N LEU M 252 67.01 32.36 34.27
CA LEU M 252 66.85 32.86 35.63
C LEU M 252 68.10 32.64 36.46
N ILE M 253 68.88 31.62 36.09
CA ILE M 253 70.13 31.32 36.77
C ILE M 253 71.24 32.24 36.29
N ASN M 254 71.23 32.55 35.00
CA ASN M 254 72.20 33.47 34.42
C ASN M 254 72.00 34.90 34.95
N LEU M 255 70.79 35.16 35.45
CA LEU M 255 70.48 36.47 36.02
C LEU M 255 70.67 36.46 37.53
N ALA M 256 70.88 35.27 38.10
CA ALA M 256 71.08 35.13 39.53
C ALA M 256 72.42 35.71 39.96
N LYS M 257 72.40 36.54 40.99
CA LYS M 257 73.61 37.15 41.51
C LYS M 257 74.12 36.41 42.73
N LYS M 258 73.21 35.79 43.46
CA LYS M 258 73.55 35.00 44.64
C LYS M 258 72.82 33.66 44.64
N PRO M 259 73.16 32.77 43.69
CA PRO M 259 72.44 31.51 43.52
C PRO M 259 72.88 30.43 44.51
N VAL M 260 71.96 29.55 44.88
CA VAL M 260 72.27 28.44 45.79
C VAL M 260 71.60 27.16 45.31
N LEU M 261 72.40 26.12 45.12
CA LEU M 261 71.90 24.82 44.69
C LEU M 261 71.38 24.00 45.87
N TYR M 262 70.06 23.87 45.95
CA TYR M 262 69.41 23.08 46.99
C TYR M 262 69.21 21.64 46.50
N VAL M 263 70.16 20.78 46.81
CA VAL M 263 70.19 19.42 46.27
C VAL M 263 69.65 18.39 47.26
N GLY M 264 68.78 17.52 46.79
CA GLY M 264 68.20 16.48 47.62
C GLY M 264 68.61 15.08 47.19
N ALA M 265 67.85 14.09 47.65
CA ALA M 265 68.19 12.69 47.38
C ALA M 265 67.86 12.29 45.94
N GLY M 266 67.11 13.13 45.25
CA GLY M 266 66.66 12.83 43.90
C GLY M 266 67.79 12.69 42.90
N ILE M 267 68.88 13.41 43.12
CA ILE M 267 70.02 13.39 42.21
C ILE M 267 70.80 12.08 42.33
N LEU M 268 70.59 11.37 43.43
CA LEU M 268 71.29 10.11 43.68
C LEU M 268 70.60 8.93 43.02
N ASN M 269 69.35 9.14 42.57
CA ASN M 269 68.60 8.08 41.92
C ASN M 269 68.95 7.95 40.44
N HIS M 270 70.22 8.19 40.12
CA HIS M 270 70.72 8.08 38.75
C HIS M 270 72.25 8.06 38.76
N ALA M 271 72.83 7.34 37.81
CA ALA M 271 74.28 7.16 37.77
C ALA M 271 75.01 8.48 37.54
N ASP M 272 74.61 9.21 36.51
CA ASP M 272 75.28 10.47 36.16
C ASP M 272 74.70 11.65 36.94
N GLY M 273 74.21 11.38 38.14
CA GLY M 273 73.65 12.41 38.99
C GLY M 273 74.67 13.42 39.49
N PRO M 274 75.54 13.00 40.42
CA PRO M 274 76.61 13.84 40.99
C PRO M 274 77.52 14.44 39.93
N ARG M 275 77.68 13.75 38.80
CA ARG M 275 78.52 14.22 37.71
C ARG M 275 77.99 15.51 37.11
N LEU M 276 76.72 15.50 36.70
CA LEU M 276 76.09 16.67 36.10
C LEU M 276 75.89 17.77 37.12
N LEU M 277 75.74 17.39 38.39
CA LEU M 277 75.60 18.36 39.46
C LEU M 277 76.89 19.15 39.63
N LYS M 278 78.02 18.44 39.69
CA LYS M 278 79.32 19.07 39.81
C LYS M 278 79.64 19.91 38.59
N GLU M 279 79.30 19.39 37.41
CA GLU M 279 79.55 20.08 36.16
C GLU M 279 78.78 21.40 36.09
N LEU M 280 77.55 21.38 36.59
CA LEU M 280 76.74 22.60 36.67
C LEU M 280 77.30 23.52 37.75
N SER M 281 77.81 22.92 38.82
CA SER M 281 78.38 23.68 39.93
C SER M 281 79.70 24.33 39.54
N ASP M 282 80.39 23.73 38.58
CA ASP M 282 81.67 24.26 38.11
C ASP M 282 81.47 25.26 36.97
N ARG M 283 80.40 25.08 36.22
CA ARG M 283 80.13 25.93 35.07
C ARG M 283 79.66 27.33 35.48
N ALA M 284 78.68 27.37 36.37
CA ALA M 284 78.09 28.64 36.79
C ALA M 284 78.57 29.08 38.17
N GLN M 285 79.46 28.29 38.76
CA GLN M 285 80.01 28.57 40.09
C GLN M 285 78.91 28.78 41.12
N ILE M 286 78.08 27.77 41.30
CA ILE M 286 76.97 27.84 42.26
C ILE M 286 77.25 26.95 43.46
N PRO M 287 77.22 27.53 44.68
CA PRO M 287 77.45 26.79 45.91
C PRO M 287 76.40 25.70 46.14
N VAL M 288 76.85 24.49 46.41
CA VAL M 288 75.96 23.34 46.55
C VAL M 288 75.75 22.95 48.01
N THR M 289 74.49 22.94 48.44
CA THR M 289 74.12 22.45 49.76
C THR M 289 73.16 21.29 49.62
N THR M 290 73.27 20.31 50.52
CA THR M 290 72.47 19.10 50.42
C THR M 290 71.69 18.79 51.69
N THR M 291 70.66 17.96 51.56
CA THR M 291 69.89 17.51 52.70
C THR M 291 70.56 16.30 53.35
N LEU M 292 69.89 15.72 54.34
CA LEU M 292 70.44 14.55 55.03
C LEU M 292 70.55 13.36 54.09
N GLN M 293 69.52 13.14 53.28
CA GLN M 293 69.50 12.03 52.35
C GLN M 293 70.18 12.37 51.03
N GLY M 294 70.71 13.59 50.95
CA GLY M 294 71.40 14.03 49.76
C GLY M 294 72.91 14.08 49.94
N LEU M 295 73.35 13.70 51.14
CA LEU M 295 74.78 13.70 51.46
C LEU M 295 75.54 12.66 50.64
N GLY M 296 76.67 13.07 50.08
CA GLY M 296 77.48 12.19 49.27
C GLY M 296 77.37 12.52 47.80
N SER M 297 76.32 13.25 47.43
CA SER M 297 76.09 13.63 46.04
C SER M 297 77.05 14.72 45.58
N PHE M 298 77.67 15.39 46.54
CA PHE M 298 78.61 16.46 46.22
C PHE M 298 79.84 16.40 47.14
N ASP M 299 81.00 16.69 46.57
CA ASP M 299 82.26 16.65 47.32
C ASP M 299 82.28 17.76 48.36
N GLN M 300 82.39 17.38 49.63
CA GLN M 300 82.40 18.35 50.72
C GLN M 300 83.77 19.01 50.89
N GLU M 301 84.77 18.48 50.20
CA GLU M 301 86.11 19.08 50.22
C GLU M 301 86.25 20.11 49.12
N ASP M 302 85.19 20.27 48.32
CA ASP M 302 85.14 21.29 47.29
C ASP M 302 84.81 22.64 47.92
N PRO M 303 85.49 23.71 47.48
CA PRO M 303 85.30 25.06 48.01
C PRO M 303 83.86 25.56 47.93
N LYS M 304 83.07 25.02 46.99
CA LYS M 304 81.70 25.46 46.80
C LYS M 304 80.71 24.70 47.67
N SER M 305 81.20 23.74 48.45
CA SER M 305 80.34 22.95 49.33
C SER M 305 79.85 23.78 50.51
N LEU M 306 78.61 23.55 50.91
CA LEU M 306 78.02 24.25 52.04
C LEU M 306 77.57 23.27 53.13
N ASP M 307 78.02 22.03 53.00
CA ASP M 307 77.63 20.95 53.92
C ASP M 307 76.11 20.79 54.01
N MET M 308 75.62 20.38 55.17
CA MET M 308 74.21 20.03 55.31
C MET M 308 73.30 21.23 55.56
N LEU M 309 72.10 21.17 55.01
CA LEU M 309 71.09 22.21 55.17
C LEU M 309 70.00 21.71 56.12
N GLY M 310 69.46 22.61 56.95
CA GLY M 310 68.29 22.27 57.73
C GLY M 310 68.37 22.61 59.21
N MET M 311 67.62 21.87 60.01
CA MET M 311 67.53 22.07 61.44
C MET M 311 68.90 21.95 62.12
N HIS M 312 69.52 20.79 61.97
CA HIS M 312 70.84 20.56 62.53
C HIS M 312 71.92 20.70 61.47
N GLY M 313 71.59 21.38 60.38
CA GLY M 313 72.56 21.69 59.35
C GLY M 313 73.47 22.81 59.82
N CYS M 314 74.56 23.03 59.11
CA CYS M 314 75.52 24.06 59.49
C CYS M 314 74.90 25.45 59.29
N ALA M 315 75.41 26.43 60.03
CA ALA M 315 74.87 27.78 59.98
C ALA M 315 75.15 28.46 58.65
N THR M 316 76.24 28.07 57.99
CA THR M 316 76.62 28.66 56.73
C THR M 316 75.62 28.35 55.62
N ALA M 317 75.18 27.09 55.57
CA ALA M 317 74.22 26.66 54.56
C ALA M 317 72.88 27.36 54.75
N ASN M 318 72.44 27.46 56.00
CA ASN M 318 71.17 28.12 56.31
C ASN M 318 71.19 29.60 55.95
N LEU M 319 72.26 30.29 56.32
CA LEU M 319 72.40 31.71 56.01
C LEU M 319 72.51 31.93 54.50
N ALA M 320 73.11 30.98 53.80
CA ALA M 320 73.26 31.06 52.36
C ALA M 320 71.91 31.00 51.66
N VAL M 321 70.98 30.24 52.24
CA VAL M 321 69.65 30.08 51.68
C VAL M 321 68.79 31.31 51.97
N GLN M 322 68.85 31.80 53.20
CA GLN M 322 68.04 32.94 53.63
C GLN M 322 68.50 34.25 52.98
N ASN M 323 69.61 34.20 52.26
CA ASN M 323 70.13 35.39 51.59
C ASN M 323 70.23 35.20 50.08
N ALA M 324 69.91 34.00 49.61
CA ALA M 324 69.97 33.71 48.18
C ALA M 324 68.84 34.39 47.44
N ASP M 325 69.13 34.88 46.23
CA ASP M 325 68.12 35.50 45.40
C ASP M 325 67.47 34.46 44.48
N LEU M 326 68.10 33.29 44.43
CA LEU M 326 67.57 32.18 43.63
C LEU M 326 67.91 30.83 44.26
N ILE M 327 66.91 29.98 44.40
CA ILE M 327 67.10 28.63 44.92
C ILE M 327 66.84 27.59 43.85
N ILE M 328 67.82 26.72 43.61
CA ILE M 328 67.69 25.68 42.60
C ILE M 328 67.46 24.33 43.25
N ALA M 329 66.20 24.02 43.55
CA ALA M 329 65.85 22.76 44.18
C ALA M 329 66.02 21.60 43.21
N VAL M 330 66.97 20.72 43.53
CA VAL M 330 67.24 19.56 42.68
C VAL M 330 67.03 18.25 43.45
N GLY M 331 65.86 17.64 43.25
CA GLY M 331 65.56 16.36 43.86
C GLY M 331 65.28 16.43 45.36
N ALA M 332 64.68 17.52 45.79
CA ALA M 332 64.32 17.70 47.20
C ALA M 332 62.86 18.11 47.34
N ARG M 333 62.28 17.85 48.51
CA ARG M 333 60.85 18.07 48.70
C ARG M 333 60.51 19.07 49.80
N PHE M 334 61.52 19.83 50.24
CA PHE M 334 61.34 20.86 51.27
C PHE M 334 60.73 20.28 52.55
N ASP M 335 61.46 19.37 53.19
CA ASP M 335 60.99 18.72 54.40
C ASP M 335 60.91 19.71 55.57
N ASP M 336 60.18 19.33 56.62
CA ASP M 336 60.02 20.16 57.80
C ASP M 336 61.35 20.40 58.52
N ARG M 337 62.23 19.40 58.44
CA ARG M 337 63.54 19.50 59.08
C ARG M 337 64.50 20.32 58.24
N VAL M 338 64.04 20.75 57.08
CA VAL M 338 64.85 21.53 56.15
C VAL M 338 64.44 22.99 56.10
N THR M 339 63.15 23.22 55.87
CA THR M 339 62.63 24.58 55.72
C THR M 339 62.60 25.34 57.04
N GLY M 340 62.55 24.62 58.15
CA GLY M 340 62.42 25.24 59.46
C GLY M 340 61.07 25.93 59.57
N ASN M 341 61.09 27.25 59.64
CA ASN M 341 59.85 28.02 59.60
C ASN M 341 59.48 28.29 58.15
N ILE M 342 58.34 27.75 57.73
CA ILE M 342 57.90 27.82 56.34
C ILE M 342 57.65 29.27 55.91
N SER M 343 57.16 30.10 56.83
CA SER M 343 56.83 31.48 56.52
C SER M 343 58.06 32.37 56.59
N LYS M 344 59.20 31.80 56.97
CA LYS M 344 60.45 32.53 57.04
C LYS M 344 61.49 31.92 56.12
N PHE M 345 61.15 30.78 55.52
CA PHE M 345 62.08 30.05 54.65
C PHE M 345 62.49 30.86 53.43
N ALA M 346 63.73 31.34 53.45
CA ALA M 346 64.32 32.09 52.33
C ALA M 346 63.47 33.29 51.91
N PRO M 347 63.66 34.42 52.58
CA PRO M 347 62.91 35.65 52.25
C PRO M 347 63.52 36.39 51.06
N GLU M 348 64.84 36.31 50.90
CA GLU M 348 65.52 36.97 49.78
C GLU M 348 65.19 36.28 48.46
N ALA M 349 64.82 35.01 48.53
CA ALA M 349 64.49 34.25 47.33
C ALA M 349 63.15 34.68 46.76
N ARG M 350 62.13 34.76 47.61
CA ARG M 350 60.79 35.13 47.17
C ARG M 350 60.67 36.61 46.88
N ARG M 351 61.54 37.41 47.48
CA ARG M 351 61.55 38.84 47.22
C ARG M 351 62.08 39.11 45.81
N ALA M 352 63.03 38.27 45.39
CA ALA M 352 63.60 38.37 44.04
C ALA M 352 62.58 37.96 42.99
N ALA M 353 61.70 37.03 43.36
CA ALA M 353 60.66 36.55 42.46
C ALA M 353 59.61 37.64 42.25
N ALA M 354 59.43 38.48 43.26
CA ALA M 354 58.48 39.59 43.18
C ALA M 354 59.07 40.75 42.38
N GLU M 355 60.38 40.69 42.17
CA GLU M 355 61.08 41.72 41.41
C GLU M 355 61.60 41.17 40.09
N GLY M 356 61.51 39.85 39.93
CA GLY M 356 61.93 39.20 38.71
C GLY M 356 63.42 38.89 38.67
N ARG M 357 64.09 39.04 39.80
CA ARG M 357 65.52 38.78 39.88
C ARG M 357 65.80 37.28 39.93
N GLY M 358 64.98 36.55 40.66
CA GLY M 358 65.15 35.11 40.80
C GLY M 358 63.91 34.42 41.31
N GLY M 359 64.06 33.60 42.34
CA GLY M 359 62.95 32.86 42.91
C GLY M 359 63.36 31.45 43.31
N ILE M 360 62.53 30.47 42.94
CA ILE M 360 62.80 29.08 43.25
C ILE M 360 62.56 28.18 42.04
N ILE M 361 63.59 27.44 41.64
CA ILE M 361 63.48 26.51 40.53
C ILE M 361 63.46 25.07 41.06
N HIS M 362 62.41 24.33 40.74
CA HIS M 362 62.24 22.98 41.28
C HIS M 362 62.36 21.90 40.20
N PHE M 363 63.22 20.92 40.46
CA PHE M 363 63.37 19.78 39.57
C PHE M 363 62.80 18.51 40.19
N GLU M 364 61.49 18.32 40.03
CA GLU M 364 60.81 17.18 40.62
C GLU M 364 60.40 16.15 39.57
N VAL M 365 60.24 14.90 40.00
CA VAL M 365 59.79 13.84 39.10
C VAL M 365 58.29 13.61 39.27
N SER M 366 57.80 13.82 40.49
CA SER M 366 56.37 13.67 40.77
C SER M 366 55.75 15.03 41.09
N PRO M 367 54.77 15.46 40.27
CA PRO M 367 54.13 16.77 40.35
C PRO M 367 53.48 17.06 41.71
N LYS M 368 53.13 16.02 42.46
CA LYS M 368 52.46 16.21 43.75
C LYS M 368 53.39 16.84 44.79
N ASN M 369 54.70 16.79 44.52
CA ASN M 369 55.68 17.42 45.40
C ASN M 369 56.11 18.78 44.88
N ILE M 370 55.35 19.31 43.91
CA ILE M 370 55.60 20.64 43.39
C ILE M 370 54.52 21.60 43.88
N ASN M 371 54.93 22.78 44.34
CA ASN M 371 54.02 23.75 44.93
C ASN M 371 53.24 23.17 46.10
N LYS M 372 53.83 22.20 46.78
CA LYS M 372 53.19 21.51 47.88
C LYS M 372 53.53 22.17 49.21
N VAL M 373 54.79 22.51 49.39
CA VAL M 373 55.25 23.14 50.62
C VAL M 373 55.58 24.61 50.40
N VAL M 374 56.35 24.88 49.34
CA VAL M 374 56.70 26.26 49.00
C VAL M 374 56.17 26.61 47.60
N GLN M 375 56.05 27.90 47.33
CA GLN M 375 55.58 28.35 46.03
C GLN M 375 56.74 28.37 45.02
N THR M 376 56.54 27.69 43.90
CA THR M 376 57.58 27.60 42.88
C THR M 376 57.25 28.49 41.68
N GLN M 377 58.23 29.27 41.25
CA GLN M 377 58.05 30.15 40.09
C GLN M 377 58.27 29.39 38.78
N ILE M 378 59.32 28.59 38.75
CA ILE M 378 59.63 27.77 37.58
C ILE M 378 59.85 26.31 37.98
N ALA M 379 58.97 25.43 37.49
CA ALA M 379 59.06 24.02 37.83
C ALA M 379 59.45 23.18 36.61
N VAL M 380 60.45 22.32 36.80
CA VAL M 380 60.90 21.43 35.73
C VAL M 380 60.61 19.98 36.08
N GLU M 381 59.50 19.46 35.55
CA GLU M 381 59.08 18.10 35.85
C GLU M 381 59.99 17.06 35.18
N GLY M 382 59.84 15.81 35.61
CA GLY M 382 60.65 14.72 35.06
C GLY M 382 61.89 14.44 35.89
N ASP M 383 62.75 13.58 35.36
CA ASP M 383 64.01 13.25 36.04
C ASP M 383 64.91 14.49 36.10
N ALA M 384 65.37 14.82 37.30
CA ALA M 384 66.15 16.03 37.53
C ALA M 384 67.45 16.03 36.74
N THR M 385 68.23 14.96 36.89
CA THR M 385 69.53 14.86 36.25
C THR M 385 69.40 14.78 34.73
N THR M 386 68.32 14.21 34.24
CA THR M 386 68.05 14.15 32.81
C THR M 386 67.81 15.56 32.27
N ASN M 387 67.07 16.35 33.03
CA ASN M 387 66.79 17.73 32.65
C ASN M 387 68.01 18.62 32.79
N LEU M 388 68.91 18.25 33.69
CA LEU M 388 70.16 19.01 33.88
C LEU M 388 71.10 18.82 32.69
N GLY M 389 71.07 17.63 32.11
CA GLY M 389 71.88 17.34 30.94
C GLY M 389 71.36 18.05 29.71
N LYS M 390 70.11 18.50 29.78
CA LYS M 390 69.49 19.23 28.68
C LYS M 390 69.32 20.71 29.04
N MET M 391 70.32 21.26 29.72
CA MET M 391 70.21 22.63 30.22
C MET M 391 71.55 23.38 30.26
N MET M 392 72.63 22.65 30.56
CA MET M 392 73.94 23.28 30.73
C MET M 392 74.43 23.98 29.47
N SER M 393 73.94 23.55 28.31
CA SER M 393 74.28 24.21 27.05
C SER M 393 73.66 25.59 26.99
N LYS M 394 72.66 25.83 27.84
CA LYS M 394 71.98 27.11 27.90
C LYS M 394 72.45 27.92 29.11
N ILE M 395 73.36 27.34 29.87
CA ILE M 395 73.90 28.00 31.06
C ILE M 395 75.20 28.75 30.74
N PHE M 396 75.17 30.07 30.88
CA PHE M 396 76.34 30.89 30.62
C PHE M 396 77.38 30.70 31.72
N PRO M 397 78.60 30.29 31.33
CA PRO M 397 79.71 30.05 32.26
C PRO M 397 80.06 31.28 33.11
N VAL M 398 80.24 31.07 34.40
CA VAL M 398 80.62 32.15 35.32
C VAL M 398 82.01 31.90 35.87
N LYS M 399 82.85 32.94 35.88
CA LYS M 399 84.23 32.81 36.34
C LYS M 399 84.34 32.91 37.85
N GLU M 400 83.79 33.97 38.42
CA GLU M 400 83.87 34.18 39.87
C GLU M 400 82.77 35.10 40.40
N ARG M 401 82.08 34.64 41.44
CA ARG M 401 81.11 35.46 42.14
C ARG M 401 81.75 36.00 43.42
N SER M 402 82.45 37.12 43.28
CA SER M 402 83.28 37.67 44.36
C SER M 402 82.50 37.96 45.64
N GLU M 403 81.57 38.90 45.57
CA GLU M 403 80.83 39.36 46.75
C GLU M 403 80.11 38.22 47.46
N TRP M 404 79.59 37.28 46.67
CA TRP M 404 78.80 36.19 47.22
C TRP M 404 79.66 35.17 47.97
N PHE M 405 80.72 34.68 47.31
CA PHE M 405 81.59 33.69 47.91
C PHE M 405 82.40 34.27 49.06
N ALA M 406 82.65 35.57 49.04
CA ALA M 406 83.40 36.24 50.09
C ALA M 406 82.59 36.25 51.39
N GLN M 407 81.28 36.41 51.26
CA GLN M 407 80.40 36.42 52.42
C GLN M 407 80.14 35.00 52.91
N ILE M 408 80.16 34.05 51.98
CA ILE M 408 79.98 32.64 52.32
C ILE M 408 81.17 32.12 53.12
N ASN M 409 82.36 32.35 52.61
CA ASN M 409 83.59 31.93 53.30
C ASN M 409 83.72 32.60 54.66
N LYS M 410 83.17 33.81 54.77
CA LYS M 410 83.13 34.52 56.04
C LYS M 410 82.31 33.73 57.05
N TRP M 411 81.19 33.18 56.57
CA TRP M 411 80.31 32.38 57.42
C TRP M 411 80.94 31.02 57.76
N LYS M 412 81.76 30.51 56.85
CA LYS M 412 82.44 29.23 57.07
C LYS M 412 83.54 29.36 58.12
N LYS M 413 83.95 30.60 58.38
CA LYS M 413 84.99 30.87 59.37
C LYS M 413 84.40 31.48 60.64
N GLU M 414 83.22 32.07 60.52
CA GLU M 414 82.55 32.69 61.65
C GLU M 414 81.60 31.72 62.34
N TYR M 415 80.96 30.86 61.54
CA TYR M 415 80.01 29.89 62.06
C TYR M 415 80.37 28.46 61.66
N PRO M 416 81.39 27.88 62.29
CA PRO M 416 81.77 26.50 61.99
C PRO M 416 81.10 25.50 62.94
N TYR M 417 81.27 24.21 62.67
CA TYR M 417 80.75 23.19 63.58
C TYR M 417 81.50 23.22 64.90
N ALA M 418 80.97 23.96 65.86
CA ALA M 418 81.62 24.12 67.15
C ALA M 418 80.98 23.23 68.21
N TYR M 419 81.81 22.68 69.09
CA TYR M 419 81.35 21.85 70.19
C TYR M 419 82.39 21.81 71.29
N MET M 420 81.99 21.40 72.49
CA MET M 420 82.91 21.26 73.61
C MET M 420 83.90 20.12 73.36
N GLU M 421 85.11 20.48 72.95
CA GLU M 421 86.15 19.50 72.67
C GLU M 421 86.67 18.87 73.96
N GLU M 422 87.52 17.86 73.81
CA GLU M 422 88.05 17.12 74.95
C GLU M 422 88.83 18.00 75.92
N THR M 423 88.96 17.51 77.15
CA THR M 423 89.66 18.23 78.21
C THR M 423 90.48 17.22 79.02
N PRO M 424 91.76 17.56 79.28
CA PRO M 424 92.63 16.68 80.08
C PRO M 424 92.01 16.28 81.41
N GLY M 425 91.25 15.19 81.39
CA GLY M 425 90.54 14.71 82.57
C GLY M 425 89.09 14.43 82.27
N SER M 426 88.62 14.90 81.12
CA SER M 426 87.22 14.74 80.73
C SER M 426 86.98 13.40 80.03
N LYS M 427 85.72 13.13 79.72
CA LYS M 427 85.34 11.90 79.03
C LYS M 427 85.21 12.18 77.53
N ILE M 428 85.26 11.12 76.74
CA ILE M 428 85.23 11.23 75.28
C ILE M 428 83.99 11.95 74.76
N LYS M 429 84.18 12.89 73.84
CA LYS M 429 83.08 13.60 73.21
C LYS M 429 82.64 12.89 71.94
N PRO M 430 81.32 12.78 71.73
CA PRO M 430 80.74 12.07 70.59
C PRO M 430 81.12 12.68 69.24
N GLN M 431 81.18 14.00 69.16
CA GLN M 431 81.55 14.67 67.91
C GLN M 431 82.98 14.33 67.51
N THR M 432 83.82 14.12 68.51
CA THR M 432 85.22 13.77 68.27
C THR M 432 85.36 12.41 67.62
N VAL M 433 84.62 11.43 68.14
CA VAL M 433 84.66 10.06 67.65
C VAL M 433 84.34 9.99 66.15
N ILE M 434 83.38 10.80 65.72
CA ILE M 434 83.02 10.88 64.31
C ILE M 434 84.18 11.39 63.47
N LYS M 435 84.82 12.46 63.94
CA LYS M 435 85.99 13.02 63.27
C LYS M 435 87.15 12.05 63.30
N LYS M 436 87.32 11.37 64.43
CA LYS M 436 88.38 10.38 64.60
C LYS M 436 88.17 9.16 63.71
N LEU M 437 86.91 8.80 63.49
CA LEU M 437 86.58 7.62 62.69
C LEU M 437 86.61 7.93 61.20
N SER M 438 86.25 9.16 60.85
CA SER M 438 86.19 9.56 59.44
C SER M 438 87.56 9.53 58.78
N LYS M 439 88.60 9.78 59.56
CA LYS M 439 89.97 9.77 59.04
C LYS M 439 90.54 8.36 59.01
N VAL M 440 90.20 7.55 60.01
CA VAL M 440 90.70 6.18 60.10
C VAL M 440 90.16 5.34 58.95
N ALA M 441 88.86 5.46 58.69
CA ALA M 441 88.23 4.74 57.60
C ALA M 441 88.78 5.19 56.25
N ASN M 442 89.05 6.49 56.13
CA ASN M 442 89.60 7.05 54.91
C ASN M 442 91.06 6.67 54.71
N ASP M 443 91.72 6.29 55.80
CA ASP M 443 93.12 5.89 55.75
C ASP M 443 93.27 4.42 55.36
N THR M 444 92.16 3.80 54.92
CA THR M 444 92.18 2.42 54.48
C THR M 444 92.17 2.34 52.96
N GLY M 445 91.52 3.31 52.32
CA GLY M 445 91.41 3.34 50.88
C GLY M 445 90.24 2.51 50.39
N ARG M 446 89.48 1.96 51.33
CA ARG M 446 88.33 1.13 51.00
C ARG M 446 87.11 1.98 50.68
N HIS M 447 86.11 1.35 50.06
CA HIS M 447 84.84 2.01 49.81
C HIS M 447 84.03 2.02 51.11
N VAL M 448 83.88 3.19 51.71
CA VAL M 448 83.24 3.30 53.02
C VAL M 448 81.75 3.63 52.91
N ILE M 449 80.91 2.69 53.36
CA ILE M 449 79.48 2.92 53.45
C ILE M 449 79.09 3.08 54.91
N VAL M 450 78.31 4.12 55.21
CA VAL M 450 77.92 4.38 56.59
C VAL M 450 76.41 4.37 56.80
N THR M 451 75.95 3.48 57.67
CA THR M 451 74.56 3.47 58.09
C THR M 451 74.49 3.90 59.55
N THR M 452 73.38 4.51 59.94
CA THR M 452 73.21 4.99 61.31
C THR M 452 71.85 4.64 61.88
N GLY M 453 71.71 4.83 63.19
CA GLY M 453 70.42 4.71 63.84
C GLY M 453 69.72 6.04 63.78
N VAL M 454 68.94 6.36 64.81
CA VAL M 454 68.24 7.64 64.86
C VAL M 454 68.44 8.32 66.21
N GLY M 455 68.96 9.54 66.18
CA GLY M 455 69.21 10.30 67.40
C GLY M 455 70.32 11.31 67.23
N GLN M 456 70.95 11.68 68.35
CA GLN M 456 72.03 12.66 68.34
C GLN M 456 73.23 12.17 67.54
N HIS M 457 73.50 10.88 67.61
CA HIS M 457 74.62 10.27 66.89
C HIS M 457 74.41 10.36 65.38
N GLN M 458 73.16 10.28 64.97
CA GLN M 458 72.79 10.36 63.55
C GLN M 458 73.19 11.72 62.97
N MET M 459 72.88 12.78 63.71
CA MET M 459 73.19 14.14 63.28
C MET M 459 74.69 14.39 63.32
N TRP M 460 75.33 13.94 64.40
CA TRP M 460 76.76 14.12 64.57
C TRP M 460 77.56 13.39 63.48
N ALA M 461 77.01 12.27 63.01
CA ALA M 461 77.65 11.50 61.95
C ALA M 461 77.40 12.14 60.59
N ALA M 462 76.42 13.05 60.55
CA ALA M 462 76.07 13.73 59.31
C ALA M 462 76.82 15.06 59.17
N GLN M 463 77.38 15.52 60.27
CA GLN M 463 78.07 16.80 60.30
C GLN M 463 79.58 16.65 60.23
N HIS M 464 80.14 15.93 61.21
CA HIS M 464 81.58 15.86 61.38
C HIS M 464 82.24 14.80 60.49
N TRP M 465 81.41 14.05 59.76
CA TRP M 465 81.93 13.10 58.78
C TRP M 465 82.02 13.77 57.41
N THR M 466 83.16 13.63 56.75
CA THR M 466 83.35 14.25 55.44
C THR M 466 82.85 13.35 54.32
N TRP M 467 81.73 13.73 53.73
CA TRP M 467 81.12 12.95 52.66
C TRP M 467 81.64 13.39 51.29
N ARG M 468 82.00 12.43 50.45
CA ARG M 468 82.56 12.72 49.13
C ARG M 468 81.95 11.83 48.05
N ASN M 469 81.70 10.57 48.39
CA ASN M 469 81.21 9.60 47.42
C ASN M 469 79.70 9.34 47.56
N PRO M 470 79.01 9.23 46.41
CA PRO M 470 77.56 8.97 46.39
C PRO M 470 77.22 7.57 46.87
N HIS M 471 76.00 7.40 47.39
CA HIS M 471 75.52 6.11 47.89
C HIS M 471 76.44 5.54 48.97
N THR M 472 76.85 6.39 49.90
CA THR M 472 77.73 5.95 50.99
C THR M 472 77.12 6.26 52.36
N PHE M 473 76.12 7.15 52.37
CA PHE M 473 75.41 7.46 53.60
C PHE M 473 73.98 6.94 53.53
N ILE M 474 73.70 5.92 54.33
CA ILE M 474 72.38 5.28 54.32
C ILE M 474 71.71 5.39 55.69
N THR M 475 70.79 6.34 55.82
CA THR M 475 70.14 6.58 57.10
C THR M 475 68.65 6.84 56.94
N SER M 476 67.90 6.65 58.03
CA SER M 476 66.46 6.88 58.03
C SER M 476 66.12 8.29 58.51
N GLY M 477 65.69 9.14 57.58
CA GLY M 477 65.40 10.53 57.91
C GLY M 477 63.94 10.90 57.73
N GLY M 478 63.28 10.25 56.77
CA GLY M 478 61.89 10.52 56.50
C GLY M 478 61.01 10.08 57.66
N LEU M 479 61.10 8.80 58.02
CA LEU M 479 60.32 8.25 59.12
C LEU M 479 61.13 8.26 60.41
N GLY M 480 62.45 8.19 60.27
CA GLY M 480 63.34 8.20 61.42
C GLY M 480 63.14 6.99 62.32
N THR M 481 63.33 5.80 61.77
CA THR M 481 63.12 4.57 62.50
C THR M 481 64.37 4.11 63.25
N MET M 482 64.23 3.92 64.56
CA MET M 482 65.32 3.39 65.38
C MET M 482 65.52 1.91 65.09
N GLY M 483 66.75 1.44 65.24
CA GLY M 483 67.07 0.06 64.94
C GLY M 483 67.24 -0.15 63.46
N TYR M 484 67.52 0.95 62.75
CA TYR M 484 67.71 0.93 61.31
C TYR M 484 69.16 0.62 60.95
N GLY M 485 70.07 1.03 61.83
CA GLY M 485 71.50 0.94 61.57
C GLY M 485 72.03 -0.45 61.25
N LEU M 486 71.89 -1.38 62.20
CA LEU M 486 72.42 -2.74 62.04
C LEU M 486 71.85 -3.50 60.82
N PRO M 487 70.52 -3.56 60.67
CA PRO M 487 70.03 -4.34 59.53
C PRO M 487 70.37 -3.72 58.18
N ALA M 488 70.29 -2.39 58.08
CA ALA M 488 70.64 -1.71 56.84
C ALA M 488 72.13 -1.91 56.53
N ALA M 489 72.94 -2.00 57.58
CA ALA M 489 74.37 -2.25 57.41
C ALA M 489 74.60 -3.65 56.84
N ILE M 490 73.81 -4.61 57.30
CA ILE M 490 73.89 -5.98 56.79
C ILE M 490 73.51 -6.03 55.32
N GLY M 491 72.40 -5.38 54.98
CA GLY M 491 71.91 -5.37 53.61
C GLY M 491 72.85 -4.67 52.66
N ALA M 492 73.43 -3.55 53.12
CA ALA M 492 74.38 -2.80 52.31
C ALA M 492 75.64 -3.62 52.07
N GLN M 493 76.03 -4.41 53.07
CA GLN M 493 77.19 -5.27 52.96
C GLN M 493 76.96 -6.37 51.93
N VAL M 494 75.71 -6.80 51.82
CA VAL M 494 75.34 -7.82 50.84
C VAL M 494 75.45 -7.25 49.43
N ALA M 495 74.99 -6.01 49.26
CA ALA M 495 75.06 -5.33 47.97
C ALA M 495 76.51 -5.03 47.58
N LYS M 496 77.32 -4.68 48.57
CA LYS M 496 78.74 -4.39 48.35
C LYS M 496 79.61 -5.23 49.28
N PRO M 497 79.85 -6.50 48.91
CA PRO M 497 80.57 -7.48 49.75
C PRO M 497 81.97 -7.06 50.16
N GLU M 498 82.64 -6.25 49.34
CA GLU M 498 84.03 -5.88 49.61
C GLU M 498 84.17 -4.49 50.21
N SER M 499 83.08 -3.74 50.25
CA SER M 499 83.11 -2.40 50.82
C SER M 499 83.22 -2.45 52.34
N LEU M 500 83.56 -1.30 52.94
CA LEU M 500 83.63 -1.19 54.39
C LEU M 500 82.37 -0.53 54.93
N VAL M 501 81.45 -1.32 55.45
CA VAL M 501 80.20 -0.80 55.99
C VAL M 501 80.28 -0.59 57.49
N ILE M 502 80.23 0.66 57.91
CA ILE M 502 80.27 1.02 59.32
C ILE M 502 78.90 1.46 59.80
N ASP M 503 78.45 0.90 60.93
CA ASP M 503 77.18 1.31 61.51
C ASP M 503 77.39 2.21 62.72
N ILE M 504 77.32 3.51 62.49
CA ILE M 504 77.37 4.47 63.58
C ILE M 504 75.99 4.52 64.23
N ASP M 505 75.74 3.56 65.13
CA ASP M 505 74.44 3.41 65.75
C ASP M 505 74.42 3.98 67.16
N GLY M 506 73.22 4.28 67.66
CA GLY M 506 73.06 4.77 69.02
C GLY M 506 72.69 3.65 69.96
N ASP M 507 72.89 3.87 71.26
CA ASP M 507 72.65 2.84 72.26
C ASP M 507 71.17 2.44 72.32
N ALA M 508 70.29 3.42 72.39
CA ALA M 508 68.86 3.16 72.45
C ALA M 508 68.35 2.60 71.12
N SER M 509 68.91 3.10 70.03
CA SER M 509 68.53 2.65 68.70
C SER M 509 69.00 1.22 68.44
N PHE M 510 70.19 0.89 68.94
CA PHE M 510 70.74 -0.44 68.79
C PHE M 510 69.89 -1.47 69.54
N ASN M 511 69.30 -1.04 70.64
CA ASN M 511 68.45 -1.92 71.45
C ASN M 511 67.17 -2.32 70.73
N MET M 512 66.79 -1.57 69.71
CA MET M 512 65.59 -1.88 68.94
C MET M 512 65.74 -3.19 68.17
N THR M 513 66.82 -3.31 67.39
CA THR M 513 67.02 -4.47 66.54
C THR M 513 68.41 -5.08 66.70
N LEU M 514 68.82 -5.35 67.94
CA LEU M 514 70.12 -5.97 68.20
C LEU M 514 70.07 -7.48 67.96
N THR M 515 68.87 -7.99 67.73
CA THR M 515 68.68 -9.41 67.47
C THR M 515 69.30 -9.85 66.16
N GLU M 516 69.48 -8.89 65.25
CA GLU M 516 70.02 -9.19 63.92
C GLU M 516 71.54 -9.19 63.94
N LEU M 517 72.12 -9.11 65.13
CA LEU M 517 73.57 -9.16 65.27
C LEU M 517 74.07 -10.55 64.90
N SER M 518 73.25 -11.56 65.17
CA SER M 518 73.58 -12.94 64.81
C SER M 518 73.31 -13.18 63.33
N SER M 519 72.36 -12.42 62.77
CA SER M 519 72.02 -12.53 61.36
C SER M 519 73.20 -12.11 60.49
N ALA M 520 73.98 -11.15 60.98
CA ALA M 520 75.16 -10.68 60.26
C ALA M 520 76.21 -11.77 60.19
N VAL M 521 76.21 -12.66 61.17
CA VAL M 521 77.14 -13.77 61.21
C VAL M 521 76.74 -14.86 60.24
N GLN M 522 75.48 -15.27 60.30
CA GLN M 522 74.95 -16.31 59.42
C GLN M 522 75.00 -15.88 57.95
N ALA M 523 74.85 -14.58 57.71
CA ALA M 523 74.91 -14.04 56.36
C ALA M 523 76.35 -13.84 55.92
N GLY M 524 77.27 -13.86 56.86
CA GLY M 524 78.68 -13.68 56.57
C GLY M 524 79.01 -12.26 56.18
N THR M 525 78.32 -11.31 56.80
CA THR M 525 78.53 -9.90 56.51
C THR M 525 79.38 -9.25 57.60
N PRO M 526 80.65 -8.93 57.26
CA PRO M 526 81.61 -8.36 58.22
C PRO M 526 81.35 -6.90 58.51
N VAL M 527 80.19 -6.59 59.07
CA VAL M 527 79.82 -5.21 59.37
C VAL M 527 80.60 -4.66 60.56
N LYS M 528 80.77 -3.34 60.58
CA LYS M 528 81.47 -2.67 61.66
C LYS M 528 80.50 -1.85 62.50
N ILE M 529 80.09 -2.41 63.64
CA ILE M 529 79.11 -1.74 64.49
C ILE M 529 79.77 -0.79 65.47
N LEU M 530 79.34 0.47 65.44
CA LEU M 530 79.82 1.47 66.40
C LEU M 530 78.65 2.01 67.22
N ILE M 531 78.75 1.88 68.54
CA ILE M 531 77.70 2.35 69.43
C ILE M 531 78.17 3.50 70.31
N LEU M 532 77.77 4.71 69.96
CA LEU M 532 78.07 5.88 70.77
C LEU M 532 77.19 5.88 72.01
N ASN M 533 77.60 5.10 73.01
CA ASN M 533 76.79 4.88 74.20
C ASN M 533 76.83 6.06 75.18
N ASN M 534 75.69 6.72 75.33
CA ASN M 534 75.55 7.79 76.31
C ASN M 534 74.56 7.41 77.40
N GLU M 535 74.14 6.15 77.38
CA GLU M 535 73.22 5.59 78.37
C GLU M 535 71.94 6.40 78.50
N GLU M 536 71.45 6.90 77.38
CA GLU M 536 70.24 7.73 77.36
C GLU M 536 69.61 7.78 75.98
N GLN M 537 68.50 8.50 75.88
CA GLN M 537 67.89 8.79 74.59
C GLN M 537 68.17 10.25 74.23
N GLY M 538 69.45 10.52 73.97
CA GLY M 538 69.97 11.87 73.78
C GLY M 538 69.12 12.86 73.01
N MET M 539 68.58 12.43 71.88
CA MET M 539 67.80 13.32 71.03
C MET M 539 66.54 13.81 71.73
N VAL M 540 65.94 12.93 72.52
CA VAL M 540 64.74 13.29 73.27
C VAL M 540 65.10 14.14 74.48
N THR M 541 66.16 13.75 75.17
CA THR M 541 66.62 14.47 76.37
C THR M 541 67.04 15.90 76.01
N GLN M 542 67.53 16.07 74.78
CA GLN M 542 67.91 17.38 74.30
C GLN M 542 66.69 18.29 74.18
N TRP M 543 65.56 17.68 73.80
CA TRP M 543 64.31 18.42 73.66
C TRP M 543 63.63 18.63 75.01
N GLN M 544 64.08 17.88 76.02
CA GLN M 544 63.53 18.00 77.36
C GLN M 544 64.37 18.95 78.21
N SER M 545 65.66 19.03 77.90
CA SER M 545 66.56 19.92 78.61
C SER M 545 66.41 21.36 78.14
N LEU M 546 65.77 21.53 77.00
CA LEU M 546 65.64 22.85 76.38
C LEU M 546 64.22 23.41 76.48
N PHE M 547 63.23 22.55 76.28
CA PHE M 547 61.84 23.01 76.19
C PHE M 547 60.98 22.51 77.34
N TYR M 548 61.50 21.54 78.11
CA TYR M 548 60.74 20.97 79.20
C TYR M 548 61.50 21.02 80.52
N GLU M 549 62.45 21.95 80.60
CA GLU M 549 63.18 22.26 81.84
C GLU M 549 63.79 21.04 82.52
N HIS M 550 64.58 20.28 81.77
CA HIS M 550 65.35 19.15 82.31
C HIS M 550 64.47 18.11 83.01
N ARG M 551 63.27 17.90 82.49
CA ARG M 551 62.39 16.86 83.01
C ARG M 551 62.45 15.63 82.12
N TYR M 552 63.27 14.66 82.50
CA TYR M 552 63.48 13.47 81.68
C TYR M 552 62.48 12.38 82.02
N SER M 553 61.48 12.21 81.17
CA SER M 553 60.44 11.23 81.40
C SER M 553 60.69 9.94 80.62
N HIS M 554 61.19 8.93 81.33
CA HIS M 554 61.41 7.59 80.77
C HIS M 554 62.32 7.60 79.54
N THR M 555 63.30 8.49 79.56
CA THR M 555 64.23 8.61 78.44
C THR M 555 65.57 7.96 78.76
N HIS M 556 65.57 7.07 79.75
CA HIS M 556 66.77 6.35 80.13
C HIS M 556 66.50 4.85 80.22
N GLN M 557 66.99 4.11 79.23
CA GLN M 557 66.82 2.67 79.21
C GLN M 557 68.06 1.97 79.77
N LEU M 558 67.87 0.75 80.26
CA LEU M 558 68.99 -0.01 80.81
C LEU M 558 69.71 -0.79 79.72
N ASN M 559 70.80 -0.22 79.21
CA ASN M 559 71.60 -0.86 78.18
C ASN M 559 72.30 -2.11 78.71
N PRO M 560 72.40 -3.16 77.89
CA PRO M 560 73.06 -4.39 78.28
C PRO M 560 74.57 -4.31 78.06
N ASP M 561 75.29 -5.35 78.46
CA ASP M 561 76.73 -5.42 78.20
C ASP M 561 76.94 -5.74 76.73
N PHE M 562 77.13 -4.70 75.93
CA PHE M 562 77.22 -4.85 74.47
C PHE M 562 78.38 -5.74 74.05
N ILE M 563 79.45 -5.76 74.84
CA ILE M 563 80.59 -6.60 74.53
C ILE M 563 80.26 -8.07 74.74
N LYS M 564 79.67 -8.38 75.90
CA LYS M 564 79.22 -9.73 76.18
C LYS M 564 78.09 -10.11 75.23
N LEU M 565 77.32 -9.11 74.81
CA LEU M 565 76.22 -9.33 73.86
C LEU M 565 76.76 -9.73 72.50
N ALA M 566 77.78 -9.03 72.03
CA ALA M 566 78.37 -9.28 70.73
C ALA M 566 78.99 -10.68 70.67
N GLU M 567 79.69 -11.05 71.74
CA GLU M 567 80.32 -12.37 71.82
C GLU M 567 79.28 -13.48 71.90
N ALA M 568 78.15 -13.18 72.55
CA ALA M 568 77.06 -14.14 72.66
C ALA M 568 76.46 -14.45 71.30
N MET M 569 76.48 -13.45 70.42
CA MET M 569 75.97 -13.62 69.06
C MET M 569 77.02 -14.30 68.19
N GLY M 570 78.28 -14.02 68.46
CA GLY M 570 79.38 -14.61 67.71
C GLY M 570 80.30 -13.58 67.10
N LEU M 571 80.24 -12.34 67.61
CA LEU M 571 81.06 -11.26 67.08
C LEU M 571 82.22 -10.94 68.01
N LYS M 572 83.01 -9.94 67.63
CA LYS M 572 84.11 -9.47 68.44
C LYS M 572 83.69 -8.21 69.21
N GLY M 573 84.02 -8.16 70.49
CA GLY M 573 83.63 -7.05 71.33
C GLY M 573 84.78 -6.14 71.74
N LEU M 574 84.63 -4.85 71.44
CA LEU M 574 85.61 -3.85 71.84
C LEU M 574 84.94 -2.67 72.52
N ARG M 575 85.46 -2.27 73.68
CA ARG M 575 84.89 -1.14 74.42
C ARG M 575 85.94 -0.08 74.72
N VAL M 576 85.55 1.19 74.59
CA VAL M 576 86.44 2.30 74.89
C VAL M 576 85.88 3.19 75.99
N LYS M 577 86.46 3.07 77.19
CA LYS M 577 86.03 3.92 78.30
C LYS M 577 86.91 5.16 78.39
N LYS M 578 88.20 4.96 78.60
CA LYS M 578 89.13 6.08 78.73
C LYS M 578 89.35 6.79 77.39
N GLN M 579 89.80 8.04 77.47
CA GLN M 579 90.02 8.87 76.30
C GLN M 579 91.32 8.50 75.60
N GLU M 580 92.29 8.00 76.36
CA GLU M 580 93.61 7.67 75.82
C GLU M 580 93.55 6.49 74.85
N GLU M 581 92.70 5.52 75.14
CA GLU M 581 92.60 4.31 74.34
C GLU M 581 91.56 4.40 73.24
N LEU M 582 91.42 5.59 72.64
CA LEU M 582 90.45 5.80 71.58
C LEU M 582 91.03 5.47 70.21
N ASP M 583 92.18 6.08 69.90
CA ASP M 583 92.82 5.89 68.60
C ASP M 583 93.28 4.45 68.40
N ALA M 584 93.72 3.82 69.48
CA ALA M 584 94.26 2.46 69.41
C ALA M 584 93.15 1.42 69.19
N LYS M 585 91.91 1.84 69.38
CA LYS M 585 90.77 0.94 69.22
C LYS M 585 90.10 1.12 67.85
N LEU M 586 90.03 2.36 67.39
CA LEU M 586 89.42 2.66 66.10
C LEU M 586 90.20 2.02 64.95
N LYS M 587 91.52 1.96 65.11
CA LYS M 587 92.37 1.29 64.13
C LYS M 587 92.11 -0.21 64.12
N GLU M 588 91.97 -0.77 65.31
CA GLU M 588 91.66 -2.19 65.47
C GLU M 588 90.23 -2.48 65.00
N PHE M 589 89.35 -1.51 65.23
CA PHE M 589 87.94 -1.64 64.88
C PHE M 589 87.74 -1.82 63.37
N VAL M 590 88.59 -1.15 62.59
CA VAL M 590 88.49 -1.22 61.14
C VAL M 590 89.30 -2.39 60.57
N SER M 591 90.49 -2.59 61.12
CA SER M 591 91.40 -3.64 60.65
C SER M 591 90.90 -5.04 61.00
N THR M 592 89.87 -5.10 61.85
CA THR M 592 89.32 -6.38 62.29
C THR M 592 88.66 -7.15 61.15
N LYS M 593 89.11 -8.37 60.91
CA LYS M 593 88.48 -9.26 59.95
C LYS M 593 87.17 -9.80 60.51
N GLY M 594 86.12 -9.76 59.70
CA GLY M 594 84.81 -10.23 60.13
C GLY M 594 84.07 -9.17 60.91
N PRO M 595 82.85 -9.49 61.35
CA PRO M 595 82.00 -8.56 62.12
C PRO M 595 82.59 -8.23 63.48
N VAL M 596 82.40 -6.99 63.93
CA VAL M 596 82.93 -6.55 65.21
C VAL M 596 82.11 -5.39 65.78
N LEU M 597 81.86 -5.43 67.09
CA LEU M 597 81.11 -4.37 67.75
C LEU M 597 82.03 -3.50 68.60
N LEU M 598 81.89 -2.19 68.47
CA LEU M 598 82.69 -1.25 69.24
C LEU M 598 81.83 -0.29 70.04
N GLU M 599 81.86 -0.43 71.37
CA GLU M 599 81.13 0.48 72.24
C GLU M 599 82.05 1.60 72.73
N VAL M 600 81.63 2.85 72.51
CA VAL M 600 82.40 3.99 72.97
C VAL M 600 81.62 4.82 73.99
N GLU M 601 82.05 4.75 75.24
CA GLU M 601 81.42 5.50 76.31
C GLU M 601 81.65 7.00 76.13
N VAL M 602 80.63 7.71 75.67
CA VAL M 602 80.74 9.13 75.39
C VAL M 602 80.09 9.97 76.47
N ASP M 603 80.26 11.30 76.36
CA ASP M 603 79.69 12.23 77.31
C ASP M 603 78.17 12.25 77.21
N LYS M 604 77.50 12.71 78.25
CA LYS M 604 76.04 12.73 78.29
C LYS M 604 75.49 14.15 78.23
N LYS M 605 74.26 14.27 77.73
CA LYS M 605 73.55 15.54 77.63
C LYS M 605 74.31 16.59 76.82
N VAL M 606 75.01 16.14 75.78
CA VAL M 606 75.67 17.07 74.87
C VAL M 606 74.70 17.44 73.75
N PRO M 607 74.37 18.73 73.66
CA PRO M 607 73.37 19.21 72.69
C PRO M 607 73.88 19.21 71.25
N VAL M 608 73.02 18.82 70.32
CA VAL M 608 73.36 18.88 68.90
C VAL M 608 73.09 20.28 68.36
N LEU M 609 74.15 21.00 68.05
CA LEU M 609 74.05 22.38 67.59
C LEU M 609 74.75 22.57 66.25
N PRO M 610 74.26 23.49 65.40
CA PRO M 610 73.13 24.39 65.60
C PRO M 610 71.78 23.67 65.57
N MET M 611 70.73 24.36 66.02
CA MET M 611 69.39 23.77 66.07
C MET M 611 68.31 24.79 65.73
N VAL M 612 67.44 24.42 64.79
CA VAL M 612 66.33 25.28 64.40
C VAL M 612 65.00 24.62 64.75
N ALA M 613 64.39 25.09 65.83
CA ALA M 613 63.11 24.53 66.29
C ALA M 613 62.08 25.64 66.50
N GLY M 614 60.86 25.25 66.81
CA GLY M 614 59.78 26.19 67.04
C GLY M 614 59.47 27.01 65.80
N GLY M 615 59.11 28.28 66.01
CA GLY M 615 58.81 29.17 64.91
C GLY M 615 60.01 29.94 64.44
N SER M 616 61.19 29.37 64.62
CA SER M 616 62.44 30.02 64.23
C SER M 616 62.80 29.68 62.79
N GLY M 617 63.27 30.67 62.05
CA GLY M 617 63.73 30.46 60.69
C GLY M 617 65.10 29.83 60.67
N LEU M 618 65.63 29.58 59.47
CA LEU M 618 66.94 28.97 59.33
C LEU M 618 68.06 29.89 59.81
N ASP M 619 67.78 31.20 59.80
CA ASP M 619 68.76 32.18 60.25
C ASP M 619 68.60 32.48 61.73
N GLU M 620 67.51 31.99 62.32
CA GLU M 620 67.25 32.17 63.74
C GLU M 620 67.63 30.92 64.51
N PHE M 621 68.84 30.42 64.29
CA PHE M 621 69.32 29.19 64.90
C PHE M 621 69.96 29.43 66.25
N ILE M 622 70.12 28.37 67.03
CA ILE M 622 70.80 28.45 68.32
C ILE M 622 72.20 27.84 68.20
N ASN M 623 73.18 28.70 68.00
CA ASN M 623 74.56 28.25 67.79
C ASN M 623 75.21 27.80 69.10
N PHE M 624 76.33 27.10 68.99
CA PHE M 624 77.05 26.59 70.14
C PHE M 624 77.71 27.72 70.93
N ASP M 625 77.65 27.61 72.26
CA ASP M 625 78.26 28.59 73.14
C ASP M 625 78.71 27.91 74.43
N PRO M 626 80.03 27.89 74.68
CA PRO M 626 80.63 27.17 75.81
C PRO M 626 80.09 27.57 77.17
N GLU M 627 79.92 28.87 77.41
CA GLU M 627 79.46 29.33 78.72
C GLU M 627 78.01 28.92 78.99
N VAL M 628 77.23 28.76 77.92
CA VAL M 628 75.84 28.31 78.06
C VAL M 628 75.80 26.86 78.51
N GLU M 629 76.69 26.04 77.95
CA GLU M 629 76.75 24.63 78.30
C GLU M 629 77.16 24.43 79.75
N ARG M 630 78.00 25.32 80.25
CA ARG M 630 78.42 25.28 81.65
C ARG M 630 77.24 25.59 82.58
N GLN M 631 76.42 26.54 82.16
CA GLN M 631 75.24 26.94 82.93
C GLN M 631 74.19 25.84 82.93
N GLN M 632 74.00 25.21 81.78
CA GLN M 632 73.04 24.11 81.64
C GLN M 632 73.42 22.92 82.52
N THR M 633 74.72 22.71 82.68
CA THR M 633 75.23 21.60 83.47
C THR M 633 74.86 21.74 84.94
N GLU M 634 75.12 22.91 85.50
CA GLU M 634 74.79 23.20 86.89
C GLU M 634 73.28 23.21 87.11
N LEU M 635 72.55 23.73 86.13
CA LEU M 635 71.10 23.79 86.20
C LEU M 635 70.51 22.39 86.13
N ARG M 636 71.11 21.54 85.31
CA ARG M 636 70.67 20.15 85.17
C ARG M 636 70.94 19.37 86.45
N HIS M 637 72.15 19.55 87.00
CA HIS M 637 72.54 18.88 88.24
C HIS M 637 71.68 19.34 89.41
N LYS M 638 71.13 20.54 89.29
CA LYS M 638 70.27 21.10 90.33
C LYS M 638 68.84 20.56 90.21
N ARG M 639 68.30 20.56 89.00
CA ARG M 639 66.92 20.16 88.75
C ARG M 639 66.75 18.64 88.79
N THR M 640 67.85 17.90 88.69
CA THR M 640 67.79 16.45 88.71
C THR M 640 68.34 15.88 90.01
N GLY M 641 68.93 16.74 90.84
CA GLY M 641 69.47 16.32 92.12
C GLY M 641 70.70 15.45 92.00
N GLY M 642 71.61 15.82 91.11
CA GLY M 642 72.85 15.09 90.92
C GLY M 642 72.68 13.80 90.16
N LYS M 643 71.50 13.58 89.61
CA LYS M 643 71.22 12.38 88.84
C LYS M 643 71.67 12.52 87.39
N HIS M 644 71.61 13.74 86.87
CA HIS M 644 72.02 14.03 85.51
C HIS M 644 72.72 15.37 85.41
N MET N 42 27.84 20.79 81.06
CA MET N 42 29.06 20.08 80.67
C MET N 42 30.17 20.29 81.69
N ASP N 43 31.20 19.43 81.63
CA ASP N 43 32.26 19.42 82.62
C ASP N 43 33.16 20.66 82.52
N THR N 44 33.94 20.90 83.57
CA THR N 44 34.82 22.07 83.62
C THR N 44 36.01 21.81 84.54
N SER N 45 36.21 20.55 84.92
CA SER N 45 37.27 20.20 85.86
C SER N 45 38.63 20.06 85.17
N PHE N 46 38.65 20.28 83.86
CA PHE N 46 39.88 20.13 83.09
C PHE N 46 40.40 21.44 82.52
N VAL N 47 39.61 22.50 82.65
CA VAL N 47 39.96 23.79 82.06
C VAL N 47 41.21 24.37 82.72
N GLY N 48 42.08 24.96 81.90
CA GLY N 48 43.33 25.52 82.39
C GLY N 48 44.50 24.57 82.25
N LEU N 49 44.20 23.30 82.03
CA LEU N 49 45.23 22.27 81.87
C LEU N 49 45.60 22.07 80.41
N THR N 50 46.79 21.54 80.19
CA THR N 50 47.22 21.16 78.84
C THR N 50 46.63 19.80 78.49
N GLY N 51 46.68 19.45 77.21
CA GLY N 51 46.19 18.16 76.76
C GLY N 51 46.92 17.00 77.40
N GLY N 52 48.22 17.21 77.63
CA GLY N 52 49.04 16.19 78.28
C GLY N 52 48.60 15.94 79.71
N GLN N 53 48.36 17.01 80.46
CA GLN N 53 47.93 16.91 81.84
C GLN N 53 46.56 16.27 81.94
N ILE N 54 45.71 16.54 80.95
CA ILE N 54 44.38 15.94 80.89
C ILE N 54 44.49 14.43 80.70
N PHE N 55 45.41 14.01 79.85
CA PHE N 55 45.66 12.59 79.62
C PHE N 55 46.01 11.88 80.92
N ASN N 56 46.92 12.47 81.68
CA ASN N 56 47.36 11.91 82.96
C ASN N 56 46.19 11.76 83.92
N GLU N 57 45.33 12.77 83.98
CA GLU N 57 44.16 12.73 84.84
C GLU N 57 43.15 11.70 84.35
N MET N 58 43.06 11.53 83.04
CA MET N 58 42.13 10.58 82.43
C MET N 58 42.52 9.14 82.76
N MET N 59 43.80 8.90 82.95
CA MET N 59 44.28 7.56 83.28
C MET N 59 43.81 7.13 84.66
N SER N 60 43.73 8.08 85.58
CA SER N 60 43.27 7.80 86.94
C SER N 60 41.79 7.49 86.97
N ARG N 61 41.02 8.20 86.15
CA ARG N 61 39.57 8.02 86.09
C ARG N 61 39.21 6.70 85.40
N GLN N 62 40.12 6.19 84.58
CA GLN N 62 39.90 4.92 83.90
C GLN N 62 40.57 3.78 84.66
N ASN N 63 40.94 4.05 85.91
CA ASN N 63 41.56 3.06 86.80
C ASN N 63 42.82 2.43 86.22
N VAL N 64 43.55 3.21 85.42
CA VAL N 64 44.81 2.74 84.84
C VAL N 64 45.94 2.84 85.86
N ASP N 65 46.61 1.71 86.11
CA ASP N 65 47.68 1.68 87.10
C ASP N 65 49.04 1.43 86.46
N THR N 66 49.03 0.95 85.22
CA THR N 66 50.28 0.65 84.52
C THR N 66 50.20 1.07 83.05
N VAL N 67 51.22 1.79 82.59
CA VAL N 67 51.28 2.24 81.21
C VAL N 67 52.58 1.81 80.53
N PHE N 68 52.44 1.05 79.45
CA PHE N 68 53.58 0.65 78.63
C PHE N 68 53.76 1.64 77.49
N GLY N 69 55.00 2.01 77.19
CA GLY N 69 55.24 2.95 76.12
C GLY N 69 56.69 3.33 75.89
N TYR N 70 56.91 4.17 74.88
CA TYR N 70 58.24 4.63 74.52
C TYR N 70 58.17 6.07 74.04
N PRO N 71 59.04 6.94 74.60
CA PRO N 71 59.05 8.38 74.29
C PRO N 71 59.29 8.68 72.81
N GLY N 72 59.13 9.96 72.46
CA GLY N 72 59.29 10.41 71.09
C GLY N 72 58.93 11.87 70.94
N GLY N 73 59.22 12.44 69.78
CA GLY N 73 59.02 13.86 69.55
C GLY N 73 57.58 14.32 69.65
N ALA N 74 56.69 13.67 68.91
CA ALA N 74 55.28 14.08 68.85
C ALA N 74 54.54 13.79 70.16
N ILE N 75 55.09 12.87 70.95
CA ILE N 75 54.43 12.45 72.19
C ILE N 75 55.06 13.15 73.39
N LEU N 76 55.95 14.09 73.13
CA LEU N 76 56.62 14.86 74.19
C LEU N 76 55.69 15.60 75.15
N PRO N 77 54.64 16.29 74.64
CA PRO N 77 53.77 17.00 75.59
C PRO N 77 53.05 16.08 76.56
N VAL N 78 52.85 14.82 76.17
CA VAL N 78 52.18 13.85 77.02
C VAL N 78 53.13 13.33 78.10
N TYR N 79 54.38 13.10 77.72
CA TYR N 79 55.36 12.52 78.63
C TYR N 79 55.85 13.52 79.68
N ASP N 80 55.85 14.80 79.33
CA ASP N 80 56.27 15.83 80.28
C ASP N 80 55.24 15.97 81.41
N ALA N 81 54.00 15.57 81.12
CA ALA N 81 52.91 15.68 82.09
C ALA N 81 52.85 14.45 83.00
N ILE N 82 53.27 13.31 82.46
CA ILE N 82 53.25 12.08 83.24
C ILE N 82 54.60 11.82 83.89
N HIS N 83 55.45 12.85 83.91
CA HIS N 83 56.76 12.76 84.54
C HIS N 83 56.62 12.51 86.04
N ASN N 84 57.14 11.38 86.50
CA ASN N 84 57.04 10.97 87.89
C ASN N 84 55.58 10.96 88.37
N SER N 85 54.69 10.45 87.52
CA SER N 85 53.28 10.40 87.84
C SER N 85 52.99 9.47 89.01
N ASP N 86 52.22 9.96 89.97
CA ASP N 86 51.87 9.19 91.16
C ASP N 86 50.68 8.27 90.89
N LYS N 87 49.90 8.62 89.88
CA LYS N 87 48.66 7.90 89.58
C LYS N 87 48.91 6.51 88.99
N PHE N 88 49.98 6.37 88.22
CA PHE N 88 50.33 5.09 87.62
C PHE N 88 51.83 4.94 87.42
N ASN N 89 52.29 3.69 87.36
CA ASN N 89 53.69 3.42 87.09
C ASN N 89 53.92 3.17 85.60
N PHE N 90 55.16 3.30 85.16
CA PHE N 90 55.48 3.20 83.73
C PHE N 90 56.46 2.08 83.44
N VAL N 91 56.24 1.38 82.33
CA VAL N 91 57.12 0.31 81.90
C VAL N 91 57.77 0.67 80.55
N LEU N 92 59.09 0.69 80.52
CA LEU N 92 59.83 1.08 79.33
C LEU N 92 60.54 -0.11 78.68
N PRO N 93 60.05 -0.53 77.50
CA PRO N 93 60.67 -1.60 76.73
C PRO N 93 61.79 -1.06 75.84
N LYS N 94 62.41 -1.95 75.06
CA LYS N 94 63.46 -1.53 74.14
C LYS N 94 62.90 -1.37 72.73
N HIS N 95 61.70 -1.90 72.52
CA HIS N 95 61.03 -1.82 71.23
C HIS N 95 59.53 -1.65 71.46
N GLU N 96 58.89 -0.86 70.60
CA GLU N 96 57.46 -0.56 70.76
C GLU N 96 56.60 -1.83 70.67
N GLN N 97 57.03 -2.78 69.85
CA GLN N 97 56.32 -4.05 69.73
C GLN N 97 56.33 -4.77 71.07
N GLY N 98 57.41 -4.60 71.82
CA GLY N 98 57.52 -5.14 73.16
C GLY N 98 56.42 -4.57 74.04
N ALA N 99 56.26 -3.24 73.99
CA ALA N 99 55.22 -2.58 74.77
C ALA N 99 53.83 -3.08 74.40
N GLY N 100 53.67 -3.49 73.15
CA GLY N 100 52.41 -4.02 72.67
C GLY N 100 52.07 -5.35 73.30
N HIS N 101 53.02 -6.29 73.25
CA HIS N 101 52.80 -7.63 73.79
C HIS N 101 52.81 -7.61 75.32
N MET N 102 53.55 -6.67 75.91
CA MET N 102 53.53 -6.49 77.36
C MET N 102 52.14 -6.09 77.82
N ALA N 103 51.49 -5.25 77.02
CA ALA N 103 50.14 -4.80 77.32
C ALA N 103 49.14 -5.93 77.15
N GLU N 104 49.44 -6.85 76.23
CA GLU N 104 48.58 -7.99 75.99
C GLU N 104 48.63 -8.96 77.16
N GLY N 105 49.84 -9.30 77.60
CA GLY N 105 50.02 -10.18 78.75
C GLY N 105 49.45 -9.55 80.01
N TYR N 106 49.55 -8.23 80.10
CA TYR N 106 49.01 -7.50 81.24
C TYR N 106 47.49 -7.56 81.25
N ALA N 107 46.89 -7.50 80.07
CA ALA N 107 45.44 -7.48 79.95
C ALA N 107 44.81 -8.85 80.21
N ARG N 108 45.50 -9.90 79.78
CA ARG N 108 44.98 -11.26 79.91
C ARG N 108 45.21 -11.82 81.31
N ALA N 109 46.09 -11.18 82.07
CA ALA N 109 46.42 -11.65 83.41
C ALA N 109 45.62 -10.91 84.47
N SER N 110 45.24 -9.67 84.18
CA SER N 110 44.51 -8.85 85.14
C SER N 110 43.04 -8.70 84.76
N GLY N 111 42.79 -8.51 83.48
CA GLY N 111 41.44 -8.26 82.99
C GLY N 111 41.23 -6.77 82.77
N LYS N 112 42.31 -6.01 82.89
CA LYS N 112 42.26 -4.57 82.68
C LYS N 112 42.86 -4.20 81.33
N PRO N 113 42.32 -3.14 80.71
CA PRO N 113 42.83 -2.67 79.41
C PRO N 113 44.32 -2.32 79.43
N GLY N 114 45.09 -3.00 78.60
CA GLY N 114 46.51 -2.71 78.47
C GLY N 114 46.73 -1.39 77.75
N VAL N 115 47.30 -0.41 78.46
CA VAL N 115 47.49 0.91 77.89
C VAL N 115 48.86 1.07 77.24
N VAL N 116 48.86 1.44 75.97
CA VAL N 116 50.09 1.68 75.23
C VAL N 116 50.23 3.16 74.87
N LEU N 117 51.41 3.72 75.13
CA LEU N 117 51.66 5.12 74.86
C LEU N 117 52.96 5.31 74.06
N VAL N 118 52.85 5.25 72.74
CA VAL N 118 54.02 5.39 71.88
C VAL N 118 54.00 6.72 71.12
N THR N 119 55.02 6.95 70.32
CA THR N 119 55.13 8.20 69.56
C THR N 119 54.58 8.04 68.14
N SER N 120 54.79 9.06 67.33
CA SER N 120 54.32 9.05 65.94
C SER N 120 55.27 8.27 65.05
N GLY N 121 54.94 8.21 63.76
CA GLY N 121 55.79 7.57 62.77
C GLY N 121 56.10 6.11 63.05
N PRO N 122 57.39 5.80 63.22
CA PRO N 122 57.86 4.42 63.42
C PRO N 122 57.41 3.84 64.75
N GLY N 123 57.23 4.70 65.75
CA GLY N 123 56.80 4.26 67.07
C GLY N 123 55.39 3.70 67.06
N ALA N 124 54.59 4.14 66.09
CA ALA N 124 53.20 3.70 65.99
C ALA N 124 53.06 2.47 65.10
N THR N 125 53.91 2.38 64.09
CA THR N 125 53.85 1.27 63.14
C THR N 125 54.44 -0.01 63.73
N ASN N 126 55.18 0.12 64.82
CA ASN N 126 55.75 -1.04 65.49
C ASN N 126 54.73 -1.70 66.41
N VAL N 127 53.62 -1.02 66.65
CA VAL N 127 52.57 -1.54 67.52
C VAL N 127 51.47 -2.20 66.69
N VAL N 128 51.66 -2.22 65.38
CA VAL N 128 50.66 -2.80 64.48
C VAL N 128 50.51 -4.30 64.70
N THR N 129 51.64 -5.01 64.78
CA THR N 129 51.62 -6.45 64.96
C THR N 129 50.97 -6.89 66.29
N PRO N 130 51.32 -6.25 67.41
CA PRO N 130 50.60 -6.65 68.62
C PRO N 130 49.13 -6.20 68.61
N MET N 131 48.81 -5.14 67.88
CA MET N 131 47.43 -4.73 67.72
C MET N 131 46.65 -5.77 66.93
N ALA N 132 47.24 -6.24 65.83
CA ALA N 132 46.63 -7.27 65.01
C ALA N 132 46.51 -8.57 65.78
N ASP N 133 47.45 -8.81 66.68
CA ASP N 133 47.45 -10.02 67.51
C ASP N 133 46.31 -9.98 68.52
N ALA N 134 46.14 -8.82 69.16
CA ALA N 134 45.08 -8.65 70.14
C ALA N 134 43.71 -8.59 69.48
N PHE N 135 43.70 -8.21 68.20
CA PHE N 135 42.46 -8.09 67.44
C PHE N 135 41.91 -9.47 67.08
N ALA N 136 42.79 -10.47 67.08
CA ALA N 136 42.39 -11.83 66.74
C ALA N 136 42.01 -12.62 67.99
N ASP N 137 42.73 -12.38 69.09
CA ASP N 137 42.47 -13.09 70.34
C ASP N 137 41.49 -12.34 71.22
N GLY N 138 41.05 -11.16 70.75
CA GLY N 138 40.09 -10.36 71.49
C GLY N 138 40.62 -9.88 72.82
N ILE N 139 41.69 -9.09 72.78
CA ILE N 139 42.34 -8.61 74.00
C ILE N 139 42.16 -7.11 74.17
N PRO N 140 41.63 -6.69 75.32
CA PRO N 140 41.40 -5.27 75.61
C PRO N 140 42.71 -4.47 75.62
N MET N 141 42.78 -3.44 74.79
CA MET N 141 43.99 -2.64 74.66
C MET N 141 43.71 -1.26 74.06
N VAL N 142 44.19 -0.23 74.72
CA VAL N 142 44.03 1.13 74.22
C VAL N 142 45.39 1.74 73.87
N VAL N 143 45.68 1.80 72.59
CA VAL N 143 46.98 2.27 72.12
C VAL N 143 46.95 3.77 71.80
N PHE N 144 47.62 4.56 72.63
CA PHE N 144 47.72 6.00 72.40
C PHE N 144 48.96 6.34 71.60
N THR N 145 48.80 6.45 70.28
CA THR N 145 49.92 6.79 69.41
C THR N 145 50.04 8.31 69.27
N GLY N 146 51.28 8.80 69.32
CA GLY N 146 51.54 10.21 69.11
C GLY N 146 51.31 10.57 67.66
N GLN N 147 51.24 11.88 67.38
CA GLN N 147 51.00 12.33 66.02
C GLN N 147 51.57 13.73 65.80
N VAL N 148 51.98 14.01 64.57
CA VAL N 148 52.50 15.32 64.20
C VAL N 148 51.41 16.38 64.39
N PRO N 149 51.81 17.65 64.62
CA PRO N 149 50.87 18.76 64.79
C PRO N 149 49.84 18.83 63.66
N THR N 150 48.62 19.24 63.98
CA THR N 150 47.52 19.27 63.03
C THR N 150 47.81 20.16 61.82
N SER N 151 48.73 21.10 61.99
CA SER N 151 49.10 21.99 60.90
C SER N 151 50.15 21.35 59.99
N ALA N 152 50.36 20.04 60.14
CA ALA N 152 51.37 19.34 59.37
C ALA N 152 50.80 18.11 58.66
N ILE N 153 49.58 17.70 59.02
CA ILE N 153 48.94 16.55 58.41
C ILE N 153 48.70 16.77 56.92
N GLY N 154 49.16 15.83 56.10
CA GLY N 154 48.96 15.91 54.67
C GLY N 154 50.09 16.62 53.94
N THR N 155 51.22 16.75 54.61
CA THR N 155 52.39 17.39 54.03
C THR N 155 53.58 16.45 54.01
N ASP N 156 53.31 15.16 54.21
CA ASP N 156 54.35 14.13 54.32
C ASP N 156 55.35 14.53 55.39
N ALA N 157 54.83 14.92 56.55
CA ALA N 157 55.63 15.50 57.61
C ALA N 157 56.64 14.52 58.20
N PHE N 158 57.56 15.06 59.00
CA PHE N 158 58.55 14.26 59.70
C PHE N 158 57.90 13.33 60.72
N GLN N 159 58.22 12.05 60.62
CA GLN N 159 57.64 11.01 61.47
C GLN N 159 56.11 11.03 61.40
N GLU N 160 55.58 11.18 60.19
CA GLU N 160 54.14 11.11 59.99
C GLU N 160 53.74 9.85 59.25
N ALA N 161 52.69 9.19 59.73
CA ALA N 161 52.14 8.03 59.06
C ALA N 161 50.63 8.00 59.26
N ASP N 162 49.91 7.45 58.29
CA ASP N 162 48.46 7.35 58.39
C ASP N 162 48.08 6.24 59.36
N VAL N 163 48.30 6.50 60.65
CA VAL N 163 48.10 5.50 61.69
C VAL N 163 46.63 5.10 61.79
N VAL N 164 45.74 6.06 61.56
CA VAL N 164 44.30 5.79 61.57
C VAL N 164 43.93 4.86 60.42
N GLY N 165 44.52 5.10 59.26
CA GLY N 165 44.26 4.29 58.08
C GLY N 165 44.89 2.91 58.18
N ILE N 166 46.14 2.86 58.62
CA ILE N 166 46.88 1.61 58.77
C ILE N 166 46.21 0.68 59.78
N SER N 167 45.91 1.21 60.97
CA SER N 167 45.38 0.42 62.06
C SER N 167 43.88 0.21 61.99
N ARG N 168 43.25 0.68 60.93
CA ARG N 168 41.80 0.56 60.77
C ARG N 168 41.36 -0.90 60.68
N SER N 169 42.23 -1.73 60.09
CA SER N 169 41.89 -3.12 59.85
C SER N 169 42.16 -4.02 61.05
N CYS N 170 43.01 -3.56 61.97
CA CYS N 170 43.42 -4.38 63.10
C CYS N 170 42.97 -3.77 64.43
N THR N 171 41.99 -2.88 64.39
CA THR N 171 41.42 -2.31 65.60
C THR N 171 39.90 -2.28 65.51
N LYS N 172 39.24 -2.42 66.65
CA LYS N 172 37.78 -2.34 66.71
C LYS N 172 37.32 -0.93 66.37
N TRP N 173 38.16 0.05 66.68
CA TRP N 173 37.85 1.46 66.43
C TRP N 173 39.10 2.32 66.65
N ASN N 174 39.28 3.30 65.76
CA ASN N 174 40.37 4.26 65.93
C ASN N 174 39.86 5.69 65.75
N VAL N 175 40.65 6.65 66.22
CA VAL N 175 40.24 8.05 66.16
C VAL N 175 41.44 8.98 66.30
N MET N 176 41.38 10.12 65.62
CA MET N 176 42.42 11.14 65.75
C MET N 176 41.84 12.40 66.36
N VAL N 177 42.22 12.69 67.60
CA VAL N 177 41.72 13.85 68.32
C VAL N 177 42.19 15.15 67.67
N LYS N 178 41.25 16.00 67.27
CA LYS N 178 41.56 17.22 66.55
C LYS N 178 41.57 18.46 67.45
N SER N 179 41.07 18.31 68.67
CA SER N 179 41.04 19.41 69.61
C SER N 179 41.08 18.91 71.04
N VAL N 180 41.67 19.70 71.94
CA VAL N 180 41.82 19.31 73.34
C VAL N 180 40.44 19.14 74.00
N GLU N 181 39.43 19.76 73.42
CA GLU N 181 38.06 19.62 73.91
C GLU N 181 37.51 18.22 73.63
N GLU N 182 38.02 17.58 72.58
CA GLU N 182 37.60 16.24 72.21
C GLU N 182 38.33 15.16 73.01
N LEU N 183 39.44 15.54 73.62
CA LEU N 183 40.35 14.56 74.24
C LEU N 183 39.71 13.71 75.35
N PRO N 184 39.04 14.33 76.34
CA PRO N 184 38.47 13.45 77.37
C PRO N 184 37.33 12.59 76.82
N LEU N 185 36.67 13.08 75.77
CA LEU N 185 35.57 12.34 75.15
C LEU N 185 36.06 11.09 74.43
N ARG N 186 37.11 11.26 73.61
CA ARG N 186 37.61 10.17 72.79
C ARG N 186 38.26 9.07 73.64
N ILE N 187 38.93 9.48 74.72
CA ILE N 187 39.54 8.52 75.63
C ILE N 187 38.49 7.64 76.29
N ASN N 188 37.39 8.27 76.71
CA ASN N 188 36.26 7.54 77.29
C ASN N 188 35.64 6.58 76.28
N GLU N 189 35.54 7.03 75.03
CA GLU N 189 35.04 6.17 73.96
C GLU N 189 35.97 5.00 73.71
N ALA N 190 37.28 5.28 73.68
CA ALA N 190 38.29 4.27 73.42
C ALA N 190 38.25 3.14 74.45
N PHE N 191 38.22 3.50 75.73
CA PHE N 191 38.21 2.51 76.80
C PHE N 191 36.90 1.73 76.84
N GLU N 192 35.79 2.38 76.55
CA GLU N 192 34.49 1.74 76.58
C GLU N 192 34.34 0.72 75.44
N ILE N 193 34.76 1.12 74.25
CA ILE N 193 34.67 0.25 73.08
C ILE N 193 35.61 -0.95 73.22
N ALA N 194 36.78 -0.72 73.80
CA ALA N 194 37.79 -1.77 73.94
C ALA N 194 37.36 -2.86 74.93
N THR N 195 36.34 -2.58 75.73
CA THR N 195 35.90 -3.52 76.75
C THR N 195 34.43 -3.94 76.58
N SER N 196 33.78 -3.40 75.56
CA SER N 196 32.37 -3.73 75.31
C SER N 196 32.25 -4.93 74.37
N GLY N 197 31.24 -5.75 74.61
CA GLY N 197 31.01 -6.95 73.81
C GLY N 197 32.20 -7.88 73.86
N ARG N 198 32.81 -8.11 72.70
CA ARG N 198 34.08 -8.82 72.64
C ARG N 198 35.21 -7.80 72.71
N PRO N 199 36.06 -7.90 73.75
CA PRO N 199 37.17 -6.98 73.95
C PRO N 199 38.12 -6.93 72.74
N GLY N 200 38.81 -5.82 72.57
CA GLY N 200 39.73 -5.67 71.46
C GLY N 200 40.54 -4.39 71.53
N PRO N 201 41.47 -4.22 70.58
CA PRO N 201 42.37 -3.06 70.53
C PRO N 201 41.72 -1.81 69.92
N VAL N 202 41.99 -0.66 70.52
CA VAL N 202 41.56 0.62 69.97
C VAL N 202 42.75 1.58 69.90
N LEU N 203 42.75 2.44 68.90
CA LEU N 203 43.87 3.37 68.70
C LEU N 203 43.41 4.82 68.81
N VAL N 204 44.22 5.65 69.47
CA VAL N 204 43.90 7.06 69.62
C VAL N 204 45.10 7.92 69.25
N ASP N 205 45.04 8.54 68.07
CA ASP N 205 46.09 9.44 67.62
C ASP N 205 46.07 10.74 68.42
N LEU N 206 47.21 11.10 69.00
CA LEU N 206 47.32 12.32 69.79
C LEU N 206 48.32 13.29 69.18
N PRO N 207 47.82 14.24 68.38
CA PRO N 207 48.67 15.27 67.77
C PRO N 207 49.39 16.10 68.83
N LYS N 208 50.58 16.61 68.49
CA LYS N 208 51.39 17.35 69.44
C LYS N 208 50.73 18.64 69.89
N ASP N 209 50.24 19.44 68.94
CA ASP N 209 49.62 20.71 69.25
C ASP N 209 48.35 20.53 70.08
N VAL N 210 47.74 19.35 69.97
CA VAL N 210 46.54 19.04 70.75
C VAL N 210 46.88 18.80 72.22
N THR N 211 47.88 17.96 72.46
CA THR N 211 48.25 17.59 73.82
C THR N 211 49.08 18.67 74.51
N ALA N 212 49.50 19.68 73.74
CA ALA N 212 50.30 20.77 74.29
C ALA N 212 49.48 22.03 74.51
N ALA N 213 48.26 22.04 73.96
CA ALA N 213 47.40 23.20 74.07
C ALA N 213 46.65 23.22 75.40
N ILE N 214 46.48 24.42 75.96
CA ILE N 214 45.75 24.59 77.21
C ILE N 214 44.25 24.71 76.95
N LEU N 215 43.48 23.86 77.62
CA LEU N 215 42.03 23.90 77.53
C LEU N 215 41.46 25.15 78.19
N ARG N 216 40.57 25.83 77.49
CA ARG N 216 40.01 27.09 78.00
C ARG N 216 38.48 27.14 77.84
N ASN N 217 37.85 25.96 77.75
CA ASN N 217 36.41 25.87 77.56
C ASN N 217 35.81 24.68 78.32
N PRO N 218 34.49 24.71 78.58
CA PRO N 218 33.79 23.57 79.16
C PRO N 218 33.89 22.31 78.30
N ILE N 219 33.58 21.15 78.88
CA ILE N 219 33.83 19.87 78.21
C ILE N 219 32.65 18.91 78.21
N PRO N 220 32.26 18.43 77.01
CA PRO N 220 31.35 17.29 76.88
C PRO N 220 32.11 15.98 77.11
N THR N 221 31.56 15.08 77.91
CA THR N 221 32.29 13.87 78.27
C THR N 221 31.48 12.59 78.07
N LYS N 222 30.16 12.72 77.89
CA LYS N 222 29.31 11.56 77.66
C LYS N 222 29.54 11.01 76.25
N THR N 223 29.69 9.70 76.15
CA THR N 223 30.13 9.05 74.93
C THR N 223 29.11 9.09 73.79
N THR N 224 27.86 8.73 74.11
CA THR N 224 26.79 8.63 73.12
C THR N 224 27.17 7.70 71.96
N LEU N 225 27.58 6.49 72.30
CA LEU N 225 28.01 5.51 71.32
C LEU N 225 26.83 4.97 70.52
N PRO N 226 26.77 5.29 69.22
CA PRO N 226 25.62 4.99 68.36
C PRO N 226 25.29 3.50 68.25
N SER N 227 26.32 2.65 68.16
CA SER N 227 26.10 1.22 67.96
C SER N 227 25.60 0.53 69.23
N ASN N 228 25.73 1.22 70.37
CA ASN N 228 25.26 0.65 71.64
C ASN N 228 24.18 1.50 72.30
N ALA N 229 23.89 2.67 71.72
CA ALA N 229 22.79 3.49 72.20
C ALA N 229 21.50 3.10 71.47
N LEU N 230 21.24 1.81 71.38
CA LEU N 230 20.06 1.30 70.71
C LEU N 230 18.80 1.66 71.49
N ASN N 231 17.68 1.71 70.77
CA ASN N 231 16.41 2.14 71.35
C ASN N 231 15.97 1.27 72.52
N GLN N 232 15.37 1.90 73.53
CA GLN N 232 14.98 1.22 74.76
C GLN N 232 13.84 0.22 74.55
N LEU N 233 12.92 0.57 73.66
CA LEU N 233 11.81 -0.33 73.35
C LEU N 233 12.30 -1.55 72.57
N THR N 234 13.43 -1.40 71.89
CA THR N 234 14.04 -2.50 71.17
C THR N 234 14.91 -3.33 72.12
N SER N 235 15.25 -2.75 73.26
CA SER N 235 15.99 -3.47 74.28
C SER N 235 15.06 -4.45 75.00
N ARG N 236 13.81 -4.03 75.19
CA ARG N 236 12.79 -4.91 75.75
C ARG N 236 12.53 -6.08 74.82
N ALA N 237 12.58 -5.81 73.52
CA ALA N 237 12.38 -6.83 72.51
C ALA N 237 13.55 -7.81 72.48
N GLN N 238 14.75 -7.29 72.69
CA GLN N 238 15.96 -8.12 72.71
C GLN N 238 16.00 -9.02 73.94
N ASP N 239 15.74 -8.44 75.10
CA ASP N 239 15.77 -9.19 76.36
C ASP N 239 14.74 -10.31 76.36
N GLU N 240 13.66 -10.12 75.63
CA GLU N 240 12.64 -11.16 75.48
C GLU N 240 13.08 -12.19 74.45
N PHE N 241 13.71 -11.70 73.38
CA PHE N 241 14.23 -12.57 72.32
C PHE N 241 15.32 -13.49 72.84
N VAL N 242 16.09 -13.00 73.80
CA VAL N 242 17.16 -13.79 74.41
C VAL N 242 16.59 -14.95 75.21
N MET N 243 15.60 -14.66 76.05
CA MET N 243 14.97 -15.67 76.89
C MET N 243 14.32 -16.78 76.06
N GLN N 244 13.73 -16.40 74.94
CA GLN N 244 13.09 -17.38 74.05
C GLN N 244 14.12 -18.34 73.46
N SER N 245 15.31 -17.83 73.21
CA SER N 245 16.40 -18.66 72.68
C SER N 245 16.98 -19.53 73.79
N ILE N 246 16.95 -19.02 75.02
CA ILE N 246 17.44 -19.78 76.17
C ILE N 246 16.50 -20.93 76.48
N ASN N 247 15.20 -20.67 76.44
CA ASN N 247 14.19 -21.70 76.68
C ASN N 247 14.29 -22.82 75.65
N LYS N 248 14.48 -22.44 74.38
CA LYS N 248 14.63 -23.41 73.31
C LYS N 248 15.93 -24.19 73.47
N ALA N 249 16.95 -23.51 74.00
CA ALA N 249 18.25 -24.14 74.22
C ALA N 249 18.16 -25.25 75.27
N ALA N 250 17.57 -24.92 76.41
CA ALA N 250 17.44 -25.88 77.50
C ALA N 250 16.56 -27.06 77.11
N ASP N 251 15.55 -26.80 76.28
CA ASP N 251 14.66 -27.85 75.79
C ASP N 251 15.38 -28.79 74.82
N LEU N 252 16.56 -28.39 74.37
CA LEU N 252 17.36 -29.21 73.49
C LEU N 252 18.53 -29.85 74.26
N ILE N 253 18.99 -29.15 75.29
CA ILE N 253 20.07 -29.65 76.13
C ILE N 253 19.60 -30.85 76.95
N ASN N 254 18.40 -30.74 77.52
CA ASN N 254 17.82 -31.82 78.31
C ASN N 254 17.49 -33.04 77.45
N LEU N 255 17.30 -32.82 76.16
CA LEU N 255 16.93 -33.88 75.23
C LEU N 255 18.15 -34.64 74.72
N ALA N 256 19.30 -33.95 74.69
CA ALA N 256 20.53 -34.53 74.16
C ALA N 256 21.02 -35.72 74.98
N LYS N 257 21.20 -36.86 74.32
CA LYS N 257 21.72 -38.06 74.96
C LYS N 257 23.23 -37.96 75.15
N LYS N 258 23.93 -37.55 74.10
CA LYS N 258 25.38 -37.42 74.13
C LYS N 258 25.81 -36.03 73.67
N PRO N 259 25.94 -35.09 74.63
CA PRO N 259 26.37 -33.73 74.36
C PRO N 259 27.85 -33.48 74.67
N VAL N 260 28.42 -32.44 74.08
CA VAL N 260 29.80 -32.04 74.34
C VAL N 260 29.88 -30.52 74.53
N LEU N 261 30.54 -30.09 75.60
CA LEU N 261 30.64 -28.68 75.91
C LEU N 261 31.87 -28.04 75.26
N TYR N 262 31.64 -27.31 74.17
CA TYR N 262 32.71 -26.64 73.44
C TYR N 262 32.95 -25.23 73.98
N VAL N 263 34.03 -25.09 74.74
CA VAL N 263 34.31 -23.84 75.46
C VAL N 263 35.54 -23.13 74.91
N GLY N 264 35.49 -21.80 74.87
CA GLY N 264 36.60 -21.00 74.41
C GLY N 264 37.02 -19.94 75.40
N ALA N 265 37.61 -18.86 74.88
CA ALA N 265 38.12 -17.78 75.74
C ALA N 265 37.00 -16.82 76.17
N GLY N 266 35.79 -17.06 75.66
CA GLY N 266 34.66 -16.21 75.98
C GLY N 266 34.22 -16.34 77.44
N ILE N 267 34.45 -17.50 78.02
CA ILE N 267 34.05 -17.76 79.40
C ILE N 267 35.05 -17.14 80.37
N LEU N 268 36.23 -16.79 79.87
CA LEU N 268 37.27 -16.21 80.70
C LEU N 268 37.14 -14.70 80.81
N ASN N 269 36.26 -14.11 80.02
CA ASN N 269 36.04 -12.67 80.06
C ASN N 269 34.98 -12.29 81.08
N HIS N 270 34.90 -13.08 82.15
CA HIS N 270 34.00 -12.80 83.28
C HIS N 270 34.49 -13.52 84.52
N ALA N 271 34.31 -12.90 85.68
CA ALA N 271 34.80 -13.46 86.94
C ALA N 271 34.16 -14.80 87.26
N ASP N 272 32.84 -14.86 87.16
CA ASP N 272 32.10 -16.08 87.49
C ASP N 272 32.01 -17.02 86.29
N GLY N 273 32.98 -16.91 85.37
CA GLY N 273 33.00 -17.73 84.18
C GLY N 273 33.17 -19.21 84.47
N PRO N 274 34.40 -19.61 84.81
CA PRO N 274 34.73 -21.01 85.14
C PRO N 274 33.90 -21.53 86.31
N ARG N 275 33.43 -20.63 87.16
CA ARG N 275 32.58 -20.99 88.29
C ARG N 275 31.25 -21.58 87.82
N LEU N 276 30.57 -20.85 86.94
CA LEU N 276 29.30 -21.30 86.39
C LEU N 276 29.51 -22.41 85.37
N LEU N 277 30.73 -22.50 84.85
CA LEU N 277 31.08 -23.55 83.89
C LEU N 277 31.13 -24.91 84.58
N LYS N 278 31.63 -24.93 85.81
CA LYS N 278 31.71 -26.16 86.59
C LYS N 278 30.32 -26.59 87.04
N GLU N 279 29.49 -25.61 87.38
CA GLU N 279 28.12 -25.87 87.81
C GLU N 279 27.31 -26.48 86.67
N LEU N 280 27.54 -25.97 85.46
CA LEU N 280 26.87 -26.50 84.28
C LEU N 280 27.36 -27.90 83.93
N SER N 281 28.64 -28.15 84.21
CA SER N 281 29.24 -29.44 83.88
C SER N 281 28.91 -30.51 84.91
N ASP N 282 28.57 -30.09 86.13
CA ASP N 282 28.24 -31.03 87.20
C ASP N 282 26.75 -31.33 87.26
N ARG N 283 25.93 -30.33 86.98
CA ARG N 283 24.49 -30.48 87.06
C ARG N 283 23.95 -31.34 85.91
N ALA N 284 24.45 -31.10 84.71
CA ALA N 284 24.00 -31.84 83.53
C ALA N 284 24.88 -33.04 83.25
N GLN N 285 25.99 -33.14 83.97
CA GLN N 285 26.98 -34.20 83.77
C GLN N 285 27.41 -34.31 82.30
N ILE N 286 28.08 -33.26 81.83
CA ILE N 286 28.51 -33.21 80.44
C ILE N 286 30.02 -32.98 80.35
N PRO N 287 30.68 -33.62 79.38
CA PRO N 287 32.13 -33.46 79.18
C PRO N 287 32.49 -32.09 78.63
N VAL N 288 33.65 -31.58 79.00
CA VAL N 288 34.07 -30.24 78.59
C VAL N 288 35.37 -30.25 77.80
N THR N 289 35.33 -29.72 76.59
CA THR N 289 36.54 -29.53 75.79
C THR N 289 36.78 -28.05 75.55
N THR N 290 38.04 -27.63 75.62
CA THR N 290 38.40 -26.23 75.47
C THR N 290 39.38 -26.00 74.33
N THR N 291 39.34 -24.80 73.76
CA THR N 291 40.28 -24.43 72.70
C THR N 291 41.63 -24.09 73.30
N LEU N 292 42.54 -23.57 72.46
CA LEU N 292 43.86 -23.18 72.92
C LEU N 292 43.76 -22.05 73.94
N GLN N 293 42.94 -21.06 73.64
CA GLN N 293 42.77 -19.91 74.53
C GLN N 293 41.73 -20.22 75.60
N GLY N 294 41.05 -21.35 75.46
CA GLY N 294 40.04 -21.76 76.42
C GLY N 294 40.65 -22.55 77.57
N LEU N 295 41.93 -22.87 77.46
CA LEU N 295 42.62 -23.64 78.49
C LEU N 295 42.74 -22.85 79.79
N GLY N 296 42.61 -23.56 80.91
CA GLY N 296 42.65 -22.94 82.21
C GLY N 296 41.26 -22.70 82.76
N SER N 297 40.29 -22.54 81.87
CA SER N 297 38.91 -22.27 82.25
C SER N 297 38.23 -23.49 82.88
N PHE N 298 38.80 -24.66 82.65
CA PHE N 298 38.24 -25.90 83.19
C PHE N 298 39.33 -26.79 83.77
N ASP N 299 38.99 -27.46 84.87
CA ASP N 299 39.94 -28.36 85.54
C ASP N 299 40.19 -29.60 84.70
N GLN N 300 41.44 -29.80 84.28
CA GLN N 300 41.79 -30.90 83.41
C GLN N 300 41.93 -32.22 84.17
N GLU N 301 42.00 -32.14 85.50
CA GLU N 301 42.09 -33.35 86.31
C GLU N 301 40.71 -33.93 86.60
N ASP N 302 39.68 -33.20 86.20
CA ASP N 302 38.31 -33.67 86.34
C ASP N 302 38.04 -34.82 85.37
N PRO N 303 37.27 -35.82 85.81
CA PRO N 303 36.93 -36.97 84.96
C PRO N 303 36.16 -36.57 83.69
N LYS N 304 35.57 -35.38 83.70
CA LYS N 304 34.80 -34.90 82.54
C LYS N 304 35.62 -33.95 81.69
N SER N 305 36.95 -34.02 81.82
CA SER N 305 37.84 -33.19 81.03
C SER N 305 38.24 -33.86 79.72
N LEU N 306 37.92 -33.21 78.61
CA LEU N 306 38.27 -33.71 77.29
C LEU N 306 39.57 -33.11 76.79
N ASP N 307 40.19 -32.29 77.64
CA ASP N 307 41.42 -31.56 77.29
C ASP N 307 41.18 -30.68 76.06
N MET N 308 42.24 -30.41 75.31
CA MET N 308 42.15 -29.53 74.14
C MET N 308 41.71 -30.29 72.89
N LEU N 309 40.87 -29.64 72.09
CA LEU N 309 40.45 -30.19 70.80
C LEU N 309 41.08 -29.40 69.66
N GLY N 310 40.91 -29.88 68.43
CA GLY N 310 41.37 -29.14 67.28
C GLY N 310 42.42 -29.87 66.46
N MET N 311 43.27 -29.09 65.78
CA MET N 311 44.30 -29.64 64.92
C MET N 311 45.30 -30.48 65.69
N HIS N 312 45.84 -29.92 66.77
CA HIS N 312 46.79 -30.66 67.60
C HIS N 312 46.21 -30.97 68.97
N GLY N 313 44.88 -31.18 69.01
CA GLY N 313 44.22 -31.61 70.23
C GLY N 313 44.23 -33.12 70.33
N CYS N 314 43.93 -33.64 71.51
CA CYS N 314 43.88 -35.08 71.72
C CYS N 314 42.73 -35.70 70.94
N ALA N 315 42.87 -36.97 70.59
CA ALA N 315 41.85 -37.67 69.82
C ALA N 315 40.56 -37.82 70.62
N THR N 316 40.69 -37.82 71.95
CA THR N 316 39.55 -37.97 72.83
C THR N 316 38.56 -36.83 72.67
N ALA N 317 39.08 -35.61 72.55
CA ALA N 317 38.24 -34.42 72.40
C ALA N 317 37.62 -34.36 71.00
N ASN N 318 38.42 -34.62 69.99
CA ASN N 318 37.97 -34.56 68.61
C ASN N 318 36.89 -35.59 68.29
N LEU N 319 37.11 -36.83 68.72
CA LEU N 319 36.15 -37.90 68.49
C LEU N 319 34.87 -37.68 69.28
N ALA N 320 34.98 -36.98 70.40
CA ALA N 320 33.81 -36.64 71.21
C ALA N 320 32.90 -35.66 70.48
N VAL N 321 33.52 -34.71 69.79
CA VAL N 321 32.79 -33.69 69.03
C VAL N 321 32.11 -34.31 67.81
N GLN N 322 32.85 -35.16 67.10
CA GLN N 322 32.33 -35.80 65.89
C GLN N 322 31.16 -36.73 66.19
N ASN N 323 31.18 -37.34 67.36
CA ASN N 323 30.15 -38.29 67.75
C ASN N 323 29.25 -37.78 68.87
N ALA N 324 28.80 -36.54 68.74
CA ALA N 324 27.93 -35.94 69.75
C ALA N 324 26.56 -35.59 69.18
N ASP N 325 25.58 -35.41 70.06
CA ASP N 325 24.25 -35.02 69.66
C ASP N 325 24.09 -33.51 69.68
N LEU N 326 24.81 -32.87 70.60
CA LEU N 326 24.68 -31.42 70.78
C LEU N 326 26.03 -30.78 71.12
N ILE N 327 26.53 -29.96 70.19
CA ILE N 327 27.75 -29.20 70.43
C ILE N 327 27.42 -27.84 71.03
N ILE N 328 27.49 -27.76 72.35
CA ILE N 328 27.17 -26.51 73.04
C ILE N 328 28.36 -25.57 73.09
N ALA N 329 28.44 -24.69 72.08
CA ALA N 329 29.54 -23.73 72.00
C ALA N 329 29.32 -22.59 72.98
N VAL N 330 30.27 -22.43 73.91
CA VAL N 330 30.18 -21.39 74.93
C VAL N 330 31.35 -20.41 74.81
N GLY N 331 31.10 -19.27 74.17
CA GLY N 331 32.10 -18.24 74.01
C GLY N 331 33.31 -18.72 73.23
N ALA N 332 33.09 -19.23 72.03
CA ALA N 332 34.17 -19.76 71.21
C ALA N 332 33.88 -19.63 69.72
N ARG N 333 34.88 -19.20 68.97
CA ARG N 333 34.78 -19.12 67.52
C ARG N 333 35.14 -20.46 66.89
N PHE N 334 34.34 -20.88 65.91
CA PHE N 334 34.61 -22.13 65.19
C PHE N 334 35.78 -21.95 64.22
N ASP N 335 36.97 -21.74 64.78
CA ASP N 335 38.16 -21.49 63.98
C ASP N 335 38.56 -22.69 63.14
N ASP N 336 39.30 -22.43 62.06
CA ASP N 336 39.74 -23.49 61.16
C ASP N 336 40.78 -24.40 61.79
N ARG N 337 41.44 -23.91 62.84
CA ARG N 337 42.42 -24.72 63.56
C ARG N 337 41.73 -25.67 64.52
N VAL N 338 40.45 -25.41 64.78
CA VAL N 338 39.66 -26.23 65.69
C VAL N 338 38.75 -27.20 64.92
N THR N 339 38.01 -26.66 63.96
CA THR N 339 37.07 -27.45 63.19
C THR N 339 37.78 -28.40 62.22
N GLY N 340 39.07 -28.15 62.00
CA GLY N 340 39.85 -28.95 61.06
C GLY N 340 39.32 -28.76 59.65
N ASN N 341 38.63 -29.76 59.14
CA ASN N 341 37.99 -29.66 57.84
C ASN N 341 36.48 -29.50 57.99
N ILE N 342 35.95 -28.42 57.43
CA ILE N 342 34.51 -28.16 57.47
C ILE N 342 33.78 -29.16 56.59
N SER N 343 32.45 -29.15 56.67
CA SER N 343 31.57 -30.08 55.96
C SER N 343 31.75 -31.53 56.42
N LYS N 344 32.64 -31.73 57.40
CA LYS N 344 32.83 -33.03 58.02
C LYS N 344 33.03 -32.85 59.52
N PHE N 345 32.91 -31.60 59.98
CA PHE N 345 33.03 -31.28 61.39
C PHE N 345 31.73 -31.62 62.12
N ALA N 346 31.82 -32.54 63.09
CA ALA N 346 30.67 -33.00 63.85
C ALA N 346 29.53 -33.46 62.95
N PRO N 347 29.70 -34.62 62.29
CA PRO N 347 28.70 -35.13 61.35
C PRO N 347 27.43 -35.62 62.04
N GLU N 348 27.57 -36.29 63.18
CA GLU N 348 26.42 -36.82 63.91
C GLU N 348 25.63 -35.69 64.56
N ALA N 349 26.32 -34.61 64.88
CA ALA N 349 25.67 -33.43 65.46
C ALA N 349 24.71 -32.80 64.46
N ARG N 350 25.13 -32.76 63.19
CA ARG N 350 24.29 -32.23 62.12
C ARG N 350 23.16 -33.20 61.81
N ARG N 351 23.42 -34.49 61.97
CA ARG N 351 22.43 -35.52 61.72
C ARG N 351 21.31 -35.45 62.76
N ALA N 352 21.69 -35.15 64.00
CA ALA N 352 20.72 -35.01 65.08
C ALA N 352 19.85 -33.78 64.87
N ALA N 353 20.42 -32.76 64.24
CA ALA N 353 19.69 -31.53 63.95
C ALA N 353 18.64 -31.77 62.86
N ALA N 354 18.94 -32.69 61.96
CA ALA N 354 18.03 -33.04 60.88
C ALA N 354 16.84 -33.84 61.39
N GLU N 355 17.04 -34.52 62.52
CA GLU N 355 15.99 -35.35 63.11
C GLU N 355 15.36 -34.67 64.32
N GLY N 356 15.70 -33.40 64.53
CA GLY N 356 15.14 -32.63 65.63
C GLY N 356 15.57 -33.16 66.99
N ARG N 357 16.74 -33.79 67.04
CA ARG N 357 17.24 -34.36 68.27
C ARG N 357 18.22 -33.42 68.97
N GLY N 358 19.10 -32.80 68.19
CA GLY N 358 20.08 -31.88 68.72
C GLY N 358 20.55 -30.86 67.72
N GLY N 359 21.88 -30.72 67.61
CA GLY N 359 22.47 -29.76 66.68
C GLY N 359 23.63 -29.01 67.31
N ILE N 360 23.62 -27.69 67.18
CA ILE N 360 24.67 -26.86 67.76
C ILE N 360 24.08 -25.63 68.45
N ILE N 361 24.45 -25.44 69.71
CA ILE N 361 24.04 -24.25 70.45
C ILE N 361 25.24 -23.34 70.68
N HIS N 362 25.14 -22.09 70.23
CA HIS N 362 26.27 -21.17 70.27
C HIS N 362 26.01 -19.98 71.18
N PHE N 363 26.75 -19.91 72.28
CA PHE N 363 26.69 -18.76 73.17
C PHE N 363 27.73 -17.73 72.75
N GLU N 364 27.28 -16.64 72.15
CA GLU N 364 28.18 -15.67 71.55
C GLU N 364 27.75 -14.23 71.84
N VAL N 365 28.72 -13.36 72.11
CA VAL N 365 28.44 -11.96 72.42
C VAL N 365 28.45 -11.10 71.16
N SER N 366 29.00 -11.65 70.08
CA SER N 366 29.08 -10.92 68.81
C SER N 366 28.39 -11.70 67.70
N PRO N 367 27.17 -11.25 67.31
CA PRO N 367 26.38 -11.88 66.25
C PRO N 367 27.16 -12.01 64.94
N LYS N 368 28.19 -11.18 64.79
CA LYS N 368 29.09 -11.23 63.66
C LYS N 368 29.72 -12.61 63.49
N ASN N 369 30.03 -13.25 64.61
CA ASN N 369 30.66 -14.57 64.58
C ASN N 369 29.66 -15.72 64.60
N ILE N 370 28.38 -15.39 64.81
CA ILE N 370 27.33 -16.40 64.77
C ILE N 370 26.97 -16.71 63.33
N ASN N 371 26.90 -18.00 63.01
CA ASN N 371 26.65 -18.47 61.65
C ASN N 371 27.68 -17.94 60.66
N LYS N 372 28.94 -17.90 61.09
CA LYS N 372 30.03 -17.43 60.25
C LYS N 372 30.71 -18.59 59.53
N VAL N 373 31.07 -19.62 60.29
CA VAL N 373 31.72 -20.79 59.73
C VAL N 373 30.73 -21.95 59.58
N VAL N 374 30.12 -22.35 60.69
CA VAL N 374 29.12 -23.42 60.67
C VAL N 374 27.75 -22.89 61.07
N GLN N 375 26.71 -23.56 60.60
CA GLN N 375 25.34 -23.14 60.88
C GLN N 375 24.85 -23.73 62.19
N THR N 376 24.45 -22.87 63.11
CA THR N 376 23.89 -23.30 64.38
C THR N 376 22.37 -23.26 64.35
N GLN N 377 21.73 -24.06 65.20
CA GLN N 377 20.27 -24.12 65.25
C GLN N 377 19.72 -23.17 66.32
N ILE N 378 20.50 -22.98 67.39
CA ILE N 378 20.09 -22.10 68.47
C ILE N 378 21.18 -21.09 68.80
N ALA N 379 20.87 -19.81 68.64
CA ALA N 379 21.83 -18.75 68.91
C ALA N 379 21.44 -17.97 70.17
N VAL N 380 22.32 -17.97 71.16
CA VAL N 380 22.09 -17.24 72.40
C VAL N 380 23.00 -16.03 72.47
N GLU N 381 22.52 -14.90 71.94
CA GLU N 381 23.32 -13.68 71.89
C GLU N 381 23.47 -13.05 73.27
N GLY N 382 24.66 -12.52 73.55
CA GLY N 382 24.94 -11.88 74.82
C GLY N 382 26.13 -12.51 75.51
N ASP N 383 26.35 -12.13 76.78
CA ASP N 383 27.46 -12.67 77.55
C ASP N 383 27.24 -14.14 77.86
N ALA N 384 28.27 -14.95 77.65
CA ALA N 384 28.19 -16.39 77.85
C ALA N 384 27.98 -16.75 79.32
N THR N 385 28.68 -16.05 80.20
CA THR N 385 28.59 -16.29 81.64
C THR N 385 27.22 -15.87 82.18
N THR N 386 26.73 -14.72 81.69
CA THR N 386 25.46 -14.17 82.14
C THR N 386 24.28 -15.06 81.77
N ASN N 387 24.21 -15.44 80.49
CA ASN N 387 23.11 -16.26 79.99
C ASN N 387 23.13 -17.67 80.55
N LEU N 388 24.32 -18.16 80.90
CA LEU N 388 24.45 -19.48 81.51
C LEU N 388 23.84 -19.50 82.90
N GLY N 389 23.87 -18.36 83.57
CA GLY N 389 23.30 -18.24 84.90
C GLY N 389 21.78 -18.23 84.85
N LYS N 390 21.23 -17.80 83.73
CA LYS N 390 19.78 -17.74 83.55
C LYS N 390 19.21 -19.07 83.07
N MET N 391 20.08 -19.92 82.53
CA MET N 391 19.65 -21.17 81.91
C MET N 391 19.69 -22.34 82.88
N MET N 392 20.55 -22.25 83.88
CA MET N 392 20.77 -23.36 84.82
C MET N 392 19.49 -23.80 85.53
N SER N 393 18.60 -22.86 85.81
CA SER N 393 17.34 -23.18 86.48
C SER N 393 16.42 -24.01 85.57
N LYS N 394 16.72 -23.97 84.27
CA LYS N 394 15.91 -24.68 83.28
C LYS N 394 16.59 -25.97 82.83
N ILE N 395 17.71 -26.28 83.47
CA ILE N 395 18.46 -27.49 83.13
C ILE N 395 18.20 -28.61 84.13
N PHE N 396 17.76 -29.76 83.63
CA PHE N 396 17.46 -30.91 84.48
C PHE N 396 18.73 -31.58 84.97
N PRO N 397 18.80 -31.88 86.28
CA PRO N 397 19.96 -32.56 86.87
C PRO N 397 20.13 -33.99 86.37
N VAL N 398 21.38 -34.37 86.08
CA VAL N 398 21.70 -35.73 85.67
C VAL N 398 22.81 -36.26 86.58
N LYS N 399 22.81 -37.55 86.85
CA LYS N 399 23.76 -38.13 87.79
C LYS N 399 24.76 -39.10 87.14
N GLU N 400 24.37 -39.70 86.02
CA GLU N 400 25.23 -40.72 85.41
C GLU N 400 25.60 -40.43 83.96
N ARG N 401 24.67 -40.65 83.04
CA ARG N 401 24.96 -40.71 81.61
C ARG N 401 26.06 -41.76 81.42
N SER N 402 25.69 -43.02 81.68
CA SER N 402 26.66 -44.11 81.87
C SER N 402 27.55 -44.41 80.67
N GLU N 403 26.95 -44.98 79.62
CA GLU N 403 27.72 -45.49 78.48
C GLU N 403 28.46 -44.40 77.70
N TRP N 404 28.04 -43.15 77.87
CA TRP N 404 28.67 -42.04 77.18
C TRP N 404 30.10 -41.82 77.68
N PHE N 405 30.24 -41.75 79.01
CA PHE N 405 31.56 -41.54 79.61
C PHE N 405 32.43 -42.78 79.50
N ALA N 406 31.79 -43.94 79.30
CA ALA N 406 32.52 -45.18 79.10
C ALA N 406 33.19 -45.18 77.73
N GLN N 407 32.55 -44.51 76.78
CA GLN N 407 33.07 -44.40 75.42
C GLN N 407 34.29 -43.48 75.37
N ILE N 408 34.22 -42.36 76.09
CA ILE N 408 35.30 -41.38 76.07
C ILE N 408 36.48 -41.82 76.94
N ASN N 409 36.22 -42.67 77.93
CA ASN N 409 37.28 -43.19 78.77
C ASN N 409 38.04 -44.31 78.07
N LYS N 410 37.42 -44.91 77.08
CA LYS N 410 38.09 -45.90 76.23
C LYS N 410 39.01 -45.16 75.27
N TRP N 411 38.57 -43.98 74.84
CA TRP N 411 39.37 -43.12 73.98
C TRP N 411 40.57 -42.53 74.72
N LYS N 412 40.35 -42.21 76.00
CA LYS N 412 41.41 -41.64 76.84
C LYS N 412 42.56 -42.61 77.02
N LYS N 413 42.24 -43.89 77.13
CA LYS N 413 43.25 -44.93 77.36
C LYS N 413 43.99 -45.30 76.08
N GLU N 414 43.32 -45.13 74.94
CA GLU N 414 43.90 -45.51 73.66
C GLU N 414 44.71 -44.37 73.04
N TYR N 415 44.29 -43.13 73.27
CA TYR N 415 45.00 -41.97 72.71
C TYR N 415 45.36 -40.94 73.78
N PRO N 416 46.44 -41.23 74.54
CA PRO N 416 46.84 -40.34 75.63
C PRO N 416 48.06 -39.46 75.31
N TYR N 417 47.99 -38.68 74.23
CA TYR N 417 49.09 -37.80 73.83
C TYR N 417 50.41 -38.55 73.71
N ALA N 418 50.42 -39.62 72.91
CA ALA N 418 51.59 -40.49 72.80
C ALA N 418 52.74 -39.83 72.05
N TYR N 419 53.96 -40.17 72.47
CA TYR N 419 55.17 -39.69 71.81
C TYR N 419 56.34 -40.60 72.14
N MET N 420 57.45 -40.42 71.42
CA MET N 420 58.65 -41.22 71.65
C MET N 420 59.38 -40.76 72.91
N GLU N 421 59.19 -41.49 74.00
CA GLU N 421 59.81 -41.14 75.28
C GLU N 421 61.29 -41.46 75.29
N GLU N 422 62.01 -40.92 76.27
CA GLU N 422 63.47 -40.97 76.30
C GLU N 422 64.06 -42.37 76.40
N THR N 423 65.34 -42.46 76.04
CA THR N 423 66.13 -43.68 76.17
C THR N 423 67.56 -43.28 76.53
N PRO N 424 68.23 -44.09 77.38
CA PRO N 424 69.59 -43.80 77.85
C PRO N 424 70.56 -43.36 76.76
N GLY N 425 71.13 -42.17 76.93
CA GLY N 425 72.11 -41.66 75.98
C GLY N 425 71.56 -40.60 75.04
N SER N 426 70.36 -40.84 74.51
CA SER N 426 69.75 -39.94 73.54
C SER N 426 69.41 -38.59 74.14
N LYS N 427 69.20 -37.59 73.29
CA LYS N 427 68.90 -36.23 73.73
C LYS N 427 67.53 -36.13 74.40
N ILE N 428 67.33 -35.04 75.12
CA ILE N 428 66.10 -34.80 75.86
C ILE N 428 64.92 -34.57 74.92
N LYS N 429 63.76 -35.15 75.26
CA LYS N 429 62.54 -34.91 74.52
C LYS N 429 61.80 -33.70 75.08
N PRO N 430 61.34 -32.81 74.19
CA PRO N 430 60.66 -31.57 74.58
C PRO N 430 59.36 -31.80 75.33
N GLN N 431 58.63 -32.86 75.00
CA GLN N 431 57.37 -33.17 75.64
C GLN N 431 57.57 -33.48 77.12
N THR N 432 58.65 -34.19 77.44
CA THR N 432 58.94 -34.60 78.79
C THR N 432 59.27 -33.40 79.68
N VAL N 433 59.88 -32.37 79.09
CA VAL N 433 60.20 -31.16 79.81
C VAL N 433 58.95 -30.46 80.31
N ILE N 434 57.93 -30.44 79.46
CA ILE N 434 56.64 -29.82 79.80
C ILE N 434 55.98 -30.56 80.97
N LYS N 435 56.11 -31.88 80.98
CA LYS N 435 55.56 -32.70 82.05
C LYS N 435 56.23 -32.39 83.39
N LYS N 436 57.56 -32.43 83.39
CA LYS N 436 58.32 -32.21 84.62
C LYS N 436 58.18 -30.78 85.16
N LEU N 437 58.20 -29.81 84.25
CA LEU N 437 58.07 -28.41 84.65
C LEU N 437 56.70 -28.14 85.28
N SER N 438 55.69 -28.84 84.79
CA SER N 438 54.34 -28.71 85.31
C SER N 438 54.28 -29.13 86.78
N LYS N 439 55.04 -30.17 87.12
CA LYS N 439 55.07 -30.67 88.48
C LYS N 439 55.88 -29.77 89.40
N VAL N 440 57.05 -29.35 88.94
CA VAL N 440 57.94 -28.50 89.73
C VAL N 440 57.27 -27.17 90.06
N ALA N 441 56.61 -26.58 89.07
CA ALA N 441 55.89 -25.33 89.27
C ALA N 441 54.72 -25.51 90.23
N ASN N 442 54.07 -26.67 90.14
CA ASN N 442 52.96 -27.00 91.02
C ASN N 442 53.44 -27.21 92.45
N ASP N 443 54.64 -27.78 92.59
CA ASP N 443 55.22 -28.04 93.90
C ASP N 443 55.91 -26.81 94.49
N THR N 444 55.31 -25.65 94.27
CA THR N 444 55.83 -24.41 94.83
C THR N 444 54.76 -23.71 95.66
N GLY N 445 53.50 -24.01 95.36
CA GLY N 445 52.37 -23.43 96.07
C GLY N 445 52.00 -22.06 95.53
N ARG N 446 52.82 -21.55 94.61
CA ARG N 446 52.59 -20.22 94.04
C ARG N 446 51.63 -20.29 92.86
N HIS N 447 51.11 -19.12 92.48
CA HIS N 447 50.21 -19.02 91.33
C HIS N 447 51.01 -18.98 90.04
N VAL N 448 50.93 -20.06 89.26
CA VAL N 448 51.72 -20.18 88.04
C VAL N 448 50.99 -19.63 86.82
N ILE N 449 51.63 -18.68 86.15
CA ILE N 449 51.11 -18.14 84.89
C ILE N 449 52.06 -18.49 83.75
N VAL N 450 51.55 -19.19 82.75
CA VAL N 450 52.39 -19.67 81.66
C VAL N 450 52.14 -18.96 80.35
N THR N 451 53.19 -18.35 79.80
CA THR N 451 53.13 -17.76 78.47
C THR N 451 54.05 -18.55 77.53
N THR N 452 53.69 -18.60 76.25
CA THR N 452 54.48 -19.34 75.28
C THR N 452 54.74 -18.52 74.02
N GLY N 453 55.58 -19.06 73.14
CA GLY N 453 55.80 -18.46 71.83
C GLY N 453 54.90 -19.12 70.81
N VAL N 454 55.42 -19.33 69.61
CA VAL N 454 54.65 -19.98 68.55
C VAL N 454 55.45 -21.08 67.87
N GLY N 455 54.86 -22.26 67.77
CA GLY N 455 55.51 -23.40 67.15
C GLY N 455 55.18 -24.72 67.81
N GLN N 456 56.14 -25.64 67.78
CA GLN N 456 55.95 -26.96 68.38
C GLN N 456 55.89 -26.87 69.90
N HIS N 457 56.70 -25.99 70.48
CA HIS N 457 56.76 -25.83 71.93
C HIS N 457 55.45 -25.28 72.47
N GLN N 458 54.77 -24.46 71.67
CA GLN N 458 53.51 -23.86 72.08
C GLN N 458 52.42 -24.91 72.25
N MET N 459 52.36 -25.85 71.31
CA MET N 459 51.35 -26.91 71.34
C MET N 459 51.62 -27.88 72.48
N TRP N 460 52.88 -28.26 72.65
CA TRP N 460 53.28 -29.20 73.69
C TRP N 460 53.07 -28.61 75.08
N ALA N 461 53.19 -27.28 75.18
CA ALA N 461 52.95 -26.59 76.44
C ALA N 461 51.45 -26.52 76.72
N ALA N 462 50.65 -26.82 75.70
CA ALA N 462 49.20 -26.81 75.84
C ALA N 462 48.67 -28.22 76.04
N GLN N 463 49.41 -29.20 75.53
CA GLN N 463 49.00 -30.60 75.63
C GLN N 463 49.37 -31.22 76.98
N HIS N 464 50.66 -31.27 77.25
CA HIS N 464 51.17 -32.03 78.39
C HIS N 464 51.06 -31.29 79.73
N TRP N 465 50.83 -29.97 79.68
CA TRP N 465 50.66 -29.20 80.89
C TRP N 465 49.23 -29.34 81.41
N THR N 466 49.10 -29.52 82.71
CA THR N 466 47.78 -29.69 83.34
C THR N 466 47.25 -28.34 83.84
N TRP N 467 46.10 -27.93 83.30
CA TRP N 467 45.52 -26.64 83.65
C TRP N 467 44.32 -26.81 84.58
N ARG N 468 44.35 -26.12 85.72
CA ARG N 468 43.24 -26.16 86.67
C ARG N 468 42.79 -24.76 87.06
N ASN N 469 43.63 -23.77 86.80
CA ASN N 469 43.34 -22.39 87.17
C ASN N 469 43.16 -21.49 85.96
N PRO N 470 42.15 -20.62 86.00
CA PRO N 470 41.85 -19.67 84.91
C PRO N 470 42.90 -18.57 84.79
N HIS N 471 43.05 -18.02 83.59
CA HIS N 471 44.00 -16.95 83.32
C HIS N 471 45.43 -17.32 83.70
N THR N 472 45.83 -18.54 83.38
CA THR N 472 47.17 -19.02 83.68
C THR N 472 47.90 -19.43 82.40
N PHE N 473 47.17 -19.43 81.29
CA PHE N 473 47.74 -19.78 80.00
C PHE N 473 47.56 -18.64 79.00
N ILE N 474 48.61 -17.85 78.81
CA ILE N 474 48.57 -16.70 77.93
C ILE N 474 49.41 -16.95 76.67
N THR N 475 48.74 -17.28 75.57
CA THR N 475 49.43 -17.62 74.34
C THR N 475 48.85 -16.89 73.13
N SER N 476 49.63 -16.83 72.06
CA SER N 476 49.19 -16.22 70.80
C SER N 476 48.74 -17.29 69.82
N GLY N 477 47.43 -17.45 69.68
CA GLY N 477 46.88 -18.49 68.83
C GLY N 477 46.13 -17.96 67.62
N GLY N 478 45.57 -16.76 67.76
CA GLY N 478 44.81 -16.15 66.68
C GLY N 478 45.70 -15.74 65.53
N LEU N 479 46.69 -14.91 65.82
CA LEU N 479 47.61 -14.44 64.79
C LEU N 479 48.91 -15.23 64.81
N GLY N 480 49.24 -15.79 65.98
CA GLY N 480 50.43 -16.61 66.12
C GLY N 480 51.72 -15.84 65.91
N THR N 481 51.89 -14.77 66.68
CA THR N 481 53.09 -13.94 66.58
C THR N 481 54.26 -14.55 67.36
N MET N 482 55.39 -14.72 66.69
CA MET N 482 56.59 -15.19 67.35
C MET N 482 57.24 -14.06 68.14
N GLY N 483 57.91 -14.41 69.23
CA GLY N 483 58.51 -13.41 70.09
C GLY N 483 57.45 -12.81 71.00
N TYR N 484 56.38 -13.57 71.22
CA TYR N 484 55.27 -13.13 72.05
C TYR N 484 55.47 -13.56 73.50
N GLY N 485 56.22 -14.65 73.67
CA GLY N 485 56.41 -15.25 74.98
C GLY N 485 57.01 -14.34 76.04
N LEU N 486 58.22 -13.86 75.78
CA LEU N 486 58.93 -13.01 76.74
C LEU N 486 58.19 -11.70 77.08
N PRO N 487 57.74 -10.93 76.07
CA PRO N 487 57.11 -9.66 76.45
C PRO N 487 55.79 -9.86 77.19
N ALA N 488 55.01 -10.86 76.81
CA ALA N 488 53.76 -11.15 77.50
C ALA N 488 54.04 -11.62 78.93
N ALA N 489 55.12 -12.36 79.10
CA ALA N 489 55.53 -12.84 80.41
C ALA N 489 55.87 -11.68 81.32
N ILE N 490 56.59 -10.69 80.78
CA ILE N 490 56.95 -9.50 81.52
C ILE N 490 55.71 -8.71 81.92
N GLY N 491 54.80 -8.52 80.97
CA GLY N 491 53.57 -7.80 81.22
C GLY N 491 52.67 -8.49 82.21
N ALA N 492 52.66 -9.81 82.19
CA ALA N 492 51.85 -10.59 83.13
C ALA N 492 52.42 -10.49 84.53
N GLN N 493 53.75 -10.35 84.62
CA GLN N 493 54.42 -10.20 85.91
C GLN N 493 54.07 -8.86 86.55
N VAL N 494 53.82 -7.85 85.71
CA VAL N 494 53.42 -6.54 86.21
C VAL N 494 52.00 -6.59 86.77
N ALA N 495 51.12 -7.32 86.09
CA ALA N 495 49.75 -7.49 86.54
C ALA N 495 49.70 -8.26 87.85
N LYS N 496 50.50 -9.31 87.94
CA LYS N 496 50.59 -10.13 89.16
C LYS N 496 52.02 -10.17 89.66
N PRO N 497 52.39 -9.21 90.52
CA PRO N 497 53.75 -8.98 91.02
C PRO N 497 54.40 -10.21 91.67
N GLU N 498 53.60 -11.05 92.31
CA GLU N 498 54.15 -12.21 93.02
C GLU N 498 53.57 -13.51 92.51
N SER N 499 53.62 -13.70 91.19
CA SER N 499 53.16 -14.95 90.58
C SER N 499 54.27 -15.57 89.75
N LEU N 500 54.41 -16.89 89.84
CA LEU N 500 55.42 -17.61 89.08
C LEU N 500 55.10 -17.58 87.59
N VAL N 501 55.62 -16.57 86.90
CA VAL N 501 55.38 -16.44 85.46
C VAL N 501 56.47 -17.16 84.67
N ILE N 502 56.08 -18.27 84.04
CA ILE N 502 57.02 -19.07 83.27
C ILE N 502 56.78 -18.91 81.77
N ASP N 503 57.84 -18.57 81.05
CA ASP N 503 57.77 -18.39 79.61
C ASP N 503 58.31 -19.63 78.88
N ILE N 504 57.40 -20.52 78.48
CA ILE N 504 57.78 -21.68 77.69
C ILE N 504 57.94 -21.24 76.24
N ASP N 505 59.13 -20.74 75.90
CA ASP N 505 59.37 -20.15 74.59
C ASP N 505 60.19 -21.09 73.70
N GLY N 506 60.18 -20.82 72.40
CA GLY N 506 60.97 -21.57 71.45
C GLY N 506 62.18 -20.77 71.00
N ASP N 507 63.19 -21.45 70.49
CA ASP N 507 64.45 -20.79 70.11
C ASP N 507 64.26 -19.80 68.97
N ALA N 508 63.44 -20.17 67.99
CA ALA N 508 63.20 -19.31 66.84
C ALA N 508 62.33 -18.12 67.23
N SER N 509 61.35 -18.38 68.09
CA SER N 509 60.45 -17.33 68.56
C SER N 509 61.20 -16.35 69.47
N PHE N 510 62.02 -16.89 70.35
CA PHE N 510 62.81 -16.07 71.28
C PHE N 510 63.76 -15.17 70.53
N ASN N 511 64.16 -15.59 69.33
CA ASN N 511 65.06 -14.79 68.50
C ASN N 511 64.38 -13.55 67.91
N MET N 512 63.06 -13.46 68.06
CA MET N 512 62.32 -12.31 67.58
C MET N 512 62.44 -11.14 68.55
N THR N 513 62.40 -11.43 69.86
CA THR N 513 62.44 -10.39 70.88
C THR N 513 63.37 -10.74 72.04
N LEU N 514 64.67 -10.56 71.84
CA LEU N 514 65.65 -10.81 72.89
C LEU N 514 65.84 -9.55 73.73
N THR N 515 65.65 -8.40 73.08
CA THR N 515 65.95 -7.11 73.67
C THR N 515 65.13 -6.81 74.93
N GLU N 516 64.03 -7.53 75.10
CA GLU N 516 63.15 -7.32 76.24
C GLU N 516 63.71 -7.95 77.51
N LEU N 517 64.78 -8.73 77.35
CA LEU N 517 65.49 -9.29 78.51
C LEU N 517 66.00 -8.16 79.39
N SER N 518 66.52 -7.11 78.76
CA SER N 518 66.99 -5.94 79.47
C SER N 518 65.83 -5.20 80.13
N SER N 519 64.66 -5.26 79.48
CA SER N 519 63.47 -4.61 80.01
C SER N 519 62.90 -5.37 81.20
N ALA N 520 63.12 -6.68 81.22
CA ALA N 520 62.67 -7.51 82.32
C ALA N 520 63.45 -7.17 83.59
N VAL N 521 64.70 -6.74 83.41
CA VAL N 521 65.55 -6.35 84.53
C VAL N 521 65.21 -4.94 85.01
N GLN N 522 65.03 -4.02 84.06
CA GLN N 522 64.75 -2.63 84.38
C GLN N 522 63.39 -2.47 85.04
N ALA N 523 62.42 -3.28 84.61
CA ALA N 523 61.08 -3.22 85.17
C ALA N 523 60.96 -4.09 86.42
N GLY N 524 62.04 -4.80 86.73
CA GLY N 524 62.09 -5.64 87.92
C GLY N 524 61.07 -6.77 87.88
N THR N 525 61.00 -7.46 86.75
CA THR N 525 60.05 -8.56 86.58
C THR N 525 60.76 -9.90 86.60
N PRO N 526 60.70 -10.62 87.72
CA PRO N 526 61.38 -11.91 87.89
C PRO N 526 60.70 -13.03 87.10
N VAL N 527 60.76 -12.94 85.77
CA VAL N 527 60.12 -13.93 84.91
C VAL N 527 60.95 -15.19 84.80
N LYS N 528 60.29 -16.30 84.47
CA LYS N 528 60.96 -17.57 84.26
C LYS N 528 60.93 -17.94 82.78
N ILE N 529 62.09 -17.98 82.15
CA ILE N 529 62.16 -18.20 80.70
C ILE N 529 62.73 -19.56 80.34
N LEU N 530 61.88 -20.41 79.77
CA LEU N 530 62.29 -21.72 79.29
C LEU N 530 62.45 -21.70 77.78
N ILE N 531 63.59 -22.18 77.30
CA ILE N 531 63.85 -22.23 75.87
C ILE N 531 64.13 -23.66 75.40
N LEU N 532 63.17 -24.24 74.68
CA LEU N 532 63.34 -25.57 74.11
C LEU N 532 64.15 -25.47 72.82
N ASN N 533 65.45 -25.28 72.95
CA ASN N 533 66.32 -25.07 71.80
C ASN N 533 66.53 -26.34 70.97
N ASN N 534 65.90 -26.39 69.81
CA ASN N 534 66.10 -27.49 68.88
C ASN N 534 66.87 -27.04 67.65
N GLU N 535 67.41 -25.83 67.73
CA GLU N 535 68.21 -25.24 66.65
C GLU N 535 67.47 -25.21 65.32
N GLU N 536 66.15 -25.12 65.37
CA GLU N 536 65.35 -25.15 64.15
C GLU N 536 63.99 -24.50 64.36
N GLN N 537 63.28 -24.29 63.24
CA GLN N 537 61.90 -23.83 63.28
C GLN N 537 60.98 -25.04 63.19
N GLY N 538 60.88 -25.77 64.29
CA GLY N 538 60.20 -27.06 64.34
C GLY N 538 58.84 -27.17 63.68
N MET N 539 58.02 -26.12 63.84
CA MET N 539 56.68 -26.14 63.30
C MET N 539 56.68 -26.13 61.78
N VAL N 540 57.56 -25.31 61.21
CA VAL N 540 57.66 -25.20 59.75
C VAL N 540 58.34 -26.42 59.15
N THR N 541 59.38 -26.90 59.82
CA THR N 541 60.12 -28.07 59.35
C THR N 541 59.24 -29.32 59.36
N GLN N 542 58.30 -29.37 60.30
CA GLN N 542 57.37 -30.49 60.39
C GLN N 542 56.50 -30.56 59.14
N TRP N 543 56.04 -29.40 58.68
CA TRP N 543 55.26 -29.33 57.46
C TRP N 543 56.12 -29.62 56.23
N GLN N 544 57.38 -29.22 56.28
CA GLN N 544 58.30 -29.43 55.18
C GLN N 544 58.71 -30.91 55.08
N SER N 545 58.60 -31.63 56.18
CA SER N 545 58.90 -33.05 56.20
C SER N 545 57.70 -33.88 55.77
N LEU N 546 56.50 -33.38 56.09
CA LEU N 546 55.28 -34.13 55.86
C LEU N 546 54.67 -33.88 54.48
N PHE N 547 54.91 -32.69 53.93
CA PHE N 547 54.26 -32.31 52.69
C PHE N 547 55.23 -31.80 51.62
N TYR N 548 56.52 -31.77 51.94
CA TYR N 548 57.50 -31.25 50.99
C TYR N 548 58.77 -32.10 50.93
N GLU N 549 58.63 -33.38 51.27
CA GLU N 549 59.72 -34.35 51.15
C GLU N 549 61.01 -33.92 51.85
N HIS N 550 60.86 -33.41 53.07
CA HIS N 550 61.99 -33.01 53.90
C HIS N 550 62.87 -31.95 53.26
N ARG N 551 62.28 -31.12 52.39
CA ARG N 551 63.01 -30.01 51.80
C ARG N 551 63.02 -28.82 52.76
N TYR N 552 64.03 -28.80 53.63
CA TYR N 552 64.15 -27.76 54.64
C TYR N 552 64.67 -26.46 54.03
N SER N 553 63.74 -25.59 53.66
CA SER N 553 64.08 -24.35 52.98
C SER N 553 64.15 -23.15 53.93
N HIS N 554 65.37 -22.78 54.30
CA HIS N 554 65.60 -21.58 55.11
C HIS N 554 64.84 -21.59 56.43
N THR N 555 64.84 -22.73 57.11
CA THR N 555 64.11 -22.87 58.37
C THR N 555 65.03 -23.22 59.53
N HIS N 556 66.32 -22.93 59.37
CA HIS N 556 67.29 -23.19 60.41
C HIS N 556 68.15 -21.95 60.69
N GLN N 557 67.64 -21.07 61.55
CA GLN N 557 68.35 -19.85 61.91
C GLN N 557 69.53 -20.17 62.83
N LEU N 558 70.46 -19.23 62.93
CA LEU N 558 71.64 -19.42 63.77
C LEU N 558 71.44 -18.81 65.16
N ASN N 559 71.06 -19.65 66.12
CA ASN N 559 70.84 -19.20 67.48
C ASN N 559 72.14 -18.80 68.18
N PRO N 560 72.07 -17.74 69.01
CA PRO N 560 73.23 -17.27 69.77
C PRO N 560 73.40 -18.02 71.08
N ASP N 561 74.48 -17.71 71.80
CA ASP N 561 74.71 -18.31 73.10
C ASP N 561 73.73 -17.73 74.12
N PHE N 562 72.59 -18.40 74.29
CA PHE N 562 71.52 -17.93 75.15
C PHE N 562 71.98 -17.69 76.59
N ILE N 563 72.91 -18.51 77.06
CA ILE N 563 73.41 -18.38 78.42
C ILE N 563 74.29 -17.15 78.55
N LYS N 564 75.21 -16.97 77.60
CA LYS N 564 76.03 -15.76 77.56
C LYS N 564 75.15 -14.54 77.31
N LEU N 565 74.09 -14.75 76.52
CA LEU N 565 73.13 -13.70 76.21
C LEU N 565 72.41 -13.21 77.47
N ALA N 566 71.88 -14.14 78.24
CA ALA N 566 71.16 -13.82 79.47
C ALA N 566 72.06 -13.09 80.45
N GLU N 567 73.30 -13.56 80.56
CA GLU N 567 74.27 -12.96 81.46
C GLU N 567 74.71 -11.59 80.94
N ALA N 568 74.57 -11.38 79.64
CA ALA N 568 74.90 -10.10 79.02
C ALA N 568 73.80 -9.08 79.28
N MET N 569 72.55 -9.53 79.20
CA MET N 569 71.39 -8.68 79.42
C MET N 569 71.23 -8.36 80.91
N GLY N 570 71.75 -9.23 81.76
CA GLY N 570 71.68 -9.03 83.20
C GLY N 570 70.85 -10.08 83.90
N LEU N 571 70.80 -11.27 83.33
CA LEU N 571 70.01 -12.36 83.90
C LEU N 571 70.90 -13.53 84.32
N LYS N 572 70.26 -14.62 84.74
CA LYS N 572 70.97 -15.83 85.13
C LYS N 572 70.90 -16.86 84.01
N GLY N 573 72.05 -17.40 83.63
CA GLY N 573 72.12 -18.37 82.54
C GLY N 573 72.18 -19.80 83.03
N LEU N 574 71.19 -20.60 82.67
CA LEU N 574 71.16 -22.01 83.01
C LEU N 574 71.03 -22.87 81.77
N ARG N 575 71.76 -23.99 81.74
CA ARG N 575 71.76 -24.87 80.57
C ARG N 575 71.86 -26.34 80.97
N VAL N 576 71.03 -27.16 80.34
CA VAL N 576 71.08 -28.61 80.51
C VAL N 576 71.17 -29.27 79.14
N LYS N 577 72.24 -30.04 78.93
CA LYS N 577 72.50 -30.62 77.61
C LYS N 577 71.92 -32.02 77.47
N LYS N 578 72.03 -32.84 78.51
CA LYS N 578 71.45 -34.18 78.47
C LYS N 578 70.65 -34.51 79.73
N GLN N 579 70.08 -35.72 79.74
CA GLN N 579 68.97 -36.08 80.65
C GLN N 579 69.22 -35.87 82.15
N GLU N 580 70.24 -36.50 82.70
CA GLU N 580 70.43 -36.52 84.15
C GLU N 580 70.82 -35.16 84.73
N GLU N 581 70.80 -34.13 83.91
CA GLU N 581 71.12 -32.77 84.35
C GLU N 581 69.86 -31.92 84.43
N LEU N 582 68.73 -32.50 84.02
CA LEU N 582 67.48 -31.75 83.87
C LEU N 582 66.79 -31.43 85.19
N ASP N 583 66.47 -32.45 85.96
CA ASP N 583 65.68 -32.30 87.19
C ASP N 583 66.33 -31.34 88.19
N ALA N 584 67.65 -31.41 88.31
CA ALA N 584 68.38 -30.55 89.23
C ALA N 584 68.37 -29.11 88.76
N LYS N 585 68.25 -28.92 87.45
CA LYS N 585 68.23 -27.58 86.86
C LYS N 585 66.85 -26.96 86.91
N LEU N 586 65.82 -27.79 86.75
CA LEU N 586 64.44 -27.32 86.80
C LEU N 586 64.10 -26.81 88.20
N LYS N 587 64.67 -27.44 89.21
CA LYS N 587 64.48 -27.02 90.59
C LYS N 587 65.17 -25.68 90.83
N GLU N 588 66.35 -25.51 90.24
CA GLU N 588 67.12 -24.28 90.37
C GLU N 588 66.48 -23.16 89.55
N PHE N 589 65.94 -23.50 88.39
CA PHE N 589 65.33 -22.54 87.49
C PHE N 589 64.09 -21.88 88.09
N VAL N 590 63.19 -22.68 88.63
CA VAL N 590 61.95 -22.18 89.19
C VAL N 590 62.17 -21.41 90.49
N SER N 591 63.04 -21.95 91.36
CA SER N 591 63.28 -21.36 92.66
C SER N 591 64.24 -20.16 92.60
N THR N 592 64.73 -19.85 91.41
CA THR N 592 65.66 -18.74 91.24
C THR N 592 64.99 -17.40 91.54
N LYS N 593 65.50 -16.70 92.54
CA LYS N 593 64.95 -15.41 92.93
C LYS N 593 65.39 -14.33 91.95
N GLY N 594 64.50 -13.99 91.03
CA GLY N 594 64.79 -13.00 90.00
C GLY N 594 64.71 -13.63 88.61
N PRO N 595 64.91 -12.81 87.57
CA PRO N 595 64.91 -13.28 86.18
C PRO N 595 65.96 -14.35 85.92
N VAL N 596 65.61 -15.36 85.14
CA VAL N 596 66.53 -16.45 84.84
C VAL N 596 66.14 -17.16 83.53
N LEU N 597 67.14 -17.47 82.72
CA LEU N 597 66.91 -18.15 81.46
C LEU N 597 67.43 -19.59 81.51
N LEU N 598 66.60 -20.54 81.08
CA LEU N 598 66.99 -21.94 81.07
C LEU N 598 66.88 -22.53 79.66
N GLU N 599 68.03 -22.93 79.12
CA GLU N 599 68.06 -23.55 77.80
C GLU N 599 68.15 -25.08 77.92
N VAL N 600 67.19 -25.76 77.30
CA VAL N 600 67.19 -27.22 77.28
C VAL N 600 67.38 -27.73 75.87
N GLU N 601 68.56 -28.28 75.59
CA GLU N 601 68.86 -28.79 74.26
C GLU N 601 68.03 -30.03 73.94
N VAL N 602 66.81 -29.81 73.48
CA VAL N 602 65.89 -30.90 73.18
C VAL N 602 66.21 -31.55 71.83
N ASP N 603 65.50 -32.63 71.51
CA ASP N 603 65.72 -33.36 70.28
C ASP N 603 65.22 -32.57 69.08
N LYS N 604 65.59 -33.02 67.89
CA LYS N 604 65.26 -32.29 66.65
C LYS N 604 64.34 -33.11 65.75
N LYS N 605 63.62 -32.42 64.88
CA LYS N 605 62.72 -33.04 63.90
C LYS N 605 61.67 -33.94 64.55
N VAL N 606 60.97 -33.40 65.54
CA VAL N 606 59.91 -34.14 66.22
C VAL N 606 58.55 -33.49 65.96
N PRO N 607 57.68 -34.20 65.23
CA PRO N 607 56.35 -33.69 64.86
C PRO N 607 55.39 -33.62 66.04
N VAL N 608 54.49 -32.64 66.02
CA VAL N 608 53.47 -32.52 67.05
C VAL N 608 52.27 -33.40 66.72
N LEU N 609 52.04 -34.41 67.56
CA LEU N 609 50.95 -35.35 67.33
C LEU N 609 50.03 -35.41 68.55
N PRO N 610 48.72 -35.64 68.31
CA PRO N 610 48.05 -35.85 67.03
C PRO N 610 47.99 -34.60 66.15
N MET N 611 47.75 -34.79 64.85
CA MET N 611 47.72 -33.68 63.91
C MET N 611 46.61 -33.85 62.88
N VAL N 612 45.80 -32.81 62.72
CA VAL N 612 44.72 -32.83 61.73
C VAL N 612 44.97 -31.79 60.64
N ALA N 613 45.36 -32.26 59.46
CA ALA N 613 45.67 -31.36 58.35
C ALA N 613 45.02 -31.82 57.05
N GLY N 614 44.90 -30.91 56.10
CA GLY N 614 44.31 -31.21 54.81
C GLY N 614 42.82 -31.45 54.89
N GLY N 615 42.33 -32.33 54.02
CA GLY N 615 40.91 -32.65 53.97
C GLY N 615 40.49 -33.61 55.07
N SER N 616 41.44 -33.96 55.94
CA SER N 616 41.16 -34.85 57.06
C SER N 616 40.29 -34.18 58.11
N GLY N 617 39.21 -34.85 58.50
CA GLY N 617 38.34 -34.33 59.54
C GLY N 617 38.95 -34.54 60.92
N LEU N 618 38.19 -34.20 61.95
CA LEU N 618 38.68 -34.34 63.32
C LEU N 618 38.83 -35.82 63.71
N ASP N 619 38.18 -36.70 62.96
CA ASP N 619 38.24 -38.13 63.22
C ASP N 619 39.26 -38.81 62.31
N GLU N 620 39.82 -38.06 61.38
CA GLU N 620 40.81 -38.59 60.45
C GLU N 620 42.21 -38.09 60.81
N PHE N 621 42.46 -37.97 62.11
CA PHE N 621 43.73 -37.45 62.63
C PHE N 621 44.90 -38.38 62.32
N ILE N 622 46.12 -37.84 62.44
CA ILE N 622 47.33 -38.63 62.29
C ILE N 622 48.03 -38.76 63.65
N ASN N 623 48.17 -39.99 64.12
CA ASN N 623 48.72 -40.22 65.46
C ASN N 623 50.13 -40.81 65.43
N PHE N 624 50.69 -41.03 66.61
CA PHE N 624 52.09 -41.40 66.76
C PHE N 624 52.35 -42.90 66.73
N ASP N 625 53.40 -43.28 66.02
CA ASP N 625 53.92 -44.64 66.05
C ASP N 625 55.44 -44.59 66.14
N PRO N 626 56.04 -45.50 66.93
CA PRO N 626 57.50 -45.54 67.06
C PRO N 626 58.21 -45.94 65.78
N GLU N 627 57.56 -46.74 64.94
CA GLU N 627 58.20 -47.29 63.75
C GLU N 627 58.04 -46.37 62.54
N VAL N 628 57.04 -45.50 62.56
CA VAL N 628 56.86 -44.56 61.47
C VAL N 628 57.80 -43.37 61.64
N GLU N 629 58.31 -43.22 62.86
CA GLU N 629 59.30 -42.19 63.16
C GLU N 629 60.70 -42.69 62.81
N ARG N 630 60.98 -43.94 63.17
CA ARG N 630 62.28 -44.55 62.86
C ARG N 630 62.43 -44.76 61.36
N GLN N 631 61.31 -44.87 60.66
CA GLN N 631 61.31 -44.99 59.20
C GLN N 631 61.59 -43.64 58.56
N GLN N 632 61.14 -42.58 59.21
CA GLN N 632 61.26 -41.24 58.66
C GLN N 632 62.59 -40.58 59.07
N THR N 633 63.13 -40.98 60.21
CA THR N 633 64.42 -40.48 60.67
C THR N 633 65.54 -41.01 59.78
N GLU N 634 65.36 -42.21 59.25
CA GLU N 634 66.31 -42.78 58.31
C GLU N 634 66.04 -42.28 56.90
N LEU N 635 64.88 -41.64 56.73
CA LEU N 635 64.51 -41.07 55.44
C LEU N 635 65.01 -39.63 55.32
N ARG N 636 65.04 -38.92 56.45
CA ARG N 636 65.53 -37.56 56.45
C ARG N 636 67.05 -37.51 56.50
N HIS N 637 67.66 -38.66 56.80
CA HIS N 637 69.11 -38.80 56.71
C HIS N 637 69.49 -39.12 55.26
N LYS N 638 68.55 -39.70 54.53
CA LYS N 638 68.78 -40.12 53.15
C LYS N 638 68.52 -38.98 52.17
N ARG N 639 67.41 -38.29 52.35
CA ARG N 639 66.99 -37.24 51.43
C ARG N 639 67.80 -35.96 51.60
N THR N 640 68.09 -35.59 52.85
CA THR N 640 68.87 -34.39 53.12
C THR N 640 70.35 -34.61 52.78
N GLY N 641 70.88 -35.76 53.19
CA GLY N 641 72.26 -36.09 52.92
C GLY N 641 73.06 -36.35 54.18
N GLY N 642 72.41 -36.20 55.33
CA GLY N 642 73.05 -36.43 56.61
C GLY N 642 73.13 -35.18 57.46
N LYS N 643 72.73 -34.05 56.90
CA LYS N 643 72.75 -32.79 57.62
C LYS N 643 71.73 -32.78 58.76
N HIS N 644 70.60 -33.42 58.52
CA HIS N 644 69.54 -33.51 59.52
C HIS N 644 69.05 -34.95 59.68
N ASP O 38 -10.05 47.72 47.91
CA ASP O 38 -9.13 48.68 47.33
C ASP O 38 -7.68 48.27 47.59
N THR O 39 -6.94 48.03 46.53
CA THR O 39 -5.54 47.61 46.64
C THR O 39 -4.61 48.81 46.55
N PRO O 40 -3.78 49.02 47.59
CA PRO O 40 -2.82 50.12 47.63
C PRO O 40 -1.70 49.94 46.61
N SER O 41 -0.96 51.02 46.33
CA SER O 41 0.12 50.97 45.36
C SER O 41 1.42 51.51 45.96
N TRP O 42 2.55 51.06 45.39
CA TRP O 42 3.86 51.51 45.84
C TRP O 42 4.07 53.00 45.60
N ASN O 43 4.77 53.65 46.52
CA ASN O 43 5.17 55.04 46.32
C ASN O 43 6.47 55.08 45.52
N ALA O 44 6.74 56.19 44.86
CA ALA O 44 7.96 56.34 44.07
C ALA O 44 9.20 56.21 44.94
N ASN O 45 9.08 56.63 46.20
CA ASN O 45 10.21 56.58 47.13
C ASN O 45 10.25 55.27 47.92
N SER O 46 9.08 54.83 48.38
CA SER O 46 9.00 53.62 49.21
C SER O 46 9.38 52.37 48.42
N ALA O 47 9.20 52.42 47.11
CA ALA O 47 9.57 51.30 46.25
C ALA O 47 11.08 51.11 46.24
N VAL O 48 11.81 52.22 46.10
CA VAL O 48 13.26 52.19 46.10
C VAL O 48 13.80 51.68 47.43
N SER O 49 13.16 52.10 48.52
CA SER O 49 13.58 51.72 49.86
C SER O 49 13.46 50.21 50.07
N SER O 50 12.42 49.60 49.52
CA SER O 50 12.17 48.17 49.68
C SER O 50 13.17 47.34 48.88
N ILE O 51 13.58 47.86 47.72
CA ILE O 51 14.51 47.14 46.85
C ILE O 51 15.89 47.01 47.47
N ILE O 52 16.45 48.13 47.92
CA ILE O 52 17.78 48.14 48.52
C ILE O 52 17.81 47.42 49.87
N TYR O 53 16.64 47.36 50.52
CA TYR O 53 16.52 46.66 51.79
C TYR O 53 16.42 45.16 51.60
N GLU O 54 15.83 44.75 50.47
CA GLU O 54 15.68 43.34 50.16
C GLU O 54 16.94 42.80 49.47
N THR O 55 17.68 43.69 48.82
CA THR O 55 18.93 43.32 48.16
C THR O 55 19.91 42.74 49.17
N PRO O 56 20.22 41.43 49.03
CA PRO O 56 21.01 40.69 50.02
C PRO O 56 22.48 41.09 50.06
N ALA O 57 23.08 41.01 51.25
CA ALA O 57 24.50 41.24 51.43
C ALA O 57 25.27 40.04 50.90
N PRO O 58 26.58 40.21 50.60
CA PRO O 58 27.38 39.07 50.13
C PRO O 58 27.37 37.90 51.12
N SER O 59 26.62 36.86 50.78
CA SER O 59 26.49 35.69 51.63
C SER O 59 27.28 34.50 51.07
N ARG O 60 28.40 34.80 50.43
CA ARG O 60 29.24 33.76 49.84
C ARG O 60 30.71 34.17 49.81
N GLN O 61 31.60 33.21 49.99
CA GLN O 61 33.03 33.44 49.96
C GLN O 61 33.51 33.68 48.53
N PRO O 62 34.64 34.38 48.37
CA PRO O 62 35.22 34.58 47.03
C PRO O 62 35.62 33.26 46.36
N ARG O 63 35.85 32.23 47.17
CA ARG O 63 36.12 30.89 46.65
C ARG O 63 34.85 30.30 46.06
N LYS O 64 35.00 29.24 45.27
CA LYS O 64 33.85 28.63 44.60
C LYS O 64 33.80 27.13 44.80
N GLN O 65 32.81 26.49 44.20
CA GLN O 65 32.61 25.06 44.31
C GLN O 65 33.52 24.30 43.35
N HIS O 66 34.59 23.71 43.88
CA HIS O 66 35.54 22.96 43.05
C HIS O 66 35.02 21.57 42.73
N VAL O 67 35.10 21.21 41.45
CA VAL O 67 34.65 19.90 40.99
C VAL O 67 35.76 19.17 40.23
N LEU O 68 36.17 18.01 40.74
CA LEU O 68 37.18 17.20 40.08
C LEU O 68 36.60 15.88 39.63
N ASN O 69 36.91 15.48 38.41
CA ASN O 69 36.41 14.24 37.84
C ASN O 69 37.52 13.24 37.54
N CYS O 70 37.71 12.28 38.43
CA CYS O 70 38.76 11.29 38.29
C CYS O 70 38.37 10.20 37.30
N LEU O 71 39.34 9.73 36.52
CA LEU O 71 39.14 8.59 35.63
C LEU O 71 39.98 7.42 36.13
N VAL O 72 39.34 6.50 36.84
CA VAL O 72 40.06 5.43 37.53
C VAL O 72 39.83 4.06 36.91
N GLN O 73 40.78 3.15 37.12
CA GLN O 73 40.63 1.76 36.71
C GLN O 73 39.94 0.99 37.81
N ASN O 74 38.91 0.23 37.45
CA ASN O 74 38.10 -0.47 38.44
C ASN O 74 38.79 -1.71 39.00
N GLU O 75 39.82 -1.50 39.82
CA GLU O 75 40.51 -2.60 40.47
C GLU O 75 39.98 -2.76 41.90
N PRO O 76 40.08 -3.98 42.45
CA PRO O 76 39.62 -4.25 43.82
C PRO O 76 40.27 -3.35 44.87
N GLY O 77 39.50 -2.42 45.40
CA GLY O 77 39.97 -1.55 46.46
C GLY O 77 40.36 -0.16 46.00
N VAL O 78 39.93 0.21 44.80
CA VAL O 78 40.24 1.53 44.27
C VAL O 78 39.47 2.62 45.02
N LEU O 79 38.28 2.28 45.48
CA LEU O 79 37.44 3.22 46.22
C LEU O 79 38.03 3.55 47.58
N SER O 80 38.61 2.54 48.22
CA SER O 80 39.12 2.69 49.58
C SER O 80 40.40 3.52 49.64
N ARG O 81 41.13 3.56 48.52
CA ARG O 81 42.42 4.25 48.49
C ARG O 81 42.30 5.68 47.97
N VAL O 82 41.30 5.94 47.13
CA VAL O 82 41.03 7.30 46.68
C VAL O 82 40.49 8.11 47.84
N SER O 83 39.61 7.49 48.62
CA SER O 83 39.05 8.12 49.81
C SER O 83 40.13 8.28 50.88
N GLY O 84 40.91 7.22 51.07
CA GLY O 84 41.96 7.22 52.08
C GLY O 84 43.02 8.29 51.84
N THR O 85 43.38 8.49 50.58
CA THR O 85 44.37 9.49 50.22
C THR O 85 43.87 10.89 50.56
N LEU O 86 42.59 11.13 50.33
CA LEU O 86 41.98 12.42 50.60
C LEU O 86 41.77 12.65 52.09
N ALA O 87 41.37 11.60 52.80
CA ALA O 87 41.06 11.69 54.22
C ALA O 87 42.32 11.81 55.07
N ALA O 88 43.41 11.23 54.60
CA ALA O 88 44.66 11.22 55.36
C ALA O 88 45.44 12.52 55.20
N ARG O 89 44.99 13.38 54.30
CA ARG O 89 45.68 14.63 54.04
C ARG O 89 44.83 15.85 54.39
N GLY O 90 43.67 15.59 54.98
CA GLY O 90 42.82 16.65 55.49
C GLY O 90 42.22 17.56 54.43
N PHE O 91 41.51 16.98 53.47
CA PHE O 91 40.83 17.77 52.45
C PHE O 91 39.33 17.83 52.74
N ASN O 92 38.79 19.04 52.74
CA ASN O 92 37.37 19.24 53.00
C ASN O 92 36.51 18.81 51.81
N ILE O 93 36.26 17.52 51.70
CA ILE O 93 35.44 16.99 50.62
C ILE O 93 33.96 17.02 50.98
N ASP O 94 33.12 17.24 49.99
CA ASP O 94 31.67 17.31 50.21
C ASP O 94 30.96 16.08 49.67
N SER O 95 31.55 15.45 48.65
CA SER O 95 30.99 14.24 48.06
C SER O 95 32.05 13.49 47.27
N LEU O 96 31.73 12.26 46.87
CA LEU O 96 32.65 11.44 46.09
C LEU O 96 31.97 10.90 44.85
N VAL O 97 31.00 10.01 45.06
CA VAL O 97 30.16 9.45 44.00
C VAL O 97 30.95 8.71 42.91
N VAL O 98 30.99 7.39 43.02
CA VAL O 98 31.60 6.56 41.99
C VAL O 98 30.58 6.24 40.90
N CYS O 99 30.91 6.59 39.66
CA CYS O 99 30.00 6.38 38.55
C CYS O 99 30.54 5.39 37.52
N ASN O 100 29.70 4.45 37.12
CA ASN O 100 30.06 3.54 36.04
C ASN O 100 29.86 4.23 34.69
N THR O 101 30.63 3.81 33.69
CA THR O 101 30.61 4.47 32.39
C THR O 101 30.28 3.53 31.25
N GLU O 102 29.74 2.35 31.59
CA GLU O 102 29.39 1.33 30.61
C GLU O 102 30.58 0.90 29.75
N VAL O 103 31.77 1.05 30.31
CA VAL O 103 33.00 0.57 29.71
C VAL O 103 33.67 -0.38 30.68
N LYS O 104 34.17 -1.51 30.18
CA LYS O 104 34.72 -2.55 31.04
C LYS O 104 35.90 -2.06 31.86
N ASP O 105 35.84 -2.31 33.17
CA ASP O 105 36.91 -1.98 34.10
C ASP O 105 37.27 -0.49 34.08
N LEU O 106 36.25 0.35 33.93
CA LEU O 106 36.45 1.80 33.94
C LEU O 106 35.36 2.49 34.76
N SER O 107 35.77 3.34 35.69
CA SER O 107 34.83 4.10 36.51
C SER O 107 35.31 5.54 36.65
N ARG O 108 34.41 6.43 37.09
CA ARG O 108 34.76 7.82 37.27
C ARG O 108 34.12 8.39 38.53
N MET O 109 34.87 9.24 39.23
CA MET O 109 34.42 9.80 40.49
C MET O 109 34.37 11.33 40.43
N THR O 110 33.22 11.89 40.79
CA THR O 110 33.05 13.34 40.79
C THR O 110 33.27 13.91 42.18
N ILE O 111 34.50 14.33 42.45
CA ILE O 111 34.88 14.83 43.78
C ILE O 111 34.65 16.34 43.90
N VAL O 112 33.92 16.72 44.94
CA VAL O 112 33.65 18.13 45.21
C VAL O 112 34.27 18.55 46.54
N LEU O 113 35.13 19.56 46.49
CA LEU O 113 35.80 20.04 47.69
C LEU O 113 35.95 21.55 47.70
N GLN O 114 36.37 22.10 48.83
CA GLN O 114 36.60 23.53 48.95
C GLN O 114 38.07 23.82 49.27
N GLY O 115 38.46 25.08 49.14
CA GLY O 115 39.83 25.48 49.41
C GLY O 115 40.41 26.33 48.29
N GLN O 116 41.64 26.79 48.48
CA GLN O 116 42.32 27.61 47.49
C GLN O 116 42.67 26.80 46.23
N ASP O 117 42.99 27.52 45.16
CA ASP O 117 43.36 26.89 43.90
C ASP O 117 44.64 26.07 44.04
N GLY O 118 45.54 26.55 44.91
CA GLY O 118 46.79 25.84 45.16
C GLY O 118 46.57 24.57 45.95
N VAL O 119 45.52 24.55 46.75
CA VAL O 119 45.19 23.38 47.56
C VAL O 119 44.48 22.33 46.72
N ILE O 120 43.54 22.77 45.89
CA ILE O 120 42.77 21.86 45.03
C ILE O 120 43.69 21.19 44.01
N GLU O 121 44.58 21.98 43.42
CA GLU O 121 45.54 21.45 42.45
C GLU O 121 46.47 20.45 43.12
N GLN O 122 46.79 20.70 44.39
CA GLN O 122 47.60 19.77 45.17
C GLN O 122 46.82 18.49 45.41
N ALA O 123 45.55 18.64 45.77
CA ALA O 123 44.68 17.49 45.98
C ALA O 123 44.49 16.70 44.69
N ARG O 124 44.48 17.42 43.57
CA ARG O 124 44.32 16.80 42.26
C ARG O 124 45.53 15.95 41.90
N ARG O 125 46.72 16.51 42.11
CA ARG O 125 47.96 15.82 41.77
C ARG O 125 48.22 14.61 42.65
N GLN O 126 47.70 14.65 43.87
CA GLN O 126 47.83 13.53 44.80
C GLN O 126 47.06 12.31 44.29
N ILE O 127 45.82 12.54 43.87
CA ILE O 127 44.95 11.47 43.39
C ILE O 127 45.46 10.90 42.06
N GLU O 128 45.89 11.78 41.17
CA GLU O 128 46.33 11.38 39.84
C GLU O 128 47.60 10.53 39.90
N ASP O 129 48.38 10.72 40.96
CA ASP O 129 49.63 9.98 41.13
C ASP O 129 49.37 8.50 41.43
N LEU O 130 48.17 8.21 41.94
CA LEU O 130 47.76 6.83 42.18
C LEU O 130 47.75 6.06 40.86
N VAL O 131 48.32 4.85 40.88
CA VAL O 131 48.46 4.08 39.65
C VAL O 131 47.16 3.52 39.07
N PRO O 132 46.08 3.38 39.87
CA PRO O 132 44.89 2.96 39.11
C PRO O 132 44.11 4.14 38.55
N VAL O 133 44.72 5.32 38.57
CA VAL O 133 44.03 6.53 38.11
C VAL O 133 44.66 7.06 36.82
N TYR O 134 43.87 7.11 35.76
CA TYR O 134 44.32 7.63 34.48
C TYR O 134 44.62 9.13 34.57
N ALA O 135 43.59 9.91 34.88
CA ALA O 135 43.73 11.36 34.98
C ALA O 135 42.61 11.95 35.84
N VAL O 136 42.90 13.09 36.47
CA VAL O 136 41.90 13.80 37.25
C VAL O 136 41.60 15.16 36.61
N LEU O 137 40.44 15.26 35.98
CA LEU O 137 40.06 16.48 35.26
C LEU O 137 39.54 17.54 36.23
N ASP O 138 39.79 18.81 35.89
CA ASP O 138 39.35 19.92 36.71
C ASP O 138 38.15 20.62 36.08
N TYR O 139 37.01 20.60 36.77
CA TYR O 139 35.79 21.20 36.26
C TYR O 139 35.38 22.45 37.04
N THR O 140 36.30 22.98 37.85
CA THR O 140 35.98 24.13 38.70
C THR O 140 35.80 25.40 37.89
N ASN O 141 36.25 25.40 36.64
CA ASN O 141 36.13 26.56 35.78
C ASN O 141 35.57 26.18 34.40
N SER O 142 34.79 25.11 34.36
CA SER O 142 34.20 24.64 33.12
C SER O 142 32.68 24.60 33.19
N GLU O 143 32.05 24.78 32.04
CA GLU O 143 30.59 24.70 31.95
C GLU O 143 30.14 23.25 32.06
N ILE O 144 29.68 22.87 33.25
CA ILE O 144 29.28 21.49 33.49
C ILE O 144 27.81 21.37 33.90
N ILE O 145 27.32 20.14 33.95
CA ILE O 145 25.96 19.88 34.39
C ILE O 145 25.97 19.09 35.70
N LYS O 146 25.68 19.77 36.80
CA LYS O 146 25.72 19.15 38.13
C LYS O 146 24.38 18.50 38.45
N ARG O 147 24.43 17.29 39.01
CA ARG O 147 23.20 16.54 39.28
C ARG O 147 23.24 15.75 40.59
N GLU O 148 22.43 16.16 41.55
CA GLU O 148 22.16 15.35 42.74
C GLU O 148 20.80 14.67 42.57
N LEU O 149 20.59 13.57 43.28
CA LEU O 149 19.32 12.87 43.20
C LEU O 149 18.73 12.69 44.60
N VAL O 150 17.57 13.30 44.84
CA VAL O 150 16.94 13.25 46.15
C VAL O 150 15.65 12.44 46.15
N MET O 151 15.50 11.61 47.17
CA MET O 151 14.25 10.90 47.42
C MET O 151 13.85 11.13 48.87
N ALA O 152 12.67 11.72 49.08
CA ALA O 152 12.24 12.07 50.42
C ALA O 152 10.76 11.80 50.64
N ARG O 153 10.43 11.19 51.77
CA ARG O 153 9.04 10.98 52.14
C ARG O 153 8.55 12.16 52.96
N ILE O 154 7.47 12.79 52.49
CA ILE O 154 6.96 13.99 53.12
C ILE O 154 5.57 13.76 53.71
N SER O 155 5.38 14.16 54.96
CA SER O 155 4.12 13.94 55.65
C SER O 155 3.02 14.85 55.09
N LEU O 156 1.79 14.34 55.12
CA LEU O 156 0.64 15.08 54.61
C LEU O 156 -0.29 15.52 55.75
N LEU O 157 0.10 15.16 56.98
CA LEU O 157 -0.76 15.39 58.14
C LEU O 157 -0.51 16.76 58.79
N GLY O 158 0.10 17.68 58.06
CA GLY O 158 0.30 19.03 58.54
C GLY O 158 1.51 19.18 59.45
N THR O 159 1.77 20.43 59.86
CA THR O 159 2.93 20.75 60.69
C THR O 159 2.75 20.29 62.13
N GLU O 160 1.50 20.31 62.60
CA GLU O 160 1.21 19.92 63.98
C GLU O 160 1.57 18.47 64.27
N TYR O 161 1.16 17.56 63.39
CA TYR O 161 1.44 16.14 63.56
C TYR O 161 2.93 15.86 63.47
N PHE O 162 3.60 16.54 62.54
CA PHE O 162 5.03 16.38 62.36
C PHE O 162 5.79 16.86 63.59
N GLU O 163 5.30 17.95 64.18
CA GLU O 163 5.90 18.50 65.39
C GLU O 163 5.70 17.55 66.56
N ASP O 164 4.59 16.83 66.54
CA ASP O 164 4.29 15.83 67.56
C ASP O 164 5.16 14.59 67.36
N LEU O 165 5.24 14.13 66.11
CA LEU O 165 6.01 12.95 65.76
C LEU O 165 7.50 13.16 66.04
N LEU O 166 7.98 14.36 65.73
CA LEU O 166 9.39 14.70 65.91
C LEU O 166 9.75 14.78 67.40
N LEU O 167 8.75 15.06 68.23
CA LEU O 167 8.96 15.13 69.67
C LEU O 167 8.84 13.75 70.31
N HIS O 168 8.00 12.90 69.73
CA HIS O 168 7.79 11.55 70.25
C HIS O 168 9.04 10.69 70.10
N HIS O 169 9.67 10.76 68.92
CA HIS O 169 10.88 9.98 68.66
C HIS O 169 12.10 10.61 69.31
N HIS O 170 11.97 11.84 69.78
CA HIS O 170 13.06 12.54 70.43
C HIS O 170 13.31 12.00 71.83
N THR O 171 12.23 11.59 72.50
CA THR O 171 12.34 11.07 73.85
C THR O 171 12.91 9.65 73.87
N SER O 172 14.24 9.57 73.84
CA SER O 172 14.94 8.29 73.88
C SER O 172 16.39 8.48 74.32
N THR O 173 16.85 7.59 75.20
CA THR O 173 18.21 7.62 75.74
C THR O 173 18.54 8.97 76.39
N GLN O 181 8.48 17.96 79.09
CA GLN O 181 7.71 16.79 78.68
C GLN O 181 6.22 17.11 78.58
N GLU O 182 5.86 18.33 78.96
CA GLU O 182 4.46 18.77 78.92
C GLU O 182 4.10 19.36 77.57
N LEU O 183 5.05 19.32 76.64
CA LEU O 183 4.83 19.87 75.30
C LEU O 183 3.94 18.97 74.47
N VAL O 184 3.92 17.68 74.81
CA VAL O 184 3.13 16.70 74.06
C VAL O 184 1.63 17.00 74.14
N ALA O 185 1.23 17.72 75.20
CA ALA O 185 -0.16 18.11 75.36
C ALA O 185 -0.39 19.50 74.77
N GLU O 186 0.67 20.28 74.70
CA GLU O 186 0.59 21.64 74.15
C GLU O 186 0.48 21.60 72.62
N ILE O 187 1.14 20.63 72.00
CA ILE O 187 1.10 20.46 70.56
C ILE O 187 -0.22 19.86 70.11
N ARG O 188 -0.69 18.86 70.86
CA ARG O 188 -1.93 18.17 70.52
C ARG O 188 -3.17 19.01 70.88
N GLU O 189 -2.93 20.23 71.34
CA GLU O 189 -4.01 21.14 71.70
C GLU O 189 -4.18 22.22 70.64
N LYS O 190 -3.18 22.34 69.77
CA LYS O 190 -3.17 23.37 68.73
C LYS O 190 -4.25 23.12 67.68
N GLN O 191 -4.70 24.21 67.05
CA GLN O 191 -5.66 24.12 65.97
C GLN O 191 -5.02 23.46 64.76
N PHE O 192 -5.84 22.88 63.88
CA PHE O 192 -5.40 22.22 62.66
C PHE O 192 -4.54 20.98 62.93
N HIS O 193 -4.49 20.56 64.19
CA HIS O 193 -3.93 19.26 64.52
C HIS O 193 -5.01 18.21 64.27
N PRO O 194 -4.65 17.11 63.60
CA PRO O 194 -5.58 16.03 63.22
C PRO O 194 -6.58 15.65 64.31
N ALA O 195 -6.11 15.49 65.54
CA ALA O 195 -6.98 15.09 66.65
C ALA O 195 -7.99 16.17 67.01
N ASN O 196 -7.77 17.39 66.52
CA ASN O 196 -8.67 18.50 66.79
C ASN O 196 -9.49 18.89 65.57
N LEU O 197 -9.60 17.97 64.62
CA LEU O 197 -10.36 18.21 63.39
C LEU O 197 -11.31 17.06 63.08
N PRO O 198 -12.42 17.37 62.41
CA PRO O 198 -13.36 16.31 61.98
C PRO O 198 -12.71 15.37 60.96
N ALA O 199 -13.33 14.22 60.75
CA ALA O 199 -12.79 13.20 59.85
C ALA O 199 -12.84 13.66 58.39
N SER O 200 -13.78 14.55 58.07
CA SER O 200 -13.89 15.07 56.72
C SER O 200 -12.73 16.01 56.41
N GLU O 201 -12.33 16.80 57.40
CA GLU O 201 -11.09 17.57 57.30
C GLU O 201 -9.92 16.61 57.41
N VAL O 202 -8.70 17.16 57.46
CA VAL O 202 -7.47 16.37 57.44
C VAL O 202 -7.36 15.57 56.13
N LEU O 203 -8.39 14.78 55.81
CA LEU O 203 -8.49 14.16 54.50
C LEU O 203 -8.44 15.24 53.42
N ARG O 204 -9.12 16.34 53.69
CA ARG O 204 -9.17 17.46 52.76
C ARG O 204 -7.88 18.28 52.85
N LEU O 205 -7.20 18.18 53.99
CA LEU O 205 -5.92 18.86 54.18
C LEU O 205 -4.77 18.05 53.60
N LYS O 206 -4.85 16.73 53.73
CA LYS O 206 -3.82 15.84 53.21
C LYS O 206 -3.66 16.00 51.71
N HIS O 207 -4.77 16.08 50.99
CA HIS O 207 -4.75 16.25 49.55
C HIS O 207 -4.39 17.67 49.16
N GLU O 208 -4.75 18.63 50.02
CA GLU O 208 -4.37 20.02 49.79
C GLU O 208 -2.85 20.15 49.90
N HIS O 209 -2.30 19.55 50.95
CA HIS O 209 -0.85 19.50 51.12
C HIS O 209 -0.21 18.72 49.99
N LEU O 210 -0.86 17.63 49.58
CA LEU O 210 -0.38 16.81 48.48
C LEU O 210 -0.29 17.61 47.19
N ASN O 211 -1.28 18.47 46.97
CA ASN O 211 -1.30 19.30 45.79
C ASN O 211 -0.19 20.34 45.82
N ASP O 212 0.09 20.87 47.01
CA ASP O 212 1.13 21.87 47.19
C ASP O 212 2.51 21.27 46.94
N ILE O 213 2.75 20.11 47.55
CA ILE O 213 4.02 19.41 47.39
C ILE O 213 4.25 18.99 45.95
N THR O 214 3.19 18.51 45.30
CA THR O 214 3.26 18.10 43.90
C THR O 214 3.61 19.29 43.00
N ASN O 215 2.98 20.44 43.26
CA ASN O 215 3.24 21.65 42.49
C ASN O 215 4.66 22.17 42.70
N LEU O 216 5.18 21.99 43.91
CA LEU O 216 6.57 22.33 44.19
C LEU O 216 7.50 21.39 43.42
N THR O 217 7.16 20.11 43.44
CA THR O 217 7.97 19.08 42.81
C THR O 217 7.95 19.22 41.29
N ASN O 218 6.79 19.54 40.74
CA ASN O 218 6.64 19.72 39.30
C ASN O 218 7.44 20.91 38.78
N ASN O 219 7.40 22.01 39.51
CA ASN O 219 8.10 23.23 39.12
C ASN O 219 9.61 23.05 39.11
N PHE O 220 10.10 22.18 40.00
CA PHE O 220 11.54 21.92 40.08
C PHE O 220 11.97 20.81 39.13
N GLY O 221 11.01 20.24 38.43
CA GLY O 221 11.31 19.19 37.46
C GLY O 221 11.37 17.82 38.08
N GLY O 222 10.64 17.64 39.18
CA GLY O 222 10.58 16.36 39.86
C GLY O 222 9.25 15.67 39.66
N ARG O 223 8.98 14.65 40.47
CA ARG O 223 7.75 13.89 40.37
C ARG O 223 7.42 13.17 41.68
N VAL O 224 6.13 12.94 41.91
CA VAL O 224 5.68 12.16 43.05
C VAL O 224 5.55 10.69 42.65
N VAL O 225 6.39 9.84 43.24
CA VAL O 225 6.46 8.45 42.84
C VAL O 225 5.63 7.52 43.73
N ASP O 226 5.25 8.01 44.90
CA ASP O 226 4.46 7.21 45.83
C ASP O 226 3.51 8.08 46.65
N ILE O 227 2.27 7.64 46.78
CA ILE O 227 1.27 8.33 47.58
C ILE O 227 0.70 7.42 48.66
N SER O 228 1.16 7.63 49.91
CA SER O 228 0.70 6.81 51.02
C SER O 228 -0.61 7.36 51.60
N GLU O 229 -1.10 6.71 52.63
CA GLU O 229 -2.35 7.13 53.28
C GLU O 229 -2.11 8.34 54.17
N THR O 230 -0.85 8.56 54.55
CA THR O 230 -0.50 9.67 55.44
C THR O 230 0.74 10.43 54.98
N SER O 231 1.31 10.02 53.83
CA SER O 231 2.52 10.66 53.33
C SER O 231 2.70 10.45 51.83
N CYS O 232 3.83 10.92 51.30
CA CYS O 232 4.15 10.75 49.89
C CYS O 232 5.66 10.83 49.66
N ILE O 233 6.13 10.20 48.59
CA ILE O 233 7.55 10.20 48.25
C ILE O 233 7.82 10.95 46.94
N VAL O 234 8.77 11.87 46.98
CA VAL O 234 9.11 12.64 45.79
C VAL O 234 10.47 12.24 45.24
N GLU O 235 10.69 12.50 43.95
CA GLU O 235 11.95 12.21 43.29
C GLU O 235 12.39 13.41 42.47
N LEU O 236 13.60 13.92 42.75
CA LEU O 236 14.08 15.10 42.06
C LEU O 236 15.57 15.02 41.74
N SER O 237 15.93 15.42 40.52
CA SER O 237 17.33 15.48 40.12
C SER O 237 17.64 16.81 39.43
N ALA O 238 18.53 17.59 40.04
CA ALA O 238 18.92 18.89 39.50
C ALA O 238 20.22 19.36 40.14
N LYS O 239 20.48 20.66 40.04
CA LYS O 239 21.65 21.27 40.68
C LYS O 239 21.58 21.10 42.19
N PRO O 240 22.73 20.87 42.84
CA PRO O 240 22.81 20.72 44.30
C PRO O 240 22.19 21.89 45.05
N THR O 241 22.34 23.09 44.51
CA THR O 241 21.75 24.27 45.12
C THR O 241 20.25 24.34 44.84
N ARG O 242 19.82 23.69 43.77
CA ARG O 242 18.40 23.63 43.42
C ARG O 242 17.70 22.57 44.28
N ILE O 243 18.44 21.52 44.61
CA ILE O 243 17.95 20.50 45.55
C ILE O 243 17.79 21.11 46.93
N SER O 244 18.78 21.89 47.35
CA SER O 244 18.76 22.54 48.65
C SER O 244 17.59 23.51 48.76
N ALA O 245 17.26 24.15 47.64
CA ALA O 245 16.12 25.07 47.59
C ALA O 245 14.82 24.29 47.72
N PHE O 246 14.75 23.14 47.08
CA PHE O 246 13.57 22.30 47.11
C PHE O 246 13.35 21.69 48.50
N LEU O 247 14.43 21.27 49.14
CA LEU O 247 14.36 20.66 50.46
C LEU O 247 14.11 21.69 51.56
N LYS O 248 14.17 22.97 51.19
CA LYS O 248 13.87 24.04 52.13
C LYS O 248 12.42 24.47 51.99
N LEU O 249 11.93 24.48 50.76
CA LEU O 249 10.54 24.85 50.48
C LEU O 249 9.57 23.77 50.94
N VAL O 250 10.01 22.52 50.89
CA VAL O 250 9.16 21.40 51.25
C VAL O 250 9.35 21.00 52.71
N GLU O 251 10.31 21.65 53.37
CA GLU O 251 10.61 21.40 54.78
C GLU O 251 9.43 21.62 55.74
N PRO O 252 8.68 22.73 55.60
CA PRO O 252 7.60 22.96 56.57
C PRO O 252 6.53 21.86 56.61
N PHE O 253 6.37 21.13 55.52
CA PHE O 253 5.39 20.06 55.46
C PHE O 253 5.81 18.87 56.32
N GLY O 254 7.13 18.70 56.49
CA GLY O 254 7.65 17.63 57.31
C GLY O 254 8.32 16.55 56.49
N VAL O 255 9.65 16.47 56.59
CA VAL O 255 10.42 15.47 55.87
C VAL O 255 10.69 14.25 56.74
N LEU O 256 9.96 13.18 56.50
CA LEU O 256 10.08 11.96 57.30
C LEU O 256 11.41 11.26 57.04
N GLU O 257 11.68 10.95 55.77
CA GLU O 257 12.95 10.36 55.37
C GLU O 257 13.58 11.17 54.25
N CYS O 258 14.88 10.99 54.04
CA CYS O 258 15.59 11.72 53.00
C CYS O 258 16.86 11.00 52.54
N ALA O 259 17.16 11.11 51.26
CA ALA O 259 18.38 10.54 50.69
C ALA O 259 18.87 11.43 49.55
N ARG O 260 19.95 12.16 49.81
CA ARG O 260 20.42 13.19 48.89
C ARG O 260 21.56 12.73 47.98
N SER O 261 22.28 11.71 48.44
CA SER O 261 23.44 11.18 47.72
C SER O 261 24.49 12.27 47.48
N GLY O 262 25.04 12.30 46.27
CA GLY O 262 26.04 13.29 45.92
C GLY O 262 25.84 13.84 44.52
N MET O 263 26.79 14.65 44.06
CA MET O 263 26.68 15.30 42.76
C MET O 263 27.43 14.56 41.66
N MET O 264 26.79 14.42 40.51
CA MET O 264 27.44 13.92 39.30
C MET O 264 27.71 15.09 38.36
N ALA O 265 28.65 14.92 37.45
CA ALA O 265 29.02 16.02 36.57
C ALA O 265 29.31 15.56 35.14
N LEU O 266 28.86 16.36 34.18
CA LEU O 266 29.14 16.11 32.77
C LEU O 266 29.26 17.45 32.04
N PRO O 267 30.40 17.67 31.36
CA PRO O 267 30.71 18.94 30.70
C PRO O 267 29.69 19.34 29.63
N ARG O 268 29.21 20.58 29.69
CA ARG O 268 28.34 21.13 28.67
C ARG O 268 29.20 21.72 27.55
N THR O 269 28.59 22.47 26.64
CA THR O 269 29.33 23.11 25.56
C THR O 269 28.83 24.52 25.32
N PRO O 270 29.69 25.52 25.60
CA PRO O 270 29.35 26.93 25.46
C PRO O 270 29.25 27.37 24.00
N LEU O 271 28.05 27.23 23.43
CA LEU O 271 27.82 27.61 22.04
C LEU O 271 27.44 29.09 21.93
N LYS O 272 28.17 29.81 21.08
CA LYS O 272 27.86 31.21 20.81
C LYS O 272 27.67 31.43 19.32
N THR O 273 26.96 32.50 18.96
CA THR O 273 26.62 32.77 17.57
C THR O 273 27.84 33.10 16.72
N SER O 274 27.64 33.22 15.41
CA SER O 274 28.73 33.45 14.46
C SER O 274 29.23 34.89 14.50
N THR O 275 28.51 35.76 15.18
CA THR O 275 28.93 37.15 15.33
C THR O 275 29.63 37.36 16.67
N GLU O 276 29.48 36.38 17.56
CA GLU O 276 30.16 36.41 18.85
C GLU O 276 31.42 35.55 18.81
N GLU O 277 31.46 34.64 17.84
CA GLU O 277 32.65 33.84 17.57
C GLU O 277 33.67 34.66 16.79
N ALA O 278 33.19 35.68 16.10
CA ALA O 278 34.05 36.56 15.32
C ALA O 278 34.47 37.77 16.15
N ALA O 279 34.30 37.66 17.47
CA ALA O 279 34.65 38.74 18.39
C ALA O 279 36.07 38.57 18.92
N ASP O 280 36.93 37.93 18.13
CA ASP O 280 38.32 37.74 18.49
C ASP O 280 39.08 39.06 18.35
N GLU O 281 40.00 39.31 19.28
CA GLU O 281 40.77 40.55 19.34
C GLU O 281 39.85 41.77 19.40
N THR P 30 -10.91 3.91 -14.32
CA THR P 30 -10.43 5.27 -14.52
C THR P 30 -10.33 6.03 -13.20
N ARG P 31 -10.20 5.27 -12.11
CA ARG P 31 -10.06 5.85 -10.78
C ARG P 31 -8.60 5.77 -10.32
N PRO P 32 -8.16 6.76 -9.51
CA PRO P 32 -6.77 6.87 -9.05
C PRO P 32 -6.23 5.58 -8.43
N PRO P 33 -5.13 5.05 -9.00
CA PRO P 33 -4.52 3.80 -8.55
C PRO P 33 -3.90 3.89 -7.16
N LEU P 34 -4.34 3.02 -6.26
CA LEU P 34 -3.80 2.97 -4.91
C LEU P 34 -3.51 1.52 -4.53
N PRO P 35 -2.23 1.13 -4.62
CA PRO P 35 -1.80 -0.25 -4.35
C PRO P 35 -2.12 -0.70 -2.92
N THR P 36 -2.80 -1.84 -2.81
CA THR P 36 -3.19 -2.35 -1.50
C THR P 36 -1.96 -2.74 -0.67
N LEU P 37 -2.10 -2.59 0.64
CA LEU P 37 -1.02 -2.94 1.56
C LEU P 37 -0.78 -4.44 1.54
N ASP P 38 -1.84 -5.20 1.30
CA ASP P 38 -1.78 -6.66 1.23
C ASP P 38 -1.18 -7.25 2.51
N THR P 39 -1.53 -6.67 3.64
CA THR P 39 -1.02 -7.11 4.93
C THR P 39 -1.58 -8.48 5.29
N PRO P 40 -0.69 -9.48 5.39
CA PRO P 40 -1.09 -10.85 5.72
C PRO P 40 -1.56 -10.97 7.18
N SER P 41 -2.22 -12.07 7.50
CA SER P 41 -2.73 -12.29 8.85
C SER P 41 -2.45 -13.71 9.34
N TRP P 42 -2.35 -13.85 10.65
CA TRP P 42 -2.10 -15.16 11.25
C TRP P 42 -3.30 -16.09 11.13
N ASN P 43 -3.04 -17.39 11.12
CA ASN P 43 -4.08 -18.37 11.37
C ASN P 43 -3.87 -18.91 12.78
N ALA P 44 -4.81 -19.73 13.26
CA ALA P 44 -4.78 -20.20 14.63
C ALA P 44 -3.51 -20.98 14.97
N ASN P 45 -2.92 -21.63 13.97
CA ASN P 45 -1.76 -22.48 14.18
C ASN P 45 -0.42 -21.76 14.14
N SER P 46 -0.23 -20.90 13.14
CA SER P 46 1.03 -20.17 13.01
C SER P 46 1.16 -19.08 14.08
N ALA P 47 0.02 -18.67 14.63
CA ALA P 47 0.01 -17.65 15.67
C ALA P 47 0.56 -18.20 16.98
N VAL P 48 0.04 -19.36 17.40
CA VAL P 48 0.49 -19.99 18.64
C VAL P 48 1.90 -20.56 18.48
N SER P 49 2.29 -20.82 17.24
CA SER P 49 3.62 -21.35 16.96
C SER P 49 4.69 -20.30 17.23
N SER P 50 4.34 -19.04 16.98
CA SER P 50 5.26 -17.93 17.23
C SER P 50 5.33 -17.62 18.72
N ILE P 51 4.18 -17.68 19.39
CA ILE P 51 4.10 -17.41 20.82
C ILE P 51 4.94 -18.40 21.62
N ILE P 52 4.91 -19.67 21.20
CA ILE P 52 5.72 -20.71 21.82
C ILE P 52 7.20 -20.44 21.62
N TYR P 53 7.58 -20.12 20.38
CA TYR P 53 8.97 -19.87 20.03
C TYR P 53 9.53 -18.65 20.75
N GLU P 54 8.74 -17.58 20.81
CA GLU P 54 9.18 -16.34 21.44
C GLU P 54 9.08 -16.39 22.96
N THR P 55 8.75 -17.56 23.48
CA THR P 55 8.66 -17.76 24.93
C THR P 55 9.94 -18.37 25.48
N PRO P 56 10.61 -17.65 26.38
CA PRO P 56 11.86 -18.12 27.00
C PRO P 56 11.63 -19.29 27.95
N ARG P 63 21.74 -14.02 39.61
CA ARG P 63 21.07 -14.22 40.88
C ARG P 63 20.30 -12.98 41.30
N LYS P 64 19.34 -13.15 42.22
CA LYS P 64 18.57 -12.03 42.73
C LYS P 64 19.43 -11.16 43.65
N GLN P 65 19.38 -9.85 43.42
CA GLN P 65 20.20 -8.91 44.18
C GLN P 65 19.69 -8.72 45.60
N HIS P 66 20.62 -8.47 46.52
CA HIS P 66 20.27 -8.15 47.90
C HIS P 66 20.59 -6.67 48.19
N VAL P 67 19.65 -5.98 48.82
CA VAL P 67 19.84 -4.56 49.11
C VAL P 67 19.90 -4.30 50.61
N LEU P 68 20.99 -3.69 51.06
CA LEU P 68 21.15 -3.32 52.45
C LEU P 68 21.22 -1.81 52.62
N ASN P 69 20.65 -1.31 53.72
CA ASN P 69 20.66 0.12 54.00
C ASN P 69 21.28 0.40 55.36
N CYS P 70 22.51 0.93 55.34
CA CYS P 70 23.25 1.19 56.57
C CYS P 70 23.01 2.60 57.10
N LEU P 71 22.58 2.70 58.35
CA LEU P 71 22.45 3.99 59.01
C LEU P 71 23.74 4.30 59.77
N VAL P 72 24.50 5.26 59.27
CA VAL P 72 25.85 5.51 59.78
C VAL P 72 26.03 6.95 60.30
N GLN P 73 26.68 7.07 61.45
CA GLN P 73 27.11 8.38 61.96
C GLN P 73 28.28 8.87 61.12
N ASN P 74 28.21 10.12 60.69
CA ASN P 74 29.21 10.66 59.77
C ASN P 74 30.55 10.97 60.44
N GLU P 75 31.27 9.92 60.82
CA GLU P 75 32.62 10.08 61.37
C GLU P 75 33.61 10.35 60.25
N PRO P 76 34.72 11.05 60.56
CA PRO P 76 35.78 11.29 59.58
C PRO P 76 36.38 10.00 59.04
N GLY P 77 36.35 9.83 57.72
CA GLY P 77 36.89 8.63 57.10
C GLY P 77 36.10 7.38 57.45
N VAL P 78 34.79 7.44 57.25
CA VAL P 78 33.92 6.31 57.57
C VAL P 78 33.59 5.51 56.30
N LEU P 79 33.70 6.15 55.15
CA LEU P 79 33.44 5.48 53.88
C LEU P 79 34.49 4.41 53.61
N SER P 80 35.75 4.74 53.90
CA SER P 80 36.84 3.81 53.73
C SER P 80 36.80 2.72 54.80
N ARG P 81 36.05 2.98 55.87
CA ARG P 81 35.88 2.01 56.95
C ARG P 81 34.90 0.92 56.56
N VAL P 82 33.78 1.33 55.96
CA VAL P 82 32.74 0.39 55.55
C VAL P 82 33.14 -0.37 54.29
N SER P 83 33.59 0.37 53.28
CA SER P 83 34.01 -0.24 52.02
C SER P 83 35.25 -1.11 52.22
N GLY P 84 36.10 -0.69 53.14
CA GLY P 84 37.30 -1.45 53.46
C GLY P 84 36.98 -2.77 54.11
N THR P 85 35.89 -2.79 54.89
CA THR P 85 35.43 -4.00 55.54
C THR P 85 34.91 -4.99 54.52
N LEU P 86 34.07 -4.50 53.61
CA LEU P 86 33.48 -5.35 52.57
C LEU P 86 34.52 -5.95 51.64
N ALA P 87 35.65 -5.28 51.50
CA ALA P 87 36.74 -5.75 50.64
C ALA P 87 37.62 -6.76 51.39
N ALA P 88 37.83 -6.50 52.67
CA ALA P 88 38.65 -7.37 53.50
C ALA P 88 38.00 -8.72 53.72
N ARG P 89 36.67 -8.72 53.87
CA ARG P 89 35.92 -9.95 54.08
C ARG P 89 35.66 -10.66 52.75
N GLY P 90 36.01 -9.99 51.65
CA GLY P 90 35.88 -10.56 50.33
C GLY P 90 34.45 -10.75 49.87
N PHE P 91 33.69 -9.67 49.86
CA PHE P 91 32.31 -9.71 49.37
C PHE P 91 32.22 -9.19 47.94
N ASN P 92 31.24 -9.70 47.19
CA ASN P 92 31.03 -9.25 45.82
C ASN P 92 29.92 -8.21 45.76
N ILE P 93 30.22 -7.00 46.20
CA ILE P 93 29.25 -5.90 46.18
C ILE P 93 29.16 -5.28 44.79
N ASP P 94 27.95 -4.85 44.42
CA ASP P 94 27.72 -4.26 43.11
C ASP P 94 27.83 -2.74 43.16
N SER P 95 27.19 -2.14 44.16
CA SER P 95 27.20 -0.69 44.30
C SER P 95 27.19 -0.26 45.76
N LEU P 96 27.77 0.92 46.02
CA LEU P 96 27.77 1.50 47.36
C LEU P 96 27.70 3.02 47.24
N VAL P 97 26.49 3.55 47.34
CA VAL P 97 26.29 4.99 47.25
C VAL P 97 25.89 5.56 48.61
N VAL P 98 26.65 6.55 49.07
CA VAL P 98 26.40 7.18 50.36
C VAL P 98 25.47 8.39 50.20
N CYS P 99 24.39 8.40 50.97
CA CYS P 99 23.39 9.46 50.88
C CYS P 99 23.24 10.23 52.19
N ASN P 100 23.10 11.54 52.09
CA ASN P 100 22.83 12.37 53.25
C ASN P 100 21.35 12.41 53.59
N THR P 101 21.03 12.26 54.86
CA THR P 101 19.64 12.22 55.30
C THR P 101 19.10 13.60 55.64
N GLU P 102 19.87 14.63 55.27
CA GLU P 102 19.55 16.02 55.59
C GLU P 102 19.43 16.21 57.11
N VAL P 103 20.16 15.38 57.86
CA VAL P 103 20.22 15.46 59.31
C VAL P 103 21.67 15.57 59.73
N LYS P 104 21.96 16.48 60.65
CA LYS P 104 23.32 16.73 61.11
C LYS P 104 24.00 15.45 61.62
N ASP P 105 25.16 15.15 61.06
CA ASP P 105 25.95 13.97 61.42
C ASP P 105 25.18 12.66 61.25
N LEU P 106 24.53 12.51 60.10
CA LEU P 106 23.82 11.28 59.78
C LEU P 106 23.77 11.02 58.28
N SER P 107 24.24 9.84 57.88
CA SER P 107 24.22 9.45 56.48
C SER P 107 23.70 8.01 56.36
N ARG P 108 23.06 7.71 55.23
CA ARG P 108 22.61 6.35 54.98
C ARG P 108 23.23 5.80 53.71
N MET P 109 23.79 4.59 53.82
CA MET P 109 24.47 3.96 52.69
C MET P 109 23.65 2.81 52.12
N THR P 110 23.38 2.86 50.82
CA THR P 110 22.67 1.79 50.14
C THR P 110 23.65 0.86 49.46
N ILE P 111 23.74 -0.37 49.96
CA ILE P 111 24.68 -1.34 49.44
C ILE P 111 23.98 -2.48 48.70
N VAL P 112 24.41 -2.72 47.47
CA VAL P 112 23.86 -3.80 46.67
C VAL P 112 24.89 -4.91 46.49
N LEU P 113 24.53 -6.14 46.87
CA LEU P 113 25.43 -7.27 46.76
C LEU P 113 24.66 -8.56 46.46
N GLN P 114 25.31 -9.47 45.73
CA GLN P 114 24.69 -10.74 45.40
C GLN P 114 25.24 -11.86 46.30
N GLY P 115 24.61 -13.03 46.24
CA GLY P 115 25.00 -14.15 47.04
C GLY P 115 23.81 -14.80 47.72
N GLN P 116 24.06 -15.92 48.41
CA GLN P 116 23.00 -16.65 49.10
C GLN P 116 22.51 -15.84 50.30
N ASP P 117 21.36 -16.25 50.85
CA ASP P 117 20.77 -15.55 51.98
C ASP P 117 21.63 -15.62 53.23
N GLY P 118 22.51 -16.62 53.29
CA GLY P 118 23.37 -16.82 54.43
C GLY P 118 24.57 -15.89 54.44
N VAL P 119 25.18 -15.68 53.27
CA VAL P 119 26.40 -14.90 53.17
C VAL P 119 26.13 -13.39 53.19
N ILE P 120 24.90 -12.99 52.87
CA ILE P 120 24.54 -11.58 52.88
C ILE P 120 24.20 -11.13 54.30
N GLU P 121 23.73 -12.06 55.11
CA GLU P 121 23.44 -11.77 56.52
C GLU P 121 24.75 -11.54 57.27
N GLN P 122 25.79 -12.27 56.87
CA GLN P 122 27.11 -12.08 57.43
C GLN P 122 27.64 -10.69 57.11
N ALA P 123 27.44 -10.27 55.87
CA ALA P 123 27.85 -8.94 55.44
C ALA P 123 27.11 -7.86 56.21
N ARG P 124 25.85 -8.13 56.53
CA ARG P 124 25.03 -7.20 57.29
C ARG P 124 25.51 -7.09 58.73
N ARG P 125 25.76 -8.24 59.35
CA ARG P 125 26.22 -8.30 60.73
C ARG P 125 27.65 -7.78 60.87
N GLN P 126 28.45 -7.99 59.84
CA GLN P 126 29.85 -7.55 59.85
C GLN P 126 29.92 -6.02 59.87
N ILE P 127 29.03 -5.39 59.13
CA ILE P 127 28.97 -3.93 59.05
C ILE P 127 28.35 -3.33 60.31
N GLU P 128 27.28 -3.95 60.80
CA GLU P 128 26.55 -3.44 61.94
C GLU P 128 27.40 -3.40 63.21
N ASP P 129 28.40 -4.27 63.28
CA ASP P 129 29.28 -4.34 64.44
C ASP P 129 30.22 -3.15 64.50
N LEU P 130 30.36 -2.45 63.37
CA LEU P 130 31.19 -1.24 63.33
C LEU P 130 30.64 -0.18 64.26
N VAL P 131 31.53 0.48 64.99
CA VAL P 131 31.14 1.53 65.92
C VAL P 131 30.36 2.70 65.27
N PRO P 132 30.85 3.24 64.13
CA PRO P 132 30.16 4.45 63.64
C PRO P 132 28.77 4.20 63.03
N VAL P 133 28.37 2.95 62.84
CA VAL P 133 27.06 2.68 62.25
C VAL P 133 26.00 2.45 63.33
N TYR P 134 24.79 2.90 63.06
CA TYR P 134 23.67 2.70 63.98
C TYR P 134 23.06 1.33 63.76
N ALA P 135 22.47 1.15 62.59
CA ALA P 135 21.86 -0.13 62.22
C ALA P 135 21.77 -0.25 60.70
N VAL P 136 21.95 -1.47 60.21
CA VAL P 136 21.84 -1.72 58.77
C VAL P 136 20.60 -2.57 58.47
N LEU P 137 19.73 -2.03 57.61
CA LEU P 137 18.45 -2.67 57.32
C LEU P 137 18.54 -3.54 56.07
N ASP P 138 17.76 -4.63 56.05
CA ASP P 138 17.73 -5.53 54.90
C ASP P 138 16.51 -5.21 54.03
N TYR P 139 16.72 -4.42 52.98
CA TYR P 139 15.62 -4.00 52.11
C TYR P 139 15.33 -5.01 50.99
N THR P 140 15.90 -6.20 51.11
CA THR P 140 15.73 -7.23 50.08
C THR P 140 14.29 -7.72 50.00
N ASN P 141 13.81 -8.29 51.10
CA ASN P 141 12.45 -8.82 51.15
C ASN P 141 11.40 -7.76 51.43
N SER P 142 11.57 -6.59 50.80
CA SER P 142 10.65 -5.48 50.99
C SER P 142 10.44 -4.70 49.70
N GLU P 143 9.23 -4.21 49.50
CA GLU P 143 8.92 -3.39 48.32
C GLU P 143 9.52 -2.00 48.46
N ILE P 144 10.56 -1.74 47.68
CA ILE P 144 11.26 -0.46 47.74
C ILE P 144 11.31 0.23 46.38
N ILE P 145 11.64 1.51 46.39
CA ILE P 145 11.80 2.26 45.14
C ILE P 145 13.28 2.40 44.79
N LYS P 146 13.77 1.46 43.99
CA LYS P 146 15.16 1.47 43.55
C LYS P 146 15.36 2.56 42.50
N ARG P 147 16.31 3.47 42.73
CA ARG P 147 16.56 4.55 41.80
C ARG P 147 18.03 4.67 41.44
N GLU P 148 18.30 5.22 40.26
CA GLU P 148 19.65 5.36 39.75
C GLU P 148 19.72 6.46 38.68
N LEU P 149 20.64 7.40 38.86
CA LEU P 149 20.76 8.53 37.95
C LEU P 149 21.82 8.26 36.89
N VAL P 150 21.49 8.52 35.63
CA VAL P 150 22.42 8.31 34.53
C VAL P 150 22.49 9.54 33.61
N MET P 151 23.71 9.97 33.30
CA MET P 151 23.92 11.03 32.33
C MET P 151 24.78 10.52 31.18
N ALA P 152 24.26 10.64 29.96
CA ALA P 152 24.94 10.09 28.79
C ALA P 152 25.03 11.09 27.65
N ARG P 153 26.19 11.13 27.00
CA ARG P 153 26.39 11.97 25.83
C ARG P 153 26.30 11.10 24.57
N ILE P 154 25.31 11.38 23.73
CA ILE P 154 25.09 10.58 22.53
C ILE P 154 25.31 11.40 21.26
N SER P 155 26.07 10.83 20.33
CA SER P 155 26.34 11.49 19.05
C SER P 155 25.08 11.56 18.19
N LEU P 156 24.87 12.71 17.58
CA LEU P 156 23.71 12.90 16.69
C LEU P 156 24.05 12.46 15.27
N LEU P 157 25.34 12.32 14.99
CA LEU P 157 25.78 11.86 13.68
C LEU P 157 25.48 10.37 13.52
N GLY P 158 25.67 9.86 12.31
CA GLY P 158 25.34 8.48 12.00
C GLY P 158 26.11 7.45 12.81
N THR P 159 25.69 6.20 12.71
CA THR P 159 26.37 5.10 13.41
C THR P 159 27.70 4.79 12.77
N GLU P 160 27.87 5.22 11.51
CA GLU P 160 29.13 5.04 10.80
C GLU P 160 30.21 5.95 11.38
N TYR P 161 29.83 7.18 11.71
CA TYR P 161 30.74 8.13 12.31
C TYR P 161 31.22 7.63 13.67
N PHE P 162 30.30 7.07 14.45
CA PHE P 162 30.64 6.51 15.75
C PHE P 162 31.57 5.32 15.61
N GLU P 163 31.29 4.48 14.61
CA GLU P 163 32.13 3.33 14.32
C GLU P 163 33.52 3.76 13.86
N ASP P 164 33.58 4.94 13.25
CA ASP P 164 34.83 5.50 12.78
C ASP P 164 35.56 6.25 13.90
N LEU P 165 34.80 6.85 14.80
CA LEU P 165 35.38 7.62 15.90
C LEU P 165 36.07 6.71 16.91
N LEU P 166 35.49 5.55 17.17
CA LEU P 166 36.06 4.60 18.12
C LEU P 166 37.36 4.03 17.60
N LEU P 167 37.41 3.77 16.29
CA LEU P 167 38.59 3.21 15.66
C LEU P 167 39.75 4.20 15.74
N HIS P 168 39.44 5.49 15.69
CA HIS P 168 40.45 6.53 15.76
C HIS P 168 41.09 6.60 17.15
N HIS P 169 40.25 6.62 18.17
CA HIS P 169 40.74 6.68 19.56
C HIS P 169 41.39 5.36 19.97
N HIS P 170 41.02 4.29 19.30
CA HIS P 170 41.63 2.99 19.53
C HIS P 170 43.00 2.94 18.84
N THR P 171 43.21 3.87 17.93
CA THR P 171 44.47 3.96 17.19
C THR P 171 45.35 5.07 17.74
N GLY P 176 48.97 0.70 15.82
CA GLY P 176 47.98 -0.09 15.13
C GLY P 176 47.33 0.66 13.98
N ALA P 177 48.04 1.66 13.46
CA ALA P 177 47.55 2.47 12.36
C ALA P 177 47.88 1.84 11.01
N ALA P 178 48.46 0.64 11.05
CA ALA P 178 48.88 -0.04 9.84
C ALA P 178 47.70 -0.73 9.13
N ASP P 179 47.16 -1.76 9.77
CA ASP P 179 46.08 -2.55 9.16
C ASP P 179 44.73 -1.85 9.29
N SER P 180 44.63 -0.90 10.22
CA SER P 180 43.38 -0.19 10.46
C SER P 180 43.06 0.81 9.34
N GLN P 181 44.06 1.06 8.49
CA GLN P 181 43.89 1.99 7.38
C GLN P 181 42.93 1.41 6.34
N GLU P 182 42.83 0.09 6.30
CA GLU P 182 41.93 -0.58 5.38
C GLU P 182 40.54 -0.74 5.98
N LEU P 183 40.48 -0.79 7.31
CA LEU P 183 39.22 -0.94 8.01
C LEU P 183 38.39 0.34 7.93
N VAL P 184 39.04 1.48 8.14
CA VAL P 184 38.37 2.77 8.06
C VAL P 184 37.91 3.04 6.62
N ALA P 185 38.60 2.44 5.66
CA ALA P 185 38.23 2.56 4.27
C ALA P 185 36.89 1.90 4.02
N GLU P 186 36.62 0.82 4.74
CA GLU P 186 35.34 0.11 4.64
C GLU P 186 34.25 0.84 5.43
N ILE P 187 34.66 1.80 6.24
CA ILE P 187 33.72 2.57 7.05
C ILE P 187 33.34 3.88 6.37
N ARG P 188 34.34 4.63 5.93
CA ARG P 188 34.12 5.92 5.30
C ARG P 188 33.64 5.77 3.86
N GLU P 189 33.48 4.52 3.42
CA GLU P 189 32.91 4.24 2.11
C GLU P 189 31.39 4.20 2.18
N LYS P 190 30.88 3.69 3.31
CA LYS P 190 29.45 3.54 3.53
C LYS P 190 28.69 4.84 3.33
N GLN P 191 27.49 4.74 2.76
CA GLN P 191 26.61 5.90 2.68
C GLN P 191 26.05 6.18 4.07
N PHE P 192 25.40 7.34 4.22
CA PHE P 192 24.89 7.82 5.51
C PHE P 192 26.02 8.09 6.50
N HIS P 193 27.26 8.03 6.00
CA HIS P 193 28.40 8.58 6.70
C HIS P 193 28.49 10.04 6.31
N PRO P 194 28.63 10.94 7.29
CA PRO P 194 28.59 12.39 7.07
C PRO P 194 29.50 12.87 5.95
N ALA P 195 30.62 12.22 5.75
CA ALA P 195 31.58 12.61 4.71
C ALA P 195 31.06 12.34 3.31
N ASN P 196 30.14 11.39 3.18
CA ASN P 196 29.61 11.02 1.87
C ASN P 196 28.25 11.64 1.58
N LEU P 197 27.84 12.59 2.41
CA LEU P 197 26.54 13.23 2.25
C LEU P 197 26.66 14.75 2.19
N PRO P 198 25.71 15.40 1.51
CA PRO P 198 25.66 16.87 1.54
C PRO P 198 25.35 17.37 2.95
N ALA P 199 25.85 18.56 3.29
CA ALA P 199 25.67 19.12 4.63
C ALA P 199 24.20 19.35 4.95
N SER P 200 23.39 19.56 3.91
CA SER P 200 21.96 19.76 4.07
C SER P 200 21.28 18.53 4.65
N GLU P 201 21.68 17.35 4.17
CA GLU P 201 21.08 16.10 4.62
C GLU P 201 21.60 15.71 5.99
N VAL P 202 22.89 15.94 6.21
CA VAL P 202 23.53 15.64 7.50
C VAL P 202 22.86 16.44 8.62
N LEU P 203 22.58 17.71 8.35
CA LEU P 203 21.85 18.56 9.29
C LEU P 203 20.49 17.96 9.61
N ARG P 204 19.84 17.43 8.58
CA ARG P 204 18.52 16.83 8.73
C ARG P 204 18.61 15.49 9.46
N LEU P 205 19.76 14.83 9.36
CA LEU P 205 19.98 13.56 10.04
C LEU P 205 20.31 13.77 11.51
N LYS P 206 20.99 14.87 11.82
CA LYS P 206 21.31 15.21 13.20
C LYS P 206 20.04 15.37 14.02
N HIS P 207 19.08 16.10 13.47
CA HIS P 207 17.84 16.39 14.18
C HIS P 207 16.87 15.21 14.14
N GLU P 208 16.99 14.36 13.12
CA GLU P 208 16.18 13.15 13.05
C GLU P 208 16.59 12.20 14.17
N HIS P 209 17.89 12.01 14.32
CA HIS P 209 18.42 11.20 15.41
C HIS P 209 18.10 11.84 16.76
N LEU P 210 18.15 13.17 16.80
CA LEU P 210 17.85 13.91 18.02
C LEU P 210 16.40 13.69 18.46
N ASN P 211 15.49 13.74 17.51
CA ASN P 211 14.07 13.51 17.80
C ASN P 211 13.81 12.07 18.19
N ASP P 212 14.60 11.15 17.65
CA ASP P 212 14.48 9.74 17.99
C ASP P 212 14.94 9.49 19.42
N ILE P 213 16.07 10.09 19.78
CA ILE P 213 16.59 9.98 21.14
C ILE P 213 15.66 10.66 22.13
N THR P 214 15.11 11.80 21.72
CA THR P 214 14.21 12.57 22.58
C THR P 214 12.90 11.82 22.83
N ASN P 215 12.31 11.26 21.77
CA ASN P 215 11.11 10.45 21.91
C ASN P 215 11.37 9.19 22.72
N LEU P 216 12.59 8.68 22.62
CA LEU P 216 12.99 7.49 23.36
C LEU P 216 13.15 7.81 24.84
N THR P 217 13.78 8.95 25.14
CA THR P 217 14.04 9.33 26.51
C THR P 217 12.80 9.96 27.15
N ASN P 218 11.77 10.22 26.35
CA ASN P 218 10.51 10.74 26.87
C ASN P 218 9.60 9.61 27.34
N ASN P 219 9.68 8.47 26.66
CA ASN P 219 8.96 7.28 27.07
C ASN P 219 9.43 6.85 28.46
N PHE P 220 10.74 6.79 28.63
CA PHE P 220 11.33 6.65 29.96
C PHE P 220 11.17 7.98 30.68
N GLY P 221 11.33 7.99 32.00
CA GLY P 221 11.15 9.21 32.77
C GLY P 221 12.34 10.15 32.67
N GLY P 222 12.77 10.43 31.45
CA GLY P 222 13.98 11.21 31.23
C GLY P 222 13.76 12.53 30.51
N ARG P 223 14.87 13.17 30.13
CA ARG P 223 14.82 14.47 29.48
C ARG P 223 16.15 14.79 28.78
N VAL P 224 16.11 15.74 27.85
CA VAL P 224 17.32 16.19 27.18
C VAL P 224 17.80 17.50 27.79
N VAL P 225 19.04 17.51 28.27
CA VAL P 225 19.58 18.66 29.00
C VAL P 225 20.43 19.56 28.11
N ASP P 226 21.25 18.95 27.26
CA ASP P 226 22.15 19.70 26.40
C ASP P 226 22.03 19.29 24.93
N ILE P 227 21.99 20.28 24.05
CA ILE P 227 21.97 20.02 22.61
C ILE P 227 23.14 20.73 21.92
N SER P 228 23.97 19.95 21.24
CA SER P 228 25.09 20.50 20.48
C SER P 228 24.94 20.19 19.00
N GLU P 229 25.85 20.72 18.19
CA GLU P 229 25.80 20.52 16.75
C GLU P 229 26.46 19.21 16.33
N THR P 230 26.77 18.37 17.31
CA THR P 230 27.37 17.07 17.05
C THR P 230 26.76 16.00 17.95
N SER P 231 26.42 16.39 19.17
CA SER P 231 25.91 15.46 20.16
C SER P 231 24.78 16.04 21.01
N CYS P 232 24.35 15.28 22.01
CA CYS P 232 23.35 15.74 22.96
C CYS P 232 23.51 15.00 24.28
N ILE P 233 23.01 15.58 25.36
CA ILE P 233 23.13 14.97 26.68
C ILE P 233 21.75 14.65 27.27
N VAL P 234 21.54 13.39 27.62
CA VAL P 234 20.27 12.97 28.21
C VAL P 234 20.41 12.69 29.70
N GLU P 235 19.32 12.82 30.43
CA GLU P 235 19.29 12.56 31.86
C GLU P 235 18.10 11.70 32.23
N LEU P 236 18.35 10.60 32.93
CA LEU P 236 17.28 9.65 33.27
C LEU P 236 17.47 9.10 34.68
N SER P 237 16.36 8.92 35.39
CA SER P 237 16.38 8.34 36.73
C SER P 237 15.22 7.37 36.91
N ALA P 238 15.55 6.10 37.13
CA ALA P 238 14.55 5.05 37.36
C ALA P 238 15.19 3.85 38.03
N LYS P 239 14.51 2.71 38.02
CA LYS P 239 15.08 1.49 38.55
C LYS P 239 16.15 0.96 37.59
N PRO P 240 17.25 0.41 38.14
CA PRO P 240 18.44 -0.04 37.40
C PRO P 240 18.13 -0.84 36.14
N THR P 241 17.03 -1.58 36.14
CA THR P 241 16.63 -2.35 34.98
C THR P 241 16.18 -1.46 33.82
N ARG P 242 15.59 -0.32 34.16
CA ARG P 242 15.12 0.61 33.13
C ARG P 242 16.28 1.39 32.52
N ILE P 243 17.25 1.78 33.34
CA ILE P 243 18.42 2.50 32.85
C ILE P 243 19.22 1.61 31.91
N SER P 244 19.46 0.38 32.34
CA SER P 244 20.20 -0.58 31.52
C SER P 244 19.46 -0.90 30.23
N ALA P 245 18.13 -0.85 30.29
CA ALA P 245 17.30 -1.08 29.10
C ALA P 245 17.35 0.13 28.18
N PHE P 246 17.34 1.32 28.78
CA PHE P 246 17.40 2.56 28.03
C PHE P 246 18.73 2.71 27.29
N LEU P 247 19.81 2.34 27.96
CA LEU P 247 21.14 2.45 27.37
C LEU P 247 21.34 1.45 26.24
N LYS P 248 20.62 0.35 26.28
CA LYS P 248 20.68 -0.66 25.24
C LYS P 248 19.95 -0.17 23.99
N LEU P 249 18.98 0.73 24.20
CA LEU P 249 18.19 1.29 23.11
C LEU P 249 18.88 2.49 22.47
N VAL P 250 19.57 3.28 23.29
CA VAL P 250 20.26 4.47 22.80
C VAL P 250 21.65 4.09 22.31
N GLU P 251 22.01 2.83 22.48
CA GLU P 251 23.32 2.31 22.09
C GLU P 251 23.64 2.42 20.59
N PRO P 252 22.69 2.06 19.70
CA PRO P 252 23.04 2.13 18.28
C PRO P 252 23.39 3.53 17.78
N PHE P 253 22.82 4.55 18.42
CA PHE P 253 23.11 5.94 18.03
C PHE P 253 24.57 6.28 18.35
N GLY P 254 25.15 5.53 19.28
CA GLY P 254 26.55 5.72 19.64
C GLY P 254 26.72 6.62 20.85
N VAL P 255 26.88 6.01 22.02
CA VAL P 255 27.07 6.76 23.25
C VAL P 255 28.54 7.18 23.40
N LEU P 256 28.77 8.48 23.38
CA LEU P 256 30.12 9.03 23.44
C LEU P 256 30.68 9.00 24.86
N GLU P 257 29.85 9.40 25.82
CA GLU P 257 30.28 9.49 27.21
C GLU P 257 29.11 9.20 28.15
N CYS P 258 29.34 8.34 29.13
CA CYS P 258 28.27 7.93 30.04
C CYS P 258 28.68 8.01 31.50
N ALA P 259 27.68 7.99 32.39
CA ALA P 259 27.91 8.06 33.82
C ALA P 259 26.71 7.52 34.60
N ARG P 260 26.86 6.33 35.16
CA ARG P 260 25.78 5.70 35.93
C ARG P 260 26.05 5.74 37.43
N SER P 261 25.12 6.30 38.18
CA SER P 261 25.22 6.35 39.63
C SER P 261 24.97 4.97 40.25
N GLY P 262 25.24 4.86 41.54
CA GLY P 262 24.89 3.64 42.26
C GLY P 262 23.41 3.61 42.53
N MET P 263 22.89 2.46 42.95
CA MET P 263 21.46 2.33 43.19
C MET P 263 21.08 2.90 44.56
N MET P 264 20.19 3.88 44.55
CA MET P 264 19.60 4.40 45.79
C MET P 264 18.30 3.65 46.09
N ALA P 265 17.90 3.66 47.35
CA ALA P 265 16.70 2.93 47.75
C ALA P 265 15.92 3.65 48.83
N LEU P 266 14.60 3.61 48.72
CA LEU P 266 13.70 4.16 49.73
C LEU P 266 12.44 3.32 49.80
N PRO P 267 12.18 2.70 50.96
CA PRO P 267 11.07 1.77 51.12
C PRO P 267 9.69 2.44 51.05
N ARG P 268 8.82 1.88 50.23
CA ARG P 268 7.44 2.34 50.15
C ARG P 268 6.53 1.35 50.87
N THR P 269 5.37 1.81 51.33
CA THR P 269 4.43 0.93 52.00
C THR P 269 3.29 0.52 51.06
N PRO P 270 3.22 -0.79 50.73
CA PRO P 270 2.20 -1.32 49.84
C PRO P 270 0.78 -1.14 50.36
N LEU P 271 -0.05 -0.44 49.60
CA LEU P 271 -1.44 -0.22 49.98
C LEU P 271 -2.37 -1.16 49.23
N LYS P 272 -3.25 -1.83 49.98
CA LYS P 272 -4.28 -2.66 49.38
C LYS P 272 -5.64 -2.31 49.97
N THR P 273 -6.70 -2.60 49.22
CA THR P 273 -8.05 -2.18 49.57
C THR P 273 -8.55 -2.80 50.87
N SER P 274 -9.73 -2.34 51.32
CA SER P 274 -10.32 -2.78 52.56
C SER P 274 -10.75 -4.25 52.51
N THR P 275 -11.27 -4.67 51.37
CA THR P 275 -11.72 -6.04 51.20
C THR P 275 -10.53 -6.99 51.07
N GLU P 276 -9.39 -6.44 50.68
CA GLU P 276 -8.15 -7.22 50.62
C GLU P 276 -7.45 -7.17 51.97
N GLU P 277 -7.73 -6.11 52.72
CA GLU P 277 -7.17 -5.96 54.06
C GLU P 277 -7.94 -6.84 55.04
N ALA P 278 -9.20 -7.12 54.71
CA ALA P 278 -10.07 -7.93 55.57
C ALA P 278 -9.85 -9.42 55.32
N ALA P 279 -9.13 -9.75 54.26
CA ALA P 279 -8.83 -11.13 53.94
C ALA P 279 -7.78 -11.69 54.90
N ASP P 280 -8.20 -11.97 56.13
CA ASP P 280 -7.29 -12.48 57.16
C ASP P 280 -7.51 -13.97 57.38
N GLU P 281 -6.41 -14.71 57.46
CA GLU P 281 -6.46 -16.14 57.72
C GLU P 281 -5.68 -16.48 58.98
N ASP P 282 -6.21 -17.40 59.77
CA ASP P 282 -5.57 -17.80 61.02
C ASP P 282 -4.52 -18.89 60.78
N ASP Q 41 42.69 -26.35 -55.20
CA ASP Q 41 43.17 -26.40 -56.58
C ASP Q 41 42.07 -25.94 -57.55
N MET Q 42 41.92 -24.63 -57.67
CA MET Q 42 40.94 -24.05 -58.58
C MET Q 42 41.54 -22.91 -59.40
N ASP Q 43 41.06 -22.73 -60.61
CA ASP Q 43 41.49 -21.63 -61.46
C ASP Q 43 40.41 -20.55 -61.50
N THR Q 44 40.84 -19.30 -61.40
CA THR Q 44 39.89 -18.18 -61.39
C THR Q 44 40.39 -17.01 -62.23
N SER Q 45 41.28 -17.29 -63.16
CA SER Q 45 41.85 -16.27 -64.03
C SER Q 45 41.04 -16.10 -65.31
N PHE Q 46 39.88 -16.74 -65.36
CA PHE Q 46 39.01 -16.66 -66.54
C PHE Q 46 37.67 -16.00 -66.20
N VAL Q 47 37.51 -15.63 -64.93
CA VAL Q 47 36.26 -15.03 -64.47
C VAL Q 47 36.03 -13.66 -65.10
N GLY Q 48 34.90 -13.52 -65.77
CA GLY Q 48 34.55 -12.27 -66.44
C GLY Q 48 34.81 -12.33 -67.93
N LEU Q 49 35.40 -13.43 -68.37
CA LEU Q 49 35.71 -13.62 -69.80
C LEU Q 49 34.65 -14.49 -70.47
N THR Q 50 34.34 -14.17 -71.72
CA THR Q 50 33.38 -14.96 -72.49
C THR Q 50 34.03 -16.24 -72.99
N GLY Q 51 33.22 -17.13 -73.57
CA GLY Q 51 33.70 -18.40 -74.06
C GLY Q 51 34.78 -18.24 -75.12
N GLY Q 52 34.56 -17.32 -76.05
CA GLY Q 52 35.53 -17.05 -77.10
C GLY Q 52 36.81 -16.45 -76.54
N GLN Q 53 36.68 -15.67 -75.48
CA GLN Q 53 37.82 -15.04 -74.85
C GLN Q 53 38.66 -16.04 -74.08
N ILE Q 54 38.03 -17.09 -73.58
CA ILE Q 54 38.73 -18.16 -72.89
C ILE Q 54 39.53 -19.00 -73.89
N PHE Q 55 38.93 -19.25 -75.04
CA PHE Q 55 39.58 -20.00 -76.11
C PHE Q 55 40.87 -19.31 -76.55
N ASN Q 56 40.81 -17.99 -76.67
CA ASN Q 56 41.96 -17.20 -77.10
C ASN Q 56 43.12 -17.27 -76.12
N GLU Q 57 42.79 -17.43 -74.83
CA GLU Q 57 43.81 -17.51 -73.80
C GLU Q 57 44.39 -18.92 -73.69
N MET Q 58 43.58 -19.92 -74.01
CA MET Q 58 44.02 -21.31 -73.95
C MET Q 58 45.00 -21.62 -75.08
N MET Q 59 44.87 -20.89 -76.19
CA MET Q 59 45.76 -21.09 -77.33
C MET Q 59 47.19 -20.71 -76.98
N SER Q 60 47.33 -19.65 -76.16
CA SER Q 60 48.64 -19.21 -75.72
C SER Q 60 49.23 -20.16 -74.69
N ARG Q 61 48.37 -20.78 -73.89
CA ARG Q 61 48.80 -21.72 -72.87
C ARG Q 61 49.15 -23.07 -73.49
N GLN Q 62 48.61 -23.34 -74.67
CA GLN Q 62 48.92 -24.56 -75.39
C GLN Q 62 49.99 -24.29 -76.44
N ASN Q 63 50.59 -23.10 -76.36
CA ASN Q 63 51.65 -22.68 -77.27
C ASN Q 63 51.24 -22.75 -78.74
N VAL Q 64 49.97 -22.46 -79.01
CA VAL Q 64 49.48 -22.41 -80.37
C VAL Q 64 49.86 -21.09 -81.03
N ASP Q 65 50.53 -21.17 -82.17
CA ASP Q 65 50.99 -19.97 -82.87
C ASP Q 65 50.29 -19.79 -84.22
N THR Q 66 49.51 -20.79 -84.62
CA THR Q 66 48.82 -20.74 -85.90
C THR Q 66 47.48 -21.46 -85.84
N VAL Q 67 46.44 -20.80 -86.35
CA VAL Q 67 45.11 -21.40 -86.40
C VAL Q 67 44.52 -21.31 -87.80
N PHE Q 68 44.22 -22.46 -88.39
CA PHE Q 68 43.60 -22.53 -89.70
C PHE Q 68 42.08 -22.63 -89.54
N GLY Q 69 41.33 -21.80 -90.25
CA GLY Q 69 39.88 -21.85 -90.13
C GLY Q 69 39.08 -20.91 -91.01
N TYR Q 70 37.77 -21.14 -91.04
CA TYR Q 70 36.85 -20.34 -91.84
C TYR Q 70 35.57 -20.08 -91.04
N PRO Q 71 35.37 -18.82 -90.63
CA PRO Q 71 34.30 -18.42 -89.71
C PRO Q 71 32.89 -18.53 -90.28
N GLY Q 72 31.92 -18.02 -89.53
CA GLY Q 72 30.52 -18.04 -89.94
C GLY Q 72 29.67 -18.84 -88.98
N GLY Q 73 28.36 -18.88 -89.25
CA GLY Q 73 27.45 -19.71 -88.47
C GLY Q 73 27.37 -19.39 -86.99
N ALA Q 74 27.85 -20.32 -86.17
CA ALA Q 74 27.73 -20.21 -84.72
C ALA Q 74 29.09 -20.13 -84.01
N ILE Q 75 30.14 -19.89 -84.78
CA ILE Q 75 31.48 -19.76 -84.21
C ILE Q 75 31.85 -18.28 -84.11
N LEU Q 76 30.85 -17.43 -84.32
CA LEU Q 76 31.02 -15.98 -84.29
C LEU Q 76 31.60 -15.42 -82.97
N PRO Q 77 31.11 -15.88 -81.79
CA PRO Q 77 31.67 -15.31 -80.56
C PRO Q 77 33.15 -15.62 -80.34
N VAL Q 78 33.66 -16.65 -81.03
CA VAL Q 78 35.06 -17.02 -80.90
C VAL Q 78 35.94 -16.14 -81.80
N TYR Q 79 35.49 -15.92 -83.03
CA TYR Q 79 36.23 -15.12 -83.98
C TYR Q 79 36.26 -13.64 -83.58
N ASP Q 80 35.20 -13.20 -82.89
CA ASP Q 80 35.11 -11.83 -82.43
C ASP Q 80 36.13 -11.56 -81.32
N ALA Q 81 36.46 -12.61 -80.57
CA ALA Q 81 37.41 -12.48 -79.47
C ALA Q 81 38.86 -12.59 -79.95
N ILE Q 82 39.08 -13.45 -80.94
CA ILE Q 82 40.42 -13.65 -81.49
C ILE Q 82 40.69 -12.67 -82.63
N HIS Q 83 39.78 -11.73 -82.84
CA HIS Q 83 39.92 -10.74 -83.88
C HIS Q 83 41.15 -9.88 -83.63
N ASN Q 84 42.12 -9.96 -84.55
CA ASN Q 84 43.40 -9.27 -84.42
C ASN Q 84 44.13 -9.65 -83.13
N SER Q 85 44.15 -10.94 -82.82
CA SER Q 85 44.81 -11.43 -81.63
C SER Q 85 46.32 -11.55 -81.84
N ASP Q 86 47.09 -11.11 -80.85
CA ASP Q 86 48.54 -11.14 -80.95
C ASP Q 86 49.13 -12.34 -80.21
N LYS Q 87 48.38 -13.44 -80.17
CA LYS Q 87 48.83 -14.64 -79.50
C LYS Q 87 49.07 -15.78 -80.48
N PHE Q 88 48.49 -15.65 -81.68
CA PHE Q 88 48.65 -16.65 -82.72
C PHE Q 88 48.27 -16.11 -84.09
N ASN Q 89 48.92 -16.62 -85.13
CA ASN Q 89 48.58 -16.24 -86.50
C ASN Q 89 47.35 -17.00 -86.98
N PHE Q 90 46.73 -16.48 -88.04
CA PHE Q 90 45.55 -17.13 -88.60
C PHE Q 90 45.67 -17.29 -90.12
N VAL Q 91 45.19 -18.42 -90.62
CA VAL Q 91 45.18 -18.67 -92.05
C VAL Q 91 43.75 -18.84 -92.55
N LEU Q 92 43.38 -18.06 -93.56
CA LEU Q 92 42.03 -18.08 -94.09
C LEU Q 92 41.98 -18.73 -95.46
N PRO Q 93 41.54 -20.00 -95.52
CA PRO Q 93 41.45 -20.75 -96.78
C PRO Q 93 40.21 -20.39 -97.58
N LYS Q 94 39.94 -21.16 -98.64
CA LYS Q 94 38.75 -20.96 -99.44
C LYS Q 94 37.81 -22.15 -99.32
N HIS Q 95 38.22 -23.13 -98.52
CA HIS Q 95 37.41 -24.32 -98.24
C HIS Q 95 37.83 -24.89 -96.90
N GLU Q 96 36.87 -25.44 -96.16
CA GLU Q 96 37.14 -26.03 -94.84
C GLU Q 96 38.12 -27.19 -94.94
N GLN Q 97 37.99 -27.98 -95.99
CA GLN Q 97 38.89 -29.12 -96.22
C GLN Q 97 40.34 -28.65 -96.34
N GLY Q 98 40.53 -27.47 -96.93
CA GLY Q 98 41.86 -26.90 -97.06
C GLY Q 98 42.51 -26.67 -95.71
N ALA Q 99 41.78 -26.04 -94.80
CA ALA Q 99 42.29 -25.75 -93.46
C ALA Q 99 42.63 -27.02 -92.71
N GLY Q 100 41.86 -28.07 -92.94
CA GLY Q 100 42.11 -29.35 -92.30
C GLY Q 100 43.41 -29.97 -92.76
N HIS Q 101 43.67 -29.88 -94.06
CA HIS Q 101 44.90 -30.42 -94.64
C HIS Q 101 46.09 -29.52 -94.33
N MET Q 102 45.83 -28.22 -94.19
CA MET Q 102 46.88 -27.26 -93.85
C MET Q 102 47.43 -27.56 -92.46
N ALA Q 103 46.55 -27.95 -91.55
CA ALA Q 103 46.95 -28.31 -90.18
C ALA Q 103 47.80 -29.58 -90.20
N GLU Q 104 47.41 -30.52 -91.04
CA GLU Q 104 48.15 -31.77 -91.19
C GLU Q 104 49.57 -31.50 -91.67
N GLY Q 105 49.68 -30.64 -92.69
CA GLY Q 105 50.97 -30.23 -93.19
C GLY Q 105 51.76 -29.46 -92.14
N TYR Q 106 51.04 -28.70 -91.33
CA TYR Q 106 51.66 -27.94 -90.25
C TYR Q 106 52.12 -28.87 -89.13
N ALA Q 107 51.34 -29.91 -88.86
CA ALA Q 107 51.62 -30.82 -87.76
C ALA Q 107 52.79 -31.76 -88.08
N ARG Q 108 52.91 -32.15 -89.34
CA ARG Q 108 53.95 -33.11 -89.74
C ARG Q 108 55.29 -32.43 -89.95
N ALA Q 109 55.27 -31.11 -90.17
CA ALA Q 109 56.49 -30.36 -90.44
C ALA Q 109 57.03 -29.67 -89.20
N SER Q 110 56.18 -29.53 -88.18
CA SER Q 110 56.57 -28.84 -86.96
C SER Q 110 56.54 -29.75 -85.73
N GLY Q 111 55.70 -30.78 -85.79
CA GLY Q 111 55.56 -31.69 -84.67
C GLY Q 111 54.58 -31.14 -83.64
N LYS Q 112 53.95 -30.02 -83.99
CA LYS Q 112 52.98 -29.37 -83.11
C LYS Q 112 51.56 -29.71 -83.53
N PRO Q 113 50.61 -29.66 -82.57
CA PRO Q 113 49.21 -29.94 -82.88
C PRO Q 113 48.61 -28.93 -83.87
N GLY Q 114 48.03 -29.43 -84.95
CA GLY Q 114 47.36 -28.58 -85.91
C GLY Q 114 45.99 -28.16 -85.41
N VAL Q 115 45.77 -26.85 -85.30
CA VAL Q 115 44.51 -26.34 -84.79
C VAL Q 115 43.59 -25.87 -85.91
N VAL Q 116 42.36 -26.38 -85.92
CA VAL Q 116 41.38 -26.00 -86.93
C VAL Q 116 40.14 -25.38 -86.27
N LEU Q 117 39.77 -24.19 -86.72
CA LEU Q 117 38.63 -23.47 -86.15
C LEU Q 117 37.59 -23.13 -87.21
N VAL Q 118 36.57 -23.99 -87.34
CA VAL Q 118 35.52 -23.78 -88.33
C VAL Q 118 34.17 -23.55 -87.66
N THR Q 119 33.09 -23.70 -88.43
CA THR Q 119 31.74 -23.48 -87.93
C THR Q 119 30.91 -24.76 -87.94
N SER Q 120 29.62 -24.62 -87.65
CA SER Q 120 28.71 -25.77 -87.60
C SER Q 120 28.17 -26.12 -88.97
N GLY Q 121 27.38 -27.19 -89.03
CA GLY Q 121 26.75 -27.62 -90.27
C GLY Q 121 27.74 -28.09 -91.32
N PRO Q 122 27.69 -27.49 -92.51
CA PRO Q 122 28.58 -27.83 -93.62
C PRO Q 122 30.02 -27.50 -93.33
N GLY Q 123 30.26 -26.51 -92.48
CA GLY Q 123 31.60 -26.10 -92.12
C GLY Q 123 32.33 -27.15 -91.31
N ALA Q 124 31.57 -28.05 -90.71
CA ALA Q 124 32.15 -29.12 -89.88
C ALA Q 124 32.21 -30.43 -90.66
N THR Q 125 31.25 -30.65 -91.54
CA THR Q 125 31.18 -31.88 -92.32
C THR Q 125 32.23 -31.90 -93.43
N ASN Q 126 32.76 -30.73 -93.77
CA ASN Q 126 33.79 -30.63 -94.79
C ASN Q 126 35.17 -30.96 -94.24
N VAL Q 127 35.27 -31.09 -92.93
CA VAL Q 127 36.54 -31.40 -92.28
C VAL Q 127 36.61 -32.88 -91.92
N VAL Q 128 35.62 -33.65 -92.35
CA VAL Q 128 35.59 -35.08 -92.10
C VAL Q 128 36.73 -35.81 -92.81
N THR Q 129 36.92 -35.50 -94.08
CA THR Q 129 37.96 -36.14 -94.89
C THR Q 129 39.37 -35.92 -94.34
N PRO Q 130 39.75 -34.66 -93.99
CA PRO Q 130 41.11 -34.54 -93.44
C PRO Q 130 41.27 -35.17 -92.06
N MET Q 131 40.21 -35.15 -91.26
CA MET Q 131 40.26 -35.78 -89.94
C MET Q 131 40.45 -37.28 -90.06
N ALA Q 132 39.73 -37.89 -91.00
CA ALA Q 132 39.86 -39.32 -91.26
C ALA Q 132 41.23 -39.65 -91.81
N ASP Q 133 41.82 -38.69 -92.52
CA ASP Q 133 43.16 -38.86 -93.08
C ASP Q 133 44.21 -38.77 -91.99
N ALA Q 134 43.99 -37.88 -91.02
CA ALA Q 134 44.89 -37.74 -89.90
C ALA Q 134 44.74 -38.90 -88.93
N PHE Q 135 43.53 -39.44 -88.86
CA PHE Q 135 43.23 -40.55 -87.97
C PHE Q 135 43.94 -41.82 -88.40
N ALA Q 136 44.17 -41.94 -89.71
CA ALA Q 136 44.83 -43.12 -90.26
C ALA Q 136 46.35 -42.95 -90.23
N ASP Q 137 46.81 -41.74 -90.52
CA ASP Q 137 48.25 -41.46 -90.58
C ASP Q 137 48.80 -41.05 -89.22
N GLY Q 138 47.91 -40.92 -88.24
CA GLY Q 138 48.32 -40.56 -86.89
C GLY Q 138 48.93 -39.18 -86.79
N ILE Q 139 48.14 -38.16 -87.14
CA ILE Q 139 48.64 -36.79 -87.16
C ILE Q 139 47.98 -35.95 -86.08
N PRO Q 140 48.79 -35.32 -85.22
CA PRO Q 140 48.29 -34.51 -84.11
C PRO Q 140 47.50 -33.29 -84.58
N MET Q 141 46.20 -33.31 -84.34
CA MET Q 141 45.32 -32.24 -84.81
C MET Q 141 44.15 -32.01 -83.86
N VAL Q 142 43.87 -30.74 -83.56
CA VAL Q 142 42.73 -30.40 -82.71
C VAL Q 142 41.74 -29.54 -83.48
N VAL Q 143 40.58 -30.10 -83.78
CA VAL Q 143 39.57 -29.43 -84.59
C VAL Q 143 38.45 -28.85 -83.73
N PHE Q 144 38.30 -27.53 -83.78
CA PHE Q 144 37.20 -26.86 -83.07
C PHE Q 144 36.07 -26.53 -84.04
N THR Q 145 34.89 -27.07 -83.76
CA THR Q 145 33.73 -26.81 -84.60
C THR Q 145 32.64 -26.09 -83.82
N GLY Q 146 32.03 -25.09 -84.45
CA GLY Q 146 30.93 -24.37 -83.85
C GLY Q 146 29.69 -25.24 -83.79
N GLN Q 147 28.66 -24.76 -83.08
CA GLN Q 147 27.43 -25.53 -82.95
C GLN Q 147 26.28 -24.63 -82.51
N VAL Q 148 25.06 -24.99 -82.89
CA VAL Q 148 23.86 -24.29 -82.49
C VAL Q 148 23.75 -24.26 -80.95
N PRO Q 149 23.05 -23.25 -80.41
CA PRO Q 149 22.85 -23.14 -78.96
C PRO Q 149 22.28 -24.43 -78.36
N THR Q 150 22.62 -24.69 -77.10
CA THR Q 150 22.21 -25.92 -76.42
C THR Q 150 20.69 -26.04 -76.31
N SER Q 151 19.99 -24.92 -76.45
CA SER Q 151 18.54 -24.92 -76.39
C SER Q 151 17.92 -25.29 -77.73
N ALA Q 152 18.76 -25.30 -78.77
CA ALA Q 152 18.27 -25.59 -80.12
C ALA Q 152 18.70 -26.97 -80.60
N ILE Q 153 19.55 -27.63 -79.82
CA ILE Q 153 20.04 -28.96 -80.17
C ILE Q 153 18.94 -30.01 -80.10
N GLY Q 154 18.75 -30.75 -81.19
CA GLY Q 154 17.76 -31.80 -81.24
C GLY Q 154 16.45 -31.31 -81.83
N THR Q 155 16.50 -30.19 -82.54
CA THR Q 155 15.31 -29.59 -83.13
C THR Q 155 15.46 -29.43 -84.64
N ASP Q 156 16.44 -30.12 -85.22
CA ASP Q 156 16.77 -30.00 -86.64
C ASP Q 156 17.03 -28.54 -86.99
N ALA Q 157 17.85 -27.88 -86.17
CA ALA Q 157 18.09 -26.44 -86.30
C ALA Q 157 18.88 -26.09 -87.55
N PHE Q 158 19.00 -24.79 -87.81
CA PHE Q 158 19.76 -24.29 -88.95
C PHE Q 158 21.24 -24.57 -88.80
N GLN Q 159 21.81 -25.21 -89.81
CA GLN Q 159 23.21 -25.63 -89.80
C GLN Q 159 23.53 -26.51 -88.59
N GLU Q 160 22.60 -27.39 -88.25
CA GLU Q 160 22.80 -28.32 -87.13
C GLU Q 160 23.15 -29.70 -87.65
N ALA Q 161 24.27 -30.25 -87.17
CA ALA Q 161 24.71 -31.58 -87.57
C ALA Q 161 25.31 -32.32 -86.38
N ASP Q 162 25.15 -33.64 -86.38
CA ASP Q 162 25.71 -34.47 -85.31
C ASP Q 162 27.21 -34.63 -85.53
N VAL Q 163 27.95 -33.55 -85.31
CA VAL Q 163 29.39 -33.52 -85.54
C VAL Q 163 30.12 -34.53 -84.66
N VAL Q 164 29.59 -34.75 -83.46
CA VAL Q 164 30.17 -35.71 -82.52
C VAL Q 164 30.01 -37.14 -83.02
N GLY Q 165 28.81 -37.47 -83.47
CA GLY Q 165 28.52 -38.81 -83.96
C GLY Q 165 29.22 -39.13 -85.26
N ILE Q 166 29.31 -38.14 -86.14
CA ILE Q 166 29.96 -38.31 -87.43
C ILE Q 166 31.47 -38.50 -87.27
N SER Q 167 32.09 -37.62 -86.50
CA SER Q 167 33.54 -37.63 -86.33
C SER Q 167 34.00 -38.59 -85.24
N ARG Q 168 33.09 -39.44 -84.77
CA ARG Q 168 33.42 -40.39 -83.71
C ARG Q 168 34.29 -41.52 -84.22
N SER Q 169 34.07 -41.91 -85.47
CA SER Q 169 34.79 -43.04 -86.05
C SER Q 169 36.13 -42.64 -86.66
N CYS Q 170 36.40 -41.34 -86.71
CA CYS Q 170 37.63 -40.85 -87.31
C CYS Q 170 38.39 -39.89 -86.40
N THR Q 171 38.16 -40.00 -85.10
CA THR Q 171 38.90 -39.21 -84.12
C THR Q 171 39.25 -40.05 -82.91
N LYS Q 172 40.33 -39.68 -82.22
CA LYS Q 172 40.70 -40.34 -80.97
C LYS Q 172 39.68 -40.04 -79.90
N TRP Q 173 39.15 -38.82 -79.91
CA TRP Q 173 38.17 -38.39 -78.93
C TRP Q 173 37.47 -37.10 -79.36
N ASN Q 174 36.14 -37.09 -79.28
CA ASN Q 174 35.37 -35.89 -79.54
C ASN Q 174 34.53 -35.51 -78.32
N VAL Q 175 34.09 -34.27 -78.27
CA VAL Q 175 33.35 -33.77 -77.11
C VAL Q 175 32.57 -32.49 -77.43
N MET Q 176 31.35 -32.41 -76.94
CA MET Q 176 30.56 -31.20 -77.04
C MET Q 176 30.50 -30.51 -75.68
N VAL Q 177 31.10 -29.32 -75.60
CA VAL Q 177 31.18 -28.59 -74.35
C VAL Q 177 29.80 -28.12 -73.87
N LYS Q 178 29.36 -28.68 -72.75
CA LYS Q 178 28.03 -28.38 -72.22
C LYS Q 178 27.94 -26.98 -71.62
N SER Q 179 28.96 -26.60 -70.85
CA SER Q 179 28.98 -25.29 -70.22
C SER Q 179 30.37 -24.67 -70.27
N VAL Q 180 30.43 -23.35 -70.13
CA VAL Q 180 31.69 -22.62 -70.24
C VAL Q 180 32.67 -23.01 -69.13
N GLU Q 181 32.14 -23.58 -68.06
CA GLU Q 181 32.97 -24.02 -66.93
C GLU Q 181 33.83 -25.22 -67.31
N GLU Q 182 33.44 -25.92 -68.37
CA GLU Q 182 34.17 -27.10 -68.81
C GLU Q 182 35.08 -26.79 -69.98
N LEU Q 183 34.94 -25.60 -70.55
CA LEU Q 183 35.66 -25.22 -71.76
C LEU Q 183 37.19 -25.33 -71.65
N PRO Q 184 37.79 -24.76 -70.59
CA PRO Q 184 39.25 -24.92 -70.51
C PRO Q 184 39.67 -26.37 -70.25
N LEU Q 185 38.81 -27.10 -69.55
CA LEU Q 185 39.08 -28.50 -69.25
C LEU Q 185 39.06 -29.36 -70.52
N ARG Q 186 38.05 -29.14 -71.36
CA ARG Q 186 37.89 -29.91 -72.58
C ARG Q 186 39.02 -29.62 -73.56
N ILE Q 187 39.54 -28.40 -73.53
CA ILE Q 187 40.63 -28.01 -74.41
C ILE Q 187 41.94 -28.64 -73.96
N ASN Q 188 42.20 -28.62 -72.66
CA ASN Q 188 43.39 -29.27 -72.11
C ASN Q 188 43.40 -30.77 -72.37
N GLU Q 189 42.23 -31.39 -72.25
CA GLU Q 189 42.09 -32.82 -72.51
C GLU Q 189 42.27 -33.12 -73.99
N ALA Q 190 41.76 -32.23 -74.85
CA ALA Q 190 41.83 -32.41 -76.29
C ALA Q 190 43.27 -32.41 -76.78
N PHE Q 191 44.04 -31.40 -76.35
CA PHE Q 191 45.43 -31.27 -76.77
C PHE Q 191 46.29 -32.42 -76.24
N GLU Q 192 46.00 -32.89 -75.04
CA GLU Q 192 46.76 -33.98 -74.43
C GLU Q 192 46.49 -35.29 -75.16
N ILE Q 193 45.22 -35.56 -75.46
CA ILE Q 193 44.83 -36.78 -76.16
C ILE Q 193 45.39 -36.79 -77.59
N ALA Q 194 45.40 -35.62 -78.23
CA ALA Q 194 45.87 -35.51 -79.60
C ALA Q 194 47.38 -35.67 -79.71
N THR Q 195 48.08 -35.67 -78.58
CA THR Q 195 49.53 -35.76 -78.59
C THR Q 195 50.07 -36.93 -77.76
N SER Q 196 49.18 -37.69 -77.14
CA SER Q 196 49.59 -38.82 -76.30
C SER Q 196 49.58 -40.13 -77.07
N GLY Q 197 50.49 -41.03 -76.71
CA GLY Q 197 50.63 -42.30 -77.40
C GLY Q 197 50.91 -42.08 -78.88
N ARG Q 198 50.03 -42.60 -79.72
CA ARG Q 198 50.07 -42.27 -81.13
C ARG Q 198 49.23 -41.03 -81.39
N PRO Q 199 49.86 -39.94 -81.85
CA PRO Q 199 49.18 -38.67 -82.12
C PRO Q 199 48.00 -38.86 -83.06
N GLY Q 200 46.99 -38.00 -82.95
CA GLY Q 200 45.82 -38.11 -83.80
C GLY Q 200 44.87 -36.93 -83.67
N PRO Q 201 43.77 -36.94 -84.45
CA PRO Q 201 42.79 -35.87 -84.47
C PRO Q 201 41.76 -35.96 -83.34
N VAL Q 202 41.46 -34.82 -82.73
CA VAL Q 202 40.38 -34.74 -81.74
C VAL Q 202 39.44 -33.61 -82.11
N LEU Q 203 38.17 -33.72 -81.70
CA LEU Q 203 37.18 -32.72 -82.05
C LEU Q 203 36.54 -32.11 -80.81
N VAL Q 204 36.43 -30.79 -80.78
CA VAL Q 204 35.79 -30.09 -79.69
C VAL Q 204 34.62 -29.25 -80.20
N ASP Q 205 33.41 -29.77 -80.04
CA ASP Q 205 32.21 -29.08 -80.50
C ASP Q 205 31.87 -27.92 -79.58
N LEU Q 206 31.75 -26.73 -80.14
CA LEU Q 206 31.50 -25.53 -79.35
C LEU Q 206 30.16 -24.90 -79.69
N PRO Q 207 29.15 -25.12 -78.82
CA PRO Q 207 27.82 -24.51 -78.99
C PRO Q 207 27.89 -22.98 -78.93
N LYS Q 208 26.92 -22.33 -79.56
CA LYS Q 208 26.88 -20.87 -79.64
C LYS Q 208 26.76 -20.23 -78.26
N ASP Q 209 25.82 -20.71 -77.45
CA ASP Q 209 25.56 -20.13 -76.14
C ASP Q 209 26.75 -20.27 -75.20
N VAL Q 210 27.51 -21.35 -75.35
CA VAL Q 210 28.65 -21.61 -74.49
C VAL Q 210 29.78 -20.63 -74.76
N THR Q 211 30.04 -20.36 -76.03
CA THR Q 211 31.11 -19.44 -76.43
C THR Q 211 30.70 -17.98 -76.21
N ALA Q 212 29.41 -17.76 -76.00
CA ALA Q 212 28.89 -16.41 -75.81
C ALA Q 212 28.68 -16.10 -74.34
N ALA Q 213 28.50 -17.15 -73.53
CA ALA Q 213 28.29 -16.99 -72.10
C ALA Q 213 29.54 -16.48 -71.40
N ILE Q 214 29.37 -15.93 -70.20
CA ILE Q 214 30.49 -15.41 -69.43
C ILE Q 214 30.70 -16.22 -68.17
N LEU Q 215 31.95 -16.59 -67.89
CA LEU Q 215 32.27 -17.35 -66.70
C LEU Q 215 32.04 -16.52 -65.43
N ARG Q 216 31.42 -17.13 -64.43
CA ARG Q 216 31.07 -16.42 -63.21
C ARG Q 216 31.47 -17.22 -61.96
N ASN Q 217 32.22 -18.30 -62.16
CA ASN Q 217 32.61 -19.17 -61.07
C ASN Q 217 33.98 -19.84 -61.29
N PRO Q 218 34.69 -20.14 -60.20
CA PRO Q 218 35.96 -20.88 -60.26
C PRO Q 218 35.79 -22.23 -60.95
N ILE Q 219 36.84 -22.70 -61.64
CA ILE Q 219 36.76 -23.90 -62.45
C ILE Q 219 38.00 -24.80 -62.30
N PRO Q 220 37.83 -26.11 -62.56
CA PRO Q 220 38.97 -27.02 -62.63
C PRO Q 220 39.65 -26.99 -64.00
N THR Q 221 40.93 -27.35 -64.04
CA THR Q 221 41.68 -27.36 -65.30
C THR Q 221 42.49 -28.65 -65.45
N LYS Q 222 42.58 -29.41 -64.37
CA LYS Q 222 43.32 -30.67 -64.37
C LYS Q 222 42.59 -31.75 -65.17
N THR Q 223 43.33 -32.45 -66.02
CA THR Q 223 42.73 -33.48 -66.86
C THR Q 223 42.37 -34.73 -66.06
N THR Q 224 41.26 -35.35 -66.42
CA THR Q 224 40.75 -36.51 -65.69
C THR Q 224 40.76 -37.77 -66.54
N LEU Q 225 41.81 -37.95 -67.34
CA LEU Q 225 41.91 -39.08 -68.25
C LEU Q 225 41.88 -40.41 -67.51
N PRO Q 226 40.88 -41.25 -67.82
CA PRO Q 226 40.65 -42.54 -67.16
C PRO Q 226 41.81 -43.52 -67.30
N SER Q 227 42.41 -43.57 -68.49
CA SER Q 227 43.48 -44.53 -68.76
C SER Q 227 44.77 -44.34 -67.97
N ASN Q 228 45.02 -43.10 -67.55
CA ASN Q 228 46.21 -42.78 -66.76
C ASN Q 228 46.06 -43.24 -65.29
N ALA Q 229 44.83 -43.54 -64.91
CA ALA Q 229 44.54 -44.04 -63.57
C ALA Q 229 44.93 -45.51 -63.58
N LEU Q 230 44.68 -46.17 -64.71
CA LEU Q 230 44.98 -47.59 -64.85
C LEU Q 230 46.46 -47.74 -64.85
N ASN Q 231 47.16 -46.77 -65.41
CA ASN Q 231 48.59 -46.85 -65.43
C ASN Q 231 49.07 -46.45 -64.06
N GLN Q 232 48.56 -45.32 -63.59
CA GLN Q 232 48.93 -44.79 -62.29
C GLN Q 232 49.02 -45.86 -61.23
N LEU Q 233 48.39 -46.99 -61.47
CA LEU Q 233 48.40 -48.07 -60.50
C LEU Q 233 49.26 -49.28 -60.89
N THR Q 234 50.24 -49.08 -61.75
CA THR Q 234 51.07 -50.19 -62.15
C THR Q 234 52.33 -49.76 -62.84
N SER Q 235 52.53 -48.47 -62.96
CA SER Q 235 53.73 -47.98 -63.62
C SER Q 235 54.96 -48.61 -63.02
N ARG Q 236 54.81 -49.24 -61.87
CA ARG Q 236 55.94 -49.86 -61.21
C ARG Q 236 56.14 -51.27 -61.70
N ALA Q 237 55.09 -51.83 -62.26
CA ALA Q 237 55.17 -53.19 -62.78
C ALA Q 237 55.16 -53.19 -64.31
N GLN Q 238 54.46 -52.22 -64.89
CA GLN Q 238 54.41 -52.06 -66.33
C GLN Q 238 55.77 -51.63 -66.89
N ASP Q 239 56.40 -50.69 -66.21
CA ASP Q 239 57.70 -50.17 -66.63
C ASP Q 239 58.84 -51.07 -66.20
N GLU Q 240 58.52 -52.33 -65.88
CA GLU Q 240 59.52 -53.34 -65.58
C GLU Q 240 59.34 -54.52 -66.53
N PHE Q 241 58.10 -54.73 -66.95
CA PHE Q 241 57.78 -55.73 -67.95
C PHE Q 241 58.35 -55.32 -69.31
N VAL Q 242 58.37 -54.03 -69.57
CA VAL Q 242 58.91 -53.50 -70.82
C VAL Q 242 60.43 -53.68 -70.84
N MET Q 243 61.05 -53.65 -69.67
CA MET Q 243 62.49 -53.80 -69.58
C MET Q 243 62.91 -55.24 -69.88
N GLN Q 244 62.11 -56.19 -69.40
CA GLN Q 244 62.38 -57.60 -69.66
C GLN Q 244 62.04 -57.94 -71.10
N SER Q 245 61.13 -57.17 -71.69
CA SER Q 245 60.81 -57.31 -73.11
C SER Q 245 61.97 -56.81 -73.94
N ILE Q 246 62.62 -55.76 -73.46
CA ILE Q 246 63.81 -55.22 -74.10
C ILE Q 246 64.97 -56.21 -74.03
N ASN Q 247 65.15 -56.82 -72.85
CA ASN Q 247 66.19 -57.82 -72.64
C ASN Q 247 66.07 -58.99 -73.62
N LYS Q 248 64.87 -59.54 -73.72
CA LYS Q 248 64.62 -60.65 -74.63
C LYS Q 248 64.83 -60.22 -76.08
N ALA Q 249 64.48 -58.97 -76.38
CA ALA Q 249 64.63 -58.45 -77.72
C ALA Q 249 66.10 -58.31 -78.09
N ALA Q 250 66.91 -57.89 -77.12
CA ALA Q 250 68.34 -57.70 -77.34
C ALA Q 250 69.03 -59.03 -77.60
N ASP Q 251 68.63 -60.06 -76.87
CA ASP Q 251 69.21 -61.39 -77.03
C ASP Q 251 68.88 -61.99 -78.39
N LEU Q 252 67.68 -61.70 -78.88
CA LEU Q 252 67.24 -62.23 -80.17
C LEU Q 252 67.95 -61.52 -81.31
N ILE Q 253 68.21 -60.23 -81.13
CA ILE Q 253 68.94 -59.45 -82.14
C ILE Q 253 70.38 -59.92 -82.25
N ASN Q 254 71.01 -60.15 -81.11
CA ASN Q 254 72.40 -60.63 -81.07
C ASN Q 254 72.54 -62.02 -81.69
N LEU Q 255 71.45 -62.77 -81.74
CA LEU Q 255 71.46 -64.11 -82.29
C LEU Q 255 71.20 -64.10 -83.78
N ALA Q 256 70.58 -63.02 -84.27
CA ALA Q 256 70.21 -62.88 -85.67
C ALA Q 256 71.43 -62.88 -86.58
N LYS Q 257 71.26 -63.40 -87.80
CA LYS Q 257 72.34 -63.46 -88.77
C LYS Q 257 71.93 -62.76 -90.07
N LYS Q 258 70.63 -62.60 -90.27
CA LYS Q 258 70.10 -61.86 -91.41
C LYS Q 258 69.02 -60.87 -90.96
N PRO Q 259 69.41 -59.85 -90.20
CA PRO Q 259 68.43 -58.92 -89.61
C PRO Q 259 68.00 -57.82 -90.56
N VAL Q 260 66.77 -57.35 -90.42
CA VAL Q 260 66.26 -56.23 -91.21
C VAL Q 260 65.45 -55.28 -90.34
N LEU Q 261 65.80 -54.00 -90.37
CA LEU Q 261 65.07 -53.00 -89.61
C LEU Q 261 63.84 -52.50 -90.37
N TYR Q 262 62.66 -52.90 -89.91
CA TYR Q 262 61.40 -52.45 -90.49
C TYR Q 262 60.94 -51.17 -89.79
N VAL Q 263 61.27 -50.04 -90.41
CA VAL Q 263 61.06 -48.73 -89.78
C VAL Q 263 59.85 -48.00 -90.36
N GLY Q 264 59.03 -47.42 -89.49
CA GLY Q 264 57.86 -46.69 -89.91
C GLY Q 264 57.84 -45.25 -89.44
N ALA Q 265 56.65 -44.65 -89.40
CA ALA Q 265 56.50 -43.24 -89.04
C ALA Q 265 56.61 -43.01 -87.54
N GLY Q 266 56.66 -44.10 -86.78
CA GLY Q 266 56.70 -44.02 -85.33
C GLY Q 266 58.02 -43.47 -84.80
N ILE Q 267 59.09 -43.66 -85.56
CA ILE Q 267 60.42 -43.23 -85.15
C ILE Q 267 60.59 -41.72 -85.36
N LEU Q 268 59.68 -41.12 -86.12
CA LEU Q 268 59.76 -39.69 -86.43
C LEU Q 268 59.07 -38.84 -85.37
N ASN Q 269 58.36 -39.48 -84.44
CA ASN Q 269 57.63 -38.76 -83.41
C ASN Q 269 58.49 -38.46 -82.19
N HIS Q 270 59.81 -38.47 -82.40
CA HIS Q 270 60.76 -38.12 -81.35
C HIS Q 270 62.04 -37.58 -81.99
N ALA Q 271 62.62 -36.55 -81.38
CA ALA Q 271 63.79 -35.87 -81.95
C ALA Q 271 64.99 -36.81 -82.10
N ASP Q 272 65.21 -37.65 -81.09
CA ASP Q 272 66.34 -38.57 -81.11
C ASP Q 272 66.02 -39.86 -81.85
N GLY Q 273 64.98 -39.83 -82.68
CA GLY Q 273 64.55 -40.99 -83.43
C GLY Q 273 65.59 -41.49 -84.43
N PRO Q 274 65.76 -40.74 -85.54
CA PRO Q 274 66.73 -41.09 -86.59
C PRO Q 274 68.15 -41.22 -86.07
N ARG Q 275 68.49 -40.45 -85.04
CA ARG Q 275 69.81 -40.49 -84.44
C ARG Q 275 70.08 -41.83 -83.77
N LEU Q 276 69.08 -42.34 -83.07
CA LEU Q 276 69.21 -43.65 -82.42
C LEU Q 276 69.04 -44.78 -83.42
N LEU Q 277 68.22 -44.57 -84.43
CA LEU Q 277 68.03 -45.55 -85.50
C LEU Q 277 69.34 -45.78 -86.24
N LYS Q 278 70.08 -44.71 -86.47
CA LYS Q 278 71.38 -44.79 -87.12
C LYS Q 278 72.37 -45.53 -86.22
N GLU Q 279 72.30 -45.25 -84.92
CA GLU Q 279 73.21 -45.85 -83.96
C GLU Q 279 73.02 -47.36 -83.88
N LEU Q 280 71.76 -47.80 -83.89
CA LEU Q 280 71.45 -49.22 -83.86
C LEU Q 280 71.84 -49.89 -85.17
N SER Q 281 71.71 -49.15 -86.27
CA SER Q 281 72.05 -49.67 -87.59
C SER Q 281 73.57 -49.78 -87.76
N ASP Q 282 74.30 -48.96 -87.03
CA ASP Q 282 75.76 -48.98 -87.09
C ASP Q 282 76.35 -50.02 -86.14
N ARG Q 283 75.73 -50.16 -84.98
CA ARG Q 283 76.24 -51.04 -83.94
C ARG Q 283 76.07 -52.52 -84.29
N ALA Q 284 74.88 -52.88 -84.77
CA ALA Q 284 74.58 -54.27 -85.08
C ALA Q 284 74.67 -54.56 -86.57
N GLN Q 285 74.99 -53.53 -87.36
CA GLN Q 285 75.08 -53.63 -88.82
C GLN Q 285 73.81 -54.20 -89.42
N ILE Q 286 72.68 -53.52 -89.18
CA ILE Q 286 71.39 -53.96 -89.69
C ILE Q 286 70.88 -53.03 -90.78
N PRO Q 287 70.58 -53.59 -91.97
CA PRO Q 287 70.03 -52.81 -93.08
C PRO Q 287 68.68 -52.20 -92.72
N VAL Q 288 68.46 -50.96 -93.15
CA VAL Q 288 67.25 -50.23 -92.77
C VAL Q 288 66.32 -49.98 -93.94
N THR Q 289 65.12 -50.55 -93.87
CA THR Q 289 64.08 -50.25 -94.84
C THR Q 289 62.97 -49.45 -94.16
N THR Q 290 62.38 -48.52 -94.89
CA THR Q 290 61.35 -47.66 -94.32
C THR Q 290 60.06 -47.70 -95.14
N THR Q 291 58.96 -47.34 -94.50
CA THR Q 291 57.68 -47.26 -95.18
C THR Q 291 57.54 -45.91 -95.88
N LEU Q 292 56.38 -45.66 -96.48
CA LEU Q 292 56.13 -44.41 -97.17
C LEU Q 292 56.17 -43.22 -96.21
N GLN Q 293 55.65 -43.43 -95.01
CA GLN Q 293 55.62 -42.38 -94.00
C GLN Q 293 56.86 -42.42 -93.12
N GLY Q 294 57.75 -43.38 -93.42
CA GLY Q 294 59.00 -43.51 -92.69
C GLY Q 294 60.17 -42.94 -93.47
N LEU Q 295 59.88 -42.44 -94.66
CA LEU Q 295 60.91 -41.87 -95.52
C LEU Q 295 61.46 -40.57 -94.95
N GLY Q 296 62.78 -40.50 -94.78
CA GLY Q 296 63.43 -39.35 -94.20
C GLY Q 296 64.02 -39.68 -92.84
N SER Q 297 63.57 -40.79 -92.27
CA SER Q 297 64.04 -41.23 -90.96
C SER Q 297 65.43 -41.86 -91.04
N PHE Q 298 65.82 -42.27 -92.24
CA PHE Q 298 67.13 -42.88 -92.44
C PHE Q 298 67.77 -42.38 -93.73
N ASP Q 299 69.08 -42.17 -93.69
CA ASP Q 299 69.82 -41.70 -94.85
C ASP Q 299 69.83 -42.76 -95.95
N GLN Q 300 69.26 -42.41 -97.11
CA GLN Q 300 69.20 -43.34 -98.23
C GLN Q 300 70.54 -43.43 -98.96
N GLU Q 301 71.42 -42.48 -98.70
CA GLU Q 301 72.75 -42.49 -99.29
C GLU Q 301 73.68 -43.40 -98.49
N ASP Q 302 73.19 -43.90 -97.36
CA ASP Q 302 73.94 -44.85 -96.56
C ASP Q 302 73.94 -46.22 -97.23
N PRO Q 303 75.08 -46.92 -97.20
CA PRO Q 303 75.21 -48.25 -97.82
C PRO Q 303 74.24 -49.28 -97.25
N LYS Q 304 73.75 -49.05 -96.03
CA LYS Q 304 72.85 -50.00 -95.37
C LYS Q 304 71.38 -49.63 -95.57
N SER Q 305 71.11 -48.76 -96.53
CA SER Q 305 69.74 -48.36 -96.83
C SER Q 305 69.08 -49.33 -97.80
N LEU Q 306 67.78 -49.54 -97.63
CA LEU Q 306 67.02 -50.44 -98.50
C LEU Q 306 65.87 -49.70 -99.18
N ASP Q 307 65.94 -48.38 -99.15
CA ASP Q 307 64.91 -47.50 -99.73
C ASP Q 307 63.53 -47.80 -99.13
N MET Q 308 62.53 -47.94 -99.99
CA MET Q 308 61.16 -48.11 -99.53
C MET Q 308 60.67 -49.55 -99.64
N LEU Q 309 59.94 -50.00 -98.62
CA LEU Q 309 59.32 -51.32 -98.61
C LEU Q 309 57.96 -51.25 -99.28
N GLY Q 310 57.23 -52.36 -99.26
CA GLY Q 310 55.83 -52.36 -99.65
C GLY Q 310 55.50 -52.81 -101.06
N MET Q 311 54.30 -52.45 -101.50
CA MET Q 311 53.77 -52.85 -102.80
C MET Q 311 54.59 -52.26 -103.94
N HIS Q 312 54.78 -50.94 -103.93
CA HIS Q 312 55.56 -50.28 -104.96
C HIS Q 312 56.96 -49.94 -104.46
N GLY Q 313 57.48 -50.75 -103.54
CA GLY Q 313 58.82 -50.57 -103.04
C GLY Q 313 59.81 -51.32 -103.90
N CYS Q 314 61.09 -51.00 -103.76
CA CYS Q 314 62.14 -51.66 -104.54
C CYS Q 314 62.23 -53.14 -104.18
N ALA Q 315 62.63 -53.95 -105.16
CA ALA Q 315 62.69 -55.38 -104.97
C ALA Q 315 63.78 -55.77 -103.97
N THR Q 316 64.75 -54.88 -103.77
CA THR Q 316 65.81 -55.10 -102.80
C THR Q 316 65.24 -55.18 -101.38
N ALA Q 317 64.33 -54.26 -101.08
CA ALA Q 317 63.71 -54.21 -99.76
C ALA Q 317 62.78 -55.42 -99.54
N ASN Q 318 61.96 -55.71 -100.55
CA ASN Q 318 61.01 -56.81 -100.46
C ASN Q 318 61.70 -58.16 -100.28
N LEU Q 319 62.75 -58.39 -101.07
CA LEU Q 319 63.49 -59.65 -101.01
C LEU Q 319 64.28 -59.78 -99.72
N ALA Q 320 64.73 -58.66 -99.18
CA ALA Q 320 65.47 -58.66 -97.92
C ALA Q 320 64.56 -59.09 -96.77
N VAL Q 321 63.33 -58.59 -96.78
CA VAL Q 321 62.34 -58.90 -95.75
C VAL Q 321 61.96 -60.38 -95.78
N GLN Q 322 61.71 -60.91 -96.97
CA GLN Q 322 61.27 -62.30 -97.12
C GLN Q 322 62.35 -63.29 -96.71
N ASN Q 323 63.61 -62.89 -96.85
CA ASN Q 323 64.73 -63.78 -96.53
C ASN Q 323 65.32 -63.51 -95.16
N ALA Q 324 64.82 -62.48 -94.49
CA ALA Q 324 65.33 -62.12 -93.17
C ALA Q 324 64.86 -63.12 -92.11
N ASP Q 325 65.79 -63.51 -91.23
CA ASP Q 325 65.46 -64.43 -90.14
C ASP Q 325 64.93 -63.67 -88.94
N LEU Q 326 65.14 -62.35 -88.95
CA LEU Q 326 64.63 -61.49 -87.88
C LEU Q 326 64.20 -60.13 -88.42
N ILE Q 327 62.95 -59.77 -88.18
CA ILE Q 327 62.43 -58.46 -88.55
C ILE Q 327 62.20 -57.61 -87.31
N ILE Q 328 62.81 -56.43 -87.29
CA ILE Q 328 62.65 -55.52 -86.16
C ILE Q 328 61.74 -54.35 -86.54
N ALA Q 329 60.45 -54.51 -86.27
CA ALA Q 329 59.47 -53.48 -86.57
C ALA Q 329 59.58 -52.31 -85.60
N VAL Q 330 59.99 -51.15 -86.10
CA VAL Q 330 60.16 -49.98 -85.27
C VAL Q 330 59.25 -48.85 -85.73
N GLY Q 331 58.11 -48.70 -85.04
CA GLY Q 331 57.19 -47.62 -85.34
C GLY Q 331 56.38 -47.81 -86.60
N ALA Q 332 56.06 -49.07 -86.91
CA ALA Q 332 55.24 -49.37 -88.08
C ALA Q 332 54.10 -50.31 -87.69
N ARG Q 333 53.03 -50.31 -88.48
CA ARG Q 333 51.84 -51.08 -88.13
C ARG Q 333 51.49 -52.19 -89.12
N PHE Q 334 52.48 -52.59 -89.91
CA PHE Q 334 52.32 -53.67 -90.89
C PHE Q 334 51.12 -53.48 -91.80
N ASP Q 335 51.07 -52.35 -92.51
CA ASP Q 335 49.95 -52.06 -93.40
C ASP Q 335 49.87 -53.07 -94.54
N ASP Q 336 48.67 -53.26 -95.08
CA ASP Q 336 48.47 -54.24 -96.14
C ASP Q 336 49.12 -53.82 -97.45
N ARG Q 337 49.47 -52.54 -97.55
CA ARG Q 337 50.21 -52.04 -98.70
C ARG Q 337 51.68 -52.46 -98.58
N VAL Q 338 52.11 -52.75 -97.35
CA VAL Q 338 53.49 -53.10 -97.07
C VAL Q 338 53.70 -54.60 -97.05
N THR Q 339 52.86 -55.30 -96.30
CA THR Q 339 53.01 -56.74 -96.10
C THR Q 339 52.74 -57.54 -97.37
N GLY Q 340 51.99 -56.96 -98.30
CA GLY Q 340 51.56 -57.69 -99.48
C GLY Q 340 50.64 -58.82 -99.06
N ASN Q 341 50.94 -60.03 -99.54
CA ASN Q 341 50.21 -61.21 -99.10
C ASN Q 341 50.63 -61.55 -97.67
N ILE Q 342 49.69 -61.39 -96.74
CA ILE Q 342 49.96 -61.60 -95.31
C ILE Q 342 50.36 -63.05 -95.03
N SER Q 343 49.92 -63.97 -95.87
CA SER Q 343 50.25 -65.38 -95.71
C SER Q 343 51.69 -65.65 -96.14
N LYS Q 344 52.21 -64.80 -97.02
CA LYS Q 344 53.55 -64.98 -97.56
C LYS Q 344 54.55 -63.99 -96.96
N PHE Q 345 54.13 -63.27 -95.92
CA PHE Q 345 54.98 -62.24 -95.33
C PHE Q 345 56.09 -62.85 -94.48
N ALA Q 346 57.32 -62.72 -94.98
CA ALA Q 346 58.52 -63.15 -94.26
C ALA Q 346 58.48 -64.60 -93.81
N PRO Q 347 58.67 -65.54 -94.76
CA PRO Q 347 58.68 -66.97 -94.43
C PRO Q 347 59.85 -67.35 -93.54
N GLU Q 348 61.02 -66.77 -93.82
CA GLU Q 348 62.23 -67.07 -93.06
C GLU Q 348 62.10 -66.60 -91.61
N ALA Q 349 61.49 -65.44 -91.42
CA ALA Q 349 61.28 -64.89 -90.08
C ALA Q 349 60.34 -65.79 -89.28
N ARG Q 350 59.33 -66.31 -89.95
CA ARG Q 350 58.39 -67.24 -89.32
C ARG Q 350 59.05 -68.59 -89.07
N ARG Q 351 59.90 -69.01 -90.01
CA ARG Q 351 60.60 -70.28 -89.88
C ARG Q 351 61.63 -70.22 -88.76
N ALA Q 352 62.34 -69.10 -88.67
CA ALA Q 352 63.34 -68.90 -87.63
C ALA Q 352 62.70 -68.82 -86.26
N ALA Q 353 61.48 -68.28 -86.21
CA ALA Q 353 60.74 -68.16 -84.97
C ALA Q 353 60.39 -69.54 -84.42
N ALA Q 354 60.01 -70.45 -85.31
CA ALA Q 354 59.64 -71.81 -84.91
C ALA Q 354 60.87 -72.60 -84.47
N GLU Q 355 62.05 -72.09 -84.82
CA GLU Q 355 63.30 -72.74 -84.46
C GLU Q 355 63.97 -72.03 -83.29
N GLY Q 356 63.31 -71.00 -82.76
CA GLY Q 356 63.81 -70.27 -81.62
C GLY Q 356 65.12 -69.56 -81.88
N ARG Q 357 65.21 -68.87 -83.01
CA ARG Q 357 66.44 -68.18 -83.38
C ARG Q 357 66.14 -66.86 -84.10
N GLY Q 358 64.86 -66.57 -84.31
CA GLY Q 358 64.45 -65.36 -84.98
C GLY Q 358 62.98 -65.05 -84.80
N GLY Q 359 62.42 -64.29 -85.74
CA GLY Q 359 61.01 -63.94 -85.68
C GLY Q 359 60.78 -62.46 -85.94
N ILE Q 360 59.79 -61.90 -85.26
CA ILE Q 360 59.44 -60.49 -85.42
C ILE Q 360 59.42 -59.75 -84.08
N ILE Q 361 60.22 -58.69 -83.99
CA ILE Q 361 60.21 -57.82 -82.82
C ILE Q 361 59.50 -56.52 -83.16
N HIS Q 362 58.54 -56.13 -82.33
CA HIS Q 362 57.71 -54.97 -82.64
C HIS Q 362 57.82 -53.87 -81.58
N PHE Q 363 58.29 -52.69 -82.00
CA PHE Q 363 58.34 -51.52 -81.14
C PHE Q 363 57.13 -50.64 -81.39
N GLU Q 364 56.11 -50.77 -80.55
CA GLU Q 364 54.85 -50.08 -80.76
C GLU Q 364 54.43 -49.29 -79.52
N VAL Q 365 53.83 -48.12 -79.75
CA VAL Q 365 53.44 -47.24 -78.65
C VAL Q 365 52.05 -47.61 -78.13
N SER Q 366 51.22 -48.20 -78.98
CA SER Q 366 49.86 -48.58 -78.59
C SER Q 366 49.62 -50.06 -78.83
N PRO Q 367 49.34 -50.80 -77.76
CA PRO Q 367 49.14 -52.26 -77.78
C PRO Q 367 48.06 -52.69 -78.77
N LYS Q 368 47.24 -51.75 -79.20
CA LYS Q 368 46.21 -51.99 -80.20
C LYS Q 368 46.79 -52.55 -81.49
N ASN Q 369 47.96 -52.05 -81.87
CA ASN Q 369 48.60 -52.46 -83.13
C ASN Q 369 49.65 -53.54 -82.94
N ILE Q 370 49.60 -54.25 -81.82
CA ILE Q 370 50.49 -55.37 -81.60
C ILE Q 370 49.71 -56.68 -81.78
N ASN Q 371 50.25 -57.58 -82.58
CA ASN Q 371 49.60 -58.84 -82.94
C ASN Q 371 48.26 -58.63 -83.64
N LYS Q 372 48.10 -57.47 -84.28
CA LYS Q 372 46.86 -57.14 -84.98
C LYS Q 372 46.86 -57.74 -86.38
N VAL Q 373 47.96 -57.58 -87.09
CA VAL Q 373 48.09 -58.10 -88.45
C VAL Q 373 48.96 -59.35 -88.47
N VAL Q 374 50.19 -59.23 -87.98
CA VAL Q 374 51.10 -60.36 -87.90
C VAL Q 374 51.47 -60.66 -86.45
N GLN Q 375 51.71 -61.94 -86.16
CA GLN Q 375 52.05 -62.35 -84.80
C GLN Q 375 53.51 -62.04 -84.47
N THR Q 376 53.72 -61.20 -83.46
CA THR Q 376 55.06 -60.84 -83.04
C THR Q 376 55.57 -61.81 -81.98
N GLN Q 377 56.89 -62.03 -81.96
CA GLN Q 377 57.49 -62.95 -81.00
C GLN Q 377 57.86 -62.21 -79.73
N ILE Q 378 58.26 -60.96 -79.86
CA ILE Q 378 58.57 -60.10 -78.73
C ILE Q 378 57.99 -58.71 -78.93
N ALA Q 379 57.20 -58.25 -77.97
CA ALA Q 379 56.57 -56.93 -78.08
C ALA Q 379 57.18 -55.95 -77.09
N VAL Q 380 57.65 -54.81 -77.60
CA VAL Q 380 58.20 -53.76 -76.77
C VAL Q 380 57.28 -52.54 -76.77
N GLU Q 381 56.38 -52.48 -75.79
CA GLU Q 381 55.41 -51.39 -75.71
C GLU Q 381 56.06 -50.08 -75.32
N GLY Q 382 55.44 -48.98 -75.75
CA GLY Q 382 55.94 -47.65 -75.43
C GLY Q 382 56.61 -46.98 -76.62
N ASP Q 383 57.18 -45.81 -76.39
CA ASP Q 383 57.89 -45.08 -77.44
C ASP Q 383 59.09 -45.86 -77.94
N ALA Q 384 59.14 -46.08 -79.24
CA ALA Q 384 60.23 -46.84 -79.85
C ALA Q 384 61.58 -46.18 -79.62
N THR Q 385 61.61 -44.85 -79.75
CA THR Q 385 62.84 -44.09 -79.57
C THR Q 385 63.42 -44.25 -78.17
N THR Q 386 62.57 -44.14 -77.16
CA THR Q 386 63.00 -44.27 -75.78
C THR Q 386 63.46 -45.70 -75.48
N ASN Q 387 62.77 -46.68 -76.06
CA ASN Q 387 63.11 -48.08 -75.84
C ASN Q 387 64.40 -48.49 -76.55
N LEU Q 388 64.67 -47.86 -77.69
CA LEU Q 388 65.90 -48.14 -78.43
C LEU Q 388 67.13 -47.74 -77.62
N GLY Q 389 67.00 -46.66 -76.87
CA GLY Q 389 68.09 -46.16 -76.04
C GLY Q 389 68.37 -47.09 -74.87
N LYS Q 390 67.32 -47.69 -74.33
CA LYS Q 390 67.46 -48.59 -73.19
C LYS Q 390 67.88 -50.00 -73.63
N MET Q 391 67.98 -50.20 -74.94
CA MET Q 391 68.38 -51.49 -75.50
C MET Q 391 69.78 -51.41 -76.09
N MET Q 392 70.21 -50.19 -76.43
CA MET Q 392 71.46 -49.96 -77.13
C MET Q 392 72.68 -50.56 -76.42
N SER Q 393 72.67 -50.47 -75.09
CA SER Q 393 73.79 -50.98 -74.30
C SER Q 393 73.89 -52.49 -74.34
N LYS Q 394 72.74 -53.15 -74.46
CA LYS Q 394 72.69 -54.61 -74.41
C LYS Q 394 72.87 -55.26 -75.78
N ILE Q 395 73.13 -54.43 -76.79
CA ILE Q 395 73.33 -54.92 -78.15
C ILE Q 395 74.81 -55.18 -78.43
N PHE Q 396 75.13 -56.41 -78.81
CA PHE Q 396 76.50 -56.78 -79.14
C PHE Q 396 76.94 -56.16 -80.46
N PRO Q 397 78.06 -55.41 -80.43
CA PRO Q 397 78.60 -54.74 -81.62
C PRO Q 397 78.96 -55.72 -82.73
N VAL Q 398 78.51 -55.42 -83.95
CA VAL Q 398 78.80 -56.27 -85.10
C VAL Q 398 79.74 -55.54 -86.05
N LYS Q 399 80.84 -56.21 -86.42
CA LYS Q 399 81.84 -55.62 -87.29
C LYS Q 399 81.44 -55.70 -88.77
N GLU Q 400 80.99 -56.88 -89.20
CA GLU Q 400 80.62 -57.07 -90.60
C GLU Q 400 79.77 -58.32 -90.81
N ARG Q 401 78.67 -58.17 -91.55
CA ARG Q 401 77.87 -59.30 -92.00
C ARG Q 401 78.12 -59.53 -93.48
N SER Q 402 79.25 -60.16 -93.79
CA SER Q 402 79.73 -60.31 -95.17
C SER Q 402 78.72 -60.99 -96.08
N GLU Q 403 78.25 -62.17 -95.68
CA GLU Q 403 77.40 -63.00 -96.52
C GLU Q 403 76.03 -62.36 -96.78
N TRP Q 404 75.48 -61.71 -95.75
CA TRP Q 404 74.14 -61.14 -95.85
C TRP Q 404 74.11 -59.88 -96.72
N PHE Q 405 75.08 -58.98 -96.49
CA PHE Q 405 75.15 -57.74 -97.26
C PHE Q 405 75.60 -57.99 -98.69
N ALA Q 406 76.21 -59.15 -98.93
CA ALA Q 406 76.65 -59.52 -100.27
C ALA Q 406 75.45 -59.77 -101.17
N GLN Q 407 74.46 -60.50 -100.65
CA GLN Q 407 73.26 -60.82 -101.41
C GLN Q 407 72.34 -59.61 -101.51
N ILE Q 408 72.43 -58.72 -100.53
CA ILE Q 408 71.66 -57.48 -100.55
C ILE Q 408 72.13 -56.57 -101.67
N ASN Q 409 73.45 -56.39 -101.77
CA ASN Q 409 74.03 -55.57 -102.82
C ASN Q 409 73.84 -56.20 -104.20
N LYS Q 410 73.69 -57.52 -104.24
CA LYS Q 410 73.39 -58.22 -105.48
C LYS Q 410 72.00 -57.83 -105.97
N TRP Q 411 71.03 -57.97 -105.07
CA TRP Q 411 69.65 -57.57 -105.35
C TRP Q 411 69.58 -56.09 -105.73
N LYS Q 412 70.40 -55.28 -105.07
CA LYS Q 412 70.42 -53.84 -105.29
C LYS Q 412 70.94 -53.50 -106.69
N LYS Q 413 71.75 -54.39 -107.25
CA LYS Q 413 72.28 -54.19 -108.59
C LYS Q 413 71.49 -55.00 -109.62
N GLU Q 414 70.86 -56.07 -109.18
CA GLU Q 414 70.09 -56.95 -110.06
C GLU Q 414 68.67 -56.42 -110.26
N TYR Q 415 68.14 -55.75 -109.24
CA TYR Q 415 66.80 -55.18 -109.33
C TYR Q 415 66.77 -53.70 -108.95
N PRO Q 416 67.28 -52.82 -109.82
CA PRO Q 416 67.20 -51.38 -109.56
C PRO Q 416 65.86 -50.80 -109.97
N TYR Q 417 65.62 -49.53 -109.65
CA TYR Q 417 64.41 -48.85 -110.08
C TYR Q 417 64.43 -48.60 -111.59
N ALA Q 418 64.22 -49.68 -112.36
CA ALA Q 418 64.30 -49.60 -113.81
C ALA Q 418 62.96 -49.19 -114.44
N TYR Q 419 63.03 -48.33 -115.44
CA TYR Q 419 61.86 -47.91 -116.19
C TYR Q 419 62.28 -47.58 -117.63
N MET Q 420 61.30 -47.51 -118.52
CA MET Q 420 61.57 -47.14 -119.91
C MET Q 420 62.17 -45.73 -119.95
N GLU Q 421 63.49 -45.66 -120.05
CA GLU Q 421 64.21 -44.40 -119.95
C GLU Q 421 63.88 -43.44 -121.09
N GLU Q 422 64.42 -42.22 -121.01
CA GLU Q 422 64.17 -41.19 -122.01
C GLU Q 422 64.63 -41.63 -123.40
N THR Q 423 63.81 -41.33 -124.40
CA THR Q 423 64.06 -41.78 -125.77
C THR Q 423 63.87 -40.63 -126.74
N PRO Q 424 64.79 -40.47 -127.72
CA PRO Q 424 64.69 -39.46 -128.76
C PRO Q 424 63.32 -39.42 -129.45
N GLY Q 425 62.62 -38.30 -129.32
CA GLY Q 425 61.32 -38.13 -129.95
C GLY Q 425 60.16 -38.51 -129.08
N SER Q 426 60.45 -39.05 -127.90
CA SER Q 426 59.40 -39.49 -126.98
C SER Q 426 58.97 -38.39 -126.03
N LYS Q 427 57.78 -38.55 -125.46
CA LYS Q 427 57.30 -37.64 -124.43
C LYS Q 427 58.13 -37.86 -123.16
N ILE Q 428 58.13 -36.86 -122.29
CA ILE Q 428 58.95 -36.92 -121.07
C ILE Q 428 58.53 -38.05 -120.15
N LYS Q 429 59.45 -38.97 -119.88
CA LYS Q 429 59.20 -40.03 -118.92
C LYS Q 429 59.20 -39.44 -117.51
N PRO Q 430 58.07 -39.58 -116.80
CA PRO Q 430 57.78 -38.90 -115.53
C PRO Q 430 58.81 -39.17 -114.43
N GLN Q 431 59.40 -40.37 -114.42
CA GLN Q 431 60.37 -40.72 -113.40
C GLN Q 431 61.61 -39.83 -113.46
N THR Q 432 61.96 -39.40 -114.66
CA THR Q 432 63.14 -38.58 -114.88
C THR Q 432 62.97 -37.18 -114.31
N VAL Q 433 61.73 -36.71 -114.26
CA VAL Q 433 61.42 -35.39 -113.74
C VAL Q 433 61.77 -35.29 -112.26
N ILE Q 434 61.42 -36.32 -111.49
CA ILE Q 434 61.72 -36.36 -110.07
C ILE Q 434 63.23 -36.49 -109.84
N LYS Q 435 63.90 -37.20 -110.74
CA LYS Q 435 65.34 -37.42 -110.65
C LYS Q 435 66.14 -36.14 -110.54
N LYS Q 436 65.95 -35.23 -111.49
CA LYS Q 436 66.73 -33.99 -111.53
C LYS Q 436 66.19 -32.93 -110.58
N LEU Q 437 64.87 -32.93 -110.38
CA LEU Q 437 64.26 -31.99 -109.44
C LEU Q 437 64.81 -32.22 -108.04
N SER Q 438 65.08 -33.48 -107.73
CA SER Q 438 65.75 -33.84 -106.49
C SER Q 438 67.13 -33.22 -106.44
N LYS Q 439 67.88 -33.38 -107.53
CA LYS Q 439 69.24 -32.85 -107.64
C LYS Q 439 69.24 -31.32 -107.54
N VAL Q 440 68.34 -30.68 -108.28
CA VAL Q 440 68.24 -29.23 -108.29
C VAL Q 440 67.92 -28.66 -106.91
N ALA Q 441 66.90 -29.21 -106.26
CA ALA Q 441 66.47 -28.74 -104.95
C ALA Q 441 67.55 -28.94 -103.90
N ASN Q 442 68.26 -30.06 -103.98
CA ASN Q 442 69.32 -30.36 -103.03
C ASN Q 442 70.55 -29.47 -103.23
N ASP Q 443 70.69 -28.91 -104.42
CA ASP Q 443 71.81 -28.04 -104.74
C ASP Q 443 71.58 -26.62 -104.24
N THR Q 444 70.33 -26.30 -103.91
CA THR Q 444 69.98 -24.96 -103.46
C THR Q 444 70.61 -24.63 -102.11
N GLY Q 445 70.80 -25.66 -101.30
CA GLY Q 445 71.39 -25.48 -99.98
C GLY Q 445 70.33 -25.18 -98.93
N ARG Q 446 69.11 -24.93 -99.38
CA ARG Q 446 68.01 -24.62 -98.49
C ARG Q 446 67.44 -25.89 -97.86
N HIS Q 447 66.63 -25.72 -96.81
CA HIS Q 447 65.91 -26.84 -96.22
C HIS Q 447 64.75 -27.21 -97.14
N VAL Q 448 64.71 -28.47 -97.57
CA VAL Q 448 63.73 -28.90 -98.56
C VAL Q 448 62.63 -29.78 -97.96
N ILE Q 449 61.39 -29.37 -98.15
CA ILE Q 449 60.24 -30.13 -97.67
C ILE Q 449 59.34 -30.51 -98.86
N VAL Q 450 58.99 -31.79 -98.95
CA VAL Q 450 58.25 -32.29 -100.11
C VAL Q 450 56.87 -32.84 -99.74
N THR Q 451 55.87 -32.45 -100.52
CA THR Q 451 54.52 -33.00 -100.38
C THR Q 451 54.06 -33.60 -101.71
N THR Q 452 53.13 -34.55 -101.65
CA THR Q 452 52.61 -35.18 -102.87
C THR Q 452 51.09 -35.29 -102.84
N GLY Q 453 50.52 -35.64 -103.98
CA GLY Q 453 49.11 -35.98 -104.06
C GLY Q 453 48.92 -37.46 -103.84
N VAL Q 454 48.03 -38.07 -104.61
CA VAL Q 454 47.81 -39.51 -104.52
C VAL Q 454 47.71 -40.13 -105.91
N GLY Q 455 48.61 -41.06 -106.21
CA GLY Q 455 48.63 -41.74 -107.48
C GLY Q 455 50.01 -42.22 -107.88
N GLN Q 456 50.27 -42.28 -109.19
CA GLN Q 456 51.56 -42.72 -109.70
C GLN Q 456 52.66 -41.70 -109.40
N HIS Q 457 52.29 -40.42 -109.45
CA HIS Q 457 53.24 -39.34 -109.20
C HIS Q 457 53.71 -39.35 -107.74
N GLN Q 458 52.85 -39.85 -106.86
CA GLN Q 458 53.18 -39.95 -105.44
C GLN Q 458 54.29 -40.96 -105.19
N MET Q 459 54.16 -42.12 -105.83
CA MET Q 459 55.13 -43.20 -105.65
C MET Q 459 56.49 -42.83 -106.23
N TRP Q 460 56.48 -42.28 -107.44
CA TRP Q 460 57.71 -41.88 -108.12
C TRP Q 460 58.45 -40.80 -107.33
N ALA Q 461 57.70 -39.93 -106.66
CA ALA Q 461 58.28 -38.89 -105.83
C ALA Q 461 58.90 -39.48 -104.57
N ALA Q 462 58.46 -40.68 -104.21
CA ALA Q 462 58.97 -41.36 -103.04
C ALA Q 462 60.11 -42.31 -103.42
N GLN Q 463 60.09 -42.79 -104.66
CA GLN Q 463 61.09 -43.72 -105.15
C GLN Q 463 62.37 -43.02 -105.60
N HIS Q 464 62.24 -42.09 -106.53
CA HIS Q 464 63.39 -41.51 -107.21
C HIS Q 464 63.94 -40.26 -106.51
N TRP Q 465 63.40 -39.96 -105.34
CA TRP Q 465 63.94 -38.87 -104.52
C TRP Q 465 64.81 -39.46 -103.41
N THR Q 466 65.99 -38.90 -103.23
CA THR Q 466 66.91 -39.37 -102.20
C THR Q 466 66.63 -38.69 -100.87
N TRP Q 467 65.96 -39.40 -99.96
CA TRP Q 467 65.60 -38.86 -98.67
C TRP Q 467 66.72 -39.03 -97.65
N ARG Q 468 67.08 -37.93 -96.99
CA ARG Q 468 68.14 -37.94 -95.99
C ARG Q 468 67.73 -37.21 -94.72
N ASN Q 469 66.79 -36.29 -94.86
CA ASN Q 469 66.37 -35.45 -93.74
C ASN Q 469 64.98 -35.82 -93.22
N PRO Q 470 64.83 -35.90 -91.88
CA PRO Q 470 63.56 -36.24 -91.24
C PRO Q 470 62.53 -35.11 -91.35
N HIS Q 471 61.25 -35.47 -91.29
CA HIS Q 471 60.15 -34.51 -91.35
C HIS Q 471 60.18 -33.68 -92.63
N THR Q 472 60.66 -34.28 -93.72
CA THR Q 472 60.78 -33.57 -94.98
C THR Q 472 59.94 -34.22 -96.08
N PHE Q 473 59.16 -35.23 -95.71
CA PHE Q 473 58.23 -35.86 -96.64
C PHE Q 473 56.83 -35.94 -96.03
N ILE Q 474 55.92 -35.15 -96.58
CA ILE Q 474 54.55 -35.10 -96.08
C ILE Q 474 53.56 -35.58 -97.15
N THR Q 475 53.12 -36.82 -97.02
CA THR Q 475 52.21 -37.42 -97.99
C THR Q 475 51.09 -38.19 -97.31
N SER Q 476 49.95 -38.28 -97.99
CA SER Q 476 48.80 -39.04 -97.48
C SER Q 476 48.88 -40.49 -97.93
N GLY Q 477 49.18 -41.38 -96.99
CA GLY Q 477 49.33 -42.79 -97.29
C GLY Q 477 48.25 -43.67 -96.68
N GLY Q 478 47.86 -43.33 -95.46
CA GLY Q 478 46.86 -44.10 -94.74
C GLY Q 478 45.50 -44.10 -95.42
N LEU Q 479 44.93 -42.92 -95.60
CA LEU Q 479 43.63 -42.80 -96.25
C LEU Q 479 43.81 -42.55 -97.74
N GLY Q 480 44.93 -41.93 -98.10
CA GLY Q 480 45.23 -41.66 -99.49
C GLY Q 480 44.27 -40.68 -100.13
N THR Q 481 44.20 -39.47 -99.58
CA THR Q 481 43.28 -38.45 -100.08
C THR Q 481 43.92 -37.62 -101.18
N MET Q 482 43.26 -37.56 -102.33
CA MET Q 482 43.74 -36.74 -103.45
C MET Q 482 43.61 -35.26 -103.12
N GLY Q 483 44.43 -34.44 -103.78
CA GLY Q 483 44.41 -33.01 -103.54
C GLY Q 483 44.92 -32.65 -102.16
N TYR Q 484 45.73 -33.55 -101.59
CA TYR Q 484 46.28 -33.34 -100.26
C TYR Q 484 47.55 -32.49 -100.31
N GLY Q 485 48.32 -32.65 -101.38
CA GLY Q 485 49.61 -32.00 -101.52
C GLY Q 485 49.59 -30.48 -101.53
N LEU Q 486 48.59 -29.91 -102.19
CA LEU Q 486 48.53 -28.45 -102.35
C LEU Q 486 48.32 -27.70 -101.03
N PRO Q 487 47.25 -28.02 -100.27
CA PRO Q 487 47.09 -27.22 -99.06
C PRO Q 487 48.08 -27.62 -97.95
N ALA Q 488 48.56 -28.86 -97.98
CA ALA Q 488 49.55 -29.32 -97.01
C ALA Q 488 50.86 -28.58 -97.20
N ALA Q 489 51.20 -28.32 -98.46
CA ALA Q 489 52.39 -27.56 -98.79
C ALA Q 489 52.28 -26.14 -98.25
N ILE Q 490 51.06 -25.59 -98.32
CA ILE Q 490 50.78 -24.27 -97.78
C ILE Q 490 50.94 -24.27 -96.26
N GLY Q 491 50.37 -25.28 -95.61
CA GLY Q 491 50.46 -25.39 -94.17
C GLY Q 491 51.85 -25.68 -93.66
N ALA Q 492 52.62 -26.43 -94.45
CA ALA Q 492 53.99 -26.77 -94.09
C ALA Q 492 54.90 -25.55 -94.15
N GLN Q 493 54.60 -24.65 -95.08
CA GLN Q 493 55.38 -23.43 -95.25
C GLN Q 493 55.19 -22.50 -94.05
N VAL Q 494 54.00 -22.54 -93.46
CA VAL Q 494 53.70 -21.72 -92.28
C VAL Q 494 54.53 -22.17 -91.09
N ALA Q 495 54.77 -23.48 -91.00
CA ALA Q 495 55.57 -24.03 -89.91
C ALA Q 495 57.06 -23.77 -90.12
N LYS Q 496 57.53 -24.03 -91.33
CA LYS Q 496 58.93 -23.82 -91.68
C LYS Q 496 59.06 -22.86 -92.86
N PRO Q 497 59.04 -21.54 -92.56
CA PRO Q 497 59.07 -20.50 -93.58
C PRO Q 497 60.39 -20.40 -94.33
N GLU Q 498 61.50 -20.72 -93.66
CA GLU Q 498 62.82 -20.66 -94.27
C GLU Q 498 63.04 -21.81 -95.24
N SER Q 499 62.17 -22.81 -95.19
CA SER Q 499 62.33 -24.02 -95.98
C SER Q 499 61.68 -23.91 -97.36
N LEU Q 500 62.31 -24.55 -98.34
CA LEU Q 500 61.73 -24.65 -99.68
C LEU Q 500 60.72 -25.78 -99.72
N VAL Q 501 59.45 -25.44 -99.73
CA VAL Q 501 58.39 -26.44 -99.75
C VAL Q 501 57.91 -26.71 -101.18
N ILE Q 502 58.05 -27.96 -101.61
CA ILE Q 502 57.69 -28.36 -102.97
C ILE Q 502 56.49 -29.29 -102.98
N ASP Q 503 55.53 -29.00 -103.87
CA ASP Q 503 54.34 -29.82 -104.02
C ASP Q 503 54.38 -30.60 -105.32
N ILE Q 504 54.33 -31.93 -105.21
CA ILE Q 504 54.34 -32.79 -106.38
C ILE Q 504 52.98 -33.46 -106.57
N ASP Q 505 52.12 -32.83 -107.37
CA ASP Q 505 50.77 -33.33 -107.59
C ASP Q 505 50.60 -33.96 -108.97
N GLY Q 506 49.40 -34.47 -109.23
CA GLY Q 506 49.06 -35.04 -110.51
C GLY Q 506 47.91 -34.29 -111.15
N ASP Q 507 47.53 -34.69 -112.36
CA ASP Q 507 46.48 -34.00 -113.09
C ASP Q 507 45.11 -34.19 -112.43
N ALA Q 508 44.81 -35.41 -112.03
CA ALA Q 508 43.53 -35.72 -111.41
C ALA Q 508 43.49 -35.25 -109.96
N SER Q 509 44.62 -35.31 -109.29
CA SER Q 509 44.73 -34.90 -107.90
C SER Q 509 44.56 -33.40 -107.74
N PHE Q 510 45.12 -32.64 -108.67
CA PHE Q 510 45.10 -31.18 -108.60
C PHE Q 510 43.70 -30.62 -108.87
N ASN Q 511 42.86 -31.41 -109.52
CA ASN Q 511 41.49 -30.99 -109.82
C ASN Q 511 40.62 -30.86 -108.57
N MET Q 512 41.17 -31.26 -107.43
CA MET Q 512 40.46 -31.14 -106.15
C MET Q 512 41.06 -30.02 -105.30
N THR Q 513 40.22 -29.07 -104.91
CA THR Q 513 40.60 -27.95 -104.06
C THR Q 513 41.82 -27.19 -104.58
N LEU Q 514 41.81 -26.89 -105.88
CA LEU Q 514 42.86 -26.06 -106.48
C LEU Q 514 42.62 -24.59 -106.14
N THR Q 515 41.49 -24.32 -105.49
CA THR Q 515 41.12 -22.98 -105.09
C THR Q 515 42.07 -22.44 -104.02
N GLU Q 516 42.79 -23.34 -103.36
CA GLU Q 516 43.70 -22.96 -102.29
C GLU Q 516 44.94 -22.25 -102.83
N LEU Q 517 45.06 -22.17 -104.15
CA LEU Q 517 46.11 -21.36 -104.79
C LEU Q 517 45.99 -19.90 -104.34
N SER Q 518 44.75 -19.46 -104.18
CA SER Q 518 44.45 -18.09 -103.80
C SER Q 518 44.78 -17.83 -102.32
N SER Q 519 44.97 -18.91 -101.56
CA SER Q 519 45.20 -18.81 -100.13
C SER Q 519 46.66 -18.56 -99.78
N ALA Q 520 47.56 -19.09 -100.61
CA ALA Q 520 48.99 -18.95 -100.38
C ALA Q 520 49.42 -17.49 -100.46
N VAL Q 521 48.86 -16.77 -101.41
CA VAL Q 521 49.17 -15.35 -101.60
C VAL Q 521 48.47 -14.48 -100.57
N GLN Q 522 47.47 -15.05 -99.89
CA GLN Q 522 46.67 -14.31 -98.93
C GLN Q 522 47.31 -14.35 -97.54
N ALA Q 523 48.16 -15.34 -97.32
CA ALA Q 523 48.87 -15.47 -96.05
C ALA Q 523 50.32 -15.05 -96.19
N GLY Q 524 50.91 -15.34 -97.34
CA GLY Q 524 52.30 -15.00 -97.61
C GLY Q 524 53.20 -16.22 -97.56
N THR Q 525 52.85 -17.24 -98.34
CA THR Q 525 53.62 -18.47 -98.38
C THR Q 525 54.10 -18.79 -99.79
N PRO Q 526 55.42 -18.72 -100.01
CA PRO Q 526 56.02 -18.99 -101.33
C PRO Q 526 56.14 -20.47 -101.64
N VAL Q 527 55.01 -21.14 -101.77
CA VAL Q 527 54.99 -22.57 -102.06
C VAL Q 527 55.28 -22.86 -103.53
N LYS Q 528 55.97 -23.96 -103.80
CA LYS Q 528 56.30 -24.36 -105.16
C LYS Q 528 55.43 -25.54 -105.59
N ILE Q 529 54.62 -25.34 -106.62
CA ILE Q 529 53.70 -26.37 -107.08
C ILE Q 529 54.15 -26.99 -108.41
N LEU Q 530 54.37 -28.30 -108.39
CA LEU Q 530 54.68 -29.04 -109.60
C LEU Q 530 53.53 -29.97 -109.98
N ILE Q 531 53.12 -29.91 -111.24
CA ILE Q 531 52.01 -30.75 -111.71
C ILE Q 531 52.47 -31.67 -112.82
N LEU Q 532 52.58 -32.97 -112.51
CA LEU Q 532 52.91 -33.97 -113.52
C LEU Q 532 51.67 -34.32 -114.33
N ASN Q 533 51.26 -33.41 -115.20
CA ASN Q 533 50.09 -33.61 -116.03
C ASN Q 533 50.26 -34.77 -117.01
N ASN Q 534 49.17 -35.49 -117.26
CA ASN Q 534 49.19 -36.62 -118.18
C ASN Q 534 47.83 -36.85 -118.83
N GLU Q 535 46.86 -36.00 -118.49
CA GLU Q 535 45.47 -36.16 -118.92
C GLU Q 535 44.98 -37.57 -118.63
N GLU Q 536 45.35 -38.11 -117.47
CA GLU Q 536 45.12 -39.50 -117.15
C GLU Q 536 45.23 -39.78 -115.66
N GLN Q 537 44.26 -40.52 -115.13
CA GLN Q 537 44.31 -41.02 -113.76
C GLN Q 537 45.20 -42.26 -113.71
N GLY Q 538 46.51 -42.04 -113.70
CA GLY Q 538 47.50 -43.09 -113.87
C GLY Q 538 47.39 -44.30 -112.97
N MET Q 539 47.21 -44.07 -111.66
CA MET Q 539 47.20 -45.15 -110.69
C MET Q 539 46.03 -46.12 -110.93
N VAL Q 540 44.92 -45.57 -111.42
CA VAL Q 540 43.73 -46.38 -111.67
C VAL Q 540 43.80 -47.07 -113.03
N THR Q 541 44.29 -46.34 -114.03
CA THR Q 541 44.45 -46.89 -115.36
C THR Q 541 45.46 -48.03 -115.37
N GLN Q 542 46.41 -47.98 -114.45
CA GLN Q 542 47.41 -49.03 -114.31
C GLN Q 542 46.74 -50.34 -113.89
N TRP Q 543 45.79 -50.25 -112.98
CA TRP Q 543 45.05 -51.42 -112.52
C TRP Q 543 44.10 -51.95 -113.59
N GLN Q 544 43.49 -51.04 -114.33
CA GLN Q 544 42.55 -51.41 -115.38
C GLN Q 544 43.26 -52.09 -116.55
N SER Q 545 44.50 -51.68 -116.81
CA SER Q 545 45.26 -52.21 -117.92
C SER Q 545 45.94 -53.53 -117.57
N LEU Q 546 46.12 -53.78 -116.28
CA LEU Q 546 46.81 -54.97 -115.82
C LEU Q 546 45.85 -56.12 -115.49
N PHE Q 547 44.62 -55.79 -115.10
CA PHE Q 547 43.71 -56.81 -114.59
C PHE Q 547 42.37 -56.85 -115.33
N TYR Q 548 41.97 -55.74 -115.93
CA TYR Q 548 40.65 -55.67 -116.57
C TYR Q 548 40.74 -55.46 -118.08
N GLU Q 549 41.81 -55.97 -118.68
CA GLU Q 549 41.97 -56.01 -120.14
C GLU Q 549 41.79 -54.67 -120.83
N HIS Q 550 42.48 -53.64 -120.31
CA HIS Q 550 42.53 -52.33 -120.92
C HIS Q 550 41.16 -51.68 -121.10
N ARG Q 551 40.25 -51.94 -120.16
CA ARG Q 551 38.93 -51.30 -120.17
C ARG Q 551 38.92 -50.09 -119.24
N TYR Q 552 39.35 -48.95 -119.77
CA TYR Q 552 39.50 -47.74 -118.98
C TYR Q 552 38.19 -46.96 -118.89
N SER Q 553 37.38 -47.30 -117.89
CA SER Q 553 36.07 -46.67 -117.73
C SER Q 553 36.13 -45.45 -116.82
N HIS Q 554 35.90 -44.28 -117.41
CA HIS Q 554 35.79 -43.01 -116.68
C HIS Q 554 37.02 -42.66 -115.86
N THR Q 555 38.19 -43.10 -116.31
CA THR Q 555 39.44 -42.76 -115.64
C THR Q 555 40.18 -41.67 -116.41
N HIS Q 556 39.45 -40.96 -117.27
CA HIS Q 556 40.01 -39.84 -118.02
C HIS Q 556 39.09 -38.62 -117.92
N GLN Q 557 39.64 -37.52 -117.42
CA GLN Q 557 38.86 -36.30 -117.26
C GLN Q 557 39.53 -35.15 -118.02
N LEU Q 558 38.75 -34.11 -118.30
CA LEU Q 558 39.27 -32.94 -118.99
C LEU Q 558 39.99 -32.01 -118.04
N ASN Q 559 41.08 -31.43 -118.50
CA ASN Q 559 41.89 -30.55 -117.65
C ASN Q 559 42.10 -29.18 -118.28
N PRO Q 560 42.03 -28.13 -117.46
CA PRO Q 560 42.31 -26.77 -117.92
C PRO Q 560 43.81 -26.51 -117.99
N ASP Q 561 44.21 -25.44 -118.67
CA ASP Q 561 45.62 -25.03 -118.65
C ASP Q 561 45.98 -24.54 -117.26
N PHE Q 562 46.62 -25.40 -116.48
CA PHE Q 562 46.99 -25.09 -115.11
C PHE Q 562 47.99 -23.93 -115.06
N ILE Q 563 48.67 -23.71 -116.19
CA ILE Q 563 49.64 -22.63 -116.29
C ILE Q 563 48.94 -21.28 -116.41
N LYS Q 564 47.75 -21.27 -117.02
CA LYS Q 564 47.01 -20.02 -117.22
C LYS Q 564 46.23 -19.77 -115.94
N LEU Q 565 45.98 -20.83 -115.17
CA LEU Q 565 45.25 -20.72 -113.91
C LEU Q 565 46.04 -20.07 -112.75
N ALA Q 566 47.35 -20.21 -112.85
CA ALA Q 566 48.27 -19.67 -111.87
C ALA Q 566 48.31 -18.16 -111.62
N GLU Q 567 48.01 -17.76 -110.39
CA GLU Q 567 48.01 -16.36 -109.98
C GLU Q 567 47.12 -15.50 -110.88
N LEU Q 574 54.10 -21.74 -115.11
CA LEU Q 574 55.13 -22.21 -116.04
C LEU Q 574 54.67 -23.45 -116.77
N ARG Q 575 55.44 -23.86 -117.79
CA ARG Q 575 55.03 -24.96 -118.65
C ARG Q 575 56.19 -25.50 -119.49
N VAL Q 576 56.35 -26.82 -119.48
CA VAL Q 576 57.33 -27.49 -120.35
C VAL Q 576 56.67 -28.66 -121.06
N LYS Q 577 57.26 -29.11 -122.16
CA LYS Q 577 56.67 -30.19 -122.96
C LYS Q 577 57.70 -31.07 -123.64
N LYS Q 578 58.97 -30.67 -123.60
CA LYS Q 578 60.04 -31.45 -124.23
C LYS Q 578 61.27 -31.58 -123.34
N GLN Q 579 62.10 -32.58 -123.64
CA GLN Q 579 63.31 -32.85 -122.86
C GLN Q 579 64.23 -31.64 -122.84
N GLU Q 580 64.43 -31.03 -124.00
CA GLU Q 580 65.34 -29.91 -124.15
C GLU Q 580 64.87 -28.66 -123.40
N GLU Q 581 63.61 -28.64 -123.03
CA GLU Q 581 63.02 -27.50 -122.34
C GLU Q 581 62.96 -27.72 -120.83
N LEU Q 582 62.62 -28.95 -120.43
CA LEU Q 582 62.42 -29.27 -119.01
C LEU Q 582 63.74 -29.54 -118.27
N ASP Q 583 64.78 -29.84 -119.03
CA ASP Q 583 66.07 -30.20 -118.45
C ASP Q 583 66.70 -29.03 -117.69
N ALA Q 584 66.30 -27.81 -118.06
CA ALA Q 584 66.87 -26.61 -117.45
C ALA Q 584 65.83 -25.73 -116.78
N LYS Q 585 64.55 -25.96 -117.10
CA LYS Q 585 63.48 -25.11 -116.60
C LYS Q 585 63.14 -25.40 -115.14
N LEU Q 586 63.67 -26.49 -114.59
CA LEU Q 586 63.43 -26.84 -113.20
C LEU Q 586 64.03 -25.78 -112.27
N LYS Q 587 65.20 -25.27 -112.63
CA LYS Q 587 65.85 -24.22 -111.84
C LYS Q 587 65.11 -22.91 -111.96
N GLU Q 588 64.38 -22.74 -113.07
CA GLU Q 588 63.57 -21.56 -113.29
C GLU Q 588 62.23 -21.66 -112.56
N PHE Q 589 62.06 -22.75 -111.82
CA PHE Q 589 60.84 -22.99 -111.06
C PHE Q 589 61.15 -23.09 -109.56
N VAL Q 590 62.36 -23.54 -109.25
CA VAL Q 590 62.79 -23.71 -107.86
C VAL Q 590 63.27 -22.39 -107.26
N SER Q 591 64.16 -21.70 -107.96
CA SER Q 591 64.78 -20.48 -107.44
C SER Q 591 63.86 -19.26 -107.56
N THR Q 592 62.71 -19.44 -108.19
CA THR Q 592 61.77 -18.35 -108.39
C THR Q 592 61.11 -17.92 -107.09
N LYS Q 593 61.34 -16.68 -106.69
CA LYS Q 593 60.79 -16.15 -105.44
C LYS Q 593 59.26 -16.03 -105.50
N GLY Q 594 58.62 -16.24 -104.36
CA GLY Q 594 57.17 -16.16 -104.27
C GLY Q 594 56.48 -17.42 -104.72
N PRO Q 595 55.16 -17.49 -104.51
CA PRO Q 595 54.35 -18.65 -104.92
C PRO Q 595 54.33 -18.82 -106.44
N VAL Q 596 54.74 -20.00 -106.91
CA VAL Q 596 54.89 -20.23 -108.34
C VAL Q 596 54.45 -21.65 -108.71
N LEU Q 597 53.86 -21.80 -109.90
CA LEU Q 597 53.37 -23.09 -110.37
C LEU Q 597 54.12 -23.55 -111.62
N LEU Q 598 54.23 -24.86 -111.80
CA LEU Q 598 54.86 -25.44 -112.98
C LEU Q 598 54.13 -26.69 -113.46
N GLU Q 599 53.85 -26.75 -114.75
CA GLU Q 599 53.21 -27.92 -115.34
C GLU Q 599 54.19 -28.70 -116.22
N VAL Q 600 54.21 -30.02 -116.06
CA VAL Q 600 55.08 -30.87 -116.86
C VAL Q 600 54.30 -31.98 -117.55
N GLU Q 601 54.26 -31.95 -118.88
CA GLU Q 601 53.58 -32.97 -119.64
C GLU Q 601 54.42 -34.24 -119.71
N VAL Q 602 53.88 -35.35 -119.20
CA VAL Q 602 54.60 -36.61 -119.19
C VAL Q 602 53.91 -37.66 -120.04
N ASP Q 603 54.59 -38.78 -120.28
CA ASP Q 603 54.07 -39.85 -121.12
C ASP Q 603 52.87 -40.54 -120.48
N LYS Q 604 51.93 -40.98 -121.32
CA LYS Q 604 50.73 -41.66 -120.85
C LYS Q 604 50.97 -43.15 -120.60
N LYS Q 605 50.13 -43.72 -119.74
CA LYS Q 605 50.09 -45.16 -119.51
C LYS Q 605 51.45 -45.76 -119.13
N VAL Q 606 52.10 -45.16 -118.15
CA VAL Q 606 53.37 -45.68 -117.65
C VAL Q 606 53.17 -46.23 -116.24
N PRO Q 607 53.29 -47.56 -116.09
CA PRO Q 607 53.01 -48.24 -114.81
C PRO Q 607 54.08 -48.00 -113.76
N VAL Q 608 53.67 -48.00 -112.49
CA VAL Q 608 54.62 -47.90 -111.38
C VAL Q 608 55.16 -49.28 -111.04
N LEU Q 609 56.47 -49.45 -111.20
CA LEU Q 609 57.11 -50.74 -110.96
C LEU Q 609 58.29 -50.59 -110.01
N PRO Q 610 58.55 -51.61 -109.18
CA PRO Q 610 57.84 -52.90 -109.07
C PRO Q 610 56.45 -52.78 -108.45
N MET Q 611 55.69 -53.86 -108.49
CA MET Q 611 54.31 -53.85 -108.00
C MET Q 611 53.91 -55.21 -107.46
N VAL Q 612 53.45 -55.23 -106.20
CA VAL Q 612 53.00 -56.46 -105.57
C VAL Q 612 51.50 -56.41 -105.29
N ALA Q 613 50.72 -57.02 -106.18
CA ALA Q 613 49.27 -57.00 -106.05
C ALA Q 613 48.68 -58.41 -106.07
N GLY Q 614 47.37 -58.51 -105.88
CA GLY Q 614 46.70 -59.79 -105.88
C GLY Q 614 47.06 -60.63 -104.68
N GLY Q 615 47.42 -61.89 -104.92
CA GLY Q 615 47.82 -62.79 -103.87
C GLY Q 615 49.33 -63.03 -103.86
N SER Q 616 50.04 -62.20 -104.61
CA SER Q 616 51.49 -62.32 -104.71
C SER Q 616 52.18 -61.87 -103.43
N GLY Q 617 53.27 -62.55 -103.08
CA GLY Q 617 54.08 -62.15 -101.95
C GLY Q 617 55.05 -61.06 -102.36
N LEU Q 618 55.78 -60.51 -101.39
CA LEU Q 618 56.73 -59.44 -101.66
C LEU Q 618 57.83 -59.90 -102.60
N ASP Q 619 58.19 -61.17 -102.52
CA ASP Q 619 59.20 -61.75 -103.39
C ASP Q 619 58.63 -62.09 -104.76
N GLU Q 620 57.30 -62.22 -104.82
CA GLU Q 620 56.61 -62.51 -106.07
C GLU Q 620 56.19 -61.21 -106.76
N PHE Q 621 57.12 -60.26 -106.80
CA PHE Q 621 56.86 -58.94 -107.37
C PHE Q 621 56.85 -58.97 -108.90
N ILE Q 622 56.38 -57.88 -109.50
CA ILE Q 622 56.39 -57.71 -110.94
C ILE Q 622 57.27 -56.53 -111.32
N ASN Q 623 58.37 -56.80 -112.01
CA ASN Q 623 59.34 -55.76 -112.35
C ASN Q 623 59.28 -55.36 -113.82
N PHE Q 624 60.05 -54.34 -114.18
CA PHE Q 624 60.02 -53.76 -115.52
C PHE Q 624 60.79 -54.56 -116.56
N ASP Q 625 60.09 -54.87 -117.66
CA ASP Q 625 60.71 -55.49 -118.83
C ASP Q 625 60.32 -54.69 -120.06
N PRO Q 626 61.32 -54.12 -120.75
CA PRO Q 626 61.12 -53.24 -121.92
C PRO Q 626 60.26 -53.87 -123.02
N GLU Q 627 60.36 -55.18 -123.19
CA GLU Q 627 59.60 -55.87 -124.22
C GLU Q 627 58.12 -55.99 -123.85
N VAL Q 628 57.83 -55.84 -122.56
CA VAL Q 628 56.45 -55.91 -122.08
C VAL Q 628 55.74 -54.58 -122.28
N GLU Q 629 56.41 -53.49 -121.93
CA GLU Q 629 55.88 -52.15 -122.14
C GLU Q 629 55.71 -51.88 -123.63
N ARG Q 630 56.58 -52.49 -124.43
CA ARG Q 630 56.50 -52.40 -125.88
C ARG Q 630 55.16 -52.92 -126.38
N GLN Q 631 54.66 -53.95 -125.71
CA GLN Q 631 53.38 -54.56 -126.06
C GLN Q 631 52.22 -53.84 -125.38
N GLN Q 632 52.47 -53.31 -124.18
CA GLN Q 632 51.44 -52.58 -123.44
C GLN Q 632 51.16 -51.23 -124.07
N THR Q 633 51.93 -50.89 -125.10
CA THR Q 633 51.68 -49.70 -125.90
C THR Q 633 50.91 -50.09 -127.17
N GLU Q 634 51.27 -51.24 -127.74
CA GLU Q 634 50.64 -51.73 -128.95
C GLU Q 634 49.29 -52.39 -128.67
N LEU Q 635 49.26 -53.26 -127.67
CA LEU Q 635 48.03 -53.96 -127.29
C LEU Q 635 46.99 -52.96 -126.77
N ARG Q 636 47.48 -51.83 -126.25
CA ARG Q 636 46.62 -50.75 -125.80
C ARG Q 636 45.87 -50.12 -126.96
N HIS Q 637 46.57 -49.93 -128.07
CA HIS Q 637 45.96 -49.34 -129.27
C HIS Q 637 45.06 -50.33 -129.99
N LYS Q 638 45.40 -51.61 -129.91
CA LYS Q 638 44.66 -52.65 -130.62
C LYS Q 638 43.40 -53.04 -129.87
N ARG Q 639 43.27 -52.60 -128.63
CA ARG Q 639 42.10 -52.93 -127.81
C ARG Q 639 41.19 -51.72 -127.59
N THR Q 640 41.78 -50.52 -127.65
CA THR Q 640 41.02 -49.30 -127.44
C THR Q 640 40.59 -48.66 -128.77
N GLY Q 641 40.92 -49.35 -129.87
CA GLY Q 641 40.53 -48.87 -131.19
C GLY Q 641 41.40 -47.74 -131.69
N GLY Q 642 42.45 -47.42 -130.96
CA GLY Q 642 43.37 -46.37 -131.34
C GLY Q 642 43.19 -45.09 -130.57
N LYS Q 643 42.19 -45.05 -129.69
CA LYS Q 643 41.92 -43.88 -128.88
C LYS Q 643 43.03 -43.66 -127.86
N HIS Q 644 43.50 -44.75 -127.27
CA HIS Q 644 44.59 -44.68 -126.28
C HIS Q 644 45.81 -45.43 -126.79
N ASP R 41 9.02 -69.59 -105.68
CA ASP R 41 9.90 -69.26 -106.79
C ASP R 41 11.06 -68.37 -106.33
N MET R 42 12.09 -68.28 -107.17
CA MET R 42 13.25 -67.46 -106.84
C MET R 42 13.95 -66.98 -108.12
N ASP R 43 14.53 -65.79 -108.07
CA ASP R 43 15.14 -65.18 -109.24
C ASP R 43 16.49 -65.80 -109.59
N THR R 44 16.50 -66.57 -110.67
CA THR R 44 17.72 -67.22 -111.14
C THR R 44 18.23 -66.58 -112.44
N SER R 45 17.89 -65.32 -112.63
CA SER R 45 18.23 -64.62 -113.87
C SER R 45 19.65 -64.05 -113.86
N PHE R 46 20.26 -64.00 -112.69
CA PHE R 46 21.58 -63.39 -112.54
C PHE R 46 22.69 -64.42 -112.35
N VAL R 47 22.34 -65.69 -112.28
CA VAL R 47 23.31 -66.76 -112.03
C VAL R 47 24.38 -66.81 -113.12
N GLY R 48 25.61 -66.51 -112.75
CA GLY R 48 26.72 -66.50 -113.69
C GLY R 48 27.34 -65.11 -113.84
N LEU R 49 26.62 -64.09 -113.38
CA LEU R 49 27.09 -62.72 -113.48
C LEU R 49 27.92 -62.32 -112.27
N THR R 50 28.74 -61.29 -112.43
CA THR R 50 29.53 -60.75 -111.33
C THR R 50 28.77 -59.64 -110.64
N GLY R 51 29.24 -59.24 -109.45
CA GLY R 51 28.60 -58.20 -108.69
C GLY R 51 28.49 -56.88 -109.44
N GLY R 52 29.53 -56.57 -110.21
CA GLY R 52 29.51 -55.37 -111.04
C GLY R 52 28.47 -55.48 -112.12
N GLN R 53 28.34 -56.67 -112.71
CA GLN R 53 27.36 -56.91 -113.76
C GLN R 53 25.94 -56.92 -113.19
N ILE R 54 25.83 -57.29 -111.91
CA ILE R 54 24.53 -57.26 -111.24
C ILE R 54 24.14 -55.81 -110.96
N PHE R 55 25.12 -55.00 -110.56
CA PHE R 55 24.89 -53.57 -110.39
C PHE R 55 24.42 -52.95 -111.69
N ASN R 56 25.06 -53.35 -112.79
CA ASN R 56 24.73 -52.87 -114.13
C ASN R 56 23.28 -53.19 -114.50
N GLU R 57 22.89 -54.44 -114.29
CA GLU R 57 21.54 -54.89 -114.62
C GLU R 57 20.48 -54.20 -113.77
N MET R 58 20.76 -54.03 -112.47
CA MET R 58 19.80 -53.42 -111.56
C MET R 58 19.55 -51.95 -111.88
N MET R 59 20.47 -51.34 -112.62
CA MET R 59 20.27 -49.96 -113.07
C MET R 59 19.27 -49.91 -114.21
N SER R 60 19.02 -51.07 -114.83
CA SER R 60 18.03 -51.17 -115.90
C SER R 60 16.69 -51.63 -115.32
N ARG R 61 16.74 -52.39 -114.24
CA ARG R 61 15.54 -52.85 -113.56
C ARG R 61 14.92 -51.68 -112.79
N GLN R 62 15.77 -50.72 -112.44
CA GLN R 62 15.33 -49.44 -111.90
C GLN R 62 15.29 -48.43 -113.03
N ASN R 63 14.47 -47.39 -112.88
CA ASN R 63 14.30 -46.40 -113.94
C ASN R 63 15.28 -45.23 -113.80
N VAL R 64 16.54 -45.54 -113.53
CA VAL R 64 17.57 -44.51 -113.42
C VAL R 64 18.22 -44.26 -114.77
N ASP R 65 18.22 -43.00 -115.20
CA ASP R 65 18.74 -42.63 -116.51
C ASP R 65 20.22 -42.28 -116.47
N THR R 66 20.65 -41.64 -115.39
CA THR R 66 22.02 -41.11 -115.31
C THR R 66 22.69 -41.42 -113.97
N VAL R 67 23.97 -41.76 -114.03
CA VAL R 67 24.78 -41.98 -112.84
C VAL R 67 25.90 -40.95 -112.74
N PHE R 68 26.25 -40.57 -111.52
CA PHE R 68 27.28 -39.58 -111.29
C PHE R 68 28.33 -40.10 -110.31
N GLY R 69 29.56 -40.29 -110.76
CA GLY R 69 30.56 -40.90 -109.90
C GLY R 69 32.02 -40.75 -110.24
N TYR R 70 32.85 -41.46 -109.48
CA TYR R 70 34.30 -41.38 -109.57
C TYR R 70 34.90 -42.78 -109.40
N PRO R 71 35.82 -43.16 -110.30
CA PRO R 71 36.44 -44.49 -110.17
C PRO R 71 37.45 -44.54 -109.03
N GLY R 72 37.79 -45.75 -108.59
CA GLY R 72 38.74 -45.96 -107.51
C GLY R 72 39.00 -47.43 -107.29
N GLY R 73 40.12 -47.73 -106.64
CA GLY R 73 40.58 -49.10 -106.48
C GLY R 73 39.60 -50.09 -105.86
N ALA R 74 38.69 -49.58 -105.04
CA ALA R 74 37.76 -50.45 -104.32
C ALA R 74 36.40 -50.54 -105.03
N ILE R 75 36.26 -49.79 -106.13
CA ILE R 75 34.98 -49.75 -106.85
C ILE R 75 35.19 -50.12 -108.33
N LEU R 76 36.43 -50.46 -108.68
CA LEU R 76 36.75 -50.86 -110.05
C LEU R 76 35.97 -52.06 -110.61
N PRO R 77 35.71 -53.11 -109.80
CA PRO R 77 34.93 -54.23 -110.33
C PRO R 77 33.55 -53.83 -110.86
N VAL R 78 33.04 -52.69 -110.42
CA VAL R 78 31.76 -52.17 -110.92
C VAL R 78 31.96 -51.46 -112.25
N TYR R 79 33.03 -50.66 -112.34
CA TYR R 79 33.31 -49.89 -113.54
C TYR R 79 33.73 -50.78 -114.72
N ASP R 80 34.20 -51.98 -114.41
CA ASP R 80 34.58 -52.94 -115.45
C ASP R 80 33.35 -53.51 -116.15
N ALA R 81 32.21 -53.43 -115.48
CA ALA R 81 30.97 -53.98 -116.01
C ALA R 81 30.07 -52.90 -116.61
N ILE R 82 30.22 -51.67 -116.12
CA ILE R 82 29.44 -50.56 -116.64
C ILE R 82 30.21 -49.79 -117.70
N HIS R 83 31.33 -50.37 -118.14
CA HIS R 83 32.18 -49.75 -119.16
C HIS R 83 31.42 -49.53 -120.46
N ASN R 84 31.06 -48.27 -120.71
CA ASN R 84 30.30 -47.88 -121.89
C ASN R 84 29.01 -48.69 -122.05
N SER R 85 28.29 -48.87 -120.95
CA SER R 85 27.03 -49.59 -120.95
C SER R 85 25.93 -48.74 -121.58
N ASP R 86 25.03 -49.40 -122.31
CA ASP R 86 23.93 -48.70 -122.98
C ASP R 86 22.71 -48.60 -122.08
N LYS R 87 22.86 -49.00 -120.82
CA LYS R 87 21.75 -49.01 -119.89
C LYS R 87 21.53 -47.65 -119.20
N PHE R 88 22.56 -46.82 -119.19
CA PHE R 88 22.46 -45.52 -118.52
C PHE R 88 23.55 -44.53 -118.94
N ASN R 89 23.33 -43.27 -118.60
CA ASN R 89 24.29 -42.20 -118.83
C ASN R 89 25.22 -42.06 -117.62
N PHE R 90 26.41 -41.52 -117.84
CA PHE R 90 27.38 -41.36 -116.75
C PHE R 90 28.05 -39.99 -116.78
N VAL R 91 28.36 -39.47 -115.60
CA VAL R 91 28.98 -38.15 -115.47
C VAL R 91 30.21 -38.23 -114.55
N LEU R 92 31.27 -37.51 -114.92
CA LEU R 92 32.50 -37.52 -114.15
C LEU R 92 32.88 -36.12 -113.66
N PRO R 93 32.73 -35.88 -112.34
CA PRO R 93 33.09 -34.60 -111.72
C PRO R 93 34.58 -34.53 -111.38
N LYS R 94 35.00 -33.41 -110.79
CA LYS R 94 36.39 -33.25 -110.38
C LYS R 94 36.55 -33.59 -108.90
N HIS R 95 35.46 -33.44 -108.16
CA HIS R 95 35.44 -33.72 -106.73
C HIS R 95 34.23 -34.57 -106.37
N GLU R 96 34.37 -35.47 -105.41
CA GLU R 96 33.27 -36.32 -104.98
C GLU R 96 32.14 -35.49 -104.37
N GLN R 97 32.50 -34.37 -103.76
CA GLN R 97 31.52 -33.41 -103.25
C GLN R 97 30.66 -32.91 -104.40
N GLY R 98 31.29 -32.77 -105.57
CA GLY R 98 30.57 -32.43 -106.78
C GLY R 98 29.61 -33.55 -107.15
N ALA R 99 30.13 -34.78 -107.19
CA ALA R 99 29.36 -35.96 -107.57
C ALA R 99 28.04 -36.05 -106.81
N GLY R 100 28.08 -35.74 -105.52
CA GLY R 100 26.88 -35.70 -104.72
C GLY R 100 25.97 -34.57 -105.15
N HIS R 101 26.57 -33.41 -105.42
CA HIS R 101 25.82 -32.24 -105.87
C HIS R 101 25.37 -32.39 -107.32
N MET R 102 26.09 -33.19 -108.10
CA MET R 102 25.64 -33.53 -109.45
C MET R 102 24.30 -34.23 -109.36
N ALA R 103 24.23 -35.23 -108.50
CA ALA R 103 23.04 -36.03 -108.32
C ALA R 103 21.98 -35.30 -107.51
N GLU R 104 22.42 -34.42 -106.62
CA GLU R 104 21.49 -33.65 -105.78
C GLU R 104 20.72 -32.65 -106.63
N GLY R 105 21.43 -31.95 -107.51
CA GLY R 105 20.80 -31.01 -108.42
C GLY R 105 19.94 -31.72 -109.44
N TYR R 106 20.45 -32.85 -109.94
CA TYR R 106 19.70 -33.67 -110.90
C TYR R 106 18.41 -34.20 -110.27
N ALA R 107 18.46 -34.46 -108.97
CA ALA R 107 17.28 -34.94 -108.25
C ALA R 107 16.25 -33.84 -108.08
N ARG R 108 16.74 -32.64 -107.75
CA ARG R 108 15.88 -31.48 -107.57
C ARG R 108 15.19 -31.08 -108.87
N ALA R 109 15.85 -31.36 -109.99
CA ALA R 109 15.31 -31.00 -111.30
C ALA R 109 14.38 -32.08 -111.85
N SER R 110 14.90 -33.31 -111.93
CA SER R 110 14.14 -34.41 -112.50
C SER R 110 12.98 -34.85 -111.60
N GLY R 111 13.19 -34.77 -110.29
CA GLY R 111 12.23 -35.29 -109.33
C GLY R 111 12.53 -36.74 -109.05
N LYS R 112 13.49 -37.30 -109.79
CA LYS R 112 13.94 -38.67 -109.60
C LYS R 112 15.11 -38.72 -108.63
N PRO R 113 15.41 -39.90 -108.06
CA PRO R 113 16.56 -39.97 -107.15
C PRO R 113 17.90 -39.74 -107.87
N GLY R 114 18.88 -39.22 -107.14
CA GLY R 114 20.20 -38.99 -107.70
C GLY R 114 21.19 -40.06 -107.27
N VAL R 115 21.64 -40.86 -108.23
CA VAL R 115 22.53 -41.99 -107.95
C VAL R 115 24.00 -41.59 -108.00
N VAL R 116 24.72 -41.90 -106.93
CA VAL R 116 26.15 -41.60 -106.84
C VAL R 116 26.98 -42.89 -106.74
N LEU R 117 28.10 -42.93 -107.43
CA LEU R 117 28.98 -44.10 -107.41
C LEU R 117 30.45 -43.71 -107.23
N VAL R 118 30.92 -43.72 -105.99
CA VAL R 118 32.31 -43.36 -105.70
C VAL R 118 33.07 -44.50 -105.04
N THR R 119 34.34 -44.25 -104.71
CA THR R 119 35.20 -45.27 -104.13
C THR R 119 35.27 -45.16 -102.61
N SER R 120 36.04 -46.05 -102.00
CA SER R 120 36.17 -46.10 -100.54
C SER R 120 37.04 -44.98 -100.00
N GLY R 121 37.24 -44.99 -98.69
CA GLY R 121 38.10 -44.03 -98.02
C GLY R 121 37.68 -42.59 -98.21
N PRO R 122 38.56 -41.78 -98.81
CA PRO R 122 38.30 -40.35 -99.05
C PRO R 122 37.16 -40.12 -100.03
N GLY R 123 36.87 -41.11 -100.86
CA GLY R 123 35.78 -41.03 -101.81
C GLY R 123 34.43 -40.99 -101.12
N ALA R 124 34.36 -41.59 -99.93
CA ALA R 124 33.10 -41.66 -99.19
C ALA R 124 33.02 -40.55 -98.14
N THR R 125 34.17 -40.07 -97.70
CA THR R 125 34.21 -39.00 -96.69
C THR R 125 34.02 -37.63 -97.32
N ASN R 126 34.02 -37.59 -98.66
CA ASN R 126 33.82 -36.33 -99.37
C ASN R 126 32.35 -36.09 -99.68
N VAL R 127 31.57 -37.16 -99.77
CA VAL R 127 30.14 -37.04 -100.06
C VAL R 127 29.33 -36.91 -98.77
N VAL R 128 30.00 -36.61 -97.67
CA VAL R 128 29.33 -36.43 -96.38
C VAL R 128 28.43 -35.22 -96.40
N THR R 129 28.97 -34.08 -96.81
CA THR R 129 28.20 -32.84 -96.91
C THR R 129 27.10 -32.92 -97.97
N PRO R 130 27.39 -33.50 -99.15
CA PRO R 130 26.26 -33.71 -100.08
C PRO R 130 25.17 -34.65 -99.54
N MET R 131 25.51 -35.47 -98.55
CA MET R 131 24.51 -36.32 -97.91
C MET R 131 23.84 -35.59 -96.76
N ALA R 132 24.62 -34.79 -96.02
CA ALA R 132 24.09 -34.01 -94.92
C ALA R 132 23.14 -32.92 -95.43
N ASP R 133 23.45 -32.37 -96.60
CA ASP R 133 22.61 -31.35 -97.21
C ASP R 133 21.27 -31.95 -97.62
N ALA R 134 21.32 -33.07 -98.34
CA ALA R 134 20.11 -33.73 -98.83
C ALA R 134 19.31 -34.33 -97.68
N PHE R 135 19.95 -34.55 -96.54
CA PHE R 135 19.27 -35.10 -95.37
C PHE R 135 18.42 -34.04 -94.69
N ALA R 136 18.85 -32.78 -94.80
CA ALA R 136 18.15 -31.67 -94.18
C ALA R 136 17.00 -31.16 -95.05
N ASP R 137 17.27 -30.97 -96.34
CA ASP R 137 16.27 -30.45 -97.26
C ASP R 137 15.41 -31.55 -97.85
N GLY R 138 15.72 -32.80 -97.50
CA GLY R 138 14.94 -33.94 -97.96
C GLY R 138 15.04 -34.18 -99.45
N ILE R 139 16.24 -34.48 -99.92
CA ILE R 139 16.46 -34.73 -101.34
C ILE R 139 16.91 -36.17 -101.56
N PRO R 140 16.17 -36.91 -102.40
CA PRO R 140 16.41 -38.34 -102.61
C PRO R 140 17.74 -38.65 -103.30
N MET R 141 18.58 -39.44 -102.64
CA MET R 141 19.87 -39.85 -103.20
C MET R 141 20.16 -41.31 -102.88
N VAL R 142 20.84 -41.98 -103.79
CA VAL R 142 21.30 -43.35 -103.56
C VAL R 142 22.80 -43.42 -103.78
N VAL R 143 23.56 -43.03 -102.75
CA VAL R 143 25.01 -42.96 -102.84
C VAL R 143 25.66 -44.33 -102.68
N PHE R 144 26.24 -44.84 -103.77
CA PHE R 144 27.00 -46.08 -103.72
C PHE R 144 28.48 -45.77 -103.46
N THR R 145 29.01 -46.32 -102.38
CA THR R 145 30.42 -46.13 -102.03
C THR R 145 31.16 -47.45 -102.03
N GLY R 146 32.38 -47.44 -102.56
CA GLY R 146 33.22 -48.62 -102.56
C GLY R 146 33.72 -48.91 -101.15
N GLN R 147 34.31 -50.09 -100.97
CA GLN R 147 34.86 -50.48 -99.68
C GLN R 147 35.90 -51.57 -99.85
N VAL R 148 36.87 -51.61 -98.95
CA VAL R 148 37.88 -52.66 -98.93
C VAL R 148 37.22 -54.03 -98.80
N PRO R 149 37.87 -55.09 -99.31
CA PRO R 149 37.33 -56.45 -99.24
C PRO R 149 36.89 -56.84 -97.82
N THR R 150 35.91 -57.73 -97.74
CA THR R 150 35.34 -58.13 -96.45
C THR R 150 36.35 -58.84 -95.56
N SER R 151 37.46 -59.26 -96.16
CA SER R 151 38.54 -59.89 -95.40
C SER R 151 39.45 -58.85 -94.76
N ALA R 152 39.30 -57.60 -95.17
CA ALA R 152 40.15 -56.52 -94.66
C ALA R 152 39.35 -55.51 -93.83
N ILE R 153 38.17 -55.91 -93.39
CA ILE R 153 37.31 -55.04 -92.59
C ILE R 153 37.73 -55.04 -91.12
N GLY R 154 37.98 -53.85 -90.58
CA GLY R 154 38.36 -53.71 -89.19
C GLY R 154 39.83 -53.96 -88.94
N THR R 155 40.62 -53.83 -90.00
CA THR R 155 42.07 -54.04 -89.90
C THR R 155 42.84 -52.77 -90.20
N ASP R 156 42.12 -51.64 -90.19
CA ASP R 156 42.69 -50.33 -90.52
C ASP R 156 43.37 -50.40 -91.89
N ALA R 157 42.67 -51.00 -92.85
CA ALA R 157 43.23 -51.24 -94.17
C ALA R 157 43.41 -49.95 -94.98
N PHE R 158 44.06 -50.08 -96.13
CA PHE R 158 44.27 -48.95 -97.02
C PHE R 158 42.96 -48.41 -97.57
N GLN R 159 42.77 -47.10 -97.48
CA GLN R 159 41.55 -46.43 -97.90
C GLN R 159 40.31 -47.02 -97.22
N GLU R 160 40.45 -47.40 -95.96
CA GLU R 160 39.32 -47.93 -95.20
C GLU R 160 38.80 -46.91 -94.20
N ALA R 161 37.50 -46.67 -94.25
CA ALA R 161 36.85 -45.79 -93.30
C ALA R 161 35.49 -46.36 -92.90
N ASP R 162 35.06 -46.07 -91.68
CA ASP R 162 33.76 -46.53 -91.21
C ASP R 162 32.65 -45.76 -91.92
N VAL R 163 32.44 -46.07 -93.19
CA VAL R 163 31.48 -45.34 -94.03
C VAL R 163 30.06 -45.45 -93.49
N VAL R 164 29.67 -46.67 -93.10
CA VAL R 164 28.35 -46.91 -92.54
C VAL R 164 28.19 -46.16 -91.21
N GLY R 165 29.25 -46.18 -90.40
CA GLY R 165 29.22 -45.54 -89.10
C GLY R 165 29.21 -44.02 -89.18
N ILE R 166 30.09 -43.47 -90.03
CA ILE R 166 30.19 -42.03 -90.18
C ILE R 166 28.91 -41.44 -90.79
N SER R 167 28.39 -42.08 -91.82
CA SER R 167 27.20 -41.59 -92.51
C SER R 167 25.90 -42.13 -91.89
N ARG R 168 26.00 -42.65 -90.68
CA ARG R 168 24.83 -43.22 -90.01
C ARG R 168 23.82 -42.14 -89.62
N SER R 169 24.33 -41.00 -89.18
CA SER R 169 23.47 -39.93 -88.65
C SER R 169 23.03 -38.93 -89.72
N CYS R 170 23.71 -38.94 -90.86
CA CYS R 170 23.38 -37.99 -91.92
C CYS R 170 22.74 -38.67 -93.12
N THR R 171 22.23 -39.88 -92.92
CA THR R 171 21.52 -40.60 -93.97
C THR R 171 20.23 -41.21 -93.42
N LYS R 172 19.26 -41.42 -94.29
CA LYS R 172 18.00 -42.02 -93.90
C LYS R 172 18.21 -43.49 -93.54
N TRP R 173 19.13 -44.13 -94.24
CA TRP R 173 19.46 -45.54 -94.02
C TRP R 173 20.73 -45.92 -94.75
N ASN R 174 21.47 -46.88 -94.21
CA ASN R 174 22.68 -47.37 -94.86
C ASN R 174 22.96 -48.83 -94.53
N VAL R 175 23.73 -49.49 -95.38
CA VAL R 175 24.05 -50.90 -95.18
C VAL R 175 25.32 -51.28 -95.95
N MET R 176 26.01 -52.32 -95.47
CA MET R 176 27.16 -52.86 -96.17
C MET R 176 26.81 -54.22 -96.76
N VAL R 177 26.89 -54.33 -98.09
CA VAL R 177 26.61 -55.59 -98.77
C VAL R 177 27.65 -56.64 -98.41
N LYS R 178 27.22 -57.68 -97.69
CA LYS R 178 28.14 -58.69 -97.18
C LYS R 178 28.35 -59.84 -98.15
N SER R 179 27.41 -60.03 -99.07
CA SER R 179 27.52 -61.09 -100.07
C SER R 179 26.90 -60.70 -101.39
N VAL R 180 27.30 -61.37 -102.47
CA VAL R 180 26.81 -61.07 -103.80
C VAL R 180 25.30 -61.30 -103.90
N GLU R 181 24.81 -62.25 -103.13
CA GLU R 181 23.38 -62.60 -103.13
C GLU R 181 22.51 -61.43 -102.66
N GLU R 182 23.02 -60.66 -101.71
CA GLU R 182 22.25 -59.57 -101.11
C GLU R 182 22.22 -58.31 -101.97
N LEU R 183 23.07 -58.27 -102.99
CA LEU R 183 23.27 -57.05 -103.77
C LEU R 183 21.99 -56.47 -104.40
N PRO R 184 21.20 -57.29 -105.12
CA PRO R 184 20.00 -56.66 -105.70
C PRO R 184 18.95 -56.35 -104.63
N LEU R 185 18.98 -57.09 -103.54
CA LEU R 185 18.04 -56.88 -102.44
C LEU R 185 18.30 -55.54 -101.75
N ARG R 186 19.56 -55.27 -101.46
CA ARG R 186 19.94 -54.03 -100.79
C ARG R 186 19.77 -52.82 -101.70
N ILE R 187 19.98 -53.03 -103.00
CA ILE R 187 19.81 -51.96 -103.99
C ILE R 187 18.36 -51.52 -104.06
N ASN R 188 17.45 -52.48 -104.22
CA ASN R 188 16.03 -52.19 -104.28
C ASN R 188 15.51 -51.58 -102.98
N GLU R 189 16.09 -51.99 -101.86
CA GLU R 189 15.74 -51.41 -100.56
C GLU R 189 16.23 -49.97 -100.47
N ALA R 190 17.42 -49.71 -100.98
CA ALA R 190 18.01 -48.38 -100.94
C ALA R 190 17.18 -47.37 -101.72
N PHE R 191 16.70 -47.77 -102.89
CA PHE R 191 15.89 -46.90 -103.73
C PHE R 191 14.52 -46.64 -103.12
N GLU R 192 13.91 -47.67 -102.56
CA GLU R 192 12.57 -47.57 -101.99
C GLU R 192 12.54 -46.64 -100.79
N ILE R 193 13.54 -46.76 -99.92
CA ILE R 193 13.63 -45.91 -98.72
C ILE R 193 13.82 -44.45 -99.12
N ALA R 194 14.53 -44.22 -100.22
CA ALA R 194 14.73 -42.87 -100.73
C ALA R 194 13.45 -42.31 -101.31
N THR R 195 12.69 -43.14 -102.01
CA THR R 195 11.43 -42.70 -102.62
C THR R 195 10.23 -43.05 -101.74
N SER R 196 10.31 -42.71 -100.46
CA SER R 196 9.24 -42.96 -99.51
C SER R 196 9.24 -41.93 -98.38
N GLY R 197 8.05 -41.57 -97.91
CA GLY R 197 7.90 -40.55 -96.89
C GLY R 197 8.52 -39.25 -97.36
N ARG R 198 9.27 -38.57 -96.49
CA ARG R 198 10.14 -37.50 -96.96
C ARG R 198 11.38 -38.12 -97.56
N PRO R 199 11.62 -37.86 -98.86
CA PRO R 199 12.78 -38.39 -99.56
C PRO R 199 14.10 -37.98 -98.88
N GLY R 200 15.13 -38.80 -99.05
CA GLY R 200 16.41 -38.52 -98.42
C GLY R 200 17.53 -39.38 -98.98
N PRO R 201 18.77 -39.06 -98.59
CA PRO R 201 19.96 -39.79 -99.07
C PRO R 201 20.16 -41.12 -98.32
N VAL R 202 20.37 -42.19 -99.09
CA VAL R 202 20.74 -43.47 -98.52
C VAL R 202 22.13 -43.85 -98.99
N LEU R 203 22.81 -44.73 -98.25
CA LEU R 203 24.17 -45.12 -98.61
C LEU R 203 24.30 -46.64 -98.68
N VAL R 204 24.97 -47.11 -99.74
CA VAL R 204 25.23 -48.53 -99.89
C VAL R 204 26.73 -48.77 -99.99
N ASP R 205 27.28 -49.42 -98.98
CA ASP R 205 28.71 -49.74 -98.96
C ASP R 205 28.98 -50.99 -99.79
N LEU R 206 29.84 -50.86 -100.79
CA LEU R 206 30.15 -51.97 -101.69
C LEU R 206 31.59 -52.44 -101.57
N PRO R 207 31.81 -53.53 -100.82
CA PRO R 207 33.14 -54.13 -100.72
C PRO R 207 33.63 -54.62 -102.07
N LYS R 208 34.93 -54.50 -102.32
CA LYS R 208 35.51 -54.88 -103.61
C LYS R 208 35.30 -56.35 -103.93
N ASP R 209 35.46 -57.20 -102.93
CA ASP R 209 35.34 -58.65 -103.12
C ASP R 209 33.91 -59.08 -103.44
N VAL R 210 32.94 -58.27 -103.02
CA VAL R 210 31.54 -58.58 -103.26
C VAL R 210 31.16 -58.33 -104.72
N THR R 211 31.57 -57.16 -105.23
CA THR R 211 31.24 -56.78 -106.60
C THR R 211 32.11 -57.50 -107.63
N ALA R 212 33.08 -58.26 -107.15
CA ALA R 212 34.01 -58.96 -108.05
C ALA R 212 33.69 -60.44 -108.18
N ALA R 213 32.90 -60.97 -107.23
CA ALA R 213 32.58 -62.38 -107.22
C ALA R 213 31.41 -62.71 -108.13
N ILE R 214 31.34 -63.98 -108.57
CA ILE R 214 30.29 -64.44 -109.46
C ILE R 214 29.14 -65.08 -108.67
N LEU R 215 27.91 -64.70 -109.00
CA LEU R 215 26.74 -65.33 -108.40
C LEU R 215 26.63 -66.79 -108.84
N ARG R 216 26.46 -67.68 -107.88
CA ARG R 216 26.43 -69.11 -108.17
C ARG R 216 25.10 -69.77 -107.81
N ASN R 217 24.22 -69.02 -107.15
CA ASN R 217 22.94 -69.56 -106.69
C ASN R 217 21.78 -68.58 -106.90
N PRO R 218 20.56 -69.12 -107.05
CA PRO R 218 19.34 -68.30 -107.13
C PRO R 218 19.18 -67.40 -105.91
N ILE R 219 18.67 -66.19 -106.12
CA ILE R 219 18.59 -65.20 -105.05
C ILE R 219 17.22 -64.55 -104.95
N PRO R 220 16.80 -64.20 -103.72
CA PRO R 220 15.56 -63.46 -103.51
C PRO R 220 15.76 -61.96 -103.62
N THR R 221 15.06 -61.32 -104.57
CA THR R 221 15.11 -59.88 -104.71
C THR R 221 13.90 -59.24 -104.03
N LYS R 222 13.12 -60.08 -103.35
CA LYS R 222 11.91 -59.62 -102.67
C LYS R 222 12.26 -58.83 -101.41
N THR R 223 12.06 -57.51 -101.47
CA THR R 223 12.33 -56.64 -100.33
C THR R 223 11.31 -56.85 -99.23
N THR R 224 11.71 -56.53 -98.00
CA THR R 224 10.83 -56.69 -96.85
C THR R 224 11.13 -55.67 -95.76
N LEU R 225 10.58 -54.47 -95.91
CA LEU R 225 10.74 -53.42 -94.90
C LEU R 225 9.94 -53.75 -93.64
N PRO R 226 10.49 -53.40 -92.47
CA PRO R 226 9.82 -53.59 -91.18
C PRO R 226 8.57 -52.74 -91.03
N SER R 227 8.63 -51.49 -91.47
CA SER R 227 7.51 -50.57 -91.33
C SER R 227 6.41 -50.84 -92.35
N ASN R 228 6.79 -51.29 -93.54
CA ASN R 228 5.83 -51.62 -94.58
C ASN R 228 5.12 -52.94 -94.28
N ALA R 229 5.70 -53.72 -93.37
CA ALA R 229 5.12 -54.97 -92.94
C ALA R 229 4.22 -54.77 -91.73
N LEU R 230 3.86 -53.51 -91.48
CA LEU R 230 2.98 -53.17 -90.37
C LEU R 230 1.57 -52.90 -90.89
N ASN R 231 1.48 -52.08 -91.94
CA ASN R 231 0.20 -51.72 -92.53
C ASN R 231 -0.48 -52.92 -93.19
N ALA R 237 -8.51 -50.44 -90.78
CA ALA R 237 -8.22 -49.26 -91.60
C ALA R 237 -7.71 -48.11 -90.73
N GLN R 238 -6.39 -47.92 -90.74
CA GLN R 238 -5.77 -46.83 -90.00
C GLN R 238 -6.06 -45.48 -90.65
N ASP R 239 -6.60 -45.54 -91.86
CA ASP R 239 -6.94 -44.34 -92.63
C ASP R 239 -8.13 -43.59 -92.03
N GLU R 240 -8.80 -44.23 -91.06
CA GLU R 240 -9.95 -43.62 -90.40
C GLU R 240 -9.57 -42.33 -89.66
N PHE R 241 -8.40 -42.35 -89.03
CA PHE R 241 -7.89 -41.17 -88.34
C PHE R 241 -7.52 -40.08 -89.35
N VAL R 242 -7.08 -40.50 -90.52
CA VAL R 242 -6.73 -39.56 -91.58
C VAL R 242 -7.98 -38.86 -92.12
N MET R 243 -9.01 -39.65 -92.43
CA MET R 243 -10.28 -39.12 -92.93
C MET R 243 -10.95 -38.24 -91.88
N GLN R 244 -10.86 -38.65 -90.62
CA GLN R 244 -11.45 -37.90 -89.51
C GLN R 244 -10.75 -36.55 -89.34
N SER R 245 -9.44 -36.54 -89.56
CA SER R 245 -8.66 -35.31 -89.44
C SER R 245 -8.85 -34.42 -90.66
N ILE R 246 -9.26 -35.02 -91.77
CA ILE R 246 -9.58 -34.28 -92.99
C ILE R 246 -10.91 -33.55 -92.83
N ASN R 247 -11.90 -34.26 -92.31
CA ASN R 247 -13.23 -33.67 -92.07
C ASN R 247 -13.16 -32.51 -91.09
N LYS R 248 -12.38 -32.68 -90.02
CA LYS R 248 -12.26 -31.64 -89.01
C LYS R 248 -11.37 -30.49 -89.47
N ALA R 249 -10.50 -30.77 -90.44
CA ALA R 249 -9.64 -29.73 -91.00
C ALA R 249 -10.46 -28.67 -91.72
N ALA R 250 -11.54 -29.12 -92.36
CA ALA R 250 -12.43 -28.22 -93.08
C ALA R 250 -13.24 -27.37 -92.12
N ASP R 251 -13.60 -27.96 -90.97
CA ASP R 251 -14.39 -27.26 -89.96
C ASP R 251 -13.62 -26.10 -89.33
N LEU R 252 -12.36 -26.35 -88.99
CA LEU R 252 -11.54 -25.36 -88.30
C LEU R 252 -11.06 -24.26 -89.24
N ILE R 253 -10.97 -24.56 -90.53
CA ILE R 253 -10.46 -23.61 -91.49
C ILE R 253 -11.59 -22.74 -92.07
N ASN R 254 -12.82 -23.23 -91.99
CA ASN R 254 -13.98 -22.44 -92.42
C ASN R 254 -14.53 -21.61 -91.26
N LEU R 255 -14.20 -22.02 -90.04
CA LEU R 255 -14.57 -21.30 -88.84
C LEU R 255 -13.76 -20.01 -88.73
N ALA R 256 -12.64 -19.97 -89.44
CA ALA R 256 -11.71 -18.85 -89.38
C ALA R 256 -12.14 -17.71 -90.29
N LYS R 257 -11.88 -16.48 -89.84
CA LYS R 257 -12.16 -15.29 -90.64
C LYS R 257 -11.02 -15.00 -91.61
N LYS R 258 -9.79 -15.14 -91.11
CA LYS R 258 -8.60 -14.83 -91.90
C LYS R 258 -7.65 -16.03 -92.00
N PRO R 259 -7.87 -16.88 -93.01
CA PRO R 259 -7.07 -18.10 -93.22
C PRO R 259 -5.76 -17.84 -93.97
N VAL R 260 -4.77 -18.70 -93.75
CA VAL R 260 -3.46 -18.56 -94.39
C VAL R 260 -2.91 -19.93 -94.81
N LEU R 261 -2.40 -20.01 -96.04
CA LEU R 261 -1.83 -21.25 -96.55
C LEU R 261 -0.30 -21.22 -96.53
N TYR R 262 0.29 -21.97 -95.58
CA TYR R 262 1.74 -22.07 -95.49
C TYR R 262 2.23 -23.35 -96.16
N VAL R 263 2.36 -23.31 -97.48
CA VAL R 263 2.72 -24.49 -98.26
C VAL R 263 4.23 -24.67 -98.34
N GLY R 264 4.70 -25.84 -97.92
CA GLY R 264 6.12 -26.16 -97.95
C GLY R 264 6.51 -26.94 -99.19
N ALA R 265 7.73 -27.48 -99.18
CA ALA R 265 8.26 -28.21 -100.33
C ALA R 265 7.64 -29.60 -100.45
N GLY R 266 6.79 -29.96 -99.49
CA GLY R 266 6.15 -31.25 -99.48
C GLY R 266 5.09 -31.40 -100.55
N ILE R 267 4.73 -30.29 -101.19
CA ILE R 267 3.73 -30.30 -102.25
C ILE R 267 4.35 -30.70 -103.58
N LEU R 268 5.68 -30.73 -103.62
CA LEU R 268 6.40 -31.01 -104.86
C LEU R 268 6.60 -32.51 -105.11
N ASN R 269 6.13 -33.34 -104.17
CA ASN R 269 6.25 -34.79 -104.33
C ASN R 269 5.22 -35.36 -105.30
N HIS R 270 4.48 -34.46 -105.95
CA HIS R 270 3.56 -34.83 -107.01
C HIS R 270 3.54 -33.74 -108.07
N ALA R 271 3.45 -34.15 -109.34
CA ALA R 271 3.39 -33.20 -110.45
C ALA R 271 2.12 -32.35 -110.36
N ASP R 272 1.12 -32.87 -109.63
CA ASP R 272 -0.13 -32.16 -109.42
C ASP R 272 -0.02 -31.21 -108.23
N GLY R 273 1.20 -30.90 -107.81
CA GLY R 273 1.45 -30.06 -106.66
C GLY R 273 0.72 -28.73 -106.68
N PRO R 274 1.22 -27.78 -107.49
CA PRO R 274 0.59 -26.46 -107.64
C PRO R 274 -0.78 -26.54 -108.31
N ARG R 275 -1.05 -27.62 -109.03
CA ARG R 275 -2.32 -27.76 -109.75
C ARG R 275 -3.44 -28.20 -108.82
N LEU R 276 -3.12 -29.01 -107.82
CA LEU R 276 -4.11 -29.44 -106.83
C LEU R 276 -4.21 -28.35 -105.78
N LEU R 277 -3.14 -27.58 -105.63
CA LEU R 277 -3.13 -26.45 -104.72
C LEU R 277 -4.13 -25.39 -105.17
N LYS R 278 -4.17 -25.14 -106.47
CA LYS R 278 -5.09 -24.14 -107.02
C LYS R 278 -6.51 -24.69 -107.12
N GLU R 279 -6.62 -26.00 -107.34
CA GLU R 279 -7.91 -26.64 -107.52
C GLU R 279 -8.69 -26.73 -106.21
N LEU R 280 -8.03 -26.39 -105.10
CA LEU R 280 -8.66 -26.45 -103.79
C LEU R 280 -8.44 -25.16 -102.99
N SER R 281 -7.87 -24.14 -103.63
CA SER R 281 -7.70 -22.83 -103.00
C SER R 281 -8.54 -21.79 -103.73
N ASP R 282 -8.51 -21.83 -105.06
CA ASP R 282 -9.39 -20.99 -105.87
C ASP R 282 -10.82 -21.47 -105.70
N ARG R 283 -10.98 -22.74 -105.35
CA ARG R 283 -12.28 -23.31 -105.04
C ARG R 283 -12.64 -23.03 -103.58
N ALA R 284 -11.77 -22.30 -102.90
CA ALA R 284 -11.98 -21.95 -101.49
C ALA R 284 -11.99 -20.45 -101.27
N GLN R 285 -10.86 -19.81 -101.52
CA GLN R 285 -10.69 -18.37 -101.35
C GLN R 285 -11.03 -17.92 -99.94
N THR R 289 1.26 -18.49 -98.59
CA THR R 289 2.67 -18.13 -98.47
C THR R 289 3.57 -19.37 -98.60
N THR R 290 3.99 -19.66 -99.83
CA THR R 290 4.88 -20.78 -100.09
C THR R 290 6.24 -20.56 -99.44
N THR R 291 6.85 -21.64 -98.97
CA THR R 291 8.10 -21.54 -98.23
C THR R 291 9.32 -21.35 -99.14
N LEU R 292 10.50 -21.35 -98.54
CA LEU R 292 11.74 -21.09 -99.26
C LEU R 292 12.06 -22.19 -100.27
N GLN R 293 11.66 -23.42 -99.95
CA GLN R 293 11.96 -24.56 -100.80
C GLN R 293 10.75 -25.04 -101.58
N GLY R 294 9.60 -24.42 -101.34
CA GLY R 294 8.37 -24.81 -102.01
C GLY R 294 8.01 -23.93 -103.19
N LEU R 295 8.95 -23.09 -103.61
CA LEU R 295 8.73 -22.16 -104.71
C LEU R 295 8.66 -22.91 -106.05
N GLY R 296 8.17 -22.22 -107.08
CA GLY R 296 8.11 -22.78 -108.42
C GLY R 296 7.06 -23.88 -108.55
N GLN R 322 2.14 -13.17 -88.93
CA GLN R 322 1.78 -14.21 -87.97
C GLN R 322 0.37 -14.00 -87.44
N ASN R 323 -0.26 -12.90 -87.84
CA ASN R 323 -1.62 -12.59 -87.41
C ASN R 323 -2.67 -13.25 -88.30
N ALA R 324 -3.00 -14.50 -87.98
CA ALA R 324 -4.00 -15.24 -88.73
C ALA R 324 -4.86 -16.07 -87.79
N ASP R 325 -6.06 -16.44 -88.25
CA ASP R 325 -6.99 -17.21 -87.42
C ASP R 325 -6.65 -18.70 -87.46
N LEU R 326 -6.56 -19.26 -88.66
CA LEU R 326 -6.24 -20.67 -88.83
C LEU R 326 -5.20 -20.87 -89.93
N ILE R 327 -4.15 -21.63 -89.62
CA ILE R 327 -3.07 -21.87 -90.56
C ILE R 327 -3.15 -23.26 -91.17
N ILE R 328 -3.08 -23.34 -92.49
CA ILE R 328 -3.07 -24.62 -93.19
C ILE R 328 -1.67 -24.93 -93.70
N ALA R 329 -0.77 -25.30 -92.79
CA ALA R 329 0.61 -25.62 -93.15
C ALA R 329 0.66 -26.91 -93.95
N VAL R 330 0.84 -26.79 -95.26
CA VAL R 330 0.86 -27.94 -96.15
C VAL R 330 2.27 -28.26 -96.64
N GLY R 331 2.82 -29.35 -96.13
CA GLY R 331 4.14 -29.80 -96.56
C GLY R 331 5.28 -28.98 -95.99
N ALA R 332 5.00 -28.24 -94.92
CA ALA R 332 6.03 -27.48 -94.22
C ALA R 332 6.33 -28.14 -92.88
N ARG R 333 7.44 -27.75 -92.26
CA ARG R 333 7.85 -28.38 -91.00
C ARG R 333 8.15 -27.37 -89.89
N PHE R 334 7.74 -26.12 -90.09
CA PHE R 334 7.94 -25.06 -89.11
C PHE R 334 9.40 -24.94 -88.69
N ASP R 335 10.27 -24.60 -89.65
CA ASP R 335 11.70 -24.51 -89.39
C ASP R 335 12.01 -23.40 -88.40
N ASP R 336 13.21 -23.45 -87.82
CA ASP R 336 13.63 -22.46 -86.83
C ASP R 336 14.08 -21.16 -87.48
N ARG R 337 14.12 -21.14 -88.80
CA ARG R 337 14.45 -19.94 -89.55
C ARG R 337 13.20 -19.21 -90.01
N VAL R 338 12.07 -19.92 -89.95
CA VAL R 338 10.79 -19.38 -90.37
C VAL R 338 10.02 -18.82 -89.18
N THR R 339 9.95 -19.60 -88.11
CA THR R 339 9.18 -19.23 -86.93
C THR R 339 9.82 -18.09 -86.14
N GLY R 340 11.12 -17.89 -86.35
CA GLY R 340 11.85 -16.88 -85.62
C GLY R 340 11.87 -17.19 -84.12
N ASN R 341 11.17 -16.37 -83.36
CA ASN R 341 11.01 -16.64 -81.93
C ASN R 341 9.72 -17.41 -81.68
N ILE R 342 9.86 -18.65 -81.22
CA ILE R 342 8.72 -19.53 -80.99
C ILE R 342 7.80 -18.96 -79.91
N SER R 343 8.39 -18.25 -78.95
CA SER R 343 7.63 -17.66 -77.85
C SER R 343 6.65 -16.60 -78.34
N LYS R 344 6.98 -15.95 -79.46
CA LYS R 344 6.16 -14.88 -79.99
C LYS R 344 5.61 -15.23 -81.38
N PHE R 345 5.46 -16.52 -81.65
CA PHE R 345 5.05 -16.97 -82.98
C PHE R 345 3.54 -17.24 -83.08
N ALA R 346 2.92 -16.62 -84.08
CA ALA R 346 1.50 -16.81 -84.38
C ALA R 346 0.59 -16.70 -83.16
N PRO R 347 0.49 -15.49 -82.57
CA PRO R 347 -0.35 -15.30 -81.38
C PRO R 347 -1.84 -15.41 -81.69
N GLU R 348 -2.24 -14.95 -82.88
CA GLU R 348 -3.64 -14.96 -83.28
C GLU R 348 -4.16 -16.37 -83.54
N ALA R 349 -3.31 -17.21 -84.09
CA ALA R 349 -3.69 -18.59 -84.38
C ALA R 349 -3.66 -19.45 -83.12
N ARG R 350 -2.86 -19.03 -82.15
CA ARG R 350 -2.68 -19.79 -80.92
C ARG R 350 -3.83 -19.54 -79.95
N ARG R 351 -4.56 -18.45 -80.16
CA ARG R 351 -5.67 -18.09 -79.28
C ARG R 351 -7.01 -18.51 -79.89
N ALA R 352 -7.02 -18.79 -81.19
CA ALA R 352 -8.24 -19.13 -81.90
C ALA R 352 -8.88 -20.41 -81.37
N ALA R 353 -8.04 -21.37 -81.02
CA ALA R 353 -8.53 -22.64 -80.49
C ALA R 353 -8.84 -22.53 -79.00
N GLY R 359 -6.59 -22.14 -84.94
CA GLY R 359 -5.52 -23.06 -84.60
C GLY R 359 -4.59 -23.32 -85.77
N ILE R 360 -3.72 -24.32 -85.62
CA ILE R 360 -2.78 -24.69 -86.67
C ILE R 360 -3.14 -26.05 -87.26
N ILE R 361 -3.20 -26.12 -88.59
CA ILE R 361 -3.43 -27.39 -89.28
C ILE R 361 -2.16 -27.80 -90.02
N HIS R 362 -1.72 -29.04 -89.79
CA HIS R 362 -0.47 -29.51 -90.36
C HIS R 362 -0.64 -30.77 -91.20
N PHE R 363 -0.17 -30.70 -92.44
CA PHE R 363 -0.17 -31.86 -93.34
C PHE R 363 1.25 -32.38 -93.49
N GLU R 364 1.48 -33.61 -93.05
CA GLU R 364 2.82 -34.19 -93.09
C GLU R 364 2.81 -35.69 -93.36
N VAL R 365 3.83 -36.18 -94.04
CA VAL R 365 3.98 -37.60 -94.32
C VAL R 365 4.81 -38.25 -93.21
N SER R 366 5.61 -37.44 -92.52
CA SER R 366 6.42 -37.91 -91.41
C SER R 366 5.92 -37.36 -90.08
N PRO R 367 5.36 -38.23 -89.23
CA PRO R 367 4.84 -37.87 -87.91
C PRO R 367 5.94 -37.31 -87.00
N LYS R 368 7.19 -37.57 -87.35
CA LYS R 368 8.34 -37.07 -86.60
C LYS R 368 8.31 -35.55 -86.45
N ASN R 369 7.95 -34.85 -87.53
CA ASN R 369 7.93 -33.40 -87.53
C ASN R 369 6.68 -32.82 -86.90
N ILE R 370 5.64 -33.63 -86.78
CA ILE R 370 4.40 -33.20 -86.14
C ILE R 370 4.62 -32.99 -84.65
N ASN R 371 4.24 -31.81 -84.17
CA ASN R 371 4.43 -31.42 -82.77
C ASN R 371 5.89 -31.48 -82.35
N LYS R 372 6.79 -31.17 -83.28
CA LYS R 372 8.22 -31.17 -83.00
C LYS R 372 8.68 -29.79 -82.52
N VAL R 373 8.13 -28.75 -83.13
CA VAL R 373 8.47 -27.39 -82.77
C VAL R 373 7.30 -26.69 -82.08
N VAL R 374 6.14 -26.69 -82.73
CA VAL R 374 4.94 -26.08 -82.17
C VAL R 374 3.82 -27.10 -82.05
N GLN R 375 2.89 -26.85 -81.12
CA GLN R 375 1.77 -27.74 -80.90
C GLN R 375 0.71 -27.55 -81.99
N THR R 376 0.21 -28.65 -82.53
CA THR R 376 -0.74 -28.60 -83.64
C THR R 376 -2.15 -29.00 -83.19
N GLN R 377 -3.13 -28.21 -83.58
CA GLN R 377 -4.52 -28.50 -83.24
C GLN R 377 -5.07 -29.64 -84.09
N ILE R 378 -4.77 -29.62 -85.38
CA ILE R 378 -5.20 -30.67 -86.30
C ILE R 378 -4.06 -31.13 -87.21
N ALA R 379 -3.69 -32.40 -87.07
CA ALA R 379 -2.60 -32.95 -87.86
C ALA R 379 -3.08 -34.05 -88.81
N VAL R 380 -2.62 -33.99 -90.05
CA VAL R 380 -3.00 -34.97 -91.06
C VAL R 380 -1.78 -35.74 -91.57
N GLU R 381 -1.89 -37.06 -91.67
CA GLU R 381 -0.78 -37.89 -92.10
C GLU R 381 -0.93 -38.38 -93.54
N GLY R 382 0.14 -38.27 -94.31
CA GLY R 382 0.13 -38.73 -95.69
C GLY R 382 0.65 -37.68 -96.66
N ASP R 383 0.61 -38.01 -97.95
CA ASP R 383 1.03 -37.08 -99.00
C ASP R 383 0.10 -35.88 -99.05
N ALA R 384 0.67 -34.70 -99.26
CA ALA R 384 -0.09 -33.45 -99.26
C ALA R 384 -1.14 -33.42 -100.37
N THR R 385 -0.72 -33.67 -101.60
CA THR R 385 -1.62 -33.64 -102.75
C THR R 385 -2.70 -34.70 -102.67
N THR R 386 -2.33 -35.89 -102.19
CA THR R 386 -3.26 -37.00 -102.08
C THR R 386 -4.32 -36.75 -101.02
N ASN R 387 -3.91 -36.10 -99.92
CA ASN R 387 -4.83 -35.81 -98.83
C ASN R 387 -5.76 -34.65 -99.16
N LEU R 388 -5.22 -33.60 -99.77
CA LEU R 388 -6.02 -32.43 -100.11
C LEU R 388 -7.05 -32.75 -101.19
N GLY R 389 -6.79 -33.80 -101.96
CA GLY R 389 -7.71 -34.22 -103.00
C GLY R 389 -9.04 -34.69 -102.44
N LYS R 390 -9.01 -35.26 -101.24
CA LYS R 390 -10.22 -35.73 -100.58
C LYS R 390 -10.91 -34.60 -99.82
N MET R 391 -10.18 -33.51 -99.62
CA MET R 391 -10.70 -32.37 -98.86
C MET R 391 -11.52 -31.43 -99.75
N MET R 392 -11.43 -31.64 -101.06
CA MET R 392 -12.14 -30.80 -102.03
C MET R 392 -13.66 -30.87 -101.87
N SER R 393 -14.15 -31.97 -101.31
CA SER R 393 -15.59 -32.16 -101.15
C SER R 393 -16.10 -31.62 -99.81
N LYS R 394 -15.26 -30.86 -99.12
CA LYS R 394 -15.63 -30.30 -97.82
C LYS R 394 -15.25 -28.82 -97.71
N ILE R 395 -15.15 -28.14 -98.86
CA ILE R 395 -14.56 -26.81 -98.90
C ILE R 395 -15.49 -25.68 -98.44
N PHE R 396 -16.59 -25.48 -99.17
CA PHE R 396 -17.51 -24.35 -98.97
C PHE R 396 -16.77 -23.04 -99.21
N PRO R 397 -16.81 -22.54 -100.46
CA PRO R 397 -16.05 -21.35 -100.87
C PRO R 397 -16.67 -20.02 -100.45
N VAL R 398 -15.81 -19.05 -100.15
CA VAL R 398 -16.24 -17.68 -99.85
C VAL R 398 -15.34 -16.69 -100.58
N LYS R 399 -15.93 -15.63 -101.14
CA LYS R 399 -15.17 -14.68 -101.95
C LYS R 399 -14.94 -13.36 -101.21
N GLU R 400 -15.11 -13.37 -99.89
CA GLU R 400 -14.95 -12.17 -99.08
C GLU R 400 -13.49 -11.74 -99.00
N GLN R 431 21.40 -5.54 -108.04
CA GLN R 431 20.72 -6.75 -107.59
C GLN R 431 19.39 -6.93 -108.33
N THR R 432 19.09 -6.00 -109.23
CA THR R 432 17.85 -6.05 -109.99
C THR R 432 17.98 -6.98 -111.19
N VAL R 433 18.53 -8.16 -110.95
CA VAL R 433 18.69 -9.17 -112.00
C VAL R 433 17.34 -9.87 -112.22
N ILE R 434 16.36 -9.52 -111.39
CA ILE R 434 15.02 -10.09 -111.51
C ILE R 434 14.43 -9.85 -112.89
N LYS R 435 13.79 -8.70 -113.06
CA LYS R 435 13.18 -8.35 -114.35
C LYS R 435 14.22 -8.26 -115.47
N LYS R 436 15.49 -8.19 -115.09
CA LYS R 436 16.58 -8.11 -116.07
C LYS R 436 16.99 -9.49 -116.57
N LEU R 437 16.50 -10.54 -115.91
CA LEU R 437 16.79 -11.91 -116.36
C LEU R 437 15.55 -12.80 -116.32
N SER R 438 14.70 -12.62 -115.32
CA SER R 438 13.47 -13.39 -115.23
C SER R 438 12.56 -13.05 -116.41
N LYS R 439 12.36 -11.77 -116.66
CA LYS R 439 11.56 -11.33 -117.80
C LYS R 439 12.28 -11.67 -119.11
N VAL R 440 13.59 -11.90 -119.01
CA VAL R 440 14.38 -12.34 -120.15
C VAL R 440 14.23 -13.85 -120.34
N ALA R 441 14.45 -14.60 -119.26
CA ALA R 441 14.33 -16.06 -119.31
C ALA R 441 12.91 -16.49 -119.64
N ASN R 442 11.93 -15.73 -119.15
CA ASN R 442 10.53 -15.98 -119.47
C ASN R 442 10.25 -15.69 -120.94
N ASP R 443 11.04 -14.81 -121.52
CA ASP R 443 10.89 -14.44 -122.93
C ASP R 443 11.87 -15.19 -123.82
N THR R 444 12.33 -16.35 -123.34
CA THR R 444 13.22 -17.20 -124.14
C THR R 444 12.65 -18.61 -124.24
N LEU R 479 22.83 -27.75 -93.92
CA LEU R 479 21.76 -27.08 -94.67
C LEU R 479 22.32 -25.89 -95.45
N GLY R 480 22.91 -24.94 -94.73
CA GLY R 480 23.48 -23.76 -95.34
C GLY R 480 24.81 -24.05 -96.00
N THR R 481 24.81 -24.96 -96.96
CA THR R 481 26.03 -25.41 -97.62
C THR R 481 26.53 -24.41 -98.67
N MET R 482 27.67 -23.79 -98.41
CA MET R 482 28.32 -22.95 -99.41
C MET R 482 28.92 -23.83 -100.49
N GLY R 483 28.83 -23.38 -101.74
CA GLY R 483 29.34 -24.14 -102.86
C GLY R 483 28.28 -24.95 -103.56
N TYR R 484 27.07 -24.94 -103.00
CA TYR R 484 25.95 -25.66 -103.58
C TYR R 484 25.49 -24.96 -104.87
N GLY R 485 24.88 -25.74 -105.76
CA GLY R 485 24.44 -25.22 -107.04
C GLY R 485 25.20 -25.85 -108.19
N LEU R 486 26.23 -26.63 -107.85
CA LEU R 486 27.05 -27.35 -108.82
C LEU R 486 27.67 -26.40 -109.84
N LEU R 500 17.83 -24.08 -120.75
CA LEU R 500 17.23 -23.26 -119.69
C LEU R 500 17.96 -23.45 -118.37
N VAL R 501 19.22 -23.85 -118.44
CA VAL R 501 20.03 -24.07 -117.25
C VAL R 501 20.71 -22.78 -116.80
N ILE R 502 20.24 -22.23 -115.70
CA ILE R 502 20.78 -20.99 -115.14
C ILE R 502 21.09 -21.15 -113.66
N ASP R 503 22.29 -20.75 -113.26
CA ASP R 503 22.70 -20.87 -111.87
C ASP R 503 23.26 -19.57 -111.32
N ILE R 504 22.54 -18.98 -110.36
CA ILE R 504 22.99 -17.75 -109.71
C ILE R 504 23.74 -18.08 -108.42
N ASP R 505 25.04 -17.80 -108.41
CA ASP R 505 25.88 -18.15 -107.28
C ASP R 505 26.54 -16.92 -106.66
N GLY R 506 27.01 -17.06 -105.43
CA GLY R 506 27.72 -15.99 -104.75
C GLY R 506 29.22 -16.16 -104.91
N ASP R 507 29.97 -15.13 -104.53
CA ASP R 507 31.43 -15.17 -104.67
C ASP R 507 32.07 -16.14 -103.69
N ALA R 508 31.56 -16.16 -102.46
CA ALA R 508 32.08 -17.06 -101.43
C ALA R 508 31.68 -18.50 -101.72
N SER R 509 30.47 -18.67 -102.24
CA SER R 509 29.94 -20.00 -102.54
C SER R 509 30.66 -20.62 -103.74
N PHE R 510 30.76 -19.85 -104.83
CA PHE R 510 31.37 -20.35 -106.06
C PHE R 510 32.82 -20.77 -105.88
N ASN R 511 33.50 -20.16 -104.91
CA ASN R 511 34.91 -20.44 -104.66
C ASN R 511 35.20 -21.90 -104.31
N MET R 512 34.48 -22.43 -103.33
CA MET R 512 34.79 -23.76 -102.81
C MET R 512 34.11 -24.89 -103.58
N THR R 513 33.97 -24.71 -104.90
CA THR R 513 33.35 -25.72 -105.76
C THR R 513 33.69 -25.45 -107.23
N LEU R 514 34.34 -24.31 -107.47
CA LEU R 514 34.59 -23.81 -108.83
C LEU R 514 35.25 -24.82 -109.76
N THR R 515 35.97 -25.79 -109.21
CA THR R 515 36.67 -26.78 -110.02
C THR R 515 35.72 -27.68 -110.79
N GLU R 516 34.48 -27.79 -110.30
CA GLU R 516 33.48 -28.63 -110.94
C GLU R 516 32.95 -28.00 -112.23
N LEU R 517 33.28 -26.72 -112.43
CA LEU R 517 32.85 -25.99 -113.62
C LEU R 517 33.44 -26.61 -114.89
N SER R 518 34.67 -27.11 -114.78
CA SER R 518 35.37 -27.68 -115.92
C SER R 518 34.97 -29.13 -116.19
N SER R 519 33.88 -29.57 -115.57
CA SER R 519 33.36 -30.91 -115.79
C SER R 519 32.11 -30.88 -116.67
N ALA R 520 31.47 -29.72 -116.75
CA ALA R 520 30.24 -29.57 -117.53
C ALA R 520 30.52 -29.63 -119.02
N VAL R 521 31.78 -29.39 -119.39
CA VAL R 521 32.18 -29.38 -120.79
C VAL R 521 32.31 -30.81 -121.34
N GLN R 522 32.51 -31.77 -120.45
CA GLN R 522 32.65 -33.16 -120.85
C GLN R 522 31.32 -33.91 -120.71
N ALA R 523 30.48 -33.45 -119.80
CA ALA R 523 29.21 -34.10 -119.51
C ALA R 523 28.17 -33.82 -120.61
N GLY R 524 28.35 -32.72 -121.32
CA GLY R 524 27.44 -32.35 -122.39
C GLY R 524 26.34 -31.41 -121.92
N THR R 525 26.71 -30.44 -121.09
CA THR R 525 25.73 -29.52 -120.53
C THR R 525 26.06 -28.06 -120.89
N PRO R 526 25.09 -27.36 -121.48
CA PRO R 526 25.23 -25.93 -121.84
C PRO R 526 24.99 -25.01 -120.66
N VAL R 527 25.71 -25.23 -119.57
CA VAL R 527 25.49 -24.50 -118.32
C VAL R 527 25.78 -23.01 -118.46
N LYS R 528 24.93 -22.19 -117.84
CA LYS R 528 25.13 -20.75 -117.79
C LYS R 528 25.06 -20.28 -116.35
N ILE R 529 26.20 -19.85 -115.81
CA ILE R 529 26.28 -19.41 -114.42
C ILE R 529 26.57 -17.92 -114.30
N LEU R 530 26.06 -17.30 -113.24
CA LEU R 530 26.27 -15.88 -113.01
C LEU R 530 26.73 -15.62 -111.58
N ILE R 531 27.83 -14.89 -111.44
CA ILE R 531 28.40 -14.61 -110.13
C ILE R 531 28.11 -13.18 -109.67
N LEU R 532 27.62 -13.04 -108.45
CA LEU R 532 27.37 -11.72 -107.88
C LEU R 532 28.26 -11.48 -106.67
N ASN R 533 29.22 -10.57 -106.81
CA ASN R 533 30.17 -10.29 -105.75
C ASN R 533 29.61 -9.33 -104.71
N VAL R 540 26.30 -13.55 -94.71
CA VAL R 540 27.25 -13.76 -93.62
C VAL R 540 27.86 -12.44 -93.17
N THR R 541 28.20 -11.59 -94.14
CA THR R 541 28.81 -10.30 -93.85
C THR R 541 27.86 -9.37 -93.11
N GLN R 542 26.57 -9.69 -93.14
CA GLN R 542 25.56 -8.87 -92.50
C GLN R 542 25.58 -9.05 -90.98
N TRP R 543 25.76 -10.29 -90.53
CA TRP R 543 25.79 -10.60 -89.11
C TRP R 543 27.01 -9.98 -88.42
N GLN R 544 28.11 -9.88 -89.17
CA GLN R 544 29.33 -9.27 -88.64
C GLN R 544 29.35 -7.77 -88.94
N SER R 545 28.18 -7.19 -89.15
CA SER R 545 28.05 -5.77 -89.43
C SER R 545 26.97 -5.13 -88.58
N LEU R 546 26.50 -5.86 -87.56
CA LEU R 546 25.48 -5.35 -86.65
C LEU R 546 25.85 -5.61 -85.20
N PHE R 547 25.65 -6.85 -84.76
CA PHE R 547 25.95 -7.23 -83.39
C PHE R 547 27.45 -7.22 -83.15
N TYR R 548 28.20 -7.31 -84.25
CA TYR R 548 29.66 -7.14 -84.21
C TYR R 548 30.02 -5.93 -85.07
N GLU R 549 30.63 -4.92 -84.45
CA GLU R 549 30.86 -3.63 -85.10
C GLU R 549 31.76 -3.70 -86.33
N HIS R 550 31.24 -4.34 -87.38
CA HIS R 550 31.90 -4.37 -88.69
C HIS R 550 33.32 -4.91 -88.63
N ARG R 551 33.54 -5.91 -87.78
CA ARG R 551 34.85 -6.53 -87.65
C ARG R 551 35.02 -7.68 -88.64
N LYS R 578 30.36 -0.34 -115.57
CA LYS R 578 29.18 0.33 -116.12
C LYS R 578 27.92 -0.51 -115.91
N GLN R 579 26.85 0.12 -115.43
CA GLN R 579 25.60 -0.58 -115.16
C GLN R 579 24.92 -1.01 -116.44
N GLU R 580 25.04 -0.21 -117.48
CA GLU R 580 24.36 -0.46 -118.75
C GLU R 580 24.90 -1.67 -119.50
N GLU R 581 26.03 -2.21 -119.03
CA GLU R 581 26.63 -3.38 -119.66
C GLU R 581 25.82 -4.64 -119.45
N LEU R 582 25.52 -4.95 -118.19
CA LEU R 582 24.82 -6.18 -117.83
C LEU R 582 23.42 -6.23 -118.44
N ASP R 583 22.87 -5.07 -118.79
CA ASP R 583 21.57 -4.99 -119.44
C ASP R 583 21.59 -5.67 -120.80
N ALA R 584 22.78 -5.75 -121.39
CA ALA R 584 22.95 -6.41 -122.68
C ALA R 584 23.70 -7.73 -122.53
N LYS R 585 24.57 -7.80 -121.53
CA LYS R 585 25.37 -9.01 -121.31
C LYS R 585 24.54 -10.12 -120.64
N LEU R 586 23.32 -9.78 -120.22
CA LEU R 586 22.40 -10.78 -119.71
C LEU R 586 21.70 -11.48 -120.88
N LYS R 587 21.66 -10.81 -122.03
CA LYS R 587 21.17 -11.41 -123.25
C LYS R 587 22.22 -12.32 -123.86
N GLU R 588 23.47 -11.85 -123.85
CA GLU R 588 24.59 -12.64 -124.34
C GLU R 588 24.87 -13.79 -123.38
N PHE R 589 24.34 -13.68 -122.17
CA PHE R 589 24.43 -14.73 -121.17
C PHE R 589 23.61 -15.94 -121.60
N VAL R 590 22.37 -15.69 -122.03
CA VAL R 590 21.49 -16.74 -122.53
C VAL R 590 21.41 -16.70 -124.05
N PRO R 595 29.69 -23.36 -121.43
CA PRO R 595 30.86 -22.49 -121.23
C PRO R 595 30.47 -21.03 -121.05
N VAL R 596 29.34 -20.80 -120.40
CA VAL R 596 28.85 -19.43 -120.18
C VAL R 596 28.99 -19.02 -118.72
N LEU R 597 29.57 -17.84 -118.51
CA LEU R 597 29.75 -17.29 -117.17
C LEU R 597 29.50 -15.79 -117.16
N LEU R 598 29.21 -15.24 -115.97
CA LEU R 598 28.92 -13.82 -115.84
C LEU R 598 29.39 -13.30 -114.48
N GLU R 599 29.47 -11.98 -114.35
CA GLU R 599 29.96 -11.38 -113.11
C GLU R 599 29.37 -9.99 -112.85
N VAL R 600 29.17 -9.67 -111.58
CA VAL R 600 28.71 -8.35 -111.16
C VAL R 600 29.18 -8.05 -109.74
N GLU R 601 29.21 -6.78 -109.36
CA GLU R 601 29.66 -6.41 -108.02
C GLU R 601 28.88 -5.22 -107.45
N VAL R 602 28.89 -5.12 -106.12
CA VAL R 602 28.24 -4.03 -105.40
C VAL R 602 29.12 -3.51 -104.27
N ASP R 603 28.60 -2.57 -103.50
CA ASP R 603 29.29 -2.10 -102.32
C ASP R 603 29.13 -3.11 -101.18
N LYS R 604 29.88 -2.93 -100.10
CA LYS R 604 30.01 -3.96 -99.07
C LYS R 604 28.70 -4.29 -98.34
N LYS R 605 28.19 -3.33 -97.56
CA LYS R 605 27.04 -3.58 -96.70
C LYS R 605 25.71 -3.49 -97.44
N VAL R 606 25.19 -4.63 -97.89
CA VAL R 606 23.88 -4.69 -98.54
C VAL R 606 23.03 -5.78 -97.90
N PRO R 607 22.34 -5.45 -96.79
CA PRO R 607 21.46 -6.39 -96.09
C PRO R 607 20.30 -6.87 -96.94
N ARG S 31 -9.45 -113.16 -53.74
CA ARG S 31 -8.26 -112.31 -53.68
C ARG S 31 -8.34 -111.19 -54.71
N PRO S 32 -8.13 -109.94 -54.26
CA PRO S 32 -8.16 -108.75 -55.12
C PRO S 32 -7.09 -108.81 -56.22
N PRO S 33 -7.52 -108.87 -57.48
CA PRO S 33 -6.61 -108.95 -58.63
C PRO S 33 -5.81 -107.66 -58.82
N LEU S 34 -4.49 -107.80 -58.95
CA LEU S 34 -3.62 -106.65 -59.16
C LEU S 34 -2.68 -106.92 -60.32
N PRO S 35 -2.74 -106.07 -61.36
CA PRO S 35 -1.93 -106.23 -62.57
C PRO S 35 -0.43 -106.17 -62.29
N THR S 36 0.37 -106.71 -63.19
CA THR S 36 1.82 -106.77 -62.98
C THR S 36 2.57 -105.85 -63.93
N LEU S 37 3.21 -104.82 -63.38
CA LEU S 37 4.09 -103.95 -64.14
C LEU S 37 5.53 -104.46 -64.02
N ASP S 38 5.77 -105.65 -64.53
CA ASP S 38 7.09 -106.26 -64.44
C ASP S 38 8.09 -105.53 -65.32
N THR S 39 8.58 -104.40 -64.82
CA THR S 39 9.55 -103.60 -65.57
C THR S 39 10.85 -104.37 -65.77
N PRO S 40 11.33 -104.42 -67.04
CA PRO S 40 12.55 -105.14 -67.38
C PRO S 40 13.78 -104.51 -66.73
N SER S 41 14.82 -105.31 -66.51
CA SER S 41 16.04 -104.82 -65.91
C SER S 41 17.23 -104.99 -66.86
N TRP S 42 18.21 -104.10 -66.73
CA TRP S 42 19.40 -104.15 -67.56
C TRP S 42 20.24 -105.39 -67.28
N ASN S 43 21.08 -105.77 -68.24
CA ASN S 43 22.12 -106.76 -67.99
C ASN S 43 23.48 -106.08 -68.10
N ALA S 44 24.54 -106.88 -68.13
CA ALA S 44 25.89 -106.34 -68.19
C ALA S 44 26.14 -105.57 -69.48
N ASN S 45 25.77 -106.19 -70.61
CA ASN S 45 26.07 -105.61 -71.92
C ASN S 45 25.11 -104.51 -72.35
N SER S 46 23.82 -104.69 -72.07
CA SER S 46 22.81 -103.71 -72.47
C SER S 46 23.01 -102.37 -71.77
N ALA S 47 23.46 -102.44 -70.52
CA ALA S 47 23.67 -101.22 -69.73
C ALA S 47 24.88 -100.45 -70.22
N VAL S 48 25.98 -101.17 -70.50
CA VAL S 48 27.20 -100.54 -70.98
C VAL S 48 26.99 -99.95 -72.37
N SER S 49 26.35 -100.71 -73.24
CA SER S 49 26.08 -100.26 -74.61
C SER S 49 25.23 -98.98 -74.62
N SER S 50 24.27 -98.92 -73.71
CA SER S 50 23.38 -97.76 -73.63
C SER S 50 24.14 -96.50 -73.20
N ILE S 51 25.10 -96.67 -72.29
CA ILE S 51 25.88 -95.56 -71.79
C ILE S 51 26.82 -95.01 -72.87
N ILE S 52 27.50 -95.91 -73.57
CA ILE S 52 28.41 -95.53 -74.64
C ILE S 52 27.63 -94.91 -75.80
N TYR S 53 26.44 -95.43 -76.05
CA TYR S 53 25.55 -94.90 -77.07
C TYR S 53 25.14 -93.46 -76.74
N GLU S 54 24.83 -93.23 -75.46
CA GLU S 54 24.31 -91.94 -75.03
C GLU S 54 25.40 -90.88 -74.84
N THR S 55 26.54 -91.29 -74.29
CA THR S 55 27.64 -90.37 -74.04
C THR S 55 28.19 -89.79 -75.35
N PRO S 56 28.25 -88.44 -75.42
CA PRO S 56 28.66 -87.71 -76.62
C PRO S 56 30.08 -88.01 -77.08
N ALA S 57 30.97 -88.39 -76.16
CA ALA S 57 32.36 -88.67 -76.47
C ALA S 57 33.07 -87.41 -77.01
N PRO S 58 34.38 -87.49 -77.28
CA PRO S 58 35.03 -86.36 -77.97
C PRO S 58 34.28 -85.93 -79.24
N SER S 59 33.71 -84.74 -79.20
CA SER S 59 32.88 -84.23 -80.30
C SER S 59 33.73 -83.50 -81.34
N ARG S 60 33.11 -83.12 -82.45
CA ARG S 60 33.85 -82.61 -83.59
C ARG S 60 33.53 -81.16 -83.96
N GLN S 61 32.88 -80.42 -83.06
CA GLN S 61 32.60 -79.02 -83.32
C GLN S 61 32.33 -78.21 -82.04
N PRO S 62 33.39 -77.95 -81.25
CA PRO S 62 33.25 -77.11 -80.06
C PRO S 62 33.51 -75.63 -80.35
N ARG S 63 33.37 -74.78 -79.35
CA ARG S 63 33.61 -73.36 -79.49
C ARG S 63 34.02 -72.72 -78.16
N LYS S 64 34.73 -71.60 -78.24
CA LYS S 64 35.21 -70.92 -77.04
C LYS S 64 34.43 -69.64 -76.75
N GLN S 65 33.89 -69.54 -75.54
CA GLN S 65 33.15 -68.36 -75.13
C GLN S 65 34.01 -67.47 -74.24
N HIS S 66 34.16 -66.21 -74.64
CA HIS S 66 34.95 -65.25 -73.88
C HIS S 66 34.06 -64.16 -73.29
N VAL S 67 34.42 -63.66 -72.11
CA VAL S 67 33.65 -62.61 -71.46
C VAL S 67 34.58 -61.51 -70.93
N LEU S 68 34.35 -60.29 -71.41
CA LEU S 68 35.17 -59.14 -71.01
C LEU S 68 34.37 -58.18 -70.13
N ASN S 69 35.06 -57.42 -69.30
CA ASN S 69 34.41 -56.46 -68.43
C ASN S 69 35.06 -55.09 -68.51
N CYS S 70 34.35 -54.13 -69.12
CA CYS S 70 34.88 -52.79 -69.29
C CYS S 70 34.54 -51.89 -68.11
N LEU S 71 35.55 -51.21 -67.58
CA LEU S 71 35.32 -50.20 -66.55
C LEU S 71 35.43 -48.83 -67.18
N VAL S 72 34.28 -48.22 -67.50
CA VAL S 72 34.27 -46.99 -68.28
C VAL S 72 33.80 -45.77 -67.51
N GLN S 73 34.23 -44.60 -67.97
CA GLN S 73 33.77 -43.33 -67.43
C GLN S 73 32.50 -42.93 -68.16
N ASN S 74 31.42 -42.71 -67.41
CA ASN S 74 30.12 -42.47 -68.01
C ASN S 74 30.02 -41.10 -68.68
N GLU S 75 30.58 -40.99 -69.88
CA GLU S 75 30.48 -39.77 -70.67
C GLU S 75 29.28 -39.88 -71.60
N PRO S 76 28.69 -38.73 -72.01
CA PRO S 76 27.47 -38.64 -72.83
C PRO S 76 27.27 -39.75 -73.87
N GLY S 77 28.22 -39.92 -74.76
CA GLY S 77 28.10 -40.93 -75.81
C GLY S 77 29.17 -42.01 -75.73
N VAL S 78 29.16 -42.78 -74.65
CA VAL S 78 30.17 -43.81 -74.45
C VAL S 78 29.67 -45.16 -74.97
N LEU S 79 28.36 -45.38 -74.96
CA LEU S 79 27.79 -46.62 -75.45
C LEU S 79 27.92 -46.71 -76.96
N SER S 80 27.60 -45.61 -77.65
CA SER S 80 27.70 -45.54 -79.09
C SER S 80 29.17 -45.60 -79.53
N ARG S 81 30.07 -45.23 -78.61
CA ARG S 81 31.49 -45.23 -78.89
C ARG S 81 32.07 -46.65 -78.81
N VAL S 82 31.65 -47.39 -77.77
CA VAL S 82 32.13 -48.76 -77.57
C VAL S 82 31.49 -49.71 -78.57
N SER S 83 30.16 -49.67 -78.66
CA SER S 83 29.43 -50.52 -79.59
C SER S 83 29.77 -50.17 -81.03
N GLY S 84 30.04 -48.89 -81.28
CA GLY S 84 30.42 -48.43 -82.60
C GLY S 84 31.77 -48.96 -83.02
N THR S 85 32.66 -49.12 -82.04
CA THR S 85 33.99 -49.66 -82.30
C THR S 85 33.92 -51.15 -82.62
N LEU S 86 33.03 -51.85 -81.92
CA LEU S 86 32.84 -53.28 -82.12
C LEU S 86 32.17 -53.57 -83.46
N ALA S 87 31.31 -52.65 -83.89
CA ALA S 87 30.58 -52.81 -85.14
C ALA S 87 31.43 -52.41 -86.34
N ALA S 88 32.45 -51.60 -86.08
CA ALA S 88 33.35 -51.14 -87.14
C ALA S 88 34.34 -52.24 -87.53
N ARG S 89 34.43 -53.27 -86.71
CA ARG S 89 35.35 -54.38 -86.97
C ARG S 89 34.60 -55.71 -86.96
N GLY S 90 35.22 -56.75 -87.52
CA GLY S 90 34.58 -58.04 -87.62
C GLY S 90 34.55 -58.82 -86.32
N PHE S 91 33.95 -58.24 -85.30
CA PHE S 91 33.85 -58.88 -84.00
C PHE S 91 32.49 -59.55 -83.82
N ASN S 92 32.50 -60.83 -83.45
CA ASN S 92 31.28 -61.58 -83.23
C ASN S 92 30.87 -61.56 -81.77
N ILE S 93 30.23 -60.47 -81.35
CA ILE S 93 29.78 -60.34 -79.97
C ILE S 93 28.38 -60.94 -79.79
N ASP S 94 28.15 -61.52 -78.62
CA ASP S 94 26.88 -62.16 -78.33
C ASP S 94 25.98 -61.27 -77.47
N SER S 95 26.60 -60.49 -76.58
CA SER S 95 25.85 -59.59 -75.71
C SER S 95 26.71 -58.44 -75.20
N LEU S 96 26.08 -57.29 -75.01
CA LEU S 96 26.73 -56.11 -74.45
C LEU S 96 25.76 -55.39 -73.52
N VAL S 97 25.98 -55.54 -72.22
CA VAL S 97 25.11 -54.93 -71.22
C VAL S 97 25.82 -53.82 -70.46
N VAL S 98 25.11 -52.73 -70.19
CA VAL S 98 25.68 -51.62 -69.45
C VAL S 98 25.08 -51.57 -68.04
N CYS S 99 25.91 -51.90 -67.05
CA CYS S 99 25.45 -51.95 -65.67
C CYS S 99 26.02 -50.79 -64.86
N ASN S 100 25.17 -50.17 -64.04
CA ASN S 100 25.61 -49.12 -63.13
C ASN S 100 26.23 -49.72 -61.88
N THR S 101 27.14 -48.97 -61.26
CA THR S 101 27.90 -49.48 -60.13
C THR S 101 27.56 -48.78 -58.82
N GLU S 102 26.50 -47.98 -58.84
CA GLU S 102 26.11 -47.15 -57.71
C GLU S 102 27.24 -46.21 -57.30
N VAL S 103 28.08 -45.87 -58.28
CA VAL S 103 29.16 -44.92 -58.08
C VAL S 103 29.02 -43.83 -59.14
N LYS S 104 29.17 -42.57 -58.72
CA LYS S 104 28.93 -41.44 -59.61
C LYS S 104 29.79 -41.47 -60.87
N ASP S 105 29.13 -41.45 -62.02
CA ASP S 105 29.77 -41.40 -63.33
C ASP S 105 30.71 -42.58 -63.59
N LEU S 106 30.40 -43.73 -63.00
CA LEU S 106 31.15 -44.94 -63.27
C LEU S 106 30.22 -46.09 -63.63
N SER S 107 30.37 -46.59 -64.85
CA SER S 107 29.56 -47.73 -65.31
C SER S 107 30.46 -48.85 -65.80
N ARG S 108 29.97 -50.08 -65.74
CA ARG S 108 30.74 -51.22 -66.21
C ARG S 108 29.96 -52.01 -67.25
N MET S 109 30.66 -52.47 -68.29
CA MET S 109 30.03 -53.20 -69.38
C MET S 109 30.53 -54.64 -69.45
N THR S 110 29.60 -55.58 -69.58
CA THR S 110 29.95 -56.99 -69.72
C THR S 110 29.76 -57.43 -71.17
N ILE S 111 30.86 -57.78 -71.82
CA ILE S 111 30.82 -58.16 -73.23
C ILE S 111 31.13 -59.63 -73.45
N VAL S 112 30.22 -60.33 -74.11
CA VAL S 112 30.42 -61.73 -74.46
C VAL S 112 30.61 -61.86 -75.97
N LEU S 113 31.71 -62.48 -76.39
CA LEU S 113 32.04 -62.56 -77.81
C LEU S 113 32.65 -63.91 -78.17
N GLN S 114 32.58 -64.25 -79.46
CA GLN S 114 33.15 -65.50 -79.97
C GLN S 114 34.44 -65.23 -80.73
N GLY S 115 35.33 -66.21 -80.74
CA GLY S 115 36.59 -66.08 -81.45
C GLY S 115 37.74 -66.75 -80.72
N GLN S 116 38.91 -66.76 -81.36
CA GLN S 116 40.10 -67.35 -80.75
C GLN S 116 40.76 -66.36 -79.79
N ASP S 117 41.69 -66.87 -78.98
CA ASP S 117 42.32 -66.07 -77.92
C ASP S 117 43.05 -64.85 -78.46
N GLY S 118 43.56 -64.94 -79.67
CA GLY S 118 44.27 -63.82 -80.28
C GLY S 118 43.33 -62.75 -80.80
N VAL S 119 42.16 -63.16 -81.27
CA VAL S 119 41.19 -62.24 -81.83
C VAL S 119 40.49 -61.44 -80.75
N ILE S 120 40.08 -62.11 -79.67
CA ILE S 120 39.35 -61.45 -78.59
C ILE S 120 40.26 -60.55 -77.78
N GLU S 121 41.56 -60.83 -77.80
CA GLU S 121 42.54 -59.98 -77.13
C GLU S 121 42.70 -58.69 -77.92
N GLN S 122 42.59 -58.80 -79.24
CA GLN S 122 42.58 -57.62 -80.10
C GLN S 122 41.36 -56.77 -79.80
N ALA S 123 40.21 -57.42 -79.62
CA ALA S 123 38.97 -56.73 -79.26
C ALA S 123 39.10 -56.06 -77.90
N ARG S 124 39.79 -56.73 -76.97
CA ARG S 124 39.98 -56.21 -75.63
C ARG S 124 40.80 -54.93 -75.65
N ARG S 125 41.82 -54.90 -76.48
CA ARG S 125 42.72 -53.74 -76.56
C ARG S 125 42.11 -52.59 -77.35
N GLN S 126 41.28 -52.92 -78.34
CA GLN S 126 40.60 -51.91 -79.13
C GLN S 126 39.69 -51.06 -78.26
N ILE S 127 39.00 -51.73 -77.33
CA ILE S 127 38.09 -51.05 -76.42
C ILE S 127 38.86 -50.28 -75.35
N GLU S 128 39.83 -50.93 -74.73
CA GLU S 128 40.60 -50.35 -73.64
C GLU S 128 41.37 -49.10 -74.06
N ASP S 129 41.69 -49.01 -75.35
CA ASP S 129 42.44 -47.88 -75.87
C ASP S 129 41.58 -46.62 -75.96
N LEU S 130 40.26 -46.79 -75.94
CA LEU S 130 39.35 -45.67 -75.97
C LEU S 130 39.56 -44.78 -74.74
N VAL S 131 39.34 -43.48 -74.92
CA VAL S 131 39.54 -42.51 -73.85
C VAL S 131 38.66 -42.73 -72.61
N PRO S 132 37.34 -42.91 -72.79
CA PRO S 132 36.50 -42.91 -71.57
C PRO S 132 36.50 -44.22 -70.77
N VAL S 133 37.34 -45.19 -71.13
CA VAL S 133 37.35 -46.45 -70.40
C VAL S 133 38.67 -46.66 -69.65
N TYR S 134 38.56 -46.92 -68.35
CA TYR S 134 39.72 -47.12 -67.49
C TYR S 134 40.49 -48.37 -67.87
N ALA S 135 39.80 -49.50 -67.89
CA ALA S 135 40.42 -50.79 -68.22
C ALA S 135 39.39 -51.82 -68.65
N VAL S 136 39.85 -52.83 -69.38
CA VAL S 136 38.99 -53.93 -69.79
C VAL S 136 39.53 -55.26 -69.28
N LEU S 137 38.92 -55.77 -68.22
CA LEU S 137 39.36 -57.02 -67.60
C LEU S 137 38.85 -58.23 -68.37
N ASP S 138 39.63 -59.31 -68.35
CA ASP S 138 39.27 -60.53 -69.05
C ASP S 138 38.84 -61.62 -68.07
N TYR S 139 37.59 -62.03 -68.16
CA TYR S 139 37.03 -63.03 -67.26
C TYR S 139 36.93 -64.41 -67.91
N THR S 140 37.44 -64.54 -69.12
CA THR S 140 37.25 -65.76 -69.91
C THR S 140 37.89 -66.99 -69.27
N ASN S 141 38.84 -66.77 -68.36
CA ASN S 141 39.51 -67.86 -67.68
C ASN S 141 39.40 -67.76 -66.16
N SER S 142 38.62 -66.79 -65.71
CA SER S 142 38.38 -66.62 -64.28
C SER S 142 37.05 -67.22 -63.88
N GLU S 143 36.92 -67.62 -62.63
CA GLU S 143 35.67 -68.16 -62.11
C GLU S 143 34.75 -67.03 -61.69
N ILE S 144 33.73 -66.77 -62.52
CA ILE S 144 32.80 -65.66 -62.27
C ILE S 144 31.39 -66.16 -62.03
N ILE S 145 30.51 -65.24 -61.62
CA ILE S 145 29.10 -65.54 -61.49
C ILE S 145 28.31 -64.79 -62.56
N LYS S 146 27.97 -65.49 -63.63
CA LYS S 146 27.25 -64.87 -64.73
C LYS S 146 25.74 -65.06 -64.61
N ARG S 147 25.02 -63.94 -64.62
CA ARG S 147 23.57 -63.95 -64.46
C ARG S 147 22.87 -63.26 -65.63
N GLU S 148 21.80 -63.87 -66.11
CA GLU S 148 20.98 -63.29 -67.17
C GLU S 148 19.51 -63.35 -66.81
N LEU S 149 18.82 -62.21 -66.93
CA LEU S 149 17.40 -62.14 -66.60
C LEU S 149 16.55 -62.45 -67.83
N VAL S 150 15.57 -63.33 -67.66
CA VAL S 150 14.63 -63.62 -68.74
C VAL S 150 13.20 -63.51 -68.22
N MET S 151 12.33 -62.92 -69.04
CA MET S 151 10.91 -62.80 -68.72
C MET S 151 10.09 -63.25 -69.92
N ALA S 152 9.37 -64.35 -69.76
CA ALA S 152 8.65 -64.94 -70.87
C ALA S 152 7.17 -65.15 -70.56
N ARG S 153 6.32 -64.86 -71.56
CA ARG S 153 4.90 -65.14 -71.45
C ARG S 153 4.57 -66.46 -72.13
N ILE S 154 4.09 -67.41 -71.35
CA ILE S 154 3.80 -68.75 -71.88
C ILE S 154 2.32 -69.06 -71.83
N SER S 155 1.78 -69.53 -72.95
CA SER S 155 0.37 -69.90 -73.04
C SER S 155 0.07 -71.12 -72.18
N LEU S 156 -1.18 -71.25 -71.78
CA LEU S 156 -1.61 -72.37 -70.95
C LEU S 156 -2.53 -73.32 -71.70
N LEU S 157 -2.80 -72.99 -72.96
CA LEU S 157 -3.79 -73.71 -73.75
C LEU S 157 -3.21 -74.87 -74.56
N GLY S 158 -1.92 -75.14 -74.37
CA GLY S 158 -1.29 -76.29 -74.99
C GLY S 158 -0.63 -76.01 -76.33
N THR S 159 -0.31 -77.08 -77.05
CA THR S 159 0.42 -76.97 -78.32
C THR S 159 -0.51 -76.62 -79.48
N GLU S 160 -1.68 -77.26 -79.51
CA GLU S 160 -2.63 -77.08 -80.61
C GLU S 160 -3.06 -75.62 -80.78
N TYR S 161 -3.35 -74.95 -79.68
CA TYR S 161 -3.77 -73.55 -79.74
C TYR S 161 -2.61 -72.65 -80.14
N PHE S 162 -1.40 -73.05 -79.75
CA PHE S 162 -0.22 -72.24 -80.03
C PHE S 162 0.10 -72.20 -81.51
N GLU S 163 0.16 -73.37 -82.15
CA GLU S 163 0.43 -73.44 -83.57
C GLU S 163 -0.73 -72.81 -84.37
N ASP S 164 -1.91 -72.83 -83.78
CA ASP S 164 -3.07 -72.19 -84.38
C ASP S 164 -2.93 -70.68 -84.30
N LEU S 165 -2.17 -70.21 -83.32
CA LEU S 165 -1.96 -68.78 -83.12
C LEU S 165 -0.85 -68.26 -84.03
N LEU S 166 0.19 -69.05 -84.23
CA LEU S 166 1.30 -68.66 -85.10
C LEU S 166 0.88 -68.65 -86.56
N LEU S 167 0.13 -69.67 -86.96
CA LEU S 167 -0.36 -69.78 -88.32
C LEU S 167 -1.34 -68.65 -88.63
N HIS S 168 -2.03 -68.18 -87.60
CA HIS S 168 -2.98 -67.09 -87.74
C HIS S 168 -2.27 -65.76 -87.98
N HIS S 169 -1.11 -65.59 -87.36
CA HIS S 169 -0.35 -64.35 -87.51
C HIS S 169 0.56 -64.37 -88.73
N HIS S 170 0.24 -65.24 -89.68
CA HIS S 170 0.92 -65.26 -90.96
C HIS S 170 0.04 -64.60 -92.01
N THR S 171 -0.63 -63.52 -91.62
CA THR S 171 -1.54 -62.79 -92.49
C THR S 171 -0.85 -61.63 -93.18
N GLN S 181 -5.12 -72.58 -95.07
CA GLN S 181 -6.54 -72.88 -95.20
C GLN S 181 -6.84 -74.33 -94.86
N GLU S 182 -6.21 -75.25 -95.59
CA GLU S 182 -6.41 -76.68 -95.37
C GLU S 182 -5.67 -77.14 -94.12
N LEU S 183 -4.69 -76.35 -93.69
CA LEU S 183 -3.91 -76.69 -92.51
C LEU S 183 -4.59 -76.17 -91.23
N VAL S 184 -5.28 -75.05 -91.36
CA VAL S 184 -5.98 -74.44 -90.23
C VAL S 184 -7.04 -75.38 -89.65
N ALA S 185 -7.88 -75.92 -90.54
CA ALA S 185 -8.92 -76.85 -90.14
C ALA S 185 -8.32 -78.16 -89.64
N GLU S 186 -7.13 -78.50 -90.13
CA GLU S 186 -6.45 -79.71 -89.73
C GLU S 186 -5.97 -79.60 -88.29
N ILE S 187 -5.53 -78.40 -87.90
CA ILE S 187 -5.06 -78.15 -86.54
C ILE S 187 -6.23 -78.03 -85.58
N ARG S 188 -7.30 -77.34 -86.02
CA ARG S 188 -8.47 -77.14 -85.19
C ARG S 188 -9.38 -78.37 -85.14
N GLU S 189 -8.85 -79.50 -85.60
CA GLU S 189 -9.58 -80.77 -85.56
C GLU S 189 -8.86 -81.76 -84.65
N LYS S 190 -7.66 -81.38 -84.22
CA LYS S 190 -6.88 -82.23 -83.32
C LYS S 190 -7.58 -82.38 -81.97
N GLN S 191 -7.30 -83.48 -81.28
CA GLN S 191 -8.05 -83.88 -80.09
C GLN S 191 -8.01 -82.84 -78.97
N PHE S 192 -6.84 -82.29 -78.68
CA PHE S 192 -6.69 -81.40 -77.53
C PHE S 192 -6.67 -79.93 -77.90
N HIS S 193 -7.44 -79.56 -78.91
CA HIS S 193 -7.64 -78.15 -79.25
C HIS S 193 -8.84 -77.62 -78.45
N PRO S 194 -8.68 -76.44 -77.84
CA PRO S 194 -9.68 -75.82 -76.95
C PRO S 194 -11.10 -75.77 -77.54
N ALA S 195 -11.21 -75.87 -78.86
CA ALA S 195 -12.52 -75.86 -79.51
C ALA S 195 -13.14 -77.25 -79.52
N ASN S 196 -12.30 -78.27 -79.38
CA ASN S 196 -12.76 -79.65 -79.43
C ASN S 196 -12.86 -80.29 -78.05
N LEU S 197 -12.79 -79.46 -77.01
CA LEU S 197 -12.86 -79.94 -75.64
C LEU S 197 -13.93 -79.21 -74.84
N PRO S 198 -14.56 -79.91 -73.89
CA PRO S 198 -15.47 -79.25 -72.94
C PRO S 198 -14.73 -78.16 -72.17
N ALA S 199 -15.39 -77.03 -71.96
CA ALA S 199 -14.74 -75.87 -71.32
C ALA S 199 -14.27 -76.19 -69.91
N SER S 200 -14.84 -77.23 -69.31
CA SER S 200 -14.44 -77.66 -67.98
C SER S 200 -13.09 -78.37 -67.99
N GLU S 201 -12.82 -79.09 -69.08
CA GLU S 201 -11.56 -79.80 -69.22
C GLU S 201 -10.44 -78.85 -69.66
N VAL S 202 -10.82 -77.82 -70.39
CA VAL S 202 -9.87 -76.78 -70.81
C VAL S 202 -9.32 -76.08 -69.58
N LEU S 203 -10.18 -75.86 -68.59
CA LEU S 203 -9.79 -75.20 -67.35
C LEU S 203 -8.70 -75.98 -66.62
N ARG S 204 -8.92 -77.28 -66.46
CA ARG S 204 -7.96 -78.15 -65.75
C ARG S 204 -6.65 -78.26 -66.50
N LEU S 205 -6.73 -78.32 -67.84
CA LEU S 205 -5.53 -78.42 -68.66
C LEU S 205 -4.69 -77.16 -68.57
N LYS S 206 -5.35 -76.00 -68.53
CA LYS S 206 -4.66 -74.72 -68.37
C LYS S 206 -3.93 -74.68 -67.04
N HIS S 207 -4.57 -75.19 -66.01
CA HIS S 207 -3.96 -75.23 -64.68
C HIS S 207 -2.95 -76.36 -64.57
N GLU S 208 -3.13 -77.42 -65.37
CA GLU S 208 -2.15 -78.49 -65.42
C GLU S 208 -0.87 -77.98 -66.06
N HIS S 209 -1.02 -77.23 -67.15
CA HIS S 209 0.12 -76.63 -67.82
C HIS S 209 0.78 -75.59 -66.94
N LEU S 210 -0.03 -74.80 -66.25
CA LEU S 210 0.48 -73.80 -65.32
C LEU S 210 1.26 -74.46 -64.20
N ASN S 211 0.77 -75.61 -63.75
CA ASN S 211 1.45 -76.36 -62.70
C ASN S 211 2.79 -76.89 -63.19
N ASP S 212 2.80 -77.44 -64.39
CA ASP S 212 4.02 -77.98 -64.98
C ASP S 212 5.05 -76.88 -65.23
N ILE S 213 4.57 -75.72 -65.67
CA ILE S 213 5.43 -74.57 -65.90
C ILE S 213 6.06 -74.07 -64.60
N THR S 214 5.22 -73.96 -63.56
CA THR S 214 5.67 -73.49 -62.25
C THR S 214 6.73 -74.42 -61.65
N ASN S 215 6.50 -75.72 -61.74
CA ASN S 215 7.43 -76.70 -61.20
C ASN S 215 8.78 -76.66 -61.89
N LEU S 216 8.78 -76.42 -63.19
CA LEU S 216 10.02 -76.20 -63.93
C LEU S 216 10.71 -74.93 -63.43
N THR S 217 9.93 -73.85 -63.35
CA THR S 217 10.44 -72.56 -62.94
C THR S 217 10.99 -72.60 -61.52
N ASN S 218 10.34 -73.39 -60.66
CA ASN S 218 10.79 -73.56 -59.28
C ASN S 218 12.16 -74.24 -59.21
N ASN S 219 12.36 -75.25 -60.05
CA ASN S 219 13.60 -76.00 -60.07
C ASN S 219 14.78 -75.15 -60.53
N PHE S 220 14.53 -74.27 -61.50
CA PHE S 220 15.58 -73.44 -62.07
C PHE S 220 15.83 -72.19 -61.23
N GLY S 221 15.04 -72.05 -60.16
CA GLY S 221 15.21 -70.92 -59.27
C GLY S 221 14.49 -69.66 -59.76
N GLY S 222 13.33 -69.87 -60.37
CA GLY S 222 12.56 -68.76 -60.90
C GLY S 222 11.24 -68.56 -60.18
N ARG S 223 10.37 -67.75 -60.76
CA ARG S 223 9.08 -67.45 -60.15
C ARG S 223 8.05 -67.01 -61.19
N VAL S 224 6.80 -67.38 -60.97
CA VAL S 224 5.70 -66.92 -61.83
C VAL S 224 5.12 -65.62 -61.28
N VAL S 225 5.37 -64.53 -62.00
CA VAL S 225 5.01 -63.20 -61.53
C VAL S 225 3.61 -62.77 -61.99
N ASP S 226 3.05 -63.51 -62.94
CA ASP S 226 1.74 -63.16 -63.47
C ASP S 226 0.96 -64.40 -63.91
N ILE S 227 -0.33 -64.43 -63.59
CA ILE S 227 -1.22 -65.50 -64.02
C ILE S 227 -2.49 -64.92 -64.64
N SER S 228 -2.59 -65.02 -65.96
CA SER S 228 -3.77 -64.53 -66.67
C SER S 228 -4.74 -65.68 -66.95
N GLU S 229 -5.71 -65.41 -67.83
CA GLU S 229 -6.73 -66.40 -68.15
C GLU S 229 -6.20 -67.50 -69.08
N THR S 230 -5.34 -67.11 -70.01
CA THR S 230 -4.85 -68.06 -71.01
C THR S 230 -3.33 -68.13 -71.06
N SER S 231 -2.66 -67.43 -70.15
CA SER S 231 -1.20 -67.41 -70.13
C SER S 231 -0.62 -67.06 -68.76
N CYS S 232 0.71 -66.98 -68.70
CA CYS S 232 1.40 -66.60 -67.48
C CYS S 232 2.77 -66.02 -67.82
N ILE S 233 3.32 -65.23 -66.90
CA ILE S 233 4.65 -64.66 -67.10
C ILE S 233 5.63 -65.22 -66.08
N VAL S 234 6.73 -65.77 -66.57
CA VAL S 234 7.76 -66.32 -65.69
C VAL S 234 8.97 -65.39 -65.61
N GLU S 235 9.69 -65.46 -64.49
CA GLU S 235 10.90 -64.69 -64.30
C GLU S 235 12.02 -65.60 -63.84
N LEU S 236 13.16 -65.55 -64.54
CA LEU S 236 14.28 -66.41 -64.20
C LEU S 236 15.60 -65.67 -64.33
N SER S 237 16.53 -65.95 -63.41
CA SER S 237 17.85 -65.33 -63.42
C SER S 237 18.94 -66.35 -63.12
N ALA S 238 19.70 -66.72 -64.16
CA ALA S 238 20.78 -67.70 -64.01
C ALA S 238 21.78 -67.58 -65.16
N LYS S 239 22.59 -68.62 -65.33
CA LYS S 239 23.51 -68.70 -66.47
C LYS S 239 22.74 -68.60 -67.78
N PRO S 240 23.35 -67.98 -68.80
CA PRO S 240 22.76 -68.01 -70.14
C PRO S 240 22.63 -69.44 -70.63
N THR S 241 23.55 -70.29 -70.17
CA THR S 241 23.50 -71.71 -70.45
C THR S 241 22.25 -72.34 -69.83
N ARG S 242 21.89 -71.85 -68.66
CA ARG S 242 20.75 -72.38 -67.92
C ARG S 242 19.44 -71.71 -68.34
N ILE S 243 19.53 -70.45 -68.74
CA ILE S 243 18.36 -69.74 -69.27
C ILE S 243 17.91 -70.42 -70.57
N SER S 244 18.88 -70.80 -71.39
CA SER S 244 18.60 -71.49 -72.65
C SER S 244 17.92 -72.83 -72.42
N ALA S 245 18.37 -73.56 -71.40
CA ALA S 245 17.80 -74.85 -71.07
C ALA S 245 16.34 -74.70 -70.64
N PHE S 246 16.07 -73.66 -69.87
CA PHE S 246 14.71 -73.38 -69.41
C PHE S 246 13.79 -73.05 -70.57
N LEU S 247 14.26 -72.18 -71.45
CA LEU S 247 13.46 -71.74 -72.60
C LEU S 247 13.26 -72.85 -73.62
N LYS S 248 14.08 -73.89 -73.51
CA LYS S 248 13.94 -75.07 -74.37
C LYS S 248 12.91 -76.03 -73.80
N LEU S 249 12.86 -76.12 -72.48
CA LEU S 249 11.93 -77.00 -71.79
C LEU S 249 10.53 -76.41 -71.75
N VAL S 250 10.44 -75.08 -71.72
CA VAL S 250 9.15 -74.40 -71.64
C VAL S 250 8.61 -74.12 -73.05
N GLU S 251 9.45 -74.40 -74.06
CA GLU S 251 9.08 -74.17 -75.46
C GLU S 251 7.84 -74.94 -75.95
N PRO S 252 7.71 -76.24 -75.63
CA PRO S 252 6.53 -76.95 -76.16
C PRO S 252 5.18 -76.39 -75.71
N PHE S 253 5.15 -75.76 -74.53
CA PHE S 253 3.91 -75.17 -74.04
C PHE S 253 3.49 -73.98 -74.89
N GLY S 254 4.47 -73.33 -75.53
CA GLY S 254 4.20 -72.19 -76.39
C GLY S 254 4.56 -70.86 -75.76
N VAL S 255 5.65 -70.27 -76.24
CA VAL S 255 6.11 -69.00 -75.72
C VAL S 255 5.57 -67.83 -76.55
N LEU S 256 4.69 -67.04 -75.93
CA LEU S 256 4.07 -65.90 -76.62
C LEU S 256 5.04 -64.72 -76.73
N GLU S 257 5.66 -64.36 -75.61
CA GLU S 257 6.66 -63.31 -75.60
C GLU S 257 7.89 -63.76 -74.82
N CYS S 258 9.05 -63.19 -75.13
CA CYS S 258 10.28 -63.52 -74.44
C CYS S 258 11.24 -62.36 -74.44
N ALA S 259 12.11 -62.29 -73.43
CA ALA S 259 13.05 -61.19 -73.30
C ALA S 259 14.27 -61.56 -72.46
N ARG S 260 15.35 -61.96 -73.12
CA ARG S 260 16.63 -62.16 -72.44
C ARG S 260 17.22 -60.80 -72.07
N SER S 261 18.23 -60.79 -71.22
CA SER S 261 18.85 -59.54 -70.80
C SER S 261 20.29 -59.43 -71.30
N GLY S 262 20.93 -60.57 -71.52
CA GLY S 262 22.36 -60.60 -71.78
C GLY S 262 23.07 -60.65 -70.44
N MET S 263 24.01 -61.58 -70.29
CA MET S 263 24.60 -61.83 -68.99
C MET S 263 25.51 -60.70 -68.50
N MET S 264 25.41 -60.44 -67.20
CA MET S 264 26.32 -59.54 -66.51
C MET S 264 27.15 -60.35 -65.53
N ALA S 265 28.44 -60.03 -65.43
CA ALA S 265 29.36 -60.86 -64.66
C ALA S 265 29.85 -60.18 -63.39
N LEU S 266 30.26 -61.00 -62.42
CA LEU S 266 30.85 -60.52 -61.18
C LEU S 266 31.80 -61.58 -60.63
N PRO S 267 33.09 -61.22 -60.50
CA PRO S 267 34.16 -62.16 -60.12
C PRO S 267 33.93 -62.87 -58.79
N ARG S 268 34.05 -64.19 -58.81
CA ARG S 268 33.97 -64.99 -57.59
C ARG S 268 35.35 -65.49 -57.20
N THR S 269 35.70 -65.34 -55.93
CA THR S 269 36.99 -65.83 -55.42
C THR S 269 36.83 -67.20 -54.75
N PRO S 270 37.39 -68.24 -55.38
CA PRO S 270 37.29 -69.62 -54.90
C PRO S 270 37.92 -69.82 -53.51
N LEU S 271 37.49 -70.86 -52.81
CA LEU S 271 38.02 -71.17 -51.50
C LEU S 271 38.48 -72.63 -51.42
N LYS S 272 39.68 -72.85 -50.92
CA LYS S 272 40.22 -74.20 -50.78
C LYS S 272 40.66 -74.47 -49.35
N THR S 273 40.50 -75.72 -48.90
CA THR S 273 40.86 -76.10 -47.54
C THR S 273 42.35 -76.00 -47.31
N SER S 274 42.76 -76.02 -46.04
CA SER S 274 44.17 -75.87 -45.67
C SER S 274 45.03 -77.06 -46.07
N THR S 275 44.42 -78.03 -46.74
CA THR S 275 45.16 -79.16 -47.31
C THR S 275 45.40 -78.90 -48.79
N GLU S 276 44.35 -78.44 -49.47
CA GLU S 276 44.47 -78.02 -50.87
C GLU S 276 45.23 -76.71 -50.95
N GLU S 277 44.81 -75.74 -50.14
CA GLU S 277 45.58 -74.53 -49.93
C GLU S 277 46.78 -74.92 -49.06
N ALA S 278 47.86 -74.15 -49.14
CA ALA S 278 49.10 -74.44 -48.41
C ALA S 278 49.69 -75.79 -48.81
N ALA S 279 49.27 -76.29 -49.97
CA ALA S 279 49.94 -77.45 -50.56
C ALA S 279 51.33 -77.01 -50.99
N ASP S 280 51.35 -76.02 -51.89
CA ASP S 280 52.55 -75.30 -52.27
C ASP S 280 53.77 -76.19 -52.51
N GLU S 281 53.66 -77.08 -53.49
CA GLU S 281 54.74 -78.00 -53.79
C GLU S 281 55.81 -77.33 -54.66
N ASP S 282 56.30 -76.19 -54.20
CA ASP S 282 57.37 -75.48 -54.90
C ASP S 282 58.69 -76.21 -54.73
N GLU S 283 59.49 -76.23 -55.80
CA GLU S 283 60.76 -76.94 -55.83
C GLU S 283 60.60 -78.42 -55.48
N PRO T 33 11.38 -64.37 -9.23
CA PRO T 33 10.18 -63.69 -9.72
C PRO T 33 10.16 -62.22 -9.31
N LEU T 34 10.82 -61.37 -10.09
CA LEU T 34 10.93 -59.94 -9.77
C LEU T 34 10.99 -58.95 -10.95
N PRO T 35 11.60 -59.32 -12.10
CA PRO T 35 11.76 -58.26 -13.10
C PRO T 35 10.45 -57.78 -13.72
N THR T 36 10.44 -56.54 -14.20
CA THR T 36 9.24 -55.95 -14.78
C THR T 36 9.58 -54.92 -15.86
N LEU T 37 8.66 -54.74 -16.81
CA LEU T 37 8.84 -53.76 -17.87
C LEU T 37 7.60 -52.87 -17.97
N ASP T 38 7.83 -51.56 -17.98
CA ASP T 38 6.74 -50.59 -18.08
C ASP T 38 6.78 -49.83 -19.40
N THR T 39 6.26 -50.46 -20.45
CA THR T 39 6.22 -49.85 -21.77
C THR T 39 5.11 -48.81 -21.86
N PRO T 40 5.49 -47.54 -22.13
CA PRO T 40 4.53 -46.44 -22.20
C PRO T 40 3.60 -46.54 -23.40
N SER T 41 2.32 -46.22 -23.20
CA SER T 41 1.34 -46.25 -24.28
C SER T 41 1.13 -44.86 -24.85
N TRP T 42 0.49 -44.79 -26.02
CA TRP T 42 0.24 -43.52 -26.68
C TRP T 42 -0.93 -42.76 -26.06
N ASN T 43 -0.89 -41.44 -26.19
CA ASN T 43 -2.05 -40.61 -25.88
C ASN T 43 -2.79 -40.33 -27.18
N ALA T 44 -4.09 -40.09 -27.10
CA ALA T 44 -4.90 -39.81 -28.28
C ALA T 44 -4.35 -38.61 -29.05
N ASN T 45 -3.78 -37.66 -28.32
CA ASN T 45 -3.19 -36.47 -28.92
C ASN T 45 -1.76 -36.72 -29.40
N SER T 46 -0.99 -37.48 -28.61
CA SER T 46 0.39 -37.75 -28.94
C SER T 46 0.50 -38.69 -30.14
N ALA T 47 -0.50 -39.55 -30.30
CA ALA T 47 -0.52 -40.50 -31.40
C ALA T 47 -0.67 -39.79 -32.74
N VAL T 48 -1.67 -38.92 -32.84
CA VAL T 48 -1.91 -38.18 -34.07
C VAL T 48 -0.82 -37.12 -34.30
N SER T 49 -0.14 -36.74 -33.22
CA SER T 49 0.96 -35.80 -33.32
C SER T 49 2.17 -36.45 -33.96
N SER T 50 2.25 -37.77 -33.83
CA SER T 50 3.35 -38.54 -34.42
C SER T 50 3.06 -38.88 -35.87
N ILE T 51 1.84 -39.34 -36.14
CA ILE T 51 1.45 -39.75 -37.48
C ILE T 51 1.49 -38.58 -38.46
N ILE T 52 1.00 -37.42 -38.03
CA ILE T 52 1.00 -36.22 -38.86
C ILE T 52 2.43 -35.75 -39.14
N TYR T 53 3.29 -35.87 -38.13
CA TYR T 53 4.66 -35.39 -38.24
C TYR T 53 5.51 -36.21 -39.22
N GLU T 54 5.48 -37.53 -39.07
CA GLU T 54 6.33 -38.40 -39.87
C GLU T 54 5.71 -38.71 -41.25
N THR T 55 4.88 -37.80 -41.74
CA THR T 55 4.32 -37.91 -43.08
C THR T 55 4.62 -36.64 -43.88
N PRO T 56 4.95 -36.81 -45.17
CA PRO T 56 5.29 -35.69 -46.06
C PRO T 56 4.19 -34.64 -46.14
N ARG T 63 6.94 -35.45 -60.87
CA ARG T 63 6.56 -35.88 -62.22
C ARG T 63 6.81 -37.37 -62.41
N LYS T 64 6.10 -37.96 -63.37
CA LYS T 64 6.22 -39.39 -63.64
C LYS T 64 7.32 -39.67 -64.67
N GLN T 65 7.83 -40.90 -64.66
CA GLN T 65 8.86 -41.31 -65.61
C GLN T 65 8.26 -42.27 -66.64
N HIS T 66 8.65 -42.09 -67.89
CA HIS T 66 8.06 -42.85 -69.00
C HIS T 66 8.90 -44.07 -69.37
N VAL T 67 8.23 -45.09 -69.91
CA VAL T 67 8.90 -46.31 -70.35
C VAL T 67 8.50 -46.66 -71.79
N LEU T 68 9.51 -46.73 -72.66
CA LEU T 68 9.27 -47.06 -74.06
C LEU T 68 9.83 -48.44 -74.41
N ASN T 69 9.06 -49.21 -75.18
CA ASN T 69 9.48 -50.54 -75.61
C ASN T 69 9.60 -50.61 -77.12
N CYS T 70 10.82 -50.89 -77.60
CA CYS T 70 11.09 -50.87 -79.04
C CYS T 70 11.17 -52.28 -79.62
N LEU T 71 10.41 -52.52 -80.68
CA LEU T 71 10.50 -53.77 -81.43
C LEU T 71 11.39 -53.56 -82.65
N VAL T 72 12.63 -54.01 -82.56
CA VAL T 72 13.64 -53.69 -83.56
C VAL T 72 14.20 -54.93 -84.26
N GLN T 73 14.34 -54.86 -85.58
CA GLN T 73 15.02 -55.90 -86.34
C GLN T 73 16.52 -55.84 -86.04
N ASN T 74 17.13 -57.02 -85.88
CA ASN T 74 18.53 -57.10 -85.48
C ASN T 74 19.50 -56.88 -86.64
N GLU T 75 19.57 -55.64 -87.13
CA GLU T 75 20.52 -55.28 -88.17
C GLU T 75 21.91 -55.04 -87.56
N PRO T 76 22.96 -55.21 -88.37
CA PRO T 76 24.32 -54.92 -87.91
C PRO T 76 24.49 -53.46 -87.49
N GLY T 77 24.91 -53.24 -86.24
CA GLY T 77 25.12 -51.90 -85.73
C GLY T 77 23.84 -51.12 -85.56
N VAL T 78 22.75 -51.82 -85.26
CA VAL T 78 21.45 -51.18 -85.08
C VAL T 78 21.38 -50.44 -83.75
N LEU T 79 22.20 -50.87 -82.80
CA LEU T 79 22.23 -50.24 -81.48
C LEU T 79 22.80 -48.84 -81.55
N SER T 80 23.83 -48.67 -82.37
CA SER T 80 24.47 -47.37 -82.55
C SER T 80 23.54 -46.39 -83.26
N ARG T 81 22.58 -46.93 -83.99
CA ARG T 81 21.61 -46.12 -84.71
C ARG T 81 20.54 -45.59 -83.78
N VAL T 82 20.04 -46.45 -82.90
CA VAL T 82 18.99 -46.08 -81.97
C VAL T 82 19.53 -45.21 -80.83
N SER T 83 20.64 -45.64 -80.24
CA SER T 83 21.27 -44.90 -79.16
C SER T 83 21.87 -43.59 -79.66
N GLY T 84 22.33 -43.60 -80.90
CA GLY T 84 22.90 -42.41 -81.52
C GLY T 84 21.86 -41.35 -81.77
N THR T 85 20.64 -41.77 -82.08
CA THR T 85 19.53 -40.85 -82.31
C THR T 85 19.16 -40.15 -81.01
N LEU T 86 19.18 -40.90 -79.91
CA LEU T 86 18.85 -40.34 -78.60
C LEU T 86 19.94 -39.40 -78.11
N ALA T 87 21.17 -39.61 -78.58
CA ALA T 87 22.29 -38.77 -78.19
C ALA T 87 22.36 -37.52 -79.06
N ALA T 88 21.83 -37.63 -80.27
CA ALA T 88 21.80 -36.50 -81.21
C ALA T 88 20.74 -35.48 -80.79
N ARG T 89 19.81 -35.92 -79.96
CA ARG T 89 18.77 -35.04 -79.44
C ARG T 89 19.04 -34.71 -77.97
N GLY T 90 18.18 -33.89 -77.38
CA GLY T 90 18.32 -33.53 -75.99
C GLY T 90 17.55 -34.45 -75.07
N PHE T 91 17.68 -35.75 -75.31
CA PHE T 91 16.95 -36.76 -74.53
C PHE T 91 17.82 -37.37 -73.45
N ASN T 92 17.73 -36.85 -72.24
CA ASN T 92 18.46 -37.39 -71.11
C ASN T 92 17.83 -38.68 -70.60
N ILE T 93 18.01 -39.76 -71.34
CA ILE T 93 17.43 -41.05 -70.98
C ILE T 93 18.11 -41.63 -69.75
N ASP T 94 17.41 -42.51 -69.05
CA ASP T 94 17.94 -43.15 -67.85
C ASP T 94 18.47 -44.54 -68.15
N SER T 95 17.67 -45.34 -68.84
CA SER T 95 18.02 -46.72 -69.11
C SER T 95 17.74 -47.13 -70.56
N LEU T 96 18.64 -47.94 -71.11
CA LEU T 96 18.45 -48.53 -72.43
C LEU T 96 19.10 -49.91 -72.47
N VAL T 97 18.27 -50.95 -72.38
CA VAL T 97 18.77 -52.31 -72.38
C VAL T 97 18.22 -53.09 -73.57
N VAL T 98 19.12 -53.63 -74.38
CA VAL T 98 18.73 -54.40 -75.55
C VAL T 98 18.37 -55.83 -75.16
N CYS T 99 17.08 -56.09 -75.03
CA CYS T 99 16.60 -57.42 -74.70
C CYS T 99 16.50 -58.29 -75.94
N ASN T 100 16.92 -59.54 -75.83
CA ASN T 100 16.88 -60.45 -76.96
C ASN T 100 15.70 -61.42 -76.86
N THR T 101 14.89 -61.49 -77.91
CA THR T 101 13.81 -62.44 -77.97
C THR T 101 14.33 -63.81 -78.39
N GLU T 102 13.42 -64.74 -78.63
CA GLU T 102 13.80 -66.04 -79.18
C GLU T 102 13.29 -66.15 -80.61
N VAL T 103 13.29 -65.01 -81.30
CA VAL T 103 12.79 -64.93 -82.67
C VAL T 103 13.93 -64.55 -83.61
N LYS T 104 13.81 -64.95 -84.87
CA LYS T 104 14.82 -64.69 -85.89
C LYS T 104 15.04 -63.18 -86.09
N ASP T 105 16.23 -62.71 -85.69
CA ASP T 105 16.64 -61.32 -85.91
C ASP T 105 15.67 -60.30 -85.33
N LEU T 106 15.19 -60.55 -84.11
CA LEU T 106 14.30 -59.61 -83.43
C LEU T 106 14.83 -59.26 -82.04
N SER T 107 14.76 -57.98 -81.69
CA SER T 107 15.26 -57.52 -80.41
C SER T 107 14.32 -56.49 -79.78
N ARG T 108 14.11 -56.61 -78.48
CA ARG T 108 13.32 -55.65 -77.73
C ARG T 108 14.22 -54.66 -77.00
N MET T 109 13.96 -53.37 -77.19
CA MET T 109 14.77 -52.35 -76.53
C MET T 109 13.92 -51.50 -75.58
N THR T 110 14.10 -51.72 -74.29
CA THR T 110 13.36 -50.98 -73.27
C THR T 110 14.07 -49.68 -72.93
N ILE T 111 13.38 -48.56 -73.15
CA ILE T 111 13.96 -47.24 -72.91
C ILE T 111 13.23 -46.50 -71.80
N VAL T 112 13.99 -46.03 -70.82
CA VAL T 112 13.44 -45.26 -69.71
C VAL T 112 13.99 -43.84 -69.71
N LEU T 113 13.11 -42.85 -69.75
CA LEU T 113 13.52 -41.46 -69.84
C LEU T 113 12.61 -40.52 -69.05
N GLN T 114 13.17 -39.42 -68.58
CA GLN T 114 12.41 -38.41 -67.84
C GLN T 114 11.92 -37.32 -68.79
N GLY T 115 10.91 -36.57 -68.36
CA GLY T 115 10.41 -35.46 -69.15
C GLY T 115 8.90 -35.31 -69.13
N GLN T 116 8.36 -34.82 -70.24
CA GLN T 116 6.93 -34.56 -70.37
C GLN T 116 6.37 -35.31 -71.58
N ASP T 117 5.07 -35.61 -71.54
CA ASP T 117 4.39 -36.35 -72.59
C ASP T 117 4.66 -35.79 -73.99
N GLY T 118 4.82 -34.48 -74.09
CA GLY T 118 5.12 -33.84 -75.36
C GLY T 118 6.50 -34.22 -75.90
N VAL T 119 7.50 -34.15 -75.04
CA VAL T 119 8.87 -34.47 -75.42
C VAL T 119 9.03 -35.97 -75.64
N ILE T 120 8.41 -36.76 -74.77
CA ILE T 120 8.51 -38.22 -74.82
C ILE T 120 7.90 -38.77 -76.11
N GLU T 121 6.75 -38.22 -76.50
CA GLU T 121 6.06 -38.68 -77.70
C GLU T 121 6.89 -38.42 -78.96
N GLN T 122 7.56 -37.27 -78.99
CA GLN T 122 8.44 -36.95 -80.11
C GLN T 122 9.59 -37.94 -80.18
N ALA T 123 10.16 -38.25 -79.02
CA ALA T 123 11.25 -39.22 -78.92
C ALA T 123 10.82 -40.57 -79.44
N ARG T 124 9.58 -40.95 -79.14
CA ARG T 124 9.01 -42.21 -79.61
C ARG T 124 8.89 -42.24 -81.13
N ARG T 125 8.52 -41.10 -81.71
CA ARG T 125 8.36 -40.99 -83.16
C ARG T 125 9.71 -40.94 -83.86
N GLN T 126 10.68 -40.28 -83.25
CA GLN T 126 12.03 -40.18 -83.79
C GLN T 126 12.65 -41.56 -83.94
N ILE T 127 12.34 -42.44 -82.99
CA ILE T 127 12.88 -43.80 -83.00
C ILE T 127 12.09 -44.70 -83.94
N GLU T 128 10.77 -44.55 -83.94
CA GLU T 128 9.90 -45.39 -84.75
C GLU T 128 10.07 -45.11 -86.24
N ASP T 129 10.45 -43.89 -86.58
CA ASP T 129 10.66 -43.51 -87.97
C ASP T 129 11.83 -44.28 -88.60
N LEU T 130 12.76 -44.71 -87.75
CA LEU T 130 13.93 -45.45 -88.21
C LEU T 130 13.53 -46.71 -88.96
N VAL T 131 14.30 -47.04 -89.99
CA VAL T 131 14.02 -48.20 -90.83
C VAL T 131 14.11 -49.55 -90.10
N PRO T 132 15.19 -49.81 -89.33
CA PRO T 132 15.30 -51.16 -88.78
C PRO T 132 14.31 -51.50 -87.66
N VAL T 133 13.50 -50.53 -87.23
CA VAL T 133 12.54 -50.81 -86.17
C VAL T 133 11.14 -51.08 -86.74
N TYR T 134 10.35 -51.85 -86.00
CA TYR T 134 9.00 -52.16 -86.41
C TYR T 134 8.00 -51.19 -85.80
N ALA T 135 8.05 -51.08 -84.47
CA ALA T 135 7.16 -50.18 -83.74
C ALA T 135 7.74 -49.85 -82.37
N VAL T 136 7.37 -48.69 -81.84
CA VAL T 136 7.79 -48.30 -80.50
C VAL T 136 6.57 -48.16 -79.60
N LEU T 137 6.29 -49.21 -78.83
CA LEU T 137 5.14 -49.22 -77.94
C LEU T 137 5.39 -48.34 -76.71
N ASP T 138 4.33 -47.71 -76.23
CA ASP T 138 4.44 -46.84 -75.05
C ASP T 138 3.88 -47.56 -73.83
N TYR T 139 4.75 -47.92 -72.90
CA TYR T 139 4.35 -48.69 -71.72
C TYR T 139 4.06 -47.82 -70.51
N THR T 140 4.27 -46.53 -70.62
CA THR T 140 3.98 -45.62 -69.52
C THR T 140 2.47 -45.57 -69.30
N ASN T 141 2.08 -45.26 -68.06
CA ASN T 141 0.66 -45.25 -67.67
C ASN T 141 -0.03 -46.57 -67.97
N SER T 142 0.70 -47.67 -67.83
CA SER T 142 0.17 -49.00 -68.10
C SER T 142 0.69 -50.01 -67.09
N GLU T 143 -0.04 -51.11 -66.92
CA GLU T 143 0.36 -52.17 -66.01
C GLU T 143 1.44 -53.04 -66.65
N ILE T 144 2.67 -52.87 -66.19
CA ILE T 144 3.80 -53.64 -66.71
C ILE T 144 4.63 -54.25 -65.58
N ILE T 145 5.49 -55.19 -65.93
CA ILE T 145 6.40 -55.78 -64.96
C ILE T 145 7.79 -55.19 -65.12
N LYS T 146 8.16 -54.29 -64.21
CA LYS T 146 9.46 -53.64 -64.24
C LYS T 146 10.49 -54.47 -63.50
N ARG T 147 11.63 -54.72 -64.12
CA ARG T 147 12.68 -55.55 -63.53
C ARG T 147 14.09 -55.08 -63.83
N GLU T 148 14.88 -54.91 -62.77
CA GLU T 148 16.32 -54.70 -62.90
C GLU T 148 17.04 -55.86 -62.23
N LEU T 149 18.32 -56.02 -62.54
CA LEU T 149 19.11 -57.06 -61.90
C LEU T 149 20.33 -56.44 -61.23
N VAL T 150 20.56 -56.77 -59.96
CA VAL T 150 21.69 -56.23 -59.22
C VAL T 150 22.50 -57.33 -58.55
N MET T 151 23.82 -57.26 -58.72
CA MET T 151 24.73 -58.15 -58.01
C MET T 151 25.74 -57.32 -57.22
N ALA T 152 25.60 -57.34 -55.90
CA ALA T 152 26.43 -56.50 -55.04
C ALA T 152 27.31 -57.33 -54.11
N ARG T 153 28.59 -56.99 -54.06
CA ARG T 153 29.51 -57.62 -53.12
C ARG T 153 29.53 -56.81 -51.83
N ILE T 154 29.08 -57.42 -50.74
CA ILE T 154 28.92 -56.71 -49.48
C ILE T 154 29.90 -57.22 -48.42
N SER T 155 30.57 -56.30 -47.75
CA SER T 155 31.56 -56.65 -46.73
C SER T 155 30.89 -57.20 -45.47
N LEU T 156 31.58 -58.11 -44.79
CA LEU T 156 31.05 -58.75 -43.59
C LEU T 156 31.81 -58.31 -42.35
N LEU T 157 32.65 -57.29 -42.49
CA LEU T 157 33.53 -56.87 -41.40
C LEU T 157 33.06 -55.59 -40.72
N GLY T 158 31.88 -55.10 -41.09
CA GLY T 158 31.30 -53.94 -40.44
C GLY T 158 31.71 -52.61 -41.07
N THR T 159 31.14 -51.53 -40.54
CA THR T 159 31.38 -50.19 -41.08
C THR T 159 32.80 -49.71 -40.77
N GLU T 160 33.33 -50.13 -39.63
CA GLU T 160 34.68 -49.75 -39.22
C GLU T 160 35.73 -50.14 -40.25
N TYR T 161 35.62 -51.37 -40.75
CA TYR T 161 36.55 -51.87 -41.76
C TYR T 161 36.29 -51.22 -43.12
N PHE T 162 35.04 -50.84 -43.37
CA PHE T 162 34.66 -50.25 -44.64
C PHE T 162 35.26 -48.85 -44.81
N GLU T 163 35.24 -48.06 -43.73
CA GLU T 163 35.84 -46.73 -43.75
C GLU T 163 37.35 -46.84 -43.93
N ASP T 164 37.93 -47.91 -43.39
CA ASP T 164 39.36 -48.17 -43.51
C ASP T 164 39.73 -48.45 -44.96
N LEU T 165 38.95 -49.33 -45.60
CA LEU T 165 39.24 -49.76 -46.96
C LEU T 165 39.09 -48.63 -47.97
N LEU T 166 38.07 -47.80 -47.78
CA LEU T 166 37.82 -46.69 -48.70
C LEU T 166 38.86 -45.57 -48.53
N LEU T 167 39.27 -45.32 -47.29
CA LEU T 167 40.25 -44.29 -47.01
C LEU T 167 41.62 -44.74 -47.51
N HIS T 168 41.77 -46.03 -47.75
CA HIS T 168 43.00 -46.58 -48.32
C HIS T 168 43.04 -46.35 -49.83
N HIS T 169 41.96 -46.71 -50.51
CA HIS T 169 41.89 -46.58 -51.97
C HIS T 169 41.65 -45.13 -52.40
N HIS T 170 41.40 -44.26 -51.43
CA HIS T 170 41.19 -42.84 -51.71
C HIS T 170 42.53 -42.14 -52.00
N THR T 171 43.62 -42.77 -51.59
CA THR T 171 44.94 -42.20 -51.77
C THR T 171 45.48 -42.38 -53.19
N SER T 172 44.58 -42.57 -54.14
CA SER T 172 44.96 -42.73 -55.54
C SER T 172 45.44 -41.41 -56.14
N GLU T 182 46.60 -39.62 -41.97
CA GLU T 182 46.66 -39.79 -40.53
C GLU T 182 45.28 -39.72 -39.90
N LEU T 183 44.27 -39.52 -40.73
CA LEU T 183 42.88 -39.48 -40.27
C LEU T 183 42.37 -40.90 -40.06
N VAL T 184 43.03 -41.86 -40.70
CA VAL T 184 42.66 -43.27 -40.59
C VAL T 184 43.02 -43.83 -39.21
N ALA T 185 43.90 -43.12 -38.51
CA ALA T 185 44.32 -43.54 -37.17
C ALA T 185 43.17 -43.51 -36.18
N GLU T 186 42.19 -42.63 -36.43
CA GLU T 186 41.02 -42.52 -35.58
C GLU T 186 40.01 -43.62 -35.91
N ILE T 187 39.98 -44.02 -37.17
CA ILE T 187 39.08 -45.08 -37.62
C ILE T 187 39.53 -46.43 -37.07
N ARG T 188 40.83 -46.67 -37.11
CA ARG T 188 41.38 -47.96 -36.70
C ARG T 188 41.44 -48.15 -35.18
N GLU T 189 40.90 -47.20 -34.44
CA GLU T 189 40.86 -47.33 -32.99
C GLU T 189 39.41 -47.32 -32.47
N LYS T 190 38.46 -47.44 -33.39
CA LYS T 190 37.06 -47.56 -33.02
C LYS T 190 36.81 -48.88 -32.31
N GLN T 191 35.76 -48.93 -31.51
CA GLN T 191 35.49 -50.10 -30.66
C GLN T 191 35.26 -51.38 -31.45
N PHE T 192 34.51 -51.29 -32.54
CA PHE T 192 34.17 -52.48 -33.32
C PHE T 192 35.00 -52.64 -34.58
N HIS T 193 36.25 -52.19 -34.51
CA HIS T 193 37.21 -52.44 -35.60
C HIS T 193 37.92 -53.75 -35.32
N PRO T 194 38.02 -54.62 -36.33
CA PRO T 194 38.61 -55.97 -36.21
C PRO T 194 39.97 -55.99 -35.52
N ALA T 195 40.72 -54.90 -35.60
CA ALA T 195 42.02 -54.82 -34.97
C ALA T 195 41.92 -54.63 -33.46
N ASN T 196 40.73 -54.27 -32.99
CA ASN T 196 40.52 -54.03 -31.57
C ASN T 196 39.70 -55.13 -30.89
N LEU T 197 39.31 -56.13 -31.67
CA LEU T 197 38.49 -57.22 -31.16
C LEU T 197 39.18 -58.57 -31.33
N PRO T 198 38.94 -59.49 -30.38
CA PRO T 198 39.44 -60.86 -30.52
C PRO T 198 38.82 -61.52 -31.75
N ALA T 199 39.64 -62.17 -32.57
CA ALA T 199 39.18 -62.71 -33.84
C ALA T 199 38.27 -63.93 -33.67
N SER T 200 37.85 -64.19 -32.44
CA SER T 200 36.83 -65.20 -32.17
C SER T 200 35.46 -64.53 -32.19
N GLU T 201 35.44 -63.24 -31.88
CA GLU T 201 34.21 -62.46 -31.92
C GLU T 201 33.99 -61.89 -33.31
N VAL T 202 35.10 -61.64 -34.01
CA VAL T 202 35.04 -61.17 -35.39
C VAL T 202 34.35 -62.21 -36.26
N LEU T 203 34.59 -63.49 -35.95
CA LEU T 203 33.93 -64.60 -36.64
C LEU T 203 32.42 -64.52 -36.47
N ARG T 204 31.98 -64.22 -35.25
CA ARG T 204 30.56 -64.13 -34.95
C ARG T 204 29.94 -62.89 -35.61
N LEU T 205 30.66 -61.78 -35.55
CA LEU T 205 30.18 -60.54 -36.16
C LEU T 205 30.08 -60.67 -37.68
N LYS T 206 30.95 -61.48 -38.26
CA LYS T 206 30.90 -61.75 -39.69
C LYS T 206 29.64 -62.50 -40.07
N HIS T 207 29.32 -63.54 -39.30
CA HIS T 207 28.14 -64.36 -39.56
C HIS T 207 26.87 -63.66 -39.09
N GLU T 208 26.99 -62.77 -38.11
CA GLU T 208 25.85 -61.98 -37.67
C GLU T 208 25.46 -61.00 -38.77
N HIS T 209 26.47 -60.34 -39.35
CA HIS T 209 26.25 -59.45 -40.47
C HIS T 209 25.71 -60.22 -41.66
N LEU T 210 26.25 -61.41 -41.89
CA LEU T 210 25.83 -62.25 -43.00
C LEU T 210 24.35 -62.62 -42.89
N ASN T 211 23.91 -62.92 -41.66
CA ASN T 211 22.51 -63.24 -41.43
C ASN T 211 21.61 -62.00 -41.57
N ASP T 212 22.13 -60.85 -41.15
CA ASP T 212 21.40 -59.60 -41.28
C ASP T 212 21.20 -59.25 -42.74
N ILE T 213 22.19 -59.61 -43.56
CA ILE T 213 22.11 -59.37 -45.00
C ILE T 213 21.24 -60.43 -45.68
N THR T 214 21.43 -61.69 -45.27
CA THR T 214 20.67 -62.79 -45.84
C THR T 214 19.17 -62.64 -45.60
N ASN T 215 18.80 -62.40 -44.34
CA ASN T 215 17.39 -62.17 -43.98
C ASN T 215 16.81 -60.98 -44.72
N LEU T 216 17.62 -59.92 -44.84
CA LEU T 216 17.22 -58.73 -45.58
C LEU T 216 17.05 -59.05 -47.05
N THR T 217 17.93 -59.91 -47.57
CA THR T 217 17.86 -60.34 -48.97
C THR T 217 16.68 -61.29 -49.17
N ASN T 218 16.43 -62.14 -48.18
CA ASN T 218 15.32 -63.09 -48.23
C ASN T 218 13.97 -62.39 -48.22
N ASN T 219 13.90 -61.25 -47.54
CA ASN T 219 12.67 -60.46 -47.48
C ASN T 219 12.32 -59.94 -48.86
N PHE T 220 13.33 -59.48 -49.59
CA PHE T 220 13.16 -59.15 -51.00
C PHE T 220 13.19 -60.44 -51.81
N GLY T 221 12.98 -60.35 -53.12
CA GLY T 221 12.99 -61.53 -53.95
C GLY T 221 14.40 -61.96 -54.34
N GLY T 222 15.33 -61.91 -53.39
CA GLY T 222 16.73 -62.14 -53.67
C GLY T 222 17.32 -63.37 -53.01
N ARG T 223 18.62 -63.57 -53.21
CA ARG T 223 19.32 -64.72 -52.68
C ARG T 223 20.82 -64.45 -52.55
N VAL T 224 21.46 -65.11 -51.60
CA VAL T 224 22.91 -65.03 -51.44
C VAL T 224 23.58 -66.12 -52.27
N VAL T 225 24.38 -65.72 -53.26
CA VAL T 225 24.95 -66.66 -54.21
C VAL T 225 26.38 -67.08 -53.85
N ASP T 226 27.12 -66.18 -53.21
CA ASP T 226 28.51 -66.45 -52.86
C ASP T 226 28.86 -66.02 -51.44
N ILE T 227 29.66 -66.83 -50.76
CA ILE T 227 30.14 -66.50 -49.43
C ILE T 227 31.64 -66.72 -49.29
N SER T 228 32.35 -65.67 -48.86
CA SER T 228 33.78 -65.79 -48.55
C SER T 228 34.00 -65.50 -47.07
N GLU T 229 35.25 -65.38 -46.67
CA GLU T 229 35.56 -65.14 -45.26
C GLU T 229 35.71 -63.65 -44.96
N THR T 230 35.33 -62.81 -45.91
CA THR T 230 35.39 -61.36 -45.72
C THR T 230 34.18 -60.65 -46.31
N SER T 231 33.50 -61.32 -47.24
CA SER T 231 32.36 -60.71 -47.91
C SER T 231 31.43 -61.75 -48.53
N CYS T 232 30.31 -61.27 -49.08
CA CYS T 232 29.36 -62.14 -49.77
C CYS T 232 28.79 -61.43 -50.99
N ILE T 233 28.20 -62.19 -51.90
CA ILE T 233 27.58 -61.62 -53.09
C ILE T 233 26.09 -61.91 -53.10
N VAL T 234 25.29 -60.85 -53.22
CA VAL T 234 23.84 -60.99 -53.22
C VAL T 234 23.27 -60.74 -54.62
N GLU T 235 22.20 -61.48 -54.95
CA GLU T 235 21.55 -61.36 -56.24
C GLU T 235 20.08 -61.03 -56.06
N LEU T 236 19.61 -59.98 -56.73
CA LEU T 236 18.22 -59.55 -56.59
C LEU T 236 17.66 -59.00 -57.90
N SER T 237 16.51 -59.53 -58.30
CA SER T 237 15.81 -59.04 -59.48
C SER T 237 14.46 -58.46 -59.12
N ALA T 238 14.36 -57.14 -59.14
CA ALA T 238 13.12 -56.45 -58.80
C ALA T 238 12.98 -55.16 -59.58
N LYS T 239 11.88 -54.45 -59.37
CA LYS T 239 11.67 -53.16 -60.00
C LYS T 239 12.63 -52.13 -59.41
N PRO T 240 13.08 -51.17 -60.24
CA PRO T 240 14.09 -50.16 -59.87
C PRO T 240 13.81 -49.47 -58.53
N THR T 241 12.54 -49.25 -58.21
CA THR T 241 12.16 -48.65 -56.94
C THR T 241 12.55 -49.57 -55.78
N ARG T 242 12.35 -50.87 -55.97
CA ARG T 242 12.60 -51.85 -54.92
C ARG T 242 14.09 -52.13 -54.75
N ILE T 243 14.82 -52.16 -55.86
CA ILE T 243 16.26 -52.40 -55.81
C ILE T 243 17.00 -51.22 -55.18
N SER T 244 16.57 -50.01 -55.52
CA SER T 244 17.15 -48.80 -54.94
C SER T 244 17.02 -48.81 -53.41
N ALA T 245 15.87 -49.26 -52.93
CA ALA T 245 15.61 -49.34 -51.50
C ALA T 245 16.47 -50.43 -50.85
N PHE T 246 16.65 -51.52 -51.57
CA PHE T 246 17.45 -52.64 -51.08
C PHE T 246 18.91 -52.25 -50.89
N LEU T 247 19.45 -51.53 -51.86
CA LEU T 247 20.85 -51.10 -51.81
C LEU T 247 21.07 -50.06 -50.72
N LYS T 248 20.02 -49.34 -50.36
CA LYS T 248 20.10 -48.34 -49.30
C LYS T 248 20.10 -49.01 -47.93
N LEU T 249 19.64 -50.25 -47.88
CA LEU T 249 19.56 -51.00 -46.64
C LEU T 249 20.83 -51.81 -46.37
N VAL T 250 21.46 -52.28 -47.44
CA VAL T 250 22.70 -53.04 -47.32
C VAL T 250 23.90 -52.08 -47.34
N GLU T 251 23.64 -50.83 -47.65
CA GLU T 251 24.66 -49.78 -47.71
C GLU T 251 25.51 -49.64 -46.43
N PRO T 252 24.86 -49.65 -45.25
CA PRO T 252 25.69 -49.51 -44.04
C PRO T 252 26.70 -50.65 -43.83
N PHE T 253 26.39 -51.83 -44.37
CA PHE T 253 27.28 -52.98 -44.23
C PHE T 253 28.56 -52.79 -45.04
N GLY T 254 28.45 -52.02 -46.12
CA GLY T 254 29.60 -51.73 -46.96
C GLY T 254 29.56 -52.46 -48.28
N VAL T 255 29.11 -51.76 -49.32
CA VAL T 255 29.05 -52.32 -50.66
C VAL T 255 30.42 -52.24 -51.33
N LEU T 256 31.13 -53.38 -51.36
CA LEU T 256 32.45 -53.44 -51.95
C LEU T 256 32.41 -53.26 -53.46
N GLU T 257 31.57 -54.05 -54.12
CA GLU T 257 31.49 -54.05 -55.57
C GLU T 257 30.04 -54.24 -56.01
N CYS T 258 29.53 -53.31 -56.81
CA CYS T 258 28.13 -53.36 -57.23
C CYS T 258 27.99 -53.35 -58.75
N ALA T 259 26.84 -53.84 -59.22
CA ALA T 259 26.54 -53.89 -60.65
C ALA T 259 25.03 -53.96 -60.89
N ARG T 260 24.40 -52.80 -61.05
CA ARG T 260 22.97 -52.74 -61.29
C ARG T 260 22.64 -52.62 -62.76
N SER T 261 21.81 -53.53 -63.26
CA SER T 261 21.43 -53.55 -64.68
C SER T 261 20.42 -52.46 -65.02
N GLY T 262 19.90 -52.51 -66.24
CA GLY T 262 18.85 -51.62 -66.67
C GLY T 262 17.49 -52.25 -66.45
N MET T 263 16.42 -51.53 -66.79
CA MET T 263 15.07 -52.01 -66.55
C MET T 263 14.48 -52.71 -67.77
N MET T 264 14.07 -53.97 -67.59
CA MET T 264 13.29 -54.66 -68.60
C MET T 264 11.82 -54.47 -68.31
N ALA T 265 10.95 -54.77 -69.27
CA ALA T 265 9.52 -54.55 -69.08
C ALA T 265 8.65 -55.45 -69.96
N LEU T 266 7.70 -56.13 -69.32
CA LEU T 266 6.67 -56.87 -70.03
C LEU T 266 5.30 -56.37 -69.58
N PRO T 267 4.39 -56.15 -70.53
CA PRO T 267 3.05 -55.65 -70.22
C PRO T 267 2.23 -56.68 -69.45
N ARG T 268 1.51 -56.22 -68.42
CA ARG T 268 0.67 -57.10 -67.63
C ARG T 268 -0.76 -57.04 -68.15
N THR T 269 -1.60 -57.98 -67.72
CA THR T 269 -2.99 -57.98 -68.11
C THR T 269 -3.88 -57.74 -66.89
N PRO T 270 -4.43 -56.53 -66.77
CA PRO T 270 -5.28 -56.14 -65.64
C PRO T 270 -6.58 -56.94 -65.58
N LEU T 271 -6.62 -57.93 -64.70
CA LEU T 271 -7.81 -58.76 -64.55
C LEU T 271 -8.70 -58.28 -63.41
N LYS T 272 -9.99 -58.21 -63.68
CA LYS T 272 -10.97 -57.82 -62.67
C LYS T 272 -12.25 -58.64 -62.85
N THR T 273 -12.91 -58.93 -61.73
CA THR T 273 -14.07 -59.81 -61.71
C THR T 273 -15.21 -59.30 -62.59
N SER T 274 -16.14 -60.20 -62.90
CA SER T 274 -17.29 -59.87 -63.75
C SER T 274 -18.17 -58.79 -63.13
N THR T 275 -18.14 -58.70 -61.80
CA THR T 275 -18.89 -57.67 -61.10
C THR T 275 -18.27 -56.29 -61.35
N GLU T 276 -16.95 -56.22 -61.25
CA GLU T 276 -16.23 -54.97 -61.52
C GLU T 276 -16.03 -54.76 -63.02
N GLU T 277 -16.34 -55.78 -63.81
CA GLU T 277 -16.27 -55.68 -65.26
C GLU T 277 -17.61 -55.17 -65.80
N ALA T 278 -18.13 -54.12 -65.17
CA ALA T 278 -19.41 -53.53 -65.56
C ALA T 278 -19.39 -52.02 -65.35
N ALA T 279 -18.56 -51.34 -66.14
CA ALA T 279 -18.45 -49.88 -66.05
C ALA T 279 -19.36 -49.20 -67.06
N ASP U 41 -9.00 -27.04 -13.26
CA ASP U 41 -9.14 -28.24 -14.07
C ASP U 41 -10.19 -29.19 -13.48
N MET U 42 -9.97 -29.61 -12.25
CA MET U 42 -10.89 -30.50 -11.56
C MET U 42 -11.78 -29.71 -10.60
N ASP U 43 -12.89 -29.20 -11.11
CA ASP U 43 -13.78 -28.33 -10.35
C ASP U 43 -14.73 -29.12 -9.46
N THR U 44 -15.02 -28.58 -8.27
CA THR U 44 -15.95 -29.19 -7.34
C THR U 44 -16.99 -28.18 -6.87
N SER U 45 -17.18 -27.12 -7.64
CA SER U 45 -18.12 -26.06 -7.27
C SER U 45 -19.56 -26.46 -7.55
N PHE U 46 -19.75 -27.43 -8.43
CA PHE U 46 -21.09 -27.88 -8.80
C PHE U 46 -21.56 -29.05 -7.95
N VAL U 47 -20.69 -29.51 -7.06
CA VAL U 47 -21.02 -30.66 -6.20
C VAL U 47 -22.20 -30.35 -5.29
N GLY U 48 -23.24 -31.18 -5.39
CA GLY U 48 -24.43 -31.00 -4.59
C GLY U 48 -25.59 -30.45 -5.40
N LEU U 49 -25.27 -29.85 -6.53
CA LEU U 49 -26.29 -29.28 -7.42
C LEU U 49 -26.88 -30.35 -8.33
N THR U 50 -28.16 -30.20 -8.64
CA THR U 50 -28.81 -31.09 -9.60
C THR U 50 -28.43 -30.65 -11.01
N GLY U 51 -28.72 -31.49 -12.00
CA GLY U 51 -28.40 -31.18 -13.38
C GLY U 51 -29.00 -29.88 -13.86
N GLY U 52 -30.24 -29.62 -13.46
CA GLY U 52 -30.91 -28.39 -13.82
C GLY U 52 -30.25 -27.18 -13.18
N GLN U 53 -29.87 -27.31 -11.91
CA GLN U 53 -29.22 -26.24 -11.18
C GLN U 53 -27.86 -25.92 -11.80
N ILE U 54 -27.20 -26.94 -12.33
CA ILE U 54 -25.94 -26.75 -13.04
C ILE U 54 -26.17 -25.96 -14.32
N PHE U 55 -27.19 -26.34 -15.08
CA PHE U 55 -27.54 -25.66 -16.32
C PHE U 55 -27.80 -24.17 -16.08
N ASN U 56 -28.59 -23.87 -15.05
CA ASN U 56 -28.89 -22.50 -14.70
C ASN U 56 -27.63 -21.69 -14.38
N GLU U 57 -26.68 -22.35 -13.72
CA GLU U 57 -25.42 -21.71 -13.37
C GLU U 57 -24.53 -21.53 -14.60
N MET U 58 -24.57 -22.51 -15.50
CA MET U 58 -23.76 -22.46 -16.72
C MET U 58 -24.17 -21.32 -17.63
N MET U 59 -25.46 -20.95 -17.58
CA MET U 59 -25.97 -19.87 -18.40
C MET U 59 -25.32 -18.54 -18.04
N SER U 60 -25.21 -18.26 -16.75
CA SER U 60 -24.59 -17.03 -16.29
C SER U 60 -23.08 -17.07 -16.53
N ARG U 61 -22.51 -18.27 -16.50
CA ARG U 61 -21.10 -18.44 -16.79
C ARG U 61 -20.83 -18.26 -18.28
N GLN U 62 -21.84 -18.52 -19.09
CA GLN U 62 -21.75 -18.30 -20.53
C GLN U 62 -22.28 -16.91 -20.91
N ASN U 63 -22.50 -16.08 -19.89
CA ASN U 63 -23.00 -14.73 -20.06
C ASN U 63 -24.29 -14.68 -20.88
N VAL U 64 -25.16 -15.67 -20.64
CA VAL U 64 -26.46 -15.72 -21.31
C VAL U 64 -27.49 -14.91 -20.53
N ASP U 65 -28.20 -14.03 -21.24
CA ASP U 65 -29.18 -13.16 -20.60
C ASP U 65 -30.59 -13.43 -21.10
N THR U 66 -30.70 -14.14 -22.23
CA THR U 66 -32.01 -14.42 -22.82
C THR U 66 -32.11 -15.87 -23.28
N VAL U 67 -33.18 -16.55 -22.87
CA VAL U 67 -33.40 -17.94 -23.25
C VAL U 67 -34.79 -18.15 -23.85
N PHE U 68 -34.83 -18.66 -25.08
CA PHE U 68 -36.10 -18.95 -25.75
C PHE U 68 -36.43 -20.43 -25.63
N GLY U 69 -37.59 -20.75 -25.06
CA GLY U 69 -37.96 -22.14 -24.89
C GLY U 69 -39.41 -22.44 -24.58
N TYR U 70 -39.78 -23.71 -24.75
CA TYR U 70 -41.13 -24.16 -24.46
C TYR U 70 -41.07 -25.41 -23.58
N PRO U 71 -41.80 -25.42 -22.46
CA PRO U 71 -41.76 -26.51 -21.47
C PRO U 71 -42.18 -27.87 -22.01
N GLY U 72 -41.98 -28.89 -21.19
CA GLY U 72 -42.33 -30.25 -21.54
C GLY U 72 -41.96 -31.20 -20.42
N GLY U 73 -42.44 -32.43 -20.48
CA GLY U 73 -42.22 -33.39 -19.42
C GLY U 73 -40.77 -33.79 -19.21
N ALA U 74 -40.05 -34.03 -20.30
CA ALA U 74 -38.68 -34.52 -20.22
C ALA U 74 -37.69 -33.43 -19.82
N ILE U 75 -38.12 -32.17 -19.92
CA ILE U 75 -37.24 -31.04 -19.64
C ILE U 75 -37.66 -30.35 -18.34
N LEU U 76 -38.57 -30.99 -17.62
CA LEU U 76 -39.07 -30.44 -16.35
C LEU U 76 -38.00 -30.15 -15.28
N PRO U 77 -37.02 -31.06 -15.08
CA PRO U 77 -36.02 -30.74 -14.05
C PRO U 77 -35.23 -29.46 -14.34
N VAL U 78 -35.04 -29.15 -15.61
CA VAL U 78 -34.32 -27.95 -16.00
C VAL U 78 -35.16 -26.71 -15.73
N TYR U 79 -36.43 -26.77 -16.11
CA TYR U 79 -37.34 -25.64 -15.92
C TYR U 79 -37.57 -25.34 -14.45
N ASP U 80 -37.61 -26.38 -13.62
CA ASP U 80 -37.82 -26.21 -12.19
C ASP U 80 -36.65 -25.44 -11.55
N ALA U 81 -35.45 -25.66 -12.07
CA ALA U 81 -34.27 -25.03 -11.53
C ALA U 81 -34.13 -23.58 -11.98
N ILE U 82 -34.62 -23.29 -13.18
CA ILE U 82 -34.55 -21.93 -13.73
C ILE U 82 -35.82 -21.14 -13.46
N HIS U 83 -36.65 -21.67 -12.57
CA HIS U 83 -37.91 -21.02 -12.20
C HIS U 83 -37.64 -19.69 -11.49
N ASN U 84 -38.20 -18.61 -12.04
CA ASN U 84 -38.02 -17.27 -11.50
C ASN U 84 -36.54 -16.92 -11.32
N SER U 85 -35.72 -17.33 -12.29
CA SER U 85 -34.28 -17.09 -12.23
C SER U 85 -33.94 -15.66 -12.60
N ASP U 86 -33.02 -15.07 -11.85
CA ASP U 86 -32.56 -13.71 -12.12
C ASP U 86 -31.24 -13.71 -12.87
N LYS U 87 -30.89 -14.86 -13.44
CA LYS U 87 -29.65 -15.02 -14.17
C LYS U 87 -29.84 -14.67 -15.65
N PHE U 88 -31.09 -14.76 -16.11
CA PHE U 88 -31.41 -14.49 -17.51
C PHE U 88 -32.91 -14.28 -17.72
N ASN U 89 -33.25 -13.63 -18.82
CA ASN U 89 -34.66 -13.43 -19.19
C ASN U 89 -35.19 -14.60 -20.03
N PHE U 90 -36.46 -14.92 -19.86
CA PHE U 90 -37.06 -16.03 -20.60
C PHE U 90 -38.18 -15.53 -21.51
N VAL U 91 -38.19 -16.04 -22.74
CA VAL U 91 -39.22 -15.66 -23.71
C VAL U 91 -39.98 -16.89 -24.17
N LEU U 92 -41.21 -17.04 -23.68
CA LEU U 92 -42.05 -18.17 -24.03
C LEU U 92 -42.83 -17.91 -25.31
N PRO U 93 -42.53 -18.69 -26.36
CA PRO U 93 -43.24 -18.55 -27.63
C PRO U 93 -44.54 -19.34 -27.63
N LYS U 94 -45.04 -19.65 -28.82
CA LYS U 94 -46.21 -20.50 -28.97
C LYS U 94 -45.78 -21.81 -29.61
N HIS U 95 -45.02 -21.69 -30.71
CA HIS U 95 -44.46 -22.84 -31.40
C HIS U 95 -42.95 -22.86 -31.16
N GLU U 96 -42.36 -24.05 -31.08
CA GLU U 96 -40.92 -24.17 -30.87
C GLU U 96 -40.13 -23.64 -32.07
N GLN U 97 -40.76 -23.70 -33.25
CA GLN U 97 -40.15 -23.15 -34.45
C GLN U 97 -39.92 -21.65 -34.27
N GLY U 98 -40.86 -21.00 -33.62
CA GLY U 98 -40.74 -19.59 -33.30
C GLY U 98 -39.54 -19.36 -32.41
N ALA U 99 -39.42 -20.18 -31.37
CA ALA U 99 -38.31 -20.08 -30.42
C ALA U 99 -36.97 -20.16 -31.13
N GLY U 100 -36.89 -21.01 -32.14
CA GLY U 100 -35.68 -21.16 -32.93
C GLY U 100 -35.38 -19.90 -33.72
N HIS U 101 -36.39 -19.39 -34.41
CA HIS U 101 -36.22 -18.18 -35.21
C HIS U 101 -36.04 -16.95 -34.34
N MET U 102 -36.65 -16.97 -33.15
CA MET U 102 -36.48 -15.89 -32.17
C MET U 102 -35.02 -15.81 -31.73
N ALA U 103 -34.42 -16.97 -31.51
CA ALA U 103 -33.03 -17.05 -31.09
C ALA U 103 -32.10 -16.57 -32.21
N GLU U 104 -32.49 -16.85 -33.45
CA GLU U 104 -31.71 -16.41 -34.61
C GLU U 104 -31.73 -14.89 -34.71
N GLY U 105 -32.92 -14.30 -34.55
CA GLY U 105 -33.07 -12.87 -34.56
C GLY U 105 -32.27 -12.22 -33.45
N TYR U 106 -32.27 -12.86 -32.28
CA TYR U 106 -31.49 -12.40 -31.15
C TYR U 106 -30.00 -12.50 -31.44
N ALA U 107 -29.61 -13.55 -32.16
CA ALA U 107 -28.21 -13.82 -32.44
C ALA U 107 -27.63 -12.81 -33.44
N ARG U 108 -28.34 -12.57 -34.53
CA ARG U 108 -27.84 -11.70 -35.58
C ARG U 108 -27.88 -10.23 -35.19
N ALA U 109 -28.66 -9.91 -34.16
CA ALA U 109 -28.80 -8.54 -33.71
C ALA U 109 -27.77 -8.19 -32.63
N SER U 110 -27.64 -9.06 -31.63
CA SER U 110 -26.77 -8.79 -30.50
C SER U 110 -25.35 -9.32 -30.71
N GLY U 111 -25.23 -10.36 -31.54
CA GLY U 111 -23.94 -10.99 -31.78
C GLY U 111 -23.70 -12.15 -30.85
N LYS U 112 -24.49 -12.21 -29.77
CA LYS U 112 -24.40 -13.29 -28.81
C LYS U 112 -25.21 -14.50 -29.29
N PRO U 113 -24.76 -15.71 -28.92
CA PRO U 113 -25.47 -16.93 -29.32
C PRO U 113 -26.89 -16.98 -28.76
N GLY U 114 -27.84 -17.45 -29.58
CA GLY U 114 -29.21 -17.61 -29.14
C GLY U 114 -29.42 -18.97 -28.53
N VAL U 115 -29.86 -18.99 -27.27
CA VAL U 115 -30.03 -20.24 -26.54
C VAL U 115 -31.47 -20.74 -26.62
N VAL U 116 -31.64 -21.98 -27.06
CA VAL U 116 -32.96 -22.59 -27.16
C VAL U 116 -33.13 -23.73 -26.16
N LEU U 117 -34.22 -23.70 -25.40
CA LEU U 117 -34.48 -24.72 -24.40
C LEU U 117 -35.85 -25.37 -24.59
N VAL U 118 -35.90 -26.42 -25.41
CA VAL U 118 -37.16 -27.11 -25.68
C VAL U 118 -37.19 -28.50 -25.03
N THR U 119 -38.28 -29.22 -25.25
CA THR U 119 -38.45 -30.55 -24.66
C THR U 119 -38.13 -31.64 -25.67
N SER U 120 -38.30 -32.89 -25.25
CA SER U 120 -38.00 -34.04 -26.10
C SER U 120 -39.08 -34.28 -27.14
N GLY U 121 -38.85 -35.26 -28.01
CA GLY U 121 -39.83 -35.66 -29.01
C GLY U 121 -40.22 -34.56 -29.97
N PRO U 122 -41.50 -34.16 -29.94
CA PRO U 122 -42.04 -33.13 -30.82
C PRO U 122 -41.43 -31.76 -30.53
N GLY U 123 -40.96 -31.58 -29.30
CA GLY U 123 -40.34 -30.33 -28.91
C GLY U 123 -39.04 -30.07 -29.64
N ALA U 124 -38.31 -31.15 -29.92
CA ALA U 124 -37.02 -31.04 -30.59
C ALA U 124 -37.18 -31.01 -32.11
N THR U 125 -38.12 -31.80 -32.62
CA THR U 125 -38.33 -31.88 -34.07
C THR U 125 -38.95 -30.61 -34.63
N ASN U 126 -39.42 -29.73 -33.75
CA ASN U 126 -40.00 -28.46 -34.17
C ASN U 126 -38.94 -27.37 -34.28
N VAL U 127 -37.72 -27.69 -33.90
CA VAL U 127 -36.61 -26.74 -33.97
C VAL U 127 -35.65 -27.14 -35.09
N VAL U 128 -36.02 -28.16 -35.85
CA VAL U 128 -35.19 -28.66 -36.94
C VAL U 128 -35.03 -27.60 -38.04
N THR U 129 -36.14 -27.00 -38.46
CA THR U 129 -36.12 -26.01 -39.52
C THR U 129 -35.30 -24.76 -39.15
N PRO U 130 -35.50 -24.19 -37.94
CA PRO U 130 -34.61 -23.06 -37.63
C PRO U 130 -33.16 -23.49 -37.41
N MET U 131 -32.94 -24.74 -37.03
CA MET U 131 -31.58 -25.26 -36.91
C MET U 131 -30.93 -25.38 -38.28
N ALA U 132 -31.68 -25.93 -39.23
CA ALA U 132 -31.20 -26.07 -40.60
C ALA U 132 -30.99 -24.69 -41.23
N ASP U 133 -31.82 -23.74 -40.82
CA ASP U 133 -31.72 -22.37 -41.32
C ASP U 133 -30.49 -21.68 -40.74
N ALA U 134 -30.16 -21.99 -39.50
CA ALA U 134 -29.01 -21.41 -38.84
C ALA U 134 -27.71 -22.08 -39.31
N PHE U 135 -27.84 -23.31 -39.80
CA PHE U 135 -26.68 -24.03 -40.31
C PHE U 135 -26.31 -23.54 -41.70
N ALA U 136 -27.31 -23.05 -42.43
CA ALA U 136 -27.08 -22.52 -43.77
C ALA U 136 -26.51 -21.10 -43.71
N ASP U 137 -27.19 -20.23 -42.98
CA ASP U 137 -26.76 -18.83 -42.86
C ASP U 137 -25.58 -18.67 -41.91
N GLY U 138 -25.25 -19.72 -41.18
CA GLY U 138 -24.16 -19.68 -40.22
C GLY U 138 -24.48 -18.79 -39.04
N ILE U 139 -25.49 -19.18 -38.28
CA ILE U 139 -25.94 -18.39 -37.14
C ILE U 139 -25.64 -19.11 -35.83
N PRO U 140 -24.93 -18.42 -34.92
CA PRO U 140 -24.55 -19.01 -33.62
C PRO U 140 -25.78 -19.30 -32.75
N MET U 141 -26.00 -20.57 -32.45
CA MET U 141 -27.18 -20.98 -31.69
C MET U 141 -26.90 -22.27 -30.92
N VAL U 142 -27.24 -22.27 -29.63
CA VAL U 142 -27.07 -23.47 -28.81
C VAL U 142 -28.43 -24.00 -28.37
N VAL U 143 -28.82 -25.13 -28.94
CA VAL U 143 -30.14 -25.70 -28.70
C VAL U 143 -30.11 -26.83 -27.68
N PHE U 144 -30.70 -26.59 -26.51
CA PHE U 144 -30.82 -27.62 -25.49
C PHE U 144 -32.19 -28.31 -25.59
N THR U 145 -32.19 -29.57 -25.99
CA THR U 145 -33.42 -30.33 -26.09
C THR U 145 -33.53 -31.35 -24.96
N GLY U 146 -34.72 -31.48 -24.40
CA GLY U 146 -34.95 -32.48 -23.37
C GLY U 146 -34.88 -33.88 -23.97
N GLN U 147 -34.86 -34.88 -23.11
CA GLN U 147 -34.76 -36.27 -23.56
C GLN U 147 -35.27 -37.22 -22.49
N VAL U 148 -35.85 -38.34 -22.94
CA VAL U 148 -36.28 -39.40 -22.04
C VAL U 148 -35.08 -39.91 -21.24
N PRO U 149 -35.34 -40.45 -20.03
CA PRO U 149 -34.27 -41.00 -19.20
C PRO U 149 -33.39 -41.99 -19.95
N THR U 150 -32.11 -42.06 -19.61
CA THR U 150 -31.16 -42.91 -20.32
C THR U 150 -31.60 -44.38 -20.32
N SER U 151 -32.41 -44.75 -19.34
CA SER U 151 -32.94 -46.10 -19.25
C SER U 151 -34.06 -46.34 -20.25
N ALA U 152 -34.51 -45.29 -20.93
CA ALA U 152 -35.64 -45.40 -21.84
C ALA U 152 -35.18 -45.38 -23.30
N ILE U 153 -33.89 -45.19 -23.53
CA ILE U 153 -33.34 -45.15 -24.88
C ILE U 153 -33.31 -46.55 -25.49
N GLY U 154 -33.90 -46.69 -26.68
CA GLY U 154 -33.91 -47.96 -27.38
C GLY U 154 -35.14 -48.79 -27.10
N THR U 155 -36.13 -48.17 -26.47
CA THR U 155 -37.35 -48.87 -26.12
C THR U 155 -38.57 -48.23 -26.78
N ASP U 156 -38.33 -47.35 -27.74
CA ASP U 156 -39.38 -46.58 -28.41
C ASP U 156 -40.23 -45.86 -27.38
N ALA U 157 -39.56 -45.14 -26.48
CA ALA U 157 -40.20 -44.52 -25.33
C ALA U 157 -41.17 -43.41 -25.72
N PHE U 158 -41.97 -42.98 -24.75
CA PHE U 158 -42.92 -41.90 -24.94
C PHE U 158 -42.19 -40.58 -25.20
N GLN U 159 -42.53 -39.94 -26.32
CA GLN U 159 -41.88 -38.72 -26.76
C GLN U 159 -40.37 -38.90 -26.90
N GLU U 160 -39.98 -39.98 -27.56
CA GLU U 160 -38.57 -40.24 -27.83
C GLU U 160 -38.28 -40.11 -29.32
N ALA U 161 -37.20 -39.42 -29.64
CA ALA U 161 -36.77 -39.28 -31.03
C ALA U 161 -35.25 -39.24 -31.09
N ASP U 162 -34.69 -39.73 -32.19
CA ASP U 162 -33.25 -39.70 -32.39
C ASP U 162 -32.80 -38.28 -32.74
N VAL U 163 -32.92 -37.38 -31.76
CA VAL U 163 -32.63 -35.97 -31.95
C VAL U 163 -31.18 -35.74 -32.36
N VAL U 164 -30.28 -36.54 -31.81
CA VAL U 164 -28.87 -36.48 -32.19
C VAL U 164 -28.67 -36.88 -33.64
N GLY U 165 -29.34 -37.95 -34.05
CA GLY U 165 -29.22 -38.46 -35.40
C GLY U 165 -29.99 -37.64 -36.44
N ILE U 166 -31.00 -36.93 -35.98
CA ILE U 166 -31.80 -36.09 -36.88
C ILE U 166 -31.11 -34.75 -37.13
N SER U 167 -30.70 -34.09 -36.05
CA SER U 167 -30.08 -32.78 -36.14
C SER U 167 -28.58 -32.87 -36.43
N ARG U 168 -28.15 -34.01 -36.96
CA ARG U 168 -26.74 -34.24 -37.23
C ARG U 168 -26.27 -33.51 -38.49
N SER U 169 -27.10 -33.52 -39.53
CA SER U 169 -26.72 -32.94 -40.81
C SER U 169 -27.09 -31.46 -40.91
N CYS U 170 -27.69 -30.92 -39.85
CA CYS U 170 -28.05 -29.52 -39.84
C CYS U 170 -27.49 -28.80 -38.60
N THR U 171 -26.43 -29.35 -38.02
CA THR U 171 -25.72 -28.70 -36.93
C THR U 171 -24.22 -28.90 -37.11
N LYS U 172 -23.42 -28.02 -36.49
CA LYS U 172 -21.97 -28.15 -36.52
C LYS U 172 -21.55 -29.38 -35.73
N TRP U 173 -22.26 -29.62 -34.63
CA TRP U 173 -21.94 -30.72 -33.72
C TRP U 173 -23.04 -30.89 -32.68
N ASN U 174 -23.35 -32.15 -32.35
CA ASN U 174 -24.35 -32.43 -31.33
C ASN U 174 -23.92 -33.57 -30.41
N VAL U 175 -24.52 -33.63 -29.23
CA VAL U 175 -24.16 -34.65 -28.24
C VAL U 175 -25.32 -34.90 -27.29
N MET U 176 -25.37 -36.10 -26.73
CA MET U 176 -26.35 -36.43 -25.70
C MET U 176 -25.62 -36.69 -24.38
N VAL U 177 -25.82 -35.80 -23.42
CA VAL U 177 -25.14 -35.88 -22.13
C VAL U 177 -25.50 -37.16 -21.39
N LYS U 178 -24.52 -38.06 -21.26
CA LYS U 178 -24.76 -39.38 -20.68
C LYS U 178 -24.85 -39.35 -19.15
N SER U 179 -24.15 -38.42 -18.53
CA SER U 179 -24.16 -38.31 -17.07
C SER U 179 -23.99 -36.87 -16.62
N VAL U 180 -24.39 -36.60 -15.38
CA VAL U 180 -24.36 -35.24 -14.84
C VAL U 180 -22.91 -34.71 -14.72
N GLU U 181 -21.95 -35.64 -14.68
CA GLU U 181 -20.54 -35.27 -14.60
C GLU U 181 -20.05 -34.61 -15.89
N GLU U 182 -20.75 -34.88 -16.99
CA GLU U 182 -20.33 -34.38 -18.30
C GLU U 182 -21.06 -33.10 -18.69
N LEU U 183 -22.09 -32.74 -17.93
CA LEU U 183 -22.99 -31.66 -18.29
C LEU U 183 -22.30 -30.30 -18.48
N PRO U 184 -21.43 -29.88 -17.52
CA PRO U 184 -20.78 -28.60 -17.79
C PRO U 184 -19.76 -28.66 -18.92
N LEU U 185 -19.17 -29.84 -19.11
CA LEU U 185 -18.17 -30.03 -20.17
C LEU U 185 -18.79 -29.89 -21.55
N ARG U 186 -19.94 -30.51 -21.76
CA ARG U 186 -20.61 -30.47 -23.06
C ARG U 186 -21.18 -29.09 -23.36
N ILE U 187 -21.63 -28.40 -22.32
CA ILE U 187 -22.14 -27.04 -22.47
C ILE U 187 -21.05 -26.10 -22.96
N ASN U 188 -19.89 -26.15 -22.29
CA ASN U 188 -18.74 -25.34 -22.68
C ASN U 188 -18.29 -25.64 -24.11
N GLU U 189 -18.33 -26.92 -24.48
CA GLU U 189 -17.99 -27.33 -25.83
C GLU U 189 -19.01 -26.80 -26.83
N ALA U 190 -20.28 -26.87 -26.45
CA ALA U 190 -21.38 -26.41 -27.31
C ALA U 190 -21.21 -24.95 -27.68
N PHE U 191 -21.02 -24.10 -26.67
CA PHE U 191 -20.89 -22.66 -26.90
C PHE U 191 -19.61 -22.32 -27.68
N GLU U 192 -18.54 -23.04 -27.42
CA GLU U 192 -17.27 -22.80 -28.11
C GLU U 192 -17.39 -23.14 -29.60
N ILE U 193 -17.93 -24.31 -29.90
CA ILE U 193 -18.09 -24.75 -31.28
C ILE U 193 -19.08 -23.86 -32.04
N ALA U 194 -20.11 -23.40 -31.33
CA ALA U 194 -21.16 -22.58 -31.94
C ALA U 194 -20.65 -21.21 -32.37
N THR U 195 -19.46 -20.82 -31.88
CA THR U 195 -18.92 -19.51 -32.18
C THR U 195 -17.56 -19.58 -32.88
N SER U 196 -16.90 -20.73 -32.77
CA SER U 196 -15.59 -20.90 -33.39
C SER U 196 -15.69 -20.98 -34.91
N GLY U 197 -14.69 -20.44 -35.60
CA GLY U 197 -14.68 -20.41 -37.05
C GLY U 197 -15.92 -19.70 -37.59
N ARG U 198 -16.60 -20.32 -38.53
CA ARG U 198 -17.90 -19.83 -38.96
C ARG U 198 -18.95 -20.27 -37.95
N PRO U 199 -19.62 -19.30 -37.30
CA PRO U 199 -20.64 -19.58 -36.29
C PRO U 199 -21.75 -20.46 -36.82
N GLY U 200 -22.38 -21.24 -35.94
CA GLY U 200 -23.45 -22.13 -36.35
C GLY U 200 -24.18 -22.76 -35.17
N PRO U 201 -25.21 -23.55 -35.45
CA PRO U 201 -26.04 -24.20 -34.43
C PRO U 201 -25.44 -25.51 -33.89
N VAL U 202 -25.52 -25.70 -32.58
CA VAL U 202 -25.15 -26.95 -31.94
C VAL U 202 -26.30 -27.44 -31.08
N LEU U 203 -26.41 -28.75 -30.89
CA LEU U 203 -27.51 -29.32 -30.11
C LEU U 203 -27.00 -30.14 -28.94
N VAL U 204 -27.63 -30.00 -27.79
CA VAL U 204 -27.28 -30.76 -26.60
C VAL U 204 -28.49 -31.48 -26.03
N ASP U 205 -28.52 -32.80 -26.18
CA ASP U 205 -29.63 -33.60 -25.69
C ASP U 205 -29.49 -33.83 -24.18
N LEU U 206 -30.55 -33.53 -23.44
CA LEU U 206 -30.51 -33.61 -21.98
C LEU U 206 -31.52 -34.60 -21.42
N PRO U 207 -31.09 -35.85 -21.18
CA PRO U 207 -31.93 -36.88 -20.57
C PRO U 207 -32.44 -36.44 -19.21
N LYS U 208 -33.68 -36.79 -18.87
CA LYS U 208 -34.30 -36.32 -17.64
C LYS U 208 -33.53 -36.74 -16.39
N ASP U 209 -33.06 -37.99 -16.39
CA ASP U 209 -32.32 -38.53 -15.25
C ASP U 209 -30.99 -37.81 -15.05
N VAL U 210 -30.46 -37.22 -16.11
CA VAL U 210 -29.21 -36.48 -16.04
C VAL U 210 -29.42 -35.11 -15.42
N THR U 211 -30.50 -34.45 -15.81
CA THR U 211 -30.81 -33.10 -15.33
C THR U 211 -31.46 -33.12 -13.95
N ALA U 212 -31.73 -34.32 -13.43
CA ALA U 212 -32.36 -34.46 -12.12
C ALA U 212 -31.40 -35.08 -11.11
N ALA U 213 -30.27 -35.58 -11.59
CA ALA U 213 -29.29 -36.23 -10.73
C ALA U 213 -28.43 -35.21 -10.00
N ILE U 214 -28.06 -35.54 -8.76
CA ILE U 214 -27.17 -34.68 -7.97
C ILE U 214 -25.72 -35.05 -8.22
N LEU U 215 -24.92 -34.05 -8.58
CA LEU U 215 -23.50 -34.26 -8.81
C LEU U 215 -22.78 -34.57 -7.49
N ARG U 216 -22.14 -35.74 -7.44
CA ARG U 216 -21.49 -36.18 -6.22
C ARG U 216 -19.96 -36.12 -6.33
N ASN U 217 -19.46 -35.94 -7.54
CA ASN U 217 -18.03 -36.08 -7.79
C ASN U 217 -17.41 -34.86 -8.47
N PRO U 218 -16.09 -34.67 -8.27
CA PRO U 218 -15.34 -33.63 -9.00
C PRO U 218 -15.44 -33.85 -10.50
N ILE U 219 -15.40 -32.76 -11.26
CA ILE U 219 -15.59 -32.84 -12.71
C ILE U 219 -14.62 -31.98 -13.49
N PRO U 220 -14.26 -32.42 -14.70
CA PRO U 220 -13.51 -31.58 -15.65
C PRO U 220 -14.46 -30.64 -16.40
N THR U 221 -14.06 -29.38 -16.55
CA THR U 221 -14.91 -28.40 -17.23
C THR U 221 -14.23 -27.85 -18.47
N LYS U 222 -12.92 -28.03 -18.56
CA LYS U 222 -12.14 -27.49 -19.67
C LYS U 222 -12.39 -28.29 -20.95
N THR U 223 -12.61 -27.57 -22.06
CA THR U 223 -12.83 -28.20 -23.35
C THR U 223 -11.53 -28.80 -23.90
N THR U 224 -11.67 -29.79 -24.77
CA THR U 224 -10.51 -30.48 -25.35
C THR U 224 -10.81 -30.94 -26.77
N LEU U 225 -11.14 -29.98 -27.63
CA LEU U 225 -11.53 -30.27 -29.01
C LEU U 225 -10.43 -30.97 -29.81
N PRO U 226 -10.81 -32.06 -30.51
CA PRO U 226 -9.90 -32.78 -31.41
C PRO U 226 -9.56 -31.94 -32.63
N SER U 227 -10.58 -31.35 -33.25
CA SER U 227 -10.39 -30.53 -34.44
C SER U 227 -10.18 -29.06 -34.08
N ASN U 228 -9.33 -28.82 -33.08
CA ASN U 228 -8.99 -27.46 -32.71
C ASN U 228 -8.08 -26.82 -33.76
N ALA U 229 -6.95 -27.48 -34.00
CA ALA U 229 -5.95 -27.08 -34.99
C ALA U 229 -4.80 -28.08 -34.96
N LEU U 230 -3.71 -27.74 -35.62
CA LEU U 230 -2.47 -28.50 -35.44
C LEU U 230 -1.79 -27.96 -34.19
N ASN U 231 -1.55 -28.86 -33.23
CA ASN U 231 -1.15 -28.46 -31.88
C ASN U 231 0.15 -27.67 -31.77
N GLN U 232 0.16 -26.75 -30.81
CA GLN U 232 1.37 -26.02 -30.39
C GLN U 232 2.05 -25.23 -31.50
N LEU U 233 3.37 -25.36 -31.58
CA LEU U 233 4.18 -24.57 -32.49
C LEU U 233 4.04 -24.99 -33.95
N THR U 234 3.18 -25.98 -34.21
CA THR U 234 2.88 -26.38 -35.58
C THR U 234 1.93 -25.39 -36.21
N SER U 235 1.45 -24.45 -35.41
CA SER U 235 0.64 -23.34 -35.90
C SER U 235 1.52 -22.35 -36.68
N ARG U 236 2.81 -22.35 -36.35
CA ARG U 236 3.77 -21.46 -36.99
C ARG U 236 3.92 -21.78 -38.48
N ALA U 237 3.57 -23.00 -38.85
CA ALA U 237 3.63 -23.43 -40.24
C ALA U 237 2.45 -22.87 -41.04
N GLN U 238 1.48 -22.29 -40.33
CA GLN U 238 0.29 -21.75 -40.98
C GLN U 238 0.11 -20.25 -40.73
N ASP U 239 0.45 -19.78 -39.54
CA ASP U 239 0.30 -18.36 -39.22
C ASP U 239 1.32 -17.51 -39.97
N GLU U 240 2.27 -18.17 -40.61
CA GLU U 240 3.20 -17.51 -41.52
C GLU U 240 2.75 -17.72 -42.96
N PHE U 241 2.05 -18.82 -43.20
CA PHE U 241 1.51 -19.11 -44.52
C PHE U 241 0.41 -18.12 -44.89
N VAL U 242 -0.33 -17.65 -43.88
CA VAL U 242 -1.36 -16.67 -44.11
C VAL U 242 -0.75 -15.30 -44.39
N MET U 243 0.42 -15.05 -43.80
CA MET U 243 1.15 -13.82 -44.06
C MET U 243 1.70 -13.81 -45.48
N GLN U 244 2.17 -14.98 -45.93
CA GLN U 244 2.64 -15.13 -47.30
C GLN U 244 1.47 -15.06 -48.27
N SER U 245 0.28 -15.41 -47.77
CA SER U 245 -0.94 -15.30 -48.55
C SER U 245 -1.40 -13.85 -48.59
N ILE U 246 -1.20 -13.14 -47.49
CA ILE U 246 -1.54 -11.72 -47.42
C ILE U 246 -0.64 -10.92 -48.36
N ASN U 247 0.65 -11.26 -48.37
CA ASN U 247 1.61 -10.61 -49.25
C ASN U 247 1.24 -10.74 -50.72
N LYS U 248 1.06 -11.99 -51.17
CA LYS U 248 0.71 -12.28 -52.55
C LYS U 248 -0.61 -11.62 -52.94
N ALA U 249 -1.56 -11.61 -52.01
CA ALA U 249 -2.86 -11.02 -52.27
C ALA U 249 -2.75 -9.51 -52.43
N ALA U 250 -1.96 -8.88 -51.57
CA ALA U 250 -1.75 -7.44 -51.61
C ALA U 250 -1.03 -7.03 -52.91
N ASP U 251 -0.08 -7.86 -53.34
CA ASP U 251 0.67 -7.61 -54.56
C ASP U 251 -0.23 -7.68 -55.78
N LEU U 252 -1.29 -8.48 -55.70
CA LEU U 252 -2.22 -8.65 -56.80
C LEU U 252 -3.30 -7.58 -56.77
N ILE U 253 -3.49 -6.97 -55.61
CA ILE U 253 -4.46 -5.91 -55.43
C ILE U 253 -3.96 -4.60 -56.05
N ASN U 254 -2.71 -4.25 -55.75
CA ASN U 254 -2.11 -3.05 -56.30
C ASN U 254 -1.91 -3.15 -57.81
N LEU U 255 -1.64 -4.36 -58.28
CA LEU U 255 -1.41 -4.61 -59.69
C LEU U 255 -2.70 -4.52 -60.49
N ALA U 256 -3.82 -4.78 -59.83
CA ALA U 256 -5.13 -4.74 -60.48
C ALA U 256 -5.51 -3.31 -60.87
N LYS U 257 -6.13 -3.16 -62.04
CA LYS U 257 -6.53 -1.86 -62.53
C LYS U 257 -7.99 -1.56 -62.22
N LYS U 258 -8.83 -2.58 -62.30
CA LYS U 258 -10.26 -2.41 -62.05
C LYS U 258 -10.82 -3.51 -61.15
N PRO U 259 -10.53 -3.44 -59.84
CA PRO U 259 -10.94 -4.46 -58.87
C PRO U 259 -12.35 -4.27 -58.34
N VAL U 260 -12.90 -5.31 -57.71
CA VAL U 260 -14.23 -5.27 -57.12
C VAL U 260 -14.24 -6.00 -55.78
N LEU U 261 -14.75 -5.34 -54.74
CA LEU U 261 -14.85 -5.97 -53.42
C LEU U 261 -16.13 -6.78 -53.28
N TYR U 262 -15.98 -8.10 -53.34
CA TYR U 262 -17.11 -9.02 -53.17
C TYR U 262 -17.25 -9.41 -51.71
N VAL U 263 -18.19 -8.74 -51.03
CA VAL U 263 -18.32 -8.86 -49.58
C VAL U 263 -19.56 -9.66 -49.17
N GLY U 264 -19.40 -10.53 -48.18
CA GLY U 264 -20.49 -11.32 -47.66
C GLY U 264 -20.77 -11.07 -46.19
N ALA U 265 -21.42 -12.03 -45.54
CA ALA U 265 -21.82 -11.87 -44.14
C ALA U 265 -20.64 -12.06 -43.18
N GLY U 266 -19.52 -12.54 -43.70
CA GLY U 266 -18.35 -12.82 -42.89
C GLY U 266 -17.72 -11.58 -42.27
N ILE U 267 -17.92 -10.43 -42.93
CA ILE U 267 -17.32 -9.19 -42.45
C ILE U 267 -18.11 -8.63 -41.27
N LEU U 268 -19.32 -9.14 -41.07
CA LEU U 268 -20.19 -8.67 -40.01
C LEU U 268 -19.95 -9.42 -38.71
N ASN U 269 -19.19 -10.50 -38.78
CA ASN U 269 -18.91 -11.32 -37.61
C ASN U 269 -17.77 -10.76 -36.75
N HIS U 270 -17.43 -9.49 -36.98
CA HIS U 270 -16.44 -8.79 -36.18
C HIS U 270 -16.83 -7.33 -36.02
N ALA U 271 -16.60 -6.79 -34.83
CA ALA U 271 -16.99 -5.42 -34.51
C ALA U 271 -16.28 -4.40 -35.39
N ASP U 272 -15.00 -4.64 -35.66
CA ASP U 272 -14.21 -3.75 -36.50
C ASP U 272 -14.26 -4.20 -37.97
N GLY U 273 -15.29 -4.98 -38.30
CA GLY U 273 -15.45 -5.49 -39.65
C GLY U 273 -15.67 -4.41 -40.70
N PRO U 274 -16.86 -3.80 -40.69
CA PRO U 274 -17.21 -2.72 -41.63
C PRO U 274 -16.26 -1.54 -41.56
N ARG U 275 -15.64 -1.35 -40.39
CA ARG U 275 -14.69 -0.26 -40.19
C ARG U 275 -13.44 -0.45 -41.05
N LEU U 276 -12.89 -1.66 -41.06
CA LEU U 276 -11.71 -1.95 -41.86
C LEU U 276 -12.05 -2.13 -43.33
N LEU U 277 -13.32 -2.45 -43.60
CA LEU U 277 -13.79 -2.60 -44.98
C LEU U 277 -13.80 -1.25 -45.68
N LYS U 278 -14.30 -0.23 -44.98
CA LYS U 278 -14.36 1.12 -45.53
C LYS U 278 -12.96 1.69 -45.72
N GLU U 279 -12.06 1.34 -44.82
CA GLU U 279 -10.68 1.81 -44.89
C GLU U 279 -9.98 1.27 -46.13
N LEU U 280 -10.15 -0.03 -46.39
CA LEU U 280 -9.58 -0.65 -47.58
C LEU U 280 -10.24 -0.11 -48.84
N SER U 281 -11.53 0.21 -48.74
CA SER U 281 -12.28 0.71 -49.88
C SER U 281 -11.90 2.14 -50.23
N ASP U 282 -11.47 2.89 -49.23
CA ASP U 282 -11.09 4.30 -49.43
C ASP U 282 -9.62 4.42 -49.81
N ARG U 283 -8.81 3.45 -49.40
CA ARG U 283 -7.37 3.48 -49.64
C ARG U 283 -7.04 3.26 -51.11
N ALA U 284 -7.45 2.10 -51.63
CA ALA U 284 -7.15 1.74 -53.02
C ALA U 284 -8.30 2.14 -53.95
N GLN U 285 -9.32 2.78 -53.37
CA GLN U 285 -10.50 3.23 -54.12
C GLN U 285 -11.16 2.09 -54.88
N ILE U 286 -11.67 1.11 -54.13
CA ILE U 286 -12.28 -0.07 -54.72
C ILE U 286 -13.78 -0.12 -54.45
N PRO U 287 -14.59 -0.26 -55.51
CA PRO U 287 -16.04 -0.36 -55.37
C PRO U 287 -16.46 -1.68 -54.74
N VAL U 288 -17.33 -1.63 -53.74
CA VAL U 288 -17.75 -2.84 -53.04
C VAL U 288 -19.13 -3.29 -53.48
N THR U 289 -19.38 -4.59 -53.35
CA THR U 289 -20.69 -5.15 -53.61
C THR U 289 -20.95 -6.27 -52.61
N THR U 290 -22.14 -6.26 -52.02
CA THR U 290 -22.44 -7.20 -50.94
C THR U 290 -23.55 -8.16 -51.33
N THR U 291 -23.53 -9.35 -50.72
CA THR U 291 -24.58 -10.33 -50.91
C THR U 291 -25.82 -9.93 -50.11
N LEU U 292 -26.85 -10.77 -50.14
CA LEU U 292 -28.08 -10.50 -49.40
C LEU U 292 -27.81 -10.38 -47.90
N GLN U 293 -26.99 -11.28 -47.39
CA GLN U 293 -26.66 -11.29 -45.97
C GLN U 293 -25.46 -10.39 -45.68
N GLY U 294 -25.03 -9.64 -46.69
CA GLY U 294 -23.93 -8.71 -46.54
C GLY U 294 -24.41 -7.27 -46.53
N LEU U 295 -25.70 -7.08 -46.75
CA LEU U 295 -26.30 -5.75 -46.76
C LEU U 295 -26.24 -5.11 -45.37
N GLY U 296 -25.73 -3.89 -45.32
CA GLY U 296 -25.57 -3.19 -44.06
C GLY U 296 -24.10 -3.02 -43.70
N SER U 297 -23.26 -3.84 -44.31
CA SER U 297 -21.82 -3.82 -44.04
C SER U 297 -21.16 -2.57 -44.60
N PHE U 298 -21.74 -1.99 -45.65
CA PHE U 298 -21.18 -0.81 -46.29
C PHE U 298 -22.27 0.23 -46.58
N ASP U 299 -21.89 1.50 -46.50
CA ASP U 299 -22.81 2.60 -46.76
C ASP U 299 -23.19 2.64 -48.24
N GLN U 300 -24.47 2.40 -48.53
CA GLN U 300 -24.94 2.38 -49.91
C GLN U 300 -25.11 3.78 -50.50
N GLU U 301 -24.99 4.80 -49.65
CA GLU U 301 -25.06 6.18 -50.11
C GLU U 301 -23.69 6.65 -50.60
N ASP U 302 -22.68 5.82 -50.37
CA ASP U 302 -21.32 6.11 -50.84
C ASP U 302 -21.24 5.90 -52.35
N PRO U 303 -20.54 6.81 -53.05
CA PRO U 303 -20.40 6.76 -54.51
C PRO U 303 -19.76 5.48 -55.05
N LYS U 304 -19.16 4.68 -54.18
CA LYS U 304 -18.50 3.45 -54.61
C LYS U 304 -19.37 2.21 -54.38
N SER U 305 -20.59 2.42 -53.89
CA SER U 305 -21.50 1.32 -53.63
C SER U 305 -22.08 0.73 -54.90
N LEU U 306 -21.96 -0.59 -55.04
CA LEU U 306 -22.52 -1.29 -56.19
C LEU U 306 -23.80 -2.01 -55.80
N ASP U 307 -24.32 -1.66 -54.62
CA ASP U 307 -25.54 -2.27 -54.07
C ASP U 307 -25.39 -3.79 -53.96
N MET U 308 -26.48 -4.52 -54.23
CA MET U 308 -26.50 -5.97 -54.06
C MET U 308 -26.06 -6.70 -55.31
N LEU U 309 -25.39 -7.83 -55.12
CA LEU U 309 -24.93 -8.68 -56.21
C LEU U 309 -25.81 -9.92 -56.33
N GLY U 310 -25.88 -10.49 -57.53
CA GLY U 310 -26.52 -11.78 -57.69
C GLY U 310 -27.69 -11.85 -58.65
N MET U 311 -28.54 -12.85 -58.44
CA MET U 311 -29.67 -13.12 -59.31
C MET U 311 -30.64 -11.94 -59.39
N HIS U 312 -31.14 -11.51 -58.24
CA HIS U 312 -32.05 -10.37 -58.18
C HIS U 312 -31.30 -9.10 -57.80
N GLY U 313 -30.01 -9.07 -58.07
CA GLY U 313 -29.20 -7.90 -57.81
C GLY U 313 -29.24 -6.93 -58.97
N CYS U 314 -28.77 -5.71 -58.75
CA CYS U 314 -28.76 -4.69 -59.80
C CYS U 314 -27.80 -5.06 -60.92
N ALA U 315 -28.06 -4.54 -62.11
CA ALA U 315 -27.23 -4.82 -63.28
C ALA U 315 -25.86 -4.17 -63.14
N THR U 316 -25.76 -3.14 -62.30
CA THR U 316 -24.51 -2.43 -62.07
C THR U 316 -23.47 -3.35 -61.45
N ALA U 317 -23.86 -4.08 -60.41
CA ALA U 317 -22.96 -4.97 -59.70
C ALA U 317 -22.62 -6.21 -60.53
N ASN U 318 -23.62 -6.77 -61.20
CA ASN U 318 -23.44 -7.96 -62.02
C ASN U 318 -22.48 -7.72 -63.18
N LEU U 319 -22.61 -6.57 -63.84
CA LEU U 319 -21.72 -6.23 -64.94
C LEU U 319 -20.34 -5.85 -64.44
N ALA U 320 -20.26 -5.44 -63.18
CA ALA U 320 -19.00 -5.03 -62.58
C ALA U 320 -18.08 -6.23 -62.33
N VAL U 321 -18.65 -7.30 -61.80
CA VAL U 321 -17.87 -8.48 -61.46
C VAL U 321 -17.53 -9.31 -62.69
N GLN U 322 -18.31 -9.14 -63.75
CA GLN U 322 -18.06 -9.85 -65.00
C GLN U 322 -16.96 -9.15 -65.80
N ASN U 323 -16.74 -7.87 -65.51
CA ASN U 323 -15.69 -7.11 -66.19
C ASN U 323 -14.56 -6.74 -65.25
N ALA U 324 -14.58 -7.30 -64.04
CA ALA U 324 -13.52 -7.08 -63.07
C ALA U 324 -12.33 -7.98 -63.36
N ASP U 325 -11.18 -7.65 -62.80
CA ASP U 325 -9.96 -8.43 -63.03
C ASP U 325 -9.34 -8.92 -61.72
N LEU U 326 -10.12 -8.92 -60.65
CA LEU U 326 -9.60 -9.38 -59.36
C LEU U 326 -10.69 -9.98 -58.48
N ILE U 327 -11.77 -9.23 -58.27
CA ILE U 327 -12.89 -9.67 -57.43
C ILE U 327 -12.43 -10.18 -56.06
N ILE U 328 -12.20 -9.25 -55.14
CA ILE U 328 -11.74 -9.61 -53.81
C ILE U 328 -12.88 -10.13 -52.95
N ALA U 329 -12.94 -11.45 -52.78
CA ALA U 329 -13.99 -12.08 -51.99
C ALA U 329 -13.68 -11.98 -50.50
N VAL U 330 -14.53 -11.25 -49.78
CA VAL U 330 -14.35 -11.07 -48.35
C VAL U 330 -15.59 -11.49 -47.57
N GLY U 331 -15.52 -12.65 -46.92
CA GLY U 331 -16.59 -13.12 -46.08
C GLY U 331 -17.79 -13.68 -46.83
N ALA U 332 -17.57 -14.10 -48.08
CA ALA U 332 -18.63 -14.67 -48.90
C ALA U 332 -18.23 -16.05 -49.39
N ARG U 333 -19.21 -16.84 -49.82
CA ARG U 333 -18.97 -18.24 -50.18
C ARG U 333 -19.37 -18.59 -51.61
N PHE U 334 -19.52 -17.58 -52.45
CA PHE U 334 -19.86 -17.75 -53.86
C PHE U 334 -21.13 -18.61 -54.03
N ASP U 335 -22.25 -18.11 -53.51
CA ASP U 335 -23.51 -18.83 -53.57
C ASP U 335 -24.06 -18.89 -54.99
N ASP U 336 -24.87 -19.90 -55.27
CA ASP U 336 -25.46 -20.09 -56.59
C ASP U 336 -26.51 -19.02 -56.91
N ARG U 337 -27.03 -18.38 -55.88
CA ARG U 337 -27.97 -17.27 -56.06
C ARG U 337 -27.23 -15.98 -56.35
N VAL U 338 -25.90 -16.06 -56.34
CA VAL U 338 -25.05 -14.89 -56.52
C VAL U 338 -24.23 -14.98 -57.81
N THR U 339 -23.78 -16.18 -58.14
CA THR U 339 -22.88 -16.38 -59.26
C THR U 339 -23.60 -16.61 -60.59
N GLY U 340 -24.82 -17.12 -60.52
CA GLY U 340 -25.54 -17.51 -61.72
C GLY U 340 -24.90 -18.76 -62.31
N ASN U 341 -24.64 -18.74 -63.61
CA ASN U 341 -23.92 -19.83 -64.24
C ASN U 341 -22.45 -19.75 -63.85
N ILE U 342 -22.02 -20.70 -63.01
CA ILE U 342 -20.67 -20.67 -62.43
C ILE U 342 -19.58 -20.90 -63.48
N SER U 343 -19.95 -21.48 -64.62
CA SER U 343 -18.99 -21.67 -65.70
C SER U 343 -18.85 -20.39 -66.50
N LYS U 344 -19.85 -19.51 -66.37
CA LYS U 344 -19.88 -18.25 -67.09
C LYS U 344 -19.56 -17.08 -66.16
N PHE U 345 -19.36 -17.42 -64.88
CA PHE U 345 -19.09 -16.41 -63.85
C PHE U 345 -17.65 -15.89 -63.93
N ALA U 346 -17.52 -14.57 -63.84
CA ALA U 346 -16.21 -13.90 -63.85
C ALA U 346 -15.33 -14.29 -65.04
N PRO U 347 -15.66 -13.78 -66.24
CA PRO U 347 -14.88 -14.07 -67.44
C PRO U 347 -13.52 -13.37 -67.43
N GLU U 348 -13.53 -12.06 -67.24
CA GLU U 348 -12.31 -11.26 -67.30
C GLU U 348 -11.34 -11.60 -66.18
N ALA U 349 -11.88 -11.92 -65.00
CA ALA U 349 -11.04 -12.30 -63.87
C ALA U 349 -10.32 -13.61 -64.17
N ARG U 350 -11.01 -14.53 -64.84
CA ARG U 350 -10.43 -15.81 -65.21
C ARG U 350 -9.36 -15.64 -66.29
N ARG U 351 -9.58 -14.67 -67.18
CA ARG U 351 -8.60 -14.37 -68.22
C ARG U 351 -7.38 -13.69 -67.63
N ALA U 352 -7.60 -12.82 -66.65
CA ALA U 352 -6.51 -12.11 -65.98
C ALA U 352 -5.65 -13.07 -65.17
N ALA U 353 -6.27 -14.15 -64.69
CA ALA U 353 -5.56 -15.16 -63.91
C ALA U 353 -4.59 -15.94 -64.81
N ALA U 354 -5.05 -16.31 -65.99
CA ALA U 354 -4.22 -17.06 -66.94
C ALA U 354 -3.07 -16.20 -67.45
N GLU U 355 -3.27 -14.89 -67.44
CA GLU U 355 -2.24 -13.95 -67.87
C GLU U 355 -1.42 -13.46 -66.69
N GLY U 356 -1.81 -13.88 -65.49
CA GLY U 356 -1.07 -13.54 -64.28
C GLY U 356 -1.17 -12.09 -63.87
N ARG U 357 -2.22 -11.41 -64.33
CA ARG U 357 -2.43 -10.02 -63.98
C ARG U 357 -3.64 -9.84 -63.06
N GLY U 358 -4.22 -10.95 -62.66
CA GLY U 358 -5.37 -10.94 -61.77
C GLY U 358 -5.79 -12.32 -61.33
N GLY U 359 -7.08 -12.49 -61.05
CA GLY U 359 -7.61 -13.76 -60.61
C GLY U 359 -8.75 -13.60 -59.62
N ILE U 360 -8.69 -14.33 -58.52
CA ILE U 360 -9.69 -14.24 -57.45
C ILE U 360 -9.02 -14.35 -56.08
N ILE U 361 -9.27 -13.37 -55.22
CA ILE U 361 -8.78 -13.43 -53.84
C ILE U 361 -9.92 -13.78 -52.90
N HIS U 362 -9.70 -14.73 -51.99
CA HIS U 362 -10.76 -15.21 -51.13
C HIS U 362 -10.38 -15.17 -49.65
N PHE U 363 -11.08 -14.36 -48.88
CA PHE U 363 -10.91 -14.31 -47.43
C PHE U 363 -11.96 -15.18 -46.75
N GLU U 364 -11.54 -16.33 -46.23
CA GLU U 364 -12.46 -17.31 -45.66
C GLU U 364 -11.91 -17.90 -44.36
N VAL U 365 -12.81 -18.09 -43.38
CA VAL U 365 -12.42 -18.59 -42.07
C VAL U 365 -12.35 -20.11 -42.05
N SER U 366 -13.11 -20.75 -42.94
CA SER U 366 -13.13 -22.21 -43.00
C SER U 366 -12.77 -22.71 -44.40
N PRO U 367 -11.60 -23.36 -44.53
CA PRO U 367 -11.06 -23.87 -45.79
C PRO U 367 -12.04 -24.74 -46.59
N LYS U 368 -13.09 -25.20 -45.92
CA LYS U 368 -14.14 -25.99 -46.56
C LYS U 368 -14.76 -25.26 -47.74
N ASN U 369 -15.03 -23.96 -47.56
CA ASN U 369 -15.71 -23.18 -48.58
C ASN U 369 -14.75 -22.57 -49.61
N ILE U 370 -13.45 -22.80 -49.43
CA ILE U 370 -12.46 -22.35 -50.40
C ILE U 370 -12.30 -23.37 -51.50
N ASN U 371 -12.33 -22.89 -52.75
CA ASN U 371 -12.25 -23.76 -53.94
C ASN U 371 -13.36 -24.80 -53.97
N LYS U 372 -14.55 -24.42 -53.50
CA LYS U 372 -15.69 -25.31 -53.51
C LYS U 372 -16.57 -25.08 -54.74
N VAL U 373 -16.79 -23.82 -55.07
CA VAL U 373 -17.63 -23.46 -56.21
C VAL U 373 -16.79 -22.91 -57.36
N VAL U 374 -15.85 -22.03 -57.03
CA VAL U 374 -14.96 -21.45 -58.03
C VAL U 374 -13.49 -21.62 -57.63
N GLN U 375 -12.60 -21.59 -58.62
CA GLN U 375 -11.18 -21.69 -58.36
C GLN U 375 -10.59 -20.33 -57.97
N THR U 376 -9.97 -20.26 -56.80
CA THR U 376 -9.32 -19.03 -56.35
C THR U 376 -7.84 -19.05 -56.71
N GLN U 377 -7.25 -17.86 -56.84
CA GLN U 377 -5.83 -17.74 -57.13
C GLN U 377 -5.03 -17.60 -55.84
N ILE U 378 -5.60 -16.88 -54.87
CA ILE U 378 -4.96 -16.67 -53.58
C ILE U 378 -5.97 -16.82 -52.45
N ALA U 379 -5.65 -17.69 -51.49
CA ALA U 379 -6.55 -17.93 -50.36
C ALA U 379 -5.96 -17.42 -49.05
N VAL U 380 -6.66 -16.49 -48.42
CA VAL U 380 -6.24 -15.95 -47.14
C VAL U 380 -7.08 -16.53 -46.01
N GLU U 381 -6.66 -17.68 -45.49
CA GLU U 381 -7.41 -18.39 -44.46
C GLU U 381 -7.37 -17.65 -43.13
N GLY U 382 -8.45 -17.76 -42.37
CA GLY U 382 -8.57 -17.08 -41.09
C GLY U 382 -9.68 -16.05 -41.10
N ASP U 383 -9.76 -15.26 -40.04
CA ASP U 383 -10.76 -14.21 -39.93
C ASP U 383 -10.56 -13.16 -41.02
N ALA U 384 -11.65 -12.72 -41.64
CA ALA U 384 -11.58 -11.74 -42.70
C ALA U 384 -11.10 -10.39 -42.18
N THR U 385 -11.73 -9.92 -41.11
CA THR U 385 -11.41 -8.62 -40.52
C THR U 385 -9.98 -8.57 -40.01
N THR U 386 -9.53 -9.65 -39.38
CA THR U 386 -8.19 -9.72 -38.81
C THR U 386 -7.13 -9.67 -39.90
N ASN U 387 -7.36 -10.38 -41.00
CA ASN U 387 -6.42 -10.41 -42.10
C ASN U 387 -6.37 -9.10 -42.87
N LEU U 388 -7.45 -8.33 -42.79
CA LEU U 388 -7.50 -7.02 -43.44
C LEU U 388 -6.61 -6.02 -42.71
N GLY U 389 -6.52 -6.17 -41.39
CA GLY U 389 -5.71 -5.29 -40.58
C GLY U 389 -4.22 -5.55 -40.72
N LYS U 390 -3.89 -6.66 -41.36
CA LYS U 390 -2.49 -7.03 -41.57
C LYS U 390 -2.08 -6.77 -43.02
N MET U 391 -3.05 -6.40 -43.84
CA MET U 391 -2.81 -6.14 -45.26
C MET U 391 -2.85 -4.64 -45.56
N MET U 392 -3.55 -3.90 -44.71
CA MET U 392 -3.80 -2.47 -44.92
C MET U 392 -2.53 -1.67 -45.11
N SER U 393 -1.44 -2.09 -44.46
CA SER U 393 -0.18 -1.40 -44.56
C SER U 393 0.58 -1.76 -45.84
N LYS U 394 0.14 -2.84 -46.49
CA LYS U 394 0.81 -3.33 -47.69
C LYS U 394 0.04 -3.02 -48.96
N ILE U 395 -1.03 -2.24 -48.82
CA ILE U 395 -1.85 -1.86 -49.97
C ILE U 395 -1.50 -0.46 -50.45
N PHE U 396 -1.08 -0.36 -51.71
CA PHE U 396 -0.73 0.94 -52.31
C PHE U 396 -1.97 1.80 -52.49
N PRO U 397 -1.96 3.00 -51.87
CA PRO U 397 -3.06 3.96 -51.98
C PRO U 397 -3.30 4.41 -53.42
N VAL U 398 -4.56 4.70 -53.76
CA VAL U 398 -4.92 5.15 -55.10
C VAL U 398 -5.73 6.44 -55.04
N LYS U 399 -5.30 7.43 -55.82
CA LYS U 399 -5.99 8.72 -55.85
C LYS U 399 -7.37 8.59 -56.49
N GLU U 400 -7.41 7.98 -57.68
CA GLU U 400 -8.67 7.79 -58.40
C GLU U 400 -8.54 6.77 -59.52
N ARG U 401 -9.64 6.10 -59.84
CA ARG U 401 -9.69 5.19 -60.98
C ARG U 401 -10.65 5.73 -62.03
N SER U 402 -10.11 6.54 -62.94
CA SER U 402 -10.92 7.28 -63.91
C SER U 402 -11.79 6.38 -64.79
N GLU U 403 -11.16 5.54 -65.59
CA GLU U 403 -11.87 4.73 -66.57
C GLU U 403 -12.79 3.69 -65.92
N TRP U 404 -12.38 3.16 -64.78
CA TRP U 404 -13.15 2.12 -64.12
C TRP U 404 -14.42 2.67 -63.48
N PHE U 405 -14.32 3.82 -62.82
CA PHE U 405 -15.49 4.46 -62.22
C PHE U 405 -16.35 5.11 -63.29
N ALA U 406 -15.82 5.23 -64.49
CA ALA U 406 -16.57 5.78 -65.62
C ALA U 406 -17.64 4.80 -66.07
N GLN U 407 -17.27 3.53 -66.19
CA GLN U 407 -18.20 2.49 -66.58
C GLN U 407 -19.26 2.24 -65.51
N ILE U 408 -18.85 2.32 -64.25
CA ILE U 408 -19.74 2.09 -63.13
C ILE U 408 -20.86 3.13 -63.07
N ASN U 409 -20.47 4.41 -63.04
CA ASN U 409 -21.44 5.49 -62.98
C ASN U 409 -22.30 5.55 -64.24
N LYS U 410 -21.78 5.03 -65.34
CA LYS U 410 -22.54 4.91 -66.57
C LYS U 410 -23.59 3.82 -66.43
N TRP U 411 -23.19 2.69 -65.85
CA TRP U 411 -24.08 1.57 -65.62
C TRP U 411 -25.20 1.92 -64.66
N LYS U 412 -24.91 2.77 -63.69
CA LYS U 412 -25.91 3.20 -62.71
C LYS U 412 -27.02 4.01 -63.39
N LYS U 413 -26.65 4.76 -64.41
CA LYS U 413 -27.59 5.63 -65.11
C LYS U 413 -28.49 4.85 -66.08
N GLU U 414 -27.87 3.95 -66.86
CA GLU U 414 -28.60 3.21 -67.87
C GLU U 414 -29.25 1.94 -67.31
N TYR U 415 -28.73 1.45 -66.19
CA TYR U 415 -29.31 0.26 -65.55
C TYR U 415 -29.53 0.45 -64.05
N PRO U 416 -30.59 1.16 -63.68
CA PRO U 416 -30.96 1.32 -62.27
C PRO U 416 -31.95 0.27 -61.82
N TYR U 417 -32.79 0.62 -60.83
CA TYR U 417 -33.87 -0.27 -60.40
C TYR U 417 -35.19 0.19 -60.99
N ALA U 418 -35.51 -0.33 -62.18
CA ALA U 418 -36.69 0.10 -62.91
C ALA U 418 -37.88 -0.82 -62.69
N TYR U 419 -39.06 -0.24 -62.62
CA TYR U 419 -40.31 -0.98 -62.51
C TYR U 419 -41.48 -0.10 -62.94
N MET U 420 -42.63 -0.71 -63.19
CA MET U 420 -43.81 0.04 -63.59
C MET U 420 -44.37 0.78 -62.37
N GLU U 421 -44.06 2.07 -62.27
CA GLU U 421 -44.47 2.87 -61.12
C GLU U 421 -45.96 3.15 -61.12
N GLU U 422 -46.42 3.88 -60.10
CA GLU U 422 -47.84 4.17 -59.94
C GLU U 422 -48.39 5.09 -61.04
N THR U 423 -49.41 4.61 -61.74
CA THR U 423 -50.15 5.42 -62.69
C THR U 423 -51.40 5.95 -61.99
N PRO U 424 -52.02 7.02 -62.51
CA PRO U 424 -53.22 7.55 -61.85
C PRO U 424 -54.35 6.52 -61.75
N GLY U 425 -54.71 6.17 -60.52
CA GLY U 425 -55.79 5.22 -60.28
C GLY U 425 -55.32 3.78 -60.21
N SER U 426 -54.00 3.58 -60.30
CA SER U 426 -53.44 2.24 -60.27
C SER U 426 -53.35 1.68 -58.85
N LYS U 427 -53.13 0.37 -58.76
CA LYS U 427 -52.93 -0.28 -57.49
C LYS U 427 -51.53 0.04 -56.97
N ILE U 428 -51.38 0.13 -55.65
CA ILE U 428 -50.11 0.49 -55.04
C ILE U 428 -49.01 -0.51 -55.41
N LYS U 429 -47.94 0.00 -56.02
CA LYS U 429 -46.81 -0.85 -56.38
C LYS U 429 -45.99 -1.19 -55.13
N PRO U 430 -45.73 -2.48 -54.91
CA PRO U 430 -45.10 -3.00 -53.69
C PRO U 430 -43.68 -2.47 -53.46
N GLN U 431 -42.90 -2.36 -54.53
CA GLN U 431 -41.52 -1.91 -54.40
C GLN U 431 -41.43 -0.41 -54.09
N THR U 432 -42.52 0.32 -54.35
CA THR U 432 -42.58 1.73 -54.02
C THR U 432 -42.80 1.89 -52.52
N VAL U 433 -43.54 0.96 -51.93
CA VAL U 433 -43.82 0.96 -50.50
C VAL U 433 -42.51 0.87 -49.71
N ILE U 434 -41.55 0.13 -50.25
CA ILE U 434 -40.25 -0.05 -49.62
C ILE U 434 -39.49 1.28 -49.51
N LYS U 435 -39.52 2.06 -50.58
CA LYS U 435 -38.80 3.33 -50.63
C LYS U 435 -39.23 4.29 -49.52
N LYS U 436 -40.52 4.59 -49.45
CA LYS U 436 -41.03 5.55 -48.48
C LYS U 436 -41.02 5.01 -47.06
N LEU U 437 -41.07 3.68 -46.91
CA LEU U 437 -40.95 3.07 -45.60
C LEU U 437 -39.57 3.33 -45.04
N SER U 438 -38.56 3.24 -45.91
CA SER U 438 -37.19 3.53 -45.53
C SER U 438 -37.03 5.00 -45.14
N LYS U 439 -37.73 5.87 -45.86
CA LYS U 439 -37.69 7.30 -45.60
C LYS U 439 -38.33 7.63 -44.25
N VAL U 440 -39.53 7.11 -44.04
CA VAL U 440 -40.26 7.35 -42.79
C VAL U 440 -39.49 6.82 -41.58
N ALA U 441 -38.97 5.60 -41.71
CA ALA U 441 -38.22 4.97 -40.62
C ALA U 441 -36.95 5.75 -40.29
N ASN U 442 -36.24 6.20 -41.33
CA ASN U 442 -35.02 6.97 -41.15
C ASN U 442 -35.30 8.33 -40.52
N ASP U 443 -36.46 8.90 -40.83
CA ASP U 443 -36.82 10.22 -40.32
C ASP U 443 -37.18 10.18 -38.84
N THR U 444 -37.23 8.98 -38.26
CA THR U 444 -37.51 8.82 -36.85
C THR U 444 -36.26 9.10 -36.02
N GLY U 445 -35.11 9.07 -36.68
CA GLY U 445 -33.84 9.33 -36.02
C GLY U 445 -33.50 8.28 -34.98
N ARG U 446 -33.98 7.06 -35.21
CA ARG U 446 -33.76 5.97 -34.27
C ARG U 446 -33.16 4.77 -35.00
N HIS U 447 -32.48 3.90 -34.26
CA HIS U 447 -31.86 2.72 -34.85
C HIS U 447 -32.91 1.77 -35.41
N VAL U 448 -32.78 1.45 -36.70
CA VAL U 448 -33.78 0.63 -37.37
C VAL U 448 -33.25 -0.75 -37.73
N ILE U 449 -33.91 -1.78 -37.20
CA ILE U 449 -33.61 -3.16 -37.58
C ILE U 449 -34.80 -3.72 -38.37
N VAL U 450 -34.52 -4.31 -39.52
CA VAL U 450 -35.58 -4.83 -40.37
C VAL U 450 -35.40 -6.31 -40.68
N THR U 451 -36.49 -7.05 -40.56
CA THR U 451 -36.51 -8.47 -40.90
C THR U 451 -37.55 -8.71 -42.00
N THR U 452 -37.35 -9.77 -42.77
CA THR U 452 -38.28 -10.07 -43.86
C THR U 452 -38.67 -11.55 -43.88
N GLY U 453 -39.72 -11.86 -44.64
CA GLY U 453 -40.09 -13.24 -44.90
C GLY U 453 -39.30 -13.73 -46.09
N VAL U 454 -39.94 -14.54 -46.93
CA VAL U 454 -39.29 -15.03 -48.14
C VAL U 454 -40.22 -14.90 -49.35
N GLY U 455 -39.72 -14.24 -50.39
CA GLY U 455 -40.48 -14.05 -51.61
C GLY U 455 -40.05 -12.80 -52.36
N GLN U 456 -40.95 -12.24 -53.15
CA GLN U 456 -40.67 -11.03 -53.91
C GLN U 456 -40.44 -9.84 -52.99
N HIS U 457 -41.17 -9.81 -51.88
CA HIS U 457 -41.08 -8.72 -50.92
C HIS U 457 -39.71 -8.68 -50.26
N GLN U 458 -39.09 -9.86 -50.12
CA GLN U 458 -37.78 -9.97 -49.50
C GLN U 458 -36.72 -9.28 -50.35
N MET U 459 -36.83 -9.44 -51.66
CA MET U 459 -35.87 -8.86 -52.59
C MET U 459 -36.09 -7.36 -52.74
N TRP U 460 -37.35 -6.95 -52.85
CA TRP U 460 -37.69 -5.54 -52.98
C TRP U 460 -37.25 -4.76 -51.74
N ALA U 461 -37.41 -5.37 -50.58
CA ALA U 461 -36.98 -4.75 -49.33
C ALA U 461 -35.46 -4.71 -49.25
N ALA U 462 -34.81 -5.53 -50.06
CA ALA U 462 -33.36 -5.58 -50.10
C ALA U 462 -32.79 -4.66 -51.18
N GLN U 463 -33.63 -4.37 -52.18
CA GLN U 463 -33.22 -3.52 -53.29
C GLN U 463 -33.49 -2.05 -53.00
N HIS U 464 -34.76 -1.71 -52.82
CA HIS U 464 -35.17 -0.32 -52.69
C HIS U 464 -35.11 0.18 -51.25
N TRP U 465 -34.17 -0.35 -50.49
CA TRP U 465 -33.91 0.14 -49.14
C TRP U 465 -32.44 0.50 -49.02
N THR U 466 -32.15 1.73 -48.63
CA THR U 466 -30.78 2.18 -48.48
C THR U 466 -30.16 1.63 -47.20
N TRP U 467 -29.19 0.74 -47.34
CA TRP U 467 -28.54 0.11 -46.21
C TRP U 467 -27.24 0.83 -45.84
N ARG U 468 -27.13 1.27 -44.60
CA ARG U 468 -25.96 1.99 -44.15
C ARG U 468 -25.38 1.39 -42.86
N ASN U 469 -26.23 1.19 -41.87
CA ASN U 469 -25.81 0.64 -40.59
C ASN U 469 -25.68 -0.88 -40.63
N PRO U 470 -24.69 -1.43 -39.90
CA PRO U 470 -24.50 -2.88 -39.87
C PRO U 470 -25.39 -3.58 -38.86
N HIS U 471 -25.63 -4.88 -39.07
CA HIS U 471 -26.49 -5.68 -38.21
C HIS U 471 -27.89 -5.08 -38.12
N THR U 472 -28.43 -4.67 -39.26
CA THR U 472 -29.77 -4.08 -39.30
C THR U 472 -30.67 -4.86 -40.26
N PHE U 473 -30.07 -5.71 -41.08
CA PHE U 473 -30.84 -6.53 -42.02
C PHE U 473 -30.77 -8.00 -41.61
N ILE U 474 -31.90 -8.54 -41.17
CA ILE U 474 -31.97 -9.92 -40.72
C ILE U 474 -32.97 -10.72 -41.54
N THR U 475 -32.46 -11.50 -42.50
CA THR U 475 -33.32 -12.28 -43.37
C THR U 475 -32.77 -13.68 -43.61
N SER U 476 -33.68 -14.62 -43.91
CA SER U 476 -33.29 -15.99 -44.21
C SER U 476 -32.92 -16.15 -45.68
N GLY U 477 -31.63 -16.29 -45.95
CA GLY U 477 -31.15 -16.39 -47.32
C GLY U 477 -30.63 -17.76 -47.68
N GLY U 478 -29.92 -18.39 -46.74
CA GLY U 478 -29.35 -19.71 -46.97
C GLY U 478 -30.39 -20.78 -47.20
N LEU U 479 -31.37 -20.84 -46.31
CA LEU U 479 -32.43 -21.83 -46.41
C LEU U 479 -33.72 -21.22 -46.96
N GLY U 480 -33.86 -19.91 -46.79
CA GLY U 480 -35.04 -19.20 -47.28
C GLY U 480 -36.31 -19.69 -46.63
N THR U 481 -36.34 -19.65 -45.31
CA THR U 481 -37.49 -20.13 -44.55
C THR U 481 -38.59 -19.09 -44.48
N MET U 482 -39.79 -19.48 -44.91
CA MET U 482 -40.96 -18.61 -44.78
C MET U 482 -41.40 -18.58 -43.32
N GLY U 483 -42.02 -17.47 -42.91
CA GLY U 483 -42.44 -17.31 -41.53
C GLY U 483 -41.24 -17.06 -40.63
N TYR U 484 -40.19 -16.50 -41.22
CA TYR U 484 -38.96 -16.20 -40.50
C TYR U 484 -38.98 -14.75 -40.02
N GLY U 485 -39.75 -13.92 -40.69
CA GLY U 485 -39.80 -12.49 -40.40
C GLY U 485 -40.28 -12.13 -39.01
N LEU U 486 -41.50 -12.54 -38.68
CA LEU U 486 -42.10 -12.20 -37.39
C LEU U 486 -41.33 -12.75 -36.18
N PRO U 487 -40.98 -14.06 -36.16
CA PRO U 487 -40.29 -14.52 -34.96
C PRO U 487 -38.90 -13.92 -34.79
N ALA U 488 -38.19 -13.68 -35.89
CA ALA U 488 -36.87 -13.07 -35.82
C ALA U 488 -36.97 -11.63 -35.36
N ALA U 489 -38.03 -10.95 -35.77
CA ALA U 489 -38.27 -9.57 -35.37
C ALA U 489 -38.46 -9.48 -33.86
N ILE U 490 -39.20 -10.42 -33.31
CA ILE U 490 -39.41 -10.49 -31.87
C ILE U 490 -38.09 -10.71 -31.14
N GLY U 491 -37.30 -11.66 -31.63
CA GLY U 491 -36.02 -11.97 -31.04
C GLY U 491 -35.03 -10.83 -31.15
N ALA U 492 -35.08 -10.11 -32.26
CA ALA U 492 -34.22 -8.96 -32.46
C ALA U 492 -34.63 -7.81 -31.55
N GLN U 493 -35.91 -7.73 -31.24
CA GLN U 493 -36.43 -6.70 -30.36
C GLN U 493 -35.97 -6.93 -28.92
N VAL U 494 -35.84 -8.20 -28.55
CA VAL U 494 -35.37 -8.55 -27.22
C VAL U 494 -33.89 -8.18 -27.05
N ALA U 495 -33.11 -8.40 -28.12
CA ALA U 495 -31.70 -8.06 -28.11
C ALA U 495 -31.48 -6.55 -28.09
N LYS U 496 -32.27 -5.84 -28.89
CA LYS U 496 -32.20 -4.38 -28.93
C LYS U 496 -33.57 -3.77 -28.63
N PRO U 497 -33.86 -3.58 -27.34
CA PRO U 497 -35.17 -3.11 -26.88
C PRO U 497 -35.51 -1.69 -27.31
N GLU U 498 -34.50 -0.90 -27.66
CA GLU U 498 -34.72 0.50 -28.02
C GLU U 498 -34.79 0.70 -29.53
N SER U 499 -34.17 -0.21 -30.27
CA SER U 499 -34.14 -0.13 -31.73
C SER U 499 -35.52 -0.33 -32.34
N LEU U 500 -35.76 0.32 -33.46
CA LEU U 500 -37.02 0.15 -34.20
C LEU U 500 -36.98 -1.12 -35.04
N VAL U 501 -37.76 -2.11 -34.63
CA VAL U 501 -37.77 -3.39 -35.32
C VAL U 501 -38.96 -3.52 -36.27
N ILE U 502 -38.68 -3.56 -37.57
CA ILE U 502 -39.72 -3.63 -38.59
C ILE U 502 -39.68 -4.96 -39.33
N ASP U 503 -40.85 -5.55 -39.54
CA ASP U 503 -40.94 -6.82 -40.27
C ASP U 503 -41.59 -6.62 -41.63
N ILE U 504 -40.78 -6.44 -42.66
CA ILE U 504 -41.27 -6.36 -44.02
C ILE U 504 -41.58 -7.77 -44.52
N ASP U 505 -42.72 -8.30 -44.11
CA ASP U 505 -43.07 -9.69 -44.39
C ASP U 505 -44.12 -9.77 -45.49
N GLY U 506 -44.25 -10.95 -46.09
CA GLY U 506 -45.24 -11.17 -47.13
C GLY U 506 -46.48 -11.87 -46.59
N ASP U 507 -47.54 -11.87 -47.39
CA ASP U 507 -48.80 -12.47 -46.96
C ASP U 507 -48.71 -13.98 -46.82
N ALA U 508 -47.99 -14.62 -47.74
CA ALA U 508 -47.86 -16.07 -47.72
C ALA U 508 -46.93 -16.53 -46.60
N SER U 509 -45.85 -15.79 -46.40
CA SER U 509 -44.87 -16.13 -45.36
C SER U 509 -45.43 -15.84 -43.97
N PHE U 510 -46.31 -14.85 -43.87
CA PHE U 510 -46.88 -14.47 -42.58
C PHE U 510 -47.74 -15.60 -42.02
N ASN U 511 -48.49 -16.26 -42.89
CA ASN U 511 -49.38 -17.35 -42.48
C ASN U 511 -48.63 -18.55 -41.91
N MET U 512 -47.33 -18.63 -42.18
CA MET U 512 -46.50 -19.70 -41.66
C MET U 512 -46.39 -19.65 -40.14
N THR U 513 -46.02 -18.50 -39.61
CA THR U 513 -45.83 -18.35 -38.17
C THR U 513 -46.42 -17.05 -37.63
N LEU U 514 -47.71 -16.82 -37.89
CA LEU U 514 -48.39 -15.64 -37.38
C LEU U 514 -48.92 -15.89 -35.96
N THR U 515 -48.75 -17.10 -35.48
CA THR U 515 -49.19 -17.48 -34.14
C THR U 515 -48.35 -16.75 -33.09
N GLU U 516 -47.14 -16.37 -33.47
CA GLU U 516 -46.21 -15.72 -32.54
C GLU U 516 -46.59 -14.27 -32.26
N LEU U 517 -47.68 -13.80 -32.85
CA LEU U 517 -48.20 -12.47 -32.57
C LEU U 517 -48.57 -12.34 -31.10
N SER U 518 -49.13 -13.41 -30.55
CA SER U 518 -49.47 -13.44 -29.13
C SER U 518 -48.20 -13.37 -28.29
N SER U 519 -47.14 -13.99 -28.79
CA SER U 519 -45.86 -14.01 -28.09
C SER U 519 -45.17 -12.64 -28.13
N ALA U 520 -45.41 -11.90 -29.21
CA ALA U 520 -44.85 -10.56 -29.35
C ALA U 520 -45.43 -9.64 -28.28
N VAL U 521 -46.67 -9.91 -27.88
CA VAL U 521 -47.34 -9.13 -26.85
C VAL U 521 -46.86 -9.53 -25.46
N GLN U 522 -46.78 -10.84 -25.23
CA GLN U 522 -46.40 -11.37 -23.93
C GLN U 522 -44.96 -11.01 -23.57
N ALA U 523 -44.09 -11.04 -24.57
CA ALA U 523 -42.68 -10.74 -24.37
C ALA U 523 -42.44 -9.24 -24.28
N GLY U 524 -43.49 -8.46 -24.51
CA GLY U 524 -43.40 -7.01 -24.44
C GLY U 524 -42.52 -6.45 -25.54
N THR U 525 -42.66 -6.99 -26.75
CA THR U 525 -41.85 -6.56 -27.88
C THR U 525 -42.69 -5.80 -28.89
N PRO U 526 -42.56 -4.45 -28.89
CA PRO U 526 -43.31 -3.59 -29.80
C PRO U 526 -42.78 -3.66 -31.23
N VAL U 527 -43.01 -4.78 -31.90
CA VAL U 527 -42.51 -4.99 -33.25
C VAL U 527 -43.41 -4.31 -34.28
N LYS U 528 -42.80 -3.89 -35.39
CA LYS U 528 -43.54 -3.29 -36.50
C LYS U 528 -43.65 -4.28 -37.64
N ILE U 529 -44.88 -4.57 -38.08
CA ILE U 529 -45.09 -5.60 -39.09
C ILE U 529 -45.78 -5.06 -40.33
N LEU U 530 -45.08 -5.12 -41.46
CA LEU U 530 -45.65 -4.73 -42.75
C LEU U 530 -45.94 -5.98 -43.58
N ILE U 531 -47.12 -6.01 -44.19
CA ILE U 531 -47.50 -7.13 -45.04
C ILE U 531 -47.84 -6.66 -46.45
N LEU U 532 -46.92 -6.88 -47.38
CA LEU U 532 -47.17 -6.56 -48.78
C LEU U 532 -48.15 -7.56 -49.37
N ASN U 533 -49.42 -7.35 -49.11
CA ASN U 533 -50.47 -8.28 -49.52
C ASN U 533 -50.76 -8.22 -51.01
N ASN U 534 -50.42 -9.30 -51.71
CA ASN U 534 -50.80 -9.45 -53.11
C ASN U 534 -51.67 -10.68 -53.31
N GLU U 535 -52.11 -11.26 -52.18
CA GLU U 535 -53.01 -12.41 -52.17
C GLU U 535 -52.49 -13.57 -53.00
N GLU U 536 -51.17 -13.73 -53.03
CA GLU U 536 -50.55 -14.78 -53.83
C GLU U 536 -49.16 -15.14 -53.31
N GLN U 537 -48.62 -16.23 -53.83
CA GLN U 537 -47.24 -16.60 -53.56
C GLN U 537 -46.33 -16.03 -54.63
N GLY U 538 -46.03 -14.74 -54.49
CA GLY U 538 -45.34 -13.97 -55.51
C GLY U 538 -44.12 -14.60 -56.17
N MET U 539 -43.17 -15.05 -55.36
CA MET U 539 -41.92 -15.60 -55.87
C MET U 539 -42.16 -16.83 -56.72
N VAL U 540 -43.16 -17.63 -56.35
CA VAL U 540 -43.48 -18.85 -57.07
C VAL U 540 -44.27 -18.55 -58.34
N THR U 541 -45.22 -17.63 -58.24
CA THR U 541 -46.03 -17.23 -59.38
C THR U 541 -45.17 -16.61 -60.48
N GLN U 542 -44.14 -15.88 -60.07
CA GLN U 542 -43.23 -15.22 -61.00
C GLN U 542 -42.51 -16.24 -61.88
N TRP U 543 -42.07 -17.34 -61.27
CA TRP U 543 -41.39 -18.40 -62.00
C TRP U 543 -42.35 -19.16 -62.91
N GLN U 544 -43.62 -19.22 -62.50
CA GLN U 544 -44.64 -19.91 -63.28
C GLN U 544 -45.12 -19.05 -64.44
N SER U 545 -45.02 -17.74 -64.29
CA SER U 545 -45.39 -16.81 -65.35
C SER U 545 -44.30 -16.72 -66.41
N LEU U 546 -43.09 -17.14 -66.04
CA LEU U 546 -41.94 -17.04 -66.93
C LEU U 546 -41.53 -18.40 -67.50
N PHE U 547 -41.63 -19.44 -66.68
CA PHE U 547 -41.12 -20.76 -67.07
C PHE U 547 -42.20 -21.83 -67.19
N TYR U 548 -43.44 -21.46 -66.93
CA TYR U 548 -44.53 -22.45 -66.98
C TYR U 548 -45.80 -21.87 -67.60
N GLU U 549 -45.64 -20.92 -68.51
CA GLU U 549 -46.74 -20.36 -69.29
C GLU U 549 -47.94 -19.90 -68.46
N HIS U 550 -47.64 -19.17 -67.39
CA HIS U 550 -48.68 -18.59 -66.52
C HIS U 550 -49.63 -19.64 -65.96
N ARG U 551 -49.13 -20.85 -65.73
CA ARG U 551 -49.92 -21.90 -65.09
C ARG U 551 -49.70 -21.86 -63.58
N TYR U 552 -50.66 -21.27 -62.87
CA TYR U 552 -50.54 -21.09 -61.43
C TYR U 552 -51.17 -22.26 -60.68
N SER U 553 -50.32 -23.17 -60.21
CA SER U 553 -50.79 -24.37 -59.51
C SER U 553 -50.66 -24.24 -58.00
N HIS U 554 -51.79 -23.99 -57.34
CA HIS U 554 -51.88 -23.91 -55.89
C HIS U 554 -50.90 -22.90 -55.29
N THR U 555 -50.78 -21.75 -55.94
CA THR U 555 -49.88 -20.70 -55.48
C THR U 555 -50.67 -19.50 -54.95
N HIS U 556 -51.96 -19.71 -54.69
CA HIS U 556 -52.82 -18.67 -54.15
C HIS U 556 -53.55 -19.17 -52.91
N GLN U 557 -53.00 -18.88 -51.74
CA GLN U 557 -53.61 -19.30 -50.48
C GLN U 557 -54.70 -18.32 -50.05
N LEU U 558 -55.57 -18.78 -49.16
CA LEU U 558 -56.67 -17.94 -48.68
C LEU U 558 -56.25 -17.18 -47.41
N ASN U 559 -55.82 -15.94 -47.58
CA ASN U 559 -55.42 -15.10 -46.46
C ASN U 559 -56.61 -14.69 -45.61
N PRO U 560 -56.40 -14.57 -44.29
CA PRO U 560 -57.43 -14.11 -43.36
C PRO U 560 -57.46 -12.59 -43.26
N ASP U 561 -58.38 -12.05 -42.48
CA ASP U 561 -58.44 -10.61 -42.25
C ASP U 561 -57.30 -10.19 -41.35
N PHE U 562 -56.23 -9.69 -41.94
CA PHE U 562 -55.00 -9.34 -41.22
C PHE U 562 -55.21 -8.30 -40.14
N ILE U 563 -56.27 -7.51 -40.26
CA ILE U 563 -56.57 -6.48 -39.28
C ILE U 563 -57.34 -7.06 -38.09
N LYS U 564 -58.36 -7.86 -38.39
CA LYS U 564 -59.11 -8.54 -37.36
C LYS U 564 -58.24 -9.58 -36.64
N LEU U 565 -57.29 -10.14 -37.38
CA LEU U 565 -56.36 -11.11 -36.82
C LEU U 565 -55.40 -10.44 -35.85
N ALA U 566 -54.83 -9.32 -36.27
CA ALA U 566 -53.87 -8.59 -35.44
C ALA U 566 -54.52 -8.06 -34.17
N GLU U 567 -55.78 -7.64 -34.28
CA GLU U 567 -56.53 -7.14 -33.13
C GLU U 567 -56.90 -8.28 -32.19
N ALA U 568 -57.12 -9.46 -32.76
CA ALA U 568 -57.44 -10.65 -31.97
C ALA U 568 -56.24 -11.13 -31.17
N MET U 569 -55.05 -10.85 -31.71
CA MET U 569 -53.80 -11.28 -31.08
C MET U 569 -53.35 -10.29 -30.00
N GLY U 570 -53.71 -9.03 -30.18
CA GLY U 570 -53.35 -7.99 -29.22
C GLY U 570 -52.54 -6.87 -29.84
N LEU U 571 -52.57 -6.79 -31.17
CA LEU U 571 -51.82 -5.76 -31.88
C LEU U 571 -52.76 -4.71 -32.46
N LYS U 572 -52.19 -3.71 -33.13
CA LYS U 572 -52.97 -2.66 -33.76
C LYS U 572 -53.01 -2.87 -35.26
N GLY U 573 -54.20 -3.14 -35.79
CA GLY U 573 -54.36 -3.41 -37.20
C GLY U 573 -54.59 -2.18 -38.05
N LEU U 574 -53.74 -2.00 -39.05
CA LEU U 574 -53.88 -0.88 -39.98
C LEU U 574 -53.87 -1.37 -41.42
N ARG U 575 -54.87 -0.98 -42.20
CA ARG U 575 -54.94 -1.36 -43.60
C ARG U 575 -55.04 -0.14 -44.51
N VAL U 576 -54.23 -0.13 -45.56
CA VAL U 576 -54.29 0.92 -46.57
C VAL U 576 -54.39 0.30 -47.97
N LYS U 577 -55.45 0.66 -48.69
CA LYS U 577 -55.70 0.08 -50.01
C LYS U 577 -55.31 1.03 -51.14
N LYS U 578 -55.63 2.31 -50.97
CA LYS U 578 -55.37 3.29 -52.02
C LYS U 578 -54.07 4.06 -51.77
N GLN U 579 -53.55 4.69 -52.81
CA GLN U 579 -52.29 5.42 -52.74
C GLN U 579 -52.42 6.69 -51.90
N GLU U 580 -53.64 7.15 -51.71
CA GLU U 580 -53.91 8.37 -50.97
C GLU U 580 -53.69 8.20 -49.47
N GLU U 581 -53.79 6.96 -49.01
CA GLU U 581 -53.73 6.66 -47.58
C GLU U 581 -52.41 6.01 -47.18
N LEU U 582 -51.49 5.88 -48.13
CA LEU U 582 -50.25 5.16 -47.90
C LEU U 582 -49.38 5.85 -46.85
N ASP U 583 -48.84 7.02 -47.18
CA ASP U 583 -47.97 7.74 -46.27
C ASP U 583 -48.69 8.18 -44.99
N ALA U 584 -50.02 8.22 -45.06
CA ALA U 584 -50.83 8.55 -43.89
C ALA U 584 -50.81 7.41 -42.88
N LYS U 585 -51.02 6.19 -43.37
CA LYS U 585 -51.01 5.01 -42.52
C LYS U 585 -49.59 4.57 -42.20
N LEU U 586 -48.66 4.87 -43.10
CA LEU U 586 -47.27 4.45 -42.95
C LEU U 586 -46.58 5.18 -41.80
N LYS U 587 -46.82 6.48 -41.70
CA LYS U 587 -46.23 7.29 -40.65
C LYS U 587 -46.83 6.94 -39.28
N GLU U 588 -48.11 6.57 -39.29
CA GLU U 588 -48.77 6.11 -38.07
C GLU U 588 -48.24 4.74 -37.67
N PHE U 589 -47.97 3.91 -38.67
CA PHE U 589 -47.48 2.55 -38.47
C PHE U 589 -46.17 2.52 -37.70
N VAL U 590 -45.34 3.55 -37.88
CA VAL U 590 -44.05 3.62 -37.23
C VAL U 590 -44.12 4.37 -35.90
N SER U 591 -44.80 5.51 -35.91
CA SER U 591 -44.86 6.37 -34.73
C SER U 591 -45.69 5.78 -33.60
N THR U 592 -46.50 4.77 -33.92
CA THR U 592 -47.37 4.15 -32.92
C THR U 592 -46.56 3.31 -31.93
N LYS U 593 -46.73 3.59 -30.65
CA LYS U 593 -46.02 2.85 -29.61
C LYS U 593 -46.75 1.55 -29.29
N GLY U 594 -46.03 0.44 -29.42
CA GLY U 594 -46.61 -0.89 -29.25
C GLY U 594 -46.56 -1.68 -30.54
N PRO U 595 -46.93 -2.96 -30.48
CA PRO U 595 -46.93 -3.84 -31.67
C PRO U 595 -47.98 -3.40 -32.69
N VAL U 596 -47.55 -3.13 -33.92
CA VAL U 596 -48.45 -2.66 -34.97
C VAL U 596 -48.31 -3.49 -36.24
N LEU U 597 -49.45 -3.80 -36.86
CA LEU U 597 -49.45 -4.49 -38.15
C LEU U 597 -50.00 -3.57 -39.24
N LEU U 598 -49.39 -3.61 -40.42
CA LEU U 598 -49.85 -2.81 -41.54
C LEU U 598 -50.02 -3.65 -42.80
N GLU U 599 -51.24 -3.67 -43.32
CA GLU U 599 -51.52 -4.39 -44.56
C GLU U 599 -51.64 -3.43 -45.74
N VAL U 600 -50.68 -3.50 -46.65
CA VAL U 600 -50.71 -2.68 -47.87
C VAL U 600 -51.08 -3.54 -49.06
N GLU U 601 -52.31 -3.38 -49.54
CA GLU U 601 -52.77 -4.12 -50.71
C GLU U 601 -52.03 -3.67 -51.95
N VAL U 602 -51.03 -4.46 -52.36
CA VAL U 602 -50.18 -4.10 -53.47
C VAL U 602 -50.59 -4.78 -54.78
N ASP U 603 -49.99 -4.35 -55.87
CA ASP U 603 -50.29 -4.90 -57.19
C ASP U 603 -49.79 -6.34 -57.30
N LYS U 604 -50.57 -7.18 -57.98
CA LYS U 604 -50.26 -8.60 -58.08
C LYS U 604 -49.53 -8.92 -59.37
N LYS U 605 -48.93 -10.12 -59.41
CA LYS U 605 -48.24 -10.62 -60.60
C LYS U 605 -47.13 -9.70 -61.09
N VAL U 606 -46.44 -9.05 -60.15
CA VAL U 606 -45.33 -8.17 -60.48
C VAL U 606 -44.00 -8.88 -60.24
N PRO U 607 -43.27 -9.18 -61.33
CA PRO U 607 -42.00 -9.90 -61.25
C PRO U 607 -40.87 -9.07 -60.63
N VAL U 608 -39.85 -9.76 -60.13
CA VAL U 608 -38.68 -9.09 -59.56
C VAL U 608 -37.57 -8.96 -60.60
N LEU U 609 -37.19 -7.72 -60.87
CA LEU U 609 -36.18 -7.45 -61.89
C LEU U 609 -35.06 -6.57 -61.34
N PRO U 610 -33.82 -6.79 -61.80
CA PRO U 610 -33.38 -7.78 -62.79
C PRO U 610 -33.40 -9.22 -62.28
N MET U 611 -33.24 -10.18 -63.17
CA MET U 611 -33.27 -11.59 -62.80
C MET U 611 -32.30 -12.42 -63.64
N VAL U 612 -31.48 -13.23 -62.97
CA VAL U 612 -30.50 -14.06 -63.65
C VAL U 612 -30.73 -15.54 -63.34
N ALA U 613 -31.47 -16.23 -64.21
CA ALA U 613 -31.77 -17.63 -64.00
C ALA U 613 -31.43 -18.47 -65.23
N GLY U 614 -31.55 -19.78 -65.10
CA GLY U 614 -31.26 -20.69 -66.19
C GLY U 614 -29.77 -20.78 -66.48
N GLY U 615 -29.42 -20.84 -67.75
CA GLY U 615 -28.03 -20.90 -68.16
C GLY U 615 -27.44 -19.52 -68.39
N SER U 616 -28.08 -18.51 -67.82
CA SER U 616 -27.64 -17.12 -67.99
C SER U 616 -26.50 -16.77 -67.04
N GLY U 617 -25.55 -15.98 -67.55
CA GLY U 617 -24.50 -15.43 -66.71
C GLY U 617 -24.99 -14.14 -66.08
N LEU U 618 -24.18 -13.55 -65.21
CA LEU U 618 -24.57 -12.32 -64.53
C LEU U 618 -24.72 -11.16 -65.51
N ASP U 619 -24.03 -11.23 -66.64
CA ASP U 619 -24.13 -10.20 -67.67
C ASP U 619 -25.26 -10.50 -68.65
N GLU U 620 -25.81 -11.70 -68.57
CA GLU U 620 -26.96 -12.07 -69.40
C GLU U 620 -28.25 -11.89 -68.61
N PHE U 621 -28.36 -10.77 -67.89
CA PHE U 621 -29.51 -10.51 -67.03
C PHE U 621 -30.76 -10.13 -67.82
N ILE U 622 -31.89 -10.09 -67.13
CA ILE U 622 -33.15 -9.67 -67.73
C ILE U 622 -33.68 -8.42 -67.02
N ASN U 623 -33.48 -7.27 -67.65
CA ASN U 623 -33.87 -6.00 -67.04
C ASN U 623 -35.35 -5.70 -67.27
N PHE U 624 -35.85 -4.66 -66.60
CA PHE U 624 -37.25 -4.27 -66.70
C PHE U 624 -37.60 -3.70 -68.07
N ASP U 625 -38.79 -4.01 -68.53
CA ASP U 625 -39.30 -3.50 -69.81
C ASP U 625 -40.78 -3.20 -69.70
N PRO U 626 -41.15 -1.93 -69.85
CA PRO U 626 -42.55 -1.47 -69.73
C PRO U 626 -43.48 -2.17 -70.71
N GLU U 627 -43.08 -2.25 -71.97
CA GLU U 627 -43.93 -2.85 -73.01
C GLU U 627 -44.15 -4.34 -72.77
N VAL U 628 -43.09 -5.04 -72.34
CA VAL U 628 -43.17 -6.47 -72.08
C VAL U 628 -44.14 -6.78 -70.95
N GLU U 629 -44.10 -5.98 -69.89
CA GLU U 629 -44.98 -6.18 -68.74
C GLU U 629 -46.44 -5.99 -69.15
N ARG U 630 -46.69 -5.07 -70.07
CA ARG U 630 -48.04 -4.85 -70.58
C ARG U 630 -48.51 -6.04 -71.39
N GLN U 631 -47.58 -6.67 -72.10
CA GLN U 631 -47.90 -7.82 -72.94
C GLN U 631 -48.26 -9.04 -72.10
N GLN U 632 -47.46 -9.31 -71.06
CA GLN U 632 -47.73 -10.43 -70.17
C GLN U 632 -48.93 -10.16 -69.28
N THR U 633 -49.25 -8.88 -69.11
CA THR U 633 -50.44 -8.49 -68.36
C THR U 633 -51.69 -8.93 -69.12
N GLU U 634 -51.61 -8.84 -70.44
CA GLU U 634 -52.73 -9.22 -71.30
C GLU U 634 -52.71 -10.71 -71.61
N LEU U 635 -51.52 -11.28 -71.75
CA LEU U 635 -51.35 -12.69 -72.03
C LEU U 635 -51.83 -13.55 -70.86
N ARG U 636 -51.57 -13.07 -69.65
CA ARG U 636 -51.99 -13.77 -68.44
C ARG U 636 -53.50 -13.83 -68.33
N HIS U 637 -54.16 -12.72 -68.63
CA HIS U 637 -55.62 -12.65 -68.58
C HIS U 637 -56.25 -13.63 -69.57
N LYS U 638 -55.54 -13.88 -70.67
CA LYS U 638 -56.02 -14.79 -71.70
C LYS U 638 -55.88 -16.24 -71.27
N ARG U 639 -54.69 -16.61 -70.82
CA ARG U 639 -54.41 -18.00 -70.43
C ARG U 639 -55.14 -18.41 -69.16
N THR U 640 -55.24 -17.48 -68.21
CA THR U 640 -55.93 -17.76 -66.95
C THR U 640 -57.44 -17.61 -67.10
N GLY U 641 -57.85 -16.95 -68.17
CA GLY U 641 -59.28 -16.74 -68.43
C GLY U 641 -59.83 -15.57 -67.66
N GLY U 642 -59.00 -14.57 -67.42
CA GLY U 642 -59.42 -13.36 -66.74
C GLY U 642 -59.31 -13.45 -65.23
N LYS U 643 -59.00 -14.64 -64.72
CA LYS U 643 -58.86 -14.84 -63.29
C LYS U 643 -57.64 -14.13 -62.74
N HIS U 644 -56.52 -14.22 -63.45
CA HIS U 644 -55.29 -13.57 -63.04
C HIS U 644 -54.74 -12.70 -64.17
N PRO V 40 -37.46 -56.98 -66.84
CA PRO V 40 -38.56 -57.88 -66.49
C PRO V 40 -39.92 -57.19 -66.60
N ASP V 41 -40.66 -57.51 -67.66
CA ASP V 41 -41.97 -56.92 -67.92
C ASP V 41 -41.89 -55.39 -67.92
N MET V 42 -41.22 -54.85 -68.93
CA MET V 42 -40.99 -53.41 -69.02
C MET V 42 -42.27 -52.64 -69.32
N ASP V 43 -42.33 -51.39 -68.85
CA ASP V 43 -43.48 -50.54 -69.09
C ASP V 43 -43.07 -49.34 -69.95
N THR V 44 -43.84 -49.09 -71.01
CA THR V 44 -43.54 -47.99 -71.92
C THR V 44 -44.66 -46.96 -71.94
N SER V 45 -45.49 -46.96 -70.91
CA SER V 45 -46.61 -46.03 -70.82
C SER V 45 -46.14 -44.61 -70.47
N PHE V 46 -44.97 -44.52 -69.86
CA PHE V 46 -44.44 -43.24 -69.40
C PHE V 46 -43.43 -42.65 -70.38
N VAL V 47 -43.27 -43.30 -71.52
CA VAL V 47 -42.33 -42.83 -72.54
C VAL V 47 -42.78 -41.51 -73.15
N GLY V 48 -41.94 -40.48 -73.00
CA GLY V 48 -42.25 -39.17 -73.52
C GLY V 48 -42.76 -38.23 -72.46
N LEU V 49 -43.01 -38.77 -71.27
CA LEU V 49 -43.54 -37.97 -70.16
C LEU V 49 -42.41 -37.43 -69.28
N THR V 50 -42.59 -36.21 -68.79
CA THR V 50 -41.64 -35.63 -67.85
C THR V 50 -41.83 -36.26 -66.47
N GLY V 51 -40.85 -36.07 -65.59
CA GLY V 51 -40.89 -36.64 -64.27
C GLY V 51 -42.12 -36.22 -63.47
N GLY V 52 -42.56 -34.99 -63.71
CA GLY V 52 -43.72 -34.45 -63.02
C GLY V 52 -45.02 -35.15 -63.39
N GLN V 53 -45.25 -35.32 -64.69
CA GLN V 53 -46.49 -35.92 -65.16
C GLN V 53 -46.46 -37.44 -65.02
N ILE V 54 -45.27 -37.99 -64.82
CA ILE V 54 -45.13 -39.40 -64.46
C ILE V 54 -45.68 -39.57 -63.04
N PHE V 55 -45.26 -38.67 -62.15
CA PHE V 55 -45.77 -38.62 -60.78
C PHE V 55 -47.28 -38.50 -60.77
N ASN V 56 -47.81 -37.70 -61.70
CA ASN V 56 -49.25 -37.49 -61.80
C ASN V 56 -50.01 -38.77 -62.09
N GLU V 57 -49.55 -39.52 -63.09
CA GLU V 57 -50.18 -40.78 -63.47
C GLU V 57 -49.98 -41.83 -62.39
N MET V 58 -48.85 -41.77 -61.71
CA MET V 58 -48.54 -42.71 -60.63
C MET V 58 -49.50 -42.54 -59.46
N MET V 59 -50.03 -41.33 -59.29
CA MET V 59 -51.00 -41.06 -58.24
C MET V 59 -52.31 -41.79 -58.51
N SER V 60 -52.75 -41.78 -59.76
CA SER V 60 -53.99 -42.44 -60.14
C SER V 60 -53.85 -43.96 -60.07
N ARG V 61 -52.63 -44.44 -60.31
CA ARG V 61 -52.37 -45.88 -60.23
C ARG V 61 -52.35 -46.35 -58.77
N GLN V 62 -51.98 -45.44 -57.87
CA GLN V 62 -51.92 -45.77 -56.45
C GLN V 62 -53.24 -45.45 -55.74
N ASN V 63 -54.28 -45.18 -56.53
CA ASN V 63 -55.61 -44.87 -56.00
C ASN V 63 -55.60 -43.73 -54.99
N VAL V 64 -54.77 -42.73 -55.25
CA VAL V 64 -54.72 -41.54 -54.40
C VAL V 64 -55.74 -40.51 -54.86
N ASP V 65 -56.63 -40.11 -53.96
CA ASP V 65 -57.69 -39.16 -54.31
C ASP V 65 -57.47 -37.80 -53.65
N THR V 66 -56.48 -37.70 -52.78
CA THR V 66 -56.20 -36.46 -52.07
C THR V 66 -54.71 -36.28 -51.82
N VAL V 67 -54.17 -35.13 -52.20
CA VAL V 67 -52.76 -34.83 -52.00
C VAL V 67 -52.57 -33.52 -51.24
N PHE V 68 -51.90 -33.61 -50.09
CA PHE V 68 -51.59 -32.42 -49.29
C PHE V 68 -50.21 -31.90 -49.66
N GLY V 69 -50.00 -30.60 -49.51
CA GLY V 69 -48.69 -30.03 -49.79
C GLY V 69 -48.62 -28.53 -50.02
N TYR V 70 -47.41 -28.04 -50.19
CA TYR V 70 -47.15 -26.62 -50.39
C TYR V 70 -46.09 -26.45 -51.49
N PRO V 71 -46.39 -25.61 -52.50
CA PRO V 71 -45.50 -25.45 -53.65
C PRO V 71 -44.17 -24.80 -53.30
N GLY V 72 -43.23 -24.87 -54.23
CA GLY V 72 -41.90 -24.31 -54.04
C GLY V 72 -41.06 -24.44 -55.29
N GLY V 73 -39.89 -23.79 -55.30
CA GLY V 73 -39.04 -23.75 -56.48
C GLY V 73 -38.55 -25.09 -56.99
N ALA V 74 -38.05 -25.93 -56.10
CA ALA V 74 -37.46 -27.21 -56.49
C ALA V 74 -38.52 -28.25 -56.84
N ILE V 75 -39.76 -27.98 -56.48
CA ILE V 75 -40.85 -28.93 -56.69
C ILE V 75 -41.79 -28.42 -57.79
N LEU V 76 -41.38 -27.36 -58.47
CA LEU V 76 -42.16 -26.76 -59.56
C LEU V 76 -42.49 -27.72 -60.72
N PRO V 77 -41.52 -28.54 -61.17
CA PRO V 77 -41.87 -29.45 -62.28
C PRO V 77 -43.00 -30.42 -61.95
N VAL V 78 -43.13 -30.79 -60.69
CA VAL V 78 -44.21 -31.68 -60.26
C VAL V 78 -45.53 -30.94 -60.18
N TYR V 79 -45.50 -29.75 -59.60
CA TYR V 79 -46.70 -28.93 -59.45
C TYR V 79 -47.24 -28.44 -60.79
N ASP V 80 -46.34 -28.20 -61.74
CA ASP V 80 -46.75 -27.75 -63.06
C ASP V 80 -47.53 -28.83 -63.79
N ALA V 81 -47.18 -30.09 -63.54
CA ALA V 81 -47.81 -31.21 -64.21
C ALA V 81 -49.16 -31.56 -63.58
N ILE V 82 -49.26 -31.41 -62.28
CA ILE V 82 -50.49 -31.72 -61.56
C ILE V 82 -51.41 -30.52 -61.50
N HIS V 83 -51.11 -29.50 -62.30
CA HIS V 83 -51.92 -28.29 -62.37
C HIS V 83 -53.33 -28.60 -62.84
N ASN V 84 -54.30 -28.40 -61.95
CA ASN V 84 -55.71 -28.70 -62.21
C ASN V 84 -55.92 -30.15 -62.65
N SER V 85 -55.21 -31.07 -62.00
CA SER V 85 -55.34 -32.49 -62.30
C SER V 85 -56.71 -33.02 -61.92
N ASP V 86 -57.27 -33.88 -62.76
CA ASP V 86 -58.57 -34.47 -62.50
C ASP V 86 -58.44 -35.84 -61.85
N LYS V 87 -57.24 -36.14 -61.35
CA LYS V 87 -56.96 -37.45 -60.77
C LYS V 87 -57.05 -37.43 -59.25
N PHE V 88 -56.88 -36.26 -58.65
CA PHE V 88 -56.90 -36.14 -57.20
C PHE V 88 -57.18 -34.71 -56.73
N ASN V 89 -57.72 -34.58 -55.53
CA ASN V 89 -57.93 -33.27 -54.92
C ASN V 89 -56.66 -32.79 -54.23
N PHE V 90 -56.56 -31.47 -54.05
CA PHE V 90 -55.39 -30.89 -53.40
C PHE V 90 -55.81 -30.01 -52.23
N VAL V 91 -55.15 -30.18 -51.10
CA VAL V 91 -55.43 -29.37 -49.92
C VAL V 91 -54.23 -28.50 -49.56
N LEU V 92 -54.40 -27.19 -49.67
CA LEU V 92 -53.32 -26.24 -49.42
C LEU V 92 -53.38 -25.64 -48.02
N PRO V 93 -52.39 -25.97 -47.18
CA PRO V 93 -52.28 -25.40 -45.83
C PRO V 93 -51.53 -24.07 -45.82
N LYS V 94 -51.28 -23.55 -44.62
CA LYS V 94 -50.50 -22.34 -44.49
C LYS V 94 -49.13 -22.67 -43.91
N HIS V 95 -48.93 -23.95 -43.63
CA HIS V 95 -47.66 -24.46 -43.12
C HIS V 95 -47.53 -25.95 -43.47
N GLU V 96 -46.31 -26.39 -43.74
CA GLU V 96 -46.07 -27.77 -44.14
C GLU V 96 -46.37 -28.75 -43.00
N GLN V 97 -46.17 -28.31 -41.76
CA GLN V 97 -46.49 -29.13 -40.60
C GLN V 97 -47.97 -29.46 -40.60
N GLY V 98 -48.78 -28.50 -41.05
CA GLY V 98 -50.20 -28.72 -41.20
C GLY V 98 -50.47 -29.80 -42.22
N ALA V 99 -49.78 -29.72 -43.35
CA ALA V 99 -49.95 -30.69 -44.44
C ALA V 99 -49.65 -32.11 -43.97
N GLY V 100 -48.68 -32.25 -43.08
CA GLY V 100 -48.32 -33.55 -42.54
C GLY V 100 -49.40 -34.09 -41.61
N HIS V 101 -49.86 -33.25 -40.70
CA HIS V 101 -50.88 -33.67 -39.73
C HIS V 101 -52.23 -33.89 -40.40
N MET V 102 -52.53 -33.11 -41.43
CA MET V 102 -53.76 -33.30 -42.19
C MET V 102 -53.72 -34.64 -42.91
N ALA V 103 -52.56 -34.96 -43.47
CA ALA V 103 -52.38 -36.23 -44.17
C ALA V 103 -52.50 -37.40 -43.19
N GLU V 104 -52.05 -37.18 -41.97
CA GLU V 104 -52.17 -38.19 -40.93
C GLU V 104 -53.63 -38.45 -40.59
N GLY V 105 -54.38 -37.37 -40.38
CA GLY V 105 -55.80 -37.47 -40.10
C GLY V 105 -56.55 -38.13 -41.24
N TYR V 106 -56.11 -37.85 -42.46
CA TYR V 106 -56.70 -38.48 -43.64
C TYR V 106 -56.47 -39.98 -43.63
N ALA V 107 -55.28 -40.40 -43.19
CA ALA V 107 -54.92 -41.80 -43.16
C ALA V 107 -55.62 -42.55 -42.03
N ARG V 108 -55.71 -41.90 -40.87
CA ARG V 108 -56.34 -42.51 -39.70
C ARG V 108 -57.84 -42.70 -39.89
N ALA V 109 -58.43 -41.89 -40.76
CA ALA V 109 -59.87 -41.88 -40.94
C ALA V 109 -60.32 -42.63 -42.20
N SER V 110 -59.38 -42.90 -43.10
CA SER V 110 -59.72 -43.57 -44.35
C SER V 110 -59.05 -44.94 -44.47
N GLY V 111 -57.89 -45.09 -43.85
CA GLY V 111 -57.13 -46.33 -43.94
C GLY V 111 -56.26 -46.35 -45.17
N LYS V 112 -56.23 -45.22 -45.88
CA LYS V 112 -55.42 -45.08 -47.08
C LYS V 112 -54.17 -44.25 -46.77
N PRO V 113 -53.09 -44.47 -47.53
CA PRO V 113 -51.86 -43.69 -47.34
C PRO V 113 -52.08 -42.19 -47.54
N GLY V 114 -51.56 -41.37 -46.63
CA GLY V 114 -51.63 -39.94 -46.77
C GLY V 114 -50.47 -39.43 -47.60
N VAL V 115 -50.77 -38.64 -48.63
CA VAL V 115 -49.72 -38.16 -49.53
C VAL V 115 -49.37 -36.70 -49.25
N VAL V 116 -48.08 -36.44 -49.10
CA VAL V 116 -47.59 -35.09 -48.85
C VAL V 116 -46.62 -34.67 -49.96
N LEU V 117 -46.88 -33.51 -50.56
CA LEU V 117 -46.03 -33.01 -51.64
C LEU V 117 -45.53 -31.60 -51.33
N VAL V 118 -44.35 -31.51 -50.72
CA VAL V 118 -43.77 -30.22 -50.37
C VAL V 118 -42.49 -29.97 -51.16
N THR V 119 -41.87 -28.81 -50.91
CA THR V 119 -40.66 -28.42 -51.64
C THR V 119 -39.40 -28.79 -50.85
N SER V 120 -38.25 -28.40 -51.39
CA SER V 120 -36.97 -28.69 -50.76
C SER V 120 -36.69 -27.74 -49.61
N GLY V 121 -35.58 -27.98 -48.90
CA GLY V 121 -35.14 -27.11 -47.84
C GLY V 121 -36.10 -27.03 -46.66
N PRO V 122 -36.60 -25.81 -46.38
CA PRO V 122 -37.47 -25.54 -45.23
C PRO V 122 -38.81 -26.27 -45.33
N GLY V 123 -39.30 -26.48 -46.55
CA GLY V 123 -40.56 -27.19 -46.75
C GLY V 123 -40.44 -28.64 -46.34
N ALA V 124 -39.24 -29.20 -46.48
CA ALA V 124 -39.00 -30.60 -46.15
C ALA V 124 -38.69 -30.76 -44.66
N THR V 125 -38.06 -29.75 -44.07
CA THR V 125 -37.71 -29.80 -42.65
C THR V 125 -38.90 -29.44 -41.78
N ASN V 126 -39.98 -28.98 -42.40
CA ASN V 126 -41.18 -28.61 -41.67
C ASN V 126 -42.15 -29.78 -41.50
N VAL V 127 -41.93 -30.84 -42.28
CA VAL V 127 -42.77 -32.03 -42.16
C VAL V 127 -42.04 -33.12 -41.36
N VAL V 128 -40.97 -32.74 -40.68
CA VAL V 128 -40.20 -33.67 -39.86
C VAL V 128 -41.03 -34.19 -38.68
N THR V 129 -41.64 -33.27 -37.95
CA THR V 129 -42.47 -33.62 -36.79
C THR V 129 -43.65 -34.54 -37.13
N PRO V 130 -44.40 -34.24 -38.22
CA PRO V 130 -45.45 -35.20 -38.58
C PRO V 130 -44.93 -36.59 -38.91
N MET V 131 -43.80 -36.67 -39.61
CA MET V 131 -43.19 -37.95 -39.94
C MET V 131 -42.74 -38.68 -38.68
N ALA V 132 -42.17 -37.93 -37.74
CA ALA V 132 -41.78 -38.49 -36.46
C ALA V 132 -43.01 -38.90 -35.67
N ASP V 133 -44.10 -38.19 -35.88
CA ASP V 133 -45.37 -38.51 -35.24
C ASP V 133 -46.00 -39.74 -35.87
N ALA V 134 -45.83 -39.87 -37.19
CA ALA V 134 -46.40 -41.00 -37.93
C ALA V 134 -45.54 -42.24 -37.76
N PHE V 135 -44.28 -42.04 -37.41
CA PHE V 135 -43.34 -43.14 -37.23
C PHE V 135 -43.56 -43.83 -35.89
N ALA V 136 -44.12 -43.09 -34.94
CA ALA V 136 -44.35 -43.62 -33.60
C ALA V 136 -45.73 -44.26 -33.46
N ASP V 137 -46.73 -43.66 -34.10
CA ASP V 137 -48.09 -44.16 -34.02
C ASP V 137 -48.41 -45.15 -35.14
N GLY V 138 -47.43 -45.37 -36.01
CA GLY V 138 -47.59 -46.31 -37.10
C GLY V 138 -48.64 -45.89 -38.12
N ILE V 139 -48.52 -44.65 -38.58
CA ILE V 139 -49.48 -44.08 -39.54
C ILE V 139 -48.92 -44.09 -40.96
N PRO V 140 -49.64 -44.74 -41.88
CA PRO V 140 -49.20 -44.87 -43.27
C PRO V 140 -49.26 -43.57 -44.06
N MET V 141 -48.12 -43.09 -44.53
CA MET V 141 -48.07 -41.90 -45.37
C MET V 141 -46.81 -41.86 -46.23
N VAL V 142 -46.93 -41.23 -47.40
CA VAL V 142 -45.81 -41.13 -48.33
C VAL V 142 -45.44 -39.67 -48.56
N VAL V 143 -44.30 -39.26 -48.03
CA VAL V 143 -43.88 -37.86 -48.12
C VAL V 143 -42.99 -37.61 -49.33
N PHE V 144 -43.51 -36.83 -50.28
CA PHE V 144 -42.72 -36.42 -51.44
C PHE V 144 -42.15 -35.03 -51.23
N THR V 145 -40.82 -34.93 -51.26
CA THR V 145 -40.16 -33.64 -51.08
C THR V 145 -39.33 -33.29 -52.32
N GLY V 146 -39.33 -32.01 -52.69
CA GLY V 146 -38.50 -31.56 -53.79
C GLY V 146 -37.05 -31.51 -53.38
N GLN V 147 -36.16 -31.29 -54.35
CA GLN V 147 -34.73 -31.21 -54.06
C GLN V 147 -34.00 -30.48 -55.19
N VAL V 148 -32.92 -29.80 -54.83
CA VAL V 148 -32.06 -29.12 -55.78
C VAL V 148 -31.58 -30.09 -56.87
N PRO V 149 -31.22 -29.56 -58.05
CA PRO V 149 -30.70 -30.40 -59.12
C PRO V 149 -29.51 -31.27 -58.69
N THR V 150 -29.33 -32.41 -59.34
CA THR V 150 -28.28 -33.36 -58.99
C THR V 150 -26.90 -32.71 -59.08
N SER V 151 -26.77 -31.74 -59.98
CA SER V 151 -25.50 -31.04 -60.18
C SER V 151 -25.21 -30.06 -59.05
N ALA V 152 -26.18 -29.84 -58.17
CA ALA V 152 -26.03 -28.88 -57.09
C ALA V 152 -25.94 -29.56 -55.73
N ILE V 153 -26.27 -30.85 -55.69
CA ILE V 153 -26.27 -31.62 -54.44
C ILE V 153 -24.86 -31.77 -53.88
N GLY V 154 -24.66 -31.30 -52.65
CA GLY V 154 -23.36 -31.37 -52.01
C GLY V 154 -22.54 -30.13 -52.24
N THR V 155 -23.21 -29.01 -52.45
CA THR V 155 -22.53 -27.73 -52.70
C THR V 155 -23.08 -26.62 -51.82
N ASP V 156 -23.83 -27.02 -50.79
CA ASP V 156 -24.54 -26.07 -49.92
C ASP V 156 -25.42 -25.16 -50.75
N ALA V 157 -26.16 -25.75 -51.68
CA ALA V 157 -26.99 -25.00 -52.62
C ALA V 157 -28.17 -24.33 -51.95
N PHE V 158 -28.90 -23.53 -52.72
CA PHE V 158 -30.06 -22.81 -52.22
C PHE V 158 -31.19 -23.75 -51.84
N GLN V 159 -31.69 -23.61 -50.61
CA GLN V 159 -32.75 -24.47 -50.07
C GLN V 159 -32.38 -25.94 -50.15
N GLU V 160 -31.13 -26.26 -49.80
CA GLU V 160 -30.68 -27.64 -49.79
C GLU V 160 -30.50 -28.14 -48.37
N ALA V 161 -31.02 -29.34 -48.11
CA ALA V 161 -30.86 -29.99 -46.81
C ALA V 161 -30.81 -31.49 -46.99
N ASP V 162 -30.00 -32.16 -46.18
CA ASP V 162 -29.89 -33.62 -46.24
C ASP V 162 -31.19 -34.25 -45.71
N VAL V 163 -32.26 -34.12 -46.49
CA VAL V 163 -33.58 -34.58 -46.08
C VAL V 163 -33.59 -36.09 -45.86
N VAL V 164 -32.87 -36.82 -46.70
CA VAL V 164 -32.75 -38.26 -46.55
C VAL V 164 -32.06 -38.61 -45.23
N GLY V 165 -31.01 -37.87 -44.91
CA GLY V 165 -30.27 -38.08 -43.68
C GLY V 165 -31.03 -37.64 -42.45
N ILE V 166 -31.76 -36.54 -42.57
CA ILE V 166 -32.56 -36.02 -41.46
C ILE V 166 -33.71 -36.96 -41.11
N SER V 167 -34.41 -37.44 -42.13
CA SER V 167 -35.61 -38.25 -41.93
C SER V 167 -35.30 -39.74 -41.85
N ARG V 168 -34.03 -40.09 -41.77
CA ARG V 168 -33.63 -41.50 -41.76
C ARG V 168 -34.10 -42.20 -40.49
N SER V 169 -34.22 -41.45 -39.40
CA SER V 169 -34.59 -42.02 -38.11
C SER V 169 -36.09 -42.01 -37.88
N CYS V 170 -36.80 -41.10 -38.52
CA CYS V 170 -38.23 -40.94 -38.29
C CYS V 170 -39.07 -41.38 -39.50
N THR V 171 -38.49 -42.20 -40.37
CA THR V 171 -39.23 -42.78 -41.49
C THR V 171 -38.96 -44.27 -41.60
N LYS V 172 -39.96 -45.02 -42.05
CA LYS V 172 -39.83 -46.46 -42.24
C LYS V 172 -38.80 -46.75 -43.32
N TRP V 173 -38.70 -45.84 -44.29
CA TRP V 173 -37.74 -45.92 -45.37
C TRP V 173 -37.70 -44.61 -46.14
N ASN V 174 -36.55 -44.30 -46.74
CA ASN V 174 -36.45 -43.14 -47.61
C ASN V 174 -35.45 -43.35 -48.74
N VAL V 175 -35.53 -42.50 -49.76
CA VAL V 175 -34.65 -42.60 -50.91
C VAL V 175 -34.66 -41.30 -51.70
N MET V 176 -33.58 -41.03 -52.41
CA MET V 176 -33.53 -39.90 -53.33
C MET V 176 -33.50 -40.43 -54.76
N VAL V 177 -34.56 -40.15 -55.52
CA VAL V 177 -34.66 -40.60 -56.89
C VAL V 177 -33.56 -39.97 -57.75
N LYS V 178 -32.56 -40.77 -58.10
CA LYS V 178 -31.39 -40.28 -58.83
C LYS V 178 -31.65 -40.20 -60.33
N SER V 179 -32.60 -41.01 -60.81
CA SER V 179 -32.90 -41.07 -62.23
C SER V 179 -34.40 -41.17 -62.47
N VAL V 180 -34.87 -40.50 -63.53
CA VAL V 180 -36.29 -40.53 -63.88
C VAL V 180 -36.72 -41.93 -64.29
N GLU V 181 -35.74 -42.75 -64.69
CA GLU V 181 -36.00 -44.14 -65.03
C GLU V 181 -36.42 -44.95 -63.80
N GLU V 182 -36.06 -44.47 -62.62
CA GLU V 182 -36.37 -45.16 -61.37
C GLU V 182 -37.58 -44.57 -60.66
N LEU V 183 -38.09 -43.46 -61.18
CA LEU V 183 -39.19 -42.74 -60.55
C LEU V 183 -40.48 -43.58 -60.38
N PRO V 184 -40.90 -44.32 -61.43
CA PRO V 184 -42.08 -45.14 -61.20
C PRO V 184 -41.81 -46.28 -60.20
N LEU V 185 -40.58 -46.75 -60.16
CA LEU V 185 -40.20 -47.84 -59.26
C LEU V 185 -40.22 -47.41 -57.80
N ARG V 186 -39.59 -46.27 -57.51
CA ARG V 186 -39.46 -45.79 -56.14
C ARG V 186 -40.83 -45.50 -55.51
N ILE V 187 -41.73 -44.92 -56.30
CA ILE V 187 -43.08 -44.62 -55.83
C ILE V 187 -43.82 -45.90 -55.45
N ASN V 188 -43.72 -46.90 -56.31
CA ASN V 188 -44.32 -48.21 -56.03
C ASN V 188 -43.71 -48.86 -54.80
N GLU V 189 -42.41 -48.67 -54.62
CA GLU V 189 -41.72 -49.18 -53.45
C GLU V 189 -42.17 -48.44 -52.20
N ALA V 190 -42.29 -47.12 -52.31
CA ALA V 190 -42.66 -46.27 -51.18
C ALA V 190 -44.03 -46.61 -50.63
N PHE V 191 -45.02 -46.68 -51.51
CA PHE V 191 -46.40 -46.95 -51.11
C PHE V 191 -46.55 -48.36 -50.50
N GLU V 192 -45.77 -49.31 -51.01
CA GLU V 192 -45.82 -50.67 -50.49
C GLU V 192 -45.22 -50.75 -49.09
N ILE V 193 -44.08 -50.11 -48.89
CA ILE V 193 -43.40 -50.10 -47.60
C ILE V 193 -44.22 -49.38 -46.54
N ALA V 194 -44.85 -48.29 -46.94
CA ALA V 194 -45.63 -47.47 -46.00
C ALA V 194 -46.90 -48.19 -45.53
N THR V 195 -47.26 -49.27 -46.19
CA THR V 195 -48.49 -49.99 -45.87
C THR V 195 -48.25 -51.44 -45.46
N SER V 196 -47.00 -51.89 -45.56
CA SER V 196 -46.66 -53.27 -45.23
C SER V 196 -46.42 -53.46 -43.74
N GLY V 197 -46.86 -54.60 -43.21
CA GLY V 197 -46.70 -54.91 -41.80
C GLY V 197 -47.32 -53.84 -40.92
N ARG V 198 -46.51 -53.22 -40.08
CA ARG V 198 -46.94 -52.06 -39.33
C ARG V 198 -46.72 -50.80 -40.17
N PRO V 199 -47.81 -50.15 -40.57
CA PRO V 199 -47.76 -48.96 -41.44
C PRO V 199 -46.87 -47.86 -40.87
N GLY V 200 -46.45 -46.94 -41.74
CA GLY V 200 -45.57 -45.85 -41.32
C GLY V 200 -45.21 -44.93 -42.46
N PRO V 201 -44.54 -43.82 -42.13
CA PRO V 201 -44.14 -42.81 -43.13
C PRO V 201 -42.93 -43.21 -43.96
N VAL V 202 -42.94 -42.83 -45.24
CA VAL V 202 -41.77 -42.99 -46.10
C VAL V 202 -41.50 -41.68 -46.84
N LEU V 203 -40.24 -41.39 -47.12
CA LEU V 203 -39.87 -40.14 -47.75
C LEU V 203 -39.22 -40.37 -49.12
N VAL V 204 -39.74 -39.68 -50.13
CA VAL V 204 -39.19 -39.78 -51.47
C VAL V 204 -38.68 -38.43 -51.94
N ASP V 205 -37.37 -38.22 -51.85
CA ASP V 205 -36.76 -36.96 -52.25
C ASP V 205 -36.71 -36.87 -53.77
N LEU V 206 -37.30 -35.80 -54.30
CA LEU V 206 -37.41 -35.63 -55.75
C LEU V 206 -36.60 -34.43 -56.25
N PRO V 207 -35.40 -34.68 -56.79
CA PRO V 207 -34.57 -33.63 -57.39
C PRO V 207 -35.29 -32.97 -58.56
N LYS V 208 -35.06 -31.67 -58.75
CA LYS V 208 -35.76 -30.92 -59.79
C LYS V 208 -35.41 -31.41 -61.19
N ASP V 209 -34.13 -31.65 -61.44
CA ASP V 209 -33.68 -32.09 -62.75
C ASP V 209 -34.28 -33.46 -63.11
N VAL V 210 -34.54 -34.27 -62.08
CA VAL V 210 -35.16 -35.57 -62.27
C VAL V 210 -36.64 -35.43 -62.62
N THR V 211 -37.33 -34.57 -61.89
CA THR V 211 -38.75 -34.35 -62.11
C THR V 211 -39.01 -33.51 -63.35
N ALA V 212 -37.96 -32.98 -63.93
CA ALA V 212 -38.08 -32.18 -65.15
C ALA V 212 -37.60 -32.96 -66.38
N ALA V 213 -36.80 -33.99 -66.14
CA ALA V 213 -36.28 -34.82 -67.22
C ALA V 213 -37.39 -35.57 -67.93
N ILE V 214 -37.15 -35.94 -69.19
CA ILE V 214 -38.13 -36.66 -69.98
C ILE V 214 -37.72 -38.11 -70.17
N LEU V 215 -38.64 -39.03 -69.89
CA LEU V 215 -38.38 -40.45 -70.00
C LEU V 215 -38.54 -40.93 -71.45
N ARG V 216 -37.47 -41.50 -72.00
CA ARG V 216 -37.49 -42.01 -73.36
C ARG V 216 -36.97 -43.44 -73.42
N ASN V 217 -37.13 -44.18 -72.33
CA ASN V 217 -36.69 -45.56 -72.25
C ASN V 217 -37.72 -46.44 -71.53
N PRO V 218 -37.80 -47.72 -71.94
CA PRO V 218 -38.64 -48.67 -71.19
C PRO V 218 -38.04 -48.93 -69.81
N ILE V 219 -38.90 -48.99 -68.79
CA ILE V 219 -38.41 -49.09 -67.43
C ILE V 219 -39.18 -50.10 -66.58
N PRO V 220 -38.50 -50.73 -65.61
CA PRO V 220 -39.16 -51.64 -64.67
C PRO V 220 -39.94 -50.88 -63.59
N THR V 221 -41.07 -51.43 -63.17
CA THR V 221 -41.91 -50.77 -62.17
C THR V 221 -42.22 -51.71 -61.00
N LYS V 222 -42.03 -53.01 -61.21
CA LYS V 222 -42.30 -53.99 -60.18
C LYS V 222 -41.26 -53.94 -59.06
N THR V 223 -41.73 -54.03 -57.83
CA THR V 223 -40.85 -53.92 -56.66
C THR V 223 -40.20 -55.26 -56.31
N THR V 224 -38.99 -55.19 -55.77
CA THR V 224 -38.26 -56.39 -55.36
C THR V 224 -37.71 -56.21 -53.95
N LEU V 225 -38.61 -56.00 -52.98
CA LEU V 225 -38.22 -55.78 -51.60
C LEU V 225 -37.48 -56.97 -51.01
N PRO V 226 -36.36 -56.71 -50.32
CA PRO V 226 -35.55 -57.74 -49.65
C PRO V 226 -36.34 -58.51 -48.60
N SER V 227 -37.30 -57.85 -47.97
CA SER V 227 -38.15 -58.50 -46.98
C SER V 227 -39.01 -59.57 -47.61
N ASN V 228 -39.50 -59.29 -48.82
CA ASN V 228 -40.33 -60.24 -49.56
C ASN V 228 -39.56 -61.48 -49.98
N ALA V 229 -38.27 -61.31 -50.25
CA ALA V 229 -37.43 -62.41 -50.70
C ALA V 229 -37.25 -63.45 -49.59
N LEU V 230 -37.10 -62.97 -48.35
CA LEU V 230 -36.92 -63.86 -47.21
C LEU V 230 -38.22 -64.54 -46.82
N ASN V 231 -39.31 -63.79 -46.82
CA ASN V 231 -40.61 -64.29 -46.38
C ASN V 231 -41.25 -65.25 -47.37
N GLN V 232 -40.93 -65.10 -48.66
CA GLN V 232 -41.50 -65.95 -49.69
C GLN V 232 -40.72 -67.24 -49.87
N LEU V 233 -39.53 -67.29 -49.27
CA LEU V 233 -38.69 -68.48 -49.36
C LEU V 233 -38.80 -69.34 -48.10
N THR V 234 -39.03 -68.68 -46.97
CA THR V 234 -39.20 -69.38 -45.69
C THR V 234 -40.67 -69.33 -45.25
N SER V 235 -41.57 -69.47 -46.21
CA SER V 235 -43.00 -69.38 -45.94
C SER V 235 -43.50 -70.55 -45.11
N ARG V 236 -43.20 -71.76 -45.58
CA ARG V 236 -43.67 -72.99 -44.92
C ARG V 236 -43.14 -73.11 -43.49
N ALA V 237 -41.96 -72.56 -43.26
CA ALA V 237 -41.35 -72.60 -41.93
C ALA V 237 -42.13 -71.73 -40.95
N GLN V 238 -42.64 -70.61 -41.44
CA GLN V 238 -43.40 -69.67 -40.61
C GLN V 238 -44.87 -70.07 -40.49
N ASP V 239 -45.44 -70.56 -41.58
CA ASP V 239 -46.84 -70.99 -41.60
C ASP V 239 -47.09 -72.11 -40.59
N GLU V 240 -46.05 -72.87 -40.30
CA GLU V 240 -46.14 -73.95 -39.32
C GLU V 240 -45.82 -73.42 -37.91
N PHE V 241 -44.87 -72.49 -37.84
CA PHE V 241 -44.49 -71.89 -36.57
C PHE V 241 -45.61 -71.06 -35.99
N VAL V 242 -46.30 -70.32 -36.85
CA VAL V 242 -47.43 -69.50 -36.44
C VAL V 242 -48.58 -70.39 -35.98
N MET V 243 -48.85 -71.45 -36.74
CA MET V 243 -49.94 -72.38 -36.41
C MET V 243 -49.74 -73.07 -35.07
N GLN V 244 -48.49 -73.43 -34.76
CA GLN V 244 -48.19 -74.07 -33.49
C GLN V 244 -48.35 -73.09 -32.35
N SER V 245 -47.98 -71.84 -32.60
CA SER V 245 -48.10 -70.79 -31.58
C SER V 245 -49.57 -70.45 -31.36
N ILE V 246 -50.37 -70.55 -32.41
CA ILE V 246 -51.81 -70.34 -32.30
C ILE V 246 -52.44 -71.42 -31.43
N ASN V 247 -52.07 -72.67 -31.69
CA ASN V 247 -52.58 -73.80 -30.91
C ASN V 247 -52.19 -73.72 -29.44
N LYS V 248 -50.93 -73.37 -29.18
CA LYS V 248 -50.46 -73.24 -27.81
C LYS V 248 -51.16 -72.10 -27.10
N ALA V 249 -51.49 -71.05 -27.84
CA ALA V 249 -52.19 -69.91 -27.28
C ALA V 249 -53.63 -70.27 -26.95
N ALA V 250 -54.28 -70.96 -27.88
CA ALA V 250 -55.66 -71.39 -27.71
C ALA V 250 -55.79 -72.33 -26.51
N ASP V 251 -54.79 -73.20 -26.34
CA ASP V 251 -54.77 -74.12 -25.20
C ASP V 251 -54.51 -73.37 -23.90
N LEU V 252 -53.82 -72.24 -24.01
CA LEU V 252 -53.52 -71.41 -22.84
C LEU V 252 -54.68 -70.50 -22.50
N ILE V 253 -55.48 -70.16 -23.51
CA ILE V 253 -56.68 -69.36 -23.31
C ILE V 253 -57.78 -70.19 -22.65
N ASN V 254 -57.88 -71.45 -23.07
CA ASN V 254 -58.89 -72.35 -22.54
C ASN V 254 -58.63 -72.75 -21.08
N LEU V 255 -57.44 -72.40 -20.58
CA LEU V 255 -57.08 -72.68 -19.20
C LEU V 255 -57.22 -71.44 -18.32
N ALA V 256 -57.43 -70.29 -18.96
CA ALA V 256 -57.51 -69.02 -18.24
C ALA V 256 -58.74 -68.93 -17.36
N LYS V 257 -58.53 -68.52 -16.11
CA LYS V 257 -59.63 -68.29 -15.18
C LYS V 257 -60.00 -66.82 -15.17
N LYS V 258 -58.98 -65.97 -15.29
CA LYS V 258 -59.18 -64.52 -15.30
C LYS V 258 -58.46 -63.88 -16.49
N PRO V 259 -58.94 -64.14 -17.72
CA PRO V 259 -58.29 -63.62 -18.92
C PRO V 259 -58.60 -62.16 -19.17
N VAL V 260 -57.67 -61.43 -19.78
CA VAL V 260 -57.87 -60.04 -20.15
C VAL V 260 -57.32 -59.76 -21.55
N LEU V 261 -58.15 -59.19 -22.42
CA LEU V 261 -57.72 -58.84 -23.76
C LEU V 261 -57.07 -57.45 -23.78
N TYR V 262 -55.76 -57.44 -23.98
CA TYR V 262 -55.00 -56.19 -24.07
C TYR V 262 -54.92 -55.75 -25.53
N VAL V 263 -55.88 -54.94 -25.94
CA VAL V 263 -56.06 -54.58 -27.34
C VAL V 263 -55.45 -53.23 -27.68
N GLY V 264 -54.69 -53.19 -28.77
CA GLY V 264 -54.04 -51.96 -29.21
C GLY V 264 -54.55 -51.46 -30.53
N ALA V 265 -53.72 -50.66 -31.22
CA ALA V 265 -54.11 -50.04 -32.48
C ALA V 265 -53.96 -50.99 -33.66
N GLY V 266 -53.33 -52.14 -33.42
CA GLY V 266 -53.06 -53.09 -34.48
C GLY V 266 -54.31 -53.75 -35.04
N ILE V 267 -55.32 -53.91 -34.19
CA ILE V 267 -56.56 -54.56 -34.59
C ILE V 267 -57.35 -53.65 -35.52
N LEU V 268 -57.03 -52.36 -35.51
CA LEU V 268 -57.71 -51.39 -36.34
C LEU V 268 -57.11 -51.32 -37.74
N ASN V 269 -55.97 -51.98 -37.93
CA ASN V 269 -55.30 -51.98 -39.22
C ASN V 269 -55.80 -53.09 -40.15
N HIS V 270 -57.07 -53.47 -39.97
CA HIS V 270 -57.73 -54.42 -40.83
C HIS V 270 -59.25 -54.24 -40.74
N ALA V 271 -59.94 -54.36 -41.86
CA ALA V 271 -61.37 -54.13 -41.93
C ALA V 271 -62.17 -55.03 -40.99
N ASP V 272 -61.80 -56.31 -40.97
CA ASP V 272 -62.49 -57.29 -40.13
C ASP V 272 -61.84 -57.42 -38.76
N GLY V 273 -61.14 -56.37 -38.35
CA GLY V 273 -60.48 -56.35 -37.05
C GLY V 273 -61.45 -56.40 -35.87
N PRO V 274 -62.19 -55.30 -35.64
CA PRO V 274 -63.15 -55.17 -34.54
C PRO V 274 -64.19 -56.30 -34.50
N ARG V 275 -64.52 -56.89 -35.65
CA ARG V 275 -65.44 -58.00 -35.69
C ARG V 275 -64.89 -59.21 -34.95
N LEU V 276 -63.73 -59.67 -35.39
CA LEU V 276 -63.09 -60.86 -34.82
C LEU V 276 -62.69 -60.63 -33.37
N LEU V 277 -62.41 -59.38 -33.02
CA LEU V 277 -62.13 -59.03 -31.62
C LEU V 277 -63.37 -59.24 -30.78
N LYS V 278 -64.51 -58.79 -31.30
CA LYS V 278 -65.79 -58.97 -30.63
C LYS V 278 -66.18 -60.44 -30.57
N GLU V 279 -65.89 -61.16 -31.65
CA GLU V 279 -66.23 -62.58 -31.74
C GLU V 279 -65.48 -63.41 -30.71
N LEU V 280 -64.19 -63.12 -30.55
CA LEU V 280 -63.39 -63.81 -29.54
C LEU V 280 -63.86 -63.46 -28.15
N SER V 281 -64.15 -62.17 -27.94
CA SER V 281 -64.60 -61.69 -26.64
C SER V 281 -65.97 -62.26 -26.27
N ASP V 282 -66.76 -62.58 -27.28
CA ASP V 282 -68.09 -63.14 -27.05
C ASP V 282 -68.04 -64.66 -26.87
N ARG V 283 -67.20 -65.32 -27.66
CA ARG V 283 -67.12 -66.78 -27.63
C ARG V 283 -66.53 -67.29 -26.32
N ALA V 284 -65.48 -66.62 -25.83
CA ALA V 284 -64.80 -67.07 -24.63
C ALA V 284 -65.10 -66.19 -23.42
N GLN V 285 -65.96 -65.19 -23.61
CA GLN V 285 -66.33 -64.25 -22.55
C GLN V 285 -65.12 -63.61 -21.91
N ILE V 286 -64.38 -62.84 -22.70
CA ILE V 286 -63.16 -62.20 -22.23
C ILE V 286 -63.34 -60.68 -22.16
N PRO V 287 -63.07 -60.09 -20.98
CA PRO V 287 -63.12 -58.63 -20.84
C PRO V 287 -62.05 -57.95 -21.67
N VAL V 288 -62.42 -56.86 -22.34
CA VAL V 288 -61.52 -56.20 -23.27
C VAL V 288 -61.11 -54.80 -22.79
N THR V 289 -59.82 -54.58 -22.67
CA THR V 289 -59.29 -53.26 -22.38
C THR V 289 -58.41 -52.78 -23.54
N THR V 290 -58.45 -51.48 -23.81
CA THR V 290 -57.73 -50.94 -24.96
C THR V 290 -56.81 -49.78 -24.56
N THR V 291 -55.81 -49.53 -25.39
CA THR V 291 -54.92 -48.39 -25.20
C THR V 291 -55.56 -47.12 -25.73
N LEU V 292 -54.82 -46.02 -25.69
CA LEU V 292 -55.31 -44.74 -26.19
C LEU V 292 -55.56 -44.81 -27.70
N GLN V 293 -54.70 -45.54 -28.40
CA GLN V 293 -54.78 -45.66 -29.85
C GLN V 293 -55.65 -46.84 -30.26
N GLY V 294 -56.19 -47.55 -29.29
CA GLY V 294 -57.05 -48.68 -29.56
C GLY V 294 -58.51 -48.39 -29.29
N LEU V 295 -58.81 -47.15 -28.92
CA LEU V 295 -60.17 -46.73 -28.61
C LEU V 295 -61.04 -46.71 -29.87
N GLY V 296 -62.21 -47.33 -29.78
CA GLY V 296 -63.11 -47.43 -30.91
C GLY V 296 -63.14 -48.84 -31.47
N SER V 297 -62.08 -49.59 -31.22
CA SER V 297 -61.97 -50.96 -31.69
C SER V 297 -62.93 -51.88 -30.94
N PHE V 298 -63.36 -51.44 -29.78
CA PHE V 298 -64.29 -52.22 -28.97
C PHE V 298 -65.40 -51.34 -28.41
N ASP V 299 -66.63 -51.84 -28.46
CA ASP V 299 -67.79 -51.11 -27.97
C ASP V 299 -67.69 -50.95 -26.46
N GLN V 300 -67.59 -49.71 -26.00
CA GLN V 300 -67.49 -49.43 -24.57
C GLN V 300 -68.86 -49.54 -23.89
N GLU V 301 -69.91 -49.70 -24.68
CA GLU V 301 -71.25 -49.91 -24.13
C GLU V 301 -71.51 -51.41 -23.97
N ASP V 302 -70.49 -52.22 -24.22
CA ASP V 302 -70.55 -53.65 -23.98
C ASP V 302 -70.18 -53.94 -22.54
N PRO V 303 -70.91 -54.86 -21.89
CA PRO V 303 -70.65 -55.23 -20.49
C PRO V 303 -69.22 -55.73 -20.26
N LYS V 304 -68.59 -56.26 -21.30
CA LYS V 304 -67.25 -56.81 -21.18
C LYS V 304 -66.17 -55.78 -21.48
N SER V 305 -66.56 -54.51 -21.53
CA SER V 305 -65.60 -53.43 -21.77
C SER V 305 -64.93 -53.00 -20.47
N LEU V 306 -63.65 -52.64 -20.55
CA LEU V 306 -62.88 -52.22 -19.39
C LEU V 306 -62.37 -50.79 -19.55
N ASP V 307 -62.87 -50.11 -20.59
CA ASP V 307 -62.42 -48.76 -20.94
C ASP V 307 -60.91 -48.73 -21.19
N MET V 308 -60.28 -47.60 -20.88
CA MET V 308 -58.86 -47.42 -21.22
C MET V 308 -57.92 -47.90 -20.12
N LEU V 309 -56.76 -48.39 -20.52
CA LEU V 309 -55.73 -48.88 -19.60
C LEU V 309 -54.49 -47.99 -19.64
N GLY V 310 -53.85 -47.80 -18.49
CA GLY V 310 -52.58 -47.11 -18.46
C GLY V 310 -52.39 -46.10 -17.35
N MET V 311 -51.53 -45.12 -17.62
CA MET V 311 -51.19 -44.07 -16.64
C MET V 311 -52.42 -43.30 -16.19
N HIS V 312 -53.28 -42.95 -17.15
CA HIS V 312 -54.50 -42.23 -16.83
C HIS V 312 -55.74 -43.04 -17.23
N GLY V 313 -55.61 -44.37 -17.18
CA GLY V 313 -56.73 -45.25 -17.43
C GLY V 313 -57.48 -45.49 -16.14
N CYS V 314 -58.72 -45.97 -16.26
CA CYS V 314 -59.55 -46.23 -15.09
C CYS V 314 -58.93 -47.32 -14.22
N ALA V 315 -59.27 -47.32 -12.94
CA ALA V 315 -58.71 -48.29 -12.00
C ALA V 315 -59.20 -49.70 -12.34
N THR V 316 -60.38 -49.79 -12.93
CA THR V 316 -60.97 -51.08 -13.29
C THR V 316 -60.10 -51.83 -14.29
N ALA V 317 -59.62 -51.11 -15.30
CA ALA V 317 -58.79 -51.71 -16.33
C ALA V 317 -57.44 -52.13 -15.76
N ASN V 318 -56.82 -51.24 -15.00
CA ASN V 318 -55.50 -51.50 -14.42
C ASN V 318 -55.52 -52.69 -13.48
N LEU V 319 -56.50 -52.74 -12.58
CA LEU V 319 -56.62 -53.82 -11.61
C LEU V 319 -56.91 -55.16 -12.29
N ALA V 320 -57.67 -55.11 -13.38
CA ALA V 320 -57.98 -56.32 -14.14
C ALA V 320 -56.73 -56.89 -14.77
N VAL V 321 -55.82 -56.01 -15.18
CA VAL V 321 -54.56 -56.41 -15.77
C VAL V 321 -53.61 -56.94 -14.69
N GLN V 322 -53.57 -56.25 -13.56
CA GLN V 322 -52.68 -56.61 -12.47
C GLN V 322 -53.13 -57.87 -11.73
N ASN V 323 -54.34 -58.34 -12.04
CA ASN V 323 -54.87 -59.53 -11.39
C ASN V 323 -55.15 -60.66 -12.38
N ALA V 324 -54.93 -60.40 -13.66
CA ALA V 324 -55.17 -61.39 -14.70
C ALA V 324 -54.12 -62.49 -14.66
N ASP V 325 -54.55 -63.74 -14.85
CA ASP V 325 -53.63 -64.86 -14.91
C ASP V 325 -53.16 -65.06 -16.35
N LEU V 326 -53.86 -64.42 -17.29
CA LEU V 326 -53.48 -64.48 -18.70
C LEU V 326 -53.78 -63.14 -19.39
N ILE V 327 -52.78 -62.62 -20.10
CA ILE V 327 -52.96 -61.38 -20.85
C ILE V 327 -52.79 -61.64 -22.35
N ILE V 328 -53.84 -61.36 -23.10
CA ILE V 328 -53.81 -61.57 -24.55
C ILE V 328 -53.57 -60.26 -25.28
N ALA V 329 -52.30 -59.89 -25.42
CA ALA V 329 -51.92 -58.65 -26.08
C ALA V 329 -52.21 -58.70 -27.57
N VAL V 330 -53.12 -57.85 -28.03
CA VAL V 330 -53.49 -57.83 -29.44
C VAL V 330 -53.31 -56.44 -30.04
N GLY V 331 -52.28 -56.30 -30.87
CA GLY V 331 -52.03 -55.05 -31.57
C GLY V 331 -51.49 -53.94 -30.70
N ALA V 332 -50.90 -54.30 -29.56
CA ALA V 332 -50.30 -53.32 -28.66
C ALA V 332 -48.82 -53.60 -28.48
N ARG V 333 -48.07 -52.59 -28.01
CA ARG V 333 -46.62 -52.73 -27.90
C ARG V 333 -46.08 -52.42 -26.52
N PHE V 334 -46.96 -52.47 -25.50
CA PHE V 334 -46.57 -52.27 -24.11
C PHE V 334 -45.82 -50.95 -23.89
N ASP V 335 -46.48 -49.83 -24.19
CA ASP V 335 -45.87 -48.51 -24.07
C ASP V 335 -45.58 -48.18 -22.61
N ASP V 336 -44.72 -47.18 -22.39
CA ASP V 336 -44.38 -46.74 -21.04
C ASP V 336 -45.58 -46.12 -20.34
N ARG V 337 -46.51 -45.58 -21.11
CA ARG V 337 -47.69 -44.93 -20.56
C ARG V 337 -48.80 -45.95 -20.28
N VAL V 338 -48.52 -47.22 -20.52
CA VAL V 338 -49.51 -48.27 -20.34
C VAL V 338 -49.11 -49.25 -19.24
N THR V 339 -47.91 -49.80 -19.37
CA THR V 339 -47.42 -50.80 -18.42
C THR V 339 -47.14 -50.21 -17.04
N GLY V 340 -46.80 -48.93 -17.00
CA GLY V 340 -46.36 -48.31 -15.77
C GLY V 340 -44.99 -48.86 -15.42
N ASN V 341 -44.80 -49.22 -14.15
CA ASN V 341 -43.56 -49.85 -13.74
C ASN V 341 -43.49 -51.29 -14.25
N ILE V 342 -42.45 -51.60 -15.01
CA ILE V 342 -42.32 -52.90 -15.65
C ILE V 342 -42.20 -54.04 -14.63
N SER V 343 -41.50 -53.77 -13.52
CA SER V 343 -41.28 -54.77 -12.50
C SER V 343 -42.59 -55.18 -11.82
N LYS V 344 -43.52 -54.23 -11.74
CA LYS V 344 -44.79 -54.47 -11.06
C LYS V 344 -45.90 -54.84 -12.05
N PHE V 345 -45.61 -54.69 -13.34
CA PHE V 345 -46.60 -54.93 -14.38
C PHE V 345 -47.02 -56.40 -14.46
N ALA V 346 -48.32 -56.64 -14.31
CA ALA V 346 -48.90 -57.98 -14.41
C ALA V 346 -48.23 -58.99 -13.48
N PRO V 347 -48.44 -58.85 -12.16
CA PRO V 347 -47.84 -59.80 -11.22
C PRO V 347 -48.52 -61.17 -11.25
N GLU V 348 -49.83 -61.18 -11.51
CA GLU V 348 -50.60 -62.42 -11.54
C GLU V 348 -50.37 -63.17 -12.85
N ALA V 349 -50.18 -62.42 -13.93
CA ALA V 349 -49.86 -63.03 -15.21
C ALA V 349 -48.43 -63.58 -15.19
N ARG V 350 -47.56 -62.89 -14.46
CA ARG V 350 -46.18 -63.31 -14.29
C ARG V 350 -46.11 -64.58 -13.46
N ARG V 351 -46.96 -64.67 -12.44
CA ARG V 351 -46.99 -65.81 -11.54
C ARG V 351 -47.60 -67.03 -12.22
N ALA V 352 -48.67 -66.81 -12.97
CA ALA V 352 -49.37 -67.88 -13.67
C ALA V 352 -48.48 -68.52 -14.73
N ALA V 353 -47.57 -67.73 -15.28
CA ALA V 353 -46.63 -68.25 -16.28
C ALA V 353 -45.62 -69.18 -15.62
N ALA V 354 -45.31 -68.93 -14.36
CA ALA V 354 -44.36 -69.74 -13.62
C ALA V 354 -45.00 -71.05 -13.17
N GLU V 355 -46.32 -71.12 -13.25
CA GLU V 355 -47.06 -72.31 -12.85
C GLU V 355 -47.69 -73.01 -14.05
N GLY V 356 -47.38 -72.53 -15.25
CA GLY V 356 -47.85 -73.13 -16.48
C GLY V 356 -49.35 -73.07 -16.67
N ARG V 357 -50.01 -72.12 -16.01
CA ARG V 357 -51.45 -71.98 -16.08
C ARG V 357 -51.87 -70.69 -16.78
N GLY V 358 -50.88 -69.88 -17.16
CA GLY V 358 -51.15 -68.62 -17.81
C GLY V 358 -49.90 -67.93 -18.33
N GLY V 359 -49.95 -66.61 -18.41
CA GLY V 359 -48.81 -65.83 -18.89
C GLY V 359 -49.22 -64.68 -19.79
N ILE V 360 -48.46 -64.48 -20.86
CA ILE V 360 -48.75 -63.42 -21.82
C ILE V 360 -48.70 -63.95 -23.26
N ILE V 361 -49.78 -63.72 -24.00
CA ILE V 361 -49.83 -64.07 -25.41
C ILE V 361 -49.86 -62.79 -26.25
N HIS V 362 -48.88 -62.65 -27.15
CA HIS V 362 -48.74 -61.41 -27.90
C HIS V 362 -48.98 -61.61 -29.40
N PHE V 363 -50.01 -60.94 -29.91
CA PHE V 363 -50.27 -60.91 -31.35
C PHE V 363 -49.61 -59.68 -31.97
N GLU V 364 -48.50 -59.90 -32.67
CA GLU V 364 -47.72 -58.79 -33.19
C GLU V 364 -47.24 -59.05 -34.62
N VAL V 365 -47.30 -58.03 -35.47
CA VAL V 365 -46.90 -58.16 -36.86
C VAL V 365 -45.40 -57.89 -37.02
N SER V 366 -44.82 -57.16 -36.08
CA SER V 366 -43.39 -56.85 -36.11
C SER V 366 -42.64 -57.57 -35.01
N PRO V 367 -41.88 -58.61 -35.37
CA PRO V 367 -41.06 -59.39 -34.43
C PRO V 367 -40.15 -58.50 -33.60
N LYS V 368 -39.81 -57.35 -34.15
CA LYS V 368 -39.02 -56.32 -33.46
C LYS V 368 -39.62 -55.93 -32.12
N ASN V 369 -40.95 -55.84 -32.06
CA ASN V 369 -41.64 -55.41 -30.85
C ASN V 369 -42.14 -56.57 -29.99
N ILE V 370 -41.61 -57.76 -30.23
CA ILE V 370 -41.95 -58.93 -29.42
C ILE V 370 -40.82 -59.24 -28.44
N ASN V 371 -41.18 -59.48 -27.19
CA ASN V 371 -40.21 -59.72 -26.11
C ASN V 371 -39.24 -58.54 -25.96
N LYS V 372 -39.70 -57.35 -26.28
CA LYS V 372 -38.88 -56.14 -26.19
C LYS V 372 -39.03 -55.47 -24.84
N VAL V 373 -40.29 -55.26 -24.43
CA VAL V 373 -40.57 -54.58 -23.17
C VAL V 373 -40.83 -55.61 -22.06
N VAL V 374 -41.60 -56.64 -22.39
CA VAL V 374 -41.90 -57.71 -21.44
C VAL V 374 -41.76 -59.08 -22.08
N GLN V 375 -41.31 -60.06 -21.30
CA GLN V 375 -41.14 -61.42 -21.79
C GLN V 375 -42.48 -62.11 -21.99
N THR V 376 -42.81 -62.39 -23.24
CA THR V 376 -44.04 -63.11 -23.56
C THR V 376 -43.81 -64.61 -23.50
N GLN V 377 -44.88 -65.37 -23.33
CA GLN V 377 -44.79 -66.83 -23.27
C GLN V 377 -45.12 -67.44 -24.62
N ILE V 378 -45.96 -66.74 -25.39
CA ILE V 378 -46.35 -67.19 -26.72
C ILE V 378 -46.40 -66.02 -27.70
N ALA V 379 -45.65 -66.15 -28.79
CA ALA V 379 -45.61 -65.09 -29.80
C ALA V 379 -46.27 -65.54 -31.10
N VAL V 380 -47.35 -64.87 -31.46
CA VAL V 380 -48.05 -65.18 -32.70
C VAL V 380 -47.80 -64.10 -33.75
N GLU V 381 -46.79 -64.33 -34.59
CA GLU V 381 -46.38 -63.36 -35.60
C GLU V 381 -47.38 -63.27 -36.75
N GLY V 382 -47.57 -62.06 -37.26
CA GLY V 382 -48.48 -61.83 -38.37
C GLY V 382 -49.57 -60.83 -38.02
N ASP V 383 -50.51 -60.63 -38.94
CA ASP V 383 -51.64 -59.75 -38.70
C ASP V 383 -52.52 -60.30 -37.59
N ALA V 384 -52.75 -59.48 -36.57
CA ALA V 384 -53.54 -59.89 -35.41
C ALA V 384 -54.94 -60.33 -35.83
N THR V 385 -55.54 -59.58 -36.74
CA THR V 385 -56.87 -59.87 -37.25
C THR V 385 -56.92 -61.25 -37.90
N THR V 386 -55.95 -61.52 -38.78
CA THR V 386 -55.86 -62.80 -39.47
C THR V 386 -55.71 -63.96 -38.50
N ASN V 387 -54.75 -63.84 -37.59
CA ASN V 387 -54.46 -64.89 -36.63
C ASN V 387 -55.60 -65.14 -35.65
N LEU V 388 -56.37 -64.10 -35.36
CA LEU V 388 -57.53 -64.24 -34.48
C LEU V 388 -58.59 -65.10 -35.16
N GLY V 389 -58.68 -65.00 -36.49
CA GLY V 389 -59.62 -65.79 -37.26
C GLY V 389 -59.18 -67.23 -37.39
N LYS V 390 -57.88 -67.47 -37.29
CA LYS V 390 -57.33 -68.82 -37.39
C LYS V 390 -57.39 -69.55 -36.04
N MET V 391 -57.81 -68.83 -35.00
CA MET V 391 -57.79 -69.38 -33.65
C MET V 391 -59.19 -69.64 -33.10
N MET V 392 -60.18 -68.92 -33.64
CA MET V 392 -61.55 -68.99 -33.14
C MET V 392 -62.08 -70.41 -32.99
N SER V 393 -61.82 -71.24 -33.99
CA SER V 393 -62.30 -72.62 -33.97
C SER V 393 -61.65 -73.45 -32.86
N LYS V 394 -60.52 -72.96 -32.35
CA LYS V 394 -59.79 -73.66 -31.30
C LYS V 394 -60.12 -73.10 -29.93
N ILE V 395 -61.01 -72.10 -29.90
CA ILE V 395 -61.41 -71.48 -28.65
C ILE V 395 -62.64 -72.13 -28.05
N PHE V 396 -62.48 -72.71 -26.86
CA PHE V 396 -63.57 -73.37 -26.16
C PHE V 396 -64.63 -72.36 -25.74
N PRO V 397 -65.84 -72.46 -26.32
CA PRO V 397 -66.93 -71.52 -26.08
C PRO V 397 -67.37 -71.42 -24.62
N VAL V 398 -67.61 -70.20 -24.16
CA VAL V 398 -68.09 -69.97 -22.80
C VAL V 398 -69.33 -69.09 -22.84
N LYS V 399 -70.35 -69.47 -22.08
CA LYS V 399 -71.60 -68.71 -22.04
C LYS V 399 -71.55 -67.67 -20.92
N GLU V 400 -70.89 -68.03 -19.82
CA GLU V 400 -70.79 -67.12 -18.68
C GLU V 400 -69.51 -67.36 -17.86
N ARG V 401 -68.83 -66.27 -17.53
CA ARG V 401 -67.65 -66.32 -16.67
C ARG V 401 -67.97 -65.59 -15.37
N SER V 402 -68.70 -66.29 -14.50
CA SER V 402 -69.34 -65.67 -13.33
C SER V 402 -68.40 -64.98 -12.34
N GLU V 403 -67.47 -65.74 -11.78
CA GLU V 403 -66.66 -65.27 -10.65
C GLU V 403 -65.72 -64.11 -11.02
N TRP V 404 -65.35 -64.03 -12.29
CA TRP V 404 -64.38 -63.04 -12.73
C TRP V 404 -65.02 -61.68 -13.00
N PHE V 405 -66.19 -61.69 -13.65
CA PHE V 405 -66.89 -60.44 -13.95
C PHE V 405 -67.54 -59.83 -12.70
N ALA V 406 -67.75 -60.65 -11.69
CA ALA V 406 -68.30 -60.17 -10.42
C ALA V 406 -67.29 -59.23 -9.76
N GLN V 407 -66.02 -59.58 -9.84
CA GLN V 407 -64.95 -58.75 -9.31
C GLN V 407 -64.79 -57.49 -10.14
N ILE V 408 -64.92 -57.63 -11.45
CA ILE V 408 -64.79 -56.51 -12.37
C ILE V 408 -65.91 -55.49 -12.15
N ASN V 409 -67.14 -55.98 -11.99
CA ASN V 409 -68.28 -55.10 -11.75
C ASN V 409 -68.19 -54.40 -10.39
N LYS V 410 -67.48 -55.01 -9.46
CA LYS V 410 -67.21 -54.38 -8.18
C LYS V 410 -66.22 -53.24 -8.36
N TRP V 411 -65.22 -53.47 -9.21
CA TRP V 411 -64.21 -52.46 -9.51
C TRP V 411 -64.81 -51.29 -10.29
N LYS V 412 -65.82 -51.58 -11.11
CA LYS V 412 -66.47 -50.55 -11.91
C LYS V 412 -67.31 -49.61 -11.05
N LYS V 413 -67.93 -50.17 -10.01
CA LYS V 413 -68.81 -49.40 -9.14
C LYS V 413 -68.04 -48.66 -8.06
N GLU V 414 -66.80 -49.08 -7.81
CA GLU V 414 -65.98 -48.49 -6.76
C GLU V 414 -65.05 -47.41 -7.31
N TYR V 415 -64.65 -47.55 -8.56
CA TYR V 415 -63.77 -46.57 -9.20
C TYR V 415 -64.33 -46.15 -10.56
N PRO V 416 -65.33 -45.27 -10.56
CA PRO V 416 -66.02 -44.89 -11.81
C PRO V 416 -65.65 -43.51 -12.36
N TYR V 417 -64.37 -43.22 -12.53
CA TYR V 417 -63.92 -41.94 -13.09
C TYR V 417 -64.52 -40.75 -12.35
N ALA V 418 -64.13 -40.57 -11.09
CA ALA V 418 -64.70 -39.51 -10.26
C ALA V 418 -63.91 -38.21 -10.37
N TYR V 419 -64.62 -37.09 -10.25
CA TYR V 419 -64.00 -35.77 -10.27
C TYR V 419 -64.90 -34.73 -9.59
N MET V 420 -64.31 -33.60 -9.21
CA MET V 420 -65.06 -32.51 -8.59
C MET V 420 -66.03 -31.89 -9.58
N GLU V 421 -67.28 -32.31 -9.52
CA GLU V 421 -68.31 -31.80 -10.43
C GLU V 421 -68.72 -30.37 -10.06
N GLU V 422 -69.54 -29.77 -10.91
CA GLU V 422 -69.91 -28.37 -10.75
C GLU V 422 -70.70 -28.08 -9.48
N THR V 423 -70.35 -26.97 -8.83
CA THR V 423 -71.13 -26.42 -7.73
C THR V 423 -71.54 -25.01 -8.11
N PRO V 424 -72.68 -24.53 -7.60
CA PRO V 424 -73.15 -23.19 -7.95
C PRO V 424 -72.15 -22.09 -7.60
N GLY V 425 -71.69 -21.37 -8.60
CA GLY V 425 -70.73 -20.29 -8.40
C GLY V 425 -69.33 -20.65 -8.86
N SER V 426 -69.15 -21.91 -9.24
CA SER V 426 -67.84 -22.39 -9.69
C SER V 426 -67.74 -22.39 -11.21
N LYS V 427 -66.51 -22.41 -11.72
CA LYS V 427 -66.28 -22.46 -13.16
C LYS V 427 -66.71 -23.81 -13.72
N ILE V 428 -66.87 -23.85 -15.04
CA ILE V 428 -67.27 -25.09 -15.72
C ILE V 428 -66.16 -26.14 -15.62
N LYS V 429 -66.53 -27.35 -15.20
CA LYS V 429 -65.56 -28.44 -15.10
C LYS V 429 -65.31 -29.05 -16.48
N PRO V 430 -64.04 -29.19 -16.86
CA PRO V 430 -63.63 -29.66 -18.19
C PRO V 430 -64.13 -31.07 -18.50
N GLN V 431 -64.20 -31.93 -17.50
CA GLN V 431 -64.67 -33.30 -17.69
C GLN V 431 -66.15 -33.31 -18.08
N THR V 432 -66.92 -32.42 -17.46
CA THR V 432 -68.35 -32.33 -17.71
C THR V 432 -68.63 -31.93 -19.16
N VAL V 433 -67.76 -31.08 -19.71
CA VAL V 433 -67.88 -30.65 -21.09
C VAL V 433 -67.79 -31.82 -22.04
N ILE V 434 -66.90 -32.76 -21.72
CA ILE V 434 -66.70 -33.95 -22.53
C ILE V 434 -67.90 -34.90 -22.43
N LYS V 435 -68.38 -35.10 -21.21
CA LYS V 435 -69.51 -35.99 -20.96
C LYS V 435 -70.78 -35.49 -21.65
N LYS V 436 -70.90 -34.16 -21.77
CA LYS V 436 -72.05 -33.56 -22.42
C LYS V 436 -71.91 -33.56 -23.94
N LEU V 437 -70.72 -33.22 -24.43
CA LEU V 437 -70.47 -33.16 -25.87
C LEU V 437 -70.65 -34.53 -26.52
N SER V 438 -70.30 -35.59 -25.79
CA SER V 438 -70.45 -36.95 -26.29
C SER V 438 -71.91 -37.28 -26.55
N LYS V 439 -72.79 -36.74 -25.72
CA LYS V 439 -74.22 -36.99 -25.85
C LYS V 439 -74.85 -36.11 -26.94
N VAL V 440 -74.36 -34.88 -27.05
CA VAL V 440 -74.87 -33.96 -28.06
C VAL V 440 -74.52 -34.45 -29.47
N ALA V 441 -73.36 -35.07 -29.59
CA ALA V 441 -72.86 -35.53 -30.89
C ALA V 441 -73.69 -36.68 -31.46
N ASN V 442 -73.93 -37.71 -30.65
CA ASN V 442 -74.61 -38.90 -31.14
C ASN V 442 -76.11 -38.71 -31.32
N ASP V 443 -76.64 -37.60 -30.80
CA ASP V 443 -78.05 -37.29 -30.96
C ASP V 443 -78.35 -36.76 -32.35
N THR V 444 -77.29 -36.47 -33.11
CA THR V 444 -77.44 -35.96 -34.47
C THR V 444 -77.56 -37.11 -35.47
N GLY V 445 -77.12 -38.30 -35.06
CA GLY V 445 -77.19 -39.47 -35.91
C GLY V 445 -76.01 -39.56 -36.87
N ARG V 446 -75.32 -38.45 -37.04
CA ARG V 446 -74.17 -38.38 -37.96
C ARG V 446 -72.99 -39.19 -37.42
N HIS V 447 -72.10 -39.57 -38.33
CA HIS V 447 -70.87 -40.25 -37.93
C HIS V 447 -69.88 -39.26 -37.34
N VAL V 448 -69.49 -39.49 -36.09
CA VAL V 448 -68.63 -38.54 -35.39
C VAL V 448 -67.18 -38.99 -35.30
N ILE V 449 -66.28 -38.18 -35.84
CA ILE V 449 -64.85 -38.41 -35.73
C ILE V 449 -64.24 -37.37 -34.80
N VAL V 450 -63.47 -37.83 -33.80
CA VAL V 450 -62.92 -36.92 -32.80
C VAL V 450 -61.39 -36.90 -32.82
N THR V 451 -60.83 -35.72 -33.08
CA THR V 451 -59.39 -35.51 -32.99
C THR V 451 -59.08 -34.57 -31.84
N THR V 452 -57.96 -34.78 -31.17
CA THR V 452 -57.59 -33.95 -30.02
C THR V 452 -56.17 -33.44 -30.13
N GLY V 453 -55.82 -32.51 -29.24
CA GLY V 453 -54.45 -32.05 -29.12
C GLY V 453 -53.70 -32.94 -28.15
N VAL V 454 -52.82 -32.34 -27.35
CA VAL V 454 -52.05 -33.11 -26.37
C VAL V 454 -52.07 -32.43 -25.01
N GLY V 455 -52.51 -33.16 -23.99
CA GLY V 455 -52.57 -32.62 -22.64
C GLY V 455 -53.74 -33.19 -21.85
N GLN V 456 -54.14 -32.46 -20.80
CA GLN V 456 -55.23 -32.89 -19.94
C GLN V 456 -56.55 -33.04 -20.70
N HIS V 457 -56.77 -32.17 -21.67
CA HIS V 457 -57.98 -32.20 -22.47
C HIS V 457 -58.05 -33.47 -23.32
N GLN V 458 -56.87 -33.99 -23.68
CA GLN V 458 -56.77 -35.20 -24.48
C GLN V 458 -57.18 -36.43 -23.66
N MET V 459 -56.72 -36.48 -22.41
CA MET V 459 -57.04 -37.59 -21.53
C MET V 459 -58.51 -37.62 -21.17
N TRP V 460 -59.07 -36.45 -20.87
CA TRP V 460 -60.48 -36.33 -20.52
C TRP V 460 -61.38 -36.64 -21.70
N ALA V 461 -60.88 -36.39 -22.90
CA ALA V 461 -61.63 -36.68 -24.12
C ALA V 461 -61.64 -38.19 -24.40
N ALA V 462 -60.70 -38.91 -23.80
CA ALA V 462 -60.62 -40.35 -23.96
C ALA V 462 -61.32 -41.07 -22.82
N GLN V 463 -61.30 -40.46 -21.65
CA GLN V 463 -61.90 -41.05 -20.46
C GLN V 463 -63.43 -40.99 -20.48
N HIS V 464 -63.96 -39.80 -20.74
CA HIS V 464 -65.38 -39.55 -20.57
C HIS V 464 -66.19 -39.58 -21.86
N TRP V 465 -65.56 -39.95 -22.97
CA TRP V 465 -66.26 -40.14 -24.22
C TRP V 465 -66.56 -41.62 -24.42
N THR V 466 -67.79 -41.93 -24.78
CA THR V 466 -68.20 -43.31 -24.98
C THR V 466 -67.88 -43.79 -26.39
N TRP V 467 -66.74 -44.47 -26.52
CA TRP V 467 -66.25 -44.93 -27.82
C TRP V 467 -66.93 -46.24 -28.23
N ARG V 468 -67.44 -46.28 -29.45
CA ARG V 468 -68.15 -47.47 -29.94
C ARG V 468 -67.71 -47.85 -31.35
N ASN V 469 -67.48 -46.84 -32.19
CA ASN V 469 -67.14 -47.07 -33.58
C ASN V 469 -65.65 -46.94 -33.86
N PRO V 470 -65.11 -47.86 -34.69
CA PRO V 470 -63.69 -47.85 -35.06
C PRO V 470 -63.32 -46.67 -35.94
N HIS V 471 -62.06 -46.25 -35.87
CA HIS V 471 -61.55 -45.12 -36.65
C HIS V 471 -62.36 -43.84 -36.41
N THR V 472 -62.67 -43.58 -35.14
CA THR V 472 -63.39 -42.37 -34.77
C THR V 472 -62.62 -41.57 -33.73
N PHE V 473 -61.47 -42.09 -33.31
CA PHE V 473 -60.59 -41.37 -32.41
C PHE V 473 -59.20 -41.21 -33.01
N ILE V 474 -58.84 -39.98 -33.32
CA ILE V 474 -57.56 -39.69 -33.95
C ILE V 474 -56.72 -38.73 -33.10
N THR V 475 -55.82 -39.28 -32.30
CA THR V 475 -55.00 -38.48 -31.39
C THR V 475 -53.54 -38.92 -31.42
N SER V 476 -52.64 -37.98 -31.12
CA SER V 476 -51.21 -38.27 -31.07
C SER V 476 -50.80 -38.74 -29.69
N GLY V 477 -50.29 -39.98 -29.61
CA GLY V 477 -49.91 -40.56 -28.34
C GLY V 477 -48.47 -41.02 -28.28
N GLY V 478 -47.98 -41.55 -29.40
CA GLY V 478 -46.60 -42.01 -29.47
C GLY V 478 -45.60 -40.89 -29.31
N LEU V 479 -45.80 -39.82 -30.09
CA LEU V 479 -44.92 -38.66 -30.01
C LEU V 479 -45.57 -37.55 -29.20
N GLY V 480 -46.91 -37.54 -29.18
CA GLY V 480 -47.65 -36.54 -28.43
C GLY V 480 -47.37 -35.12 -28.91
N THR V 481 -47.74 -34.84 -30.15
CA THR V 481 -47.46 -33.54 -30.76
C THR V 481 -48.58 -32.54 -30.52
N MET V 482 -48.24 -31.40 -29.92
CA MET V 482 -49.20 -30.31 -29.73
C MET V 482 -49.51 -29.66 -31.07
N GLY V 483 -50.74 -29.21 -31.23
CA GLY V 483 -51.17 -28.61 -32.49
C GLY V 483 -51.55 -29.67 -33.48
N TYR V 484 -51.75 -30.89 -32.98
CA TYR V 484 -52.16 -32.01 -33.81
C TYR V 484 -53.65 -31.97 -34.10
N GLY V 485 -54.40 -31.42 -33.15
CA GLY V 485 -55.85 -31.43 -33.20
C GLY V 485 -56.50 -30.84 -34.45
N LEU V 486 -56.28 -29.54 -34.68
CA LEU V 486 -56.94 -28.84 -35.78
C LEU V 486 -56.59 -29.37 -37.18
N PRO V 487 -55.30 -29.53 -37.50
CA PRO V 487 -55.02 -30.03 -38.86
C PRO V 487 -55.47 -31.47 -39.09
N ALA V 488 -55.28 -32.35 -38.12
CA ALA V 488 -55.72 -33.73 -38.25
C ALA V 488 -57.24 -33.80 -38.39
N ALA V 489 -57.93 -32.82 -37.82
CA ALA V 489 -59.37 -32.73 -37.95
C ALA V 489 -59.76 -32.38 -39.39
N ILE V 490 -58.98 -31.49 -40.00
CA ILE V 490 -59.23 -31.08 -41.38
C ILE V 490 -59.05 -32.26 -42.33
N GLY V 491 -57.94 -32.97 -42.19
CA GLY V 491 -57.65 -34.10 -43.05
C GLY V 491 -58.65 -35.22 -42.90
N ALA V 492 -59.14 -35.43 -41.69
CA ALA V 492 -60.15 -36.46 -41.44
C ALA V 492 -61.48 -36.08 -42.10
N GLN V 493 -61.75 -34.78 -42.14
CA GLN V 493 -62.96 -34.27 -42.77
C GLN V 493 -62.89 -34.44 -44.29
N VAL V 494 -61.68 -34.36 -44.84
CA VAL V 494 -61.46 -34.55 -46.27
C VAL V 494 -61.70 -36.02 -46.63
N ALA V 495 -61.24 -36.92 -45.76
CA ALA V 495 -61.43 -38.35 -45.96
C ALA V 495 -62.89 -38.74 -45.78
N LYS V 496 -63.55 -38.10 -44.82
CA LYS V 496 -64.95 -38.37 -44.52
C LYS V 496 -65.77 -37.09 -44.57
N PRO V 497 -66.19 -36.68 -45.77
CA PRO V 497 -66.90 -35.42 -46.03
C PRO V 497 -68.21 -35.27 -45.26
N GLU V 498 -68.94 -36.37 -45.08
CA GLU V 498 -70.24 -36.32 -44.42
C GLU V 498 -70.09 -36.35 -42.90
N SER V 499 -69.02 -36.99 -42.43
CA SER V 499 -68.81 -37.18 -41.00
C SER V 499 -68.68 -35.87 -40.22
N LEU V 500 -69.14 -35.90 -38.97
CA LEU V 500 -69.01 -34.76 -38.07
C LEU V 500 -67.67 -34.80 -37.36
N VAL V 501 -66.74 -33.95 -37.77
CA VAL V 501 -65.41 -33.94 -37.18
C VAL V 501 -65.27 -32.89 -36.09
N ILE V 502 -65.05 -33.34 -34.87
CA ILE V 502 -64.90 -32.45 -33.72
C ILE V 502 -63.47 -32.46 -33.20
N ASP V 503 -62.89 -31.27 -33.07
CA ASP V 503 -61.54 -31.15 -32.53
C ASP V 503 -61.57 -30.71 -31.07
N ILE V 504 -61.43 -31.66 -30.16
CA ILE V 504 -61.33 -31.35 -28.74
C ILE V 504 -59.89 -30.93 -28.44
N ASP V 505 -59.62 -29.64 -28.59
CA ASP V 505 -58.26 -29.12 -28.50
C ASP V 505 -58.01 -28.38 -27.20
N GLY V 506 -56.74 -28.13 -26.90
CA GLY V 506 -56.36 -27.36 -25.73
C GLY V 506 -55.82 -26.01 -26.15
N ASP V 507 -55.90 -25.02 -25.24
CA ASP V 507 -55.53 -23.65 -25.59
C ASP V 507 -54.05 -23.53 -25.95
N ALA V 508 -53.19 -24.24 -25.23
CA ALA V 508 -51.75 -24.20 -25.50
C ALA V 508 -51.44 -25.01 -26.76
N SER V 509 -52.16 -26.11 -26.94
CA SER V 509 -51.98 -26.95 -28.12
C SER V 509 -52.48 -26.23 -29.37
N PHE V 510 -53.67 -25.63 -29.28
CA PHE V 510 -54.28 -24.93 -30.40
C PHE V 510 -53.42 -23.73 -30.82
N ASN V 511 -52.70 -23.16 -29.88
CA ASN V 511 -51.83 -22.02 -30.15
C ASN V 511 -50.51 -22.42 -30.81
N MET V 512 -50.55 -23.42 -31.68
CA MET V 512 -49.35 -23.83 -32.41
C MET V 512 -49.67 -24.06 -33.89
N THR V 513 -50.91 -24.44 -34.16
CA THR V 513 -51.34 -24.68 -35.53
C THR V 513 -52.68 -24.02 -35.82
N LEU V 514 -52.95 -22.90 -35.15
CA LEU V 514 -54.20 -22.17 -35.36
C LEU V 514 -54.20 -21.48 -36.71
N THR V 515 -53.04 -21.46 -37.35
CA THR V 515 -52.90 -20.86 -38.68
C THR V 515 -53.71 -21.64 -39.73
N GLU V 516 -54.05 -22.87 -39.41
CA GLU V 516 -54.73 -23.75 -40.36
C GLU V 516 -56.24 -23.54 -40.35
N LEU V 517 -56.72 -22.62 -39.52
CA LEU V 517 -58.14 -22.30 -39.47
C LEU V 517 -58.64 -21.82 -40.81
N SER V 518 -57.85 -20.94 -41.44
CA SER V 518 -58.17 -20.43 -42.77
C SER V 518 -58.03 -21.53 -43.81
N SER V 519 -57.16 -22.50 -43.53
CA SER V 519 -56.96 -23.64 -44.43
C SER V 519 -58.19 -24.55 -44.41
N ALA V 520 -58.92 -24.52 -43.30
CA ALA V 520 -60.15 -25.29 -43.17
C ALA V 520 -61.26 -24.65 -43.99
N VAL V 521 -61.15 -23.35 -44.23
CA VAL V 521 -62.13 -22.61 -45.01
C VAL V 521 -61.90 -22.83 -46.50
N GLN V 522 -60.65 -22.72 -46.92
CA GLN V 522 -60.29 -22.89 -48.33
C GLN V 522 -60.54 -24.31 -48.80
N ALA V 523 -60.29 -25.28 -47.93
CA ALA V 523 -60.49 -26.69 -48.26
C ALA V 523 -61.97 -27.06 -48.20
N GLY V 524 -62.77 -26.18 -47.61
CA GLY V 524 -64.19 -26.41 -47.49
C GLY V 524 -64.53 -27.53 -46.52
N THR V 525 -63.91 -27.49 -45.34
CA THR V 525 -64.11 -28.52 -44.33
C THR V 525 -64.81 -27.94 -43.10
N PRO V 526 -66.08 -28.31 -42.90
CA PRO V 526 -66.89 -27.83 -41.77
C PRO V 526 -66.49 -28.48 -40.44
N VAL V 527 -65.26 -28.21 -39.99
CA VAL V 527 -64.75 -28.81 -38.76
C VAL V 527 -65.30 -28.09 -37.53
N LYS V 528 -65.45 -28.84 -36.44
CA LYS V 528 -65.94 -28.29 -35.19
C LYS V 528 -64.79 -28.19 -34.19
N ILE V 529 -64.45 -26.97 -33.78
CA ILE V 529 -63.30 -26.75 -32.92
C ILE V 529 -63.69 -26.41 -31.49
N LEU V 530 -63.51 -27.37 -30.59
CA LEU V 530 -63.75 -27.14 -29.16
C LEU V 530 -62.43 -26.89 -28.45
N ILE V 531 -62.34 -25.79 -27.73
CA ILE V 531 -61.12 -25.44 -27.01
C ILE V 531 -61.37 -25.28 -25.52
N LEU V 532 -61.01 -26.31 -24.76
CA LEU V 532 -61.10 -26.25 -23.30
C LEU V 532 -60.05 -25.30 -22.76
N ASN V 533 -60.38 -24.02 -22.75
CA ASN V 533 -59.43 -22.99 -22.34
C ASN V 533 -59.27 -22.88 -20.83
N ASN V 534 -58.27 -23.57 -20.29
CA ASN V 534 -57.94 -23.46 -18.87
C ASN V 534 -56.86 -22.41 -18.65
N GLU V 535 -56.50 -21.72 -19.73
CA GLU V 535 -55.49 -20.65 -19.72
C GLU V 535 -54.18 -21.10 -19.08
N GLU V 536 -53.78 -22.33 -19.39
CA GLU V 536 -52.56 -22.91 -18.83
C GLU V 536 -52.14 -24.16 -19.58
N GLN V 537 -50.87 -24.53 -19.44
CA GLN V 537 -50.38 -25.81 -19.92
C GLN V 537 -50.70 -26.87 -18.88
N GLY V 538 -51.97 -27.27 -18.83
CA GLY V 538 -52.49 -28.12 -17.76
C GLY V 538 -51.71 -29.39 -17.45
N MET V 539 -51.30 -30.11 -18.48
CA MET V 539 -50.61 -31.38 -18.30
C MET V 539 -49.26 -31.17 -17.62
N VAL V 540 -48.62 -30.04 -17.90
CA VAL V 540 -47.32 -29.74 -17.33
C VAL V 540 -47.45 -29.18 -15.92
N THR V 541 -48.48 -28.35 -15.71
CA THR V 541 -48.74 -27.77 -14.40
C THR V 541 -49.12 -28.83 -13.39
N GLN V 542 -49.74 -29.91 -13.88
CA GLN V 542 -50.14 -31.02 -13.02
C GLN V 542 -48.92 -31.73 -12.43
N TRP V 543 -47.88 -31.87 -13.25
CA TRP V 543 -46.64 -32.49 -12.79
C TRP V 543 -45.86 -31.55 -11.88
N GLN V 544 -46.04 -30.25 -12.07
CA GLN V 544 -45.38 -29.25 -11.24
C GLN V 544 -46.10 -29.09 -9.91
N SER V 545 -47.41 -29.31 -9.91
CA SER V 545 -48.21 -29.20 -8.70
C SER V 545 -48.04 -30.44 -7.82
N LEU V 546 -47.64 -31.54 -8.44
CA LEU V 546 -47.54 -32.81 -7.74
C LEU V 546 -46.10 -33.21 -7.43
N PHE V 547 -45.18 -32.86 -8.32
CA PHE V 547 -43.80 -33.33 -8.20
C PHE V 547 -42.79 -32.19 -8.04
N TYR V 548 -43.26 -30.95 -8.15
CA TYR V 548 -42.35 -29.81 -8.06
C TYR V 548 -42.90 -28.69 -7.17
N GLU V 549 -43.74 -29.06 -6.22
CA GLU V 549 -44.24 -28.16 -5.17
C GLU V 549 -44.84 -26.86 -5.72
N HIS V 550 -45.71 -27.00 -6.70
CA HIS V 550 -46.46 -25.87 -7.28
C HIS V 550 -45.55 -24.76 -7.82
N ARG V 551 -44.35 -25.13 -8.25
CA ARG V 551 -43.44 -24.18 -8.87
C ARG V 551 -43.66 -24.17 -10.38
N TYR V 552 -44.56 -23.31 -10.83
CA TYR V 552 -44.92 -23.25 -12.24
C TYR V 552 -43.90 -22.44 -13.04
N SER V 553 -43.13 -23.14 -13.87
CA SER V 553 -42.06 -22.52 -14.63
C SER V 553 -42.43 -22.31 -16.09
N HIS V 554 -42.87 -21.10 -16.41
CA HIS V 554 -43.15 -20.69 -17.79
C HIS V 554 -44.18 -21.60 -18.48
N THR V 555 -45.13 -22.11 -17.70
CA THR V 555 -46.16 -22.99 -18.23
C THR V 555 -47.48 -22.25 -18.45
N HIS V 556 -47.43 -20.93 -18.35
CA HIS V 556 -48.61 -20.11 -18.58
C HIS V 556 -48.38 -19.15 -19.74
N GLN V 557 -48.90 -19.49 -20.91
CA GLN V 557 -48.72 -18.67 -22.10
C GLN V 557 -49.87 -17.68 -22.26
N LEU V 558 -49.66 -16.65 -23.05
CA LEU V 558 -50.67 -15.61 -23.26
C LEU V 558 -51.58 -15.97 -24.43
N ASN V 559 -52.80 -16.37 -24.11
CA ASN V 559 -53.78 -16.71 -25.13
C ASN V 559 -54.41 -15.48 -25.77
N PRO V 560 -54.76 -15.57 -27.07
CA PRO V 560 -55.42 -14.48 -27.78
C PRO V 560 -56.94 -14.61 -27.71
N ASP V 561 -57.64 -13.74 -28.42
CA ASP V 561 -59.10 -13.83 -28.51
C ASP V 561 -59.47 -14.86 -29.57
N PHE V 562 -59.74 -16.09 -29.13
CA PHE V 562 -60.03 -17.19 -30.04
C PHE V 562 -61.29 -16.95 -30.86
N ILE V 563 -62.23 -16.20 -30.29
CA ILE V 563 -63.47 -15.90 -30.97
C ILE V 563 -63.25 -14.92 -32.11
N LYS V 564 -62.56 -13.83 -31.83
CA LYS V 564 -62.22 -12.85 -32.86
C LYS V 564 -61.24 -13.44 -33.87
N LEU V 565 -60.45 -14.40 -33.43
CA LEU V 565 -59.51 -15.09 -34.32
C LEU V 565 -60.27 -15.93 -35.34
N ALA V 566 -61.26 -16.68 -34.87
CA ALA V 566 -62.06 -17.53 -35.74
C ALA V 566 -62.81 -16.70 -36.78
N GLU V 567 -63.33 -15.55 -36.34
CA GLU V 567 -64.05 -14.64 -37.24
C GLU V 567 -63.09 -14.01 -38.24
N ALA V 568 -61.83 -13.84 -37.83
CA ALA V 568 -60.81 -13.29 -38.71
C ALA V 568 -60.40 -14.29 -39.78
N MET V 569 -60.43 -15.57 -39.43
CA MET V 569 -60.08 -16.64 -40.34
C MET V 569 -61.22 -16.97 -41.30
N GLY V 570 -62.44 -16.70 -40.86
CA GLY V 570 -63.63 -16.96 -41.66
C GLY V 570 -64.52 -18.03 -41.06
N LEU V 571 -64.47 -18.15 -39.74
CA LEU V 571 -65.27 -19.15 -39.03
C LEU V 571 -66.30 -18.50 -38.14
N LYS V 572 -67.02 -19.32 -37.37
CA LYS V 572 -68.01 -18.84 -36.42
C LYS V 572 -67.48 -18.98 -35.00
N GLY V 573 -67.38 -17.85 -34.29
CA GLY V 573 -66.84 -17.85 -32.94
C GLY V 573 -67.90 -17.91 -31.87
N LEU V 574 -67.81 -18.94 -31.02
CA LEU V 574 -68.74 -19.10 -29.91
C LEU V 574 -67.97 -19.32 -28.61
N ARG V 575 -68.37 -18.60 -27.56
CA ARG V 575 -67.66 -18.69 -26.28
C ARG V 575 -68.61 -18.97 -25.12
N VAL V 576 -68.21 -19.88 -24.23
CA VAL V 576 -68.98 -20.21 -23.05
C VAL V 576 -68.22 -19.79 -21.79
N LYS V 577 -68.93 -19.24 -20.82
CA LYS V 577 -68.32 -18.84 -19.56
C LYS V 577 -69.17 -19.30 -18.38
N LYS V 578 -70.48 -19.18 -18.53
CA LYS V 578 -71.41 -19.59 -17.49
C LYS V 578 -71.92 -21.01 -17.74
N GLN V 579 -72.25 -21.72 -16.66
CA GLN V 579 -72.70 -23.11 -16.76
C GLN V 579 -74.06 -23.21 -17.45
N GLU V 580 -74.86 -22.16 -17.32
CA GLU V 580 -76.23 -22.17 -17.83
C GLU V 580 -76.29 -22.19 -19.36
N GLU V 581 -75.34 -21.52 -19.99
CA GLU V 581 -75.34 -21.38 -21.45
C GLU V 581 -74.56 -22.50 -22.14
N LEU V 582 -74.03 -23.44 -21.35
CA LEU V 582 -73.22 -24.52 -21.90
C LEU V 582 -74.03 -25.48 -22.76
N ASP V 583 -75.18 -25.91 -22.24
CA ASP V 583 -76.03 -26.87 -22.96
C ASP V 583 -76.55 -26.28 -24.27
N ALA V 584 -76.94 -25.01 -24.24
CA ALA V 584 -77.49 -24.35 -25.43
C ALA V 584 -76.40 -24.07 -26.47
N LYS V 585 -75.16 -23.90 -26.00
CA LYS V 585 -74.05 -23.58 -26.89
C LYS V 585 -73.53 -24.82 -27.61
N LEU V 586 -73.51 -25.95 -26.91
CA LEU V 586 -73.03 -27.21 -27.47
C LEU V 586 -73.91 -27.67 -28.64
N LYS V 587 -75.22 -27.47 -28.51
CA LYS V 587 -76.15 -27.87 -29.56
C LYS V 587 -75.99 -26.99 -30.79
N GLU V 588 -75.73 -25.70 -30.58
CA GLU V 588 -75.48 -24.78 -31.67
C GLU V 588 -74.14 -25.08 -32.32
N PHE V 589 -73.18 -25.50 -31.49
CA PHE V 589 -71.83 -25.82 -31.94
C PHE V 589 -71.81 -26.99 -32.92
N VAL V 590 -72.75 -27.92 -32.74
CA VAL V 590 -72.82 -29.10 -33.58
C VAL V 590 -73.76 -28.90 -34.77
N SER V 591 -74.88 -28.24 -34.52
CA SER V 591 -75.89 -28.03 -35.56
C SER V 591 -75.46 -26.99 -36.59
N THR V 592 -74.31 -26.36 -36.37
CA THR V 592 -73.80 -25.34 -37.26
C THR V 592 -73.18 -25.93 -38.52
N LYS V 593 -73.69 -25.52 -39.68
CA LYS V 593 -73.07 -25.90 -40.95
C LYS V 593 -71.85 -25.01 -41.18
N GLY V 594 -70.79 -25.59 -41.75
CA GLY V 594 -69.55 -24.88 -41.93
C GLY V 594 -68.71 -24.94 -40.67
N PRO V 595 -67.44 -24.50 -40.76
CA PRO V 595 -66.53 -24.54 -39.62
C PRO V 595 -66.95 -23.60 -38.49
N VAL V 596 -66.67 -23.98 -37.26
CA VAL V 596 -67.04 -23.18 -36.10
C VAL V 596 -66.15 -23.47 -34.90
N LEU V 597 -65.65 -22.41 -34.26
CA LEU V 597 -64.82 -22.56 -33.07
C LEU V 597 -65.64 -22.31 -31.82
N LEU V 598 -65.46 -23.17 -30.82
CA LEU V 598 -66.14 -23.02 -29.54
C LEU V 598 -65.15 -23.02 -28.38
N GLU V 599 -65.02 -21.87 -27.72
CA GLU V 599 -64.15 -21.76 -26.56
C GLU V 599 -64.94 -21.90 -25.26
N VAL V 600 -64.49 -22.81 -24.40
CA VAL V 600 -65.12 -23.01 -23.11
C VAL V 600 -64.16 -22.70 -21.98
N GLU V 601 -64.43 -21.62 -21.25
CA GLU V 601 -63.60 -21.27 -20.09
C GLU V 601 -63.80 -22.27 -18.97
N VAL V 602 -62.93 -23.27 -18.90
CA VAL V 602 -63.05 -24.33 -17.91
C VAL V 602 -62.27 -24.00 -16.64
N ASP V 603 -62.46 -24.82 -15.61
CA ASP V 603 -61.79 -24.61 -14.33
C ASP V 603 -60.29 -24.89 -14.45
N LYS V 604 -59.48 -24.17 -13.67
CA LYS V 604 -58.04 -24.25 -13.79
C LYS V 604 -57.42 -25.14 -12.71
N LYS V 605 -56.21 -25.61 -13.00
CA LYS V 605 -55.44 -26.45 -12.06
C LYS V 605 -56.20 -27.70 -11.64
N VAL V 606 -56.87 -28.34 -12.58
CA VAL V 606 -57.58 -29.58 -12.32
C VAL V 606 -56.78 -30.77 -12.85
N PRO V 607 -56.31 -31.64 -11.96
CA PRO V 607 -55.47 -32.78 -12.34
C PRO V 607 -56.26 -33.92 -12.99
N VAL V 608 -55.61 -34.68 -13.87
CA VAL V 608 -56.23 -35.85 -14.47
C VAL V 608 -55.98 -37.08 -13.60
N LEU V 609 -57.06 -37.68 -13.11
CA LEU V 609 -56.96 -38.86 -12.26
C LEU V 609 -57.86 -39.97 -12.77
N PRO V 610 -57.49 -41.24 -12.53
CA PRO V 610 -56.34 -41.72 -11.75
C PRO V 610 -55.01 -41.50 -12.48
N MET V 611 -53.92 -41.48 -11.72
CA MET V 611 -52.59 -41.26 -12.29
C MET V 611 -51.60 -42.33 -11.82
N VAL V 612 -50.93 -42.96 -12.79
CA VAL V 612 -49.93 -43.97 -12.46
C VAL V 612 -48.56 -43.53 -12.96
N ALA V 613 -47.81 -42.86 -12.08
CA ALA V 613 -46.49 -42.34 -12.44
C ALA V 613 -45.42 -42.84 -11.48
N GLY V 614 -44.20 -42.34 -11.66
CA GLY V 614 -43.08 -42.73 -10.82
C GLY V 614 -42.77 -44.21 -10.96
N GLY V 615 -42.51 -44.87 -9.84
CA GLY V 615 -42.24 -46.30 -9.84
C GLY V 615 -43.46 -47.09 -9.41
N SER V 616 -44.62 -46.46 -9.48
CA SER V 616 -45.87 -47.09 -9.07
C SER V 616 -46.38 -48.07 -10.12
N GLY V 617 -46.92 -49.19 -9.65
CA GLY V 617 -47.56 -50.15 -10.53
C GLY V 617 -48.96 -49.66 -10.89
N LEU V 618 -49.61 -50.38 -11.79
CA LEU V 618 -50.94 -49.99 -12.25
C LEU V 618 -51.98 -50.07 -11.13
N ASP V 619 -51.68 -50.84 -10.10
CA ASP V 619 -52.56 -50.96 -8.94
C ASP V 619 -52.21 -49.94 -7.87
N GLU V 620 -51.04 -49.32 -8.02
CA GLU V 620 -50.61 -48.26 -7.11
C GLU V 620 -50.95 -46.89 -7.68
N PHE V 621 -52.21 -46.72 -8.07
CA PHE V 621 -52.67 -45.49 -8.69
C PHE V 621 -53.09 -44.44 -7.67
N ILE V 622 -53.10 -43.19 -8.10
CA ILE V 622 -53.59 -42.09 -7.26
C ILE V 622 -54.99 -41.69 -7.71
N ASN V 623 -56.00 -42.17 -6.98
CA ASN V 623 -57.38 -41.92 -7.34
C ASN V 623 -57.89 -40.57 -6.83
N PHE V 624 -59.00 -40.11 -7.40
CA PHE V 624 -59.58 -38.83 -7.03
C PHE V 624 -60.04 -38.78 -5.57
N ASP V 625 -59.70 -37.69 -4.88
CA ASP V 625 -60.11 -37.48 -3.51
C ASP V 625 -60.55 -36.04 -3.33
N PRO V 626 -61.85 -35.83 -3.04
CA PRO V 626 -62.44 -34.49 -2.93
C PRO V 626 -61.83 -33.66 -1.81
N GLU V 627 -61.28 -34.32 -0.79
CA GLU V 627 -60.66 -33.61 0.32
C GLU V 627 -59.26 -33.13 -0.05
N VAL V 628 -58.51 -33.97 -0.75
CA VAL V 628 -57.14 -33.65 -1.14
C VAL V 628 -57.12 -32.44 -2.08
N GLU V 629 -58.11 -32.35 -2.96
CA GLU V 629 -58.19 -31.25 -3.91
C GLU V 629 -58.42 -29.92 -3.19
N ARG V 630 -59.27 -29.94 -2.16
CA ARG V 630 -59.52 -28.74 -1.37
C ARG V 630 -58.28 -28.34 -0.58
N GLN V 631 -57.53 -29.33 -0.12
CA GLN V 631 -56.29 -29.10 0.59
C GLN V 631 -55.20 -28.57 -0.34
N GLN V 632 -55.16 -29.12 -1.55
CA GLN V 632 -54.18 -28.71 -2.56
C GLN V 632 -54.51 -27.35 -3.15
N THR V 633 -55.79 -27.01 -3.21
CA THR V 633 -56.22 -25.73 -3.73
C THR V 633 -55.71 -24.57 -2.86
N GLU V 634 -55.85 -24.73 -1.55
CA GLU V 634 -55.40 -23.72 -0.60
C GLU V 634 -53.88 -23.71 -0.50
N LEU V 635 -53.27 -24.89 -0.61
CA LEU V 635 -51.82 -25.01 -0.55
C LEU V 635 -51.18 -24.35 -1.77
N ARG V 636 -51.90 -24.38 -2.89
CA ARG V 636 -51.44 -23.74 -4.12
C ARG V 636 -51.48 -22.23 -4.00
N HIS V 637 -52.53 -21.72 -3.37
CA HIS V 637 -52.71 -20.28 -3.19
C HIS V 637 -51.59 -19.66 -2.34
N LYS V 638 -51.14 -20.40 -1.33
CA LYS V 638 -50.12 -19.91 -0.42
C LYS V 638 -48.75 -19.80 -1.10
N ARG V 639 -48.39 -20.83 -1.86
CA ARG V 639 -47.07 -20.90 -2.48
C ARG V 639 -46.96 -19.99 -3.70
N THR V 640 -48.07 -19.77 -4.39
CA THR V 640 -48.06 -18.91 -5.57
C THR V 640 -48.40 -17.47 -5.21
N GLY V 641 -48.68 -17.23 -3.93
CA GLY V 641 -49.00 -15.91 -3.46
C GLY V 641 -50.43 -15.51 -3.80
N GLY V 642 -51.23 -16.48 -4.22
CA GLY V 642 -52.61 -16.24 -4.57
C GLY V 642 -52.81 -16.03 -6.06
N LYS V 643 -51.74 -16.15 -6.82
CA LYS V 643 -51.80 -15.96 -8.27
C LYS V 643 -52.42 -17.16 -8.96
N HIS V 644 -51.99 -18.36 -8.57
CA HIS V 644 -52.51 -19.58 -9.16
C HIS V 644 -53.10 -20.51 -8.10
N PRO W 32 14.11 -96.58 -80.82
CA PRO W 32 12.74 -96.27 -80.37
C PRO W 32 12.13 -95.09 -81.13
N PRO W 33 10.89 -95.25 -81.62
CA PRO W 33 10.21 -94.24 -82.42
C PRO W 33 9.26 -93.37 -81.60
N LEU W 34 9.76 -92.23 -81.12
CA LEU W 34 8.92 -91.27 -80.41
C LEU W 34 8.57 -90.11 -81.34
N PRO W 35 7.36 -89.55 -81.21
CA PRO W 35 6.93 -88.45 -82.07
C PRO W 35 7.75 -87.19 -81.86
N THR W 36 7.88 -86.38 -82.91
CA THR W 36 8.68 -85.17 -82.84
C THR W 36 7.89 -83.94 -83.27
N LEU W 37 7.30 -83.24 -82.30
CA LEU W 37 6.61 -81.99 -82.58
C LEU W 37 7.62 -80.92 -82.98
N ASP W 38 7.34 -80.25 -84.10
CA ASP W 38 8.21 -79.19 -84.57
C ASP W 38 8.22 -78.01 -83.60
N THR W 39 7.05 -77.72 -83.03
CA THR W 39 6.85 -76.55 -82.19
C THR W 39 7.34 -75.31 -82.91
N PRO W 40 6.50 -74.76 -83.80
CA PRO W 40 6.88 -73.67 -84.71
C PRO W 40 7.41 -72.44 -83.99
N SER W 41 8.30 -71.71 -84.66
CA SER W 41 8.86 -70.50 -84.09
C SER W 41 8.40 -69.28 -84.88
N TRP W 42 8.22 -68.16 -84.18
CA TRP W 42 7.82 -66.92 -84.83
C TRP W 42 8.88 -66.43 -85.82
N ASN W 43 8.47 -65.60 -86.75
CA ASN W 43 9.40 -64.82 -87.54
C ASN W 43 9.29 -63.36 -87.10
N ALA W 44 10.24 -62.53 -87.52
CA ALA W 44 10.31 -61.14 -87.08
C ALA W 44 9.02 -60.37 -87.37
N ASN W 45 8.32 -60.76 -88.43
CA ASN W 45 7.08 -60.10 -88.81
C ASN W 45 5.86 -60.66 -88.08
N SER W 46 5.85 -61.97 -87.86
CA SER W 46 4.73 -62.62 -87.20
C SER W 46 4.77 -62.39 -85.69
N ALA W 47 5.98 -62.20 -85.17
CA ALA W 47 6.16 -61.99 -83.74
C ALA W 47 5.59 -60.64 -83.31
N VAL W 48 5.95 -59.59 -84.04
CA VAL W 48 5.47 -58.24 -83.73
C VAL W 48 3.99 -58.09 -84.05
N SER W 49 3.47 -59.00 -84.86
CA SER W 49 2.06 -58.97 -85.24
C SER W 49 1.16 -59.32 -84.06
N SER W 50 1.63 -60.20 -83.19
CA SER W 50 0.87 -60.61 -82.02
C SER W 50 1.11 -59.65 -80.86
N ILE W 51 2.33 -59.12 -80.78
CA ILE W 51 2.70 -58.20 -79.71
C ILE W 51 1.94 -56.88 -79.85
N ILE W 52 1.80 -56.40 -81.08
CA ILE W 52 1.13 -55.13 -81.32
C ILE W 52 -0.39 -55.30 -81.28
N TYR W 53 -0.85 -56.55 -81.32
CA TYR W 53 -2.27 -56.85 -81.28
C TYR W 53 -2.76 -57.07 -79.85
N GLU W 54 -1.92 -57.70 -79.03
CA GLU W 54 -2.29 -58.02 -77.66
C GLU W 54 -2.02 -56.87 -76.69
N THR W 55 -1.47 -55.77 -77.21
CA THR W 55 -1.14 -54.63 -76.38
C THR W 55 -1.98 -53.40 -76.72
N PRO W 56 -2.98 -53.10 -75.87
CA PRO W 56 -3.76 -51.88 -76.01
C PRO W 56 -2.96 -50.65 -75.60
N ALA W 57 -2.18 -50.10 -76.52
CA ALA W 57 -1.34 -48.94 -76.24
C ALA W 57 -2.13 -47.75 -75.67
N PRO W 58 -3.31 -47.44 -76.25
CA PRO W 58 -4.13 -46.49 -75.51
C PRO W 58 -4.88 -47.18 -74.37
N SER W 59 -4.33 -47.12 -73.16
CA SER W 59 -4.91 -47.80 -72.01
C SER W 59 -6.27 -47.24 -71.62
N ARG W 60 -6.87 -47.83 -70.59
CA ARG W 60 -8.20 -47.42 -70.14
C ARG W 60 -8.22 -45.99 -69.63
N GLN W 61 -9.43 -45.46 -69.46
CA GLN W 61 -9.61 -44.10 -68.96
C GLN W 61 -8.99 -43.94 -67.57
N PRO W 62 -8.45 -42.74 -67.28
CA PRO W 62 -7.79 -42.49 -65.99
C PRO W 62 -8.74 -42.60 -64.80
N ARG W 63 -9.11 -43.83 -64.45
CA ARG W 63 -9.92 -44.09 -63.27
C ARG W 63 -9.03 -44.11 -62.03
N LYS W 64 -8.39 -42.98 -61.76
CA LYS W 64 -7.43 -42.88 -60.66
C LYS W 64 -8.09 -43.02 -59.30
N GLN W 65 -7.48 -43.82 -58.43
CA GLN W 65 -7.99 -44.02 -57.08
C GLN W 65 -7.39 -43.01 -56.10
N HIS W 66 -8.24 -42.49 -55.22
CA HIS W 66 -7.79 -41.57 -54.19
C HIS W 66 -8.00 -42.17 -52.81
N VAL W 67 -6.94 -42.19 -52.00
CA VAL W 67 -7.00 -42.78 -50.67
C VAL W 67 -6.84 -41.72 -49.59
N LEU W 68 -7.84 -41.62 -48.71
CA LEU W 68 -7.80 -40.67 -47.61
C LEU W 68 -7.77 -41.41 -46.26
N ASN W 69 -6.99 -40.89 -45.33
CA ASN W 69 -6.90 -41.47 -43.99
C ASN W 69 -7.31 -40.45 -42.93
N CYS W 70 -8.34 -40.79 -42.16
CA CYS W 70 -8.91 -39.86 -41.20
C CYS W 70 -8.58 -40.20 -39.76
N LEU W 71 -7.73 -39.39 -39.12
CA LEU W 71 -7.46 -39.54 -37.70
C LEU W 71 -8.67 -39.06 -36.91
N VAL W 72 -9.40 -39.99 -36.31
CA VAL W 72 -10.69 -39.68 -35.71
C VAL W 72 -10.80 -40.05 -34.23
N GLN W 73 -11.27 -39.12 -33.42
CA GLN W 73 -11.59 -39.39 -32.02
C GLN W 73 -12.83 -40.27 -31.93
N ASN W 74 -12.78 -41.30 -31.11
CA ASN W 74 -13.87 -42.27 -31.02
C ASN W 74 -15.01 -41.82 -30.12
N GLU W 75 -15.82 -40.89 -30.61
CA GLU W 75 -17.03 -40.47 -29.90
C GLU W 75 -18.20 -41.35 -30.35
N PRO W 76 -19.26 -41.44 -29.53
CA PRO W 76 -20.43 -42.30 -29.79
C PRO W 76 -20.88 -42.37 -31.26
N GLY W 77 -21.61 -41.37 -31.73
CA GLY W 77 -22.11 -41.37 -33.08
C GLY W 77 -21.17 -40.69 -34.06
N VAL W 78 -20.00 -41.28 -34.27
CA VAL W 78 -19.00 -40.69 -35.14
C VAL W 78 -18.93 -41.41 -36.49
N LEU W 79 -19.34 -42.67 -36.52
CA LEU W 79 -19.32 -43.44 -37.75
C LEU W 79 -20.44 -42.98 -38.68
N SER W 80 -21.59 -42.68 -38.10
CA SER W 80 -22.74 -42.23 -38.88
C SER W 80 -22.57 -40.78 -39.33
N ARG W 81 -21.66 -40.06 -38.66
CA ARG W 81 -21.43 -38.65 -38.98
C ARG W 81 -20.54 -38.52 -40.21
N VAL W 82 -19.43 -39.24 -40.21
CA VAL W 82 -18.50 -39.22 -41.34
C VAL W 82 -19.14 -39.81 -42.59
N SER W 83 -19.75 -40.98 -42.43
CA SER W 83 -20.43 -41.64 -43.54
C SER W 83 -21.70 -40.90 -43.94
N GLY W 84 -22.18 -40.03 -43.05
CA GLY W 84 -23.36 -39.23 -43.31
C GLY W 84 -23.02 -37.99 -44.12
N THR W 85 -21.88 -37.39 -43.81
CA THR W 85 -21.41 -36.22 -44.54
C THR W 85 -21.08 -36.59 -45.98
N LEU W 86 -20.44 -37.74 -46.15
CA LEU W 86 -20.05 -38.24 -47.46
C LEU W 86 -21.27 -38.63 -48.29
N ALA W 87 -22.34 -39.00 -47.60
CA ALA W 87 -23.59 -39.35 -48.27
C ALA W 87 -24.34 -38.08 -48.67
N ALA W 88 -24.29 -37.08 -47.80
CA ALA W 88 -24.93 -35.79 -48.05
C ALA W 88 -24.35 -35.15 -49.30
N ARG W 89 -23.02 -35.05 -49.34
CA ARG W 89 -22.32 -34.56 -50.52
C ARG W 89 -22.39 -35.61 -51.62
N GLY W 90 -22.16 -35.18 -52.86
CA GLY W 90 -22.20 -36.09 -53.99
C GLY W 90 -20.85 -36.73 -54.25
N PHE W 91 -20.40 -37.56 -53.30
CA PHE W 91 -19.09 -38.19 -53.41
C PHE W 91 -19.21 -39.68 -53.74
N ASN W 92 -18.57 -40.08 -54.84
CA ASN W 92 -18.52 -41.48 -55.23
C ASN W 92 -17.43 -42.21 -54.46
N ILE W 93 -17.84 -43.08 -53.54
CA ILE W 93 -16.90 -43.74 -52.65
C ILE W 93 -16.94 -45.27 -52.78
N ASP W 94 -15.77 -45.89 -52.80
CA ASP W 94 -15.67 -47.34 -52.98
C ASP W 94 -15.62 -48.08 -51.65
N SER W 95 -15.06 -47.45 -50.62
CA SER W 95 -14.95 -48.08 -49.31
C SER W 95 -14.81 -47.07 -48.17
N LEU W 96 -15.23 -47.47 -46.98
CA LEU W 96 -15.11 -46.62 -45.80
C LEU W 96 -14.14 -47.22 -44.79
N VAL W 97 -14.40 -48.49 -44.45
CA VAL W 97 -13.62 -49.30 -43.50
C VAL W 97 -12.87 -48.54 -42.39
N VAL W 98 -13.42 -48.61 -41.18
CA VAL W 98 -12.82 -47.95 -40.02
C VAL W 98 -11.88 -48.90 -39.28
N CYS W 99 -10.61 -48.51 -39.17
CA CYS W 99 -9.61 -49.33 -38.52
C CYS W 99 -9.42 -48.92 -37.06
N ASN W 100 -8.92 -49.83 -36.25
CA ASN W 100 -8.67 -49.55 -34.84
C ASN W 100 -7.17 -49.48 -34.52
N THR W 101 -6.76 -48.36 -33.93
CA THR W 101 -5.39 -48.22 -33.45
C THR W 101 -5.30 -48.78 -32.03
N GLU W 102 -4.07 -49.00 -31.56
CA GLU W 102 -3.87 -49.54 -30.22
C GLU W 102 -3.71 -48.44 -29.19
N VAL W 103 -4.41 -47.33 -29.40
CA VAL W 103 -4.47 -46.25 -28.43
C VAL W 103 -5.93 -45.91 -28.17
N LYS W 104 -6.27 -45.73 -26.89
CA LYS W 104 -7.65 -45.52 -26.47
C LYS W 104 -8.30 -44.31 -27.11
N ASP W 105 -9.55 -44.47 -27.54
CA ASP W 105 -10.37 -43.39 -28.09
C ASP W 105 -9.75 -42.73 -29.31
N LEU W 106 -9.15 -43.53 -30.18
CA LEU W 106 -8.64 -43.04 -31.45
C LEU W 106 -8.82 -44.08 -32.56
N SER W 107 -9.49 -43.67 -33.63
CA SER W 107 -9.72 -44.55 -34.77
C SER W 107 -9.26 -43.88 -36.05
N ARG W 108 -8.80 -44.68 -37.02
CA ARG W 108 -8.41 -44.14 -38.31
C ARG W 108 -9.20 -44.80 -39.43
N MET W 109 -9.80 -43.99 -40.29
CA MET W 109 -10.63 -44.48 -41.38
C MET W 109 -9.92 -44.32 -42.72
N THR W 110 -9.90 -45.39 -43.50
CA THR W 110 -9.30 -45.35 -44.83
C THR W 110 -10.38 -45.24 -45.90
N ILE W 111 -10.52 -44.04 -46.46
CA ILE W 111 -11.56 -43.77 -47.44
C ILE W 111 -11.00 -43.78 -48.87
N VAL W 112 -11.59 -44.62 -49.72
CA VAL W 112 -11.19 -44.69 -51.12
C VAL W 112 -12.34 -44.17 -51.99
N LEU W 113 -12.07 -43.11 -52.74
CA LEU W 113 -13.12 -42.45 -53.51
C LEU W 113 -12.66 -42.05 -54.91
N GLN W 114 -13.60 -42.03 -55.84
CA GLN W 114 -13.35 -41.58 -57.21
C GLN W 114 -13.58 -40.08 -57.31
N GLY W 115 -12.83 -39.42 -58.20
CA GLY W 115 -13.00 -38.00 -58.41
C GLY W 115 -11.73 -37.29 -58.84
N GLN W 116 -11.87 -36.02 -59.20
CA GLN W 116 -10.73 -35.21 -59.63
C GLN W 116 -9.96 -34.69 -58.42
N ASP W 117 -8.82 -34.06 -58.68
CA ASP W 117 -7.96 -33.54 -57.61
C ASP W 117 -8.64 -32.43 -56.82
N GLY W 118 -9.53 -31.70 -57.47
CA GLY W 118 -10.24 -30.61 -56.81
C GLY W 118 -11.41 -31.11 -55.98
N VAL W 119 -11.96 -32.26 -56.37
CA VAL W 119 -13.10 -32.84 -55.66
C VAL W 119 -12.67 -33.54 -54.38
N ILE W 120 -11.58 -34.31 -54.47
CA ILE W 120 -11.09 -35.07 -53.31
C ILE W 120 -10.52 -34.13 -52.24
N GLU W 121 -10.03 -32.97 -52.68
CA GLU W 121 -9.51 -31.98 -51.74
C GLU W 121 -10.66 -31.33 -50.98
N GLN W 122 -11.72 -31.00 -51.71
CA GLN W 122 -12.94 -30.49 -51.10
C GLN W 122 -13.55 -31.53 -50.18
N ALA W 123 -13.49 -32.79 -50.60
CA ALA W 123 -13.98 -33.90 -49.79
C ALA W 123 -13.15 -34.04 -48.52
N ARG W 124 -11.84 -33.88 -48.65
CA ARG W 124 -10.93 -34.01 -47.52
C ARG W 124 -11.16 -32.89 -46.50
N ARG W 125 -11.31 -31.67 -46.98
CA ARG W 125 -11.55 -30.51 -46.13
C ARG W 125 -12.92 -30.59 -45.46
N GLN W 126 -13.86 -31.20 -46.15
CA GLN W 126 -15.22 -31.35 -45.64
C GLN W 126 -15.25 -32.22 -44.40
N ILE W 127 -14.54 -33.35 -44.46
CA ILE W 127 -14.47 -34.30 -43.37
C ILE W 127 -13.66 -33.74 -42.20
N GLU W 128 -12.56 -33.07 -42.52
CA GLU W 128 -11.66 -32.55 -41.50
C GLU W 128 -12.33 -31.48 -40.64
N ASP W 129 -13.31 -30.78 -41.21
CA ASP W 129 -14.01 -29.72 -40.50
C ASP W 129 -14.86 -30.27 -39.36
N LEU W 130 -15.21 -31.56 -39.45
CA LEU W 130 -15.99 -32.21 -38.42
C LEU W 130 -15.22 -32.20 -37.10
N VAL W 131 -15.93 -31.90 -36.01
CA VAL W 131 -15.34 -31.80 -34.69
C VAL W 131 -14.57 -33.06 -34.21
N PRO W 132 -15.16 -34.25 -34.37
CA PRO W 132 -14.47 -35.40 -33.75
C PRO W 132 -13.26 -35.92 -34.51
N VAL W 133 -12.89 -35.30 -35.63
CA VAL W 133 -11.72 -35.76 -36.36
C VAL W 133 -10.54 -34.80 -36.17
N TYR W 134 -9.34 -35.36 -36.07
CA TYR W 134 -8.15 -34.55 -35.85
C TYR W 134 -7.64 -33.97 -37.16
N ALA W 135 -7.31 -34.85 -38.09
CA ALA W 135 -6.83 -34.44 -39.40
C ALA W 135 -7.07 -35.53 -40.43
N VAL W 136 -7.25 -35.14 -41.69
CA VAL W 136 -7.45 -36.10 -42.77
C VAL W 136 -6.28 -36.04 -43.75
N LEU W 137 -5.51 -37.11 -43.80
CA LEU W 137 -4.33 -37.16 -44.66
C LEU W 137 -4.66 -37.72 -46.04
N ASP W 138 -3.93 -37.24 -47.04
CA ASP W 138 -4.14 -37.71 -48.41
C ASP W 138 -2.99 -38.64 -48.83
N TYR W 139 -3.31 -39.93 -48.94
CA TYR W 139 -2.29 -40.93 -49.26
C TYR W 139 -2.13 -41.12 -50.76
N THR W 140 -2.86 -40.34 -51.54
CA THR W 140 -2.69 -40.35 -52.99
C THR W 140 -1.32 -39.78 -53.32
N ASN W 141 -0.71 -40.28 -54.40
CA ASN W 141 0.63 -39.88 -54.80
C ASN W 141 1.66 -40.17 -53.71
N SER W 142 1.45 -41.26 -52.98
CA SER W 142 2.35 -41.67 -51.91
C SER W 142 2.45 -43.19 -51.86
N GLU W 143 3.69 -43.69 -51.78
CA GLU W 143 3.92 -45.12 -51.73
C GLU W 143 3.35 -45.72 -50.45
N ILE W 144 2.13 -46.25 -50.54
CA ILE W 144 1.46 -46.84 -49.39
C ILE W 144 1.22 -48.33 -49.60
N ILE W 145 1.01 -49.05 -48.50
CA ILE W 145 0.69 -50.47 -48.59
C ILE W 145 -0.81 -50.69 -48.50
N LYS W 146 -1.44 -50.90 -49.65
CA LYS W 146 -2.88 -51.16 -49.70
C LYS W 146 -3.15 -52.63 -49.39
N ARG W 147 -4.09 -52.87 -48.49
CA ARG W 147 -4.45 -54.25 -48.13
C ARG W 147 -5.96 -54.44 -48.04
N GLU W 148 -6.41 -55.61 -48.47
CA GLU W 148 -7.83 -55.94 -48.47
C GLU W 148 -8.02 -57.44 -48.23
N LEU W 149 -8.51 -57.78 -47.05
CA LEU W 149 -8.72 -59.19 -46.68
C LEU W 149 -9.93 -59.74 -47.41
N VAL W 150 -9.81 -60.96 -47.91
CA VAL W 150 -10.92 -61.61 -48.60
C VAL W 150 -11.00 -63.10 -48.28
N MET W 151 -12.17 -63.53 -47.83
CA MET W 151 -12.44 -64.95 -47.60
C MET W 151 -13.45 -65.44 -48.61
N ALA W 152 -13.19 -66.58 -49.22
CA ALA W 152 -14.06 -67.11 -50.26
C ALA W 152 -14.19 -68.63 -50.16
N ARG W 153 -15.41 -69.12 -50.40
CA ARG W 153 -15.65 -70.56 -50.42
C ARG W 153 -15.76 -71.06 -51.85
N ILE W 154 -14.74 -71.78 -52.30
CA ILE W 154 -14.70 -72.26 -53.68
C ILE W 154 -15.14 -73.72 -53.75
N SER W 155 -15.92 -74.04 -54.78
CA SER W 155 -16.40 -75.41 -54.97
C SER W 155 -15.37 -76.27 -55.70
N LEU W 156 -15.36 -77.57 -55.39
CA LEU W 156 -14.41 -78.49 -55.98
C LEU W 156 -15.08 -79.46 -56.94
N LEU W 157 -16.28 -79.12 -57.39
CA LEU W 157 -17.05 -80.01 -58.26
C LEU W 157 -17.15 -79.52 -59.70
N GLY W 158 -16.32 -78.54 -60.04
CA GLY W 158 -16.22 -78.07 -61.42
C GLY W 158 -17.33 -77.14 -61.85
N THR W 159 -17.23 -76.66 -63.09
CA THR W 159 -18.18 -75.71 -63.65
C THR W 159 -19.58 -76.32 -63.79
N GLU W 160 -19.62 -77.61 -64.07
CA GLU W 160 -20.89 -78.32 -64.29
C GLU W 160 -21.81 -78.25 -63.08
N TYR W 161 -21.33 -78.73 -61.94
CA TYR W 161 -22.13 -78.75 -60.73
C TYR W 161 -22.47 -77.34 -60.25
N PHE W 162 -21.58 -76.38 -60.54
CA PHE W 162 -21.79 -75.01 -60.14
C PHE W 162 -22.97 -74.39 -60.89
N GLU W 163 -23.14 -74.78 -62.15
CA GLU W 163 -24.29 -74.36 -62.93
C GLU W 163 -25.55 -75.03 -62.40
N ASP W 164 -25.40 -76.25 -61.91
CA ASP W 164 -26.51 -76.99 -61.34
C ASP W 164 -26.79 -76.52 -59.91
N LEU W 165 -25.75 -76.08 -59.22
CA LEU W 165 -25.93 -75.49 -57.90
C LEU W 165 -26.61 -74.15 -58.06
N LEU W 166 -26.24 -73.43 -59.11
CA LEU W 166 -26.98 -72.25 -59.53
C LEU W 166 -28.25 -72.71 -60.23
N LEU W 167 -29.03 -71.78 -60.76
CA LEU W 167 -30.28 -72.09 -61.45
C LEU W 167 -31.29 -72.76 -60.51
N HIS W 168 -30.85 -73.81 -59.82
CA HIS W 168 -31.67 -74.46 -58.79
C HIS W 168 -31.98 -73.48 -57.66
N HIS W 169 -31.03 -72.60 -57.35
CA HIS W 169 -31.23 -71.57 -56.35
C HIS W 169 -31.88 -70.34 -56.98
N HIS W 170 -32.18 -70.43 -58.27
CA HIS W 170 -32.89 -69.37 -58.97
C HIS W 170 -34.31 -69.83 -59.28
N THR W 171 -34.47 -71.14 -59.42
CA THR W 171 -35.80 -71.73 -59.63
C THR W 171 -36.61 -71.66 -58.35
N SER W 172 -35.91 -71.76 -57.22
CA SER W 172 -36.56 -71.70 -55.91
C SER W 172 -36.92 -70.27 -55.53
N THR W 173 -36.46 -69.31 -56.34
CA THR W 173 -36.73 -67.90 -56.09
C THR W 173 -37.62 -67.29 -57.17
N ASN W 174 -37.65 -67.94 -58.34
CA ASN W 174 -38.48 -67.48 -59.45
C ASN W 174 -39.92 -67.98 -59.32
N ASP W 179 -40.42 -72.54 -66.32
CA ASP W 179 -39.89 -73.52 -65.39
C ASP W 179 -38.38 -73.70 -65.56
N SER W 180 -37.92 -73.56 -66.80
CA SER W 180 -36.51 -73.67 -67.15
C SER W 180 -35.91 -75.02 -66.74
N GLN W 181 -36.76 -76.05 -66.69
CA GLN W 181 -36.31 -77.39 -66.34
C GLN W 181 -35.63 -78.03 -67.53
N GLU W 182 -36.00 -77.58 -68.73
CA GLU W 182 -35.39 -78.07 -69.96
C GLU W 182 -33.93 -77.67 -70.04
N LEU W 183 -33.58 -76.57 -69.36
CA LEU W 183 -32.21 -76.09 -69.33
C LEU W 183 -31.40 -76.85 -68.29
N VAL W 184 -32.09 -77.34 -67.26
CA VAL W 184 -31.45 -78.12 -66.20
C VAL W 184 -30.87 -79.41 -66.76
N ALA W 185 -31.65 -80.08 -67.61
CA ALA W 185 -31.23 -81.34 -68.22
C ALA W 185 -30.04 -81.14 -69.15
N GLU W 186 -29.93 -79.94 -69.71
CA GLU W 186 -28.83 -79.60 -70.61
C GLU W 186 -27.53 -79.46 -69.81
N ILE W 187 -27.66 -79.24 -68.51
CA ILE W 187 -26.50 -79.09 -67.64
C ILE W 187 -26.11 -80.44 -67.03
N ARG W 188 -27.10 -81.28 -66.75
CA ARG W 188 -26.85 -82.58 -66.14
C ARG W 188 -26.55 -83.66 -67.19
N GLU W 189 -26.31 -83.22 -68.43
CA GLU W 189 -25.97 -84.14 -69.50
C GLU W 189 -24.51 -83.96 -69.91
N LYS W 190 -23.84 -83.02 -69.26
CA LYS W 190 -22.44 -82.73 -69.56
C LYS W 190 -21.54 -83.92 -69.27
N GLN W 191 -20.37 -83.95 -69.90
CA GLN W 191 -19.44 -85.05 -69.75
C GLN W 191 -18.79 -85.09 -68.37
N PHE W 192 -18.42 -83.91 -67.87
CA PHE W 192 -17.72 -83.83 -66.59
C PHE W 192 -18.62 -83.36 -65.44
N HIS W 193 -19.86 -83.82 -65.46
CA HIS W 193 -20.78 -83.59 -64.35
C HIS W 193 -20.65 -84.76 -63.38
N PRO W 194 -20.60 -84.47 -62.07
CA PRO W 194 -20.40 -85.49 -61.04
C PRO W 194 -21.47 -86.58 -61.03
N ALA W 195 -22.53 -86.42 -61.81
CA ALA W 195 -23.57 -87.44 -61.91
C ALA W 195 -23.36 -88.32 -63.13
N ASN W 196 -22.37 -87.96 -63.95
CA ASN W 196 -22.06 -88.72 -65.15
C ASN W 196 -20.68 -89.36 -65.10
N LEU W 197 -20.02 -89.21 -63.95
CA LEU W 197 -18.70 -89.78 -63.75
C LEU W 197 -18.72 -90.77 -62.59
N PRO W 198 -17.87 -91.80 -62.65
CA PRO W 198 -17.75 -92.75 -61.54
C PRO W 198 -17.28 -92.06 -60.26
N ALA W 199 -17.59 -92.65 -59.11
CA ALA W 199 -17.31 -92.03 -57.82
C ALA W 199 -15.82 -91.76 -57.62
N SER W 200 -14.99 -92.67 -58.11
CA SER W 200 -13.54 -92.53 -57.97
C SER W 200 -13.01 -91.35 -58.77
N GLU W 201 -13.61 -91.12 -59.94
CA GLU W 201 -13.16 -90.04 -60.82
C GLU W 201 -13.50 -88.67 -60.26
N VAL W 202 -14.63 -88.58 -59.56
CA VAL W 202 -15.04 -87.34 -58.93
C VAL W 202 -14.09 -86.99 -57.79
N LEU W 203 -13.62 -88.02 -57.08
CA LEU W 203 -12.69 -87.84 -55.98
C LEU W 203 -11.38 -87.20 -56.43
N ARG W 204 -10.88 -87.65 -57.57
CA ARG W 204 -9.64 -87.13 -58.13
C ARG W 204 -9.83 -85.73 -58.71
N LEU W 205 -11.00 -85.50 -59.30
CA LEU W 205 -11.31 -84.20 -59.89
C LEU W 205 -11.46 -83.13 -58.81
N LYS W 206 -11.99 -83.52 -57.66
CA LYS W 206 -12.12 -82.61 -56.52
C LYS W 206 -10.74 -82.19 -56.02
N HIS W 207 -9.82 -83.15 -55.93
CA HIS W 207 -8.47 -82.87 -55.45
C HIS W 207 -7.61 -82.26 -56.56
N GLU W 208 -7.96 -82.52 -57.81
CA GLU W 208 -7.30 -81.87 -58.93
C GLU W 208 -7.64 -80.38 -58.90
N HIS W 209 -8.91 -80.09 -58.68
CA HIS W 209 -9.36 -78.72 -58.53
C HIS W 209 -8.79 -78.10 -57.26
N LEU W 210 -8.72 -78.90 -56.19
CA LEU W 210 -8.16 -78.44 -54.93
C LEU W 210 -6.71 -78.03 -55.12
N ASN W 211 -5.95 -78.87 -55.83
CA ASN W 211 -4.55 -78.57 -56.13
C ASN W 211 -4.42 -77.31 -56.97
N ASP W 212 -5.28 -77.17 -57.97
CA ASP W 212 -5.27 -75.99 -58.83
C ASP W 212 -5.58 -74.74 -58.03
N ILE W 213 -6.56 -74.83 -57.14
CA ILE W 213 -6.94 -73.71 -56.30
C ILE W 213 -5.87 -73.40 -55.26
N THR W 214 -5.34 -74.44 -54.61
CA THR W 214 -4.38 -74.25 -53.54
C THR W 214 -3.02 -73.78 -54.06
N ASN W 215 -2.75 -74.02 -55.33
CA ASN W 215 -1.51 -73.53 -55.94
C ASN W 215 -1.70 -72.12 -56.47
N LEU W 216 -2.93 -71.82 -56.86
CA LEU W 216 -3.27 -70.49 -57.36
C LEU W 216 -3.25 -69.47 -56.23
N THR W 217 -3.73 -69.87 -55.06
CA THR W 217 -3.76 -68.98 -53.91
C THR W 217 -2.37 -68.85 -53.28
N ASN W 218 -1.52 -69.84 -53.51
CA ASN W 218 -0.15 -69.80 -53.03
C ASN W 218 0.67 -68.73 -53.77
N ASN W 219 0.45 -68.66 -55.08
CA ASN W 219 1.13 -67.69 -55.92
C ASN W 219 0.77 -66.25 -55.53
N PHE W 220 -0.46 -66.07 -55.06
CA PHE W 220 -0.94 -64.76 -54.65
C PHE W 220 -0.58 -64.46 -53.18
N GLY W 221 0.03 -65.42 -52.51
CA GLY W 221 0.43 -65.24 -51.13
C GLY W 221 -0.71 -65.46 -50.16
N GLY W 222 -1.66 -66.32 -50.54
CA GLY W 222 -2.78 -66.63 -49.69
C GLY W 222 -2.71 -68.05 -49.15
N ARG W 223 -3.64 -68.39 -48.27
CA ARG W 223 -3.65 -69.71 -47.65
C ARG W 223 -5.03 -70.35 -47.71
N VAL W 224 -5.05 -71.69 -47.72
CA VAL W 224 -6.29 -72.43 -47.64
C VAL W 224 -6.55 -72.81 -46.18
N VAL W 225 -7.62 -72.28 -45.60
CA VAL W 225 -7.89 -72.46 -44.18
C VAL W 225 -8.86 -73.59 -43.89
N ASP W 226 -9.69 -73.94 -44.86
CA ASP W 226 -10.71 -74.98 -44.65
C ASP W 226 -10.86 -75.89 -45.86
N ILE W 227 -10.95 -77.19 -45.61
CA ILE W 227 -11.14 -78.17 -46.67
C ILE W 227 -12.26 -79.15 -46.30
N SER W 228 -13.36 -79.09 -47.04
CA SER W 228 -14.48 -80.00 -46.80
C SER W 228 -14.56 -81.07 -47.89
N GLU W 229 -15.60 -81.89 -47.82
CA GLU W 229 -15.78 -82.97 -48.79
C GLU W 229 -16.10 -82.42 -50.17
N THR W 230 -16.72 -81.24 -50.21
CA THR W 230 -17.19 -80.67 -51.46
C THR W 230 -16.48 -79.36 -51.82
N SER W 231 -16.32 -78.49 -50.82
CA SER W 231 -15.75 -77.17 -51.07
C SER W 231 -14.53 -76.88 -50.20
N CYS W 232 -13.93 -75.72 -50.40
CA CYS W 232 -12.81 -75.26 -49.60
C CYS W 232 -12.91 -73.77 -49.36
N ILE W 233 -12.20 -73.27 -48.35
CA ILE W 233 -12.20 -71.85 -48.05
C ILE W 233 -10.79 -71.27 -48.18
N VAL W 234 -10.66 -70.22 -48.99
CA VAL W 234 -9.36 -69.59 -49.19
C VAL W 234 -9.30 -68.23 -48.49
N GLU W 235 -8.10 -67.85 -48.06
CA GLU W 235 -7.88 -66.56 -47.45
C GLU W 235 -6.76 -65.82 -48.15
N LEU W 236 -7.00 -64.56 -48.49
CA LEU W 236 -6.01 -63.77 -49.21
C LEU W 236 -5.98 -62.32 -48.70
N SER W 237 -4.79 -61.76 -48.58
CA SER W 237 -4.64 -60.40 -48.12
C SER W 237 -3.67 -59.62 -49.02
N ALA W 238 -4.22 -58.92 -50.00
CA ALA W 238 -3.41 -58.13 -50.93
C ALA W 238 -4.12 -56.85 -51.33
N LYS W 239 -3.49 -56.07 -52.19
CA LYS W 239 -4.08 -54.82 -52.68
C LYS W 239 -5.30 -55.13 -53.55
N PRO W 240 -6.31 -54.25 -53.52
CA PRO W 240 -7.58 -54.40 -54.23
C PRO W 240 -7.44 -54.85 -55.69
N THR W 241 -6.49 -54.27 -56.41
CA THR W 241 -6.28 -54.63 -57.81
C THR W 241 -5.80 -56.07 -57.94
N ARG W 242 -5.10 -56.57 -56.92
CA ARG W 242 -4.59 -57.93 -56.92
C ARG W 242 -5.63 -58.91 -56.39
N ILE W 243 -6.48 -58.44 -55.49
CA ILE W 243 -7.55 -59.25 -54.94
C ILE W 243 -8.55 -59.66 -56.02
N SER W 244 -9.03 -58.67 -56.76
CA SER W 244 -9.99 -58.91 -57.83
C SER W 244 -9.39 -59.76 -58.94
N ALA W 245 -8.09 -59.63 -59.14
CA ALA W 245 -7.39 -60.43 -60.14
C ALA W 245 -7.41 -61.90 -59.75
N PHE W 246 -7.27 -62.17 -58.45
CA PHE W 246 -7.32 -63.52 -57.92
C PHE W 246 -8.72 -64.11 -58.05
N LEU W 247 -9.72 -63.29 -57.76
CA LEU W 247 -11.12 -63.74 -57.78
C LEU W 247 -11.60 -64.04 -59.20
N LYS W 248 -10.92 -63.46 -60.19
CA LYS W 248 -11.24 -63.72 -61.59
C LYS W 248 -10.72 -65.09 -62.00
N LEU W 249 -9.63 -65.51 -61.37
CA LEU W 249 -8.98 -66.77 -61.72
C LEU W 249 -9.65 -67.97 -61.05
N VAL W 250 -10.17 -67.76 -59.84
CA VAL W 250 -10.85 -68.83 -59.11
C VAL W 250 -12.33 -68.88 -59.49
N GLU W 251 -12.78 -67.86 -60.23
CA GLU W 251 -14.17 -67.76 -60.66
C GLU W 251 -14.69 -68.98 -61.43
N PRO W 252 -13.91 -69.51 -62.40
CA PRO W 252 -14.45 -70.67 -63.13
C PRO W 252 -14.73 -71.88 -62.26
N PHE W 253 -13.97 -72.05 -61.19
CA PHE W 253 -14.17 -73.18 -60.29
C PHE W 253 -15.53 -73.09 -59.59
N GLY W 254 -16.03 -71.87 -59.45
CA GLY W 254 -17.33 -71.65 -58.83
C GLY W 254 -17.22 -71.14 -57.41
N VAL W 255 -17.40 -69.84 -57.24
CA VAL W 255 -17.32 -69.22 -55.92
C VAL W 255 -18.69 -69.28 -55.23
N LEU W 256 -18.81 -70.15 -54.25
CA LEU W 256 -20.07 -70.37 -53.55
C LEU W 256 -20.43 -69.21 -52.62
N GLU W 257 -19.41 -68.62 -52.00
CA GLU W 257 -19.62 -67.56 -51.03
C GLU W 257 -18.36 -66.71 -50.89
N CYS W 258 -18.52 -65.39 -50.82
CA CYS W 258 -17.37 -64.50 -50.79
C CYS W 258 -17.54 -63.37 -49.78
N ALA W 259 -16.44 -62.69 -49.46
CA ALA W 259 -16.44 -61.59 -48.52
C ALA W 259 -15.20 -60.72 -48.67
N ARG W 260 -15.35 -59.57 -49.33
CA ARG W 260 -14.24 -58.64 -49.52
C ARG W 260 -14.32 -57.46 -48.57
N SER W 261 -13.31 -57.30 -47.72
CA SER W 261 -13.25 -56.16 -46.82
C SER W 261 -12.94 -54.88 -47.58
N GLY W 262 -12.91 -53.77 -46.86
CA GLY W 262 -12.50 -52.50 -47.45
C GLY W 262 -10.99 -52.45 -47.53
N MET W 263 -10.46 -51.39 -48.11
CA MET W 263 -9.01 -51.25 -48.23
C MET W 263 -8.42 -50.51 -47.03
N MET W 264 -7.40 -51.12 -46.42
CA MET W 264 -6.63 -50.43 -45.39
C MET W 264 -5.36 -49.88 -46.02
N ALA W 265 -4.85 -48.78 -45.48
CA ALA W 265 -3.66 -48.14 -46.04
C ALA W 265 -2.65 -47.80 -44.96
N LEU W 266 -1.37 -47.88 -45.32
CA LEU W 266 -0.28 -47.51 -44.43
C LEU W 266 0.94 -47.12 -45.26
N PRO W 267 1.38 -45.86 -45.13
CA PRO W 267 2.47 -45.31 -45.94
C PRO W 267 3.80 -46.03 -45.72
N ARG W 268 4.55 -46.23 -46.81
CA ARG W 268 5.90 -46.74 -46.71
C ARG W 268 6.87 -45.62 -46.40
N THR W 269 8.16 -45.92 -46.46
CA THR W 269 9.20 -44.91 -46.35
C THR W 269 10.14 -45.02 -47.55
N PRO W 270 9.80 -44.33 -48.64
CA PRO W 270 10.53 -44.37 -49.91
C PRO W 270 12.03 -44.14 -49.75
N LEU W 271 12.82 -45.10 -50.21
CA LEU W 271 14.27 -45.02 -50.10
C LEU W 271 14.95 -44.97 -51.46
N LYS W 272 15.87 -44.03 -51.62
CA LYS W 272 16.67 -43.94 -52.84
C LYS W 272 18.15 -44.11 -52.49
N THR W 273 18.93 -44.61 -53.45
CA THR W 273 20.34 -44.86 -53.23
C THR W 273 21.12 -43.57 -52.97
N SER W 274 22.37 -43.71 -52.53
CA SER W 274 23.20 -42.57 -52.17
C SER W 274 23.57 -41.73 -53.40
N THR W 275 23.34 -42.28 -54.59
CA THR W 275 23.64 -41.56 -55.82
C THR W 275 22.39 -40.87 -56.38
N GLU W 276 21.25 -41.53 -56.24
CA GLU W 276 19.99 -41.00 -56.74
C GLU W 276 19.39 -39.97 -55.78
N GLU W 277 19.70 -40.12 -54.50
CA GLU W 277 19.24 -39.17 -53.49
C GLU W 277 19.89 -37.81 -53.72
N ALA W 278 21.17 -37.82 -54.08
CA ALA W 278 21.91 -36.60 -54.35
C ALA W 278 21.55 -36.03 -55.73
N ALA W 279 20.28 -35.68 -55.90
CA ALA W 279 19.81 -35.11 -57.16
C ALA W 279 19.91 -33.60 -57.14
N ASP W 280 20.67 -33.08 -56.18
CA ASP W 280 20.87 -31.64 -56.04
C ASP W 280 21.70 -31.07 -57.18
N LEU X 37 27.41 -76.54 -17.02
CA LEU X 37 26.57 -76.33 -15.85
C LEU X 37 25.84 -77.60 -15.44
N ASP X 38 25.03 -77.51 -14.40
CA ASP X 38 24.16 -78.59 -13.98
C ASP X 38 22.77 -78.06 -13.69
N THR X 39 21.93 -78.02 -14.71
CA THR X 39 20.58 -77.48 -14.59
C THR X 39 19.78 -78.23 -13.54
N PRO X 40 19.31 -77.52 -12.50
CA PRO X 40 18.52 -78.11 -11.42
C PRO X 40 17.26 -78.79 -11.93
N SER X 41 16.97 -79.98 -11.41
CA SER X 41 15.80 -80.74 -11.85
C SER X 41 14.64 -80.59 -10.88
N TRP X 42 13.42 -80.67 -11.41
CA TRP X 42 12.23 -80.62 -10.58
C TRP X 42 12.12 -81.88 -9.71
N ASN X 43 11.50 -81.72 -8.55
CA ASN X 43 11.07 -82.87 -7.77
C ASN X 43 9.56 -82.98 -7.85
N ALA X 44 9.02 -84.13 -7.46
CA ALA X 44 7.59 -84.40 -7.58
C ALA X 44 6.74 -83.36 -6.87
N ASN X 45 7.24 -82.83 -5.76
CA ASN X 45 6.51 -81.85 -4.97
C ASN X 45 6.63 -80.43 -5.52
N SER X 46 7.81 -80.08 -6.00
CA SER X 46 8.03 -78.74 -6.55
C SER X 46 7.39 -78.62 -7.92
N ALA X 47 7.28 -79.74 -8.62
CA ALA X 47 6.67 -79.77 -9.94
C ALA X 47 5.17 -79.51 -9.86
N VAL X 48 4.50 -80.24 -8.99
CA VAL X 48 3.05 -80.09 -8.82
C VAL X 48 2.72 -78.75 -8.16
N SER X 49 3.64 -78.25 -7.38
CA SER X 49 3.41 -77.04 -6.69
C SER X 49 3.39 -75.96 -7.69
N SER X 50 4.25 -76.07 -8.68
CA SER X 50 4.30 -75.07 -9.71
C SER X 50 2.97 -75.12 -10.39
N ILE X 51 2.80 -76.12 -11.22
CA ILE X 51 1.60 -76.36 -12.00
C ILE X 51 0.33 -75.81 -11.42
N ILE X 52 0.03 -76.19 -10.20
CA ILE X 52 -1.16 -75.68 -9.59
C ILE X 52 -1.13 -74.18 -9.64
N TYR X 53 -0.14 -73.60 -8.98
CA TYR X 53 0.06 -72.15 -8.91
C TYR X 53 -0.22 -71.40 -10.20
N GLU X 54 0.07 -72.01 -11.32
CA GLU X 54 -0.20 -71.39 -12.60
C GLU X 54 -1.63 -71.66 -12.96
N THR X 55 -2.20 -72.69 -12.34
CA THR X 55 -3.58 -73.02 -12.57
C THR X 55 -4.29 -71.85 -11.95
N PRO X 56 -4.70 -70.87 -12.83
CA PRO X 56 -5.33 -69.72 -12.19
C PRO X 56 -6.80 -69.87 -12.11
N ALA X 57 -7.29 -70.19 -10.90
CA ALA X 57 -8.70 -70.39 -10.63
C ALA X 57 -9.41 -71.04 -11.82
N PRO X 58 -10.26 -70.29 -12.50
CA PRO X 58 -10.95 -70.77 -13.68
C PRO X 58 -11.07 -69.52 -14.53
N SER X 59 -11.43 -68.43 -13.88
CA SER X 59 -11.60 -67.13 -14.51
C SER X 59 -12.64 -66.33 -13.76
N PRO X 62 -15.85 -65.25 -18.26
CA PRO X 62 -15.66 -64.33 -19.39
C PRO X 62 -16.98 -63.75 -19.83
N ARG X 63 -17.20 -63.66 -21.13
CA ARG X 63 -18.43 -63.12 -21.66
C ARG X 63 -18.49 -63.43 -23.13
N LYS X 64 -19.48 -64.21 -23.53
CA LYS X 64 -19.61 -64.55 -24.93
C LYS X 64 -19.60 -63.29 -25.78
N GLN X 65 -19.22 -63.47 -27.03
CA GLN X 65 -19.16 -62.41 -27.96
C GLN X 65 -20.17 -62.86 -28.94
N HIS X 66 -21.18 -62.04 -29.16
CA HIS X 66 -22.22 -62.38 -30.11
C HIS X 66 -21.87 -61.86 -31.49
N VAL X 67 -22.00 -62.73 -32.50
CA VAL X 67 -21.65 -62.36 -33.86
C VAL X 67 -22.86 -62.43 -34.79
N LEU X 68 -23.27 -61.28 -35.30
CA LEU X 68 -24.38 -61.21 -36.23
C LEU X 68 -23.89 -60.97 -37.65
N ASN X 69 -24.56 -61.57 -38.62
CA ASN X 69 -24.19 -61.41 -40.03
C ASN X 69 -25.35 -60.90 -40.86
N CYS X 70 -25.26 -59.65 -41.30
CA CYS X 70 -26.35 -59.01 -42.03
C CYS X 70 -26.17 -59.12 -43.54
N LEU X 71 -27.19 -59.63 -44.22
CA LEU X 71 -27.21 -59.67 -45.67
C LEU X 71 -28.02 -58.49 -46.20
N VAL X 72 -27.33 -57.41 -46.56
CA VAL X 72 -28.00 -56.18 -46.94
C VAL X 72 -27.93 -55.90 -48.43
N GLN X 73 -28.94 -55.19 -48.94
CA GLN X 73 -28.95 -54.74 -50.33
C GLN X 73 -28.21 -53.42 -50.43
N ASN X 74 -27.15 -53.39 -51.23
CA ASN X 74 -26.29 -52.20 -51.34
C ASN X 74 -27.01 -50.99 -51.93
N GLU X 75 -27.50 -50.12 -51.05
CA GLU X 75 -28.14 -48.87 -51.46
C GLU X 75 -27.47 -47.72 -50.73
N PRO X 76 -27.47 -46.50 -51.33
CA PRO X 76 -26.73 -45.33 -50.86
C PRO X 76 -26.62 -45.13 -49.35
N GLY X 77 -27.72 -45.32 -48.61
CA GLY X 77 -27.71 -45.02 -47.19
C GLY X 77 -27.91 -46.22 -46.28
N VAL X 78 -27.31 -47.35 -46.61
CA VAL X 78 -27.44 -48.56 -45.80
C VAL X 78 -26.55 -48.50 -44.56
N LEU X 79 -25.29 -48.18 -44.75
CA LEU X 79 -24.32 -48.14 -43.66
C LEU X 79 -24.74 -47.15 -42.57
N SER X 80 -25.22 -45.98 -42.99
CA SER X 80 -25.66 -44.96 -42.05
C SER X 80 -26.97 -45.37 -41.37
N ARG X 81 -27.68 -46.30 -41.97
CA ARG X 81 -28.96 -46.76 -41.43
C ARG X 81 -28.75 -47.85 -40.38
N VAL X 82 -27.87 -48.80 -40.70
CA VAL X 82 -27.59 -49.92 -39.79
C VAL X 82 -26.82 -49.44 -38.56
N SER X 83 -25.78 -48.66 -38.79
CA SER X 83 -24.98 -48.13 -37.68
C SER X 83 -25.76 -47.09 -36.89
N GLY X 84 -26.69 -46.43 -37.58
CA GLY X 84 -27.52 -45.41 -36.96
C GLY X 84 -28.55 -46.01 -36.01
N THR X 85 -29.17 -47.10 -36.44
CA THR X 85 -30.18 -47.78 -35.64
C THR X 85 -29.58 -48.36 -34.36
N LEU X 86 -28.40 -48.97 -34.49
CA LEU X 86 -27.71 -49.55 -33.34
C LEU X 86 -27.32 -48.49 -32.32
N ALA X 87 -26.86 -47.35 -32.81
CA ALA X 87 -26.43 -46.26 -31.95
C ALA X 87 -27.61 -45.57 -31.28
N ALA X 88 -28.66 -45.33 -32.06
CA ALA X 88 -29.83 -44.60 -31.56
C ALA X 88 -30.63 -45.41 -30.53
N ARG X 89 -30.29 -46.69 -30.41
CA ARG X 89 -30.99 -47.55 -29.45
C ARG X 89 -30.04 -48.06 -28.38
N GLY X 90 -28.84 -47.51 -28.35
CA GLY X 90 -27.87 -47.78 -27.29
C GLY X 90 -27.38 -49.22 -27.20
N PHE X 91 -26.91 -49.76 -28.32
CA PHE X 91 -26.34 -51.10 -28.32
C PHE X 91 -24.82 -51.05 -28.27
N ASN X 92 -24.24 -51.76 -27.31
CA ASN X 92 -22.79 -51.81 -27.17
C ASN X 92 -22.17 -52.68 -28.25
N ILE X 93 -21.88 -52.07 -29.40
CA ILE X 93 -21.28 -52.79 -30.51
C ILE X 93 -19.75 -52.65 -30.48
N ASP X 94 -19.06 -53.74 -30.83
CA ASP X 94 -17.60 -53.74 -30.79
C ASP X 94 -17.01 -53.47 -32.18
N SER X 95 -17.48 -54.20 -33.17
CA SER X 95 -16.98 -54.03 -34.54
C SER X 95 -18.09 -54.20 -35.56
N LEU X 96 -18.04 -53.38 -36.62
CA LEU X 96 -19.01 -53.46 -37.70
C LEU X 96 -18.31 -53.23 -39.03
N VAL X 97 -18.04 -54.32 -39.75
CA VAL X 97 -17.37 -54.21 -41.05
C VAL X 97 -18.30 -54.60 -42.19
N VAL X 98 -18.19 -53.87 -43.30
CA VAL X 98 -19.01 -54.13 -44.47
C VAL X 98 -18.19 -54.84 -45.54
N CYS X 99 -18.64 -56.04 -45.93
CA CYS X 99 -17.92 -56.83 -46.91
C CYS X 99 -18.72 -57.03 -48.20
N ASN X 100 -18.04 -56.90 -49.33
CA ASN X 100 -18.66 -57.19 -50.62
C ASN X 100 -18.65 -58.70 -50.89
N THR X 101 -19.77 -59.22 -51.37
CA THR X 101 -19.91 -60.65 -51.58
C THR X 101 -19.73 -61.04 -53.04
N GLU X 102 -19.15 -60.14 -53.82
CA GLU X 102 -18.81 -60.38 -55.22
C GLU X 102 -20.03 -60.68 -56.10
N VAL X 103 -21.20 -60.22 -55.69
CA VAL X 103 -22.40 -60.33 -56.54
C VAL X 103 -23.08 -58.97 -56.65
N LYS X 104 -24.01 -58.86 -57.58
CA LYS X 104 -24.66 -57.60 -57.90
C LYS X 104 -25.46 -57.00 -56.74
N ASP X 105 -25.02 -55.84 -56.27
CA ASP X 105 -25.74 -55.05 -55.26
C ASP X 105 -26.07 -55.82 -53.98
N LEU X 106 -25.08 -56.52 -53.43
CA LEU X 106 -25.28 -57.22 -52.17
C LEU X 106 -24.04 -57.08 -51.29
N SER X 107 -24.26 -56.85 -50.01
CA SER X 107 -23.16 -56.69 -49.05
C SER X 107 -23.42 -57.48 -47.78
N ARG X 108 -22.33 -57.87 -47.12
CA ARG X 108 -22.43 -58.60 -45.86
C ARG X 108 -21.85 -57.79 -44.72
N MET X 109 -22.62 -57.62 -43.66
CA MET X 109 -22.16 -56.88 -42.49
C MET X 109 -21.93 -57.80 -41.30
N THR X 110 -20.69 -57.86 -40.83
CA THR X 110 -20.35 -58.64 -39.66
C THR X 110 -20.36 -57.76 -38.42
N ILE X 111 -21.37 -57.91 -37.58
CA ILE X 111 -21.52 -57.09 -36.39
C ILE X 111 -21.20 -57.87 -35.12
N VAL X 112 -20.19 -57.42 -34.40
CA VAL X 112 -19.82 -58.05 -33.13
C VAL X 112 -20.27 -57.18 -31.96
N LEU X 113 -21.20 -57.70 -31.17
CA LEU X 113 -21.71 -56.98 -30.02
C LEU X 113 -21.79 -57.91 -28.80
N GLN X 114 -21.94 -57.31 -27.62
CA GLN X 114 -22.03 -58.09 -26.38
C GLN X 114 -23.27 -57.73 -25.58
N GLY X 115 -23.70 -58.64 -24.71
CA GLY X 115 -24.88 -58.45 -23.89
C GLY X 115 -25.59 -59.76 -23.64
N GLN X 116 -26.79 -59.67 -23.08
CA GLN X 116 -27.59 -60.86 -22.81
C GLN X 116 -28.09 -61.49 -24.10
N ASP X 117 -28.55 -62.73 -24.02
CA ASP X 117 -29.04 -63.45 -25.19
C ASP X 117 -30.34 -62.85 -25.72
N GLY X 118 -31.01 -62.07 -24.88
CA GLY X 118 -32.28 -61.47 -25.26
C GLY X 118 -32.13 -60.13 -25.95
N VAL X 119 -31.14 -59.36 -25.52
CA VAL X 119 -30.93 -58.02 -26.08
C VAL X 119 -30.21 -58.08 -27.42
N ILE X 120 -29.53 -59.19 -27.69
CA ILE X 120 -28.86 -59.38 -28.97
C ILE X 120 -29.87 -59.83 -30.01
N GLU X 121 -30.89 -60.56 -29.58
CA GLU X 121 -31.96 -60.97 -30.47
C GLU X 121 -32.83 -59.76 -30.80
N GLN X 122 -33.06 -58.92 -29.80
CA GLN X 122 -33.76 -57.66 -30.00
C GLN X 122 -32.98 -56.80 -30.99
N ALA X 123 -31.66 -56.81 -30.87
CA ALA X 123 -30.79 -56.09 -31.78
C ALA X 123 -30.83 -56.72 -33.17
N ARG X 124 -30.94 -58.05 -33.20
CA ARG X 124 -31.00 -58.78 -34.46
C ARG X 124 -32.31 -58.50 -35.18
N ARG X 125 -33.41 -58.57 -34.44
CA ARG X 125 -34.74 -58.33 -35.00
C ARG X 125 -34.89 -56.88 -35.43
N GLN X 126 -34.22 -55.98 -34.71
CA GLN X 126 -34.29 -54.55 -35.00
C GLN X 126 -33.68 -54.25 -36.36
N ILE X 127 -32.53 -54.85 -36.62
CA ILE X 127 -31.82 -54.65 -37.88
C ILE X 127 -32.56 -55.32 -39.03
N GLU X 128 -33.01 -56.55 -38.81
CA GLU X 128 -33.65 -57.34 -39.84
C GLU X 128 -34.95 -56.70 -40.32
N ASP X 129 -35.60 -55.94 -39.43
CA ASP X 129 -36.86 -55.28 -39.76
C ASP X 129 -36.67 -54.17 -40.80
N LEU X 130 -35.45 -53.67 -40.90
CA LEU X 130 -35.14 -52.64 -41.89
C LEU X 130 -35.35 -53.19 -43.30
N VAL X 131 -35.76 -52.31 -44.21
CA VAL X 131 -36.11 -52.71 -45.57
C VAL X 131 -34.91 -53.09 -46.45
N PRO X 132 -33.79 -52.36 -46.38
CA PRO X 132 -32.73 -52.72 -47.32
C PRO X 132 -31.95 -53.99 -46.96
N VAL X 133 -32.29 -54.62 -45.84
CA VAL X 133 -31.57 -55.83 -45.43
C VAL X 133 -32.45 -57.08 -45.52
N TYR X 134 -31.93 -58.09 -46.20
CA TYR X 134 -32.63 -59.35 -46.41
C TYR X 134 -32.84 -60.12 -45.11
N ALA X 135 -31.73 -60.47 -44.46
CA ALA X 135 -31.78 -61.23 -43.21
C ALA X 135 -30.55 -60.99 -42.36
N VAL X 136 -30.66 -61.28 -41.07
CA VAL X 136 -29.54 -61.16 -40.15
C VAL X 136 -29.31 -62.47 -39.42
N LEU X 137 -28.22 -63.15 -39.76
CA LEU X 137 -27.92 -64.45 -39.19
C LEU X 137 -27.17 -64.32 -37.87
N ASP X 138 -27.33 -65.31 -36.99
CA ASP X 138 -26.68 -65.30 -35.69
C ASP X 138 -25.59 -66.38 -35.61
N TYR X 139 -24.33 -65.96 -35.71
CA TYR X 139 -23.21 -66.89 -35.70
C TYR X 139 -22.60 -67.03 -34.31
N THR X 140 -23.34 -66.64 -33.28
CA THR X 140 -22.81 -66.64 -31.92
C THR X 140 -22.66 -68.06 -31.36
N ASN X 141 -23.32 -69.03 -32.00
CA ASN X 141 -23.25 -70.41 -31.56
C ASN X 141 -22.93 -71.36 -32.70
N SER X 142 -22.28 -70.83 -33.73
CA SER X 142 -21.91 -71.63 -34.90
C SER X 142 -20.40 -71.64 -35.08
N GLU X 143 -19.90 -72.63 -35.81
CA GLU X 143 -18.47 -72.75 -36.07
C GLU X 143 -18.09 -71.87 -37.27
N ILE X 144 -17.58 -70.69 -36.98
CA ILE X 144 -17.23 -69.73 -38.03
C ILE X 144 -15.74 -69.43 -38.03
N ILE X 145 -15.25 -68.91 -39.15
CA ILE X 145 -13.85 -68.52 -39.28
C ILE X 145 -13.71 -67.01 -39.06
N LYS X 146 -13.21 -66.63 -37.89
CA LYS X 146 -13.01 -65.22 -37.57
C LYS X 146 -11.69 -64.73 -38.13
N ARG X 147 -11.73 -63.59 -38.83
CA ARG X 147 -10.53 -63.02 -39.41
C ARG X 147 -10.49 -61.50 -39.25
N GLU X 148 -9.31 -60.98 -38.90
CA GLU X 148 -9.10 -59.56 -38.76
C GLU X 148 -7.74 -59.21 -39.38
N LEU X 149 -7.61 -57.99 -39.90
CA LEU X 149 -6.37 -57.58 -40.53
C LEU X 149 -5.68 -56.49 -39.73
N VAL X 150 -4.40 -56.68 -39.44
CA VAL X 150 -3.63 -55.68 -38.70
C VAL X 150 -2.36 -55.30 -39.46
N MET X 151 -2.16 -54.00 -39.62
CA MET X 151 -0.94 -53.48 -40.22
C MET X 151 -0.26 -52.50 -39.27
N ALA X 152 0.92 -52.86 -38.80
CA ALA X 152 1.60 -52.05 -37.79
C ALA X 152 3.01 -51.67 -38.20
N ARG X 153 3.34 -50.38 -38.04
CA ARG X 153 4.70 -49.90 -38.22
C ARG X 153 5.44 -49.99 -36.89
N ILE X 154 6.48 -50.81 -36.85
CA ILE X 154 7.20 -51.07 -35.61
C ILE X 154 8.64 -50.58 -35.67
N SER X 155 9.07 -49.90 -34.61
CA SER X 155 10.43 -49.36 -34.54
C SER X 155 11.46 -50.47 -34.43
N LEU X 156 12.71 -50.13 -34.75
CA LEU X 156 13.82 -51.07 -34.63
C LEU X 156 14.89 -50.54 -33.70
N LEU X 157 14.65 -49.35 -33.15
CA LEU X 157 15.65 -48.64 -32.37
C LEU X 157 15.57 -48.97 -30.87
N GLY X 158 14.86 -50.03 -30.52
CA GLY X 158 14.83 -50.51 -29.15
C GLY X 158 13.85 -49.78 -28.24
N THR X 159 13.75 -50.26 -27.00
CA THR X 159 12.82 -49.74 -26.03
C THR X 159 13.17 -48.31 -25.61
N GLU X 160 14.46 -48.05 -25.39
CA GLU X 160 14.92 -46.75 -24.93
C GLU X 160 14.51 -45.61 -25.87
N TYR X 161 14.67 -45.82 -27.16
CA TYR X 161 14.34 -44.80 -28.14
C TYR X 161 12.83 -44.56 -28.20
N PHE X 162 12.06 -45.61 -27.94
CA PHE X 162 10.60 -45.53 -28.06
C PHE X 162 9.99 -44.66 -26.96
N GLU X 163 10.42 -44.86 -25.72
CA GLU X 163 9.89 -44.07 -24.61
C GLU X 163 10.42 -42.64 -24.67
N ASP X 164 11.50 -42.44 -25.41
CA ASP X 164 12.03 -41.10 -25.67
C ASP X 164 11.24 -40.45 -26.80
N LEU X 165 10.69 -41.28 -27.68
CA LEU X 165 9.92 -40.81 -28.81
C LEU X 165 8.53 -40.35 -28.37
N LEU X 166 7.97 -41.04 -27.37
CA LEU X 166 6.63 -40.74 -26.87
C LEU X 166 6.62 -39.48 -26.02
N LEU X 167 7.64 -39.33 -25.18
CA LEU X 167 7.74 -38.15 -24.32
C LEU X 167 7.89 -36.87 -25.14
N HIS X 168 8.48 -37.01 -26.33
CA HIS X 168 8.64 -35.88 -27.23
C HIS X 168 7.31 -35.45 -27.83
N HIS X 169 6.42 -36.41 -28.04
CA HIS X 169 5.12 -36.13 -28.65
C HIS X 169 4.04 -35.91 -27.60
N HIS X 170 4.30 -36.32 -26.37
CA HIS X 170 3.35 -36.11 -25.28
C HIS X 170 3.33 -34.66 -24.84
N THR X 171 4.47 -33.98 -24.99
CA THR X 171 4.58 -32.58 -24.63
C THR X 171 4.24 -31.67 -25.82
N SER X 172 3.29 -32.11 -26.64
CA SER X 172 2.89 -31.33 -27.80
C SER X 172 1.38 -31.45 -28.03
N ASP X 179 6.98 -29.92 -18.95
CA ASP X 179 8.07 -29.87 -19.91
C ASP X 179 8.77 -31.23 -20.00
N SER X 180 8.84 -31.93 -18.86
CA SER X 180 9.48 -33.24 -18.77
C SER X 180 10.93 -33.22 -19.26
N GLN X 181 11.61 -32.11 -19.03
CA GLN X 181 13.00 -31.96 -19.44
C GLN X 181 13.92 -32.83 -18.59
N GLU X 182 13.49 -33.09 -17.36
CA GLU X 182 14.26 -33.90 -16.43
C GLU X 182 14.06 -35.39 -16.72
N LEU X 183 12.89 -35.73 -17.25
CA LEU X 183 12.54 -37.11 -17.55
C LEU X 183 13.33 -37.64 -18.74
N VAL X 184 13.31 -36.87 -19.84
CA VAL X 184 14.02 -37.26 -21.05
C VAL X 184 15.53 -37.28 -20.85
N ALA X 185 15.99 -36.58 -19.83
CA ALA X 185 17.41 -36.47 -19.54
C ALA X 185 17.98 -37.81 -19.08
N GLU X 186 17.22 -38.54 -18.25
CA GLU X 186 17.70 -39.80 -17.71
C GLU X 186 17.46 -40.96 -18.68
N ILE X 187 16.54 -40.76 -19.62
CA ILE X 187 16.25 -41.78 -20.62
C ILE X 187 17.37 -41.83 -21.66
N ARG X 188 17.84 -40.67 -22.07
CA ARG X 188 18.90 -40.57 -23.07
C ARG X 188 20.27 -40.85 -22.47
N GLU X 189 20.29 -41.19 -21.18
CA GLU X 189 21.52 -41.58 -20.51
C GLU X 189 21.50 -43.07 -20.17
N LYS X 190 20.53 -43.78 -20.74
CA LYS X 190 20.45 -45.23 -20.55
C LYS X 190 21.52 -45.92 -21.38
N GLN X 191 21.81 -47.18 -21.04
CA GLN X 191 22.89 -47.92 -21.68
C GLN X 191 22.64 -48.21 -23.15
N PHE X 192 21.48 -48.77 -23.46
CA PHE X 192 21.20 -49.21 -24.83
C PHE X 192 20.38 -48.20 -25.63
N HIS X 193 20.48 -46.93 -25.25
CA HIS X 193 19.92 -45.85 -26.07
C HIS X 193 20.89 -45.58 -27.21
N PRO X 194 20.35 -45.36 -28.43
CA PRO X 194 21.16 -45.12 -29.63
C PRO X 194 22.24 -44.05 -29.46
N ALA X 195 21.95 -43.03 -28.66
CA ALA X 195 22.89 -41.94 -28.44
C ALA X 195 24.10 -42.39 -27.63
N ASN X 196 23.94 -43.45 -26.84
CA ASN X 196 25.01 -43.95 -25.99
C ASN X 196 25.69 -45.19 -26.56
N LEU X 197 25.39 -45.48 -27.82
CA LEU X 197 25.96 -46.66 -28.48
C LEU X 197 26.71 -46.27 -29.75
N PRO X 198 27.76 -47.03 -30.08
CA PRO X 198 28.45 -46.85 -31.36
C PRO X 198 27.50 -47.00 -32.54
N ALA X 199 27.74 -46.24 -33.61
CA ALA X 199 26.84 -46.26 -34.76
C ALA X 199 26.86 -47.59 -35.48
N SER X 200 27.87 -48.41 -35.18
CA SER X 200 27.97 -49.74 -35.78
C SER X 200 27.14 -50.76 -35.01
N GLU X 201 27.04 -50.58 -33.70
CA GLU X 201 26.30 -51.51 -32.85
C GLU X 201 24.80 -51.31 -33.01
N VAL X 202 24.37 -50.06 -33.15
CA VAL X 202 22.96 -49.75 -33.32
C VAL X 202 22.45 -50.33 -34.64
N LEU X 203 23.35 -50.45 -35.61
CA LEU X 203 23.02 -51.08 -36.89
C LEU X 203 22.70 -52.56 -36.69
N ARG X 204 23.48 -53.21 -35.85
CA ARG X 204 23.30 -54.65 -35.60
C ARG X 204 22.08 -54.91 -34.72
N LEU X 205 21.76 -53.96 -33.85
CA LEU X 205 20.59 -54.10 -32.97
C LEU X 205 19.29 -53.95 -33.76
N LYS X 206 19.30 -53.02 -34.73
CA LYS X 206 18.14 -52.78 -35.57
C LYS X 206 17.77 -54.02 -36.37
N HIS X 207 18.78 -54.74 -36.86
CA HIS X 207 18.55 -55.96 -37.61
C HIS X 207 18.25 -57.14 -36.67
N GLU X 208 18.82 -57.08 -35.47
CA GLU X 208 18.52 -58.10 -34.46
C GLU X 208 17.06 -58.00 -34.04
N HIS X 209 16.61 -56.78 -33.78
CA HIS X 209 15.21 -56.52 -33.48
C HIS X 209 14.33 -56.92 -34.65
N LEU X 210 14.81 -56.65 -35.86
CA LEU X 210 14.07 -56.97 -37.07
C LEU X 210 13.83 -58.48 -37.18
N ASN X 211 14.86 -59.26 -36.88
CA ASN X 211 14.76 -60.72 -36.90
C ASN X 211 13.80 -61.22 -35.83
N ASP X 212 13.82 -60.57 -34.67
CA ASP X 212 12.92 -60.93 -33.58
C ASP X 212 11.47 -60.64 -33.98
N ILE X 213 11.26 -59.51 -34.64
CA ILE X 213 9.94 -59.15 -35.13
C ILE X 213 9.53 -60.08 -36.26
N THR X 214 10.47 -60.37 -37.17
CA THR X 214 10.21 -61.24 -38.31
C THR X 214 9.83 -62.65 -37.88
N ASN X 215 10.60 -63.21 -36.94
CA ASN X 215 10.34 -64.55 -36.44
C ASN X 215 8.97 -64.65 -35.76
N LEU X 216 8.55 -63.57 -35.12
CA LEU X 216 7.23 -63.51 -34.51
C LEU X 216 6.14 -63.59 -35.56
N THR X 217 6.22 -62.72 -36.56
CA THR X 217 5.23 -62.67 -37.63
C THR X 217 5.16 -63.99 -38.39
N ASN X 218 6.32 -64.61 -38.63
CA ASN X 218 6.38 -65.89 -39.30
C ASN X 218 5.65 -66.98 -38.51
N ASN X 219 5.80 -66.93 -37.19
CA ASN X 219 5.14 -67.89 -36.33
C ASN X 219 3.63 -67.67 -36.26
N PHE X 220 3.22 -66.42 -36.41
CA PHE X 220 1.80 -66.06 -36.37
C PHE X 220 1.15 -66.15 -37.75
N GLY X 221 1.97 -66.39 -38.78
CA GLY X 221 1.47 -66.49 -40.13
C GLY X 221 1.47 -65.14 -40.84
N GLY X 222 2.06 -64.14 -40.19
CA GLY X 222 2.15 -62.81 -40.75
C GLY X 222 3.34 -62.67 -41.69
N ARG X 223 3.70 -61.43 -42.00
CA ARG X 223 4.81 -61.16 -42.90
C ARG X 223 5.28 -59.71 -42.80
N VAL X 224 6.54 -59.48 -43.15
CA VAL X 224 7.08 -58.13 -43.20
C VAL X 224 6.96 -57.59 -44.62
N VAL X 225 6.25 -56.48 -44.77
CA VAL X 225 5.96 -55.93 -46.10
C VAL X 225 6.76 -54.67 -46.39
N ASP X 226 7.47 -54.17 -45.39
CA ASP X 226 8.27 -52.96 -45.56
C ASP X 226 9.41 -52.88 -44.54
N ILE X 227 10.59 -52.53 -45.01
CA ILE X 227 11.74 -52.33 -44.14
C ILE X 227 12.39 -50.98 -44.41
N SER X 228 12.24 -50.05 -43.47
CA SER X 228 12.78 -48.71 -43.64
C SER X 228 14.13 -48.57 -42.94
N GLU X 229 14.54 -47.33 -42.70
CA GLU X 229 15.81 -47.05 -42.06
C GLU X 229 15.79 -47.41 -40.58
N THR X 230 14.72 -47.01 -39.89
CA THR X 230 14.65 -47.19 -38.45
C THR X 230 13.46 -48.05 -38.01
N SER X 231 12.60 -48.42 -38.96
CA SER X 231 11.40 -49.17 -38.63
C SER X 231 11.00 -50.16 -39.71
N CYS X 232 9.93 -50.91 -39.46
CA CYS X 232 9.40 -51.86 -40.43
C CYS X 232 7.88 -52.00 -40.28
N ILE X 233 7.24 -52.54 -41.31
CA ILE X 233 5.79 -52.70 -41.29
C ILE X 233 5.40 -54.17 -41.39
N VAL X 234 4.58 -54.63 -40.44
CA VAL X 234 4.14 -56.02 -40.43
C VAL X 234 2.66 -56.14 -40.77
N GLU X 235 2.30 -57.28 -41.36
CA GLU X 235 0.92 -57.54 -41.76
C GLU X 235 0.48 -58.93 -41.30
N LEU X 236 -0.63 -58.98 -40.56
CA LEU X 236 -1.13 -60.24 -40.05
C LEU X 236 -2.64 -60.37 -40.25
N SER X 237 -3.09 -61.56 -40.62
CA SER X 237 -4.51 -61.84 -40.79
C SER X 237 -4.93 -63.07 -40.00
N ALA X 238 -5.52 -62.85 -38.83
CA ALA X 238 -5.98 -63.93 -37.98
C ALA X 238 -7.14 -63.50 -37.11
N LYS X 239 -7.66 -64.43 -36.30
CA LYS X 239 -8.75 -64.12 -35.39
C LYS X 239 -8.31 -63.11 -34.34
N PRO X 240 -9.26 -62.26 -33.90
CA PRO X 240 -8.99 -61.17 -32.93
C PRO X 240 -8.24 -61.63 -31.68
N THR X 241 -8.47 -62.87 -31.26
CA THR X 241 -7.78 -63.44 -30.12
C THR X 241 -6.28 -63.57 -30.39
N ARG X 242 -5.95 -64.09 -31.56
CA ARG X 242 -4.56 -64.33 -31.94
C ARG X 242 -3.83 -63.03 -32.28
N ILE X 243 -4.54 -62.09 -32.88
CA ILE X 243 -3.96 -60.81 -33.24
C ILE X 243 -3.58 -60.00 -32.00
N SER X 244 -4.48 -59.96 -31.03
CA SER X 244 -4.23 -59.26 -29.77
C SER X 244 -3.01 -59.83 -29.06
N ALA X 245 -2.80 -61.14 -29.20
CA ALA X 245 -1.63 -61.78 -28.63
C ALA X 245 -0.36 -61.35 -29.36
N PHE X 246 -0.50 -61.12 -30.66
CA PHE X 246 0.63 -60.69 -31.48
C PHE X 246 1.06 -59.27 -31.16
N LEU X 247 0.09 -58.36 -31.13
CA LEU X 247 0.37 -56.95 -30.86
C LEU X 247 0.90 -56.73 -29.45
N LYS X 248 0.62 -57.69 -28.56
CA LYS X 248 1.13 -57.63 -27.20
C LYS X 248 2.57 -58.13 -27.15
N LEU X 249 2.85 -59.16 -27.94
CA LEU X 249 4.19 -59.75 -27.99
C LEU X 249 5.19 -58.83 -28.66
N VAL X 250 4.70 -57.98 -29.57
CA VAL X 250 5.58 -57.10 -30.32
C VAL X 250 5.54 -55.68 -29.75
N GLU X 251 4.68 -55.49 -28.75
CA GLU X 251 4.55 -54.20 -28.06
C GLU X 251 5.87 -53.64 -27.48
N PRO X 252 6.69 -54.48 -26.81
CA PRO X 252 7.92 -53.92 -26.24
C PRO X 252 8.85 -53.26 -27.24
N PHE X 253 8.82 -53.71 -28.49
CA PHE X 253 9.68 -53.13 -29.53
C PHE X 253 9.24 -51.71 -29.86
N GLY X 254 7.96 -51.41 -29.62
CA GLY X 254 7.45 -50.08 -29.85
C GLY X 254 6.68 -49.94 -31.14
N VAL X 255 5.35 -49.95 -31.05
CA VAL X 255 4.49 -49.78 -32.21
C VAL X 255 4.26 -48.30 -32.50
N LEU X 256 4.66 -47.87 -33.69
CA LEU X 256 4.52 -46.47 -34.07
C LEU X 256 3.14 -46.18 -34.64
N GLU X 257 2.67 -47.07 -35.52
CA GLU X 257 1.33 -46.97 -36.08
C GLU X 257 0.66 -48.34 -36.07
N CYS X 258 -0.67 -48.34 -36.02
CA CYS X 258 -1.43 -49.59 -36.04
C CYS X 258 -2.79 -49.40 -36.71
N ALA X 259 -3.37 -50.51 -37.17
CA ALA X 259 -4.67 -50.47 -37.83
C ALA X 259 -5.33 -51.84 -37.81
N ARG X 260 -6.35 -52.00 -36.95
CA ARG X 260 -7.10 -53.25 -36.88
C ARG X 260 -8.45 -53.10 -37.59
N SER X 261 -8.68 -53.95 -38.58
CA SER X 261 -9.85 -53.84 -39.45
C SER X 261 -11.17 -54.09 -38.72
N GLY X 262 -11.20 -55.14 -37.91
CA GLY X 262 -12.44 -55.60 -37.30
C GLY X 262 -12.76 -56.99 -37.83
N MET X 263 -13.42 -57.80 -37.01
CA MET X 263 -13.64 -59.20 -37.34
C MET X 263 -14.53 -59.43 -38.56
N MET X 264 -14.04 -60.26 -39.48
CA MET X 264 -14.85 -60.78 -40.56
C MET X 264 -15.21 -62.24 -40.25
N ALA X 265 -16.44 -62.63 -40.59
CA ALA X 265 -16.90 -63.97 -40.24
C ALA X 265 -17.33 -64.77 -41.46
N LEU X 266 -17.11 -66.08 -41.40
CA LEU X 266 -17.51 -67.00 -42.47
C LEU X 266 -17.64 -68.42 -41.92
N PRO X 267 -18.83 -69.02 -42.07
CA PRO X 267 -19.14 -70.37 -41.56
C PRO X 267 -18.17 -71.44 -42.06
N ARG X 268 -17.83 -72.38 -41.19
CA ARG X 268 -16.88 -73.43 -41.53
C ARG X 268 -17.55 -74.80 -41.65
N THR X 269 -18.46 -75.09 -40.74
CA THR X 269 -19.13 -76.39 -40.64
C THR X 269 -18.12 -77.52 -40.38
N PRO X 270 -18.02 -77.94 -39.12
CA PRO X 270 -17.06 -78.96 -38.68
C PRO X 270 -17.37 -80.35 -39.25
N LEU X 271 -16.33 -81.14 -39.49
CA LEU X 271 -16.50 -82.48 -40.05
C LEU X 271 -16.10 -83.57 -39.06
N LYS X 272 -16.79 -84.70 -39.13
CA LYS X 272 -16.51 -85.84 -38.27
C LYS X 272 -16.49 -87.13 -39.08
N THR X 273 -15.73 -88.11 -38.61
CA THR X 273 -15.57 -89.37 -39.32
C THR X 273 -16.85 -90.20 -39.35
N SER X 274 -16.87 -91.22 -40.20
CA SER X 274 -18.02 -92.10 -40.32
C SER X 274 -18.19 -92.98 -39.08
N THR X 275 -17.09 -93.18 -38.36
CA THR X 275 -17.13 -93.93 -37.11
C THR X 275 -17.72 -93.07 -36.02
N GLU X 276 -17.55 -91.76 -36.15
CA GLU X 276 -18.10 -90.79 -35.21
C GLU X 276 -19.56 -90.48 -35.51
N GLU X 277 -20.18 -91.34 -36.31
CA GLU X 277 -21.61 -91.23 -36.59
C GLU X 277 -22.40 -92.03 -35.55
N ALA X 278 -21.91 -92.00 -34.32
CA ALA X 278 -22.59 -92.66 -33.20
C ALA X 278 -23.66 -91.73 -32.63
N ALA X 279 -23.85 -90.59 -33.28
CA ALA X 279 -24.88 -89.64 -32.90
C ALA X 279 -26.22 -90.04 -33.51
N ASP X 280 -26.23 -91.19 -34.18
CA ASP X 280 -27.44 -91.75 -34.73
C ASP X 280 -27.90 -92.94 -33.89
N GLU X 281 -26.95 -93.59 -33.24
CA GLU X 281 -27.24 -94.70 -32.34
C GLU X 281 -27.35 -94.20 -30.91
N ASP X 282 -27.44 -92.87 -30.77
CA ASP X 282 -27.53 -92.24 -29.46
C ASP X 282 -28.95 -92.33 -28.90
N GLU X 283 -29.88 -92.78 -29.73
CA GLU X 283 -31.28 -92.90 -29.34
C GLU X 283 -31.45 -93.84 -28.14
N LYS X 284 -32.11 -93.34 -27.10
CA LYS X 284 -32.33 -94.12 -25.88
C LYS X 284 -33.54 -93.58 -25.11
N1' TPP Y . -24.58 -47.10 45.22
C2' TPP Y . -24.02 -47.37 44.02
CM2 TPP Y . -24.79 -47.16 42.77
N3' TPP Y . -22.75 -47.83 43.97
C4' TPP Y . -22.04 -48.02 45.09
N4' TPP Y . -20.70 -48.51 44.98
C5' TPP Y . -22.61 -47.74 46.33
C6' TPP Y . -23.91 -47.28 46.36
C7' TPP Y . -21.89 -47.93 47.63
N3 TPP Y . -21.73 -49.38 47.87
C2 TPP Y . -20.58 -49.95 47.61
S1 TPP Y . -20.62 -51.66 47.95
C5 TPP Y . -22.29 -51.53 48.48
C4 TPP Y . -22.68 -50.18 48.35
CM4 TPP Y . -24.07 -49.74 48.73
C6 TPP Y . -23.12 -52.67 48.99
C7 TPP Y . -23.21 -53.78 47.95
O7 TPP Y . -22.93 -54.99 48.56
PA TPP Y . -23.03 -56.16 47.53
O1A TPP Y . -23.25 -55.61 46.14
O2A TPP Y . -24.17 -57.06 47.87
O3A TPP Y . -21.67 -56.94 47.55
PB TPP Y . -21.31 -57.54 48.95
O1B TPP Y . -20.25 -56.66 49.58
O2B TPP Y . -20.73 -58.93 48.76
O3B TPP Y . -22.49 -57.62 49.85
MG MG Z . -23.88 -58.87 49.08
PA FAD AA . -6.20 -46.71 36.40
O1A FAD AA . -6.99 -46.98 35.11
O2A FAD AA . -7.11 -46.08 37.42
O5B FAD AA . -4.99 -45.69 36.08
C5B FAD AA . -4.12 -45.99 34.96
C4B FAD AA . -2.98 -44.98 34.96
O4B FAD AA . -1.99 -45.34 33.99
C3B FAD AA . -3.51 -43.64 34.56
O3B FAD AA . -2.79 -42.61 35.21
C2B FAD AA . -3.28 -43.60 33.11
O2B FAD AA . -3.08 -42.25 32.67
C1B FAD AA . -2.06 -44.39 32.91
N9A FAD AA . -2.10 -45.07 31.67
C8A FAD AA . -3.20 -45.52 31.08
N7A FAD AA . -2.87 -46.10 29.92
C5A FAD AA . -1.51 -46.02 29.76
C6A FAD AA . -0.56 -46.43 28.78
N6A FAD AA . -1.00 -47.10 27.63
N1A FAD AA . 0.75 -46.17 28.97
C2A FAD AA . 1.15 -45.54 30.04
N3A FAD AA . 0.31 -45.13 31.00
C4A FAD AA . -1.02 -45.35 30.88
N1 FAD AA . -7.67 -50.98 43.75
C2 FAD AA . -6.47 -51.52 44.32
O2 FAD AA . -5.45 -51.56 43.65
N3 FAD AA . -6.45 -51.99 45.61
C4 FAD AA . -7.60 -51.95 46.38
O4 FAD AA . -7.57 -52.37 47.52
C4X FAD AA . -8.89 -51.38 45.82
N5 FAD AA . -10.05 -51.33 46.57
C5X FAD AA . -11.24 -51.11 45.92
C6 FAD AA . -12.44 -51.36 46.60
C7 FAD AA . -13.67 -51.13 45.94
C7M FAD AA . -14.99 -51.41 46.67
C8 FAD AA . -13.68 -50.66 44.62
C8M FAD AA . -15.02 -50.43 43.91
C9 FAD AA . -12.47 -50.41 43.96
C9A FAD AA . -11.25 -50.64 44.61
N10 FAD AA . -10.05 -50.40 43.97
C10 FAD AA . -8.89 -50.92 44.52
C1' FAD AA . -10.00 -49.73 42.73
C2' FAD AA . -9.39 -48.32 42.90
O2' FAD AA . -10.40 -47.43 43.35
C3' FAD AA . -8.83 -47.79 41.53
O3' FAD AA . -9.77 -47.95 40.56
C4' FAD AA . -7.60 -48.55 41.14
O4' FAD AA . -6.47 -48.06 41.87
C5' FAD AA . -7.36 -48.35 39.67
O5' FAD AA . -6.22 -49.06 39.25
P FAD AA . -5.11 -48.25 38.41
O1P FAD AA . -3.79 -49.03 38.40
O2P FAD AA . -4.86 -46.88 39.06
O3P FAD AA . -5.60 -48.04 36.94
C2 60G BA . -15.94 -46.52 52.15
C4 60G BA . -14.73 -47.76 50.57
C5 60G BA . -15.73 -48.71 50.62
C6 60G BA . -16.82 -48.55 51.42
CAA 60G BA . -16.17 -43.94 49.79
OAR 60G BA . -14.98 -43.43 50.28
CAV 60G BA . -14.75 -42.08 50.19
OAE 60G BA . -15.68 -41.31 49.96
CBA 60G BA . -13.35 -41.56 50.18
CAK 60G BA . -12.80 -41.23 48.96
CAI 60G BA . -11.51 -40.75 48.86
CAH 60G BA . -10.76 -40.59 50.00
CAJ 60G BA . -11.31 -40.92 51.24
CAW 60G BA . -12.61 -41.41 51.36
CAM 60G BA . -13.15 -41.75 52.72
SBB 60G BA . -12.66 -43.36 53.28
OAF 60G BA . -12.43 -43.33 54.70
OAG 60G BA . -11.33 -43.74 52.83
NAQ 60G BA . -13.76 -44.49 52.85
CAU 60G BA . -15.11 -44.41 53.34
OAD 60G BA . -15.43 -43.49 54.08
NAP 60G BA . -16.12 -45.37 52.99
N3 60G BA . -14.84 -46.66 51.35
N1 60G BA . -16.90 -47.45 52.18
OAS 60G BA . -17.83 -49.49 51.47
CAB 60G BA . -19.11 -49.11 51.16
OAT 60G BA . -13.64 -47.95 49.75
CAC 60G BA . -13.21 -49.22 49.47
N1' TPP CA . -35.51 -43.97 26.32
C2' TPP CA . -35.97 -43.49 27.50
CM2 TPP CA . -35.20 -43.72 28.75
N3' TPP CA . -37.12 -42.79 27.54
C4' TPP CA . -37.83 -42.56 26.42
N4' TPP CA . -39.04 -41.82 26.53
C5' TPP CA . -37.38 -43.06 25.21
C6' TPP CA . -36.20 -43.77 25.19
C7' TPP CA . -38.12 -42.85 23.91
N3 TPP CA . -39.37 -43.64 23.94
C2 TPP CA . -40.50 -43.01 24.21
S1 TPP CA . -41.84 -44.12 24.21
C5 TPP CA . -40.77 -45.44 23.83
C4 TPP CA . -39.46 -44.94 23.73
CM4 TPP CA . -38.29 -45.84 23.40
C6 TPP CA . -41.21 -46.88 23.64
C7 TPP CA . -41.96 -47.36 24.86
O7 TPP CA . -43.16 -47.92 24.48
PA TPP CA . -43.89 -48.56 25.71
O1A TPP CA . -43.17 -48.18 26.99
O2A TPP CA . -43.88 -50.06 25.59
O3A TPP CA . -45.35 -48.01 25.77
PB TPP CA . -46.21 -48.30 24.49
O1B TPP CA . -46.08 -47.13 23.54
O2B TPP CA . -47.67 -48.44 24.90
O3B TPP CA . -45.77 -49.55 23.80
MG MG DA . -45.77 -51.22 24.91
PA FAD EA . -45.54 -27.57 33.05
O1A FAD EA . -45.11 -28.06 34.44
O2A FAD EA . -44.62 -28.17 32.00
O5B FAD EA . -45.45 -25.96 32.99
C5B FAD EA . -45.89 -25.20 34.14
C4B FAD EA . -45.84 -23.72 33.76
O4B FAD EA . -46.69 -22.98 34.64
C3B FAD EA . -44.46 -23.19 33.94
O3B FAD EA . -44.17 -22.20 32.94
C2B FAD EA . -44.46 -22.57 35.27
O2B FAD EA . -43.59 -21.43 35.28
C1B FAD EA . -45.84 -22.17 35.50
N9A FAD EA . -46.20 -22.37 36.85
C8A FAD EA . -45.79 -23.37 37.61
N7A FAD EA . -46.32 -23.24 38.84
C5A FAD EA . -47.11 -22.12 38.85
C6A FAD EA . -47.93 -21.45 39.82
N6A FAD EA . -48.04 -21.97 41.10
N1A FAD EA . -48.57 -20.33 39.47
C2A FAD EA . -48.46 -19.85 38.26
N3A FAD EA . -47.72 -20.43 37.31
C4A FAD EA . -47.03 -21.56 37.58
N1 FAD EA . -48.87 -32.65 26.80
C2 FAD EA . -50.10 -32.14 26.29
O2 FAD EA . -50.67 -31.25 26.89
N3 FAD EA . -50.65 -32.64 25.13
C4 FAD EA . -50.00 -33.66 24.44
O4 FAD EA . -50.50 -34.09 23.42
C4X FAD EA . -48.69 -34.23 24.95
N5 FAD EA . -48.03 -35.25 24.29
C5X FAD EA . -47.05 -35.94 24.95
C6 FAD EA . -46.60 -37.17 24.45
C7 FAD EA . -45.61 -37.89 25.13
C7M FAD EA . -45.12 -39.24 24.59
C8 FAD EA . -45.06 -37.37 26.32
C8M FAD EA . -43.97 -38.14 27.06
C9 FAD EA . -45.51 -36.14 26.83
C9A FAD EA . -46.51 -35.41 26.13
N10 FAD EA . -46.97 -34.21 26.61
C10 FAD EA . -48.17 -33.70 26.12
C1' FAD EA . -46.33 -33.57 27.70
C2' FAD EA . -45.69 -32.24 27.25
O2' FAD EA . -44.44 -32.51 26.64
C3' FAD EA . -45.46 -31.30 28.50
O3' FAD EA . -44.90 -32.01 29.50
C4' FAD EA . -46.77 -30.73 28.96
O4' FAD EA . -47.20 -29.72 28.06
C5' FAD EA . -46.53 -30.11 30.32
O5' FAD EA . -47.73 -29.55 30.79
P FAD EA . -47.66 -28.03 31.35
O1P FAD EA . -49.07 -27.44 31.45
O2P FAD EA . -46.83 -27.17 30.41
O3P FAD EA . -47.01 -28.01 32.78
C2 60G FA . -40.98 -37.94 18.39
C4 60G FA . -41.93 -39.74 19.55
C5 60G FA . -42.61 -38.85 20.33
C6 60G FA . -42.48 -37.48 20.15
CAA 60G FA . -38.47 -36.21 20.19
OAR 60G FA . -38.82 -35.04 19.55
CAV 60G FA . -37.93 -33.99 19.52
OAE 60G FA . -36.76 -34.17 19.82
CBA 60G FA . -38.45 -32.60 19.32
CAK 60G FA . -38.40 -31.76 20.42
CAI 60G FA . -38.85 -30.45 20.34
CAH 60G FA . -39.34 -29.99 19.14
CAJ 60G FA . -39.38 -30.82 18.03
CAW 60G FA . -38.94 -32.15 18.10
CAM 60G FA . -39.00 -33.00 16.87
SBB 60G FA . -40.63 -33.65 16.57
OAF 60G FA . -40.88 -33.66 15.14
OAG 60G FA . -41.69 -32.77 17.00
NAQ 60G FA . -40.78 -35.13 17.24
CAU 60G FA . -39.98 -36.23 16.78
OAD 60G FA . -39.16 -36.05 15.88
NAP 60G FA . -40.09 -37.55 17.35
N3 60G FA . -41.13 -39.27 18.59
N1 60G FA . -41.65 -37.04 19.17
OAS 60G FA . -43.17 -36.61 20.95
CAB 60G FA . -44.40 -36.98 21.45
OAT 60G FA . -42.06 -41.10 19.73
CAC 60G FA . -40.96 -41.84 20.07
PG ATP GA . 7.77 -0.37 40.98
O1G ATP GA . 8.91 -1.30 40.94
O2G ATP GA . 7.33 -0.18 42.37
O3G ATP GA . 6.64 -0.91 40.18
PB ATP GA . 8.68 1.31 38.82
O1B ATP GA . 10.07 1.98 38.74
O2B ATP GA . 8.73 -0.07 38.12
O3B ATP GA . 8.25 1.11 40.36
PA ATP GA . 7.26 3.81 38.54
O1A ATP GA . 8.29 4.23 39.55
O2A ATP GA . 7.28 4.71 37.36
O3A ATP GA . 7.56 2.25 38.07
O5' ATP GA . 5.76 3.87 39.25
C5' ATP GA . 5.44 4.98 40.06
C4' ATP GA . 3.95 5.20 39.95
O4' ATP GA . 3.32 4.46 40.77
C3' ATP GA . 3.54 6.73 40.37
O3' ATP GA . 3.88 7.69 39.22
C2' ATP GA . 2.33 6.66 40.52
O2' ATP GA . 1.64 6.81 39.14
C1' ATP GA . 2.07 5.21 41.06
N9 ATP GA . 1.82 5.24 42.38
C8 ATP GA . 1.73 6.34 43.13
N7 ATP GA . 1.48 6.00 44.39
C5 ATP GA . 1.42 4.66 44.46
C6 ATP GA . 1.21 3.74 45.45
N6 ATP GA . 0.97 4.17 46.83
N1 ATP GA . 1.22 2.43 45.16
C2 ATP GA . 1.43 2.02 43.92
N3 ATP GA . 1.64 2.87 42.94
C4 ATP GA . 1.65 4.19 43.16
MG MG HA . 6.75 0.11 37.49
PG ATP IA . -17.71 9.84 19.13
O1G ATP IA . -17.25 9.36 17.82
O2G ATP IA . -17.10 9.03 20.20
O3G ATP IA . -19.19 9.72 19.22
PB ATP IA . -17.08 12.11 20.79
O1B ATP IA . -18.23 11.62 21.72
O2B ATP IA . -17.13 13.64 20.66
O3B ATP IA . -17.27 11.43 19.34
PA ATP IA . -14.17 12.27 20.95
O1A ATP IA . -14.34 13.69 20.52
O2A ATP IA . -13.22 12.18 22.09
O3A ATP IA . -15.65 11.64 21.42
O5' ATP IA . -13.59 11.39 19.68
C5' ATP IA . -12.34 11.77 19.13
C4' ATP IA . -11.41 10.61 19.32
O4' ATP IA . -11.61 9.72 18.42
C3' ATP IA . -9.84 11.10 19.16
O3' ATP IA . -9.19 11.22 20.53
C2' ATP IA . -9.25 10.26 18.48
O2' ATP IA . -8.05 9.70 19.27
C1' ATP IA . -10.29 9.08 18.25
N9 ATP IA . -10.15 8.60 17.00
C8 ATP IA . -9.28 9.05 16.09
N7 ATP IA . -9.41 8.35 14.98
C5 ATP IA . -10.38 7.45 15.16
C6 ATP IA . -10.96 6.48 14.38
N6 ATP IA . -10.51 6.27 13.01
N1 ATP IA . -11.95 5.73 14.90
C2 ATP IA . -12.37 5.92 16.14
N3 ATP IA . -11.84 6.84 16.91
C4 ATP IA . -10.85 7.62 16.46
MG MG JA . -16.79 9.96 22.80
N1' TPP KA . -61.79 36.01 -2.24
C2' TPP KA . -61.11 35.70 -3.38
CM2 TPP KA . -60.29 36.74 -4.05
N3' TPP KA . -61.20 34.47 -3.90
C4' TPP KA . -61.93 33.51 -3.30
N4' TPP KA . -61.97 32.22 -3.90
C5' TPP KA . -62.63 33.81 -2.14
C6' TPP KA . -62.53 35.07 -1.63
C7' TPP KA . -63.48 32.79 -1.43
N3 TPP KA . -64.68 32.52 -2.23
C2 TPP KA . -64.71 31.44 -2.98
S1 TPP KA . -66.22 31.33 -3.87
C5 TPP KA . -66.76 32.83 -3.14
C4 TPP KA . -65.76 33.31 -2.28
CM4 TPP KA . -65.93 34.58 -1.50
C6 TPP KA . -68.10 33.48 -3.41
C7 TPP KA . -68.29 33.66 -4.90
O7 TPP KA . -69.66 33.80 -5.13
PA TPP KA . -70.02 33.33 -6.58
O1A TPP KA . -70.97 34.29 -7.19
O2A TPP KA . -68.77 33.23 -7.42
O3A TPP KA . -70.66 31.90 -6.42
PB TPP KA . -71.63 31.56 -7.59
O1B TPP KA . -71.09 32.11 -8.90
O2B TPP KA . -72.98 32.13 -7.32
O3B TPP KA . -71.73 30.05 -7.71
MG MG LA . -73.29 34.12 -7.09
PA FAD MA . -52.25 20.11 -10.38
O1A FAD MA . -51.72 21.12 -11.40
O2A FAD MA . -52.69 20.83 -9.13
O5B FAD MA . -51.10 19.04 -10.01
C5B FAD MA . -50.31 18.49 -11.09
C4B FAD MA . -49.48 17.35 -10.51
O4B FAD MA . -48.94 16.54 -11.57
C3B FAD MA . -48.31 17.89 -9.77
O3B FAD MA . -47.92 17.00 -8.73
C2B FAD MA . -47.26 17.97 -10.80
O2B FAD MA . -45.96 17.83 -10.20
C1B FAD MA . -47.53 16.82 -11.68
N9A FAD MA . -47.20 17.13 -13.01
C8A FAD MA . -47.35 18.31 -13.60
N7A FAD MA . -46.92 18.22 -14.87
C5A FAD MA . -46.48 16.94 -15.10
C6A FAD MA . -45.92 16.23 -16.20
N6A FAD MA . -45.72 16.87 -17.42
N1A FAD MA . -45.60 14.93 -16.05
C2A FAD MA . -45.79 14.33 -14.90
N3A FAD MA . -46.31 14.94 -13.84
C4A FAD MA . -46.66 16.24 -13.90
N1 FAD MA . -60.76 19.47 -7.71
C2 FAD MA . -61.32 18.17 -7.82
O2 FAD MA . -60.75 17.32 -8.48
N3 FAD MA . -62.50 17.86 -7.19
C4 FAD MA . -63.16 18.81 -6.44
O4 FAD MA . -64.20 18.53 -5.87
C4X FAD MA . -62.58 20.21 -6.29
N5 FAD MA . -63.21 21.19 -5.54
C5X FAD MA . -62.88 22.49 -5.76
C6 FAD MA . -63.73 23.52 -5.33
C7 FAD MA . -63.38 24.87 -5.55
C7M FAD MA . -64.31 26.00 -5.08
C8 FAD MA . -62.18 25.17 -6.21
C8M FAD MA . -61.80 26.64 -6.45
C9 FAD MA . -61.33 24.15 -6.64
C9A FAD MA . -61.68 22.80 -6.41
N10 FAD MA . -60.86 21.77 -6.83
C10 FAD MA . -61.39 20.50 -6.94
C1' FAD MA . -59.57 22.05 -7.34
C2' FAD MA . -58.48 21.46 -6.41
O2' FAD MA . -58.31 22.30 -5.29
C3' FAD MA . -57.10 21.38 -7.19
O3' FAD MA . -56.89 22.53 -7.86
C4' FAD MA . -57.12 20.24 -8.16
O4' FAD MA . -57.43 19.02 -7.48
C5' FAD MA . -55.76 20.14 -8.77
O5' FAD MA . -55.80 19.26 -9.88
P FAD MA . -54.45 18.43 -10.21
O1P FAD MA . -54.79 17.19 -11.03
O2P FAD MA . -53.78 17.99 -8.90
O3P FAD MA . -53.46 19.33 -11.02
C2 60G NA . -64.38 25.93 2.37
C4 60G NA . -63.94 25.16 0.20
C5 60G NA . -64.84 26.09 -0.27
C6 60G NA . -65.51 26.94 0.59
CAA 60G NA . -61.04 26.82 2.75
OAR 60G NA . -60.67 25.55 3.12
CAV 60G NA . -59.52 25.37 3.85
OAE 60G NA . -58.97 26.33 4.38
CBA 60G NA . -58.92 24.00 3.97
CAK 60G NA . -57.76 23.75 3.26
CAI 60G NA . -57.14 22.52 3.32
CAH 60G NA . -57.69 21.52 4.10
CAJ 60G NA . -58.86 21.77 4.82
CAW 60G NA . -59.50 23.00 4.77
CAM 60G NA . -60.75 23.22 5.56
SBB 60G NA . -62.19 22.55 4.76
OAF 60G NA . -63.06 21.97 5.75
OAG 60G NA . -61.91 21.39 3.95
NAQ 60G NA . -62.94 23.71 3.89
CAU 60G NA . -63.52 24.87 4.52
OAD 60G NA . -63.43 24.98 5.73
NAP 60G NA . -64.18 25.90 3.79
N3 60G NA . -63.71 25.09 1.54
N1 60G NA . -65.26 26.84 1.89
OAS 60G NA . -66.41 27.86 0.12
CAB 60G NA . -66.17 29.20 0.34
OAT 60G NA . -63.28 24.33 -0.68
CAC 60G NA . -63.98 23.78 -1.73
N1' TPP OA . -49.44 51.04 -12.15
C2' TPP OA . -49.83 51.25 -10.88
CM2 TPP OA . -50.71 50.29 -10.18
N3' TPP OA . -49.42 52.37 -10.23
C4' TPP OA . -48.62 53.26 -10.83
N4' TPP OA . -48.22 54.41 -10.10
C5' TPP OA . -48.21 53.03 -12.14
C6' TPP OA . -48.64 51.90 -12.79
C7' TPP OA . -47.32 54.00 -12.88
N3 TPP OA . -48.09 55.19 -13.23
C2 TPP OA . -48.02 56.26 -12.45
S1 TPP OA . -49.01 57.56 -13.05
C5 TPP OA . -49.51 56.57 -14.41
C4 TPP OA . -48.88 55.32 -14.31
CM4 TPP OA . -49.10 54.24 -15.33
C6 TPP OA . -50.45 57.04 -15.50
C7 TPP OA . -51.80 57.38 -14.91
O7 TPP OA . -52.28 58.55 -15.51
PA TPP OA . -53.74 58.87 -15.03
O1A TPP OA . -54.66 58.89 -16.22
O2A TPP OA . -54.16 57.84 -14.02
O3A TPP OA . -53.72 60.27 -14.35
PB TPP OA . -53.30 61.43 -15.30
O1B TPP OA . -53.44 62.75 -14.56
O2B TPP OA . -54.15 61.45 -16.53
O3B TPP OA . -51.83 61.33 -15.65
MG MG PA . -55.67 61.16 -17.76
PA FAD QA . -43.79 60.39 4.87
O1A FAD QA . -45.03 59.60 5.27
O2A FAD QA . -42.87 59.59 4.00
O5B FAD QA . -43.01 60.75 6.22
C5B FAD QA . -42.11 59.72 6.72
C4B FAD QA . -41.41 60.24 7.99
O4B FAD QA . -42.35 60.85 8.88
C3B FAD QA . -40.75 59.15 8.74
O3B FAD QA . -39.33 59.27 8.66
C2B FAD QA . -41.23 59.29 10.14
O2B FAD QA . -40.11 59.10 11.09
C1B FAD QA . -41.83 60.64 10.20
N9A FAD QA . -42.82 60.66 11.20
C8A FAD QA . -44.02 60.07 11.17
N7A FAD QA . -44.67 60.34 12.31
C5A FAD QA . -43.87 61.11 13.10
C6A FAD QA . -44.00 61.70 14.38
N6A FAD QA . -45.18 61.50 15.10
N1A FAD QA . -42.96 62.43 14.87
C2A FAD QA . -41.87 62.58 14.16
N3A FAD QA . -41.71 62.05 12.95
C4A FAD QA . -42.69 61.32 12.39
N1 FAD QA . -43.93 64.72 -2.67
C2 FAD QA . -43.40 66.05 -2.58
O2 FAD QA . -43.27 66.57 -1.48
N3 FAD QA . -43.01 66.73 -3.70
C4 FAD QA . -43.15 66.13 -4.94
O4 FAD QA . -42.81 66.73 -5.94
C4X FAD QA . -43.71 64.73 -5.08
N5 FAD QA . -43.86 64.12 -6.33
C5X FAD QA . -44.64 63.00 -6.43
C6 FAD QA . -45.06 62.53 -7.68
C7 FAD QA . -45.85 61.38 -7.76
C7M FAD QA . -46.31 60.87 -9.15
C8 FAD QA . -46.23 60.69 -6.61
C8M FAD QA . -47.11 59.43 -6.72
C9 FAD QA . -45.82 61.15 -5.36
C9A FAD QA . -45.02 62.31 -5.26
N10 FAD QA . -44.61 62.78 -4.03
C10 FAD QA . -44.09 64.06 -3.94
C1' FAD QA . -44.73 61.97 -2.89
C2' FAD QA . -43.35 61.40 -2.46
O2' FAD QA . -43.04 60.27 -3.24
C3' FAD QA . -43.38 61.03 -0.94
O3' FAD QA . -44.46 60.26 -0.64
C4' FAD QA . -43.45 62.31 -0.15
O4' FAD QA . -42.15 62.90 -0.17
C5' FAD QA . -43.84 62.05 1.28
O5' FAD QA . -42.81 62.54 2.11
P FAD QA . -43.09 62.75 3.68
O1P FAD QA . -43.59 64.17 3.97
O2P FAD QA . -41.78 62.52 4.43
O3P FAD QA . -44.16 61.74 4.19
C2 60G RA . -40.73 58.39 -13.43
C4 60G RA . -42.99 58.85 -13.62
C5 60G RA . -42.97 59.36 -12.35
C6 60G RA . -41.82 59.40 -11.60
CAA 60G RA . -39.92 55.47 -11.37
OAR 60G RA . -38.81 56.06 -10.81
CAV 60G RA . -37.92 55.30 -10.10
OAE 60G RA . -37.96 54.08 -10.17
CBA 60G RA . -36.85 55.97 -9.28
CAK 60G RA . -36.89 55.77 -7.91
CAI 60G RA . -35.96 56.34 -7.09
CAH 60G RA . -34.96 57.13 -7.63
CAJ 60G RA . -34.92 57.34 -9.00
CAW 60G RA . -35.86 56.76 -9.86
CAM 60G RA . -35.77 57.02 -11.34
SBB 60G RA . -36.34 58.63 -11.79
OAF 60G RA . -35.45 59.19 -12.78
OAG 60G RA . -36.19 59.61 -10.74
NAQ 60G RA . -37.88 58.57 -12.31
CAU 60G RA . -38.22 57.93 -13.55
OAD 60G RA . -37.33 57.42 -14.22
NAP 60G RA . -39.56 57.85 -14.06
N3 60G RA . -41.87 58.37 -14.14
N1 60G RA . -40.68 58.89 -12.16
OAS 60G RA . -41.83 59.91 -10.33
CAB 60G RA . -42.64 61.00 -10.05
OAT 60G RA . -44.16 58.83 -14.34
CAC 60G RA . -44.75 57.63 -14.64
PG ATP SA . -19.08 8.78 24.87
O1G ATP SA . -18.78 9.89 23.96
O2G ATP SA . -19.97 7.84 24.20
O3G ATP SA . -19.76 9.32 26.09
PB ATP SA . -16.39 7.88 24.33
O1B ATP SA . -16.88 7.64 22.87
O2B ATP SA . -15.51 6.70 24.79
O3B ATP SA . -17.68 8.01 25.31
PA ATP SA . -14.73 9.80 25.74
O1A ATP SA . -13.52 10.58 25.33
O2A ATP SA . -14.33 8.65 26.58
O3A ATP SA . -15.52 9.27 24.38
O5' ATP SA . -15.73 10.78 26.62
C5' ATP SA . -15.27 11.29 27.85
C4' ATP SA . -15.54 12.78 27.87
O4' ATP SA . -16.75 12.99 28.24
C3' ATP SA . -14.61 13.53 28.99
O3' ATP SA . -13.24 13.80 28.40
C2' ATP SA . -15.19 14.59 29.23
O2' ATP SA . -14.58 15.71 28.37
C1' ATP SA . -16.70 14.38 28.82
N9 ATP SA . -17.49 14.47 29.89
C8 ATP SA . -17.09 14.66 31.16
N7 ATP SA . -18.15 14.72 31.95
C5 ATP SA . -19.25 14.57 31.20
C6 ATP SA . -20.60 14.54 31.44
N6 ATP SA . -21.12 14.70 32.80
N1 ATP SA . -21.45 14.37 30.41
C2 ATP SA . -21.00 14.23 29.19
N3 ATP SA . -19.71 14.25 28.91
C4 ATP SA . -18.82 14.42 29.88
PG ATP TA . -2.39 38.68 17.79
O1G ATP TA . -2.03 38.75 16.36
O2G ATP TA . -3.80 38.32 17.92
O3G ATP TA . -2.15 39.99 18.44
PB ATP TA . -1.50 37.21 20.12
O1B ATP TA . -0.15 37.62 20.76
O2B ATP TA . -2.66 38.01 20.75
O3B ATP TA . -1.46 37.50 18.53
PA ATP TA . -0.63 34.44 20.11
O1A ATP TA . 0.72 34.95 20.50
O2A ATP TA . -0.97 33.23 20.90
O3A ATP TA . -1.78 35.61 20.37
O5' ATP TA . -0.62 34.06 18.50
C5' ATP TA . 0.30 33.08 18.06
C4' ATP TA . -0.50 31.99 17.39
O4' ATP TA . -0.85 32.35 16.20
C3' ATP TA . 0.41 30.65 17.16
O3' ATP TA . 0.51 29.87 18.47
C2' ATP TA . -0.20 30.00 16.33
O2' ATP TA . -1.24 29.12 17.03
C1' ATP TA . -0.94 31.07 15.44
N9 ATP TA . -0.36 31.20 14.25
C8 ATP TA . 0.79 30.65 13.86
N7 ATP TA . 1.05 31.00 12.61
C5 ATP TA . 0.06 31.79 12.19
C6 ATP TA . -0.23 32.45 11.01
N6 ATP TA . 0.69 32.36 9.87
N1 ATP TA . -1.35 33.18 10.92
C2 ATP TA . -2.17 33.28 11.94
N3 ATP TA . -1.94 32.66 13.08
C4 ATP TA . -0.85 31.91 13.24
MG MG UA . -3.92 36.51 19.96
N1' TPP VA . 20.71 88.02 21.80
C2' TPP VA . 21.21 87.42 20.68
CM2 TPP VA . 22.57 86.83 20.70
N3' TPP VA . 20.46 87.35 19.57
C4' TPP VA . 19.22 87.87 19.53
N4' TPP VA . 18.47 87.78 18.33
C5' TPP VA . 18.70 88.49 20.66
C6' TPP VA . 19.47 88.54 21.80
C7' TPP VA . 17.32 89.09 20.69
N3 TPP VA . 17.33 90.35 19.92
C2 TPP VA . 16.94 90.34 18.67
S1 TPP VA . 17.05 91.92 17.96
C5 TPP VA . 17.64 92.57 19.47
C4 TPP VA . 17.72 91.53 20.41
CM4 TPP VA . 18.20 91.77 21.81
C6 TPP VA . 18.00 94.03 19.68
C7 TPP VA . 19.05 94.46 18.69
O7 TPP VA . 18.63 95.62 18.06
PA TPP VA . 19.79 96.22 17.18
O1A TPP VA . 20.34 97.45 17.83
O2A TPP VA . 20.89 95.20 17.03
O3A TPP VA . 19.20 96.54 15.77
PB TPP VA . 18.01 97.55 15.79
O1B TPP VA . 17.74 98.04 14.38
O2B TPP VA . 18.31 98.72 16.67
O3B TPP VA . 16.76 96.85 16.30
MG MG WA . 19.79 99.44 17.78
PA FAD XA . 15.67 78.36 4.86
O1A FAD XA . 17.19 78.31 4.69
O2A FAD XA . 15.34 78.64 6.32
O5B FAD XA . 15.03 76.94 4.45
C5B FAD XA . 15.52 76.29 3.25
C4B FAD XA . 14.54 75.18 2.89
O4B FAD XA . 14.70 74.81 1.51
C3B FAD XA . 14.81 73.97 3.71
O3B FAD XA . 13.60 73.34 4.11
C2B FAD XA . 15.60 73.08 2.83
O2B FAD XA . 15.26 71.71 3.09
C1B FAD XA . 15.20 73.45 1.46
N9A FAD XA . 16.33 73.39 0.61
C8A FAD XA . 17.55 73.77 0.93
N7A FAD XA . 18.36 73.57 -0.13
C5A FAD XA . 17.62 73.05 -1.15
C6A FAD XA . 17.88 72.64 -2.49
N6A FAD XA . 19.17 72.73 -3.02
N1A FAD XA . 16.87 72.15 -3.25
C2A FAD XA . 15.66 72.07 -2.75
N3A FAD XA . 15.36 72.45 -1.50
C4A FAD XA . 16.32 72.94 -0.68
N1 FAD XA . 11.82 85.88 6.89
C2 FAD XA . 10.72 86.23 6.04
O2 FAD XA . 10.61 85.71 4.95
N3 FAD XA . 9.79 87.17 6.45
C4 FAD XA . 9.92 87.77 7.69
O4 FAD XA . 9.10 88.60 8.03
C4X FAD XA . 11.07 87.42 8.61
N5 FAD XA . 11.21 88.02 9.86
C5X FAD XA . 12.39 87.87 10.52
C6 FAD XA . 12.66 88.68 11.65
C7 FAD XA . 13.87 88.55 12.33
C7M FAD XA . 14.17 89.44 13.56
C8 FAD XA . 14.81 87.59 11.91
C8M FAD XA . 16.13 87.45 12.67
C9 FAD XA . 14.55 86.79 10.80
C9A FAD XA . 13.33 86.93 10.10
N10 FAD XA . 13.05 86.14 9.01
C10 FAD XA . 11.99 86.48 8.18
C1' FAD XA . 13.79 84.95 8.76
C2' FAD XA . 13.02 83.70 9.22
O2' FAD XA . 13.19 83.55 10.61
C3' FAD XA . 13.55 82.43 8.48
O3' FAD XA . 14.89 82.33 8.66
C4' FAD XA . 13.25 82.49 7.01
O4' FAD XA . 11.92 82.02 6.77
C5' FAD XA . 14.24 81.63 6.28
O5' FAD XA . 13.94 81.61 4.92
P FAD XA . 13.70 80.18 4.20
O1P FAD XA . 12.98 80.39 2.86
O2P FAD XA . 12.84 79.31 5.10
O3P FAD XA . 15.07 79.48 3.95
C2 60G YA . 9.89 88.10 19.11
C4 60G YA . 11.41 89.72 18.40
C5 60G YA . 11.38 89.16 17.16
C6 60G YA . 10.60 88.07 16.86
CAA 60G YA . 11.31 84.82 19.72
OAR 60G YA . 10.14 84.36 19.14
CAV 60G YA . 9.52 83.25 19.67
OAE 60G YA . 9.89 82.80 20.73
CBA 60G YA . 8.60 82.45 18.80
CAK 60G YA . 9.18 81.47 18.01
CAI 60G YA . 8.41 80.68 17.17
CAH 60G YA . 7.05 80.87 17.12
CAJ 60G YA . 6.46 81.85 17.91
CAW 60G YA . 7.22 82.67 18.77
CAM 60G YA . 6.53 83.71 19.59
SBB 60G YA . 6.23 85.22 18.72
OAF 60G YA . 5.02 85.84 19.23
OAG 60G YA . 5.84 85.01 17.34
NAQ 60G YA . 7.51 86.22 18.82
CAU 60G YA . 7.99 86.69 20.09
OAD 60G YA . 7.44 86.34 21.12
NAP 60G YA . 9.12 87.58 20.20
N3 60G YA . 10.66 89.17 19.36
N1 60G YA . 9.85 87.53 17.87
OAS 60G YA . 10.59 87.53 15.60
CAB 60G YA . 10.55 88.38 14.52
OAT 60G YA . 12.19 90.82 18.68
CAC 60G YA . 13.20 90.71 19.61
N1' TPP ZA . 41.06 79.36 23.12
C2' TPP ZA . 40.34 79.34 24.28
CM2 TPP ZA . 38.94 79.86 24.30
N3' TPP ZA . 40.91 78.85 25.41
C4' TPP ZA . 42.16 78.38 25.40
N4' TPP ZA . 42.71 77.88 26.61
C5' TPP ZA . 42.90 78.39 24.22
C6' TPP ZA . 42.31 78.89 23.09
C7' TPP ZA . 44.31 77.87 24.17
N3 TPP ZA . 45.21 78.85 24.78
C2 TPP ZA . 45.55 78.70 26.05
S1 TPP ZA . 46.63 79.98 26.56
C5 TPP ZA . 46.57 80.68 24.96
C4 TPP ZA . 45.73 79.90 24.15
CM4 TPP ZA . 45.48 80.26 22.71
C6 TPP ZA . 47.29 81.94 24.57
C7 TPP ZA . 46.89 83.05 25.52
O7 TPP ZA . 47.93 83.96 25.57
PA TPP ZA . 47.61 85.18 26.50
O1A TPP ZA . 48.06 86.44 25.82
O2A TPP ZA . 46.13 85.22 26.80
O3A TPP ZA . 48.40 84.95 27.83
PB TPP ZA . 49.89 85.38 27.74
O1B TPP ZA . 49.97 86.89 27.75
O2B TPP ZA . 50.53 84.85 26.49
O3B TPP ZA . 50.62 84.83 28.94
MG MG AB . 50.09 87.10 25.57
PA FAD BB . 38.53 71.64 41.56
O1A FAD BB . 37.28 72.50 41.74
O2A FAD BB . 38.65 71.18 40.14
O5B FAD BB . 38.42 70.34 42.48
C5B FAD BB . 37.09 69.89 42.81
C4B FAD BB . 37.15 68.89 43.97
O4B FAD BB . 36.89 69.61 45.18
C3B FAD BB . 36.12 67.83 43.88
O3B FAD BB . 36.67 66.53 44.09
C2B FAD BB . 35.15 68.18 44.96
O2B FAD BB . 34.41 66.98 45.36
C1B FAD BB . 36.00 68.83 45.99
N9A FAD BB . 35.16 69.59 46.85
C8A FAD BB . 34.45 70.68 46.55
N7A FAD BB . 33.77 71.09 47.63
C5A FAD BB . 34.05 70.23 48.66
C6A FAD BB . 33.65 70.12 50.01
N6A FAD BB . 32.77 71.07 50.51
N1A FAD BB . 34.13 69.10 50.77
C2A FAD BB . 34.97 68.23 50.24
N3A FAD BB . 35.36 68.30 48.96
C4A FAD BB . 34.93 69.27 48.15
N1 FAD BB . 46.46 73.65 38.91
C2 FAD BB . 47.50 73.25 39.79
O2 FAD BB . 47.25 72.94 40.94
N3 FAD BB . 48.81 73.19 39.37
C4 FAD BB . 49.11 73.52 38.07
O4 FAD BB . 50.27 73.47 37.69
C4X FAD BB . 48.03 73.96 37.09
N5 FAD BB . 48.32 74.30 35.78
C5X FAD BB . 47.37 74.96 35.03
C6 FAD BB . 47.72 75.59 33.82
C7 FAD BB . 46.74 76.24 33.07
C7M FAD BB . 47.10 76.93 31.74
C8 FAD BB . 45.41 76.29 33.53
C8M FAD BB . 44.35 77.01 32.70
C9 FAD BB . 45.05 75.66 34.72
C9A FAD BB . 46.05 75.00 35.48
N10 FAD BB . 45.71 74.40 36.67
C10 FAD BB . 46.72 74.00 37.54
C1' FAD BB . 44.34 74.24 37.02
C2' FAD BB . 43.88 72.78 36.76
O2' FAD BB . 43.52 72.62 35.41
C3' FAD BB . 42.68 72.42 37.73
O3' FAD BB . 41.59 73.20 37.49
C4' FAD BB . 43.15 72.61 39.15
O4' FAD BB . 44.00 71.52 39.45
C5' FAD BB . 41.98 72.66 40.09
O5' FAD BB . 42.16 71.73 41.13
P FAD BB . 41.16 71.75 42.40
O1P FAD BB . 41.77 72.56 43.53
O2P FAD BB . 40.98 70.31 42.89
O3P FAD BB . 39.80 72.43 42.01
C2 60G CB . 49.12 71.96 26.39
C4 60G CB . 48.56 72.80 28.50
C5 60G CB . 48.72 74.07 27.99
C6 60G CB . 49.08 74.27 26.68
CAA 60G CB . 45.86 70.45 26.09
OAR 60G CB . 46.14 69.37 26.90
CAV 60G CB . 45.25 68.33 26.96
OAE 60G CB . 44.31 68.28 26.18
CBA 60G CB . 45.51 67.18 27.88
CAK 60G CB . 44.55 66.91 28.84
CAI 60G CB . 44.69 65.89 29.74
CAH 60G CB . 45.82 65.08 29.67
CAJ 60G CB . 46.79 65.34 28.70
CAW 60G CB . 46.66 66.38 27.80
CAM 60G CB . 47.73 66.61 26.77
SBB 60G CB . 49.17 67.40 27.46
OAF 60G CB . 50.37 66.77 26.94
OAG 60G CB . 49.34 67.15 28.87
NAQ 60G CB . 49.14 69.00 27.13
CAU 60G CB . 49.36 69.48 25.81
OAD 60G CB . 49.57 68.67 24.91
NAP 60G CB . 49.34 70.88 25.47
N3 60G CB . 48.76 71.74 27.68
N1 60G CB . 49.27 73.21 25.90
OAS 60G CB . 49.25 75.55 26.18
CAB 60G CB . 48.47 75.96 25.12
OAT 60G CB . 48.20 72.62 29.82
CAC 60G CB . 48.77 73.42 30.79
PG ATP DB . -6.74 38.69 20.46
O1G ATP DB . -7.53 38.88 19.23
O2G ATP DB . -5.37 39.18 20.24
O3G ATP DB . -7.37 39.45 21.59
PB ATP DB . -6.68 35.88 19.77
O1B ATP DB . -8.04 35.86 18.99
O2B ATP DB . -5.52 36.09 18.77
O3B ATP DB . -6.67 37.07 20.85
PA ATP DB . -5.51 34.32 21.88
O1A ATP DB . -4.30 35.19 21.69
O2A ATP DB . -5.06 32.91 22.03
O3A ATP DB . -6.48 34.46 20.55
O5' ATP DB . -6.32 34.79 23.24
C5' ATP DB . -6.37 33.91 24.33
C4' ATP DB . -5.31 34.32 25.32
O4' ATP DB . -5.55 35.48 25.79
C3' ATP DB . -5.31 33.32 26.63
O3' ATP DB . -4.56 32.03 26.31
C2' ATP DB . -4.70 33.94 27.50
O2' ATP DB . -3.21 33.59 27.44
C1' ATP DB . -4.89 35.47 27.14
N9 ATP DB . -5.68 36.07 28.04
C8 ATP DB . -6.40 35.46 28.99
N7 ATP DB . -7.06 36.35 29.71
C5 ATP DB . -6.74 37.56 29.24
C6 ATP DB . -7.10 38.85 29.57
N6 ATP DB . -8.02 39.11 30.68
N1 ATP DB . -6.59 39.88 28.87
C2 ATP DB . -5.76 39.65 27.87
N3 ATP DB . -5.39 38.44 27.52
C4 ATP DB . -5.86 37.38 28.17
PG ATP EB . 22.70 25.65 34.37
O1G ATP EB . 23.18 26.38 35.56
O2G ATP EB . 23.83 25.16 33.58
O3G ATP EB . 21.89 26.59 33.54
PB ATP EB . 20.24 24.51 35.41
O1B ATP EB . 20.13 25.80 36.29
O2B ATP EB . 19.87 23.28 36.26
O3B ATP EB . 21.74 24.35 34.85
PA ATP EB . 18.81 23.36 33.17
O1A ATP EB . 17.34 23.05 33.31
O2A ATP EB . 19.63 22.18 33.57
O3A ATP EB . 19.19 24.64 34.16
O5' ATP EB . 19.16 23.77 31.61
C5' ATP EB . 18.87 22.83 30.59
C4' ATP EB . 18.40 23.62 29.39
O4' ATP EB . 19.38 24.21 28.82
C3' ATP EB . 17.79 22.63 28.23
O3' ATP EB . 16.40 22.17 28.63
C2' ATP EB . 17.73 23.36 27.25
O2' ATP EB . 16.43 24.17 27.32
C1' ATP EB . 18.96 24.34 27.39
N9 ATP EB . 19.94 23.99 26.56
C8 ATP EB . 19.90 22.99 25.68
N7 ATP EB . 21.05 22.93 25.02
C5 ATP EB . 21.84 23.90 25.48
C6 ATP EB . 23.11 24.33 25.21
N6 ATP EB . 23.92 23.67 24.18
N1 ATP EB . 23.63 25.37 25.88
C2 ATP EB . 22.92 25.98 26.81
N3 ATP EB . 21.69 25.60 27.11
C4 ATP EB . 21.12 24.58 26.47
MG MG FB . 19.18 26.76 34.65
N1' TPP GB . 60.82 5.17 68.50
C2' TPP GB . 61.21 4.80 67.24
CM2 TPP GB . 60.96 3.41 66.77
N3' TPP GB . 61.80 5.70 66.44
C4' TPP GB . 62.03 6.96 66.85
N4' TPP GB . 62.66 7.87 65.96
C5' TPP GB . 61.65 7.34 68.13
C6' TPP GB . 61.04 6.42 68.94
C7' TPP GB . 61.87 8.74 68.66
N3 TPP GB . 63.31 8.94 68.92
C2 TPP GB . 64.04 9.56 68.02
S1 TPP GB . 65.71 9.69 68.52
C5 TPP GB . 65.32 8.87 70.02
C4 TPP GB . 63.95 8.55 70.02
CM4 TPP GB . 63.31 7.83 71.17
C6 TPP GB . 66.33 8.55 71.10
C7 TPP GB . 67.30 7.49 70.65
O7 TPP GB . 68.40 8.11 70.07
PA TPP GB . 69.73 7.58 70.68
O1A TPP GB . 69.83 8.03 72.11
O2A TPP GB . 69.78 6.07 70.64
O3A TPP GB . 70.90 8.18 69.82
PB TPP GB . 71.82 9.16 70.61
O1B TPP GB . 70.98 10.34 71.09
O2B TPP GB . 72.89 9.70 69.67
O3B TPP GB . 72.49 8.49 71.77
MG MG HB . 71.74 7.36 73.19
PA FAD IB . 63.63 12.86 49.87
O1A FAD IB . 63.79 11.39 49.48
O2A FAD IB . 62.82 12.97 51.13
O5B FAD IB . 62.86 13.65 48.69
C5B FAD IB . 63.25 13.39 47.31
C4B FAD IB . 62.39 14.27 46.40
O4B FAD IB . 62.99 14.33 45.11
C3B FAD IB . 61.05 13.65 46.24
O3B FAD IB . 60.04 14.66 46.15
C2B FAD IB . 61.14 12.89 44.98
O2B FAD IB . 59.87 12.89 44.31
C1B FAD IB . 62.13 13.62 44.18
N9A FAD IB . 62.90 12.72 43.41
C8A FAD IB . 63.27 11.50 43.77
N7A FAD IB . 63.98 10.95 42.79
C5A FAD IB . 64.08 11.84 41.75
C6A FAD IB . 64.68 11.87 40.46
N6A FAD IB . 65.39 10.76 40.00
N1A FAD IB . 64.56 12.96 39.69
C2A FAD IB . 63.89 14.01 40.12
N3A FAD IB . 63.31 14.04 41.33
C4A FAD IB . 63.38 12.99 42.15
N1 FAD IB . 67.25 16.48 56.93
C2 FAD IB . 67.92 17.70 56.63
O2 FAD IB . 68.13 17.99 55.46
N3 FAD IB . 68.33 18.55 57.63
C4 FAD IB . 68.09 18.22 58.94
O4 FAD IB . 68.46 18.98 59.83
C4X FAD IB . 67.38 16.93 59.31
N5 FAD IB . 67.13 16.58 60.63
C5X FAD IB . 66.72 15.31 60.91
C6 FAD IB . 66.72 14.87 62.25
C7 FAD IB . 66.31 13.56 62.55
C7M FAD IB . 66.31 13.07 64.01
C8 FAD IB . 65.90 12.70 61.52
C8M FAD IB . 65.45 11.27 61.86
C9 FAD IB . 65.90 13.14 60.20
C9A FAD IB . 66.32 14.46 59.89
N10 FAD IB . 66.32 14.91 58.59
C10 FAD IB . 66.97 16.10 58.28
C1' FAD IB . 65.71 14.16 57.55
C2' FAD IB . 64.45 14.89 57.02
O2' FAD IB . 63.36 14.61 57.89
C3' FAD IB . 64.09 14.36 55.58
O3' FAD IB . 64.08 13.00 55.58
C4' FAD IB . 65.09 14.84 54.57
O4' FAD IB . 64.83 16.22 54.28
C5' FAD IB . 64.91 14.02 53.32
O5' FAD IB . 65.85 14.43 52.35
P FAD IB . 65.32 14.81 50.89
O1P FAD IB . 66.38 15.65 50.15
O2P FAD IB . 64.03 15.62 51.00
O3P FAD IB . 65.05 13.50 50.06
N1' TPP JB . 56.83 -15.16 61.68
C2' TPP JB . 56.08 -14.68 62.70
CM2 TPP JB . 56.36 -13.33 63.26
N3' TPP JB . 55.09 -15.44 63.21
C4' TPP JB . 54.82 -16.65 62.71
N4' TPP JB . 53.76 -17.40 63.28
C5' TPP JB . 55.59 -17.14 61.66
C6' TPP JB . 56.60 -16.37 61.16
C7' TPP JB . 55.35 -18.52 61.07
N3 TPP JB . 55.87 -19.52 62.01
C2 TPP JB . 55.02 -20.10 62.84
S1 TPP JB . 55.84 -21.24 63.88
C5 TPP JB . 57.36 -20.88 63.10
C4 TPP JB . 57.14 -19.90 62.10
CM4 TPP JB . 58.26 -19.37 61.26
C6 TPP JB . 58.69 -21.52 63.45
C7 TPP JB . 59.02 -21.26 64.90
O7 TPP JB . 58.85 -22.43 65.63
PA TPP JB . 59.78 -22.44 66.90
O1A TPP JB . 59.87 -21.06 67.48
O2A TPP JB . 61.13 -22.90 66.48
O3A TPP JB . 59.13 -23.43 67.93
PB TPP JB . 60.12 -24.51 68.46
O1B TPP JB . 61.34 -23.86 69.10
O2B TPP JB . 60.53 -25.43 67.37
O3B TPP JB . 59.39 -25.33 69.53
MG MG KB . 62.57 -24.20 67.50
PA FAD LB . 38.68 -16.70 70.47
O1A FAD LB . 39.25 -15.53 71.28
O2A FAD LB . 39.40 -16.81 69.15
O5B FAD LB . 37.10 -16.45 70.19
C5B FAD LB . 36.28 -16.04 71.32
C4B FAD LB . 34.83 -16.08 70.86
O4B FAD LB . 33.95 -15.94 71.98
C3B FAD LB . 34.56 -14.93 69.95
O3B FAD LB . 33.57 -15.27 68.98
C2B FAD LB . 34.04 -13.88 70.87
O2B FAD LB . 33.16 -13.00 70.17
C1B FAD LB . 33.31 -14.64 71.89
N9A FAD LB . 33.39 -13.97 73.12
C8A FAD LB . 34.40 -13.24 73.55
N7A FAD LB . 34.11 -12.77 74.77
C5A FAD LB . 32.88 -13.20 75.14
C6A FAD LB . 32.02 -13.04 76.27
N6A FAD LB . 32.44 -12.28 77.35
N1A FAD LB . 30.82 -13.65 76.29
C2A FAD LB . 30.42 -14.37 75.27
N3A FAD LB . 31.18 -14.55 74.17
C4A FAD LB . 32.40 -13.98 74.08
N1 FAD LB . 43.40 -23.84 68.83
C2 FAD LB . 42.72 -25.05 69.16
O2 FAD LB . 41.74 -25.01 69.89
N3 FAD LB . 43.15 -26.26 68.65
C4 FAD LB . 44.25 -26.30 67.82
O4 FAD LB . 44.63 -27.37 67.38
C4X FAD LB . 44.99 -25.03 67.46
N5 FAD LB . 46.12 -25.05 66.63
C5X FAD LB . 46.95 -23.97 66.65
C6 FAD LB . 48.27 -24.09 66.15
C7 FAD LB . 49.12 -22.98 66.17
C7M FAD LB . 50.56 -23.11 65.62
C8 FAD LB . 48.67 -21.76 66.69
C8M FAD LB . 49.61 -20.54 66.72
C9 FAD LB . 47.38 -21.64 67.19
C9A FAD LB . 46.50 -22.75 67.17
N10 FAD LB . 45.22 -22.66 67.65
C10 FAD LB . 44.55 -23.84 67.98
C1' FAD LB . 44.65 -21.41 67.97
C2' FAD LB . 43.49 -21.08 67.00
O2' FAD LB . 44.02 -20.58 65.79
C3' FAD LB . 42.55 -19.98 67.64
O3' FAD LB . 43.32 -19.00 68.18
C4' FAD LB . 41.71 -20.59 68.72
O4' FAD LB . 40.64 -21.33 68.14
C5' FAD LB . 41.16 -19.49 69.58
O5' FAD LB . 40.31 -20.03 70.55
P FAD LB . 38.81 -19.46 70.66
O1P FAD LB . 37.96 -20.38 71.53
O2P FAD LB . 38.19 -19.38 69.27
O3P FAD LB . 38.84 -18.02 71.30
C2 60G MB . 61.11 16.34 67.83
C4 60G MB . 63.01 15.04 68.17
C5 60G MB . 63.38 15.27 66.87
C6 60G MB . 62.60 16.05 66.04
CAA 60G MB . 58.09 14.65 65.97
OAR 60G MB . 57.90 15.87 65.36
CAV 60G MB . 56.67 16.18 64.84
OAE 60G MB . 55.70 15.48 65.12
CBA 60G MB . 56.53 17.30 63.87
CAK 60G MB . 56.32 16.97 62.55
CAI 60G MB . 56.18 17.93 61.58
CAH 60G MB . 56.25 19.27 61.93
CAJ 60G MB . 56.45 19.62 63.25
CAW 60G MB . 56.61 18.65 64.26
CAM 60G MB . 56.82 19.09 65.68
SBB 60G MB . 58.46 19.71 65.98
OAF 60G MB . 58.39 20.85 66.86
OAG 60G MB . 59.07 20.32 64.82
NAQ 60G MB . 59.40 18.53 66.59
CAU 60G MB . 59.10 17.91 67.84
OAD 60G MB . 58.11 18.27 68.47
NAP 60G MB . 59.91 16.88 68.41
N3 60G MB . 61.89 15.58 68.62
N1 60G MB . 61.46 16.59 66.53
OAS 60G MB . 62.99 16.27 64.74
CAB 60G MB . 64.32 16.55 64.46
OAT 60G MB . 63.78 14.26 69.00
CAC 60G MB . 63.24 13.12 69.56
C2 60G NB . 50.60 -24.23 58.38
C4 60G NB . 49.74 -24.03 60.55
C5 60G NB . 51.04 -24.00 61.01
C6 60G NB . 52.10 -24.08 60.17
CAA 60G NB . 49.27 -21.12 57.59
OAR 60G NB . 48.04 -21.65 57.24
CAV 60G NB . 47.18 -20.90 56.48
OAE 60G NB . 47.60 -19.91 55.88
CBA 60G NB . 45.74 -21.27 56.39
CAK 60G NB . 44.82 -20.42 56.99
CAI 60G NB . 43.48 -20.69 56.95
CAH 60G NB . 43.03 -21.82 56.30
CAJ 60G NB . 43.94 -22.68 55.70
CAW 60G NB . 45.31 -22.43 55.72
CAM 60G NB . 46.25 -23.39 55.06
SBB 60G NB . 46.58 -24.82 56.06
OAF 60G NB . 46.64 -25.99 55.21
OAG 60G NB . 45.48 -25.18 56.92
NAQ 60G NB . 47.95 -24.60 56.91
CAU 60G NB . 49.22 -24.53 56.25
OAD 60G NB . 49.27 -24.62 55.03
NAP 60G NB . 50.45 -24.35 56.96
N3 60G NB . 49.53 -24.14 59.22
N1 60G NB . 51.86 -24.20 58.86
OAS 60G NB . 53.40 -24.05 60.63
CAB 60G NB . 54.27 -23.12 60.12
OAT 60G NB . 48.68 -23.94 61.43
CAC 60G NB . 48.72 -24.65 62.61
PG ATP OB . 20.05 29.79 37.06
O1G ATP OB . 19.84 28.38 37.40
O2G ATP OB . 19.82 30.62 38.25
O3G ATP OB . 21.46 29.99 36.59
PB ATP OB . 18.68 29.33 34.56
O1B ATP OB . 20.00 28.64 34.11
O2B ATP OB . 18.15 30.21 33.41
O3B ATP OB . 18.99 30.25 35.86
PA ATP OB . 15.95 28.40 34.69
O1A ATP OB . 15.60 29.83 34.97
O2A ATP OB . 15.62 28.07 33.27
O3A ATP OB . 17.58 28.19 34.94
O5' ATP OB . 15.11 27.40 35.71
C5' ATP OB . 14.53 27.97 36.87
C4' ATP OB . 14.25 26.83 37.81
O4' ATP OB . 14.81 27.03 38.95
C3' ATP OB . 12.65 26.76 38.18
O3' ATP OB . 11.87 26.17 37.00
C2' ATP OB . 12.61 26.00 39.13
O2' ATP OB . 12.57 24.54 38.62
C1' ATP OB . 13.97 26.24 39.90
N9 ATP OB . 13.77 26.94 41.02
C8 ATP OB . 12.58 27.36 41.48
N7 ATP OB . 12.76 28.03 42.62
C5 ATP OB . 14.07 28.02 42.90
C6 ATP OB . 14.86 28.51 43.92
N6 ATP OB . 14.24 29.26 45.03
N1 ATP OB . 16.18 28.32 43.89
C2 ATP OB . 16.73 27.65 42.90
N3 ATP OB . 16.03 27.15 41.91
C4 ATP OB . 14.70 27.32 41.87
PG ATP PB . 7.04 -3.14 35.42
O1G ATP PB . 7.98 -2.06 35.77
O2G ATP PB . 7.07 -4.16 36.48
O3G ATP PB . 7.45 -3.76 34.12
PB ATP PB . 4.95 -1.35 36.25
O1B ATP PB . 5.44 -1.62 37.69
O2B ATP PB . 3.41 -1.33 36.22
O3B ATP PB . 5.51 -2.52 35.28
PA ATP PB . 5.05 0.80 34.32
O1A ATP PB . 4.19 -0.16 33.55
O2A ATP PB . 4.31 2.05 34.61
O3A ATP PB . 5.53 0.09 35.73
O5' ATP PB . 6.39 1.15 33.41
C5' ATP PB . 6.24 1.45 32.04
C4' ATP PB . 7.47 2.22 31.63
O4' ATP PB . 8.47 1.43 31.47
C3' ATP PB . 7.28 2.94 30.18
O3' ATP PB . 6.40 4.17 30.31
C2' ATP PB . 8.42 3.27 29.87
O2' ATP PB . 8.76 4.64 30.50
C1' ATP PB . 9.36 2.17 30.53
N9 ATP PB . 9.86 1.36 29.61
C8 ATP PB . 9.59 1.40 28.30
N7 ATP PB . 10.28 0.45 27.67
C5 ATP PB . 10.99 -0.22 28.58
C6 ATP PB . 11.86 -1.28 28.55
N6 ATP PB . 12.18 -1.94 27.28
N1 ATP PB . 12.43 -1.71 29.70
C2 ATP PB . 12.15 -1.12 30.83
N3 ATP PB . 11.31 -0.11 30.91
C4 ATP PB . 10.72 0.37 29.82
N1' TPP QB . 39.27 -40.31 -104.86
C2' TPP QB . 39.93 -39.79 -103.80
CM2 TPP QB . 39.38 -38.60 -103.09
N3' TPP QB . 41.09 -40.34 -103.39
C4' TPP QB . 41.60 -41.41 -104.03
N4' TPP QB . 42.83 -41.96 -103.56
C5' TPP QB . 40.92 -41.96 -105.11
C6' TPP QB . 39.75 -41.38 -105.51
C7' TPP QB . 41.45 -43.15 -105.87
N3 TPP QB . 42.57 -42.72 -106.71
C2 TPP QB . 43.80 -42.91 -106.27
S1 TPP QB . 44.98 -42.31 -107.41
C5 TPP QB . 43.70 -41.81 -108.49
C4 TPP QB . 42.47 -42.12 -107.90
CM4 TPP QB . 41.16 -41.81 -108.59
C6 TPP QB . 43.93 -41.14 -109.83
C7 TPP QB . 44.84 -39.94 -109.67
O7 TPP QB . 45.88 -40.04 -110.59
PA TPP QB . 46.65 -38.68 -110.69
O1A TPP QB . 46.34 -38.02 -112.00
O2A TPP QB . 46.22 -37.76 -109.56
O3A TPP QB . 48.18 -38.98 -110.55
PB TPP QB . 48.70 -40.01 -111.60
O1B TPP QB . 48.17 -39.72 -112.97
O2B TPP QB . 50.22 -40.00 -111.62
O3B TPP QB . 48.25 -41.41 -111.18
MG MG RB . 48.41 -37.62 -113.11
PA FAD SB . 51.87 -45.42 -89.70
O1A FAD SB . 51.63 -43.96 -89.26
O2A FAD SB . 50.71 -45.86 -90.57
O5B FAD SB . 51.95 -46.37 -88.40
C5B FAD SB . 52.85 -46.00 -87.32
C4B FAD SB . 52.79 -47.10 -86.27
O4B FAD SB . 53.80 -46.88 -85.28
C3B FAD SB . 51.48 -47.06 -85.56
O3B FAD SB . 51.06 -48.37 -85.19
C2B FAD SB . 51.74 -46.25 -84.37
O2B FAD SB . 50.88 -46.65 -83.30
C1B FAD SB . 53.15 -46.54 -84.04
N9A FAD SB . 53.75 -45.40 -83.48
C8A FAD SB . 53.41 -44.14 -83.71
N7A FAD SB . 54.20 -43.33 -83.00
C5A FAD SB . 55.07 -44.08 -82.27
C6A FAD SB . 56.12 -43.82 -81.35
N6A FAD SB . 56.45 -42.52 -81.01
N1A FAD SB . 56.80 -44.86 -80.80
C2A FAD SB . 56.48 -46.09 -81.13
N3A FAD SB . 55.51 -46.39 -81.99
C4A FAD SB . 54.78 -45.42 -82.57
N1 FAD SB . 53.61 -47.57 -97.99
C2 FAD SB . 54.73 -48.46 -98.12
O2 FAD SB . 55.52 -48.56 -97.21
N3 FAD SB . 54.90 -49.20 -99.26
C4 FAD SB . 53.99 -49.10 -100.30
O4 FAD SB . 54.15 -49.75 -101.31
C4X FAD SB . 52.80 -48.16 -100.19
N5 FAD SB . 51.89 -48.03 -101.23
C5X FAD SB . 51.03 -46.97 -101.21
C6 FAD SB . 50.31 -46.63 -102.38
C7 FAD SB . 49.42 -45.54 -102.37
C7M FAD SB . 48.65 -45.17 -103.65
C8 FAD SB . 49.26 -44.78 -101.20
C8M FAD SB . 48.30 -43.59 -101.20
C9 FAD SB . 49.97 -45.11 -100.04
C9A FAD SB . 50.86 -46.21 -100.05
N10 FAD SB . 51.56 -46.56 -98.92
C10 FAD SB . 52.64 -47.42 -99.04
C1' FAD SB . 51.19 -46.05 -97.65
C2' FAD SB . 50.45 -47.14 -96.84
O2' FAD SB . 49.10 -47.21 -97.26
C3' FAD SB . 50.50 -46.80 -95.30
O3' FAD SB . 50.04 -45.54 -95.11
C4' FAD SB . 51.91 -46.90 -94.78
O4' FAD SB . 52.23 -48.28 -94.54
C5' FAD SB . 51.98 -46.13 -93.49
O5' FAD SB . 53.31 -46.17 -93.01
P FAD SB . 53.55 -46.68 -91.50
O1P FAD SB . 55.01 -47.09 -91.31
O2P FAD SB . 52.66 -47.88 -91.20
O3P FAD SB . 53.20 -45.52 -90.48
C2 60G TB . 44.06 -50.22 -105.65
C4 60G TB . 44.74 -48.04 -106.18
C5 60G TB . 45.69 -48.14 -105.19
C6 60G TB . 45.81 -49.28 -104.42
CAA 60G TB . 41.87 -50.03 -102.96
OAR 60G TB . 42.34 -51.16 -102.33
CAV 60G TB . 41.57 -51.75 -101.35
OAE 60G TB . 40.39 -51.44 -101.24
CBA 60G TB . 42.14 -52.86 -100.53
CAK 60G TB . 42.34 -52.61 -99.19
CAI 60G TB . 42.86 -53.58 -98.36
CAH 60G TB . 43.18 -54.82 -98.87
CAJ 60G TB . 42.96 -55.08 -100.23
CAW 60G TB . 42.44 -54.11 -101.08
CAM 60G TB . 42.24 -54.44 -102.54
SBB 60G TB . 43.76 -54.36 -103.46
OAF 60G TB . 43.79 -55.45 -104.41
OAG 60G TB . 44.92 -54.67 -102.67
NAQ 60G TB . 43.89 -52.91 -104.19
CAU 60G TB . 43.06 -52.56 -105.29
OAD 60G TB . 42.22 -53.35 -105.69
NAP 60G TB . 43.15 -51.29 -105.97
N3 60G TB . 43.95 -49.09 -106.39
N1 60G TB . 44.99 -50.32 -104.67
OAS 60G TB . 46.77 -49.34 -103.43
CAB 60G TB . 48.09 -49.09 -103.75
OAT 60G TB . 44.61 -46.91 -106.94
CAC 60G TB . 43.39 -46.28 -107.03
PA FAD UB . 11.87 -28.34 -95.64
O1A FAD UB . 12.36 -29.10 -96.88
O2A FAD UB . 13.06 -28.04 -94.76
O5B FAD UB . 10.81 -29.25 -94.83
C5B FAD UB . 10.01 -30.21 -95.58
C4B FAD UB . 8.91 -30.75 -94.67
O4B FAD UB . 7.79 -31.16 -95.47
C3B FAD UB . 9.39 -31.97 -93.95
O3B FAD UB . 8.88 -32.00 -92.62
C2B FAD UB . 8.82 -33.09 -94.70
O2B FAD UB . 8.61 -34.23 -93.85
C1B FAD UB . 7.55 -32.57 -95.20
N9A FAD UB . 7.20 -33.25 -96.39
C8A FAD UB . 8.06 -33.67 -97.31
N7A FAD UB . 7.39 -34.28 -98.28
C5A FAD UB . 6.06 -34.27 -97.98
C6A FAD UB . 4.85 -34.73 -98.59
N6A FAD UB . 4.91 -35.40 -99.81
N1A FAD UB . 3.67 -34.52 -97.98
C2A FAD UB . 3.61 -33.89 -96.83
N3A FAD UB . 4.72 -33.44 -96.21
C4A FAD UB . 5.93 -33.60 -96.76
N1 FAD UB . 13.74 -20.32 -95.22
C2 FAD UB . 12.49 -19.72 -94.90
O2 FAD UB . 11.46 -20.23 -95.30
N3 FAD UB . 12.43 -18.57 -94.13
C4 FAD UB . 13.60 -18.00 -93.67
O4 FAD UB . 13.56 -16.99 -93.00
C4X FAD UB . 14.96 -18.62 -94.00
N5 FAD UB . 16.15 -18.06 -93.54
C5X FAD UB . 17.33 -18.47 -94.09
C6 FAD UB . 18.50 -17.73 -93.87
C7 FAD UB . 19.71 -18.17 -94.43
C7M FAD UB . 21.01 -17.36 -94.19
C8 FAD UB . 19.75 -19.33 -95.21
C8M FAD UB . 21.08 -19.79 -95.82
C9 FAD UB . 18.58 -20.06 -95.43
C9A FAD UB . 17.36 -19.63 -94.87
N10 FAD UB . 16.21 -20.35 -95.08
C10 FAD UB . 14.99 -19.76 -94.76
C1' FAD UB . 16.26 -21.72 -95.41
C2' FAD UB . 16.45 -22.58 -94.12
O2' FAD UB . 17.83 -22.78 -93.89
C3' FAD UB . 15.73 -23.97 -94.30
O3' FAD UB . 16.45 -24.74 -95.16
C4' FAD UB . 14.35 -23.76 -94.84
O4' FAD UB . 13.45 -23.45 -93.76
C5' FAD UB . 13.88 -25.01 -95.51
O5' FAD UB . 12.58 -24.81 -96.02
P FAD UB . 11.36 -25.62 -95.37
O1P FAD UB . 10.07 -24.82 -95.53
O2P FAD UB . 11.61 -25.84 -93.88
O3P FAD UB . 11.19 -27.01 -96.09
C2 60G VB . 23.64 -16.73 -87.94
C4 60G VB . 21.83 -17.14 -89.39
C5 60G VB . 22.68 -16.85 -90.44
C6 60G VB . 23.99 -16.51 -90.24
CAA 60G VB . 23.94 -20.51 -87.53
OAR 60G VB . 22.91 -20.15 -86.69
CAV 60G VB . 22.86 -20.67 -85.41
OAE 60G VB . 23.83 -21.28 -84.99
CBA 60G VB . 21.53 -20.88 -84.77
CAK 60G VB . 20.78 -21.94 -85.24
CAI 60G VB . 19.54 -22.21 -84.71
CAH 60G VB . 19.04 -21.43 -83.69
CAJ 60G VB . 19.80 -20.37 -83.21
CAW 60G VB . 21.05 -20.07 -83.74
CAM 60G VB . 21.83 -18.90 -83.18
SBB 60G VB . 21.37 -17.36 -83.90
OAF 60G VB . 21.66 -16.29 -82.98
OAG 60G VB . 19.94 -17.20 -84.04
NAQ 60G VB . 22.13 -17.15 -85.33
CAU 60G VB . 23.52 -16.83 -85.40
OAD 60G VB . 24.16 -16.72 -84.35
NAP 60G VB . 24.22 -16.63 -86.63
N3 60G VB . 22.34 -17.08 -88.13
N1 60G VB . 24.44 -16.45 -88.99
OAS 60G VB . 24.82 -16.23 -91.30
CAB 60G VB . 25.92 -17.02 -91.53
OAT 60G VB . 20.52 -17.48 -89.61
CAC 60G VB . 19.68 -16.61 -90.27
PG ATP WB . 28.52 -72.24 -60.84
O1G ATP WB . 29.62 -71.73 -60.01
O2G ATP WB . 29.06 -72.65 -62.14
O3G ATP WB . 27.90 -73.43 -60.17
PB ATP WB . 25.78 -71.26 -60.94
O1B ATP WB . 25.06 -70.37 -61.98
O2B ATP WB . 25.44 -72.75 -61.20
O3B ATP WB . 27.38 -71.03 -61.04
PA ATP WB . 24.71 -71.96 -58.35
O1A ATP WB . 23.40 -72.53 -58.81
O2A ATP WB . 25.71 -73.07 -58.23
O3A ATP WB . 25.27 -70.85 -59.45
O5' ATP WB . 24.53 -71.23 -56.88
C5' ATP WB . 25.69 -70.81 -56.21
C4' ATP WB . 25.84 -71.68 -54.99
O4' ATP WB . 27.08 -71.88 -54.72
C3' ATP WB . 25.24 -70.93 -53.66
O3' ATP WB . 23.71 -71.00 -53.65
C2' ATP WB . 25.70 -71.57 -52.74
O2' ATP WB . 24.83 -72.81 -52.47
C1' ATP WB . 27.13 -72.03 -53.24
N9 ATP WB . 28.08 -71.24 -52.73
C8 ATP WB . 27.90 -70.20 -51.92
N7 ATP WB . 29.07 -69.65 -51.62
C5 ATP WB . 30.02 -70.35 -52.25
C6 ATP WB . 31.39 -70.28 -52.31
N6 ATP WB . 32.11 -69.23 -51.59
N1 ATP WB . 32.06 -71.17 -53.05
C2 ATP WB . 31.43 -72.11 -53.70
N3 ATP WB . 30.12 -72.23 -53.67
C4 ATP WB . 29.39 -71.38 -52.95
PG ATP XB . 3.43 -52.19 -54.34
O1G ATP XB . 3.22 -51.49 -53.07
O2G ATP XB . 3.19 -51.28 -55.46
O3G ATP XB . 4.85 -52.68 -54.39
PB ATP XB . 2.39 -54.69 -53.36
O1B ATP XB . 2.32 -54.09 -51.93
O2B ATP XB . 1.18 -55.62 -53.60
O3B ATP XB . 2.40 -53.50 -54.45
PA ATP XB . 4.36 -56.54 -52.33
O1A ATP XB . 3.31 -56.76 -51.28
O2A ATP XB . 4.74 -57.85 -52.93
O3A ATP XB . 3.78 -55.54 -53.51
O5' ATP XB . 5.68 -55.83 -51.62
C5' ATP XB . 6.20 -56.41 -50.45
C4' ATP XB . 7.70 -56.46 -50.61
O4' ATP XB . 8.21 -55.29 -50.63
C3' ATP XB . 8.42 -57.19 -49.33
O3' ATP XB . 8.27 -58.70 -49.45
C2' ATP XB . 9.60 -56.87 -49.41
O2' ATP XB . 10.35 -57.96 -50.20
C1' ATP XB . 9.63 -55.53 -50.22
N9 ATP XB . 10.09 -54.52 -49.48
C8 ATP XB . 10.50 -54.62 -48.21
N7 ATP XB . 10.91 -53.42 -47.78
C5 ATP XB . 10.76 -52.55 -48.78
C6 ATP XB . 11.00 -51.21 -48.94
N6 ATP XB . 11.54 -50.41 -47.85
N1 ATP XB . 10.73 -50.62 -50.12
C2 ATP XB . 10.24 -51.33 -51.12
N3 ATP XB . 10.00 -52.62 -51.01
C4 ATP XB . 10.24 -53.25 -49.86
N1' TPP YB . -42.05 -23.34 -47.90
C2' TPP YB . -41.21 -22.81 -46.99
CM2 TPP YB . -41.39 -23.12 -45.54
N3' TPP YB . -40.22 -21.98 -47.38
C4' TPP YB . -40.06 -21.68 -48.67
N4' TPP YB . -39.00 -20.80 -49.03
C5' TPP YB . -40.91 -22.23 -49.63
C6' TPP YB . -41.91 -23.06 -49.20
C7' TPP YB . -40.78 -21.91 -51.10
N3 TPP YB . -41.24 -20.54 -51.33
C2 TPP YB . -40.36 -19.56 -51.41
S1 TPP YB . -41.14 -18.02 -51.67
C5 TPP YB . -42.71 -18.80 -51.65
C4 TPP YB . -42.53 -20.19 -51.45
CM4 TPP YB . -43.69 -21.12 -51.39
C6 TPP YB . -44.03 -18.09 -51.83
C7 TPP YB . -44.11 -16.87 -50.95
O7 TPP YB . -44.74 -15.87 -51.68
PA TPP YB . -44.79 -14.53 -50.88
O1A TPP YB . -46.21 -14.09 -50.72
O2A TPP YB . -44.17 -14.70 -49.50
O3A TPP YB . -43.96 -13.49 -51.71
PB TPP YB . -44.53 -12.04 -51.65
O1B TPP YB . -45.72 -11.94 -52.56
O2B TPP YB . -44.92 -11.69 -50.23
O3B TPP YB . -43.45 -11.08 -52.11
MG MG ZB . -47.41 -12.59 -51.55
PA FAD AC . -23.05 -17.08 -46.03
O1A FAD AC . -23.16 -16.40 -44.68
O2A FAD AC . -23.69 -18.45 -45.97
O5B FAD AC . -21.50 -17.25 -46.43
C5B FAD AC . -20.50 -16.52 -45.66
C4B FAD AC . -19.12 -17.09 -45.98
O4B FAD AC . -18.12 -16.33 -45.30
C3B FAD AC . -19.00 -18.49 -45.48
O3B FAD AC . -18.19 -19.26 -46.36
C2B FAD AC . -18.32 -18.36 -44.18
O2B FAD AC . -17.53 -19.53 -43.91
C1B FAD AC . -17.46 -17.19 -44.35
N9A FAD AC . -17.28 -16.53 -43.12
C8A FAD AC . -18.17 -16.43 -42.15
N7A FAD AC . -17.65 -15.73 -41.14
C5A FAD AC . -16.37 -15.36 -41.46
C6A FAD AC . -15.33 -14.64 -40.83
N6A FAD AC . -15.52 -14.10 -39.56
N1A FAD AC . -14.16 -14.46 -41.48
C2A FAD AC . -13.98 -14.97 -42.68
N3A FAD AC . -14.93 -15.66 -43.32
C4A FAD AC . -16.13 -15.87 -42.74
N1 FAD AC . -28.33 -13.61 -52.20
C2 FAD AC . -27.66 -12.68 -53.05
O2 FAD AC . -26.58 -12.24 -52.73
N3 FAD AC . -28.24 -12.27 -54.24
C4 FAD AC . -29.48 -12.77 -54.60
O4 FAD AC . -29.99 -12.41 -55.65
C4X FAD AC . -30.21 -13.77 -53.72
N5 FAD AC . -31.45 -14.29 -54.06
C5X FAD AC . -32.22 -14.83 -53.07
C6 FAD AC . -33.60 -15.00 -53.26
C7 FAD AC . -34.38 -15.56 -52.25
C7M FAD AC . -35.90 -15.74 -52.46
C8 FAD AC . -33.79 -15.96 -51.05
C8M FAD AC . -34.64 -16.58 -49.94
C9 FAD AC . -32.41 -15.80 -50.86
C9A FAD AC . -31.62 -15.23 -51.88
N10 FAD AC . -30.26 -15.07 -51.70
C10 FAD AC . -29.61 -14.16 -52.53
C1' FAD AC . -29.65 -15.45 -50.49
C2' FAD AC . -28.46 -16.42 -50.73
O2' FAD AC . -28.95 -17.75 -50.75
C3' FAD AC . -27.40 -16.27 -49.58
O3' FAD AC . -28.04 -15.93 -48.43
C4' FAD AC . -26.40 -15.19 -49.94
O4' FAD AC . -25.50 -15.70 -50.91
C5' FAD AC . -25.64 -14.77 -48.71
O5' FAD AC . -24.29 -14.63 -49.07
P FAD AC . -23.18 -15.12 -48.01
O1P FAD AC . -22.71 -13.94 -47.14
O2P FAD AC . -21.99 -15.70 -48.79
O3P FAD AC . -23.81 -16.23 -47.11
C2 60G BC . -36.50 -21.22 -57.82
C4 60G BC . -35.39 -19.60 -56.56
C5 60G BC . -36.62 -19.12 -56.18
C6 60G BC . -37.79 -19.70 -56.62
CAA 60G BC . -35.18 -23.63 -55.48
OAR 60G BC . -34.09 -23.61 -56.32
CAV 60G BC . -33.43 -24.78 -56.60
OAE 60G BC . -33.92 -25.85 -56.27
CBA 60G BC . -31.98 -24.73 -56.98
CAK 60G BC . -31.06 -24.74 -55.95
CAI 60G BC . -29.71 -24.70 -56.20
CAH 60G BC . -29.26 -24.64 -57.50
CAJ 60G BC . -30.18 -24.64 -58.55
CAW 60G BC . -31.55 -24.67 -58.32
CAM 60G BC . -32.49 -24.67 -59.49
SBB 60G BC . -32.81 -23.03 -60.08
OAF 60G BC . -33.06 -23.08 -61.50
OAG 60G BC . -31.65 -22.18 -60.05
NAQ 60G BC . -34.06 -22.36 -59.27
CAU 60G BC . -35.39 -22.90 -59.39
OAD 60G BC . -35.57 -23.87 -60.11
NAP 60G BC . -36.51 -22.35 -58.70
N3 60G BC . -35.34 -20.66 -57.39
N1 60G BC . -37.70 -20.74 -57.43
OAS 60G BC . -39.01 -19.21 -56.23
CAB 60G BC . -39.87 -20.04 -55.55
OAT 60G BC . -34.23 -19.01 -56.11
CAC 60G BC . -34.31 -17.89 -55.31
N1' TPP CC . -44.10 -29.15 -26.98
C2' TPP CC . -44.63 -29.89 -27.99
CM2 TPP CC . -44.45 -29.48 -29.40
N3' TPP CC . -45.32 -31.02 -27.69
C4' TPP CC . -45.50 -31.41 -26.43
N4' TPP CC . -46.23 -32.60 -26.18
C5' TPP CC . -44.96 -30.65 -25.39
C6' TPP CC . -44.26 -29.52 -25.70
C7' TPP CC . -45.11 -31.03 -23.94
N3 TPP CC . -46.52 -30.79 -23.53
C2 TPP CC . -47.35 -31.81 -23.53
S1 TPP CC . -48.95 -31.30 -23.03
C5 TPP CC . -48.38 -29.66 -22.82
C4 TPP CC . -47.02 -29.61 -23.15
CM4 TPP CC . -46.22 -28.34 -23.09
C6 TPP CC . -49.26 -28.52 -22.37
C7 TPP CC . -50.36 -28.26 -23.39
O7 TPP CC . -51.52 -28.90 -22.98
PA TPP CC . -52.77 -27.98 -23.19
O1A TPP CC . -52.75 -27.40 -24.59
O2A TPP CC . -52.74 -26.88 -22.18
O3A TPP CC . -54.04 -28.89 -23.01
PB TPP CC . -54.60 -28.86 -21.55
O1B TPP CC . -55.17 -27.52 -21.21
O2B TPP CC . -55.69 -29.92 -21.43
O3B TPP CC . -53.47 -29.20 -20.59
MG MG DC . -55.29 -26.02 -22.49
PA FAD EC . -49.06 -48.55 -31.09
O1A FAD EC . -49.13 -47.97 -32.51
O2A FAD EC . -48.12 -47.72 -30.24
O5B FAD EC . -48.51 -50.06 -31.15
C5B FAD EC . -49.16 -50.98 -32.07
C4B FAD EC . -48.42 -52.31 -32.02
O4B FAD EC . -49.18 -53.31 -32.71
C3B FAD EC . -47.13 -52.18 -32.74
O3B FAD EC . -46.11 -52.98 -32.12
C2B FAD EC . -47.41 -52.68 -34.10
O2B FAD EC . -46.23 -53.25 -34.67
C1B FAD EC . -48.44 -53.70 -33.89
N9A FAD EC . -49.30 -53.77 -35.00
C8A FAD EC . -49.63 -52.77 -35.80
N7A FAD EC . -50.46 -53.21 -36.74
C5A FAD EC . -50.68 -54.55 -36.56
C6A FAD EC . -51.44 -55.57 -37.20
N6A FAD EC . -52.19 -55.27 -38.32
N1A FAD EC . -51.39 -56.83 -36.71
C2A FAD EC . -50.67 -57.11 -35.66
N3A FAD EC . -49.94 -56.19 -35.01
C4A FAD EC . -49.93 -54.91 -35.43
N1 FAD EC . -51.80 -44.47 -23.83
C2 FAD EC . -52.56 -45.35 -23.00
O2 FAD EC . -52.97 -46.41 -23.46
N3 FAD EC . -52.84 -45.03 -21.69
C4 FAD EC . -52.39 -43.83 -21.17
O4 FAD EC . -52.64 -43.55 -20.02
C4X FAD EC . -51.58 -42.87 -22.03
N5 FAD EC . -51.12 -41.66 -21.53
C5X FAD EC . -50.74 -40.68 -22.42
C6 FAD EC . -50.62 -39.35 -22.00
C7 FAD EC . -50.23 -38.36 -22.92
C7M FAD EC . -50.12 -36.89 -22.46
C8 FAD EC . -49.96 -38.71 -24.25
C8M FAD EC . -49.54 -37.62 -25.25
C9 FAD EC . -50.08 -40.04 -24.67
C9A FAD EC . -50.47 -41.03 -23.75
N10 FAD EC . -50.58 -42.36 -24.14
C10 FAD EC . -51.31 -43.21 -23.33
C1' FAD EC . -50.22 -42.74 -25.45
C2' FAD EC . -49.06 -43.77 -25.42
O2' FAD EC . -47.82 -43.08 -25.32
C3' FAD EC . -49.07 -44.61 -26.75
O3' FAD EC . -49.42 -43.82 -27.79
C4' FAD EC . -50.06 -45.73 -26.63
O4' FAD EC . -50.04 -46.24 -25.29
C5' FAD EC . -49.66 -46.83 -27.58
O5' FAD EC . -50.83 -47.33 -28.18
P FAD EC . -50.74 -48.76 -28.92
O1P FAD EC . -52.07 -49.51 -28.73
O2P FAD EC . -49.61 -49.58 -28.31
O3P FAD EC . -50.47 -48.56 -30.45
C2 60G FC . -44.29 -36.32 -18.24
C4 60G FC . -46.10 -35.11 -19.10
C5 60G FC . -46.61 -36.28 -19.59
C6 60G FC . -45.97 -37.48 -19.40
CAA 60G FC . -41.89 -37.15 -20.61
OAR 60G FC . -41.67 -38.46 -20.22
CAV 60G FC . -40.52 -39.10 -20.61
OAE 60G FC . -39.60 -38.44 -21.08
CBA 60G FC . -40.29 -40.52 -20.23
CAK 60G FC . -40.26 -41.45 -21.25
CAI 60G FC . -40.07 -42.79 -20.98
CAH 60G FC . -39.88 -43.21 -19.68
CAJ 60G FC . -39.91 -42.28 -18.65
CAW 60G FC . -40.11 -40.91 -18.90
CAM 60G FC . -40.13 -39.95 -17.75
SBB 60G FC . -41.68 -39.96 -16.88
OAF 60G FC . -41.42 -39.89 -15.45
OAG 60G FC . -42.37 -41.22 -16.97
NAQ 60G FC . -42.62 -38.73 -17.39
CAU 60G FC . -42.26 -37.37 -17.10
OAD 60G FC . -41.23 -37.14 -16.49
NAP 60G FC . -43.06 -36.25 -17.52
N3 60G FC . -44.94 -35.14 -18.44
N1 60G FC . -44.79 -37.49 -18.71
OAS 60G FC . -46.50 -38.65 -19.89
CAB 60G FC . -47.86 -38.88 -19.75
OAT 60G FC . -46.75 -33.91 -19.30
CAC 60G FC . -46.08 -32.88 -19.93
PG ATP GC . -9.55 -72.33 -35.00
O1G ATP GC . -8.51 -73.36 -34.87
O2G ATP GC . -10.33 -72.58 -36.21
O3G ATP GC . -10.45 -72.37 -33.81
PB ATP GC . -7.95 -70.40 -36.40
O1B ATP GC . -8.87 -70.38 -37.66
O2B ATP GC . -7.33 -69.00 -36.19
O3B ATP GC . -8.83 -70.84 -35.11
PA ATP GC . -6.09 -71.86 -38.07
O1A ATP GC . -6.46 -70.80 -39.08
O2A ATP GC . -4.61 -71.91 -37.93
O3A ATP GC . -6.78 -71.52 -36.61
O5' ATP GC . -6.63 -73.32 -38.61
C5' ATP GC . -6.65 -73.58 -40.00
C4' ATP GC . -6.22 -75.02 -40.19
O4' ATP GC . -7.21 -75.82 -40.01
C3' ATP GC . -5.75 -75.29 -41.73
O3' ATP GC . -4.35 -74.73 -41.96
C2' ATP GC . -5.74 -76.52 -41.82
O2' ATP GC . -4.39 -77.06 -41.31
C1' ATP GC . -6.89 -77.00 -40.85
N9 ATP GC . -7.96 -77.39 -41.55
C8 ATP GC . -8.10 -77.33 -42.87
N7 ATP GC . -9.28 -77.80 -43.22
C5 ATP GC . -9.92 -78.17 -42.11
C6 ATP GC . -11.16 -78.71 -41.83
N6 ATP GC . -12.10 -79.01 -42.91
N1 ATP GC . -11.50 -78.95 -40.56
C2 ATP GC . -10.66 -78.70 -39.58
N3 ATP GC . -9.47 -78.18 -39.80
C4 ATP GC . -9.07 -77.90 -41.04
PG ATP HC . 3.49 -54.31 -59.20
O1G ATP HC . 4.30 -53.11 -59.44
O2G ATP HC . 2.62 -54.11 -58.05
O3G ATP HC . 2.65 -54.62 -60.41
PB ATP HC . 5.57 -55.62 -57.68
O1B ATP HC . 7.00 -55.76 -58.26
O2B ATP HC . 5.44 -54.32 -56.87
O3B ATP HC . 4.50 -55.61 -58.89
PA ATP HC . 5.35 -58.47 -57.21
O1A ATP HC . 6.28 -58.55 -58.39
O2A ATP HC . 5.85 -59.33 -56.10
O3A ATP HC . 5.23 -56.90 -56.70
O5' ATP HC . 3.85 -59.01 -57.67
C5' ATP HC . 3.76 -60.26 -58.33
C4' ATP HC . 2.54 -60.95 -57.76
O4' ATP HC . 1.47 -60.54 -58.33
C3' ATP HC . 2.58 -62.56 -58.08
O3' ATP HC . 3.59 -63.25 -57.16
C2' ATP HC . 1.45 -62.93 -57.82
O2' ATP HC . 1.34 -63.23 -56.32
C1' ATP HC . 0.53 -61.69 -58.16
N9 ATP HC . -0.15 -61.91 -59.29
C8 ATP HC . -0.13 -63.05 -60.00
N7 ATP HC . -0.91 -62.93 -61.07
C5 ATP HC . -1.45 -61.70 -61.03
C6 ATP HC . -2.33 -61.01 -61.84
N6 ATP HC . -2.88 -61.64 -63.04
N1 ATP HC . -2.69 -59.76 -61.51
C2 ATP HC . -2.19 -59.19 -60.42
N3 ATP HC . -1.35 -59.81 -59.63
C4 ATP HC . -0.96 -61.06 -59.90
MG MG IC . 3.79 -55.49 -55.59
#